data_8VB2
#
_entry.id   8VB2
#
loop_
_entity.id
_entity.type
_entity.pdbx_description
1 polymer 'Tetrameric ejection protein (gp48)'
2 polymer 'Octameric ejection protein (gp49)'
3 polymer 'Ejection protein 3 (gp50)'
#
loop_
_entity_poly.entity_id
_entity_poly.type
_entity_poly.pdbx_seq_one_letter_code
_entity_poly.pdbx_strand_id
1 'polypeptide(L)'
;MIHLRPDSTAYARSAAVSANPAVGGYVTPDNTVLEGQNPSALVQAMQKPVASVTDSFKATLSESIGAKALRGVEYASIPT
EAGFEPSKALGDSVSQYTADELEFLSDARSSAELAQRRSQVQDTRNNYDAMGQNMLTTVAASMLDVDMVIGGGVGALSKV
SRATRLAVGLSANAALLGTASYGGTITPLDVVGTSVGIAMSAIPGIRKVAKAEQVQQGAVRGGVNAAEDAAGTVVPPKDV
TVPPVREVPEVQPIKTVADEDYPKIDIDTYSNKEHIEVGRTGGAKTGSLKTTVQNAVLAVTALGDDLPEGVRALGRALGA
SLEADADVPVVFRSRTGANAQARSAVITEAETGATRAEIFNPAVGGTLSDHVRGMSTYEKTILLHEAAHAKTGRSIRAVE
SGAVSDGVVYEAVQRIKEIQWYVKANVELPPLGKGAKYNVDYGLSDTHEFISQLFNSEHFRDALRSVKMPGSDGTLLSNL
MKRVVTLFTGKAPEGNAFDATLQAFDNLLSQPTTPADVFLNAPKATPDLQSKVLQAPNVIEMNNKVMGALNRNFSLYERL
KSFGYKASTLADQLVVDATGTEANSAAHHARAAHLASNVSIVQVDDAFRQALSADWPLVQRLRHPVLYREAQRDLSQKVY
QQLAENHDRFLKGQSIQPSNDPRVNSMVDAFVNSNWAKDELARVKGAGINGADAVRESPYYLPRQHSGNKLNDFMRNNRQ
VTKDDIVGMYTEQFSRMFQQNGITPETARKLGAKMFDNMQDQAAHVQGYRQSIAGMSYDDIENTLEALGASDPTITAFLD
AVKGSGEQANKVRNLRGRAEFDMTAQYTTKSGDMISPSMFVNNDVMGLMEGYSRRMSGRVGLAKAGFPDLRDAVKAIDEA
AAEAQDPAAALHAFDNTMNQILGYPTGEDVPDILRSASIIGGALNLANSGIYQLADMSLMLQQFGITKTLKAFGSTAFGR
NAMDVAKSAEFGSRLQDVIEARHVLSGKYRSVLTHLEDNRDIGSLGVAHRYVQQMGQGTRFVNGMEFIRRGQAKLVSGLI
ADTVDDAIAGNASAVTAMERFGLNQQLLDELRKATAANPDMRKWPDSVRMDIEAVTHNMADSIVLENRLGEIPAWMQFSS
VGKVILPYMTFVAGAWNKILRRTAKLDGATGVAIALAYQMPLVTLSSATSIAISGKPVTPESVAQRALVQVPMMSWAGFA
VDFWANGASNNLAALALVDRMHAAMSSIASGETNPESLIKAVPFLSILPGMRLMGASLADDDE
;
A,B,C,D
2 'polypeptide(L)'
;MPVRQPTQGGVQVPGLTGYQSAGVAQPVYRAPQEEAQGVSQFWQNLLPASVKTAQAAQQTASAKGYLEGQQDSQQGREKQ
VRNFFTKEAYEQGYNSASVNSALASFQLGLQNTAQQYVNSGKTPEEFNVHVQQQTNQLLQEAGAQGLNLNDKDWQAWLGS
VEHSRNTANASYQDLNLKRAAVLQEQSWGARGNAAIADFVTAQQSGDTEQALQNVNSFISSVTHDDSITAENKIKYTSQF
VVNAFANANSTGDMQALTGYVQSLSEFKNMPTDVQTQIMGSAQQYYQQRASDESVQLYEYNSRVNSVTDYKTLNEAYPMA
QYIGTVMQAVQQKKLSPGTGYGMVDAESQRRLKMQKAEQGQLAYTNGVTISDIAAGTGESLDKVKGELTKMYATIGQGYS
GGGLQLMQRGLKSGAQDITGVGIEMMQQDAQSLSGIDWRNLKTDADGKPLYPAAVVGSLGNLQAAYQSALAAGNQVQANQ
LLSGLPDPVVYGIRQNVDARDLADVVGKRAQDIASGKVLALPANMPADVSITQADVTAGIFDLGLGKDARNRNMLGIQSW
VFTSDADEKAAQARVSQVNSAMNNEYVYNQQRGSLPALVGDDLKSWLMGKVASRTVRVKDGTDNGALLVLPEVGDKQKVF
GSTDNGIIESALTESVTNFKKQYPQATTVQMDYDPLTQELIFQGVNAENQLGTTRASIPAADFRNTVRGVQNTLTQNGSG
TTQGNLNVPGAGFVSFNAGNSFGIQKNVVMGAVNQLVSYEGYTPSKGFSVLGVHPTTGAKLNEDKYVKQATDTPQVAADK
FNMYLNDKVYPLVMPKMEQYKNLPGYIQNNIYNALVETTYHSGNSDVFDKYIQTALYGNVQEIPTFKDTPLFKDAGAGSR
RNVDRYQLLGSLVTYRTNNPNLSK
;
I,J,K,L,E,F,G,H
3 'polypeptide(L)'
;MIWMFAAAAAQMIQGGLQYAQDAKNQRRQNKADQKYNEAVRSASARQITEINTQRSVSRAQTAQALDAARRQGAGESSAR
NLQAAATDTMGASVEQNLQEVGVQLAAAEGNLMQNAELTELSLDSSVMNTVDQARNSIRELSNPLGTDWAATGSAVGQIG
TSMVANKLGGQGWFGGNSGTQQPAPISQAAPPTRSNNLSTRLNV
;
M,N,O,P,Q,R,S,T
#
# COMPACT_ATOMS: atom_id res chain seq x y z
N ASN A 38 -15.07 11.03 13.06
CA ASN A 38 -16.50 11.43 13.15
C ASN A 38 -16.63 12.93 13.46
N PRO A 39 -16.12 13.39 14.61
CA PRO A 39 -16.28 14.81 14.93
C PRO A 39 -15.64 15.73 13.92
N SER A 40 -14.51 15.34 13.33
CA SER A 40 -13.86 16.18 12.34
C SER A 40 -14.71 16.37 11.09
N ALA A 41 -15.74 15.54 10.89
CA ALA A 41 -16.66 15.77 9.79
C ALA A 41 -17.51 17.01 10.04
N LEU A 42 -17.93 17.22 11.29
CA LEU A 42 -18.74 18.39 11.61
C LEU A 42 -17.98 19.68 11.34
N VAL A 43 -16.69 19.71 11.69
CA VAL A 43 -15.92 20.93 11.53
C VAL A 43 -15.87 21.35 10.07
N GLN A 44 -15.55 20.41 9.18
CA GLN A 44 -15.44 20.75 7.77
C GLN A 44 -16.82 20.94 7.13
N ALA A 45 -17.85 20.29 7.67
CA ALA A 45 -19.20 20.50 7.14
C ALA A 45 -19.69 21.92 7.39
N MET A 46 -19.21 22.56 8.45
CA MET A 46 -19.68 23.90 8.81
C MET A 46 -18.75 25.01 8.35
N GLN A 47 -17.52 24.68 7.95
CA GLN A 47 -16.61 25.70 7.42
C GLN A 47 -17.16 26.25 6.11
N LYS A 48 -16.50 27.26 5.56
CA LYS A 48 -16.87 27.79 4.26
C LYS A 48 -15.82 27.39 3.23
N PRO A 49 -16.21 27.20 1.97
CA PRO A 49 -15.27 26.68 0.98
C PRO A 49 -14.07 27.60 0.80
N VAL A 50 -12.91 26.99 0.59
CA VAL A 50 -11.69 27.75 0.36
C VAL A 50 -11.80 28.50 -0.96
N ALA A 51 -11.24 29.71 -1.00
CA ALA A 51 -11.28 30.50 -2.22
C ALA A 51 -10.40 29.88 -3.29
N SER A 52 -10.71 30.22 -4.54
CA SER A 52 -9.91 29.72 -5.66
C SER A 52 -8.47 30.20 -5.54
N VAL A 53 -7.58 29.57 -6.31
CA VAL A 53 -6.16 29.88 -6.23
C VAL A 53 -5.83 30.91 -7.29
N THR A 54 -6.85 31.55 -7.86
CA THR A 54 -6.65 32.63 -8.81
C THR A 54 -7.37 33.89 -8.32
N ASP A 55 -8.27 33.73 -7.35
CA ASP A 55 -8.84 34.89 -6.68
C ASP A 55 -7.76 35.69 -5.97
N SER A 56 -6.83 35.00 -5.32
CA SER A 56 -5.59 35.64 -4.91
C SER A 56 -4.69 35.84 -6.13
N PHE A 57 -3.60 36.56 -5.94
CA PHE A 57 -2.66 36.91 -7.00
C PHE A 57 -3.27 37.83 -8.04
N LYS A 58 -4.40 38.47 -7.74
CA LYS A 58 -4.96 39.47 -8.65
C LYS A 58 -3.97 40.61 -8.81
N ALA A 59 -3.91 41.19 -10.01
CA ALA A 59 -2.94 42.24 -10.31
C ALA A 59 -1.56 41.64 -10.55
N THR A 60 -1.49 40.31 -10.66
CA THR A 60 -0.23 39.66 -11.03
C THR A 60 -0.42 38.64 -12.14
N LEU A 61 -1.56 37.96 -12.16
CA LEU A 61 -1.81 36.91 -13.14
C LEU A 61 -2.70 37.41 -14.28
N SER A 62 -3.87 37.95 -13.94
CA SER A 62 -4.82 38.40 -14.95
C SER A 62 -5.33 37.21 -15.77
N ALA A 67 -6.56 38.02 -24.10
CA ALA A 67 -5.28 38.69 -23.88
C ALA A 67 -4.11 37.73 -24.13
N LYS A 68 -4.42 36.46 -24.39
CA LYS A 68 -3.38 35.52 -24.80
C LYS A 68 -2.92 35.78 -26.22
N ALA A 69 -3.77 36.39 -27.05
CA ALA A 69 -3.39 36.67 -28.43
C ALA A 69 -2.19 37.61 -28.50
N LEU A 70 -2.18 38.63 -27.64
CA LEU A 70 -1.07 39.58 -27.60
C LEU A 70 0.16 39.00 -26.97
N ARG A 71 0.16 37.72 -26.63
CA ARG A 71 1.29 37.10 -25.96
C ARG A 71 1.82 35.89 -26.72
N GLY A 72 1.15 35.47 -27.78
CA GLY A 72 1.58 34.32 -28.56
C GLY A 72 1.76 34.65 -30.02
N VAL A 73 1.92 35.93 -30.33
CA VAL A 73 2.12 36.34 -31.72
C VAL A 73 3.39 35.72 -32.29
N GLU A 74 4.46 35.73 -31.49
CA GLU A 74 5.76 35.28 -31.97
C GLU A 74 5.83 33.77 -32.13
N TYR A 75 4.86 33.03 -31.60
CA TYR A 75 4.83 31.58 -31.73
C TYR A 75 3.61 31.07 -32.49
N ALA A 76 3.01 31.90 -33.35
CA ALA A 76 1.72 31.55 -33.93
C ALA A 76 1.81 30.33 -34.83
N SER A 77 2.84 30.25 -35.67
CA SER A 77 2.87 29.28 -36.75
C SER A 77 3.46 27.93 -36.36
N ILE A 78 3.45 27.58 -35.09
CA ILE A 78 3.99 26.28 -34.67
C ILE A 78 2.83 25.28 -34.56
N PRO A 79 2.89 24.15 -35.25
CA PRO A 79 1.77 23.20 -35.19
C PRO A 79 1.50 22.70 -33.78
N THR A 80 0.23 22.42 -33.50
CA THR A 80 -0.16 21.89 -32.20
C THR A 80 0.20 20.42 -32.08
N GLU A 81 0.52 20.00 -30.86
CA GLU A 81 0.90 18.62 -30.58
C GLU A 81 -0.27 17.91 -29.92
N ALA A 82 -0.59 16.71 -30.40
CA ALA A 82 -1.74 15.97 -29.89
C ALA A 82 -1.46 15.50 -28.47
N GLY A 83 -2.34 15.89 -27.54
CA GLY A 83 -2.26 15.38 -26.19
C GLY A 83 -1.12 15.92 -25.36
N PHE A 84 -0.56 17.08 -25.73
CA PHE A 84 0.49 17.68 -24.92
C PHE A 84 -0.11 18.37 -23.69
N GLU A 85 0.68 18.40 -22.62
CA GLU A 85 0.21 18.97 -21.36
C GLU A 85 1.36 19.70 -20.67
N PRO A 86 1.34 21.04 -20.63
CA PRO A 86 2.50 21.76 -20.10
C PRO A 86 2.83 21.45 -18.65
N SER A 87 1.85 21.06 -17.84
CA SER A 87 2.14 20.77 -16.44
C SER A 87 2.86 19.45 -16.29
N LYS A 88 2.46 18.45 -17.08
CA LYS A 88 3.07 17.13 -17.01
C LYS A 88 4.46 17.08 -17.61
N ALA A 89 4.85 18.08 -18.41
CA ALA A 89 6.16 18.04 -19.04
C ALA A 89 7.23 18.72 -18.19
N LEU A 90 6.85 19.72 -17.39
CA LEU A 90 7.81 20.40 -16.53
C LEU A 90 8.26 19.54 -15.36
N GLY A 91 7.35 18.77 -14.78
CA GLY A 91 7.71 17.88 -13.69
C GLY A 91 8.26 18.59 -12.48
N ASP A 92 9.50 18.28 -12.12
CA ASP A 92 10.10 18.85 -10.91
C ASP A 92 10.56 20.28 -11.13
N SER A 93 10.69 20.71 -12.38
CA SER A 93 11.29 22.02 -12.66
C SER A 93 10.39 23.17 -12.28
N VAL A 94 9.13 22.93 -11.92
CA VAL A 94 8.20 24.02 -11.64
C VAL A 94 8.57 24.81 -10.39
N SER A 95 9.61 24.40 -9.66
CA SER A 95 9.98 25.06 -8.42
C SER A 95 11.06 26.12 -8.60
N GLN A 96 11.19 26.70 -9.78
CA GLN A 96 12.21 27.72 -10.02
C GLN A 96 11.64 28.89 -10.82
N TYR A 97 10.48 29.39 -10.40
CA TYR A 97 9.82 30.46 -11.13
C TYR A 97 9.01 31.31 -10.16
N THR A 98 8.68 32.52 -10.59
CA THR A 98 8.17 33.56 -9.69
C THR A 98 6.67 33.76 -9.82
N ALA A 99 5.93 32.72 -10.19
CA ALA A 99 4.47 32.75 -10.15
C ALA A 99 3.87 33.58 -11.28
N ASP A 100 4.70 34.25 -12.08
CA ASP A 100 4.22 34.84 -13.31
C ASP A 100 4.94 34.25 -14.52
N GLU A 101 6.21 33.89 -14.35
CA GLU A 101 6.89 33.11 -15.36
C GLU A 101 6.18 31.79 -15.60
N LEU A 102 5.64 31.17 -14.54
CA LEU A 102 4.78 30.00 -14.72
C LEU A 102 3.55 30.34 -15.53
N GLU A 103 2.95 31.50 -15.30
CA GLU A 103 1.79 31.91 -16.10
C GLU A 103 2.15 32.03 -17.56
N PHE A 104 3.33 32.58 -17.86
CA PHE A 104 3.74 32.74 -19.25
C PHE A 104 4.18 31.41 -19.87
N LEU A 105 4.56 30.43 -19.05
CA LEU A 105 5.03 29.16 -19.57
C LEU A 105 3.92 28.14 -19.78
N SER A 106 2.75 28.34 -19.16
CA SER A 106 1.71 27.33 -19.23
C SER A 106 0.92 27.38 -20.54
N ASP A 107 1.30 28.26 -21.46
CA ASP A 107 0.61 28.37 -22.73
C ASP A 107 1.16 27.45 -23.81
N ALA A 108 2.27 26.76 -23.54
CA ALA A 108 2.90 25.92 -24.56
C ALA A 108 1.93 24.85 -25.04
N ARG A 109 1.92 24.63 -26.35
CA ARG A 109 1.11 23.57 -26.96
C ARG A 109 1.95 22.45 -27.57
N SER A 110 3.27 22.61 -27.63
CA SER A 110 4.14 21.56 -28.15
C SER A 110 5.52 21.77 -27.57
N SER A 111 6.36 20.74 -27.69
CA SER A 111 7.66 20.77 -27.02
C SER A 111 8.52 21.92 -27.52
N ALA A 112 8.53 22.17 -28.83
CA ALA A 112 9.36 23.24 -29.36
C ALA A 112 8.92 24.60 -28.81
N GLU A 113 7.61 24.82 -28.70
CA GLU A 113 7.13 26.08 -28.16
C GLU A 113 7.59 26.28 -26.72
N LEU A 114 7.54 25.21 -25.92
CA LEU A 114 8.02 25.30 -24.55
C LEU A 114 9.52 25.59 -24.52
N ALA A 115 10.29 24.95 -25.40
CA ALA A 115 11.72 25.19 -25.44
C ALA A 115 12.03 26.63 -25.76
N GLN A 116 11.26 27.24 -26.68
CA GLN A 116 11.51 28.63 -27.04
C GLN A 116 11.07 29.60 -25.94
N ARG A 117 9.95 29.29 -25.28
CA ARG A 117 9.51 30.16 -24.18
C ARG A 117 10.53 30.15 -23.05
N ARG A 118 11.05 28.98 -22.70
CA ARG A 118 12.07 28.91 -21.67
C ARG A 118 13.31 29.70 -22.04
N SER A 119 13.61 29.82 -23.34
CA SER A 119 14.73 30.65 -23.75
C SER A 119 14.42 32.13 -23.58
N GLN A 120 13.23 32.57 -24.00
CA GLN A 120 12.92 33.98 -23.90
C GLN A 120 12.86 34.44 -22.44
N VAL A 121 12.40 33.58 -21.54
CA VAL A 121 12.31 33.95 -20.13
C VAL A 121 13.69 34.29 -19.57
N GLN A 122 14.75 33.74 -20.16
CA GLN A 122 16.10 33.97 -19.64
C GLN A 122 16.65 35.32 -20.10
N ASP A 123 16.45 35.65 -21.37
CA ASP A 123 16.81 36.99 -21.84
C ASP A 123 16.05 38.05 -21.06
N THR A 124 14.79 37.78 -20.71
CA THR A 124 14.04 38.76 -19.94
C THR A 124 14.66 39.00 -18.57
N ARG A 125 15.25 37.98 -17.94
CA ARG A 125 15.96 38.21 -16.68
C ARG A 125 17.26 38.97 -16.91
N ASN A 126 18.02 38.57 -17.94
CA ASN A 126 19.32 39.21 -18.17
C ASN A 126 19.16 40.69 -18.43
N ASN A 127 18.16 41.08 -19.21
CA ASN A 127 17.97 42.50 -19.49
C ASN A 127 17.73 43.29 -18.22
N TYR A 128 16.90 42.78 -17.32
CA TYR A 128 16.52 43.57 -16.15
C TYR A 128 17.55 43.47 -15.03
N ASP A 129 18.48 42.51 -15.10
CA ASP A 129 19.55 42.50 -14.11
C ASP A 129 20.40 43.77 -14.21
N ALA A 130 20.75 44.17 -15.43
CA ALA A 130 21.58 45.35 -15.60
C ALA A 130 20.87 46.61 -15.12
N MET A 131 19.59 46.75 -15.42
CA MET A 131 18.84 47.94 -15.05
C MET A 131 18.58 48.02 -13.56
N GLY A 132 18.83 46.94 -12.81
CA GLY A 132 18.60 46.96 -11.38
C GLY A 132 19.67 47.69 -10.60
N GLN A 133 20.77 48.07 -11.26
CA GLN A 133 21.85 48.75 -10.54
C GLN A 133 21.40 50.09 -9.98
N ASN A 134 20.39 50.72 -10.58
CA ASN A 134 19.86 51.99 -10.10
C ASN A 134 18.36 51.85 -9.94
N MET A 135 17.85 52.19 -8.75
CA MET A 135 16.44 51.97 -8.46
C MET A 135 15.54 52.79 -9.38
N LEU A 136 15.91 54.05 -9.66
CA LEU A 136 15.04 54.91 -10.45
C LEU A 136 14.82 54.34 -11.85
N THR A 137 15.87 53.80 -12.47
CA THR A 137 15.75 53.32 -13.83
C THR A 137 14.69 52.24 -13.97
N THR A 138 14.47 51.42 -12.95
CA THR A 138 13.40 50.43 -13.00
C THR A 138 12.02 51.07 -12.99
N VAL A 139 11.88 52.28 -12.47
CA VAL A 139 10.61 52.98 -12.52
C VAL A 139 10.32 53.42 -13.96
N ALA A 140 11.33 53.89 -14.67
CA ALA A 140 11.13 54.32 -16.05
C ALA A 140 11.02 53.15 -17.00
N ALA A 141 11.36 51.94 -16.54
CA ALA A 141 11.23 50.78 -17.41
C ALA A 141 9.78 50.47 -17.74
N SER A 142 8.86 50.88 -16.87
CA SER A 142 7.45 50.59 -17.12
C SER A 142 6.90 51.33 -18.34
N MET A 143 7.46 52.49 -18.67
CA MET A 143 6.94 53.32 -19.74
C MET A 143 7.77 53.25 -21.01
N LEU A 144 8.96 52.65 -20.97
CA LEU A 144 9.87 52.70 -22.10
C LEU A 144 10.22 51.35 -22.71
N ASP A 145 9.78 50.24 -22.13
CA ASP A 145 10.03 48.92 -22.70
C ASP A 145 8.89 48.59 -23.65
N VAL A 146 9.19 48.52 -24.95
CA VAL A 146 8.14 48.33 -25.95
C VAL A 146 7.43 47.00 -25.73
N ASP A 147 8.20 45.94 -25.47
CA ASP A 147 7.60 44.64 -25.23
C ASP A 147 6.57 44.66 -24.12
N MET A 148 6.74 45.53 -23.13
CA MET A 148 5.84 45.56 -21.99
C MET A 148 4.63 46.43 -22.21
N VAL A 149 4.74 47.47 -23.03
CA VAL A 149 3.66 48.41 -23.21
C VAL A 149 2.78 48.08 -24.43
N ILE A 150 3.35 47.44 -25.46
CA ILE A 150 2.55 47.02 -26.61
C ILE A 150 2.10 45.58 -26.39
N GLY A 151 3.05 44.67 -26.26
CA GLY A 151 2.73 43.27 -26.00
C GLY A 151 3.91 42.36 -26.25
N GLY A 152 3.82 41.12 -25.77
CA GLY A 152 4.83 40.11 -26.00
C GLY A 152 5.82 39.93 -24.87
N GLY A 153 5.84 40.83 -23.89
CA GLY A 153 6.77 40.71 -22.80
C GLY A 153 6.35 39.66 -21.78
N VAL A 154 7.26 39.35 -20.88
CA VAL A 154 7.00 38.37 -19.82
C VAL A 154 6.40 39.08 -18.62
N GLY A 155 5.09 39.31 -18.64
CA GLY A 155 4.44 39.98 -17.54
C GLY A 155 4.44 41.48 -17.70
N ALA A 156 3.27 42.10 -17.65
CA ALA A 156 3.18 43.56 -17.73
C ALA A 156 2.60 44.14 -16.45
N LEU A 157 1.56 43.49 -15.91
CA LEU A 157 0.95 44.00 -14.68
C LEU A 157 1.93 43.96 -13.52
N SER A 158 2.74 42.89 -13.41
CA SER A 158 3.66 42.78 -12.30
C SER A 158 4.65 43.92 -12.26
N LYS A 159 5.20 44.29 -13.42
CA LYS A 159 6.17 45.39 -13.45
C LYS A 159 5.53 46.71 -13.06
N VAL A 160 4.32 46.99 -13.53
CA VAL A 160 3.67 48.26 -13.21
C VAL A 160 3.33 48.31 -11.73
N SER A 161 2.79 47.22 -11.18
CA SER A 161 2.42 47.17 -9.78
C SER A 161 3.62 47.18 -8.86
N ARG A 162 4.82 46.92 -9.39
CA ARG A 162 6.05 47.06 -8.61
C ARG A 162 6.62 48.47 -8.73
N ALA A 163 6.52 49.06 -9.92
CA ALA A 163 6.98 50.43 -10.10
C ALA A 163 6.17 51.40 -9.26
N THR A 164 4.85 51.22 -9.18
CA THR A 164 4.06 52.10 -8.33
C THR A 164 4.49 52.02 -6.88
N ARG A 165 4.73 50.81 -6.37
CA ARG A 165 5.15 50.65 -4.98
C ARG A 165 6.52 51.28 -4.75
N LEU A 166 7.45 51.10 -5.69
CA LEU A 166 8.75 51.73 -5.54
C LEU A 166 8.62 53.25 -5.53
N ALA A 167 7.78 53.80 -6.41
CA ALA A 167 7.60 55.24 -6.45
C ALA A 167 7.02 55.77 -5.15
N VAL A 168 6.06 55.04 -4.57
CA VAL A 168 5.49 55.46 -3.29
C VAL A 168 6.55 55.39 -2.20
N GLY A 169 7.36 54.33 -2.20
CA GLY A 169 8.34 54.15 -1.14
C GLY A 169 9.40 55.23 -1.12
N LEU A 170 9.97 55.55 -2.28
CA LEU A 170 11.06 56.50 -2.34
C LEU A 170 10.65 57.88 -1.84
N SER A 171 9.39 58.26 -1.99
CA SER A 171 8.95 59.57 -1.57
C SER A 171 8.88 59.71 -0.05
N ALA A 172 9.03 58.62 0.69
CA ALA A 172 8.99 58.67 2.15
C ALA A 172 10.32 59.16 2.70
N THR A 185 10.38 66.17 -6.75
CA THR A 185 10.78 64.83 -6.32
C THR A 185 10.51 64.64 -4.84
N ILE A 186 9.37 65.16 -4.38
CA ILE A 186 8.94 65.07 -2.99
C ILE A 186 7.53 64.50 -2.86
N THR A 187 6.92 64.09 -3.97
CA THR A 187 5.60 63.50 -3.95
C THR A 187 5.57 62.38 -4.97
N PRO A 188 4.69 61.38 -4.82
CA PRO A 188 4.75 60.23 -5.73
C PRO A 188 4.65 60.58 -7.20
N LEU A 189 3.88 61.60 -7.57
CA LEU A 189 3.79 61.99 -8.97
C LEU A 189 5.14 62.48 -9.48
N ASP A 190 5.85 63.25 -8.66
CA ASP A 190 7.13 63.81 -9.10
C ASP A 190 8.18 62.73 -9.29
N VAL A 191 8.14 61.67 -8.48
CA VAL A 191 9.08 60.58 -8.69
C VAL A 191 8.84 59.92 -10.05
N VAL A 192 7.59 59.71 -10.42
CA VAL A 192 7.29 59.15 -11.74
C VAL A 192 7.76 60.11 -12.83
N GLY A 193 7.50 61.40 -12.65
CA GLY A 193 7.87 62.37 -13.67
C GLY A 193 9.37 62.49 -13.87
N THR A 194 10.14 62.48 -12.78
CA THR A 194 11.58 62.65 -12.89
C THR A 194 12.28 61.39 -13.38
N SER A 195 11.74 60.22 -13.06
CA SER A 195 12.39 58.97 -13.44
C SER A 195 12.61 58.88 -14.94
N VAL A 196 11.76 59.53 -15.75
CA VAL A 196 11.92 59.54 -17.19
C VAL A 196 12.69 60.75 -17.70
N GLY A 197 12.70 61.86 -16.97
CA GLY A 197 13.54 62.97 -17.34
C GLY A 197 14.99 62.55 -17.36
N ILE A 198 15.41 61.87 -16.30
CA ILE A 198 16.69 61.16 -16.30
C ILE A 198 16.52 59.96 -17.22
N ALA A 199 17.63 59.31 -17.57
CA ALA A 199 17.59 58.12 -18.41
C ALA A 199 17.31 58.47 -19.85
N MET A 200 17.12 59.76 -20.14
CA MET A 200 16.91 60.21 -21.50
C MET A 200 17.72 61.46 -21.84
N SER A 201 18.41 62.04 -20.86
CA SER A 201 19.15 63.26 -21.08
C SER A 201 20.62 63.03 -21.41
N ALA A 202 21.05 61.78 -21.55
CA ALA A 202 22.45 61.48 -21.80
C ALA A 202 22.80 61.76 -23.25
N ILE A 203 23.70 62.71 -23.48
CA ILE A 203 24.09 63.12 -24.83
C ILE A 203 24.82 61.97 -25.51
N PRO A 204 24.39 61.52 -26.69
CA PRO A 204 25.02 60.36 -27.31
C PRO A 204 26.33 60.70 -27.99
N GLY A 205 27.12 59.67 -28.24
CA GLY A 205 28.39 59.81 -28.94
C GLY A 205 28.29 59.30 -30.36
N ILE A 206 29.02 59.94 -31.27
CA ILE A 206 28.96 59.63 -32.69
C ILE A 206 30.33 59.12 -33.13
N ARG A 207 30.34 58.22 -34.12
CA ARG A 207 31.58 57.73 -34.67
C ARG A 207 32.16 58.73 -35.65
N LYS A 208 33.48 58.73 -35.79
CA LYS A 208 34.18 59.60 -36.73
C LYS A 208 35.45 58.93 -37.19
N VAL A 209 35.87 59.26 -38.42
CA VAL A 209 37.10 58.71 -38.95
C VAL A 209 38.28 59.29 -38.19
N ALA A 210 39.36 58.51 -38.10
CA ALA A 210 40.52 58.88 -37.32
C ALA A 210 41.79 58.67 -38.12
N LYS A 211 42.82 59.42 -37.78
CA LYS A 211 44.15 59.22 -38.36
C LYS A 211 44.83 58.06 -37.66
N ALA A 212 45.43 57.15 -38.44
CA ALA A 212 45.95 55.91 -37.87
C ALA A 212 47.03 56.17 -36.84
N GLU A 213 47.91 57.14 -37.09
CA GLU A 213 49.05 57.35 -36.21
C GLU A 213 48.61 57.73 -34.80
N GLN A 214 47.63 58.63 -34.69
CA GLN A 214 47.21 59.07 -33.36
C GLN A 214 46.64 57.92 -32.54
N VAL A 215 45.85 57.05 -33.17
CA VAL A 215 45.25 55.94 -32.44
C VAL A 215 46.32 54.98 -31.95
N GLN A 216 47.30 54.67 -32.80
CA GLN A 216 48.35 53.75 -32.39
C GLN A 216 49.17 54.32 -31.24
N GLN A 217 49.43 55.63 -31.25
CA GLN A 217 50.11 56.25 -30.13
C GLN A 217 49.32 56.09 -28.84
N GLY A 218 48.00 56.32 -28.90
CA GLY A 218 47.19 56.16 -27.72
C GLY A 218 47.18 54.74 -27.20
N ALA A 219 47.06 53.76 -28.11
CA ALA A 219 47.02 52.37 -27.69
C ALA A 219 48.35 51.93 -27.10
N VAL A 220 49.46 52.45 -27.62
CA VAL A 220 50.78 52.09 -27.07
C VAL A 220 50.96 52.57 -25.64
N ARG A 221 50.34 53.69 -25.26
CA ARG A 221 50.39 54.16 -23.88
C ARG A 221 49.56 53.28 -22.95
N GLY A 222 48.71 52.42 -23.50
CA GLY A 222 48.22 51.26 -22.80
C GLY A 222 49.25 50.14 -22.89
N GLY A 223 48.96 49.04 -22.21
CA GLY A 223 49.94 47.98 -22.14
C GLY A 223 51.07 48.44 -21.23
N VAL A 224 51.84 49.41 -21.70
CA VAL A 224 52.56 50.27 -20.79
C VAL A 224 51.52 51.03 -20.00
N ASN A 225 51.81 51.26 -18.71
CA ASN A 225 50.82 51.67 -17.73
C ASN A 225 49.83 50.56 -17.41
N ALA A 226 49.98 49.41 -18.07
CA ALA A 226 49.18 48.23 -17.73
C ALA A 226 50.03 46.97 -17.70
N ALA A 227 51.33 47.06 -17.94
CA ALA A 227 52.25 45.94 -17.75
C ALA A 227 53.24 46.17 -16.63
N GLU A 228 53.18 47.29 -15.92
CA GLU A 228 54.04 47.50 -14.75
C GLU A 228 53.64 46.60 -13.59
N ASP A 229 52.50 45.91 -13.69
CA ASP A 229 52.07 44.98 -12.68
C ASP A 229 52.49 43.55 -12.97
N ALA A 230 53.30 43.32 -14.00
CA ALA A 230 53.80 41.99 -14.33
C ALA A 230 54.98 41.66 -13.42
N ALA A 231 55.09 40.39 -13.02
CA ALA A 231 56.18 39.96 -12.17
C ALA A 231 57.51 39.89 -12.89
N GLY A 232 57.53 39.50 -14.16
CA GLY A 232 58.78 39.40 -14.89
C GLY A 232 59.72 38.33 -14.40
N THR A 233 59.22 37.13 -14.11
CA THR A 233 60.06 36.01 -13.72
C THR A 233 60.51 35.16 -14.90
N VAL A 234 60.12 35.52 -16.12
CA VAL A 234 60.59 34.86 -17.33
C VAL A 234 61.30 35.92 -18.17
N VAL A 235 62.50 35.59 -18.63
CA VAL A 235 63.33 36.56 -19.34
C VAL A 235 63.60 37.74 -18.41
N PRO A 236 64.43 37.57 -17.38
CA PRO A 236 64.69 38.66 -16.43
C PRO A 236 65.36 39.82 -17.12
N PRO A 237 65.53 40.95 -16.42
CA PRO A 237 66.19 42.11 -17.04
C PRO A 237 67.63 41.87 -17.44
N LYS A 238 68.30 40.88 -16.84
CA LYS A 238 69.67 40.57 -17.23
C LYS A 238 69.74 40.13 -18.69
N ASP A 239 68.63 39.61 -19.23
CA ASP A 239 68.60 38.98 -20.54
C ASP A 239 67.60 39.66 -21.48
N VAL A 240 67.61 40.99 -21.53
CA VAL A 240 66.73 41.75 -22.39
C VAL A 240 67.57 42.51 -23.41
N THR A 241 67.01 42.71 -24.60
CA THR A 241 67.66 43.48 -25.65
C THR A 241 66.60 44.08 -26.55
N VAL A 242 66.98 45.17 -27.22
CA VAL A 242 66.04 45.87 -28.11
C VAL A 242 65.88 45.05 -29.40
N PRO A 243 64.69 44.95 -29.97
CA PRO A 243 64.54 44.22 -31.23
C PRO A 243 65.01 45.08 -32.40
N PRO A 244 65.57 44.47 -33.45
CA PRO A 244 66.12 45.26 -34.55
C PRO A 244 65.08 45.84 -35.51
N VAL A 245 63.78 45.71 -35.21
CA VAL A 245 62.73 46.25 -36.06
C VAL A 245 61.68 46.89 -35.17
N ARG A 246 61.00 47.91 -35.70
CA ARG A 246 60.02 48.66 -34.93
C ARG A 246 58.65 47.98 -35.04
N GLU A 247 58.04 47.69 -33.90
CA GLU A 247 56.72 47.10 -33.88
C GLU A 247 55.64 48.18 -34.05
N VAL A 248 54.40 47.73 -34.15
CA VAL A 248 53.26 48.64 -34.22
C VAL A 248 51.99 47.83 -33.97
N PRO A 249 51.09 48.28 -33.11
CA PRO A 249 49.87 47.51 -32.86
C PRO A 249 48.90 47.58 -34.04
N GLU A 250 47.82 46.80 -33.91
CA GLU A 250 46.86 46.59 -35.00
C GLU A 250 45.50 47.20 -34.70
N VAL A 251 45.46 48.40 -34.11
CA VAL A 251 44.18 49.01 -33.75
C VAL A 251 43.50 49.57 -34.98
N GLN A 252 42.19 49.84 -34.85
CA GLN A 252 41.41 50.44 -35.93
C GLN A 252 41.37 51.96 -35.80
N PRO A 253 41.21 52.67 -36.92
CA PRO A 253 41.17 54.14 -36.90
C PRO A 253 39.76 54.71 -36.67
N ILE A 254 39.35 54.77 -35.40
CA ILE A 254 38.03 55.27 -35.02
C ILE A 254 38.16 56.21 -33.83
N LYS A 255 37.35 57.26 -33.83
CA LYS A 255 37.18 58.14 -32.68
C LYS A 255 35.75 58.07 -32.16
N THR A 256 35.45 58.92 -31.20
CA THR A 256 34.09 59.21 -30.76
C THR A 256 33.98 60.68 -30.42
N VAL A 257 32.86 61.29 -30.79
CA VAL A 257 32.65 62.72 -30.63
C VAL A 257 31.24 62.96 -30.11
N ALA A 258 31.13 63.87 -29.16
CA ALA A 258 29.83 64.22 -28.59
C ALA A 258 28.95 64.90 -29.64
N ASP A 259 27.68 64.54 -29.65
CA ASP A 259 26.75 65.12 -30.61
C ASP A 259 26.44 66.56 -30.25
N GLU A 260 26.00 67.34 -31.24
CA GLU A 260 25.76 68.76 -31.04
C GLU A 260 24.29 69.15 -31.13
N ASP A 261 23.47 68.38 -31.86
CA ASP A 261 22.09 68.76 -32.08
C ASP A 261 21.13 68.18 -31.04
N TYR A 262 21.62 67.37 -30.12
CA TYR A 262 20.73 66.78 -29.12
C TYR A 262 20.20 67.86 -28.20
N PRO A 263 18.91 67.83 -27.85
CA PRO A 263 18.36 68.88 -26.98
C PRO A 263 18.71 68.64 -25.53
N LYS A 264 18.67 69.71 -24.74
CA LYS A 264 18.89 69.64 -23.30
C LYS A 264 17.54 69.49 -22.61
N ILE A 265 17.14 68.27 -22.32
CA ILE A 265 15.81 67.97 -21.82
C ILE A 265 15.82 68.00 -20.30
N ASP A 266 14.88 68.74 -19.72
CA ASP A 266 14.68 68.76 -18.28
C ASP A 266 13.18 68.89 -18.04
N ILE A 267 12.74 68.40 -16.88
CA ILE A 267 11.32 68.35 -16.54
C ILE A 267 11.05 69.33 -15.41
N ASP A 268 9.99 70.12 -15.56
CA ASP A 268 9.58 71.05 -14.52
C ASP A 268 8.70 70.34 -13.51
N THR A 269 9.11 70.37 -12.24
CA THR A 269 8.36 69.77 -11.15
C THR A 269 8.14 70.72 -9.99
N TYR A 270 8.13 72.03 -10.25
CA TYR A 270 7.95 73.04 -9.21
C TYR A 270 6.81 74.00 -9.47
N SER A 271 6.14 73.90 -10.62
CA SER A 271 5.09 74.87 -10.95
C SER A 271 3.94 74.80 -9.96
N ASN A 272 3.52 73.60 -9.58
CA ASN A 272 2.35 73.44 -8.72
C ASN A 272 2.69 73.48 -7.24
N LYS A 273 3.81 74.10 -6.86
CA LYS A 273 4.21 74.20 -5.47
C LYS A 273 4.86 75.56 -5.25
N GLU A 274 4.86 76.00 -3.99
CA GLU A 274 5.50 77.26 -3.64
C GLU A 274 7.02 77.11 -3.78
N HIS A 275 7.66 78.13 -4.34
CA HIS A 275 9.09 78.05 -4.62
C HIS A 275 9.67 79.45 -4.72
N ILE A 276 11.00 79.53 -4.70
CA ILE A 276 11.75 80.78 -4.70
C ILE A 276 12.54 80.86 -5.99
N GLU A 277 12.41 81.98 -6.70
CA GLU A 277 13.14 82.22 -7.94
C GLU A 277 14.29 83.18 -7.69
N VAL A 278 15.46 82.85 -8.22
CA VAL A 278 16.66 83.68 -8.07
C VAL A 278 17.05 84.18 -9.46
N GLY A 279 17.05 85.49 -9.63
CA GLY A 279 17.46 86.09 -10.89
C GLY A 279 16.52 85.80 -12.03
N ARG A 280 15.31 86.32 -11.95
CA ARG A 280 14.33 86.20 -13.03
C ARG A 280 14.14 87.53 -13.74
N SER A 288 19.94 76.24 -16.01
CA SER A 288 19.50 76.60 -14.67
C SER A 288 19.91 75.52 -13.67
N LEU A 289 19.89 75.89 -12.39
CA LEU A 289 20.28 74.99 -11.31
C LEU A 289 19.14 74.90 -10.30
N LYS A 290 18.89 73.69 -9.81
CA LYS A 290 17.78 73.41 -8.90
C LYS A 290 18.30 72.77 -7.63
N THR A 291 17.95 73.36 -6.49
CA THR A 291 18.36 72.85 -5.18
C THR A 291 17.25 73.13 -4.19
N THR A 292 17.53 72.88 -2.90
CA THR A 292 16.55 73.02 -1.85
C THR A 292 16.94 74.16 -0.91
N VAL A 293 15.96 74.66 -0.15
CA VAL A 293 16.19 75.83 0.68
C VAL A 293 17.19 75.53 1.77
N GLN A 294 17.05 74.38 2.45
CA GLN A 294 17.97 74.03 3.52
C GLN A 294 19.37 73.75 3.01
N ASN A 295 19.55 73.62 1.70
CA ASN A 295 20.88 73.47 1.12
C ASN A 295 21.47 74.82 0.74
N ALA A 296 20.66 75.70 0.15
CA ALA A 296 21.16 76.99 -0.30
C ALA A 296 21.61 77.86 0.87
N VAL A 297 20.86 77.83 1.97
CA VAL A 297 21.11 78.76 3.08
C VAL A 297 22.53 78.57 3.61
N LEU A 298 22.95 77.32 3.81
CA LEU A 298 24.28 77.08 4.35
C LEU A 298 25.35 77.72 3.48
N ALA A 299 25.22 77.58 2.15
CA ALA A 299 26.20 78.18 1.26
C ALA A 299 26.29 79.68 1.43
N VAL A 300 25.18 80.34 1.73
CA VAL A 300 25.21 81.79 1.90
C VAL A 300 26.03 82.17 3.12
N THR A 301 25.82 81.48 4.24
CA THR A 301 26.56 81.83 5.46
C THR A 301 28.05 81.59 5.29
N ALA A 302 28.43 80.46 4.69
CA ALA A 302 29.83 80.15 4.54
C ALA A 302 30.56 81.21 3.72
N LEU A 303 30.04 81.53 2.55
CA LEU A 303 30.64 82.57 1.71
C LEU A 303 29.95 83.91 1.96
N GLY A 304 29.88 84.31 3.24
CA GLY A 304 29.19 85.53 3.60
C GLY A 304 29.98 86.39 4.56
N ASP A 305 31.29 86.47 4.38
CA ASP A 305 32.13 87.23 5.28
C ASP A 305 31.84 88.73 5.24
N ASP A 306 31.13 89.21 4.22
CA ASP A 306 30.81 90.62 4.09
C ASP A 306 29.44 90.97 4.65
N LEU A 307 28.93 90.22 5.63
CA LEU A 307 27.60 90.43 6.17
C LEU A 307 27.69 90.96 7.59
N PRO A 308 26.72 91.76 8.03
CA PRO A 308 26.70 92.18 9.44
C PRO A 308 26.62 90.97 10.36
N GLU A 309 27.29 91.06 11.50
CA GLU A 309 27.32 89.97 12.45
C GLU A 309 26.13 90.06 13.40
N VAL A 311 23.22 88.90 11.85
CA VAL A 311 22.59 88.42 10.63
C VAL A 311 23.19 87.07 10.25
N ARG A 312 24.51 86.98 10.32
CA ARG A 312 25.18 85.72 10.03
C ARG A 312 24.81 84.66 11.06
N ALA A 313 24.71 85.06 12.33
CA ALA A 313 24.27 84.13 13.37
C ALA A 313 22.84 83.69 13.13
N LEU A 314 21.98 84.61 12.71
CA LEU A 314 20.62 84.24 12.35
C LEU A 314 20.60 83.22 11.23
N GLY A 315 21.45 83.43 10.22
CA GLY A 315 21.54 82.47 9.13
C GLY A 315 22.00 81.10 9.62
N ARG A 316 22.99 81.08 10.50
CA ARG A 316 23.43 79.80 11.06
C ARG A 316 22.32 79.10 11.81
N ALA A 317 21.59 79.84 12.65
CA ALA A 317 20.51 79.25 13.42
C ALA A 317 19.40 78.73 12.52
N LEU A 318 19.08 79.46 11.46
CA LEU A 318 18.05 79.00 10.53
C LEU A 318 18.50 77.77 9.76
N GLY A 319 19.79 77.71 9.41
CA GLY A 319 20.27 76.60 8.62
C GLY A 319 20.13 75.26 9.32
N ALA A 320 20.04 75.27 10.65
CA ALA A 320 19.81 74.06 11.43
C ALA A 320 18.33 73.84 11.72
N SER A 321 17.45 74.68 11.21
CA SER A 321 16.02 74.53 11.42
C SER A 321 15.54 73.14 10.99
N ARG A 356 11.11 72.72 0.23
CA ARG A 356 10.78 73.52 -0.94
C ARG A 356 11.72 73.24 -2.11
N ALA A 357 11.54 74.00 -3.18
CA ALA A 357 12.41 73.95 -4.34
C ALA A 357 12.88 75.35 -4.67
N GLU A 358 14.15 75.46 -5.07
CA GLU A 358 14.75 76.71 -5.46
C GLU A 358 15.43 76.54 -6.80
N ILE A 359 15.40 77.58 -7.61
CA ILE A 359 15.95 77.56 -8.96
C ILE A 359 16.75 78.83 -9.19
N PHE A 360 17.95 78.68 -9.75
CA PHE A 360 18.79 79.79 -10.17
C PHE A 360 18.80 79.81 -11.70
N ASN A 361 18.57 80.98 -12.27
CA ASN A 361 18.60 81.12 -13.72
C ASN A 361 20.01 81.47 -14.19
N THR A 367 28.50 74.00 -9.53
CA THR A 367 28.65 75.42 -9.79
C THR A 367 27.86 76.26 -8.79
N LEU A 368 27.22 75.60 -7.82
CA LEU A 368 26.45 76.31 -6.81
C LEU A 368 27.34 77.28 -6.05
N SER A 369 28.56 76.86 -5.71
CA SER A 369 29.45 77.67 -4.90
C SER A 369 29.82 78.99 -5.57
N ASP A 370 29.65 79.12 -6.89
CA ASP A 370 29.95 80.35 -7.59
C ASP A 370 28.74 81.19 -7.92
N HIS A 371 27.56 80.58 -8.06
CA HIS A 371 26.35 81.35 -8.27
C HIS A 371 26.15 82.37 -7.16
N VAL A 372 26.26 81.93 -5.90
CA VAL A 372 26.12 82.84 -4.77
C VAL A 372 27.25 83.85 -4.69
N ARG A 373 28.41 83.56 -5.27
CA ARG A 373 29.50 84.52 -5.31
C ARG A 373 29.23 85.69 -6.24
N GLY A 374 28.43 85.47 -7.29
CA GLY A 374 28.10 86.54 -8.22
C GLY A 374 26.88 87.32 -7.79
N MET A 375 26.74 87.55 -6.49
CA MET A 375 25.60 88.27 -5.94
C MET A 375 26.10 89.36 -5.02
N SER A 376 25.38 90.48 -5.00
CA SER A 376 25.70 91.58 -4.11
C SER A 376 25.30 91.24 -2.67
N THR A 377 25.86 91.99 -1.73
CA THR A 377 25.57 91.73 -0.33
C THR A 377 24.10 91.94 -0.01
N TYR A 378 23.47 92.92 -0.65
CA TYR A 378 22.06 93.22 -0.34
C TYR A 378 21.15 92.08 -0.74
N GLU A 379 21.33 91.54 -1.95
CA GLU A 379 20.44 90.50 -2.45
C GLU A 379 20.47 89.26 -1.56
N LYS A 380 21.67 88.83 -1.17
CA LYS A 380 21.80 87.60 -0.42
C LYS A 380 21.28 87.72 1.01
N THR A 381 20.95 88.93 1.45
CA THR A 381 20.17 89.09 2.67
C THR A 381 18.68 88.96 2.43
N ILE A 382 18.20 89.46 1.29
CA ILE A 382 16.80 89.23 0.93
C ILE A 382 16.56 87.74 0.73
N LEU A 383 17.56 87.01 0.28
CA LEU A 383 17.42 85.57 0.14
C LEU A 383 17.11 84.89 1.48
N LEU A 384 17.78 85.30 2.54
CA LEU A 384 17.45 84.79 3.88
C LEU A 384 16.14 85.35 4.39
N HIS A 385 15.83 86.60 4.06
CA HIS A 385 14.57 87.20 4.52
C HIS A 385 13.37 86.45 3.97
N GLU A 386 13.42 86.05 2.70
CA GLU A 386 12.34 85.26 2.13
C GLU A 386 12.36 83.81 2.63
N ALA A 387 13.55 83.27 2.89
CA ALA A 387 13.63 81.94 3.47
C ALA A 387 13.07 81.89 4.88
N ALA A 388 12.83 83.05 5.49
CA ALA A 388 12.20 83.09 6.81
C ALA A 388 10.72 82.73 6.75
N HIS A 389 10.17 82.51 5.56
CA HIS A 389 8.79 82.06 5.41
C HIS A 389 8.64 80.59 5.78
N ALA A 390 9.65 79.99 6.42
CA ALA A 390 9.60 78.58 6.78
C ALA A 390 8.35 78.25 7.59
N LYS A 391 7.68 79.28 8.14
CA LYS A 391 6.46 79.06 8.90
C LYS A 391 5.42 78.28 8.10
N THR A 392 5.26 78.59 6.81
CA THR A 392 4.24 77.93 6.02
C THR A 392 4.36 76.42 6.13
N GLY A 393 5.58 75.89 6.01
CA GLY A 393 5.77 74.46 6.21
C GLY A 393 5.32 74.00 7.58
N ARG A 394 5.32 74.90 8.57
CA ARG A 394 4.96 74.54 9.93
C ARG A 394 3.52 74.93 10.27
N SER A 395 2.98 75.95 9.63
CA SER A 395 1.56 76.25 9.81
C SER A 395 0.71 75.11 9.27
N ILE A 396 1.11 74.54 8.13
CA ILE A 396 0.33 73.45 7.52
C ILE A 396 0.34 72.23 8.44
N ARG A 397 1.50 71.88 8.98
CA ARG A 397 1.59 70.70 9.83
C ARG A 397 0.74 70.80 11.09
N ALA A 398 0.39 72.01 11.51
CA ALA A 398 -0.42 72.22 12.71
C ALA A 398 -1.89 72.35 12.35
N VAL A 399 -2.21 72.34 11.07
CA VAL A 399 -3.59 72.31 10.61
C VAL A 399 -3.95 70.86 10.33
N GLU A 400 -3.07 70.18 9.60
CA GLU A 400 -3.12 68.73 9.51
C GLU A 400 -2.62 68.12 10.81
N SER A 401 -3.03 66.89 11.07
CA SER A 401 -2.60 66.19 12.29
C SER A 401 -1.22 65.57 12.15
N GLY A 402 -0.23 66.35 11.73
CA GLY A 402 1.13 65.87 11.65
C GLY A 402 1.88 66.12 12.95
N ALA A 403 1.88 67.38 13.39
CA ALA A 403 2.38 67.73 14.73
C ALA A 403 1.21 67.60 15.70
N VAL A 404 1.01 66.38 16.18
CA VAL A 404 -0.22 66.06 16.91
C VAL A 404 -0.40 67.01 18.09
N SER A 405 0.45 66.88 19.10
CA SER A 405 0.30 67.69 20.31
C SER A 405 1.65 68.17 20.82
N ASP A 406 2.68 68.11 19.98
CA ASP A 406 4.01 68.51 20.39
C ASP A 406 3.98 69.94 20.91
N GLY A 407 4.52 70.12 22.12
CA GLY A 407 4.49 71.43 22.73
C GLY A 407 5.24 72.46 21.91
N VAL A 408 5.25 73.68 22.43
CA VAL A 408 5.99 74.79 21.83
C VAL A 408 5.34 75.21 20.52
N VAL A 409 5.48 74.41 19.48
CA VAL A 409 4.94 74.78 18.17
C VAL A 409 3.42 74.76 18.19
N TYR A 410 2.84 73.72 18.80
CA TYR A 410 1.40 73.63 18.90
C TYR A 410 0.80 74.80 19.68
N GLU A 411 1.49 75.29 20.71
CA GLU A 411 0.99 76.43 21.46
C GLU A 411 1.21 77.73 20.69
N ALA A 412 2.33 77.84 19.98
CA ALA A 412 2.60 79.04 19.20
C ALA A 412 1.55 79.23 18.12
N VAL A 413 1.16 78.14 17.44
CA VAL A 413 0.13 78.26 16.43
C VAL A 413 -1.18 78.74 17.05
N GLN A 414 -1.57 78.20 18.20
CA GLN A 414 -2.82 78.59 18.83
C GLN A 414 -2.80 80.07 19.20
N ARG A 415 -1.70 80.55 19.78
CA ARG A 415 -1.63 81.95 20.19
C ARG A 415 -1.23 82.90 19.08
N ILE A 416 -0.97 82.39 17.88
CA ILE A 416 -1.00 83.25 16.70
C ILE A 416 -2.41 83.33 16.13
N LYS A 417 -3.14 82.23 16.13
CA LYS A 417 -4.52 82.26 15.66
C LYS A 417 -5.39 83.15 16.54
N GLU A 418 -5.14 83.14 17.85
CA GLU A 418 -5.90 84.02 18.73
C GLU A 418 -5.70 85.48 18.36
N ILE A 419 -4.46 85.88 18.11
CA ILE A 419 -4.20 87.26 17.69
C ILE A 419 -4.86 87.54 16.35
N GLN A 420 -4.77 86.60 15.41
CA GLN A 420 -5.47 86.78 14.15
C GLN A 420 -6.94 87.08 14.36
N TRP A 421 -7.58 86.35 15.26
CA TRP A 421 -8.98 86.63 15.56
C TRP A 421 -9.16 88.02 16.17
N TYR A 422 -8.25 88.42 17.07
CA TYR A 422 -8.47 89.65 17.82
C TYR A 422 -8.56 90.86 16.92
N VAL A 423 -7.69 90.96 15.92
CA VAL A 423 -7.58 92.20 15.15
C VAL A 423 -8.89 92.56 14.45
N LYS A 424 -9.69 91.56 14.07
CA LYS A 424 -10.94 91.84 13.38
C LYS A 424 -11.87 92.70 14.24
N ALA A 425 -12.20 92.19 15.42
CA ALA A 425 -13.24 92.83 16.24
C ALA A 425 -12.80 94.19 16.74
N ASN A 426 -11.50 94.37 17.01
CA ASN A 426 -11.03 95.57 17.68
C ASN A 426 -10.35 96.58 16.76
N VAL A 427 -9.97 96.17 15.56
CA VAL A 427 -9.29 97.07 14.63
C VAL A 427 -9.86 96.91 13.23
N ASP A 446 -7.72 82.85 7.18
CA ASP A 446 -6.70 81.82 7.31
C ASP A 446 -5.41 82.44 7.84
N THR A 447 -4.50 81.59 8.33
CA THR A 447 -3.27 82.11 8.93
C THR A 447 -2.29 82.57 7.87
N HIS A 448 -2.31 81.95 6.69
CA HIS A 448 -1.28 82.22 5.68
C HIS A 448 -1.27 83.68 5.26
N GLU A 449 -2.44 84.25 4.96
CA GLU A 449 -2.48 85.63 4.48
C GLU A 449 -2.03 86.60 5.56
N PHE A 450 -2.42 86.36 6.82
CA PHE A 450 -1.96 87.22 7.92
C PHE A 450 -0.45 87.17 8.05
N ILE A 451 0.11 85.95 8.05
CA ILE A 451 1.55 85.80 8.15
C ILE A 451 2.26 86.49 6.99
N SER A 452 1.73 86.34 5.77
CA SER A 452 2.35 86.98 4.62
C SER A 452 2.30 88.49 4.74
N GLN A 453 1.16 89.03 5.17
CA GLN A 453 1.05 90.48 5.35
C GLN A 453 2.05 90.98 6.37
N LEU A 454 2.36 90.17 7.39
CA LEU A 454 3.35 90.60 8.37
C LEU A 454 4.68 90.93 7.68
N PHE A 455 4.99 90.26 6.57
CA PHE A 455 6.24 90.49 5.85
C PHE A 455 6.08 91.56 4.77
N ASN A 456 5.14 91.34 3.85
CA ASN A 456 5.07 92.09 2.60
C ASN A 456 4.32 93.42 2.72
N SER A 457 4.70 94.27 3.66
CA SER A 457 4.00 95.53 3.89
C SER A 457 4.73 96.29 4.98
N GLU A 458 4.49 97.60 5.04
CA GLU A 458 5.14 98.46 6.02
C GLU A 458 4.13 99.00 7.03
N HIS A 459 3.11 99.70 6.55
CA HIS A 459 2.15 100.34 7.46
C HIS A 459 1.29 99.32 8.20
N PHE A 460 1.16 98.10 7.68
CA PHE A 460 0.46 97.06 8.44
C PHE A 460 1.16 96.80 9.76
N ARG A 461 2.49 96.73 9.74
CA ARG A 461 3.23 96.59 10.99
C ARG A 461 3.00 97.80 11.89
N ASP A 462 3.01 99.00 11.32
CA ASP A 462 2.77 100.21 12.09
C ASP A 462 1.40 100.23 12.75
N ALA A 463 0.41 99.58 12.14
CA ALA A 463 -0.92 99.56 12.76
C ALA A 463 -0.90 98.85 14.10
N LEU A 464 -0.15 97.74 14.21
CA LEU A 464 -0.15 96.94 15.42
C LEU A 464 0.70 97.52 16.53
N ARG A 465 1.49 98.56 16.25
CA ARG A 465 2.31 99.17 17.30
C ARG A 465 1.48 100.03 18.24
N SER A 466 0.37 100.59 17.77
CA SER A 466 -0.39 101.54 18.55
C SER A 466 -1.39 100.85 19.48
N VAL A 467 -1.20 99.56 19.74
CA VAL A 467 -2.11 98.81 20.60
C VAL A 467 -1.28 97.90 21.50
N LYS A 468 -1.70 97.77 22.76
CA LYS A 468 -1.12 96.81 23.68
C LYS A 468 -2.06 95.63 23.86
N MET A 469 -1.49 94.50 24.27
CA MET A 469 -2.30 93.29 24.37
C MET A 469 -3.29 93.43 25.53
N PRO A 470 -4.42 92.71 25.47
CA PRO A 470 -5.41 92.80 26.53
C PRO A 470 -5.08 91.94 27.74
N GLY A 471 -4.02 91.14 27.66
CA GLY A 471 -3.72 90.19 28.71
C GLY A 471 -2.25 90.03 29.04
N SER A 472 -1.41 90.97 28.62
CA SER A 472 0.00 90.89 28.93
C SER A 472 0.69 92.18 28.47
N ASP A 473 1.89 92.41 29.01
CA ASP A 473 2.65 93.59 28.65
C ASP A 473 3.25 93.46 27.26
N GLY A 474 3.52 94.60 26.64
CA GLY A 474 4.12 94.63 25.31
C GLY A 474 3.13 94.98 24.22
N THR A 475 3.63 95.60 23.16
CA THR A 475 2.77 95.93 22.03
C THR A 475 2.26 94.65 21.37
N LEU A 476 1.10 94.76 20.72
CA LEU A 476 0.56 93.61 20.00
C LEU A 476 1.56 93.08 18.98
N LEU A 477 2.30 93.96 18.32
CA LEU A 477 3.31 93.52 17.36
C LEU A 477 4.42 92.73 18.06
N SER A 478 4.85 93.21 19.23
CA SER A 478 6.02 92.60 19.87
C SER A 478 5.78 91.12 20.17
N ASN A 479 4.62 90.79 20.75
CA ASN A 479 4.37 89.40 21.11
C ASN A 479 4.12 88.53 19.89
N LEU A 480 3.63 89.13 18.80
CA LEU A 480 3.47 88.37 17.56
C LEU A 480 4.82 87.88 17.05
N MET A 481 5.83 88.74 17.08
CA MET A 481 7.16 88.34 16.65
C MET A 481 7.74 87.27 17.55
N LYS A 482 7.43 87.34 18.85
CA LYS A 482 7.98 86.38 19.80
C LYS A 482 7.71 84.95 19.35
N ARG A 483 6.57 84.72 18.70
CA ARG A 483 6.18 83.37 18.35
C ARG A 483 6.68 82.97 16.97
N VAL A 484 6.94 83.93 16.08
CA VAL A 484 7.52 83.60 14.78
C VAL A 484 8.89 82.97 14.97
N VAL A 485 9.69 83.51 15.89
CA VAL A 485 11.00 82.94 16.16
C VAL A 485 10.86 81.51 16.63
N THR A 486 9.88 81.22 17.47
CA THR A 486 9.66 79.85 17.89
C THR A 486 9.34 78.95 16.70
N LEU A 487 8.71 79.53 15.67
CA LEU A 487 8.33 78.72 14.51
C LEU A 487 9.52 78.46 13.60
N PHE A 488 10.14 79.51 13.05
CA PHE A 488 11.13 79.27 12.01
C PHE A 488 12.48 78.85 12.60
N THR A 489 12.62 78.88 13.92
CA THR A 489 13.81 78.33 14.55
C THR A 489 13.52 77.01 15.26
N GLY A 490 12.42 76.92 16.00
CA GLY A 490 12.04 75.72 16.70
C GLY A 490 12.70 75.52 18.04
N LYS A 491 13.43 76.51 18.55
CA LYS A 491 14.18 76.38 19.80
C LYS A 491 13.46 76.97 21.00
N ALA A 492 12.13 76.87 21.05
CA ALA A 492 11.39 77.43 22.17
C ALA A 492 11.61 78.94 22.20
N PRO A 493 11.34 79.63 23.32
CA PRO A 493 11.65 81.07 23.30
C PRO A 493 13.13 81.37 23.06
N ASN A 496 18.29 84.11 22.60
CA ASN A 496 17.72 85.38 22.19
C ASN A 496 18.21 85.79 20.80
N ALA A 497 17.27 85.92 19.87
CA ALA A 497 17.61 86.38 18.52
C ALA A 497 16.59 87.39 18.00
N PHE A 498 15.73 87.95 18.84
CA PHE A 498 14.71 88.87 18.37
C PHE A 498 15.33 90.10 17.74
N ASP A 499 16.50 90.52 18.23
CA ASP A 499 17.14 91.70 17.67
C ASP A 499 17.51 91.49 16.20
N ALA A 500 17.96 90.29 15.86
CA ALA A 500 18.34 90.02 14.48
C ALA A 500 17.16 90.20 13.52
N THR A 501 16.03 89.57 13.82
CA THR A 501 14.88 89.71 12.93
C THR A 501 14.32 91.12 12.98
N LEU A 502 14.34 91.75 14.15
CA LEU A 502 13.87 93.13 14.26
C LEU A 502 14.65 94.06 13.36
N GLN A 503 15.97 93.94 13.31
CA GLN A 503 16.79 94.74 12.40
C GLN A 503 16.69 94.29 10.95
N ALA A 504 16.54 92.99 10.69
CA ALA A 504 16.29 92.54 9.32
C ALA A 504 15.01 93.14 8.76
N PHE A 505 14.05 93.43 9.63
CA PHE A 505 12.92 94.28 9.27
C PHE A 505 13.42 95.71 9.22
N ASP A 506 13.67 96.21 8.03
CA ASP A 506 14.27 97.53 7.83
C ASP A 506 13.51 98.60 8.61
N PRO A 515 14.77 96.94 -4.06
CA PRO A 515 14.43 96.16 -5.26
C PRO A 515 15.50 95.14 -5.62
N ALA A 516 15.14 93.86 -5.58
CA ALA A 516 16.07 92.80 -5.91
C ALA A 516 15.33 91.71 -6.68
N ASP A 517 16.09 90.93 -7.44
CA ASP A 517 15.50 89.89 -8.30
C ASP A 517 15.41 88.55 -7.60
N VAL A 518 14.79 88.54 -6.42
CA VAL A 518 14.44 87.31 -5.72
C VAL A 518 13.03 87.46 -5.17
N PHE A 519 12.20 86.44 -5.37
CA PHE A 519 10.79 86.53 -5.02
C PHE A 519 10.30 85.20 -4.48
N LEU A 520 9.19 85.26 -3.75
CA LEU A 520 8.48 84.08 -3.29
C LEU A 520 7.19 83.95 -4.11
N ASN A 521 7.06 82.84 -4.82
CA ASN A 521 6.01 82.67 -5.81
C ASN A 521 5.02 81.60 -5.38
N ALA A 522 3.73 81.94 -5.47
CA ALA A 522 2.67 80.99 -5.20
C ALA A 522 2.46 80.07 -6.39
N PRO A 523 1.78 78.94 -6.20
CA PRO A 523 1.58 78.01 -7.32
C PRO A 523 0.87 78.68 -8.48
N LYS A 524 1.29 78.33 -9.70
CA LYS A 524 0.74 78.89 -10.92
C LYS A 524 0.13 77.79 -11.77
N ALA A 525 -0.83 78.16 -12.61
CA ALA A 525 -1.61 77.16 -13.35
C ALA A 525 -0.85 76.61 -14.55
N THR A 526 -0.12 77.42 -15.29
CA THR A 526 0.48 77.02 -16.55
C THR A 526 1.93 76.62 -16.35
N PRO A 527 2.30 75.35 -16.55
CA PRO A 527 3.71 74.96 -16.41
C PRO A 527 4.61 75.65 -17.42
N ASP A 528 5.93 75.48 -17.25
CA ASP A 528 6.89 75.97 -18.22
C ASP A 528 7.21 74.87 -19.21
N LEU A 529 6.94 75.11 -20.49
CA LEU A 529 7.16 74.13 -21.55
C LEU A 529 8.20 74.68 -22.52
N GLN A 530 9.06 73.80 -23.00
CA GLN A 530 10.19 74.21 -23.84
C GLN A 530 9.86 74.24 -25.32
N SER A 531 8.87 73.47 -25.77
CA SER A 531 8.54 73.41 -27.18
C SER A 531 7.85 74.72 -27.61
N LYS A 532 8.04 75.08 -28.88
CA LYS A 532 7.56 76.37 -29.36
C LYS A 532 6.04 76.39 -29.55
N VAL A 533 5.48 75.30 -30.08
CA VAL A 533 4.09 75.33 -30.52
C VAL A 533 3.10 75.11 -29.39
N LEU A 534 3.55 74.85 -28.16
CA LEU A 534 2.64 74.55 -27.07
C LEU A 534 2.35 75.74 -26.16
N GLN A 535 3.17 76.78 -26.19
CA GLN A 535 2.98 77.89 -25.26
C GLN A 535 1.68 78.63 -25.57
N ALA A 536 0.90 78.88 -24.53
CA ALA A 536 -0.36 79.61 -24.63
C ALA A 536 -0.49 80.52 -23.41
N PRO A 537 -1.27 81.60 -23.50
CA PRO A 537 -1.36 82.52 -22.37
C PRO A 537 -2.24 82.06 -21.22
N ASN A 538 -3.27 81.25 -21.47
CA ASN A 538 -4.17 80.80 -20.43
C ASN A 538 -4.29 79.29 -20.50
N VAL A 539 -5.15 78.73 -19.65
CA VAL A 539 -5.21 77.28 -19.49
C VAL A 539 -6.06 76.61 -20.56
N ILE A 540 -7.08 77.29 -21.09
CA ILE A 540 -7.94 76.65 -22.08
C ILE A 540 -7.20 76.47 -23.41
N GLU A 541 -6.51 77.52 -23.86
CA GLU A 541 -5.79 77.43 -25.11
C GLU A 541 -4.68 76.39 -25.06
N MET A 542 -3.94 76.34 -23.94
CA MET A 542 -2.89 75.35 -23.82
C MET A 542 -3.45 73.94 -23.91
N ASN A 543 -4.56 73.68 -23.22
CA ASN A 543 -5.18 72.35 -23.29
C ASN A 543 -5.63 72.03 -24.71
N ASN A 544 -6.23 73.01 -25.39
CA ASN A 544 -6.67 72.76 -26.76
C ASN A 544 -5.49 72.43 -27.66
N LYS A 545 -4.36 73.11 -27.47
CA LYS A 545 -3.22 72.90 -28.36
C LYS A 545 -2.50 71.60 -28.05
N VAL A 546 -2.50 71.16 -26.78
CA VAL A 546 -1.80 69.92 -26.43
C VAL A 546 -2.51 68.71 -27.03
N MET A 547 -3.83 68.63 -26.87
CA MET A 547 -4.55 67.47 -27.37
C MET A 547 -4.53 67.40 -28.89
N GLY A 548 -4.36 68.53 -29.55
CA GLY A 548 -4.29 68.51 -31.00
C GLY A 548 -3.09 67.73 -31.52
N ALA A 549 -1.96 67.84 -30.83
CA ALA A 549 -0.73 67.20 -31.29
C ALA A 549 -0.68 65.71 -30.98
N LEU A 550 -1.63 65.20 -30.19
CA LEU A 550 -1.60 63.79 -29.82
C LEU A 550 -2.53 62.96 -30.68
N ASN A 551 -3.77 63.40 -30.86
CA ASN A 551 -4.82 62.60 -31.49
C ASN A 551 -5.31 63.28 -32.76
N ARG A 552 -5.60 62.46 -33.77
CA ARG A 552 -6.11 62.98 -35.03
C ARG A 552 -7.54 63.52 -34.88
N ASN A 553 -8.37 62.82 -34.11
CA ASN A 553 -9.79 63.12 -34.09
C ASN A 553 -10.07 64.52 -33.54
N PHE A 554 -9.24 65.01 -32.62
CA PHE A 554 -9.54 66.28 -31.97
C PHE A 554 -9.66 67.41 -32.99
N SER A 555 -8.72 67.49 -33.93
CA SER A 555 -8.77 68.53 -34.94
C SER A 555 -9.95 68.37 -35.89
N LEU A 556 -10.57 67.19 -35.93
CA LEU A 556 -11.77 66.98 -36.73
C LEU A 556 -13.02 67.41 -35.97
N TYR A 557 -13.15 66.99 -34.72
CA TYR A 557 -14.24 67.45 -33.88
C TYR A 557 -14.25 68.98 -33.82
N GLU A 558 -13.08 69.59 -33.71
CA GLU A 558 -13.02 71.06 -33.67
C GLU A 558 -13.52 71.66 -34.97
N ARG A 559 -13.15 71.07 -36.10
CA ARG A 559 -13.55 71.64 -37.39
C ARG A 559 -15.02 71.41 -37.70
N LEU A 560 -15.64 70.39 -37.09
CA LEU A 560 -17.06 70.17 -37.35
C LEU A 560 -17.94 71.26 -36.73
N LYS A 561 -17.56 71.75 -35.55
CA LYS A 561 -18.41 72.67 -34.81
C LYS A 561 -18.49 74.06 -35.41
N SER A 562 -17.65 74.39 -36.39
CA SER A 562 -17.70 75.74 -36.96
C SER A 562 -18.87 75.91 -37.91
N PHE A 563 -19.67 74.87 -38.14
CA PHE A 563 -20.75 74.94 -39.11
C PHE A 563 -22.06 75.32 -38.44
N GLY A 564 -22.00 76.10 -37.36
CA GLY A 564 -23.21 76.57 -36.72
C GLY A 564 -23.58 75.75 -35.50
N TYR A 565 -24.87 75.73 -35.20
CA TYR A 565 -25.37 75.06 -33.99
C TYR A 565 -25.82 73.63 -34.27
N LYS A 566 -26.63 73.42 -35.30
CA LYS A 566 -27.10 72.07 -35.59
C LYS A 566 -25.93 71.10 -35.73
N ALA A 567 -24.82 71.56 -36.32
CA ALA A 567 -23.65 70.71 -36.42
C ALA A 567 -23.11 70.35 -35.04
N SER A 568 -23.11 71.31 -34.12
CA SER A 568 -22.55 71.05 -32.80
C SER A 568 -23.28 69.93 -32.08
N THR A 569 -24.61 69.93 -32.16
CA THR A 569 -25.38 68.85 -31.54
C THR A 569 -25.06 67.52 -32.19
N LEU A 570 -24.95 67.50 -33.51
CA LEU A 570 -24.72 66.24 -34.23
C LEU A 570 -23.28 65.76 -34.07
N ALA A 571 -22.33 66.68 -33.89
CA ALA A 571 -20.95 66.26 -33.70
C ALA A 571 -20.79 65.39 -32.47
N ASP A 572 -21.47 65.75 -31.38
CA ASP A 572 -21.35 65.00 -30.14
C ASP A 572 -21.85 63.58 -30.27
N GLN A 573 -22.63 63.27 -31.31
CA GLN A 573 -23.22 61.94 -31.44
C GLN A 573 -22.39 61.03 -32.33
N LEU A 574 -21.26 61.52 -32.87
CA LEU A 574 -20.53 60.74 -33.86
C LEU A 574 -19.09 60.47 -33.42
N VAL A 575 -18.39 61.47 -32.89
CA VAL A 575 -16.93 61.37 -32.79
C VAL A 575 -16.39 61.61 -31.39
N VAL A 576 -17.16 62.22 -30.50
CA VAL A 576 -16.64 62.58 -29.19
C VAL A 576 -16.58 61.37 -28.29
N ASP A 577 -15.70 61.43 -27.28
CA ASP A 577 -15.56 60.40 -26.25
C ASP A 577 -15.80 61.07 -24.90
N ALA A 578 -17.07 61.16 -24.51
CA ALA A 578 -17.43 61.88 -23.29
C ALA A 578 -16.85 61.17 -22.08
N THR A 579 -16.47 61.95 -21.07
CA THR A 579 -15.87 61.40 -19.85
C THR A 579 -16.78 61.54 -18.64
N GLY A 580 -17.84 62.34 -18.71
CA GLY A 580 -18.70 62.59 -17.57
C GLY A 580 -20.16 62.26 -17.74
N THR A 581 -20.53 61.46 -18.73
CA THR A 581 -21.94 61.13 -18.93
C THR A 581 -22.06 59.78 -19.62
N GLU A 582 -23.24 59.18 -19.50
CA GLU A 582 -23.48 57.88 -20.12
C GLU A 582 -23.65 58.01 -21.62
N ALA A 583 -24.40 58.99 -22.09
CA ALA A 583 -24.64 59.17 -23.52
C ALA A 583 -23.31 59.41 -24.21
N ASN A 584 -22.92 58.47 -25.08
CA ASN A 584 -21.60 58.51 -25.71
C ASN A 584 -21.75 58.27 -27.20
N SER A 585 -20.80 58.78 -27.97
CA SER A 585 -20.92 58.87 -29.41
C SER A 585 -21.01 57.49 -30.05
N ALA A 586 -21.20 57.50 -31.37
CA ALA A 586 -21.30 56.25 -32.11
C ALA A 586 -19.94 55.61 -32.32
N ALA A 587 -18.90 56.42 -32.53
CA ALA A 587 -17.57 55.87 -32.75
C ALA A 587 -17.11 55.07 -31.53
N HIS A 588 -17.43 55.54 -30.33
CA HIS A 588 -17.03 54.84 -29.13
C HIS A 588 -17.67 53.45 -29.06
N HIS A 589 -18.98 53.36 -29.30
CA HIS A 589 -19.64 52.07 -29.26
C HIS A 589 -19.15 51.15 -30.37
N ALA A 590 -18.91 51.69 -31.56
CA ALA A 590 -18.37 50.87 -32.64
C ALA A 590 -17.00 50.32 -32.27
N ARG A 591 -16.14 51.16 -31.69
CA ARG A 591 -14.84 50.67 -31.23
C ARG A 591 -15.00 49.56 -30.21
N ALA A 592 -15.93 49.74 -29.26
CA ALA A 592 -16.14 48.72 -28.24
C ALA A 592 -16.59 47.41 -28.86
N ALA A 593 -17.46 47.48 -29.88
CA ALA A 593 -17.99 46.26 -30.48
C ALA A 593 -16.97 45.58 -31.37
N HIS A 594 -16.08 46.35 -31.99
CA HIS A 594 -15.15 45.78 -32.95
C HIS A 594 -14.04 44.95 -32.29
N LEU A 595 -13.86 45.08 -30.97
CA LEU A 595 -12.90 44.22 -30.29
C LEU A 595 -13.43 42.81 -30.09
N ALA A 596 -14.73 42.67 -29.84
CA ALA A 596 -15.29 41.35 -29.59
C ALA A 596 -15.08 40.44 -30.79
N SER A 597 -15.32 40.96 -31.99
CA SER A 597 -15.15 40.16 -33.20
C SER A 597 -13.72 39.68 -33.33
N ASN A 598 -12.76 40.59 -33.24
CA ASN A 598 -11.36 40.23 -33.49
C ASN A 598 -10.86 39.20 -32.49
N VAL A 599 -11.48 39.11 -31.32
CA VAL A 599 -11.05 38.11 -30.35
C VAL A 599 -11.30 36.71 -30.87
N SER A 600 -12.19 36.56 -31.85
CA SER A 600 -12.51 35.26 -32.42
C SER A 600 -12.03 35.09 -33.86
N ILE A 601 -11.81 36.18 -34.59
CA ILE A 601 -11.22 36.05 -35.93
C ILE A 601 -9.80 35.52 -35.81
N VAL A 602 -9.08 35.91 -34.76
CA VAL A 602 -7.68 35.52 -34.62
C VAL A 602 -7.55 34.01 -34.49
N GLN A 603 -8.42 33.37 -33.72
CA GLN A 603 -8.29 31.94 -33.52
C GLN A 603 -8.40 31.16 -34.82
N VAL A 604 -9.09 31.69 -35.82
CA VAL A 604 -9.14 31.03 -37.12
C VAL A 604 -7.93 31.41 -37.97
N ASP A 605 -7.40 32.62 -37.80
CA ASP A 605 -6.22 33.02 -38.55
C ASP A 605 -5.04 32.14 -38.20
N ASP A 606 -4.83 31.87 -36.92
CA ASP A 606 -3.72 31.03 -36.50
C ASP A 606 -3.86 29.59 -36.98
N ALA A 607 -5.07 29.14 -37.30
CA ALA A 607 -5.23 27.79 -37.85
C ALA A 607 -4.81 27.73 -39.31
N PHE A 608 -5.08 28.79 -40.08
CA PHE A 608 -4.63 28.81 -41.47
C PHE A 608 -3.12 28.81 -41.56
N ARG A 609 -2.46 29.59 -40.70
CA ARG A 609 -0.99 29.63 -40.73
C ARG A 609 -0.41 28.26 -40.42
N GLN A 610 -0.98 27.55 -39.46
CA GLN A 610 -0.42 26.27 -39.04
C GLN A 610 -0.64 25.19 -40.08
N ALA A 611 -1.66 25.34 -40.93
CA ALA A 611 -1.93 24.32 -41.95
C ALA A 611 -0.85 24.27 -43.02
N LEU A 612 -0.10 25.36 -43.22
CA LEU A 612 0.97 25.40 -44.20
C LEU A 612 2.35 25.53 -43.57
N SER A 613 2.45 25.42 -42.25
CA SER A 613 3.76 25.51 -41.61
C SER A 613 4.69 24.43 -42.13
N ALA A 614 4.20 23.20 -42.24
CA ALA A 614 4.91 22.14 -42.93
C ALA A 614 4.74 22.35 -44.43
N ASP A 615 5.59 21.67 -45.20
CA ASP A 615 5.54 21.71 -46.66
C ASP A 615 5.99 23.06 -47.21
N TRP A 616 6.32 24.01 -46.33
CA TRP A 616 6.78 25.34 -46.73
C TRP A 616 7.64 25.96 -45.62
N PRO A 617 8.87 25.48 -45.45
CA PRO A 617 9.79 26.15 -44.53
C PRO A 617 10.20 27.52 -45.07
N LEU A 618 10.68 28.37 -44.17
CA LEU A 618 10.95 29.76 -44.54
C LEU A 618 11.87 29.85 -45.74
N VAL A 619 12.83 28.92 -45.86
CA VAL A 619 13.76 28.97 -46.97
C VAL A 619 13.07 28.77 -48.30
N GLN A 620 12.08 27.87 -48.36
CA GLN A 620 11.36 27.62 -49.59
C GLN A 620 10.47 28.79 -50.00
N ARG A 621 9.83 29.44 -49.05
CA ARG A 621 8.98 30.57 -49.38
C ARG A 621 9.76 31.66 -50.12
N LEU A 622 11.05 31.79 -49.82
CA LEU A 622 11.85 32.85 -50.42
C LEU A 622 12.26 32.54 -51.86
N ARG A 623 12.13 31.29 -52.30
CA ARG A 623 12.54 30.91 -53.65
C ARG A 623 11.39 30.95 -54.64
N HIS A 624 10.22 30.45 -54.25
CA HIS A 624 9.09 30.31 -55.16
C HIS A 624 7.94 31.20 -54.70
N PRO A 625 8.09 32.53 -54.78
CA PRO A 625 7.03 33.40 -54.26
C PRO A 625 5.70 33.25 -54.97
N VAL A 626 5.70 33.11 -56.29
CA VAL A 626 4.43 33.13 -57.03
C VAL A 626 3.62 31.88 -56.71
N LEU A 627 4.25 30.71 -56.72
CA LEU A 627 3.52 29.47 -56.52
C LEU A 627 3.01 29.36 -55.09
N TYR A 628 3.73 29.94 -54.13
CA TYR A 628 3.34 29.83 -52.73
C TYR A 628 1.94 30.38 -52.50
N ARG A 629 1.51 31.33 -53.34
CA ARG A 629 0.22 31.96 -53.11
C ARG A 629 -0.93 31.01 -53.40
N GLU A 630 -0.75 30.05 -54.31
CA GLU A 630 -1.82 29.12 -54.65
C GLU A 630 -2.08 28.11 -53.55
N ALA A 631 -1.08 27.78 -52.74
CA ALA A 631 -1.29 26.86 -51.64
C ALA A 631 -2.33 27.38 -50.65
N GLN A 632 -2.54 28.69 -50.63
CA GLN A 632 -3.59 29.25 -49.78
C GLN A 632 -4.93 29.27 -50.48
N ARG A 633 -4.93 29.58 -51.78
CA ARG A 633 -6.18 29.61 -52.54
C ARG A 633 -6.82 28.24 -52.59
N ASP A 634 -6.02 27.17 -52.59
CA ASP A 634 -6.59 25.83 -52.62
C ASP A 634 -7.31 25.50 -51.32
N LEU A 635 -6.66 25.75 -50.18
CA LEU A 635 -7.30 25.49 -48.90
C LEU A 635 -8.52 26.36 -48.71
N SER A 636 -8.47 27.62 -49.13
CA SER A 636 -9.64 28.48 -48.97
C SER A 636 -10.82 27.90 -49.74
N GLN A 637 -10.60 27.48 -50.98
CA GLN A 637 -11.69 26.88 -51.75
C GLN A 637 -12.23 25.64 -51.06
N LYS A 638 -11.34 24.74 -50.64
CA LYS A 638 -11.79 23.51 -50.02
C LYS A 638 -12.64 23.78 -48.79
N VAL A 639 -12.16 24.64 -47.90
CA VAL A 639 -12.89 24.91 -46.66
C VAL A 639 -14.20 25.62 -46.95
N TYR A 640 -14.19 26.59 -47.88
CA TYR A 640 -15.42 27.29 -48.19
C TYR A 640 -16.48 26.33 -48.73
N GLN A 641 -16.08 25.42 -49.61
CA GLN A 641 -17.02 24.44 -50.12
C GLN A 641 -17.51 23.52 -49.01
N GLN A 642 -16.63 23.11 -48.11
CA GLN A 642 -17.05 22.20 -47.05
C GLN A 642 -18.06 22.86 -46.12
N LEU A 643 -17.91 24.16 -45.85
CA LEU A 643 -18.84 24.83 -44.94
C LEU A 643 -20.19 25.10 -45.59
N ALA A 644 -20.31 24.96 -46.91
CA ALA A 644 -21.61 25.11 -47.55
C ALA A 644 -22.49 23.89 -47.30
N GLU A 645 -21.91 22.69 -47.36
CA GLU A 645 -22.69 21.48 -47.18
C GLU A 645 -23.22 21.37 -45.75
N ASN A 646 -22.35 21.54 -44.76
CA ASN A 646 -22.73 21.33 -43.38
C ASN A 646 -23.78 22.33 -42.91
N HIS A 647 -23.89 23.49 -43.57
CA HIS A 647 -24.93 24.45 -43.24
C HIS A 647 -26.29 23.98 -43.77
N ASP A 648 -26.34 23.62 -45.05
CA ASP A 648 -27.61 23.20 -45.63
C ASP A 648 -28.10 21.89 -45.03
N ARG A 649 -27.19 21.03 -44.59
CA ARG A 649 -27.63 19.80 -43.93
C ARG A 649 -28.12 20.10 -42.52
N PHE A 650 -27.46 21.02 -41.81
CA PHE A 650 -27.91 21.37 -40.47
C PHE A 650 -29.30 22.00 -40.51
N LEU A 651 -29.55 22.86 -41.49
CA LEU A 651 -30.83 23.56 -41.56
C LEU A 651 -32.00 22.64 -41.85
N LYS A 652 -31.77 21.40 -42.32
CA LYS A 652 -32.85 20.49 -42.65
C LYS A 652 -32.86 19.26 -41.76
N GLY A 653 -32.23 19.33 -40.58
CA GLY A 653 -32.35 18.26 -39.61
C GLY A 653 -31.64 16.98 -39.99
N GLN A 654 -30.67 17.02 -40.89
CA GLN A 654 -29.89 15.84 -41.23
C GLN A 654 -28.64 15.77 -40.35
N SER A 655 -27.73 14.87 -40.71
CA SER A 655 -26.54 14.64 -39.92
C SER A 655 -25.28 15.09 -40.67
N ILE A 656 -24.31 15.59 -39.90
CA ILE A 656 -23.05 16.02 -40.47
C ILE A 656 -22.07 14.84 -40.50
N GLN A 657 -21.18 14.87 -41.49
CA GLN A 657 -20.16 13.84 -41.63
C GLN A 657 -18.83 14.50 -41.95
N PRO A 658 -17.72 13.95 -41.46
CA PRO A 658 -16.42 14.57 -41.69
C PRO A 658 -15.86 14.25 -43.06
N SER A 659 -14.78 14.96 -43.40
CA SER A 659 -14.10 14.74 -44.67
C SER A 659 -12.87 13.87 -44.46
N ASN A 660 -12.29 13.42 -45.57
CA ASN A 660 -11.15 12.53 -45.56
C ASN A 660 -9.82 13.24 -45.69
N ASP A 661 -9.81 14.56 -45.75
CA ASP A 661 -8.56 15.33 -45.78
C ASP A 661 -8.30 15.84 -44.37
N PRO A 662 -7.19 15.46 -43.73
CA PRO A 662 -6.99 15.85 -42.31
C PRO A 662 -6.94 17.33 -42.06
N ARG A 663 -6.53 18.17 -43.02
CA ARG A 663 -6.49 19.60 -42.77
C ARG A 663 -7.88 20.21 -42.67
N VAL A 664 -8.82 19.75 -43.50
CA VAL A 664 -10.15 20.34 -43.51
C VAL A 664 -10.86 20.12 -42.19
N ASN A 665 -10.73 18.94 -41.59
CA ASN A 665 -11.39 18.68 -40.32
C ASN A 665 -10.88 19.64 -39.25
N SER A 666 -9.57 19.83 -39.17
CA SER A 666 -9.01 20.75 -38.19
C SER A 666 -9.46 22.18 -38.45
N MET A 667 -9.46 22.61 -39.72
CA MET A 667 -9.88 23.98 -40.02
C MET A 667 -11.33 24.20 -39.63
N VAL A 668 -12.21 23.24 -39.93
CA VAL A 668 -13.61 23.39 -39.57
C VAL A 668 -13.77 23.38 -38.06
N ASP A 669 -13.05 22.51 -37.36
CA ASP A 669 -13.17 22.45 -35.92
C ASP A 669 -12.75 23.77 -35.27
N ALA A 670 -11.65 24.35 -35.74
CA ALA A 670 -11.21 25.63 -35.20
C ALA A 670 -12.23 26.72 -35.47
N PHE A 671 -13.14 26.50 -36.42
CA PHE A 671 -14.14 27.49 -36.77
C PHE A 671 -15.38 27.36 -35.90
N VAL A 672 -15.83 26.13 -35.65
CA VAL A 672 -17.01 25.93 -34.81
C VAL A 672 -16.71 26.34 -33.37
N ASN A 673 -15.55 25.94 -32.86
CA ASN A 673 -15.19 26.29 -31.49
C ASN A 673 -14.88 27.78 -31.34
N SER A 674 -14.55 28.47 -32.43
CA SER A 674 -14.33 29.91 -32.35
C SER A 674 -15.58 30.63 -31.89
N ASN A 675 -16.75 30.24 -32.38
CA ASN A 675 -18.02 30.64 -31.80
C ASN A 675 -18.45 32.04 -32.20
N TRP A 676 -17.81 32.64 -33.21
CA TRP A 676 -18.17 34.01 -33.58
C TRP A 676 -19.46 34.03 -34.37
N ALA A 677 -19.79 32.92 -35.04
CA ALA A 677 -20.97 32.88 -35.90
C ALA A 677 -22.26 33.16 -35.15
N LYS A 678 -22.44 32.54 -33.98
CA LYS A 678 -23.64 32.83 -33.20
C LYS A 678 -23.53 34.18 -32.50
N ASP A 679 -22.32 34.58 -32.12
CA ASP A 679 -22.15 35.86 -31.46
C ASP A 679 -22.60 37.01 -32.36
N GLU A 680 -22.22 36.96 -33.64
CA GLU A 680 -22.59 38.05 -34.54
C GLU A 680 -24.09 38.09 -34.76
N LEU A 681 -24.73 36.93 -34.96
CA LEU A 681 -26.17 36.91 -35.18
C LEU A 681 -26.92 37.37 -33.94
N ALA A 682 -26.37 37.10 -32.75
CA ALA A 682 -27.01 37.59 -31.53
C ALA A 682 -26.83 39.10 -31.40
N ARG A 683 -25.62 39.59 -31.66
CA ARG A 683 -25.35 41.02 -31.47
C ARG A 683 -26.13 41.87 -32.45
N VAL A 684 -26.15 41.48 -33.73
CA VAL A 684 -26.86 42.27 -34.73
C VAL A 684 -28.35 42.37 -34.43
N LYS A 685 -28.96 41.33 -33.86
CA LYS A 685 -30.35 41.42 -33.46
C LYS A 685 -30.55 42.38 -32.29
N GLY A 686 -29.53 42.58 -31.47
CA GLY A 686 -29.60 43.59 -30.43
C GLY A 686 -29.88 44.96 -31.00
N ALA A 687 -30.79 45.70 -30.38
CA ALA A 687 -31.24 47.00 -30.85
C ALA A 687 -32.11 46.91 -32.10
N GLY A 688 -32.39 45.70 -32.58
CA GLY A 688 -33.27 45.53 -33.72
C GLY A 688 -32.84 46.36 -34.91
N ILE A 689 -31.73 46.00 -35.54
CA ILE A 689 -31.19 46.79 -36.65
C ILE A 689 -31.90 46.41 -37.93
N ASN A 690 -33.03 47.08 -38.20
CA ASN A 690 -33.73 46.93 -39.46
C ASN A 690 -34.05 45.47 -39.74
N GLY A 691 -34.15 45.09 -41.01
CA GLY A 691 -34.55 43.74 -41.37
C GLY A 691 -33.47 42.72 -41.13
N ALA A 692 -33.16 42.44 -39.87
CA ALA A 692 -32.17 41.44 -39.51
C ALA A 692 -32.78 40.13 -39.04
N ASP A 693 -34.06 40.10 -38.69
CA ASP A 693 -34.69 38.85 -38.26
C ASP A 693 -34.85 37.89 -39.42
N ALA A 694 -34.79 38.38 -40.66
CA ALA A 694 -34.96 37.53 -41.82
C ALA A 694 -33.81 36.56 -42.02
N VAL A 695 -32.66 36.80 -41.39
CA VAL A 695 -31.52 35.91 -41.55
C VAL A 695 -31.76 34.63 -40.76
N ARG A 696 -31.11 33.55 -41.19
CA ARG A 696 -31.20 32.25 -40.54
C ARG A 696 -29.86 31.89 -39.94
N GLU A 697 -29.89 31.12 -38.86
CA GLU A 697 -28.72 30.93 -38.01
C GLU A 697 -28.24 29.49 -38.04
N SER A 698 -26.93 29.32 -37.92
CA SER A 698 -26.31 28.01 -37.81
C SER A 698 -24.83 28.22 -37.51
N PRO A 699 -24.18 27.27 -36.85
CA PRO A 699 -22.75 27.45 -36.54
C PRO A 699 -21.87 27.54 -37.77
N TYR A 700 -22.33 27.06 -38.92
CA TYR A 700 -21.55 27.04 -40.15
C TYR A 700 -21.91 28.17 -41.11
N TYR A 701 -22.56 29.22 -40.62
CA TYR A 701 -23.03 30.28 -41.50
C TYR A 701 -21.85 31.05 -42.08
N LEU A 702 -22.03 31.55 -43.31
CA LEU A 702 -21.02 32.36 -43.97
C LEU A 702 -21.71 33.12 -45.10
N PRO A 703 -21.55 34.43 -45.19
CA PRO A 703 -22.33 35.23 -46.15
C PRO A 703 -21.97 34.87 -47.58
N ARG A 704 -22.64 35.57 -48.51
CA ARG A 704 -22.47 35.33 -49.93
C ARG A 704 -22.43 36.64 -50.69
N GLN A 705 -21.48 36.73 -51.63
CA GLN A 705 -21.32 37.92 -52.45
C GLN A 705 -20.73 37.52 -53.80
N HIS A 706 -20.94 38.38 -54.79
CA HIS A 706 -20.21 38.26 -56.05
C HIS A 706 -18.92 39.06 -55.97
N SER A 707 -18.00 38.76 -56.89
CA SER A 707 -16.70 39.41 -56.92
C SER A 707 -16.45 39.99 -58.30
N GLY A 708 -16.19 41.30 -58.36
CA GLY A 708 -15.90 41.95 -59.63
C GLY A 708 -14.52 41.64 -60.17
N ASN A 709 -13.61 41.18 -59.32
CA ASN A 709 -12.26 40.84 -59.77
C ASN A 709 -12.26 39.55 -60.57
N LYS A 710 -12.95 38.52 -60.06
CA LYS A 710 -12.99 37.24 -60.77
C LYS A 710 -13.67 37.36 -62.12
N LEU A 711 -14.59 38.32 -62.27
CA LEU A 711 -15.25 38.53 -63.55
C LEU A 711 -14.27 39.11 -64.57
N ASN A 712 -13.56 40.16 -64.19
CA ASN A 712 -12.61 40.79 -65.10
C ASN A 712 -11.46 39.86 -65.45
N ASP A 713 -10.90 39.18 -64.46
CA ASP A 713 -9.80 38.27 -64.74
C ASP A 713 -10.21 37.16 -65.67
N PHE A 714 -11.44 36.64 -65.54
CA PHE A 714 -11.89 35.62 -66.48
C PHE A 714 -12.13 36.22 -67.86
N MET A 715 -12.69 37.41 -67.94
CA MET A 715 -12.94 38.02 -69.23
C MET A 715 -11.66 38.48 -69.92
N ARG A 716 -10.53 38.53 -69.21
CA ARG A 716 -9.29 38.94 -69.85
C ARG A 716 -8.68 37.81 -70.67
N ASN A 717 -8.54 36.63 -70.07
CA ASN A 717 -7.96 35.51 -70.81
C ASN A 717 -8.82 35.13 -72.00
N ASN A 718 -10.13 35.04 -71.79
CA ASN A 718 -11.06 34.74 -72.88
C ASN A 718 -11.58 36.03 -73.47
N ARG A 719 -11.45 36.19 -74.78
CA ARG A 719 -11.96 37.36 -75.47
C ARG A 719 -13.09 37.02 -76.44
N GLN A 720 -13.54 35.77 -76.47
CA GLN A 720 -14.72 35.40 -77.24
C GLN A 720 -16.00 35.78 -76.56
N VAL A 721 -15.89 36.15 -75.29
CA VAL A 721 -17.02 36.55 -74.47
C VAL A 721 -17.00 38.07 -74.33
N THR A 722 -18.15 38.71 -74.52
CA THR A 722 -18.25 40.15 -74.48
C THR A 722 -19.35 40.55 -73.50
N LYS A 723 -19.46 41.85 -73.27
CA LYS A 723 -20.51 42.36 -72.39
C LYS A 723 -21.89 41.95 -72.86
N ASP A 724 -22.04 41.70 -74.16
CA ASP A 724 -23.35 41.36 -74.69
C ASP A 724 -23.85 40.03 -74.14
N ASP A 725 -22.95 39.21 -73.60
CA ASP A 725 -23.33 37.88 -73.14
C ASP A 725 -23.61 37.84 -71.64
N ILE A 726 -22.87 38.59 -70.83
CA ILE A 726 -23.10 38.58 -69.40
C ILE A 726 -24.49 39.14 -69.08
N VAL A 727 -24.86 40.23 -69.76
CA VAL A 727 -26.19 40.80 -69.55
C VAL A 727 -27.30 39.85 -69.96
N GLY A 728 -27.16 39.17 -71.10
CA GLY A 728 -28.14 38.17 -71.50
C GLY A 728 -28.20 37.04 -70.50
N MET A 729 -27.05 36.67 -69.94
CA MET A 729 -26.98 35.63 -68.93
C MET A 729 -27.82 36.00 -67.72
N TYR A 730 -27.61 37.20 -67.18
CA TYR A 730 -28.40 37.61 -66.01
C TYR A 730 -29.86 37.88 -66.35
N THR A 731 -30.16 38.23 -67.60
CA THR A 731 -31.54 38.42 -68.00
C THR A 731 -32.35 37.13 -67.86
N GLU A 732 -31.78 36.00 -68.25
CA GLU A 732 -32.50 34.73 -68.15
C GLU A 732 -32.85 34.43 -66.70
N GLN A 733 -31.91 34.64 -65.78
CA GLN A 733 -32.19 34.43 -64.37
C GLN A 733 -33.28 35.37 -63.87
N PHE A 734 -33.16 36.67 -64.19
CA PHE A 734 -34.12 37.63 -63.67
C PHE A 734 -35.52 37.36 -64.21
N SER A 735 -35.63 37.00 -65.48
CA SER A 735 -36.95 36.75 -66.07
C SER A 735 -37.65 35.60 -65.36
N ARG A 736 -36.92 34.54 -65.07
CA ARG A 736 -37.51 33.37 -64.41
C ARG A 736 -37.86 33.62 -62.96
N MET A 737 -37.11 34.49 -62.27
CA MET A 737 -37.26 34.67 -60.83
C MET A 737 -38.57 35.38 -60.48
N PHE A 738 -38.91 36.43 -61.22
CA PHE A 738 -40.10 37.22 -60.93
C PHE A 738 -41.26 36.90 -61.86
N GLN A 739 -41.33 35.69 -62.40
CA GLN A 739 -42.40 35.33 -63.31
C GLN A 739 -43.77 35.55 -62.67
N GLN A 740 -43.92 35.19 -61.40
CA GLN A 740 -45.22 35.25 -60.75
C GLN A 740 -45.73 36.68 -60.59
N ASN A 741 -44.87 37.67 -60.70
CA ASN A 741 -45.25 39.07 -60.57
C ASN A 741 -45.45 39.75 -61.91
N GLY A 742 -45.48 38.99 -63.01
CA GLY A 742 -45.69 39.59 -64.32
C GLY A 742 -44.58 40.53 -64.75
N ILE A 743 -43.33 40.15 -64.53
CA ILE A 743 -42.19 40.97 -64.91
C ILE A 743 -42.16 41.09 -66.44
N THR A 744 -42.26 42.30 -66.94
CA THR A 744 -42.20 42.52 -68.38
C THR A 744 -40.76 42.33 -68.87
N PRO A 745 -40.57 41.93 -70.13
CA PRO A 745 -39.19 41.68 -70.60
C PRO A 745 -38.26 42.88 -70.50
N GLU A 746 -38.76 44.10 -70.68
CA GLU A 746 -37.87 45.26 -70.65
C GLU A 746 -37.21 45.42 -69.28
N THR A 747 -37.99 45.24 -68.22
CA THR A 747 -37.43 45.36 -66.88
C THR A 747 -36.41 44.26 -66.61
N ALA A 748 -36.62 43.08 -67.18
CA ALA A 748 -35.64 42.00 -67.04
C ALA A 748 -34.28 42.45 -67.58
N ARG A 749 -34.26 43.00 -68.78
CA ARG A 749 -33.01 43.49 -69.36
C ARG A 749 -32.44 44.66 -68.59
N LYS A 750 -33.27 45.57 -68.11
CA LYS A 750 -32.75 46.69 -67.32
C LYS A 750 -32.06 46.18 -66.05
N LEU A 751 -32.68 45.24 -65.35
CA LEU A 751 -32.05 44.67 -64.16
C LEU A 751 -30.78 43.92 -64.51
N GLY A 752 -30.79 43.16 -65.60
CA GLY A 752 -29.58 42.50 -66.03
C GLY A 752 -28.44 43.46 -66.29
N ALA A 753 -28.74 44.61 -66.89
CA ALA A 753 -27.71 45.60 -67.17
C ALA A 753 -27.26 46.36 -65.94
N LYS A 754 -28.13 46.51 -64.92
CA LYS A 754 -27.75 47.18 -63.69
C LYS A 754 -27.12 46.24 -62.66
N MET A 755 -26.99 44.95 -62.97
CA MET A 755 -26.19 44.04 -62.16
C MET A 755 -24.75 44.01 -62.64
N PHE A 756 -24.48 44.57 -63.81
CA PHE A 756 -23.13 44.66 -64.36
C PHE A 756 -22.53 46.04 -64.09
N ASP A 757 -23.31 47.11 -64.20
CA ASP A 757 -22.79 48.44 -63.96
C ASP A 757 -22.37 48.61 -62.50
N ASN A 758 -23.16 48.08 -61.57
CA ASN A 758 -22.79 48.21 -60.16
C ASN A 758 -21.92 47.07 -59.68
N MET A 759 -21.50 46.17 -60.57
CA MET A 759 -20.47 45.19 -60.26
C MET A 759 -19.08 45.67 -60.60
N GLN A 760 -18.93 46.45 -61.68
CA GLN A 760 -17.64 47.08 -61.96
C GLN A 760 -17.28 48.09 -60.87
N ASP A 761 -18.27 48.82 -60.37
CA ASP A 761 -18.02 49.79 -59.31
C ASP A 761 -17.50 49.12 -58.05
N GLN A 762 -17.77 47.84 -57.85
CA GLN A 762 -17.31 47.14 -56.67
C GLN A 762 -15.82 46.80 -56.76
N ALA A 763 -15.33 46.55 -57.98
CA ALA A 763 -13.92 46.23 -58.15
C ALA A 763 -13.04 47.48 -58.07
N ALA A 764 -13.55 48.62 -58.50
CA ALA A 764 -12.78 49.85 -58.52
C ALA A 764 -12.86 50.62 -57.21
N HIS A 765 -13.65 50.16 -56.24
CA HIS A 765 -13.78 50.83 -54.94
C HIS A 765 -14.25 52.27 -55.13
N VAL A 766 -15.46 52.41 -55.66
CA VAL A 766 -16.06 53.72 -55.88
C VAL A 766 -17.45 53.76 -55.26
N GLN A 767 -17.76 52.79 -54.41
CA GLN A 767 -19.08 52.73 -53.79
C GLN A 767 -19.10 53.53 -52.50
N GLY A 768 -20.32 53.85 -52.05
CA GLY A 768 -20.52 54.54 -50.79
C GLY A 768 -21.97 54.41 -50.37
N TYR A 769 -22.26 54.86 -49.16
CA TYR A 769 -23.61 54.77 -48.64
C TYR A 769 -24.51 55.74 -49.43
N ARG A 770 -25.78 55.81 -49.01
CA ARG A 770 -26.86 56.43 -49.78
C ARG A 770 -27.30 55.56 -50.93
N GLN A 771 -26.79 54.33 -51.03
CA GLN A 771 -27.24 53.38 -52.03
C GLN A 771 -27.59 52.04 -51.40
N SER A 772 -27.51 51.94 -50.07
CA SER A 772 -27.86 50.71 -49.36
C SER A 772 -28.67 51.04 -48.13
N ILE A 773 -29.62 51.98 -48.26
CA ILE A 773 -30.42 52.42 -47.12
C ILE A 773 -31.67 51.57 -46.93
N ALA A 774 -32.06 50.78 -47.92
CA ALA A 774 -33.26 49.97 -47.80
C ALA A 774 -33.12 48.94 -46.67
N GLY A 775 -32.03 48.17 -46.70
CA GLY A 775 -31.81 47.14 -45.71
C GLY A 775 -30.37 47.10 -45.24
N MET A 776 -29.75 45.92 -45.32
CA MET A 776 -28.33 45.77 -45.03
C MET A 776 -27.57 45.73 -46.35
N SER A 777 -26.26 45.88 -46.26
CA SER A 777 -25.42 46.04 -47.43
C SER A 777 -24.77 44.74 -47.89
N TYR A 778 -25.41 43.58 -47.70
CA TYR A 778 -24.78 42.31 -48.06
C TYR A 778 -25.69 41.43 -48.90
N ASP A 779 -26.75 41.99 -49.48
CA ASP A 779 -27.64 41.25 -50.36
C ASP A 779 -27.51 41.78 -51.79
N ASP A 780 -27.25 40.89 -52.73
CA ASP A 780 -26.97 41.30 -54.11
C ASP A 780 -28.22 41.62 -54.90
N ILE A 781 -29.40 41.23 -54.43
CA ILE A 781 -30.63 41.54 -55.16
C ILE A 781 -31.24 42.83 -54.66
N GLU A 782 -31.19 43.06 -53.34
CA GLU A 782 -31.69 44.31 -52.79
C GLU A 782 -30.91 45.49 -53.34
N ASN A 783 -29.59 45.36 -53.41
CA ASN A 783 -28.74 46.43 -53.93
C ASN A 783 -28.94 46.66 -55.40
N THR A 784 -29.59 45.74 -56.10
CA THR A 784 -29.91 45.94 -57.52
C THR A 784 -31.30 46.51 -57.73
N LEU A 785 -32.28 46.08 -56.95
CA LEU A 785 -33.62 46.66 -57.06
C LEU A 785 -33.69 48.06 -56.47
N GLU A 786 -32.97 48.33 -55.38
CA GLU A 786 -32.97 49.67 -54.81
C GLU A 786 -32.49 50.70 -55.81
N ALA A 787 -31.58 50.31 -56.71
CA ALA A 787 -31.06 51.23 -57.70
C ALA A 787 -31.99 51.42 -58.87
N LEU A 788 -33.13 50.76 -58.90
CA LEU A 788 -34.08 50.88 -59.99
C LEU A 788 -33.43 50.48 -61.32
N GLU A 820 -31.48 33.05 -54.61
CA GLU A 820 -32.47 33.12 -55.67
C GLU A 820 -31.89 32.68 -57.00
N PHE A 821 -30.64 33.07 -57.25
CA PHE A 821 -29.96 32.63 -58.46
C PHE A 821 -29.76 31.13 -58.43
N ASP A 822 -29.88 30.49 -59.59
CA ASP A 822 -29.70 29.05 -59.65
C ASP A 822 -28.26 28.63 -59.33
N MET A 823 -27.29 29.35 -59.88
CA MET A 823 -25.87 29.11 -59.59
C MET A 823 -25.35 27.85 -60.24
N THR A 824 -26.21 27.11 -60.95
CA THR A 824 -25.75 25.92 -61.66
C THR A 824 -26.29 25.86 -63.09
N ALA A 825 -27.42 26.49 -63.36
CA ALA A 825 -27.98 26.48 -64.70
C ALA A 825 -26.95 26.99 -65.71
N GLN A 826 -26.83 26.29 -66.82
CA GLN A 826 -25.76 26.52 -67.77
C GLN A 826 -26.29 27.33 -68.96
N TYR A 827 -25.64 28.44 -69.24
CA TYR A 827 -25.93 29.30 -70.38
C TYR A 827 -24.93 29.04 -71.50
N THR A 828 -25.34 29.36 -72.73
CA THR A 828 -24.53 29.11 -73.91
C THR A 828 -24.28 30.42 -74.64
N THR A 829 -23.01 30.73 -74.90
CA THR A 829 -22.63 31.97 -75.54
C THR A 829 -22.73 31.85 -77.05
N LYS A 830 -22.38 32.94 -77.75
CA LYS A 830 -22.42 32.96 -79.20
C LYS A 830 -21.45 31.96 -79.79
N SER A 831 -20.26 31.86 -79.21
CA SER A 831 -19.19 31.01 -79.75
C SER A 831 -19.35 29.55 -79.38
N GLY A 832 -20.41 29.19 -78.65
CA GLY A 832 -20.60 27.83 -78.21
C GLY A 832 -20.02 27.51 -76.85
N ASP A 833 -19.22 28.40 -76.28
CA ASP A 833 -18.71 28.20 -74.93
C ASP A 833 -19.85 28.34 -73.93
N MET A 834 -19.85 27.43 -72.95
CA MET A 834 -20.88 27.40 -71.92
C MET A 834 -20.41 28.18 -70.70
N ILE A 835 -21.37 28.78 -69.99
CA ILE A 835 -21.06 29.72 -68.92
C ILE A 835 -22.14 29.59 -67.85
N SER A 836 -21.76 29.85 -66.60
CA SER A 836 -22.68 29.75 -65.47
C SER A 836 -22.26 30.77 -64.43
N PRO A 837 -23.19 31.22 -63.58
CA PRO A 837 -22.86 32.27 -62.60
C PRO A 837 -22.03 31.79 -61.42
N SER A 838 -21.79 30.49 -61.29
CA SER A 838 -21.00 29.99 -60.17
C SER A 838 -19.55 30.40 -60.28
N MET A 839 -19.08 30.69 -61.49
CA MET A 839 -17.66 30.96 -61.69
C MET A 839 -17.24 32.29 -61.08
N PHE A 840 -18.19 33.16 -60.75
CA PHE A 840 -17.88 34.51 -60.30
C PHE A 840 -18.19 34.74 -58.82
N VAL A 841 -18.32 33.68 -58.04
CA VAL A 841 -18.59 33.85 -56.61
C VAL A 841 -17.28 34.02 -55.85
N ASN A 842 -17.35 34.72 -54.72
CA ASN A 842 -16.17 34.90 -53.89
C ASN A 842 -15.87 33.61 -53.14
N ASN A 843 -14.58 33.37 -52.88
CA ASN A 843 -14.13 32.11 -52.33
C ASN A 843 -13.34 32.22 -51.04
N ASP A 844 -12.48 33.22 -50.89
CA ASP A 844 -11.62 33.29 -49.71
C ASP A 844 -12.47 33.44 -48.46
N VAL A 845 -11.91 33.00 -47.33
CA VAL A 845 -12.63 33.00 -46.06
C VAL A 845 -12.29 34.27 -45.29
N MET A 846 -11.01 34.45 -44.95
CA MET A 846 -10.64 35.56 -44.09
C MET A 846 -11.07 36.90 -44.69
N GLY A 847 -10.77 37.12 -45.97
CA GLY A 847 -11.21 38.33 -46.63
C GLY A 847 -12.72 38.47 -46.71
N LEU A 848 -13.45 37.42 -46.38
CA LEU A 848 -14.90 37.45 -46.30
C LEU A 848 -15.40 37.57 -44.87
N MET A 849 -14.56 37.24 -43.88
CA MET A 849 -14.94 37.42 -42.49
C MET A 849 -14.68 38.85 -42.04
N GLU A 850 -13.50 39.38 -42.35
CA GLU A 850 -13.16 40.73 -41.89
C GLU A 850 -14.13 41.77 -42.48
N GLY A 851 -14.45 41.65 -43.76
CA GLY A 851 -15.36 42.60 -44.37
C GLY A 851 -16.73 42.63 -43.70
N TYR A 852 -17.27 41.46 -43.38
CA TYR A 852 -18.55 41.39 -42.71
C TYR A 852 -18.47 41.99 -41.31
N SER A 853 -17.45 41.59 -40.55
CA SER A 853 -17.36 42.04 -39.16
C SER A 853 -17.19 43.55 -39.08
N ARG A 854 -16.35 44.12 -39.95
CA ARG A 854 -16.08 45.55 -39.85
C ARG A 854 -17.33 46.37 -40.09
N ARG A 855 -18.15 46.00 -41.07
CA ARG A 855 -19.34 46.78 -41.38
C ARG A 855 -20.44 46.54 -40.36
N MET A 856 -20.59 45.32 -39.85
CA MET A 856 -21.61 45.10 -38.84
C MET A 856 -21.26 45.79 -37.53
N SER A 857 -19.98 45.87 -37.18
CA SER A 857 -19.61 46.64 -36.00
C SER A 857 -20.00 48.09 -36.17
N GLY A 858 -19.74 48.66 -37.35
CA GLY A 858 -20.12 50.04 -37.61
C GLY A 858 -21.61 50.27 -37.57
N ARG A 859 -22.41 49.33 -38.06
CA ARG A 859 -23.86 49.48 -37.96
C ARG A 859 -24.36 49.33 -36.52
N VAL A 860 -23.81 48.38 -35.76
CA VAL A 860 -24.24 48.24 -34.37
C VAL A 860 -23.89 49.48 -33.56
N GLY A 861 -22.69 50.03 -33.76
CA GLY A 861 -22.31 51.22 -33.01
C GLY A 861 -23.20 52.40 -33.32
N LEU A 862 -23.61 52.54 -34.58
CA LEU A 862 -24.44 53.68 -34.97
C LEU A 862 -25.84 53.57 -34.39
N ALA A 863 -26.36 52.34 -34.28
CA ALA A 863 -27.70 52.15 -33.74
C ALA A 863 -27.79 52.61 -32.30
N LYS A 864 -26.79 52.26 -31.48
CA LYS A 864 -26.86 52.56 -30.06
C LYS A 864 -26.81 54.05 -29.79
N ALA A 865 -26.36 54.84 -30.77
CA ALA A 865 -26.31 56.29 -30.61
C ALA A 865 -27.65 56.96 -30.85
N GLY A 866 -28.61 56.27 -31.47
CA GLY A 866 -29.94 56.82 -31.66
C GLY A 866 -30.47 56.76 -33.07
N PHE A 867 -29.78 56.06 -33.97
CA PHE A 867 -30.19 55.92 -35.37
C PHE A 867 -30.22 54.44 -35.74
N PRO A 868 -31.24 53.70 -35.29
CA PRO A 868 -31.35 52.29 -35.69
C PRO A 868 -31.59 52.11 -37.17
N ASP A 869 -32.06 53.12 -37.88
CA ASP A 869 -32.26 53.05 -39.33
C ASP A 869 -31.66 54.29 -39.98
N LEU A 870 -30.97 54.10 -41.10
CA LEU A 870 -30.23 55.17 -41.74
C LEU A 870 -31.13 56.18 -42.45
N ARG A 871 -32.41 55.86 -42.65
CA ARG A 871 -33.27 56.74 -43.43
C ARG A 871 -33.38 58.10 -42.78
N ASP A 872 -33.55 58.14 -41.45
CA ASP A 872 -33.55 59.41 -40.73
C ASP A 872 -32.15 59.93 -40.49
N ALA A 873 -31.14 59.05 -40.51
CA ALA A 873 -29.76 59.52 -40.39
C ALA A 873 -29.38 60.43 -41.54
N VAL A 874 -29.81 60.08 -42.76
CA VAL A 874 -29.55 60.97 -43.89
C VAL A 874 -30.26 62.30 -43.70
N LYS A 875 -31.54 62.25 -43.31
CA LYS A 875 -32.32 63.47 -43.18
C LYS A 875 -31.71 64.40 -42.15
N ALA A 876 -31.29 63.86 -41.01
CA ALA A 876 -30.66 64.68 -39.97
C ALA A 876 -29.40 65.36 -40.44
N ILE A 877 -28.74 64.83 -41.48
CA ILE A 877 -27.57 65.50 -42.03
C ILE A 877 -27.98 66.56 -43.04
N ASP A 878 -28.94 66.23 -43.92
CA ASP A 878 -29.38 67.22 -44.91
C ASP A 878 -29.91 68.47 -44.22
N GLU A 879 -30.58 68.31 -43.08
CA GLU A 879 -31.12 69.45 -42.37
C GLU A 879 -30.05 70.25 -41.62
N ALA A 880 -29.03 69.58 -41.08
CA ALA A 880 -28.00 70.29 -40.34
C ALA A 880 -27.12 71.13 -41.27
N ALA A 881 -26.85 70.63 -42.47
CA ALA A 881 -25.96 71.35 -43.38
C ALA A 881 -26.55 72.67 -43.84
N ALA A 882 -27.87 72.79 -43.92
CA ALA A 882 -28.49 74.01 -44.42
C ALA A 882 -28.61 75.05 -43.31
N GLU A 883 -27.52 75.29 -42.58
CA GLU A 883 -27.48 76.37 -41.60
C GLU A 883 -26.21 77.19 -41.74
N ALA A 884 -25.14 76.55 -42.23
CA ALA A 884 -23.87 77.23 -42.33
C ALA A 884 -23.85 78.16 -43.53
N GLN A 885 -22.88 79.08 -43.54
CA GLN A 885 -22.76 80.03 -44.63
C GLN A 885 -22.41 79.36 -45.95
N ASP A 886 -21.80 78.17 -45.91
CA ASP A 886 -21.45 77.43 -47.12
C ASP A 886 -21.95 75.99 -47.02
N PRO A 887 -23.22 75.75 -47.33
CA PRO A 887 -23.77 74.39 -47.13
C PRO A 887 -23.04 73.32 -47.91
N ALA A 888 -22.41 73.65 -49.04
CA ALA A 888 -21.76 72.61 -49.84
C ALA A 888 -20.65 71.91 -49.08
N ALA A 889 -19.81 72.67 -48.36
CA ALA A 889 -18.69 72.05 -47.66
C ALA A 889 -19.15 71.17 -46.50
N ALA A 890 -20.12 71.65 -45.73
CA ALA A 890 -20.55 70.89 -44.55
C ALA A 890 -21.11 69.53 -44.93
N LEU A 891 -21.92 69.49 -46.00
CA LEU A 891 -22.48 68.23 -46.44
C LEU A 891 -21.38 67.26 -46.84
N HIS A 892 -20.37 67.77 -47.57
CA HIS A 892 -19.25 66.92 -47.96
C HIS A 892 -18.51 66.38 -46.75
N ALA A 893 -18.27 67.23 -45.76
CA ALA A 893 -17.55 66.78 -44.57
C ALA A 893 -18.32 65.69 -43.85
N PHE A 894 -19.63 65.87 -43.68
CA PHE A 894 -20.42 64.87 -42.97
C PHE A 894 -20.49 63.57 -43.76
N ASP A 895 -20.63 63.66 -45.09
CA ASP A 895 -20.62 62.45 -45.90
C ASP A 895 -19.31 61.69 -45.75
N ASN A 896 -18.18 62.41 -45.80
CA ASN A 896 -16.89 61.75 -45.65
C ASN A 896 -16.77 61.09 -44.27
N THR A 897 -17.25 61.77 -43.23
CA THR A 897 -17.18 61.16 -41.90
C THR A 897 -18.02 59.90 -41.82
N MET A 898 -19.24 59.93 -42.36
CA MET A 898 -20.10 58.76 -42.29
C MET A 898 -19.50 57.60 -43.07
N ASN A 899 -18.93 57.87 -44.24
CA ASN A 899 -18.29 56.81 -45.00
C ASN A 899 -17.17 56.16 -44.18
N GLN A 900 -16.36 56.97 -43.50
CA GLN A 900 -15.31 56.42 -42.67
C GLN A 900 -15.87 55.57 -41.55
N ILE A 901 -16.93 56.03 -40.88
CA ILE A 901 -17.48 55.26 -39.76
C ILE A 901 -18.01 53.92 -40.24
N LEU A 902 -18.77 53.92 -41.34
CA LEU A 902 -19.35 52.67 -41.80
C LEU A 902 -18.35 51.74 -42.48
N GLY A 903 -17.12 52.21 -42.70
CA GLY A 903 -16.11 51.36 -43.32
C GLY A 903 -16.23 51.26 -44.82
N TYR A 904 -16.08 52.38 -45.52
CA TYR A 904 -16.08 52.45 -46.97
C TYR A 904 -14.81 53.13 -47.45
N PRO A 905 -14.38 52.86 -48.68
CA PRO A 905 -13.15 53.46 -49.19
C PRO A 905 -13.36 54.92 -49.59
N THR A 906 -12.69 55.83 -48.90
CA THR A 906 -12.80 57.25 -49.19
C THR A 906 -11.76 57.73 -50.20
N GLY A 907 -10.79 56.90 -50.55
CA GLY A 907 -9.78 57.26 -51.53
C GLY A 907 -8.53 57.91 -50.96
N GLU A 908 -8.51 58.26 -49.69
CA GLU A 908 -7.33 58.85 -49.07
C GLU A 908 -6.57 57.80 -48.29
N ASP A 909 -5.29 58.08 -48.04
CA ASP A 909 -4.40 57.18 -47.32
C ASP A 909 -4.30 57.65 -45.88
N VAL A 910 -5.23 57.17 -45.05
CA VAL A 910 -5.24 57.52 -43.62
C VAL A 910 -5.58 56.30 -42.81
N PRO A 911 -5.14 56.26 -41.55
CA PRO A 911 -5.47 55.13 -40.69
C PRO A 911 -6.94 55.11 -40.33
N ASP A 912 -7.41 53.93 -39.95
CA ASP A 912 -8.83 53.74 -39.64
C ASP A 912 -9.27 54.69 -38.54
N ILE A 913 -10.47 55.26 -38.69
CA ILE A 913 -10.95 56.27 -37.76
C ILE A 913 -11.04 55.73 -36.34
N LEU A 914 -11.29 54.43 -36.19
CA LEU A 914 -11.46 53.85 -34.86
C LEU A 914 -10.15 53.82 -34.07
N ARG A 915 -9.02 54.12 -34.70
CA ARG A 915 -7.73 53.96 -34.06
C ARG A 915 -7.31 55.16 -33.22
N SER A 916 -8.10 56.24 -33.20
CA SER A 916 -7.73 57.45 -32.46
C SER A 916 -8.92 57.92 -31.64
N ALA A 917 -8.63 58.61 -30.55
CA ALA A 917 -9.65 59.03 -29.59
C ALA A 917 -9.78 60.55 -29.62
N SER A 918 -10.88 61.03 -29.02
CA SER A 918 -11.25 62.44 -29.03
C SER A 918 -11.64 62.89 -27.63
N ILE A 919 -10.80 62.58 -26.65
CA ILE A 919 -11.10 62.85 -25.24
C ILE A 919 -11.30 64.35 -25.05
N ILE A 920 -12.43 64.71 -24.43
CA ILE A 920 -12.71 66.09 -24.04
C ILE A 920 -13.24 66.07 -22.62
N GLY A 921 -12.70 66.96 -21.78
CA GLY A 921 -13.10 66.99 -20.38
C GLY A 921 -12.44 68.13 -19.64
N GLY A 922 -12.18 67.88 -18.36
CA GLY A 922 -11.66 68.90 -17.47
C GLY A 922 -10.25 69.34 -17.79
N ALA A 923 -10.09 70.62 -18.11
CA ALA A 923 -8.77 71.14 -18.42
C ALA A 923 -7.91 71.30 -17.16
N LEU A 924 -8.52 71.80 -16.08
CA LEU A 924 -7.73 72.12 -14.89
C LEU A 924 -7.08 70.87 -14.31
N ASN A 925 -7.85 69.81 -14.10
CA ASN A 925 -7.31 68.62 -13.44
C ASN A 925 -6.18 68.00 -14.25
N LEU A 926 -6.29 68.01 -15.58
CA LEU A 926 -5.22 67.45 -16.41
C LEU A 926 -3.92 68.22 -16.23
N ALA A 927 -4.00 69.55 -16.15
CA ALA A 927 -2.79 70.36 -16.08
C ALA A 927 -1.97 70.03 -14.85
N ASN A 928 -2.62 69.84 -13.71
CA ASN A 928 -1.90 69.56 -12.47
C ASN A 928 -1.49 68.10 -12.33
N SER A 929 -1.88 67.24 -13.29
CA SER A 929 -1.45 65.86 -13.24
C SER A 929 0.00 65.69 -13.69
N GLY A 930 0.46 66.54 -14.60
CA GLY A 930 1.82 66.46 -15.10
C GLY A 930 1.97 65.86 -16.49
N ILE A 931 0.86 65.64 -17.21
CA ILE A 931 0.95 65.04 -18.53
C ILE A 931 1.60 65.99 -19.53
N TYR A 932 1.41 67.30 -19.34
CA TYR A 932 1.95 68.26 -20.30
C TYR A 932 3.48 68.17 -20.37
N GLN A 933 4.13 68.04 -19.22
CA GLN A 933 5.59 67.94 -19.22
C GLN A 933 6.08 66.72 -19.98
N LEU A 934 5.41 65.58 -19.85
CA LEU A 934 5.80 64.37 -20.56
C LEU A 934 5.46 64.44 -22.04
N ALA A 935 4.40 65.15 -22.41
CA ALA A 935 4.09 65.33 -23.81
C ALA A 935 5.09 66.25 -24.48
N ASP A 936 5.56 67.27 -23.75
CA ASP A 936 6.52 68.21 -24.32
C ASP A 936 7.83 67.51 -24.66
N MET A 937 8.29 66.62 -23.79
CA MET A 937 9.57 65.94 -24.03
C MET A 937 9.51 65.13 -25.31
N SER A 938 8.49 64.29 -25.46
CA SER A 938 8.40 63.42 -26.62
C SER A 938 8.27 64.22 -27.90
N LEU A 939 7.91 65.50 -27.79
CA LEU A 939 7.73 66.32 -28.98
C LEU A 939 9.03 67.00 -29.42
N MET A 940 10.01 67.13 -28.52
CA MET A 940 11.28 67.71 -28.92
C MET A 940 12.11 66.73 -29.74
N LEU A 941 12.06 65.44 -29.40
CA LEU A 941 12.89 64.47 -30.10
C LEU A 941 12.56 64.37 -31.58
N GLN A 942 11.40 64.85 -32.01
CA GLN A 942 11.13 64.92 -33.45
C GLN A 942 12.15 65.83 -34.13
N GLN A 943 12.47 66.96 -33.51
CA GLN A 943 13.48 67.84 -34.08
C GLN A 943 14.75 67.08 -34.40
N PHE A 944 15.18 66.21 -33.48
CA PHE A 944 16.43 65.48 -33.67
C PHE A 944 16.37 64.59 -34.90
N GLY A 945 15.33 63.75 -35.01
CA GLY A 945 15.25 62.84 -36.13
C GLY A 945 15.13 63.56 -37.46
N ILE A 946 14.29 64.59 -37.52
CA ILE A 946 14.08 65.30 -38.77
C ILE A 946 15.32 66.08 -39.17
N THR A 947 16.01 66.69 -38.21
CA THR A 947 17.26 67.35 -38.53
C THR A 947 18.27 66.37 -39.09
N LYS A 948 18.40 65.19 -38.47
CA LYS A 948 19.34 64.21 -38.98
C LYS A 948 18.95 63.74 -40.37
N THR A 949 17.65 63.57 -40.64
CA THR A 949 17.21 63.13 -41.95
C THR A 949 17.53 64.20 -43.00
N LEU A 950 17.28 65.47 -42.68
CA LEU A 950 17.61 66.53 -43.63
C LEU A 950 19.12 66.58 -43.89
N LYS A 951 19.93 66.42 -42.85
CA LYS A 951 21.37 66.39 -43.06
C LYS A 951 21.78 65.22 -43.93
N ALA A 952 21.18 64.04 -43.72
CA ALA A 952 21.50 62.88 -44.53
C ALA A 952 21.14 63.10 -46.00
N PHE A 953 19.99 63.73 -46.27
CA PHE A 953 19.68 64.10 -47.64
C PHE A 953 20.69 65.10 -48.19
N GLY A 954 21.14 66.05 -47.35
CA GLY A 954 22.09 67.04 -47.83
C GLY A 954 23.45 66.46 -48.13
N SER A 955 23.80 65.34 -47.51
CA SER A 955 25.12 64.75 -47.68
C SER A 955 25.25 63.97 -48.99
N THR A 956 24.40 62.97 -49.19
CA THR A 956 24.53 62.07 -50.33
C THR A 956 24.26 62.81 -51.64
N ALA A 957 24.86 62.33 -52.72
CA ALA A 957 24.60 62.90 -54.03
C ALA A 957 23.14 62.68 -54.44
N PHE A 958 22.62 61.47 -54.20
CA PHE A 958 21.21 61.20 -54.49
C PHE A 958 20.28 62.07 -53.67
N GLY A 959 20.67 62.43 -52.45
CA GLY A 959 19.83 63.33 -51.66
C GLY A 959 19.67 64.68 -52.31
N ARG A 960 20.76 65.22 -52.87
CA ARG A 960 20.62 66.39 -53.72
C ARG A 960 19.87 66.00 -54.99
N ASN A 961 19.16 66.99 -55.54
CA ASN A 961 18.27 66.83 -56.69
C ASN A 961 17.00 66.08 -56.32
N ALA A 962 17.01 65.37 -55.18
CA ALA A 962 15.81 64.72 -54.69
C ALA A 962 15.11 65.61 -53.69
N MET A 963 15.88 66.24 -52.81
CA MET A 963 15.35 67.35 -52.03
C MET A 963 15.14 68.59 -52.88
N ASP A 964 15.61 68.59 -54.13
CA ASP A 964 15.45 69.74 -55.02
C ASP A 964 14.27 69.62 -55.97
N VAL A 965 13.98 68.43 -56.50
CA VAL A 965 12.77 68.31 -57.30
C VAL A 965 11.55 68.69 -56.47
N ALA A 966 11.59 68.42 -55.16
CA ALA A 966 10.46 68.70 -54.30
C ALA A 966 10.15 70.19 -54.17
N LYS A 967 11.11 71.07 -54.42
CA LYS A 967 10.82 72.50 -54.41
C LYS A 967 10.21 72.99 -55.71
N SER A 968 10.65 72.44 -56.84
CA SER A 968 10.20 72.94 -58.13
C SER A 968 8.69 72.82 -58.26
N ALA A 969 8.06 73.91 -58.72
CA ALA A 969 6.62 73.88 -58.95
C ALA A 969 6.29 73.04 -60.17
N GLU A 970 7.28 72.72 -60.99
CA GLU A 970 7.03 71.96 -62.22
C GLU A 970 6.82 70.48 -61.92
N PHE A 971 7.40 69.98 -60.82
CA PHE A 971 7.35 68.54 -60.53
C PHE A 971 6.95 68.20 -59.10
N GLY A 972 7.08 69.11 -58.13
CA GLY A 972 6.80 68.75 -56.75
C GLY A 972 5.40 68.24 -56.55
N SER A 973 4.42 68.85 -57.23
CA SER A 973 3.04 68.44 -57.07
C SER A 973 2.86 66.97 -57.45
N ARG A 974 3.49 66.54 -58.54
CA ARG A 974 3.34 65.16 -58.98
C ARG A 974 4.05 64.18 -58.06
N LEU A 975 5.22 64.55 -57.54
CA LEU A 975 5.90 63.70 -56.57
C LEU A 975 5.06 63.54 -55.31
N GLN A 976 4.44 64.61 -54.83
CA GLN A 976 3.58 64.50 -53.66
C GLN A 976 2.46 63.50 -53.92
N ASP A 977 1.83 63.58 -55.09
CA ASP A 977 0.76 62.65 -55.42
C ASP A 977 1.27 61.22 -55.49
N VAL A 978 2.48 61.02 -56.03
CA VAL A 978 3.03 59.67 -56.07
C VAL A 978 3.31 59.13 -54.67
N ILE A 979 3.77 59.96 -53.75
CA ILE A 979 4.03 59.50 -52.39
C ILE A 979 2.72 59.18 -51.66
N GLU A 980 1.72 60.03 -51.84
CA GLU A 980 0.46 59.92 -51.10
C GLU A 980 -0.48 58.86 -51.65
N ALA A 981 -0.18 58.29 -52.82
CA ALA A 981 -1.03 57.26 -53.42
C ALA A 981 -2.46 57.76 -53.62
N ARG A 982 -2.62 58.93 -54.24
CA ARG A 982 -3.97 59.49 -54.38
C ARG A 982 -4.61 59.07 -55.70
N HIS A 983 -3.81 58.63 -56.67
CA HIS A 983 -4.34 58.16 -57.95
C HIS A 983 -4.49 56.65 -58.01
N VAL A 984 -4.14 55.92 -56.95
CA VAL A 984 -4.03 54.47 -57.04
C VAL A 984 -5.04 53.77 -56.15
N LEU A 985 -5.40 54.39 -55.03
CA LEU A 985 -6.23 53.68 -54.05
C LEU A 985 -7.65 53.46 -54.55
N SER A 986 -8.16 54.33 -55.41
CA SER A 986 -9.51 54.17 -55.95
C SER A 986 -9.58 54.85 -57.30
N GLY A 987 -10.53 54.41 -58.11
CA GLY A 987 -10.73 54.99 -59.43
C GLY A 987 -10.27 54.10 -60.56
N LYS A 988 -9.73 54.72 -61.61
CA LYS A 988 -9.41 53.99 -62.84
C LYS A 988 -8.34 52.93 -62.63
N TYR A 989 -7.27 53.28 -61.90
CA TYR A 989 -6.04 52.54 -61.93
C TYR A 989 -5.90 51.49 -60.84
N ARG A 990 -6.95 51.23 -60.06
CA ARG A 990 -6.79 50.31 -58.95
C ARG A 990 -6.54 48.88 -59.40
N SER A 991 -6.76 48.58 -60.69
CA SER A 991 -6.49 47.23 -61.17
C SER A 991 -5.02 46.86 -60.97
N VAL A 992 -4.12 47.82 -61.20
CA VAL A 992 -2.70 47.54 -61.05
C VAL A 992 -2.37 47.19 -59.60
N LEU A 993 -2.88 47.98 -58.66
CA LEU A 993 -2.61 47.73 -57.26
C LEU A 993 -3.20 46.40 -56.82
N THR A 994 -4.42 46.07 -57.28
CA THR A 994 -4.99 44.77 -56.96
C THR A 994 -4.15 43.63 -57.51
N HIS A 995 -3.65 43.76 -58.74
CA HIS A 995 -2.86 42.68 -59.32
C HIS A 995 -1.55 42.49 -58.58
N LEU A 996 -0.89 43.59 -58.20
CA LEU A 996 0.38 43.46 -57.49
C LEU A 996 0.20 43.02 -56.05
N GLU A 997 -0.91 43.41 -55.42
CA GLU A 997 -1.03 43.24 -53.98
C GLU A 997 -1.15 41.77 -53.58
N ASP A 998 -2.01 41.03 -54.27
CA ASP A 998 -2.38 39.67 -53.85
C ASP A 998 -1.97 38.65 -54.90
N ASN A 999 -0.82 38.88 -55.53
CA ASN A 999 -0.28 37.95 -56.52
C ASN A 999 1.23 37.82 -56.44
N ARG A 1000 1.83 38.23 -55.32
CA ARG A 1000 3.27 38.15 -55.14
C ARG A 1000 3.55 38.08 -53.64
N ASP A 1001 4.78 37.71 -53.30
CA ASP A 1001 5.14 37.42 -51.92
C ASP A 1001 6.42 38.17 -51.55
N ILE A 1002 6.83 38.04 -50.29
CA ILE A 1002 7.98 38.78 -49.79
C ILE A 1002 9.25 38.42 -50.55
N GLY A 1003 9.29 37.22 -51.12
CA GLY A 1003 10.46 36.81 -51.88
C GLY A 1003 10.73 37.66 -53.09
N SER A 1004 9.76 38.48 -53.50
CA SER A 1004 9.93 39.28 -54.71
C SER A 1004 10.64 40.60 -54.46
N LEU A 1005 10.96 40.92 -53.20
CA LEU A 1005 11.61 42.19 -52.90
C LEU A 1005 13.08 42.21 -53.28
N GLY A 1006 13.76 41.07 -53.24
CA GLY A 1006 15.18 41.05 -53.49
C GLY A 1006 15.98 41.40 -52.25
N VAL A 1007 15.58 42.48 -51.58
CA VAL A 1007 16.21 42.83 -50.31
C VAL A 1007 15.97 41.76 -49.26
N ALA A 1008 14.94 40.94 -49.43
CA ALA A 1008 14.70 39.85 -48.48
C ALA A 1008 15.87 38.87 -48.48
N HIS A 1009 16.38 38.53 -49.66
CA HIS A 1009 17.48 37.57 -49.72
C HIS A 1009 18.74 38.14 -49.07
N ARG A 1010 19.00 39.43 -49.27
CA ARG A 1010 20.26 40.04 -48.86
C ARG A 1010 20.40 40.15 -47.35
N TYR A 1011 19.37 39.90 -46.56
CA TYR A 1011 19.44 40.13 -45.13
C TYR A 1011 18.84 39.00 -44.28
N VAL A 1012 18.52 37.85 -44.87
CA VAL A 1012 17.80 36.82 -44.13
C VAL A 1012 18.64 36.26 -43.01
N GLN A 1013 19.96 36.45 -43.05
CA GLN A 1013 20.83 35.83 -42.07
C GLN A 1013 21.37 36.80 -41.02
N GLN A 1014 21.55 38.07 -41.34
CA GLN A 1014 21.87 39.03 -40.28
C GLN A 1014 20.69 39.18 -39.34
N MET A 1015 19.54 39.58 -39.87
CA MET A 1015 18.31 39.59 -39.09
C MET A 1015 17.97 38.15 -38.71
N GLY A 1016 17.33 37.98 -37.56
CA GLY A 1016 17.38 36.69 -36.87
C GLY A 1016 16.61 35.55 -37.47
N GLN A 1017 16.23 35.65 -38.74
CA GLN A 1017 15.68 34.49 -39.45
C GLN A 1017 14.36 33.98 -38.85
N GLY A 1018 13.82 34.69 -37.86
CA GLY A 1018 12.64 34.27 -37.16
C GLY A 1018 11.38 34.91 -37.69
N THR A 1019 10.38 35.03 -36.82
CA THR A 1019 9.12 35.66 -37.23
C THR A 1019 9.31 37.16 -37.41
N ARG A 1020 10.09 37.79 -36.54
CA ARG A 1020 10.31 39.23 -36.64
C ARG A 1020 10.87 39.64 -38.00
N PHE A 1021 11.34 38.69 -38.80
CA PHE A 1021 11.78 38.99 -40.15
C PHE A 1021 10.62 38.97 -41.13
N VAL A 1022 9.88 37.85 -41.16
CA VAL A 1022 8.76 37.73 -42.09
C VAL A 1022 7.65 38.71 -41.74
N ASN A 1023 7.33 38.84 -40.45
CA ASN A 1023 6.29 39.78 -40.06
C ASN A 1023 6.64 41.20 -40.50
N GLY A 1024 7.92 41.57 -40.43
CA GLY A 1024 8.33 42.89 -40.83
C GLY A 1024 8.37 43.09 -42.33
N MET A 1025 8.67 42.06 -43.10
CA MET A 1025 8.82 42.24 -44.55
C MET A 1025 7.49 42.51 -45.25
N GLU A 1026 6.37 42.07 -44.70
CA GLU A 1026 5.08 42.36 -45.32
C GLU A 1026 4.81 43.87 -45.32
N PHE A 1027 5.18 44.55 -44.25
CA PHE A 1027 5.04 46.00 -44.18
C PHE A 1027 5.77 46.68 -45.34
N ILE A 1028 6.99 46.24 -45.62
CA ILE A 1028 7.75 46.82 -46.72
C ILE A 1028 7.14 46.46 -48.07
N ARG A 1029 6.64 45.24 -48.23
CA ARG A 1029 5.93 44.90 -49.46
C ARG A 1029 4.80 45.88 -49.72
N ARG A 1030 3.95 46.08 -48.71
CA ARG A 1030 2.77 46.91 -48.87
C ARG A 1030 3.12 48.38 -48.96
N GLY A 1031 4.30 48.77 -48.51
CA GLY A 1031 4.80 50.10 -48.80
C GLY A 1031 5.26 50.28 -50.24
N GLN A 1032 5.95 49.28 -50.78
CA GLN A 1032 6.56 49.44 -52.10
C GLN A 1032 5.54 49.31 -53.23
N ALA A 1033 4.53 48.45 -53.06
CA ALA A 1033 3.56 48.26 -54.13
C ALA A 1033 2.89 49.58 -54.51
N LYS A 1034 2.53 50.39 -53.51
CA LYS A 1034 1.85 51.65 -53.79
C LYS A 1034 2.74 52.60 -54.58
N LEU A 1035 4.03 52.66 -54.24
CA LEU A 1035 4.94 53.52 -54.98
C LEU A 1035 5.04 53.09 -56.44
N VAL A 1036 5.18 51.78 -56.68
CA VAL A 1036 5.31 51.32 -58.06
C VAL A 1036 4.05 51.65 -58.85
N SER A 1037 2.89 51.37 -58.27
CA SER A 1037 1.64 51.64 -58.97
C SER A 1037 1.47 53.13 -59.25
N GLY A 1038 1.82 53.97 -58.28
CA GLY A 1038 1.74 55.40 -58.51
C GLY A 1038 2.64 55.89 -59.62
N LEU A 1039 3.85 55.34 -59.70
CA LEU A 1039 4.74 55.70 -60.79
C LEU A 1039 4.14 55.33 -62.14
N ILE A 1040 3.59 54.13 -62.27
CA ILE A 1040 2.97 53.74 -63.54
C ILE A 1040 1.80 54.67 -63.87
N ALA A 1041 0.96 54.96 -62.89
CA ALA A 1041 -0.18 55.82 -63.13
C ALA A 1041 0.26 57.20 -63.60
N ASP A 1042 1.31 57.75 -62.99
CA ASP A 1042 1.80 59.05 -63.41
C ASP A 1042 2.31 59.01 -64.85
N THR A 1043 3.12 58.01 -65.19
CA THR A 1043 3.74 57.97 -66.49
C THR A 1043 2.77 57.62 -67.61
N VAL A 1044 1.59 57.10 -67.30
CA VAL A 1044 0.54 56.90 -68.32
C VAL A 1044 -0.18 58.20 -68.64
N ASP A 1045 -0.58 58.95 -67.60
CA ASP A 1045 -1.22 60.23 -67.84
C ASP A 1045 -0.27 61.21 -68.53
N ASP A 1046 1.01 61.17 -68.17
CA ASP A 1046 1.96 62.03 -68.86
C ASP A 1046 1.99 61.70 -70.35
N ALA A 1047 1.97 60.42 -70.70
CA ALA A 1047 1.96 60.04 -72.10
C ALA A 1047 0.70 60.53 -72.80
N ILE A 1048 -0.46 60.36 -72.17
CA ILE A 1048 -1.70 60.82 -72.79
C ILE A 1048 -1.68 62.33 -72.98
N ALA A 1049 -0.96 63.03 -72.10
CA ALA A 1049 -0.91 64.49 -72.19
C ALA A 1049 -0.29 64.96 -73.50
N GLY A 1050 0.78 64.32 -73.95
CA GLY A 1050 1.41 64.71 -75.20
C GLY A 1050 2.92 64.59 -75.23
N ASN A 1051 3.53 64.27 -74.09
CA ASN A 1051 4.99 64.17 -74.00
C ASN A 1051 5.46 63.04 -74.92
N ALA A 1052 6.10 63.41 -76.03
CA ALA A 1052 6.49 62.42 -77.02
C ALA A 1052 7.46 61.39 -76.44
N SER A 1053 8.42 61.84 -75.63
CA SER A 1053 9.40 60.92 -75.08
C SER A 1053 8.76 59.81 -74.27
N ALA A 1054 7.61 60.07 -73.64
CA ALA A 1054 6.91 59.02 -72.91
C ALA A 1054 6.17 58.08 -73.85
N VAL A 1055 5.62 58.61 -74.95
CA VAL A 1055 4.85 57.78 -75.88
C VAL A 1055 5.75 56.72 -76.50
N THR A 1056 6.96 57.10 -76.90
CA THR A 1056 7.90 56.18 -77.51
C THR A 1056 8.45 55.18 -76.52
N ALA A 1057 8.15 55.34 -75.24
CA ALA A 1057 8.47 54.33 -74.23
C ALA A 1057 7.24 53.52 -73.87
N MET A 1058 6.07 54.13 -73.95
CA MET A 1058 4.84 53.39 -73.70
C MET A 1058 4.67 52.28 -74.72
N GLU A 1059 4.97 52.57 -75.99
CA GLU A 1059 4.75 51.61 -77.06
C GLU A 1059 5.62 50.38 -76.92
N ARG A 1060 6.63 50.41 -76.06
CA ARG A 1060 7.46 49.23 -75.85
C ARG A 1060 6.63 48.06 -75.33
N PHE A 1061 5.46 48.32 -74.74
CA PHE A 1061 4.63 47.28 -74.17
C PHE A 1061 3.32 47.07 -74.92
N GLY A 1062 3.14 47.73 -76.07
CA GLY A 1062 2.07 47.34 -76.97
C GLY A 1062 1.10 48.42 -77.42
N LEU A 1063 1.34 49.69 -77.09
CA LEU A 1063 0.44 50.73 -77.57
C LEU A 1063 0.56 50.88 -79.09
N ASN A 1064 -0.46 51.50 -79.66
CA ASN A 1064 -0.49 51.78 -81.09
C ASN A 1064 -1.47 52.92 -81.32
N GLN A 1065 -1.39 53.52 -82.51
CA GLN A 1065 -2.15 54.74 -82.78
C GLN A 1065 -3.63 54.54 -82.50
N GLN A 1066 -4.15 53.34 -82.78
CA GLN A 1066 -5.59 53.12 -82.60
C GLN A 1066 -6.02 53.28 -81.15
N LEU A 1067 -5.29 52.69 -80.21
CA LEU A 1067 -5.63 52.86 -78.81
C LEU A 1067 -5.47 54.29 -78.35
N LEU A 1068 -4.37 54.93 -78.74
CA LEU A 1068 -4.09 56.28 -78.27
C LEU A 1068 -5.10 57.29 -78.75
N ASP A 1069 -5.53 57.19 -80.01
CA ASP A 1069 -6.53 58.12 -80.52
C ASP A 1069 -7.82 58.02 -79.72
N GLU A 1070 -8.29 56.81 -79.49
CA GLU A 1070 -9.51 56.61 -78.71
C GLU A 1070 -9.35 57.06 -77.27
N LEU A 1071 -8.20 56.82 -76.65
CA LEU A 1071 -8.00 57.28 -75.28
C LEU A 1071 -8.05 58.80 -75.21
N ARG A 1072 -7.37 59.48 -76.14
CA ARG A 1072 -7.42 60.94 -76.15
C ARG A 1072 -8.83 61.45 -76.40
N LYS A 1073 -9.57 60.81 -77.30
CA LYS A 1073 -10.95 61.22 -77.54
C LYS A 1073 -11.79 61.05 -76.28
N ALA A 1074 -11.67 59.90 -75.62
CA ALA A 1074 -12.50 59.63 -74.44
C ALA A 1074 -12.20 60.60 -73.31
N THR A 1075 -10.91 60.86 -73.06
CA THR A 1075 -10.55 61.75 -71.96
C THR A 1075 -11.08 63.16 -72.16
N ALA A 1076 -11.21 63.62 -73.41
CA ALA A 1076 -11.65 65.00 -73.63
C ALA A 1076 -13.13 65.18 -73.33
N ALA A 1077 -13.96 64.20 -73.69
CA ALA A 1077 -15.40 64.34 -73.46
C ALA A 1077 -15.71 64.48 -71.97
N ASN A 1078 -15.05 63.68 -71.14
CA ASN A 1078 -15.29 63.69 -69.70
C ASN A 1078 -13.98 63.53 -68.95
N PRO A 1079 -13.52 64.54 -68.21
CA PRO A 1079 -12.25 64.40 -67.49
C PRO A 1079 -12.38 63.69 -66.16
N ASP A 1080 -13.61 63.52 -65.65
CA ASP A 1080 -13.78 62.83 -64.38
C ASP A 1080 -13.33 61.38 -64.47
N MET A 1081 -14.03 60.57 -65.27
CA MET A 1081 -13.63 59.20 -65.56
C MET A 1081 -13.40 58.39 -64.28
N ARG A 1082 -14.49 58.14 -63.55
CA ARG A 1082 -14.39 57.22 -62.43
C ARG A 1082 -13.99 55.82 -62.88
N LYS A 1083 -14.19 55.49 -64.16
CA LYS A 1083 -13.75 54.22 -64.70
C LYS A 1083 -13.64 54.35 -66.22
N TRP A 1084 -12.88 53.43 -66.83
CA TRP A 1084 -12.71 53.45 -68.27
C TRP A 1084 -13.94 52.91 -68.99
N PRO A 1085 -14.15 53.31 -70.24
CA PRO A 1085 -15.30 52.80 -70.98
C PRO A 1085 -15.11 51.33 -71.35
N ASP A 1086 -16.24 50.66 -71.57
CA ASP A 1086 -16.18 49.23 -71.88
C ASP A 1086 -15.56 48.97 -73.25
N SER A 1087 -15.55 49.98 -74.13
CA SER A 1087 -15.05 49.78 -75.48
C SER A 1087 -13.55 49.47 -75.49
N VAL A 1088 -12.76 50.16 -74.66
CA VAL A 1088 -11.31 50.01 -74.68
C VAL A 1088 -10.75 49.52 -73.35
N ARG A 1089 -11.59 49.02 -72.44
CA ARG A 1089 -11.11 48.63 -71.12
C ARG A 1089 -10.07 47.53 -71.22
N MET A 1090 -10.36 46.48 -71.99
CA MET A 1090 -9.60 45.25 -71.86
C MET A 1090 -8.23 45.32 -72.55
N ASP A 1091 -7.94 46.39 -73.27
CA ASP A 1091 -6.64 46.55 -73.92
C ASP A 1091 -5.66 47.36 -73.08
N ILE A 1092 -6.04 48.60 -72.73
CA ILE A 1092 -5.17 49.42 -71.90
C ILE A 1092 -4.95 48.75 -70.55
N GLU A 1093 -5.94 47.99 -70.07
CA GLU A 1093 -5.75 47.27 -68.82
C GLU A 1093 -4.63 46.25 -68.93
N ALA A 1094 -4.56 45.55 -70.07
CA ALA A 1094 -3.49 44.57 -70.25
C ALA A 1094 -2.15 45.25 -70.49
N VAL A 1095 -2.16 46.41 -71.13
CA VAL A 1095 -0.90 47.12 -71.39
C VAL A 1095 -0.21 47.45 -70.08
N THR A 1096 -0.97 47.97 -69.11
CA THR A 1096 -0.38 48.36 -67.84
C THR A 1096 0.17 47.15 -67.10
N HIS A 1097 -0.59 46.05 -67.08
CA HIS A 1097 -0.17 44.87 -66.33
C HIS A 1097 1.15 44.33 -66.85
N ASN A 1098 1.36 44.37 -68.17
CA ASN A 1098 2.66 43.96 -68.70
C ASN A 1098 3.78 44.83 -68.16
N MET A 1099 3.57 46.14 -68.10
CA MET A 1099 4.60 47.02 -67.55
C MET A 1099 4.89 46.71 -66.09
N ALA A 1100 3.84 46.49 -65.29
CA ALA A 1100 4.03 46.33 -63.85
C ALA A 1100 4.99 45.18 -63.56
N ASP A 1101 4.84 44.07 -64.27
CA ASP A 1101 5.73 42.93 -64.08
C ASP A 1101 7.18 43.24 -64.41
N SER A 1102 7.44 43.95 -65.50
CA SER A 1102 8.82 44.13 -65.95
C SER A 1102 9.64 44.92 -64.94
N ILE A 1103 9.06 46.01 -64.40
CA ILE A 1103 9.83 46.87 -63.49
C ILE A 1103 10.28 46.08 -62.27
N VAL A 1104 9.43 45.19 -61.76
CA VAL A 1104 9.77 44.45 -60.56
C VAL A 1104 11.00 43.58 -60.79
N LEU A 1105 11.21 43.11 -62.01
CA LEU A 1105 12.33 42.22 -62.28
C LEU A 1105 13.64 42.99 -62.45
N GLU A 1106 13.60 44.09 -63.20
CA GLU A 1106 14.82 44.87 -63.44
C GLU A 1106 15.22 45.69 -62.23
N ASN A 1107 14.26 46.13 -61.43
CA ASN A 1107 14.53 47.07 -60.36
C ASN A 1107 14.97 46.41 -59.05
N ARG A 1108 15.00 45.07 -59.00
CA ARG A 1108 15.32 44.36 -57.76
C ARG A 1108 16.50 44.97 -57.03
N LEU A 1109 17.62 45.13 -57.72
CA LEU A 1109 18.83 45.62 -57.08
C LEU A 1109 18.71 47.05 -56.59
N GLY A 1110 17.70 47.79 -57.04
CA GLY A 1110 17.63 49.21 -56.76
C GLY A 1110 18.36 50.00 -57.83
N GLU A 1111 17.99 49.77 -59.09
CA GLU A 1111 18.68 50.35 -60.22
C GLU A 1111 17.65 50.95 -61.17
N ILE A 1112 18.13 51.80 -62.08
CA ILE A 1112 17.30 52.50 -63.04
C ILE A 1112 17.43 51.79 -64.38
N PRO A 1113 16.37 51.14 -64.89
CA PRO A 1113 16.50 50.48 -66.19
C PRO A 1113 16.82 51.47 -67.30
N ALA A 1114 17.39 50.95 -68.39
CA ALA A 1114 17.84 51.82 -69.47
C ALA A 1114 16.67 52.57 -70.10
N TRP A 1115 15.53 51.91 -70.29
CA TRP A 1115 14.42 52.52 -70.99
C TRP A 1115 13.65 53.52 -70.14
N MET A 1116 14.01 53.68 -68.87
CA MET A 1116 13.34 54.62 -67.98
C MET A 1116 14.09 55.93 -67.79
N GLN A 1117 15.14 56.17 -68.58
CA GLN A 1117 15.96 57.35 -68.35
C GLN A 1117 15.24 58.66 -68.65
N PHE A 1118 14.08 58.59 -69.31
CA PHE A 1118 13.37 59.80 -69.70
C PHE A 1118 12.65 60.45 -68.52
N SER A 1119 12.18 59.66 -67.57
CA SER A 1119 11.30 60.15 -66.51
C SER A 1119 12.12 60.86 -65.44
N SER A 1120 11.82 62.13 -65.21
CA SER A 1120 12.53 62.89 -64.18
C SER A 1120 12.09 62.48 -62.78
N VAL A 1121 10.78 62.32 -62.58
CA VAL A 1121 10.29 61.94 -61.25
C VAL A 1121 10.73 60.52 -60.91
N GLY A 1122 10.79 59.64 -61.90
CA GLY A 1122 11.21 58.27 -61.63
C GLY A 1122 12.62 58.18 -61.10
N LYS A 1123 13.45 59.20 -61.35
CA LYS A 1123 14.80 59.21 -60.83
C LYS A 1123 14.82 59.29 -59.31
N VAL A 1124 13.70 59.63 -58.69
CA VAL A 1124 13.65 59.76 -57.23
C VAL A 1124 13.10 58.50 -56.60
N ILE A 1125 12.21 57.80 -57.30
CA ILE A 1125 11.55 56.64 -56.72
C ILE A 1125 12.40 55.39 -56.88
N LEU A 1126 12.87 55.13 -58.09
CA LEU A 1126 13.51 53.85 -58.39
C LEU A 1126 14.74 53.62 -57.51
N PRO A 1127 15.65 54.59 -57.39
CA PRO A 1127 16.86 54.35 -56.58
C PRO A 1127 16.62 54.42 -55.09
N TYR A 1128 15.36 54.54 -54.64
CA TYR A 1128 15.10 54.82 -53.23
C TYR A 1128 15.61 53.71 -52.33
N MET A 1129 15.30 52.45 -52.67
CA MET A 1129 15.57 51.36 -51.75
C MET A 1129 17.06 51.17 -51.49
N THR A 1130 17.94 51.72 -52.33
CA THR A 1130 19.36 51.67 -52.03
C THR A 1130 19.73 52.67 -50.95
N PHE A 1131 19.07 53.82 -50.92
CA PHE A 1131 19.33 54.81 -49.88
C PHE A 1131 18.97 54.25 -48.52
N VAL A 1132 17.84 53.56 -48.42
CA VAL A 1132 17.40 53.02 -47.13
C VAL A 1132 18.35 51.92 -46.66
N ALA A 1133 18.82 51.09 -47.58
CA ALA A 1133 19.72 50.01 -47.20
C ALA A 1133 20.97 50.52 -46.50
N GLY A 1134 21.38 51.75 -46.79
CA GLY A 1134 22.54 52.31 -46.09
C GLY A 1134 22.28 52.48 -44.61
N ALA A 1135 21.13 53.04 -44.25
CA ALA A 1135 20.81 53.23 -42.84
C ALA A 1135 20.67 51.88 -42.13
N TRP A 1136 20.13 50.88 -42.81
CA TRP A 1136 19.97 49.57 -42.20
C TRP A 1136 21.32 48.99 -41.79
N ASN A 1137 22.33 49.13 -42.66
CA ASN A 1137 23.63 48.54 -42.38
C ASN A 1137 24.26 49.14 -41.13
N LYS A 1138 24.14 50.46 -40.97
CA LYS A 1138 24.77 51.13 -39.83
C LYS A 1138 24.11 50.73 -38.51
N ILE A 1139 22.81 50.50 -38.51
CA ILE A 1139 22.13 50.12 -37.27
C ILE A 1139 22.52 48.72 -36.85
N LEU A 1140 22.54 47.77 -37.78
CA LEU A 1140 22.92 46.41 -37.42
C LEU A 1140 24.42 46.31 -37.10
N ARG A 1141 25.18 47.35 -37.38
CA ARG A 1141 26.58 47.40 -37.00
C ARG A 1141 26.72 47.95 -35.58
N ARG A 1142 25.59 48.22 -34.93
CA ARG A 1142 25.59 48.88 -33.63
C ARG A 1142 24.91 48.01 -32.59
N THR A 1143 23.93 47.19 -33.02
CA THR A 1143 23.22 46.30 -32.10
C THR A 1143 23.33 44.82 -32.45
N ALA A 1144 23.13 44.43 -33.72
CA ALA A 1144 23.38 43.07 -34.17
C ALA A 1144 22.42 42.04 -33.57
N LYS A 1145 21.27 42.50 -33.04
CA LYS A 1145 20.32 41.56 -32.43
C LYS A 1145 19.01 41.51 -33.20
N LEU A 1146 18.47 42.66 -33.58
CA LEU A 1146 17.09 42.76 -34.03
C LEU A 1146 16.13 42.30 -32.94
N ASP A 1147 16.08 43.03 -31.84
CA ASP A 1147 15.03 42.91 -30.83
C ASP A 1147 14.04 44.06 -31.05
N GLY A 1148 13.10 44.20 -30.13
CA GLY A 1148 12.05 45.20 -30.28
C GLY A 1148 12.58 46.60 -30.50
N ALA A 1149 13.56 47.00 -29.69
CA ALA A 1149 14.12 48.34 -29.83
C ALA A 1149 14.75 48.54 -31.20
N THR A 1150 15.26 47.47 -31.81
CA THR A 1150 15.83 47.59 -33.15
C THR A 1150 14.74 47.66 -34.21
N GLY A 1151 13.62 46.95 -34.00
CA GLY A 1151 12.53 47.05 -34.95
C GLY A 1151 11.90 48.42 -34.97
N VAL A 1152 11.70 49.01 -33.78
CA VAL A 1152 11.16 50.36 -33.71
C VAL A 1152 12.09 51.38 -34.33
N ALA A 1153 13.36 51.03 -34.56
CA ALA A 1153 14.28 51.91 -35.25
C ALA A 1153 14.27 51.67 -36.75
N ILE A 1154 14.22 50.40 -37.18
CA ILE A 1154 14.23 50.11 -38.61
C ILE A 1154 12.95 50.61 -39.27
N ALA A 1155 11.80 50.43 -38.61
CA ALA A 1155 10.55 50.89 -39.20
C ALA A 1155 10.58 52.39 -39.44
N LEU A 1156 11.05 53.15 -38.44
CA LEU A 1156 11.15 54.60 -38.60
C LEU A 1156 12.20 54.96 -39.65
N ALA A 1157 13.30 54.21 -39.71
CA ALA A 1157 14.31 54.47 -40.74
C ALA A 1157 13.69 54.38 -42.12
N TYR A 1158 12.82 53.40 -42.34
CA TYR A 1158 12.18 53.28 -43.64
C TYR A 1158 11.12 54.35 -43.88
N GLN A 1159 10.29 54.64 -42.87
CA GLN A 1159 9.09 55.43 -43.11
C GLN A 1159 9.28 56.93 -42.95
N MET A 1160 10.31 57.37 -42.22
CA MET A 1160 10.45 58.79 -41.95
C MET A 1160 10.70 59.63 -43.20
N PRO A 1161 11.64 59.29 -44.09
CA PRO A 1161 11.99 60.22 -45.17
C PRO A 1161 10.82 60.61 -46.06
N LEU A 1162 9.89 59.69 -46.33
CA LEU A 1162 8.77 60.02 -47.20
C LEU A 1162 7.95 61.16 -46.63
N VAL A 1163 7.69 61.13 -45.32
CA VAL A 1163 6.97 62.21 -44.68
C VAL A 1163 7.74 63.52 -44.83
N THR A 1164 9.07 63.45 -44.71
CA THR A 1164 9.88 64.67 -44.86
C THR A 1164 9.74 65.27 -46.25
N LEU A 1165 9.84 64.43 -47.29
CA LEU A 1165 9.69 64.94 -48.65
C LEU A 1165 8.30 65.51 -48.88
N SER A 1166 7.26 64.82 -48.42
CA SER A 1166 5.91 65.33 -48.62
C SER A 1166 5.72 66.68 -47.94
N SER A 1167 6.16 66.80 -46.69
CA SER A 1167 6.02 68.06 -45.97
C SER A 1167 6.81 69.18 -46.63
N ALA A 1168 8.04 68.87 -47.08
CA ALA A 1168 8.83 69.89 -47.75
C ALA A 1168 8.14 70.38 -49.01
N THR A 1169 7.56 69.46 -49.78
CA THR A 1169 6.80 69.88 -50.96
C THR A 1169 5.61 70.72 -50.57
N SER A 1170 4.93 70.36 -49.48
CA SER A 1170 3.76 71.12 -49.05
C SER A 1170 4.10 72.54 -48.63
N ILE A 1171 5.23 72.75 -47.97
CA ILE A 1171 5.60 74.10 -47.53
C ILE A 1171 5.97 74.99 -48.70
N ALA A 1172 6.71 74.47 -49.68
CA ALA A 1172 7.22 75.31 -50.74
C ALA A 1172 6.09 75.97 -51.52
N ILE A 1173 5.06 75.20 -51.87
CA ILE A 1173 3.98 75.72 -52.70
C ILE A 1173 3.22 76.84 -52.02
N SER A 1174 3.35 76.98 -50.70
CA SER A 1174 2.69 78.03 -49.95
C SER A 1174 3.54 79.28 -49.82
N GLY A 1175 4.68 79.34 -50.49
CA GLY A 1175 5.50 80.54 -50.49
C GLY A 1175 6.07 80.92 -49.15
N LYS A 1176 6.72 79.99 -48.46
CA LYS A 1176 7.40 80.25 -47.21
C LYS A 1176 8.73 79.51 -47.20
N PRO A 1177 9.71 79.99 -46.43
CA PRO A 1177 11.02 79.35 -46.41
C PRO A 1177 10.96 77.98 -45.72
N VAL A 1178 11.79 77.07 -46.22
CA VAL A 1178 11.82 75.69 -45.71
C VAL A 1178 13.03 75.48 -44.82
N THR A 1179 12.83 75.66 -43.52
CA THR A 1179 13.87 75.40 -42.53
C THR A 1179 13.56 74.12 -41.76
N PRO A 1180 14.57 73.50 -41.15
CA PRO A 1180 14.32 72.25 -40.42
C PRO A 1180 13.24 72.37 -39.36
N GLU A 1181 13.20 73.48 -38.62
CA GLU A 1181 12.12 73.67 -37.66
C GLU A 1181 10.77 73.77 -38.35
N SER A 1182 10.69 74.48 -39.48
CA SER A 1182 9.42 74.59 -40.19
C SER A 1182 8.94 73.23 -40.69
N VAL A 1183 9.84 72.45 -41.26
CA VAL A 1183 9.46 71.11 -41.74
C VAL A 1183 8.99 70.25 -40.57
N ALA A 1184 9.73 70.30 -39.46
CA ALA A 1184 9.37 69.49 -38.30
C ALA A 1184 8.01 69.90 -37.72
N GLN A 1185 7.69 71.19 -37.74
CA GLN A 1185 6.39 71.61 -37.23
C GLN A 1185 5.26 71.24 -38.19
N ARG A 1186 5.52 71.32 -39.50
CA ARG A 1186 4.49 70.95 -40.46
C ARG A 1186 4.25 69.44 -40.48
N ALA A 1187 5.24 68.64 -40.12
CA ALA A 1187 5.03 67.19 -40.08
C ALA A 1187 4.03 66.80 -38.99
N LEU A 1188 3.88 67.63 -37.95
CA LEU A 1188 3.01 67.27 -36.84
C LEU A 1188 1.54 67.33 -37.21
N VAL A 1189 1.19 68.08 -38.25
CA VAL A 1189 -0.22 68.23 -38.62
C VAL A 1189 -0.57 67.20 -39.68
N GLN A 1190 0.29 66.21 -39.85
CA GLN A 1190 -0.01 65.10 -40.74
C GLN A 1190 -0.02 63.79 -39.97
N VAL A 1191 0.95 63.61 -39.08
CA VAL A 1191 1.09 62.38 -38.31
C VAL A 1191 1.33 62.71 -36.84
N PRO A 1192 0.30 63.14 -36.10
CA PRO A 1192 0.50 63.42 -34.68
C PRO A 1192 1.08 62.21 -33.96
N MET A 1193 1.54 62.46 -32.73
CA MET A 1193 2.36 61.47 -32.02
C MET A 1193 1.68 60.11 -31.96
N MET A 1194 0.39 60.09 -31.64
CA MET A 1194 -0.27 58.80 -31.46
C MET A 1194 -0.40 58.01 -32.75
N SER A 1195 -0.19 58.63 -33.92
CA SER A 1195 -0.16 57.90 -35.17
C SER A 1195 1.22 57.37 -35.53
N TRP A 1196 2.28 57.96 -34.97
CA TRP A 1196 3.60 57.38 -35.14
C TRP A 1196 3.68 55.99 -34.55
N ALA A 1197 3.06 55.78 -33.37
CA ALA A 1197 3.03 54.47 -32.77
C ALA A 1197 2.29 53.46 -33.64
N GLY A 1198 1.46 53.92 -34.57
CA GLY A 1198 0.80 52.99 -35.47
C GLY A 1198 1.78 52.20 -36.30
N PHE A 1199 2.84 52.85 -36.77
CA PHE A 1199 3.86 52.16 -37.54
C PHE A 1199 4.57 51.09 -36.74
N ALA A 1200 4.86 51.34 -35.45
CA ALA A 1200 5.50 50.32 -34.63
C ALA A 1200 4.62 49.08 -34.50
N VAL A 1201 3.30 49.27 -34.35
CA VAL A 1201 2.41 48.12 -34.27
C VAL A 1201 2.36 47.41 -35.62
N ASP A 1202 2.34 48.18 -36.71
CA ASP A 1202 2.27 47.59 -38.04
C ASP A 1202 3.48 46.73 -38.36
N PHE A 1203 4.66 47.04 -37.83
CA PHE A 1203 5.86 46.25 -38.05
C PHE A 1203 5.99 45.09 -37.07
N TRP A 1204 5.17 45.06 -36.02
CA TRP A 1204 5.28 44.00 -35.02
C TRP A 1204 4.34 42.84 -35.32
N ALA A 1205 3.13 43.14 -35.81
CA ALA A 1205 2.13 42.13 -36.08
C ALA A 1205 1.45 42.43 -37.40
N ASN A 1206 0.82 41.41 -37.98
CA ASN A 1206 0.23 41.50 -39.30
C ASN A 1206 -1.19 40.94 -39.28
N GLY A 1207 -2.10 41.64 -39.95
CA GLY A 1207 -3.43 41.11 -40.15
C GLY A 1207 -4.33 41.28 -38.93
N ALA A 1208 -5.13 40.24 -38.67
CA ALA A 1208 -6.12 40.31 -37.60
C ALA A 1208 -5.49 40.61 -36.25
N SER A 1209 -4.25 40.17 -36.01
CA SER A 1209 -3.61 40.42 -34.73
C SER A 1209 -3.25 41.89 -34.55
N ASN A 1210 -3.19 42.65 -35.64
CA ASN A 1210 -2.86 44.07 -35.55
C ASN A 1210 -3.96 44.85 -34.85
N ASN A 1211 -5.22 44.53 -35.16
CA ASN A 1211 -6.33 45.33 -34.64
C ASN A 1211 -6.42 45.24 -33.13
N LEU A 1212 -6.23 44.05 -32.56
CA LEU A 1212 -6.30 43.91 -31.11
C LEU A 1212 -5.33 44.87 -30.43
N ALA A 1213 -4.07 44.84 -30.85
CA ALA A 1213 -3.08 45.73 -30.21
C ALA A 1213 -3.39 47.19 -30.47
N ALA A 1214 -3.75 47.54 -31.71
CA ALA A 1214 -3.93 48.96 -32.03
C ALA A 1214 -5.11 49.55 -31.28
N LEU A 1215 -6.21 48.81 -31.16
CA LEU A 1215 -7.38 49.34 -30.47
C LEU A 1215 -7.19 49.33 -28.96
N ALA A 1216 -6.60 48.27 -28.43
CA ALA A 1216 -6.48 48.13 -26.98
C ALA A 1216 -5.58 49.16 -26.36
N LEU A 1217 -4.77 49.90 -27.12
CA LEU A 1217 -3.99 50.98 -26.53
C LEU A 1217 -4.84 52.20 -26.27
N VAL A 1218 -5.78 52.51 -27.14
CA VAL A 1218 -6.58 53.73 -27.03
C VAL A 1218 -7.53 53.66 -25.85
N ASP A 1219 -8.23 52.54 -25.66
CA ASP A 1219 -9.15 52.44 -24.55
C ASP A 1219 -8.41 52.48 -23.22
N ARG A 1220 -7.21 51.90 -23.18
CA ARG A 1220 -6.40 51.99 -21.96
C ARG A 1220 -5.98 53.42 -21.67
N MET A 1221 -6.06 54.30 -22.67
CA MET A 1221 -5.75 55.71 -22.45
C MET A 1221 -6.99 56.47 -22.02
N HIS A 1222 -8.12 56.20 -22.68
CA HIS A 1222 -9.37 56.86 -22.32
C HIS A 1222 -9.79 56.50 -20.90
N ALA A 1223 -9.67 55.24 -20.52
CA ALA A 1223 -10.08 54.79 -19.20
C ALA A 1223 -9.26 55.40 -18.09
N ALA A 1224 -8.07 55.90 -18.39
CA ALA A 1224 -7.22 56.54 -17.38
C ALA A 1224 -7.45 58.04 -17.35
N MET A 1225 -7.53 58.67 -18.52
CA MET A 1225 -7.80 60.10 -18.53
C MET A 1225 -9.18 60.42 -17.99
N SER A 1226 -10.15 59.51 -18.16
CA SER A 1226 -11.45 59.73 -17.54
C SER A 1226 -11.35 59.76 -16.02
N SER A 1227 -10.57 58.85 -15.44
CA SER A 1227 -10.41 58.86 -13.99
C SER A 1227 -9.65 60.09 -13.53
N ILE A 1228 -8.66 60.52 -14.30
CA ILE A 1228 -7.90 61.72 -13.92
C ILE A 1228 -8.80 62.94 -13.93
N ALA A 1229 -9.62 63.09 -14.98
CA ALA A 1229 -10.48 64.27 -15.08
C ALA A 1229 -11.49 64.33 -13.94
N SER A 1230 -11.79 63.19 -13.32
CA SER A 1230 -12.79 63.17 -12.25
C SER A 1230 -12.27 63.75 -10.95
N GLY A 1231 -10.97 63.59 -10.65
CA GLY A 1231 -10.42 64.14 -9.43
C GLY A 1231 -9.33 63.32 -8.78
N GLU A 1232 -9.07 62.11 -9.27
CA GLU A 1232 -8.04 61.24 -8.74
C GLU A 1232 -6.80 61.29 -9.63
N THR A 1233 -5.63 61.24 -9.01
CA THR A 1233 -4.37 61.26 -9.75
C THR A 1233 -3.42 60.17 -9.27
N ASN A 1234 -3.93 58.95 -9.13
CA ASN A 1234 -3.12 57.83 -8.74
C ASN A 1234 -1.98 57.65 -9.75
N PRO A 1235 -0.73 57.46 -9.31
CA PRO A 1235 0.36 57.28 -10.29
C PRO A 1235 0.12 56.16 -11.28
N GLU A 1236 -0.63 55.12 -10.91
CA GLU A 1236 -1.03 54.13 -11.90
C GLU A 1236 -1.69 54.80 -13.10
N SER A 1237 -2.56 55.77 -12.85
CA SER A 1237 -3.22 56.47 -13.95
C SER A 1237 -2.23 57.20 -14.82
N LEU A 1238 -1.26 57.89 -14.22
CA LEU A 1238 -0.26 58.59 -15.01
C LEU A 1238 0.56 57.63 -15.87
N ILE A 1239 0.91 56.47 -15.31
CA ILE A 1239 1.68 55.49 -16.10
C ILE A 1239 0.84 54.99 -17.27
N LYS A 1240 -0.44 54.68 -17.03
CA LYS A 1240 -1.26 54.12 -18.09
C LYS A 1240 -1.65 55.16 -19.13
N ALA A 1241 -1.62 56.44 -18.78
CA ALA A 1241 -2.20 57.46 -19.64
C ALA A 1241 -1.28 57.96 -20.74
N VAL A 1242 -0.05 57.45 -20.83
CA VAL A 1242 0.88 57.92 -21.85
C VAL A 1242 1.51 56.73 -22.57
N PRO A 1243 0.74 55.98 -23.36
CA PRO A 1243 1.33 54.87 -24.12
C PRO A 1243 2.17 55.31 -25.30
N PHE A 1244 2.07 56.57 -25.74
CA PHE A 1244 2.85 57.05 -26.87
C PHE A 1244 4.31 57.27 -26.51
N LEU A 1245 4.67 57.15 -25.24
CA LEU A 1245 6.03 57.48 -24.80
C LEU A 1245 6.99 56.31 -25.00
N SER A 1246 6.51 55.21 -25.56
CA SER A 1246 7.33 54.00 -25.65
C SER A 1246 8.39 54.08 -26.73
N ILE A 1247 8.14 54.83 -27.81
CA ILE A 1247 9.01 54.76 -28.97
C ILE A 1247 10.27 55.60 -28.85
N LEU A 1248 10.41 56.39 -27.79
CA LEU A 1248 11.56 57.28 -27.70
C LEU A 1248 12.90 56.55 -27.74
N PRO A 1249 13.15 55.53 -26.92
CA PRO A 1249 14.46 54.85 -27.01
C PRO A 1249 14.74 54.27 -28.37
N GLY A 1250 13.72 53.77 -29.06
CA GLY A 1250 13.90 53.34 -30.43
C GLY A 1250 14.22 54.51 -31.34
N MET A 1251 13.62 55.66 -31.02
CA MET A 1251 13.93 56.87 -31.79
C MET A 1251 15.39 57.26 -31.62
N ARG A 1252 15.95 57.10 -30.43
CA ARG A 1252 17.35 57.44 -30.22
C ARG A 1252 18.24 56.64 -31.15
N LEU A 1253 17.98 55.33 -31.27
CA LEU A 1253 18.85 54.48 -32.08
C LEU A 1253 18.81 54.90 -33.55
N MET A 1254 17.63 55.18 -34.09
CA MET A 1254 17.55 55.62 -35.47
C MET A 1254 18.12 57.02 -35.65
N GLY A 1255 17.73 57.95 -34.77
CA GLY A 1255 18.13 59.34 -34.96
C GLY A 1255 19.64 59.52 -34.89
N ALA A 1256 20.28 58.93 -33.88
CA ALA A 1256 21.72 59.08 -33.73
C ALA A 1256 22.48 58.27 -34.78
N SER A 1257 21.94 57.12 -35.20
CA SER A 1257 22.66 56.26 -36.13
C SER A 1257 22.83 56.88 -37.51
N LEU A 1258 22.09 57.94 -37.83
CA LEU A 1258 22.20 58.57 -39.13
C LEU A 1258 23.39 59.52 -39.23
N ALA A 1259 24.11 59.78 -38.13
CA ALA A 1259 25.28 60.62 -38.15
C ALA A 1259 26.59 59.84 -38.19
N ASP A 1260 26.55 58.53 -38.00
CA ASP A 1260 27.79 57.75 -37.93
C ASP A 1260 28.48 57.68 -39.29
N ASP A 1261 29.80 57.74 -39.25
CA ASP A 1261 30.60 57.59 -40.46
C ASP A 1261 30.64 56.12 -40.87
N ASP A 1262 30.92 55.89 -42.15
CA ASP A 1262 31.03 54.53 -42.67
C ASP A 1262 32.48 54.05 -42.63
N ASN B 38 -20.64 -8.27 -4.98
CA ASN B 38 -21.76 -8.17 -5.96
C ASN B 38 -23.10 -7.99 -5.23
N PRO B 39 -23.51 -8.95 -4.40
CA PRO B 39 -24.82 -8.80 -3.74
C PRO B 39 -24.90 -7.58 -2.87
N SER B 40 -23.81 -7.19 -2.21
CA SER B 40 -23.83 -6.01 -1.35
C SER B 40 -24.09 -4.73 -2.14
N ALA B 41 -23.93 -4.76 -3.47
CA ALA B 41 -24.30 -3.61 -4.28
C ALA B 41 -25.81 -3.42 -4.30
N LEU B 42 -26.57 -4.52 -4.37
CA LEU B 42 -28.02 -4.42 -4.39
C LEU B 42 -28.55 -3.79 -3.10
N VAL B 43 -27.97 -4.16 -1.96
CA VAL B 43 -28.47 -3.66 -0.69
C VAL B 43 -28.36 -2.14 -0.63
N GLN B 44 -27.18 -1.61 -0.99
CA GLN B 44 -26.99 -0.17 -0.91
C GLN B 44 -27.71 0.55 -2.05
N ALA B 45 -27.91 -0.13 -3.18
CA ALA B 45 -28.66 0.50 -4.28
C ALA B 45 -30.11 0.74 -3.90
N MET B 46 -30.67 -0.09 -3.01
CA MET B 46 -32.07 0.01 -2.65
C MET B 46 -32.32 0.75 -1.35
N GLN B 47 -31.27 0.98 -0.55
CA GLN B 47 -31.42 1.78 0.67
C GLN B 47 -31.79 3.21 0.31
N LYS B 48 -32.06 4.03 1.33
CA LYS B 48 -32.31 5.44 1.11
C LYS B 48 -31.13 6.25 1.64
N PRO B 49 -30.83 7.40 1.03
CA PRO B 49 -29.62 8.14 1.41
C PRO B 49 -29.64 8.55 2.88
N VAL B 50 -28.47 8.50 3.51
CA VAL B 50 -28.35 8.91 4.89
C VAL B 50 -28.62 10.40 5.01
N ALA B 51 -29.25 10.80 6.11
CA ALA B 51 -29.56 12.21 6.32
C ALA B 51 -28.28 13.00 6.59
N SER B 52 -28.35 14.30 6.33
CA SER B 52 -27.21 15.17 6.58
C SER B 52 -26.83 15.14 8.05
N VAL B 53 -25.63 15.64 8.36
CA VAL B 53 -25.12 15.62 9.72
C VAL B 53 -25.46 16.93 10.40
N THR B 54 -26.36 17.71 9.80
CA THR B 54 -26.82 18.94 10.41
C THR B 54 -28.35 18.91 10.53
N ASP B 55 -28.99 17.97 9.83
CA ASP B 55 -30.41 17.73 10.06
C ASP B 55 -30.65 17.26 11.48
N SER B 56 -29.79 16.39 11.99
CA SER B 56 -29.73 16.15 13.43
C SER B 56 -29.06 17.34 14.11
N PHE B 57 -29.09 17.34 15.44
CA PHE B 57 -28.55 18.42 16.26
C PHE B 57 -29.31 19.72 16.09
N LYS B 58 -30.51 19.69 15.52
CA LYS B 58 -31.34 20.89 15.45
C LYS B 58 -31.66 21.36 16.86
N ALA B 59 -31.74 22.67 17.05
CA ALA B 59 -31.94 23.26 18.37
C ALA B 59 -30.66 23.23 19.18
N THR B 60 -29.54 22.91 18.52
CA THR B 60 -28.24 23.00 19.18
C THR B 60 -27.22 23.74 18.33
N LEU B 61 -27.30 23.60 17.01
CA LEU B 61 -26.32 24.20 16.11
C LEU B 61 -26.88 25.48 15.48
N SER B 62 -28.04 25.37 14.82
CA SER B 62 -28.62 26.51 14.12
C SER B 62 -27.72 26.93 12.96
N ALA B 67 -26.64 35.13 11.19
CA ALA B 67 -26.54 35.08 12.64
C ALA B 67 -25.07 34.97 13.09
N LYS B 68 -24.17 34.82 12.12
CA LYS B 68 -22.74 34.87 12.44
C LYS B 68 -22.29 36.29 12.77
N ALA B 69 -22.99 37.30 12.26
CA ALA B 69 -22.61 38.68 12.53
C ALA B 69 -22.68 38.99 14.02
N LEU B 70 -23.73 38.51 14.69
CA LEU B 70 -23.89 38.71 16.12
C LEU B 70 -22.94 37.89 16.94
N ARG B 71 -22.02 37.16 16.31
CA ARG B 71 -21.12 36.28 17.02
C ARG B 71 -19.66 36.59 16.73
N GLY B 72 -19.38 37.50 15.79
CA GLY B 72 -18.02 37.85 15.43
C GLY B 72 -17.76 39.34 15.56
N VAL B 73 -18.60 40.03 16.33
CA VAL B 73 -18.41 41.47 16.51
C VAL B 73 -17.07 41.76 17.16
N GLU B 74 -16.72 40.97 18.18
CA GLU B 74 -15.53 41.23 18.97
C GLU B 74 -14.25 40.89 18.21
N TYR B 75 -14.34 40.20 17.08
CA TYR B 75 -13.18 39.86 16.27
C TYR B 75 -13.23 40.47 14.87
N ALA B 76 -13.96 41.57 14.68
CA ALA B 76 -14.22 42.06 13.34
C ALA B 76 -12.95 42.52 12.64
N SER B 77 -12.08 43.26 13.35
CA SER B 77 -10.99 43.98 12.72
C SER B 77 -9.72 43.15 12.55
N ILE B 78 -9.81 41.84 12.54
CA ILE B 78 -8.62 41.01 12.36
C ILE B 78 -8.49 40.64 10.88
N PRO B 79 -7.37 40.93 10.23
CA PRO B 79 -7.25 40.62 8.80
C PRO B 79 -7.41 39.13 8.51
N THR B 80 -7.95 38.83 7.34
CA THR B 80 -8.12 37.45 6.91
C THR B 80 -6.80 36.85 6.46
N GLU B 81 -6.64 35.56 6.67
CA GLU B 81 -5.43 34.84 6.30
C GLU B 81 -5.69 34.03 5.04
N ALA B 82 -4.78 34.12 4.07
CA ALA B 82 -4.97 33.45 2.79
C ALA B 82 -4.86 31.95 2.97
N GLY B 83 -5.91 31.22 2.57
CA GLY B 83 -5.85 29.78 2.56
C GLY B 83 -5.90 29.12 3.92
N PHE B 84 -6.40 29.81 4.94
CA PHE B 84 -6.53 29.19 6.26
C PHE B 84 -7.75 28.27 6.29
N GLU B 85 -7.66 27.23 7.11
CA GLU B 85 -8.72 26.23 7.19
C GLU B 85 -8.87 25.77 8.64
N PRO B 86 -9.95 26.15 9.34
CA PRO B 86 -10.04 25.83 10.76
C PRO B 86 -10.03 24.35 11.08
N SER B 87 -10.49 23.49 10.17
CA SER B 87 -10.50 22.06 10.46
C SER B 87 -9.11 21.47 10.38
N LYS B 88 -8.32 21.93 9.41
CA LYS B 88 -6.96 21.41 9.23
C LYS B 88 -5.99 21.91 10.28
N ALA B 89 -6.34 22.96 11.03
CA ALA B 89 -5.42 23.50 12.02
C ALA B 89 -5.62 22.87 13.39
N LEU B 90 -6.84 22.44 13.71
CA LEU B 90 -7.10 21.80 15.00
C LEU B 90 -6.51 20.40 15.08
N GLY B 91 -6.56 19.65 14.00
CA GLY B 91 -5.98 18.31 13.98
C GLY B 91 -6.59 17.37 14.99
N ASP B 92 -5.77 16.87 15.91
CA ASP B 92 -6.24 15.89 16.88
C ASP B 92 -7.06 16.53 17.99
N SER B 93 -6.97 17.84 18.16
CA SER B 93 -7.59 18.49 19.30
C SER B 93 -9.10 18.54 19.21
N VAL B 94 -9.70 18.17 18.08
CA VAL B 94 -11.14 18.29 17.92
C VAL B 94 -11.93 17.34 18.81
N SER B 95 -11.25 16.48 19.57
CA SER B 95 -11.92 15.49 20.40
C SER B 95 -12.12 15.95 21.84
N GLN B 96 -12.17 17.25 22.10
CA GLN B 96 -12.35 17.76 23.46
C GLN B 96 -13.35 18.91 23.48
N TYR B 97 -14.49 18.72 22.83
CA TYR B 97 -15.49 19.78 22.74
C TYR B 97 -16.88 19.16 22.64
N THR B 98 -17.89 19.96 22.95
CA THR B 98 -19.24 19.46 23.19
C THR B 98 -20.19 19.70 22.02
N ALA B 99 -19.66 19.76 20.80
CA ALA B 99 -20.49 19.79 19.60
C ALA B 99 -21.14 21.15 19.37
N ASP B 100 -20.99 22.08 20.31
CA ASP B 100 -21.36 23.46 20.05
C ASP B 100 -20.16 24.39 20.18
N GLU B 101 -19.24 24.05 21.07
CA GLU B 101 -17.95 24.75 21.09
C GLU B 101 -17.23 24.58 19.77
N LEU B 102 -17.34 23.41 19.13
CA LEU B 102 -16.84 23.24 17.78
C LEU B 102 -17.54 24.17 16.81
N GLU B 103 -18.85 24.34 16.95
CA GLU B 103 -19.57 25.27 16.08
C GLU B 103 -19.05 26.69 16.24
N PHE B 104 -18.75 27.09 17.48
CA PHE B 104 -18.26 28.44 17.71
C PHE B 104 -16.80 28.59 17.29
N LEU B 105 -16.05 27.49 17.21
CA LEU B 105 -14.64 27.56 16.86
C LEU B 105 -14.39 27.48 15.36
N SER B 106 -15.36 27.01 14.57
CA SER B 106 -15.11 26.80 13.16
C SER B 106 -15.21 28.09 12.34
N ASP B 107 -15.43 29.22 12.99
CA ASP B 107 -15.53 30.50 12.30
C ASP B 107 -14.19 31.20 12.13
N ALA B 108 -13.12 30.68 12.73
CA ALA B 108 -11.82 31.35 12.67
C ALA B 108 -11.37 31.51 11.23
N ARG B 109 -10.82 32.69 10.91
CA ARG B 109 -10.26 32.96 9.59
C ARG B 109 -8.75 33.15 9.62
N SER B 110 -8.14 33.20 10.80
CA SER B 110 -6.68 33.33 10.91
C SER B 110 -6.26 32.79 12.26
N SER B 111 -4.96 32.55 12.40
CA SER B 111 -4.46 31.86 13.60
C SER B 111 -4.76 32.67 14.85
N ALA B 112 -4.57 33.98 14.81
CA ALA B 112 -4.82 34.80 16.00
C ALA B 112 -6.29 34.72 16.42
N GLU B 113 -7.21 34.74 15.46
CA GLU B 113 -8.62 34.64 15.79
C GLU B 113 -8.93 33.33 16.49
N LEU B 114 -8.35 32.23 16.00
CA LEU B 114 -8.55 30.94 16.64
C LEU B 114 -7.98 30.94 18.05
N ALA B 115 -6.80 31.54 18.23
CA ALA B 115 -6.20 31.59 19.55
C ALA B 115 -7.08 32.35 20.53
N GLN B 116 -7.71 33.43 20.07
CA GLN B 116 -8.57 34.21 20.97
C GLN B 116 -9.88 33.49 21.26
N ARG B 117 -10.45 32.81 20.25
CA ARG B 117 -11.68 32.07 20.50
C ARG B 117 -11.44 30.95 21.50
N ARG B 118 -10.34 30.23 21.37
CA ARG B 118 -10.02 29.19 22.33
C ARG B 118 -9.85 29.74 23.74
N SER B 119 -9.43 30.99 23.87
CA SER B 119 -9.35 31.60 25.19
C SER B 119 -10.73 31.92 25.74
N GLN B 120 -11.60 32.51 24.91
CA GLN B 120 -12.93 32.86 25.41
C GLN B 120 -13.73 31.63 25.81
N VAL B 121 -13.56 30.53 25.09
CA VAL B 121 -14.30 29.32 25.41
C VAL B 121 -13.98 28.84 26.83
N GLN B 122 -12.80 29.18 27.34
CA GLN B 122 -12.40 28.70 28.67
C GLN B 122 -13.04 29.54 29.77
N ASP B 123 -13.04 30.86 29.60
CA ASP B 123 -13.77 31.70 30.54
C ASP B 123 -15.24 31.34 30.58
N THR B 124 -15.81 30.97 29.43
CA THR B 124 -17.21 30.57 29.43
C THR B 124 -17.46 29.33 30.27
N ARG B 125 -16.51 28.39 30.31
CA ARG B 125 -16.66 27.24 31.20
C ARG B 125 -16.50 27.64 32.65
N ASN B 126 -15.48 28.45 32.94
CA ASN B 126 -15.20 28.82 34.33
C ASN B 126 -16.38 29.55 34.95
N ASN B 127 -17.01 30.46 34.20
CA ASN B 127 -18.15 31.18 34.75
C ASN B 127 -19.27 30.23 35.15
N TYR B 128 -19.58 29.25 34.30
CA TYR B 128 -20.74 28.40 34.57
C TYR B 128 -20.42 27.27 35.53
N ASP B 129 -19.14 26.99 35.80
CA ASP B 129 -18.83 26.01 36.83
C ASP B 129 -19.34 26.47 38.19
N ALA B 130 -19.12 27.74 38.53
CA ALA B 130 -19.55 28.24 39.82
C ALA B 130 -21.07 28.21 39.96
N MET B 131 -21.79 28.60 38.92
CA MET B 131 -23.24 28.65 38.97
C MET B 131 -23.88 27.27 39.01
N GLY B 132 -23.10 26.21 38.75
CA GLY B 132 -23.66 24.87 38.76
C GLY B 132 -23.86 24.32 40.16
N GLN B 133 -23.38 25.02 41.18
CA GLN B 133 -23.53 24.51 42.55
C GLN B 133 -25.00 24.42 42.96
N ASN B 134 -25.87 25.23 42.36
CA ASN B 134 -27.29 25.19 42.65
C ASN B 134 -28.05 25.05 41.34
N MET B 135 -28.94 24.06 41.26
CA MET B 135 -29.62 23.78 40.00
C MET B 135 -30.48 24.95 39.56
N LEU B 136 -31.20 25.59 40.49
CA LEU B 136 -32.12 26.65 40.10
C LEU B 136 -31.39 27.81 39.43
N THR B 137 -30.22 28.18 39.94
CA THR B 137 -29.51 29.33 39.39
C THR B 137 -29.20 29.16 37.91
N THR B 138 -28.96 27.94 37.44
CA THR B 138 -28.75 27.72 36.01
C THR B 138 -30.00 27.97 35.19
N VAL B 139 -31.19 27.86 35.79
CA VAL B 139 -32.42 28.19 35.09
C VAL B 139 -32.51 29.70 34.87
N ALA B 140 -32.13 30.48 35.87
CA ALA B 140 -32.18 31.93 35.74
C ALA B 140 -31.05 32.46 34.89
N ALA B 141 -30.04 31.64 34.60
CA ALA B 141 -28.94 32.10 33.76
C ALA B 141 -29.39 32.37 32.33
N SER B 142 -30.46 31.73 31.90
CA SER B 142 -30.94 31.92 30.53
C SER B 142 -31.46 33.33 30.29
N MET B 143 -31.99 33.99 31.32
CA MET B 143 -32.61 35.29 31.18
C MET B 143 -31.74 36.43 31.66
N LEU B 144 -30.64 36.15 32.35
CA LEU B 144 -29.85 37.21 32.98
C LEU B 144 -28.42 37.34 32.47
N ASP B 145 -27.95 36.46 31.60
CA ASP B 145 -26.61 36.57 31.03
C ASP B 145 -26.70 37.42 29.77
N VAL B 146 -26.11 38.62 29.80
CA VAL B 146 -26.25 39.55 28.68
C VAL B 146 -25.64 38.95 27.42
N ASP B 147 -24.47 38.33 27.54
CA ASP B 147 -23.83 37.72 26.39
C ASP B 147 -24.73 36.71 25.69
N MET B 148 -25.61 36.04 26.43
CA MET B 148 -26.44 35.00 25.85
C MET B 148 -27.73 35.54 25.26
N VAL B 149 -28.26 36.64 25.79
CA VAL B 149 -29.54 37.16 25.35
C VAL B 149 -29.40 38.24 24.28
N ILE B 150 -28.29 39.00 24.27
CA ILE B 150 -28.07 39.98 23.21
C ILE B 150 -27.24 39.34 22.11
N GLY B 151 -26.04 38.89 22.45
CA GLY B 151 -25.19 38.21 21.48
C GLY B 151 -23.76 38.11 21.96
N GLY B 152 -22.96 37.27 21.29
CA GLY B 152 -21.55 37.13 21.57
C GLY B 152 -21.19 35.96 22.46
N GLY B 153 -22.18 35.32 23.09
CA GLY B 153 -21.88 34.21 23.96
C GLY B 153 -21.58 32.93 23.19
N VAL B 154 -21.10 31.93 23.92
CA VAL B 154 -20.77 30.63 23.33
C VAL B 154 -22.00 29.74 23.37
N GLY B 155 -22.88 29.89 22.39
CA GLY B 155 -24.08 29.09 22.35
C GLY B 155 -25.22 29.71 23.13
N ALA B 156 -26.37 29.91 22.48
CA ALA B 156 -27.54 30.45 23.16
C ALA B 156 -28.68 29.44 23.16
N LEU B 157 -28.90 28.76 22.02
CA LEU B 157 -29.97 27.79 21.95
C LEU B 157 -29.74 26.63 22.91
N SER B 158 -28.49 26.17 23.04
CA SER B 158 -28.22 25.03 23.91
C SER B 158 -28.58 25.32 25.35
N LYS B 159 -28.25 26.51 25.85
CA LYS B 159 -28.58 26.84 27.23
C LYS B 159 -30.08 26.92 27.45
N VAL B 160 -30.83 27.51 26.51
CA VAL B 160 -32.27 27.63 26.68
C VAL B 160 -32.93 26.26 26.63
N SER B 161 -32.51 25.41 25.68
CA SER B 161 -33.08 24.08 25.54
C SER B 161 -32.69 23.16 26.68
N ARG B 162 -31.69 23.54 27.47
CA ARG B 162 -31.35 22.79 28.69
C ARG B 162 -32.12 23.33 29.89
N ALA B 163 -32.30 24.65 29.95
CA ALA B 163 -33.08 25.23 31.04
C ALA B 163 -34.53 24.77 30.98
N THR B 164 -35.12 24.70 29.79
CA THR B 164 -36.48 24.21 29.71
C THR B 164 -36.61 22.79 30.23
N ARG B 165 -35.67 21.90 29.87
CA ARG B 165 -35.72 20.52 30.34
C ARG B 165 -35.53 20.45 31.84
N LEU B 166 -34.61 21.24 32.40
CA LEU B 166 -34.44 21.25 33.84
C LEU B 166 -35.72 21.72 34.54
N ALA B 167 -36.35 22.77 34.00
CA ALA B 167 -37.57 23.27 34.61
C ALA B 167 -38.68 22.23 34.58
N VAL B 168 -38.79 21.49 33.47
CA VAL B 168 -39.80 20.43 33.39
C VAL B 168 -39.48 19.33 34.40
N GLY B 169 -38.20 18.97 34.51
CA GLY B 169 -37.84 17.86 35.39
C GLY B 169 -38.12 18.14 36.85
N LEU B 170 -37.73 19.32 37.33
CA LEU B 170 -37.87 19.63 38.75
C LEU B 170 -39.32 19.61 39.20
N SER B 171 -40.26 19.92 38.32
CA SER B 171 -41.66 19.96 38.70
C SER B 171 -42.24 18.56 38.93
N ALA B 172 -41.51 17.51 38.58
CA ALA B 172 -41.99 16.15 38.78
C ALA B 172 -41.81 15.73 40.23
N THR B 185 -44.60 26.89 42.65
CA THR B 185 -43.45 26.05 42.34
C THR B 185 -43.87 24.59 42.22
N ILE B 186 -45.03 24.37 41.61
CA ILE B 186 -45.59 23.04 41.40
C ILE B 186 -45.95 22.80 39.93
N THR B 187 -45.64 23.74 39.05
CA THR B 187 -45.90 23.59 37.63
C THR B 187 -44.73 24.21 36.87
N PRO B 188 -44.47 23.78 35.63
CA PRO B 188 -43.27 24.28 34.94
C PRO B 188 -43.18 25.79 34.85
N LEU B 189 -44.30 26.49 34.68
CA LEU B 189 -44.25 27.95 34.62
C LEU B 189 -43.76 28.53 35.94
N ASP B 190 -44.21 27.97 37.05
CA ASP B 190 -43.84 28.51 38.36
C ASP B 190 -42.36 28.30 38.64
N VAL B 191 -41.77 27.21 38.16
CA VAL B 191 -40.34 27.02 38.35
C VAL B 191 -39.56 28.11 37.61
N VAL B 192 -39.97 28.45 36.39
CA VAL B 192 -39.31 29.54 35.67
C VAL B 192 -39.50 30.85 36.41
N GLY B 193 -40.72 31.09 36.90
CA GLY B 193 -40.98 32.35 37.58
C GLY B 193 -40.21 32.52 38.87
N THR B 194 -40.09 31.46 39.67
CA THR B 194 -39.41 31.55 40.94
C THR B 194 -37.89 31.59 40.79
N SER B 195 -37.36 30.94 39.77
CA SER B 195 -35.91 30.88 39.61
C SER B 195 -35.29 32.27 39.53
N VAL B 196 -36.04 33.26 39.06
CA VAL B 196 -35.54 34.63 38.98
C VAL B 196 -35.93 35.46 40.20
N GLY B 197 -37.00 35.12 40.90
CA GLY B 197 -37.32 35.79 42.14
C GLY B 197 -36.19 35.62 43.13
N ILE B 198 -35.73 34.39 43.27
CA ILE B 198 -34.48 34.11 43.97
C ILE B 198 -33.36 34.60 43.07
N ALA B 199 -32.14 34.69 43.60
CA ALA B 199 -30.98 35.10 42.82
C ALA B 199 -31.00 36.60 42.57
N MET B 200 -32.04 37.28 43.06
CA MET B 200 -32.12 38.73 42.92
C MET B 200 -32.57 39.40 44.21
N SER B 201 -32.93 38.63 45.23
CA SER B 201 -33.43 39.20 46.47
C SER B 201 -32.35 39.37 47.53
N ALA B 202 -31.08 39.10 47.21
CA ALA B 202 -30.02 39.18 48.20
C ALA B 202 -29.64 40.63 48.43
N ILE B 203 -29.83 41.11 49.66
CA ILE B 203 -29.56 42.50 50.01
C ILE B 203 -28.05 42.76 49.92
N PRO B 204 -27.60 43.75 49.15
CA PRO B 204 -26.16 43.94 48.98
C PRO B 204 -25.52 44.65 50.17
N GLY B 205 -24.21 44.52 50.26
CA GLY B 205 -23.42 45.17 51.30
C GLY B 205 -22.67 46.36 50.74
N ILE B 206 -22.51 47.40 51.56
CA ILE B 206 -21.89 48.65 51.16
C ILE B 206 -20.62 48.85 51.97
N ARG B 207 -19.63 49.50 51.36
CA ARG B 207 -18.41 49.82 52.07
C ARG B 207 -18.60 51.05 52.94
N LYS B 208 -17.84 51.12 54.04
CA LYS B 208 -17.88 52.26 54.95
C LYS B 208 -16.53 52.43 55.59
N VAL B 209 -16.20 53.68 55.94
CA VAL B 209 -14.95 53.96 56.62
C VAL B 209 -14.98 53.38 58.02
N ALA B 210 -13.80 53.00 58.52
CA ALA B 210 -13.69 52.33 59.80
C ALA B 210 -12.59 52.98 60.63
N LYS B 211 -12.73 52.84 61.95
CA LYS B 211 -11.69 53.28 62.88
C LYS B 211 -10.60 52.21 62.93
N ALA B 212 -9.34 52.64 62.84
CA ALA B 212 -8.24 51.69 62.70
C ALA B 212 -8.15 50.75 63.89
N GLU B 213 -8.36 51.26 65.10
CA GLU B 213 -8.16 50.45 66.29
C GLU B 213 -9.10 49.25 66.32
N GLN B 214 -10.38 49.47 65.99
CA GLN B 214 -11.34 48.36 66.06
C GLN B 214 -10.98 47.25 65.09
N VAL B 215 -10.54 47.60 63.88
CA VAL B 215 -10.20 46.58 62.89
C VAL B 215 -9.00 45.77 63.35
N GLN B 216 -7.98 46.44 63.89
CA GLN B 216 -6.79 45.72 64.34
C GLN B 216 -7.13 44.77 65.49
N GLN B 217 -8.02 45.18 66.39
CA GLN B 217 -8.46 44.30 67.45
C GLN B 217 -9.13 43.06 66.88
N GLY B 218 -10.01 43.23 65.89
CA GLY B 218 -10.67 42.09 65.29
C GLY B 218 -9.70 41.15 64.61
N ALA B 219 -8.74 41.71 63.87
CA ALA B 219 -7.78 40.87 63.16
C ALA B 219 -6.87 40.13 64.12
N VAL B 220 -6.54 40.73 65.26
CA VAL B 220 -5.70 40.04 66.25
C VAL B 220 -6.38 38.83 66.85
N ARG B 221 -7.71 38.86 66.98
CA ARG B 221 -8.45 37.69 67.45
C ARG B 221 -8.47 36.57 66.43
N GLY B 222 -8.10 36.86 65.18
CA GLY B 222 -7.65 35.84 64.26
C GLY B 222 -6.19 35.53 64.52
N GLY B 223 -5.67 34.55 63.79
CA GLY B 223 -4.32 34.11 64.07
C GLY B 223 -4.32 33.35 65.37
N VAL B 224 -4.53 34.08 66.47
CA VAL B 224 -5.08 33.45 67.66
C VAL B 224 -6.48 32.98 67.30
N ASN B 225 -6.87 31.82 67.84
CA ASN B 225 -8.02 31.05 67.36
C ASN B 225 -7.77 30.45 65.99
N ALA B 226 -6.59 30.70 65.42
CA ALA B 226 -6.20 30.04 64.17
C ALA B 226 -4.75 29.58 64.23
N ALA B 227 -4.04 29.78 65.34
CA ALA B 227 -2.71 29.21 65.54
C ALA B 227 -2.67 28.18 66.65
N GLU B 228 -3.80 27.86 67.29
CA GLU B 228 -3.83 26.79 68.27
C GLU B 228 -3.66 25.42 67.63
N ASP B 229 -3.71 25.34 66.30
CA ASP B 229 -3.51 24.10 65.58
C ASP B 229 -2.06 23.91 65.15
N ALA B 230 -1.15 24.78 65.56
CA ALA B 230 0.26 24.66 65.23
C ALA B 230 0.91 23.63 66.17
N ALA B 231 1.86 22.86 65.64
CA ALA B 231 2.54 21.86 66.46
C ALA B 231 3.53 22.48 67.44
N GLY B 232 4.21 23.55 67.07
CA GLY B 232 5.18 24.16 67.96
C GLY B 232 6.39 23.32 68.25
N THR B 233 6.99 22.70 67.23
CA THR B 233 8.21 21.93 67.41
C THR B 233 9.47 22.76 67.17
N VAL B 234 9.32 24.04 66.86
CA VAL B 234 10.44 24.96 66.75
C VAL B 234 10.24 26.07 67.77
N VAL B 235 11.28 26.35 68.55
CA VAL B 235 11.17 27.30 69.66
C VAL B 235 10.12 26.77 70.63
N PRO B 236 10.41 25.71 71.38
CA PRO B 236 9.42 25.15 72.30
C PRO B 236 9.07 26.14 73.39
N PRO B 237 8.07 25.82 74.22
CA PRO B 237 7.69 26.75 75.30
C PRO B 237 8.78 27.00 76.33
N LYS B 238 9.75 26.09 76.45
CA LYS B 238 10.85 26.31 77.37
C LYS B 238 11.65 27.55 77.00
N ASP B 239 11.62 27.93 75.72
CA ASP B 239 12.47 28.98 75.18
C ASP B 239 11.66 30.12 74.56
N VAL B 240 10.63 30.59 75.27
CA VAL B 240 9.81 31.70 74.81
C VAL B 240 9.95 32.86 75.78
N THR B 241 9.83 34.08 75.24
CA THR B 241 9.88 35.28 76.05
C THR B 241 9.09 36.38 75.35
N VAL B 242 8.62 37.34 76.15
CA VAL B 242 7.82 38.44 75.61
C VAL B 242 8.74 39.41 74.87
N PRO B 243 8.34 39.97 73.73
CA PRO B 243 9.19 40.94 73.05
C PRO B 243 9.11 42.30 73.73
N PRO B 244 10.19 43.07 73.73
CA PRO B 244 10.18 44.35 74.46
C PRO B 244 9.44 45.48 73.75
N VAL B 245 8.76 45.22 72.64
CA VAL B 245 7.99 46.23 71.92
C VAL B 245 6.67 45.64 71.51
N ARG B 246 5.64 46.48 71.40
CA ARG B 246 4.30 46.03 71.08
C ARG B 246 4.11 45.98 69.57
N GLU B 247 3.69 44.83 69.05
CA GLU B 247 3.43 44.68 67.63
C GLU B 247 2.04 45.23 67.28
N VAL B 248 1.75 45.23 66.00
CA VAL B 248 0.43 45.63 65.51
C VAL B 248 0.30 45.19 64.05
N PRO B 249 -0.79 44.56 63.65
CA PRO B 249 -0.92 44.12 62.26
C PRO B 249 -1.16 45.29 61.32
N GLU B 250 -1.16 44.98 60.02
CA GLU B 250 -1.21 45.98 58.96
C GLU B 250 -2.52 45.95 58.18
N VAL B 251 -3.65 45.77 58.86
CA VAL B 251 -4.94 45.67 58.16
C VAL B 251 -5.40 47.05 57.71
N GLN B 252 -6.36 47.07 56.78
CA GLN B 252 -6.95 48.30 56.28
C GLN B 252 -8.20 48.67 57.07
N PRO B 253 -8.53 49.97 57.15
CA PRO B 253 -9.72 50.41 57.90
C PRO B 253 -11.00 50.43 57.05
N ILE B 254 -11.63 49.26 56.92
CA ILE B 254 -12.85 49.11 56.13
C ILE B 254 -13.87 48.27 56.90
N LYS B 255 -15.14 48.64 56.77
CA LYS B 255 -16.25 47.84 57.26
C LYS B 255 -17.12 47.38 56.09
N THR B 256 -18.23 46.75 56.43
CA THR B 256 -19.33 46.48 55.50
C THR B 256 -20.64 46.63 56.23
N VAL B 257 -21.62 47.22 55.56
CA VAL B 257 -22.92 47.52 56.16
C VAL B 257 -24.02 47.17 55.18
N ALA B 258 -25.08 46.56 55.70
CA ALA B 258 -26.22 46.18 54.87
C ALA B 258 -26.93 47.43 54.35
N ASP B 259 -27.34 47.37 53.09
CA ASP B 259 -28.02 48.51 52.49
C ASP B 259 -29.43 48.64 53.03
N GLU B 260 -30.00 49.84 52.94
CA GLU B 260 -31.31 50.11 53.52
C GLU B 260 -32.39 50.37 52.48
N ASP B 261 -32.02 50.86 51.29
CA ASP B 261 -33.01 51.24 50.29
C ASP B 261 -33.37 50.11 49.33
N TYR B 262 -32.73 48.97 49.44
CA TYR B 262 -33.03 47.87 48.52
C TYR B 262 -34.44 47.36 48.78
N PRO B 263 -35.22 47.07 47.73
CA PRO B 263 -36.59 46.60 47.94
C PRO B 263 -36.63 45.13 48.32
N LYS B 264 -37.72 44.72 48.95
CA LYS B 264 -37.96 43.33 49.30
C LYS B 264 -38.77 42.68 48.19
N ILE B 265 -38.11 42.04 47.25
CA ILE B 265 -38.74 41.53 46.05
C ILE B 265 -39.20 40.09 46.28
N ASP B 266 -40.45 39.82 45.97
CA ASP B 266 -41.00 38.47 46.01
C ASP B 266 -41.98 38.34 44.86
N ILE B 267 -42.17 37.11 44.40
CA ILE B 267 -43.00 36.83 43.23
C ILE B 267 -44.24 36.08 43.67
N ASP B 268 -45.40 36.51 43.18
CA ASP B 268 -46.65 35.85 43.47
C ASP B 268 -46.86 34.69 42.51
N THR B 269 -47.03 33.48 43.04
CA THR B 269 -47.27 32.29 42.24
C THR B 269 -48.47 31.50 42.73
N TYR B 270 -49.44 32.16 43.37
CA TYR B 270 -50.63 31.50 43.90
C TYR B 270 -51.93 32.10 43.41
N SER B 271 -51.89 33.18 42.63
CA SER B 271 -53.13 33.84 42.22
C SER B 271 -53.99 32.93 41.37
N ASN B 272 -53.39 32.21 40.43
CA ASN B 272 -54.13 31.39 39.48
C ASN B 272 -54.41 29.98 40.00
N LYS B 273 -54.39 29.78 41.31
CA LYS B 273 -54.65 28.48 41.90
C LYS B 273 -55.44 28.67 43.19
N GLU B 274 -56.15 27.61 43.60
CA GLU B 274 -56.88 27.66 44.85
C GLU B 274 -55.90 27.68 46.02
N HIS B 275 -56.20 28.51 47.03
CA HIS B 275 -55.28 28.69 48.13
C HIS B 275 -56.04 29.20 49.35
N ILE B 276 -55.39 29.15 50.50
CA ILE B 276 -55.96 29.52 51.79
C ILE B 276 -55.22 30.73 52.32
N GLU B 277 -55.97 31.77 52.70
CA GLU B 277 -55.41 32.99 53.27
C GLU B 277 -55.61 33.00 54.77
N VAL B 278 -54.57 33.35 55.50
CA VAL B 278 -54.61 33.43 56.96
C VAL B 278 -54.39 34.89 57.36
N GLY B 279 -55.38 35.46 58.03
CA GLY B 279 -55.26 36.82 58.52
C GLY B 279 -55.22 37.85 57.42
N ARG B 280 -56.32 37.99 56.69
CA ARG B 280 -56.44 39.01 55.65
C ARG B 280 -57.40 40.12 56.09
N SER B 288 -44.68 38.47 54.68
CA SER B 288 -45.59 37.33 54.69
C SER B 288 -44.81 36.02 54.60
N LEU B 289 -45.47 34.93 54.96
CA LEU B 289 -44.86 33.60 54.97
C LEU B 289 -45.69 32.66 54.11
N LYS B 290 -45.02 31.82 53.33
CA LYS B 290 -45.67 30.93 52.38
C LYS B 290 -45.24 29.49 52.65
N THR B 291 -46.22 28.62 52.82
CA THR B 291 -45.97 27.20 53.08
C THR B 291 -47.08 26.39 52.44
N THR B 292 -47.11 25.08 52.72
CA THR B 292 -48.05 24.16 52.12
C THR B 292 -49.00 23.62 53.18
N VAL B 293 -50.14 23.10 52.73
CA VAL B 293 -51.18 22.67 53.65
C VAL B 293 -50.72 21.49 54.49
N GLN B 294 -50.08 20.50 53.86
CA GLN B 294 -49.61 19.34 54.60
C GLN B 294 -48.48 19.67 55.55
N ASN B 295 -47.91 20.87 55.45
CA ASN B 295 -46.90 21.31 56.40
C ASN B 295 -47.53 22.08 57.56
N ALA B 296 -48.50 22.95 57.25
CA ALA B 296 -49.11 23.76 58.30
C ALA B 296 -49.89 22.91 59.29
N VAL B 297 -50.59 21.89 58.80
CA VAL B 297 -51.50 21.12 59.66
C VAL B 297 -50.74 20.50 60.83
N LEU B 298 -49.58 19.90 60.55
CA LEU B 298 -48.82 19.25 61.61
C LEU B 298 -48.50 20.24 62.73
N ALA B 299 -48.07 21.46 62.36
CA ALA B 299 -47.75 22.46 63.36
C ALA B 299 -48.94 22.76 64.26
N VAL B 300 -50.15 22.73 63.72
CA VAL B 300 -51.33 23.03 64.53
C VAL B 300 -51.53 21.96 65.59
N THR B 301 -51.43 20.68 65.21
CA THR B 301 -51.65 19.61 66.18
C THR B 301 -50.60 19.63 67.28
N ALA B 302 -49.33 19.84 66.91
CA ALA B 302 -48.27 19.82 67.91
C ALA B 302 -48.48 20.90 68.96
N LEU B 303 -48.68 22.13 68.53
CA LEU B 303 -48.93 23.24 69.46
C LEU B 303 -50.43 23.44 69.63
N GLY B 304 -51.15 22.37 69.96
CA GLY B 304 -52.60 22.43 70.08
C GLY B 304 -53.13 21.77 71.32
N ASP B 305 -52.41 21.91 72.44
CA ASP B 305 -52.82 21.26 73.67
C ASP B 305 -54.14 21.79 74.22
N ASP B 306 -54.62 22.93 73.73
CA ASP B 306 -55.87 23.52 74.19
C ASP B 306 -57.05 23.15 73.30
N LEU B 307 -57.01 22.00 72.61
CA LEU B 307 -58.06 21.61 71.69
C LEU B 307 -58.84 20.43 72.24
N PRO B 308 -60.12 20.31 71.91
CA PRO B 308 -60.87 19.11 72.31
C PRO B 308 -60.23 17.85 71.74
N GLU B 309 -60.26 16.78 72.51
CA GLU B 309 -59.65 15.53 72.08
C GLU B 309 -60.65 14.71 71.27
N VAL B 311 -60.87 15.93 68.01
CA VAL B 311 -60.48 16.96 67.05
C VAL B 311 -58.99 16.86 66.79
N ARG B 312 -58.21 16.72 67.86
CA ARG B 312 -56.77 16.58 67.71
C ARG B 312 -56.43 15.27 66.98
N ALA B 313 -57.17 14.19 67.30
CA ALA B 313 -56.97 12.94 66.58
C ALA B 313 -57.33 13.08 65.11
N LEU B 314 -58.41 13.82 64.82
CA LEU B 314 -58.75 14.09 63.43
C LEU B 314 -57.64 14.83 62.73
N GLY B 315 -57.05 15.82 63.41
CA GLY B 315 -55.93 16.54 62.82
C GLY B 315 -54.74 15.63 62.55
N ARG B 316 -54.44 14.74 63.50
CA ARG B 316 -53.35 13.79 63.27
C ARG B 316 -53.62 12.91 62.07
N ALA B 317 -54.84 12.38 61.97
CA ALA B 317 -55.18 11.50 60.86
C ALA B 317 -55.11 12.23 59.53
N LEU B 318 -55.57 13.48 59.50
CA LEU B 318 -55.50 14.26 58.26
C LEU B 318 -54.06 14.58 57.89
N GLY B 319 -53.22 14.84 58.89
CA GLY B 319 -51.84 15.22 58.59
C GLY B 319 -51.06 14.14 57.87
N ALA B 320 -51.51 12.89 57.98
CA ALA B 320 -50.90 11.78 57.26
C ALA B 320 -51.61 11.48 55.94
N SER B 321 -52.61 12.28 55.58
CA SER B 321 -53.33 12.08 54.33
C SER B 321 -52.37 12.07 53.14
N ARG B 356 -51.36 22.32 47.70
CA ARG B 356 -51.84 23.69 47.68
C ARG B 356 -50.78 24.68 48.16
N ALA B 357 -51.17 25.95 48.25
CA ALA B 357 -50.32 26.99 48.80
C ALA B 357 -51.07 27.73 49.88
N GLU B 358 -50.35 28.08 50.95
CA GLU B 358 -50.90 28.82 52.06
C GLU B 358 -50.01 30.02 52.35
N ILE B 359 -50.62 31.11 52.76
CA ILE B 359 -49.92 32.36 53.03
C ILE B 359 -50.41 32.95 54.33
N PHE B 360 -49.48 33.38 55.17
CA PHE B 360 -49.78 34.10 56.41
C PHE B 360 -49.36 35.55 56.21
N ASN B 361 -50.24 36.47 56.56
CA ASN B 361 -49.92 37.90 56.46
C ASN B 361 -49.29 38.39 57.75
N THR B 367 -40.12 31.26 61.58
CA THR B 367 -41.08 31.95 62.42
C THR B 367 -42.46 31.30 62.34
N LEU B 368 -42.56 30.20 61.59
CA LEU B 368 -43.83 29.50 61.47
C LEU B 368 -44.34 29.05 62.82
N SER B 369 -43.43 28.54 63.67
CA SER B 369 -43.82 28.00 64.96
C SER B 369 -44.47 29.03 65.87
N ASP B 370 -44.29 30.33 65.61
CA ASP B 370 -44.89 31.37 66.42
C ASP B 370 -46.12 32.00 65.80
N HIS B 371 -46.24 31.99 64.47
CA HIS B 371 -47.45 32.49 63.83
C HIS B 371 -48.68 31.76 64.36
N VAL B 372 -48.63 30.43 64.40
CA VAL B 372 -49.75 29.64 64.92
C VAL B 372 -49.96 29.84 66.40
N ARG B 373 -48.93 30.25 67.14
CA ARG B 373 -49.08 30.55 68.56
C ARG B 373 -49.88 31.81 68.82
N GLY B 374 -49.84 32.77 67.89
CA GLY B 374 -50.60 34.00 68.04
C GLY B 374 -52.00 33.90 67.49
N MET B 375 -52.64 32.74 67.68
CA MET B 375 -53.98 32.50 67.18
C MET B 375 -54.83 31.94 68.30
N SER B 376 -56.11 32.30 68.29
CA SER B 376 -57.06 31.80 69.26
C SER B 376 -57.41 30.36 68.95
N THR B 377 -57.98 29.67 69.94
CA THR B 377 -58.33 28.27 69.76
C THR B 377 -59.39 28.09 68.69
N TYR B 378 -60.32 29.04 68.58
CA TYR B 378 -61.41 28.90 67.61
C TYR B 378 -60.89 28.95 66.18
N GLU B 379 -60.02 29.92 65.88
CA GLU B 379 -59.54 30.10 64.52
C GLU B 379 -58.80 28.86 64.01
N LYS B 380 -57.92 28.31 64.85
CA LYS B 380 -57.09 27.21 64.41
C LYS B 380 -57.89 25.91 64.23
N THR B 381 -59.15 25.89 64.66
CA THR B 381 -60.04 24.81 64.27
C THR B 381 -60.68 25.06 62.92
N ILE B 382 -61.01 26.32 62.61
CA ILE B 382 -61.49 26.65 61.27
C ILE B 382 -60.39 26.38 60.25
N LEU B 383 -59.14 26.52 60.65
CA LEU B 383 -58.04 26.21 59.75
C LEU B 383 -58.06 24.74 59.31
N LEU B 384 -58.32 23.83 60.25
CA LEU B 384 -58.48 22.42 59.89
C LEU B 384 -59.78 22.16 59.16
N HIS B 385 -60.84 22.89 59.50
CA HIS B 385 -62.13 22.69 58.84
C HIS B 385 -62.03 23.02 57.35
N GLU B 386 -61.33 24.10 57.01
CA GLU B 386 -61.13 24.43 55.60
C GLU B 386 -60.12 23.50 54.93
N ALA B 387 -59.12 23.03 55.68
CA ALA B 387 -58.19 22.06 55.12
C ALA B 387 -58.86 20.74 54.82
N ALA B 388 -60.09 20.53 55.32
CA ALA B 388 -60.83 19.32 55.00
C ALA B 388 -61.34 19.32 53.56
N HIS B 389 -61.13 20.40 52.82
CA HIS B 389 -61.48 20.46 51.40
C HIS B 389 -60.51 19.65 50.55
N ALA B 390 -59.67 18.82 51.17
CA ALA B 390 -58.69 18.03 50.44
C ALA B 390 -59.34 17.21 49.33
N LYS B 391 -60.67 17.04 49.38
CA LYS B 391 -61.38 16.30 48.35
C LYS B 391 -61.11 16.85 46.96
N THR B 392 -61.07 18.18 46.82
CA THR B 392 -60.87 18.76 45.50
C THR B 392 -59.64 18.18 44.81
N GLY B 393 -58.53 18.07 45.54
CA GLY B 393 -57.36 17.43 44.98
C GLY B 393 -57.63 16.00 44.54
N ARG B 394 -58.62 15.34 45.16
CA ARG B 394 -58.93 13.96 44.86
C ARG B 394 -60.11 13.81 43.91
N SER B 395 -61.04 14.77 43.90
CA SER B 395 -62.09 14.75 42.89
C SER B 395 -61.50 14.94 41.51
N ILE B 396 -60.50 15.82 41.38
CA ILE B 396 -59.90 16.08 40.07
C ILE B 396 -59.20 14.83 39.56
N ARG B 397 -58.44 14.15 40.43
CA ARG B 397 -57.70 12.97 40.00
C ARG B 397 -58.61 11.85 39.51
N ALA B 398 -59.88 11.84 39.92
CA ALA B 398 -60.82 10.81 39.52
C ALA B 398 -61.63 11.25 38.30
N VAL B 399 -61.42 12.48 37.85
CA VAL B 399 -62.02 12.96 36.61
C VAL B 399 -60.99 12.78 35.51
N GLU B 400 -59.76 13.22 35.78
CA GLU B 400 -58.62 12.84 34.96
C GLU B 400 -58.24 11.40 35.25
N SER B 401 -57.57 10.78 34.29
CA SER B 401 -57.13 9.39 34.44
C SER B 401 -55.85 9.26 35.26
N GLY B 402 -55.81 9.87 36.44
CA GLY B 402 -54.66 9.74 37.32
C GLY B 402 -54.83 8.56 38.26
N ALA B 403 -55.95 8.54 38.98
CA ALA B 403 -56.34 7.36 39.78
C ALA B 403 -57.15 6.45 38.86
N VAL B 404 -56.44 5.61 38.11
CA VAL B 404 -57.06 4.87 37.02
C VAL B 404 -58.24 4.06 37.53
N SER B 405 -57.97 3.02 38.32
CA SER B 405 -59.03 2.14 38.79
C SER B 405 -58.83 1.76 40.25
N ASP B 406 -57.98 2.49 40.96
CA ASP B 406 -57.69 2.17 42.34
C ASP B 406 -58.98 2.13 43.14
N GLY B 407 -59.17 1.02 43.86
CA GLY B 407 -60.40 0.86 44.61
C GLY B 407 -60.56 1.93 45.67
N VAL B 408 -61.68 1.82 46.39
CA VAL B 408 -61.98 2.71 47.52
C VAL B 408 -62.29 4.11 47.01
N VAL B 409 -61.28 4.84 46.56
CA VAL B 409 -61.49 6.22 46.12
C VAL B 409 -62.31 6.25 44.83
N TYR B 410 -61.98 5.38 43.89
CA TYR B 410 -62.72 5.31 42.64
C TYR B 410 -64.19 4.97 42.87
N GLU B 411 -64.49 4.12 43.85
CA GLU B 411 -65.87 3.80 44.14
C GLU B 411 -66.57 4.92 44.90
N ALA B 412 -65.84 5.58 45.79
CA ALA B 412 -66.42 6.69 46.54
C ALA B 412 -66.83 7.82 45.62
N VAL B 413 -65.99 8.14 44.63
CA VAL B 413 -66.36 9.17 43.68
C VAL B 413 -67.62 8.79 42.92
N GLN B 414 -67.73 7.54 42.47
CA GLN B 414 -68.91 7.12 41.72
C GLN B 414 -70.17 7.23 42.57
N ARG B 415 -70.11 6.80 43.82
CA ARG B 415 -71.30 6.84 44.67
C ARG B 415 -71.51 8.18 45.36
N ILE B 416 -70.63 9.15 45.14
CA ILE B 416 -70.98 10.54 45.40
C ILE B 416 -71.65 11.16 44.19
N LYS B 417 -71.17 10.85 42.99
CA LYS B 417 -71.81 11.36 41.78
C LYS B 417 -73.24 10.84 41.65
N GLU B 418 -73.48 9.59 42.04
CA GLU B 418 -74.83 9.06 41.98
C GLU B 418 -75.78 9.87 42.87
N ILE B 419 -75.34 10.18 44.09
CA ILE B 419 -76.17 10.99 44.97
C ILE B 419 -76.36 12.38 44.39
N GLN B 420 -75.30 12.97 43.83
CA GLN B 420 -75.46 14.26 43.17
C GLN B 420 -76.56 14.21 42.12
N TRP B 421 -76.60 13.14 41.32
CA TRP B 421 -77.67 13.01 40.34
C TRP B 421 -79.03 12.88 41.01
N TYR B 422 -79.10 12.12 42.10
CA TYR B 422 -80.41 11.80 42.68
C TYR B 422 -81.16 13.05 43.11
N VAL B 423 -80.48 13.99 43.75
CA VAL B 423 -81.17 15.11 44.39
C VAL B 423 -81.97 15.94 43.39
N LYS B 424 -81.51 16.01 42.13
CA LYS B 424 -82.21 16.81 41.14
C LYS B 424 -83.64 16.30 40.94
N ALA B 425 -83.76 15.03 40.56
CA ALA B 425 -85.06 14.51 40.13
C ALA B 425 -86.04 14.44 41.30
N ASN B 426 -85.55 14.19 42.51
CA ASN B 426 -86.43 13.91 43.63
C ASN B 426 -86.59 15.08 44.60
N VAL B 427 -85.72 16.07 44.55
CA VAL B 427 -85.79 17.21 45.46
C VAL B 427 -85.57 18.51 44.70
N ASP B 446 -71.59 19.71 38.23
CA ASP B 446 -70.26 19.22 38.56
C ASP B 446 -70.20 18.86 40.04
N THR B 447 -69.18 18.09 40.43
CA THR B 447 -69.09 17.63 41.81
C THR B 447 -68.61 18.74 42.73
N HIS B 448 -67.79 19.67 42.22
CA HIS B 448 -67.16 20.66 43.08
C HIS B 448 -68.18 21.53 43.80
N GLU B 449 -69.19 22.04 43.08
CA GLU B 449 -70.16 22.93 43.71
C GLU B 449 -71.00 22.19 44.75
N PHE B 450 -71.37 20.94 44.47
CA PHE B 450 -72.12 20.16 45.46
C PHE B 450 -71.29 19.95 46.72
N ILE B 451 -70.03 19.55 46.55
CA ILE B 451 -69.15 19.34 47.69
C ILE B 451 -68.98 20.63 48.48
N SER B 452 -68.80 21.76 47.80
CA SER B 452 -68.63 23.03 48.49
C SER B 452 -69.89 23.40 49.26
N GLN B 453 -71.06 23.20 48.65
CA GLN B 453 -72.31 23.50 49.34
C GLN B 453 -72.45 22.65 50.59
N LEU B 454 -71.94 21.41 50.56
CA LEU B 454 -72.02 20.58 51.76
C LEU B 454 -71.36 21.28 52.96
N PHE B 455 -70.34 22.10 52.70
CA PHE B 455 -69.64 22.81 53.77
C PHE B 455 -70.26 24.18 54.05
N ASN B 456 -70.34 25.03 53.02
CA ASN B 456 -70.61 26.45 53.18
C ASN B 456 -72.09 26.78 53.27
N SER B 457 -72.83 26.14 54.17
CA SER B 457 -74.27 26.36 54.28
C SER B 457 -74.79 25.54 55.45
N GLU B 458 -75.96 25.90 55.94
CA GLU B 458 -76.57 25.22 57.07
C GLU B 458 -77.84 24.47 56.66
N HIS B 459 -78.81 25.19 56.10
CA HIS B 459 -80.09 24.57 55.77
C HIS B 459 -79.97 23.58 54.61
N PHE B 460 -78.93 23.69 53.78
CA PHE B 460 -78.71 22.67 52.76
C PHE B 460 -78.51 21.32 53.39
N ARG B 461 -77.72 21.25 54.47
CA ARG B 461 -77.56 19.99 55.18
C ARG B 461 -78.90 19.53 55.76
N ASP B 462 -79.67 20.45 56.32
CA ASP B 462 -80.98 20.12 56.87
C ASP B 462 -81.93 19.56 55.82
N ALA B 463 -81.79 19.95 54.56
CA ALA B 463 -82.66 19.44 53.52
C ALA B 463 -82.48 17.93 53.35
N LEU B 464 -81.23 17.45 53.41
CA LEU B 464 -80.94 16.05 53.16
C LEU B 464 -81.26 15.14 54.33
N ARG B 465 -81.57 15.70 55.51
CA ARG B 465 -81.90 14.87 56.66
C ARG B 465 -83.30 14.28 56.55
N SER B 466 -84.21 14.95 55.85
CA SER B 466 -85.60 14.54 55.81
C SER B 466 -85.87 13.49 54.75
N VAL B 467 -84.83 12.82 54.26
CA VAL B 467 -84.97 11.80 53.23
C VAL B 467 -84.06 10.63 53.57
N LYS B 468 -84.54 9.42 53.32
CA LYS B 468 -83.74 8.21 53.43
C LYS B 468 -83.37 7.71 52.04
N MET B 469 -82.28 6.94 51.98
CA MET B 469 -81.80 6.49 50.68
C MET B 469 -82.79 5.48 50.08
N PRO B 470 -82.80 5.36 48.75
CA PRO B 470 -83.73 4.42 48.12
C PRO B 470 -83.22 2.98 48.12
N GLY B 471 -81.98 2.77 48.57
CA GLY B 471 -81.37 1.46 48.46
C GLY B 471 -80.54 1.03 49.66
N SER B 472 -80.70 1.70 50.80
CA SER B 472 -79.96 1.33 51.98
C SER B 472 -80.47 2.14 53.17
N ASP B 473 -80.15 1.65 54.37
CA ASP B 473 -80.58 2.33 55.58
C ASP B 473 -79.74 3.58 55.83
N GLY B 474 -80.32 4.52 56.56
CA GLY B 474 -79.63 5.76 56.90
C GLY B 474 -80.14 6.95 56.10
N THR B 475 -80.05 8.14 56.69
CA THR B 475 -80.45 9.34 55.99
C THR B 475 -79.52 9.59 54.80
N LEU B 476 -80.06 10.28 53.80
CA LEU B 476 -79.25 10.63 52.63
C LEU B 476 -77.99 11.38 53.05
N LEU B 477 -78.10 12.26 54.04
CA LEU B 477 -76.92 12.98 54.53
C LEU B 477 -75.90 12.02 55.14
N SER B 478 -76.37 11.05 55.91
CA SER B 478 -75.45 10.20 56.66
C SER B 478 -74.49 9.46 55.72
N ASN B 479 -75.02 8.85 54.65
CA ASN B 479 -74.17 8.08 53.77
C ASN B 479 -73.27 8.98 52.92
N LEU B 480 -73.70 10.22 52.67
CA LEU B 480 -72.83 11.16 51.97
C LEU B 480 -71.56 11.43 52.77
N MET B 481 -71.70 11.63 54.07
CA MET B 481 -70.54 11.86 54.92
C MET B 481 -69.64 10.64 54.97
N LYS B 482 -70.23 9.45 54.93
CA LYS B 482 -69.45 8.22 55.01
C LYS B 482 -68.34 8.20 53.97
N ARG B 483 -68.60 8.79 52.80
CA ARG B 483 -67.64 8.72 51.71
C ARG B 483 -66.66 9.88 51.73
N VAL B 484 -67.02 11.01 52.33
CA VAL B 484 -66.07 12.11 52.46
C VAL B 484 -64.88 11.69 53.30
N VAL B 485 -65.14 10.95 54.39
CA VAL B 485 -64.05 10.46 55.22
C VAL B 485 -63.13 9.57 54.42
N THR B 486 -63.68 8.72 53.56
CA THR B 486 -62.83 7.90 52.71
C THR B 486 -61.96 8.75 51.80
N LEU B 487 -62.46 9.94 51.43
CA LEU B 487 -61.70 10.80 50.52
C LEU B 487 -60.59 11.53 51.26
N PHE B 488 -60.93 12.36 52.26
CA PHE B 488 -59.90 13.23 52.82
C PHE B 488 -59.00 12.48 53.80
N THR B 489 -59.33 11.24 54.13
CA THR B 489 -58.42 10.41 54.92
C THR B 489 -57.74 9.34 54.08
N GLY B 490 -58.49 8.65 53.21
CA GLY B 490 -57.94 7.62 52.36
C GLY B 490 -57.81 6.26 52.99
N LYS B 491 -58.35 6.06 54.20
CA LYS B 491 -58.18 4.81 54.93
C LYS B 491 -59.39 3.89 54.81
N ALA B 492 -60.05 3.86 53.65
CA ALA B 492 -61.22 3.00 53.48
C ALA B 492 -62.30 3.44 54.47
N PRO B 493 -63.31 2.61 54.76
CA PRO B 493 -64.27 3.07 55.77
C PRO B 493 -63.64 3.33 57.14
N ASN B 496 -62.85 4.42 62.84
CA ASN B 496 -64.05 5.24 62.98
C ASN B 496 -63.71 6.67 63.41
N ALA B 497 -64.05 7.63 62.56
CA ALA B 497 -63.85 9.04 62.90
C ALA B 497 -65.04 9.90 62.51
N PHE B 498 -66.19 9.31 62.20
CA PHE B 498 -67.34 10.09 61.77
C PHE B 498 -67.80 11.05 62.85
N ASP B 499 -67.63 10.67 64.12
CA ASP B 499 -68.05 11.54 65.20
C ASP B 499 -67.26 12.85 65.19
N ALA B 500 -65.97 12.79 64.89
CA ALA B 500 -65.15 13.99 64.87
C ALA B 500 -65.67 15.00 63.85
N THR B 501 -65.87 14.57 62.60
CA THR B 501 -66.35 15.50 61.59
C THR B 501 -67.78 15.92 61.87
N LEU B 502 -68.61 15.01 62.39
CA LEU B 502 -69.98 15.36 62.73
C LEU B 502 -70.03 16.48 63.75
N GLN B 503 -69.20 16.44 64.79
CA GLN B 503 -69.13 17.51 65.77
C GLN B 503 -68.42 18.74 65.25
N ALA B 504 -67.39 18.60 64.40
CA ALA B 504 -66.78 19.76 63.76
C ALA B 504 -67.79 20.53 62.93
N PHE B 505 -68.79 19.84 62.40
CA PHE B 505 -69.98 20.50 61.85
C PHE B 505 -70.82 20.97 63.01
N ASP B 506 -70.73 22.26 63.33
CA ASP B 506 -71.40 22.83 64.49
C ASP B 506 -72.87 22.47 64.53
N PRO B 515 -67.24 33.90 62.94
CA PRO B 515 -66.47 34.80 62.07
C PRO B 515 -64.98 34.77 62.39
N ALA B 516 -64.18 34.35 61.41
CA ALA B 516 -62.74 34.29 61.59
C ALA B 516 -62.06 34.70 60.28
N ASP B 517 -60.82 35.15 60.40
CA ASP B 517 -60.07 35.66 59.24
C ASP B 517 -59.27 34.57 58.56
N VAL B 518 -59.93 33.48 58.19
CA VAL B 518 -59.35 32.43 57.35
C VAL B 518 -60.40 32.02 56.33
N PHE B 519 -59.99 31.92 55.06
CA PHE B 519 -60.92 31.68 53.98
C PHE B 519 -60.29 30.77 52.94
N LEU B 520 -61.16 30.14 52.15
CA LEU B 520 -60.74 29.36 50.99
C LEU B 520 -61.11 30.14 49.73
N ASN B 521 -60.10 30.47 48.93
CA ASN B 521 -60.26 31.40 47.82
C ASN B 521 -60.08 30.70 46.49
N ALA B 522 -61.02 30.94 45.58
CA ALA B 522 -60.93 30.43 44.23
C ALA B 522 -59.97 31.27 43.40
N PRO B 523 -59.51 30.77 42.26
CA PRO B 523 -58.56 31.54 41.44
C PRO B 523 -59.14 32.88 41.04
N LYS B 524 -58.28 33.90 41.04
CA LYS B 524 -58.68 35.26 40.70
C LYS B 524 -57.90 35.75 39.49
N ALA B 525 -58.47 36.70 38.76
CA ALA B 525 -57.90 37.12 37.49
C ALA B 525 -56.71 38.05 37.66
N THR B 526 -56.74 38.97 38.60
CA THR B 526 -55.73 40.02 38.71
C THR B 526 -54.68 39.65 39.74
N PRO B 527 -53.43 39.42 39.35
CA PRO B 527 -52.39 39.10 40.35
C PRO B 527 -52.15 40.24 41.33
N ASP B 528 -51.35 39.97 42.37
CA ASP B 528 -50.94 41.01 43.30
C ASP B 528 -49.61 41.59 42.85
N LEU B 529 -49.58 42.88 42.57
CA LEU B 529 -48.39 43.57 42.09
C LEU B 529 -47.97 44.62 43.11
N GLN B 530 -46.68 44.77 43.30
CA GLN B 530 -46.14 45.64 44.35
C GLN B 530 -45.92 47.07 43.88
N SER B 531 -45.73 47.29 42.58
CA SER B 531 -45.46 48.62 42.08
C SER B 531 -46.73 49.48 42.13
N LYS B 532 -46.55 50.79 42.30
CA LYS B 532 -47.70 51.67 42.51
C LYS B 532 -48.48 51.92 41.22
N VAL B 533 -47.78 52.10 40.10
CA VAL B 533 -48.43 52.58 38.89
C VAL B 533 -49.12 51.48 38.10
N LEU B 534 -49.02 50.22 38.52
CA LEU B 534 -49.59 49.13 37.75
C LEU B 534 -50.95 48.65 38.26
N GLN B 535 -51.31 48.97 39.49
CA GLN B 535 -52.56 48.45 40.05
C GLN B 535 -53.76 49.03 39.30
N ALA B 536 -54.69 48.15 38.93
CA ALA B 536 -55.92 48.53 38.25
C ALA B 536 -57.05 47.67 38.79
N PRO B 537 -58.30 48.13 38.68
CA PRO B 537 -59.40 47.35 39.26
C PRO B 537 -59.85 46.15 38.44
N ASN B 538 -59.70 46.18 37.12
CA ASN B 538 -60.13 45.09 36.27
C ASN B 538 -58.99 44.68 35.36
N VAL B 539 -59.26 43.72 34.46
CA VAL B 539 -58.19 43.12 33.67
C VAL B 539 -57.82 43.96 32.45
N ILE B 540 -58.75 44.72 31.88
CA ILE B 540 -58.44 45.49 30.69
C ILE B 540 -57.51 46.66 31.02
N GLU B 541 -57.84 47.40 32.09
CA GLU B 541 -57.01 48.52 32.48
C GLU B 541 -55.60 48.10 32.87
N MET B 542 -55.48 46.99 33.61
CA MET B 542 -54.17 46.52 33.99
C MET B 542 -53.32 46.19 32.77
N ASN B 543 -53.93 45.49 31.79
CA ASN B 543 -53.20 45.17 30.56
C ASN B 543 -52.79 46.42 29.82
N ASN B 544 -53.69 47.40 29.74
CA ASN B 544 -53.34 48.64 29.05
C ASN B 544 -52.18 49.34 29.74
N LYS B 545 -52.15 49.34 31.07
CA LYS B 545 -51.11 50.06 31.79
C LYS B 545 -49.78 49.32 31.75
N VAL B 546 -49.80 47.99 31.70
CA VAL B 546 -48.54 47.23 31.67
C VAL B 546 -47.80 47.45 30.36
N MET B 547 -48.50 47.32 29.24
CA MET B 547 -47.83 47.46 27.95
C MET B 547 -47.33 48.88 27.72
N GLY B 548 -47.94 49.86 28.36
CA GLY B 548 -47.47 51.23 28.21
C GLY B 548 -46.06 51.42 28.73
N ALA B 549 -45.73 50.75 29.83
CA ALA B 549 -44.42 50.94 30.46
C ALA B 549 -43.31 50.17 29.75
N LEU B 550 -43.65 49.30 28.80
CA LEU B 550 -42.63 48.50 28.14
C LEU B 550 -42.23 49.09 26.80
N ASN B 551 -43.20 49.45 25.97
CA ASN B 551 -42.96 49.84 24.58
C ASN B 551 -43.40 51.28 24.35
N ARG B 552 -42.62 51.99 23.53
CA ARG B 552 -42.95 53.37 23.20
C ARG B 552 -44.19 53.46 22.31
N ASN B 553 -44.31 52.54 21.35
CA ASN B 553 -45.33 52.67 20.33
C ASN B 553 -46.75 52.60 20.91
N PHE B 554 -46.94 51.85 21.98
CA PHE B 554 -48.29 51.65 22.50
C PHE B 554 -48.96 52.98 22.85
N SER B 555 -48.24 53.85 23.55
CA SER B 555 -48.80 55.15 23.91
C SER B 555 -49.04 56.04 22.71
N LEU B 556 -48.43 55.73 21.56
CA LEU B 556 -48.70 56.47 20.33
C LEU B 556 -49.93 55.95 19.62
N TYR B 557 -50.03 54.63 19.46
CA TYR B 557 -51.23 54.03 18.91
C TYR B 557 -52.46 54.45 19.71
N GLU B 558 -52.33 54.49 21.03
CA GLU B 558 -53.47 54.92 21.86
C GLU B 558 -53.84 56.36 21.58
N ARG B 559 -52.84 57.24 21.42
CA ARG B 559 -53.15 58.65 21.20
C ARG B 559 -53.68 58.92 19.80
N LEU B 560 -53.39 58.05 18.83
CA LEU B 560 -53.91 58.29 17.49
C LEU B 560 -55.42 58.08 17.42
N LYS B 561 -55.95 57.10 18.16
CA LYS B 561 -57.35 56.72 18.03
C LYS B 561 -58.32 57.74 18.62
N SER B 562 -57.84 58.74 19.36
CA SER B 562 -58.76 59.71 19.95
C SER B 562 -59.26 60.71 18.93
N PHE B 563 -58.81 60.64 17.68
CA PHE B 563 -59.18 61.61 16.67
C PHE B 563 -60.38 61.15 15.87
N GLY B 564 -61.27 60.38 16.48
CA GLY B 564 -62.49 59.97 15.80
C GLY B 564 -62.39 58.56 15.24
N TYR B 565 -63.16 58.32 14.18
CA TYR B 565 -63.25 57.00 13.58
C TYR B 565 -62.29 56.82 12.41
N LYS B 566 -62.27 57.77 11.47
CA LYS B 566 -61.37 57.63 10.33
C LYS B 566 -59.93 57.41 10.77
N ALA B 567 -59.53 58.07 11.86
CA ALA B 567 -58.19 57.85 12.39
C ALA B 567 -58.01 56.41 12.84
N SER B 568 -59.02 55.83 13.47
CA SER B 568 -58.90 54.48 13.99
C SER B 568 -58.61 53.48 12.89
N THR B 569 -59.31 53.60 11.76
CA THR B 569 -59.06 52.70 10.64
C THR B 569 -57.65 52.89 10.11
N LEU B 570 -57.20 54.13 10.01
CA LEU B 570 -55.88 54.40 9.44
C LEU B 570 -54.76 54.04 10.42
N ALA B 571 -55.02 54.12 11.72
CA ALA B 571 -53.99 53.75 12.68
C ALA B 571 -53.57 52.31 12.53
N ASP B 572 -54.53 51.41 12.30
CA ASP B 572 -54.24 49.99 12.18
C ASP B 572 -53.35 49.69 10.99
N GLN B 573 -53.23 50.61 10.03
CA GLN B 573 -52.46 50.33 8.82
C GLN B 573 -51.04 50.86 8.91
N LEU B 574 -50.66 51.48 10.04
CA LEU B 574 -49.37 52.14 10.10
C LEU B 574 -48.49 51.58 11.23
N VAL B 575 -49.06 51.36 12.41
CA VAL B 575 -48.21 51.18 13.59
C VAL B 575 -48.50 49.90 14.37
N VAL B 576 -49.66 49.28 14.17
CA VAL B 576 -50.04 48.14 14.99
C VAL B 576 -49.30 46.89 14.52
N ASP B 577 -49.17 45.93 15.43
CA ASP B 577 -48.57 44.62 15.15
C ASP B 577 -49.62 43.56 15.49
N ALA B 578 -50.49 43.27 14.53
CA ALA B 578 -51.60 42.35 14.78
C ALA B 578 -51.07 40.96 15.06
N THR B 579 -51.77 40.23 15.93
CA THR B 579 -51.37 38.88 16.31
C THR B 579 -52.31 37.81 15.79
N GLY B 580 -53.50 38.18 15.32
CA GLY B 580 -54.49 37.21 14.89
C GLY B 580 -54.97 37.33 13.46
N THR B 581 -54.27 38.03 12.59
CA THR B 581 -54.72 38.18 11.21
C THR B 581 -53.52 38.40 10.30
N GLU B 582 -53.72 38.14 9.01
CA GLU B 582 -52.65 38.33 8.04
C GLU B 582 -52.41 39.81 7.75
N ALA B 583 -53.47 40.59 7.58
CA ALA B 583 -53.33 42.01 7.28
C ALA B 583 -52.58 42.69 8.42
N ASN B 584 -51.39 43.19 8.13
CA ASN B 584 -50.53 43.75 9.17
C ASN B 584 -49.99 45.09 8.70
N SER B 585 -49.65 45.95 9.67
CA SER B 585 -49.38 47.35 9.41
C SER B 585 -48.15 47.52 8.52
N ALA B 586 -47.88 48.79 8.18
CA ALA B 586 -46.74 49.10 7.33
C ALA B 586 -45.43 49.03 8.11
N ALA B 587 -45.45 49.45 9.37
CA ALA B 587 -44.23 49.42 10.17
C ALA B 587 -43.70 48.00 10.30
N HIS B 588 -44.59 47.02 10.45
CA HIS B 588 -44.16 45.65 10.58
C HIS B 588 -43.43 45.17 9.32
N HIS B 589 -44.00 45.42 8.14
CA HIS B 589 -43.36 45.01 6.91
C HIS B 589 -42.05 45.74 6.69
N ALA B 590 -42.01 47.04 7.00
CA ALA B 590 -40.75 47.78 6.88
C ALA B 590 -39.68 47.19 7.79
N ARG B 591 -40.04 46.87 9.03
CA ARG B 591 -39.08 46.23 9.92
C ARG B 591 -38.59 44.92 9.35
N ALA B 592 -39.50 44.11 8.80
CA ALA B 592 -39.10 42.84 8.23
C ALA B 592 -38.14 43.03 7.07
N ALA B 593 -38.38 44.04 6.24
CA ALA B 593 -37.53 44.25 5.06
C ALA B 593 -36.18 44.84 5.43
N HIS B 594 -36.13 45.64 6.50
CA HIS B 594 -34.90 46.33 6.84
C HIS B 594 -33.84 45.39 7.43
N LEU B 595 -34.21 44.17 7.83
CA LEU B 595 -33.21 43.22 8.28
C LEU B 595 -32.44 42.60 7.12
N ALA B 596 -33.11 42.38 5.99
CA ALA B 596 -32.44 41.75 4.86
C ALA B 596 -31.27 42.59 4.39
N SER B 597 -31.47 43.91 4.29
CA SER B 597 -30.39 44.78 3.84
C SER B 597 -29.20 44.70 4.77
N ASN B 598 -29.43 44.87 6.07
CA ASN B 598 -28.30 44.93 7.02
C ASN B 598 -27.50 43.64 7.03
N VAL B 599 -28.11 42.52 6.63
CA VAL B 599 -27.37 41.27 6.60
C VAL B 599 -26.24 41.33 5.58
N SER B 600 -26.33 42.25 4.61
CA SER B 600 -25.32 42.39 3.58
C SER B 600 -24.51 43.68 3.69
N ILE B 601 -25.04 44.71 4.35
CA ILE B 601 -24.24 45.91 4.60
C ILE B 601 -23.08 45.58 5.52
N VAL B 602 -23.30 44.68 6.48
CA VAL B 602 -22.27 44.36 7.46
C VAL B 602 -21.04 43.76 6.80
N GLN B 603 -21.24 42.85 5.84
CA GLN B 603 -20.09 42.21 5.21
C GLN B 603 -19.17 43.20 4.53
N VAL B 604 -19.67 44.35 4.10
CA VAL B 604 -18.80 45.37 3.52
C VAL B 604 -18.20 46.25 4.62
N ASP B 605 -18.92 46.45 5.72
CA ASP B 605 -18.38 47.23 6.82
C ASP B 605 -17.13 46.58 7.39
N ASP B 606 -17.18 45.27 7.60
CA ASP B 606 -16.03 44.56 8.14
C ASP B 606 -14.83 44.56 7.21
N ALA B 607 -15.04 44.78 5.91
CA ALA B 607 -13.92 44.88 4.98
C ALA B 607 -13.22 46.22 5.10
N PHE B 608 -13.98 47.30 5.33
CA PHE B 608 -13.35 48.60 5.52
C PHE B 608 -12.50 48.63 6.78
N ARG B 609 -13.00 48.04 7.86
CA ARG B 609 -12.23 48.02 9.10
C ARG B 609 -10.93 47.27 8.92
N GLN B 610 -10.95 46.15 8.19
CA GLN B 610 -9.76 45.32 8.05
C GLN B 610 -8.72 45.98 7.15
N ALA B 611 -9.15 46.87 6.26
CA ALA B 611 -8.20 47.53 5.35
C ALA B 611 -7.27 48.49 6.08
N LEU B 612 -7.66 48.98 7.26
CA LEU B 612 -6.83 49.89 8.03
C LEU B 612 -6.36 49.27 9.34
N SER B 613 -6.60 47.98 9.56
CA SER B 613 -6.15 47.35 10.80
C SER B 613 -4.64 47.47 10.93
N ALA B 614 -3.90 47.20 9.86
CA ALA B 614 -2.48 47.49 9.80
C ALA B 614 -2.30 48.99 9.55
N ASP B 615 -1.09 49.47 9.80
CA ASP B 615 -0.73 50.87 9.58
C ASP B 615 -1.40 51.79 10.59
N TRP B 616 -2.21 51.25 11.49
CA TRP B 616 -2.90 52.02 12.52
C TRP B 616 -3.24 51.14 13.72
N PRO B 617 -2.24 50.77 14.52
CA PRO B 617 -2.53 50.07 15.77
C PRO B 617 -3.23 51.00 16.76
N LEU B 618 -3.90 50.40 17.75
CA LEU B 618 -4.74 51.18 18.65
C LEU B 618 -3.97 52.31 19.30
N VAL B 619 -2.69 52.09 19.60
CA VAL B 619 -1.90 53.12 20.25
C VAL B 619 -1.74 54.34 19.38
N GLN B 620 -1.55 54.15 18.07
CA GLN B 620 -1.38 55.27 17.16
C GLN B 620 -2.67 56.07 16.97
N ARG B 621 -3.81 55.39 16.91
CA ARG B 621 -5.07 56.10 16.75
C ARG B 621 -5.29 57.11 17.88
N LEU B 622 -4.77 56.82 19.06
CA LEU B 622 -5.00 57.69 20.21
C LEU B 622 -4.12 58.93 20.19
N ARG B 623 -3.09 58.97 19.36
CA ARG B 623 -2.18 60.10 19.32
C ARG B 623 -2.55 61.11 18.23
N HIS B 624 -2.90 60.62 17.05
CA HIS B 624 -3.15 61.49 15.89
C HIS B 624 -4.61 61.38 15.47
N PRO B 625 -5.54 61.87 16.28
CA PRO B 625 -6.96 61.70 15.93
C PRO B 625 -7.36 62.38 14.63
N VAL B 626 -6.87 63.59 14.37
CA VAL B 626 -7.37 64.34 13.22
C VAL B 626 -6.92 63.68 11.92
N LEU B 627 -5.65 63.30 11.83
CA LEU B 627 -5.13 62.75 10.59
C LEU B 627 -5.72 61.37 10.31
N TYR B 628 -6.06 60.62 11.36
CA TYR B 628 -6.60 59.28 11.16
C TYR B 628 -7.85 59.29 10.31
N ARG B 629 -8.59 60.40 10.34
CA ARG B 629 -9.86 60.44 9.61
C ARG B 629 -9.66 60.45 8.11
N GLU B 630 -8.54 61.01 7.63
CA GLU B 630 -8.29 61.08 6.19
C GLU B 630 -7.95 59.73 5.60
N ALA B 631 -7.37 58.81 6.38
CA ALA B 631 -7.08 57.49 5.87
C ALA B 631 -8.34 56.76 5.41
N GLN B 632 -9.50 57.16 5.93
CA GLN B 632 -10.76 56.58 5.46
C GLN B 632 -11.29 57.30 4.25
N ARG B 633 -11.17 58.63 4.23
CA ARG B 633 -11.65 59.41 3.10
C ARG B 633 -10.91 59.05 1.83
N ASP B 634 -9.63 58.69 1.94
CA ASP B 634 -8.87 58.31 0.74
C ASP B 634 -9.38 57.00 0.15
N LEU B 635 -9.54 55.98 0.99
CA LEU B 635 -10.06 54.70 0.50
C LEU B 635 -11.47 54.85 -0.04
N SER B 636 -12.31 55.64 0.60
CA SER B 636 -13.66 55.81 0.10
C SER B 636 -13.64 56.41 -1.30
N GLN B 637 -12.83 57.44 -1.52
CA GLN B 637 -12.73 58.03 -2.85
C GLN B 637 -12.24 57.01 -3.86
N LYS B 638 -11.17 56.28 -3.53
CA LYS B 638 -10.62 55.32 -4.47
C LYS B 638 -11.65 54.28 -4.87
N VAL B 639 -12.32 53.69 -3.89
CA VAL B 639 -13.28 52.63 -4.19
C VAL B 639 -14.48 53.19 -4.95
N TYR B 640 -14.97 54.37 -4.56
CA TYR B 640 -16.10 54.94 -5.26
C TYR B 640 -15.77 55.19 -6.73
N GLN B 641 -14.57 55.72 -7.00
CA GLN B 641 -14.17 55.93 -8.38
C GLN B 641 -14.03 54.61 -9.12
N GLN B 642 -13.49 53.59 -8.47
CA GLN B 642 -13.30 52.31 -9.15
C GLN B 642 -14.64 51.68 -9.53
N LEU B 643 -15.65 51.83 -8.68
CA LEU B 643 -16.95 51.22 -8.97
C LEU B 643 -17.71 51.97 -10.05
N ALA B 644 -17.28 53.19 -10.41
CA ALA B 644 -17.94 53.89 -11.51
C ALA B 644 -17.52 53.30 -12.86
N GLU B 645 -16.24 52.97 -13.01
CA GLU B 645 -15.76 52.44 -14.28
C GLU B 645 -16.37 51.08 -14.58
N ASN B 646 -16.31 50.16 -13.62
CA ASN B 646 -16.76 48.79 -13.86
C ASN B 646 -18.25 48.71 -14.14
N HIS B 647 -19.03 49.70 -13.72
CA HIS B 647 -20.45 49.74 -14.04
C HIS B 647 -20.67 50.14 -15.50
N ASP B 648 -20.04 51.24 -15.91
CA ASP B 648 -20.23 51.72 -17.28
C ASP B 648 -19.65 50.75 -18.29
N ARG B 649 -18.59 50.02 -17.93
CA ARG B 649 -18.06 49.03 -18.85
C ARG B 649 -18.96 47.80 -18.91
N PHE B 650 -19.53 47.40 -17.77
CA PHE B 650 -20.44 46.26 -17.78
C PHE B 650 -21.68 46.55 -18.61
N LEU B 651 -22.22 47.77 -18.51
CA LEU B 651 -23.44 48.11 -19.22
C LEU B 651 -23.27 48.13 -20.73
N LYS B 652 -22.03 48.18 -21.25
CA LYS B 652 -21.81 48.25 -22.68
C LYS B 652 -21.10 47.02 -23.21
N GLY B 653 -21.15 45.90 -22.49
CA GLY B 653 -20.65 44.65 -23.01
C GLY B 653 -19.15 44.57 -23.15
N GLN B 654 -18.39 45.39 -22.43
CA GLN B 654 -16.94 45.31 -22.45
C GLN B 654 -16.46 44.40 -21.32
N SER B 655 -15.15 44.43 -21.09
CA SER B 655 -14.54 43.55 -20.10
C SER B 655 -14.00 44.35 -18.91
N ILE B 656 -14.09 43.75 -17.73
CA ILE B 656 -13.57 44.37 -16.52
C ILE B 656 -12.10 43.99 -16.33
N GLN B 657 -11.36 44.90 -15.71
CA GLN B 657 -9.95 44.66 -15.41
C GLN B 657 -9.66 45.12 -13.99
N PRO B 658 -8.76 44.44 -13.29
CA PRO B 658 -8.48 44.79 -11.90
C PRO B 658 -7.52 45.97 -11.79
N SER B 659 -7.40 46.47 -10.56
CA SER B 659 -6.49 47.57 -10.29
C SER B 659 -5.20 47.06 -9.68
N ASN B 660 -4.20 47.94 -9.59
CA ASN B 660 -2.89 47.60 -9.10
C ASN B 660 -2.69 47.90 -7.62
N ASP B 661 -3.71 48.37 -6.93
CA ASP B 661 -3.62 48.59 -5.49
C ASP B 661 -4.29 47.40 -4.80
N PRO B 662 -3.57 46.63 -3.98
CA PRO B 662 -4.17 45.40 -3.42
C PRO B 662 -5.39 45.63 -2.55
N ARG B 663 -5.55 46.79 -1.91
CA ARG B 663 -6.73 47.00 -1.08
C ARG B 663 -8.00 47.15 -1.91
N VAL B 664 -7.90 47.83 -3.05
CA VAL B 664 -9.09 48.09 -3.86
C VAL B 664 -9.69 46.79 -4.38
N ASN B 665 -8.85 45.85 -4.81
CA ASN B 665 -9.37 44.59 -5.32
C ASN B 665 -10.15 43.85 -4.24
N SER B 666 -9.61 43.79 -3.03
CA SER B 666 -10.32 43.12 -1.94
C SER B 666 -11.62 43.85 -1.60
N MET B 667 -11.59 45.18 -1.55
CA MET B 667 -12.81 45.92 -1.22
C MET B 667 -13.89 45.68 -2.27
N VAL B 668 -13.52 45.69 -3.55
CA VAL B 668 -14.51 45.46 -4.60
C VAL B 668 -15.02 44.03 -4.53
N ASP B 669 -14.14 43.06 -4.29
CA ASP B 669 -14.58 41.68 -4.22
C ASP B 669 -15.57 41.47 -3.08
N ALA B 670 -15.29 42.06 -1.91
CA ALA B 670 -16.22 41.93 -0.79
C ALA B 670 -17.56 42.57 -1.12
N PHE B 671 -17.61 43.44 -2.12
CA PHE B 671 -18.84 44.12 -2.49
C PHE B 671 -19.65 43.30 -3.47
N VAL B 672 -19.00 42.70 -4.47
CA VAL B 672 -19.72 41.88 -5.44
C VAL B 672 -20.30 40.65 -4.77
N ASN B 673 -19.49 39.98 -3.94
CA ASN B 673 -19.97 38.78 -3.26
C ASN B 673 -21.02 39.10 -2.20
N SER B 674 -21.07 40.34 -1.71
CA SER B 674 -22.11 40.70 -0.75
C SER B 674 -23.49 40.55 -1.36
N ASN B 675 -23.67 40.95 -2.61
CA ASN B 675 -24.85 40.57 -3.38
C ASN B 675 -26.08 41.41 -3.06
N TRP B 676 -25.91 42.53 -2.35
CA TRP B 676 -27.08 43.32 -1.98
C TRP B 676 -27.57 44.14 -3.16
N ALA B 677 -26.68 44.44 -4.12
CA ALA B 677 -27.05 45.29 -5.24
C ALA B 677 -28.19 44.71 -6.08
N LYS B 678 -28.14 43.42 -6.39
CA LYS B 678 -29.24 42.81 -7.14
C LYS B 678 -30.44 42.58 -6.23
N ASP B 679 -30.21 42.29 -4.96
CA ASP B 679 -31.32 42.07 -4.05
C ASP B 679 -32.21 43.30 -3.95
N GLU B 680 -31.60 44.48 -3.82
CA GLU B 680 -32.40 45.70 -3.69
C GLU B 680 -33.18 45.98 -4.96
N LEU B 681 -32.55 45.83 -6.13
CA LEU B 681 -33.26 46.08 -7.38
C LEU B 681 -34.39 45.09 -7.59
N ALA B 682 -34.22 43.85 -7.11
CA ALA B 682 -35.30 42.88 -7.21
C ALA B 682 -36.43 43.22 -6.25
N ARG B 683 -36.09 43.58 -5.01
CA ARG B 683 -37.12 43.83 -4.01
C ARG B 683 -37.93 45.06 -4.35
N VAL B 684 -37.28 46.15 -4.75
CA VAL B 684 -38.00 47.38 -5.07
C VAL B 684 -38.96 47.20 -6.22
N LYS B 685 -38.64 46.35 -7.20
CA LYS B 685 -39.59 46.05 -8.26
C LYS B 685 -40.79 45.25 -7.76
N GLY B 686 -40.62 44.50 -6.68
CA GLY B 686 -41.75 43.84 -6.07
C GLY B 686 -42.82 44.83 -5.66
N ALA B 687 -44.08 44.51 -5.95
CA ALA B 687 -45.22 45.38 -5.71
C ALA B 687 -45.27 46.57 -6.65
N GLY B 688 -44.32 46.66 -7.59
CA GLY B 688 -44.34 47.72 -8.57
C GLY B 688 -44.42 49.09 -7.95
N ILE B 689 -43.35 49.53 -7.29
CA ILE B 689 -43.36 50.81 -6.58
C ILE B 689 -43.08 51.93 -7.56
N ASN B 690 -44.15 52.44 -8.19
CA ASN B 690 -44.06 53.63 -9.03
C ASN B 690 -42.99 53.44 -10.11
N GLY B 691 -42.38 54.53 -10.57
CA GLY B 691 -41.44 54.45 -11.67
C GLY B 691 -40.11 53.87 -11.27
N ALA B 692 -40.08 52.56 -10.98
CA ALA B 692 -38.85 51.87 -10.62
C ALA B 692 -38.29 51.03 -11.75
N ASP B 693 -39.07 50.74 -12.80
CA ASP B 693 -38.54 49.97 -13.92
C ASP B 693 -37.54 50.77 -14.73
N ALA B 694 -37.54 52.10 -14.60
CA ALA B 694 -36.63 52.94 -15.35
C ALA B 694 -35.18 52.78 -14.92
N VAL B 695 -34.93 52.21 -13.74
CA VAL B 695 -33.56 52.03 -13.28
C VAL B 695 -32.90 50.89 -14.05
N ARG B 696 -31.57 50.92 -14.13
CA ARG B 696 -30.79 49.90 -14.80
C ARG B 696 -29.95 49.16 -13.78
N GLU B 697 -29.67 47.90 -14.07
CA GLU B 697 -29.12 47.00 -13.06
C GLU B 697 -27.72 46.54 -13.43
N SER B 698 -26.90 46.31 -12.41
CA SER B 698 -25.57 45.77 -12.56
C SER B 698 -25.02 45.49 -11.16
N PRO B 699 -24.10 44.54 -11.03
CA PRO B 699 -23.55 44.24 -9.69
C PRO B 699 -22.79 45.40 -9.08
N TYR B 700 -22.33 46.36 -9.88
CA TYR B 700 -21.54 47.49 -9.40
C TYR B 700 -22.35 48.76 -9.25
N TYR B 701 -23.67 48.66 -9.17
CA TYR B 701 -24.51 49.85 -9.13
C TYR B 701 -24.31 50.60 -7.81
N LEU B 702 -24.45 51.92 -7.87
CA LEU B 702 -24.35 52.77 -6.69
C LEU B 702 -25.00 54.11 -7.03
N PRO B 703 -25.91 54.61 -6.22
CA PRO B 703 -26.70 55.79 -6.58
C PRO B 703 -25.82 57.03 -6.67
N ARG B 704 -26.47 58.15 -6.99
CA ARG B 704 -25.77 59.42 -7.18
C ARG B 704 -26.57 60.55 -6.55
N GLN B 705 -25.86 61.43 -5.84
CA GLN B 705 -26.47 62.58 -5.20
C GLN B 705 -25.44 63.70 -5.11
N HIS B 706 -25.95 64.93 -4.96
CA HIS B 706 -25.11 66.05 -4.59
C HIS B 706 -25.05 66.17 -3.07
N SER B 707 -24.05 66.91 -2.59
CA SER B 707 -23.85 67.10 -1.16
C SER B 707 -23.78 68.58 -0.84
N GLY B 708 -24.65 69.03 0.06
CA GLY B 708 -24.64 70.43 0.46
C GLY B 708 -23.49 70.79 1.38
N ASN B 709 -22.88 69.80 2.02
CA ASN B 709 -21.75 70.07 2.91
C ASN B 709 -20.50 70.42 2.12
N LYS B 710 -20.21 69.64 1.07
CA LYS B 710 -19.02 69.90 0.27
C LYS B 710 -19.10 71.25 -0.43
N LEU B 711 -20.31 71.73 -0.71
CA LEU B 711 -20.46 73.04 -1.34
C LEU B 711 -20.10 74.15 -0.35
N ASN B 712 -20.65 74.09 0.85
CA ASN B 712 -20.37 75.11 1.85
C ASN B 712 -18.91 75.11 2.27
N ASP B 713 -18.35 73.93 2.52
CA ASP B 713 -16.96 73.86 2.93
C ASP B 713 -16.03 74.41 1.86
N PHE B 714 -16.32 74.17 0.59
CA PHE B 714 -15.50 74.76 -0.46
C PHE B 714 -15.71 76.27 -0.54
N MET B 715 -16.94 76.74 -0.40
CA MET B 715 -17.18 78.17 -0.47
C MET B 715 -16.65 78.92 0.75
N ARG B 716 -16.28 78.21 1.82
CA ARG B 716 -15.74 78.90 2.99
C ARG B 716 -14.28 79.29 2.79
N ASN B 717 -13.44 78.35 2.37
CA ASN B 717 -12.04 78.67 2.17
C ASN B 717 -11.87 79.71 1.08
N ASN B 718 -12.56 79.53 -0.04
CA ASN B 718 -12.53 80.51 -1.13
C ASN B 718 -13.66 81.50 -0.97
N ARG B 719 -13.33 82.79 -0.96
CA ARG B 719 -14.33 83.84 -0.86
C ARG B 719 -14.41 84.69 -2.13
N GLN B 720 -13.65 84.35 -3.17
CA GLN B 720 -13.79 85.01 -4.45
C GLN B 720 -14.98 84.53 -5.23
N VAL B 721 -15.58 83.45 -4.77
CA VAL B 721 -16.74 82.84 -5.39
C VAL B 721 -17.96 83.18 -4.55
N THR B 722 -19.04 83.61 -5.21
CA THR B 722 -20.25 84.03 -4.52
C THR B 722 -21.43 83.28 -5.10
N LYS B 723 -22.59 83.47 -4.47
CA LYS B 723 -23.82 82.84 -4.96
C LYS B 723 -24.11 83.22 -6.40
N ASP B 724 -23.62 84.38 -6.84
CA ASP B 724 -23.92 84.83 -8.19
C ASP B 724 -23.29 83.91 -9.23
N ASP B 725 -22.31 83.10 -8.83
CA ASP B 725 -21.60 82.25 -9.79
C ASP B 725 -22.16 80.84 -9.84
N ILE B 726 -22.57 80.28 -8.71
CA ILE B 726 -23.10 78.92 -8.71
C ILE B 726 -24.39 78.86 -9.53
N VAL B 727 -25.26 79.86 -9.37
CA VAL B 727 -26.49 79.89 -10.15
C VAL B 727 -26.22 80.03 -11.64
N GLY B 728 -25.29 80.88 -12.03
CA GLY B 728 -24.92 80.99 -13.44
C GLY B 728 -24.35 79.69 -13.95
N MET B 729 -23.59 79.00 -13.09
CA MET B 729 -23.03 77.70 -13.45
C MET B 729 -24.12 76.71 -13.79
N TYR B 730 -25.11 76.56 -12.91
CA TYR B 730 -26.18 75.62 -13.19
C TYR B 730 -27.10 76.09 -14.32
N THR B 731 -27.18 77.40 -14.56
CA THR B 731 -27.97 77.89 -15.67
C THR B 731 -27.43 77.39 -17.01
N GLU B 732 -26.12 77.38 -17.18
CA GLU B 732 -25.54 76.91 -18.44
C GLU B 732 -25.91 75.45 -18.69
N GLN B 733 -25.83 74.61 -17.66
CA GLN B 733 -26.21 73.22 -17.82
C GLN B 733 -27.70 73.09 -18.16
N PHE B 734 -28.56 73.80 -17.42
CA PHE B 734 -29.99 73.64 -17.65
C PHE B 734 -30.39 74.13 -19.04
N SER B 735 -29.80 75.22 -19.50
CA SER B 735 -30.15 75.76 -20.81
C SER B 735 -29.83 74.75 -21.91
N ARG B 736 -28.67 74.11 -21.82
CA ARG B 736 -28.26 73.14 -22.83
C ARG B 736 -29.07 71.86 -22.79
N MET B 737 -29.54 71.45 -21.61
CA MET B 737 -30.18 70.14 -21.44
C MET B 737 -31.55 70.09 -22.11
N PHE B 738 -32.35 71.13 -21.95
CA PHE B 738 -33.71 71.17 -22.49
C PHE B 738 -33.81 71.99 -23.76
N GLN B 739 -32.75 72.12 -24.53
CA GLN B 739 -32.78 72.91 -25.75
C GLN B 739 -33.89 72.43 -26.69
N GLN B 740 -34.05 71.12 -26.83
CA GLN B 740 -34.99 70.58 -27.79
C GLN B 740 -36.43 70.91 -27.45
N ASN B 741 -36.72 71.28 -26.21
CA ASN B 741 -38.07 71.62 -25.77
C ASN B 741 -38.33 73.12 -25.78
N GLY B 742 -37.43 73.92 -26.35
CA GLY B 742 -37.65 75.35 -26.39
C GLY B 742 -37.66 76.01 -25.03
N ILE B 743 -36.74 75.63 -24.16
CA ILE B 743 -36.66 76.21 -22.82
C ILE B 743 -36.30 77.69 -22.94
N THR B 744 -37.16 78.55 -22.45
CA THR B 744 -36.89 79.99 -22.49
C THR B 744 -35.82 80.33 -21.46
N PRO B 745 -35.04 81.39 -21.68
CA PRO B 745 -33.96 81.70 -20.73
C PRO B 745 -34.42 81.95 -19.30
N GLU B 746 -35.61 82.52 -19.10
CA GLU B 746 -36.05 82.83 -17.74
C GLU B 746 -36.21 81.56 -16.91
N THR B 747 -36.79 80.53 -17.51
CA THR B 747 -36.97 79.27 -16.79
C THR B 747 -35.62 78.62 -16.47
N ALA B 748 -34.64 78.80 -17.36
CA ALA B 748 -33.30 78.28 -17.08
C ALA B 748 -32.75 78.88 -15.79
N ARG B 749 -32.83 80.19 -15.64
CA ARG B 749 -32.37 80.84 -14.42
C ARG B 749 -33.21 80.46 -13.21
N LYS B 750 -34.52 80.33 -13.37
CA LYS B 750 -35.34 79.91 -12.23
C LYS B 750 -34.93 78.52 -11.74
N LEU B 751 -34.73 77.58 -12.66
CA LEU B 751 -34.28 76.25 -12.27
C LEU B 751 -32.89 76.29 -11.65
N GLY B 752 -31.99 77.09 -12.21
CA GLY B 752 -30.68 77.23 -11.60
C GLY B 752 -30.75 77.74 -10.18
N ALA B 753 -31.65 78.68 -9.90
CA ALA B 753 -31.78 79.22 -8.55
C ALA B 753 -32.50 78.27 -7.61
N LYS B 754 -33.37 77.39 -8.11
CA LYS B 754 -34.05 76.42 -7.27
C LYS B 754 -33.26 75.12 -7.09
N MET B 755 -32.08 75.01 -7.71
CA MET B 755 -31.16 73.91 -7.40
C MET B 755 -30.22 74.30 -6.28
N PHE B 756 -30.18 75.58 -5.92
CA PHE B 756 -29.36 76.07 -4.82
C PHE B 756 -30.19 76.23 -3.55
N ASP B 757 -31.43 76.70 -3.66
CA ASP B 757 -32.27 76.87 -2.48
C ASP B 757 -32.59 75.53 -1.84
N ASN B 758 -32.87 74.51 -2.65
CA ASN B 758 -33.17 73.20 -2.08
C ASN B 758 -31.94 72.35 -1.88
N MET B 759 -30.73 72.89 -2.13
CA MET B 759 -29.50 72.24 -1.74
C MET B 759 -29.03 72.66 -0.37
N GLN B 760 -29.25 73.92 0.02
CA GLN B 760 -28.97 74.33 1.39
C GLN B 760 -29.88 73.61 2.37
N ASP B 761 -31.14 73.40 2.00
CA ASP B 761 -32.06 72.70 2.87
C ASP B 761 -31.62 71.27 3.14
N GLN B 762 -30.81 70.69 2.25
CA GLN B 762 -30.35 69.32 2.44
C GLN B 762 -29.24 69.25 3.49
N ALA B 763 -28.43 70.30 3.60
CA ALA B 763 -27.36 70.30 4.59
C ALA B 763 -27.89 70.59 5.99
N ALA B 764 -28.95 71.38 6.11
CA ALA B 764 -29.49 71.75 7.40
C ALA B 764 -30.52 70.76 7.93
N HIS B 765 -30.86 69.73 7.16
CA HIS B 765 -31.83 68.71 7.58
C HIS B 765 -33.17 69.36 7.92
N VAL B 766 -33.78 69.96 6.91
CA VAL B 766 -35.09 70.61 7.07
C VAL B 766 -36.05 70.09 6.01
N GLN B 767 -35.70 68.99 5.35
CA GLN B 767 -36.54 68.43 4.31
C GLN B 767 -37.56 67.47 4.89
N GLY B 768 -38.60 67.19 4.10
CA GLY B 768 -39.61 66.23 4.47
C GLY B 768 -40.42 65.84 3.25
N TYR B 769 -41.29 64.85 3.41
CA TYR B 769 -42.09 64.39 2.30
C TYR B 769 -43.12 65.48 1.95
N ARG B 770 -43.98 65.16 0.98
CA ARG B 770 -44.84 66.12 0.30
C ARG B 770 -44.06 66.96 -0.69
N GLN B 771 -42.80 66.64 -0.92
CA GLN B 771 -42.00 67.32 -1.94
C GLN B 771 -41.32 66.30 -2.86
N SER B 772 -41.58 65.01 -2.65
CA SER B 772 -40.99 63.97 -3.50
C SER B 772 -42.05 62.93 -3.83
N ILE B 773 -43.27 63.39 -4.15
CA ILE B 773 -44.38 62.48 -4.43
C ILE B 773 -44.45 62.09 -5.90
N ALA B 774 -43.75 62.79 -6.79
CA ALA B 774 -43.80 62.46 -8.20
C ALA B 774 -43.23 61.06 -8.46
N GLY B 775 -42.03 60.81 -7.96
CA GLY B 775 -41.38 59.53 -8.18
C GLY B 775 -40.69 59.02 -6.93
N MET B 776 -39.41 58.70 -7.05
CA MET B 776 -38.60 58.31 -5.90
C MET B 776 -37.78 59.52 -5.47
N SER B 777 -37.20 59.43 -4.27
CA SER B 777 -36.54 60.56 -3.65
C SER B 777 -35.03 60.55 -3.85
N TYR B 778 -34.52 60.03 -4.97
CA TYR B 778 -33.08 59.94 -5.16
C TYR B 778 -32.63 60.50 -6.51
N ASP B 779 -33.48 61.27 -7.18
CA ASP B 779 -33.13 61.91 -8.45
C ASP B 779 -33.07 63.42 -8.25
N ASP B 780 -31.96 64.02 -8.64
CA ASP B 780 -31.74 65.45 -8.38
C ASP B 780 -32.45 66.35 -9.37
N ILE B 781 -32.91 65.83 -10.50
CA ILE B 781 -33.61 66.67 -11.47
C ILE B 781 -35.11 66.63 -11.22
N GLU B 782 -35.64 65.45 -10.88
CA GLU B 782 -37.06 65.34 -10.56
C GLU B 782 -37.40 66.21 -9.36
N ASN B 783 -36.56 66.18 -8.33
CA ASN B 783 -36.79 66.97 -7.14
C ASN B 783 -36.66 68.45 -7.38
N THR B 784 -36.09 68.85 -8.51
CA THR B 784 -36.02 70.27 -8.88
C THR B 784 -37.16 70.70 -9.77
N LEU B 785 -37.58 69.88 -10.71
CA LEU B 785 -38.74 70.21 -11.54
C LEU B 785 -40.04 70.10 -10.77
N GLU B 786 -40.17 69.13 -9.88
CA GLU B 786 -41.40 69.00 -9.10
C GLU B 786 -41.66 70.26 -8.28
N ALA B 787 -40.61 70.95 -7.85
CA ALA B 787 -40.76 72.16 -7.07
C ALA B 787 -41.08 73.37 -7.91
N LEU B 788 -41.17 73.23 -9.23
CA LEU B 788 -41.47 74.35 -10.11
C LEU B 788 -40.42 75.45 -9.96
N GLU B 820 -27.54 63.50 -16.58
CA GLU B 820 -27.84 64.56 -17.52
C GLU B 820 -26.79 65.67 -17.45
N PHE B 821 -26.34 65.98 -16.23
CA PHE B 821 -25.28 66.96 -16.07
C PHE B 821 -23.99 66.44 -16.69
N ASP B 822 -23.22 67.35 -17.29
CA ASP B 822 -21.96 66.94 -17.90
C ASP B 822 -20.95 66.45 -16.87
N MET B 823 -20.83 67.16 -15.75
CA MET B 823 -19.95 66.74 -14.65
C MET B 823 -18.48 66.94 -14.98
N THR B 824 -18.16 67.41 -16.18
CA THR B 824 -16.78 67.70 -16.52
C THR B 824 -16.62 69.05 -17.21
N ALA B 825 -17.65 69.56 -17.86
CA ALA B 825 -17.56 70.85 -18.52
C ALA B 825 -17.11 71.92 -17.53
N GLN B 826 -16.17 72.74 -17.96
CA GLN B 826 -15.50 73.68 -17.07
C GLN B 826 -16.09 75.08 -17.26
N TYR B 827 -16.53 75.67 -16.16
CA TYR B 827 -17.04 77.03 -16.11
C TYR B 827 -15.97 77.97 -15.57
N THR B 828 -16.10 79.25 -15.91
CA THR B 828 -15.12 80.26 -15.53
C THR B 828 -15.81 81.36 -14.73
N THR B 829 -15.28 81.65 -13.54
CA THR B 829 -15.88 82.62 -12.66
C THR B 829 -15.40 84.03 -13.02
N LYS B 830 -15.86 85.02 -12.24
CA LYS B 830 -15.49 86.41 -12.47
C LYS B 830 -14.00 86.61 -12.27
N SER B 831 -13.44 85.98 -11.24
CA SER B 831 -12.04 86.18 -10.87
C SER B 831 -11.08 85.38 -11.73
N GLY B 832 -11.58 84.61 -12.69
CA GLY B 832 -10.74 83.77 -13.51
C GLY B 832 -10.56 82.35 -13.00
N ASP B 833 -10.99 82.06 -11.78
CA ASP B 833 -10.94 80.70 -11.28
C ASP B 833 -11.95 79.84 -12.02
N MET B 834 -11.53 78.63 -12.36
CA MET B 834 -12.36 77.69 -13.10
C MET B 834 -13.06 76.75 -12.12
N ILE B 835 -14.26 76.31 -12.51
CA ILE B 835 -15.14 75.58 -11.61
C ILE B 835 -15.94 74.58 -12.43
N SER B 836 -16.29 73.45 -11.80
CA SER B 836 -17.03 72.39 -12.46
C SER B 836 -17.91 71.71 -11.43
N PRO B 837 -19.01 71.08 -11.85
CA PRO B 837 -19.94 70.48 -10.88
C PRO B 837 -19.45 69.17 -10.28
N SER B 838 -18.33 68.63 -10.74
CA SER B 838 -17.83 67.37 -10.19
C SER B 838 -17.33 67.55 -8.77
N MET B 839 -16.96 68.77 -8.40
CA MET B 839 -16.34 68.98 -7.09
C MET B 839 -17.34 68.80 -5.95
N PHE B 840 -18.64 68.81 -6.24
CA PHE B 840 -19.66 68.80 -5.21
C PHE B 840 -20.43 67.48 -5.14
N VAL B 841 -19.89 66.41 -5.70
CA VAL B 841 -20.58 65.12 -5.64
C VAL B 841 -20.22 64.40 -4.35
N ASN B 842 -21.13 63.56 -3.88
CA ASN B 842 -20.87 62.77 -2.68
C ASN B 842 -19.91 61.64 -3.00
N ASN B 843 -19.08 61.28 -2.00
CA ASN B 843 -18.01 60.33 -2.22
C ASN B 843 -18.04 59.11 -1.32
N ASP B 844 -18.40 59.25 -0.05
CA ASP B 844 -18.33 58.12 0.87
C ASP B 844 -19.27 57.01 0.41
N VAL B 845 -18.94 55.79 0.81
CA VAL B 845 -19.69 54.61 0.39
C VAL B 845 -20.73 54.27 1.44
N MET B 846 -20.28 53.94 2.66
CA MET B 846 -21.19 53.47 3.68
C MET B 846 -22.30 54.49 3.94
N GLY B 847 -21.96 55.75 4.13
CA GLY B 847 -22.97 56.78 4.31
C GLY B 847 -23.87 56.96 3.10
N LEU B 848 -23.53 56.34 1.98
CA LEU B 848 -24.37 56.33 0.80
C LEU B 848 -25.15 55.04 0.64
N MET B 849 -24.71 53.96 1.30
CA MET B 849 -25.46 52.72 1.28
C MET B 849 -26.57 52.73 2.31
N GLU B 850 -26.26 53.15 3.54
CA GLU B 850 -27.28 53.13 4.60
C GLU B 850 -28.45 54.05 4.26
N GLY B 851 -28.17 55.23 3.74
CA GLY B 851 -29.24 56.16 3.39
C GLY B 851 -30.19 55.58 2.37
N TYR B 852 -29.65 54.94 1.33
CA TYR B 852 -30.50 54.33 0.32
C TYR B 852 -31.32 53.19 0.90
N SER B 853 -30.67 52.30 1.64
CA SER B 853 -31.38 51.12 2.15
C SER B 853 -32.49 51.52 3.10
N ARG B 854 -32.24 52.48 3.99
CA ARG B 854 -33.25 52.83 4.98
C ARG B 854 -34.51 53.37 4.33
N ARG B 855 -34.38 54.22 3.31
CA ARG B 855 -35.55 54.80 2.68
C ARG B 855 -36.26 53.81 1.78
N MET B 856 -35.51 52.95 1.08
CA MET B 856 -36.19 51.96 0.25
C MET B 856 -36.91 50.92 1.09
N SER B 857 -36.38 50.56 2.25
CA SER B 857 -37.13 49.67 3.14
C SER B 857 -38.44 50.31 3.55
N GLY B 858 -38.41 51.59 3.90
CA GLY B 858 -39.63 52.29 4.27
C GLY B 858 -40.63 52.39 3.16
N ARG B 859 -40.18 52.59 1.92
CA ARG B 859 -41.12 52.60 0.80
C ARG B 859 -41.68 51.22 0.50
N VAL B 860 -40.86 50.16 0.57
CA VAL B 860 -41.38 48.83 0.33
C VAL B 860 -42.39 48.43 1.39
N GLY B 861 -42.12 48.75 2.66
CA GLY B 861 -43.07 48.40 3.71
C GLY B 861 -44.40 49.10 3.54
N LEU B 862 -44.36 50.36 3.09
CA LEU B 862 -45.61 51.12 2.95
C LEU B 862 -46.44 50.60 1.79
N ALA B 863 -45.79 50.12 0.73
CA ALA B 863 -46.53 49.61 -0.42
C ALA B 863 -47.35 48.39 -0.05
N LYS B 864 -46.76 47.47 0.71
CA LYS B 864 -47.45 46.21 1.01
C LYS B 864 -48.67 46.43 1.88
N ALA B 865 -48.77 47.59 2.53
CA ALA B 865 -49.94 47.89 3.36
C ALA B 865 -51.12 48.39 2.56
N GLY B 866 -50.92 48.79 1.31
CA GLY B 866 -52.02 49.20 0.46
C GLY B 866 -51.86 50.54 -0.22
N PHE B 867 -50.67 51.15 -0.14
CA PHE B 867 -50.39 52.44 -0.75
C PHE B 867 -49.13 52.33 -1.61
N PRO B 868 -49.22 51.70 -2.79
CA PRO B 868 -48.06 51.64 -3.68
C PRO B 868 -47.62 53.01 -4.18
N ASP B 869 -48.47 54.02 -4.14
CA ASP B 869 -48.11 55.38 -4.55
C ASP B 869 -48.58 56.36 -3.48
N LEU B 870 -47.73 57.33 -3.17
CA LEU B 870 -47.99 58.25 -2.07
C LEU B 870 -49.07 59.27 -2.39
N ARG B 871 -49.45 59.42 -3.66
CA ARG B 871 -50.39 60.46 -4.02
C ARG B 871 -51.72 60.28 -3.31
N ASP B 872 -52.22 59.05 -3.24
CA ASP B 872 -53.42 58.77 -2.47
C ASP B 872 -53.15 58.64 -0.99
N ALA B 873 -51.90 58.35 -0.61
CA ALA B 873 -51.55 58.32 0.81
C ALA B 873 -51.73 59.68 1.45
N VAL B 874 -51.34 60.75 0.74
CA VAL B 874 -51.57 62.09 1.26
C VAL B 874 -53.07 62.35 1.39
N LYS B 875 -53.83 62.03 0.35
CA LYS B 875 -55.26 62.32 0.36
C LYS B 875 -55.96 61.61 1.51
N ALA B 876 -55.63 60.34 1.73
CA ALA B 876 -56.23 59.59 2.83
C ALA B 876 -55.94 60.21 4.18
N ILE B 877 -54.87 60.99 4.32
CA ILE B 877 -54.60 61.68 5.57
C ILE B 877 -55.37 62.99 5.64
N ASP B 878 -55.39 63.75 4.54
CA ASP B 878 -56.12 65.02 4.56
C ASP B 878 -57.59 64.79 4.86
N GLU B 879 -58.15 63.68 4.38
CA GLU B 879 -59.56 63.39 4.63
C GLU B 879 -59.81 62.90 6.05
N ALA B 880 -58.89 62.12 6.63
CA ALA B 880 -59.10 61.61 7.97
C ALA B 880 -59.02 62.71 9.02
N ALA B 881 -58.13 63.69 8.82
CA ALA B 881 -57.95 64.74 9.81
C ALA B 881 -59.19 65.62 9.95
N ALA B 882 -59.97 65.79 8.90
CA ALA B 882 -61.13 66.67 8.96
C ALA B 882 -62.34 65.95 9.56
N GLU B 883 -62.14 65.30 10.69
CA GLU B 883 -63.25 64.71 11.44
C GLU B 883 -63.16 65.04 12.91
N ALA B 884 -61.94 65.26 13.40
CA ALA B 884 -61.76 65.52 14.82
C ALA B 884 -62.14 66.95 15.16
N GLN B 885 -62.33 67.21 16.45
CA GLN B 885 -62.70 68.55 16.90
C GLN B 885 -61.61 69.57 16.65
N ASP B 886 -60.35 69.12 16.55
CA ASP B 886 -59.22 70.02 16.28
C ASP B 886 -58.39 69.50 15.12
N PRO B 887 -58.80 69.76 13.88
CA PRO B 887 -58.09 69.17 12.73
C PRO B 887 -56.62 69.53 12.67
N ALA B 888 -56.22 70.68 13.21
CA ALA B 888 -54.82 71.10 13.10
C ALA B 888 -53.88 70.10 13.77
N ALA B 889 -54.23 69.63 14.97
CA ALA B 889 -53.33 68.72 15.68
C ALA B 889 -53.21 67.36 15.00
N ALA B 890 -54.35 66.82 14.54
CA ALA B 890 -54.32 65.49 13.94
C ALA B 890 -53.44 65.44 12.71
N LEU B 891 -53.54 66.47 11.85
CA LEU B 891 -52.72 66.51 10.65
C LEU B 891 -51.24 66.54 11.01
N HIS B 892 -50.89 67.35 12.02
CA HIS B 892 -49.49 67.41 12.46
C HIS B 892 -49.02 66.06 12.96
N ALA B 893 -49.84 65.38 13.76
CA ALA B 893 -49.44 64.08 14.29
C ALA B 893 -49.20 63.09 13.16
N PHE B 894 -50.11 63.03 12.19
CA PHE B 894 -49.95 62.08 11.10
C PHE B 894 -48.73 62.41 10.24
N ASP B 895 -48.50 63.71 9.99
CA ASP B 895 -47.31 64.10 9.24
C ASP B 895 -46.04 63.66 9.96
N ASN B 896 -45.98 63.89 11.28
CA ASN B 896 -44.80 63.48 12.03
C ASN B 896 -44.61 61.97 11.98
N THR B 897 -45.71 61.21 12.08
CA THR B 897 -45.57 59.75 12.01
C THR B 897 -45.05 59.31 10.65
N MET B 898 -45.59 59.89 9.57
CA MET B 898 -45.15 59.49 8.24
C MET B 898 -43.69 59.84 8.02
N ASN B 899 -43.26 61.01 8.47
CA ASN B 899 -41.85 61.36 8.34
C ASN B 899 -40.97 60.34 9.05
N GLN B 900 -41.36 59.92 10.26
CA GLN B 900 -40.59 58.91 10.97
C GLN B 900 -40.55 57.60 10.20
N ILE B 901 -41.68 57.16 9.65
CA ILE B 901 -41.70 55.88 8.94
C ILE B 901 -40.78 55.93 7.72
N LEU B 902 -40.88 57.00 6.93
CA LEU B 902 -40.08 57.07 5.72
C LEU B 902 -38.61 57.37 5.98
N GLY B 903 -38.24 57.69 7.23
CA GLY B 903 -36.85 57.96 7.54
C GLY B 903 -36.40 59.36 7.17
N TYR B 904 -37.00 60.36 7.79
CA TYR B 904 -36.64 61.76 7.63
C TYR B 904 -36.35 62.38 8.98
N PRO B 905 -35.56 63.44 9.03
CA PRO B 905 -35.21 64.07 10.31
C PRO B 905 -36.36 64.92 10.84
N THR B 906 -36.92 64.52 11.98
CA THR B 906 -38.01 65.25 12.60
C THR B 906 -37.54 66.31 13.58
N GLY B 907 -36.25 66.34 13.91
CA GLY B 907 -35.71 67.34 14.80
C GLY B 907 -35.70 66.96 16.27
N GLU B 908 -36.34 65.87 16.65
CA GLU B 908 -36.33 65.42 18.04
C GLU B 908 -35.31 64.31 18.23
N ASP B 909 -34.91 64.12 19.49
CA ASP B 909 -33.92 63.11 19.86
C ASP B 909 -34.65 61.89 20.39
N VAL B 910 -35.02 60.99 19.48
CA VAL B 910 -35.71 59.75 19.85
C VAL B 910 -35.16 58.60 19.03
N PRO B 911 -35.25 57.38 19.56
CA PRO B 911 -34.79 56.23 18.81
C PRO B 911 -35.67 55.94 17.61
N ASP B 912 -35.11 55.22 16.65
CA ASP B 912 -35.82 54.92 15.41
C ASP B 912 -37.13 54.20 15.69
N ILE B 913 -38.18 54.57 14.96
CA ILE B 913 -39.51 54.03 15.22
C ILE B 913 -39.54 52.52 15.06
N LEU B 914 -38.69 51.98 14.19
CA LEU B 914 -38.71 50.54 13.93
C LEU B 914 -38.20 49.73 15.12
N ARG B 915 -37.64 50.37 16.13
CA ARG B 915 -37.00 49.66 17.22
C ARG B 915 -37.95 49.23 18.33
N SER B 916 -39.24 49.58 18.24
CA SER B 916 -40.20 49.25 19.29
C SER B 916 -41.46 48.67 18.65
N ALA B 917 -42.16 47.84 19.41
CA ALA B 917 -43.32 47.11 18.91
C ALA B 917 -44.58 47.62 19.60
N SER B 918 -45.72 47.25 19.02
CA SER B 918 -47.04 47.72 19.45
C SER B 918 -48.01 46.55 19.55
N ILE B 919 -47.59 45.49 20.24
CA ILE B 919 -48.37 44.26 20.32
C ILE B 919 -49.72 44.55 20.96
N ILE B 920 -50.79 44.13 20.30
CA ILE B 920 -52.14 44.20 20.84
C ILE B 920 -52.83 42.87 20.59
N GLY B 921 -53.47 42.34 21.63
CA GLY B 921 -54.11 41.05 21.50
C GLY B 921 -54.86 40.67 22.77
N GLY B 922 -54.89 39.37 23.03
CA GLY B 922 -55.67 38.82 24.13
C GLY B 922 -55.16 39.21 25.49
N ALA B 923 -55.99 39.91 26.26
CA ALA B 923 -55.59 40.31 27.60
C ALA B 923 -55.61 39.14 28.57
N LEU B 924 -56.64 38.29 28.48
CA LEU B 924 -56.81 37.24 29.48
C LEU B 924 -55.64 36.26 29.45
N ASN B 925 -55.28 35.76 28.27
CA ASN B 925 -54.24 34.74 28.19
C ASN B 925 -52.90 35.27 28.70
N LEU B 926 -52.59 36.53 28.42
CA LEU B 926 -51.33 37.09 28.91
C LEU B 926 -51.28 37.12 30.43
N ALA B 927 -52.39 37.46 31.07
CA ALA B 927 -52.40 37.61 32.52
C ALA B 927 -52.04 36.30 33.21
N ASN B 928 -52.57 35.18 32.72
CA ASN B 928 -52.31 33.89 33.35
C ASN B 928 -50.98 33.28 32.94
N SER B 929 -50.24 33.93 32.03
CA SER B 929 -48.92 33.43 31.67
C SER B 929 -47.88 33.74 32.73
N GLY B 930 -48.03 34.87 33.44
CA GLY B 930 -47.09 35.25 34.46
C GLY B 930 -46.14 36.37 34.08
N ILE B 931 -46.36 37.03 32.94
CA ILE B 931 -45.46 38.09 32.51
C ILE B 931 -45.57 39.31 33.42
N TYR B 932 -46.76 39.56 33.98
CA TYR B 932 -46.95 40.75 34.80
C TYR B 932 -46.03 40.72 36.02
N GLN B 933 -45.90 39.56 36.66
CA GLN B 933 -45.03 39.47 37.83
C GLN B 933 -43.58 39.78 37.50
N LEU B 934 -43.08 39.32 36.35
CA LEU B 934 -41.71 39.61 35.94
C LEU B 934 -41.53 41.04 35.49
N ALA B 935 -42.56 41.66 34.91
CA ALA B 935 -42.47 43.06 34.55
C ALA B 935 -42.46 43.94 35.79
N ASP B 936 -43.21 43.56 36.82
CA ASP B 936 -43.27 44.35 38.04
C ASP B 936 -41.91 44.40 38.72
N MET B 937 -41.21 43.27 38.76
CA MET B 937 -39.91 43.23 39.44
C MET B 937 -38.93 44.19 38.78
N SER B 938 -38.78 44.11 37.46
CA SER B 938 -37.81 44.94 36.77
C SER B 938 -38.15 46.42 36.90
N LEU B 939 -39.38 46.73 37.29
CA LEU B 939 -39.79 48.12 37.40
C LEU B 939 -39.50 48.70 38.79
N MET B 940 -39.31 47.85 39.80
CA MET B 940 -38.97 48.36 41.12
C MET B 940 -37.50 48.80 41.19
N LEU B 941 -36.62 48.07 40.51
CA LEU B 941 -35.20 48.39 40.60
C LEU B 941 -34.87 49.77 40.06
N GLN B 942 -35.76 50.38 39.28
CA GLN B 942 -35.55 51.77 38.90
C GLN B 942 -35.52 52.67 40.13
N GLN B 943 -36.42 52.42 41.08
CA GLN B 943 -36.40 53.20 42.32
C GLN B 943 -35.01 53.21 42.94
N PHE B 944 -34.35 52.05 42.97
CA PHE B 944 -33.05 51.94 43.60
C PHE B 944 -32.03 52.83 42.91
N GLY B 945 -31.90 52.71 41.58
CA GLY B 945 -30.91 53.49 40.87
C GLY B 945 -31.15 54.99 40.96
N ILE B 946 -32.41 55.40 40.80
CA ILE B 946 -32.72 56.82 40.82
C ILE B 946 -32.54 57.39 42.22
N THR B 947 -32.93 56.65 43.24
CA THR B 947 -32.68 57.11 44.60
C THR B 947 -31.19 57.29 44.85
N LYS B 948 -30.37 56.32 44.43
CA LYS B 948 -28.94 56.46 44.62
C LYS B 948 -28.38 57.64 43.86
N THR B 949 -28.88 57.89 42.64
CA THR B 949 -28.40 59.02 41.86
C THR B 949 -28.76 60.34 42.54
N LEU B 950 -29.99 60.45 43.05
CA LEU B 950 -30.37 61.67 43.75
C LEU B 950 -29.52 61.87 45.00
N LYS B 951 -29.25 60.80 45.75
CA LYS B 951 -28.38 60.93 46.91
C LYS B 951 -26.98 61.37 46.51
N ALA B 952 -26.44 60.82 45.42
CA ALA B 952 -25.12 61.21 44.96
C ALA B 952 -25.08 62.68 44.57
N PHE B 953 -26.12 63.18 43.90
CA PHE B 953 -26.18 64.62 43.65
C PHE B 953 -26.27 65.41 44.94
N GLY B 954 -27.01 64.90 45.93
CA GLY B 954 -27.14 65.63 47.19
C GLY B 954 -25.85 65.67 47.98
N SER B 955 -24.96 64.71 47.76
CA SER B 955 -23.73 64.63 48.54
C SER B 955 -22.67 65.62 48.05
N THR B 956 -22.28 65.53 46.78
CA THR B 956 -21.18 66.33 46.26
C THR B 956 -21.53 67.81 46.25
N ALA B 957 -20.51 68.66 46.35
CA ALA B 957 -20.73 70.10 46.23
C ALA B 957 -21.23 70.47 44.85
N PHE B 958 -20.64 69.88 43.80
CA PHE B 958 -21.10 70.13 42.44
C PHE B 958 -22.53 69.66 42.23
N GLY B 959 -22.95 68.61 42.92
CA GLY B 959 -24.34 68.18 42.80
C GLY B 959 -25.31 69.22 43.29
N ARG B 960 -24.98 69.89 44.41
CA ARG B 960 -25.74 71.07 44.79
C ARG B 960 -25.48 72.18 43.78
N ASN B 961 -26.48 73.04 43.63
CA ASN B 961 -26.51 74.11 42.64
C ASN B 961 -26.71 73.58 41.23
N ALA B 962 -26.48 72.27 41.03
CA ALA B 962 -26.76 71.66 39.74
C ALA B 962 -28.13 71.01 39.76
N MET B 963 -28.46 70.35 40.87
CA MET B 963 -29.84 69.99 41.12
C MET B 963 -30.70 71.18 41.48
N ASP B 964 -30.09 72.36 41.69
CA ASP B 964 -30.82 73.57 42.04
C ASP B 964 -31.09 74.48 40.86
N VAL B 965 -30.16 74.62 39.91
CA VAL B 965 -30.50 75.39 38.72
C VAL B 965 -31.70 74.77 38.01
N ALA B 966 -31.84 73.44 38.09
CA ALA B 966 -32.93 72.76 37.41
C ALA B 966 -34.30 73.12 37.95
N LYS B 967 -34.41 73.60 39.19
CA LYS B 967 -35.69 74.05 39.70
C LYS B 967 -36.04 75.46 39.27
N SER B 968 -35.04 76.35 39.19
CA SER B 968 -35.31 77.74 38.90
C SER B 968 -36.00 77.89 37.55
N ALA B 969 -37.07 78.69 37.53
CA ALA B 969 -37.76 78.97 36.28
C ALA B 969 -36.93 79.87 35.38
N GLU B 970 -35.90 80.50 35.94
CA GLU B 970 -35.09 81.43 35.15
C GLU B 970 -34.12 80.70 34.24
N PHE B 971 -33.73 79.46 34.60
CA PHE B 971 -32.71 78.74 33.85
C PHE B 971 -33.06 77.30 33.54
N GLY B 972 -33.98 76.66 34.26
CA GLY B 972 -34.25 75.25 34.03
C GLY B 972 -34.66 74.95 32.61
N SER B 973 -35.48 75.84 32.02
CA SER B 973 -35.95 75.62 30.66
C SER B 973 -34.79 75.51 29.68
N ARG B 974 -33.79 76.38 29.83
CA ARG B 974 -32.66 76.37 28.92
C ARG B 974 -31.77 75.16 29.13
N LEU B 975 -31.57 74.73 30.38
CA LEU B 975 -30.81 73.52 30.63
C LEU B 975 -31.49 72.31 30.03
N GLN B 976 -32.82 72.22 30.14
CA GLN B 976 -33.53 71.11 29.52
C GLN B 976 -33.28 71.08 28.02
N ASP B 977 -33.36 72.24 27.37
CA ASP B 977 -33.11 72.30 25.93
C ASP B 977 -31.68 71.89 25.60
N VAL B 978 -30.71 72.29 26.43
CA VAL B 978 -29.34 71.88 26.18
C VAL B 978 -29.16 70.38 26.32
N ILE B 979 -29.83 69.75 27.28
CA ILE B 979 -29.71 68.30 27.44
C ILE B 979 -30.39 67.57 26.28
N GLU B 980 -31.54 68.05 25.86
CA GLU B 980 -32.35 67.37 24.85
C GLU B 980 -31.87 67.58 23.43
N ALA B 981 -30.93 68.50 23.21
CA ALA B 981 -30.40 68.78 21.87
C ALA B 981 -31.51 69.19 20.91
N ARG B 982 -32.35 70.15 21.30
CA ARG B 982 -33.48 70.52 20.45
C ARG B 982 -33.12 71.66 19.50
N HIS B 983 -32.07 72.40 19.81
CA HIS B 983 -31.62 73.49 18.94
C HIS B 983 -30.49 73.08 18.01
N VAL B 984 -30.02 71.83 18.06
CA VAL B 984 -28.80 71.45 17.38
C VAL B 984 -29.05 70.43 16.28
N LEU B 985 -30.06 69.57 16.47
CA LEU B 985 -30.23 68.46 15.54
C LEU B 985 -30.69 68.92 14.16
N SER B 986 -31.41 70.03 14.07
CA SER B 986 -31.85 70.54 12.78
C SER B 986 -32.04 72.05 12.90
N GLY B 987 -31.98 72.72 11.76
CA GLY B 987 -32.16 74.15 11.71
C GLY B 987 -30.89 74.93 11.46
N LYS B 988 -30.78 76.10 12.09
CA LYS B 988 -29.68 77.01 11.81
C LYS B 988 -28.33 76.44 12.18
N TYR B 989 -28.23 75.82 13.36
CA TYR B 989 -26.96 75.57 14.00
C TYR B 989 -26.37 74.19 13.71
N ARG B 990 -26.97 73.41 12.81
CA ARG B 990 -26.47 72.06 12.60
C ARG B 990 -25.08 72.03 11.99
N SER B 991 -24.59 73.16 11.48
CA SER B 991 -23.24 73.18 10.93
C SER B 991 -22.21 72.81 11.98
N VAL B 992 -22.41 73.30 13.22
CA VAL B 992 -21.46 73.01 14.28
C VAL B 992 -21.42 71.51 14.57
N LEU B 993 -22.59 70.89 14.70
CA LEU B 993 -22.64 69.47 14.98
C LEU B 993 -22.05 68.66 13.84
N THR B 994 -22.32 69.04 12.60
CA THR B 994 -21.70 68.35 11.48
C THR B 994 -20.19 68.47 11.50
N HIS B 995 -19.66 69.66 11.81
CA HIS B 995 -18.21 69.84 11.83
C HIS B 995 -17.56 69.02 12.93
N LEU B 996 -18.18 68.98 14.11
CA LEU B 996 -17.58 68.22 15.21
C LEU B 996 -17.75 66.72 15.03
N GLU B 997 -18.83 66.30 14.38
CA GLU B 997 -19.20 64.87 14.40
C GLU B 997 -18.21 64.04 13.58
N ASP B 998 -17.89 64.49 12.38
CA ASP B 998 -17.14 63.69 11.40
C ASP B 998 -15.81 64.34 11.06
N ASN B 999 -15.19 64.96 12.06
CA ASN B 999 -13.88 65.58 11.88
C ASN B 999 -12.98 65.40 13.09
N ARG B 1000 -13.30 64.44 13.96
CA ARG B 1000 -12.51 64.18 15.16
C ARG B 1000 -12.72 62.73 15.56
N ASP B 1001 -11.85 62.24 16.45
CA ASP B 1001 -11.83 60.83 16.79
C ASP B 1001 -11.83 60.67 18.31
N ILE B 1002 -11.87 59.42 18.76
CA ILE B 1002 -11.97 59.13 20.18
C ILE B 1002 -10.78 59.68 20.95
N GLY B 1003 -9.64 59.84 20.27
CA GLY B 1003 -8.47 60.38 20.93
C GLY B 1003 -8.65 61.78 21.44
N SER B 1004 -9.69 62.48 21.00
CA SER B 1004 -9.89 63.87 21.40
C SER B 1004 -10.62 64.02 22.73
N LEU B 1005 -11.05 62.91 23.33
CA LEU B 1005 -11.79 63.00 24.59
C LEU B 1005 -10.90 63.31 25.78
N GLY B 1006 -9.64 62.89 25.75
CA GLY B 1006 -8.78 63.06 26.90
C GLY B 1006 -8.98 61.96 27.92
N VAL B 1007 -10.24 61.68 28.25
CA VAL B 1007 -10.54 60.56 29.15
C VAL B 1007 -10.13 59.24 28.53
N ALA B 1008 -9.98 59.18 27.21
CA ALA B 1008 -9.53 57.95 26.57
C ALA B 1008 -8.12 57.59 27.02
N HIS B 1009 -7.24 58.58 27.11
CA HIS B 1009 -5.86 58.29 27.52
C HIS B 1009 -5.81 57.80 28.96
N ARG B 1010 -6.64 58.39 29.83
CA ARG B 1010 -6.55 58.14 31.27
C ARG B 1010 -6.99 56.73 31.66
N TYR B 1011 -7.58 55.95 30.77
CA TYR B 1011 -8.13 54.66 31.15
C TYR B 1011 -7.81 53.53 30.18
N VAL B 1012 -6.91 53.74 29.22
CA VAL B 1012 -6.70 52.75 28.17
C VAL B 1012 -6.12 51.46 28.73
N GLN B 1013 -5.54 51.51 29.93
CA GLN B 1013 -4.86 50.35 30.48
C GLN B 1013 -5.64 49.64 31.58
N GLN B 1014 -6.45 50.34 32.36
CA GLN B 1014 -7.33 49.63 33.28
C GLN B 1014 -8.37 48.83 32.51
N MET B 1015 -9.15 49.50 31.67
CA MET B 1015 -10.05 48.82 30.76
C MET B 1015 -9.21 48.02 29.78
N GLY B 1016 -9.76 46.90 29.30
CA GLY B 1016 -8.91 45.84 28.77
C GLY B 1016 -8.26 46.07 27.43
N GLN B 1017 -8.17 47.33 26.98
CA GLN B 1017 -7.36 47.65 25.82
C GLN B 1017 -7.85 46.98 24.53
N GLY B 1018 -8.98 46.30 24.59
CA GLY B 1018 -9.50 45.53 23.47
C GLY B 1018 -10.53 46.30 22.68
N THR B 1019 -11.43 45.55 22.03
CA THR B 1019 -12.48 46.18 21.25
C THR B 1019 -13.52 46.82 22.17
N ARG B 1020 -13.84 46.17 23.29
CA ARG B 1020 -14.82 46.70 24.21
C ARG B 1020 -14.45 48.10 24.70
N PHE B 1021 -13.22 48.54 24.49
CA PHE B 1021 -12.83 49.90 24.82
C PHE B 1021 -13.17 50.87 23.70
N VAL B 1022 -12.68 50.57 22.49
CA VAL B 1022 -12.91 51.47 21.36
C VAL B 1022 -14.40 51.49 20.99
N ASN B 1023 -15.05 50.32 20.98
CA ASN B 1023 -16.47 50.29 20.66
C ASN B 1023 -17.26 51.14 21.63
N GLY B 1024 -16.88 51.14 22.91
CA GLY B 1024 -17.58 51.93 23.90
C GLY B 1024 -17.30 53.41 23.82
N MET B 1025 -16.09 53.80 23.43
CA MET B 1025 -15.74 55.22 23.45
C MET B 1025 -16.48 56.03 22.38
N GLU B 1026 -16.90 55.41 21.28
CA GLU B 1026 -17.66 56.14 20.27
C GLU B 1026 -18.99 56.63 20.83
N PHE B 1027 -19.63 55.81 21.66
CA PHE B 1027 -20.87 56.22 22.31
C PHE B 1027 -20.67 57.49 23.12
N ILE B 1028 -19.58 57.57 23.87
CA ILE B 1028 -19.32 58.77 24.66
C ILE B 1028 -18.98 59.95 23.77
N ARG B 1029 -18.23 59.75 22.69
CA ARG B 1029 -18.01 60.83 21.74
C ARG B 1029 -19.32 61.43 21.27
N ARG B 1030 -20.23 60.57 20.81
CA ARG B 1030 -21.48 61.04 20.23
C ARG B 1030 -22.42 61.58 21.29
N GLY B 1031 -22.22 61.22 22.55
CA GLY B 1031 -22.91 61.89 23.63
C GLY B 1031 -22.39 63.30 23.91
N GLN B 1032 -21.07 63.47 23.88
CA GLN B 1032 -20.48 64.75 24.29
C GLN B 1032 -20.61 65.82 23.22
N ALA B 1033 -20.54 65.43 21.94
CA ALA B 1033 -20.61 66.42 20.88
C ALA B 1033 -21.90 67.23 20.96
N LYS B 1034 -23.03 66.55 21.22
CA LYS B 1034 -24.30 67.24 21.27
C LYS B 1034 -24.34 68.25 22.41
N LEU B 1035 -23.79 67.90 23.57
CA LEU B 1035 -23.76 68.83 24.68
C LEU B 1035 -22.95 70.08 24.33
N VAL B 1036 -21.77 69.89 23.73
CA VAL B 1036 -20.94 71.04 23.40
C VAL B 1036 -21.66 71.95 22.41
N SER B 1037 -22.23 71.35 21.37
CA SER B 1037 -22.92 72.15 20.37
C SER B 1037 -24.11 72.90 20.98
N GLY B 1038 -24.86 72.23 21.85
CA GLY B 1038 -25.98 72.90 22.50
C GLY B 1038 -25.55 74.07 23.35
N LEU B 1039 -24.44 73.92 24.07
CA LEU B 1039 -23.92 75.04 24.86
C LEU B 1039 -23.57 76.23 23.97
N ILE B 1040 -22.88 75.99 22.85
CA ILE B 1040 -22.55 77.09 21.95
C ILE B 1040 -23.82 77.75 21.42
N ALA B 1041 -24.80 76.95 21.01
CA ALA B 1041 -26.03 77.50 20.47
C ALA B 1041 -26.73 78.36 21.50
N ASP B 1042 -26.77 77.91 22.75
CA ASP B 1042 -27.41 78.70 23.80
C ASP B 1042 -26.69 80.03 24.00
N THR B 1043 -25.36 80.00 24.10
CA THR B 1043 -24.62 81.20 24.42
C THR B 1043 -24.56 82.19 23.26
N VAL B 1044 -24.87 81.78 22.04
CA VAL B 1044 -24.99 82.73 20.92
C VAL B 1044 -26.32 83.47 20.95
N ASP B 1045 -27.42 82.74 21.15
CA ASP B 1045 -28.72 83.40 21.27
C ASP B 1045 -28.77 84.32 22.48
N ASP B 1046 -28.15 83.91 23.58
CA ASP B 1046 -28.11 84.80 24.73
C ASP B 1046 -27.41 86.11 24.38
N ALA B 1047 -26.31 86.03 23.64
CA ALA B 1047 -25.61 87.24 23.23
C ALA B 1047 -26.49 88.12 22.34
N ILE B 1048 -27.16 87.51 21.37
CA ILE B 1048 -28.02 88.29 20.48
C ILE B 1048 -29.15 88.94 21.27
N ALA B 1049 -29.56 88.30 22.37
CA ALA B 1049 -30.66 88.85 23.17
C ALA B 1049 -30.32 90.22 23.75
N GLY B 1050 -29.10 90.40 24.25
CA GLY B 1050 -28.71 91.68 24.81
C GLY B 1050 -27.79 91.60 26.01
N ASN B 1051 -27.52 90.40 26.50
CA ASN B 1051 -26.68 90.23 27.68
C ASN B 1051 -25.27 90.72 27.35
N ALA B 1052 -24.89 91.86 27.93
CA ALA B 1052 -23.62 92.47 27.60
C ALA B 1052 -22.45 91.56 27.95
N SER B 1053 -22.50 90.90 29.10
CA SER B 1053 -21.41 90.04 29.52
C SER B 1053 -21.11 88.95 28.50
N ALA B 1054 -22.13 88.48 27.77
CA ALA B 1054 -21.89 87.48 26.73
C ALA B 1054 -21.28 88.11 25.48
N VAL B 1055 -21.68 89.34 25.15
CA VAL B 1055 -21.18 89.99 23.94
C VAL B 1055 -19.67 90.20 24.04
N THR B 1056 -19.20 90.66 25.20
CA THR B 1056 -17.78 90.91 25.42
C THR B 1056 -16.98 89.63 25.49
N ALA B 1057 -17.64 88.47 25.50
CA ALA B 1057 -16.95 87.19 25.38
C ALA B 1057 -17.10 86.64 23.98
N MET B 1058 -18.19 86.96 23.30
CA MET B 1058 -18.35 86.54 21.91
C MET B 1058 -17.27 87.16 21.05
N GLU B 1059 -16.97 88.44 21.28
CA GLU B 1059 -16.03 89.16 20.43
C GLU B 1059 -14.62 88.61 20.53
N ARG B 1060 -14.34 87.76 21.52
CA ARG B 1060 -13.03 87.15 21.62
C ARG B 1060 -12.70 86.33 20.38
N PHE B 1061 -13.71 85.90 19.62
CA PHE B 1061 -13.51 85.06 18.46
C PHE B 1061 -13.84 85.76 17.14
N GLY B 1062 -14.13 87.06 17.18
CA GLY B 1062 -14.15 87.83 15.95
C GLY B 1062 -15.39 88.65 15.64
N LEU B 1063 -16.36 88.72 16.56
CA LEU B 1063 -17.53 89.54 16.29
C LEU B 1063 -17.15 91.02 16.26
N ASN B 1064 -18.03 91.81 15.64
CA ASN B 1064 -17.86 93.25 15.57
C ASN B 1064 -19.22 93.87 15.32
N GLN B 1065 -19.31 95.18 15.54
CA GLN B 1065 -20.61 95.85 15.50
C GLN B 1065 -21.34 95.58 14.19
N GLN B 1066 -20.60 95.49 13.09
CA GLN B 1066 -21.25 95.32 11.79
C GLN B 1066 -22.03 94.01 11.71
N LEU B 1067 -21.43 92.90 12.15
CA LEU B 1067 -22.16 91.64 12.14
C LEU B 1067 -23.33 91.66 13.10
N LEU B 1068 -23.13 92.18 14.31
CA LEU B 1068 -24.17 92.15 15.32
C LEU B 1068 -25.38 92.97 14.93
N ASP B 1069 -25.18 94.14 14.35
CA ASP B 1069 -26.30 94.97 13.93
C ASP B 1069 -27.16 94.23 12.91
N GLU B 1070 -26.53 93.64 11.90
CA GLU B 1070 -27.25 92.90 10.89
C GLU B 1070 -27.93 91.67 11.46
N LEU B 1071 -27.29 90.95 12.39
CA LEU B 1071 -27.94 89.79 12.99
C LEU B 1071 -29.19 90.21 13.76
N ARG B 1072 -29.09 91.27 14.56
CA ARG B 1072 -30.27 91.75 15.28
C ARG B 1072 -31.37 92.20 14.34
N LYS B 1073 -31.00 92.89 13.25
CA LYS B 1073 -32.01 93.30 12.28
C LYS B 1073 -32.69 92.09 11.66
N ALA B 1074 -31.91 91.09 11.24
CA ALA B 1074 -32.48 89.93 10.57
C ALA B 1074 -33.41 89.15 11.50
N THR B 1075 -32.99 88.94 12.75
CA THR B 1075 -33.81 88.17 13.67
C THR B 1075 -35.15 88.82 13.94
N ALA B 1076 -35.23 90.15 13.90
CA ALA B 1076 -36.49 90.82 14.23
C ALA B 1076 -37.52 90.65 13.13
N ALA B 1077 -37.10 90.72 11.86
CA ALA B 1077 -38.06 90.60 10.77
C ALA B 1077 -38.76 89.25 10.79
N ASN B 1078 -38.02 88.18 11.03
CA ASN B 1078 -38.57 86.82 11.03
C ASN B 1078 -37.94 86.01 12.16
N PRO B 1079 -38.71 85.61 13.18
CA PRO B 1079 -38.11 84.83 14.27
C PRO B 1079 -37.99 83.35 13.97
N ASP B 1080 -38.68 82.87 12.93
CA ASP B 1080 -38.60 81.44 12.60
C ASP B 1080 -37.18 81.06 12.19
N MET B 1081 -36.69 81.59 11.07
CA MET B 1081 -35.31 81.42 10.64
C MET B 1081 -34.91 79.94 10.59
N ARG B 1082 -35.51 79.22 9.64
CA ARG B 1082 -35.06 77.86 9.39
C ARG B 1082 -33.61 77.82 8.93
N LYS B 1083 -33.09 78.94 8.41
CA LYS B 1083 -31.69 79.03 8.04
C LYS B 1083 -31.29 80.51 7.98
N TRP B 1084 -29.99 80.76 8.05
CA TRP B 1084 -29.49 82.13 8.00
C TRP B 1084 -29.53 82.69 6.59
N PRO B 1085 -29.60 84.01 6.44
CA PRO B 1085 -29.61 84.60 5.11
C PRO B 1085 -28.25 84.48 4.44
N ASP B 1086 -28.27 84.52 3.11
CA ASP B 1086 -27.02 84.36 2.36
C ASP B 1086 -26.09 85.55 2.55
N SER B 1087 -26.63 86.70 2.97
CA SER B 1087 -25.81 87.90 3.10
C SER B 1087 -24.75 87.75 4.19
N VAL B 1088 -25.10 87.15 5.33
CA VAL B 1088 -24.18 87.06 6.46
C VAL B 1088 -23.87 85.62 6.85
N ARG B 1089 -24.20 84.64 6.02
CA ARG B 1089 -24.01 83.24 6.40
C ARG B 1089 -22.55 82.94 6.67
N MET B 1090 -21.66 83.35 5.78
CA MET B 1090 -20.31 82.81 5.78
C MET B 1090 -19.42 83.43 6.86
N ASP B 1091 -19.90 84.44 7.58
CA ASP B 1091 -19.13 85.06 8.66
C ASP B 1091 -19.48 84.47 10.02
N ILE B 1092 -20.76 84.55 10.41
CA ILE B 1092 -21.17 83.98 11.69
C ILE B 1092 -20.92 82.48 11.71
N GLU B 1093 -20.99 81.84 10.55
CA GLU B 1093 -20.68 80.41 10.49
C GLU B 1093 -19.23 80.15 10.88
N ALA B 1094 -18.32 81.00 10.41
CA ALA B 1094 -16.91 80.82 10.77
C ALA B 1094 -16.65 81.20 12.22
N VAL B 1095 -17.38 82.18 12.73
CA VAL B 1095 -17.18 82.61 14.12
C VAL B 1095 -17.45 81.44 15.06
N THR B 1096 -18.55 80.71 14.83
CA THR B 1096 -18.90 79.61 15.71
C THR B 1096 -17.85 78.50 15.64
N HIS B 1097 -17.41 78.16 14.42
CA HIS B 1097 -16.47 77.06 14.25
C HIS B 1097 -15.17 77.33 15.01
N ASN B 1098 -14.71 78.58 15.02
CA ASN B 1098 -13.53 78.90 15.82
C ASN B 1098 -13.76 78.62 17.29
N MET B 1099 -14.93 78.99 17.82
CA MET B 1099 -15.21 78.70 19.21
C MET B 1099 -15.23 77.21 19.50
N ALA B 1100 -15.86 76.42 18.61
CA ALA B 1100 -16.04 75.00 18.89
C ALA B 1100 -14.70 74.32 19.13
N ASP B 1101 -13.70 74.66 18.32
CA ASP B 1101 -12.37 74.08 18.49
C ASP B 1101 -11.73 74.42 19.82
N SER B 1102 -11.83 75.67 20.27
CA SER B 1102 -11.11 76.10 21.45
C SER B 1102 -11.57 75.36 22.70
N ILE B 1103 -12.89 75.21 22.86
CA ILE B 1103 -13.41 74.59 24.08
C ILE B 1103 -12.89 73.17 24.22
N VAL B 1104 -12.81 72.45 23.11
CA VAL B 1104 -12.38 71.06 23.17
C VAL B 1104 -10.96 70.94 23.71
N LEU B 1105 -10.12 71.95 23.47
CA LEU B 1105 -8.73 71.88 23.90
C LEU B 1105 -8.58 72.23 25.38
N GLU B 1106 -9.26 73.28 25.82
CA GLU B 1106 -9.14 73.71 27.21
C GLU B 1106 -9.91 72.80 28.15
N ASN B 1107 -11.02 72.22 27.69
CA ASN B 1107 -11.92 71.50 28.57
C ASN B 1107 -11.52 70.04 28.77
N ARG B 1108 -10.47 69.56 28.09
CA ARG B 1108 -10.09 68.15 28.16
C ARG B 1108 -10.14 67.60 29.58
N LEU B 1109 -9.46 68.26 30.51
CA LEU B 1109 -9.36 67.76 31.87
C LEU B 1109 -10.70 67.75 32.59
N GLY B 1110 -11.71 68.45 32.07
CA GLY B 1110 -12.95 68.64 32.80
C GLY B 1110 -12.86 69.86 33.67
N GLU B 1111 -12.53 71.00 33.07
CA GLU B 1111 -12.28 72.23 33.79
C GLU B 1111 -13.04 73.37 33.12
N ILE B 1112 -13.19 74.47 33.84
CA ILE B 1112 -13.92 75.64 33.38
C ILE B 1112 -12.90 76.69 32.92
N PRO B 1113 -12.82 77.00 31.63
CA PRO B 1113 -11.86 78.02 31.20
C PRO B 1113 -12.15 79.37 31.83
N ALA B 1114 -11.12 80.22 31.89
CA ALA B 1114 -11.24 81.50 32.57
C ALA B 1114 -12.30 82.38 31.91
N TRP B 1115 -12.33 82.40 30.57
CA TRP B 1115 -13.23 83.30 29.87
C TRP B 1115 -14.67 82.85 29.87
N MET B 1116 -14.97 81.68 30.43
CA MET B 1116 -16.33 81.15 30.48
C MET B 1116 -17.01 81.36 31.83
N GLN B 1117 -16.41 82.14 32.73
CA GLN B 1117 -16.95 82.27 34.08
C GLN B 1117 -18.29 82.99 34.10
N PHE B 1118 -18.67 83.63 33.01
CA PHE B 1118 -19.91 84.42 33.01
C PHE B 1118 -21.15 83.54 32.91
N SER B 1119 -21.05 82.40 32.23
CA SER B 1119 -22.23 81.60 31.90
C SER B 1119 -22.64 80.77 33.10
N SER B 1120 -23.88 80.97 33.56
CA SER B 1120 -24.38 80.21 34.70
C SER B 1120 -24.70 78.77 34.30
N VAL B 1121 -25.35 78.57 33.16
CA VAL B 1121 -25.69 77.22 32.73
C VAL B 1121 -24.43 76.43 32.40
N GLY B 1122 -23.42 77.08 31.85
CA GLY B 1122 -22.19 76.38 31.52
C GLY B 1122 -21.50 75.79 32.73
N LYS B 1123 -21.79 76.32 33.92
CA LYS B 1123 -21.21 75.77 35.13
C LYS B 1123 -21.69 74.36 35.41
N VAL B 1124 -22.75 73.92 34.73
CA VAL B 1124 -23.30 72.58 34.96
C VAL B 1124 -22.78 71.60 33.92
N ILE B 1125 -22.51 72.09 32.71
CA ILE B 1125 -22.13 71.19 31.63
C ILE B 1125 -20.63 70.92 31.66
N LEU B 1126 -19.82 71.96 31.75
CA LEU B 1126 -18.38 71.81 31.57
C LEU B 1126 -17.78 70.86 32.59
N PRO B 1127 -18.09 71.01 33.89
CA PRO B 1127 -17.47 70.12 34.89
C PRO B 1127 -18.09 68.74 34.93
N TYR B 1128 -18.99 68.41 34.00
CA TYR B 1128 -19.76 67.17 34.13
C TYR B 1128 -18.86 65.95 34.10
N MET B 1129 -17.94 65.88 33.13
CA MET B 1129 -17.19 64.65 32.91
C MET B 1129 -16.31 64.28 34.09
N THR B 1130 -16.04 65.21 35.00
CA THR B 1130 -15.30 64.86 36.20
C THR B 1130 -16.19 64.14 37.20
N PHE B 1131 -17.47 64.50 37.25
CA PHE B 1131 -18.41 63.82 38.14
C PHE B 1131 -18.55 62.36 37.73
N VAL B 1132 -18.65 62.09 36.43
CA VAL B 1132 -18.83 60.72 35.96
C VAL B 1132 -17.59 59.89 36.24
N ALA B 1133 -16.41 60.48 36.07
CA ALA B 1133 -15.17 59.74 36.31
C ALA B 1133 -15.10 59.19 37.72
N GLY B 1134 -15.76 59.83 38.67
CA GLY B 1134 -15.77 59.30 40.04
C GLY B 1134 -16.47 57.96 40.12
N ALA B 1135 -17.64 57.84 39.50
CA ALA B 1135 -18.37 56.58 39.53
C ALA B 1135 -17.59 55.49 38.80
N TRP B 1136 -16.90 55.84 37.72
CA TRP B 1136 -16.13 54.85 36.99
C TRP B 1136 -15.05 54.23 37.86
N ASN B 1137 -14.37 55.06 38.66
CA ASN B 1137 -13.28 54.55 39.48
C ASN B 1137 -13.77 53.53 40.50
N LYS B 1138 -14.92 53.79 41.12
CA LYS B 1138 -15.42 52.90 42.16
C LYS B 1138 -15.85 51.55 41.59
N ILE B 1139 -16.37 51.53 40.37
CA ILE B 1139 -16.80 50.27 39.77
C ILE B 1139 -15.60 49.40 39.42
N LEU B 1140 -14.58 49.99 38.81
CA LEU B 1140 -13.40 49.20 38.46
C LEU B 1140 -12.60 48.80 39.70
N ARG B 1141 -12.93 49.37 40.85
CA ARG B 1141 -12.31 48.96 42.10
C ARG B 1141 -13.08 47.79 42.71
N ARG B 1142 -14.09 47.30 41.99
CA ARG B 1142 -14.99 46.29 42.52
C ARG B 1142 -14.97 45.05 41.64
N THR B 1143 -14.73 45.23 40.33
CA THR B 1143 -14.67 44.12 39.39
C THR B 1143 -13.35 43.97 38.66
N ALA B 1144 -12.79 45.06 38.11
CA ALA B 1144 -11.45 45.05 37.54
C ALA B 1144 -11.34 44.19 36.27
N LYS B 1145 -12.47 43.88 35.63
CA LYS B 1145 -12.42 43.05 34.42
C LYS B 1145 -12.87 43.82 33.19
N LEU B 1146 -13.97 44.56 33.29
CA LEU B 1146 -14.66 45.07 32.12
C LEU B 1146 -15.14 43.94 31.22
N ASP B 1147 -16.06 43.12 31.72
CA ASP B 1147 -16.82 42.18 30.92
C ASP B 1147 -18.21 42.79 30.67
N GLY B 1148 -19.10 41.99 30.08
CA GLY B 1148 -20.40 42.50 29.71
C GLY B 1148 -21.16 43.12 30.86
N ALA B 1149 -21.18 42.44 32.00
CA ALA B 1149 -21.89 42.98 33.16
C ALA B 1149 -21.31 44.31 33.60
N THR B 1150 -20.01 44.53 33.38
CA THR B 1150 -19.42 45.82 33.73
C THR B 1150 -19.76 46.89 32.71
N GLY B 1151 -19.87 46.52 31.43
CA GLY B 1151 -20.27 47.49 30.44
C GLY B 1151 -21.69 47.97 30.62
N VAL B 1152 -22.60 47.04 30.93
CA VAL B 1152 -23.98 47.42 31.20
C VAL B 1152 -24.10 48.29 32.44
N ALA B 1153 -23.06 48.34 33.28
CA ALA B 1153 -23.06 49.25 34.42
C ALA B 1153 -22.44 50.59 34.08
N ILE B 1154 -21.35 50.59 33.30
CA ILE B 1154 -20.71 51.86 32.96
C ILE B 1154 -21.61 52.69 32.05
N ALA B 1155 -22.28 52.06 31.10
CA ALA B 1155 -23.15 52.81 30.20
C ALA B 1155 -24.25 53.51 30.99
N LEU B 1156 -24.89 52.79 31.92
CA LEU B 1156 -25.92 53.40 32.75
C LEU B 1156 -25.34 54.46 33.67
N ALA B 1157 -24.13 54.24 34.19
CA ALA B 1157 -23.50 55.25 35.03
C ALA B 1157 -23.36 56.56 34.27
N TYR B 1158 -23.00 56.49 32.99
CA TYR B 1158 -22.87 57.71 32.21
C TYR B 1158 -24.23 58.32 31.85
N GLN B 1159 -25.20 57.48 31.45
CA GLN B 1159 -26.41 58.01 30.83
C GLN B 1159 -27.53 58.33 31.80
N MET B 1160 -27.53 57.74 33.00
CA MET B 1160 -28.65 57.93 33.90
C MET B 1160 -28.82 59.36 34.38
N PRO B 1161 -27.78 60.06 34.86
CA PRO B 1161 -28.02 61.37 35.50
C PRO B 1161 -28.70 62.38 34.60
N LEU B 1162 -28.41 62.38 33.30
CA LEU B 1162 -29.02 63.36 32.40
C LEU B 1162 -30.54 63.21 32.40
N VAL B 1163 -31.03 61.97 32.35
CA VAL B 1163 -32.46 61.74 32.41
C VAL B 1163 -33.03 62.26 33.73
N THR B 1164 -32.29 62.07 34.82
CA THR B 1164 -32.77 62.56 36.12
C THR B 1164 -32.91 64.08 36.12
N LEU B 1165 -31.90 64.79 35.62
CA LEU B 1165 -32.00 66.25 35.58
C LEU B 1165 -33.13 66.70 34.68
N SER B 1166 -33.29 66.09 33.50
CA SER B 1166 -34.37 66.50 32.61
C SER B 1166 -35.73 66.28 33.26
N SER B 1167 -35.94 65.12 33.87
CA SER B 1167 -37.22 64.84 34.52
C SER B 1167 -37.48 65.80 35.68
N ALA B 1168 -36.44 66.07 36.48
CA ALA B 1168 -36.62 67.00 37.59
C ALA B 1168 -37.03 68.38 37.09
N THR B 1169 -36.40 68.84 36.01
CA THR B 1169 -36.80 70.12 35.43
C THR B 1169 -38.23 70.06 34.93
N SER B 1170 -38.62 68.95 34.33
CA SER B 1170 -39.98 68.82 33.80
C SER B 1170 -41.04 68.86 34.90
N ILE B 1171 -40.77 68.25 36.05
CA ILE B 1171 -41.77 68.25 37.13
C ILE B 1171 -41.93 69.62 37.76
N ALA B 1172 -40.83 70.36 37.96
CA ALA B 1172 -40.92 71.62 38.68
C ALA B 1172 -41.83 72.60 37.97
N ILE B 1173 -41.69 72.73 36.65
CA ILE B 1173 -42.44 73.74 35.91
C ILE B 1173 -43.93 73.47 35.96
N SER B 1174 -44.35 72.26 36.32
CA SER B 1174 -45.75 71.91 36.42
C SER B 1174 -46.32 72.14 37.82
N GLY B 1175 -45.54 72.75 38.71
CA GLY B 1175 -46.05 73.10 40.03
C GLY B 1175 -46.42 71.92 40.90
N LYS B 1176 -45.53 70.95 41.05
CA LYS B 1176 -45.73 69.82 41.93
C LYS B 1176 -44.42 69.52 42.65
N PRO B 1177 -44.49 68.90 43.84
CA PRO B 1177 -43.27 68.62 44.60
C PRO B 1177 -42.43 67.54 43.93
N VAL B 1178 -41.11 67.69 44.07
CA VAL B 1178 -40.16 66.78 43.44
C VAL B 1178 -39.59 65.81 44.47
N THR B 1179 -40.21 64.64 44.58
CA THR B 1179 -39.72 63.58 45.45
C THR B 1179 -39.10 62.47 44.63
N PRO B 1180 -38.24 61.65 45.22
CA PRO B 1180 -37.60 60.57 44.45
C PRO B 1180 -38.59 59.65 43.77
N GLU B 1181 -39.70 59.30 44.42
CA GLU B 1181 -40.71 58.49 43.75
C GLU B 1181 -41.32 59.24 42.57
N SER B 1182 -41.60 60.54 42.72
CA SER B 1182 -42.17 61.29 41.62
C SER B 1182 -41.22 61.35 40.43
N VAL B 1183 -39.95 61.61 40.69
CA VAL B 1183 -38.97 61.66 39.60
C VAL B 1183 -38.87 60.30 38.92
N ALA B 1184 -38.83 59.23 39.71
CA ALA B 1184 -38.73 57.89 39.15
C ALA B 1184 -39.95 57.53 38.31
N GLN B 1185 -41.14 57.97 38.72
CA GLN B 1185 -42.33 57.67 37.92
C GLN B 1185 -42.37 58.51 36.65
N ARG B 1186 -41.92 59.76 36.72
CA ARG B 1186 -41.91 60.60 35.53
C ARG B 1186 -40.84 60.15 34.53
N ALA B 1187 -39.78 59.51 34.99
CA ALA B 1187 -38.76 59.02 34.05
C ALA B 1187 -39.31 57.91 33.16
N LEU B 1188 -40.34 57.20 33.62
CA LEU B 1188 -40.85 56.07 32.86
C LEU B 1188 -41.59 56.50 31.60
N VAL B 1189 -42.08 57.73 31.56
CA VAL B 1189 -42.86 58.19 30.41
C VAL B 1189 -41.94 58.88 29.42
N GLN B 1190 -40.63 58.70 29.59
CA GLN B 1190 -39.66 59.20 28.63
C GLN B 1190 -38.86 58.05 28.04
N VAL B 1191 -38.44 57.12 28.89
CA VAL B 1191 -37.62 55.99 28.46
C VAL B 1191 -38.17 54.69 29.04
N PRO B 1192 -39.28 54.17 28.51
CA PRO B 1192 -39.80 52.90 29.02
C PRO B 1192 -38.74 51.81 28.97
N MET B 1193 -39.03 50.71 29.66
CA MET B 1193 -38.01 49.69 29.93
C MET B 1193 -37.33 49.23 28.65
N MET B 1194 -38.10 48.98 27.60
CA MET B 1194 -37.50 48.43 26.39
C MET B 1194 -36.57 49.40 25.68
N SER B 1195 -36.62 50.69 26.03
CA SER B 1195 -35.67 51.65 25.49
C SER B 1195 -34.40 51.76 26.31
N TRP B 1196 -34.45 51.38 27.59
CA TRP B 1196 -33.22 51.30 28.37
C TRP B 1196 -32.25 50.30 27.79
N ALA B 1197 -32.76 49.15 27.32
CA ALA B 1197 -31.91 48.16 26.68
C ALA B 1197 -31.27 48.69 25.41
N GLY B 1198 -31.82 49.75 24.83
CA GLY B 1198 -31.19 50.34 23.66
C GLY B 1198 -29.79 50.83 23.95
N PHE B 1199 -29.59 51.44 25.11
CA PHE B 1199 -28.27 51.92 25.50
C PHE B 1199 -27.27 50.79 25.64
N ALA B 1200 -27.68 49.63 26.19
CA ALA B 1200 -26.77 48.51 26.31
C ALA B 1200 -26.30 48.03 24.93
N VAL B 1201 -27.21 47.99 23.96
CA VAL B 1201 -26.81 47.60 22.61
C VAL B 1201 -25.89 48.66 22.00
N ASP B 1202 -26.19 49.93 22.24
CA ASP B 1202 -25.39 51.01 21.69
C ASP B 1202 -23.96 50.99 22.20
N PHE B 1203 -23.72 50.54 23.43
CA PHE B 1203 -22.38 50.45 23.98
C PHE B 1203 -21.67 49.15 23.62
N TRP B 1204 -22.39 48.18 23.06
CA TRP B 1204 -21.78 46.89 22.74
C TRP B 1204 -21.30 46.85 21.29
N ALA B 1205 -22.05 47.46 20.38
CA ALA B 1205 -21.72 47.43 18.96
C ALA B 1205 -21.94 48.81 18.37
N ASN B 1206 -21.32 49.05 17.22
CA ASN B 1206 -21.34 50.36 16.59
C ASN B 1206 -21.67 50.23 15.10
N GLY B 1207 -22.53 51.12 14.62
CA GLY B 1207 -22.78 51.20 13.20
C GLY B 1207 -23.74 50.13 12.70
N ALA B 1208 -23.44 49.59 11.52
CA ALA B 1208 -24.34 48.63 10.88
C ALA B 1208 -24.62 47.42 11.76
N SER B 1209 -23.67 47.01 12.59
CA SER B 1209 -23.89 45.84 13.44
C SER B 1209 -24.90 46.12 14.54
N ASN B 1210 -25.15 47.39 14.84
CA ASN B 1210 -26.12 47.74 15.88
C ASN B 1210 -27.53 47.37 15.46
N ASN B 1211 -27.88 47.62 14.20
CA ASN B 1211 -29.26 47.42 13.76
C ASN B 1211 -29.67 45.97 13.85
N LEU B 1212 -28.79 45.05 13.47
CA LEU B 1212 -29.14 43.63 13.54
C LEU B 1212 -29.56 43.24 14.95
N ALA B 1213 -28.73 43.58 15.94
CA ALA B 1213 -29.07 43.22 17.31
C ALA B 1213 -30.32 43.94 17.79
N ALA B 1214 -30.44 45.24 17.50
CA ALA B 1214 -31.57 46.00 18.05
C ALA B 1214 -32.89 45.52 17.48
N LEU B 1215 -32.94 45.22 16.19
CA LEU B 1215 -34.19 44.78 15.58
C LEU B 1215 -34.51 43.34 15.95
N ALA B 1216 -33.50 42.48 15.96
CA ALA B 1216 -33.75 41.05 16.18
C ALA B 1216 -34.25 40.76 17.57
N LEU B 1217 -34.17 41.68 18.53
CA LEU B 1217 -34.77 41.43 19.83
C LEU B 1217 -36.27 41.60 19.80
N VAL B 1218 -36.77 42.56 19.05
CA VAL B 1218 -38.20 42.87 19.05
C VAL B 1218 -39.01 41.78 18.38
N ASP B 1219 -38.55 41.28 17.23
CA ASP B 1219 -39.29 40.23 16.56
C ASP B 1219 -39.31 38.95 17.39
N ARG B 1220 -38.21 38.68 18.10
CA ARG B 1220 -38.19 37.51 18.99
C ARG B 1220 -39.17 37.67 20.14
N MET B 1221 -39.62 38.90 20.40
CA MET B 1221 -40.62 39.13 21.43
C MET B 1221 -42.03 39.02 20.85
N HIS B 1222 -42.23 39.60 19.67
CA HIS B 1222 -43.53 39.52 19.02
C HIS B 1222 -43.89 38.08 18.68
N ALA B 1223 -42.94 37.31 18.16
CA ALA B 1223 -43.19 35.94 17.76
C ALA B 1223 -43.54 35.04 18.93
N ALA B 1224 -43.20 35.44 20.15
CA ALA B 1224 -43.53 34.64 21.34
C ALA B 1224 -44.85 35.10 21.95
N MET B 1225 -45.05 36.42 22.05
CA MET B 1225 -46.33 36.89 22.58
C MET B 1225 -47.48 36.53 21.66
N SER B 1226 -47.24 36.44 20.34
CA SER B 1226 -48.30 35.98 19.46
C SER B 1226 -48.71 34.55 19.77
N SER B 1227 -47.73 33.67 20.02
CA SER B 1227 -48.07 32.29 20.36
C SER B 1227 -48.76 32.22 21.72
N ILE B 1228 -48.34 33.05 22.67
CA ILE B 1228 -48.98 33.04 23.99
C ILE B 1228 -50.43 33.47 23.87
N ALA B 1229 -50.69 34.54 23.12
CA ALA B 1229 -52.06 35.05 23.01
C ALA B 1229 -52.98 34.03 22.35
N SER B 1230 -52.43 33.09 21.59
CA SER B 1230 -53.26 32.11 20.89
C SER B 1230 -53.81 31.03 21.81
N GLY B 1231 -53.06 30.66 22.86
CA GLY B 1231 -53.54 29.65 23.78
C GLY B 1231 -52.49 28.72 24.35
N GLU B 1232 -51.26 28.80 23.86
CA GLU B 1232 -50.16 27.98 24.34
C GLU B 1232 -49.27 28.79 25.28
N THR B 1233 -48.77 28.14 26.33
CA THR B 1233 -47.89 28.79 27.29
C THR B 1233 -46.65 27.95 27.57
N ASN B 1234 -46.01 27.45 26.52
CA ASN B 1234 -44.80 26.70 26.67
C ASN B 1234 -43.75 27.55 27.38
N PRO B 1235 -43.04 27.02 28.39
CA PRO B 1235 -42.03 27.85 29.07
C PRO B 1235 -40.98 28.45 28.15
N GLU B 1236 -40.68 27.80 27.02
CA GLU B 1236 -39.83 28.44 26.02
C GLU B 1236 -40.38 29.81 25.65
N SER B 1237 -41.69 29.92 25.47
CA SER B 1237 -42.29 31.21 25.13
C SER B 1237 -42.08 32.23 26.23
N LEU B 1238 -42.26 31.84 27.49
CA LEU B 1238 -42.05 32.77 28.58
C LEU B 1238 -40.59 33.24 28.64
N ILE B 1239 -39.65 32.33 28.41
CA ILE B 1239 -38.24 32.73 28.42
C ILE B 1239 -37.96 33.72 27.29
N LYS B 1240 -38.48 33.45 26.10
CA LYS B 1240 -38.18 34.31 24.95
C LYS B 1240 -38.91 35.64 25.04
N ALA B 1241 -40.01 35.71 25.78
CA ALA B 1241 -40.88 36.87 25.72
C ALA B 1241 -40.45 38.04 26.60
N VAL B 1242 -39.36 37.91 27.35
CA VAL B 1242 -38.93 38.99 28.23
C VAL B 1242 -37.45 39.27 28.04
N PRO B 1243 -37.04 39.81 26.88
CA PRO B 1243 -35.63 40.16 26.68
C PRO B 1243 -35.18 41.38 27.45
N PHE B 1244 -36.11 42.20 27.97
CA PHE B 1244 -35.74 43.39 28.72
C PHE B 1244 -35.22 43.06 30.11
N LEU B 1245 -35.29 41.81 30.53
CA LEU B 1245 -34.93 41.44 31.90
C LEU B 1245 -33.44 41.21 32.06
N SER B 1246 -32.66 41.42 31.00
CA SER B 1246 -31.24 41.08 31.04
C SER B 1246 -30.42 42.10 31.82
N ILE B 1247 -30.84 43.36 31.85
CA ILE B 1247 -29.98 44.40 32.38
C ILE B 1247 -29.99 44.51 33.90
N LEU B 1248 -30.83 43.74 34.58
CA LEU B 1248 -30.94 43.90 36.03
C LEU B 1248 -29.63 43.65 36.76
N PRO B 1249 -28.92 42.54 36.55
CA PRO B 1249 -27.65 42.35 37.27
C PRO B 1249 -26.64 43.44 37.01
N GLY B 1250 -26.60 43.98 35.79
CA GLY B 1250 -25.78 45.14 35.52
C GLY B 1250 -26.26 46.35 36.28
N MET B 1251 -27.59 46.45 36.44
CA MET B 1251 -28.16 47.54 37.23
C MET B 1251 -27.71 47.45 38.68
N ARG B 1252 -27.63 46.24 39.23
CA ARG B 1252 -27.19 46.09 40.61
C ARG B 1252 -25.81 46.69 40.81
N LEU B 1253 -24.88 46.40 39.88
CA LEU B 1253 -23.51 46.86 40.05
C LEU B 1253 -23.44 48.39 40.03
N MET B 1254 -24.15 49.03 39.12
CA MET B 1254 -24.15 50.49 39.08
C MET B 1254 -24.89 51.08 40.27
N GLY B 1255 -26.09 50.55 40.56
CA GLY B 1255 -26.91 51.15 41.61
C GLY B 1255 -26.25 51.09 42.97
N ALA B 1256 -25.73 49.92 43.34
CA ALA B 1256 -25.10 49.76 44.65
C ALA B 1256 -23.75 50.47 44.72
N SER B 1257 -23.02 50.52 43.59
CA SER B 1257 -21.68 51.10 43.61
C SER B 1257 -21.68 52.60 43.89
N LEU B 1258 -22.83 53.27 43.79
CA LEU B 1258 -22.89 54.70 44.03
C LEU B 1258 -22.97 55.05 45.51
N ALA B 1259 -23.10 54.05 46.40
CA ALA B 1259 -23.11 54.29 47.83
C ALA B 1259 -21.78 54.03 48.50
N ASP B 1260 -20.82 53.44 47.81
CA ASP B 1260 -19.55 53.07 48.44
C ASP B 1260 -18.73 54.31 48.80
N ASP B 1261 -18.07 54.23 49.95
CA ASP B 1261 -17.17 55.30 50.36
C ASP B 1261 -15.87 55.23 49.56
N ASP B 1262 -15.17 56.35 49.50
CA ASP B 1262 -13.89 56.42 48.80
C ASP B 1262 -12.74 56.17 49.77
N ASN C 38 -3.27 2.96 -22.36
CA ASN C 38 -3.69 3.96 -23.38
C ASN C 38 -4.77 3.38 -24.30
N PRO C 39 -4.47 2.31 -25.04
CA PRO C 39 -5.49 1.78 -25.96
C PRO C 39 -6.75 1.34 -25.26
N SER C 40 -6.65 0.79 -24.06
CA SER C 40 -7.83 0.37 -23.33
C SER C 40 -8.76 1.52 -22.98
N ALA C 41 -8.28 2.76 -23.05
CA ALA C 41 -9.15 3.91 -22.87
C ALA C 41 -10.11 4.06 -24.04
N LEU C 42 -9.64 3.80 -25.26
CA LEU C 42 -10.50 3.91 -26.43
C LEU C 42 -11.65 2.91 -26.35
N VAL C 43 -11.37 1.69 -25.91
CA VAL C 43 -12.40 0.66 -25.88
C VAL C 43 -13.56 1.08 -24.98
N GLN C 44 -13.24 1.54 -23.77
CA GLN C 44 -14.29 1.92 -22.84
C GLN C 44 -14.92 3.26 -23.21
N ALA C 45 -14.18 4.12 -23.90
CA ALA C 45 -14.76 5.39 -24.35
C ALA C 45 -15.85 5.17 -25.39
N MET C 46 -15.75 4.09 -26.17
CA MET C 46 -16.70 3.83 -27.25
C MET C 46 -17.79 2.85 -26.87
N GLN C 47 -17.63 2.12 -25.77
CA GLN C 47 -18.69 1.21 -25.30
C GLN C 47 -19.92 2.02 -24.90
N LYS C 48 -21.00 1.33 -24.56
CA LYS C 48 -22.19 1.99 -24.05
C LYS C 48 -22.34 1.70 -22.56
N PRO C 49 -22.90 2.62 -21.79
CA PRO C 49 -22.94 2.45 -20.34
C PRO C 49 -23.69 1.19 -19.93
N VAL C 50 -23.19 0.53 -18.89
CA VAL C 50 -23.85 -0.65 -18.37
C VAL C 50 -25.21 -0.29 -17.80
N ALA C 51 -26.18 -1.18 -17.97
CA ALA C 51 -27.52 -0.92 -17.45
C ALA C 51 -27.53 -0.98 -15.92
N SER C 52 -28.52 -0.32 -15.33
CA SER C 52 -28.65 -0.32 -13.88
C SER C 52 -28.85 -1.75 -13.38
N VAL C 53 -28.67 -1.93 -12.07
CA VAL C 53 -28.77 -3.25 -11.46
C VAL C 53 -30.18 -3.46 -10.95
N THR C 54 -31.11 -2.61 -11.38
CA THR C 54 -32.51 -2.77 -11.04
C THR C 54 -33.35 -2.84 -12.32
N ASP C 55 -32.76 -2.44 -13.45
CA ASP C 55 -33.40 -2.68 -14.73
C ASP C 55 -33.58 -4.17 -14.98
N SER C 56 -32.57 -4.96 -14.64
CA SER C 56 -32.76 -6.40 -14.52
C SER C 56 -33.52 -6.70 -13.23
N PHE C 57 -33.92 -7.96 -13.08
CA PHE C 57 -34.72 -8.42 -11.94
C PHE C 57 -36.11 -7.81 -11.91
N LYS C 58 -36.57 -7.23 -13.01
CA LYS C 58 -37.95 -6.75 -13.09
C LYS C 58 -38.90 -7.93 -12.91
N ALA C 59 -40.04 -7.69 -12.26
CA ALA C 59 -40.99 -8.75 -11.94
C ALA C 59 -40.50 -9.58 -10.76
N THR C 60 -39.45 -9.10 -10.08
CA THR C 60 -39.00 -9.75 -8.85
C THR C 60 -38.78 -8.75 -7.73
N LEU C 61 -38.33 -7.53 -8.06
CA LEU C 61 -38.03 -6.54 -7.04
C LEU C 61 -39.15 -5.51 -6.92
N SER C 62 -39.51 -4.88 -8.04
CA SER C 62 -40.52 -3.83 -8.03
C SER C 62 -40.03 -2.63 -7.22
N ALA C 67 -45.41 1.59 -2.23
CA ALA C 67 -45.73 0.20 -1.97
C ALA C 67 -44.97 -0.32 -0.74
N LYS C 68 -44.08 0.51 -0.19
CA LYS C 68 -43.44 0.17 1.07
C LYS C 68 -44.40 0.29 2.24
N ALA C 69 -45.44 1.12 2.12
CA ALA C 69 -46.40 1.28 3.21
C ALA C 69 -47.11 -0.03 3.52
N LEU C 70 -47.48 -0.77 2.48
CA LEU C 70 -48.15 -2.06 2.65
C LEU C 70 -47.21 -3.13 3.13
N ARG C 71 -45.96 -2.80 3.42
CA ARG C 71 -44.98 -3.79 3.81
C ARG C 71 -44.35 -3.48 5.16
N GLY C 72 -44.64 -2.32 5.74
CA GLY C 72 -44.07 -1.92 7.02
C GLY C 72 -45.14 -1.58 8.04
N VAL C 73 -46.37 -2.05 7.81
CA VAL C 73 -47.45 -1.78 8.75
C VAL C 73 -47.14 -2.37 10.12
N GLU C 74 -46.61 -3.59 10.13
CA GLU C 74 -46.39 -4.30 11.38
C GLU C 74 -45.22 -3.75 12.17
N TYR C 75 -44.39 -2.89 11.57
CA TYR C 75 -43.26 -2.27 12.25
C TYR C 75 -43.37 -0.76 12.34
N ALA C 76 -44.59 -0.20 12.28
CA ALA C 76 -44.73 1.24 12.13
C ALA C 76 -44.20 1.99 13.34
N SER C 77 -44.51 1.52 14.55
CA SER C 77 -44.31 2.30 15.76
C SER C 77 -42.92 2.15 16.36
N ILE C 78 -41.92 1.75 15.59
CA ILE C 78 -40.57 1.61 16.13
C ILE C 78 -39.78 2.89 15.84
N PRO C 79 -39.21 3.55 16.84
CA PRO C 79 -38.49 4.80 16.58
C PRO C 79 -37.33 4.61 15.62
N THR C 80 -37.05 5.65 14.84
CA THR C 80 -35.93 5.63 13.91
C THR C 80 -34.61 5.81 14.64
N GLU C 81 -33.56 5.19 14.12
CA GLU C 81 -32.23 5.26 14.70
C GLU C 81 -31.38 6.22 13.88
N ALA C 82 -30.68 7.13 14.56
CA ALA C 82 -29.89 8.14 13.87
C ALA C 82 -28.69 7.48 13.19
N GLY C 83 -28.57 7.68 11.87
CA GLY C 83 -27.40 7.23 11.16
C GLY C 83 -27.29 5.73 10.96
N PHE C 84 -28.41 5.00 11.05
CA PHE C 84 -28.37 3.57 10.79
C PHE C 84 -28.31 3.30 9.29
N GLU C 85 -27.68 2.19 8.94
CA GLU C 85 -27.49 1.83 7.53
C GLU C 85 -27.63 0.32 7.36
N PRO C 86 -28.71 -0.17 6.75
CA PRO C 86 -28.92 -1.63 6.71
C PRO C 86 -27.83 -2.40 5.98
N SER C 87 -27.15 -1.78 5.02
CA SER C 87 -26.11 -2.50 4.29
C SER C 87 -24.86 -2.67 5.14
N LYS C 88 -24.51 -1.65 5.91
CA LYS C 88 -23.31 -1.68 6.75
C LYS C 88 -23.48 -2.57 7.97
N ALA C 89 -24.72 -2.93 8.34
CA ALA C 89 -24.92 -3.74 9.54
C ALA C 89 -24.93 -5.23 9.23
N LEU C 90 -25.34 -5.62 8.02
CA LEU C 90 -25.35 -7.03 7.64
C LEU C 90 -23.95 -7.57 7.42
N GLY C 91 -23.07 -6.78 6.82
CA GLY C 91 -21.70 -7.21 6.60
C GLY C 91 -21.58 -8.44 5.73
N ASP C 92 -21.01 -9.51 6.29
CA ASP C 92 -20.76 -10.72 5.51
C ASP C 92 -22.03 -11.54 5.31
N SER C 93 -23.07 -11.28 6.11
CA SER C 93 -24.25 -12.13 6.09
C SER C 93 -25.08 -11.98 4.83
N VAL C 94 -24.79 -10.99 3.98
CA VAL C 94 -25.62 -10.74 2.81
C VAL C 94 -25.56 -11.86 1.78
N SER C 95 -24.72 -12.88 2.00
CA SER C 95 -24.55 -13.95 1.03
C SER C 95 -25.43 -15.16 1.31
N GLN C 96 -26.56 -14.99 1.99
CA GLN C 96 -27.45 -16.11 2.30
C GLN C 96 -28.91 -15.72 2.07
N TYR C 97 -29.19 -15.12 0.92
CA TYR C 97 -30.54 -14.67 0.63
C TYR C 97 -30.78 -14.71 -0.87
N THR C 98 -32.05 -14.70 -1.26
CA THR C 98 -32.46 -15.04 -2.62
C THR C 98 -32.83 -13.82 -3.45
N ALA C 99 -32.24 -12.66 -3.15
CA ALA C 99 -32.37 -11.48 -3.99
C ALA C 99 -33.73 -10.81 -3.85
N ASP C 100 -34.65 -11.41 -3.10
CA ASP C 100 -35.87 -10.71 -2.73
C ASP C 100 -35.99 -10.59 -1.21
N GLU C 101 -35.47 -11.58 -0.49
CA GLU C 101 -35.33 -11.43 0.96
C GLU C 101 -34.43 -10.25 1.29
N LEU C 102 -33.38 -10.02 0.49
CA LEU C 102 -32.58 -8.81 0.63
C LEU C 102 -33.42 -7.56 0.40
N GLU C 103 -34.31 -7.59 -0.59
CA GLU C 103 -35.19 -6.45 -0.82
C GLU C 103 -36.06 -6.17 0.38
N PHE C 104 -36.58 -7.23 1.02
CA PHE C 104 -37.45 -7.05 2.17
C PHE C 104 -36.64 -6.66 3.42
N LEU C 105 -35.35 -6.96 3.45
CA LEU C 105 -34.53 -6.67 4.62
C LEU C 105 -33.90 -5.28 4.58
N SER C 106 -33.83 -4.64 3.41
CA SER C 106 -33.12 -3.38 3.31
C SER C 106 -33.96 -2.19 3.79
N ASP C 107 -35.16 -2.44 4.30
CA ASP C 107 -36.02 -1.38 4.79
C ASP C 107 -35.80 -1.05 6.26
N ALA C 108 -34.98 -1.82 6.96
CA ALA C 108 -34.79 -1.61 8.40
C ALA C 108 -34.25 -0.21 8.67
N ARG C 109 -34.79 0.44 9.69
CA ARG C 109 -34.32 1.75 10.13
C ARG C 109 -33.66 1.72 11.50
N SER C 110 -33.71 0.59 12.20
CA SER C 110 -33.05 0.47 13.50
C SER C 110 -32.78 -0.99 13.76
N SER C 111 -31.92 -1.27 14.74
CA SER C 111 -31.46 -2.63 14.96
C SER C 111 -32.61 -3.56 15.32
N ALA C 112 -33.53 -3.11 16.16
CA ALA C 112 -34.65 -3.96 16.54
C ALA C 112 -35.51 -4.33 15.33
N GLU C 113 -35.75 -3.37 14.44
CA GLU C 113 -36.54 -3.66 13.25
C GLU C 113 -35.87 -4.72 12.39
N LEU C 114 -34.55 -4.63 12.23
CA LEU C 114 -33.82 -5.64 11.48
C LEU C 114 -33.92 -7.00 12.16
N ALA C 115 -33.80 -7.03 13.48
CA ALA C 115 -33.89 -8.29 14.20
C ALA C 115 -35.24 -8.94 14.00
N GLN C 116 -36.31 -8.14 13.98
CA GLN C 116 -37.64 -8.71 13.79
C GLN C 116 -37.88 -9.15 12.35
N ARG C 117 -37.36 -8.39 11.38
CA ARG C 117 -37.52 -8.81 9.99
C ARG C 117 -36.79 -10.13 9.74
N ARG C 118 -35.59 -10.27 10.27
CA ARG C 118 -34.87 -11.53 10.12
C ARG C 118 -35.62 -12.69 10.75
N SER C 119 -36.41 -12.44 11.78
CA SER C 119 -37.23 -13.50 12.36
C SER C 119 -38.39 -13.86 11.44
N GLN C 120 -39.09 -12.86 10.90
CA GLN C 120 -40.23 -13.16 10.05
C GLN C 120 -39.81 -13.90 8.78
N VAL C 121 -38.64 -13.58 8.25
CA VAL C 121 -38.18 -14.23 7.02
C VAL C 121 -38.03 -15.74 7.24
N GLN C 122 -37.81 -16.16 8.48
CA GLN C 122 -37.59 -17.59 8.75
C GLN C 122 -38.92 -18.34 8.81
N ASP C 123 -39.91 -17.76 9.48
CA ASP C 123 -41.24 -18.36 9.45
C ASP C 123 -41.77 -18.45 8.03
N THR C 124 -41.46 -17.45 7.20
CA THR C 124 -41.91 -17.52 5.82
C THR C 124 -41.30 -18.70 5.07
N ARG C 125 -40.06 -19.07 5.37
CA ARG C 125 -39.49 -20.27 4.76
C ARG C 125 -40.13 -21.53 5.32
N ASN C 126 -40.30 -21.59 6.64
CA ASN C 126 -40.84 -22.80 7.26
C ASN C 126 -42.23 -23.11 6.74
N ASN C 127 -43.07 -22.09 6.59
CA ASN C 127 -44.42 -22.34 6.09
C ASN C 127 -44.40 -22.96 4.71
N TYR C 128 -43.55 -22.46 3.81
CA TYR C 128 -43.59 -22.93 2.43
C TYR C 128 -42.81 -24.23 2.24
N ASP C 129 -41.96 -24.61 3.20
CA ASP C 129 -41.31 -25.91 3.08
C ASP C 129 -42.34 -27.03 3.09
N ALA C 130 -43.31 -26.96 3.99
CA ALA C 130 -44.32 -28.01 4.07
C ALA C 130 -45.16 -28.09 2.81
N MET C 131 -45.56 -26.95 2.26
CA MET C 131 -46.41 -26.92 1.08
C MET C 131 -45.67 -27.37 -0.18
N GLY C 132 -44.34 -27.49 -0.12
CA GLY C 132 -43.60 -27.91 -1.29
C GLY C 132 -43.67 -29.39 -1.56
N GLN C 133 -44.25 -30.17 -0.64
CA GLN C 133 -44.33 -31.61 -0.85
C GLN C 133 -45.17 -31.97 -2.07
N ASN C 134 -46.11 -31.11 -2.46
CA ASN C 134 -46.94 -31.34 -3.63
C ASN C 134 -46.87 -30.11 -4.52
N MET C 135 -46.55 -30.31 -5.80
CA MET C 135 -46.33 -29.18 -6.69
C MET C 135 -47.59 -28.35 -6.86
N LEU C 136 -48.76 -29.01 -6.99
CA LEU C 136 -49.98 -28.27 -7.26
C LEU C 136 -50.31 -27.29 -6.13
N THR C 137 -50.11 -27.71 -4.88
CA THR C 137 -50.47 -26.85 -3.76
C THR C 137 -49.75 -25.51 -3.79
N THR C 138 -48.52 -25.46 -4.30
CA THR C 138 -47.83 -24.19 -4.44
C THR C 138 -48.47 -23.28 -5.48
N VAL C 139 -49.20 -23.83 -6.44
CA VAL C 139 -49.92 -23.01 -7.40
C VAL C 139 -51.10 -22.32 -6.71
N ALA C 140 -51.79 -23.05 -5.84
CA ALA C 140 -52.93 -22.45 -5.14
C ALA C 140 -52.49 -21.53 -4.02
N ALA C 141 -51.22 -21.57 -3.65
CA ALA C 141 -50.73 -20.66 -2.61
C ALA C 141 -50.79 -19.21 -3.04
N SER C 142 -50.73 -18.95 -4.34
CA SER C 142 -50.75 -17.58 -4.83
C SER C 142 -52.08 -16.88 -4.56
N MET C 143 -53.18 -17.63 -4.50
CA MET C 143 -54.51 -17.06 -4.36
C MET C 143 -55.07 -17.18 -2.96
N LEU C 144 -54.45 -17.97 -2.09
CA LEU C 144 -55.04 -18.27 -0.78
C LEU C 144 -54.22 -17.80 0.41
N ASP C 145 -53.02 -17.28 0.22
CA ASP C 145 -52.21 -16.76 1.32
C ASP C 145 -52.57 -15.29 1.52
N VAL C 146 -53.20 -14.97 2.65
CA VAL C 146 -53.69 -13.61 2.87
C VAL C 146 -52.52 -12.62 2.88
N ASP C 147 -51.43 -12.98 3.56
CA ASP C 147 -50.27 -12.10 3.61
C ASP C 147 -49.77 -11.72 2.23
N MET C 148 -49.93 -12.60 1.24
CA MET C 148 -49.40 -12.35 -0.09
C MET C 148 -50.35 -11.57 -0.96
N VAL C 149 -51.66 -11.70 -0.75
CA VAL C 149 -52.64 -11.07 -1.61
C VAL C 149 -53.11 -9.71 -1.07
N ILE C 150 -53.10 -9.51 0.25
CA ILE C 150 -53.45 -8.21 0.81
C ILE C 150 -52.17 -7.40 1.01
N GLY C 151 -51.27 -7.91 1.82
CA GLY C 151 -50.00 -7.25 2.05
C GLY C 151 -49.27 -7.79 3.26
N GLY C 152 -47.98 -7.46 3.39
CA GLY C 152 -47.18 -7.82 4.54
C GLY C 152 -46.32 -9.05 4.34
N GLY C 153 -46.53 -9.81 3.27
CA GLY C 153 -45.74 -11.00 3.05
C GLY C 153 -44.36 -10.69 2.52
N VAL C 154 -43.52 -11.71 2.50
CA VAL C 154 -42.15 -11.58 2.01
C VAL C 154 -42.12 -11.85 0.51
N GLY C 155 -42.44 -10.84 -0.28
CA GLY C 155 -42.45 -11.00 -1.72
C GLY C 155 -43.78 -11.49 -2.24
N ALA C 156 -44.37 -10.76 -3.18
CA ALA C 156 -45.63 -11.19 -3.78
C ALA C 156 -45.45 -11.46 -5.27
N LEU C 157 -44.72 -10.60 -5.97
CA LEU C 157 -44.51 -10.79 -7.40
C LEU C 157 -43.75 -12.08 -7.68
N SER C 158 -42.74 -12.40 -6.86
CA SER C 158 -41.94 -13.58 -7.11
C SER C 158 -42.78 -14.85 -7.06
N LYS C 159 -43.68 -14.96 -6.08
CA LYS C 159 -44.52 -16.15 -5.99
C LYS C 159 -45.46 -16.27 -7.18
N VAL C 160 -46.06 -15.16 -7.62
CA VAL C 160 -46.99 -15.23 -8.75
C VAL C 160 -46.25 -15.59 -10.02
N SER C 161 -45.09 -14.97 -10.26
CA SER C 161 -44.31 -15.23 -11.45
C SER C 161 -43.69 -16.62 -11.45
N ARG C 162 -43.67 -17.30 -10.30
CA ARG C 162 -43.25 -18.70 -10.24
C ARG C 162 -44.44 -19.64 -10.44
N ALA C 163 -45.59 -19.27 -9.88
CA ALA C 163 -46.79 -20.08 -10.08
C ALA C 163 -47.20 -20.12 -11.54
N THR C 164 -47.12 -18.99 -12.24
CA THR C 164 -47.45 -19.01 -13.66
C THR C 164 -46.55 -19.95 -14.44
N ARG C 165 -45.24 -19.92 -14.17
CA ARG C 165 -44.31 -20.80 -14.87
C ARG C 165 -44.59 -22.26 -14.54
N LEU C 166 -44.87 -22.57 -13.28
CA LEU C 166 -45.20 -23.95 -12.93
C LEU C 166 -46.47 -24.40 -13.65
N ALA C 167 -47.48 -23.54 -13.70
CA ALA C 167 -48.71 -23.90 -14.38
C ALA C 167 -48.48 -24.16 -15.86
N VAL C 168 -47.65 -23.34 -16.50
CA VAL C 168 -47.34 -23.56 -17.91
C VAL C 168 -46.58 -24.87 -18.09
N GLY C 169 -45.64 -25.15 -17.19
CA GLY C 169 -44.82 -26.35 -17.35
C GLY C 169 -45.61 -27.63 -17.23
N LEU C 170 -46.46 -27.73 -16.21
CA LEU C 170 -47.19 -28.97 -15.97
C LEU C 170 -48.09 -29.34 -17.13
N SER C 171 -48.60 -28.37 -17.88
CA SER C 171 -49.49 -28.66 -18.98
C SER C 171 -48.78 -29.29 -20.17
N ALA C 172 -47.45 -29.33 -20.16
CA ALA C 172 -46.70 -29.93 -21.25
C ALA C 172 -46.68 -31.44 -21.12
N THR C 185 -57.70 -30.10 -17.23
CA THR C 185 -56.31 -30.11 -16.76
C THR C 185 -55.36 -30.44 -17.89
N ILE C 186 -55.64 -29.89 -19.07
CA ILE C 186 -54.83 -30.08 -20.27
C ILE C 186 -54.42 -28.76 -20.90
N THR C 187 -54.74 -27.63 -20.27
CA THR C 187 -54.36 -26.32 -20.77
C THR C 187 -54.00 -25.46 -19.57
N PRO C 188 -53.16 -24.43 -19.74
CA PRO C 188 -52.70 -23.67 -18.57
C PRO C 188 -53.82 -23.10 -17.72
N LEU C 189 -54.93 -22.68 -18.30
CA LEU C 189 -56.04 -22.16 -17.51
C LEU C 189 -56.61 -23.25 -16.60
N ASP C 190 -56.73 -24.47 -17.12
CA ASP C 190 -57.32 -25.55 -16.34
C ASP C 190 -56.44 -25.94 -15.17
N VAL C 191 -55.12 -25.86 -15.33
CA VAL C 191 -54.25 -26.15 -14.20
C VAL C 191 -54.47 -25.14 -13.07
N VAL C 192 -54.61 -23.86 -13.41
CA VAL C 192 -54.90 -22.85 -12.39
C VAL C 192 -56.26 -23.13 -11.75
N GLY C 193 -57.25 -23.47 -12.57
CA GLY C 193 -58.58 -23.71 -12.03
C GLY C 193 -58.66 -24.91 -11.11
N THR C 194 -57.98 -26.00 -11.47
CA THR C 194 -58.06 -27.22 -10.66
C THR C 194 -57.22 -27.12 -9.40
N SER C 195 -56.12 -26.38 -9.44
CA SER C 195 -55.24 -26.31 -8.27
C SER C 195 -55.98 -25.82 -7.03
N VAL C 196 -57.03 -25.03 -7.20
CA VAL C 196 -57.82 -24.54 -6.07
C VAL C 196 -59.03 -25.41 -5.79
N GLY C 197 -59.55 -26.14 -6.77
CA GLY C 197 -60.61 -27.09 -6.51
C GLY C 197 -60.14 -28.13 -5.52
N ILE C 198 -58.96 -28.67 -5.76
CA ILE C 198 -58.26 -29.48 -4.76
C ILE C 198 -57.77 -28.52 -3.69
N ALA C 199 -57.34 -29.04 -2.55
CA ALA C 199 -56.81 -28.22 -1.47
C ALA C 199 -57.93 -27.50 -0.73
N MET C 200 -59.17 -27.71 -1.17
CA MET C 200 -60.32 -27.12 -0.50
C MET C 200 -61.47 -28.11 -0.34
N SER C 201 -61.34 -29.30 -0.90
CA SER C 201 -62.42 -30.29 -0.85
C SER C 201 -62.27 -31.27 0.30
N ALA C 202 -61.28 -31.11 1.17
CA ALA C 202 -61.04 -32.06 2.24
C ALA C 202 -62.05 -31.84 3.36
N ILE C 203 -62.88 -32.84 3.63
CA ILE C 203 -63.93 -32.75 4.63
C ILE C 203 -63.29 -32.64 6.02
N PRO C 204 -63.61 -31.62 6.81
CA PRO C 204 -62.92 -31.46 8.10
C PRO C 204 -63.47 -32.39 9.17
N GLY C 205 -62.68 -32.56 10.21
CA GLY C 205 -63.07 -33.38 11.36
C GLY C 205 -63.44 -32.50 12.54
N ILE C 206 -64.40 -32.96 13.33
CA ILE C 206 -64.94 -32.20 14.46
C ILE C 206 -64.64 -32.97 15.74
N ARG C 207 -64.44 -32.23 16.84
CA ARG C 207 -64.22 -32.85 18.13
C ARG C 207 -65.55 -33.28 18.73
N LYS C 208 -65.51 -34.32 19.56
CA LYS C 208 -66.69 -34.82 20.25
C LYS C 208 -66.27 -35.43 21.57
N VAL C 209 -67.18 -35.39 22.55
CA VAL C 209 -66.91 -35.99 23.85
C VAL C 209 -66.87 -37.50 23.71
N ALA C 210 -66.07 -38.14 24.56
CA ALA C 210 -65.85 -39.57 24.48
C ALA C 210 -66.01 -40.20 25.86
N LYS C 211 -66.35 -41.48 25.86
CA LYS C 211 -66.39 -42.27 27.09
C LYS C 211 -64.97 -42.70 27.45
N ALA C 212 -64.60 -42.54 28.72
CA ALA C 212 -63.21 -42.75 29.12
C ALA C 212 -62.77 -44.17 28.87
N GLU C 213 -63.63 -45.15 29.13
CA GLU C 213 -63.22 -46.54 29.03
C GLU C 213 -62.80 -46.92 27.61
N GLN C 214 -63.56 -46.48 26.62
CA GLN C 214 -63.24 -46.85 25.23
C GLN C 214 -61.89 -46.30 24.82
N VAL C 215 -61.58 -45.06 25.20
CA VAL C 215 -60.30 -44.46 24.81
C VAL C 215 -59.14 -45.20 25.45
N GLN C 216 -59.27 -45.54 26.73
CA GLN C 216 -58.19 -46.25 27.41
C GLN C 216 -57.95 -47.62 26.79
N GLN C 217 -59.02 -48.31 26.39
CA GLN C 217 -58.87 -49.58 25.70
C GLN C 217 -58.09 -49.40 24.40
N GLY C 218 -58.43 -48.37 23.62
CA GLY C 218 -57.72 -48.14 22.38
C GLY C 218 -56.25 -47.82 22.60
N ALA C 219 -55.95 -46.99 23.60
CA ALA C 219 -54.57 -46.62 23.86
C ALA C 219 -53.76 -47.80 24.36
N VAL C 220 -54.38 -48.70 25.12
CA VAL C 220 -53.66 -49.89 25.60
C VAL C 220 -53.26 -50.82 24.47
N ARG C 221 -54.04 -50.88 23.39
CA ARG C 221 -53.66 -51.67 22.22
C ARG C 221 -52.49 -51.05 21.47
N GLY C 222 -52.15 -49.80 21.76
CA GLY C 222 -50.84 -49.26 21.47
C GLY C 222 -49.88 -49.66 22.57
N GLY C 223 -48.62 -49.31 22.38
CA GLY C 223 -47.61 -49.76 23.32
C GLY C 223 -47.39 -51.24 23.11
N VAL C 224 -48.39 -52.04 23.47
CA VAL C 224 -48.53 -53.34 22.83
C VAL C 224 -48.82 -53.09 21.37
N ASN C 225 -48.27 -53.95 20.50
CA ASN C 225 -48.16 -53.70 19.06
C ASN C 225 -47.15 -52.60 18.77
N ALA C 226 -46.55 -52.03 19.81
CA ALA C 226 -45.46 -51.07 19.62
C ALA C 226 -44.31 -51.33 20.59
N ALA C 227 -44.41 -52.34 21.45
CA ALA C 227 -43.29 -52.78 22.29
C ALA C 227 -42.78 -54.15 21.93
N GLU C 228 -43.32 -54.81 20.91
CA GLU C 228 -42.77 -56.08 20.46
C GLU C 228 -41.42 -55.91 19.79
N ASP C 229 -41.00 -54.67 19.52
CA ASP C 229 -39.71 -54.40 18.93
C ASP C 229 -38.64 -54.09 19.98
N ALA C 230 -38.96 -54.26 21.27
CA ALA C 230 -38.00 -54.04 22.34
C ALA C 230 -37.11 -55.28 22.47
N ALA C 231 -35.83 -55.07 22.78
CA ALA C 231 -34.90 -56.18 22.95
C ALA C 231 -35.13 -56.95 24.24
N GLY C 232 -35.50 -56.29 25.32
CA GLY C 232 -35.71 -56.98 26.58
C GLY C 232 -34.48 -57.58 27.20
N THR C 233 -33.37 -56.83 27.22
CA THR C 233 -32.14 -57.29 27.86
C THR C 233 -32.05 -56.85 29.32
N VAL C 234 -33.05 -56.15 29.83
CA VAL C 234 -33.13 -55.80 31.24
C VAL C 234 -34.41 -56.40 31.80
N VAL C 235 -34.29 -57.10 32.93
CA VAL C 235 -35.42 -57.85 33.49
C VAL C 235 -35.85 -58.90 32.47
N PRO C 236 -35.07 -59.95 32.26
CA PRO C 236 -35.43 -60.96 31.26
C PRO C 236 -36.72 -61.67 31.64
N PRO C 237 -37.25 -62.51 30.75
CA PRO C 237 -38.50 -63.23 31.08
C PRO C 237 -38.38 -64.16 32.26
N LYS C 238 -37.18 -64.61 32.61
CA LYS C 238 -37.02 -65.46 33.78
C LYS C 238 -37.45 -64.75 35.05
N ASP C 239 -37.41 -63.41 35.05
CA ASP C 239 -37.62 -62.60 36.24
C ASP C 239 -38.78 -61.62 36.08
N VAL C 240 -39.91 -62.10 35.56
CA VAL C 240 -41.10 -61.29 35.38
C VAL C 240 -42.22 -61.84 36.26
N THR C 241 -43.09 -60.94 36.72
CA THR C 241 -44.25 -61.33 37.51
C THR C 241 -45.34 -60.29 37.33
N VAL C 242 -46.58 -60.72 37.56
CA VAL C 242 -47.73 -59.83 37.39
C VAL C 242 -47.78 -58.86 38.57
N PRO C 243 -48.12 -57.59 38.37
CA PRO C 243 -48.22 -56.67 39.50
C PRO C 243 -49.53 -56.88 40.25
N PRO C 244 -49.55 -56.68 41.56
CA PRO C 244 -50.77 -56.96 42.33
C PRO C 244 -51.86 -55.91 42.21
N VAL C 245 -51.71 -54.91 41.34
CA VAL C 245 -52.72 -53.88 41.13
C VAL C 245 -52.86 -53.62 39.65
N ARG C 246 -54.05 -53.21 39.22
CA ARG C 246 -54.33 -52.99 37.81
C ARG C 246 -53.96 -51.56 37.42
N GLU C 247 -53.14 -51.43 36.38
CA GLU C 247 -52.76 -50.12 35.89
C GLU C 247 -53.84 -49.55 34.96
N VAL C 248 -53.63 -48.32 34.54
CA VAL C 248 -54.52 -47.68 33.58
C VAL C 248 -53.83 -46.43 33.04
N PRO C 249 -53.81 -46.21 31.73
CA PRO C 249 -53.14 -45.02 31.20
C PRO C 249 -53.92 -43.75 31.48
N GLU C 250 -53.31 -42.62 31.13
CA GLU C 250 -53.82 -41.29 31.47
C GLU C 250 -54.28 -40.50 30.25
N VAL C 251 -54.95 -41.16 29.30
CA VAL C 251 -55.37 -40.48 28.08
C VAL C 251 -56.58 -39.60 28.36
N GLN C 252 -56.85 -38.67 27.43
CA GLN C 252 -58.00 -37.79 27.52
C GLN C 252 -59.20 -38.36 26.76
N PRO C 253 -60.42 -38.02 27.19
CA PRO C 253 -61.64 -38.54 26.53
C PRO C 253 -62.10 -37.68 25.35
N ILE C 254 -61.49 -37.89 24.18
CA ILE C 254 -61.81 -37.14 22.97
C ILE C 254 -61.92 -38.10 21.79
N LYS C 255 -62.86 -37.81 20.90
CA LYS C 255 -62.98 -38.48 19.61
C LYS C 255 -62.76 -37.48 18.48
N THR C 256 -62.96 -37.95 17.26
CA THR C 256 -63.07 -37.12 16.07
C THR C 256 -64.12 -37.71 15.15
N VAL C 257 -64.92 -36.84 14.54
CA VAL C 257 -66.04 -37.26 13.71
C VAL C 257 -66.08 -36.40 12.46
N ALA C 258 -66.32 -37.04 11.32
CA ALA C 258 -66.41 -36.33 10.05
C ALA C 258 -67.63 -35.41 10.04
N ASP C 259 -67.45 -34.22 9.49
CA ASP C 259 -68.54 -33.26 9.43
C ASP C 259 -69.57 -33.68 8.39
N GLU C 260 -70.80 -33.19 8.54
CA GLU C 260 -71.89 -33.60 7.67
C GLU C 260 -72.39 -32.48 6.75
N ASP C 261 -72.22 -31.22 7.15
CA ASP C 261 -72.78 -30.11 6.39
C ASP C 261 -71.81 -29.54 5.36
N TYR C 262 -70.59 -30.03 5.31
CA TYR C 262 -69.63 -29.50 4.34
C TYR C 262 -70.07 -29.84 2.93
N PRO C 263 -69.96 -28.91 1.98
CA PRO C 263 -70.40 -29.21 0.61
C PRO C 263 -69.37 -30.02 -0.14
N LYS C 264 -69.82 -30.71 -1.19
CA LYS C 264 -68.96 -31.48 -2.07
C LYS C 264 -68.57 -30.59 -3.25
N ILE C 265 -67.43 -29.93 -3.16
CA ILE C 265 -67.02 -28.92 -4.13
C ILE C 265 -66.21 -29.58 -5.23
N ASP C 266 -66.58 -29.32 -6.48
CA ASP C 266 -65.83 -29.77 -7.64
C ASP C 266 -65.93 -28.68 -8.69
N ILE C 267 -64.93 -28.62 -9.56
CA ILE C 267 -64.82 -27.56 -10.57
C ILE C 267 -65.03 -28.17 -11.94
N ASP C 268 -65.87 -27.52 -12.75
CA ASP C 268 -66.11 -27.96 -14.11
C ASP C 268 -65.04 -27.40 -15.04
N THR C 269 -64.33 -28.29 -15.74
CA THR C 269 -63.29 -27.89 -16.68
C THR C 269 -63.46 -28.55 -18.04
N TYR C 270 -64.69 -28.92 -18.41
CA TYR C 270 -64.97 -29.57 -19.68
C TYR C 270 -66.01 -28.87 -20.52
N SER C 271 -66.61 -27.79 -20.03
CA SER C 271 -67.69 -27.14 -20.77
C SER C 271 -67.20 -26.58 -22.10
N ASN C 272 -66.03 -25.95 -22.10
CA ASN C 272 -65.52 -25.27 -23.29
C ASN C 272 -64.71 -26.20 -24.20
N LYS C 273 -64.92 -27.51 -24.11
CA LYS C 273 -64.20 -28.47 -24.93
C LYS C 273 -65.15 -29.60 -25.30
N GLU C 274 -64.82 -30.29 -26.40
CA GLU C 274 -65.61 -31.43 -26.82
C GLU C 274 -65.43 -32.58 -25.82
N HIS C 275 -66.53 -33.25 -25.49
CA HIS C 275 -66.50 -34.29 -24.47
C HIS C 275 -67.66 -35.25 -24.67
N ILE C 276 -67.59 -36.38 -23.99
CA ILE C 276 -68.57 -37.46 -24.09
C ILE C 276 -69.27 -37.61 -22.76
N GLU C 277 -70.61 -37.61 -22.79
CA GLU C 277 -71.42 -37.79 -21.59
C GLU C 277 -71.98 -39.20 -21.55
N VAL C 278 -71.90 -39.82 -20.38
CA VAL C 278 -72.40 -41.18 -20.17
C VAL C 278 -73.54 -41.11 -19.17
N GLY C 279 -74.73 -41.52 -19.60
CA GLY C 279 -75.88 -41.55 -18.72
C GLY C 279 -76.35 -40.19 -18.29
N ARG C 280 -76.84 -39.41 -19.25
CA ARG C 280 -77.42 -38.10 -18.95
C ARG C 280 -78.94 -38.13 -19.10
N SER C 288 -70.31 -37.83 -9.51
CA SER C 288 -69.91 -38.16 -10.88
C SER C 288 -68.43 -38.53 -10.92
N LEU C 289 -68.03 -39.19 -12.01
CA LEU C 289 -66.66 -39.64 -12.19
C LEU C 289 -66.12 -39.08 -13.51
N LYS C 290 -64.87 -38.64 -13.49
CA LYS C 290 -64.24 -37.99 -14.64
C LYS C 290 -62.96 -38.72 -15.01
N THR C 291 -62.85 -39.12 -16.26
CA THR C 291 -61.67 -39.83 -16.76
C THR C 291 -61.45 -39.43 -18.22
N THR C 292 -60.51 -40.11 -18.88
CA THR C 292 -60.13 -39.79 -20.24
C THR C 292 -60.53 -40.93 -21.18
N VAL C 293 -60.61 -40.62 -22.47
CA VAL C 293 -61.10 -41.59 -23.44
C VAL C 293 -60.16 -42.77 -23.56
N GLN C 294 -58.85 -42.51 -23.63
CA GLN C 294 -57.89 -43.60 -23.75
C GLN C 294 -57.81 -44.44 -22.49
N ASN C 295 -58.42 -43.99 -21.39
CA ASN C 295 -58.49 -44.79 -20.18
C ASN C 295 -59.76 -45.62 -20.14
N ALA C 296 -60.89 -45.03 -20.54
CA ALA C 296 -62.17 -45.73 -20.48
C ALA C 296 -62.20 -46.91 -21.44
N VAL C 297 -61.64 -46.74 -22.64
CA VAL C 297 -61.78 -47.75 -23.68
C VAL C 297 -61.20 -49.09 -23.21
N LEU C 298 -60.02 -49.07 -22.60
CA LEU C 298 -59.41 -50.31 -22.15
C LEU C 298 -60.32 -51.06 -21.20
N ALA C 299 -60.95 -50.35 -20.26
CA ALA C 299 -61.85 -51.00 -19.32
C ALA C 299 -62.99 -51.70 -20.03
N VAL C 300 -63.47 -51.15 -21.14
CA VAL C 300 -64.58 -51.78 -21.85
C VAL C 300 -64.15 -53.11 -22.44
N THR C 301 -62.98 -53.16 -23.08
CA THR C 301 -62.53 -54.41 -23.69
C THR C 301 -62.29 -55.48 -22.65
N ALA C 302 -61.66 -55.13 -21.53
CA ALA C 302 -61.35 -56.12 -20.51
C ALA C 302 -62.63 -56.77 -19.97
N LEU C 303 -63.58 -55.96 -19.55
CA LEU C 303 -64.86 -56.49 -19.05
C LEU C 303 -65.88 -56.52 -20.17
N GLY C 304 -65.52 -57.14 -21.30
CA GLY C 304 -66.38 -57.16 -22.46
C GLY C 304 -66.51 -58.54 -23.08
N ASP C 305 -66.56 -59.58 -22.25
CA ASP C 305 -66.62 -60.94 -22.75
C ASP C 305 -67.91 -61.23 -23.52
N ASP C 306 -68.93 -60.39 -23.38
CA ASP C 306 -70.20 -60.59 -24.06
C ASP C 306 -70.31 -59.81 -25.36
N LEU C 307 -69.18 -59.53 -26.03
CA LEU C 307 -69.18 -58.73 -27.24
C LEU C 307 -68.83 -59.60 -28.44
N PRO C 308 -69.33 -59.27 -29.62
CA PRO C 308 -68.91 -60.00 -30.83
C PRO C 308 -67.41 -59.88 -31.03
N GLU C 309 -66.79 -60.95 -31.52
CA GLU C 309 -65.36 -60.96 -31.73
C GLU C 309 -65.02 -60.41 -33.11
N VAL C 311 -65.17 -56.92 -33.11
CA VAL C 311 -65.49 -55.71 -32.38
C VAL C 311 -64.53 -55.55 -31.21
N ARG C 312 -64.31 -56.65 -30.49
CA ARG C 312 -63.36 -56.61 -29.38
C ARG C 312 -61.95 -56.35 -29.88
N ALA C 313 -61.59 -56.95 -31.02
CA ALA C 313 -60.28 -56.68 -31.61
C ALA C 313 -60.17 -55.23 -32.05
N LEU C 314 -61.25 -54.68 -32.60
CA LEU C 314 -61.25 -53.26 -32.94
C LEU C 314 -61.03 -52.40 -31.72
N GLY C 315 -61.69 -52.76 -30.61
CA GLY C 315 -61.48 -52.02 -29.37
C GLY C 315 -60.04 -52.10 -28.89
N ARG C 316 -59.44 -53.29 -28.97
CA ARG C 316 -58.04 -53.42 -28.59
C ARG C 316 -57.14 -52.55 -29.46
N ALA C 317 -57.36 -52.58 -30.77
CA ALA C 317 -56.53 -51.79 -31.68
C ALA C 317 -56.69 -50.30 -31.42
N LEU C 318 -57.92 -49.85 -31.14
CA LEU C 318 -58.14 -48.44 -30.85
C LEU C 318 -57.50 -48.04 -29.53
N GLY C 319 -57.53 -48.94 -28.54
CA GLY C 319 -57.00 -48.60 -27.23
C GLY C 319 -55.52 -48.28 -27.25
N ALA C 320 -54.80 -48.77 -28.27
CA ALA C 320 -53.39 -48.46 -28.45
C ALA C 320 -53.17 -47.28 -29.38
N SER C 321 -54.23 -46.64 -29.85
CA SER C 321 -54.12 -45.49 -30.73
C SER C 321 -53.24 -44.40 -30.10
N ARG C 356 -59.22 -36.05 -24.61
CA ARG C 356 -60.55 -35.58 -24.28
C ARG C 356 -60.88 -35.76 -22.81
N ALA C 357 -62.13 -35.43 -22.46
CA ALA C 357 -62.65 -35.65 -21.12
C ALA C 357 -63.95 -36.42 -21.21
N GLU C 358 -64.14 -37.35 -20.27
CA GLU C 358 -65.35 -38.14 -20.18
C GLU C 358 -65.88 -38.08 -18.76
N ILE C 359 -67.21 -38.10 -18.64
CA ILE C 359 -67.88 -37.98 -17.35
C ILE C 359 -68.99 -39.01 -17.28
N PHE C 360 -69.06 -39.71 -16.15
CA PHE C 360 -70.14 -40.64 -15.85
C PHE C 360 -71.00 -40.01 -14.76
N ASN C 361 -72.31 -40.02 -14.96
CA ASN C 361 -73.22 -39.48 -13.96
C ASN C 361 -73.64 -40.58 -12.99
N THR C 367 -64.13 -46.83 -8.53
CA THR C 367 -65.44 -47.37 -8.85
C THR C 367 -65.65 -47.45 -10.36
N LEU C 368 -64.63 -47.08 -11.13
CA LEU C 368 -64.73 -47.13 -12.59
C LEU C 368 -65.04 -48.54 -13.06
N SER C 369 -64.39 -49.54 -12.45
CA SER C 369 -64.54 -50.92 -12.88
C SER C 369 -65.97 -51.43 -12.75
N ASP C 370 -66.82 -50.78 -11.95
CA ASP C 370 -68.20 -51.19 -11.79
C ASP C 370 -69.18 -50.35 -12.58
N HIS C 371 -68.86 -49.09 -12.87
CA HIS C 371 -69.73 -48.28 -13.71
C HIS C 371 -69.98 -48.97 -15.05
N VAL C 372 -68.91 -49.42 -15.71
CA VAL C 372 -69.05 -50.12 -16.99
C VAL C 372 -69.74 -51.46 -16.85
N ARG C 373 -69.72 -52.07 -15.67
CA ARG C 373 -70.44 -53.31 -15.44
C ARG C 373 -71.94 -53.12 -15.41
N GLY C 374 -72.42 -51.94 -15.00
CA GLY C 374 -73.84 -51.66 -14.96
C GLY C 374 -74.36 -51.12 -16.27
N MET C 375 -73.85 -51.64 -17.39
CA MET C 375 -74.25 -51.19 -18.71
C MET C 375 -74.60 -52.39 -19.56
N SER C 376 -75.57 -52.21 -20.44
CA SER C 376 -75.97 -53.26 -21.37
C SER C 376 -74.93 -53.40 -22.47
N THR C 377 -74.98 -54.54 -23.17
CA THR C 377 -74.02 -54.79 -24.23
C THR C 377 -74.15 -53.79 -25.36
N TYR C 378 -75.37 -53.35 -25.65
CA TYR C 378 -75.58 -52.42 -26.77
C TYR C 378 -74.93 -51.08 -26.51
N GLU C 379 -75.13 -50.53 -25.31
CA GLU C 379 -74.62 -49.19 -25.01
C GLU C 379 -73.10 -49.14 -25.11
N LYS C 380 -72.43 -50.14 -24.55
CA LYS C 380 -70.98 -50.10 -24.50
C LYS C 380 -70.34 -50.32 -25.87
N THR C 381 -71.13 -50.68 -26.88
CA THR C 381 -70.65 -50.61 -28.25
C THR C 381 -70.81 -49.22 -28.84
N ILE C 382 -71.89 -48.52 -28.50
CA ILE C 382 -72.03 -47.13 -28.91
C ILE C 382 -70.93 -46.29 -28.28
N LEU C 383 -70.47 -46.67 -27.10
CA LEU C 383 -69.37 -45.96 -26.47
C LEU C 383 -68.10 -46.02 -27.32
N LEU C 384 -67.79 -47.18 -27.88
CA LEU C 384 -66.66 -47.28 -28.82
C LEU C 384 -66.96 -46.61 -30.14
N HIS C 385 -68.20 -46.67 -30.61
CA HIS C 385 -68.56 -46.04 -31.88
C HIS C 385 -68.34 -44.53 -31.83
N GLU C 386 -68.71 -43.90 -30.72
CA GLU C 386 -68.46 -42.47 -30.58
C GLU C 386 -66.98 -42.17 -30.31
N ALA C 387 -66.29 -43.07 -29.62
CA ALA C 387 -64.86 -42.88 -29.43
C ALA C 387 -64.09 -42.99 -30.73
N ALA C 388 -64.73 -43.48 -31.80
CA ALA C 388 -64.10 -43.53 -33.11
C ALA C 388 -63.96 -42.14 -33.73
N HIS C 389 -64.48 -41.11 -33.08
CA HIS C 389 -64.31 -39.73 -33.55
C HIS C 389 -62.91 -39.22 -33.28
N ALA C 390 -61.97 -40.10 -32.93
CA ALA C 390 -60.61 -39.70 -32.63
C ALA C 390 -59.99 -38.88 -33.76
N LYS C 391 -60.60 -38.93 -34.96
CA LYS C 391 -60.10 -38.16 -36.09
C LYS C 391 -59.99 -36.67 -35.76
N THR C 392 -60.98 -36.12 -35.05
CA THR C 392 -60.95 -34.69 -34.76
C THR C 392 -59.63 -34.28 -34.13
N GLY C 393 -59.15 -35.05 -33.16
CA GLY C 393 -57.84 -34.77 -32.60
C GLY C 393 -56.74 -34.80 -33.64
N ARG C 394 -56.94 -35.55 -34.72
CA ARG C 394 -55.92 -35.69 -35.76
C ARG C 394 -56.18 -34.78 -36.96
N SER C 395 -57.43 -34.44 -37.23
CA SER C 395 -57.70 -33.45 -38.26
C SER C 395 -57.13 -32.09 -37.86
N ILE C 396 -57.25 -31.74 -36.58
CA ILE C 396 -56.75 -30.44 -36.12
C ILE C 396 -55.24 -30.38 -36.26
N ARG C 397 -54.54 -31.44 -35.86
CA ARG C 397 -53.08 -31.44 -35.93
C ARG C 397 -52.56 -31.30 -37.35
N ALA C 398 -53.36 -31.64 -38.36
CA ALA C 398 -52.94 -31.54 -39.75
C ALA C 398 -53.38 -30.22 -40.36
N VAL C 399 -54.11 -29.41 -39.61
CA VAL C 399 -54.45 -28.06 -40.02
C VAL C 399 -53.43 -27.11 -39.41
N GLU C 400 -53.19 -27.29 -38.11
CA GLU C 400 -52.04 -26.67 -37.47
C GLU C 400 -50.78 -27.42 -37.87
N SER C 401 -49.65 -26.73 -37.77
CA SER C 401 -48.36 -27.34 -38.11
C SER C 401 -47.80 -28.20 -36.99
N GLY C 402 -48.59 -29.13 -36.47
CA GLY C 402 -48.11 -30.05 -35.46
C GLY C 402 -47.55 -31.31 -36.09
N ALA C 403 -48.34 -31.95 -36.94
CA ALA C 403 -47.86 -33.06 -37.77
C ALA C 403 -47.32 -32.45 -39.06
N VAL C 404 -46.05 -32.04 -39.01
CA VAL C 404 -45.50 -31.21 -40.07
C VAL C 404 -45.65 -31.90 -41.42
N SER C 405 -44.90 -32.99 -41.63
CA SER C 405 -44.92 -33.67 -42.92
C SER C 405 -44.93 -35.18 -42.75
N ASP C 406 -45.25 -35.66 -41.55
CA ASP C 406 -45.24 -37.08 -41.28
C ASP C 406 -46.14 -37.80 -42.28
N GLY C 407 -45.57 -38.82 -42.92
CA GLY C 407 -46.32 -39.54 -43.93
C GLY C 407 -47.56 -40.19 -43.35
N VAL C 408 -48.29 -40.87 -44.24
CA VAL C 408 -49.48 -41.64 -43.87
C VAL C 408 -50.61 -40.70 -43.47
N VAL C 409 -50.50 -40.09 -42.29
CA VAL C 409 -51.58 -39.23 -41.81
C VAL C 409 -51.68 -37.96 -42.65
N TYR C 410 -50.54 -37.36 -42.97
CA TYR C 410 -50.53 -36.17 -43.80
C TYR C 410 -51.13 -36.43 -45.18
N GLU C 411 -50.90 -37.61 -45.75
CA GLU C 411 -51.48 -37.93 -47.04
C GLU C 411 -52.96 -38.26 -46.92
N ALA C 412 -53.35 -38.94 -45.83
CA ALA C 412 -54.75 -39.28 -45.63
C ALA C 412 -55.60 -38.03 -45.50
N VAL C 413 -55.11 -37.02 -44.77
CA VAL C 413 -55.85 -35.78 -44.67
C VAL C 413 -56.02 -35.13 -46.03
N GLN C 414 -54.97 -35.10 -46.85
CA GLN C 414 -55.06 -34.47 -48.16
C GLN C 414 -56.08 -35.18 -49.04
N ARG C 415 -56.06 -36.51 -49.04
CA ARG C 415 -56.99 -37.26 -49.90
C ARG C 415 -58.35 -37.48 -49.28
N ILE C 416 -58.58 -37.00 -48.06
CA ILE C 416 -59.94 -36.79 -47.58
C ILE C 416 -60.45 -35.42 -47.98
N LYS C 417 -59.60 -34.40 -47.92
CA LYS C 417 -60.00 -33.07 -48.35
C LYS C 417 -60.33 -33.05 -49.84
N GLU C 418 -59.58 -33.80 -50.65
CA GLU C 418 -59.89 -33.86 -52.07
C GLU C 418 -61.29 -34.41 -52.31
N ILE C 419 -61.65 -35.48 -51.61
CA ILE C 419 -63.00 -36.03 -51.75
C ILE C 419 -64.02 -35.02 -51.27
N GLN C 420 -63.76 -34.35 -50.14
CA GLN C 420 -64.67 -33.31 -49.69
C GLN C 420 -64.93 -32.29 -50.78
N TRP C 421 -63.88 -31.87 -51.49
CA TRP C 421 -64.08 -30.94 -52.59
C TRP C 421 -64.91 -31.55 -53.71
N TYR C 422 -64.66 -32.83 -54.02
CA TYR C 422 -65.29 -33.42 -55.20
C TYR C 422 -66.80 -33.41 -55.11
N VAL C 423 -67.36 -33.75 -53.95
CA VAL C 423 -68.80 -33.97 -53.86
C VAL C 423 -69.60 -32.72 -54.22
N LYS C 424 -69.05 -31.53 -53.98
CA LYS C 424 -69.78 -30.31 -54.28
C LYS C 424 -70.09 -30.22 -55.77
N ALA C 425 -69.05 -30.25 -56.60
CA ALA C 425 -69.22 -29.97 -58.02
C ALA C 425 -70.03 -31.05 -58.72
N ASN C 426 -69.92 -32.30 -58.27
CA ASN C 426 -70.50 -33.41 -59.00
C ASN C 426 -71.78 -33.96 -58.38
N VAL C 427 -72.08 -33.62 -57.13
CA VAL C 427 -73.28 -34.13 -56.47
C VAL C 427 -73.96 -33.01 -55.71
N ASP C 446 -65.45 -27.07 -44.25
CA ASP C 446 -64.43 -27.59 -43.36
C ASP C 446 -64.54 -29.11 -43.28
N THR C 447 -63.49 -29.76 -42.79
CA THR C 447 -63.48 -31.22 -42.76
C THR C 447 -64.36 -31.76 -41.64
N HIS C 448 -64.50 -31.02 -40.54
CA HIS C 448 -65.19 -31.55 -39.37
C HIS C 448 -66.63 -31.91 -39.66
N GLU C 449 -67.37 -31.03 -40.34
CA GLU C 449 -68.78 -31.31 -40.60
C GLU C 449 -68.96 -32.50 -41.54
N PHE C 450 -68.09 -32.61 -42.55
CA PHE C 450 -68.16 -33.76 -43.45
C PHE C 450 -67.91 -35.05 -42.69
N ILE C 451 -66.85 -35.07 -41.87
CA ILE C 451 -66.55 -36.26 -41.09
C ILE C 451 -67.69 -36.60 -40.15
N SER C 452 -68.29 -35.60 -39.50
CA SER C 452 -69.40 -35.87 -38.60
C SER C 452 -70.60 -36.43 -39.35
N GLN C 453 -70.90 -35.86 -40.51
CA GLN C 453 -72.01 -36.37 -41.31
C GLN C 453 -71.78 -37.82 -41.71
N LEU C 454 -70.52 -38.21 -41.93
CA LEU C 454 -70.25 -39.60 -42.27
C LEU C 454 -70.78 -40.54 -41.18
N PHE C 455 -70.81 -40.08 -39.93
CA PHE C 455 -71.29 -40.90 -38.82
C PHE C 455 -72.78 -40.71 -38.58
N ASN C 456 -73.20 -39.46 -38.34
CA ASN C 456 -74.51 -39.14 -37.79
C ASN C 456 -75.61 -39.07 -38.85
N SER C 457 -75.76 -40.08 -39.68
CA SER C 457 -76.75 -40.07 -40.76
C SER C 457 -76.72 -41.42 -41.46
N GLU C 458 -77.79 -41.72 -42.18
CA GLU C 458 -77.90 -42.98 -42.90
C GLU C 458 -77.89 -42.78 -44.41
N HIS C 459 -78.82 -41.98 -44.92
CA HIS C 459 -78.93 -41.80 -46.37
C HIS C 459 -77.76 -41.03 -46.95
N PHE C 460 -77.04 -40.25 -46.14
CA PHE C 460 -75.82 -39.61 -46.63
C PHE C 460 -74.82 -40.65 -47.08
N ARG C 461 -74.65 -41.72 -46.31
CA ARG C 461 -73.78 -42.80 -46.75
C ARG C 461 -74.31 -43.44 -48.03
N ASP C 462 -75.62 -43.64 -48.11
CA ASP C 462 -76.22 -44.22 -49.31
C ASP C 462 -76.00 -43.37 -50.55
N ALA C 463 -75.87 -42.05 -50.40
CA ALA C 463 -75.64 -41.19 -51.55
C ALA C 463 -74.30 -41.52 -52.21
N LEU C 464 -73.26 -41.77 -51.41
CA LEU C 464 -71.93 -41.99 -51.94
C LEU C 464 -71.73 -43.38 -52.52
N ARG C 465 -72.67 -44.30 -52.32
CA ARG C 465 -72.53 -45.64 -52.88
C ARG C 465 -72.79 -45.67 -54.38
N SER C 466 -73.61 -44.75 -54.88
CA SER C 466 -74.04 -44.79 -56.27
C SER C 466 -73.04 -44.11 -57.20
N VAL C 467 -71.81 -43.90 -56.74
CA VAL C 467 -70.79 -43.23 -57.55
C VAL C 467 -69.47 -43.96 -57.35
N LYS C 468 -68.71 -44.09 -58.43
CA LYS C 468 -67.35 -44.61 -58.38
C LYS C 468 -66.35 -43.47 -58.53
N MET C 469 -65.14 -43.70 -58.03
CA MET C 469 -64.15 -42.63 -58.05
C MET C 469 -63.72 -42.34 -59.49
N PRO C 470 -63.25 -41.12 -59.76
CA PRO C 470 -62.83 -40.78 -61.12
C PRO C 470 -61.42 -41.25 -61.44
N GLY C 471 -60.71 -41.80 -60.46
CA GLY C 471 -59.31 -42.14 -60.65
C GLY C 471 -58.87 -43.44 -60.01
N SER C 472 -59.81 -44.30 -59.64
CA SER C 472 -59.46 -45.58 -59.05
C SER C 472 -60.71 -46.42 -58.88
N ASP C 473 -60.50 -47.73 -58.70
CA ASP C 473 -61.61 -48.65 -58.53
C ASP C 473 -62.21 -48.51 -57.14
N GLY C 474 -63.48 -48.89 -57.02
CA GLY C 474 -64.17 -48.85 -55.75
C GLY C 474 -65.16 -47.69 -55.66
N THR C 475 -66.21 -47.88 -54.87
CA THR C 475 -67.18 -46.82 -54.68
C THR C 475 -66.54 -45.65 -53.93
N LEU C 476 -67.08 -44.46 -54.16
CA LEU C 476 -66.58 -43.28 -53.45
C LEU C 476 -66.61 -43.48 -51.94
N LEU C 477 -67.64 -44.15 -51.43
CA LEU C 477 -67.72 -44.42 -50.00
C LEU C 477 -66.58 -45.35 -49.56
N SER C 478 -66.29 -46.37 -50.36
CA SER C 478 -65.33 -47.38 -49.93
C SER C 478 -63.96 -46.77 -49.65
N ASN C 479 -63.46 -45.93 -50.57
CA ASN C 479 -62.14 -45.37 -50.38
C ASN C 479 -62.11 -44.32 -49.27
N LEU C 480 -63.25 -43.67 -49.01
CA LEU C 480 -63.32 -42.74 -47.88
C LEU C 480 -63.07 -43.47 -46.57
N MET C 481 -63.69 -44.64 -46.40
CA MET C 481 -63.47 -45.41 -45.19
C MET C 481 -62.04 -45.88 -45.07
N LYS C 482 -61.41 -46.20 -46.20
CA LYS C 482 -60.04 -46.70 -46.18
C LYS C 482 -59.12 -45.76 -45.40
N ARG C 483 -59.39 -44.45 -45.47
CA ARG C 483 -58.50 -43.48 -44.86
C ARG C 483 -58.89 -43.18 -43.42
N VAL C 484 -60.15 -43.37 -43.05
CA VAL C 484 -60.54 -43.18 -41.65
C VAL C 484 -59.79 -44.17 -40.76
N VAL C 485 -59.66 -45.41 -41.21
CA VAL C 485 -58.92 -46.41 -40.45
C VAL C 485 -57.49 -45.96 -40.26
N THR C 486 -56.87 -45.39 -41.28
CA THR C 486 -55.52 -44.89 -41.13
C THR C 486 -55.46 -43.79 -40.07
N LEU C 487 -56.56 -43.05 -39.92
CA LEU C 487 -56.56 -41.94 -38.95
C LEU C 487 -56.75 -42.45 -37.53
N PHE C 488 -57.87 -43.13 -37.24
CA PHE C 488 -58.16 -43.42 -35.84
C PHE C 488 -57.36 -44.63 -35.35
N THR C 489 -56.65 -45.32 -36.23
CA THR C 489 -55.73 -46.37 -35.79
C THR C 489 -54.28 -45.94 -35.91
N GLY C 490 -53.90 -45.30 -37.02
CA GLY C 490 -52.54 -44.84 -37.22
C GLY C 490 -51.58 -45.87 -37.74
N LYS C 491 -52.06 -47.06 -38.13
CA LYS C 491 -51.19 -48.16 -38.55
C LYS C 491 -51.09 -48.29 -40.06
N ALA C 492 -51.09 -47.17 -40.79
CA ALA C 492 -51.00 -47.23 -42.25
C ALA C 492 -52.22 -47.98 -42.78
N PRO C 493 -52.20 -48.49 -44.03
CA PRO C 493 -53.38 -49.26 -44.45
C PRO C 493 -53.63 -50.50 -43.59
N ASN C 496 -55.69 -55.59 -41.56
CA ASN C 496 -57.03 -55.41 -42.11
C ASN C 496 -58.09 -55.38 -41.01
N ALA C 497 -58.79 -54.26 -40.91
CA ALA C 497 -59.90 -54.15 -39.95
C ALA C 497 -61.11 -53.45 -40.55
N PHE C 498 -61.18 -53.30 -41.87
CA PHE C 498 -62.30 -52.59 -42.48
C PHE C 498 -63.61 -53.30 -42.21
N ASP C 499 -63.58 -54.63 -42.09
CA ASP C 499 -64.82 -55.36 -41.83
C ASP C 499 -65.42 -54.96 -40.48
N ALA C 500 -64.57 -54.75 -39.48
CA ALA C 500 -65.08 -54.40 -38.16
C ALA C 500 -65.86 -53.08 -38.20
N THR C 501 -65.27 -52.03 -38.77
CA THR C 501 -65.97 -50.75 -38.83
C THR C 501 -67.17 -50.83 -39.76
N LEU C 502 -67.04 -51.57 -40.86
CA LEU C 502 -68.16 -51.73 -41.78
C LEU C 502 -69.37 -52.34 -41.09
N GLN C 503 -69.18 -53.38 -40.27
CA GLN C 503 -70.27 -53.96 -39.51
C GLN C 503 -70.71 -53.11 -38.33
N ALA C 504 -69.79 -52.39 -37.67
CA ALA C 504 -70.19 -51.45 -36.64
C ALA C 504 -71.11 -50.38 -37.19
N PHE C 505 -70.96 -50.05 -38.47
CA PHE C 505 -71.96 -49.26 -39.19
C PHE C 505 -73.13 -50.19 -39.48
N ASP C 506 -74.18 -50.08 -38.69
CA ASP C 506 -75.33 -50.98 -38.79
C ASP C 506 -75.86 -51.07 -40.21
N PRO C 515 -81.36 -46.18 -29.68
CA PRO C 515 -81.40 -45.11 -28.68
C PRO C 515 -80.66 -45.47 -27.40
N ALA C 516 -79.60 -44.72 -27.09
CA ALA C 516 -78.82 -44.96 -25.89
C ALA C 516 -78.41 -43.62 -25.29
N ASP C 517 -78.11 -43.63 -23.99
CA ASP C 517 -77.78 -42.41 -23.26
C ASP C 517 -76.29 -42.14 -23.25
N VAL C 518 -75.68 -42.11 -24.44
CA VAL C 518 -74.30 -41.67 -24.62
C VAL C 518 -74.26 -40.78 -25.86
N PHE C 519 -73.59 -39.64 -25.74
CA PHE C 519 -73.60 -38.64 -26.81
C PHE C 519 -72.24 -37.98 -26.90
N LEU C 520 -71.99 -37.39 -28.07
CA LEU C 520 -70.81 -36.55 -28.30
C LEU C 520 -71.27 -35.10 -28.37
N ASN C 521 -70.75 -34.28 -27.46
CA ASN C 521 -71.25 -32.93 -27.25
C ASN C 521 -70.22 -31.90 -27.66
N ALA C 522 -70.66 -30.92 -28.45
CA ALA C 522 -69.82 -29.80 -28.83
C ALA C 522 -69.73 -28.79 -27.69
N PRO C 523 -68.75 -27.89 -27.74
CA PRO C 523 -68.61 -26.91 -26.65
C PRO C 523 -69.87 -26.08 -26.49
N LYS C 524 -70.21 -25.79 -25.23
CA LYS C 524 -71.40 -25.02 -24.89
C LYS C 524 -71.01 -23.75 -24.15
N ALA C 525 -71.86 -22.74 -24.23
CA ALA C 525 -71.51 -21.42 -23.71
C ALA C 525 -71.65 -21.33 -22.19
N THR C 526 -72.67 -21.94 -21.60
CA THR C 526 -72.98 -21.75 -20.19
C THR C 526 -72.41 -22.89 -19.36
N PRO C 527 -71.43 -22.65 -18.48
CA PRO C 527 -70.90 -23.74 -17.64
C PRO C 527 -71.95 -24.31 -16.71
N ASP C 528 -71.60 -25.41 -16.03
CA ASP C 528 -72.46 -25.99 -15.01
C ASP C 528 -72.07 -25.43 -13.66
N LEU C 529 -73.00 -24.76 -12.99
CA LEU C 529 -72.75 -24.14 -11.69
C LEU C 529 -73.64 -24.78 -10.65
N GLN C 530 -73.11 -24.98 -9.45
CA GLN C 530 -73.81 -25.71 -8.40
C GLN C 530 -74.68 -24.82 -7.53
N SER C 531 -74.37 -23.53 -7.44
CA SER C 531 -75.14 -22.64 -6.58
C SER C 531 -76.52 -22.37 -7.18
N LYS C 532 -77.50 -22.12 -6.32
CA LYS C 532 -78.88 -22.00 -6.78
C LYS C 532 -79.13 -20.67 -7.49
N VAL C 533 -78.57 -19.58 -6.96
CA VAL C 533 -78.96 -18.25 -7.42
C VAL C 533 -78.24 -17.82 -8.69
N LEU C 534 -77.31 -18.62 -9.21
CA LEU C 534 -76.54 -18.21 -10.38
C LEU C 534 -77.05 -18.79 -11.69
N GLN C 535 -77.86 -19.84 -11.65
CA GLN C 535 -78.29 -20.49 -12.90
C GLN C 535 -79.18 -19.54 -13.70
N ALA C 536 -78.88 -19.43 -14.99
CA ALA C 536 -79.65 -18.62 -15.92
C ALA C 536 -79.75 -19.35 -17.25
N PRO C 537 -80.76 -19.06 -18.07
CA PRO C 537 -80.91 -19.81 -19.32
C PRO C 537 -79.97 -19.39 -20.44
N ASN C 538 -79.53 -18.13 -20.48
CA ASN C 538 -78.66 -17.65 -21.54
C ASN C 538 -77.45 -16.96 -20.93
N VAL C 539 -76.60 -16.41 -21.79
CA VAL C 539 -75.31 -15.89 -21.32
C VAL C 539 -75.42 -14.49 -20.73
N ILE C 540 -76.37 -13.67 -21.19
CA ILE C 540 -76.47 -12.31 -20.69
C ILE C 540 -76.98 -12.29 -19.25
N GLU C 541 -78.04 -13.06 -18.99
CA GLU C 541 -78.59 -13.10 -17.64
C GLU C 541 -77.60 -13.66 -16.64
N MET C 542 -76.88 -14.72 -17.02
CA MET C 542 -75.89 -15.29 -16.11
C MET C 542 -74.82 -14.26 -15.75
N ASN C 543 -74.33 -13.54 -16.76
CA ASN C 543 -73.32 -12.51 -16.49
C ASN C 543 -73.87 -11.42 -15.59
N ASN C 544 -75.11 -11.00 -15.84
CA ASN C 544 -75.70 -9.97 -14.98
C ASN C 544 -75.82 -10.45 -13.55
N LYS C 545 -76.18 -11.71 -13.34
CA LYS C 545 -76.39 -12.20 -11.98
C LYS C 545 -75.08 -12.46 -11.27
N VAL C 546 -74.02 -12.83 -11.99
CA VAL C 546 -72.74 -13.10 -11.34
C VAL C 546 -72.13 -11.81 -10.79
N MET C 547 -72.08 -10.76 -11.60
CA MET C 547 -71.46 -9.52 -11.15
C MET C 547 -72.24 -8.87 -10.01
N GLY C 548 -73.53 -9.15 -9.92
CA GLY C 548 -74.31 -8.59 -8.82
C GLY C 548 -73.84 -9.09 -7.46
N ALA C 549 -73.45 -10.35 -7.38
CA ALA C 549 -73.07 -10.94 -6.10
C ALA C 549 -71.66 -10.56 -5.68
N LEU C 550 -70.88 -9.92 -6.56
CA LEU C 550 -69.50 -9.59 -6.22
C LEU C 550 -69.36 -8.15 -5.76
N ASN C 551 -69.94 -7.21 -6.50
CA ASN C 551 -69.72 -5.78 -6.28
C ASN C 551 -71.03 -5.08 -5.93
N ARG C 552 -70.93 -4.12 -5.01
CA ARG C 552 -72.10 -3.36 -4.60
C ARG C 552 -72.59 -2.43 -5.72
N ASN C 553 -71.66 -1.81 -6.44
CA ASN C 553 -72.02 -0.76 -7.37
C ASN C 553 -72.91 -1.27 -8.51
N PHE C 554 -72.73 -2.52 -8.92
CA PHE C 554 -73.45 -3.01 -10.08
C PHE C 554 -74.97 -2.89 -9.89
N SER C 555 -75.46 -3.31 -8.74
CA SER C 555 -76.89 -3.23 -8.47
C SER C 555 -77.38 -1.79 -8.36
N LEU C 556 -76.48 -0.83 -8.18
CA LEU C 556 -76.86 0.58 -8.18
C LEU C 556 -76.91 1.15 -9.59
N TYR C 557 -75.87 0.88 -10.40
CA TYR C 557 -75.90 1.26 -11.79
C TYR C 557 -77.13 0.69 -12.49
N GLU C 558 -77.47 -0.56 -12.18
CA GLU C 558 -78.66 -1.17 -12.79
C GLU C 558 -79.92 -0.43 -12.38
N ARG C 559 -80.02 -0.03 -11.10
CA ARG C 559 -81.24 0.63 -10.64
C ARG C 559 -81.35 2.06 -11.14
N LEU C 560 -80.22 2.69 -11.50
CA LEU C 560 -80.31 4.06 -11.99
C LEU C 560 -80.94 4.13 -13.38
N LYS C 561 -80.67 3.13 -14.23
CA LYS C 561 -81.10 3.19 -15.62
C LYS C 561 -82.60 3.01 -15.81
N SER C 562 -83.34 2.59 -14.79
CA SER C 562 -84.77 2.38 -14.96
C SER C 562 -85.54 3.68 -15.00
N PHE C 563 -84.88 4.83 -14.83
CA PHE C 563 -85.56 6.11 -14.77
C PHE C 563 -85.62 6.77 -16.13
N GLY C 564 -85.67 5.98 -17.20
CA GLY C 564 -85.81 6.55 -18.53
C GLY C 564 -84.49 6.64 -19.27
N TYR C 565 -84.42 7.59 -20.19
CA TYR C 565 -83.25 7.74 -21.05
C TYR C 565 -82.25 8.76 -20.49
N LYS C 566 -82.72 9.95 -20.11
CA LYS C 566 -81.80 10.95 -19.59
C LYS C 566 -80.97 10.40 -18.44
N ALA C 567 -81.58 9.56 -17.60
CA ALA C 567 -80.82 8.94 -16.52
C ALA C 567 -79.72 8.05 -17.07
N SER C 568 -80.00 7.30 -18.13
CA SER C 568 -79.01 6.38 -18.67
C SER C 568 -77.75 7.10 -19.12
N THR C 569 -77.91 8.23 -19.79
CA THR C 569 -76.75 9.00 -20.21
C THR C 569 -75.97 9.51 -19.01
N LEU C 570 -76.67 9.97 -17.99
CA LEU C 570 -76.00 10.54 -16.82
C LEU C 570 -75.39 9.46 -15.94
N ALA C 571 -75.97 8.26 -15.93
CA ALA C 571 -75.40 7.19 -15.12
C ALA C 571 -73.99 6.86 -15.56
N ASP C 572 -73.74 6.83 -16.87
CA ASP C 572 -72.42 6.49 -17.39
C ASP C 572 -71.36 7.49 -16.97
N GLN C 573 -71.75 8.68 -16.51
CA GLN C 573 -70.76 9.71 -16.19
C GLN C 573 -70.43 9.73 -14.70
N LEU C 574 -71.04 8.84 -13.90
CA LEU C 574 -70.87 8.93 -12.46
C LEU C 574 -70.28 7.66 -11.86
N VAL C 575 -70.75 6.49 -12.29
CA VAL C 575 -70.48 5.27 -11.51
C VAL C 575 -69.86 4.14 -12.32
N VAL C 576 -69.94 4.19 -13.64
CA VAL C 576 -69.48 3.07 -14.45
C VAL C 576 -67.96 3.08 -14.56
N ASP C 577 -67.39 1.92 -14.83
CA ASP C 577 -65.96 1.74 -15.05
C ASP C 577 -65.79 1.13 -16.44
N ALA C 578 -65.76 1.98 -17.46
CA ALA C 578 -65.71 1.50 -18.84
C ALA C 578 -64.40 0.77 -19.09
N THR C 579 -64.46 -0.26 -19.94
CA THR C 579 -63.28 -1.06 -20.27
C THR C 579 -62.80 -0.86 -21.69
N GLY C 580 -63.61 -0.25 -22.56
CA GLY C 580 -63.26 -0.11 -23.96
C GLY C 580 -63.20 1.29 -24.50
N THR C 581 -63.12 2.31 -23.66
CA THR C 581 -63.09 3.69 -24.15
C THR C 581 -62.35 4.57 -23.16
N GLU C 582 -61.89 5.72 -23.65
CA GLU C 582 -61.18 6.66 -22.78
C GLU C 582 -62.13 7.39 -21.85
N ALA C 583 -63.27 7.84 -22.34
CA ALA C 583 -64.23 8.57 -21.52
C ALA C 583 -64.69 7.68 -20.37
N ASN C 584 -64.35 8.06 -19.15
CA ASN C 584 -64.62 7.22 -17.99
C ASN C 584 -65.25 8.06 -16.89
N SER C 585 -66.02 7.40 -16.03
CA SER C 585 -66.90 8.07 -15.09
C SER C 585 -66.11 8.93 -14.10
N ALA C 586 -66.87 9.63 -13.25
CA ALA C 586 -66.25 10.49 -12.25
C ALA C 586 -65.71 9.68 -11.08
N ALA C 587 -66.41 8.61 -10.70
CA ALA C 587 -65.95 7.80 -9.58
C ALA C 587 -64.58 7.20 -9.86
N HIS C 588 -64.34 6.79 -11.11
CA HIS C 588 -63.05 6.22 -11.45
C HIS C 588 -61.92 7.22 -11.27
N HIS C 589 -62.09 8.45 -11.78
CA HIS C 589 -61.06 9.46 -11.63
C HIS C 589 -60.86 9.85 -10.18
N ALA C 590 -61.95 9.96 -9.42
CA ALA C 590 -61.82 10.26 -8.00
C ALA C 590 -61.04 9.17 -7.28
N ARG C 591 -61.33 7.91 -7.57
CA ARG C 591 -60.57 6.81 -6.98
C ARG C 591 -59.09 6.92 -7.34
N ALA C 592 -58.80 7.23 -8.61
CA ALA C 592 -57.41 7.35 -9.03
C ALA C 592 -56.71 8.47 -8.28
N ALA C 593 -57.40 9.59 -8.07
CA ALA C 593 -56.77 10.73 -7.41
C ALA C 593 -56.60 10.52 -5.91
N HIS C 594 -57.51 9.75 -5.30
CA HIS C 594 -57.48 9.59 -3.86
C HIS C 594 -56.34 8.70 -3.38
N LEU C 595 -55.69 7.94 -4.28
CA LEU C 595 -54.53 7.18 -3.88
C LEU C 595 -53.29 8.05 -3.72
N ALA C 596 -53.15 9.08 -4.56
CA ALA C 596 -51.96 9.92 -4.49
C ALA C 596 -51.86 10.59 -3.13
N SER C 597 -52.97 11.11 -2.62
CA SER C 597 -52.95 11.77 -1.31
C SER C 597 -52.50 10.81 -0.23
N ASN C 598 -53.14 9.63 -0.15
CA ASN C 598 -52.84 8.71 0.96
C ASN C 598 -51.39 8.26 0.95
N VAL C 599 -50.73 8.31 -0.21
CA VAL C 599 -49.32 7.92 -0.25
C VAL C 599 -48.47 8.86 0.58
N SER C 600 -48.96 10.07 0.86
CA SER C 600 -48.23 11.05 1.64
C SER C 600 -48.84 11.32 3.01
N ILE C 601 -50.13 11.04 3.21
CA ILE C 601 -50.71 11.15 4.55
C ILE C 601 -50.08 10.13 5.47
N VAL C 602 -49.76 8.94 4.94
CA VAL C 602 -49.24 7.87 5.77
C VAL C 602 -47.90 8.26 6.39
N GLN C 603 -47.02 8.89 5.62
CA GLN C 603 -45.71 9.23 6.15
C GLN C 603 -45.79 10.16 7.35
N VAL C 604 -46.85 10.95 7.48
CA VAL C 604 -47.02 11.78 8.66
C VAL C 604 -47.69 11.00 9.78
N ASP C 605 -48.56 10.04 9.44
CA ASP C 605 -49.20 9.22 10.46
C ASP C 605 -48.17 8.42 11.24
N ASP C 606 -47.22 7.81 10.54
CA ASP C 606 -46.19 7.03 11.21
C ASP C 606 -45.28 7.87 12.08
N ALA C 607 -45.19 9.18 11.84
CA ALA C 607 -44.39 10.04 12.70
C ALA C 607 -45.11 10.32 14.01
N PHE C 608 -46.43 10.48 13.98
CA PHE C 608 -47.17 10.69 15.21
C PHE C 608 -47.09 9.47 16.12
N ARG C 609 -47.21 8.27 15.54
CA ARG C 609 -47.13 7.05 16.35
C ARG C 609 -45.77 6.94 17.02
N GLN C 610 -44.70 7.28 16.31
CA GLN C 610 -43.36 7.10 16.85
C GLN C 610 -43.05 8.12 17.94
N ALA C 611 -43.73 9.27 17.94
CA ALA C 611 -43.48 10.29 18.94
C ALA C 611 -43.93 9.87 20.33
N LEU C 612 -44.87 8.93 20.42
CA LEU C 612 -45.35 8.45 21.71
C LEU C 612 -44.99 6.98 21.96
N SER C 613 -44.17 6.38 21.11
CA SER C 613 -43.78 4.99 21.33
C SER C 613 -43.09 4.84 22.68
N ALA C 614 -42.17 5.74 23.00
CA ALA C 614 -41.61 5.83 24.33
C ALA C 614 -42.62 6.53 25.25
N ASP C 615 -42.41 6.40 26.55
CA ASP C 615 -43.26 7.04 27.55
C ASP C 615 -44.64 6.40 27.62
N TRP C 616 -44.91 5.41 26.78
CA TRP C 616 -46.19 4.71 26.76
C TRP C 616 -46.02 3.30 26.17
N PRO C 617 -45.42 2.39 26.93
CA PRO C 617 -45.38 0.99 26.49
C PRO C 617 -46.78 0.37 26.53
N LEU C 618 -46.95 -0.72 25.79
CA LEU C 618 -48.28 -1.30 25.62
C LEU C 618 -48.94 -1.59 26.96
N VAL C 619 -48.15 -1.99 27.96
CA VAL C 619 -48.72 -2.32 29.26
C VAL C 619 -49.35 -1.11 29.91
N GLN C 620 -48.72 0.06 29.79
CA GLN C 620 -49.26 1.27 30.39
C GLN C 620 -50.53 1.75 29.70
N ARG C 621 -50.60 1.64 28.39
CA ARG C 621 -51.80 2.07 27.68
C ARG C 621 -53.04 1.33 28.18
N LEU C 622 -52.87 0.09 28.63
CA LEU C 622 -54.01 -0.71 29.06
C LEU C 622 -54.50 -0.33 30.45
N ARG C 623 -53.73 0.42 31.22
CA ARG C 623 -54.12 0.79 32.58
C ARG C 623 -54.80 2.15 32.64
N HIS C 624 -54.27 3.13 31.93
CA HIS C 624 -54.76 4.51 32.01
C HIS C 624 -55.35 4.94 30.67
N PRO C 625 -56.48 4.36 30.26
CA PRO C 625 -57.01 4.70 28.94
C PRO C 625 -57.39 6.16 28.77
N VAL C 626 -58.01 6.76 29.79
CA VAL C 626 -58.54 8.12 29.61
C VAL C 626 -57.40 9.12 29.45
N LEU C 627 -56.38 9.03 30.31
CA LEU C 627 -55.31 10.01 30.28
C LEU C 627 -54.46 9.87 29.01
N TYR C 628 -54.36 8.65 28.48
CA TYR C 628 -53.53 8.44 27.30
C TYR C 628 -53.98 9.30 26.14
N ARG C 629 -55.26 9.65 26.10
CA ARG C 629 -55.78 10.40 24.95
C ARG C 629 -55.25 11.82 24.92
N GLU C 630 -54.95 12.41 26.08
CA GLU C 630 -54.45 13.78 26.13
C GLU C 630 -53.03 13.91 25.62
N ALA C 631 -52.22 12.85 25.73
CA ALA C 631 -50.87 12.91 25.21
C ALA C 631 -50.85 13.16 23.71
N GLN C 632 -51.95 12.85 23.01
CA GLN C 632 -52.03 13.15 21.59
C GLN C 632 -52.55 14.56 21.35
N ARG C 633 -53.53 14.98 22.16
CA ARG C 633 -54.08 16.33 22.00
C ARG C 633 -53.02 17.38 22.26
N ASP C 634 -52.07 17.11 23.16
CA ASP C 634 -51.02 18.10 23.43
C ASP C 634 -50.10 18.27 22.22
N LEU C 635 -49.62 17.15 21.66
CA LEU C 635 -48.75 17.24 20.49
C LEU C 635 -49.48 17.86 19.31
N SER C 636 -50.75 17.53 19.11
CA SER C 636 -51.48 18.11 18.00
C SER C 636 -51.53 19.63 18.14
N GLN C 637 -51.84 20.13 19.33
CA GLN C 637 -51.87 21.57 19.54
C GLN C 637 -50.51 22.19 19.27
N LYS C 638 -49.45 21.59 19.83
CA LYS C 638 -48.12 22.17 19.65
C LYS C 638 -47.75 22.26 18.19
N VAL C 639 -47.93 21.17 17.45
CA VAL C 639 -47.53 21.15 16.04
C VAL C 639 -48.40 22.10 15.23
N TYR C 640 -49.71 22.13 15.50
CA TYR C 640 -50.58 23.02 14.75
C TYR C 640 -50.17 24.47 14.95
N GLN C 641 -49.86 24.85 16.20
CA GLN C 641 -49.41 26.21 16.45
C GLN C 641 -48.08 26.49 15.77
N GLN C 642 -47.17 25.52 15.78
CA GLN C 642 -45.87 25.76 15.17
C GLN C 642 -45.98 25.97 13.66
N LEU C 643 -46.90 25.26 13.01
CA LEU C 643 -47.04 25.39 11.56
C LEU C 643 -47.74 26.69 11.16
N ALA C 644 -48.36 27.39 12.11
CA ALA C 644 -48.96 28.68 11.78
C ALA C 644 -47.89 29.76 11.64
N GLU C 645 -46.87 29.74 12.51
CA GLU C 645 -45.84 30.76 12.45
C GLU C 645 -45.00 30.64 11.18
N ASN C 646 -44.52 29.44 10.88
CA ASN C 646 -43.62 29.25 9.75
C ASN C 646 -44.28 29.56 8.42
N HIS C 647 -45.62 29.50 8.34
CA HIS C 647 -46.33 29.87 7.13
C HIS C 647 -46.35 31.39 6.96
N ASP C 648 -46.75 32.10 8.01
CA ASP C 648 -46.84 33.56 7.91
C ASP C 648 -45.47 34.19 7.75
N ARG C 649 -44.43 33.57 8.30
CA ARG C 649 -43.09 34.11 8.09
C ARG C 649 -42.59 33.81 6.68
N PHE C 650 -42.91 32.63 6.15
CA PHE C 650 -42.51 32.31 4.78
C PHE C 650 -43.17 33.25 3.78
N LEU C 651 -44.45 33.55 3.99
CA LEU C 651 -45.18 34.39 3.04
C LEU C 651 -44.68 35.82 2.99
N LYS C 652 -43.89 36.28 3.98
CA LYS C 652 -43.41 37.65 4.00
C LYS C 652 -41.90 37.73 3.87
N GLY C 653 -41.26 36.69 3.34
CA GLY C 653 -39.85 36.77 3.03
C GLY C 653 -38.92 36.82 4.22
N GLN C 654 -39.37 36.37 5.40
CA GLN C 654 -38.51 36.30 6.57
C GLN C 654 -37.85 34.92 6.65
N SER C 655 -37.23 34.66 7.79
CA SER C 655 -36.49 33.41 7.98
C SER C 655 -37.17 32.53 9.02
N ILE C 656 -37.08 31.21 8.79
CA ILE C 656 -37.64 30.25 9.72
C ILE C 656 -36.59 29.88 10.77
N GLN C 657 -37.08 29.55 11.97
CA GLN C 657 -36.22 29.14 13.06
C GLN C 657 -36.83 27.93 13.75
N PRO C 658 -36.00 27.00 14.24
CA PRO C 658 -36.52 25.79 14.86
C PRO C 658 -36.96 26.02 16.29
N SER C 659 -37.65 25.00 16.83
CA SER C 659 -38.10 25.06 18.21
C SER C 659 -37.16 24.27 19.11
N ASN C 660 -37.34 24.42 20.42
CA ASN C 660 -36.49 23.80 21.41
C ASN C 660 -37.05 22.48 21.94
N ASP C 661 -38.17 22.02 21.44
CA ASP C 661 -38.71 20.72 21.82
C ASP C 661 -38.34 19.72 20.74
N PRO C 662 -37.57 18.66 21.04
CA PRO C 662 -37.09 17.77 19.97
C PRO C 662 -38.18 17.06 19.19
N ARG C 663 -39.37 16.83 19.76
CA ARG C 663 -40.41 16.16 19.00
C ARG C 663 -40.99 17.05 17.90
N VAL C 664 -41.14 18.34 18.18
CA VAL C 664 -41.76 19.24 17.21
C VAL C 664 -40.91 19.35 15.95
N ASN C 665 -39.59 19.42 16.09
CA ASN C 665 -38.74 19.53 14.92
C ASN C 665 -38.89 18.31 14.03
N SER C 666 -38.89 17.12 14.62
CA SER C 666 -39.06 15.90 13.83
C SER C 666 -40.44 15.86 13.17
N MET C 667 -41.49 16.24 13.90
CA MET C 667 -42.83 16.20 13.31
C MET C 667 -42.92 17.16 12.13
N VAL C 668 -42.37 18.37 12.27
CA VAL C 668 -42.43 19.33 11.18
C VAL C 668 -41.60 18.83 10.00
N ASP C 669 -40.42 18.26 10.27
CA ASP C 669 -39.59 17.77 9.18
C ASP C 669 -40.29 16.67 8.39
N ALA C 670 -40.94 15.74 9.10
CA ALA C 670 -41.65 14.68 8.41
C ALA C 670 -42.81 15.23 7.58
N PHE C 671 -43.23 16.47 7.86
CA PHE C 671 -44.33 17.08 7.13
C PHE C 671 -43.84 17.79 5.88
N VAL C 672 -42.73 18.52 5.97
CA VAL C 672 -42.20 19.21 4.80
C VAL C 672 -41.73 18.21 3.76
N ASN C 673 -41.01 17.18 4.20
CA ASN C 673 -40.51 16.17 3.26
C ASN C 673 -41.63 15.31 2.70
N SER C 674 -42.78 15.24 3.38
CA SER C 674 -43.91 14.49 2.84
C SER C 674 -44.37 15.07 1.51
N ASN C 675 -44.42 16.40 1.39
CA ASN C 675 -44.54 17.05 0.10
C ASN C 675 -45.97 17.07 -0.44
N TRP C 676 -46.96 16.74 0.39
CA TRP C 676 -48.33 16.69 -0.12
C TRP C 676 -48.90 18.08 -0.27
N ALA C 677 -48.37 19.05 0.50
CA ALA C 677 -48.92 20.40 0.49
C ALA C 677 -48.86 21.05 -0.89
N LYS C 678 -47.71 20.94 -1.57
CA LYS C 678 -47.62 21.50 -2.92
C LYS C 678 -48.35 20.62 -3.92
N ASP C 679 -48.36 19.31 -3.71
CA ASP C 679 -49.06 18.41 -4.62
C ASP C 679 -50.53 18.75 -4.71
N GLU C 680 -51.17 18.98 -3.55
CA GLU C 680 -52.61 19.28 -3.57
C GLU C 680 -52.89 20.60 -4.25
N LEU C 681 -52.09 21.64 -3.97
CA LEU C 681 -52.32 22.93 -4.60
C LEU C 681 -52.09 22.86 -6.10
N ALA C 682 -51.16 22.01 -6.54
CA ALA C 682 -50.95 21.84 -7.98
C ALA C 682 -52.12 21.08 -8.61
N ARG C 683 -52.56 20.01 -7.96
CA ARG C 683 -53.61 19.18 -8.55
C ARG C 683 -54.93 19.93 -8.63
N VAL C 684 -55.32 20.63 -7.56
CA VAL C 684 -56.58 21.35 -7.56
C VAL C 684 -56.63 22.42 -8.63
N LYS C 685 -55.51 23.06 -8.95
CA LYS C 685 -55.49 24.02 -10.04
C LYS C 685 -55.65 23.34 -11.40
N GLY C 686 -55.28 22.07 -11.51
CA GLY C 686 -55.55 21.32 -12.72
C GLY C 686 -57.02 21.29 -13.03
N ALA C 687 -57.38 21.52 -14.30
CA ALA C 687 -58.75 21.61 -14.76
C ALA C 687 -59.45 22.89 -14.31
N GLY C 688 -58.73 23.76 -13.60
CA GLY C 688 -59.30 25.03 -13.19
C GLY C 688 -60.60 24.88 -12.45
N ILE C 689 -60.56 24.35 -11.23
CA ILE C 689 -61.77 24.08 -10.46
C ILE C 689 -62.23 25.35 -9.77
N ASN C 690 -63.03 26.16 -10.48
CA ASN C 690 -63.67 27.32 -9.90
C ASN C 690 -62.63 28.24 -9.26
N GLY C 691 -63.03 29.00 -8.24
CA GLY C 691 -62.14 29.97 -7.64
C GLY C 691 -61.07 29.36 -6.78
N ALA C 692 -60.11 28.67 -7.40
CA ALA C 692 -59.00 28.06 -6.69
C ALA C 692 -57.71 28.85 -6.82
N ASP C 693 -57.60 29.78 -7.76
CA ASP C 693 -56.39 30.58 -7.89
C ASP C 693 -56.24 31.55 -6.74
N ALA C 694 -57.33 31.85 -6.02
CA ALA C 694 -57.28 32.79 -4.92
C ALA C 694 -56.48 32.27 -3.73
N VAL C 695 -56.23 30.96 -3.66
CA VAL C 695 -55.48 30.42 -2.54
C VAL C 695 -54.00 30.75 -2.70
N ARG C 696 -53.29 30.79 -1.58
CA ARG C 696 -51.86 31.07 -1.56
C ARG C 696 -51.11 29.83 -1.09
N GLU C 697 -49.88 29.69 -1.57
CA GLU C 697 -49.16 28.44 -1.44
C GLU C 697 -47.93 28.58 -0.56
N SER C 698 -47.60 27.51 0.15
CA SER C 698 -46.40 27.42 0.96
C SER C 698 -46.28 25.99 1.47
N PRO C 699 -45.08 25.52 1.75
CA PRO C 699 -44.93 24.14 2.24
C PRO C 699 -45.60 23.90 3.58
N TYR C 700 -45.88 24.94 4.35
CA TYR C 700 -46.47 24.81 5.68
C TYR C 700 -47.97 25.10 5.69
N TYR C 701 -48.63 25.05 4.55
CA TYR C 701 -50.03 25.42 4.48
C TYR C 701 -50.89 24.40 5.22
N LEU C 702 -51.99 24.88 5.80
CA LEU C 702 -52.94 24.03 6.49
C LEU C 702 -54.26 24.80 6.60
N PRO C 703 -55.38 24.22 6.22
CA PRO C 703 -56.64 24.97 6.13
C PRO C 703 -57.11 25.41 7.51
N ARG C 704 -58.25 26.10 7.51
CA ARG C 704 -58.82 26.65 8.74
C ARG C 704 -60.33 26.44 8.75
N GLN C 705 -60.83 26.02 9.91
CA GLN C 705 -62.26 25.81 10.11
C GLN C 705 -62.61 26.03 11.56
N HIS C 706 -63.90 26.29 11.80
CA HIS C 706 -64.43 26.26 13.15
C HIS C 706 -64.93 24.86 13.48
N SER C 707 -65.11 24.60 14.77
CA SER C 707 -65.55 23.30 15.24
C SER C 707 -66.77 23.46 16.13
N GLY C 708 -67.87 22.78 15.76
CA GLY C 708 -69.08 22.84 16.56
C GLY C 708 -69.00 22.04 17.84
N ASN C 709 -68.07 21.09 17.92
CA ASN C 709 -67.92 20.29 19.14
C ASN C 709 -67.29 21.10 20.26
N LYS C 710 -66.22 21.84 19.94
CA LYS C 710 -65.55 22.63 20.97
C LYS C 710 -66.45 23.72 21.51
N LEU C 711 -67.41 24.19 20.71
CA LEU C 711 -68.35 25.20 21.19
C LEU C 711 -69.31 24.61 22.21
N ASN C 712 -69.90 23.46 21.88
CA ASN C 712 -70.85 22.83 22.80
C ASN C 712 -70.17 22.37 24.08
N ASP C 713 -69.00 21.74 23.96
CA ASP C 713 -68.31 21.27 25.16
C ASP C 713 -67.94 22.42 26.07
N PHE C 714 -67.54 23.57 25.51
CA PHE C 714 -67.26 24.72 26.38
C PHE C 714 -68.53 25.27 26.99
N MET C 715 -69.62 25.34 26.23
CA MET C 715 -70.86 25.86 26.77
C MET C 715 -71.50 24.93 27.78
N ARG C 716 -71.05 23.67 27.86
CA ARG C 716 -71.64 22.75 28.84
C ARG C 716 -71.10 23.01 30.24
N ASN C 717 -69.78 23.08 30.39
CA ASN C 717 -69.20 23.32 31.71
C ASN C 717 -69.62 24.67 32.24
N ASN C 718 -69.54 25.71 31.41
CA ASN C 718 -69.98 27.04 31.81
C ASN C 718 -71.42 27.25 31.40
N ARG C 719 -72.27 27.63 32.36
CA ARG C 719 -73.66 27.91 32.09
C ARG C 719 -74.01 29.39 32.30
N GLN C 720 -73.04 30.23 32.60
CA GLN C 720 -73.25 31.68 32.67
C GLN C 720 -73.31 32.30 31.30
N VAL C 721 -72.92 31.54 30.29
CA VAL C 721 -72.89 31.99 28.91
C VAL C 721 -74.06 31.35 28.18
N THR C 722 -74.80 32.15 27.41
CA THR C 722 -75.98 31.69 26.72
C THR C 722 -75.87 32.04 25.25
N LYS C 723 -76.84 31.56 24.47
CA LYS C 723 -76.87 31.87 23.04
C LYS C 723 -76.91 33.37 22.79
N ASP C 724 -77.43 34.13 23.75
CA ASP C 724 -77.56 35.57 23.55
C ASP C 724 -76.19 36.24 23.44
N ASP C 725 -75.14 35.56 23.90
CA ASP C 725 -73.81 36.17 23.91
C ASP C 725 -72.98 35.79 22.69
N ILE C 726 -73.09 34.56 22.20
CA ILE C 726 -72.31 34.16 21.05
C ILE C 726 -72.72 34.97 19.82
N VAL C 727 -74.03 35.16 19.64
CA VAL C 727 -74.51 35.96 18.52
C VAL C 727 -74.04 37.41 18.61
N GLY C 728 -74.09 38.02 19.78
CA GLY C 728 -73.57 39.37 19.95
C GLY C 728 -72.09 39.42 19.67
N MET C 729 -71.38 38.35 20.07
CA MET C 729 -69.95 38.26 19.81
C MET C 729 -69.66 38.31 18.32
N TYR C 730 -70.34 37.47 17.54
CA TYR C 730 -70.10 37.48 16.10
C TYR C 730 -70.64 38.74 15.42
N THR C 731 -71.65 39.38 16.01
CA THR C 731 -72.14 40.63 15.45
C THR C 731 -71.07 41.71 15.45
N GLU C 732 -70.30 41.82 16.52
CA GLU C 732 -69.26 42.84 16.58
C GLU C 732 -68.24 42.63 15.47
N GLN C 733 -67.83 41.39 15.24
CA GLN C 733 -66.89 41.11 14.16
C GLN C 733 -67.50 41.46 12.80
N PHE C 734 -68.74 41.02 12.55
CA PHE C 734 -69.33 41.24 11.24
C PHE C 734 -69.54 42.73 10.97
N SER C 735 -69.94 43.49 11.98
CA SER C 735 -70.18 44.92 11.78
C SER C 735 -68.90 45.63 11.37
N ARG C 736 -67.78 45.29 12.01
CA ARG C 736 -66.51 45.93 11.70
C ARG C 736 -65.94 45.52 10.35
N MET C 737 -66.22 44.29 9.91
CA MET C 737 -65.59 43.74 8.71
C MET C 737 -66.09 44.41 7.44
N PHE C 738 -67.41 44.62 7.34
CA PHE C 738 -68.01 45.20 6.15
C PHE C 738 -68.36 46.67 6.31
N GLN C 739 -67.66 47.40 7.17
CA GLN C 739 -67.95 48.80 7.38
C GLN C 739 -67.91 49.59 6.07
N GLN C 740 -66.92 49.31 5.23
CA GLN C 740 -66.73 50.09 4.02
C GLN C 740 -67.87 49.93 3.03
N ASN C 741 -68.68 48.89 3.16
CA ASN C 741 -69.80 48.64 2.27
C ASN C 741 -71.13 49.13 2.84
N GLY C 742 -71.10 49.88 3.93
CA GLY C 742 -72.34 50.39 4.50
C GLY C 742 -73.25 49.30 5.03
N ILE C 743 -72.71 48.32 5.73
CA ILE C 743 -73.50 47.23 6.28
C ILE C 743 -74.44 47.80 7.35
N THR C 744 -75.73 47.64 7.15
CA THR C 744 -76.70 48.12 8.13
C THR C 744 -76.69 47.21 9.35
N PRO C 745 -77.03 47.72 10.53
CA PRO C 745 -76.96 46.87 11.74
C PRO C 745 -77.82 45.62 11.68
N GLU C 746 -78.97 45.65 11.01
CA GLU C 746 -79.85 44.48 11.00
C GLU C 746 -79.16 43.30 10.31
N THR C 747 -78.50 43.57 9.19
CA THR C 747 -77.81 42.49 8.48
C THR C 747 -76.66 41.94 9.31
N ALA C 748 -76.01 42.79 10.11
CA ALA C 748 -74.95 42.31 11.00
C ALA C 748 -75.50 41.25 11.95
N ARG C 749 -76.61 41.53 12.59
CA ARG C 749 -77.23 40.56 13.49
C ARG C 749 -77.73 39.33 12.76
N LYS C 750 -78.29 39.48 11.57
CA LYS C 750 -78.74 38.31 10.82
C LYS C 750 -77.56 37.39 10.50
N LEU C 751 -76.45 37.95 10.04
CA LEU C 751 -75.26 37.14 9.78
C LEU C 751 -74.72 36.51 11.04
N GLY C 752 -74.69 37.26 12.15
CA GLY C 752 -74.27 36.67 13.40
C GLY C 752 -75.11 35.49 13.81
N ALA C 753 -76.42 35.56 13.59
CA ALA C 753 -77.31 34.46 13.95
C ALA C 753 -77.22 33.29 12.99
N LYS C 754 -76.86 33.53 11.73
CA LYS C 754 -76.71 32.45 10.75
C LYS C 754 -75.30 31.84 10.75
N MET C 755 -74.39 32.34 11.59
CA MET C 755 -73.12 31.66 11.83
C MET C 755 -73.23 30.68 12.98
N PHE C 756 -74.32 30.75 13.74
CA PHE C 756 -74.58 29.83 14.84
C PHE C 756 -75.52 28.71 14.40
N ASP C 757 -76.54 29.01 13.60
CA ASP C 757 -77.46 27.99 13.16
C ASP C 757 -76.76 26.96 12.27
N ASN C 758 -75.88 27.42 11.38
CA ASN C 758 -75.17 26.48 10.52
C ASN C 758 -73.89 25.97 11.13
N MET C 759 -73.59 26.33 12.39
CA MET C 759 -72.52 25.70 13.13
C MET C 759 -72.98 24.51 13.94
N GLN C 760 -74.21 24.56 14.47
CA GLN C 760 -74.78 23.37 15.12
C GLN C 760 -74.98 22.25 14.11
N ASP C 761 -75.40 22.59 12.90
CA ASP C 761 -75.60 21.58 11.87
C ASP C 761 -74.30 20.86 11.53
N GLN C 762 -73.15 21.48 11.77
CA GLN C 762 -71.88 20.85 11.47
C GLN C 762 -71.52 19.79 12.50
N ALA C 763 -71.94 19.98 13.76
CA ALA C 763 -71.64 19.00 14.79
C ALA C 763 -72.55 17.79 14.69
N ALA C 764 -73.78 17.97 14.24
CA ALA C 764 -74.75 16.88 14.16
C ALA C 764 -74.67 16.11 12.85
N HIS C 765 -73.83 16.53 11.91
CA HIS C 765 -73.68 15.85 10.62
C HIS C 765 -75.01 15.78 9.89
N VAL C 766 -75.53 16.96 9.55
CA VAL C 766 -76.80 17.07 8.82
C VAL C 766 -76.61 17.94 7.60
N GLN C 767 -75.36 18.20 7.21
CA GLN C 767 -75.08 19.05 6.07
C GLN C 767 -75.04 18.24 4.79
N GLY C 768 -75.16 18.95 3.66
CA GLY C 768 -75.06 18.32 2.36
C GLY C 768 -74.85 19.40 1.31
N TYR C 769 -74.59 18.96 0.08
CA TYR C 769 -74.34 19.90 -0.99
C TYR C 769 -75.65 20.62 -1.33
N ARG C 770 -75.59 21.47 -2.36
CA ARG C 770 -76.62 22.46 -2.66
C ARG C 770 -76.58 23.64 -1.71
N GLN C 771 -75.57 23.70 -0.85
CA GLN C 771 -75.38 24.85 0.04
C GLN C 771 -73.94 25.37 -0.05
N SER C 772 -73.12 24.78 -0.93
CA SER C 772 -71.75 25.22 -1.10
C SER C 772 -71.40 25.25 -2.59
N ILE C 773 -72.34 25.75 -3.41
CA ILE C 773 -72.15 25.77 -4.86
C ILE C 773 -71.45 27.05 -5.33
N ALA C 774 -71.37 28.08 -4.50
CA ALA C 774 -70.74 29.32 -4.91
C ALA C 774 -69.25 29.10 -5.20
N GLY C 775 -68.53 28.49 -4.26
CA GLY C 775 -67.11 28.28 -4.42
C GLY C 775 -66.70 26.90 -3.94
N MET C 776 -65.71 26.85 -3.05
CA MET C 776 -65.29 25.61 -2.42
C MET C 776 -65.92 25.55 -1.03
N SER C 777 -65.88 24.36 -0.43
CA SER C 777 -66.59 24.10 0.81
C SER C 777 -65.70 24.23 2.04
N TYR C 778 -64.69 25.11 2.04
CA TYR C 778 -63.79 25.21 3.17
C TYR C 778 -63.60 26.64 3.65
N ASP C 779 -64.48 27.56 3.26
CA ASP C 779 -64.42 28.94 3.72
C ASP C 779 -65.64 29.23 4.58
N ASP C 780 -65.40 29.75 5.78
CA ASP C 780 -66.48 29.94 6.75
C ASP C 780 -67.29 31.19 6.49
N ILE C 781 -66.81 32.12 5.68
CA ILE C 781 -67.57 33.33 5.40
C ILE C 781 -68.42 33.14 4.15
N GLU C 782 -67.88 32.47 3.13
CA GLU C 782 -68.66 32.19 1.93
C GLU C 782 -69.87 31.34 2.27
N ASN C 783 -69.69 30.32 3.10
CA ASN C 783 -70.78 29.45 3.49
C ASN C 783 -71.81 30.15 4.35
N THR C 784 -71.49 31.32 4.88
CA THR C 784 -72.46 32.11 5.64
C THR C 784 -73.17 33.14 4.78
N LEU C 785 -72.48 33.78 3.86
CA LEU C 785 -73.13 34.73 2.95
C LEU C 785 -73.98 34.02 1.91
N GLU C 786 -73.54 32.87 1.41
CA GLU C 786 -74.33 32.14 0.43
C GLU C 786 -75.70 31.78 0.99
N ALA C 787 -75.79 31.54 2.29
CA ALA C 787 -77.06 31.19 2.92
C ALA C 787 -77.94 32.38 3.16
N LEU C 788 -77.50 33.60 2.83
CA LEU C 788 -78.29 34.79 3.04
C LEU C 788 -78.63 34.96 4.53
N GLU C 820 -60.30 36.92 8.09
CA GLU C 820 -61.03 38.16 8.27
C GLU C 820 -61.36 38.40 9.75
N PHE C 821 -61.71 37.33 10.46
CA PHE C 821 -61.95 37.44 11.88
C PHE C 821 -60.66 37.81 12.60
N ASP C 822 -60.78 38.63 13.65
CA ASP C 822 -59.61 39.04 14.40
C ASP C 822 -58.96 37.86 15.13
N MET C 823 -59.77 37.02 15.76
CA MET C 823 -59.29 35.81 16.43
C MET C 823 -58.55 36.12 17.72
N THR C 824 -58.41 37.40 18.07
CA THR C 824 -57.78 37.75 19.34
C THR C 824 -58.56 38.82 20.09
N ALA C 825 -59.33 39.65 19.40
CA ALA C 825 -60.11 40.68 20.06
C ALA C 825 -60.99 40.07 21.14
N GLN C 826 -61.02 40.68 22.30
CA GLN C 826 -61.64 40.11 23.48
C GLN C 826 -63.01 40.76 23.71
N TYR C 827 -64.04 39.92 23.80
CA TYR C 827 -65.40 40.33 24.10
C TYR C 827 -65.71 40.07 25.56
N THR C 828 -66.69 40.81 26.10
CA THR C 828 -67.07 40.71 27.50
C THR C 828 -68.54 40.33 27.60
N THR C 829 -68.82 39.28 28.36
CA THR C 829 -70.17 38.77 28.50
C THR C 829 -70.91 39.54 29.60
N LYS C 830 -72.17 39.14 29.84
CA LYS C 830 -72.99 39.78 30.85
C LYS C 830 -72.40 39.59 32.24
N SER C 831 -71.90 38.39 32.51
CA SER C 831 -71.39 38.05 33.84
C SER C 831 -69.99 38.56 34.10
N GLY C 832 -69.38 39.26 33.15
CA GLY C 832 -68.02 39.74 33.29
C GLY C 832 -66.96 38.80 32.77
N ASP C 833 -67.31 37.57 32.43
CA ASP C 833 -66.36 36.66 31.82
C ASP C 833 -66.02 37.13 30.41
N MET C 834 -64.73 37.05 30.08
CA MET C 834 -64.23 37.48 28.79
C MET C 834 -64.16 36.29 27.84
N ILE C 835 -64.35 36.57 26.55
CA ILE C 835 -64.51 35.52 25.55
C ILE C 835 -63.92 36.01 24.24
N SER C 836 -63.40 35.07 23.44
CA SER C 836 -62.78 35.40 22.16
C SER C 836 -63.02 34.24 21.22
N PRO C 837 -63.00 34.49 19.90
CA PRO C 837 -63.31 33.41 18.94
C PRO C 837 -62.18 32.41 18.74
N SER C 838 -61.01 32.63 19.33
CA SER C 838 -59.91 31.69 19.17
C SER C 838 -60.18 30.38 19.88
N MET C 839 -61.05 30.40 20.89
CA MET C 839 -61.26 29.20 21.70
C MET C 839 -61.98 28.11 20.92
N PHE C 840 -62.61 28.44 19.80
CA PHE C 840 -63.45 27.50 19.08
C PHE C 840 -62.85 27.05 17.75
N VAL C 841 -61.55 27.22 17.56
CA VAL C 841 -60.93 26.78 16.31
C VAL C 841 -60.54 25.31 16.41
N ASN C 842 -60.51 24.64 15.27
CA ASN C 842 -60.09 23.24 15.24
C ASN C 842 -58.58 23.15 15.41
N ASN C 843 -58.13 22.06 16.05
CA ASN C 843 -56.74 21.92 16.42
C ASN C 843 -56.05 20.68 15.88
N ASP C 844 -56.72 19.53 15.82
CA ASP C 844 -56.05 18.30 15.41
C ASP C 844 -55.56 18.42 13.98
N VAL C 845 -54.53 17.65 13.66
CA VAL C 845 -53.89 17.71 12.36
C VAL C 845 -54.48 16.64 11.45
N MET C 846 -54.33 15.37 11.83
CA MET C 846 -54.76 14.28 10.96
C MET C 846 -56.23 14.41 10.60
N GLY C 847 -57.10 14.62 11.58
CA GLY C 847 -58.50 14.81 11.30
C GLY C 847 -58.79 16.05 10.47
N LEU C 848 -57.80 16.90 10.27
CA LEU C 848 -57.91 18.05 9.40
C LEU C 848 -57.27 17.82 8.04
N MET C 849 -56.37 16.84 7.93
CA MET C 849 -55.79 16.50 6.65
C MET C 849 -56.70 15.57 5.86
N GLU C 850 -57.21 14.53 6.52
CA GLU C 850 -58.05 13.56 5.80
C GLU C 850 -59.32 14.22 5.26
N GLY C 851 -59.95 15.08 6.05
CA GLY C 851 -61.16 15.74 5.59
C GLY C 851 -60.94 16.57 4.34
N TYR C 852 -59.83 17.33 4.31
CA TYR C 852 -59.52 18.13 3.14
C TYR C 852 -59.24 17.25 1.93
N SER C 853 -58.40 16.24 2.11
CA SER C 853 -58.01 15.41 0.97
C SER C 853 -59.19 14.68 0.38
N ARG C 854 -60.07 14.14 1.22
CA ARG C 854 -61.18 13.34 0.70
C ARG C 854 -62.10 14.19 -0.16
N ARG C 855 -62.41 15.41 0.25
CA ARG C 855 -63.33 16.24 -0.52
C ARG C 855 -62.67 16.81 -1.76
N MET C 856 -61.38 17.17 -1.69
CA MET C 856 -60.73 17.68 -2.89
C MET C 856 -60.55 16.58 -3.93
N SER C 857 -60.31 15.35 -3.51
CA SER C 857 -60.27 14.26 -4.48
C SER C 857 -61.61 14.11 -5.19
N GLY C 858 -62.70 14.19 -4.43
CA GLY C 858 -64.02 14.11 -5.03
C GLY C 858 -64.32 15.24 -5.98
N ARG C 859 -63.88 16.45 -5.67
CA ARG C 859 -64.08 17.56 -6.60
C ARG C 859 -63.21 17.43 -7.84
N VAL C 860 -61.95 17.00 -7.71
CA VAL C 860 -61.11 16.82 -8.88
C VAL C 860 -61.66 15.74 -9.79
N GLY C 861 -62.12 14.62 -9.22
CA GLY C 861 -62.66 13.56 -10.05
C GLY C 861 -63.89 13.99 -10.82
N LEU C 862 -64.73 14.81 -10.19
CA LEU C 862 -65.97 15.24 -10.84
C LEU C 862 -65.68 16.20 -11.98
N ALA C 863 -64.64 17.04 -11.83
CA ALA C 863 -64.31 18.00 -12.89
C ALA C 863 -63.91 17.29 -14.17
N LYS C 864 -63.08 16.25 -14.05
CA LYS C 864 -62.54 15.60 -15.25
C LYS C 864 -63.63 14.90 -16.04
N ALA C 865 -64.78 14.65 -15.42
CA ALA C 865 -65.90 14.00 -16.12
C ALA C 865 -66.70 14.97 -16.96
N GLY C 866 -66.55 16.28 -16.75
CA GLY C 866 -67.23 17.26 -17.58
C GLY C 866 -68.01 18.32 -16.84
N PHE C 867 -67.85 18.39 -15.51
CA PHE C 867 -68.55 19.36 -14.68
C PHE C 867 -67.53 20.09 -13.80
N PRO C 868 -66.75 21.01 -14.37
CA PRO C 868 -65.82 21.78 -13.55
C PRO C 868 -66.51 22.68 -12.54
N ASP C 869 -67.78 22.99 -12.71
CA ASP C 869 -68.54 23.79 -11.75
C ASP C 869 -69.87 23.11 -11.48
N LEU C 870 -70.27 23.08 -10.20
CA LEU C 870 -71.45 22.34 -9.79
C LEU C 870 -72.75 23.02 -10.19
N ARG C 871 -72.71 24.28 -10.62
CA ARG C 871 -73.95 25.00 -10.91
C ARG C 871 -74.73 24.32 -12.01
N ASP C 872 -74.05 23.89 -13.08
CA ASP C 872 -74.70 23.12 -14.12
C ASP C 872 -74.87 21.66 -13.75
N ALA C 873 -74.07 21.15 -12.80
CA ALA C 873 -74.27 19.79 -12.33
C ALA C 873 -75.62 19.62 -11.67
N VAL C 874 -76.05 20.61 -10.89
CA VAL C 874 -77.39 20.55 -10.30
C VAL C 874 -78.44 20.58 -11.39
N LYS C 875 -78.30 21.49 -12.35
CA LYS C 875 -79.31 21.63 -13.39
C LYS C 875 -79.46 20.35 -14.19
N ALA C 876 -78.34 19.72 -14.55
CA ALA C 876 -78.39 18.46 -15.30
C ALA C 876 -79.11 17.37 -14.54
N ILE C 877 -79.19 17.44 -13.22
CA ILE C 877 -79.94 16.46 -12.45
C ILE C 877 -81.41 16.84 -12.40
N ASP C 878 -81.71 18.13 -12.16
CA ASP C 878 -83.12 18.54 -12.10
C ASP C 878 -83.82 18.24 -13.42
N GLU C 879 -83.11 18.36 -14.54
CA GLU C 879 -83.72 18.09 -15.83
C GLU C 879 -83.87 16.61 -16.11
N ALA C 880 -82.93 15.77 -15.66
CA ALA C 880 -83.02 14.35 -15.92
C ALA C 880 -84.15 13.70 -15.12
N ALA C 881 -84.38 14.16 -13.90
CA ALA C 881 -85.40 13.55 -13.05
C ALA C 881 -86.80 13.74 -13.60
N ALA C 882 -87.05 14.83 -14.32
CA ALA C 882 -88.40 15.10 -14.82
C ALA C 882 -88.66 14.35 -16.13
N GLU C 883 -88.36 13.06 -16.14
CA GLU C 883 -88.72 12.21 -17.28
C GLU C 883 -89.35 10.92 -16.83
N ALA C 884 -89.00 10.47 -15.62
CA ALA C 884 -89.51 9.20 -15.13
C ALA C 884 -90.95 9.35 -14.64
N GLN C 885 -91.62 8.21 -14.49
CA GLN C 885 -93.01 8.22 -14.03
C GLN C 885 -93.14 8.74 -12.61
N ASP C 886 -92.08 8.65 -11.80
CA ASP C 886 -92.11 9.14 -10.43
C ASP C 886 -90.90 10.04 -10.17
N PRO C 887 -90.98 11.32 -10.54
CA PRO C 887 -89.80 12.18 -10.42
C PRO C 887 -89.27 12.30 -9.01
N ALA C 888 -90.11 12.14 -7.99
CA ALA C 888 -89.64 12.32 -6.61
C ALA C 888 -88.54 11.33 -6.26
N ALA C 889 -88.69 10.06 -6.63
CA ALA C 889 -87.70 9.05 -6.25
C ALA C 889 -86.38 9.26 -6.97
N ALA C 890 -86.43 9.58 -8.27
CA ALA C 890 -85.19 9.72 -9.03
C ALA C 890 -84.32 10.84 -8.49
N LEU C 891 -84.94 11.98 -8.16
CA LEU C 891 -84.19 13.09 -7.62
C LEU C 891 -83.51 12.70 -6.31
N HIS C 892 -84.24 11.99 -5.45
CA HIS C 892 -83.66 11.54 -4.18
C HIS C 892 -82.47 10.61 -4.43
N ALA C 893 -82.62 9.68 -5.37
CA ALA C 893 -81.52 8.74 -5.64
C ALA C 893 -80.29 9.49 -6.12
N PHE C 894 -80.46 10.43 -7.04
CA PHE C 894 -79.31 11.16 -7.57
C PHE C 894 -78.67 12.03 -6.49
N ASP C 895 -79.49 12.67 -5.65
CA ASP C 895 -78.93 13.45 -4.55
C ASP C 895 -78.11 12.57 -3.61
N ASN C 896 -78.63 11.40 -3.26
CA ASN C 896 -77.88 10.50 -2.38
C ASN C 896 -76.57 10.07 -3.03
N THR C 897 -76.60 9.78 -4.33
CA THR C 897 -75.35 9.38 -5.00
C THR C 897 -74.34 10.51 -4.99
N MET C 898 -74.77 11.74 -5.28
CA MET C 898 -73.84 12.85 -5.31
C MET C 898 -73.25 13.11 -3.93
N ASN C 899 -74.07 13.03 -2.89
CA ASN C 899 -73.55 13.21 -1.54
C ASN C 899 -72.47 12.18 -1.24
N GLN C 900 -72.69 10.92 -1.63
CA GLN C 900 -71.68 9.90 -1.41
C GLN C 900 -70.41 10.21 -2.18
N ILE C 901 -70.51 10.63 -3.43
CA ILE C 901 -69.31 10.91 -4.22
C ILE C 901 -68.51 12.04 -3.60
N LEU C 902 -69.18 13.13 -3.23
CA LEU C 902 -68.45 14.27 -2.69
C LEU C 902 -67.96 14.06 -1.26
N GLY C 903 -68.36 12.97 -0.61
CA GLY C 903 -67.92 12.69 0.74
C GLY C 903 -68.67 13.46 1.80
N TYR C 904 -69.97 13.22 1.91
CA TYR C 904 -70.82 13.80 2.93
C TYR C 904 -71.55 12.70 3.69
N PRO C 905 -71.96 12.96 4.92
CA PRO C 905 -72.63 11.93 5.72
C PRO C 905 -74.08 11.75 5.28
N THR C 906 -74.40 10.56 4.76
CA THR C 906 -75.74 10.26 4.32
C THR C 906 -76.61 9.64 5.41
N GLY C 907 -76.02 9.28 6.56
CA GLY C 907 -76.78 8.73 7.66
C GLY C 907 -76.90 7.21 7.67
N GLU C 908 -76.48 6.53 6.61
CA GLU C 908 -76.53 5.08 6.57
C GLU C 908 -75.15 4.50 6.87
N ASP C 909 -75.14 3.23 7.29
CA ASP C 909 -73.91 2.53 7.63
C ASP C 909 -73.50 1.66 6.45
N VAL C 910 -72.73 2.26 5.54
CA VAL C 910 -72.23 1.54 4.36
C VAL C 910 -70.80 1.93 4.10
N PRO C 911 -70.04 1.05 3.46
CA PRO C 911 -68.66 1.38 3.13
C PRO C 911 -68.57 2.46 2.07
N ASP C 912 -67.42 3.12 2.02
CA ASP C 912 -67.22 4.23 1.10
C ASP C 912 -67.44 3.79 -0.33
N ILE C 913 -68.10 4.64 -1.12
CA ILE C 913 -68.46 4.28 -2.49
C ILE C 913 -67.24 3.95 -3.33
N LEU C 914 -66.10 4.58 -3.03
CA LEU C 914 -64.91 4.37 -3.84
C LEU C 914 -64.33 2.96 -3.67
N ARG C 915 -64.82 2.18 -2.72
CA ARG C 915 -64.22 0.90 -2.41
C ARG C 915 -64.72 -0.25 -3.28
N SER C 916 -65.67 0.00 -4.18
CA SER C 916 -66.24 -1.06 -5.02
C SER C 916 -66.28 -0.59 -6.47
N ALA C 917 -66.24 -1.55 -7.39
CA ALA C 917 -66.14 -1.25 -8.81
C ALA C 917 -67.42 -1.69 -9.51
N SER C 918 -67.58 -1.21 -10.74
CA SER C 918 -68.79 -1.42 -11.53
C SER C 918 -68.43 -1.85 -12.95
N ILE C 919 -67.56 -2.85 -13.06
CA ILE C 919 -67.04 -3.28 -14.35
C ILE C 919 -68.19 -3.75 -15.24
N ILE C 920 -68.25 -3.21 -16.45
CA ILE C 920 -69.19 -3.63 -17.47
C ILE C 920 -68.45 -3.79 -18.78
N GLY C 921 -68.68 -4.92 -19.46
CA GLY C 921 -67.97 -5.18 -20.69
C GLY C 921 -68.44 -6.47 -21.34
N GLY C 922 -67.51 -7.13 -22.02
CA GLY C 922 -67.82 -8.31 -22.81
C GLY C 922 -68.24 -9.51 -21.99
N ALA C 923 -69.46 -9.98 -22.21
CA ALA C 923 -69.94 -11.13 -21.47
C ALA C 923 -69.31 -12.43 -21.97
N LEU C 924 -69.18 -12.57 -23.29
CA LEU C 924 -68.72 -13.83 -23.85
C LEU C 924 -67.31 -14.16 -23.39
N ASN C 925 -66.38 -13.22 -23.51
CA ASN C 925 -64.98 -13.51 -23.19
C ASN C 925 -64.82 -13.88 -21.73
N LEU C 926 -65.56 -13.23 -20.83
CA LEU C 926 -65.46 -13.56 -19.42
C LEU C 926 -65.89 -15.00 -19.15
N ALA C 927 -66.95 -15.46 -19.81
CA ALA C 927 -67.48 -16.79 -19.53
C ALA C 927 -66.46 -17.87 -19.83
N ASN C 928 -65.72 -17.74 -20.92
CA ASN C 928 -64.75 -18.75 -21.31
C ASN C 928 -63.42 -18.61 -20.57
N SER C 929 -63.27 -17.57 -19.73
CA SER C 929 -62.06 -17.44 -18.94
C SER C 929 -62.04 -18.39 -17.75
N GLY C 930 -63.21 -18.70 -17.19
CA GLY C 930 -63.30 -19.59 -16.05
C GLY C 930 -63.55 -18.91 -14.72
N ILE C 931 -63.86 -17.61 -14.72
CA ILE C 931 -64.09 -16.91 -13.46
C ILE C 931 -65.37 -17.38 -12.79
N TYR C 932 -66.37 -17.78 -13.58
CA TYR C 932 -67.65 -18.17 -12.99
C TYR C 932 -67.48 -19.38 -12.06
N GLN C 933 -66.67 -20.36 -12.48
CA GLN C 933 -66.47 -21.53 -11.63
C GLN C 933 -65.83 -21.17 -10.30
N LEU C 934 -64.87 -20.25 -10.29
CA LEU C 934 -64.23 -19.84 -9.04
C LEU C 934 -65.13 -18.96 -8.20
N ALA C 935 -66.01 -18.17 -8.82
CA ALA C 935 -66.97 -17.39 -8.05
C ALA C 935 -68.01 -18.29 -7.40
N ASP C 936 -68.41 -19.35 -8.10
CA ASP C 936 -69.42 -20.26 -7.56
C ASP C 936 -68.91 -20.94 -6.29
N MET C 937 -67.65 -21.37 -6.29
CA MET C 937 -67.11 -22.07 -5.13
C MET C 937 -67.14 -21.19 -3.90
N SER C 938 -66.62 -19.97 -4.00
CA SER C 938 -66.55 -19.09 -2.84
C SER C 938 -67.93 -18.73 -2.33
N LEU C 939 -68.97 -18.96 -3.14
CA LEU C 939 -70.31 -18.60 -2.74
C LEU C 939 -71.01 -19.75 -1.99
N MET C 940 -70.53 -20.99 -2.15
CA MET C 940 -71.12 -22.09 -1.40
C MET C 940 -70.69 -22.07 0.06
N LEU C 941 -69.44 -21.70 0.33
CA LEU C 941 -68.95 -21.74 1.69
C LEU C 941 -69.70 -20.80 2.62
N GLN C 942 -70.44 -19.83 2.09
CA GLN C 942 -71.31 -19.04 2.94
C GLN C 942 -72.36 -19.92 3.62
N GLN C 943 -72.93 -20.87 2.87
CA GLN C 943 -73.88 -21.79 3.47
C GLN C 943 -73.31 -22.43 4.72
N PHE C 944 -72.05 -22.86 4.66
CA PHE C 944 -71.44 -23.55 5.79
C PHE C 944 -71.39 -22.65 7.02
N GLY C 945 -70.85 -21.45 6.88
CA GLY C 945 -70.71 -20.56 8.02
C GLY C 945 -72.05 -20.16 8.62
N ILE C 946 -73.01 -19.82 7.76
CA ILE C 946 -74.31 -19.38 8.25
C ILE C 946 -75.06 -20.53 8.90
N THR C 947 -74.98 -21.73 8.33
CA THR C 947 -75.60 -22.88 8.97
C THR C 947 -75.00 -23.12 10.34
N LYS C 948 -73.67 -23.05 10.46
CA LYS C 948 -73.06 -23.25 11.76
C LYS C 948 -73.47 -22.18 12.74
N THR C 949 -73.58 -20.93 12.28
CA THR C 949 -73.99 -19.85 13.18
C THR C 949 -75.43 -20.06 13.66
N LEU C 950 -76.33 -20.46 12.76
CA LEU C 950 -77.69 -20.72 13.19
C LEU C 950 -77.74 -21.87 14.18
N LYS C 951 -76.97 -22.94 13.94
CA LYS C 951 -76.94 -24.03 14.90
C LYS C 951 -76.41 -23.57 16.25
N ALA C 952 -75.36 -22.74 16.26
CA ALA C 952 -74.82 -22.23 17.51
C ALA C 952 -75.84 -21.38 18.27
N PHE C 953 -76.62 -20.56 17.57
CA PHE C 953 -77.71 -19.86 18.24
C PHE C 953 -78.75 -20.84 18.76
N GLY C 954 -79.04 -21.91 18.01
CA GLY C 954 -80.04 -22.86 18.46
C GLY C 954 -79.61 -23.65 19.68
N SER C 955 -78.30 -23.78 19.89
CA SER C 955 -77.79 -24.59 20.98
C SER C 955 -77.85 -23.87 22.33
N THR C 956 -77.21 -22.71 22.42
CA THR C 956 -77.09 -22.01 23.70
C THR C 956 -78.44 -21.51 24.18
N ALA C 957 -78.59 -21.38 25.50
CA ALA C 957 -79.81 -20.81 26.06
C ALA C 957 -79.98 -19.35 25.64
N PHE C 958 -78.89 -18.57 25.68
CA PHE C 958 -78.95 -17.18 25.23
C PHE C 958 -79.30 -17.07 23.76
N GLY C 959 -78.89 -18.04 22.94
CA GLY C 959 -79.27 -18.01 21.54
C GLY C 959 -80.77 -18.11 21.34
N ARG C 960 -81.42 -18.96 22.13
CA ARG C 960 -82.88 -18.92 22.17
C ARG C 960 -83.33 -17.63 22.83
N ASN C 961 -84.51 -17.17 22.43
CA ASN C 961 -85.09 -15.89 22.83
C ASN C 961 -84.37 -14.72 22.18
N ALA C 962 -83.16 -14.95 21.66
CA ALA C 962 -82.45 -13.91 20.92
C ALA C 962 -82.70 -14.08 19.44
N MET C 963 -82.67 -15.32 18.96
CA MET C 963 -83.21 -15.62 17.65
C MET C 963 -84.72 -15.55 17.61
N ASP C 964 -85.38 -15.40 18.78
CA ASP C 964 -86.83 -15.32 18.85
C ASP C 964 -87.36 -13.90 18.93
N VAL C 965 -86.69 -13.00 19.66
CA VAL C 965 -87.13 -11.60 19.61
C VAL C 965 -87.10 -11.09 18.19
N ALA C 966 -86.16 -11.57 17.37
CA ALA C 966 -86.01 -11.10 16.01
C ALA C 966 -87.20 -11.44 15.12
N LYS C 967 -87.99 -12.46 15.46
CA LYS C 967 -89.19 -12.75 14.69
C LYS C 967 -90.37 -11.88 15.09
N SER C 968 -90.50 -11.56 16.38
CA SER C 968 -91.66 -10.84 16.85
C SER C 968 -91.77 -9.49 16.16
N ALA C 969 -92.98 -9.17 15.68
CA ALA C 969 -93.21 -7.86 15.08
C ALA C 969 -93.22 -6.76 16.13
N GLU C 970 -93.31 -7.13 17.39
CA GLU C 970 -93.38 -6.13 18.46
C GLU C 970 -92.01 -5.54 18.75
N PHE C 971 -90.93 -6.29 18.48
CA PHE C 971 -89.59 -5.85 18.85
C PHE C 971 -88.55 -5.99 17.75
N GLY C 972 -88.76 -6.84 16.74
CA GLY C 972 -87.73 -7.05 15.74
C GLY C 972 -87.31 -5.79 15.04
N SER C 973 -88.28 -4.92 14.74
CA SER C 973 -87.98 -3.68 14.04
C SER C 973 -86.98 -2.83 14.82
N ARG C 974 -87.17 -2.74 16.13
CA ARG C 974 -86.28 -1.92 16.95
C ARG C 974 -84.90 -2.54 17.09
N LEU C 975 -84.82 -3.87 17.20
CA LEU C 975 -83.52 -4.52 17.24
C LEU C 975 -82.76 -4.30 15.94
N GLN C 976 -83.45 -4.38 14.79
CA GLN C 976 -82.78 -4.12 13.52
C GLN C 976 -82.19 -2.72 13.51
N ASP C 977 -82.96 -1.73 13.97
CA ASP C 977 -82.46 -0.36 14.01
C ASP C 977 -81.27 -0.23 14.95
N VAL C 978 -81.29 -0.93 16.08
CA VAL C 978 -80.15 -0.88 16.99
C VAL C 978 -78.91 -1.49 16.36
N ILE C 979 -79.05 -2.58 15.60
CA ILE C 979 -77.89 -3.19 14.96
C ILE C 979 -77.34 -2.29 13.84
N GLU C 980 -78.23 -1.70 13.07
CA GLU C 980 -77.85 -0.93 11.89
C GLU C 980 -77.35 0.47 12.21
N ALA C 981 -77.50 0.93 13.45
CA ALA C 981 -77.05 2.27 13.85
C ALA C 981 -77.70 3.35 13.00
N ARG C 982 -79.02 3.32 12.86
CA ARG C 982 -79.68 4.29 11.99
C ARG C 982 -80.12 5.53 12.76
N HIS C 983 -80.22 5.43 14.08
CA HIS C 983 -80.58 6.58 14.91
C HIS C 983 -79.38 7.29 15.51
N VAL C 984 -78.16 6.82 15.25
CA VAL C 984 -76.99 7.30 15.98
C VAL C 984 -76.01 8.03 15.07
N LEU C 985 -75.94 7.62 13.81
CA LEU C 985 -74.89 8.16 12.94
C LEU C 985 -75.10 9.63 12.61
N SER C 986 -76.34 10.09 12.58
CA SER C 986 -76.62 11.49 12.30
C SER C 986 -77.94 11.87 12.95
N GLY C 987 -78.11 13.16 13.19
CA GLY C 987 -79.33 13.67 13.79
C GLY C 987 -79.18 14.09 15.23
N LYS C 988 -80.22 13.86 16.03
CA LYS C 988 -80.27 14.37 17.39
C LYS C 988 -79.18 13.79 18.28
N TYR C 989 -78.98 12.47 18.19
CA TYR C 989 -78.27 11.73 19.22
C TYR C 989 -76.78 11.54 18.94
N ARG C 990 -76.23 12.18 17.91
CA ARG C 990 -74.84 11.93 17.58
C ARG C 990 -73.88 12.44 18.65
N SER C 991 -74.36 13.26 19.58
CA SER C 991 -73.48 13.74 20.65
C SER C 991 -72.94 12.57 21.46
N VAL C 992 -73.78 11.57 21.72
CA VAL C 992 -73.35 10.43 22.52
C VAL C 992 -72.23 9.68 21.80
N LEU C 993 -72.41 9.41 20.51
CA LEU C 993 -71.40 8.69 19.76
C LEU C 993 -70.11 9.49 19.67
N THR C 994 -70.20 10.81 19.47
CA THR C 994 -68.99 11.62 19.47
C THR C 994 -68.27 11.58 20.80
N HIS C 995 -69.01 11.64 21.91
CA HIS C 995 -68.37 11.62 23.23
C HIS C 995 -67.69 10.29 23.49
N LEU C 996 -68.33 9.18 23.12
CA LEU C 996 -67.73 7.87 23.38
C LEU C 996 -66.58 7.58 22.41
N GLU C 997 -66.65 8.10 21.19
CA GLU C 997 -65.73 7.65 20.14
C GLU C 997 -64.30 8.12 20.42
N ASP C 998 -64.14 9.40 20.75
CA ASP C 998 -62.82 10.03 20.81
C ASP C 998 -62.51 10.51 22.23
N ASN C 999 -62.95 9.74 23.22
CA ASN C 999 -62.67 10.05 24.62
C ASN C 999 -62.39 8.80 25.44
N ARG C 1000 -62.05 7.69 24.80
CA ARG C 1000 -61.77 6.45 25.49
C ARG C 1000 -60.85 5.61 24.60
N ASP C 1001 -60.25 4.58 25.19
CA ASP C 1001 -59.22 3.81 24.52
C ASP C 1001 -59.52 2.32 24.64
N ILE C 1002 -58.69 1.50 24.01
CA ILE C 1002 -58.92 0.06 23.97
C ILE C 1002 -58.92 -0.53 25.37
N GLY C 1003 -58.25 0.10 26.31
CA GLY C 1003 -58.22 -0.40 27.67
C GLY C 1003 -59.57 -0.43 28.34
N SER C 1004 -60.57 0.25 27.76
CA SER C 1004 -61.88 0.32 28.39
C SER C 1004 -62.77 -0.86 28.04
N LEU C 1005 -62.31 -1.77 27.18
CA LEU C 1005 -63.15 -2.90 26.78
C LEU C 1005 -63.25 -3.97 27.86
N GLY C 1006 -62.22 -4.13 28.69
CA GLY C 1006 -62.21 -5.19 29.65
C GLY C 1006 -61.75 -6.50 29.06
N VAL C 1007 -62.31 -6.86 27.89
CA VAL C 1007 -61.85 -8.04 27.18
C VAL C 1007 -60.40 -7.89 26.74
N ALA C 1008 -59.90 -6.66 26.65
CA ALA C 1008 -58.50 -6.47 26.29
C ALA C 1008 -57.58 -7.07 27.34
N HIS C 1009 -57.90 -6.87 28.62
CA HIS C 1009 -57.04 -7.41 29.68
C HIS C 1009 -57.05 -8.94 29.66
N ARG C 1010 -58.20 -9.54 29.40
CA ARG C 1010 -58.37 -10.98 29.55
C ARG C 1010 -57.62 -11.78 28.49
N TYR C 1011 -57.07 -11.16 27.46
CA TYR C 1011 -56.46 -11.90 26.36
C TYR C 1011 -55.11 -11.35 25.90
N VAL C 1012 -54.51 -10.42 26.63
CA VAL C 1012 -53.31 -9.74 26.14
C VAL C 1012 -52.15 -10.71 26.02
N GLN C 1013 -52.21 -11.85 26.70
CA GLN C 1013 -51.08 -12.77 26.74
C GLN C 1013 -51.26 -14.01 25.87
N GLN C 1014 -52.48 -14.49 25.66
CA GLN C 1014 -52.66 -15.55 24.68
C GLN C 1014 -52.37 -15.03 23.28
N MET C 1015 -53.09 -13.99 22.86
CA MET C 1015 -52.78 -13.31 21.62
C MET C 1015 -51.41 -12.66 21.76
N GLY C 1016 -50.69 -12.55 20.65
CA GLY C 1016 -49.24 -12.41 20.73
C GLY C 1016 -48.69 -11.09 21.21
N GLN C 1017 -49.50 -10.27 21.88
CA GLN C 1017 -48.98 -9.10 22.57
C GLN C 1017 -48.35 -8.07 21.63
N GLY C 1018 -48.44 -8.30 20.33
CA GLY C 1018 -47.80 -7.46 19.33
C GLY C 1018 -48.74 -6.43 18.76
N THR C 1019 -48.45 -6.01 17.52
CA THR C 1019 -49.30 -5.03 16.87
C THR C 1019 -50.64 -5.65 16.46
N ARG C 1020 -50.61 -6.90 16.01
CA ARG C 1020 -51.84 -7.57 15.60
C ARG C 1020 -52.88 -7.61 16.71
N PHE C 1021 -52.49 -7.32 17.94
CA PHE C 1021 -53.45 -7.22 19.04
C PHE C 1021 -54.07 -5.84 19.10
N VAL C 1022 -53.23 -4.80 19.19
CA VAL C 1022 -53.74 -3.44 19.31
C VAL C 1022 -54.45 -3.03 18.02
N ASN C 1023 -53.88 -3.35 16.86
CA ASN C 1023 -54.54 -3.00 15.61
C ASN C 1023 -55.92 -3.63 15.53
N GLY C 1024 -56.08 -4.85 16.02
CA GLY C 1024 -57.36 -5.51 15.99
C GLY C 1024 -58.35 -4.98 17.00
N MET C 1025 -57.89 -4.53 18.16
CA MET C 1025 -58.83 -4.12 19.21
C MET C 1025 -59.56 -2.82 18.87
N GLU C 1026 -58.98 -1.96 18.04
CA GLU C 1026 -59.69 -0.73 17.64
C GLU C 1026 -60.96 -1.06 16.86
N PHE C 1027 -60.90 -2.07 16.01
CA PHE C 1027 -62.08 -2.51 15.28
C PHE C 1027 -63.21 -2.89 16.23
N ILE C 1028 -62.90 -3.62 17.29
CA ILE C 1028 -63.92 -4.00 18.25
C ILE C 1028 -64.42 -2.80 19.04
N ARG C 1029 -63.54 -1.86 19.40
CA ARG C 1029 -64.00 -0.63 20.03
C ARG C 1029 -65.05 0.06 19.18
N ARG C 1030 -64.74 0.26 17.90
CA ARG C 1030 -65.62 1.01 17.02
C ARG C 1030 -66.86 0.21 16.66
N GLY C 1031 -66.83 -1.10 16.82
CA GLY C 1031 -68.04 -1.89 16.75
C GLY C 1031 -68.95 -1.73 17.96
N GLN C 1032 -68.36 -1.70 19.16
CA GLN C 1032 -69.16 -1.71 20.38
C GLN C 1032 -69.77 -0.35 20.68
N ALA C 1033 -69.05 0.73 20.36
CA ALA C 1033 -69.57 2.06 20.68
C ALA C 1033 -70.94 2.29 20.03
N LYS C 1034 -71.09 1.88 18.77
CA LYS C 1034 -72.34 2.10 18.07
C LYS C 1034 -73.49 1.34 18.73
N LEU C 1035 -73.24 0.10 19.17
CA LEU C 1035 -74.28 -0.66 19.84
C LEU C 1035 -74.72 0.04 21.13
N VAL C 1036 -73.76 0.49 21.93
CA VAL C 1036 -74.12 1.14 23.19
C VAL C 1036 -74.94 2.40 22.93
N SER C 1037 -74.49 3.22 21.99
CA SER C 1037 -75.21 4.45 21.69
C SER C 1037 -76.62 4.16 21.17
N GLY C 1038 -76.75 3.15 20.31
CA GLY C 1038 -78.07 2.79 19.83
C GLY C 1038 -79.00 2.33 20.92
N LEU C 1039 -78.49 1.56 21.87
CA LEU C 1039 -79.31 1.15 23.00
C LEU C 1039 -79.80 2.35 23.80
N ILE C 1040 -78.92 3.30 24.09
CA ILE C 1040 -79.35 4.49 24.83
C ILE C 1040 -80.41 5.26 24.04
N ALA C 1041 -80.19 5.44 22.74
CA ALA C 1041 -81.14 6.17 21.92
C ALA C 1041 -82.50 5.49 21.93
N ASP C 1042 -82.52 4.17 21.83
CA ASP C 1042 -83.79 3.45 21.86
C ASP C 1042 -84.50 3.66 23.19
N THR C 1043 -83.79 3.50 24.30
CA THR C 1043 -84.43 3.54 25.60
C THR C 1043 -84.84 4.95 26.02
N VAL C 1044 -84.34 5.99 25.37
CA VAL C 1044 -84.83 7.36 25.61
C VAL C 1044 -86.14 7.61 24.89
N ASP C 1045 -86.23 7.24 23.61
CA ASP C 1045 -87.48 7.39 22.89
C ASP C 1045 -88.59 6.54 23.50
N ASP C 1046 -88.25 5.33 23.96
CA ASP C 1046 -89.26 4.52 24.62
C ASP C 1046 -89.80 5.24 25.85
N ALA C 1047 -88.93 5.88 26.63
CA ALA C 1047 -89.39 6.62 27.80
C ALA C 1047 -90.30 7.78 27.40
N ILE C 1048 -89.90 8.54 26.38
CA ILE C 1048 -90.74 9.66 25.94
C ILE C 1048 -92.09 9.16 25.45
N ALA C 1049 -92.13 7.93 24.93
CA ALA C 1049 -93.39 7.39 24.41
C ALA C 1049 -94.44 7.26 25.49
N GLY C 1050 -94.07 6.80 26.68
CA GLY C 1050 -95.03 6.65 27.76
C GLY C 1050 -94.81 5.45 28.66
N ASN C 1051 -93.86 4.59 28.32
CA ASN C 1051 -93.60 3.39 29.10
C ASN C 1051 -93.12 3.80 30.49
N ALA C 1052 -93.99 3.59 31.49
CA ALA C 1052 -93.68 4.05 32.83
C ALA C 1052 -92.42 3.38 33.38
N SER C 1053 -92.27 2.08 33.15
CA SER C 1053 -91.11 1.37 33.67
C SER C 1053 -89.80 1.98 33.20
N ALA C 1054 -89.77 2.56 32.00
CA ALA C 1054 -88.56 3.23 31.53
C ALA C 1054 -88.37 4.57 32.20
N VAL C 1055 -89.45 5.30 32.47
CA VAL C 1055 -89.34 6.63 33.06
C VAL C 1055 -88.73 6.54 34.45
N THR C 1056 -89.16 5.57 35.24
CA THR C 1056 -88.65 5.38 36.59
C THR C 1056 -87.22 4.87 36.60
N ALA C 1057 -86.67 4.53 35.44
CA ALA C 1057 -85.26 4.20 35.32
C ALA C 1057 -84.49 5.37 34.72
N MET C 1058 -85.15 6.15 33.87
CA MET C 1058 -84.51 7.35 33.33
C MET C 1058 -84.16 8.32 34.44
N GLU C 1059 -85.07 8.50 35.40
CA GLU C 1059 -84.89 9.48 36.45
C GLU C 1059 -83.71 9.16 37.35
N ARG C 1060 -83.18 7.94 37.27
CA ARG C 1060 -82.01 7.60 38.07
C ARG C 1060 -80.83 8.50 37.73
N PHE C 1061 -80.82 9.13 36.55
CA PHE C 1061 -79.71 9.96 36.12
C PHE C 1061 -80.07 11.44 36.03
N GLY C 1062 -81.26 11.83 36.48
CA GLY C 1062 -81.53 13.24 36.70
C GLY C 1062 -82.76 13.84 36.04
N LEU C 1063 -83.61 13.03 35.39
CA LEU C 1063 -84.82 13.60 34.81
C LEU C 1063 -85.77 14.08 35.91
N ASN C 1064 -86.69 14.94 35.50
CA ASN C 1064 -87.71 15.46 36.39
C ASN C 1064 -88.87 15.95 35.54
N GLN C 1065 -90.01 16.16 36.19
CA GLN C 1065 -91.24 16.46 35.45
C GLN C 1065 -91.05 17.65 34.51
N GLN C 1066 -90.26 18.63 34.93
CA GLN C 1066 -90.11 19.83 34.11
C GLN C 1066 -89.48 19.53 32.76
N LEU C 1067 -88.40 18.74 32.73
CA LEU C 1067 -87.80 18.38 31.46
C LEU C 1067 -88.73 17.52 30.62
N LEU C 1068 -89.37 16.53 31.23
CA LEU C 1068 -90.20 15.61 30.48
C LEU C 1068 -91.41 16.28 29.85
N ASP C 1069 -92.05 17.20 30.56
CA ASP C 1069 -93.19 17.90 29.99
C ASP C 1069 -92.78 18.67 28.74
N GLU C 1070 -91.69 19.42 28.82
CA GLU C 1070 -91.20 20.17 27.68
C GLU C 1070 -90.77 19.27 26.54
N LEU C 1071 -90.12 18.14 26.83
CA LEU C 1071 -89.73 17.22 25.75
C LEU C 1071 -90.96 16.68 25.04
N ARG C 1072 -91.98 16.26 25.79
CA ARG C 1072 -93.20 15.77 25.16
C ARG C 1072 -93.88 16.85 24.35
N LYS C 1073 -93.91 18.08 24.86
CA LYS C 1073 -94.51 19.17 24.10
C LYS C 1073 -93.75 19.40 22.80
N ALA C 1074 -92.41 19.46 22.87
CA ALA C 1074 -91.62 19.74 21.68
C ALA C 1074 -91.78 18.65 20.63
N THR C 1075 -91.74 17.40 21.04
CA THR C 1075 -91.84 16.31 20.08
C THR C 1075 -93.16 16.31 19.33
N ALA C 1076 -94.24 16.77 19.96
CA ALA C 1076 -95.55 16.73 19.31
C ALA C 1076 -95.67 17.76 18.20
N ALA C 1077 -95.12 18.96 18.41
CA ALA C 1077 -95.24 20.00 17.39
C ALA C 1077 -94.56 19.58 16.09
N ASN C 1078 -93.38 18.99 16.19
CA ASN C 1078 -92.61 18.58 15.01
C ASN C 1078 -91.95 17.23 15.27
N PRO C 1079 -92.35 16.17 14.56
CA PRO C 1079 -91.72 14.86 14.80
C PRO C 1079 -90.40 14.67 14.08
N ASP C 1080 -90.10 15.53 13.10
CA ASP C 1080 -88.83 15.39 12.37
C ASP C 1080 -87.64 15.60 13.30
N MET C 1081 -87.47 16.81 13.83
CA MET C 1081 -86.46 17.10 14.84
C MET C 1081 -85.07 16.67 14.38
N ARG C 1082 -84.56 17.37 13.37
CA ARG C 1082 -83.16 17.15 13.00
C ARG C 1082 -82.21 17.52 14.13
N LYS C 1083 -82.67 18.35 15.08
CA LYS C 1083 -81.87 18.67 16.25
C LYS C 1083 -82.80 19.17 17.35
N TRP C 1084 -82.31 19.14 18.59
CA TRP C 1084 -83.10 19.60 19.72
C TRP C 1084 -83.16 21.11 19.78
N PRO C 1085 -84.20 21.67 20.40
CA PRO C 1085 -84.29 23.12 20.52
C PRO C 1085 -83.26 23.66 21.50
N ASP C 1086 -82.92 24.94 21.32
CA ASP C 1086 -81.90 25.54 22.18
C ASP C 1086 -82.39 25.70 23.61
N SER C 1087 -83.71 25.69 23.82
CA SER C 1087 -84.24 25.92 25.16
C SER C 1087 -83.86 24.80 26.13
N VAL C 1088 -83.90 23.54 25.67
CA VAL C 1088 -83.66 22.39 26.55
C VAL C 1088 -82.47 21.56 26.11
N ARG C 1089 -81.63 22.05 25.20
CA ARG C 1089 -80.54 21.24 24.68
C ARG C 1089 -79.58 20.83 25.78
N MET C 1090 -79.17 21.77 26.62
CA MET C 1090 -78.01 21.54 27.47
C MET C 1090 -78.33 20.67 28.69
N ASP C 1091 -79.59 20.33 28.92
CA ASP C 1091 -79.97 19.47 30.04
C ASP C 1091 -80.09 18.01 29.62
N ILE C 1092 -80.95 17.72 28.65
CA ILE C 1092 -81.09 16.34 28.19
C ILE C 1092 -79.78 15.84 27.61
N GLU C 1093 -78.97 16.74 27.05
CA GLU C 1093 -77.67 16.33 26.55
C GLU C 1093 -76.78 15.82 27.67
N ALA C 1094 -76.82 16.50 28.83
CA ALA C 1094 -76.02 16.04 29.96
C ALA C 1094 -76.59 14.78 30.58
N VAL C 1095 -77.91 14.63 30.56
CA VAL C 1095 -78.53 13.44 31.15
C VAL C 1095 -78.04 12.19 30.44
N THR C 1096 -77.99 12.23 29.10
CA THR C 1096 -77.56 11.06 28.34
C THR C 1096 -76.10 10.73 28.62
N HIS C 1097 -75.24 11.77 28.65
CA HIS C 1097 -73.82 11.53 28.83
C HIS C 1097 -73.54 10.85 30.17
N ASN C 1098 -74.27 11.22 31.22
CA ASN C 1098 -74.12 10.51 32.49
C ASN C 1098 -74.44 9.04 32.35
N MET C 1099 -75.51 8.70 31.64
CA MET C 1099 -75.84 7.30 31.44
C MET C 1099 -74.76 6.56 30.68
N ALA C 1100 -74.23 7.17 29.62
CA ALA C 1100 -73.29 6.47 28.76
C ALA C 1100 -72.09 5.97 29.55
N ASP C 1101 -71.57 6.81 30.46
CA ASP C 1101 -70.44 6.41 31.29
C ASP C 1101 -70.75 5.23 32.19
N SER C 1102 -71.92 5.20 32.82
CA SER C 1102 -72.20 4.19 33.82
C SER C 1102 -72.23 2.78 33.22
N ILE C 1103 -72.88 2.64 32.06
CA ILE C 1103 -73.02 1.32 31.47
C ILE C 1103 -71.66 0.71 31.17
N VAL C 1104 -70.71 1.54 30.70
CA VAL C 1104 -69.41 1.02 30.34
C VAL C 1104 -68.71 0.40 31.55
N LEU C 1105 -68.97 0.93 32.74
CA LEU C 1105 -68.28 0.43 33.93
C LEU C 1105 -68.90 -0.86 34.45
N GLU C 1106 -70.23 -0.92 34.50
CA GLU C 1106 -70.90 -2.11 35.02
C GLU C 1106 -70.87 -3.26 34.03
N ASN C 1107 -70.88 -2.96 32.73
CA ASN C 1107 -71.05 -3.98 31.71
C ASN C 1107 -69.74 -4.65 31.31
N ARG C 1108 -68.61 -4.21 31.84
CA ARG C 1108 -67.30 -4.73 31.42
C ARG C 1108 -67.30 -6.24 31.28
N LEU C 1109 -67.72 -6.94 32.34
CA LEU C 1109 -67.66 -8.39 32.34
C LEU C 1109 -68.59 -9.03 31.32
N GLY C 1110 -69.54 -8.28 30.77
CA GLY C 1110 -70.57 -8.85 29.93
C GLY C 1110 -71.74 -9.30 30.77
N GLU C 1111 -72.28 -8.38 31.57
CA GLU C 1111 -73.33 -8.68 32.53
C GLU C 1111 -74.44 -7.65 32.40
N ILE C 1112 -75.60 -7.98 32.95
CA ILE C 1112 -76.79 -7.14 32.89
C ILE C 1112 -76.93 -6.43 34.23
N PRO C 1113 -76.77 -5.11 34.29
CA PRO C 1113 -76.92 -4.42 35.57
C PRO C 1113 -78.32 -4.57 36.13
N ALA C 1114 -78.44 -4.40 37.45
CA ALA C 1114 -79.72 -4.64 38.12
C ALA C 1114 -80.80 -3.69 37.60
N TRP C 1115 -80.45 -2.41 37.40
CA TRP C 1115 -81.45 -1.42 37.03
C TRP C 1115 -81.87 -1.51 35.57
N MET C 1116 -81.27 -2.40 34.78
CA MET C 1116 -81.62 -2.56 33.37
C MET C 1116 -82.53 -3.75 33.10
N GLN C 1117 -83.08 -4.38 34.15
CA GLN C 1117 -83.86 -5.59 33.94
C GLN C 1117 -85.17 -5.34 33.21
N PHE C 1118 -85.58 -4.08 33.07
CA PHE C 1118 -86.86 -3.78 32.45
C PHE C 1118 -86.82 -3.91 30.93
N SER C 1119 -85.67 -3.63 30.32
CA SER C 1119 -85.58 -3.52 28.87
C SER C 1119 -85.51 -4.91 28.25
N SER C 1120 -86.46 -5.23 27.38
CA SER C 1120 -86.46 -6.53 26.72
C SER C 1120 -85.39 -6.60 25.64
N VAL C 1121 -85.25 -5.54 24.83
CA VAL C 1121 -84.25 -5.55 23.77
C VAL C 1121 -82.84 -5.54 24.36
N GLY C 1122 -82.66 -4.85 25.48
CA GLY C 1122 -81.34 -4.81 26.09
C GLY C 1122 -80.85 -6.17 26.53
N LYS C 1123 -81.76 -7.12 26.73
CA LYS C 1123 -81.35 -8.47 27.10
C LYS C 1123 -80.59 -9.17 25.99
N VAL C 1124 -80.63 -8.62 24.77
CA VAL C 1124 -79.93 -9.23 23.64
C VAL C 1124 -78.58 -8.58 23.41
N ILE C 1125 -78.47 -7.28 23.72
CA ILE C 1125 -77.25 -6.56 23.42
C ILE C 1125 -76.23 -6.73 24.54
N LEU C 1126 -76.63 -6.52 25.78
CA LEU C 1126 -75.67 -6.46 26.89
C LEU C 1126 -74.89 -7.76 27.03
N PRO C 1127 -75.55 -8.92 27.03
CA PRO C 1127 -74.80 -10.18 27.22
C PRO C 1127 -74.06 -10.63 25.98
N TYR C 1128 -74.02 -9.82 24.92
CA TYR C 1128 -73.50 -10.30 23.64
C TYR C 1128 -72.03 -10.69 23.74
N MET C 1129 -71.21 -9.83 24.34
CA MET C 1129 -69.77 -10.04 24.29
C MET C 1129 -69.33 -11.32 24.99
N THR C 1130 -70.18 -11.90 25.85
CA THR C 1130 -69.85 -13.18 26.44
C THR C 1130 -70.05 -14.31 25.45
N PHE C 1131 -71.05 -14.20 24.58
CA PHE C 1131 -71.27 -15.21 23.56
C PHE C 1131 -70.08 -15.28 22.62
N VAL C 1132 -69.56 -14.13 22.21
CA VAL C 1132 -68.44 -14.11 21.27
C VAL C 1132 -67.19 -14.69 21.91
N ALA C 1133 -66.96 -14.39 23.19
CA ALA C 1133 -65.77 -14.89 23.87
C ALA C 1133 -65.70 -16.41 23.83
N GLY C 1134 -66.84 -17.09 23.75
CA GLY C 1134 -66.82 -18.55 23.65
C GLY C 1134 -66.17 -19.02 22.37
N ALA C 1135 -66.53 -18.43 21.24
CA ALA C 1135 -65.94 -18.82 19.97
C ALA C 1135 -64.45 -18.51 19.95
N TRP C 1136 -64.04 -17.40 20.56
CA TRP C 1136 -62.63 -17.05 20.58
C TRP C 1136 -61.81 -18.12 21.28
N ASN C 1137 -62.31 -18.65 22.40
CA ASN C 1137 -61.55 -19.63 23.16
C ASN C 1137 -61.31 -20.90 22.35
N LYS C 1138 -62.32 -21.35 21.61
CA LYS C 1138 -62.19 -22.60 20.87
C LYS C 1138 -61.20 -22.47 19.72
N ILE C 1139 -61.12 -21.30 19.10
CA ILE C 1139 -60.18 -21.11 17.99
C ILE C 1139 -58.75 -21.10 18.49
N LEU C 1140 -58.47 -20.38 19.57
CA LEU C 1140 -57.11 -20.34 20.09
C LEU C 1140 -56.72 -21.68 20.73
N ARG C 1141 -57.67 -22.58 20.91
CA ARG C 1141 -57.38 -23.92 21.39
C ARG C 1141 -57.04 -24.83 20.21
N ARG C 1142 -57.00 -24.27 19.01
CA ARG C 1142 -56.84 -25.05 17.79
C ARG C 1142 -55.60 -24.61 17.03
N THR C 1143 -55.25 -23.32 17.15
CA THR C 1143 -54.06 -22.79 16.47
C THR C 1143 -53.02 -22.19 17.40
N ALA C 1144 -53.41 -21.35 18.37
CA ALA C 1144 -52.51 -20.86 19.41
C ALA C 1144 -51.42 -19.94 18.88
N LYS C 1145 -51.60 -19.38 17.67
CA LYS C 1145 -50.58 -18.51 17.10
C LYS C 1145 -51.06 -17.07 16.96
N LEU C 1146 -52.28 -16.89 16.45
CA LEU C 1146 -52.73 -15.59 15.97
C LEU C 1146 -51.84 -15.08 14.85
N ASP C 1147 -51.84 -15.77 13.72
CA ASP C 1147 -51.27 -15.28 12.47
C ASP C 1147 -52.43 -14.78 11.59
N GLY C 1148 -52.13 -14.45 10.35
CA GLY C 1148 -53.13 -13.88 9.47
C GLY C 1148 -54.36 -14.74 9.32
N ALA C 1149 -54.16 -16.04 9.11
CA ALA C 1149 -55.31 -16.94 8.96
C ALA C 1149 -56.17 -16.96 10.21
N THR C 1150 -55.57 -16.73 11.38
CA THR C 1150 -56.36 -16.69 12.61
C THR C 1150 -57.10 -15.36 12.75
N GLY C 1151 -56.50 -14.27 12.27
CA GLY C 1151 -57.20 -13.00 12.32
C GLY C 1151 -58.41 -12.97 11.40
N VAL C 1152 -58.25 -13.52 10.19
CA VAL C 1152 -59.38 -13.60 9.27
C VAL C 1152 -60.49 -14.49 9.81
N ALA C 1153 -60.21 -15.31 10.82
CA ALA C 1153 -61.25 -16.10 11.46
C ALA C 1153 -61.87 -15.38 12.63
N ILE C 1154 -61.06 -14.70 13.45
CA ILE C 1154 -61.61 -13.99 14.60
C ILE C 1154 -62.50 -12.83 14.16
N ALA C 1155 -62.09 -12.10 13.12
CA ALA C 1155 -62.90 -10.98 12.67
C ALA C 1155 -64.28 -11.46 12.23
N LEU C 1156 -64.31 -12.54 11.45
CA LEU C 1156 -65.59 -13.09 11.01
C LEU C 1156 -66.38 -13.66 12.19
N ALA C 1157 -65.70 -14.27 13.16
CA ALA C 1157 -66.39 -14.77 14.34
C ALA C 1157 -67.13 -13.64 15.04
N TYR C 1158 -66.52 -12.47 15.13
CA TYR C 1158 -67.19 -11.34 15.77
C TYR C 1158 -68.30 -10.76 14.90
N GLN C 1159 -68.06 -10.60 13.59
CA GLN C 1159 -68.95 -9.79 12.78
C GLN C 1159 -70.09 -10.57 12.13
N MET C 1160 -69.97 -11.89 11.99
CA MET C 1160 -70.99 -12.64 11.28
C MET C 1160 -72.35 -12.64 11.96
N PRO C 1161 -72.47 -12.91 13.26
CA PRO C 1161 -73.81 -13.09 13.84
C PRO C 1161 -74.72 -11.89 13.68
N LEU C 1162 -74.19 -10.67 13.75
CA LEU C 1162 -75.04 -9.49 13.62
C LEU C 1162 -75.75 -9.47 12.28
N VAL C 1163 -75.03 -9.79 11.20
CA VAL C 1163 -75.63 -9.87 9.88
C VAL C 1163 -76.73 -10.92 9.87
N THR C 1164 -76.50 -12.05 10.54
CA THR C 1164 -77.51 -13.11 10.58
C THR C 1164 -78.79 -12.63 11.26
N LEU C 1165 -78.66 -11.97 12.41
CA LEU C 1165 -79.85 -11.46 13.10
C LEU C 1165 -80.57 -10.42 12.26
N SER C 1166 -79.83 -9.49 11.64
CA SER C 1166 -80.49 -8.47 10.83
C SER C 1166 -81.24 -9.09 9.66
N SER C 1167 -80.61 -10.04 8.96
CA SER C 1167 -81.28 -10.68 7.83
C SER C 1167 -82.50 -11.47 8.28
N ALA C 1168 -82.39 -12.20 9.40
CA ALA C 1168 -83.53 -12.95 9.89
C ALA C 1168 -84.70 -12.02 10.22
N THR C 1169 -84.41 -10.87 10.83
CA THR C 1169 -85.47 -9.90 11.10
C THR C 1169 -86.06 -9.39 9.80
N SER C 1170 -85.22 -9.15 8.79
CA SER C 1170 -85.71 -8.64 7.52
C SER C 1170 -86.63 -9.62 6.80
N ILE C 1171 -86.34 -10.92 6.87
CA ILE C 1171 -87.18 -11.90 6.18
C ILE C 1171 -88.54 -12.05 6.86
N ALA C 1172 -88.58 -12.05 8.19
CA ALA C 1172 -89.82 -12.34 8.89
C ALA C 1172 -90.89 -11.32 8.54
N ILE C 1173 -90.54 -10.03 8.55
CA ILE C 1173 -91.53 -8.98 8.34
C ILE C 1173 -92.14 -9.05 6.95
N SER C 1174 -91.52 -9.76 6.02
CA SER C 1174 -92.03 -9.91 4.67
C SER C 1174 -92.93 -11.13 4.52
N GLY C 1175 -93.24 -11.82 5.61
CA GLY C 1175 -94.17 -12.94 5.55
C GLY C 1175 -93.69 -14.12 4.74
N LYS C 1176 -92.48 -14.60 5.00
CA LYS C 1176 -91.95 -15.79 4.36
C LYS C 1176 -91.21 -16.62 5.39
N PRO C 1177 -91.11 -17.94 5.18
CA PRO C 1177 -90.44 -18.80 6.16
C PRO C 1177 -88.94 -18.54 6.20
N VAL C 1178 -88.37 -18.68 7.40
CA VAL C 1178 -86.96 -18.41 7.63
C VAL C 1178 -86.18 -19.71 7.75
N THR C 1179 -85.63 -20.16 6.63
CA THR C 1179 -84.78 -21.34 6.60
C THR C 1179 -83.32 -20.94 6.41
N PRO C 1180 -82.38 -21.80 6.79
CA PRO C 1180 -80.96 -21.44 6.65
C PRO C 1180 -80.58 -21.04 5.24
N GLU C 1181 -81.09 -21.72 4.21
CA GLU C 1181 -80.81 -21.30 2.85
C GLU C 1181 -81.39 -19.92 2.56
N SER C 1182 -82.61 -19.64 3.03
CA SER C 1182 -83.21 -18.34 2.80
C SER C 1182 -82.40 -17.23 3.46
N VAL C 1183 -81.98 -17.44 4.70
CA VAL C 1183 -81.18 -16.44 5.39
C VAL C 1183 -79.86 -16.23 4.66
N ALA C 1184 -79.22 -17.32 4.25
CA ALA C 1184 -77.94 -17.21 3.55
C ALA C 1184 -78.08 -16.48 2.21
N GLN C 1185 -79.19 -16.68 1.51
CA GLN C 1185 -79.38 -15.97 0.24
C GLN C 1185 -79.70 -14.50 0.47
N ARG C 1186 -80.46 -14.19 1.52
CA ARG C 1186 -80.77 -12.79 1.80
C ARG C 1186 -79.55 -12.03 2.32
N ALA C 1187 -78.59 -12.71 2.94
CA ALA C 1187 -77.39 -12.02 3.40
C ALA C 1187 -76.56 -11.51 2.23
N LEU C 1188 -76.69 -12.12 1.06
CA LEU C 1188 -75.85 -11.74 -0.07
C LEU C 1188 -76.24 -10.38 -0.64
N VAL C 1189 -77.47 -9.93 -0.40
CA VAL C 1189 -77.92 -8.66 -0.98
C VAL C 1189 -77.68 -7.55 0.02
N GLN C 1190 -76.88 -7.82 1.05
CA GLN C 1190 -76.47 -6.79 1.99
C GLN C 1190 -74.96 -6.63 1.97
N VAL C 1191 -74.24 -7.74 1.94
CA VAL C 1191 -72.78 -7.72 1.98
C VAL C 1191 -72.22 -8.66 0.91
N PRO C 1192 -72.27 -8.29 -0.36
CA PRO C 1192 -71.69 -9.15 -1.40
C PRO C 1192 -70.23 -9.49 -1.09
N MET C 1193 -69.72 -10.48 -1.82
CA MET C 1193 -68.45 -11.09 -1.47
C MET C 1193 -67.34 -10.06 -1.31
N MET C 1194 -67.26 -9.11 -2.24
CA MET C 1194 -66.15 -8.16 -2.20
C MET C 1194 -66.21 -7.22 -1.01
N SER C 1195 -67.36 -7.14 -0.31
CA SER C 1195 -67.44 -6.36 0.91
C SER C 1195 -67.08 -7.16 2.15
N TRP C 1196 -67.16 -8.49 2.09
CA TRP C 1196 -66.66 -9.31 3.19
C TRP C 1196 -65.17 -9.11 3.38
N ALA C 1197 -64.41 -9.01 2.28
CA ALA C 1197 -62.99 -8.75 2.39
C ALA C 1197 -62.69 -7.41 3.02
N GLY C 1198 -63.66 -6.50 3.05
CA GLY C 1198 -63.44 -5.23 3.72
C GLY C 1198 -63.16 -5.41 5.19
N PHE C 1199 -63.86 -6.32 5.84
CA PHE C 1199 -63.63 -6.59 7.25
C PHE C 1199 -62.23 -7.13 7.52
N ALA C 1200 -61.71 -8.00 6.64
CA ALA C 1200 -60.36 -8.50 6.83
C ALA C 1200 -59.33 -7.37 6.77
N VAL C 1201 -59.52 -6.41 5.85
CA VAL C 1201 -58.61 -5.28 5.79
C VAL C 1201 -58.76 -4.41 7.04
N ASP C 1202 -60.00 -4.22 7.49
CA ASP C 1202 -60.26 -3.39 8.66
C ASP C 1202 -59.61 -3.94 9.92
N PHE C 1203 -59.48 -5.25 10.06
CA PHE C 1203 -58.83 -5.86 11.21
C PHE C 1203 -57.32 -5.95 11.06
N TRP C 1204 -56.78 -5.71 9.87
CA TRP C 1204 -55.35 -5.83 9.65
C TRP C 1204 -54.64 -4.50 9.83
N ALA C 1205 -55.26 -3.40 9.40
CA ALA C 1205 -54.65 -2.08 9.46
C ALA C 1205 -55.69 -1.08 9.92
N ASN C 1206 -55.22 0.07 10.41
CA ASN C 1206 -56.07 1.08 10.99
C ASN C 1206 -55.73 2.46 10.44
N GLY C 1207 -56.76 3.23 10.13
CA GLY C 1207 -56.55 4.62 9.76
C GLY C 1207 -56.09 4.79 8.31
N ALA C 1208 -55.16 5.72 8.12
CA ALA C 1208 -54.71 6.06 6.77
C ALA C 1208 -54.16 4.87 6.02
N SER C 1209 -53.55 3.90 6.72
CA SER C 1209 -53.00 2.74 6.04
C SER C 1209 -54.08 1.83 5.49
N ASN C 1210 -55.31 1.95 5.99
CA ASN C 1210 -56.41 1.11 5.51
C ASN C 1210 -56.77 1.45 4.07
N ASN C 1211 -56.79 2.74 3.73
CA ASN C 1211 -57.26 3.15 2.41
C ASN C 1211 -56.36 2.62 1.31
N LEU C 1212 -55.05 2.66 1.51
CA LEU C 1212 -54.14 2.16 0.49
C LEU C 1212 -54.47 0.72 0.12
N ALA C 1213 -54.57 -0.14 1.13
CA ALA C 1213 -54.86 -1.55 0.85
C ALA C 1213 -56.25 -1.72 0.25
N ALA C 1214 -57.26 -1.03 0.79
CA ALA C 1214 -58.62 -1.27 0.33
C ALA C 1214 -58.80 -0.83 -1.11
N LEU C 1215 -58.22 0.31 -1.49
CA LEU C 1215 -58.38 0.79 -2.86
C LEU C 1215 -57.52 0.00 -3.84
N ALA C 1216 -56.30 -0.32 -3.44
CA ALA C 1216 -55.37 -0.98 -4.37
C ALA C 1216 -55.81 -2.36 -4.75
N LEU C 1217 -56.77 -2.98 -4.07
CA LEU C 1217 -57.27 -4.27 -4.52
C LEU C 1217 -58.22 -4.13 -5.69
N VAL C 1218 -59.03 -3.09 -5.71
CA VAL C 1218 -60.05 -2.93 -6.74
C VAL C 1218 -59.44 -2.61 -8.09
N ASP C 1219 -58.46 -1.69 -8.12
CA ASP C 1219 -57.85 -1.36 -9.40
C ASP C 1219 -57.08 -2.55 -9.97
N ARG C 1220 -56.47 -3.36 -9.09
CA ARG C 1220 -55.80 -4.57 -9.56
C ARG C 1220 -56.79 -5.57 -10.14
N MET C 1221 -58.08 -5.41 -9.83
CA MET C 1221 -59.10 -6.27 -10.41
C MET C 1221 -59.61 -5.70 -11.73
N HIS C 1222 -59.84 -4.39 -11.76
CA HIS C 1222 -60.30 -3.74 -12.98
C HIS C 1222 -59.26 -3.86 -14.09
N ALA C 1223 -57.99 -3.66 -13.77
CA ALA C 1223 -56.93 -3.70 -14.76
C ALA C 1223 -56.75 -5.08 -15.36
N ALA C 1224 -57.22 -6.13 -14.70
CA ALA C 1224 -57.11 -7.48 -15.23
C ALA C 1224 -58.37 -7.87 -16.01
N MET C 1225 -59.55 -7.53 -15.47
CA MET C 1225 -60.77 -7.83 -16.21
C MET C 1225 -60.85 -7.03 -17.50
N SER C 1226 -60.27 -5.82 -17.53
CA SER C 1226 -60.23 -5.09 -18.79
C SER C 1226 -59.41 -5.82 -19.84
N SER C 1227 -58.26 -6.37 -19.44
CA SER C 1227 -57.45 -7.12 -20.41
C SER C 1227 -58.16 -8.40 -20.84
N ILE C 1228 -58.86 -9.05 -19.91
CA ILE C 1228 -59.57 -10.28 -20.27
C ILE C 1228 -60.67 -9.98 -21.28
N ALA C 1229 -61.45 -8.91 -21.03
CA ALA C 1229 -62.55 -8.59 -21.93
C ALA C 1229 -62.06 -8.25 -23.33
N SER C 1230 -60.80 -7.85 -23.47
CA SER C 1230 -60.29 -7.46 -24.78
C SER C 1230 -60.00 -8.65 -25.68
N GLY C 1231 -59.60 -9.79 -25.10
CA GLY C 1231 -59.33 -10.97 -25.91
C GLY C 1231 -58.19 -11.84 -25.44
N GLU C 1232 -57.44 -11.40 -24.43
CA GLU C 1232 -56.33 -12.17 -23.88
C GLU C 1232 -56.76 -12.84 -22.58
N THR C 1233 -56.26 -14.05 -22.35
CA THR C 1233 -56.58 -14.80 -21.14
C THR C 1233 -55.33 -15.38 -20.50
N ASN C 1234 -54.29 -14.57 -20.38
CA ASN C 1234 -53.07 -15.00 -19.73
C ASN C 1234 -53.38 -15.45 -18.30
N PRO C 1235 -52.86 -16.60 -17.85
CA PRO C 1235 -53.16 -17.03 -16.47
C PRO C 1235 -52.80 -16.00 -15.41
N GLU C 1236 -51.80 -15.15 -15.65
CA GLU C 1236 -51.56 -14.04 -14.74
C GLU C 1236 -52.83 -13.23 -14.53
N SER C 1237 -53.58 -12.97 -15.60
CA SER C 1237 -54.82 -12.22 -15.46
C SER C 1237 -55.82 -12.94 -14.60
N LEU C 1238 -55.97 -14.25 -14.78
CA LEU C 1238 -56.91 -15.01 -13.96
C LEU C 1238 -56.51 -14.98 -12.49
N ILE C 1239 -55.21 -15.08 -12.20
CA ILE C 1239 -54.76 -15.02 -10.81
C ILE C 1239 -55.06 -13.64 -10.21
N LYS C 1240 -54.79 -12.58 -10.96
CA LYS C 1240 -54.98 -11.24 -10.41
C LYS C 1240 -56.45 -10.87 -10.31
N ALA C 1241 -57.32 -11.50 -11.09
CA ALA C 1241 -58.69 -11.04 -11.22
C ALA C 1241 -59.63 -11.53 -10.12
N VAL C 1242 -59.15 -12.32 -9.17
CA VAL C 1242 -60.02 -12.84 -8.11
C VAL C 1242 -59.38 -12.62 -6.75
N PRO C 1243 -59.25 -11.36 -6.29
CA PRO C 1243 -58.70 -11.13 -4.95
C PRO C 1243 -59.64 -11.49 -3.82
N PHE C 1244 -60.94 -11.69 -4.10
CA PHE C 1244 -61.90 -12.04 -3.05
C PHE C 1244 -61.75 -13.48 -2.60
N LEU C 1245 -60.92 -14.27 -3.26
CA LEU C 1245 -60.83 -15.70 -2.96
C LEU C 1245 -59.88 -15.99 -1.81
N SER C 1246 -59.32 -14.95 -1.20
CA SER C 1246 -58.29 -15.15 -0.18
C SER C 1246 -58.87 -15.60 1.16
N ILE C 1247 -60.10 -15.22 1.47
CA ILE C 1247 -60.60 -15.42 2.82
C ILE C 1247 -61.13 -16.83 3.08
N LEU C 1248 -61.18 -17.68 2.06
CA LEU C 1248 -61.78 -19.01 2.26
C LEU C 1248 -61.07 -19.82 3.33
N PRO C 1249 -59.75 -20.01 3.31
CA PRO C 1249 -59.12 -20.80 4.37
C PRO C 1249 -59.36 -20.25 5.76
N GLY C 1250 -59.42 -18.93 5.90
CA GLY C 1250 -59.80 -18.34 7.17
C GLY C 1250 -61.24 -18.66 7.51
N MET C 1251 -62.08 -18.72 6.47
CA MET C 1251 -63.48 -19.10 6.68
C MET C 1251 -63.58 -20.52 7.20
N ARG C 1252 -62.74 -21.43 6.72
CA ARG C 1252 -62.78 -22.80 7.19
C ARG C 1252 -62.55 -22.86 8.70
N LEU C 1253 -61.56 -22.11 9.19
CA LEU C 1253 -61.22 -22.17 10.60
C LEU C 1253 -62.39 -21.68 11.47
N MET C 1254 -63.02 -20.58 11.08
CA MET C 1254 -64.16 -20.09 11.85
C MET C 1254 -65.36 -21.00 11.71
N GLY C 1255 -65.68 -21.39 10.47
CA GLY C 1255 -66.90 -22.16 10.24
C GLY C 1255 -66.88 -23.50 10.95
N ALA C 1256 -65.78 -24.23 10.82
CA ALA C 1256 -65.69 -25.55 11.45
C ALA C 1256 -65.54 -25.45 12.96
N SER C 1257 -64.86 -24.40 13.44
CA SER C 1257 -64.59 -24.29 14.88
C SER C 1257 -65.85 -24.07 15.71
N LEU C 1258 -66.98 -23.72 15.08
CA LEU C 1258 -68.21 -23.50 15.81
C LEU C 1258 -68.95 -24.79 16.14
N ALA C 1259 -68.48 -25.93 15.64
CA ALA C 1259 -69.10 -27.23 15.95
C ALA C 1259 -68.36 -27.99 17.02
N ASP C 1260 -67.17 -27.56 17.42
CA ASP C 1260 -66.37 -28.33 18.38
C ASP C 1260 -67.00 -28.31 19.76
N ASP C 1261 -66.92 -29.46 20.44
CA ASP C 1261 -67.38 -29.54 21.82
C ASP C 1261 -66.39 -28.86 22.75
N ASP C 1262 -66.88 -28.47 23.93
CA ASP C 1262 -66.03 -27.85 24.94
C ASP C 1262 -65.49 -28.89 25.90
N ASN D 38 2.29 22.26 -4.31
CA ASN D 38 1.57 23.56 -4.27
C ASN D 38 1.70 24.30 -5.61
N PRO D 39 2.92 24.65 -6.03
CA PRO D 39 3.05 25.39 -7.29
C PRO D 39 2.51 24.64 -8.48
N SER D 40 2.65 23.32 -8.52
CA SER D 40 2.14 22.55 -9.63
C SER D 40 0.62 22.62 -9.75
N ALA D 41 -0.07 23.06 -8.70
CA ALA D 41 -1.51 23.29 -8.80
C ALA D 41 -1.81 24.48 -9.70
N LEU D 42 -1.00 25.54 -9.60
CA LEU D 42 -1.23 26.72 -10.43
C LEU D 42 -1.09 26.38 -11.91
N VAL D 43 -0.10 25.56 -12.26
CA VAL D 43 0.15 25.25 -13.66
C VAL D 43 -1.07 24.57 -14.28
N GLN D 44 -1.61 23.56 -13.60
CA GLN D 44 -2.74 22.84 -14.16
C GLN D 44 -4.03 23.64 -14.03
N ALA D 45 -4.11 24.54 -13.05
CA ALA D 45 -5.30 25.39 -12.93
C ALA D 45 -5.42 26.35 -14.10
N MET D 46 -4.29 26.74 -14.70
CA MET D 46 -4.30 27.72 -15.78
C MET D 46 -4.22 27.09 -17.16
N GLN D 47 -3.88 25.81 -17.26
CA GLN D 47 -3.87 25.13 -18.56
C GLN D 47 -5.29 25.06 -19.11
N LYS D 48 -5.43 24.56 -20.33
CA LYS D 48 -6.75 24.34 -20.91
C LYS D 48 -7.03 22.84 -20.98
N PRO D 49 -8.28 22.42 -20.86
CA PRO D 49 -8.58 21.00 -20.77
C PRO D 49 -8.12 20.24 -22.01
N VAL D 50 -7.63 19.02 -21.80
CA VAL D 50 -7.20 18.19 -22.90
C VAL D 50 -8.39 17.81 -23.77
N ALA D 51 -8.17 17.73 -25.07
CA ALA D 51 -9.25 17.37 -25.99
C ALA D 51 -9.64 15.91 -25.81
N SER D 52 -10.87 15.60 -26.21
CA SER D 52 -11.35 14.23 -26.12
C SER D 52 -10.48 13.31 -26.97
N VAL D 53 -10.62 12.00 -26.73
CA VAL D 53 -9.80 11.02 -27.42
C VAL D 53 -10.55 10.52 -28.65
N THR D 54 -11.61 11.24 -29.04
CA THR D 54 -12.34 10.92 -30.25
C THR D 54 -12.38 12.14 -31.17
N ASP D 55 -12.04 13.31 -30.62
CA ASP D 55 -11.84 14.48 -31.46
C ASP D 55 -10.69 14.26 -32.43
N SER D 56 -9.61 13.64 -31.96
CA SER D 56 -8.62 13.08 -32.86
C SER D 56 -9.16 11.80 -33.48
N PHE D 57 -8.43 11.27 -34.45
CA PHE D 57 -8.83 10.08 -35.20
C PHE D 57 -10.07 10.30 -36.05
N LYS D 58 -10.46 11.55 -36.28
CA LYS D 58 -11.57 11.83 -37.19
C LYS D 58 -11.21 11.32 -38.58
N ALA D 59 -12.20 10.83 -39.32
CA ALA D 59 -11.98 10.23 -40.63
C ALA D 59 -11.40 8.83 -40.49
N THR D 60 -11.39 8.29 -39.27
CA THR D 60 -10.99 6.91 -39.06
C THR D 60 -11.99 6.15 -38.19
N LEU D 61 -12.60 6.82 -37.22
CA LEU D 61 -13.52 6.17 -36.30
C LEU D 61 -14.97 6.42 -36.68
N SER D 62 -15.34 7.70 -36.81
CA SER D 62 -16.72 8.06 -37.10
C SER D 62 -17.64 7.65 -35.94
N ALA D 67 -25.32 4.48 -37.53
CA ALA D 67 -24.47 3.80 -38.49
C ALA D 67 -24.00 2.44 -37.96
N LYS D 68 -24.33 2.15 -36.70
CA LYS D 68 -24.08 0.82 -36.16
C LYS D 68 -25.03 -0.21 -36.74
N ALA D 69 -26.21 0.21 -37.19
CA ALA D 69 -27.17 -0.73 -37.76
C ALA D 69 -26.61 -1.41 -39.00
N LEU D 70 -25.94 -0.64 -39.85
CA LEU D 70 -25.34 -1.19 -41.07
C LEU D 70 -24.11 -2.02 -40.78
N ARG D 71 -23.78 -2.25 -39.52
CA ARG D 71 -22.57 -2.97 -39.16
C ARG D 71 -22.87 -4.18 -38.27
N GLY D 72 -24.11 -4.35 -37.83
CA GLY D 72 -24.48 -5.46 -36.97
C GLY D 72 -25.62 -6.27 -37.54
N VAL D 73 -25.85 -6.15 -38.85
CA VAL D 73 -26.92 -6.91 -39.48
C VAL D 73 -26.68 -8.40 -39.34
N GLU D 74 -25.43 -8.83 -39.54
CA GLU D 74 -25.11 -10.25 -39.56
C GLU D 74 -25.13 -10.87 -38.18
N TYR D 75 -25.19 -10.06 -37.11
CA TYR D 75 -25.26 -10.55 -35.75
C TYR D 75 -26.54 -10.16 -35.02
N ALA D 76 -27.62 -9.88 -35.76
CA ALA D 76 -28.79 -9.27 -35.13
C ALA D 76 -29.44 -10.20 -34.13
N SER D 77 -29.58 -11.49 -34.47
CA SER D 77 -30.44 -12.39 -33.71
C SER D 77 -29.73 -13.07 -32.55
N ILE D 78 -28.66 -12.51 -32.03
CA ILE D 78 -27.96 -13.12 -30.90
C ILE D 78 -28.46 -12.47 -29.60
N PRO D 79 -28.96 -13.23 -28.64
CA PRO D 79 -29.48 -12.62 -27.41
C PRO D 79 -28.42 -11.82 -26.67
N THR D 80 -28.86 -10.76 -26.00
CA THR D 80 -27.97 -9.93 -25.20
C THR D 80 -27.61 -10.62 -23.89
N GLU D 81 -26.40 -10.37 -23.42
CA GLU D 81 -25.90 -10.95 -22.18
C GLU D 81 -25.96 -9.90 -21.08
N ALA D 82 -26.48 -10.28 -19.92
CA ALA D 82 -26.65 -9.34 -18.82
C ALA D 82 -25.29 -8.96 -18.25
N GLY D 83 -25.01 -7.65 -18.23
CA GLY D 83 -23.81 -7.17 -17.59
C GLY D 83 -22.51 -7.46 -18.31
N PHE D 84 -22.57 -7.73 -19.62
CA PHE D 84 -21.34 -7.94 -20.38
C PHE D 84 -20.67 -6.60 -20.69
N GLU D 85 -19.35 -6.64 -20.80
CA GLU D 85 -18.56 -5.43 -21.02
C GLU D 85 -17.39 -5.74 -21.95
N PRO D 86 -17.42 -5.28 -23.21
CA PRO D 86 -16.37 -5.69 -24.16
C PRO D 86 -14.97 -5.29 -23.75
N SER D 87 -14.80 -4.21 -22.99
CA SER D 87 -13.46 -3.79 -22.60
C SER D 87 -12.89 -4.70 -21.53
N LYS D 88 -13.73 -5.12 -20.58
CA LYS D 88 -13.29 -5.97 -19.48
C LYS D 88 -13.03 -7.41 -19.92
N ALA D 89 -13.53 -7.82 -21.09
CA ALA D 89 -13.34 -9.20 -21.53
C ALA D 89 -12.08 -9.38 -22.36
N LEU D 90 -11.66 -8.34 -23.08
CA LEU D 90 -10.44 -8.43 -23.88
C LEU D 90 -9.18 -8.44 -23.03
N GLY D 91 -9.15 -7.66 -21.96
CA GLY D 91 -8.01 -7.65 -21.07
C GLY D 91 -6.73 -7.22 -21.74
N ASP D 92 -5.73 -8.11 -21.74
CA ASP D 92 -4.42 -7.76 -22.28
C ASP D 92 -4.41 -7.78 -23.80
N SER D 93 -5.40 -8.41 -24.43
CA SER D 93 -5.37 -8.61 -25.87
C SER D 93 -5.59 -7.34 -26.66
N VAL D 94 -5.96 -6.23 -26.02
CA VAL D 94 -6.27 -5.01 -26.74
C VAL D 94 -5.06 -4.39 -27.42
N SER D 95 -3.87 -4.96 -27.23
CA SER D 95 -2.65 -4.38 -27.79
C SER D 95 -2.26 -4.99 -29.13
N GLN D 96 -3.20 -5.54 -29.88
CA GLN D 96 -2.89 -6.15 -31.18
C GLN D 96 -3.92 -5.75 -32.23
N TYR D 97 -4.22 -4.46 -32.31
CA TYR D 97 -5.23 -3.99 -33.24
C TYR D 97 -4.89 -2.56 -33.68
N THR D 98 -5.48 -2.14 -34.79
CA THR D 98 -5.05 -0.95 -35.50
C THR D 98 -5.98 0.24 -35.28
N ALA D 99 -6.65 0.30 -34.14
CA ALA D 99 -7.42 1.48 -33.74
C ALA D 99 -8.73 1.62 -34.51
N ASP D 100 -8.97 0.75 -35.49
CA ASP D 100 -10.29 0.67 -36.09
C ASP D 100 -10.88 -0.72 -35.91
N GLU D 101 -10.03 -1.75 -35.90
CA GLU D 101 -10.48 -3.06 -35.50
C GLU D 101 -11.01 -3.05 -34.08
N LEU D 102 -10.39 -2.26 -33.19
CA LEU D 102 -10.96 -2.05 -31.87
C LEU D 102 -12.33 -1.40 -31.94
N GLU D 103 -12.51 -0.44 -32.84
CA GLU D 103 -13.82 0.18 -33.01
C GLU D 103 -14.86 -0.83 -33.42
N PHE D 104 -14.49 -1.75 -34.33
CA PHE D 104 -15.44 -2.75 -34.80
C PHE D 104 -15.66 -3.84 -33.75
N LEU D 105 -14.73 -4.02 -32.81
CA LEU D 105 -14.86 -5.07 -31.81
C LEU D 105 -15.59 -4.62 -30.56
N SER D 106 -15.72 -3.32 -30.32
CA SER D 106 -16.31 -2.85 -29.08
C SER D 106 -17.83 -2.90 -29.09
N ASP D 107 -18.44 -3.41 -30.16
CA ASP D 107 -19.89 -3.50 -30.24
C ASP D 107 -20.45 -4.80 -29.68
N ALA D 108 -19.59 -5.74 -29.30
CA ALA D 108 -20.06 -7.04 -28.83
C ALA D 108 -20.95 -6.87 -27.61
N ARG D 109 -22.05 -7.62 -27.57
CA ARG D 109 -22.96 -7.64 -26.43
C ARG D 109 -22.97 -8.98 -25.69
N SER D 110 -22.31 -10.00 -26.23
CA SER D 110 -22.22 -11.29 -25.56
C SER D 110 -20.99 -12.01 -26.07
N SER D 111 -20.60 -13.06 -25.36
CA SER D 111 -19.33 -13.72 -25.66
C SER D 111 -19.33 -14.30 -27.06
N ALA D 112 -20.42 -14.92 -27.48
CA ALA D 112 -20.47 -15.51 -28.81
C ALA D 112 -20.30 -14.45 -29.90
N GLU D 113 -20.93 -13.29 -29.72
CA GLU D 113 -20.79 -12.22 -30.70
C GLU D 113 -19.34 -11.77 -30.82
N LEU D 114 -18.65 -11.64 -29.68
CA LEU D 114 -17.24 -11.28 -29.72
C LEU D 114 -16.42 -12.35 -30.42
N ALA D 115 -16.71 -13.62 -30.14
CA ALA D 115 -15.97 -14.69 -30.79
C ALA D 115 -16.14 -14.65 -32.29
N GLN D 116 -17.35 -14.33 -32.77
CA GLN D 116 -17.57 -14.28 -34.21
C GLN D 116 -16.93 -13.05 -34.85
N ARG D 117 -16.97 -11.91 -34.15
CA ARG D 117 -16.33 -10.72 -34.69
C ARG D 117 -14.82 -10.92 -34.82
N ARG D 118 -14.20 -11.52 -33.81
CA ARG D 118 -12.78 -11.80 -33.89
C ARG D 118 -12.44 -12.73 -35.04
N SER D 119 -13.38 -13.61 -35.43
CA SER D 119 -13.15 -14.46 -36.59
C SER D 119 -13.23 -13.65 -37.88
N GLN D 120 -14.25 -12.80 -38.01
CA GLN D 120 -14.39 -12.04 -39.25
C GLN D 120 -13.21 -11.09 -39.47
N VAL D 121 -12.68 -10.53 -38.39
CA VAL D 121 -11.56 -9.59 -38.52
C VAL D 121 -10.35 -10.28 -39.16
N GLN D 122 -10.25 -11.59 -39.02
CA GLN D 122 -9.09 -12.32 -39.56
C GLN D 122 -9.23 -12.56 -41.06
N ASP D 123 -10.42 -12.97 -41.49
CA ASP D 123 -10.67 -13.07 -42.93
C ASP D 123 -10.48 -11.73 -43.61
N THR D 124 -10.86 -10.64 -42.94
CA THR D 124 -10.65 -9.33 -43.54
C THR D 124 -9.18 -9.02 -43.77
N ARG D 125 -8.29 -9.48 -42.88
CA ARG D 125 -6.86 -9.31 -43.12
C ARG D 125 -6.38 -10.20 -44.24
N ASN D 126 -6.81 -11.47 -44.23
CA ASN D 126 -6.32 -12.42 -45.23
C ASN D 126 -6.69 -11.97 -46.63
N ASN D 127 -7.90 -11.46 -46.83
CA ASN D 127 -8.30 -11.02 -48.15
C ASN D 127 -7.40 -9.91 -48.66
N TYR D 128 -7.07 -8.93 -47.81
CA TYR D 128 -6.33 -7.77 -48.29
C TYR D 128 -4.83 -8.02 -48.34
N ASP D 129 -4.34 -9.09 -47.70
CA ASP D 129 -2.93 -9.42 -47.85
C ASP D 129 -2.60 -9.74 -49.31
N ALA D 130 -3.45 -10.53 -49.96
CA ALA D 130 -3.19 -10.90 -51.35
C ALA D 130 -3.22 -9.69 -52.27
N MET D 131 -4.19 -8.80 -52.08
CA MET D 131 -4.33 -7.63 -52.94
C MET D 131 -3.22 -6.62 -52.73
N GLY D 132 -2.41 -6.76 -51.68
CA GLY D 132 -1.34 -5.82 -51.43
C GLY D 132 -0.13 -6.03 -52.32
N GLN D 133 -0.10 -7.12 -53.08
CA GLN D 133 1.05 -7.38 -53.94
C GLN D 133 1.23 -6.30 -55.01
N ASN D 134 0.15 -5.62 -55.40
CA ASN D 134 0.21 -4.55 -56.38
C ASN D 134 -0.46 -3.32 -55.79
N MET D 135 0.24 -2.18 -55.81
CA MET D 135 -0.28 -0.99 -55.15
C MET D 135 -1.57 -0.51 -55.80
N LEU D 136 -1.65 -0.55 -57.13
CA LEU D 136 -2.82 -0.01 -57.81
C LEU D 136 -4.09 -0.75 -57.41
N THR D 137 -4.02 -2.08 -57.29
CA THR D 137 -5.20 -2.85 -56.98
C THR D 137 -5.86 -2.43 -55.68
N THR D 138 -5.08 -1.98 -54.69
CA THR D 138 -5.67 -1.48 -53.46
C THR D 138 -6.44 -0.19 -53.66
N VAL D 139 -6.13 0.59 -54.70
CA VAL D 139 -6.89 1.78 -55.01
C VAL D 139 -8.27 1.39 -55.53
N ALA D 140 -8.33 0.37 -56.37
CA ALA D 140 -9.62 -0.06 -56.92
C ALA D 140 -10.44 -0.85 -55.90
N ALA D 141 -9.81 -1.26 -54.81
CA ALA D 141 -10.56 -1.98 -53.78
C ALA D 141 -11.62 -1.11 -53.12
N SER D 142 -11.41 0.20 -53.12
CA SER D 142 -12.37 1.10 -52.48
C SER D 142 -13.72 1.12 -53.19
N MET D 143 -13.74 0.87 -54.50
CA MET D 143 -14.96 0.98 -55.29
C MET D 143 -15.57 -0.37 -55.63
N LEU D 144 -14.85 -1.47 -55.40
CA LEU D 144 -15.31 -2.78 -55.87
C LEU D 144 -15.58 -3.80 -54.77
N ASP D 145 -15.28 -3.50 -53.51
CA ASP D 145 -15.57 -4.41 -52.41
C ASP D 145 -16.98 -4.12 -51.90
N VAL D 146 -17.90 -5.06 -52.11
CA VAL D 146 -19.30 -4.82 -51.77
C VAL D 146 -19.45 -4.57 -50.27
N ASP D 147 -18.77 -5.37 -49.45
CA ASP D 147 -18.84 -5.19 -48.01
C ASP D 147 -18.47 -3.78 -47.58
N MET D 148 -17.58 -3.12 -48.31
CA MET D 148 -17.11 -1.80 -47.92
C MET D 148 -18.00 -0.68 -48.43
N VAL D 149 -18.66 -0.87 -49.57
CA VAL D 149 -19.45 0.18 -50.18
C VAL D 149 -20.93 0.12 -49.78
N ILE D 150 -21.46 -1.07 -49.48
CA ILE D 150 -22.84 -1.17 -49.01
C ILE D 150 -22.84 -1.16 -47.49
N GLY D 151 -22.18 -2.13 -46.88
CA GLY D 151 -22.07 -2.19 -45.44
C GLY D 151 -21.60 -3.53 -44.94
N GLY D 152 -21.20 -3.60 -43.67
CA GLY D 152 -20.80 -4.84 -43.03
C GLY D 152 -19.31 -5.08 -42.98
N GLY D 153 -18.52 -4.29 -43.71
CA GLY D 153 -17.09 -4.50 -43.71
C GLY D 153 -16.43 -3.95 -42.46
N VAL D 154 -15.16 -4.29 -42.29
CA VAL D 154 -14.38 -3.84 -41.15
C VAL D 154 -13.72 -2.51 -41.48
N GLY D 155 -14.46 -1.42 -41.32
CA GLY D 155 -13.93 -0.11 -41.61
C GLY D 155 -14.12 0.28 -43.06
N ALA D 156 -14.74 1.43 -43.31
CA ALA D 156 -14.91 1.92 -44.67
C ALA D 156 -14.18 3.24 -44.87
N LEU D 157 -14.26 4.13 -43.90
CA LEU D 157 -13.59 5.42 -44.02
C LEU D 157 -12.08 5.25 -44.11
N SER D 158 -11.51 4.33 -43.31
CA SER D 158 -10.07 4.16 -43.30
C SER D 158 -9.54 3.75 -44.67
N LYS D 159 -10.23 2.83 -45.35
CA LYS D 159 -9.77 2.39 -46.67
C LYS D 159 -9.85 3.52 -47.68
N VAL D 160 -10.92 4.32 -47.66
CA VAL D 160 -11.05 5.40 -48.63
C VAL D 160 -10.00 6.47 -48.38
N SER D 161 -9.79 6.84 -47.12
CA SER D 161 -8.81 7.85 -46.76
C SER D 161 -7.39 7.39 -46.98
N ARG D 162 -7.17 6.08 -47.16
CA ARG D 162 -5.85 5.57 -47.54
C ARG D 162 -5.70 5.50 -49.05
N ALA D 163 -6.77 5.14 -49.75
CA ALA D 163 -6.73 5.12 -51.21
C ALA D 163 -6.51 6.51 -51.78
N THR D 164 -7.16 7.53 -51.22
CA THR D 164 -6.91 8.88 -51.71
C THR D 164 -5.46 9.28 -51.55
N ARG D 165 -4.85 8.98 -50.40
CA ARG D 165 -3.45 9.33 -50.18
C ARG D 165 -2.54 8.57 -51.14
N LEU D 166 -2.81 7.28 -51.36
CA LEU D 166 -2.00 6.53 -52.31
C LEU D 166 -2.13 7.13 -53.72
N ALA D 167 -3.34 7.49 -54.12
CA ALA D 167 -3.53 8.07 -55.44
C ALA D 167 -2.78 9.38 -55.59
N VAL D 168 -2.79 10.21 -54.54
CA VAL D 168 -2.05 11.47 -54.60
C VAL D 168 -0.55 11.19 -54.68
N GLY D 169 -0.07 10.22 -53.91
CA GLY D 169 1.37 9.95 -53.88
C GLY D 169 1.91 9.46 -55.20
N LEU D 170 1.24 8.50 -55.83
CA LEU D 170 1.75 7.91 -57.05
C LEU D 170 1.88 8.93 -58.17
N SER D 171 1.05 9.96 -58.19
CA SER D 171 1.11 10.96 -59.25
C SER D 171 2.34 11.85 -59.15
N ALA D 172 3.09 11.78 -58.05
CA ALA D 172 4.29 12.59 -57.89
C ALA D 172 5.45 11.99 -58.66
N THR D 185 -2.72 9.18 -66.63
CA THR D 185 -2.09 8.67 -65.42
C THR D 185 -0.99 9.60 -64.95
N ILE D 186 -1.24 10.91 -65.06
CA ILE D 186 -0.30 11.95 -64.65
C ILE D 186 -0.94 12.95 -63.70
N THR D 187 -2.19 12.71 -63.28
CA THR D 187 -2.87 13.59 -62.34
C THR D 187 -3.69 12.71 -61.41
N PRO D 188 -4.00 13.17 -60.19
CA PRO D 188 -4.69 12.28 -59.24
C PRO D 188 -5.98 11.69 -59.76
N LEU D 189 -6.76 12.43 -60.55
CA LEU D 189 -8.00 11.88 -61.09
C LEU D 189 -7.70 10.71 -62.02
N ASP D 190 -6.66 10.82 -62.84
CA ASP D 190 -6.36 9.76 -63.80
C ASP D 190 -5.90 8.49 -63.10
N VAL D 191 -5.21 8.61 -61.97
CA VAL D 191 -4.82 7.41 -61.24
C VAL D 191 -6.06 6.67 -60.73
N VAL D 192 -7.05 7.40 -60.22
CA VAL D 192 -8.30 6.76 -59.80
C VAL D 192 -9.00 6.12 -60.99
N GLY D 193 -9.04 6.83 -62.11
CA GLY D 193 -9.73 6.31 -63.28
C GLY D 193 -9.09 5.06 -63.85
N THR D 194 -7.76 5.02 -63.91
CA THR D 194 -7.07 3.88 -64.50
C THR D 194 -7.05 2.67 -63.57
N SER D 195 -7.02 2.90 -62.26
CA SER D 195 -6.94 1.79 -61.32
C SER D 195 -8.08 0.79 -61.51
N VAL D 196 -9.24 1.24 -62.00
CA VAL D 196 -10.36 0.36 -62.25
C VAL D 196 -10.42 -0.13 -63.68
N GLY D 197 -9.84 0.59 -64.64
CA GLY D 197 -9.75 0.09 -65.99
C GLY D 197 -8.96 -1.20 -66.01
N ILE D 198 -7.81 -1.18 -65.34
CA ILE D 198 -7.09 -2.42 -65.03
C ILE D 198 -7.90 -3.15 -63.97
N ALA D 199 -7.56 -4.41 -63.72
CA ALA D 199 -8.24 -5.20 -62.70
C ALA D 199 -9.62 -5.63 -63.15
N MET D 200 -10.01 -5.22 -64.37
CA MET D 200 -11.29 -5.63 -64.92
C MET D 200 -11.18 -6.05 -66.38
N SER D 201 -10.01 -5.90 -66.99
CA SER D 201 -9.83 -6.22 -68.40
C SER D 201 -9.31 -7.62 -68.64
N ALA D 202 -9.14 -8.43 -67.60
CA ALA D 202 -8.57 -9.76 -67.75
C ALA D 202 -9.61 -10.71 -68.32
N ILE D 203 -9.35 -11.24 -69.51
CA ILE D 203 -10.29 -12.13 -70.20
C ILE D 203 -10.42 -13.43 -69.42
N PRO D 204 -11.62 -13.85 -69.03
CA PRO D 204 -11.75 -15.04 -68.19
C PRO D 204 -11.62 -16.33 -68.99
N GLY D 205 -11.35 -17.41 -68.28
CA GLY D 205 -11.25 -18.74 -68.87
C GLY D 205 -12.48 -19.57 -68.55
N ILE D 206 -12.87 -20.42 -69.49
CA ILE D 206 -14.08 -21.23 -69.39
C ILE D 206 -13.69 -22.70 -69.36
N ARG D 207 -14.47 -23.51 -68.65
CA ARG D 207 -14.24 -24.93 -68.61
C ARG D 207 -14.79 -25.59 -69.87
N LYS D 208 -14.18 -26.71 -70.27
CA LYS D 208 -14.63 -27.47 -71.42
C LYS D 208 -14.30 -28.93 -71.21
N VAL D 209 -15.11 -29.81 -71.81
CA VAL D 209 -14.86 -31.24 -71.72
C VAL D 209 -13.61 -31.58 -72.50
N ALA D 210 -12.91 -32.63 -72.06
CA ALA D 210 -11.64 -33.02 -72.63
C ALA D 210 -11.62 -34.51 -72.91
N LYS D 211 -10.80 -34.91 -73.87
CA LYS D 211 -10.55 -36.32 -74.15
C LYS D 211 -9.55 -36.85 -73.14
N ALA D 212 -9.84 -38.02 -72.56
CA ALA D 212 -9.03 -38.53 -71.45
C ALA D 212 -7.59 -38.76 -71.87
N GLU D 213 -7.36 -39.28 -73.07
CA GLU D 213 -6.01 -39.64 -73.47
C GLU D 213 -5.08 -38.43 -73.51
N GLN D 214 -5.56 -37.32 -74.07
CA GLN D 214 -4.69 -36.14 -74.18
C GLN D 214 -4.27 -35.63 -72.82
N VAL D 215 -5.20 -35.61 -71.85
CA VAL D 215 -4.86 -35.10 -70.52
C VAL D 215 -3.83 -35.99 -69.85
N GLN D 216 -3.99 -37.31 -69.96
CA GLN D 216 -3.04 -38.22 -69.32
C GLN D 216 -1.66 -38.07 -69.94
N GLN D 217 -1.58 -37.87 -71.26
CA GLN D 217 -0.30 -37.62 -71.89
C GLN D 217 0.36 -36.36 -71.33
N GLY D 218 -0.41 -35.29 -71.17
CA GLY D 218 0.14 -34.07 -70.63
C GLY D 218 0.63 -34.24 -69.20
N ALA D 219 -0.15 -34.93 -68.37
CA ALA D 219 0.23 -35.12 -66.98
C ALA D 219 1.47 -36.00 -66.86
N VAL D 220 1.62 -36.98 -67.75
CA VAL D 220 2.81 -37.84 -67.71
C VAL D 220 4.09 -37.08 -68.02
N ARG D 221 4.02 -36.04 -68.85
CA ARG D 221 5.18 -35.20 -69.11
C ARG D 221 5.54 -34.34 -67.91
N GLY D 222 4.66 -34.23 -66.93
CA GLY D 222 5.03 -33.84 -65.59
C GLY D 222 5.56 -35.05 -64.84
N GLY D 223 6.02 -34.82 -63.62
CA GLY D 223 6.65 -35.89 -62.88
C GLY D 223 8.00 -36.15 -63.51
N VAL D 224 7.99 -36.71 -64.72
CA VAL D 224 9.11 -36.52 -65.61
C VAL D 224 9.18 -35.04 -65.93
N ASN D 225 10.40 -34.51 -66.05
CA ASN D 225 10.68 -33.08 -66.01
C ASN D 225 10.45 -32.49 -64.63
N ALA D 226 10.02 -33.32 -63.68
CA ALA D 226 9.92 -32.88 -62.29
C ALA D 226 10.46 -33.93 -61.33
N ALA D 227 10.97 -35.06 -61.83
CA ALA D 227 11.67 -36.04 -61.00
C ALA D 227 13.14 -36.16 -61.34
N GLU D 228 13.66 -35.38 -62.29
CA GLU D 228 15.09 -35.37 -62.57
C GLU D 228 15.88 -34.74 -61.44
N ASP D 229 15.21 -34.11 -60.47
CA ASP D 229 15.86 -33.53 -59.32
C ASP D 229 15.90 -34.46 -58.12
N ALA D 230 15.49 -35.72 -58.29
CA ALA D 230 15.54 -36.71 -57.22
C ALA D 230 16.96 -37.26 -57.11
N ALA D 231 17.40 -37.54 -55.88
CA ALA D 231 18.73 -38.08 -55.67
C ALA D 231 18.85 -39.54 -56.09
N GLY D 232 17.82 -40.35 -55.90
CA GLY D 232 17.88 -41.75 -56.27
C GLY D 232 18.85 -42.57 -55.46
N THR D 233 18.87 -42.40 -54.13
CA THR D 233 19.70 -43.21 -53.25
C THR D 233 18.99 -44.46 -52.75
N VAL D 234 17.74 -44.68 -53.15
CA VAL D 234 17.02 -45.90 -52.83
C VAL D 234 16.65 -46.56 -54.14
N VAL D 235 16.93 -47.86 -54.25
CA VAL D 235 16.75 -48.58 -55.51
C VAL D 235 17.63 -47.93 -56.57
N PRO D 236 18.95 -48.09 -56.50
CA PRO D 236 19.84 -47.45 -57.48
C PRO D 236 19.59 -47.99 -58.88
N PRO D 237 20.22 -47.39 -59.89
CA PRO D 237 20.01 -47.87 -61.27
C PRO D 237 20.47 -49.29 -61.50
N LYS D 238 21.37 -49.81 -60.68
CA LYS D 238 21.80 -51.20 -60.83
C LYS D 238 20.63 -52.16 -60.64
N ASP D 239 19.60 -51.74 -59.89
CA ASP D 239 18.51 -52.61 -59.47
C ASP D 239 17.16 -52.09 -59.96
N VAL D 240 17.06 -51.71 -61.23
CA VAL D 240 15.83 -51.23 -61.82
C VAL D 240 15.40 -52.19 -62.93
N THR D 241 14.09 -52.31 -63.12
CA THR D 241 13.54 -53.14 -64.19
C THR D 241 12.18 -52.59 -64.58
N VAL D 242 11.77 -52.89 -65.81
CA VAL D 242 10.49 -52.40 -66.33
C VAL D 242 9.36 -53.21 -65.69
N PRO D 243 8.23 -52.61 -65.33
CA PRO D 243 7.13 -53.38 -64.78
C PRO D 243 6.37 -54.10 -65.88
N PRO D 244 5.82 -55.28 -65.61
CA PRO D 244 5.16 -56.05 -66.68
C PRO D 244 3.77 -55.55 -67.06
N VAL D 245 3.32 -54.41 -66.52
CA VAL D 245 2.01 -53.86 -66.85
C VAL D 245 2.16 -52.37 -67.03
N ARG D 246 1.31 -51.78 -67.88
CA ARG D 246 1.39 -50.37 -68.20
C ARG D 246 0.58 -49.56 -67.19
N GLU D 247 1.22 -48.57 -66.58
CA GLU D 247 0.53 -47.70 -65.63
C GLU D 247 -0.23 -46.60 -66.37
N VAL D 248 -0.98 -45.82 -65.60
CA VAL D 248 -1.69 -44.67 -66.15
C VAL D 248 -2.14 -43.79 -64.98
N PRO D 249 -1.93 -42.48 -65.03
CA PRO D 249 -2.35 -41.63 -63.92
C PRO D 249 -3.87 -41.47 -63.86
N GLU D 250 -4.32 -40.80 -62.80
CA GLU D 250 -5.74 -40.68 -62.48
C GLU D 250 -6.26 -39.26 -62.63
N VAL D 251 -5.84 -38.54 -63.67
CA VAL D 251 -6.25 -37.14 -63.83
C VAL D 251 -7.68 -37.08 -64.34
N GLN D 252 -8.30 -35.89 -64.20
CA GLN D 252 -9.64 -35.65 -64.69
C GLN D 252 -9.62 -35.07 -66.10
N PRO D 253 -10.68 -35.31 -66.89
CA PRO D 253 -10.75 -34.81 -68.27
C PRO D 253 -11.34 -33.39 -68.37
N ILE D 254 -10.50 -32.38 -68.14
CA ILE D 254 -10.92 -30.99 -68.17
C ILE D 254 -9.89 -30.16 -68.94
N LYS D 255 -10.38 -29.19 -69.70
CA LYS D 255 -9.54 -28.17 -70.33
C LYS D 255 -9.88 -26.79 -69.78
N THR D 256 -9.27 -25.78 -70.37
CA THR D 256 -9.66 -24.38 -70.19
C THR D 256 -9.49 -23.66 -71.51
N VAL D 257 -10.44 -22.77 -71.81
CA VAL D 257 -10.48 -22.07 -73.08
C VAL D 257 -10.82 -20.61 -72.83
N ALA D 258 -10.12 -19.73 -73.54
CA ALA D 258 -10.36 -18.30 -73.41
C ALA D 258 -11.75 -17.94 -73.95
N ASP D 259 -12.43 -17.06 -73.24
CA ASP D 259 -13.77 -16.65 -73.66
C ASP D 259 -13.70 -15.75 -74.89
N GLU D 260 -14.80 -15.69 -75.64
CA GLU D 260 -14.81 -14.94 -76.89
C GLU D 260 -15.71 -13.70 -76.85
N ASP D 261 -16.73 -13.69 -75.99
CA ASP D 261 -17.69 -12.59 -75.99
C ASP D 261 -17.31 -11.48 -75.01
N TYR D 262 -16.24 -11.63 -74.26
CA TYR D 262 -15.86 -10.59 -73.30
C TYR D 262 -15.43 -9.34 -74.05
N PRO D 263 -15.83 -8.15 -73.60
CA PRO D 263 -15.45 -6.93 -74.32
C PRO D 263 -14.02 -6.52 -73.99
N LYS D 264 -13.43 -5.72 -74.88
CA LYS D 264 -12.10 -5.16 -74.68
C LYS D 264 -12.25 -3.79 -74.05
N ILE D 265 -12.18 -3.70 -72.73
CA ILE D 265 -12.47 -2.48 -72.00
C ILE D 265 -11.19 -1.68 -71.82
N ASP D 266 -11.25 -0.41 -72.17
CA ASP D 266 -10.15 0.53 -71.94
C ASP D 266 -10.77 1.87 -71.59
N ILE D 267 -10.02 2.68 -70.85
CA ILE D 267 -10.50 3.96 -70.34
C ILE D 267 -9.75 5.08 -71.03
N ASP D 268 -10.48 6.09 -71.49
CA ASP D 268 -9.87 7.25 -72.12
C ASP D 268 -9.47 8.26 -71.06
N THR D 269 -8.18 8.61 -71.03
CA THR D 269 -7.66 9.59 -70.08
C THR D 269 -6.84 10.67 -70.76
N TYR D 270 -7.12 10.96 -72.03
CA TYR D 270 -6.38 11.97 -72.79
C TYR D 270 -7.26 13.03 -73.41
N SER D 271 -8.59 12.93 -73.28
CA SER D 271 -9.47 13.88 -73.95
C SER D 271 -9.26 15.29 -73.42
N ASN D 272 -9.13 15.45 -72.11
CA ASN D 272 -9.04 16.77 -71.50
C ASN D 272 -7.61 17.30 -71.43
N LYS D 273 -6.72 16.81 -72.28
CA LYS D 273 -5.34 17.26 -72.30
C LYS D 273 -4.85 17.29 -73.74
N GLU D 274 -3.81 18.10 -73.99
CA GLU D 274 -3.23 18.17 -75.31
C GLU D 274 -2.51 16.86 -75.62
N HIS D 275 -2.67 16.38 -76.85
CA HIS D 275 -2.13 15.08 -77.23
C HIS D 275 -1.95 15.01 -78.74
N ILE D 276 -1.21 14.00 -79.19
CA ILE D 276 -0.86 13.80 -80.58
C ILE D 276 -1.51 12.52 -81.07
N GLU D 277 -2.22 12.60 -82.19
CA GLU D 277 -2.87 11.44 -82.80
C GLU D 277 -2.08 10.98 -84.01
N VAL D 278 -1.87 9.67 -84.10
CA VAL D 278 -1.13 9.07 -85.21
C VAL D 278 -2.10 8.18 -85.99
N GLY D 279 -2.30 8.51 -87.26
CA GLY D 279 -3.15 7.71 -88.12
C GLY D 279 -4.60 7.76 -87.74
N ARG D 280 -5.22 8.92 -87.87
CA ARG D 280 -6.65 9.08 -87.62
C ARG D 280 -7.41 9.28 -88.93
N SER D 288 -5.69 -0.06 -80.21
CA SER D 288 -4.83 1.11 -80.24
C SER D 288 -3.72 0.98 -79.20
N LEU D 289 -2.67 1.78 -79.36
CA LEU D 289 -1.51 1.75 -78.47
C LEU D 289 -1.29 3.15 -77.91
N LYS D 290 -0.96 3.23 -76.63
CA LYS D 290 -0.80 4.50 -75.92
C LYS D 290 0.58 4.56 -75.28
N THR D 291 1.32 5.62 -75.58
CA THR D 291 2.66 5.82 -75.03
C THR D 291 2.88 7.32 -74.84
N THR D 292 4.12 7.69 -74.50
CA THR D 292 4.46 9.07 -74.21
C THR D 292 5.41 9.61 -75.27
N VAL D 293 5.49 10.94 -75.35
CA VAL D 293 6.27 11.57 -76.42
C VAL D 293 7.74 11.26 -76.27
N GLN D 294 8.28 11.36 -75.05
CA GLN D 294 9.69 11.09 -74.83
C GLN D 294 10.04 9.63 -75.03
N ASN D 295 9.04 8.76 -75.15
CA ASN D 295 9.29 7.36 -75.46
C ASN D 295 9.24 7.11 -76.96
N ALA D 296 8.26 7.73 -77.65
CA ALA D 296 8.11 7.50 -79.08
C ALA D 296 9.30 8.04 -79.86
N VAL D 297 9.81 9.20 -79.47
CA VAL D 297 10.83 9.88 -80.27
C VAL D 297 12.06 8.98 -80.42
N LEU D 298 12.51 8.36 -79.33
CA LEU D 298 13.70 7.52 -79.41
C LEU D 298 13.52 6.42 -80.45
N ALA D 299 12.35 5.78 -80.46
CA ALA D 299 12.10 4.72 -81.43
C ALA D 299 12.24 5.21 -82.86
N VAL D 300 11.86 6.46 -83.12
CA VAL D 300 11.96 6.99 -84.48
C VAL D 300 13.41 7.10 -84.91
N THR D 301 14.26 7.64 -84.04
CA THR D 301 15.67 7.82 -84.41
C THR D 301 16.35 6.48 -84.63
N ALA D 302 16.09 5.50 -83.75
CA ALA D 302 16.75 4.21 -83.88
C ALA D 302 16.42 3.55 -85.21
N LEU D 303 15.14 3.44 -85.53
CA LEU D 303 14.72 2.85 -86.81
C LEU D 303 14.50 3.95 -87.84
N GLY D 304 15.52 4.80 -88.02
CA GLY D 304 15.39 5.93 -88.92
C GLY D 304 16.59 6.09 -89.84
N ASP D 305 17.15 4.98 -90.31
CA ASP D 305 18.33 5.03 -91.15
C ASP D 305 18.08 5.71 -92.49
N ASP D 306 16.82 5.89 -92.88
CA ASP D 306 16.48 6.52 -94.15
C ASP D 306 16.18 8.01 -94.01
N LEU D 307 16.76 8.68 -93.01
CA LEU D 307 16.48 10.08 -92.76
C LEU D 307 17.70 10.93 -93.09
N PRO D 308 17.51 12.18 -93.50
CA PRO D 308 18.65 13.07 -93.70
C PRO D 308 19.44 13.24 -92.41
N GLU D 309 20.76 13.34 -92.53
CA GLU D 309 21.61 13.48 -91.36
C GLU D 309 21.75 14.94 -90.98
N VAL D 311 18.92 16.05 -89.26
CA VAL D 311 17.58 15.76 -88.79
C VAL D 311 17.64 14.66 -87.74
N ARG D 312 18.42 13.62 -88.03
CA ARG D 312 18.59 12.54 -87.06
C ARG D 312 19.30 13.04 -85.81
N ALA D 313 20.29 13.91 -85.98
CA ALA D 313 20.96 14.51 -84.83
C ALA D 313 20.00 15.38 -84.03
N LEU D 314 19.14 16.12 -84.72
CA LEU D 314 18.11 16.89 -84.02
C LEU D 314 17.21 16.00 -83.21
N GLY D 315 16.81 14.86 -83.80
CA GLY D 315 15.99 13.91 -83.06
C GLY D 315 16.70 13.37 -81.83
N ARG D 316 17.99 13.05 -81.97
CA ARG D 316 18.74 12.59 -80.81
C ARG D 316 18.80 13.64 -79.72
N ALA D 317 19.07 14.89 -80.10
CA ALA D 317 19.16 15.96 -79.12
C ALA D 317 17.83 16.20 -78.43
N LEU D 318 16.73 16.13 -79.18
CA LEU D 318 15.41 16.31 -78.58
C LEU D 318 15.06 15.15 -77.65
N GLY D 319 15.47 13.93 -78.01
CA GLY D 319 15.12 12.78 -77.21
C GLY D 319 15.68 12.84 -75.80
N ALA D 320 16.74 13.62 -75.60
CA ALA D 320 17.32 13.83 -74.28
C ALA D 320 16.77 15.08 -73.60
N SER D 321 15.83 15.77 -74.22
CA SER D 321 15.23 16.96 -73.64
C SER D 321 14.67 16.67 -72.25
N ARG D 356 3.26 14.35 -72.07
CA ARG D 356 2.07 14.25 -72.90
C ARG D 356 1.61 12.81 -73.07
N ALA D 357 0.58 12.63 -73.89
CA ALA D 357 0.08 11.31 -74.26
C ALA D 357 0.00 11.20 -75.76
N GLU D 358 0.36 10.03 -76.28
CA GLU D 358 0.31 9.75 -77.70
C GLU D 358 -0.44 8.44 -77.92
N ILE D 359 -1.18 8.38 -79.02
CA ILE D 359 -2.01 7.22 -79.34
C ILE D 359 -1.82 6.87 -80.80
N PHE D 360 -1.63 5.58 -81.08
CA PHE D 360 -1.57 5.04 -82.43
C PHE D 360 -2.85 4.24 -82.66
N ASN D 361 -3.49 4.49 -83.79
CA ASN D 361 -4.70 3.75 -84.14
C ASN D 361 -4.34 2.50 -84.93
N THR D 367 4.49 -4.10 -79.64
CA THR D 367 4.29 -3.91 -81.06
C THR D 367 4.67 -2.49 -81.50
N LEU D 368 5.15 -1.69 -80.54
CA LEU D 368 5.56 -0.32 -80.86
C LEU D 368 6.64 -0.31 -81.93
N SER D 369 7.60 -1.23 -81.83
CA SER D 369 8.73 -1.25 -82.74
C SER D 369 8.32 -1.47 -84.19
N ASP D 370 7.12 -1.99 -84.45
CA ASP D 370 6.64 -2.22 -85.80
C ASP D 370 5.67 -1.17 -86.29
N HIS D 371 4.94 -0.50 -85.40
CA HIS D 371 4.07 0.58 -85.81
C HIS D 371 4.85 1.65 -86.57
N VAL D 372 5.98 2.08 -86.01
CA VAL D 372 6.82 3.08 -86.67
C VAL D 372 7.46 2.56 -87.94
N ARG D 373 7.62 1.24 -88.08
CA ARG D 373 8.14 0.67 -89.31
C ARG D 373 7.16 0.76 -90.46
N GLY D 374 5.86 0.76 -90.18
CA GLY D 374 4.86 0.87 -91.22
C GLY D 374 4.52 2.31 -91.55
N MET D 375 5.52 3.18 -91.55
CA MET D 375 5.33 4.59 -91.83
C MET D 375 6.33 5.03 -92.88
N SER D 376 5.91 5.96 -93.72
CA SER D 376 6.79 6.53 -94.74
C SER D 376 7.78 7.49 -94.10
N THR D 377 8.85 7.78 -94.84
CA THR D 377 9.88 8.67 -94.32
C THR D 377 9.34 10.06 -94.05
N TYR D 378 8.41 10.53 -94.89
CA TYR D 378 7.89 11.90 -94.73
C TYR D 378 7.11 12.05 -93.43
N GLU D 379 6.22 11.09 -93.15
CA GLU D 379 5.36 11.21 -91.97
C GLU D 379 6.17 11.26 -90.69
N LYS D 380 7.17 10.38 -90.57
CA LYS D 380 7.92 10.29 -89.33
C LYS D 380 8.83 11.49 -89.10
N THR D 381 8.97 12.37 -90.09
CA THR D 381 9.56 13.67 -89.84
C THR D 381 8.55 14.68 -89.33
N ILE D 382 7.32 14.62 -89.82
CA ILE D 382 6.26 15.46 -89.26
C ILE D 382 6.02 15.07 -87.81
N LEU D 383 6.23 13.81 -87.46
CA LEU D 383 6.09 13.40 -86.08
C LEU D 383 7.06 14.13 -85.16
N LEU D 384 8.31 14.29 -85.59
CA LEU D 384 9.27 15.10 -84.83
C LEU D 384 8.97 16.58 -84.91
N HIS D 385 8.46 17.05 -86.05
CA HIS D 385 8.15 18.47 -86.19
C HIS D 385 7.06 18.89 -85.21
N GLU D 386 6.04 18.05 -85.03
CA GLU D 386 5.00 18.36 -84.04
C GLU D 386 5.50 18.14 -82.61
N ALA D 387 6.39 17.17 -82.41
CA ALA D 387 6.96 16.99 -81.08
C ALA D 387 7.84 18.16 -80.68
N ALA D 388 8.18 19.04 -81.62
CA ALA D 388 8.94 20.24 -81.30
C ALA D 388 8.10 21.26 -80.54
N HIS D 389 6.81 21.00 -80.34
CA HIS D 389 5.95 21.87 -79.54
C HIS D 389 6.24 21.72 -78.05
N ALA D 390 7.35 21.07 -77.69
CA ALA D 390 7.68 20.86 -76.29
C ALA D 390 7.70 22.16 -75.50
N LYS D 391 7.75 23.31 -76.20
CA LYS D 391 7.73 24.60 -75.54
C LYS D 391 6.53 24.76 -74.62
N THR D 392 5.35 24.30 -75.05
CA THR D 392 4.16 24.48 -74.24
C THR D 392 4.38 23.96 -72.82
N GLY D 393 4.96 22.77 -72.69
CA GLY D 393 5.29 22.27 -71.36
C GLY D 393 6.21 23.21 -70.60
N ARG D 394 7.01 24.00 -71.32
CA ARG D 394 7.96 24.90 -70.68
C ARG D 394 7.45 26.33 -70.59
N SER D 395 6.58 26.75 -71.50
CA SER D 395 5.94 28.05 -71.34
C SER D 395 5.08 28.08 -70.10
N ILE D 396 4.36 26.98 -69.83
CA ILE D 396 3.47 26.93 -68.66
C ILE D 396 4.29 27.03 -67.38
N ARG D 397 5.40 26.28 -67.31
CA ARG D 397 6.21 26.29 -66.09
C ARG D 397 6.79 27.65 -65.77
N ALA D 398 6.90 28.53 -66.76
CA ALA D 398 7.46 29.87 -66.55
C ALA D 398 6.36 30.89 -66.31
N VAL D 399 5.10 30.46 -66.39
CA VAL D 399 3.97 31.29 -66.02
C VAL D 399 3.60 30.97 -64.59
N GLU D 400 3.50 29.67 -64.30
CA GLU D 400 3.46 29.21 -62.92
C GLU D 400 4.85 29.31 -62.31
N SER D 401 4.89 29.38 -60.98
CA SER D 401 6.17 29.46 -60.27
C SER D 401 6.83 28.10 -60.10
N GLY D 402 6.99 27.35 -61.18
CA GLY D 402 7.68 26.08 -61.12
C GLY D 402 9.16 26.25 -61.40
N ALA D 403 9.48 26.89 -62.53
CA ALA D 403 10.86 27.31 -62.82
C ALA D 403 11.04 28.70 -62.23
N VAL D 404 11.39 28.73 -60.94
CA VAL D 404 11.34 29.98 -60.19
C VAL D 404 12.19 31.05 -60.87
N SER D 405 13.51 30.87 -60.85
CA SER D 405 14.41 31.88 -61.40
C SER D 405 15.55 31.23 -62.18
N ASP D 406 15.41 29.96 -62.53
CA ASP D 406 16.46 29.26 -63.24
C ASP D 406 16.83 30.01 -64.51
N GLY D 407 18.12 30.27 -64.66
CA GLY D 407 18.57 31.03 -65.81
C GLY D 407 18.24 30.33 -67.12
N VAL D 408 18.63 30.99 -68.21
CA VAL D 408 18.49 30.44 -69.55
C VAL D 408 17.02 30.40 -69.95
N VAL D 409 16.26 29.48 -69.37
CA VAL D 409 14.85 29.33 -69.76
C VAL D 409 14.04 30.54 -69.29
N TYR D 410 14.28 30.99 -68.06
CA TYR D 410 13.58 32.15 -67.54
C TYR D 410 13.86 33.40 -68.38
N GLU D 411 15.08 33.55 -68.89
CA GLU D 411 15.39 34.70 -69.73
C GLU D 411 14.81 34.54 -71.12
N ALA D 412 14.82 33.31 -71.65
CA ALA D 412 14.26 33.07 -72.98
C ALA D 412 12.78 33.38 -73.01
N VAL D 413 12.04 32.99 -71.96
CA VAL D 413 10.63 33.31 -71.92
C VAL D 413 10.42 34.82 -71.91
N GLN D 414 11.19 35.56 -71.13
CA GLN D 414 11.03 37.01 -71.05
C GLN D 414 11.29 37.66 -72.41
N ARG D 415 12.35 37.24 -73.09
CA ARG D 415 12.68 37.85 -74.38
C ARG D 415 11.93 37.24 -75.55
N ILE D 416 11.08 36.25 -75.32
CA ILE D 416 10.04 35.92 -76.28
C ILE D 416 8.79 36.75 -76.04
N LYS D 417 8.44 36.98 -74.78
CA LYS D 417 7.29 37.83 -74.48
C LYS D 417 7.52 39.26 -74.95
N GLU D 418 8.75 39.76 -74.84
CA GLU D 418 9.04 41.10 -75.32
C GLU D 418 8.78 41.21 -76.82
N ILE D 419 9.23 40.22 -77.59
CA ILE D 419 8.97 40.24 -79.03
C ILE D 419 7.47 40.14 -79.29
N GLN D 420 6.77 39.28 -78.56
CA GLN D 420 5.32 39.21 -78.71
C GLN D 420 4.69 40.58 -78.54
N TRP D 421 5.13 41.33 -77.54
CA TRP D 421 4.60 42.69 -77.36
C TRP D 421 4.96 43.59 -78.54
N TYR D 422 6.19 43.47 -79.05
CA TYR D 422 6.66 44.42 -80.05
C TYR D 422 5.80 44.41 -81.30
N VAL D 423 5.43 43.23 -81.79
CA VAL D 423 4.79 43.12 -83.10
C VAL D 423 3.48 43.90 -83.16
N LYS D 424 2.77 44.02 -82.04
CA LYS D 424 1.50 44.73 -82.05
C LYS D 424 1.68 46.18 -82.47
N ALA D 425 2.51 46.91 -81.73
CA ALA D 425 2.60 48.36 -81.92
C ALA D 425 3.21 48.71 -83.27
N ASN D 426 4.13 47.88 -83.77
CA ASN D 426 4.90 48.24 -84.95
C ASN D 426 4.46 47.54 -86.23
N VAL D 427 3.67 46.47 -86.12
CA VAL D 427 3.23 45.74 -87.30
C VAL D 427 1.76 45.39 -87.17
N ASP D 446 -1.58 36.07 -75.31
CA ASP D 446 -0.87 35.01 -74.60
C ASP D 446 0.25 34.46 -75.49
N THR D 447 1.19 33.74 -74.88
CA THR D 447 2.34 33.25 -75.64
C THR D 447 1.97 32.06 -76.50
N HIS D 448 0.99 31.26 -76.07
CA HIS D 448 0.70 30.01 -76.77
C HIS D 448 0.28 30.23 -78.21
N GLU D 449 -0.63 31.18 -78.46
CA GLU D 449 -1.10 31.40 -79.83
C GLU D 449 0.01 31.91 -80.73
N PHE D 450 0.86 32.81 -80.21
CA PHE D 450 1.99 33.30 -81.00
C PHE D 450 2.93 32.16 -81.36
N ILE D 451 3.28 31.34 -80.37
CA ILE D 451 4.16 30.21 -80.63
C ILE D 451 3.54 29.25 -81.64
N SER D 452 2.24 28.98 -81.53
CA SER D 452 1.59 28.08 -82.47
C SER D 452 1.59 28.67 -83.87
N GLN D 453 1.32 29.97 -84.00
CA GLN D 453 1.34 30.60 -85.31
C GLN D 453 2.73 30.51 -85.93
N LEU D 454 3.78 30.55 -85.11
CA LEU D 454 5.12 30.42 -85.67
C LEU D 454 5.26 29.11 -86.45
N PHE D 455 4.53 28.07 -86.06
CA PHE D 455 4.59 26.78 -86.74
C PHE D 455 3.55 26.67 -87.85
N ASN D 456 2.28 26.86 -87.51
CA ASN D 456 1.16 26.49 -88.37
C ASN D 456 0.80 27.57 -89.40
N SER D 457 1.76 28.04 -90.17
CA SER D 457 1.52 29.11 -91.15
C SER D 457 2.80 29.34 -91.93
N GLU D 458 2.66 29.98 -93.09
CA GLU D 458 3.81 30.26 -93.95
C GLU D 458 4.08 31.75 -94.04
N HIS D 459 3.09 32.53 -94.47
CA HIS D 459 3.31 33.96 -94.67
C HIS D 459 3.50 34.72 -93.36
N PHE D 460 3.05 34.16 -92.24
CA PHE D 460 3.35 34.78 -90.95
C PHE D 460 4.85 34.84 -90.72
N ARG D 461 5.55 33.76 -91.04
CA ARG D 461 7.01 33.79 -90.94
C ARG D 461 7.59 34.83 -91.89
N ASP D 462 7.07 34.90 -93.11
CA ASP D 462 7.53 35.87 -94.09
C ASP D 462 7.34 37.31 -93.62
N ALA D 463 6.32 37.57 -92.80
CA ALA D 463 6.11 38.94 -92.31
C ALA D 463 7.28 39.41 -91.46
N LEU D 464 7.82 38.52 -90.61
CA LEU D 464 8.87 38.90 -89.68
C LEU D 464 10.24 39.00 -90.33
N ARG D 465 10.39 38.56 -91.57
CA ARG D 465 11.69 38.66 -92.24
C ARG D 465 12.00 40.08 -92.68
N SER D 466 10.97 40.89 -92.96
CA SER D 466 11.17 42.20 -93.54
C SER D 466 11.43 43.26 -92.47
N VAL D 467 11.81 42.84 -91.26
CA VAL D 467 12.07 43.77 -90.17
C VAL D 467 13.31 43.31 -89.42
N LYS D 468 14.14 44.26 -89.00
CA LYS D 468 15.27 43.99 -88.13
C LYS D 468 14.96 44.45 -86.71
N MET D 469 15.65 43.86 -85.74
CA MET D 469 15.35 44.17 -84.36
C MET D 469 15.77 45.61 -84.04
N PRO D 470 15.15 46.23 -83.04
CA PRO D 470 15.49 47.60 -82.70
C PRO D 470 16.72 47.71 -81.81
N GLY D 471 17.26 46.57 -81.37
CA GLY D 471 18.34 46.59 -80.40
C GLY D 471 19.43 45.56 -80.63
N SER D 472 19.49 44.97 -81.82
CA SER D 472 20.52 43.99 -82.12
C SER D 472 20.45 43.62 -83.58
N ASP D 473 21.55 43.03 -84.07
CA ASP D 473 21.62 42.62 -85.46
C ASP D 473 20.78 41.37 -85.70
N GLY D 474 20.36 41.19 -86.95
CA GLY D 474 19.58 40.02 -87.33
C GLY D 474 18.11 40.34 -87.54
N THR D 475 17.46 39.59 -88.41
CA THR D 475 16.04 39.77 -88.63
C THR D 475 15.26 39.41 -87.37
N LEU D 476 14.08 40.02 -87.23
CA LEU D 476 13.22 39.71 -86.09
C LEU D 476 12.94 38.22 -86.02
N LEU D 477 12.75 37.56 -87.16
CA LEU D 477 12.52 36.12 -87.16
C LEU D 477 13.74 35.37 -86.64
N SER D 478 14.94 35.79 -87.05
CA SER D 478 16.13 35.02 -86.72
C SER D 478 16.31 34.89 -85.21
N ASN D 479 16.18 36.01 -84.47
CA ASN D 479 16.41 35.95 -83.04
C ASN D 479 15.28 35.23 -82.31
N LEU D 480 14.07 35.23 -82.89
CA LEU D 480 12.98 34.46 -82.30
C LEU D 480 13.31 32.98 -82.29
N MET D 481 13.85 32.47 -83.40
CA MET D 481 14.22 31.07 -83.46
C MET D 481 15.34 30.75 -82.48
N LYS D 482 16.26 31.70 -82.28
CA LYS D 482 17.39 31.46 -81.39
C LYS D 482 16.93 30.99 -80.02
N ARG D 483 15.78 31.48 -79.57
CA ARG D 483 15.32 31.17 -78.22
C ARG D 483 14.45 29.91 -78.19
N VAL D 484 13.82 29.55 -79.30
CA VAL D 484 13.06 28.30 -79.33
C VAL D 484 13.98 27.12 -79.10
N VAL D 485 15.16 27.15 -79.71
CA VAL D 485 16.13 26.08 -79.51
C VAL D 485 16.51 25.98 -78.05
N THR D 486 16.69 27.11 -77.37
CA THR D 486 16.98 27.06 -75.95
C THR D 486 15.84 26.41 -75.17
N LEU D 487 14.61 26.54 -75.68
CA LEU D 487 13.47 25.98 -74.97
C LEU D 487 13.36 24.47 -75.20
N PHE D 488 13.19 24.03 -76.45
CA PHE D 488 12.87 22.62 -76.65
C PHE D 488 14.12 21.74 -76.55
N THR D 489 15.30 22.33 -76.44
CA THR D 489 16.50 21.55 -76.16
C THR D 489 16.99 21.73 -74.73
N GLY D 490 17.01 22.97 -74.23
CA GLY D 490 17.44 23.25 -72.88
C GLY D 490 18.93 23.38 -72.69
N LYS D 491 19.72 23.39 -73.78
CA LYS D 491 21.18 23.41 -73.69
C LYS D 491 21.77 24.80 -73.88
N ALA D 492 21.09 25.84 -73.39
CA ALA D 492 21.60 27.20 -73.55
C ALA D 492 21.69 27.52 -75.04
N PRO D 493 22.45 28.54 -75.47
CA PRO D 493 22.54 28.74 -76.92
C PRO D 493 23.13 27.54 -77.67
N ASN D 496 25.45 24.10 -81.80
CA ASN D 496 24.74 24.73 -82.90
C ASN D 496 23.82 23.74 -83.62
N ALA D 497 22.52 24.02 -83.61
CA ALA D 497 21.56 23.20 -84.33
C ALA D 497 20.53 24.04 -85.07
N PHE D 498 20.75 25.34 -85.23
CA PHE D 498 19.76 26.19 -85.88
C PHE D 498 19.52 25.76 -87.32
N ASP D 499 20.55 25.23 -87.98
CA ASP D 499 20.38 24.80 -89.37
C ASP D 499 19.35 23.67 -89.47
N ALA D 500 19.36 22.75 -88.51
CA ALA D 500 18.43 21.63 -88.56
C ALA D 500 16.98 22.12 -88.52
N THR D 501 16.63 22.97 -87.56
CA THR D 501 15.26 23.46 -87.48
C THR D 501 14.93 24.37 -88.65
N LEU D 502 15.90 25.17 -89.09
CA LEU D 502 15.68 26.04 -90.24
C LEU D 502 15.31 25.24 -91.49
N GLN D 503 16.00 24.13 -91.76
CA GLN D 503 15.65 23.26 -92.87
C GLN D 503 14.39 22.43 -92.62
N ALA D 504 14.14 22.00 -91.38
CA ALA D 504 12.88 21.33 -91.08
C ALA D 504 11.70 22.23 -91.36
N PHE D 505 11.88 23.54 -91.24
CA PHE D 505 10.93 24.52 -91.76
C PHE D 505 11.11 24.55 -93.27
N ASP D 506 10.22 23.87 -93.99
CA ASP D 506 10.33 23.72 -95.44
C ASP D 506 10.52 25.07 -96.12
N PRO D 515 0.66 16.86 -96.69
CA PRO D 515 -0.50 16.26 -96.01
C PRO D 515 -0.17 14.90 -95.41
N ALA D 516 -0.29 14.79 -94.08
CA ALA D 516 -0.01 13.55 -93.39
C ALA D 516 -1.01 13.39 -92.25
N ASP D 517 -1.21 12.15 -91.82
CA ASP D 517 -2.21 11.82 -90.80
C ASP D 517 -1.61 11.84 -89.41
N VAL D 518 -0.96 12.94 -89.05
CA VAL D 518 -0.51 13.20 -87.69
C VAL D 518 -0.83 14.66 -87.35
N PHE D 519 -1.40 14.88 -86.18
CA PHE D 519 -1.89 16.20 -85.81
C PHE D 519 -1.64 16.45 -84.33
N LEU D 520 -1.64 17.73 -83.97
CA LEU D 520 -1.59 18.16 -82.58
C LEU D 520 -2.97 18.71 -82.20
N ASN D 521 -3.59 18.08 -81.21
CA ASN D 521 -4.99 18.34 -80.89
C ASN D 521 -5.12 19.01 -79.53
N ALA D 522 -5.91 20.08 -79.49
CA ALA D 522 -6.22 20.76 -78.26
C ALA D 522 -7.30 20.00 -77.49
N PRO D 523 -7.46 20.29 -76.20
CA PRO D 523 -8.47 19.56 -75.41
C PRO D 523 -9.86 19.72 -76.01
N LYS D 524 -10.63 18.64 -75.96
CA LYS D 524 -11.98 18.61 -76.51
C LYS D 524 -12.98 18.29 -75.41
N ALA D 525 -14.22 18.72 -75.60
CA ALA D 525 -15.22 18.63 -74.54
C ALA D 525 -15.80 17.22 -74.40
N THR D 526 -16.05 16.51 -75.49
CA THR D 526 -16.77 15.25 -75.45
C THR D 526 -15.80 14.08 -75.46
N PRO D 527 -15.71 13.29 -74.39
CA PRO D 527 -14.80 12.12 -74.40
C PRO D 527 -15.19 11.10 -75.45
N ASP D 528 -14.32 10.09 -75.65
CA ASP D 528 -14.63 8.98 -76.53
C ASP D 528 -15.25 7.86 -75.72
N LEU D 529 -16.47 7.47 -76.05
CA LEU D 529 -17.20 6.43 -75.33
C LEU D 529 -17.48 5.27 -76.27
N GLN D 530 -17.37 4.06 -75.76
CA GLN D 530 -17.48 2.86 -76.59
C GLN D 530 -18.90 2.34 -76.73
N SER D 531 -19.78 2.65 -75.78
CA SER D 531 -21.14 2.14 -75.83
C SER D 531 -21.93 2.87 -76.93
N LYS D 532 -22.91 2.17 -77.50
CA LYS D 532 -23.62 2.70 -78.66
C LYS D 532 -24.61 3.80 -78.26
N VAL D 533 -25.31 3.62 -77.14
CA VAL D 533 -26.44 4.50 -76.84
C VAL D 533 -26.02 5.81 -76.18
N LEU D 534 -24.74 6.01 -75.90
CA LEU D 534 -24.31 7.21 -75.20
C LEU D 534 -23.75 8.30 -76.11
N GLN D 535 -23.37 7.96 -77.34
CA GLN D 535 -22.74 8.95 -78.21
C GLN D 535 -23.74 10.05 -78.58
N ALA D 536 -23.30 11.30 -78.45
CA ALA D 536 -24.09 12.47 -78.80
C ALA D 536 -23.18 13.50 -79.45
N PRO D 537 -23.73 14.41 -80.26
CA PRO D 537 -22.86 15.37 -80.95
C PRO D 537 -22.36 16.52 -80.10
N ASN D 538 -23.10 16.94 -79.08
CA ASN D 538 -22.70 18.06 -78.24
C ASN D 538 -22.77 17.65 -76.78
N VAL D 539 -22.49 18.60 -75.89
CA VAL D 539 -22.34 18.27 -74.47
C VAL D 539 -23.67 18.16 -73.74
N ILE D 540 -24.70 18.89 -74.17
CA ILE D 540 -25.97 18.85 -73.46
C ILE D 540 -26.67 17.52 -73.69
N GLU D 541 -26.72 17.06 -74.94
CA GLU D 541 -27.37 15.80 -75.24
C GLU D 541 -26.68 14.63 -74.56
N MET D 542 -25.34 14.62 -74.57
CA MET D 542 -24.62 13.54 -73.91
C MET D 542 -24.95 13.49 -72.42
N ASN D 543 -24.96 14.65 -71.77
CA ASN D 543 -25.30 14.68 -70.35
C ASN D 543 -26.72 14.19 -70.11
N ASN D 544 -27.66 14.60 -70.96
CA ASN D 544 -29.03 14.15 -70.79
C ASN D 544 -29.13 12.64 -70.94
N LYS D 545 -28.39 12.07 -71.88
CA LYS D 545 -28.51 10.63 -72.13
C LYS D 545 -27.80 9.82 -71.07
N VAL D 546 -26.72 10.34 -70.47
CA VAL D 546 -25.99 9.59 -69.46
C VAL D 546 -26.84 9.45 -68.18
N MET D 547 -27.41 10.55 -67.70
CA MET D 547 -28.18 10.49 -66.47
C MET D 547 -29.43 9.64 -66.62
N GLY D 548 -29.94 9.52 -67.83
CA GLY D 548 -31.12 8.69 -68.04
C GLY D 548 -30.87 7.23 -67.72
N ALA D 549 -29.68 6.73 -68.05
CA ALA D 549 -29.38 5.32 -67.85
C ALA D 549 -29.03 4.98 -66.41
N LEU D 550 -28.86 5.98 -65.55
CA LEU D 550 -28.47 5.71 -64.17
C LEU D 550 -29.66 5.73 -63.23
N ASN D 551 -30.51 6.74 -63.32
CA ASN D 551 -31.58 6.98 -62.35
C ASN D 551 -32.93 6.92 -63.03
N ARG D 552 -33.91 6.36 -62.31
CA ARG D 552 -35.26 6.26 -62.84
C ARG D 552 -35.94 7.63 -62.92
N ASN D 553 -35.72 8.47 -61.90
CA ASN D 553 -36.48 9.70 -61.79
C ASN D 553 -36.23 10.65 -62.96
N PHE D 554 -35.03 10.64 -63.52
CA PHE D 554 -34.70 11.62 -64.55
C PHE D 554 -35.67 11.53 -65.73
N SER D 555 -35.94 10.33 -66.21
CA SER D 555 -36.86 10.16 -67.32
C SER D 555 -38.29 10.53 -66.96
N LEU D 556 -38.61 10.63 -65.67
CA LEU D 556 -39.93 11.09 -65.24
C LEU D 556 -39.99 12.61 -65.19
N TYR D 557 -38.99 13.24 -64.57
CA TYR D 557 -38.90 14.68 -64.59
C TYR D 557 -38.93 15.22 -66.02
N GLU D 558 -38.21 14.54 -66.92
CA GLU D 558 -38.21 14.98 -68.32
C GLU D 558 -39.60 14.88 -68.93
N ARG D 559 -40.32 13.80 -68.63
CA ARG D 559 -41.65 13.62 -69.24
C ARG D 559 -42.69 14.55 -68.64
N LEU D 560 -42.48 15.04 -67.42
CA LEU D 560 -43.46 15.95 -66.84
C LEU D 560 -43.46 17.30 -67.53
N LYS D 561 -42.28 17.78 -67.94
CA LYS D 561 -42.16 19.14 -68.46
C LYS D 561 -42.78 19.32 -69.84
N SER D 562 -43.15 18.25 -70.54
CA SER D 562 -43.71 18.41 -71.87
C SER D 562 -45.15 18.89 -71.84
N PHE D 563 -45.73 19.07 -70.66
CA PHE D 563 -47.14 19.44 -70.54
C PHE D 563 -47.30 20.94 -70.44
N GLY D 564 -46.40 21.71 -71.04
CA GLY D 564 -46.54 23.15 -71.05
C GLY D 564 -45.68 23.82 -70.00
N TYR D 565 -46.13 25.00 -69.57
CA TYR D 565 -45.37 25.81 -68.62
C TYR D 565 -45.78 25.57 -67.18
N LYS D 566 -47.08 25.60 -66.89
CA LYS D 566 -47.52 25.39 -65.51
C LYS D 566 -46.97 24.09 -64.95
N ALA D 567 -46.88 23.05 -65.78
CA ALA D 567 -46.28 21.80 -65.33
C ALA D 567 -44.82 21.99 -64.95
N SER D 568 -44.09 22.77 -65.73
CA SER D 568 -42.67 22.95 -65.46
C SER D 568 -42.42 23.55 -64.09
N THR D 569 -43.21 24.56 -63.72
CA THR D 569 -43.06 25.15 -62.39
C THR D 569 -43.38 24.14 -61.31
N LEU D 570 -44.43 23.34 -61.51
CA LEU D 570 -44.85 22.39 -60.48
C LEU D 570 -43.91 21.18 -60.42
N ALA D 571 -43.28 20.82 -61.54
CA ALA D 571 -42.36 19.69 -61.51
C ALA D 571 -41.20 19.95 -60.56
N ASP D 572 -40.67 21.17 -60.55
CA ASP D 572 -39.54 21.50 -59.70
C ASP D 572 -39.86 21.37 -58.22
N GLN D 573 -41.15 21.34 -57.86
CA GLN D 573 -41.52 21.31 -56.44
C GLN D 573 -41.78 19.90 -55.94
N LEU D 574 -41.64 18.88 -56.81
CA LEU D 574 -42.03 17.54 -56.42
C LEU D 574 -40.87 16.54 -56.51
N VAL D 575 -40.09 16.60 -57.59
CA VAL D 575 -39.21 15.47 -57.89
C VAL D 575 -37.75 15.85 -58.08
N VAL D 576 -37.45 17.12 -58.31
CA VAL D 576 -36.08 17.51 -58.63
C VAL D 576 -35.24 17.56 -57.36
N ASP D 577 -33.93 17.42 -57.53
CA ASP D 577 -32.94 17.52 -56.46
C ASP D 577 -31.97 18.64 -56.83
N ALA D 578 -32.33 19.87 -56.50
CA ALA D 578 -31.53 21.03 -56.91
C ALA D 578 -30.18 20.98 -56.23
N THR D 579 -29.15 21.46 -56.94
CA THR D 579 -27.78 21.47 -56.42
C THR D 579 -27.27 22.86 -56.11
N GLY D 580 -27.94 23.91 -56.59
CA GLY D 580 -27.46 25.27 -56.42
C GLY D 580 -28.39 26.22 -55.71
N THR D 581 -29.38 25.75 -54.98
CA THR D 581 -30.31 26.64 -54.30
C THR D 581 -30.89 25.95 -53.08
N GLU D 582 -31.41 26.76 -52.15
CA GLU D 582 -32.00 26.21 -50.94
C GLU D 582 -33.36 25.59 -51.22
N ALA D 583 -34.20 26.25 -52.00
CA ALA D 583 -35.54 25.74 -52.31
C ALA D 583 -35.40 24.40 -53.01
N ASN D 584 -35.88 23.34 -52.35
CA ASN D 584 -35.69 21.98 -52.86
C ASN D 584 -37.02 21.23 -52.79
N SER D 585 -37.16 20.23 -53.66
CA SER D 585 -38.44 19.60 -53.92
C SER D 585 -38.97 18.90 -52.66
N ALA D 586 -40.18 18.35 -52.81
CA ALA D 586 -40.81 17.64 -51.70
C ALA D 586 -40.21 16.26 -51.51
N ALA D 587 -39.86 15.59 -52.60
CA ALA D 587 -39.29 14.25 -52.49
C ALA D 587 -37.99 14.27 -51.70
N HIS D 588 -37.18 15.31 -51.88
CA HIS D 588 -35.93 15.41 -51.16
C HIS D 588 -36.15 15.50 -49.65
N HIS D 589 -37.07 16.38 -49.23
CA HIS D 589 -37.35 16.52 -47.81
C HIS D 589 -37.96 15.26 -47.23
N ALA D 590 -38.86 14.61 -47.98
CA ALA D 590 -39.43 13.36 -47.51
C ALA D 590 -38.35 12.30 -47.33
N ARG D 591 -37.43 12.19 -48.29
CA ARG D 591 -36.33 11.25 -48.14
C ARG D 591 -35.51 11.57 -46.90
N ALA D 592 -35.22 12.86 -46.67
CA ALA D 592 -34.44 13.23 -45.50
C ALA D 592 -35.16 12.85 -44.21
N ALA D 593 -36.49 13.02 -44.17
CA ALA D 593 -37.22 12.74 -42.95
C ALA D 593 -37.39 11.25 -42.72
N HIS D 594 -37.46 10.46 -43.79
CA HIS D 594 -37.73 9.04 -43.65
C HIS D 594 -36.54 8.26 -43.10
N LEU D 595 -35.34 8.85 -43.08
CA LEU D 595 -34.22 8.18 -42.45
C LEU D 595 -34.28 8.26 -40.93
N ALA D 596 -34.77 9.37 -40.39
CA ALA D 596 -34.81 9.52 -38.94
C ALA D 596 -35.67 8.44 -38.31
N SER D 597 -36.83 8.16 -38.90
CA SER D 597 -37.71 7.14 -38.36
C SER D 597 -37.02 5.78 -38.33
N ASN D 598 -36.46 5.36 -39.47
CA ASN D 598 -35.89 4.01 -39.55
C ASN D 598 -34.74 3.83 -38.58
N VAL D 599 -34.09 4.90 -38.16
CA VAL D 599 -33.01 4.76 -37.19
C VAL D 599 -33.53 4.23 -35.86
N SER D 600 -34.82 4.38 -35.61
CA SER D 600 -35.42 3.92 -34.36
C SER D 600 -36.36 2.73 -34.54
N ILE D 601 -36.90 2.51 -35.74
CA ILE D 601 -37.69 1.30 -35.98
C ILE D 601 -36.80 0.07 -35.86
N VAL D 602 -35.54 0.18 -36.29
CA VAL D 602 -34.65 -0.97 -36.31
C VAL D 602 -34.40 -1.48 -34.90
N GLN D 603 -34.20 -0.59 -33.93
CA GLN D 603 -33.91 -1.04 -32.58
C GLN D 603 -35.03 -1.88 -31.99
N VAL D 604 -36.27 -1.71 -32.44
CA VAL D 604 -37.35 -2.56 -31.98
C VAL D 604 -37.42 -3.84 -32.80
N ASP D 605 -37.05 -3.78 -34.08
CA ASP D 605 -37.04 -4.98 -34.90
C ASP D 605 -36.07 -6.02 -34.35
N ASP D 606 -34.88 -5.59 -33.98
CA ASP D 606 -33.89 -6.51 -33.44
C ASP D 606 -34.30 -7.11 -32.10
N ALA D 607 -35.21 -6.47 -31.38
CA ALA D 607 -35.70 -7.05 -30.13
C ALA D 607 -36.70 -8.17 -30.40
N PHE D 608 -37.53 -8.03 -31.43
CA PHE D 608 -38.45 -9.11 -31.77
C PHE D 608 -37.71 -10.35 -32.22
N ARG D 609 -36.66 -10.18 -33.03
CA ARG D 609 -35.89 -11.34 -33.49
C ARG D 609 -35.26 -12.06 -32.32
N GLN D 610 -34.73 -11.33 -31.34
CA GLN D 610 -34.02 -11.95 -30.23
C GLN D 610 -34.97 -12.67 -29.29
N ALA D 611 -36.24 -12.28 -29.26
CA ALA D 611 -37.20 -12.91 -28.36
C ALA D 611 -37.51 -14.35 -28.77
N LEU D 612 -37.31 -14.69 -30.04
CA LEU D 612 -37.56 -16.05 -30.52
C LEU D 612 -36.28 -16.76 -30.95
N SER D 613 -35.11 -16.18 -30.70
CA SER D 613 -33.87 -16.85 -31.08
C SER D 613 -33.76 -18.20 -30.39
N ALA D 614 -34.07 -18.26 -29.10
CA ALA D 614 -34.21 -19.51 -28.39
C ALA D 614 -35.57 -20.11 -28.75
N ASP D 615 -35.73 -21.40 -28.46
CA ASP D 615 -36.98 -22.11 -28.69
C ASP D 615 -37.25 -22.33 -30.17
N TRP D 616 -36.37 -21.83 -31.04
CA TRP D 616 -36.51 -21.98 -32.49
C TRP D 616 -35.14 -21.88 -33.16
N PRO D 617 -34.31 -22.91 -33.04
CA PRO D 617 -33.06 -22.94 -33.81
C PRO D 617 -33.35 -23.11 -35.30
N LEU D 618 -32.37 -22.75 -36.13
CA LEU D 618 -32.59 -22.71 -37.57
C LEU D 618 -33.10 -24.05 -38.09
N VAL D 619 -32.64 -25.16 -37.50
CA VAL D 619 -33.06 -26.47 -37.97
C VAL D 619 -34.55 -26.68 -37.76
N GLN D 620 -35.09 -26.22 -36.64
CA GLN D 620 -36.51 -26.38 -36.36
C GLN D 620 -37.39 -25.53 -37.27
N ARG D 621 -36.96 -24.31 -37.57
CA ARG D 621 -37.75 -23.46 -38.45
C ARG D 621 -37.98 -24.12 -39.81
N LEU D 622 -37.04 -24.94 -40.26
CA LEU D 622 -37.15 -25.55 -41.57
C LEU D 622 -38.12 -26.73 -41.60
N ARG D 623 -38.51 -27.25 -40.44
CA ARG D 623 -39.40 -28.41 -40.39
C ARG D 623 -40.86 -28.01 -40.23
N HIS D 624 -41.15 -27.05 -39.37
CA HIS D 624 -42.52 -26.67 -39.04
C HIS D 624 -42.80 -25.24 -39.49
N PRO D 625 -42.84 -24.99 -40.80
CA PRO D 625 -43.02 -23.60 -41.25
C PRO D 625 -44.32 -22.97 -40.83
N VAL D 626 -45.43 -23.72 -40.88
CA VAL D 626 -46.74 -23.10 -40.64
C VAL D 626 -46.86 -22.68 -39.17
N LEU D 627 -46.48 -23.56 -38.25
CA LEU D 627 -46.66 -23.27 -36.84
C LEU D 627 -45.73 -22.15 -36.38
N TYR D 628 -44.56 -22.03 -37.01
CA TYR D 628 -43.60 -21.01 -36.60
C TYR D 628 -44.19 -19.61 -36.68
N ARG D 629 -45.16 -19.42 -37.58
CA ARG D 629 -45.70 -18.08 -37.77
C ARG D 629 -46.53 -17.62 -36.58
N GLU D 630 -47.16 -18.55 -35.86
CA GLU D 630 -47.98 -18.18 -34.71
C GLU D 630 -47.16 -17.71 -33.52
N ALA D 631 -45.92 -18.18 -33.39
CA ALA D 631 -45.08 -17.73 -32.30
C ALA D 631 -44.84 -16.22 -32.36
N GLN D 632 -44.99 -15.62 -33.54
CA GLN D 632 -44.87 -14.17 -33.65
C GLN D 632 -46.19 -13.48 -33.38
N ARG D 633 -47.29 -14.07 -33.86
CA ARG D 633 -48.61 -13.48 -33.63
C ARG D 633 -48.94 -13.43 -32.16
N ASP D 634 -48.46 -14.40 -31.38
CA ASP D 634 -48.75 -14.39 -29.94
C ASP D 634 -48.03 -13.23 -29.24
N LEU D 635 -46.73 -13.07 -29.51
CA LEU D 635 -45.99 -11.97 -28.90
C LEU D 635 -46.53 -10.63 -29.35
N SER D 636 -46.91 -10.49 -30.62
CA SER D 636 -47.45 -9.22 -31.07
C SER D 636 -48.71 -8.87 -30.29
N GLN D 637 -49.62 -9.84 -30.12
CA GLN D 637 -50.84 -9.58 -29.36
C GLN D 637 -50.50 -9.18 -27.93
N LYS D 638 -49.62 -9.94 -27.29
CA LYS D 638 -49.30 -9.65 -25.89
C LYS D 638 -48.74 -8.25 -25.73
N VAL D 639 -47.77 -7.88 -26.56
CA VAL D 639 -47.14 -6.57 -26.43
C VAL D 639 -48.13 -5.46 -26.77
N TYR D 640 -48.94 -5.65 -27.82
CA TYR D 640 -49.90 -4.63 -28.18
C TYR D 640 -50.88 -4.38 -27.05
N GLN D 641 -51.36 -5.45 -26.42
CA GLN D 641 -52.27 -5.28 -25.29
C GLN D 641 -51.57 -4.60 -24.12
N GLN D 642 -50.31 -4.95 -23.86
CA GLN D 642 -49.61 -4.35 -22.73
C GLN D 642 -49.41 -2.85 -22.93
N LEU D 643 -49.16 -2.42 -24.17
CA LEU D 643 -48.93 -1.00 -24.42
C LEU D 643 -50.22 -0.18 -24.37
N ALA D 644 -51.38 -0.84 -24.39
CA ALA D 644 -52.63 -0.09 -24.25
C ALA D 644 -52.85 0.35 -22.81
N GLU D 645 -52.54 -0.53 -21.85
CA GLU D 645 -52.77 -0.20 -20.45
C GLU D 645 -51.85 0.94 -19.99
N ASN D 646 -50.55 0.83 -20.26
CA ASN D 646 -49.59 1.79 -19.77
C ASN D 646 -49.81 3.18 -20.35
N HIS D 647 -50.47 3.29 -21.50
CA HIS D 647 -50.81 4.59 -22.07
C HIS D 647 -51.96 5.23 -21.31
N ASP D 648 -53.05 4.48 -21.13
CA ASP D 648 -54.21 5.04 -20.45
C ASP D 648 -53.92 5.33 -18.99
N ARG D 649 -53.02 4.57 -18.37
CA ARG D 649 -52.66 4.88 -16.99
C ARG D 649 -51.75 6.11 -16.93
N PHE D 650 -50.84 6.25 -17.89
CA PHE D 650 -49.98 7.42 -17.91
C PHE D 650 -50.79 8.70 -18.12
N LEU D 651 -51.79 8.65 -19.00
CA LEU D 651 -52.57 9.84 -19.30
C LEU D 651 -53.41 10.32 -18.13
N LYS D 652 -53.63 9.50 -17.09
CA LYS D 652 -54.45 9.89 -15.97
C LYS D 652 -53.66 9.98 -14.67
N GLY D 653 -52.34 10.13 -14.76
CA GLY D 653 -51.55 10.39 -13.57
C GLY D 653 -51.42 9.23 -12.61
N GLN D 654 -51.65 8.00 -13.06
CA GLN D 654 -51.46 6.84 -12.21
C GLN D 654 -50.04 6.29 -12.37
N SER D 655 -49.82 5.10 -11.83
CA SER D 655 -48.49 4.50 -11.84
C SER D 655 -48.46 3.26 -12.74
N ILE D 656 -47.31 3.06 -13.39
CA ILE D 656 -47.12 1.89 -14.23
C ILE D 656 -46.56 0.74 -13.40
N GLN D 657 -46.91 -0.48 -13.82
CA GLN D 657 -46.42 -1.68 -13.16
C GLN D 657 -46.00 -2.69 -14.21
N PRO D 658 -44.96 -3.48 -13.94
CA PRO D 658 -44.46 -4.43 -14.93
C PRO D 658 -45.30 -5.70 -14.98
N SER D 659 -45.02 -6.51 -16.01
CA SER D 659 -45.71 -7.78 -16.17
C SER D 659 -44.83 -8.91 -15.67
N ASN D 660 -45.43 -10.10 -15.56
CA ASN D 660 -44.76 -11.27 -15.04
C ASN D 660 -44.17 -12.17 -16.12
N ASP D 661 -44.27 -11.79 -17.38
CA ASP D 661 -43.65 -12.55 -18.47
C ASP D 661 -42.35 -11.85 -18.83
N PRO D 662 -41.19 -12.50 -18.71
CA PRO D 662 -39.92 -11.79 -18.92
C PRO D 662 -39.73 -11.23 -20.32
N ARG D 663 -40.35 -11.79 -21.36
CA ARG D 663 -40.18 -11.24 -22.69
C ARG D 663 -40.87 -9.90 -22.85
N VAL D 664 -42.06 -9.74 -22.27
CA VAL D 664 -42.82 -8.52 -22.45
C VAL D 664 -42.09 -7.32 -21.85
N ASN D 665 -41.47 -7.49 -20.69
CA ASN D 665 -40.75 -6.38 -20.08
C ASN D 665 -39.61 -5.91 -20.98
N SER D 666 -38.84 -6.85 -21.52
CA SER D 666 -37.75 -6.47 -22.42
C SER D 666 -38.28 -5.81 -23.68
N MET D 667 -39.36 -6.34 -24.26
CA MET D 667 -39.89 -5.74 -25.48
C MET D 667 -40.36 -4.32 -25.23
N VAL D 668 -41.05 -4.08 -24.11
CA VAL D 668 -41.53 -2.74 -23.80
C VAL D 668 -40.35 -1.82 -23.53
N ASP D 669 -39.33 -2.30 -22.81
CA ASP D 669 -38.19 -1.46 -22.52
C ASP D 669 -37.47 -1.03 -23.80
N ALA D 670 -37.29 -1.97 -24.74
CA ALA D 670 -36.65 -1.62 -25.99
C ALA D 670 -37.47 -0.62 -26.78
N PHE D 671 -38.76 -0.47 -26.44
CA PHE D 671 -39.63 0.46 -27.14
C PHE D 671 -39.57 1.85 -26.54
N VAL D 672 -39.56 1.95 -25.21
CA VAL D 672 -39.49 3.26 -24.56
C VAL D 672 -38.14 3.91 -24.84
N ASN D 673 -37.06 3.13 -24.72
CA ASN D 673 -35.73 3.68 -24.96
C ASN D 673 -35.49 3.99 -26.44
N SER D 674 -36.26 3.37 -27.34
CA SER D 674 -36.13 3.69 -28.76
C SER D 674 -36.46 5.15 -29.02
N ASN D 675 -37.49 5.69 -28.39
CA ASN D 675 -37.71 7.13 -28.32
C ASN D 675 -38.34 7.70 -29.58
N TRP D 676 -38.86 6.85 -30.47
CA TRP D 676 -39.42 7.37 -31.72
C TRP D 676 -40.79 7.97 -31.48
N ALA D 677 -41.49 7.53 -30.42
CA ALA D 677 -42.84 7.99 -30.17
C ALA D 677 -42.93 9.50 -29.96
N LYS D 678 -42.02 10.07 -29.16
CA LYS D 678 -42.03 11.52 -28.98
C LYS D 678 -41.44 12.22 -30.19
N ASP D 679 -40.48 11.60 -30.86
CA ASP D 679 -39.88 12.21 -32.05
C ASP D 679 -40.93 12.46 -33.12
N GLU D 680 -41.79 11.47 -33.37
CA GLU D 680 -42.80 11.63 -34.42
C GLU D 680 -43.80 12.71 -34.05
N LEU D 681 -44.27 12.74 -32.80
CA LEU D 681 -45.23 13.75 -32.40
C LEU D 681 -44.62 15.14 -32.45
N ALA D 682 -43.31 15.26 -32.18
CA ALA D 682 -42.66 16.55 -32.30
C ALA D 682 -42.51 16.96 -33.76
N ARG D 683 -42.09 16.03 -34.61
CA ARG D 683 -41.85 16.36 -36.01
C ARG D 683 -43.12 16.73 -36.73
N VAL D 684 -44.19 15.96 -36.54
CA VAL D 684 -45.45 16.24 -37.22
C VAL D 684 -46.02 17.59 -36.84
N LYS D 685 -45.82 18.05 -35.60
CA LYS D 685 -46.25 19.39 -35.24
C LYS D 685 -45.42 20.47 -35.92
N GLY D 686 -44.18 20.15 -36.29
CA GLY D 686 -43.39 21.07 -37.08
C GLY D 686 -44.08 21.42 -38.38
N ALA D 687 -44.09 22.71 -38.73
CA ALA D 687 -44.78 23.23 -39.90
C ALA D 687 -46.30 23.23 -39.74
N GLY D 688 -46.80 22.81 -38.58
CA GLY D 688 -48.22 22.85 -38.34
C GLY D 688 -49.03 22.15 -39.41
N ILE D 689 -48.93 20.82 -39.48
CA ILE D 689 -49.60 20.06 -40.53
C ILE D 689 -51.04 19.83 -40.14
N ASN D 690 -51.91 20.79 -40.49
CA ASN D 690 -53.35 20.63 -40.33
C ASN D 690 -53.69 20.27 -38.89
N GLY D 691 -54.80 19.56 -38.67
CA GLY D 691 -55.26 19.26 -37.33
C GLY D 691 -54.43 18.21 -36.64
N ALA D 692 -53.19 18.54 -36.29
CA ALA D 692 -52.31 17.63 -35.58
C ALA D 692 -52.19 17.95 -34.10
N ASP D 693 -52.60 19.14 -33.65
CA ASP D 693 -52.53 19.46 -32.23
C ASP D 693 -53.55 18.67 -31.43
N ALA D 694 -54.58 18.13 -32.09
CA ALA D 694 -55.61 17.38 -31.40
C ALA D 694 -55.11 16.06 -30.83
N VAL D 695 -53.96 15.56 -31.31
CA VAL D 695 -53.44 14.30 -30.81
C VAL D 695 -52.86 14.50 -29.41
N ARG D 696 -52.82 13.41 -28.64
CA ARG D 696 -52.27 13.42 -27.29
C ARG D 696 -51.02 12.57 -27.25
N GLU D 697 -50.11 12.92 -26.36
CA GLU D 697 -48.75 12.38 -26.40
C GLU D 697 -48.46 11.53 -25.17
N SER D 698 -47.63 10.51 -25.37
CA SER D 698 -47.14 9.66 -24.29
C SER D 698 -46.10 8.72 -24.87
N PRO D 699 -45.16 8.26 -24.07
CA PRO D 699 -44.12 7.35 -24.60
C PRO D 699 -44.68 6.03 -25.11
N TYR D 700 -45.87 5.64 -24.69
CA TYR D 700 -46.47 4.37 -25.07
C TYR D 700 -47.52 4.51 -26.16
N TYR D 701 -47.51 5.61 -26.90
CA TYR D 701 -48.55 5.85 -27.89
C TYR D 701 -48.43 4.85 -29.05
N LEU D 702 -49.57 4.51 -29.64
CA LEU D 702 -49.61 3.61 -30.79
C LEU D 702 -50.97 3.81 -31.47
N PRO D 703 -51.01 4.04 -32.77
CA PRO D 703 -52.26 4.41 -33.44
C PRO D 703 -53.26 3.26 -33.40
N ARG D 704 -54.43 3.52 -34.00
CA ARG D 704 -55.52 2.56 -34.02
C ARG D 704 -56.18 2.54 -35.39
N GLN D 705 -56.46 1.32 -35.87
CA GLN D 705 -57.11 1.14 -37.15
C GLN D 705 -57.90 -0.16 -37.13
N HIS D 706 -58.88 -0.25 -38.03
CA HIS D 706 -59.53 -1.52 -38.30
C HIS D 706 -58.79 -2.25 -39.42
N SER D 707 -59.06 -3.56 -39.53
CA SER D 707 -58.40 -4.39 -40.52
C SER D 707 -59.45 -5.13 -41.33
N GLY D 708 -59.41 -4.96 -42.66
CA GLY D 708 -60.34 -5.65 -43.53
C GLY D 708 -60.03 -7.11 -43.71
N ASN D 709 -58.80 -7.53 -43.41
CA ASN D 709 -58.44 -8.94 -43.55
C ASN D 709 -59.06 -9.77 -42.43
N LYS D 710 -58.96 -9.28 -41.19
CA LYS D 710 -59.52 -10.03 -40.07
C LYS D 710 -61.03 -10.17 -40.17
N LEU D 711 -61.69 -9.22 -40.84
CA LEU D 711 -63.13 -9.31 -41.03
C LEU D 711 -63.48 -10.43 -42.00
N ASN D 712 -62.81 -10.47 -43.15
CA ASN D 712 -63.09 -11.49 -44.14
C ASN D 712 -62.72 -12.88 -43.64
N ASP D 713 -61.56 -13.01 -43.01
CA ASP D 713 -61.15 -14.32 -42.51
C ASP D 713 -62.12 -14.83 -41.47
N PHE D 714 -62.65 -13.96 -40.61
CA PHE D 714 -63.64 -14.42 -39.64
C PHE D 714 -64.95 -14.78 -40.33
N MET D 715 -65.37 -13.99 -41.32
CA MET D 715 -66.62 -14.29 -42.00
C MET D 715 -66.52 -15.51 -42.90
N ARG D 716 -65.31 -16.01 -43.17
CA ARG D 716 -65.18 -17.20 -44.00
C ARG D 716 -65.49 -18.47 -43.22
N ASN D 717 -64.87 -18.64 -42.06
CA ASN D 717 -65.13 -19.84 -41.27
C ASN D 717 -66.58 -19.90 -40.83
N ASN D 718 -67.11 -18.79 -40.33
CA ASN D 718 -68.52 -18.73 -39.94
C ASN D 718 -69.34 -18.22 -41.10
N ARG D 719 -70.38 -18.97 -41.47
CA ARG D 719 -71.29 -18.57 -42.52
C ARG D 719 -72.70 -18.29 -42.02
N GLN D 720 -72.92 -18.34 -40.71
CA GLN D 720 -74.19 -17.94 -40.12
C GLN D 720 -74.33 -16.45 -40.02
N VAL D 721 -73.22 -15.75 -40.24
CA VAL D 721 -73.17 -14.30 -40.17
C VAL D 721 -73.10 -13.76 -41.59
N THR D 722 -73.91 -12.75 -41.89
CA THR D 722 -73.99 -12.20 -43.23
C THR D 722 -73.79 -10.69 -43.16
N LYS D 723 -73.70 -10.06 -44.33
CA LYS D 723 -73.56 -8.61 -44.39
C LYS D 723 -74.69 -7.90 -43.67
N ASP D 724 -75.85 -8.55 -43.57
CA ASP D 724 -77.00 -7.90 -42.95
C ASP D 724 -76.75 -7.64 -41.47
N ASP D 725 -75.77 -8.33 -40.87
CA ASP D 725 -75.53 -8.20 -39.44
C ASP D 725 -74.44 -7.20 -39.11
N ILE D 726 -73.38 -7.12 -39.92
CA ILE D 726 -72.31 -6.19 -39.64
C ILE D 726 -72.82 -4.75 -39.73
N VAL D 727 -73.64 -4.46 -40.75
CA VAL D 727 -74.20 -3.13 -40.88
C VAL D 727 -75.12 -2.77 -39.72
N GLY D 728 -75.96 -3.69 -39.28
CA GLY D 728 -76.79 -3.45 -38.11
C GLY D 728 -75.94 -3.23 -36.88
N MET D 729 -74.83 -3.97 -36.79
CA MET D 729 -73.91 -3.81 -35.67
C MET D 729 -73.36 -2.39 -35.61
N TYR D 730 -72.84 -1.89 -36.73
CA TYR D 730 -72.31 -0.53 -36.73
C TYR D 730 -73.40 0.53 -36.61
N THR D 731 -74.63 0.22 -37.04
CA THR D 731 -75.72 1.16 -36.87
C THR D 731 -75.99 1.46 -35.40
N GLU D 732 -75.96 0.44 -34.55
CA GLU D 732 -76.22 0.67 -33.13
C GLU D 732 -75.18 1.62 -32.54
N GLN D 733 -73.91 1.42 -32.88
CA GLN D 733 -72.87 2.32 -32.40
C GLN D 733 -73.09 3.74 -32.91
N PHE D 734 -73.34 3.89 -34.22
CA PHE D 734 -73.46 5.23 -34.78
C PHE D 734 -74.67 5.96 -34.21
N SER D 735 -75.78 5.26 -34.01
CA SER D 735 -76.98 5.91 -33.47
C SER D 735 -76.72 6.48 -32.09
N ARG D 736 -76.03 5.72 -31.24
CA ARG D 736 -75.75 6.15 -29.88
C ARG D 736 -74.74 7.28 -29.81
N MET D 737 -73.79 7.33 -30.75
CA MET D 737 -72.67 8.26 -30.68
C MET D 737 -73.11 9.70 -30.92
N PHE D 738 -73.96 9.91 -31.93
CA PHE D 738 -74.41 11.25 -32.30
C PHE D 738 -75.80 11.57 -31.79
N GLN D 739 -76.24 10.97 -30.70
CA GLN D 739 -77.57 11.22 -30.17
C GLN D 739 -77.79 12.71 -29.91
N GLN D 740 -76.79 13.38 -29.34
CA GLN D 740 -76.96 14.77 -28.94
C GLN D 740 -77.16 15.71 -30.12
N ASN D 741 -76.82 15.28 -31.33
CA ASN D 741 -76.98 16.09 -32.53
C ASN D 741 -78.25 15.76 -33.30
N GLY D 742 -79.15 14.96 -32.73
CA GLY D 742 -80.38 14.63 -33.42
C GLY D 742 -80.18 13.82 -34.68
N ILE D 743 -79.30 12.83 -34.65
CA ILE D 743 -79.04 11.99 -35.81
C ILE D 743 -80.30 11.20 -36.14
N THR D 744 -80.82 11.39 -37.34
CA THR D 744 -82.00 10.66 -37.76
C THR D 744 -81.63 9.21 -38.06
N PRO D 745 -82.56 8.26 -37.92
CA PRO D 745 -82.20 6.85 -38.14
C PRO D 745 -81.66 6.55 -39.52
N GLU D 746 -82.12 7.23 -40.56
CA GLU D 746 -81.67 6.91 -41.92
C GLU D 746 -80.17 7.16 -42.07
N THR D 747 -79.70 8.28 -41.52
CA THR D 747 -78.27 8.59 -41.61
C THR D 747 -77.45 7.58 -40.83
N ALA D 748 -77.99 7.07 -39.72
CA ALA D 748 -77.29 6.03 -38.96
C ALA D 748 -77.03 4.81 -39.85
N ARG D 749 -78.04 4.33 -40.54
CA ARG D 749 -77.87 3.20 -41.45
C ARG D 749 -76.96 3.53 -42.61
N LYS D 750 -77.05 4.72 -43.17
CA LYS D 750 -76.15 5.09 -44.27
C LYS D 750 -74.69 5.05 -43.81
N LEU D 751 -74.40 5.62 -42.65
CA LEU D 751 -73.04 5.56 -42.12
C LEU D 751 -72.61 4.14 -41.82
N GLY D 752 -73.50 3.33 -41.25
CA GLY D 752 -73.17 1.94 -41.03
C GLY D 752 -72.81 1.21 -42.30
N ALA D 753 -73.52 1.49 -43.39
CA ALA D 753 -73.23 0.84 -44.67
C ALA D 753 -71.99 1.38 -45.34
N LYS D 754 -71.61 2.65 -45.09
CA LYS D 754 -70.40 3.21 -45.67
C LYS D 754 -69.16 2.96 -44.81
N MET D 755 -69.30 2.29 -43.67
CA MET D 755 -68.14 1.80 -42.92
C MET D 755 -67.76 0.40 -43.37
N PHE D 756 -68.62 -0.26 -44.15
CA PHE D 756 -68.35 -1.58 -44.69
C PHE D 756 -67.86 -1.48 -46.13
N ASP D 757 -68.42 -0.58 -46.94
CA ASP D 757 -67.98 -0.45 -48.32
C ASP D 757 -66.54 0.04 -48.40
N ASN D 758 -66.17 0.99 -47.54
CA ASN D 758 -64.79 1.48 -47.56
C ASN D 758 -63.87 0.69 -46.67
N MET D 759 -64.35 -0.39 -46.06
CA MET D 759 -63.49 -1.35 -45.39
C MET D 759 -63.04 -2.48 -46.29
N GLN D 760 -63.89 -2.92 -47.22
CA GLN D 760 -63.45 -3.88 -48.23
C GLN D 760 -62.39 -3.27 -49.13
N ASP D 761 -62.53 -1.99 -49.47
CA ASP D 761 -61.55 -1.33 -50.31
C ASP D 761 -60.18 -1.29 -49.66
N GLN D 762 -60.11 -1.37 -48.33
CA GLN D 762 -58.84 -1.33 -47.64
C GLN D 762 -58.10 -2.66 -47.75
N ALA D 763 -58.84 -3.77 -47.82
CA ALA D 763 -58.20 -5.07 -47.95
C ALA D 763 -57.71 -5.33 -49.37
N ALA D 764 -58.40 -4.79 -50.36
CA ALA D 764 -58.04 -5.02 -51.76
C ALA D 764 -57.02 -4.03 -52.29
N HIS D 765 -56.61 -3.04 -51.49
CA HIS D 765 -55.63 -2.04 -51.90
C HIS D 765 -56.09 -1.31 -53.16
N VAL D 766 -57.20 -0.59 -53.02
CA VAL D 766 -57.77 0.18 -54.12
C VAL D 766 -58.00 1.61 -53.68
N GLN D 767 -57.42 2.01 -52.55
CA GLN D 767 -57.62 3.35 -52.02
C GLN D 767 -56.58 4.30 -52.60
N GLY D 768 -56.88 5.60 -52.49
CA GLY D 768 -55.96 6.64 -52.91
C GLY D 768 -56.40 7.96 -52.31
N TYR D 769 -55.55 8.97 -52.50
CA TYR D 769 -55.86 10.28 -51.94
C TYR D 769 -57.04 10.88 -52.71
N ARG D 770 -57.39 12.12 -52.35
CA ARG D 770 -58.64 12.77 -52.74
C ARG D 770 -59.81 12.23 -51.95
N GLN D 771 -59.57 11.39 -50.95
CA GLN D 771 -60.61 10.92 -50.06
C GLN D 771 -60.22 11.10 -48.60
N SER D 772 -59.06 11.72 -48.33
CA SER D 772 -58.60 11.97 -46.98
C SER D 772 -58.02 13.36 -46.88
N ILE D 773 -58.69 14.34 -47.52
CA ILE D 773 -58.19 15.71 -47.55
C ILE D 773 -58.68 16.53 -46.36
N ALA D 774 -59.68 16.07 -45.63
CA ALA D 774 -60.20 16.82 -44.50
C ALA D 774 -59.14 16.98 -43.42
N GLY D 775 -58.53 15.86 -43.00
CA GLY D 775 -57.54 15.88 -41.95
C GLY D 775 -56.37 14.98 -42.26
N MET D 776 -56.05 14.07 -41.33
CA MET D 776 -55.03 13.06 -41.55
C MET D 776 -55.72 11.76 -41.91
N SER D 777 -54.93 10.81 -42.42
CA SER D 777 -55.46 9.58 -42.98
C SER D 777 -55.44 8.42 -42.00
N TYR D 778 -55.58 8.66 -40.69
CA TYR D 778 -55.49 7.58 -39.72
C TYR D 778 -56.66 7.57 -38.74
N ASP D 779 -57.74 8.27 -39.04
CA ASP D 779 -58.93 8.28 -38.21
C ASP D 779 -60.08 7.59 -38.95
N ASP D 780 -60.69 6.61 -38.31
CA ASP D 780 -61.71 5.79 -38.98
C ASP D 780 -63.07 6.46 -39.03
N ILE D 781 -63.30 7.51 -38.25
CA ILE D 781 -64.59 8.19 -38.30
C ILE D 781 -64.55 9.35 -39.28
N GLU D 782 -63.43 10.08 -39.32
CA GLU D 782 -63.30 11.16 -40.29
C GLU D 782 -63.38 10.63 -41.71
N ASN D 783 -62.72 9.50 -41.98
CA ASN D 783 -62.73 8.90 -43.30
C ASN D 783 -64.09 8.36 -43.67
N THR D 784 -64.99 8.20 -42.71
CA THR D 784 -66.36 7.78 -43.00
C THR D 784 -67.31 8.94 -43.17
N LEU D 785 -67.18 9.99 -42.38
CA LEU D 785 -68.02 11.18 -42.56
C LEU D 785 -67.63 11.98 -43.79
N GLU D 786 -66.33 12.07 -44.10
CA GLU D 786 -65.91 12.80 -45.28
C GLU D 786 -66.53 12.21 -46.54
N ALA D 787 -66.77 10.91 -46.56
CA ALA D 787 -67.35 10.26 -47.72
C ALA D 787 -68.85 10.44 -47.79
N LEU D 788 -69.47 11.11 -46.83
CA LEU D 788 -70.91 11.32 -46.84
C LEU D 788 -71.65 9.99 -46.83
N GLU D 820 -64.24 6.47 -29.93
CA GLU D 820 -65.68 6.72 -29.86
C GLU D 820 -66.46 5.42 -29.81
N PHE D 821 -66.01 4.42 -30.56
CA PHE D 821 -66.63 3.11 -30.51
C PHE D 821 -66.43 2.50 -29.14
N ASP D 822 -67.45 1.77 -28.66
CA ASP D 822 -67.34 1.14 -27.35
C ASP D 822 -66.27 0.05 -27.33
N MET D 823 -66.23 -0.78 -28.37
CA MET D 823 -65.21 -1.82 -28.50
C MET D 823 -65.42 -2.98 -27.54
N THR D 824 -66.45 -2.91 -26.70
CA THR D 824 -66.75 -4.02 -25.81
C THR D 824 -68.23 -4.37 -25.79
N ALA D 825 -69.10 -3.42 -26.10
CA ALA D 825 -70.53 -3.69 -26.12
C ALA D 825 -70.84 -4.87 -27.03
N GLN D 826 -71.67 -5.77 -26.56
CA GLN D 826 -71.90 -7.05 -27.22
C GLN D 826 -73.22 -7.00 -28.00
N TYR D 827 -73.14 -7.31 -29.29
CA TYR D 827 -74.29 -7.41 -30.17
C TYR D 827 -74.67 -8.87 -30.37
N THR D 828 -75.94 -9.09 -30.72
CA THR D 828 -76.47 -10.44 -30.90
C THR D 828 -77.00 -10.60 -32.31
N THR D 829 -76.55 -11.64 -32.99
CA THR D 829 -76.93 -11.88 -34.37
C THR D 829 -78.25 -12.64 -34.43
N LYS D 830 -78.68 -12.95 -35.67
CA LYS D 830 -79.92 -13.67 -35.88
C LYS D 830 -79.85 -15.07 -35.29
N SER D 831 -78.71 -15.73 -35.46
CA SER D 831 -78.55 -17.12 -35.03
C SER D 831 -78.27 -17.26 -33.55
N GLY D 832 -78.21 -16.16 -32.81
CA GLY D 832 -77.89 -16.20 -31.39
C GLY D 832 -76.42 -16.05 -31.07
N ASP D 833 -75.54 -16.10 -32.07
CA ASP D 833 -74.13 -15.85 -31.83
C ASP D 833 -73.91 -14.38 -31.50
N MET D 834 -73.06 -14.14 -30.50
CA MET D 834 -72.76 -12.80 -30.04
C MET D 834 -71.51 -12.28 -30.74
N ILE D 835 -71.46 -10.96 -30.93
CA ILE D 835 -70.43 -10.34 -31.76
C ILE D 835 -70.12 -8.97 -31.18
N SER D 836 -68.87 -8.53 -31.36
CA SER D 836 -68.42 -7.24 -30.84
C SER D 836 -67.37 -6.70 -31.79
N PRO D 837 -67.18 -5.37 -31.82
CA PRO D 837 -66.22 -4.79 -32.78
C PRO D 837 -64.76 -4.97 -32.40
N SER D 838 -64.47 -5.51 -31.22
CA SER D 838 -63.08 -5.69 -30.82
C SER D 838 -62.40 -6.77 -31.64
N MET D 839 -63.17 -7.68 -32.21
CA MET D 839 -62.58 -8.82 -32.90
C MET D 839 -61.89 -8.40 -34.20
N PHE D 840 -62.17 -7.21 -34.71
CA PHE D 840 -61.68 -6.79 -36.01
C PHE D 840 -60.61 -5.70 -35.93
N VAL D 841 -59.99 -5.51 -34.77
CA VAL D 841 -58.94 -4.49 -34.66
C VAL D 841 -57.60 -5.07 -35.09
N ASN D 842 -56.72 -4.20 -35.58
CA ASN D 842 -55.39 -4.63 -35.97
C ASN D 842 -54.54 -4.89 -34.73
N ASN D 843 -53.62 -5.84 -34.84
CA ASN D 843 -52.86 -6.31 -33.69
C ASN D 843 -51.35 -6.21 -33.85
N ASP D 844 -50.80 -6.50 -35.02
CA ASP D 844 -49.35 -6.53 -35.17
C ASP D 844 -48.77 -5.15 -34.89
N VAL D 845 -47.50 -5.14 -34.48
CA VAL D 845 -46.82 -3.90 -34.09
C VAL D 845 -46.05 -3.36 -35.28
N MET D 846 -45.07 -4.13 -35.77
CA MET D 846 -44.19 -3.63 -36.83
C MET D 846 -44.98 -3.18 -38.05
N GLY D 847 -45.91 -4.01 -38.52
CA GLY D 847 -46.75 -3.63 -39.63
C GLY D 847 -47.64 -2.44 -39.34
N LEU D 848 -47.72 -2.02 -38.09
CA LEU D 848 -48.44 -0.83 -37.70
C LEU D 848 -47.52 0.36 -37.47
N MET D 849 -46.22 0.12 -37.25
CA MET D 849 -45.27 1.21 -37.12
C MET D 849 -44.81 1.69 -38.49
N GLU D 850 -44.45 0.76 -39.38
CA GLU D 850 -43.94 1.17 -40.69
C GLU D 850 -44.99 1.95 -41.48
N GLY D 851 -46.24 1.49 -41.44
CA GLY D 851 -47.29 2.18 -42.18
C GLY D 851 -47.47 3.62 -41.72
N TYR D 852 -47.45 3.84 -40.40
CA TYR D 852 -47.58 5.20 -39.88
C TYR D 852 -46.39 6.05 -40.28
N SER D 853 -45.18 5.53 -40.08
CA SER D 853 -43.99 6.33 -40.35
C SER D 853 -43.89 6.71 -41.81
N ARG D 854 -44.18 5.78 -42.72
CA ARG D 854 -44.01 6.06 -44.13
C ARG D 854 -44.93 7.18 -44.59
N ARG D 855 -46.18 7.19 -44.14
CA ARG D 855 -47.11 8.22 -44.58
C ARG D 855 -46.85 9.55 -43.90
N MET D 856 -46.46 9.55 -42.62
CA MET D 856 -46.15 10.82 -41.98
C MET D 856 -44.90 11.44 -42.55
N SER D 857 -43.91 10.65 -42.94
CA SER D 857 -42.75 11.22 -43.61
C SER D 857 -43.16 11.90 -44.91
N GLY D 858 -44.03 11.26 -45.68
CA GLY D 858 -44.52 11.85 -46.91
C GLY D 858 -45.30 13.12 -46.70
N ARG D 859 -46.10 13.19 -45.64
CA ARG D 859 -46.82 14.44 -45.36
C ARG D 859 -45.88 15.54 -44.88
N VAL D 860 -44.90 15.22 -44.03
CA VAL D 860 -43.97 16.24 -43.58
C VAL D 860 -43.15 16.78 -44.74
N GLY D 861 -42.68 15.90 -45.64
CA GLY D 861 -41.90 16.38 -46.77
C GLY D 861 -42.69 17.29 -47.67
N LEU D 862 -43.98 16.99 -47.86
CA LEU D 862 -44.80 17.80 -48.76
C LEU D 862 -45.08 19.17 -48.17
N ALA D 863 -45.21 19.25 -46.84
CA ALA D 863 -45.49 20.54 -46.21
C ALA D 863 -44.34 21.51 -46.42
N LYS D 864 -43.10 21.05 -46.25
CA LYS D 864 -41.96 21.95 -46.32
C LYS D 864 -41.77 22.52 -47.71
N ALA D 865 -42.38 21.91 -48.72
CA ALA D 865 -42.27 22.41 -50.09
C ALA D 865 -43.23 23.54 -50.37
N GLY D 866 -44.24 23.75 -49.53
CA GLY D 866 -45.15 24.88 -49.70
C GLY D 866 -46.62 24.54 -49.68
N PHE D 867 -46.97 23.29 -49.33
CA PHE D 867 -48.36 22.83 -49.29
C PHE D 867 -48.63 22.20 -47.93
N PRO D 868 -48.77 23.00 -46.87
CA PRO D 868 -49.10 22.43 -45.56
C PRO D 868 -50.48 21.78 -45.53
N ASP D 869 -51.37 22.10 -46.45
CA ASP D 869 -52.68 21.47 -46.53
C ASP D 869 -52.95 21.05 -47.97
N LEU D 870 -53.51 19.85 -48.14
CA LEU D 870 -53.69 19.27 -49.46
C LEU D 870 -54.81 19.92 -50.26
N ARG D 871 -55.66 20.72 -49.61
CA ARG D 871 -56.82 21.27 -50.31
C ARG D 871 -56.39 22.14 -51.48
N ASP D 872 -55.37 22.98 -51.28
CA ASP D 872 -54.82 23.75 -52.38
C ASP D 872 -53.87 22.95 -53.25
N ALA D 873 -53.31 21.86 -52.71
CA ALA D 873 -52.48 20.99 -53.53
C ALA D 873 -53.27 20.36 -54.66
N VAL D 874 -54.51 19.95 -54.39
CA VAL D 874 -55.36 19.43 -55.45
C VAL D 874 -55.64 20.52 -56.48
N LYS D 875 -56.01 21.71 -56.01
CA LYS D 875 -56.37 22.78 -56.93
C LYS D 875 -55.21 23.14 -57.84
N ALA D 876 -54.01 23.24 -57.29
CA ALA D 876 -52.83 23.55 -58.10
C ALA D 876 -52.57 22.52 -59.17
N ILE D 877 -53.05 21.29 -59.01
CA ILE D 877 -52.91 20.28 -60.05
C ILE D 877 -54.02 20.41 -61.07
N ASP D 878 -55.26 20.60 -60.61
CA ASP D 878 -56.37 20.74 -61.57
C ASP D 878 -56.14 21.92 -62.50
N GLU D 879 -55.53 22.99 -62.00
CA GLU D 879 -55.28 24.16 -62.83
C GLU D 879 -54.11 23.96 -63.78
N ALA D 880 -53.07 23.23 -63.37
CA ALA D 880 -51.92 23.03 -64.24
C ALA D 880 -52.25 22.11 -65.41
N ALA D 881 -53.09 21.11 -65.19
CA ALA D 881 -53.40 20.16 -66.24
C ALA D 881 -54.16 20.80 -67.39
N ALA D 882 -54.96 21.83 -67.13
CA ALA D 882 -55.76 22.44 -68.19
C ALA D 882 -54.94 23.45 -68.99
N GLU D 883 -53.75 23.05 -69.42
CA GLU D 883 -52.95 23.88 -70.32
C GLU D 883 -52.40 23.06 -71.48
N ALA D 884 -52.20 21.76 -71.25
CA ALA D 884 -51.62 20.92 -72.28
C ALA D 884 -52.66 20.56 -73.33
N GLN D 885 -52.17 20.08 -74.48
CA GLN D 885 -53.07 19.71 -75.57
C GLN D 885 -53.96 18.54 -75.21
N ASP D 886 -53.54 17.69 -74.26
CA ASP D 886 -54.33 16.55 -73.82
C ASP D 886 -54.46 16.54 -72.30
N PRO D 887 -55.40 17.30 -71.75
CA PRO D 887 -55.48 17.41 -70.29
C PRO D 887 -55.68 16.08 -69.58
N ALA D 888 -56.31 15.10 -70.23
CA ALA D 888 -56.59 13.83 -69.55
C ALA D 888 -55.31 13.14 -69.10
N ALA D 889 -54.29 13.10 -69.95
CA ALA D 889 -53.06 12.38 -69.60
C ALA D 889 -52.30 13.07 -68.48
N ALA D 890 -52.20 14.41 -68.53
CA ALA D 890 -51.42 15.12 -67.53
C ALA D 890 -51.99 14.93 -66.13
N LEU D 891 -53.32 15.00 -66.01
CA LEU D 891 -53.94 14.81 -64.71
C LEU D 891 -53.64 13.42 -64.16
N HIS D 892 -53.73 12.41 -65.04
CA HIS D 892 -53.41 11.04 -64.61
C HIS D 892 -51.97 10.93 -64.14
N ALA D 893 -51.04 11.53 -64.88
CA ALA D 893 -49.63 11.45 -64.50
C ALA D 893 -49.41 12.09 -63.14
N PHE D 894 -49.98 13.27 -62.91
CA PHE D 894 -49.78 13.96 -61.64
C PHE D 894 -50.42 13.18 -60.49
N ASP D 895 -51.62 12.61 -60.72
CA ASP D 895 -52.25 11.80 -59.69
C ASP D 895 -51.38 10.60 -59.34
N ASN D 896 -50.83 9.92 -60.34
CA ASN D 896 -49.97 8.77 -60.06
C ASN D 896 -48.73 9.19 -59.28
N THR D 897 -48.14 10.34 -59.64
CA THR D 897 -46.96 10.79 -58.90
C THR D 897 -47.30 11.10 -57.45
N MET D 898 -48.42 11.78 -57.21
CA MET D 898 -48.78 12.12 -55.85
C MET D 898 -49.07 10.88 -55.02
N ASN D 899 -49.75 9.89 -55.61
CA ASN D 899 -49.99 8.66 -54.88
C ASN D 899 -48.67 8.00 -54.48
N GLN D 900 -47.69 7.97 -55.39
CA GLN D 900 -46.40 7.40 -55.05
C GLN D 900 -45.73 8.18 -53.92
N ILE D 901 -45.77 9.51 -53.96
CA ILE D 901 -45.10 10.29 -52.92
C ILE D 901 -45.73 10.03 -51.57
N LEU D 902 -47.07 10.05 -51.50
CA LEU D 902 -47.72 9.87 -50.21
C LEU D 902 -47.70 8.43 -49.72
N GLY D 903 -47.24 7.49 -50.54
CA GLY D 903 -47.17 6.10 -50.12
C GLY D 903 -48.49 5.36 -50.19
N TYR D 904 -49.04 5.23 -51.40
CA TYR D 904 -50.26 4.49 -51.66
C TYR D 904 -50.00 3.45 -52.75
N PRO D 905 -50.78 2.38 -52.79
CA PRO D 905 -50.57 1.33 -53.78
C PRO D 905 -51.08 1.75 -55.15
N THR D 906 -50.17 1.88 -56.11
CA THR D 906 -50.54 2.26 -57.46
C THR D 906 -50.83 1.06 -58.36
N GLY D 907 -50.56 -0.16 -57.90
CA GLY D 907 -50.85 -1.35 -58.67
C GLY D 907 -49.72 -1.84 -59.57
N GLU D 908 -48.66 -1.07 -59.72
CA GLU D 908 -47.53 -1.49 -60.53
C GLU D 908 -46.41 -2.01 -59.65
N ASP D 909 -45.52 -2.81 -60.24
CA ASP D 909 -44.39 -3.41 -59.54
C ASP D 909 -43.15 -2.58 -59.82
N VAL D 910 -42.94 -1.56 -58.99
CA VAL D 910 -41.76 -0.69 -59.11
C VAL D 910 -41.22 -0.37 -57.74
N PRO D 911 -39.92 -0.08 -57.66
CA PRO D 911 -39.34 0.28 -56.37
C PRO D 911 -39.84 1.63 -55.88
N ASP D 912 -39.72 1.83 -54.57
CA ASP D 912 -40.22 3.05 -53.94
C ASP D 912 -39.58 4.28 -54.57
N ILE D 913 -40.39 5.32 -54.78
CA ILE D 913 -39.91 6.51 -55.47
C ILE D 913 -38.75 7.16 -54.74
N LEU D 914 -38.70 7.03 -53.41
CA LEU D 914 -37.66 7.68 -52.63
C LEU D 914 -36.28 7.05 -52.86
N ARG D 915 -36.21 5.93 -53.55
CA ARG D 915 -34.96 5.20 -53.69
C ARG D 915 -34.08 5.68 -54.83
N SER D 916 -34.53 6.66 -55.62
CA SER D 916 -33.76 7.14 -56.77
C SER D 916 -33.74 8.66 -56.76
N ALA D 917 -32.70 9.23 -57.36
CA ALA D 917 -32.47 10.67 -57.32
C ALA D 917 -32.63 11.24 -58.72
N SER D 918 -32.74 12.57 -58.78
CA SER D 918 -33.00 13.30 -60.01
C SER D 918 -32.06 14.49 -60.13
N ILE D 919 -30.77 14.25 -59.95
CA ILE D 919 -29.77 15.31 -59.91
C ILE D 919 -29.78 16.05 -61.25
N ILE D 920 -29.89 17.38 -61.18
CA ILE D 920 -29.77 18.25 -62.35
C ILE D 920 -28.87 19.41 -61.99
N GLY D 921 -27.91 19.70 -62.87
CA GLY D 921 -26.96 20.77 -62.59
C GLY D 921 -26.02 20.99 -63.75
N GLY D 922 -24.79 21.39 -63.41
CA GLY D 922 -23.81 21.77 -64.40
C GLY D 922 -23.33 20.63 -65.27
N ALA D 923 -23.56 20.74 -66.58
CA ALA D 923 -23.12 19.70 -67.49
C ALA D 923 -21.61 19.74 -67.71
N LEU D 924 -21.05 20.94 -67.86
CA LEU D 924 -19.64 21.05 -68.22
C LEU D 924 -18.75 20.45 -67.14
N ASN D 925 -18.95 20.82 -65.89
CA ASN D 925 -18.06 20.37 -64.83
C ASN D 925 -18.09 18.86 -64.68
N LEU D 926 -19.27 18.25 -64.83
CA LEU D 926 -19.35 16.80 -64.73
C LEU D 926 -18.53 16.11 -65.81
N ALA D 927 -18.56 16.63 -67.03
CA ALA D 927 -17.88 15.97 -68.14
C ALA D 927 -16.39 15.87 -67.89
N ASN D 928 -15.78 16.92 -67.36
CA ASN D 928 -14.33 16.92 -67.13
C ASN D 928 -13.94 16.21 -65.84
N SER D 929 -14.91 15.74 -65.05
CA SER D 929 -14.58 14.98 -63.85
C SER D 929 -14.16 13.55 -64.18
N GLY D 930 -14.71 12.98 -65.24
CA GLY D 930 -14.39 11.62 -65.62
C GLY D 930 -15.45 10.58 -65.29
N ILE D 931 -16.64 11.00 -64.87
CA ILE D 931 -17.68 10.04 -64.51
C ILE D 931 -18.20 9.31 -65.73
N TYR D 932 -18.20 9.97 -66.90
CA TYR D 932 -18.75 9.34 -68.09
C TYR D 932 -17.98 8.07 -68.46
N GLN D 933 -16.65 8.12 -68.36
CA GLN D 933 -15.85 6.94 -68.68
C GLN D 933 -16.17 5.76 -67.77
N LEU D 934 -16.38 6.01 -66.48
CA LEU D 934 -16.71 4.94 -65.56
C LEU D 934 -18.14 4.44 -65.73
N ALA D 935 -19.06 5.31 -66.14
CA ALA D 935 -20.41 4.88 -66.42
C ALA D 935 -20.46 4.02 -67.67
N ASP D 936 -19.64 4.36 -68.67
CA ASP D 936 -19.63 3.60 -69.91
C ASP D 936 -19.18 2.17 -69.67
N MET D 937 -18.15 1.98 -68.84
CA MET D 937 -17.64 0.63 -68.60
C MET D 937 -18.70 -0.26 -67.99
N SER D 938 -19.35 0.21 -66.92
CA SER D 938 -20.34 -0.62 -66.24
C SER D 938 -21.52 -0.93 -67.14
N LEU D 939 -21.67 -0.19 -68.23
CA LEU D 939 -22.80 -0.41 -69.12
C LEU D 939 -22.49 -1.45 -70.20
N MET D 940 -21.21 -1.71 -70.48
CA MET D 940 -20.88 -2.74 -71.45
C MET D 940 -21.07 -4.13 -70.88
N LEU D 941 -20.76 -4.32 -69.59
CA LEU D 941 -20.85 -5.65 -69.01
C LEU D 941 -22.27 -6.21 -69.02
N GLN D 942 -23.29 -5.37 -69.20
CA GLN D 942 -24.64 -5.90 -69.39
C GLN D 942 -24.69 -6.77 -70.64
N GLN D 943 -24.04 -6.33 -71.72
CA GLN D 943 -24.01 -7.15 -72.93
C GLN D 943 -23.55 -8.57 -72.61
N PHE D 944 -22.51 -8.70 -71.78
CA PHE D 944 -21.96 -10.01 -71.48
C PHE D 944 -22.99 -10.89 -70.79
N GLY D 945 -23.60 -10.40 -69.72
CA GLY D 945 -24.56 -11.20 -68.98
C GLY D 945 -25.77 -11.59 -69.81
N ILE D 946 -26.31 -10.63 -70.56
CA ILE D 946 -27.51 -10.90 -71.34
C ILE D 946 -27.20 -11.85 -72.49
N THR D 947 -26.05 -11.69 -73.13
CA THR D 947 -25.66 -12.63 -74.17
C THR D 947 -25.54 -14.04 -73.60
N LYS D 948 -24.90 -14.19 -72.44
CA LYS D 948 -24.78 -15.51 -71.85
C LYS D 948 -26.13 -16.08 -71.49
N THR D 949 -27.06 -15.25 -70.99
CA THR D 949 -28.38 -15.74 -70.63
C THR D 949 -29.13 -16.20 -71.88
N LEU D 950 -29.05 -15.44 -72.97
CA LEU D 950 -29.71 -15.87 -74.20
C LEU D 950 -29.11 -17.17 -74.71
N LYS D 951 -27.79 -17.31 -74.65
CA LYS D 951 -27.18 -18.57 -75.07
C LYS D 951 -27.64 -19.73 -74.19
N ALA D 952 -27.73 -19.51 -72.88
CA ALA D 952 -28.20 -20.56 -71.98
C ALA D 952 -29.64 -20.97 -72.28
N PHE D 953 -30.51 -20.01 -72.60
CA PHE D 953 -31.84 -20.38 -73.06
C PHE D 953 -31.79 -21.15 -74.37
N GLY D 954 -30.89 -20.76 -75.27
CA GLY D 954 -30.81 -21.44 -76.56
C GLY D 954 -30.30 -22.86 -76.44
N SER D 955 -29.54 -23.16 -75.38
CA SER D 955 -28.94 -24.48 -75.23
C SER D 955 -29.94 -25.52 -74.71
N THR D 956 -30.53 -25.27 -73.54
CA THR D 956 -31.38 -26.26 -72.90
C THR D 956 -32.65 -26.50 -73.70
N ALA D 957 -33.21 -27.70 -73.57
CA ALA D 957 -34.48 -28.00 -74.22
C ALA D 957 -35.60 -27.15 -73.65
N PHE D 958 -35.64 -26.98 -72.32
CA PHE D 958 -36.63 -26.12 -71.70
C PHE D 958 -36.49 -24.67 -72.14
N GLY D 959 -35.27 -24.22 -72.42
CA GLY D 959 -35.10 -22.86 -72.92
C GLY D 959 -35.78 -22.65 -74.25
N ARG D 960 -35.69 -23.63 -75.14
CA ARG D 960 -36.53 -23.60 -76.34
C ARG D 960 -37.98 -23.80 -75.94
N ASN D 961 -38.87 -23.22 -76.74
CA ASN D 961 -40.31 -23.17 -76.50
C ASN D 961 -40.65 -22.22 -75.37
N ALA D 962 -39.67 -21.85 -74.55
CA ALA D 962 -39.89 -20.85 -73.51
C ALA D 962 -39.46 -19.49 -74.02
N MET D 963 -38.33 -19.43 -74.72
CA MET D 963 -38.01 -18.26 -75.50
C MET D 963 -38.88 -18.14 -76.74
N ASP D 964 -39.69 -19.17 -77.05
CA ASP D 964 -40.56 -19.15 -78.21
C ASP D 964 -42.00 -18.76 -77.90
N VAL D 965 -42.55 -19.19 -76.75
CA VAL D 965 -43.88 -18.69 -76.40
C VAL D 965 -43.86 -17.17 -76.30
N ALA D 966 -42.73 -16.60 -75.88
CA ALA D 966 -42.63 -15.16 -75.70
C ALA D 966 -42.76 -14.38 -77.00
N LYS D 967 -42.48 -14.99 -78.15
CA LYS D 967 -42.68 -14.30 -79.42
C LYS D 967 -44.12 -14.35 -79.89
N SER D 968 -44.81 -15.47 -79.65
CA SER D 968 -46.15 -15.64 -80.18
C SER D 968 -47.08 -14.56 -79.66
N ALA D 969 -47.85 -13.95 -80.57
CA ALA D 969 -48.83 -12.95 -80.16
C ALA D 969 -50.00 -13.60 -79.44
N GLU D 970 -50.13 -14.92 -79.53
CA GLU D 970 -51.27 -15.60 -78.91
C GLU D 970 -51.07 -15.75 -77.41
N PHE D 971 -49.81 -15.78 -76.94
CA PHE D 971 -49.53 -16.04 -75.53
C PHE D 971 -48.54 -15.09 -74.89
N GLY D 972 -47.70 -14.39 -75.65
CA GLY D 972 -46.68 -13.56 -75.04
C GLY D 972 -47.25 -12.51 -74.12
N SER D 973 -48.38 -11.90 -74.52
CA SER D 973 -48.98 -10.86 -73.71
C SER D 973 -49.34 -11.38 -72.32
N ARG D 974 -49.89 -12.58 -72.24
CA ARG D 974 -50.28 -13.13 -70.95
C ARG D 974 -49.08 -13.52 -70.10
N LEU D 975 -48.02 -14.05 -70.72
CA LEU D 975 -46.81 -14.35 -69.97
C LEU D 975 -46.20 -13.07 -69.40
N GLN D 976 -46.18 -11.99 -70.17
CA GLN D 976 -45.66 -10.73 -69.65
C GLN D 976 -46.45 -10.30 -68.42
N ASP D 977 -47.78 -10.39 -68.48
CA ASP D 977 -48.60 -10.01 -67.34
C ASP D 977 -48.32 -10.91 -66.14
N VAL D 978 -48.10 -12.21 -66.37
CA VAL D 978 -47.78 -13.09 -65.26
C VAL D 978 -46.44 -12.75 -64.63
N ILE D 979 -45.45 -12.36 -65.43
CA ILE D 979 -44.15 -12.00 -64.87
C ILE D 979 -44.24 -10.68 -64.09
N GLU D 980 -44.97 -9.71 -64.63
CA GLU D 980 -45.03 -8.37 -64.07
C GLU D 980 -45.95 -8.25 -62.87
N ALA D 981 -46.75 -9.28 -62.58
CA ALA D 981 -47.68 -9.26 -61.44
C ALA D 981 -48.64 -8.08 -61.53
N ARG D 982 -49.30 -7.90 -62.68
CA ARG D 982 -50.17 -6.74 -62.84
C ARG D 982 -51.61 -7.06 -62.44
N HIS D 983 -51.97 -8.34 -62.40
CA HIS D 983 -53.31 -8.75 -61.98
C HIS D 983 -53.38 -9.14 -60.51
N VAL D 984 -52.27 -9.09 -59.77
CA VAL D 984 -52.23 -9.68 -58.44
C VAL D 984 -52.01 -8.63 -57.36
N LEU D 985 -51.28 -7.56 -57.69
CA LEU D 985 -50.88 -6.62 -56.65
C LEU D 985 -52.07 -5.83 -56.10
N SER D 986 -53.10 -5.60 -56.90
CA SER D 986 -54.28 -4.88 -56.43
C SER D 986 -55.48 -5.33 -57.25
N GLY D 987 -56.66 -5.14 -56.68
CA GLY D 987 -57.89 -5.50 -57.35
C GLY D 987 -58.56 -6.73 -56.79
N LYS D 988 -59.17 -7.52 -57.68
CA LYS D 988 -59.99 -8.65 -57.25
C LYS D 988 -59.19 -9.72 -56.53
N TYR D 989 -58.02 -10.06 -57.07
CA TYR D 989 -57.34 -11.29 -56.72
C TYR D 989 -56.31 -11.16 -55.61
N ARG D 990 -56.21 -10.00 -54.96
CA ARG D 990 -55.16 -9.83 -53.97
C ARG D 990 -55.35 -10.72 -52.75
N SER D 991 -56.53 -11.32 -52.58
CA SER D 991 -56.73 -12.21 -51.45
C SER D 991 -55.75 -13.38 -51.50
N VAL D 992 -55.49 -13.91 -52.70
CA VAL D 992 -54.58 -15.04 -52.82
C VAL D 992 -53.17 -14.64 -52.38
N LEU D 993 -52.70 -13.49 -52.85
CA LEU D 993 -51.36 -13.05 -52.49
C LEU D 993 -51.27 -12.77 -50.99
N THR D 994 -52.29 -12.16 -50.41
CA THR D 994 -52.28 -11.95 -48.97
C THR D 994 -52.24 -13.26 -48.20
N HIS D 995 -53.01 -14.26 -48.63
CA HIS D 995 -53.02 -15.54 -47.93
C HIS D 995 -51.68 -16.24 -48.02
N LEU D 996 -51.04 -16.20 -49.19
CA LEU D 996 -49.75 -16.89 -49.34
C LEU D 996 -48.63 -16.12 -48.67
N GLU D 997 -48.72 -14.78 -48.62
CA GLU D 997 -47.57 -13.98 -48.23
C GLU D 997 -47.24 -14.15 -46.75
N ASP D 998 -48.25 -14.06 -45.89
CA ASP D 998 -48.05 -13.98 -44.44
C ASP D 998 -48.66 -15.18 -43.74
N ASN D 999 -48.58 -16.35 -44.37
CA ASN D 999 -49.08 -17.59 -43.78
C ASN D 999 -48.18 -18.78 -44.08
N ARG D 1000 -46.93 -18.53 -44.48
CA ARG D 1000 -45.99 -19.59 -44.80
C ARG D 1000 -44.58 -19.05 -44.60
N ASP D 1001 -43.61 -19.96 -44.56
CA ASP D 1001 -42.25 -19.61 -44.20
C ASP D 1001 -41.27 -20.19 -45.22
N ILE D 1002 -39.99 -19.88 -45.04
CA ILE D 1002 -38.97 -20.29 -46.00
C ILE D 1002 -38.91 -21.80 -46.11
N GLY D 1003 -39.31 -22.52 -45.08
CA GLY D 1003 -39.29 -23.97 -45.13
C GLY D 1003 -40.19 -24.55 -46.19
N SER D 1004 -41.10 -23.75 -46.75
CA SER D 1004 -42.06 -24.27 -47.72
C SER D 1004 -41.51 -24.28 -49.14
N LEU D 1005 -40.29 -23.77 -49.35
CA LEU D 1005 -39.74 -23.71 -50.71
C LEU D 1005 -39.27 -25.07 -51.20
N GLY D 1006 -38.82 -25.95 -50.31
CA GLY D 1006 -38.25 -27.20 -50.73
C GLY D 1006 -36.79 -27.07 -51.12
N VAL D 1007 -36.49 -26.05 -51.94
CA VAL D 1007 -35.10 -25.77 -52.27
C VAL D 1007 -34.30 -25.37 -51.05
N ALA D 1008 -34.97 -24.91 -49.99
CA ALA D 1008 -34.26 -24.57 -48.77
C ALA D 1008 -33.59 -25.79 -48.16
N HIS D 1009 -34.29 -26.93 -48.15
CA HIS D 1009 -33.70 -28.13 -47.57
C HIS D 1009 -32.49 -28.60 -48.38
N ARG D 1010 -32.57 -28.50 -49.70
CA ARG D 1010 -31.57 -29.09 -50.58
C ARG D 1010 -30.22 -28.36 -50.52
N TYR D 1011 -30.12 -27.21 -49.87
CA TYR D 1011 -28.89 -26.44 -49.91
C TYR D 1011 -28.46 -25.88 -48.56
N VAL D 1012 -29.08 -26.30 -47.45
CA VAL D 1012 -28.81 -25.67 -46.17
C VAL D 1012 -27.39 -25.91 -45.71
N GLN D 1013 -26.71 -26.92 -46.28
CA GLN D 1013 -25.39 -27.29 -45.81
C GLN D 1013 -24.26 -26.85 -46.73
N GLN D 1014 -24.48 -26.76 -48.04
CA GLN D 1014 -23.46 -26.15 -48.89
C GLN D 1014 -23.32 -24.67 -48.56
N MET D 1015 -24.40 -23.92 -48.68
CA MET D 1015 -24.42 -22.54 -48.23
C MET D 1015 -24.23 -22.53 -46.72
N GLY D 1016 -23.60 -21.46 -46.21
CA GLY D 1016 -22.95 -21.55 -44.91
C GLY D 1016 -23.82 -21.62 -43.69
N GLN D 1017 -25.10 -21.95 -43.85
CA GLN D 1017 -25.94 -22.26 -42.70
C GLN D 1017 -26.14 -21.07 -41.75
N GLY D 1018 -25.63 -19.90 -42.13
CA GLY D 1018 -25.67 -18.73 -41.29
C GLY D 1018 -26.83 -17.82 -41.62
N THR D 1019 -26.64 -16.52 -41.32
CA THR D 1019 -27.69 -15.55 -41.61
C THR D 1019 -27.81 -15.32 -43.12
N ARG D 1020 -26.68 -15.28 -43.82
CA ARG D 1020 -26.70 -15.05 -45.26
C ARG D 1020 -27.55 -16.08 -45.99
N PHE D 1021 -27.93 -17.17 -45.34
CA PHE D 1021 -28.84 -18.14 -45.94
C PHE D 1021 -30.29 -17.74 -45.73
N VAL D 1022 -30.67 -17.53 -44.46
CA VAL D 1022 -32.05 -17.18 -44.15
C VAL D 1022 -32.41 -15.81 -44.71
N ASN D 1023 -31.50 -14.83 -44.57
CA ASN D 1023 -31.78 -13.51 -45.11
C ASN D 1023 -32.02 -13.57 -46.61
N GLY D 1024 -31.28 -14.42 -47.31
CA GLY D 1024 -31.44 -14.54 -48.75
C GLY D 1024 -32.69 -15.30 -49.16
N MET D 1025 -33.13 -16.27 -48.37
CA MET D 1025 -34.26 -17.10 -48.79
C MET D 1025 -35.59 -16.33 -48.76
N GLU D 1026 -35.72 -15.30 -47.94
CA GLU D 1026 -36.95 -14.51 -47.94
C GLU D 1026 -37.17 -13.82 -49.29
N PHE D 1027 -36.09 -13.34 -49.89
CA PHE D 1027 -36.17 -12.73 -51.22
C PHE D 1027 -36.77 -13.70 -52.23
N ILE D 1028 -36.32 -14.95 -52.20
CA ILE D 1028 -36.86 -15.95 -53.13
C ILE D 1028 -38.30 -16.29 -52.81
N ARG D 1029 -38.66 -16.37 -51.52
CA ARG D 1029 -40.07 -16.56 -51.17
C ARG D 1029 -40.94 -15.50 -51.81
N ARG D 1030 -40.56 -14.23 -51.61
CA ARG D 1030 -41.38 -13.13 -52.08
C ARG D 1030 -41.32 -12.98 -53.59
N GLY D 1031 -40.31 -13.56 -54.24
CA GLY D 1031 -40.33 -13.68 -55.68
C GLY D 1031 -41.30 -14.74 -56.19
N GLN D 1032 -41.34 -15.89 -55.51
CA GLN D 1032 -42.12 -17.02 -56.02
C GLN D 1032 -43.61 -16.85 -55.76
N ALA D 1033 -43.99 -16.24 -54.64
CA ALA D 1033 -45.40 -16.10 -54.33
C ALA D 1033 -46.14 -15.35 -55.44
N LYS D 1034 -45.54 -14.28 -55.96
CA LYS D 1034 -46.19 -13.50 -57.00
C LYS D 1034 -46.40 -14.32 -58.27
N LEU D 1035 -45.42 -15.14 -58.65
CA LEU D 1035 -45.58 -15.97 -59.83
C LEU D 1035 -46.74 -16.95 -59.65
N VAL D 1036 -46.80 -17.60 -58.49
CA VAL D 1036 -47.87 -18.58 -58.28
C VAL D 1036 -49.24 -17.90 -58.34
N SER D 1037 -49.37 -16.77 -57.66
CA SER D 1037 -50.64 -16.07 -57.65
C SER D 1037 -51.03 -15.61 -59.06
N GLY D 1038 -50.06 -15.11 -59.82
CA GLY D 1038 -50.36 -14.71 -61.19
C GLY D 1038 -50.82 -15.85 -62.05
N LEU D 1039 -50.20 -17.02 -61.90
CA LEU D 1039 -50.65 -18.19 -62.65
C LEU D 1039 -52.09 -18.55 -62.31
N ILE D 1040 -52.45 -18.55 -61.03
CA ILE D 1040 -53.83 -18.86 -60.66
C ILE D 1040 -54.79 -17.82 -61.25
N ALA D 1041 -54.43 -16.54 -61.16
CA ALA D 1041 -55.30 -15.50 -61.68
C ALA D 1041 -55.50 -15.67 -63.18
N ASP D 1042 -54.45 -15.99 -63.91
CA ASP D 1042 -54.58 -16.19 -65.34
C ASP D 1042 -55.51 -17.36 -65.65
N THR D 1043 -55.31 -18.49 -64.97
CA THR D 1043 -56.07 -19.69 -65.31
C THR D 1043 -57.52 -19.62 -64.86
N VAL D 1044 -57.88 -18.69 -63.98
CA VAL D 1044 -59.29 -18.47 -63.63
C VAL D 1044 -60.00 -17.66 -64.70
N ASP D 1045 -59.39 -16.56 -65.15
CA ASP D 1045 -59.98 -15.77 -66.22
C ASP D 1045 -60.09 -16.57 -67.51
N ASP D 1046 -59.08 -17.41 -67.80
CA ASP D 1046 -59.19 -18.25 -68.97
C ASP D 1046 -60.40 -19.16 -68.88
N ALA D 1047 -60.65 -19.74 -67.71
CA ALA D 1047 -61.82 -20.59 -67.54
C ALA D 1047 -63.11 -19.81 -67.74
N ILE D 1048 -63.21 -18.62 -67.15
CA ILE D 1048 -64.42 -17.82 -67.33
C ILE D 1048 -64.63 -17.45 -68.79
N ALA D 1049 -63.52 -17.34 -69.54
CA ALA D 1049 -63.63 -16.97 -70.95
C ALA D 1049 -64.41 -18.00 -71.76
N GLY D 1050 -64.19 -19.28 -71.52
CA GLY D 1050 -64.91 -20.32 -72.25
C GLY D 1050 -64.10 -21.56 -72.57
N ASN D 1051 -62.80 -21.54 -72.28
CA ASN D 1051 -61.93 -22.67 -72.58
C ASN D 1051 -62.40 -23.89 -71.78
N ALA D 1052 -63.00 -24.86 -72.47
CA ALA D 1052 -63.58 -26.00 -71.78
C ALA D 1052 -62.52 -26.78 -71.00
N SER D 1053 -61.34 -26.98 -71.60
CA SER D 1053 -60.30 -27.75 -70.92
C SER D 1053 -59.93 -27.17 -69.57
N ALA D 1054 -60.04 -25.84 -69.41
CA ALA D 1054 -59.76 -25.24 -68.11
C ALA D 1054 -60.91 -25.45 -67.14
N VAL D 1055 -62.15 -25.43 -67.63
CA VAL D 1055 -63.32 -25.57 -66.76
C VAL D 1055 -63.30 -26.95 -66.09
N THR D 1056 -63.00 -27.99 -66.86
CA THR D 1056 -62.96 -29.35 -66.34
C THR D 1056 -61.79 -29.58 -65.41
N ALA D 1057 -60.88 -28.61 -65.30
CA ALA D 1057 -59.82 -28.66 -64.30
C ALA D 1057 -60.16 -27.75 -63.13
N MET D 1058 -60.89 -26.67 -63.38
CA MET D 1058 -61.32 -25.80 -62.29
C MET D 1058 -62.22 -26.56 -61.33
N GLU D 1059 -63.13 -27.38 -61.87
CA GLU D 1059 -64.11 -28.07 -61.05
C GLU D 1059 -63.47 -29.07 -60.11
N ARG D 1060 -62.20 -29.41 -60.31
CA ARG D 1060 -61.52 -30.32 -59.40
C ARG D 1060 -61.50 -29.76 -57.98
N PHE D 1061 -61.65 -28.44 -57.81
CA PHE D 1061 -61.57 -27.82 -56.50
C PHE D 1061 -62.91 -27.25 -56.04
N GLY D 1062 -63.99 -27.50 -56.77
CA GLY D 1062 -65.32 -27.25 -56.22
C GLY D 1062 -66.27 -26.39 -57.03
N LEU D 1063 -65.91 -26.00 -58.25
CA LEU D 1063 -66.85 -25.22 -59.04
C LEU D 1063 -68.06 -26.07 -59.43
N ASN D 1064 -69.12 -25.37 -59.81
CA ASN D 1064 -70.34 -26.01 -60.27
C ASN D 1064 -71.12 -25.00 -61.10
N GLN D 1065 -72.09 -25.50 -61.85
CA GLN D 1065 -72.78 -24.66 -62.83
C GLN D 1065 -73.35 -23.40 -62.18
N GLN D 1066 -73.81 -23.52 -60.93
CA GLN D 1066 -74.44 -22.36 -60.29
C GLN D 1066 -73.47 -21.20 -60.11
N LEU D 1067 -72.25 -21.48 -59.63
CA LEU D 1067 -71.28 -20.41 -59.49
C LEU D 1067 -70.87 -19.84 -60.84
N LEU D 1068 -70.62 -20.71 -61.81
CA LEU D 1068 -70.12 -20.26 -63.11
C LEU D 1068 -71.12 -19.40 -63.85
N ASP D 1069 -72.40 -19.75 -63.80
CA ASP D 1069 -73.42 -18.95 -64.47
C ASP D 1069 -73.44 -17.53 -63.89
N GLU D 1070 -73.46 -17.42 -62.57
CA GLU D 1070 -73.45 -16.11 -61.93
C GLU D 1070 -72.18 -15.34 -62.20
N LEU D 1071 -71.02 -16.00 -62.21
CA LEU D 1071 -69.78 -15.29 -62.52
C LEU D 1071 -69.82 -14.73 -63.93
N ARG D 1072 -70.26 -15.53 -64.90
CA ARG D 1072 -70.35 -15.04 -66.27
C ARG D 1072 -71.35 -13.90 -66.39
N LYS D 1073 -72.48 -14.00 -65.70
CA LYS D 1073 -73.45 -12.90 -65.72
C LYS D 1073 -72.84 -11.64 -65.14
N ALA D 1074 -72.18 -11.74 -63.99
CA ALA D 1074 -71.63 -10.55 -63.34
C ALA D 1074 -70.56 -9.89 -64.19
N THR D 1075 -69.66 -10.68 -64.77
CA THR D 1075 -68.58 -10.11 -65.56
C THR D 1075 -69.09 -9.35 -66.77
N ALA D 1076 -70.22 -9.75 -67.34
CA ALA D 1076 -70.71 -9.10 -68.55
C ALA D 1076 -71.27 -7.72 -68.26
N ALA D 1077 -71.98 -7.55 -67.15
CA ALA D 1077 -72.57 -6.26 -66.83
C ALA D 1077 -71.51 -5.19 -66.67
N ASN D 1078 -70.42 -5.51 -65.98
CA ASN D 1078 -69.34 -4.56 -65.72
C ASN D 1078 -67.99 -5.26 -65.84
N PRO D 1079 -67.17 -4.90 -66.83
CA PRO D 1079 -65.86 -5.57 -66.96
C PRO D 1079 -64.79 -4.99 -66.06
N ASP D 1080 -65.02 -3.81 -65.48
CA ASP D 1080 -64.02 -3.22 -64.60
C ASP D 1080 -63.80 -4.08 -63.36
N MET D 1081 -64.81 -4.21 -62.51
CA MET D 1081 -64.78 -5.11 -61.37
C MET D 1081 -63.55 -4.87 -60.49
N ARG D 1082 -63.52 -3.71 -59.84
CA ARG D 1082 -62.50 -3.49 -58.83
C ARG D 1082 -62.60 -4.48 -57.68
N LYS D 1083 -63.77 -5.10 -57.49
CA LYS D 1083 -63.92 -6.14 -56.49
C LYS D 1083 -65.13 -6.98 -56.85
N TRP D 1084 -65.20 -8.19 -56.29
CA TRP D 1084 -66.32 -9.09 -56.55
C TRP D 1084 -67.56 -8.67 -55.79
N PRO D 1085 -68.74 -9.03 -56.28
CA PRO D 1085 -69.97 -8.68 -55.58
C PRO D 1085 -70.12 -9.48 -54.29
N ASP D 1086 -70.89 -8.93 -53.36
CA ASP D 1086 -71.06 -9.59 -52.07
C ASP D 1086 -71.86 -10.88 -52.19
N SER D 1087 -72.63 -11.03 -53.27
CA SER D 1087 -73.48 -12.20 -53.41
C SER D 1087 -72.67 -13.49 -53.55
N VAL D 1088 -71.57 -13.45 -54.31
CA VAL D 1088 -70.78 -14.66 -54.59
C VAL D 1088 -69.35 -14.55 -54.10
N ARG D 1089 -69.03 -13.57 -53.26
CA ARG D 1089 -67.64 -13.37 -52.84
C ARG D 1089 -67.11 -14.59 -52.11
N MET D 1090 -67.87 -15.10 -51.14
CA MET D 1090 -67.30 -16.03 -50.17
C MET D 1090 -67.14 -17.44 -50.73
N ASP D 1091 -67.62 -17.72 -51.94
CA ASP D 1091 -67.47 -19.03 -52.55
C ASP D 1091 -66.26 -19.10 -53.48
N ILE D 1092 -66.22 -18.23 -54.49
CA ILE D 1092 -65.09 -18.22 -55.40
C ILE D 1092 -63.81 -17.89 -54.65
N GLU D 1093 -63.92 -17.10 -53.58
CA GLU D 1093 -62.74 -16.82 -52.77
C GLU D 1093 -62.18 -18.08 -52.14
N ALA D 1094 -63.07 -18.96 -51.65
CA ALA D 1094 -62.60 -20.21 -51.06
C ALA D 1094 -62.09 -21.17 -52.12
N VAL D 1095 -62.69 -21.14 -53.31
CA VAL D 1095 -62.25 -22.04 -54.37
C VAL D 1095 -60.79 -21.80 -54.72
N THR D 1096 -60.41 -20.52 -54.85
CA THR D 1096 -59.04 -20.18 -55.21
C THR D 1096 -58.07 -20.62 -54.11
N HIS D 1097 -58.42 -20.35 -52.85
CA HIS D 1097 -57.52 -20.66 -51.75
C HIS D 1097 -57.21 -22.15 -51.69
N ASN D 1098 -58.20 -23.00 -51.97
CA ASN D 1098 -57.92 -24.43 -52.03
C ASN D 1098 -56.90 -24.75 -53.10
N MET D 1099 -57.01 -24.14 -54.27
CA MET D 1099 -56.03 -24.39 -55.32
C MET D 1099 -54.64 -23.94 -54.91
N ALA D 1100 -54.53 -22.76 -54.29
CA ALA D 1100 -53.22 -22.21 -53.98
C ALA D 1100 -52.40 -23.17 -53.13
N ASP D 1101 -53.04 -23.78 -52.14
CA ASP D 1101 -52.35 -24.74 -51.28
C ASP D 1101 -51.84 -25.96 -52.04
N SER D 1102 -52.64 -26.52 -52.94
CA SER D 1102 -52.28 -27.78 -53.57
C SER D 1102 -51.02 -27.65 -54.42
N ILE D 1103 -50.92 -26.56 -55.20
CA ILE D 1103 -49.78 -26.42 -56.10
C ILE D 1103 -48.48 -26.38 -55.32
N VAL D 1104 -48.49 -25.72 -54.16
CA VAL D 1104 -47.26 -25.59 -53.39
C VAL D 1104 -46.74 -26.96 -52.96
N LEU D 1105 -47.64 -27.91 -52.74
CA LEU D 1105 -47.22 -29.22 -52.25
C LEU D 1105 -46.68 -30.10 -53.38
N GLU D 1106 -47.37 -30.11 -54.52
CA GLU D 1106 -46.95 -30.96 -55.63
C GLU D 1106 -45.74 -30.38 -56.36
N ASN D 1107 -45.61 -29.05 -56.39
CA ASN D 1107 -44.61 -28.40 -57.21
C ASN D 1107 -43.25 -28.28 -56.53
N ARG D 1108 -43.13 -28.70 -55.27
CA ARG D 1108 -41.89 -28.52 -54.51
C ARG D 1108 -40.66 -28.87 -55.32
N LEU D 1109 -40.64 -30.07 -55.89
CA LEU D 1109 -39.46 -30.54 -56.61
C LEU D 1109 -39.17 -29.73 -57.86
N GLY D 1110 -40.13 -28.93 -58.34
CA GLY D 1110 -39.99 -28.28 -59.63
C GLY D 1110 -40.52 -29.17 -60.73
N GLU D 1111 -41.77 -29.61 -60.58
CA GLU D 1111 -42.37 -30.57 -61.49
C GLU D 1111 -43.75 -30.07 -61.90
N ILE D 1112 -44.28 -30.66 -62.96
CA ILE D 1112 -45.57 -30.29 -63.52
C ILE D 1112 -46.59 -31.32 -63.08
N PRO D 1113 -47.56 -30.97 -62.24
CA PRO D 1113 -48.56 -31.96 -61.82
C PRO D 1113 -49.36 -32.48 -63.00
N ALA D 1114 -49.94 -33.67 -62.83
CA ALA D 1114 -50.63 -34.32 -63.93
C ALA D 1114 -51.83 -33.49 -64.40
N TRP D 1115 -52.58 -32.91 -63.47
CA TRP D 1115 -53.80 -32.21 -63.83
C TRP D 1115 -53.55 -30.83 -64.44
N MET D 1116 -52.29 -30.40 -64.52
CA MET D 1116 -51.95 -29.10 -65.09
C MET D 1116 -51.43 -29.18 -66.52
N GLN D 1117 -51.54 -30.34 -67.16
CA GLN D 1117 -50.95 -30.50 -68.48
C GLN D 1117 -51.64 -29.67 -69.55
N PHE D 1118 -52.82 -29.13 -69.25
CA PHE D 1118 -53.58 -28.39 -70.25
C PHE D 1118 -53.02 -26.99 -70.50
N SER D 1119 -52.44 -26.38 -69.47
CA SER D 1119 -52.06 -24.97 -69.54
C SER D 1119 -50.74 -24.83 -70.30
N SER D 1120 -50.76 -24.07 -71.39
CA SER D 1120 -49.55 -23.84 -72.17
C SER D 1120 -48.60 -22.89 -71.46
N VAL D 1121 -49.13 -21.79 -70.90
CA VAL D 1121 -48.27 -20.83 -70.21
C VAL D 1121 -47.69 -21.45 -68.94
N GLY D 1122 -48.45 -22.30 -68.27
CA GLY D 1122 -47.94 -22.92 -67.05
C GLY D 1122 -46.72 -23.78 -67.30
N LYS D 1123 -46.53 -24.24 -68.54
CA LYS D 1123 -45.35 -25.03 -68.86
C LYS D 1123 -44.07 -24.23 -68.74
N VAL D 1124 -44.17 -22.90 -68.65
CA VAL D 1124 -42.98 -22.05 -68.55
C VAL D 1124 -42.70 -21.68 -67.10
N ILE D 1125 -43.75 -21.57 -66.29
CA ILE D 1125 -43.57 -21.11 -64.92
C ILE D 1125 -43.19 -22.26 -64.00
N LEU D 1126 -43.93 -23.36 -64.06
CA LEU D 1126 -43.78 -24.42 -63.07
C LEU D 1126 -42.38 -25.00 -63.08
N PRO D 1127 -41.82 -25.35 -64.25
CA PRO D 1127 -40.47 -25.95 -64.25
C PRO D 1127 -39.35 -24.95 -64.04
N TYR D 1128 -39.67 -23.69 -63.73
CA TYR D 1128 -38.64 -22.65 -63.73
C TYR D 1128 -37.56 -22.93 -62.69
N MET D 1129 -37.97 -23.26 -61.46
CA MET D 1129 -37.00 -23.34 -60.37
C MET D 1129 -35.96 -24.43 -60.58
N THR D 1130 -36.22 -25.39 -61.48
CA THR D 1130 -35.19 -26.37 -61.79
C THR D 1130 -34.12 -25.78 -62.69
N PHE D 1131 -34.51 -24.88 -63.59
CA PHE D 1131 -33.53 -24.22 -64.46
C PHE D 1131 -32.56 -23.40 -63.63
N VAL D 1132 -33.06 -22.67 -62.64
CA VAL D 1132 -32.20 -21.82 -61.83
C VAL D 1132 -31.25 -22.66 -60.99
N ALA D 1133 -31.73 -23.78 -60.47
CA ALA D 1133 -30.88 -24.63 -59.64
C ALA D 1133 -29.63 -25.09 -60.39
N GLY D 1134 -29.70 -25.18 -61.71
CA GLY D 1134 -28.51 -25.54 -62.48
C GLY D 1134 -27.41 -24.51 -62.36
N ALA D 1135 -27.76 -23.23 -62.51
CA ALA D 1135 -26.76 -22.17 -62.40
C ALA D 1135 -26.19 -22.12 -60.99
N TRP D 1136 -27.01 -22.36 -59.97
CA TRP D 1136 -26.53 -22.33 -58.61
C TRP D 1136 -25.44 -23.36 -58.38
N ASN D 1137 -25.62 -24.57 -58.93
CA ASN D 1137 -24.65 -25.63 -58.70
C ASN D 1137 -23.28 -25.28 -59.28
N LYS D 1138 -23.27 -24.68 -60.47
CA LYS D 1138 -22.00 -24.38 -61.13
C LYS D 1138 -21.23 -23.28 -60.38
N ILE D 1139 -21.93 -22.33 -59.78
CA ILE D 1139 -21.25 -21.26 -59.06
C ILE D 1139 -20.62 -21.79 -57.78
N LEU D 1140 -21.35 -22.60 -57.02
CA LEU D 1140 -20.79 -23.14 -55.78
C LEU D 1140 -19.70 -24.18 -56.07
N ARG D 1141 -19.57 -24.60 -57.32
CA ARG D 1141 -18.49 -25.49 -57.71
C ARG D 1141 -17.25 -24.67 -58.08
N ARG D 1142 -17.33 -23.35 -57.91
CA ARG D 1142 -16.27 -22.46 -58.36
C ARG D 1142 -15.73 -21.65 -57.19
N THR D 1143 -16.58 -21.37 -56.21
CA THR D 1143 -16.17 -20.60 -55.02
C THR D 1143 -16.34 -21.34 -53.71
N ALA D 1144 -17.49 -21.98 -53.45
CA ALA D 1144 -17.68 -22.84 -52.30
C ALA D 1144 -17.66 -22.09 -50.97
N LYS D 1145 -17.86 -20.76 -50.99
CA LYS D 1145 -17.83 -19.99 -49.76
C LYS D 1145 -19.18 -19.38 -49.43
N LEU D 1146 -19.84 -18.79 -50.42
CA LEU D 1146 -20.97 -17.91 -50.18
C LEU D 1146 -20.57 -16.72 -49.32
N ASP D 1147 -19.69 -15.87 -49.84
CA ASP D 1147 -19.42 -14.55 -49.29
C ASP D 1147 -20.19 -13.51 -50.11
N GLY D 1148 -19.93 -12.24 -49.86
CA GLY D 1148 -20.67 -11.18 -50.52
C GLY D 1148 -20.62 -11.27 -52.03
N ALA D 1149 -19.43 -11.49 -52.58
CA ALA D 1149 -19.30 -11.59 -54.03
C ALA D 1149 -20.11 -12.74 -54.59
N THR D 1150 -20.30 -13.80 -53.81
CA THR D 1150 -21.12 -14.91 -54.27
C THR D 1150 -22.61 -14.60 -54.18
N GLY D 1151 -23.01 -13.83 -53.16
CA GLY D 1151 -24.40 -13.44 -53.07
C GLY D 1151 -24.82 -12.51 -54.19
N VAL D 1152 -23.96 -11.55 -54.52
CA VAL D 1152 -24.24 -10.66 -55.64
C VAL D 1152 -24.30 -11.40 -56.96
N ALA D 1153 -23.78 -12.63 -57.02
CA ALA D 1153 -23.90 -13.44 -58.22
C ALA D 1153 -25.15 -14.30 -58.20
N ILE D 1154 -25.48 -14.89 -57.05
CA ILE D 1154 -26.67 -15.74 -56.97
C ILE D 1154 -27.94 -14.92 -57.16
N ALA D 1155 -28.00 -13.72 -56.58
CA ALA D 1155 -29.20 -12.90 -56.73
C ALA D 1155 -29.44 -12.58 -58.20
N LEU D 1156 -28.38 -12.18 -58.92
CA LEU D 1156 -28.52 -11.89 -60.34
C LEU D 1156 -28.84 -13.15 -61.13
N ALA D 1157 -28.26 -14.29 -60.74
CA ALA D 1157 -28.59 -15.54 -61.42
C ALA D 1157 -30.08 -15.81 -61.35
N TYR D 1158 -30.70 -15.56 -60.20
CA TYR D 1158 -32.13 -15.78 -60.08
C TYR D 1158 -32.95 -14.73 -60.83
N GLN D 1159 -32.56 -13.45 -60.73
CA GLN D 1159 -33.45 -12.38 -61.16
C GLN D 1159 -33.27 -11.97 -62.62
N MET D 1160 -32.12 -12.26 -63.23
CA MET D 1160 -31.88 -11.78 -64.58
C MET D 1160 -32.82 -12.37 -65.62
N PRO D 1161 -33.05 -13.68 -65.69
CA PRO D 1161 -33.80 -14.24 -66.83
C PRO D 1161 -35.20 -13.66 -66.98
N LEU D 1162 -35.89 -13.36 -65.88
CA LEU D 1162 -37.25 -12.83 -65.99
C LEU D 1162 -37.26 -11.53 -66.76
N VAL D 1163 -36.31 -10.64 -66.47
CA VAL D 1163 -36.20 -9.39 -67.21
C VAL D 1163 -35.96 -9.67 -68.69
N THR D 1164 -35.14 -10.67 -68.99
CA THR D 1164 -34.87 -11.00 -70.39
C THR D 1164 -36.14 -11.44 -71.11
N LEU D 1165 -36.91 -12.33 -70.50
CA LEU D 1165 -38.16 -12.77 -71.13
C LEU D 1165 -39.13 -11.61 -71.30
N SER D 1166 -39.29 -10.77 -70.28
CA SER D 1166 -40.21 -9.64 -70.41
C SER D 1166 -39.80 -8.70 -71.52
N SER D 1167 -38.51 -8.36 -71.60
CA SER D 1167 -38.04 -7.47 -72.65
C SER D 1167 -38.21 -8.09 -74.03
N ALA D 1168 -37.90 -9.39 -74.17
CA ALA D 1168 -38.07 -10.05 -75.45
C ALA D 1168 -39.53 -10.01 -75.89
N THR D 1169 -40.45 -10.25 -74.96
CA THR D 1169 -41.87 -10.15 -75.30
C THR D 1169 -42.23 -8.73 -75.70
N SER D 1170 -41.67 -7.74 -75.02
CA SER D 1170 -41.98 -6.34 -75.34
C SER D 1170 -41.50 -5.94 -76.72
N ILE D 1171 -40.33 -6.42 -77.15
CA ILE D 1171 -39.82 -6.05 -78.48
C ILE D 1171 -40.63 -6.68 -79.60
N ALA D 1172 -41.04 -7.95 -79.45
CA ALA D 1172 -41.68 -8.64 -80.54
C ALA D 1172 -42.97 -7.95 -80.95
N ILE D 1173 -43.80 -7.56 -79.97
CA ILE D 1173 -45.10 -6.99 -80.28
C ILE D 1173 -44.99 -5.68 -81.02
N SER D 1174 -43.82 -5.04 -81.01
CA SER D 1174 -43.60 -3.79 -81.70
C SER D 1174 -43.08 -3.99 -83.12
N GLY D 1175 -43.02 -5.23 -83.59
CA GLY D 1175 -42.62 -5.50 -84.97
C GLY D 1175 -41.20 -5.12 -85.30
N LYS D 1176 -40.24 -5.57 -84.51
CA LYS D 1176 -38.83 -5.36 -84.78
C LYS D 1176 -38.06 -6.63 -84.46
N PRO D 1177 -36.91 -6.85 -85.09
CA PRO D 1177 -36.15 -8.07 -84.85
C PRO D 1177 -35.55 -8.10 -83.44
N VAL D 1178 -35.48 -9.30 -82.88
CA VAL D 1178 -34.98 -9.49 -81.52
C VAL D 1178 -33.56 -10.04 -81.54
N THR D 1179 -32.59 -9.15 -81.47
CA THR D 1179 -31.18 -9.53 -81.38
C THR D 1179 -30.66 -9.28 -79.98
N PRO D 1180 -29.57 -9.95 -79.59
CA PRO D 1180 -29.05 -9.76 -78.23
C PRO D 1180 -28.75 -8.32 -77.89
N GLU D 1181 -28.20 -7.54 -78.83
CA GLU D 1181 -27.98 -6.12 -78.56
C GLU D 1181 -29.31 -5.39 -78.36
N SER D 1182 -30.33 -5.70 -79.17
CA SER D 1182 -31.61 -5.04 -79.01
C SER D 1182 -32.24 -5.35 -77.66
N VAL D 1183 -32.20 -6.61 -77.25
CA VAL D 1183 -32.75 -6.98 -75.94
C VAL D 1183 -31.99 -6.28 -74.83
N ALA D 1184 -30.66 -6.26 -74.93
CA ALA D 1184 -29.85 -5.61 -73.90
C ALA D 1184 -30.12 -4.11 -73.82
N GLN D 1185 -30.36 -3.46 -74.95
CA GLN D 1185 -30.66 -2.03 -74.91
C GLN D 1185 -32.06 -1.76 -74.37
N ARG D 1186 -33.02 -2.63 -74.70
CA ARG D 1186 -34.37 -2.44 -74.18
C ARG D 1186 -34.46 -2.75 -72.69
N ALA D 1187 -33.58 -3.59 -72.15
CA ALA D 1187 -33.60 -3.85 -70.72
C ALA D 1187 -33.22 -2.62 -69.92
N LEU D 1188 -32.47 -1.69 -70.52
CA LEU D 1188 -31.99 -0.53 -69.77
C LEU D 1188 -33.11 0.45 -69.46
N VAL D 1189 -34.20 0.42 -70.21
CA VAL D 1189 -35.28 1.38 -70.00
C VAL D 1189 -36.32 0.78 -69.08
N GLN D 1190 -35.96 -0.31 -68.40
CA GLN D 1190 -36.82 -0.89 -67.39
C GLN D 1190 -36.12 -0.89 -66.04
N VAL D 1191 -34.84 -1.25 -66.02
CA VAL D 1191 -34.07 -1.34 -64.79
C VAL D 1191 -32.72 -0.65 -64.96
N PRO D 1192 -32.67 0.68 -64.99
CA PRO D 1192 -31.39 1.37 -65.10
C PRO D 1192 -30.42 0.91 -64.01
N MET D 1193 -29.15 1.27 -64.21
CA MET D 1193 -28.07 0.69 -63.42
C MET D 1193 -28.33 0.82 -61.92
N MET D 1194 -28.77 2.00 -61.48
CA MET D 1194 -28.93 2.21 -60.05
C MET D 1194 -30.04 1.39 -59.44
N SER D 1195 -30.93 0.80 -60.26
CA SER D 1195 -31.94 -0.11 -59.75
C SER D 1195 -31.46 -1.55 -59.69
N TRP D 1196 -30.44 -1.91 -60.47
CA TRP D 1196 -29.84 -3.23 -60.33
C TRP D 1196 -29.24 -3.42 -58.95
N ALA D 1197 -28.59 -2.38 -58.41
CA ALA D 1197 -28.05 -2.45 -57.07
C ALA D 1197 -29.13 -2.64 -56.02
N GLY D 1198 -30.39 -2.33 -56.35
CA GLY D 1198 -31.46 -2.58 -55.41
C GLY D 1198 -31.59 -4.04 -55.05
N PHE D 1199 -31.43 -4.92 -56.04
CA PHE D 1199 -31.50 -6.35 -55.78
C PHE D 1199 -30.39 -6.83 -54.86
N ALA D 1200 -29.17 -6.30 -55.00
CA ALA D 1200 -28.09 -6.69 -54.11
C ALA D 1200 -28.41 -6.32 -52.66
N VAL D 1201 -29.01 -5.14 -52.44
CA VAL D 1201 -29.39 -4.76 -51.09
C VAL D 1201 -30.51 -5.65 -50.59
N ASP D 1202 -31.47 -5.98 -51.46
CA ASP D 1202 -32.59 -6.81 -51.08
C ASP D 1202 -32.17 -8.20 -50.65
N PHE D 1203 -31.10 -8.76 -51.21
CA PHE D 1203 -30.59 -10.06 -50.83
C PHE D 1203 -29.66 -10.02 -49.63
N TRP D 1204 -29.22 -8.83 -49.22
CA TRP D 1204 -28.28 -8.72 -48.11
C TRP D 1204 -29.00 -8.50 -46.78
N ALA D 1205 -30.08 -7.72 -46.79
CA ALA D 1205 -30.80 -7.38 -45.58
C ALA D 1205 -32.29 -7.46 -45.86
N ASN D 1206 -33.08 -7.58 -44.78
CA ASN D 1206 -34.51 -7.78 -44.88
C ASN D 1206 -35.25 -6.83 -43.95
N GLY D 1207 -36.33 -6.25 -44.45
CA GLY D 1207 -37.20 -5.47 -43.59
C GLY D 1207 -36.67 -4.07 -43.32
N ALA D 1208 -36.85 -3.63 -42.07
CA ALA D 1208 -36.49 -2.26 -41.71
C ALA D 1208 -35.03 -1.94 -41.98
N SER D 1209 -34.14 -2.94 -41.88
CA SER D 1209 -32.72 -2.68 -42.13
C SER D 1209 -32.44 -2.41 -43.59
N ASN D 1210 -33.35 -2.80 -44.49
CA ASN D 1210 -33.15 -2.56 -45.92
C ASN D 1210 -33.20 -1.07 -46.24
N ASN D 1211 -34.13 -0.34 -45.63
CA ASN D 1211 -34.33 1.06 -45.99
C ASN D 1211 -33.11 1.89 -45.67
N LEU D 1212 -32.48 1.67 -44.52
CA LEU D 1212 -31.30 2.44 -44.16
C LEU D 1212 -30.24 2.34 -45.25
N ALA D 1213 -29.90 1.12 -45.65
CA ALA D 1213 -28.87 0.95 -46.68
C ALA D 1213 -29.31 1.53 -48.01
N ALA D 1214 -30.57 1.27 -48.42
CA ALA D 1214 -30.99 1.69 -49.75
C ALA D 1214 -31.02 3.20 -49.87
N LEU D 1215 -31.49 3.90 -48.84
CA LEU D 1215 -31.57 5.35 -48.91
C LEU D 1215 -30.20 6.00 -48.74
N ALA D 1216 -29.39 5.47 -47.83
CA ALA D 1216 -28.10 6.10 -47.53
C ALA D 1216 -27.15 6.04 -48.68
N LEU D 1217 -27.37 5.24 -49.72
CA LEU D 1217 -26.49 5.28 -50.88
C LEU D 1217 -26.79 6.47 -51.76
N VAL D 1218 -28.04 6.85 -51.90
CA VAL D 1218 -28.43 7.92 -52.81
C VAL D 1218 -27.96 9.28 -52.32
N ASP D 1219 -28.14 9.57 -51.02
CA ASP D 1219 -27.70 10.85 -50.51
C ASP D 1219 -26.19 10.98 -50.58
N ARG D 1220 -25.47 9.87 -50.37
CA ARG D 1220 -24.02 9.91 -50.51
C ARG D 1220 -23.60 10.18 -51.94
N MET D 1221 -24.52 9.99 -52.90
CA MET D 1221 -24.23 10.30 -54.29
C MET D 1221 -24.57 11.76 -54.60
N HIS D 1222 -25.72 12.21 -54.11
CA HIS D 1222 -26.13 13.60 -54.33
C HIS D 1222 -25.16 14.56 -53.67
N ALA D 1223 -24.72 14.27 -52.45
CA ALA D 1223 -23.82 15.15 -51.72
C ALA D 1223 -22.47 15.28 -52.38
N ALA D 1224 -22.09 14.34 -53.24
CA ALA D 1224 -20.81 14.41 -53.93
C ALA D 1224 -20.97 15.08 -55.31
N MET D 1225 -22.02 14.72 -56.04
CA MET D 1225 -22.24 15.38 -57.32
C MET D 1225 -22.54 16.86 -57.15
N SER D 1226 -23.18 17.24 -56.03
CA SER D 1226 -23.37 18.66 -55.78
C SER D 1226 -22.05 19.40 -55.63
N SER D 1227 -21.10 18.80 -54.90
CA SER D 1227 -19.80 19.45 -54.75
C SER D 1227 -19.05 19.48 -56.08
N ILE D 1228 -19.18 18.42 -56.88
CA ILE D 1228 -18.49 18.40 -58.18
C ILE D 1228 -19.04 19.50 -59.08
N ALA D 1229 -20.38 19.64 -59.13
CA ALA D 1229 -20.97 20.63 -60.02
C ALA D 1229 -20.57 22.05 -59.62
N SER D 1230 -20.16 22.25 -58.37
CA SER D 1230 -19.82 23.60 -57.92
C SER D 1230 -18.46 24.06 -58.43
N GLY D 1231 -17.50 23.14 -58.62
CA GLY D 1231 -16.20 23.52 -59.12
C GLY D 1231 -15.03 22.75 -58.56
N GLU D 1232 -15.25 21.90 -57.56
CA GLU D 1232 -14.21 21.09 -56.96
C GLU D 1232 -14.29 19.67 -57.49
N THR D 1233 -13.13 19.05 -57.68
CA THR D 1233 -13.06 17.67 -58.18
C THR D 1233 -12.10 16.84 -57.34
N ASN D 1234 -12.21 16.93 -56.03
CA ASN D 1234 -11.39 16.14 -55.14
C ASN D 1234 -11.61 14.65 -55.44
N PRO D 1235 -10.55 13.83 -55.55
CA PRO D 1235 -10.78 12.41 -55.83
C PRO D 1235 -11.69 11.71 -54.84
N GLU D 1236 -11.74 12.17 -53.59
CA GLU D 1236 -12.75 11.66 -52.67
C GLU D 1236 -14.14 11.75 -53.28
N SER D 1237 -14.45 12.88 -53.92
CA SER D 1237 -15.76 13.04 -54.55
C SER D 1237 -15.98 12.03 -55.65
N LEU D 1238 -14.98 11.80 -56.49
CA LEU D 1238 -15.13 10.82 -57.56
C LEU D 1238 -15.36 9.41 -57.00
N ILE D 1239 -14.65 9.06 -55.93
CA ILE D 1239 -14.85 7.74 -55.33
C ILE D 1239 -16.27 7.62 -54.76
N LYS D 1240 -16.75 8.65 -54.08
CA LYS D 1240 -18.07 8.57 -53.46
C LYS D 1240 -19.19 8.65 -54.48
N ALA D 1241 -18.93 9.22 -55.65
CA ALA D 1241 -20.01 9.55 -56.58
C ALA D 1241 -20.45 8.40 -57.47
N VAL D 1242 -19.84 7.22 -57.34
CA VAL D 1242 -20.21 6.09 -58.20
C VAL D 1242 -20.42 4.84 -57.36
N PRO D 1243 -21.47 4.80 -56.53
CA PRO D 1243 -21.74 3.58 -55.75
C PRO D 1243 -22.29 2.43 -56.58
N PHE D 1244 -22.76 2.68 -57.80
CA PHE D 1244 -23.31 1.62 -58.65
C PHE D 1244 -22.22 0.73 -59.22
N LEU D 1245 -20.95 1.07 -59.04
CA LEU D 1245 -19.86 0.35 -59.67
C LEU D 1245 -19.45 -0.89 -58.87
N SER D 1246 -20.14 -1.16 -57.76
CA SER D 1246 -19.72 -2.23 -56.87
C SER D 1246 -20.05 -3.61 -57.40
N ILE D 1247 -21.12 -3.74 -58.19
CA ILE D 1247 -21.62 -5.07 -58.53
C ILE D 1247 -20.87 -5.73 -59.67
N LEU D 1248 -19.94 -5.04 -60.31
CA LEU D 1248 -19.27 -5.62 -61.48
C LEU D 1248 -18.55 -6.92 -61.17
N PRO D 1249 -17.68 -7.01 -60.16
CA PRO D 1249 -17.01 -8.30 -59.91
C PRO D 1249 -17.98 -9.43 -59.62
N GLY D 1250 -19.09 -9.14 -58.95
CA GLY D 1250 -20.13 -10.14 -58.79
C GLY D 1250 -20.76 -10.50 -60.11
N MET D 1251 -20.87 -9.51 -60.99
CA MET D 1251 -21.39 -9.77 -62.34
C MET D 1251 -20.48 -10.71 -63.10
N ARG D 1252 -19.16 -10.57 -62.94
CA ARG D 1252 -18.24 -11.45 -63.63
C ARG D 1252 -18.50 -12.91 -63.26
N LEU D 1253 -18.69 -13.18 -61.96
CA LEU D 1253 -18.86 -14.55 -61.52
C LEU D 1253 -20.13 -15.17 -62.12
N MET D 1254 -21.23 -14.43 -62.12
CA MET D 1254 -22.46 -14.96 -62.70
C MET D 1254 -22.36 -15.06 -64.22
N GLY D 1255 -21.87 -13.99 -64.86
CA GLY D 1255 -21.86 -13.97 -66.32
C GLY D 1255 -21.00 -15.07 -66.92
N ALA D 1256 -19.78 -15.22 -66.39
CA ALA D 1256 -18.87 -16.24 -66.93
C ALA D 1256 -19.30 -17.65 -66.54
N SER D 1257 -19.90 -17.80 -65.35
CA SER D 1257 -20.25 -19.13 -64.86
C SER D 1257 -21.35 -19.80 -65.69
N LEU D 1258 -22.06 -19.05 -66.54
CA LEU D 1258 -23.11 -19.62 -67.35
C LEU D 1258 -22.59 -20.31 -68.60
N ALA D 1259 -21.29 -20.21 -68.89
CA ALA D 1259 -20.70 -20.89 -70.04
C ALA D 1259 -20.00 -22.19 -69.67
N ASP D 1260 -19.80 -22.47 -68.39
CA ASP D 1260 -19.04 -23.65 -68.00
C ASP D 1260 -19.79 -24.94 -68.32
N ASP D 1261 -19.04 -25.95 -68.76
CA ASP D 1261 -19.62 -27.26 -69.00
C ASP D 1261 -19.88 -27.97 -67.68
N ASP D 1262 -20.79 -28.94 -67.72
CA ASP D 1262 -21.11 -29.73 -66.54
C ASP D 1262 -20.27 -31.00 -66.50
N ALA E 49 78.54 10.13 74.76
CA ALA E 49 77.35 9.47 74.26
C ALA E 49 76.58 8.80 75.39
N SER E 50 77.30 8.39 76.44
CA SER E 50 76.67 7.73 77.57
C SER E 50 75.76 8.68 78.32
N VAL E 51 76.12 9.97 78.37
CA VAL E 51 75.35 10.94 79.13
C VAL E 51 73.93 11.06 78.60
N LYS E 52 73.76 11.03 77.28
CA LYS E 52 72.43 11.15 76.70
C LYS E 52 71.51 10.04 77.19
N THR E 53 71.97 8.80 77.09
CA THR E 53 71.17 7.66 77.54
C THR E 53 70.94 7.72 79.05
N ALA E 54 71.97 8.12 79.81
CA ALA E 54 71.83 8.18 81.26
C ALA E 54 70.76 9.18 81.66
N GLN E 55 70.72 10.34 81.00
CA GLN E 55 69.71 11.34 81.33
C GLN E 55 68.33 10.91 80.82
N ALA E 56 68.27 10.26 79.66
CA ALA E 56 66.99 9.82 79.13
C ALA E 56 66.35 8.78 80.03
N ALA E 57 67.16 7.85 80.57
CA ALA E 57 66.62 6.82 81.43
C ALA E 57 65.97 7.41 82.67
N GLN E 58 66.61 8.38 83.32
CA GLN E 58 66.04 9.00 84.50
C GLN E 58 64.72 9.69 84.18
N GLN E 59 64.65 10.40 83.05
CA GLN E 59 63.42 11.11 82.68
C GLN E 59 62.29 10.13 82.40
N THR E 60 62.56 9.05 81.65
CA THR E 60 61.50 8.10 81.37
C THR E 60 61.05 7.39 82.65
N ALA E 61 61.98 7.08 83.55
CA ALA E 61 61.60 6.48 84.82
C ALA E 61 60.72 7.43 85.64
N SER E 62 61.07 8.72 85.66
CA SER E 62 60.26 9.68 86.38
C SER E 62 58.86 9.79 85.78
N ALA E 63 58.77 9.77 84.45
CA ALA E 63 57.46 9.81 83.81
C ALA E 63 56.62 8.60 84.18
N LYS E 64 57.23 7.41 84.15
CA LYS E 64 56.50 6.21 84.53
C LYS E 64 56.05 6.27 85.98
N GLY E 65 56.93 6.75 86.87
CA GLY E 65 56.55 6.92 88.27
C GLY E 65 55.40 7.89 88.48
N TYR E 66 55.41 9.02 87.77
CA TYR E 66 54.30 9.96 87.86
C TYR E 66 53.00 9.32 87.37
N LEU E 67 53.06 8.62 86.23
CA LEU E 67 51.86 7.99 85.71
C LEU E 67 51.31 6.96 86.68
N GLU E 68 52.19 6.18 87.31
CA GLU E 68 51.74 5.16 88.25
C GLU E 68 51.25 5.74 89.57
N GLY E 69 51.82 6.87 90.01
CA GLY E 69 51.42 7.44 91.28
C GLY E 69 50.21 8.34 91.20
N GLN E 70 49.87 8.82 89.99
CA GLN E 70 48.73 9.71 89.86
C GLN E 70 47.43 9.05 90.34
N GLN E 71 47.32 7.74 90.22
CA GLN E 71 46.08 7.04 90.57
C GLN E 71 45.93 6.81 92.06
N ASP E 72 46.87 7.27 92.89
CA ASP E 72 46.79 7.06 94.33
C ASP E 72 46.16 8.25 95.06
N SER E 73 46.25 9.45 94.51
CA SER E 73 45.71 10.63 95.16
C SER E 73 44.19 10.64 95.11
N GLN E 74 43.59 11.60 95.81
CA GLN E 74 42.14 11.75 95.81
C GLN E 74 41.66 12.08 94.41
N GLN E 75 40.42 11.68 94.11
CA GLN E 75 39.84 11.75 92.77
C GLN E 75 40.40 10.63 91.90
N GLY E 76 41.33 9.85 92.45
CA GLY E 76 41.82 8.66 91.80
C GLY E 76 41.33 7.41 92.50
N ARG E 77 41.24 7.49 93.83
CA ARG E 77 40.72 6.35 94.59
C ARG E 77 39.24 6.16 94.36
N GLU E 78 38.47 7.25 94.32
CA GLU E 78 37.04 7.15 94.07
C GLU E 78 36.73 6.52 92.72
N LYS E 79 37.62 6.68 91.74
CA LYS E 79 37.44 6.01 90.46
C LYS E 79 37.53 4.50 90.61
N GLN E 80 38.41 4.02 91.50
CA GLN E 80 38.52 2.58 91.73
C GLN E 80 37.24 2.02 92.34
N VAL E 81 36.60 2.77 93.24
CA VAL E 81 35.36 2.30 93.84
C VAL E 81 34.28 2.12 92.78
N ARG E 82 34.19 3.09 91.85
CA ARG E 82 33.21 2.98 90.78
C ARG E 82 33.47 1.74 89.92
N ASN E 83 34.74 1.46 89.62
CA ASN E 83 35.07 0.30 88.82
C ASN E 83 34.69 -0.99 89.53
N PHE E 84 34.90 -1.05 90.85
CA PHE E 84 34.63 -2.28 91.59
C PHE E 84 33.16 -2.67 91.50
N PHE E 85 32.26 -1.73 91.77
CA PHE E 85 30.83 -2.04 91.72
C PHE E 85 30.39 -2.40 90.32
N THR E 86 30.89 -1.70 89.30
CA THR E 86 30.52 -2.00 87.93
C THR E 86 30.88 -3.44 87.57
N LYS E 87 32.00 -3.95 88.10
CA LYS E 87 32.37 -5.33 87.85
C LYS E 87 31.35 -6.30 88.43
N GLU E 88 30.82 -5.99 89.62
CA GLU E 88 29.85 -6.88 90.25
C GLU E 88 28.50 -6.84 89.55
N ALA E 89 28.27 -5.85 88.68
CA ALA E 89 26.96 -5.69 88.08
C ALA E 89 26.70 -6.75 87.01
N TYR E 90 27.51 -6.76 85.95
CA TYR E 90 27.29 -7.67 84.84
C TYR E 90 27.77 -9.09 85.10
N GLU E 91 28.61 -9.28 86.12
CA GLU E 91 29.15 -10.60 86.42
C GLU E 91 28.08 -11.56 86.93
N GLN E 92 26.95 -11.05 87.41
CA GLN E 92 25.82 -11.89 87.80
C GLN E 92 24.80 -12.05 86.69
N GLY E 93 24.63 -11.02 85.86
CA GLY E 93 23.79 -11.18 84.67
C GLY E 93 24.33 -12.24 83.74
N TYR E 94 25.65 -12.30 83.59
CA TYR E 94 26.26 -13.36 82.79
C TYR E 94 25.91 -14.74 83.34
N ASN E 95 26.03 -14.92 84.66
CA ASN E 95 25.71 -16.21 85.26
C ASN E 95 24.23 -16.57 85.05
N SER E 96 23.35 -15.59 85.24
CA SER E 96 21.92 -15.85 85.05
C SER E 96 21.63 -16.28 83.61
N ALA E 97 22.21 -15.57 82.64
CA ALA E 97 22.00 -15.93 81.25
C ALA E 97 22.53 -17.32 80.96
N SER E 98 23.72 -17.63 81.49
CA SER E 98 24.31 -18.94 81.24
C SER E 98 23.44 -20.06 81.79
N VAL E 99 22.89 -19.87 83.00
CA VAL E 99 22.03 -20.90 83.59
C VAL E 99 20.75 -21.06 82.77
N ASN E 100 20.10 -19.94 82.44
CA ASN E 100 18.81 -20.00 81.76
C ASN E 100 18.96 -20.62 80.38
N SER E 101 20.02 -20.27 79.65
CA SER E 101 20.20 -20.82 78.32
C SER E 101 20.36 -22.33 78.33
N ALA E 102 21.11 -22.88 79.29
CA ALA E 102 21.27 -24.33 79.38
C ALA E 102 19.97 -25.00 79.78
N LEU E 103 19.25 -24.44 80.77
CA LEU E 103 18.00 -25.05 81.18
C LEU E 103 17.00 -25.10 80.04
N ALA E 104 16.87 -23.99 79.30
CA ALA E 104 15.92 -23.96 78.20
C ALA E 104 16.28 -24.97 77.11
N SER E 105 17.57 -25.10 76.81
CA SER E 105 17.99 -26.08 75.81
C SER E 105 17.67 -27.51 76.26
N PHE E 106 17.95 -27.83 77.51
CA PHE E 106 17.67 -29.19 78.01
C PHE E 106 16.17 -29.50 77.95
N GLN E 107 15.35 -28.52 78.35
CA GLN E 107 13.91 -28.74 78.37
C GLN E 107 13.38 -29.14 76.99
N LEU E 108 13.82 -28.43 75.95
CA LEU E 108 13.39 -28.76 74.60
C LEU E 108 14.05 -30.03 74.09
N GLY E 109 15.30 -30.29 74.49
CA GLY E 109 15.99 -31.47 74.01
C GLY E 109 15.30 -32.76 74.42
N LEU E 110 14.88 -32.84 75.69
CA LEU E 110 14.20 -34.06 76.13
C LEU E 110 12.93 -34.31 75.32
N GLN E 111 12.09 -33.29 75.16
CA GLN E 111 10.85 -33.45 74.43
C GLN E 111 11.10 -33.82 72.98
N ASN E 112 12.12 -33.20 72.36
CA ASN E 112 12.42 -33.53 70.97
C ASN E 112 12.94 -34.95 70.82
N THR E 113 13.70 -35.43 71.81
CA THR E 113 14.24 -36.79 71.73
C THR E 113 13.15 -37.84 71.97
N ALA E 114 12.10 -37.48 72.71
CA ALA E 114 11.05 -38.45 72.99
C ALA E 114 10.46 -39.03 71.70
N GLN E 115 10.02 -38.17 70.79
CA GLN E 115 9.41 -38.65 69.55
C GLN E 115 10.42 -39.36 68.66
N GLN E 116 11.67 -38.89 68.65
CA GLN E 116 12.69 -39.56 67.86
C GLN E 116 12.89 -41.00 68.33
N TYR E 117 12.89 -41.21 69.64
CA TYR E 117 13.00 -42.58 70.16
C TYR E 117 11.73 -43.37 69.88
N VAL E 118 10.55 -42.74 69.94
CA VAL E 118 9.32 -43.47 69.68
C VAL E 118 9.31 -43.98 68.23
N ASN E 119 9.71 -43.14 67.29
CA ASN E 119 9.66 -43.52 65.88
C ASN E 119 10.55 -44.72 65.56
N SER E 120 11.60 -44.95 66.34
CA SER E 120 12.53 -46.05 66.08
C SER E 120 12.17 -47.33 66.81
N GLY E 121 11.11 -47.31 67.62
CA GLY E 121 10.70 -48.51 68.33
C GLY E 121 11.63 -48.93 69.45
N LYS E 122 12.36 -48.00 70.04
CA LYS E 122 13.23 -48.31 71.15
C LYS E 122 12.42 -48.71 72.38
N THR E 123 12.96 -49.61 73.18
CA THR E 123 12.26 -50.08 74.36
C THR E 123 12.32 -49.03 75.46
N PRO E 124 11.41 -49.10 76.45
CA PRO E 124 11.40 -48.08 77.50
C PRO E 124 12.70 -47.99 78.28
N GLU E 125 13.42 -49.09 78.46
CA GLU E 125 14.66 -49.06 79.23
C GLU E 125 15.69 -48.14 78.57
N GLU E 126 15.81 -48.21 77.25
CA GLU E 126 16.74 -47.33 76.54
C GLU E 126 16.36 -45.87 76.67
N PHE E 127 15.08 -45.56 76.81
CA PHE E 127 14.65 -44.19 77.04
C PHE E 127 14.97 -43.76 78.48
N ASN E 128 14.72 -44.63 79.45
CA ASN E 128 14.99 -44.29 80.84
C ASN E 128 16.48 -44.06 81.09
N VAL E 129 17.33 -44.94 80.55
CA VAL E 129 18.77 -44.75 80.74
C VAL E 129 19.22 -43.44 80.10
N HIS E 130 18.70 -43.12 78.91
CA HIS E 130 19.04 -41.86 78.27
C HIS E 130 18.60 -40.67 79.12
N VAL E 131 17.39 -40.75 79.69
CA VAL E 131 16.90 -39.65 80.51
C VAL E 131 17.79 -39.45 81.73
N GLN E 132 18.15 -40.55 82.41
CA GLN E 132 19.01 -40.43 83.58
C GLN E 132 20.38 -39.87 83.20
N GLN E 133 20.95 -40.35 82.10
CA GLN E 133 22.27 -39.86 81.68
C GLN E 133 22.22 -38.37 81.35
N GLN E 134 21.17 -37.93 80.66
CA GLN E 134 21.04 -36.51 80.34
C GLN E 134 20.84 -35.67 81.59
N THR E 135 20.04 -36.14 82.54
CA THR E 135 19.83 -35.39 83.77
C THR E 135 21.12 -35.28 84.58
N ASN E 136 21.93 -36.34 84.59
CA ASN E 136 23.15 -36.33 85.38
C ASN E 136 24.11 -35.25 84.90
N GLN E 137 24.24 -35.10 83.58
CA GLN E 137 25.16 -34.08 83.05
C GLN E 137 24.73 -32.68 83.47
N LEU E 138 23.45 -32.37 83.35
CA LEU E 138 22.96 -31.05 83.76
C LEU E 138 23.16 -30.83 85.24
N LEU E 139 22.86 -31.85 86.06
CA LEU E 139 23.03 -31.71 87.50
C LEU E 139 24.49 -31.47 87.86
N GLN E 140 25.42 -32.17 87.21
CA GLN E 140 26.83 -31.96 87.49
C GLN E 140 27.27 -30.57 87.03
N GLU E 141 26.81 -30.13 85.86
CA GLU E 141 27.20 -28.81 85.37
C GLU E 141 26.68 -27.71 86.29
N ALA E 142 25.51 -27.90 86.86
CA ALA E 142 24.96 -26.91 87.78
C ALA E 142 25.81 -26.71 89.02
N GLY E 143 26.71 -27.65 89.33
CA GLY E 143 27.55 -27.53 90.51
C GLY E 143 28.57 -26.42 90.45
N ALA E 144 29.00 -26.03 89.24
CA ALA E 144 29.94 -24.93 89.05
C ALA E 144 29.25 -23.61 88.77
N GLN E 145 28.13 -23.64 88.05
CA GLN E 145 27.38 -22.43 87.74
C GLN E 145 26.52 -22.04 88.95
N GLY E 146 27.16 -21.78 90.08
CA GLY E 146 26.48 -21.46 91.32
C GLY E 146 26.69 -22.52 92.37
N LEU E 147 26.42 -22.12 93.61
CA LEU E 147 26.63 -23.01 94.76
C LEU E 147 25.55 -24.09 94.86
N ASN E 148 24.44 -23.95 94.15
CA ASN E 148 23.29 -24.83 94.31
C ASN E 148 22.77 -24.83 95.75
N LEU E 149 23.15 -23.82 96.53
CA LEU E 149 22.65 -23.71 97.89
C LEU E 149 21.13 -23.68 97.87
N ASN E 150 20.51 -24.48 98.74
CA ASN E 150 19.06 -24.70 98.70
C ASN E 150 18.34 -23.44 99.21
N ASP E 151 18.29 -22.44 98.33
CA ASP E 151 17.47 -21.25 98.54
C ASP E 151 16.33 -21.23 97.53
N LYS E 152 15.56 -20.15 97.55
CA LYS E 152 14.31 -20.11 96.80
C LYS E 152 14.52 -20.29 95.30
N ASP E 153 15.50 -19.59 94.72
CA ASP E 153 15.68 -19.66 93.27
C ASP E 153 16.10 -21.05 92.81
N TRP E 154 17.05 -21.67 93.50
CA TRP E 154 17.47 -23.02 93.10
C TRP E 154 16.39 -24.04 93.38
N GLN E 155 15.59 -23.85 94.42
CA GLN E 155 14.43 -24.72 94.65
C GLN E 155 13.45 -24.62 93.49
N ALA E 156 13.18 -23.41 93.02
CA ALA E 156 12.30 -23.27 91.85
C ALA E 156 12.93 -23.91 90.61
N TRP E 157 14.25 -23.77 90.45
CA TRP E 157 14.94 -24.41 89.33
C TRP E 157 14.74 -25.92 89.36
N LEU E 158 14.92 -26.54 90.52
CA LEU E 158 14.70 -27.97 90.65
C LEU E 158 13.25 -28.34 90.37
N GLY E 159 12.31 -27.53 90.86
CA GLY E 159 10.90 -27.81 90.59
C GLY E 159 10.59 -27.84 89.11
N SER E 160 11.13 -26.89 88.34
CA SER E 160 10.96 -26.91 86.89
C SER E 160 11.62 -28.12 86.27
N VAL E 161 12.82 -28.48 86.75
CA VAL E 161 13.53 -29.63 86.18
C VAL E 161 12.71 -30.90 86.34
N GLU E 162 12.01 -31.04 87.48
CA GLU E 162 11.24 -32.26 87.70
C GLU E 162 10.13 -32.42 86.67
N HIS E 163 9.34 -31.36 86.45
CA HIS E 163 8.25 -31.43 85.49
C HIS E 163 8.78 -31.56 84.06
N SER E 164 9.94 -30.99 83.78
CA SER E 164 10.54 -31.14 82.46
C SER E 164 10.77 -32.60 82.10
N ARG E 165 10.99 -33.46 83.10
CA ARG E 165 11.12 -34.90 82.88
C ARG E 165 9.77 -35.60 82.90
N ASN E 166 8.90 -35.19 83.82
CA ASN E 166 7.59 -35.85 83.93
C ASN E 166 6.80 -35.74 82.64
N THR E 167 6.84 -34.56 82.00
CA THR E 167 6.04 -34.38 80.79
C THR E 167 6.46 -35.33 79.68
N ALA E 168 7.77 -35.43 79.43
CA ALA E 168 8.24 -36.34 78.38
C ALA E 168 7.94 -37.79 78.74
N ASN E 169 8.13 -38.16 80.02
CA ASN E 169 7.81 -39.52 80.42
C ASN E 169 6.35 -39.84 80.18
N ALA E 170 5.47 -38.85 80.35
CA ALA E 170 4.05 -39.06 80.08
C ALA E 170 3.78 -39.21 78.59
N SER E 171 4.37 -38.34 77.77
CA SER E 171 4.06 -38.34 76.34
C SER E 171 4.58 -39.59 75.64
N TYR E 172 5.68 -40.15 76.12
CA TYR E 172 6.27 -41.31 75.46
C TYR E 172 5.29 -42.48 75.39
N GLN E 173 4.48 -42.68 76.43
CA GLN E 173 3.55 -43.80 76.45
C GLN E 173 2.42 -43.59 75.44
N ASP E 174 1.85 -42.38 75.41
CA ASP E 174 0.71 -42.12 74.55
C ASP E 174 1.09 -42.21 73.08
N LEU E 175 2.30 -41.78 72.72
CA LEU E 175 2.70 -41.89 71.32
C LEU E 175 2.67 -43.35 70.86
N ASN E 176 3.27 -44.24 71.65
CA ASN E 176 3.24 -45.66 71.32
C ASN E 176 1.81 -46.21 71.33
N LEU E 177 0.98 -45.70 72.24
CA LEU E 177 -0.41 -46.15 72.28
C LEU E 177 -1.13 -45.86 70.98
N LYS E 178 -0.92 -44.67 70.42
CA LYS E 178 -1.50 -44.34 69.12
C LYS E 178 -0.93 -45.23 68.01
N ARG E 179 0.40 -45.38 68.00
CA ARG E 179 1.06 -46.12 66.93
C ARG E 179 0.57 -47.57 66.88
N ALA E 180 0.41 -48.20 68.04
CA ALA E 180 -0.01 -49.59 68.07
C ALA E 180 -1.39 -49.76 67.44
N ALA E 181 -2.33 -48.87 67.77
CA ALA E 181 -3.67 -48.96 67.19
C ALA E 181 -3.62 -48.75 65.67
N VAL E 182 -2.83 -47.78 65.21
CA VAL E 182 -2.73 -47.55 63.77
C VAL E 182 -2.22 -48.81 63.07
N LEU E 183 -1.15 -49.40 63.61
CA LEU E 183 -0.59 -50.60 62.99
C LEU E 183 -1.58 -51.75 63.02
N GLN E 184 -2.32 -51.90 64.13
CA GLN E 184 -3.31 -52.98 64.21
C GLN E 184 -4.38 -52.83 63.14
N GLU E 185 -4.87 -51.60 62.94
CA GLU E 185 -5.89 -51.38 61.91
C GLU E 185 -5.34 -51.72 60.53
N GLN E 186 -4.12 -51.26 60.23
CA GLN E 186 -3.54 -51.57 58.92
C GLN E 186 -3.37 -53.07 58.71
N SER E 187 -2.88 -53.77 59.75
CA SER E 187 -2.70 -55.21 59.64
C SER E 187 -4.03 -55.93 59.44
N TRP E 188 -5.09 -55.47 60.12
CA TRP E 188 -6.40 -56.09 59.93
C TRP E 188 -6.95 -55.86 58.53
N GLY E 189 -6.69 -54.70 57.93
CA GLY E 189 -7.08 -54.49 56.54
C GLY E 189 -6.32 -55.40 55.59
N ALA E 190 -5.01 -55.52 55.83
CA ALA E 190 -4.19 -56.40 55.00
C ALA E 190 -4.65 -57.85 55.11
N ARG E 191 -5.04 -58.28 56.30
CA ARG E 191 -5.57 -59.63 56.48
C ARG E 191 -6.88 -59.84 55.73
N GLY E 192 -7.68 -58.79 55.57
CA GLY E 192 -8.95 -58.92 54.89
C GLY E 192 -8.82 -58.93 53.38
N ASN E 193 -7.78 -58.28 52.86
CA ASN E 193 -7.57 -58.31 51.42
C ASN E 193 -7.32 -59.73 50.90
N ALA E 194 -6.51 -60.51 51.63
CA ALA E 194 -6.16 -61.85 51.16
C ALA E 194 -7.37 -62.77 51.13
N ALA E 195 -8.32 -62.58 52.04
CA ALA E 195 -9.52 -63.41 52.02
C ALA E 195 -10.29 -63.23 50.73
N ILE E 196 -10.47 -61.99 50.29
CA ILE E 196 -11.16 -61.74 49.02
C ILE E 196 -10.33 -62.28 47.85
N ALA E 197 -9.01 -62.11 47.91
CA ALA E 197 -8.16 -62.67 46.85
C ALA E 197 -8.39 -64.17 46.71
N ASP E 198 -8.35 -64.91 47.82
CA ASP E 198 -8.55 -66.35 47.79
C ASP E 198 -9.97 -66.70 47.35
N PHE E 199 -10.97 -65.94 47.79
CA PHE E 199 -12.35 -66.21 47.38
C PHE E 199 -12.50 -66.09 45.87
N VAL E 200 -11.88 -65.05 45.29
CA VAL E 200 -11.96 -64.89 43.84
C VAL E 200 -11.21 -66.00 43.13
N THR E 201 -10.04 -66.39 43.65
CA THR E 201 -9.26 -67.44 43.00
C THR E 201 -9.96 -68.78 43.04
N ALA E 202 -10.64 -69.10 44.14
CA ALA E 202 -11.20 -70.44 44.31
C ALA E 202 -12.23 -70.76 43.24
N GLN E 203 -13.14 -69.83 42.96
CA GLN E 203 -14.22 -70.11 42.02
C GLN E 203 -13.74 -70.08 40.57
N GLN E 204 -12.57 -69.50 40.30
CA GLN E 204 -12.04 -69.52 38.95
C GLN E 204 -11.80 -70.95 38.48
N SER E 205 -11.60 -71.87 39.41
CA SER E 205 -11.42 -73.28 39.11
C SER E 205 -12.72 -74.07 39.15
N GLY E 206 -13.85 -73.42 39.42
CA GLY E 206 -15.12 -74.10 39.42
C GLY E 206 -15.45 -74.85 40.70
N ASP E 207 -14.92 -74.40 41.84
CA ASP E 207 -15.16 -75.03 43.14
C ASP E 207 -15.73 -73.97 44.09
N THR E 208 -17.05 -73.99 44.26
CA THR E 208 -17.70 -73.01 45.14
C THR E 208 -17.52 -73.38 46.61
N GLU E 209 -17.47 -74.67 46.92
CA GLU E 209 -17.37 -75.09 48.32
C GLU E 209 -16.11 -74.53 48.97
N GLN E 210 -14.99 -74.55 48.25
CA GLN E 210 -13.77 -73.97 48.80
C GLN E 210 -13.93 -72.48 49.04
N ALA E 211 -14.64 -71.78 48.16
CA ALA E 211 -14.89 -70.36 48.38
C ALA E 211 -15.71 -70.13 49.64
N LEU E 212 -16.75 -70.94 49.86
CA LEU E 212 -17.54 -70.81 51.08
C LEU E 212 -16.70 -71.09 52.31
N GLN E 213 -15.84 -72.11 52.25
CA GLN E 213 -14.96 -72.41 53.37
C GLN E 213 -14.01 -71.25 53.64
N ASN E 214 -13.47 -70.63 52.58
CA ASN E 214 -12.59 -69.49 52.75
C ASN E 214 -13.31 -68.32 53.41
N VAL E 215 -14.55 -68.05 53.00
CA VAL E 215 -15.31 -66.96 53.61
C VAL E 215 -15.56 -67.25 55.09
N ASN E 216 -15.98 -68.48 55.39
CA ASN E 216 -16.24 -68.85 56.78
C ASN E 216 -14.98 -68.76 57.63
N SER E 217 -13.82 -69.10 57.06
CA SER E 217 -12.58 -69.05 57.82
C SER E 217 -12.28 -67.63 58.29
N PHE E 218 -12.49 -66.64 57.43
CA PHE E 218 -12.25 -65.25 57.83
C PHE E 218 -13.32 -64.76 58.79
N ILE E 219 -14.59 -65.13 58.56
CA ILE E 219 -15.66 -64.67 59.44
C ILE E 219 -15.43 -65.19 60.86
N SER E 220 -15.13 -66.49 60.98
CA SER E 220 -14.86 -67.07 62.29
C SER E 220 -13.57 -66.57 62.92
N SER E 221 -12.55 -66.25 62.11
CA SER E 221 -11.34 -65.67 62.65
C SER E 221 -11.59 -64.28 63.22
N VAL E 222 -12.43 -63.48 62.56
CA VAL E 222 -12.77 -62.16 63.08
C VAL E 222 -13.65 -62.28 64.33
N THR E 223 -14.57 -63.25 64.35
CA THR E 223 -15.54 -63.32 65.44
C THR E 223 -14.86 -63.57 66.78
N HIS E 224 -13.90 -64.50 66.83
CA HIS E 224 -13.37 -64.98 68.09
C HIS E 224 -12.23 -64.15 68.64
N ASP E 225 -11.74 -63.15 67.90
CA ASP E 225 -10.69 -62.30 68.42
C ASP E 225 -11.19 -61.51 69.63
N ASP E 226 -10.30 -61.32 70.61
CA ASP E 226 -10.65 -60.65 71.85
C ASP E 226 -9.98 -59.29 72.01
N SER E 227 -9.19 -58.84 71.04
CA SER E 227 -8.47 -57.58 71.14
C SER E 227 -9.21 -56.42 70.49
N ILE E 228 -10.45 -56.62 70.04
CA ILE E 228 -11.21 -55.57 69.39
C ILE E 228 -12.59 -55.49 70.03
N THR E 229 -13.22 -54.33 69.90
CA THR E 229 -14.52 -54.07 70.51
C THR E 229 -15.64 -54.60 69.63
N ALA E 230 -16.85 -54.62 70.20
CA ALA E 230 -18.01 -55.19 69.50
C ALA E 230 -18.33 -54.42 68.23
N GLU E 231 -18.30 -53.09 68.30
CA GLU E 231 -18.65 -52.30 67.11
C GLU E 231 -17.68 -52.55 65.97
N ASN E 232 -16.39 -52.70 66.26
CA ASN E 232 -15.44 -53.06 65.21
C ASN E 232 -15.72 -54.44 64.65
N LYS E 233 -16.11 -55.39 65.49
CA LYS E 233 -16.49 -56.72 65.00
C LYS E 233 -17.67 -56.63 64.05
N ILE E 234 -18.67 -55.83 64.38
CA ILE E 234 -19.82 -55.66 63.49
C ILE E 234 -19.39 -54.98 62.19
N LYS E 235 -18.55 -53.94 62.29
CA LYS E 235 -18.13 -53.20 61.11
C LYS E 235 -17.38 -54.09 60.13
N TYR E 236 -16.38 -54.82 60.62
CA TYR E 236 -15.59 -55.67 59.73
C TYR E 236 -16.45 -56.74 59.08
N THR E 237 -17.32 -57.39 59.86
CA THR E 237 -18.16 -58.43 59.32
C THR E 237 -19.11 -57.89 58.26
N SER E 238 -19.74 -56.75 58.53
CA SER E 238 -20.66 -56.16 57.55
C SER E 238 -19.93 -55.79 56.27
N GLN E 239 -18.76 -55.15 56.41
CA GLN E 239 -18.01 -54.74 55.22
C GLN E 239 -17.60 -55.95 54.40
N PHE E 240 -17.09 -57.00 55.04
CA PHE E 240 -16.66 -58.18 54.30
C PHE E 240 -17.85 -58.87 53.62
N VAL E 241 -18.98 -58.99 54.33
CA VAL E 241 -20.14 -59.66 53.75
C VAL E 241 -20.65 -58.88 52.55
N VAL E 242 -20.72 -57.56 52.66
CA VAL E 242 -21.18 -56.75 51.54
C VAL E 242 -20.22 -56.86 50.36
N ASN E 243 -18.92 -56.81 50.63
CA ASN E 243 -17.94 -56.90 49.55
C ASN E 243 -17.96 -58.25 48.87
N ALA E 244 -18.34 -59.31 49.60
CA ALA E 244 -18.34 -60.64 49.01
C ALA E 244 -19.31 -60.75 47.84
N PHE E 245 -20.48 -60.12 47.94
CA PHE E 245 -21.47 -60.23 46.87
C PHE E 245 -20.97 -59.60 45.58
N ALA E 246 -20.18 -58.53 45.68
CA ALA E 246 -19.76 -57.78 44.50
C ALA E 246 -18.81 -58.57 43.61
N ASN E 247 -18.27 -59.69 44.08
CA ASN E 247 -17.28 -60.45 43.33
C ASN E 247 -17.83 -61.74 42.72
N ALA E 248 -19.08 -62.10 43.00
CA ALA E 248 -19.67 -63.29 42.41
C ALA E 248 -19.81 -63.11 40.90
N ASN E 249 -19.46 -64.16 40.17
CA ASN E 249 -19.44 -64.12 38.70
C ASN E 249 -20.55 -64.95 38.06
N SER E 250 -21.50 -65.46 38.84
CA SER E 250 -22.59 -66.26 38.29
C SER E 250 -23.79 -66.18 39.21
N THR E 251 -24.95 -66.52 38.67
CA THR E 251 -26.19 -66.50 39.43
C THR E 251 -26.31 -67.67 40.41
N GLY E 252 -25.49 -68.71 40.26
CA GLY E 252 -25.50 -69.81 41.20
C GLY E 252 -24.71 -69.49 42.44
N ASP E 253 -23.56 -68.82 42.25
CA ASP E 253 -22.76 -68.39 43.38
C ASP E 253 -23.52 -67.39 44.25
N MET E 254 -24.28 -66.49 43.63
CA MET E 254 -25.10 -65.55 44.39
C MET E 254 -26.08 -66.28 45.30
N GLN E 255 -26.79 -67.26 44.74
CA GLN E 255 -27.76 -68.02 45.53
C GLN E 255 -27.08 -68.81 46.64
N ALA E 256 -25.94 -69.44 46.34
CA ALA E 256 -25.24 -70.22 47.36
C ALA E 256 -24.80 -69.32 48.50
N LEU E 257 -24.20 -68.17 48.18
CA LEU E 257 -23.75 -67.25 49.23
C LEU E 257 -24.92 -66.68 50.02
N THR E 258 -26.04 -66.39 49.35
CA THR E 258 -27.22 -65.92 50.06
C THR E 258 -27.72 -66.97 51.04
N GLY E 259 -27.77 -68.23 50.60
CA GLY E 259 -28.18 -69.30 51.49
C GLY E 259 -27.25 -69.46 52.67
N TYR E 260 -25.94 -69.37 52.44
CA TYR E 260 -24.98 -69.51 53.53
C TYR E 260 -25.12 -68.37 54.54
N VAL E 261 -25.26 -67.14 54.03
CA VAL E 261 -25.21 -65.98 54.92
C VAL E 261 -26.44 -65.94 55.82
N GLN E 262 -27.63 -66.13 55.26
CA GLN E 262 -28.86 -66.00 56.02
C GLN E 262 -29.07 -67.10 57.04
N SER E 263 -28.26 -68.17 57.00
CA SER E 263 -28.35 -69.23 57.98
C SER E 263 -27.28 -69.13 59.07
N LEU E 264 -26.23 -68.36 58.83
CA LEU E 264 -25.17 -68.20 59.83
C LEU E 264 -25.73 -67.58 61.10
N SER E 265 -25.41 -68.20 62.23
CA SER E 265 -25.94 -67.72 63.51
C SER E 265 -25.44 -66.31 63.84
N GLU E 266 -24.17 -66.04 63.58
CA GLU E 266 -23.59 -64.74 63.92
C GLU E 266 -24.25 -63.60 63.15
N PHE E 267 -24.88 -63.89 62.02
CA PHE E 267 -25.58 -62.87 61.24
C PHE E 267 -27.01 -62.66 61.73
N LYS E 268 -27.56 -63.62 62.47
CA LYS E 268 -28.94 -63.51 62.92
C LYS E 268 -29.10 -62.52 64.06
N ASN E 269 -28.02 -62.23 64.79
CA ASN E 269 -28.10 -61.39 65.99
C ASN E 269 -27.70 -59.94 65.73
N MET E 270 -27.41 -59.58 64.48
CA MET E 270 -27.01 -58.22 64.18
C MET E 270 -28.20 -57.27 64.32
N PRO E 271 -27.94 -55.97 64.47
CA PRO E 271 -29.04 -55.01 64.54
C PRO E 271 -29.87 -55.02 63.26
N THR E 272 -31.15 -54.69 63.40
CA THR E 272 -32.07 -54.77 62.26
C THR E 272 -31.64 -53.84 61.13
N ASP E 273 -31.16 -52.64 61.45
CA ASP E 273 -30.80 -51.66 60.43
C ASP E 273 -29.62 -52.10 59.58
N VAL E 274 -28.82 -53.05 60.06
CA VAL E 274 -27.71 -53.58 59.26
C VAL E 274 -28.16 -54.75 58.40
N GLN E 275 -29.00 -55.63 58.97
CA GLN E 275 -29.55 -56.72 58.18
C GLN E 275 -30.36 -56.19 57.01
N THR E 276 -31.19 -55.17 57.25
CA THR E 276 -31.98 -54.59 56.17
C THR E 276 -31.08 -53.98 55.10
N GLN E 277 -30.02 -53.29 55.51
CA GLN E 277 -29.11 -52.69 54.54
C GLN E 277 -28.42 -53.75 53.68
N ILE E 278 -27.94 -54.83 54.31
CA ILE E 278 -27.29 -55.89 53.54
C ILE E 278 -28.27 -56.56 52.59
N MET E 279 -29.49 -56.83 53.07
CA MET E 279 -30.49 -57.45 52.22
C MET E 279 -30.82 -56.56 51.02
N GLY E 280 -30.96 -55.26 51.25
CA GLY E 280 -31.21 -54.34 50.16
C GLY E 280 -30.05 -54.25 49.18
N SER E 281 -28.82 -54.33 49.69
CA SER E 281 -27.65 -54.24 48.84
C SER E 281 -27.45 -55.46 47.96
N ALA E 282 -27.74 -56.66 48.47
CA ALA E 282 -27.56 -57.86 47.66
C ALA E 282 -28.47 -57.86 46.44
N GLN E 283 -29.72 -57.42 46.62
CA GLN E 283 -30.70 -57.45 45.53
C GLN E 283 -30.32 -56.53 44.38
N GLN E 284 -29.39 -55.60 44.58
CA GLN E 284 -28.93 -54.74 43.51
C GLN E 284 -27.86 -55.39 42.64
N TYR E 285 -26.90 -56.10 43.24
CA TYR E 285 -25.99 -56.90 42.44
C TYR E 285 -26.75 -58.03 41.74
N TYR E 286 -27.85 -58.47 42.36
CA TYR E 286 -28.80 -59.28 41.63
C TYR E 286 -29.58 -58.42 40.65
N GLN E 287 -30.05 -59.07 39.58
CA GLN E 287 -30.63 -58.46 38.38
C GLN E 287 -29.55 -57.80 37.54
N GLN E 288 -28.39 -57.50 38.13
CA GLN E 288 -27.26 -57.01 37.35
C GLN E 288 -26.43 -58.17 36.84
N ARG E 289 -26.14 -59.13 37.72
CA ARG E 289 -25.56 -60.38 37.27
C ARG E 289 -26.51 -61.15 36.36
N ALA E 290 -27.79 -60.78 36.33
CA ALA E 290 -28.73 -61.37 35.38
C ALA E 290 -28.70 -60.63 34.04
N SER E 291 -28.65 -59.30 34.06
CA SER E 291 -28.58 -58.55 32.81
C SER E 291 -27.29 -58.85 32.05
N ASP E 292 -26.18 -59.03 32.78
CA ASP E 292 -24.92 -59.34 32.10
C ASP E 292 -25.00 -60.66 31.34
N GLU E 293 -25.61 -61.68 31.94
CA GLU E 293 -25.71 -62.97 31.28
C GLU E 293 -26.54 -62.92 30.02
N SER E 294 -27.45 -61.95 29.90
CA SER E 294 -28.23 -61.78 28.68
C SER E 294 -27.50 -60.94 27.65
N VAL E 295 -26.76 -59.92 28.10
CA VAL E 295 -25.97 -59.12 27.16
C VAL E 295 -24.83 -59.94 26.58
N GLN E 296 -24.42 -61.01 27.26
CA GLN E 296 -23.37 -61.87 26.72
C GLN E 296 -23.75 -62.44 25.35
N LEU E 297 -25.01 -62.83 25.17
CA LEU E 297 -25.41 -63.38 23.88
C LEU E 297 -25.37 -62.33 22.77
N TYR E 298 -25.75 -61.09 23.07
CA TYR E 298 -25.62 -60.04 22.07
C TYR E 298 -24.17 -59.79 21.72
N GLU E 299 -23.27 -59.82 22.71
CA GLU E 299 -21.85 -59.69 22.40
C GLU E 299 -21.37 -60.83 21.50
N TYR E 300 -21.81 -62.05 21.79
CA TYR E 300 -21.42 -63.19 20.97
C TYR E 300 -21.93 -63.05 19.55
N ASN E 301 -23.18 -62.59 19.40
CA ASN E 301 -23.73 -62.38 18.06
C ASN E 301 -22.96 -61.32 17.31
N SER E 302 -22.56 -60.24 17.98
CA SER E 302 -21.75 -59.22 17.33
C SER E 302 -20.42 -59.82 16.86
N ARG E 303 -19.78 -60.60 17.72
CA ARG E 303 -18.52 -61.24 17.33
C ARG E 303 -18.73 -62.13 16.11
N VAL E 304 -19.83 -62.89 16.07
CA VAL E 304 -20.11 -63.73 14.91
C VAL E 304 -20.29 -62.89 13.66
N ASN E 305 -21.04 -61.79 13.77
CA ASN E 305 -21.32 -60.94 12.62
C ASN E 305 -20.11 -60.13 12.18
N SER E 306 -19.04 -60.08 12.98
CA SER E 306 -17.86 -59.28 12.66
C SER E 306 -17.04 -59.85 11.50
N VAL E 307 -17.35 -61.05 11.02
CA VAL E 307 -16.62 -61.67 9.92
C VAL E 307 -17.27 -61.27 8.60
N THR E 308 -16.45 -61.15 7.55
CA THR E 308 -16.90 -60.61 6.27
C THR E 308 -16.66 -61.54 5.09
N ASP E 309 -16.01 -62.68 5.28
CA ASP E 309 -15.72 -63.60 4.19
C ASP E 309 -16.37 -64.95 4.48
N TYR E 310 -16.76 -65.65 3.40
CA TYR E 310 -17.58 -66.84 3.56
C TYR E 310 -16.79 -68.03 4.12
N LYS E 311 -15.60 -68.28 3.60
CA LYS E 311 -14.89 -69.51 3.96
C LYS E 311 -14.55 -69.54 5.44
N THR E 312 -13.96 -68.46 5.96
CA THR E 312 -13.58 -68.44 7.37
C THR E 312 -14.80 -68.48 8.27
N LEU E 313 -15.93 -67.96 7.81
CA LEU E 313 -17.15 -68.01 8.62
C LEU E 313 -17.55 -69.46 8.90
N ASN E 314 -17.61 -70.29 7.86
CA ASN E 314 -17.91 -71.70 8.05
C ASN E 314 -16.78 -72.44 8.73
N GLU E 315 -15.54 -71.99 8.57
CA GLU E 315 -14.41 -72.64 9.23
C GLU E 315 -14.43 -72.38 10.74
N ALA E 316 -15.00 -71.26 11.17
CA ALA E 316 -14.97 -70.87 12.58
C ALA E 316 -16.32 -71.01 13.27
N TYR E 317 -17.42 -70.73 12.58
CA TYR E 317 -18.75 -70.71 13.18
C TYR E 317 -19.71 -71.56 12.35
N PRO E 318 -19.67 -72.89 12.53
CA PRO E 318 -20.63 -73.74 11.83
C PRO E 318 -22.06 -73.41 12.22
N MET E 319 -22.97 -73.56 11.25
CA MET E 319 -24.36 -73.20 11.48
C MET E 319 -24.99 -74.08 12.56
N ALA E 320 -24.70 -75.38 12.54
CA ALA E 320 -25.31 -76.30 13.48
C ALA E 320 -24.94 -76.00 14.92
N GLN E 321 -23.82 -75.32 15.16
CA GLN E 321 -23.44 -74.92 16.51
C GLN E 321 -24.07 -73.59 16.90
N TYR E 322 -24.15 -72.65 15.96
CA TYR E 322 -24.81 -71.38 16.24
C TYR E 322 -26.29 -71.60 16.60
N ILE E 323 -26.97 -72.45 15.83
CA ILE E 323 -28.38 -72.71 16.10
C ILE E 323 -28.55 -73.32 17.48
N GLY E 324 -27.71 -74.29 17.83
CA GLY E 324 -27.81 -74.91 19.14
C GLY E 324 -27.53 -73.92 20.26
N THR E 325 -26.51 -73.06 20.08
CA THR E 325 -26.18 -72.09 21.11
C THR E 325 -27.34 -71.13 21.33
N VAL E 326 -27.98 -70.68 20.25
CA VAL E 326 -29.09 -69.74 20.41
C VAL E 326 -30.30 -70.44 21.05
N MET E 327 -30.60 -71.66 20.59
CA MET E 327 -31.79 -72.34 21.08
C MET E 327 -31.66 -72.78 22.52
N GLN E 328 -30.45 -73.15 22.96
CA GLN E 328 -30.25 -73.50 24.36
C GLN E 328 -30.52 -72.30 25.27
N ALA E 329 -30.03 -71.12 24.89
CA ALA E 329 -30.32 -69.92 25.66
C ALA E 329 -31.80 -69.59 25.63
N VAL E 330 -32.47 -69.75 24.48
CA VAL E 330 -33.90 -69.51 24.41
C VAL E 330 -34.64 -70.45 25.35
N GLN E 331 -34.17 -71.70 25.45
CA GLN E 331 -34.83 -72.68 26.29
C GLN E 331 -34.74 -72.30 27.77
N GLN E 332 -33.59 -71.78 28.19
CA GLN E 332 -33.37 -71.45 29.60
C GLN E 332 -33.97 -70.10 29.99
N LYS E 333 -34.74 -69.48 29.10
CA LYS E 333 -35.42 -68.22 29.39
C LYS E 333 -34.44 -67.09 29.67
N LYS E 334 -33.27 -67.11 29.02
CA LYS E 334 -32.38 -65.97 29.01
C LYS E 334 -32.70 -64.99 27.88
N LEU E 335 -33.31 -65.47 26.80
CA LEU E 335 -33.78 -64.63 25.72
C LEU E 335 -35.21 -65.03 25.37
N SER E 336 -36.00 -64.04 24.97
CA SER E 336 -37.35 -64.34 24.55
C SER E 336 -37.34 -65.03 23.19
N PRO E 337 -38.37 -65.82 22.87
CA PRO E 337 -38.38 -66.51 21.57
C PRO E 337 -38.26 -65.56 20.39
N GLY E 338 -38.91 -64.40 20.47
CA GLY E 338 -38.93 -63.48 19.35
C GLY E 338 -37.60 -62.85 19.04
N THR E 339 -36.71 -62.75 20.03
CA THR E 339 -35.37 -62.21 19.81
C THR E 339 -34.34 -63.29 19.56
N GLY E 340 -34.74 -64.56 19.54
CA GLY E 340 -33.85 -65.64 19.15
C GLY E 340 -34.14 -66.14 17.75
N TYR E 341 -35.43 -66.28 17.43
CA TYR E 341 -35.80 -66.71 16.09
C TYR E 341 -35.39 -65.67 15.05
N GLY E 342 -35.58 -64.39 15.35
CA GLY E 342 -35.13 -63.36 14.42
C GLY E 342 -33.63 -63.37 14.23
N MET E 343 -32.88 -63.57 15.32
CA MET E 343 -31.43 -63.68 15.23
C MET E 343 -31.00 -64.83 14.35
N VAL E 344 -31.65 -66.00 14.49
CA VAL E 344 -31.31 -67.13 13.63
C VAL E 344 -31.64 -66.82 12.17
N ASP E 345 -32.82 -66.24 11.92
CA ASP E 345 -33.24 -65.97 10.56
C ASP E 345 -32.32 -64.97 9.87
N ALA E 346 -31.88 -63.95 10.61
CA ALA E 346 -31.00 -62.94 10.02
C ALA E 346 -29.70 -63.57 9.53
N GLU E 347 -29.09 -64.43 10.36
CA GLU E 347 -27.86 -65.09 9.94
C GLU E 347 -28.13 -66.02 8.76
N SER E 348 -29.25 -66.75 8.79
CA SER E 348 -29.58 -67.63 7.68
C SER E 348 -29.69 -66.88 6.36
N GLN E 349 -30.28 -65.68 6.38
CA GLN E 349 -30.41 -64.90 5.15
C GLN E 349 -29.06 -64.30 4.75
N ARG E 350 -28.29 -63.82 5.73
CA ARG E 350 -27.01 -63.18 5.42
C ARG E 350 -26.04 -64.17 4.78
N ARG E 351 -26.03 -65.41 5.25
CA ARG E 351 -25.11 -66.39 4.67
C ARG E 351 -25.46 -66.66 3.20
N LEU E 352 -26.74 -66.79 2.87
CA LEU E 352 -27.13 -66.95 1.48
C LEU E 352 -26.77 -65.72 0.65
N LYS E 353 -26.95 -64.52 1.21
CA LYS E 353 -26.59 -63.31 0.48
C LYS E 353 -25.10 -63.29 0.14
N MET E 354 -24.26 -63.62 1.13
CA MET E 354 -22.82 -63.64 0.88
C MET E 354 -22.45 -64.73 -0.13
N GLN E 355 -23.10 -65.90 -0.02
CA GLN E 355 -22.83 -66.96 -0.99
C GLN E 355 -23.18 -66.53 -2.41
N LYS E 356 -24.29 -65.81 -2.57
CA LYS E 356 -24.63 -65.29 -3.91
C LYS E 356 -23.61 -64.26 -4.37
N ALA E 357 -23.19 -63.36 -3.48
CA ALA E 357 -22.26 -62.31 -3.87
C ALA E 357 -20.91 -62.87 -4.30
N GLU E 358 -20.49 -63.97 -3.65
CA GLU E 358 -19.19 -64.57 -4.00
C GLU E 358 -19.19 -65.06 -5.43
N GLN E 359 -20.32 -65.55 -5.94
CA GLN E 359 -20.40 -65.97 -7.33
C GLN E 359 -20.41 -64.80 -8.30
N GLY E 360 -21.03 -63.69 -7.91
CA GLY E 360 -21.07 -62.51 -8.76
C GLY E 360 -19.72 -61.83 -8.87
N GLN E 361 -18.91 -61.96 -7.82
CA GLN E 361 -17.57 -61.38 -7.88
C GLN E 361 -16.74 -61.96 -9.02
N LEU E 362 -16.91 -63.25 -9.30
CA LEU E 362 -16.11 -63.90 -10.33
C LEU E 362 -16.40 -63.32 -11.72
N ALA E 363 -17.64 -62.95 -11.99
CA ALA E 363 -17.96 -62.37 -13.29
C ALA E 363 -17.20 -61.08 -13.53
N TYR E 364 -17.12 -60.21 -12.51
CA TYR E 364 -16.30 -59.01 -12.62
C TYR E 364 -14.82 -59.35 -12.73
N THR E 365 -14.36 -60.32 -11.95
CA THR E 365 -12.93 -60.63 -11.94
C THR E 365 -12.44 -61.18 -13.28
N ASN E 366 -13.23 -62.04 -13.92
CA ASN E 366 -12.79 -62.74 -15.12
C ASN E 366 -13.50 -62.32 -16.40
N GLY E 367 -14.59 -61.54 -16.29
CA GLY E 367 -15.30 -61.14 -17.50
C GLY E 367 -14.39 -60.37 -18.45
N VAL E 368 -14.54 -60.67 -19.73
CA VAL E 368 -13.72 -60.05 -20.77
C VAL E 368 -14.36 -58.80 -21.38
N THR E 369 -15.68 -58.72 -21.40
CA THR E 369 -16.37 -57.55 -21.94
C THR E 369 -17.53 -57.19 -21.02
N ILE E 370 -18.17 -56.05 -21.32
CA ILE E 370 -19.33 -55.63 -20.53
C ILE E 370 -20.51 -56.56 -20.75
N SER E 371 -20.69 -57.04 -21.98
CA SER E 371 -21.87 -57.85 -22.29
C SER E 371 -21.92 -59.11 -21.45
N ASP E 372 -20.82 -59.88 -21.43
CA ASP E 372 -20.81 -61.13 -20.68
C ASP E 372 -20.67 -60.92 -19.18
N ILE E 373 -20.20 -59.76 -18.74
CA ILE E 373 -20.25 -59.43 -17.33
C ILE E 373 -21.68 -59.18 -16.89
N ALA E 374 -22.46 -58.47 -17.71
CA ALA E 374 -23.86 -58.25 -17.39
C ALA E 374 -24.66 -59.54 -17.48
N ALA E 375 -24.35 -60.39 -18.46
CA ALA E 375 -25.09 -61.63 -18.64
C ALA E 375 -24.89 -62.59 -17.48
N GLY E 376 -23.84 -62.40 -16.67
CA GLY E 376 -23.58 -63.27 -15.55
C GLY E 376 -24.28 -62.82 -14.28
N THR E 377 -24.04 -61.56 -13.88
CA THR E 377 -24.66 -61.03 -12.68
C THR E 377 -26.13 -60.65 -12.87
N GLY E 378 -26.55 -60.39 -14.11
CA GLY E 378 -27.92 -60.05 -14.39
C GLY E 378 -28.23 -58.56 -14.32
N GLU E 379 -27.25 -57.73 -13.97
CA GLU E 379 -27.49 -56.30 -13.88
C GLU E 379 -27.49 -55.65 -15.26
N SER E 380 -28.06 -54.47 -15.34
CA SER E 380 -28.05 -53.71 -16.58
C SER E 380 -26.65 -53.19 -16.88
N LEU E 381 -26.40 -52.86 -18.15
CA LEU E 381 -25.08 -52.41 -18.54
C LEU E 381 -24.68 -51.13 -17.82
N ASP E 382 -25.62 -50.18 -17.68
CA ASP E 382 -25.31 -48.94 -16.98
C ASP E 382 -24.91 -49.18 -15.53
N LYS E 383 -25.44 -50.23 -14.90
CA LYS E 383 -25.09 -50.50 -13.51
C LYS E 383 -23.73 -51.16 -13.39
N VAL E 384 -23.43 -52.14 -14.26
CA VAL E 384 -22.12 -52.78 -14.20
C VAL E 384 -21.04 -51.78 -14.55
N LYS E 385 -21.32 -50.82 -15.45
CA LYS E 385 -20.35 -49.78 -15.72
C LYS E 385 -19.99 -49.00 -14.45
N GLY E 386 -21.00 -48.58 -13.68
CA GLY E 386 -20.71 -47.86 -12.46
C GLY E 386 -20.01 -48.70 -11.43
N GLU E 387 -20.40 -49.97 -11.32
CA GLU E 387 -19.74 -50.86 -10.36
C GLU E 387 -18.27 -51.06 -10.71
N LEU E 388 -17.96 -51.24 -12.00
CA LEU E 388 -16.58 -51.33 -12.42
C LEU E 388 -15.82 -50.04 -12.16
N THR E 389 -16.46 -48.89 -12.42
CA THR E 389 -15.83 -47.61 -12.09
C THR E 389 -15.45 -47.56 -10.63
N LYS E 390 -16.39 -47.90 -9.74
CA LYS E 390 -16.12 -47.85 -8.31
C LYS E 390 -15.01 -48.83 -7.93
N MET E 391 -15.05 -50.05 -8.47
CA MET E 391 -14.05 -51.05 -8.13
C MET E 391 -12.66 -50.59 -8.50
N TYR E 392 -12.48 -50.14 -9.75
CA TYR E 392 -11.16 -49.74 -10.20
C TYR E 392 -10.72 -48.40 -9.63
N ALA E 393 -11.66 -47.58 -9.14
CA ALA E 393 -11.27 -46.39 -8.40
C ALA E 393 -10.77 -46.75 -7.01
N THR E 394 -11.40 -47.76 -6.38
CA THR E 394 -10.92 -48.24 -5.10
C THR E 394 -9.57 -48.92 -5.21
N ILE E 395 -9.33 -49.66 -6.29
CA ILE E 395 -8.05 -50.36 -6.44
C ILE E 395 -6.92 -49.37 -6.66
N GLY E 396 -7.17 -48.30 -7.43
CA GLY E 396 -6.14 -47.36 -7.79
C GLY E 396 -6.00 -46.15 -6.88
N GLN E 397 -6.88 -46.00 -5.89
CA GLN E 397 -6.83 -44.85 -5.00
C GLN E 397 -6.95 -43.55 -5.80
N GLY E 398 -8.08 -43.36 -6.47
CA GLY E 398 -8.33 -42.16 -7.25
C GLY E 398 -8.74 -42.49 -8.67
N TYR E 399 -9.18 -41.45 -9.37
CA TYR E 399 -9.65 -41.63 -10.75
C TYR E 399 -8.50 -41.79 -11.73
N SER E 400 -7.39 -41.07 -11.55
CA SER E 400 -6.29 -41.17 -12.52
C SER E 400 -5.66 -42.56 -12.48
N GLY E 401 -5.28 -43.03 -11.30
CA GLY E 401 -4.63 -44.32 -11.20
C GLY E 401 -5.51 -45.48 -11.62
N GLY E 402 -6.77 -45.47 -11.19
CA GLY E 402 -7.71 -46.50 -11.59
C GLY E 402 -7.99 -46.46 -13.07
N GLY E 403 -8.15 -45.25 -13.61
CA GLY E 403 -8.42 -45.11 -15.03
C GLY E 403 -7.29 -45.60 -15.89
N LEU E 404 -6.05 -45.33 -15.50
CA LEU E 404 -4.91 -45.80 -16.27
C LEU E 404 -4.90 -47.32 -16.35
N GLN E 405 -5.09 -47.98 -15.20
CA GLN E 405 -5.09 -49.44 -15.18
C GLN E 405 -6.26 -50.01 -15.96
N LEU E 406 -7.44 -49.38 -15.85
CA LEU E 406 -8.59 -49.86 -16.60
C LEU E 406 -8.36 -49.72 -18.11
N MET E 407 -7.77 -48.61 -18.53
CA MET E 407 -7.45 -48.41 -19.94
C MET E 407 -6.45 -49.45 -20.41
N GLN E 408 -5.43 -49.74 -19.60
CA GLN E 408 -4.46 -50.76 -19.97
C GLN E 408 -5.13 -52.12 -20.12
N ARG E 409 -6.02 -52.46 -19.18
CA ARG E 409 -6.73 -53.74 -19.29
C ARG E 409 -7.56 -53.79 -20.57
N GLY E 410 -8.29 -52.72 -20.87
CA GLY E 410 -9.10 -52.71 -22.08
C GLY E 410 -8.25 -52.84 -23.33
N LEU E 411 -7.13 -52.12 -23.38
CA LEU E 411 -6.27 -52.17 -24.55
C LEU E 411 -5.67 -53.55 -24.74
N LYS E 412 -5.20 -54.18 -23.66
CA LYS E 412 -4.58 -55.49 -23.77
C LYS E 412 -5.59 -56.60 -24.01
N SER E 413 -6.84 -56.44 -23.57
CA SER E 413 -7.85 -57.45 -23.78
C SER E 413 -8.59 -57.28 -25.10
N GLY E 414 -8.31 -56.21 -25.84
CA GLY E 414 -8.96 -55.99 -27.13
C GLY E 414 -10.45 -55.74 -27.02
N ALA E 415 -10.86 -54.91 -26.07
CA ALA E 415 -12.27 -54.54 -25.89
C ALA E 415 -12.37 -53.02 -25.85
N GLN E 416 -13.25 -52.46 -26.69
CA GLN E 416 -13.41 -51.01 -26.72
C GLN E 416 -14.26 -50.51 -25.56
N ASP E 417 -15.21 -51.33 -25.09
CA ASP E 417 -16.13 -50.88 -24.07
C ASP E 417 -15.41 -50.52 -22.77
N ILE E 418 -14.46 -51.35 -22.35
CA ILE E 418 -13.74 -51.08 -21.11
C ILE E 418 -12.84 -49.87 -21.26
N THR E 419 -12.18 -49.75 -22.41
CA THR E 419 -11.33 -48.59 -22.66
C THR E 419 -12.15 -47.30 -22.65
N GLY E 420 -13.40 -47.36 -23.12
CA GLY E 420 -14.23 -46.16 -23.09
C GLY E 420 -14.51 -45.68 -21.68
N VAL E 421 -14.90 -46.60 -20.79
CA VAL E 421 -15.17 -46.21 -19.41
C VAL E 421 -13.88 -45.77 -18.72
N GLY E 422 -12.74 -46.37 -19.04
CA GLY E 422 -11.49 -45.88 -18.49
C GLY E 422 -11.17 -44.47 -18.94
N ILE E 423 -11.39 -44.18 -20.23
CA ILE E 423 -11.12 -42.85 -20.75
C ILE E 423 -12.05 -41.83 -20.11
N GLU E 424 -13.30 -42.23 -19.84
CA GLU E 424 -14.21 -41.32 -19.15
C GLU E 424 -13.63 -40.83 -17.82
N MET E 425 -13.17 -41.76 -16.99
CA MET E 425 -12.53 -41.36 -15.73
C MET E 425 -11.28 -40.52 -15.99
N MET E 426 -10.46 -40.95 -16.94
CA MET E 426 -9.18 -40.28 -17.17
C MET E 426 -9.40 -38.82 -17.54
N GLN E 427 -10.36 -38.55 -18.41
CA GLN E 427 -10.63 -37.18 -18.85
C GLN E 427 -11.59 -36.44 -17.94
N GLN E 428 -12.25 -37.13 -16.99
CA GLN E 428 -12.98 -36.44 -15.95
C GLN E 428 -12.05 -35.90 -14.88
N ASP E 429 -10.97 -36.61 -14.59
CA ASP E 429 -10.01 -36.13 -13.60
C ASP E 429 -9.28 -34.88 -14.09
N ALA E 430 -9.04 -34.80 -15.41
CA ALA E 430 -8.18 -33.74 -15.94
C ALA E 430 -8.75 -32.34 -15.73
N GLN E 431 -10.04 -32.22 -15.41
CA GLN E 431 -10.65 -30.90 -15.30
C GLN E 431 -10.06 -30.05 -14.17
N SER E 432 -9.33 -30.67 -13.24
CA SER E 432 -8.78 -29.91 -12.12
C SER E 432 -7.71 -28.91 -12.59
N LEU E 433 -7.13 -29.14 -13.76
CA LEU E 433 -6.03 -28.29 -14.23
C LEU E 433 -6.49 -26.94 -14.73
N SER E 434 -7.80 -26.72 -14.90
CA SER E 434 -8.27 -25.47 -15.48
C SER E 434 -8.27 -24.32 -14.48
N GLY E 435 -8.25 -24.60 -13.18
CA GLY E 435 -8.39 -23.55 -12.18
C GLY E 435 -7.08 -23.01 -11.64
N ILE E 436 -5.96 -23.67 -11.95
CA ILE E 436 -4.68 -23.27 -11.39
C ILE E 436 -4.27 -21.91 -11.94
N ASP E 437 -3.78 -21.04 -11.06
CA ASP E 437 -3.24 -19.74 -11.44
C ASP E 437 -1.74 -19.90 -11.70
N TRP E 438 -1.39 -20.09 -12.97
CA TRP E 438 -0.02 -20.42 -13.33
C TRP E 438 0.93 -19.26 -13.04
N ARG E 439 0.46 -18.02 -13.16
CA ARG E 439 1.35 -16.87 -13.07
C ARG E 439 1.77 -16.54 -11.65
N ASN E 440 1.01 -16.98 -10.63
CA ASN E 440 1.27 -16.60 -9.25
C ASN E 440 1.74 -17.78 -8.41
N LEU E 441 2.33 -18.79 -9.02
CA LEU E 441 2.89 -19.90 -8.25
C LEU E 441 4.09 -19.43 -7.46
N LYS E 442 4.26 -20.00 -6.26
CA LYS E 442 5.40 -19.67 -5.44
C LYS E 442 6.69 -20.03 -6.16
N THR E 443 7.72 -19.21 -5.93
CA THR E 443 8.98 -19.31 -6.67
C THR E 443 10.11 -19.73 -5.75
N ASP E 444 11.00 -20.56 -6.30
CA ASP E 444 12.18 -21.00 -5.57
C ASP E 444 13.23 -19.89 -5.54
N ALA E 445 14.23 -20.05 -4.67
CA ALA E 445 15.28 -19.05 -4.55
C ALA E 445 16.04 -18.85 -5.85
N ASP E 446 16.00 -19.81 -6.77
CA ASP E 446 16.68 -19.71 -8.05
C ASP E 446 15.72 -19.41 -9.19
N GLY E 447 14.48 -19.02 -8.87
CA GLY E 447 13.51 -18.67 -9.88
C GLY E 447 12.67 -19.82 -10.39
N LYS E 448 12.95 -21.05 -9.97
CA LYS E 448 12.17 -22.18 -10.43
C LYS E 448 10.81 -22.20 -9.70
N PRO E 449 9.70 -22.28 -10.42
CA PRO E 449 8.40 -22.37 -9.75
C PRO E 449 8.31 -23.62 -8.88
N LEU E 450 7.23 -23.69 -8.09
CA LEU E 450 6.99 -24.79 -7.16
C LEU E 450 5.59 -25.33 -7.42
N TYR E 451 5.50 -26.32 -8.30
CA TYR E 451 4.21 -26.88 -8.67
C TYR E 451 3.70 -27.81 -7.56
N PRO E 452 2.40 -27.87 -7.33
CA PRO E 452 1.87 -28.84 -6.36
C PRO E 452 2.03 -30.26 -6.88
N ALA E 453 2.11 -31.21 -5.94
CA ALA E 453 2.32 -32.60 -6.31
C ALA E 453 1.08 -33.24 -6.94
N ALA E 454 -0.06 -32.55 -6.91
CA ALA E 454 -1.29 -33.13 -7.44
C ALA E 454 -1.35 -33.11 -8.96
N VAL E 455 -0.64 -32.19 -9.61
CA VAL E 455 -0.75 -32.02 -11.05
C VAL E 455 0.37 -32.77 -11.77
N VAL E 456 1.51 -32.93 -11.09
CA VAL E 456 2.62 -33.67 -11.70
C VAL E 456 2.21 -35.11 -11.98
N GLY E 457 1.59 -35.77 -11.00
CA GLY E 457 1.14 -37.13 -11.15
C GLY E 457 -0.07 -37.30 -12.03
N SER E 458 -0.73 -36.20 -12.40
CA SER E 458 -1.79 -36.21 -13.39
C SER E 458 -1.25 -36.08 -14.80
N LEU E 459 -0.32 -35.16 -15.02
CA LEU E 459 0.32 -35.02 -16.33
C LEU E 459 1.13 -36.27 -16.67
N GLY E 460 1.86 -36.81 -15.70
CA GLY E 460 2.66 -38.00 -15.94
C GLY E 460 1.84 -39.23 -16.23
N ASN E 461 0.58 -39.26 -15.78
CA ASN E 461 -0.33 -40.34 -16.11
C ASN E 461 -1.05 -40.10 -17.43
N LEU E 462 -1.38 -38.85 -17.75
CA LEU E 462 -1.98 -38.56 -19.04
C LEU E 462 -1.01 -38.91 -20.17
N GLN E 463 0.26 -38.54 -20.03
CA GLN E 463 1.24 -38.88 -21.06
C GLN E 463 1.39 -40.39 -21.19
N ALA E 464 1.44 -41.10 -20.07
CA ALA E 464 1.57 -42.55 -20.11
C ALA E 464 0.36 -43.18 -20.80
N ALA E 465 -0.84 -42.71 -20.50
CA ALA E 465 -2.04 -43.25 -21.15
C ALA E 465 -2.02 -42.99 -22.64
N TYR E 466 -1.65 -41.77 -23.05
CA TYR E 466 -1.62 -41.46 -24.48
C TYR E 466 -0.60 -42.34 -25.20
N GLN E 467 0.59 -42.50 -24.61
CA GLN E 467 1.61 -43.33 -25.25
C GLN E 467 1.20 -44.79 -25.30
N SER E 468 0.55 -45.30 -24.24
CA SER E 468 0.06 -46.67 -24.28
C SER E 468 -0.99 -46.85 -25.36
N ALA E 469 -1.88 -45.88 -25.51
CA ALA E 469 -2.89 -45.96 -26.57
C ALA E 469 -2.23 -45.98 -27.95
N LEU E 470 -1.21 -45.13 -28.14
CA LEU E 470 -0.54 -45.10 -29.45
C LEU E 470 0.28 -46.35 -29.69
N ALA E 471 0.79 -46.99 -28.63
CA ALA E 471 1.69 -48.13 -28.81
C ALA E 471 0.98 -49.31 -29.45
N ALA E 472 -0.31 -49.48 -29.19
CA ALA E 472 -1.05 -50.63 -29.72
C ALA E 472 -1.51 -50.43 -31.16
N GLY E 473 -1.26 -49.27 -31.75
CA GLY E 473 -1.71 -49.02 -33.10
C GLY E 473 -3.16 -48.59 -33.20
N ASN E 474 -3.74 -48.06 -32.12
CA ASN E 474 -5.13 -47.66 -32.07
C ASN E 474 -5.15 -46.13 -31.96
N GLN E 475 -5.22 -45.48 -33.12
CA GLN E 475 -5.25 -44.02 -33.14
C GLN E 475 -6.63 -43.45 -32.90
N VAL E 476 -7.68 -44.22 -33.19
CA VAL E 476 -9.04 -43.73 -33.00
C VAL E 476 -9.29 -43.40 -31.54
N GLN E 477 -9.00 -44.32 -30.64
CA GLN E 477 -9.19 -44.09 -29.21
C GLN E 477 -8.10 -43.24 -28.59
N ALA E 478 -6.97 -43.04 -29.28
CA ALA E 478 -5.99 -42.07 -28.82
C ALA E 478 -6.46 -40.64 -29.10
N ASN E 479 -7.07 -40.42 -30.27
CA ASN E 479 -7.64 -39.11 -30.57
C ASN E 479 -8.89 -38.87 -29.72
N GLN E 480 -9.68 -39.91 -29.48
CA GLN E 480 -10.86 -39.77 -28.64
C GLN E 480 -10.49 -39.28 -27.24
N LEU E 481 -9.31 -39.62 -26.76
CA LEU E 481 -8.89 -39.19 -25.43
C LEU E 481 -8.62 -37.69 -25.39
N LEU E 482 -8.05 -37.14 -26.46
CA LEU E 482 -7.68 -35.73 -26.48
C LEU E 482 -8.88 -34.81 -26.71
N SER E 483 -10.09 -35.34 -26.79
CA SER E 483 -11.28 -34.54 -27.06
C SER E 483 -11.93 -33.99 -25.79
N GLY E 484 -11.36 -34.24 -24.62
CA GLY E 484 -11.93 -33.76 -23.38
C GLY E 484 -10.95 -32.98 -22.51
N LEU E 485 -9.67 -32.97 -22.89
CA LEU E 485 -8.67 -32.29 -22.11
C LEU E 485 -8.63 -30.80 -22.44
N PRO E 486 -8.16 -29.96 -21.52
CA PRO E 486 -8.05 -28.53 -21.82
C PRO E 486 -7.00 -28.26 -22.89
N ASP E 487 -7.16 -27.13 -23.57
CA ASP E 487 -6.32 -26.81 -24.72
C ASP E 487 -4.83 -26.85 -24.43
N PRO E 488 -4.30 -26.18 -23.39
CA PRO E 488 -2.85 -26.23 -23.15
C PRO E 488 -2.33 -27.64 -22.91
N VAL E 489 -3.08 -28.49 -22.22
CA VAL E 489 -2.62 -29.86 -22.00
C VAL E 489 -2.56 -30.62 -23.32
N VAL E 490 -3.58 -30.45 -24.17
CA VAL E 490 -3.55 -31.10 -25.48
C VAL E 490 -2.36 -30.62 -26.29
N TYR E 491 -2.07 -29.32 -26.23
CA TYR E 491 -0.93 -28.78 -26.96
C TYR E 491 0.38 -29.38 -26.45
N GLY E 492 0.52 -29.51 -25.13
CA GLY E 492 1.77 -30.00 -24.57
C GLY E 492 2.05 -31.45 -24.92
N ILE E 493 1.03 -32.30 -24.85
CA ILE E 493 1.24 -33.74 -25.02
C ILE E 493 1.73 -34.04 -26.43
N ARG E 494 1.08 -33.47 -27.45
CA ARG E 494 1.44 -33.78 -28.82
C ARG E 494 2.83 -33.28 -29.21
N GLN E 495 3.39 -32.34 -28.46
CA GLN E 495 4.75 -31.87 -28.70
C GLN E 495 5.70 -32.71 -27.86
N ASN E 496 6.23 -33.78 -28.47
CA ASN E 496 7.08 -34.71 -27.76
C ASN E 496 8.18 -33.98 -27.01
N VAL E 497 8.17 -34.12 -25.68
CA VAL E 497 9.12 -33.45 -24.81
C VAL E 497 9.34 -34.32 -23.58
N ASP E 498 10.54 -34.21 -23.00
CA ASP E 498 10.85 -34.98 -21.80
C ASP E 498 9.84 -34.68 -20.71
N ALA E 499 9.45 -35.72 -19.97
CA ALA E 499 8.42 -35.58 -18.95
C ALA E 499 8.77 -34.53 -17.90
N ARG E 500 10.06 -34.25 -17.70
CA ARG E 500 10.47 -33.29 -16.69
C ARG E 500 10.11 -31.86 -17.06
N ASP E 501 9.76 -31.60 -18.33
CA ASP E 501 9.47 -30.26 -18.80
C ASP E 501 8.02 -30.07 -19.24
N LEU E 502 7.18 -31.10 -19.11
CA LEU E 502 5.79 -30.98 -19.53
C LEU E 502 5.04 -29.93 -18.72
N ALA E 503 5.25 -29.90 -17.40
CA ALA E 503 4.57 -28.91 -16.57
C ALA E 503 4.98 -27.49 -16.97
N ASP E 504 6.27 -27.27 -17.19
CA ASP E 504 6.72 -25.94 -17.61
C ASP E 504 6.14 -25.56 -18.96
N VAL E 505 6.11 -26.50 -19.92
CA VAL E 505 5.55 -26.20 -21.22
C VAL E 505 4.08 -25.82 -21.09
N VAL E 506 3.33 -26.59 -20.31
CA VAL E 506 1.89 -26.31 -20.13
C VAL E 506 1.70 -24.95 -19.48
N GLY E 507 2.49 -24.65 -18.45
CA GLY E 507 2.36 -23.37 -17.77
C GLY E 507 2.65 -22.20 -18.68
N LYS E 508 3.71 -22.31 -19.50
CA LYS E 508 4.01 -21.25 -20.44
C LYS E 508 2.91 -21.09 -21.49
N ARG E 509 2.40 -22.22 -22.02
CA ARG E 509 1.37 -22.14 -23.06
C ARG E 509 0.09 -21.52 -22.52
N ALA E 510 -0.28 -21.85 -21.27
CA ALA E 510 -1.52 -21.32 -20.72
C ALA E 510 -1.51 -19.79 -20.67
N GLN E 511 -0.44 -19.19 -20.15
CA GLN E 511 -0.36 -17.75 -20.05
C GLN E 511 0.06 -17.09 -21.36
N ASP E 512 0.53 -17.86 -22.34
CA ASP E 512 0.64 -17.33 -23.69
C ASP E 512 -0.73 -17.21 -24.34
N ILE E 513 -1.59 -18.21 -24.14
CA ILE E 513 -2.96 -18.12 -24.64
C ILE E 513 -3.70 -16.99 -23.94
N ALA E 514 -3.53 -16.86 -22.62
CA ALA E 514 -4.23 -15.84 -21.88
C ALA E 514 -3.91 -14.44 -22.39
N SER E 515 -2.76 -14.27 -23.02
CA SER E 515 -2.32 -12.95 -23.49
C SER E 515 -2.77 -12.65 -24.92
N GLY E 516 -3.55 -13.53 -25.53
CA GLY E 516 -4.04 -13.27 -26.88
C GLY E 516 -2.97 -13.31 -27.95
N LYS E 517 -2.02 -14.24 -27.85
CA LYS E 517 -0.97 -14.37 -28.85
C LYS E 517 -1.34 -15.33 -29.97
N VAL E 518 -2.56 -15.87 -29.98
CA VAL E 518 -3.01 -16.84 -30.97
C VAL E 518 -4.02 -16.18 -31.89
N LEU E 519 -3.84 -16.37 -33.19
CA LEU E 519 -4.74 -15.78 -34.17
C LEU E 519 -6.06 -16.55 -34.23
N ALA E 520 -7.14 -15.82 -34.47
CA ALA E 520 -8.46 -16.44 -34.57
C ALA E 520 -8.58 -17.23 -35.86
N LEU E 521 -9.37 -18.30 -35.81
CA LEU E 521 -9.57 -19.14 -36.98
C LEU E 521 -10.60 -18.52 -37.92
N PRO E 522 -10.54 -18.87 -39.21
CA PRO E 522 -11.52 -18.31 -40.16
C PRO E 522 -12.92 -18.86 -39.93
N ALA E 523 -13.87 -18.29 -40.66
CA ALA E 523 -15.25 -18.76 -40.57
C ALA E 523 -15.46 -20.06 -41.35
N ASN E 524 -14.56 -20.39 -42.27
CA ASN E 524 -14.62 -21.63 -43.03
C ASN E 524 -13.43 -22.50 -42.65
N MET E 525 -13.67 -23.79 -42.49
CA MET E 525 -12.62 -24.68 -42.02
C MET E 525 -11.47 -24.70 -43.03
N PRO E 526 -10.22 -24.69 -42.57
CA PRO E 526 -9.09 -24.74 -43.50
C PRO E 526 -9.11 -26.02 -44.32
N ALA E 527 -8.61 -25.91 -45.56
CA ALA E 527 -8.56 -27.08 -46.44
C ALA E 527 -7.66 -28.16 -45.86
N ASP E 528 -6.63 -27.77 -45.12
CA ASP E 528 -5.68 -28.74 -44.56
C ASP E 528 -6.27 -29.60 -43.47
N VAL E 529 -7.47 -29.29 -42.98
CA VAL E 529 -8.10 -30.10 -41.94
C VAL E 529 -8.88 -31.28 -42.53
N SER E 530 -9.18 -31.27 -43.82
CA SER E 530 -9.94 -32.35 -44.43
C SER E 530 -9.11 -33.64 -44.46
N ILE E 531 -9.80 -34.74 -44.74
CA ILE E 531 -9.20 -36.07 -44.76
C ILE E 531 -9.14 -36.56 -46.20
N THR E 532 -8.00 -37.13 -46.59
CA THR E 532 -7.80 -37.62 -47.94
C THR E 532 -7.15 -38.99 -47.87
N GLN E 533 -6.93 -39.58 -49.05
CA GLN E 533 -6.38 -40.93 -49.13
C GLN E 533 -5.01 -41.01 -48.46
N ALA E 534 -4.20 -39.96 -48.58
CA ALA E 534 -2.89 -39.97 -47.94
C ALA E 534 -3.00 -40.14 -46.44
N ASP E 535 -4.03 -39.55 -45.82
CA ASP E 535 -4.26 -39.75 -44.40
C ASP E 535 -4.76 -41.15 -44.07
N VAL E 536 -5.54 -41.76 -44.97
CA VAL E 536 -5.96 -43.14 -44.75
C VAL E 536 -4.75 -44.05 -44.77
N THR E 537 -3.84 -43.84 -45.72
CA THR E 537 -2.61 -44.64 -45.78
C THR E 537 -1.76 -44.42 -44.52
N ALA E 538 -1.85 -43.23 -43.93
CA ALA E 538 -1.04 -42.90 -42.77
C ALA E 538 -1.42 -43.68 -41.51
N GLY E 539 -2.56 -44.35 -41.51
CA GLY E 539 -2.98 -45.15 -40.38
C GLY E 539 -4.21 -44.67 -39.63
N ILE E 540 -4.83 -43.58 -40.07
CA ILE E 540 -6.07 -43.15 -39.44
C ILE E 540 -7.16 -44.18 -39.77
N PHE E 541 -8.18 -44.23 -38.90
CA PHE E 541 -9.26 -45.20 -38.92
C PHE E 541 -8.82 -46.56 -38.41
N ASP E 542 -7.59 -46.71 -37.94
CA ASP E 542 -7.13 -47.96 -37.36
C ASP E 542 -7.65 -48.07 -35.93
N LEU E 543 -8.46 -49.09 -35.67
CA LEU E 543 -9.09 -49.26 -34.37
C LEU E 543 -8.35 -50.24 -33.47
N GLY E 544 -7.22 -50.77 -33.92
CA GLY E 544 -6.43 -51.67 -33.08
C GLY E 544 -6.96 -53.09 -33.08
N LEU E 545 -6.69 -53.79 -31.99
CA LEU E 545 -7.10 -55.19 -31.88
C LEU E 545 -8.61 -55.32 -31.80
N GLY E 546 -9.10 -56.49 -32.16
CA GLY E 546 -10.53 -56.76 -32.13
C GLY E 546 -10.86 -58.19 -32.49
N LYS E 547 -12.14 -58.57 -32.33
CA LYS E 547 -12.55 -59.93 -32.63
C LYS E 547 -12.84 -60.10 -34.12
N ASP E 548 -13.79 -59.36 -34.65
CA ASP E 548 -14.19 -59.48 -36.04
C ASP E 548 -13.37 -58.56 -36.93
N ALA E 549 -13.22 -58.95 -38.19
CA ALA E 549 -12.54 -58.08 -39.15
C ALA E 549 -13.31 -56.79 -39.35
N ARG E 550 -14.65 -56.85 -39.36
CA ARG E 550 -15.48 -55.66 -39.52
C ARG E 550 -15.39 -54.72 -38.32
N ASN E 551 -14.81 -55.16 -37.20
CA ASN E 551 -14.85 -54.38 -35.97
C ASN E 551 -13.45 -53.89 -35.58
N ARG E 552 -12.53 -53.77 -36.53
CA ARG E 552 -11.27 -53.08 -36.29
C ARG E 552 -10.97 -52.02 -37.34
N ASN E 553 -11.92 -51.71 -38.20
CA ASN E 553 -11.86 -50.54 -39.08
C ASN E 553 -13.12 -49.71 -38.85
N MET E 554 -12.94 -48.43 -38.58
CA MET E 554 -14.08 -47.59 -38.21
C MET E 554 -15.09 -47.47 -39.34
N LEU E 555 -14.67 -47.70 -40.58
CA LEU E 555 -15.58 -47.63 -41.71
C LEU E 555 -16.43 -48.89 -41.86
N GLY E 556 -16.04 -50.00 -41.22
CA GLY E 556 -16.86 -51.19 -41.22
C GLY E 556 -16.68 -52.10 -42.42
N ILE E 557 -15.65 -51.91 -43.22
CA ILE E 557 -15.40 -52.79 -44.36
C ILE E 557 -14.75 -54.07 -43.88
N GLN E 558 -15.13 -55.20 -44.49
CA GLN E 558 -14.67 -56.51 -44.05
C GLN E 558 -13.40 -56.95 -44.77
N SER E 559 -13.45 -57.03 -46.10
CA SER E 559 -12.31 -57.54 -46.87
C SER E 559 -11.06 -56.72 -46.58
N TRP E 560 -10.00 -57.41 -46.16
CA TRP E 560 -8.72 -56.76 -45.86
C TRP E 560 -7.54 -57.34 -46.62
N VAL E 561 -7.75 -58.35 -47.45
CA VAL E 561 -6.69 -58.96 -48.23
C VAL E 561 -6.98 -58.87 -49.73
N PHE E 562 -8.18 -59.29 -50.15
CA PHE E 562 -8.63 -59.17 -51.53
C PHE E 562 -9.93 -58.36 -51.54
N THR E 563 -9.92 -57.25 -52.27
CA THR E 563 -11.03 -56.30 -52.27
C THR E 563 -11.49 -56.05 -53.69
N SER E 564 -12.80 -55.98 -53.88
CA SER E 564 -13.38 -55.63 -55.17
C SER E 564 -13.70 -54.14 -55.23
N ASP E 565 -14.09 -53.69 -56.42
CA ASP E 565 -14.44 -52.28 -56.61
C ASP E 565 -15.65 -51.87 -55.78
N ALA E 566 -16.54 -52.81 -55.46
CA ALA E 566 -17.69 -52.48 -54.64
C ALA E 566 -17.27 -51.94 -53.28
N ASP E 567 -16.25 -52.54 -52.67
CA ASP E 567 -15.70 -52.02 -51.42
C ASP E 567 -15.07 -50.65 -51.62
N GLU E 568 -14.41 -50.43 -52.75
CA GLU E 568 -13.81 -49.13 -53.03
C GLU E 568 -14.87 -48.04 -53.08
N LYS E 569 -15.99 -48.31 -53.74
CA LYS E 569 -17.06 -47.31 -53.83
C LYS E 569 -17.60 -46.99 -52.44
N ALA E 570 -17.82 -48.01 -51.60
CA ALA E 570 -18.32 -47.77 -50.26
C ALA E 570 -17.34 -46.95 -49.44
N ALA E 571 -16.04 -47.27 -49.53
CA ALA E 571 -15.04 -46.51 -48.81
C ALA E 571 -15.02 -45.05 -49.28
N GLN E 572 -15.12 -44.84 -50.59
CA GLN E 572 -15.13 -43.49 -51.12
C GLN E 572 -16.32 -42.70 -50.61
N ALA E 573 -17.50 -43.32 -50.59
CA ALA E 573 -18.69 -42.65 -50.06
C ALA E 573 -18.54 -42.34 -48.58
N ARG E 574 -18.00 -43.29 -47.81
CA ARG E 574 -17.92 -43.11 -46.37
C ARG E 574 -16.90 -42.05 -45.98
N VAL E 575 -15.83 -41.91 -46.76
CA VAL E 575 -14.87 -40.84 -46.50
C VAL E 575 -15.55 -39.47 -46.62
N SER E 576 -16.35 -39.30 -47.69
CA SER E 576 -17.09 -38.05 -47.86
C SER E 576 -18.10 -37.85 -46.74
N GLN E 577 -18.74 -38.94 -46.30
CA GLN E 577 -19.67 -38.83 -45.18
C GLN E 577 -18.98 -38.30 -43.93
N VAL E 578 -17.81 -38.86 -43.61
CA VAL E 578 -17.07 -38.41 -42.44
C VAL E 578 -16.63 -36.97 -42.61
N ASN E 579 -16.21 -36.58 -43.82
CA ASN E 579 -15.81 -35.20 -44.06
C ASN E 579 -16.97 -34.24 -43.83
N SER E 580 -18.17 -34.60 -44.30
CA SER E 580 -19.34 -33.76 -44.10
C SER E 580 -19.66 -33.64 -42.61
N ALA E 581 -19.59 -34.76 -41.88
CA ALA E 581 -19.84 -34.71 -40.45
C ALA E 581 -18.85 -33.77 -39.75
N MET E 582 -17.57 -33.88 -40.09
CA MET E 582 -16.57 -33.00 -39.49
C MET E 582 -16.82 -31.55 -39.83
N ASN E 583 -17.20 -31.26 -41.07
CA ASN E 583 -17.49 -29.88 -41.46
C ASN E 583 -18.67 -29.32 -40.65
N ASN E 584 -19.73 -30.10 -40.49
CA ASN E 584 -20.86 -29.64 -39.70
C ASN E 584 -20.45 -29.39 -38.25
N GLU E 585 -19.66 -30.30 -37.67
CA GLU E 585 -19.21 -30.12 -36.30
C GLU E 585 -18.38 -28.84 -36.16
N TYR E 586 -17.46 -28.61 -37.09
CA TYR E 586 -16.63 -27.42 -37.02
C TYR E 586 -17.46 -26.16 -37.14
N VAL E 587 -18.43 -26.13 -38.05
CA VAL E 587 -19.27 -24.95 -38.21
C VAL E 587 -20.05 -24.69 -36.92
N TYR E 588 -20.65 -25.73 -36.35
CA TYR E 588 -21.43 -25.55 -35.14
C TYR E 588 -20.56 -25.02 -34.01
N ASN E 589 -19.36 -25.59 -33.84
CA ASN E 589 -18.46 -25.11 -32.79
C ASN E 589 -18.04 -23.66 -33.02
N GLN E 590 -17.74 -23.31 -34.28
CA GLN E 590 -17.28 -21.94 -34.56
C GLN E 590 -18.38 -20.92 -34.28
N GLN E 591 -19.62 -21.24 -34.66
CA GLN E 591 -20.70 -20.27 -34.47
C GLN E 591 -20.90 -19.94 -33.00
N ARG E 592 -20.84 -20.95 -32.12
CA ARG E 592 -21.00 -20.71 -30.69
C ARG E 592 -19.78 -20.01 -30.07
N GLY E 593 -18.68 -19.87 -30.81
CA GLY E 593 -17.48 -19.27 -30.25
C GLY E 593 -16.83 -20.11 -29.19
N SER E 594 -16.70 -21.42 -29.42
CA SER E 594 -16.10 -22.33 -28.45
C SER E 594 -14.96 -23.15 -29.03
N LEU E 595 -14.37 -22.71 -30.14
CA LEU E 595 -13.28 -23.46 -30.74
C LEU E 595 -12.04 -23.41 -29.85
N PRO E 596 -11.24 -24.49 -29.84
CA PRO E 596 -10.02 -24.47 -29.04
C PRO E 596 -8.90 -23.71 -29.73
N ALA E 597 -7.85 -23.42 -28.96
CA ALA E 597 -6.68 -22.72 -29.47
C ALA E 597 -5.69 -23.71 -30.08
N LEU E 598 -6.06 -24.25 -31.24
CA LEU E 598 -5.25 -25.21 -31.97
C LEU E 598 -5.32 -24.91 -33.45
N VAL E 599 -4.39 -25.49 -34.20
CA VAL E 599 -4.29 -25.27 -35.64
C VAL E 599 -3.74 -26.51 -36.31
N GLY E 600 -4.19 -26.75 -37.54
CA GLY E 600 -3.64 -27.82 -38.35
C GLY E 600 -3.94 -29.19 -37.79
N ASP E 601 -2.89 -29.97 -37.59
CA ASP E 601 -3.05 -31.38 -37.22
C ASP E 601 -3.74 -31.52 -35.86
N ASP E 602 -3.43 -30.64 -34.90
CA ASP E 602 -4.09 -30.73 -33.60
C ASP E 602 -5.59 -30.52 -33.74
N LEU E 603 -6.00 -29.54 -34.53
CA LEU E 603 -7.43 -29.32 -34.75
C LEU E 603 -8.06 -30.50 -35.47
N LYS E 604 -7.36 -31.06 -36.45
CA LYS E 604 -7.89 -32.24 -37.15
C LYS E 604 -8.11 -33.39 -36.17
N SER E 605 -7.14 -33.64 -35.29
CA SER E 605 -7.28 -34.71 -34.31
C SER E 605 -8.43 -34.42 -33.35
N TRP E 606 -8.56 -33.17 -32.91
CA TRP E 606 -9.67 -32.81 -32.03
C TRP E 606 -11.02 -33.11 -32.68
N LEU E 607 -11.19 -32.67 -33.94
CA LEU E 607 -12.45 -32.90 -34.63
C LEU E 607 -12.69 -34.40 -34.86
N MET E 608 -11.65 -35.13 -35.25
CA MET E 608 -11.81 -36.58 -35.47
C MET E 608 -12.21 -37.29 -34.20
N GLY E 609 -11.59 -36.92 -33.06
CA GLY E 609 -11.99 -37.49 -31.79
C GLY E 609 -13.40 -37.13 -31.38
N LYS E 610 -13.84 -35.90 -31.66
CA LYS E 610 -15.23 -35.53 -31.40
C LYS E 610 -16.19 -36.38 -32.22
N VAL E 611 -15.89 -36.57 -33.50
CA VAL E 611 -16.79 -37.33 -34.37
C VAL E 611 -16.73 -38.82 -34.04
N ALA E 612 -15.55 -39.33 -33.65
CA ALA E 612 -15.38 -40.76 -33.51
C ALA E 612 -16.30 -41.36 -32.45
N SER E 613 -16.72 -40.55 -31.46
CA SER E 613 -17.49 -41.10 -30.35
C SER E 613 -18.93 -41.42 -30.76
N ARG E 614 -19.43 -40.79 -31.82
CA ARG E 614 -20.83 -40.91 -32.20
C ARG E 614 -21.06 -41.81 -33.40
N THR E 615 -20.12 -42.71 -33.71
CA THR E 615 -20.23 -43.59 -34.86
C THR E 615 -20.70 -44.97 -34.44
N VAL E 616 -21.67 -45.51 -35.18
CA VAL E 616 -22.22 -46.84 -34.93
C VAL E 616 -22.29 -47.58 -36.25
N ARG E 617 -21.87 -48.85 -36.24
CA ARG E 617 -21.82 -49.68 -37.44
C ARG E 617 -22.95 -50.70 -37.40
N VAL E 618 -24.10 -50.31 -37.95
CA VAL E 618 -25.23 -51.23 -38.06
C VAL E 618 -24.80 -52.44 -38.88
N LYS E 619 -25.38 -53.60 -38.57
CA LYS E 619 -24.87 -54.86 -39.12
C LYS E 619 -25.62 -55.29 -40.37
N ASP E 620 -26.92 -55.51 -40.27
CA ASP E 620 -27.66 -56.26 -41.27
C ASP E 620 -28.03 -55.39 -42.47
N GLY E 621 -28.39 -56.08 -43.56
CA GLY E 621 -28.91 -55.46 -44.75
C GLY E 621 -28.18 -55.90 -46.01
N THR E 622 -26.86 -56.00 -45.92
CA THR E 622 -26.00 -56.44 -47.02
C THR E 622 -24.62 -56.72 -46.42
N ASP E 623 -23.65 -56.97 -47.30
CA ASP E 623 -22.26 -57.04 -46.85
C ASP E 623 -21.77 -55.65 -46.50
N ASN E 624 -20.83 -55.59 -45.55
CA ASN E 624 -20.27 -54.34 -45.04
C ASN E 624 -21.29 -53.57 -44.20
N GLY E 625 -22.50 -54.11 -44.07
CA GLY E 625 -23.51 -53.46 -43.25
C GLY E 625 -23.78 -52.03 -43.67
N ALA E 626 -23.86 -51.14 -42.69
CA ALA E 626 -24.09 -49.73 -42.92
C ALA E 626 -23.42 -48.92 -41.81
N LEU E 627 -23.20 -47.64 -42.08
CA LEU E 627 -22.53 -46.74 -41.16
C LEU E 627 -23.43 -45.55 -40.87
N LEU E 628 -23.58 -45.22 -39.59
CA LEU E 628 -24.41 -44.12 -39.15
C LEU E 628 -23.69 -43.31 -38.09
N VAL E 629 -24.04 -42.03 -37.98
CA VAL E 629 -23.52 -41.14 -36.95
C VAL E 629 -24.70 -40.61 -36.15
N LEU E 630 -24.76 -40.98 -34.88
CA LEU E 630 -25.88 -40.59 -34.04
C LEU E 630 -25.83 -39.09 -33.77
N PRO E 631 -26.99 -38.44 -33.64
CA PRO E 631 -27.00 -37.01 -33.32
C PRO E 631 -26.71 -36.76 -31.85
N GLU E 632 -26.36 -35.52 -31.54
CA GLU E 632 -26.13 -35.12 -30.16
C GLU E 632 -27.46 -34.91 -29.44
N VAL E 633 -27.51 -35.38 -28.19
CA VAL E 633 -28.72 -35.29 -27.39
C VAL E 633 -28.33 -34.80 -26.00
N GLY E 634 -29.30 -34.19 -25.32
CA GLY E 634 -29.10 -33.75 -23.95
C GLY E 634 -28.60 -34.87 -23.07
N ASP E 635 -29.43 -35.89 -22.87
CA ASP E 635 -29.04 -37.09 -22.14
C ASP E 635 -29.57 -38.31 -22.89
N LYS E 636 -28.69 -39.30 -23.07
CA LYS E 636 -29.04 -40.45 -23.90
C LYS E 636 -30.13 -41.30 -23.26
N GLN E 637 -30.20 -41.33 -21.94
CA GLN E 637 -31.11 -42.23 -21.25
C GLN E 637 -32.58 -41.88 -21.47
N LYS E 638 -32.88 -40.65 -21.89
CA LYS E 638 -34.27 -40.27 -22.14
C LYS E 638 -34.72 -40.63 -23.54
N VAL E 639 -33.84 -40.55 -24.53
CA VAL E 639 -34.22 -40.80 -25.92
C VAL E 639 -33.90 -42.24 -26.30
N PHE E 640 -32.64 -42.62 -26.22
CA PHE E 640 -32.23 -43.96 -26.63
C PHE E 640 -32.50 -45.01 -25.56
N GLY E 641 -32.60 -44.62 -24.30
CA GLY E 641 -32.87 -45.55 -23.23
C GLY E 641 -31.66 -46.23 -22.64
N SER E 642 -30.47 -46.01 -23.20
CA SER E 642 -29.26 -46.61 -22.67
C SER E 642 -28.07 -45.79 -23.15
N THR E 643 -26.99 -45.86 -22.37
CA THR E 643 -25.77 -45.10 -22.68
C THR E 643 -24.73 -45.92 -23.43
N ASP E 644 -25.02 -47.19 -23.75
CA ASP E 644 -24.06 -48.06 -24.41
C ASP E 644 -24.45 -48.21 -25.87
N ASN E 645 -23.47 -48.07 -26.76
CA ASN E 645 -23.75 -48.14 -28.20
C ASN E 645 -24.00 -49.56 -28.69
N GLY E 646 -23.49 -50.56 -27.97
CA GLY E 646 -23.65 -51.95 -28.40
C GLY E 646 -25.08 -52.44 -28.43
N ILE E 647 -25.97 -51.77 -27.69
CA ILE E 647 -27.38 -52.13 -27.72
C ILE E 647 -28.12 -51.37 -28.81
N ILE E 648 -27.78 -50.09 -29.00
CA ILE E 648 -28.41 -49.31 -30.06
C ILE E 648 -28.05 -49.88 -31.42
N GLU E 649 -26.82 -50.38 -31.57
CA GLU E 649 -26.41 -50.97 -32.84
C GLU E 649 -27.30 -52.16 -33.19
N SER E 650 -27.62 -53.01 -32.21
CA SER E 650 -28.49 -54.14 -32.47
C SER E 650 -29.94 -53.70 -32.67
N ALA E 651 -30.37 -52.67 -31.95
CA ALA E 651 -31.76 -52.24 -32.02
C ALA E 651 -32.09 -51.55 -33.34
N LEU E 652 -31.13 -50.86 -33.95
CA LEU E 652 -31.40 -50.12 -35.18
C LEU E 652 -31.51 -51.03 -36.40
N THR E 653 -31.25 -52.33 -36.25
CA THR E 653 -31.14 -53.21 -37.41
C THR E 653 -32.45 -53.27 -38.20
N GLU E 654 -33.57 -53.47 -37.51
CA GLU E 654 -34.85 -53.61 -38.20
C GLU E 654 -35.21 -52.34 -38.97
N SER E 655 -35.05 -51.19 -38.32
CA SER E 655 -35.39 -49.92 -38.97
C SER E 655 -34.50 -49.69 -40.18
N VAL E 656 -33.20 -49.94 -40.05
CA VAL E 656 -32.30 -49.73 -41.18
C VAL E 656 -32.65 -50.67 -42.32
N THR E 657 -32.92 -51.95 -42.02
CA THR E 657 -33.25 -52.90 -43.07
C THR E 657 -34.53 -52.50 -43.78
N ASN E 658 -35.55 -52.08 -43.03
CA ASN E 658 -36.79 -51.65 -43.67
C ASN E 658 -36.56 -50.43 -44.55
N PHE E 659 -35.80 -49.45 -44.05
CA PHE E 659 -35.55 -48.25 -44.83
C PHE E 659 -34.83 -48.57 -46.13
N LYS E 660 -33.82 -49.44 -46.06
CA LYS E 660 -33.13 -49.84 -47.29
C LYS E 660 -34.01 -50.67 -48.21
N LYS E 661 -34.93 -51.47 -47.66
CA LYS E 661 -35.83 -52.25 -48.50
C LYS E 661 -36.78 -51.34 -49.26
N GLN E 662 -37.29 -50.29 -48.62
CA GLN E 662 -38.24 -49.40 -49.28
C GLN E 662 -37.59 -48.61 -50.41
N TYR E 663 -36.33 -48.21 -50.25
CA TYR E 663 -35.63 -47.35 -51.20
C TYR E 663 -34.30 -47.99 -51.61
N PRO E 664 -34.34 -48.95 -52.54
CA PRO E 664 -33.08 -49.57 -52.99
C PRO E 664 -32.09 -48.59 -53.59
N GLN E 665 -32.56 -47.51 -54.23
CA GLN E 665 -31.65 -46.60 -54.90
C GLN E 665 -30.81 -45.78 -53.93
N ALA E 666 -31.20 -45.72 -52.66
CA ALA E 666 -30.46 -44.94 -51.66
C ALA E 666 -29.14 -45.66 -51.35
N THR E 667 -28.04 -44.89 -51.38
CA THR E 667 -26.73 -45.47 -51.09
C THR E 667 -26.32 -45.27 -49.64
N THR E 668 -26.64 -44.10 -49.08
CA THR E 668 -26.25 -43.76 -47.71
C THR E 668 -27.47 -43.26 -46.95
N VAL E 669 -27.39 -43.34 -45.63
CA VAL E 669 -28.47 -42.98 -44.73
C VAL E 669 -27.96 -41.98 -43.71
N GLN E 670 -28.80 -41.01 -43.35
CA GLN E 670 -28.50 -40.02 -42.32
C GLN E 670 -29.60 -40.05 -41.28
N MET E 671 -29.23 -39.77 -40.03
CA MET E 671 -30.15 -39.82 -38.91
C MET E 671 -30.16 -38.48 -38.19
N ASP E 672 -31.36 -38.07 -37.75
CA ASP E 672 -31.53 -36.80 -37.08
C ASP E 672 -32.65 -36.92 -36.05
N TYR E 673 -32.63 -36.01 -35.07
CA TYR E 673 -33.57 -36.03 -33.96
C TYR E 673 -34.35 -34.72 -33.93
N ASP E 674 -35.68 -34.83 -33.77
CA ASP E 674 -36.55 -33.67 -33.70
C ASP E 674 -37.11 -33.56 -32.28
N PRO E 675 -36.57 -32.68 -31.43
CA PRO E 675 -37.01 -32.67 -30.03
C PRO E 675 -38.46 -32.24 -29.84
N LEU E 676 -38.99 -31.39 -30.72
CA LEU E 676 -40.31 -30.82 -30.48
C LEU E 676 -41.39 -31.89 -30.41
N THR E 677 -41.37 -32.85 -31.32
CA THR E 677 -42.35 -33.94 -31.34
C THR E 677 -41.77 -35.26 -30.85
N GLN E 678 -40.56 -35.27 -30.29
CA GLN E 678 -39.93 -36.49 -29.81
C GLN E 678 -39.90 -37.55 -30.92
N GLU E 679 -39.20 -37.22 -32.01
CA GLU E 679 -39.23 -38.00 -33.22
C GLU E 679 -37.82 -38.24 -33.74
N LEU E 680 -37.62 -39.40 -34.36
CA LEU E 680 -36.36 -39.74 -35.03
C LEU E 680 -36.61 -39.81 -36.53
N ILE E 681 -35.71 -39.21 -37.31
CA ILE E 681 -35.91 -39.04 -38.74
C ILE E 681 -34.73 -39.64 -39.49
N PHE E 682 -35.05 -40.38 -40.55
CA PHE E 682 -34.05 -40.93 -41.47
C PHE E 682 -34.23 -40.27 -42.84
N GLN E 683 -33.12 -40.03 -43.52
CA GLN E 683 -33.14 -39.38 -44.83
C GLN E 683 -31.94 -39.84 -45.64
N GLY E 684 -32.16 -40.02 -46.94
CA GLY E 684 -31.06 -40.33 -47.84
C GLY E 684 -30.28 -39.07 -48.19
N VAL E 685 -28.98 -39.25 -48.44
CA VAL E 685 -28.07 -38.13 -48.67
C VAL E 685 -27.30 -38.37 -49.96
N ASN E 686 -26.90 -37.27 -50.59
CA ASN E 686 -26.09 -37.26 -51.79
C ASN E 686 -24.74 -36.60 -51.48
N ALA E 687 -23.81 -36.71 -52.43
CA ALA E 687 -22.51 -36.08 -52.27
C ALA E 687 -22.65 -34.56 -52.33
N GLU E 688 -21.61 -33.83 -51.96
CA GLU E 688 -21.61 -32.38 -51.95
C GLU E 688 -22.55 -31.81 -50.89
N ASN E 689 -22.85 -32.60 -49.85
CA ASN E 689 -23.70 -32.19 -48.74
C ASN E 689 -25.14 -31.91 -49.17
N GLN E 690 -25.55 -32.43 -50.33
CA GLN E 690 -26.92 -32.28 -50.78
C GLN E 690 -27.78 -33.43 -50.26
N LEU E 691 -29.07 -33.17 -50.15
CA LEU E 691 -30.02 -34.11 -49.55
C LEU E 691 -31.01 -34.60 -50.60
N GLY E 692 -31.50 -35.82 -50.41
CA GLY E 692 -32.45 -36.42 -51.31
C GLY E 692 -33.90 -36.16 -50.90
N THR E 693 -34.81 -36.90 -51.53
CA THR E 693 -36.24 -36.74 -51.29
C THR E 693 -36.81 -37.82 -50.37
N THR E 694 -36.11 -38.93 -50.19
CA THR E 694 -36.63 -39.99 -49.32
C THR E 694 -36.55 -39.57 -47.86
N ARG E 695 -37.54 -39.98 -47.08
CA ARG E 695 -37.58 -39.66 -45.66
C ARG E 695 -38.44 -40.69 -44.94
N ALA E 696 -38.17 -40.83 -43.63
CA ALA E 696 -38.93 -41.74 -42.78
C ALA E 696 -38.95 -41.17 -41.37
N SER E 697 -39.93 -41.64 -40.58
CA SER E 697 -40.14 -41.13 -39.24
C SER E 697 -40.45 -42.29 -38.30
N ILE E 698 -39.91 -42.22 -37.09
CA ILE E 698 -40.10 -43.27 -36.08
C ILE E 698 -40.21 -42.62 -34.70
N PRO E 699 -41.25 -42.93 -33.92
CA PRO E 699 -41.33 -42.37 -32.55
C PRO E 699 -40.25 -42.97 -31.67
N ALA E 700 -39.92 -42.23 -30.60
CA ALA E 700 -38.88 -42.68 -29.67
C ALA E 700 -39.40 -43.74 -28.71
N ALA E 701 -40.70 -43.73 -28.41
CA ALA E 701 -41.23 -44.63 -27.39
C ALA E 701 -41.02 -46.09 -27.78
N ASP E 702 -41.41 -46.46 -29.00
CA ASP E 702 -41.22 -47.83 -29.44
C ASP E 702 -39.76 -48.21 -29.59
N PHE E 703 -38.89 -47.26 -29.95
CA PHE E 703 -37.45 -47.55 -29.99
C PHE E 703 -36.94 -47.89 -28.61
N ARG E 704 -37.33 -47.10 -27.60
CA ARG E 704 -36.93 -47.40 -26.22
C ARG E 704 -37.49 -48.75 -25.77
N ASN E 705 -38.73 -49.04 -26.15
CA ASN E 705 -39.32 -50.33 -25.79
C ASN E 705 -38.54 -51.48 -26.40
N THR E 706 -38.13 -51.34 -27.67
CA THR E 706 -37.33 -52.38 -28.31
C THR E 706 -35.98 -52.53 -27.65
N VAL E 707 -35.35 -51.42 -27.28
CA VAL E 707 -34.05 -51.48 -26.61
C VAL E 707 -34.19 -52.23 -25.29
N ARG E 708 -35.23 -51.90 -24.51
CA ARG E 708 -35.45 -52.59 -23.24
C ARG E 708 -35.75 -54.06 -23.45
N GLY E 709 -36.51 -54.40 -24.49
CA GLY E 709 -36.77 -55.79 -24.78
C GLY E 709 -35.51 -56.56 -25.12
N VAL E 710 -34.61 -55.96 -25.89
CA VAL E 710 -33.34 -56.61 -26.21
C VAL E 710 -32.51 -56.78 -24.93
N GLN E 711 -32.47 -55.75 -24.09
CA GLN E 711 -31.70 -55.84 -22.85
C GLN E 711 -32.24 -56.94 -21.94
N ASN E 712 -33.57 -57.06 -21.85
CA ASN E 712 -34.16 -58.11 -21.03
C ASN E 712 -33.78 -59.49 -21.53
N THR E 713 -33.80 -59.71 -22.84
CA THR E 713 -33.37 -60.99 -23.37
C THR E 713 -31.90 -61.24 -23.07
N LEU E 714 -31.07 -60.21 -23.19
CA LEU E 714 -29.65 -60.37 -22.91
C LEU E 714 -29.41 -60.78 -21.46
N THR E 715 -30.05 -60.08 -20.52
CA THR E 715 -29.84 -60.33 -19.10
C THR E 715 -30.75 -61.41 -18.54
N GLN E 716 -31.69 -61.92 -19.32
CA GLN E 716 -32.61 -62.98 -18.88
C GLN E 716 -33.53 -62.47 -17.78
N ASN E 717 -34.16 -61.32 -18.05
CA ASN E 717 -35.12 -60.72 -17.12
C ASN E 717 -34.46 -60.36 -15.79
N GLY E 718 -33.14 -60.21 -15.79
CA GLY E 718 -32.42 -59.79 -14.61
C GLY E 718 -32.21 -60.88 -13.58
N SER E 719 -32.58 -62.13 -13.86
CA SER E 719 -32.40 -63.21 -12.90
C SER E 719 -30.99 -63.76 -12.91
N GLY E 720 -30.19 -63.48 -13.95
CA GLY E 720 -28.84 -63.98 -14.02
C GLY E 720 -28.75 -65.35 -14.63
N THR E 721 -27.51 -65.83 -14.75
CA THR E 721 -27.26 -67.14 -15.32
C THR E 721 -27.67 -68.24 -14.33
N THR E 722 -27.83 -69.45 -14.86
CA THR E 722 -28.28 -70.59 -14.05
C THR E 722 -27.45 -71.85 -14.31
N GLN E 723 -26.30 -71.73 -14.95
CA GLN E 723 -25.45 -72.90 -15.17
C GLN E 723 -24.88 -73.40 -13.85
N GLY E 724 -24.71 -74.72 -13.77
CA GLY E 724 -24.23 -75.32 -12.55
C GLY E 724 -23.45 -76.59 -12.80
N ASN E 725 -23.19 -77.32 -11.72
CA ASN E 725 -22.43 -78.57 -11.78
C ASN E 725 -22.96 -79.53 -10.72
N LEU E 726 -22.64 -80.81 -10.90
CA LEU E 726 -23.02 -81.85 -9.97
C LEU E 726 -21.84 -82.77 -9.68
N ASN E 727 -21.87 -83.41 -8.51
CA ASN E 727 -20.91 -84.43 -8.15
C ASN E 727 -21.61 -85.79 -8.18
N VAL E 728 -21.25 -86.62 -9.15
CA VAL E 728 -21.83 -87.94 -9.32
C VAL E 728 -20.78 -88.97 -8.92
N PRO E 729 -21.06 -89.88 -7.99
CA PRO E 729 -20.03 -90.86 -7.61
C PRO E 729 -19.53 -91.64 -8.81
N GLY E 730 -18.22 -91.81 -8.88
CA GLY E 730 -17.61 -92.55 -9.97
C GLY E 730 -17.47 -91.72 -11.25
N ALA E 731 -18.59 -91.17 -11.73
CA ALA E 731 -18.57 -90.46 -12.99
C ALA E 731 -17.89 -89.10 -12.89
N GLY E 732 -17.79 -88.52 -11.69
CA GLY E 732 -17.16 -87.22 -11.55
C GLY E 732 -18.12 -86.08 -11.81
N PHE E 733 -17.55 -84.94 -12.18
CA PHE E 733 -18.33 -83.73 -12.39
C PHE E 733 -19.11 -83.79 -13.70
N VAL E 734 -20.31 -83.23 -13.68
CA VAL E 734 -21.16 -83.12 -14.87
C VAL E 734 -21.90 -81.79 -14.81
N SER E 735 -22.38 -81.37 -15.98
CA SER E 735 -23.11 -80.11 -16.08
C SER E 735 -24.53 -80.26 -15.58
N PHE E 736 -25.09 -79.14 -15.08
CA PHE E 736 -26.43 -79.14 -14.54
C PHE E 736 -27.00 -77.73 -14.62
N ASN E 737 -28.26 -77.62 -15.04
CA ASN E 737 -28.95 -76.35 -15.18
C ASN E 737 -30.03 -76.27 -14.11
N ALA E 738 -30.00 -75.18 -13.33
CA ALA E 738 -30.91 -75.01 -12.21
C ALA E 738 -32.13 -74.17 -12.55
N GLY E 739 -32.36 -73.87 -13.82
CA GLY E 739 -33.50 -73.05 -14.18
C GLY E 739 -34.81 -73.73 -13.83
N ASN E 740 -35.81 -72.92 -13.49
CA ASN E 740 -37.13 -73.43 -13.13
C ASN E 740 -38.17 -72.36 -13.46
N SER E 741 -39.43 -72.78 -13.48
CA SER E 741 -40.54 -71.92 -13.88
C SER E 741 -41.31 -71.36 -12.69
N PHE E 742 -40.80 -71.49 -11.46
CA PHE E 742 -41.48 -71.00 -10.28
C PHE E 742 -40.74 -69.86 -9.58
N GLY E 743 -39.53 -69.54 -10.00
CA GLY E 743 -38.80 -68.42 -9.43
C GLY E 743 -37.96 -68.75 -8.23
N ILE E 744 -37.60 -70.01 -8.00
CA ILE E 744 -36.79 -70.36 -6.85
C ILE E 744 -35.33 -70.05 -7.16
N GLN E 745 -34.69 -69.31 -6.27
CA GLN E 745 -33.33 -68.82 -6.50
C GLN E 745 -32.35 -70.00 -6.54
N LYS E 746 -31.24 -69.80 -7.24
CA LYS E 746 -30.37 -70.91 -7.62
C LYS E 746 -29.91 -71.73 -6.42
N ASN E 747 -29.36 -71.07 -5.41
CA ASN E 747 -28.80 -71.79 -4.27
C ASN E 747 -29.87 -72.49 -3.45
N VAL E 748 -31.14 -72.13 -3.61
CA VAL E 748 -32.21 -72.85 -2.94
C VAL E 748 -32.63 -74.09 -3.73
N VAL E 749 -32.63 -73.98 -5.06
CA VAL E 749 -32.90 -75.15 -5.89
C VAL E 749 -31.80 -76.20 -5.69
N MET E 750 -30.55 -75.77 -5.65
CA MET E 750 -29.44 -76.71 -5.50
C MET E 750 -29.42 -77.39 -4.13
N GLY E 751 -30.21 -76.92 -3.17
CA GLY E 751 -30.22 -77.51 -1.85
C GLY E 751 -30.83 -78.89 -1.79
N ALA E 752 -31.97 -79.09 -2.46
CA ALA E 752 -32.67 -80.36 -2.38
C ALA E 752 -32.00 -81.44 -3.23
N VAL E 753 -31.40 -81.06 -4.35
CA VAL E 753 -30.74 -82.04 -5.20
C VAL E 753 -29.52 -82.62 -4.50
N ASN E 754 -28.81 -81.80 -3.71
CA ASN E 754 -27.64 -82.29 -2.98
C ASN E 754 -28.02 -83.25 -1.86
N GLN E 755 -29.29 -83.31 -1.47
CA GLN E 755 -29.76 -84.31 -0.52
C GLN E 755 -30.31 -85.55 -1.24
N LEU E 756 -31.00 -85.32 -2.37
CA LEU E 756 -31.48 -86.44 -3.16
C LEU E 756 -30.33 -87.29 -3.65
N VAL E 757 -29.24 -86.65 -4.10
CA VAL E 757 -28.07 -87.38 -4.54
C VAL E 757 -27.38 -88.09 -3.39
N SER E 758 -27.33 -87.46 -2.21
CA SER E 758 -26.68 -88.06 -1.05
C SER E 758 -27.48 -89.22 -0.47
N TYR E 759 -28.78 -89.29 -0.74
CA TYR E 759 -29.61 -90.42 -0.30
C TYR E 759 -29.67 -91.53 -1.34
N GLU E 760 -30.02 -91.21 -2.58
CA GLU E 760 -30.21 -92.24 -3.59
C GLU E 760 -28.89 -92.84 -4.09
N GLY E 761 -27.87 -92.00 -4.30
CA GLY E 761 -26.65 -92.49 -4.89
C GLY E 761 -26.79 -92.67 -6.39
N TYR E 762 -25.78 -93.33 -6.97
CA TYR E 762 -25.75 -93.54 -8.41
C TYR E 762 -24.98 -94.82 -8.72
N THR E 763 -25.54 -95.64 -9.59
CA THR E 763 -24.89 -96.86 -10.04
C THR E 763 -25.13 -97.01 -11.53
N PRO E 764 -24.20 -97.63 -12.28
CA PRO E 764 -24.40 -97.77 -13.73
C PRO E 764 -25.67 -98.52 -14.10
N SER E 765 -26.04 -99.54 -13.34
CA SER E 765 -27.19 -100.37 -13.70
C SER E 765 -28.52 -99.78 -13.25
N LYS E 766 -28.50 -98.75 -12.41
CA LYS E 766 -29.73 -98.14 -11.91
C LYS E 766 -29.78 -96.62 -12.07
N GLY E 767 -28.66 -95.97 -12.36
CA GLY E 767 -28.68 -94.51 -12.46
C GLY E 767 -29.12 -93.89 -11.16
N PHE E 768 -30.04 -92.93 -11.25
CA PHE E 768 -30.58 -92.25 -10.09
C PHE E 768 -31.87 -92.89 -9.58
N SER E 769 -32.25 -94.06 -10.11
CA SER E 769 -33.40 -94.80 -9.62
C SER E 769 -34.71 -94.08 -9.92
N VAL E 770 -34.83 -93.53 -11.13
CA VAL E 770 -36.06 -92.87 -11.53
C VAL E 770 -37.07 -93.92 -11.98
N LEU E 771 -38.24 -93.91 -11.36
CA LEU E 771 -39.29 -94.87 -11.68
C LEU E 771 -40.63 -94.17 -11.87
N GLU E 783 -41.98 -93.23 -17.99
CA GLU E 783 -41.98 -93.34 -19.44
C GLU E 783 -40.58 -93.68 -19.95
N ASP E 784 -40.45 -93.80 -21.28
CA ASP E 784 -39.17 -94.17 -21.87
C ASP E 784 -38.14 -93.05 -21.72
N LYS E 785 -38.58 -91.80 -21.73
CA LYS E 785 -37.65 -90.68 -21.69
C LYS E 785 -37.28 -90.25 -20.27
N TYR E 786 -37.88 -90.87 -19.26
CA TYR E 786 -37.56 -90.57 -17.86
C TYR E 786 -36.70 -91.65 -17.20
N VAL E 787 -36.29 -92.66 -17.94
CA VAL E 787 -35.54 -93.78 -17.38
C VAL E 787 -34.22 -93.94 -18.13
N LYS E 788 -33.24 -94.49 -17.43
CA LYS E 788 -31.91 -94.68 -18.03
C LYS E 788 -31.86 -95.99 -18.81
N GLN E 789 -31.28 -95.93 -20.00
CA GLN E 789 -31.03 -97.11 -20.80
C GLN E 789 -29.61 -97.61 -20.60
N ALA E 790 -29.34 -98.81 -21.11
CA ALA E 790 -28.05 -99.43 -20.90
C ALA E 790 -26.91 -98.64 -21.52
N THR E 791 -27.15 -97.94 -22.63
CA THR E 791 -26.11 -97.25 -23.37
C THR E 791 -25.95 -95.79 -23.00
N ASP E 792 -26.74 -95.27 -22.04
CA ASP E 792 -26.68 -93.86 -21.71
C ASP E 792 -25.40 -93.53 -20.96
N THR E 793 -24.81 -92.37 -21.29
CA THR E 793 -23.70 -91.84 -20.51
C THR E 793 -24.24 -91.11 -19.28
N PRO E 794 -23.40 -90.89 -18.27
CA PRO E 794 -23.90 -90.23 -17.06
C PRO E 794 -24.51 -88.86 -17.32
N GLN E 795 -23.99 -88.10 -18.28
CA GLN E 795 -24.57 -86.79 -18.58
C GLN E 795 -26.01 -86.94 -19.08
N VAL E 796 -26.25 -87.92 -19.96
CA VAL E 796 -27.60 -88.13 -20.45
C VAL E 796 -28.53 -88.55 -19.32
N ALA E 797 -28.07 -89.42 -18.44
CA ALA E 797 -28.90 -89.83 -17.31
C ALA E 797 -29.23 -88.64 -16.41
N ALA E 798 -28.24 -87.78 -16.17
CA ALA E 798 -28.49 -86.58 -15.36
C ALA E 798 -29.50 -85.67 -16.02
N ASP E 799 -29.43 -85.50 -17.34
CA ASP E 799 -30.40 -84.68 -18.03
C ASP E 799 -31.81 -85.23 -17.86
N LYS E 800 -31.97 -86.55 -18.01
CA LYS E 800 -33.28 -87.16 -17.81
C LYS E 800 -33.75 -87.00 -16.38
N PHE E 801 -32.84 -87.12 -15.41
CA PHE E 801 -33.22 -86.94 -14.01
C PHE E 801 -33.73 -85.53 -13.76
N ASN E 802 -33.02 -84.53 -14.29
CA ASN E 802 -33.47 -83.15 -14.13
C ASN E 802 -34.82 -82.92 -14.79
N MET E 803 -35.00 -83.46 -16.00
CA MET E 803 -36.29 -83.32 -16.67
C MET E 803 -37.41 -83.96 -15.87
N TYR E 804 -37.18 -85.16 -15.33
CA TYR E 804 -38.19 -85.83 -14.53
C TYR E 804 -38.53 -85.00 -13.29
N LEU E 805 -37.51 -84.48 -12.61
CA LEU E 805 -37.77 -83.61 -11.48
C LEU E 805 -38.67 -82.45 -11.89
N ASN E 806 -38.22 -81.65 -12.86
CA ASN E 806 -38.96 -80.44 -13.23
C ASN E 806 -40.36 -80.76 -13.72
N ASP E 807 -40.58 -81.96 -14.26
CA ASP E 807 -41.88 -82.28 -14.84
C ASP E 807 -42.83 -82.96 -13.88
N LYS E 808 -42.32 -83.60 -12.82
CA LYS E 808 -43.17 -84.44 -11.98
C LYS E 808 -42.99 -84.26 -10.48
N VAL E 809 -42.21 -83.27 -10.02
CA VAL E 809 -42.03 -83.07 -8.58
C VAL E 809 -42.50 -81.69 -8.17
N TYR E 810 -41.87 -80.65 -8.73
CA TYR E 810 -42.18 -79.29 -8.29
C TYR E 810 -43.65 -78.94 -8.42
N PRO E 811 -44.37 -79.32 -9.49
CA PRO E 811 -45.79 -78.95 -9.59
C PRO E 811 -46.63 -79.48 -8.43
N LEU E 812 -46.23 -80.58 -7.80
CA LEU E 812 -46.98 -81.14 -6.69
C LEU E 812 -46.51 -80.62 -5.33
N VAL E 813 -45.34 -80.01 -5.26
CA VAL E 813 -44.81 -79.52 -3.99
C VAL E 813 -45.08 -78.04 -3.81
N MET E 814 -44.99 -77.26 -4.89
CA MET E 814 -45.18 -75.82 -4.81
C MET E 814 -46.57 -75.45 -4.31
N PRO E 815 -47.64 -76.08 -4.79
CA PRO E 815 -48.98 -75.69 -4.35
C PRO E 815 -49.21 -75.80 -2.85
N LYS E 816 -48.48 -76.66 -2.16
CA LYS E 816 -48.68 -76.86 -0.73
C LYS E 816 -47.79 -75.97 0.13
N MET E 817 -47.01 -75.07 -0.49
CA MET E 817 -46.19 -74.13 0.27
C MET E 817 -46.94 -72.87 0.65
N GLU E 818 -48.17 -72.67 0.15
CA GLU E 818 -48.93 -71.48 0.48
C GLU E 818 -49.44 -71.48 1.91
N GLN E 819 -49.38 -72.63 2.60
CA GLN E 819 -49.95 -72.75 3.93
C GLN E 819 -48.98 -72.42 5.05
N TYR E 820 -47.68 -72.33 4.76
CA TYR E 820 -46.65 -72.18 5.77
C TYR E 820 -45.96 -70.82 5.76
N LYS E 821 -46.68 -69.77 5.35
CA LYS E 821 -46.06 -68.45 5.29
C LYS E 821 -46.06 -67.73 6.64
N ASN E 822 -46.76 -68.26 7.65
CA ASN E 822 -46.72 -67.65 8.96
C ASN E 822 -45.40 -67.94 9.67
N LEU E 823 -44.77 -69.08 9.37
CA LEU E 823 -43.54 -69.49 10.03
C LEU E 823 -42.36 -68.70 9.49
N PRO E 824 -41.24 -68.68 10.23
CA PRO E 824 -40.04 -68.01 9.72
C PRO E 824 -39.59 -68.61 8.40
N GLY E 825 -38.65 -67.92 7.75
CA GLY E 825 -38.19 -68.37 6.44
C GLY E 825 -37.43 -69.68 6.47
N TYR E 826 -36.55 -69.86 7.46
CA TYR E 826 -35.71 -71.05 7.48
C TYR E 826 -36.50 -72.31 7.83
N ILE E 827 -37.59 -72.17 8.59
CA ILE E 827 -38.47 -73.32 8.81
C ILE E 827 -39.10 -73.75 7.49
N GLN E 828 -39.54 -72.79 6.68
CA GLN E 828 -40.08 -73.13 5.37
C GLN E 828 -39.02 -73.78 4.49
N ASN E 829 -37.79 -73.27 4.55
CA ASN E 829 -36.71 -73.87 3.77
C ASN E 829 -36.47 -75.31 4.19
N ASN E 830 -36.49 -75.58 5.51
CA ASN E 830 -36.34 -76.96 5.98
C ASN E 830 -37.50 -77.83 5.52
N ILE E 831 -38.73 -77.31 5.55
CA ILE E 831 -39.87 -78.09 5.11
C ILE E 831 -39.78 -78.42 3.62
N TYR E 832 -39.22 -77.50 2.84
CA TYR E 832 -39.13 -77.71 1.39
C TYR E 832 -38.33 -78.95 1.06
N ASN E 833 -37.16 -79.12 1.70
CA ASN E 833 -36.32 -80.26 1.42
C ASN E 833 -37.02 -81.57 1.76
N ALA E 834 -37.67 -81.63 2.92
CA ALA E 834 -38.38 -82.84 3.32
C ALA E 834 -39.51 -83.16 2.36
N LEU E 835 -40.27 -82.14 1.95
CA LEU E 835 -41.37 -82.39 1.01
C LEU E 835 -40.84 -82.89 -0.33
N VAL E 836 -39.75 -82.30 -0.84
CA VAL E 836 -39.19 -82.76 -2.11
C VAL E 836 -38.71 -84.20 -1.99
N GLU E 837 -38.02 -84.52 -0.89
CA GLU E 837 -37.51 -85.87 -0.69
C GLU E 837 -38.64 -86.88 -0.64
N THR E 838 -39.72 -86.57 0.09
CA THR E 838 -40.84 -87.49 0.18
C THR E 838 -41.54 -87.65 -1.16
N THR E 839 -41.76 -86.54 -1.87
CA THR E 839 -42.45 -86.60 -3.15
C THR E 839 -41.66 -87.41 -4.18
N TYR E 840 -40.33 -87.28 -4.15
CA TYR E 840 -39.52 -88.03 -5.11
C TYR E 840 -39.68 -89.54 -4.91
N HIS E 841 -39.69 -90.00 -3.66
CA HIS E 841 -39.77 -91.42 -3.37
C HIS E 841 -41.19 -91.96 -3.37
N SER E 842 -42.21 -91.10 -3.32
CA SER E 842 -43.58 -91.58 -3.27
C SER E 842 -44.48 -91.02 -4.35
N GLY E 843 -44.05 -90.01 -5.11
CA GLY E 843 -44.90 -89.44 -6.13
C GLY E 843 -46.17 -88.82 -5.60
N ASN E 844 -46.24 -88.53 -4.30
CA ASN E 844 -47.43 -87.96 -3.69
C ASN E 844 -47.01 -87.19 -2.46
N SER E 845 -47.32 -85.89 -2.43
CA SER E 845 -46.89 -85.03 -1.34
C SER E 845 -47.84 -85.03 -0.15
N ASP E 846 -48.96 -85.77 -0.22
CA ASP E 846 -49.92 -85.79 0.87
C ASP E 846 -49.52 -86.73 2.00
N VAL E 847 -48.49 -87.56 1.80
CA VAL E 847 -48.13 -88.55 2.82
C VAL E 847 -47.55 -87.87 4.05
N PHE E 848 -46.66 -86.89 3.86
CA PHE E 848 -45.96 -86.25 4.96
C PHE E 848 -46.61 -84.94 5.40
N ASP E 849 -47.35 -84.28 4.52
CA ASP E 849 -48.07 -83.07 4.91
C ASP E 849 -49.09 -83.38 5.99
N LYS E 850 -49.66 -84.58 5.97
CA LYS E 850 -50.60 -84.97 7.02
C LYS E 850 -49.93 -84.91 8.39
N TYR E 851 -48.74 -85.50 8.52
CA TYR E 851 -48.06 -85.50 9.80
C TYR E 851 -47.53 -84.11 10.15
N ILE E 852 -47.15 -83.32 9.15
CA ILE E 852 -46.74 -81.94 9.44
C ILE E 852 -47.91 -81.16 10.04
N GLN E 853 -49.10 -81.29 9.44
CA GLN E 853 -50.29 -80.64 9.98
C GLN E 853 -50.63 -81.16 11.36
N THR E 854 -50.49 -82.47 11.58
CA THR E 854 -50.75 -83.03 12.90
C THR E 854 -49.82 -82.44 13.94
N ALA E 855 -48.54 -82.32 13.61
CA ALA E 855 -47.57 -81.74 14.55
C ALA E 855 -47.88 -80.27 14.82
N LEU E 856 -48.22 -79.51 13.78
CA LEU E 856 -48.42 -78.08 13.97
C LEU E 856 -49.73 -77.76 14.70
N TYR E 857 -50.81 -78.47 14.37
CA TYR E 857 -52.12 -78.17 14.94
C TYR E 857 -52.85 -79.38 15.50
N GLY E 858 -52.51 -80.60 15.09
CA GLY E 858 -53.22 -81.78 15.52
C GLY E 858 -52.76 -82.28 16.88
N ASN E 859 -53.19 -83.50 17.20
CA ASN E 859 -52.85 -84.13 18.48
C ASN E 859 -51.46 -84.75 18.36
N VAL E 860 -50.52 -84.28 19.17
CA VAL E 860 -49.15 -84.76 19.12
C VAL E 860 -49.03 -86.24 19.46
N GLN E 861 -50.03 -86.81 20.15
CA GLN E 861 -49.94 -88.20 20.55
C GLN E 861 -50.02 -89.17 19.36
N GLU E 862 -50.44 -88.70 18.20
CA GLU E 862 -50.56 -89.57 17.03
C GLU E 862 -49.28 -89.63 16.21
N ILE E 863 -48.28 -88.82 16.55
CA ILE E 863 -47.02 -88.78 15.81
C ILE E 863 -46.34 -90.15 15.79
N PRO E 864 -46.19 -90.84 16.93
CA PRO E 864 -45.42 -92.10 16.93
C PRO E 864 -46.03 -93.19 16.06
N THR E 865 -47.25 -93.02 15.57
CA THR E 865 -47.85 -94.01 14.68
C THR E 865 -47.25 -93.97 13.27
N PHE E 866 -46.40 -92.98 12.97
CA PHE E 866 -45.82 -92.88 11.64
C PHE E 866 -44.93 -94.08 11.32
N LYS E 867 -44.47 -94.80 12.35
CA LYS E 867 -43.54 -95.90 12.13
C LYS E 867 -44.18 -97.08 11.41
N ASP E 868 -45.50 -97.09 11.29
CA ASP E 868 -46.19 -98.19 10.62
C ASP E 868 -46.46 -97.94 9.15
N THR E 869 -46.10 -96.76 8.64
CA THR E 869 -46.36 -96.46 7.23
C THR E 869 -45.33 -97.13 6.33
N PRO E 870 -45.69 -97.46 5.09
CA PRO E 870 -44.70 -98.03 4.17
C PRO E 870 -43.52 -97.11 3.92
N LEU E 871 -43.74 -95.80 3.95
CA LEU E 871 -42.65 -94.86 3.70
C LEU E 871 -41.51 -95.03 4.70
N PHE E 872 -41.85 -95.27 5.97
CA PHE E 872 -40.82 -95.51 6.98
C PHE E 872 -40.16 -96.87 6.79
N LYS E 873 -40.96 -97.89 6.50
CA LYS E 873 -40.42 -99.24 6.37
C LYS E 873 -39.42 -99.32 5.22
N ASP E 874 -39.74 -98.70 4.09
CA ASP E 874 -38.88 -98.77 2.92
C ASP E 874 -37.51 -98.16 3.15
N ALA E 875 -37.40 -97.17 4.04
CA ALA E 875 -36.16 -96.45 4.26
C ALA E 875 -35.32 -97.02 5.39
N GLY E 876 -35.74 -98.12 6.01
CA GLY E 876 -34.99 -98.71 7.10
C GLY E 876 -35.49 -98.27 8.46
N ALA E 877 -35.33 -99.13 9.46
CA ALA E 877 -35.84 -98.84 10.80
C ALA E 877 -34.92 -97.92 11.61
N GLY E 878 -33.66 -97.78 11.21
CA GLY E 878 -32.73 -96.95 11.96
C GLY E 878 -31.78 -96.16 11.08
N SER E 879 -32.18 -95.91 9.84
CA SER E 879 -31.30 -95.21 8.91
C SER E 879 -31.30 -93.71 9.18
N ARG E 880 -30.26 -93.05 8.63
CA ARG E 880 -30.15 -91.60 8.78
C ARG E 880 -31.36 -90.88 8.19
N ARG E 881 -31.97 -91.45 7.16
CA ARG E 881 -33.08 -90.80 6.49
C ARG E 881 -34.24 -90.58 7.45
N ASN E 882 -34.52 -91.56 8.31
CA ASN E 882 -35.63 -91.45 9.25
C ASN E 882 -35.31 -90.51 10.41
N VAL E 883 -34.06 -90.49 10.88
CA VAL E 883 -33.68 -89.54 11.92
C VAL E 883 -33.82 -88.11 11.41
N ASP E 884 -33.40 -87.87 10.16
CA ASP E 884 -33.58 -86.56 9.57
C ASP E 884 -35.05 -86.17 9.49
N ARG E 885 -35.93 -87.13 9.22
CA ARG E 885 -37.35 -86.85 9.18
C ARG E 885 -37.90 -86.52 10.56
N TYR E 886 -37.50 -87.30 11.57
CA TYR E 886 -38.00 -87.07 12.93
C TYR E 886 -37.48 -85.76 13.53
N GLN E 887 -36.31 -85.30 13.11
CA GLN E 887 -35.80 -84.04 13.66
C GLN E 887 -36.74 -82.87 13.34
N LEU E 888 -37.25 -82.83 12.11
CA LEU E 888 -38.16 -81.74 11.73
C LEU E 888 -39.41 -81.75 12.59
N LEU E 889 -40.01 -82.93 12.79
CA LEU E 889 -41.21 -83.01 13.62
C LEU E 889 -40.91 -82.68 15.07
N GLY E 890 -39.73 -83.04 15.57
CA GLY E 890 -39.37 -82.66 16.93
C GLY E 890 -39.15 -81.18 17.11
N SER E 891 -38.68 -80.50 16.06
CA SER E 891 -38.51 -79.04 16.12
C SER E 891 -39.83 -78.30 15.95
N LEU E 892 -40.74 -78.81 15.13
CA LEU E 892 -42.03 -78.15 14.96
C LEU E 892 -42.83 -78.13 16.27
N VAL E 893 -42.77 -79.22 17.03
CA VAL E 893 -43.46 -79.25 18.31
C VAL E 893 -42.89 -78.22 19.26
N THR E 894 -41.57 -78.08 19.30
CA THR E 894 -40.95 -77.05 20.15
C THR E 894 -41.38 -75.66 19.72
N TYR E 895 -41.41 -75.41 18.40
CA TYR E 895 -41.84 -74.10 17.92
C TYR E 895 -43.28 -73.83 18.34
N ARG E 896 -44.15 -74.83 18.21
CA ARG E 896 -45.54 -74.67 18.64
C ARG E 896 -45.60 -74.35 20.13
N THR E 897 -44.81 -75.06 20.93
CA THR E 897 -44.84 -74.82 22.38
C THR E 897 -44.39 -73.41 22.71
N ASN E 898 -43.35 -72.91 22.04
CA ASN E 898 -42.80 -71.60 22.36
C ASN E 898 -43.69 -70.45 21.89
N ASN E 899 -44.71 -70.70 21.09
CA ASN E 899 -45.62 -69.68 20.59
C ASN E 899 -47.06 -70.14 20.84
N PRO E 900 -47.58 -69.95 22.06
CA PRO E 900 -48.94 -70.43 22.36
C PRO E 900 -50.02 -69.76 21.54
N ASN E 901 -49.77 -68.59 20.96
CA ASN E 901 -50.76 -67.87 20.18
C ASN E 901 -50.79 -68.27 18.71
N LEU E 902 -50.01 -69.27 18.32
CA LEU E 902 -49.99 -69.71 16.93
C LEU E 902 -51.39 -70.09 16.47
N SER E 903 -51.76 -69.60 15.28
CA SER E 903 -53.08 -69.88 14.73
C SER E 903 -53.02 -71.03 13.73
N ALA F 49 40.47 -24.27 98.15
CA ALA F 49 39.84 -24.66 96.90
C ALA F 49 39.08 -25.97 97.07
N SER F 50 39.53 -26.80 98.01
CA SER F 50 38.88 -28.09 98.25
C SER F 50 37.48 -27.89 98.81
N VAL F 51 37.28 -26.84 99.61
CA VAL F 51 36.00 -26.61 100.27
C VAL F 51 34.89 -26.41 99.24
N LYS F 52 35.18 -25.69 98.15
CA LYS F 52 34.16 -25.44 97.15
C LYS F 52 33.64 -26.75 96.56
N THR F 53 34.55 -27.63 96.13
CA THR F 53 34.14 -28.91 95.57
C THR F 53 33.45 -29.77 96.62
N ALA F 54 33.94 -29.75 97.86
CA ALA F 54 33.34 -30.57 98.90
C ALA F 54 31.90 -30.15 99.15
N GLN F 55 31.63 -28.84 99.18
CA GLN F 55 30.26 -28.38 99.39
C GLN F 55 29.40 -28.63 98.17
N ALA F 56 29.96 -28.48 96.96
CA ALA F 56 29.19 -28.70 95.74
C ALA F 56 28.75 -30.16 95.64
N ALA F 57 29.63 -31.09 96.01
CA ALA F 57 29.29 -32.50 95.91
C ALA F 57 28.10 -32.85 96.81
N GLN F 58 28.09 -32.34 98.04
CA GLN F 58 26.98 -32.63 98.93
C GLN F 58 25.67 -32.08 98.38
N GLN F 59 25.69 -30.86 97.83
CA GLN F 59 24.48 -30.27 97.29
C GLN F 59 23.96 -31.03 96.09
N THR F 60 24.84 -31.42 95.17
CA THR F 60 24.38 -32.18 94.00
C THR F 60 23.85 -33.55 94.42
N ALA F 61 24.50 -34.18 95.40
CA ALA F 61 24.00 -35.47 95.90
C ALA F 61 22.62 -35.31 96.53
N SER F 62 22.42 -34.23 97.29
CA SER F 62 21.11 -34.01 97.90
C SER F 62 20.06 -33.77 96.83
N ALA F 63 20.41 -33.03 95.77
CA ALA F 63 19.45 -32.80 94.69
C ALA F 63 19.08 -34.11 94.01
N LYS F 64 20.07 -34.95 93.73
CA LYS F 64 19.79 -36.24 93.11
C LYS F 64 18.90 -37.09 94.02
N GLY F 65 19.19 -37.11 95.32
CA GLY F 65 18.37 -37.84 96.26
C GLY F 65 16.93 -37.35 96.31
N TYR F 66 16.73 -36.03 96.32
CA TYR F 66 15.38 -35.50 96.28
C TYR F 66 14.65 -35.91 95.01
N LEU F 67 15.34 -35.80 93.85
CA LEU F 67 14.71 -36.16 92.59
C LEU F 67 14.31 -37.64 92.58
N GLU F 68 15.18 -38.50 93.10
CA GLU F 68 14.88 -39.93 93.13
C GLU F 68 13.82 -40.29 94.16
N GLY F 69 13.74 -39.57 95.27
CA GLY F 69 12.77 -39.92 96.30
C GLY F 69 11.39 -39.32 96.07
N GLN F 70 11.30 -38.29 95.23
CA GLN F 70 10.01 -37.66 94.99
C GLN F 70 8.99 -38.65 94.43
N GLN F 71 9.44 -39.65 93.68
CA GLN F 71 8.52 -40.58 93.03
C GLN F 71 8.01 -41.66 93.97
N ASP F 72 8.38 -41.64 95.25
CA ASP F 72 7.93 -42.66 96.19
C ASP F 72 6.69 -42.23 96.98
N SER F 73 6.49 -40.93 97.16
CA SER F 73 5.36 -40.44 97.94
C SER F 73 4.06 -40.62 97.17
N GLN F 74 2.95 -40.35 97.86
CA GLN F 74 1.64 -40.44 97.23
C GLN F 74 1.53 -39.43 96.11
N GLN F 75 0.69 -39.75 95.11
CA GLN F 75 0.59 -39.00 93.86
C GLN F 75 1.79 -39.29 92.96
N GLY F 76 2.72 -40.11 93.45
CA GLY F 76 3.82 -40.61 92.65
C GLY F 76 3.65 -42.09 92.37
N ARG F 77 3.12 -42.82 93.35
CA ARG F 77 2.88 -44.25 93.16
C ARG F 77 1.73 -44.48 92.19
N GLU F 78 0.65 -43.69 92.29
CA GLU F 78 -0.47 -43.84 91.37
C GLU F 78 -0.06 -43.59 89.92
N LYS F 79 0.96 -42.76 89.70
CA LYS F 79 1.46 -42.58 88.34
C LYS F 79 2.08 -43.86 87.81
N GLN F 80 2.74 -44.63 88.67
CA GLN F 80 3.32 -45.90 88.23
C GLN F 80 2.23 -46.89 87.82
N VAL F 81 1.11 -46.91 88.53
CA VAL F 81 0.02 -47.81 88.17
C VAL F 81 -0.51 -47.48 86.78
N ARG F 82 -0.66 -46.20 86.48
CA ARG F 82 -1.13 -45.79 85.15
C ARG F 82 -0.15 -46.24 84.07
N ASN F 83 1.14 -46.11 84.33
CA ASN F 83 2.15 -46.53 83.35
C ASN F 83 2.08 -48.03 83.11
N PHE F 84 1.86 -48.82 84.16
CA PHE F 84 1.87 -50.27 84.03
C PHE F 84 0.78 -50.74 83.08
N PHE F 85 -0.45 -50.27 83.28
CA PHE F 85 -1.55 -50.70 82.42
C PHE F 85 -1.36 -50.23 80.98
N THR F 86 -0.87 -49.00 80.79
CA THR F 86 -0.64 -48.51 79.45
C THR F 86 0.34 -49.40 78.69
N LYS F 87 1.33 -49.94 79.39
CA LYS F 87 2.28 -50.85 78.75
C LYS F 87 1.57 -52.10 78.24
N GLU F 88 0.63 -52.63 79.02
CA GLU F 88 -0.08 -53.85 78.62
C GLU F 88 -1.04 -53.60 77.47
N ALA F 89 -1.34 -52.33 77.17
CA ALA F 89 -2.35 -52.03 76.16
C ALA F 89 -1.83 -52.30 74.75
N TYR F 90 -0.78 -51.58 74.35
CA TYR F 90 -0.27 -51.69 72.98
C TYR F 90 0.60 -52.91 72.76
N GLU F 91 1.09 -53.54 73.84
CA GLU F 91 1.96 -54.69 73.71
C GLU F 91 1.25 -55.90 73.14
N GLN F 92 -0.09 -55.94 73.20
CA GLN F 92 -0.85 -57.00 72.57
C GLN F 92 -1.32 -56.62 71.16
N GLY F 93 -1.61 -55.35 70.93
CA GLY F 93 -1.90 -54.90 69.58
C GLY F 93 -0.73 -55.13 68.65
N TYR F 94 0.50 -54.90 69.15
CA TYR F 94 1.67 -55.19 68.34
C TYR F 94 1.73 -56.66 67.96
N ASN F 95 1.49 -57.56 68.91
CA ASN F 95 1.51 -58.99 68.62
C ASN F 95 0.44 -59.36 67.59
N SER F 96 -0.76 -58.82 67.76
CA SER F 96 -1.83 -59.13 66.81
C SER F 96 -1.47 -58.67 65.41
N ALA F 97 -0.94 -57.44 65.28
CA ALA F 97 -0.53 -56.95 63.97
C ALA F 97 0.56 -57.83 63.38
N SER F 98 1.54 -58.21 64.19
CA SER F 98 2.64 -59.04 63.68
C SER F 98 2.14 -60.38 63.17
N VAL F 99 1.20 -61.00 63.89
CA VAL F 99 0.67 -62.29 63.45
C VAL F 99 -0.12 -62.12 62.15
N ASN F 100 -1.02 -61.13 62.12
CA ASN F 100 -1.88 -60.97 60.96
C ASN F 100 -1.09 -60.64 59.71
N SER F 101 -0.07 -59.77 59.83
CA SER F 101 0.73 -59.41 58.67
C SER F 101 1.44 -60.61 58.06
N ALA F 102 1.99 -61.50 58.89
CA ALA F 102 2.67 -62.69 58.37
C ALA F 102 1.68 -63.65 57.73
N LEU F 103 0.52 -63.87 58.39
CA LEU F 103 -0.46 -64.79 57.81
C LEU F 103 -0.94 -64.30 56.45
N ALA F 104 -1.25 -63.01 56.36
CA ALA F 104 -1.74 -62.47 55.08
C ALA F 104 -0.70 -62.59 53.99
N SER F 105 0.58 -62.34 54.31
CA SER F 105 1.63 -62.48 53.31
C SER F 105 1.76 -63.92 52.84
N PHE F 106 1.73 -64.88 53.77
CA PHE F 106 1.86 -66.29 53.37
C PHE F 106 0.69 -66.72 52.48
N GLN F 107 -0.53 -66.29 52.82
CA GLN F 107 -1.69 -66.68 52.05
C GLN F 107 -1.56 -66.26 50.59
N LEU F 108 -1.13 -65.03 50.34
CA LEU F 108 -0.94 -64.57 48.97
C LEU F 108 0.28 -65.20 48.32
N GLY F 109 1.34 -65.46 49.11
CA GLY F 109 2.54 -66.02 48.53
C GLY F 109 2.31 -67.39 47.92
N LEU F 110 1.58 -68.25 48.62
CA LEU F 110 1.32 -69.58 48.07
C LEU F 110 0.59 -69.50 46.74
N GLN F 111 -0.49 -68.70 46.69
CA GLN F 111 -1.28 -68.59 45.48
C GLN F 111 -0.46 -67.99 44.34
N ASN F 112 0.38 -67.00 44.64
CA ASN F 112 1.21 -66.40 43.60
C ASN F 112 2.26 -67.38 43.10
N THR F 113 2.79 -68.24 43.97
CA THR F 113 3.80 -69.20 43.54
C THR F 113 3.19 -70.34 42.72
N ALA F 114 1.91 -70.63 42.94
CA ALA F 114 1.28 -71.72 42.20
C ALA F 114 1.40 -71.51 40.69
N GLN F 115 0.98 -70.35 40.19
CA GLN F 115 1.03 -70.10 38.75
C GLN F 115 2.47 -70.01 38.24
N GLN F 116 3.37 -69.44 39.05
CA GLN F 116 4.76 -69.38 38.63
C GLN F 116 5.33 -70.77 38.43
N TYR F 117 5.00 -71.71 39.31
CA TYR F 117 5.45 -73.09 39.12
C TYR F 117 4.75 -73.75 37.93
N VAL F 118 3.47 -73.44 37.70
CA VAL F 118 2.77 -74.04 36.59
C VAL F 118 3.41 -73.62 35.27
N ASN F 119 3.75 -72.33 35.14
CA ASN F 119 4.29 -71.82 33.88
C ASN F 119 5.62 -72.47 33.52
N SER F 120 6.38 -72.96 34.50
CA SER F 120 7.68 -73.55 34.24
C SER F 120 7.63 -75.06 34.02
N GLY F 121 6.45 -75.67 34.13
CA GLY F 121 6.34 -77.10 33.91
C GLY F 121 6.95 -77.95 35.00
N LYS F 122 7.03 -77.44 36.22
CA LYS F 122 7.56 -78.22 37.33
C LYS F 122 6.61 -79.37 37.68
N THR F 123 7.18 -80.48 38.12
CA THR F 123 6.38 -81.65 38.45
C THR F 123 5.68 -81.43 39.79
N PRO F 124 4.61 -82.20 40.06
CA PRO F 124 3.86 -82.01 41.31
C PRO F 124 4.71 -82.20 42.56
N GLU F 125 5.71 -83.08 42.52
CA GLU F 125 6.53 -83.32 43.71
C GLU F 125 7.28 -82.06 44.14
N GLU F 126 7.82 -81.32 43.17
CA GLU F 126 8.52 -80.09 43.48
C GLU F 126 7.58 -79.04 44.08
N PHE F 127 6.30 -79.06 43.71
CA PHE F 127 5.33 -78.15 44.32
C PHE F 127 4.99 -78.60 45.73
N ASN F 128 4.80 -79.91 45.93
CA ASN F 128 4.46 -80.40 47.27
C ASN F 128 5.59 -80.16 48.26
N VAL F 129 6.83 -80.42 47.87
CA VAL F 129 7.94 -80.16 48.79
C VAL F 129 8.03 -78.69 49.12
N HIS F 130 7.83 -77.81 48.14
CA HIS F 130 7.84 -76.38 48.40
C HIS F 130 6.73 -75.99 49.37
N VAL F 131 5.55 -76.55 49.19
CA VAL F 131 4.42 -76.23 50.07
C VAL F 131 4.74 -76.66 51.50
N GLN F 132 5.26 -77.87 51.67
CA GLN F 132 5.60 -78.34 53.01
C GLN F 132 6.68 -77.47 53.64
N GLN F 133 7.71 -77.13 52.88
CA GLN F 133 8.79 -76.31 53.42
C GLN F 133 8.27 -74.94 53.83
N GLN F 134 7.41 -74.33 53.02
CA GLN F 134 6.87 -73.03 53.36
C GLN F 134 5.96 -73.11 54.59
N THR F 135 5.15 -74.17 54.70
CA THR F 135 4.30 -74.30 55.87
C THR F 135 5.12 -74.50 57.14
N ASN F 136 6.22 -75.25 57.05
CA ASN F 136 7.03 -75.51 58.23
C ASN F 136 7.59 -74.24 58.83
N GLN F 137 8.07 -73.32 57.98
CA GLN F 137 8.64 -72.08 58.48
C GLN F 137 7.60 -71.26 59.24
N LEU F 138 6.39 -71.13 58.68
CA LEU F 138 5.35 -70.37 59.35
C LEU F 138 4.96 -71.04 60.67
N LEU F 139 4.84 -72.37 60.65
CA LEU F 139 4.47 -73.08 61.88
C LEU F 139 5.52 -72.88 62.96
N GLN F 140 6.80 -72.94 62.60
CA GLN F 140 7.86 -72.72 63.58
C GLN F 140 7.85 -71.29 64.09
N GLU F 141 7.66 -70.32 63.19
CA GLU F 141 7.63 -68.92 63.61
C GLU F 141 6.48 -68.65 64.56
N ALA F 142 5.34 -69.31 64.34
CA ALA F 142 4.19 -69.13 65.22
C ALA F 142 4.46 -69.57 66.65
N GLY F 143 5.51 -70.37 66.88
CA GLY F 143 5.81 -70.84 68.22
C GLY F 143 6.30 -69.77 69.17
N ALA F 144 6.90 -68.70 68.65
CA ALA F 144 7.35 -67.59 69.47
C ALA F 144 6.33 -66.45 69.53
N GLN F 145 5.60 -66.22 68.45
CA GLN F 145 4.58 -65.18 68.42
C GLN F 145 3.31 -65.69 69.08
N GLY F 146 3.41 -66.05 70.36
CA GLY F 146 2.29 -66.60 71.11
C GLY F 146 2.55 -68.04 71.50
N LEU F 147 1.77 -68.49 72.49
CA LEU F 147 1.93 -69.84 73.03
C LEU F 147 1.39 -70.91 72.12
N ASN F 148 0.59 -70.55 71.11
CA ASN F 148 -0.11 -71.51 70.27
C ASN F 148 -1.02 -72.42 71.09
N LEU F 149 -1.34 -72.02 72.32
CA LEU F 149 -2.24 -72.79 73.16
C LEU F 149 -3.56 -72.97 72.44
N ASN F 150 -4.07 -74.21 72.41
CA ASN F 150 -5.23 -74.56 71.59
C ASN F 150 -6.49 -73.96 72.21
N ASP F 151 -6.65 -72.66 71.99
CA ASP F 151 -7.87 -71.95 72.29
C ASP F 151 -8.55 -71.50 70.99
N LYS F 152 -9.65 -70.75 71.15
CA LYS F 152 -10.51 -70.46 70.00
C LYS F 152 -9.79 -69.71 68.90
N ASP F 153 -9.02 -68.67 69.26
CA ASP F 153 -8.38 -67.85 68.24
C ASP F 153 -7.34 -68.64 67.44
N TRP F 154 -6.49 -69.42 68.13
CA TRP F 154 -5.48 -70.19 67.41
C TRP F 154 -6.11 -71.33 66.63
N GLN F 155 -7.21 -71.89 67.12
CA GLN F 155 -7.95 -72.88 66.33
C GLN F 155 -8.46 -72.28 65.04
N ALA F 156 -9.02 -71.07 65.11
CA ALA F 156 -9.46 -70.39 63.89
C ALA F 156 -8.28 -70.09 62.97
N TRP F 157 -7.15 -69.70 63.54
CA TRP F 157 -5.95 -69.46 62.74
C TRP F 157 -5.54 -70.71 61.96
N LEU F 158 -5.51 -71.86 62.64
CA LEU F 158 -5.19 -73.12 61.97
C LEU F 158 -6.22 -73.46 60.90
N GLY F 159 -7.50 -73.23 61.18
CA GLY F 159 -8.53 -73.49 60.19
C GLY F 159 -8.32 -72.70 58.92
N SER F 160 -7.96 -71.41 59.04
CA SER F 160 -7.65 -70.61 57.87
C SER F 160 -6.41 -71.12 57.15
N VAL F 161 -5.39 -71.51 57.92
CA VAL F 161 -4.15 -72.00 57.31
C VAL F 161 -4.43 -73.23 56.45
N GLU F 162 -5.32 -74.11 56.90
CA GLU F 162 -5.61 -75.32 56.14
C GLU F 162 -6.18 -75.00 54.76
N HIS F 163 -7.20 -74.14 54.72
CA HIS F 163 -7.81 -73.79 53.43
C HIS F 163 -6.85 -72.99 52.55
N SER F 164 -5.98 -72.19 53.18
CA SER F 164 -4.97 -71.46 52.40
C SER F 164 -4.11 -72.39 51.57
N ARG F 165 -3.90 -73.63 52.02
CA ARG F 165 -3.17 -74.63 51.26
C ARG F 165 -4.07 -75.40 50.31
N ASN F 166 -5.27 -75.73 50.77
CA ASN F 166 -6.18 -76.51 49.92
C ASN F 166 -6.50 -75.78 48.63
N THR F 167 -6.71 -74.46 48.70
CA THR F 167 -7.10 -73.72 47.51
C THR F 167 -6.02 -73.77 46.44
N ALA F 168 -4.76 -73.52 46.82
CA ALA F 168 -3.67 -73.58 45.87
C ALA F 168 -3.49 -74.99 45.31
N ASN F 169 -3.59 -76.00 46.19
CA ASN F 169 -3.46 -77.37 45.72
C ASN F 169 -4.54 -77.69 44.69
N ALA F 170 -5.74 -77.12 44.86
CA ALA F 170 -6.79 -77.34 43.88
C ALA F 170 -6.50 -76.62 42.56
N SER F 171 -6.06 -75.36 42.64
CA SER F 171 -5.88 -74.58 41.41
C SER F 171 -4.73 -75.10 40.56
N TYR F 172 -3.71 -75.67 41.19
CA TYR F 172 -2.54 -76.13 40.44
C TYR F 172 -2.91 -77.16 39.39
N GLN F 173 -3.87 -78.04 39.69
CA GLN F 173 -4.25 -79.08 38.74
C GLN F 173 -4.99 -78.48 37.54
N ASP F 174 -5.95 -77.59 37.80
CA ASP F 174 -6.76 -77.04 36.73
C ASP F 174 -5.92 -76.19 35.77
N LEU F 175 -4.93 -75.46 36.28
CA LEU F 175 -4.10 -74.68 35.37
C LEU F 175 -3.41 -75.59 34.34
N ASN F 176 -2.80 -76.68 34.80
CA ASN F 176 -2.17 -77.62 33.89
C ASN F 176 -3.20 -78.27 32.97
N LEU F 177 -4.41 -78.52 33.48
CA LEU F 177 -5.45 -79.10 32.65
C LEU F 177 -5.77 -78.21 31.46
N LYS F 178 -5.87 -76.89 31.69
CA LYS F 178 -6.10 -75.97 30.58
C LYS F 178 -4.90 -75.94 29.63
N ARG F 179 -3.69 -75.87 30.19
CA ARG F 179 -2.50 -75.75 29.36
C ARG F 179 -2.34 -76.94 28.42
N ALA F 180 -2.61 -78.15 28.93
CA ALA F 180 -2.45 -79.34 28.10
C ALA F 180 -3.38 -79.30 26.89
N ALA F 181 -4.64 -78.92 27.10
CA ALA F 181 -5.57 -78.84 25.98
C ALA F 181 -5.14 -77.79 24.97
N VAL F 182 -4.69 -76.62 25.45
CA VAL F 182 -4.23 -75.59 24.53
C VAL F 182 -3.08 -76.11 23.66
N LEU F 183 -2.09 -76.74 24.30
CA LEU F 183 -0.95 -77.27 23.56
C LEU F 183 -1.38 -78.35 22.58
N GLN F 184 -2.31 -79.22 22.98
CA GLN F 184 -2.77 -80.27 22.08
C GLN F 184 -3.41 -79.67 20.83
N GLU F 185 -4.26 -78.65 21.01
CA GLU F 185 -4.89 -78.02 19.86
C GLU F 185 -3.85 -77.40 18.94
N GLN F 186 -2.87 -76.69 19.50
CA GLN F 186 -1.84 -76.08 18.65
C GLN F 186 -1.05 -77.14 17.90
N SER F 187 -0.69 -78.24 18.58
CA SER F 187 0.06 -79.31 17.92
C SER F 187 -0.75 -79.95 16.81
N TRP F 188 -2.05 -80.14 17.02
CA TRP F 188 -2.90 -80.70 15.97
C TRP F 188 -3.01 -79.77 14.76
N GLY F 189 -3.05 -78.46 14.97
CA GLY F 189 -3.02 -77.54 13.83
C GLY F 189 -1.71 -77.61 13.07
N ALA F 190 -0.61 -77.65 13.82
CA ALA F 190 0.70 -77.76 13.19
C ALA F 190 0.82 -79.04 12.39
N ARG F 191 0.28 -80.15 12.89
CA ARG F 191 0.28 -81.40 12.15
C ARG F 191 -0.53 -81.31 10.87
N GLY F 192 -1.59 -80.50 10.85
CA GLY F 192 -2.42 -80.39 9.67
C GLY F 192 -1.83 -79.50 8.60
N ASN F 193 -1.00 -78.54 9.02
CA ASN F 193 -0.36 -77.68 8.02
C ASN F 193 0.56 -78.49 7.09
N ALA F 194 1.35 -79.41 7.67
CA ALA F 194 2.31 -80.15 6.87
C ALA F 194 1.63 -81.05 5.84
N ALA F 195 0.44 -81.57 6.16
CA ALA F 195 -0.27 -82.39 5.20
C ALA F 195 -0.60 -81.60 3.93
N ILE F 196 -1.09 -80.38 4.09
CA ILE F 196 -1.38 -79.54 2.92
C ILE F 196 -0.09 -79.17 2.20
N ALA F 197 0.97 -78.89 2.95
CA ALA F 197 2.25 -78.58 2.31
C ALA F 197 2.69 -79.73 1.40
N ASP F 198 2.66 -80.97 1.92
CA ASP F 198 3.05 -82.13 1.13
C ASP F 198 2.09 -82.37 -0.04
N PHE F 199 0.79 -82.15 0.17
CA PHE F 199 -0.17 -82.32 -0.92
C PHE F 199 0.13 -81.37 -2.06
N VAL F 200 0.45 -80.12 -1.73
CA VAL F 200 0.78 -79.15 -2.78
C VAL F 200 2.09 -79.53 -3.46
N THR F 201 3.08 -79.96 -2.69
CA THR F 201 4.37 -80.31 -3.28
C THR F 201 4.27 -81.51 -4.22
N ALA F 202 3.44 -82.51 -3.86
CA ALA F 202 3.43 -83.76 -4.61
C ALA F 202 3.00 -83.54 -6.06
N GLN F 203 1.94 -82.76 -6.28
CA GLN F 203 1.41 -82.59 -7.62
C GLN F 203 2.26 -81.65 -8.47
N GLN F 204 3.14 -80.86 -7.85
CA GLN F 204 4.05 -80.02 -8.61
C GLN F 204 4.96 -80.85 -9.51
N SER F 205 5.19 -82.11 -9.13
CA SER F 205 5.99 -83.03 -9.92
C SER F 205 5.15 -83.87 -10.88
N GLY F 206 3.83 -83.66 -10.91
CA GLY F 206 2.99 -84.40 -11.83
C GLY F 206 2.59 -85.78 -11.38
N ASP F 207 2.52 -86.02 -10.07
CA ASP F 207 2.14 -87.32 -9.50
C ASP F 207 0.93 -87.10 -8.57
N THR F 208 -0.27 -87.40 -9.09
CA THR F 208 -1.47 -87.22 -8.29
C THR F 208 -1.65 -88.35 -7.26
N GLU F 209 -1.20 -89.56 -7.61
CA GLU F 209 -1.39 -90.69 -6.71
C GLU F 209 -0.72 -90.45 -5.36
N GLN F 210 0.49 -89.88 -5.37
CA GLN F 210 1.14 -89.56 -4.12
C GLN F 210 0.36 -88.53 -3.32
N ALA F 211 -0.26 -87.55 -4.00
CA ALA F 211 -1.10 -86.58 -3.31
C ALA F 211 -2.29 -87.26 -2.63
N LEU F 212 -2.94 -88.18 -3.35
CA LEU F 212 -4.07 -88.91 -2.76
C LEU F 212 -3.62 -89.72 -1.56
N GLN F 213 -2.46 -90.38 -1.67
CA GLN F 213 -1.93 -91.15 -0.54
C GLN F 213 -1.65 -90.25 0.65
N ASN F 214 -1.09 -89.06 0.39
CA ASN F 214 -0.82 -88.11 1.47
C ASN F 214 -2.10 -87.67 2.15
N VAL F 215 -3.15 -87.38 1.39
CA VAL F 215 -4.42 -86.98 1.97
C VAL F 215 -4.99 -88.11 2.83
N ASN F 216 -4.98 -89.33 2.29
CA ASN F 216 -5.50 -90.47 3.04
C ASN F 216 -4.72 -90.72 4.31
N SER F 217 -3.40 -90.50 4.27
CA SER F 217 -2.59 -90.71 5.46
C SER F 217 -3.02 -89.82 6.61
N PHE F 218 -3.32 -88.55 6.33
CA PHE F 218 -3.77 -87.65 7.38
C PHE F 218 -5.19 -87.97 7.81
N ILE F 219 -6.07 -88.30 6.87
CA ILE F 219 -7.45 -88.60 7.22
C ILE F 219 -7.50 -89.81 8.15
N SER F 220 -6.78 -90.88 7.79
CA SER F 220 -6.74 -92.07 8.63
C SER F 220 -6.01 -91.85 9.95
N SER F 221 -5.00 -90.98 9.97
CA SER F 221 -4.34 -90.65 11.23
C SER F 221 -5.28 -89.91 12.18
N VAL F 222 -6.11 -89.01 11.65
CA VAL F 222 -7.08 -88.31 12.48
C VAL F 222 -8.18 -89.26 12.95
N THR F 223 -8.61 -90.17 12.07
CA THR F 223 -9.78 -91.00 12.40
C THR F 223 -9.51 -91.89 13.60
N HIS F 224 -8.34 -92.52 13.67
CA HIS F 224 -8.09 -93.57 14.64
C HIS F 224 -7.59 -93.06 15.99
N ASP F 225 -7.33 -91.76 16.13
CA ASP F 225 -6.91 -91.23 17.41
C ASP F 225 -8.03 -91.38 18.43
N ASP F 226 -7.64 -91.66 19.68
CA ASP F 226 -8.60 -91.91 20.75
C ASP F 226 -8.59 -90.81 21.82
N SER F 227 -7.78 -89.79 21.67
CA SER F 227 -7.67 -88.73 22.68
C SER F 227 -8.55 -87.52 22.37
N ILE F 228 -9.40 -87.59 21.35
CA ILE F 228 -10.27 -86.49 20.98
C ILE F 228 -11.69 -87.00 20.84
N THR F 229 -12.65 -86.08 20.98
CA THR F 229 -14.06 -86.41 20.93
C THR F 229 -14.56 -86.49 19.49
N ALA F 230 -15.78 -87.01 19.33
CA ALA F 230 -16.33 -87.22 17.99
C ALA F 230 -16.50 -85.90 17.24
N GLU F 231 -17.01 -84.87 17.91
CA GLU F 231 -17.24 -83.61 17.22
C GLU F 231 -15.95 -83.00 16.71
N ASN F 232 -14.87 -83.11 17.48
CA ASN F 232 -13.56 -82.65 16.99
C ASN F 232 -13.10 -83.47 15.79
N LYS F 233 -13.35 -84.78 15.80
CA LYS F 233 -13.00 -85.61 14.64
C LYS F 233 -13.76 -85.15 13.40
N ILE F 234 -15.04 -84.84 13.54
CA ILE F 234 -15.81 -84.34 12.41
C ILE F 234 -15.29 -82.99 11.96
N LYS F 235 -15.00 -82.10 12.90
CA LYS F 235 -14.55 -80.75 12.56
C LYS F 235 -13.24 -80.78 11.78
N TYR F 236 -12.25 -81.51 12.30
CA TYR F 236 -10.96 -81.56 11.62
C TYR F 236 -11.09 -82.16 10.23
N THR F 237 -11.84 -83.26 10.10
CA THR F 237 -11.99 -83.90 8.80
C THR F 237 -12.68 -82.98 7.81
N SER F 238 -13.77 -82.31 8.23
CA SER F 238 -14.47 -81.41 7.34
C SER F 238 -13.58 -80.26 6.91
N GLN F 239 -12.85 -79.66 7.85
CA GLN F 239 -11.98 -78.54 7.50
C GLN F 239 -10.90 -78.96 6.52
N PHE F 240 -10.26 -80.11 6.77
CA PHE F 240 -9.19 -80.55 5.88
C PHE F 240 -9.74 -80.88 4.49
N VAL F 241 -10.89 -81.56 4.43
CA VAL F 241 -11.47 -81.92 3.13
C VAL F 241 -11.82 -80.66 2.35
N VAL F 242 -12.44 -79.68 3.00
CA VAL F 242 -12.79 -78.45 2.31
C VAL F 242 -11.54 -77.72 1.84
N ASN F 243 -10.52 -77.65 2.70
CA ASN F 243 -9.30 -76.94 2.32
C ASN F 243 -8.58 -77.63 1.17
N ALA F 244 -8.73 -78.95 1.05
CA ALA F 244 -8.02 -79.68 0.00
C ALA F 244 -8.45 -79.22 -1.39
N PHE F 245 -9.74 -78.94 -1.59
CA PHE F 245 -10.22 -78.55 -2.91
C PHE F 245 -9.62 -77.22 -3.35
N ALA F 246 -9.39 -76.30 -2.40
CA ALA F 246 -8.93 -74.97 -2.74
C ALA F 246 -7.52 -74.94 -3.32
N ASN F 247 -6.77 -76.03 -3.23
CA ASN F 247 -5.38 -76.06 -3.66
C ASN F 247 -5.17 -76.82 -4.97
N ALA F 248 -6.21 -77.44 -5.53
CA ALA F 248 -6.06 -78.13 -6.80
C ALA F 248 -5.78 -77.13 -7.91
N ASN F 249 -4.83 -77.50 -8.78
CA ASN F 249 -4.38 -76.62 -9.85
C ASN F 249 -4.81 -77.06 -11.24
N SER F 250 -5.69 -78.05 -11.34
CA SER F 250 -6.14 -78.53 -12.64
C SER F 250 -7.51 -79.18 -12.50
N THR F 251 -8.21 -79.30 -13.62
CA THR F 251 -9.54 -79.91 -13.62
C THR F 251 -9.50 -81.42 -13.49
N GLY F 252 -8.35 -82.05 -13.69
CA GLY F 252 -8.22 -83.48 -13.49
C GLY F 252 -8.05 -83.83 -12.03
N ASP F 253 -7.25 -83.03 -11.33
CA ASP F 253 -7.09 -83.23 -9.90
C ASP F 253 -8.41 -83.05 -9.15
N MET F 254 -9.21 -82.06 -9.57
CA MET F 254 -10.52 -81.87 -8.94
C MET F 254 -11.38 -83.13 -9.09
N GLN F 255 -11.44 -83.69 -10.29
CA GLN F 255 -12.24 -84.89 -10.50
C GLN F 255 -11.69 -86.07 -9.72
N ALA F 256 -10.37 -86.25 -9.69
CA ALA F 256 -9.79 -87.36 -8.95
C ALA F 256 -10.11 -87.25 -7.46
N LEU F 257 -9.94 -86.05 -6.89
CA LEU F 257 -10.23 -85.87 -5.47
C LEU F 257 -11.71 -86.04 -5.18
N THR F 258 -12.58 -85.57 -6.08
CA THR F 258 -14.02 -85.78 -5.89
C THR F 258 -14.35 -87.27 -5.89
N GLY F 259 -13.77 -88.01 -6.83
CA GLY F 259 -14.00 -89.45 -6.85
C GLY F 259 -13.51 -90.14 -5.59
N TYR F 260 -12.33 -89.75 -5.10
CA TYR F 260 -11.79 -90.36 -3.88
C TYR F 260 -12.67 -90.05 -2.67
N VAL F 261 -13.10 -88.80 -2.55
CA VAL F 261 -13.80 -88.37 -1.33
C VAL F 261 -15.16 -89.04 -1.22
N GLN F 262 -15.94 -89.04 -2.30
CA GLN F 262 -17.30 -89.55 -2.26
C GLN F 262 -17.37 -91.06 -2.10
N SER F 263 -16.25 -91.77 -2.23
CA SER F 263 -16.22 -93.22 -2.03
C SER F 263 -15.68 -93.61 -0.66
N LEU F 264 -15.00 -92.70 0.02
CA LEU F 264 -14.44 -93.00 1.34
C LEU F 264 -15.58 -93.34 2.30
N SER F 265 -15.43 -94.45 3.03
CA SER F 265 -16.48 -94.88 3.94
C SER F 265 -16.69 -93.88 5.07
N GLU F 266 -15.60 -93.32 5.61
CA GLU F 266 -15.72 -92.40 6.74
C GLU F 266 -16.48 -91.13 6.39
N PHE F 267 -16.56 -90.79 5.10
CA PHE F 267 -17.32 -89.62 4.65
C PHE F 267 -18.79 -89.94 4.44
N LYS F 268 -19.13 -91.22 4.27
CA LYS F 268 -20.52 -91.60 4.00
C LYS F 268 -21.39 -91.50 5.24
N ASN F 269 -20.81 -91.54 6.44
CA ASN F 269 -21.57 -91.57 7.68
C ASN F 269 -21.70 -90.21 8.34
N MET F 270 -21.20 -89.14 7.72
CA MET F 270 -21.28 -87.83 8.31
C MET F 270 -22.72 -87.31 8.27
N PRO F 271 -23.04 -86.33 9.11
CA PRO F 271 -24.39 -85.76 9.08
C PRO F 271 -24.70 -85.14 7.72
N THR F 272 -25.99 -85.14 7.36
CA THR F 272 -26.38 -84.66 6.04
C THR F 272 -26.02 -83.20 5.82
N ASP F 273 -26.17 -82.37 6.86
CA ASP F 273 -25.91 -80.94 6.71
C ASP F 273 -24.44 -80.63 6.43
N VAL F 274 -23.53 -81.54 6.74
CA VAL F 274 -22.12 -81.35 6.43
C VAL F 274 -21.79 -81.85 5.03
N GLN F 275 -22.34 -82.99 4.64
CA GLN F 275 -22.16 -83.49 3.29
C GLN F 275 -22.69 -82.50 2.27
N THR F 276 -23.89 -81.95 2.53
CA THR F 276 -24.45 -80.95 1.62
C THR F 276 -23.56 -79.72 1.52
N GLN F 277 -23.04 -79.25 2.65
CA GLN F 277 -22.17 -78.08 2.63
C GLN F 277 -20.90 -78.33 1.83
N ILE F 278 -20.27 -79.50 2.03
CA ILE F 278 -19.05 -79.80 1.29
C ILE F 278 -19.34 -79.92 -0.20
N MET F 279 -20.44 -80.59 -0.54
CA MET F 279 -20.80 -80.73 -1.95
C MET F 279 -21.05 -79.37 -2.60
N GLY F 280 -21.75 -78.48 -1.89
CA GLY F 280 -21.97 -77.15 -2.41
C GLY F 280 -20.70 -76.34 -2.54
N SER F 281 -19.76 -76.53 -1.62
CA SER F 281 -18.51 -75.78 -1.64
C SER F 281 -17.59 -76.22 -2.77
N ALA F 282 -17.54 -77.52 -3.08
CA ALA F 282 -16.66 -77.99 -4.15
C ALA F 282 -17.07 -77.41 -5.50
N GLN F 283 -18.37 -77.33 -5.76
CA GLN F 283 -18.87 -76.87 -7.05
C GLN F 283 -18.52 -75.40 -7.31
N GLN F 284 -18.14 -74.64 -6.28
CA GLN F 284 -17.74 -73.26 -6.48
C GLN F 284 -16.29 -73.12 -6.91
N TYR F 285 -15.37 -73.91 -6.34
CA TYR F 285 -14.02 -73.95 -6.86
C TYR F 285 -14.02 -74.55 -8.26
N TYR F 286 -14.99 -75.42 -8.53
CA TYR F 286 -15.27 -75.78 -9.91
C TYR F 286 -15.97 -74.62 -10.61
N GLN F 287 -15.79 -74.59 -11.94
CA GLN F 287 -16.16 -73.49 -12.83
C GLN F 287 -15.20 -72.31 -12.64
N GLN F 288 -14.50 -72.26 -11.52
CA GLN F 288 -13.46 -71.25 -11.32
C GLN F 288 -12.14 -71.77 -11.85
N ARG F 289 -11.79 -73.00 -11.48
CA ARG F 289 -10.66 -73.65 -12.13
C ARG F 289 -10.89 -73.87 -13.62
N ALA F 290 -12.14 -73.75 -14.08
CA ALA F 290 -12.43 -73.80 -15.51
C ALA F 290 -12.26 -72.42 -16.16
N SER F 291 -12.74 -71.36 -15.51
CA SER F 291 -12.58 -70.02 -16.06
C SER F 291 -11.10 -69.64 -16.15
N ASP F 292 -10.30 -70.05 -15.17
CA ASP F 292 -8.88 -69.72 -15.20
C ASP F 292 -8.19 -70.34 -16.41
N GLU F 293 -8.52 -71.59 -16.73
CA GLU F 293 -7.90 -72.26 -17.87
C GLU F 293 -8.23 -71.60 -19.19
N SER F 294 -9.36 -70.88 -19.26
CA SER F 294 -9.72 -70.15 -20.48
C SER F 294 -9.09 -68.77 -20.51
N VAL F 295 -8.97 -68.12 -19.35
CA VAL F 295 -8.30 -66.81 -19.30
C VAL F 295 -6.81 -66.96 -19.57
N GLN F 296 -6.26 -68.16 -19.36
CA GLN F 296 -4.85 -68.38 -19.66
C GLN F 296 -4.52 -68.09 -21.11
N LEU F 297 -5.40 -68.48 -22.04
CA LEU F 297 -5.14 -68.22 -23.45
C LEU F 297 -5.15 -66.73 -23.77
N TYR F 298 -6.07 -65.97 -23.16
CA TYR F 298 -6.03 -64.53 -23.36
C TYR F 298 -4.75 -63.92 -22.82
N GLU F 299 -4.28 -64.39 -21.66
CA GLU F 299 -3.00 -63.90 -21.15
C GLU F 299 -1.87 -64.22 -22.12
N TYR F 300 -1.87 -65.43 -22.67
CA TYR F 300 -0.83 -65.81 -23.63
C TYR F 300 -0.88 -64.94 -24.87
N ASN F 301 -2.08 -64.67 -25.37
CA ASN F 301 -2.23 -63.80 -26.54
C ASN F 301 -1.73 -62.39 -26.25
N SER F 302 -2.02 -61.87 -25.06
CA SER F 302 -1.50 -60.56 -24.68
C SER F 302 0.04 -60.57 -24.67
N ARG F 303 0.63 -61.60 -24.08
CA ARG F 303 2.08 -61.71 -24.08
C ARG F 303 2.64 -61.74 -25.49
N VAL F 304 1.98 -62.48 -26.39
CA VAL F 304 2.44 -62.52 -27.78
C VAL F 304 2.35 -61.15 -28.42
N ASN F 305 1.24 -60.44 -28.19
CA ASN F 305 1.04 -59.13 -28.79
C ASN F 305 1.91 -58.04 -28.16
N SER F 306 2.56 -58.32 -27.04
CA SER F 306 3.38 -57.33 -26.35
C SER F 306 4.68 -56.99 -27.08
N VAL F 307 5.03 -57.72 -28.15
CA VAL F 307 6.25 -57.47 -28.90
C VAL F 307 5.95 -56.46 -30.01
N THR F 308 6.94 -55.65 -30.35
CA THR F 308 6.75 -54.53 -31.27
C THR F 308 7.69 -54.55 -32.48
N ASP F 309 8.64 -55.47 -32.54
CA ASP F 309 9.59 -55.54 -33.65
C ASP F 309 9.45 -56.88 -34.36
N TYR F 310 9.72 -56.86 -35.66
CA TYR F 310 9.42 -58.03 -36.49
C TYR F 310 10.38 -59.18 -36.26
N LYS F 311 11.68 -58.92 -36.18
CA LYS F 311 12.65 -60.00 -36.14
C LYS F 311 12.50 -60.85 -34.88
N THR F 312 12.42 -60.20 -33.71
CA THR F 312 12.30 -60.96 -32.48
C THR F 312 10.97 -61.69 -32.40
N LEU F 313 9.94 -61.16 -33.04
CA LEU F 313 8.64 -61.85 -33.05
C LEU F 313 8.76 -63.22 -33.69
N ASN F 314 9.37 -63.29 -34.88
CA ASN F 314 9.59 -64.57 -35.53
C ASN F 314 10.64 -65.41 -34.82
N GLU F 315 11.60 -64.77 -34.14
CA GLU F 315 12.60 -65.52 -33.40
C GLU F 315 12.02 -66.20 -32.17
N ALA F 316 10.95 -65.62 -31.60
CA ALA F 316 10.39 -66.13 -30.35
C ALA F 316 9.05 -66.85 -30.55
N TYR F 317 8.21 -66.37 -31.46
CA TYR F 317 6.85 -66.89 -31.64
C TYR F 317 6.62 -67.24 -33.11
N PRO F 318 7.10 -68.39 -33.57
CA PRO F 318 6.83 -68.80 -34.94
C PRO F 318 5.33 -68.97 -35.19
N MET F 319 4.90 -68.66 -36.41
CA MET F 319 3.49 -68.70 -36.73
C MET F 319 2.94 -70.12 -36.64
N ALA F 320 3.70 -71.10 -37.11
CA ALA F 320 3.23 -72.49 -37.13
C ALA F 320 2.97 -73.03 -35.73
N GLN F 321 3.61 -72.47 -34.70
CA GLN F 321 3.35 -72.88 -33.33
C GLN F 321 2.17 -72.13 -32.72
N TYR F 322 2.03 -70.84 -33.04
CA TYR F 322 0.88 -70.09 -32.55
C TYR F 322 -0.42 -70.68 -33.09
N ILE F 323 -0.43 -71.00 -34.39
CA ILE F 323 -1.65 -71.57 -34.98
C ILE F 323 -1.99 -72.89 -34.30
N GLY F 324 -1.00 -73.74 -34.10
CA GLY F 324 -1.26 -75.02 -33.45
C GLY F 324 -1.75 -74.84 -32.02
N THR F 325 -1.15 -73.92 -31.28
CA THR F 325 -1.57 -73.68 -29.91
C THR F 325 -3.01 -73.22 -29.85
N VAL F 326 -3.41 -72.31 -30.75
CA VAL F 326 -4.78 -71.82 -30.74
C VAL F 326 -5.75 -72.91 -31.16
N MET F 327 -5.41 -73.67 -32.19
CA MET F 327 -6.33 -74.66 -32.73
C MET F 327 -6.49 -75.84 -31.77
N GLN F 328 -5.44 -76.22 -31.04
CA GLN F 328 -5.58 -77.28 -30.06
C GLN F 328 -6.56 -76.90 -28.96
N ALA F 329 -6.47 -75.66 -28.47
CA ALA F 329 -7.44 -75.19 -27.48
C ALA F 329 -8.85 -75.13 -28.06
N VAL F 330 -8.98 -74.67 -29.30
CA VAL F 330 -10.30 -74.65 -29.93
C VAL F 330 -10.88 -76.06 -30.02
N GLN F 331 -10.02 -77.04 -30.29
CA GLN F 331 -10.48 -78.42 -30.43
C GLN F 331 -11.02 -78.96 -29.11
N GLN F 332 -10.35 -78.63 -28.00
CA GLN F 332 -10.73 -79.15 -26.69
C GLN F 332 -11.90 -78.39 -26.06
N LYS F 333 -12.52 -77.48 -26.81
CA LYS F 333 -13.69 -76.73 -26.34
C LYS F 333 -13.36 -75.86 -25.14
N LYS F 334 -12.14 -75.33 -25.08
CA LYS F 334 -11.80 -74.28 -24.13
C LYS F 334 -12.10 -72.89 -24.68
N LEU F 335 -12.10 -72.73 -26.00
CA LEU F 335 -12.48 -71.49 -26.66
C LEU F 335 -13.45 -71.81 -27.78
N SER F 336 -14.40 -70.90 -27.99
CA SER F 336 -15.32 -71.09 -29.10
C SER F 336 -14.62 -70.85 -30.43
N PRO F 337 -15.10 -71.44 -31.53
CA PRO F 337 -14.43 -71.24 -32.82
C PRO F 337 -14.32 -69.77 -33.21
N GLY F 338 -15.35 -68.98 -32.93
CA GLY F 338 -15.38 -67.59 -33.36
C GLY F 338 -14.36 -66.72 -32.66
N THR F 339 -13.95 -67.08 -31.45
CA THR F 339 -12.93 -66.34 -30.72
C THR F 339 -11.54 -66.91 -30.90
N GLY F 340 -11.39 -67.97 -31.71
CA GLY F 340 -10.07 -68.48 -32.06
C GLY F 340 -9.70 -68.10 -33.47
N TYR F 341 -10.65 -68.21 -34.40
CA TYR F 341 -10.39 -67.83 -35.78
C TYR F 341 -10.09 -66.33 -35.88
N GLY F 342 -10.85 -65.51 -35.15
CA GLY F 342 -10.57 -64.08 -35.16
C GLY F 342 -9.21 -63.76 -34.59
N MET F 343 -8.83 -64.46 -33.51
CA MET F 343 -7.51 -64.28 -32.94
C MET F 343 -6.40 -64.63 -33.92
N VAL F 344 -6.56 -65.72 -34.66
CA VAL F 344 -5.56 -66.09 -35.66
C VAL F 344 -5.49 -65.03 -36.77
N ASP F 345 -6.67 -64.60 -37.25
CA ASP F 345 -6.70 -63.64 -38.36
C ASP F 345 -6.07 -62.32 -37.96
N ALA F 346 -6.31 -61.87 -36.73
CA ALA F 346 -5.76 -60.59 -36.28
C ALA F 346 -4.23 -60.62 -36.32
N GLU F 347 -3.63 -61.70 -35.80
CA GLU F 347 -2.19 -61.82 -35.84
C GLU F 347 -1.68 -61.91 -37.27
N SER F 348 -2.38 -62.67 -38.12
CA SER F 348 -1.97 -62.77 -39.51
C SER F 348 -1.95 -61.43 -40.21
N GLN F 349 -2.93 -60.57 -39.93
CA GLN F 349 -2.94 -59.23 -40.54
C GLN F 349 -1.88 -58.32 -39.93
N ARG F 350 -1.71 -58.39 -38.61
CA ARG F 350 -0.76 -57.53 -37.93
C ARG F 350 0.67 -57.80 -38.40
N ARG F 351 1.01 -59.08 -38.62
CA ARG F 351 2.36 -59.39 -39.06
C ARG F 351 2.64 -58.80 -40.45
N LEU F 352 1.68 -58.89 -41.37
CA LEU F 352 1.85 -58.26 -42.67
C LEU F 352 1.95 -56.75 -42.55
N LYS F 353 1.15 -56.14 -41.67
CA LYS F 353 1.23 -54.69 -41.49
C LYS F 353 2.61 -54.27 -41.02
N MET F 354 3.17 -54.98 -40.03
CA MET F 354 4.50 -54.66 -39.54
C MET F 354 5.56 -54.89 -40.61
N GLN F 355 5.41 -55.97 -41.38
CA GLN F 355 6.36 -56.23 -42.47
C GLN F 355 6.34 -55.11 -43.50
N LYS F 356 5.16 -54.58 -43.82
CA LYS F 356 5.08 -53.44 -44.74
C LYS F 356 5.72 -52.19 -44.12
N ALA F 357 5.45 -51.94 -42.84
CA ALA F 357 5.97 -50.73 -42.21
C ALA F 357 7.49 -50.75 -42.14
N GLU F 358 8.09 -51.94 -41.97
CA GLU F 358 9.53 -52.03 -41.87
C GLU F 358 10.20 -51.59 -43.18
N GLN F 359 9.56 -51.84 -44.32
CA GLN F 359 10.10 -51.39 -45.59
C GLN F 359 9.94 -49.88 -45.77
N GLY F 360 8.85 -49.30 -45.28
CA GLY F 360 8.63 -47.88 -45.39
C GLY F 360 9.57 -47.08 -44.52
N GLN F 361 10.00 -47.68 -43.40
CA GLN F 361 10.95 -46.99 -42.53
C GLN F 361 12.25 -46.67 -43.25
N LEU F 362 12.69 -47.56 -44.15
CA LEU F 362 13.96 -47.37 -44.84
C LEU F 362 13.93 -46.14 -45.73
N ALA F 363 12.79 -45.86 -46.37
CA ALA F 363 12.70 -44.69 -47.23
C ALA F 363 12.95 -43.40 -46.44
N TYR F 364 12.36 -43.29 -45.25
CA TYR F 364 12.63 -42.14 -44.39
C TYR F 364 14.08 -42.14 -43.92
N THR F 365 14.62 -43.31 -43.56
CA THR F 365 15.97 -43.36 -43.01
C THR F 365 17.02 -42.95 -44.03
N ASN F 366 16.88 -43.37 -45.29
CA ASN F 366 17.91 -43.17 -46.30
C ASN F 366 17.53 -42.19 -47.40
N GLY F 367 16.26 -41.78 -47.47
CA GLY F 367 15.87 -40.86 -48.52
C GLY F 367 16.66 -39.57 -48.46
N VAL F 368 17.05 -39.06 -49.63
CA VAL F 368 17.86 -37.85 -49.72
C VAL F 368 17.02 -36.59 -49.91
N THR F 369 15.84 -36.70 -50.52
CA THR F 369 14.97 -35.55 -50.72
C THR F 369 13.53 -35.96 -50.42
N ILE F 370 12.63 -34.98 -50.43
CA ILE F 370 11.22 -35.26 -50.20
C ILE F 370 10.63 -36.05 -51.35
N SER F 371 11.04 -35.74 -52.59
CA SER F 371 10.42 -36.37 -53.76
C SER F 371 10.61 -37.88 -53.73
N ASP F 372 11.84 -38.35 -53.54
CA ASP F 372 12.10 -39.78 -53.56
C ASP F 372 11.67 -40.48 -52.27
N ILE F 373 11.49 -39.73 -51.17
CA ILE F 373 10.87 -40.30 -49.98
C ILE F 373 9.38 -40.57 -50.24
N ALA F 374 8.71 -39.63 -50.89
CA ALA F 374 7.30 -39.83 -51.23
C ALA F 374 7.14 -40.93 -52.27
N ALA F 375 8.05 -40.98 -53.25
CA ALA F 375 7.95 -41.99 -54.30
C ALA F 375 8.12 -43.40 -53.77
N GLY F 376 8.70 -43.58 -52.59
CA GLY F 376 8.90 -44.89 -52.02
C GLY F 376 7.72 -45.37 -51.19
N THR F 377 7.31 -44.56 -50.21
CA THR F 377 6.19 -44.92 -49.36
C THR F 377 4.84 -44.71 -50.03
N GLY F 378 4.77 -43.85 -51.05
CA GLY F 378 3.53 -43.59 -51.75
C GLY F 378 2.67 -42.50 -51.16
N GLU F 379 3.08 -41.90 -50.05
CA GLU F 379 2.30 -40.84 -49.43
C GLU F 379 2.49 -39.52 -50.17
N SER F 380 1.55 -38.60 -49.95
CA SER F 380 1.67 -37.27 -50.54
C SER F 380 2.78 -36.48 -49.84
N LEU F 381 3.26 -35.45 -50.52
CA LEU F 381 4.37 -34.66 -49.97
C LEU F 381 3.99 -34.00 -48.66
N ASP F 382 2.77 -33.46 -48.56
CA ASP F 382 2.33 -32.84 -47.32
C ASP F 382 2.31 -33.81 -46.16
N LYS F 383 2.06 -35.10 -46.42
CA LYS F 383 2.02 -36.08 -45.34
C LYS F 383 3.42 -36.49 -44.91
N VAL F 384 4.33 -36.71 -45.86
CA VAL F 384 5.69 -37.07 -45.50
C VAL F 384 6.36 -35.91 -44.78
N LYS F 385 6.02 -34.67 -45.14
CA LYS F 385 6.55 -33.53 -44.40
C LYS F 385 6.16 -33.60 -42.92
N GLY F 386 4.88 -33.86 -42.64
CA GLY F 386 4.45 -33.94 -41.24
C GLY F 386 5.07 -35.13 -40.52
N GLU F 387 5.19 -36.27 -41.22
CA GLU F 387 5.80 -37.43 -40.59
C GLU F 387 7.25 -37.18 -40.24
N LEU F 388 8.00 -36.53 -41.14
CA LEU F 388 9.38 -36.16 -40.85
C LEU F 388 9.45 -35.17 -39.68
N THR F 389 8.54 -34.20 -39.66
CA THR F 389 8.47 -33.27 -38.54
C THR F 389 8.33 -34.03 -37.23
N LYS F 390 7.36 -34.95 -37.16
CA LYS F 390 7.13 -35.71 -35.94
C LYS F 390 8.34 -36.56 -35.57
N MET F 391 8.95 -37.22 -36.56
CA MET F 391 10.09 -38.08 -36.29
C MET F 391 11.24 -37.28 -35.69
N TYR F 392 11.61 -36.18 -36.33
CA TYR F 392 12.75 -35.41 -35.85
C TYR F 392 12.43 -34.60 -34.60
N ALA F 393 11.14 -34.36 -34.31
CA ALA F 393 10.80 -33.79 -33.01
C ALA F 393 10.91 -34.82 -31.91
N THR F 394 10.57 -36.08 -32.20
CA THR F 394 10.76 -37.15 -31.23
C THR F 394 12.23 -37.43 -30.97
N ILE F 395 13.07 -37.37 -32.02
CA ILE F 395 14.48 -37.65 -31.84
C ILE F 395 15.16 -36.57 -31.00
N GLY F 396 14.78 -35.31 -31.22
CA GLY F 396 15.42 -34.19 -30.55
C GLY F 396 14.79 -33.74 -29.25
N GLN F 397 13.66 -34.32 -28.87
CA GLN F 397 12.96 -33.91 -27.65
C GLN F 397 12.61 -32.43 -27.70
N GLY F 398 11.77 -32.05 -28.66
CA GLY F 398 11.35 -30.67 -28.81
C GLY F 398 11.56 -30.16 -30.22
N TYR F 399 11.00 -28.98 -30.48
CA TYR F 399 11.10 -28.39 -31.81
C TYR F 399 12.47 -27.78 -32.07
N SER F 400 13.10 -27.15 -31.07
CA SER F 400 14.39 -26.52 -31.31
C SER F 400 15.47 -27.55 -31.63
N GLY F 401 15.61 -28.57 -30.77
CA GLY F 401 16.64 -29.57 -30.98
C GLY F 401 16.45 -30.37 -32.26
N GLY F 402 15.22 -30.79 -32.53
CA GLY F 402 14.94 -31.52 -33.75
C GLY F 402 15.13 -30.66 -34.98
N GLY F 403 14.71 -29.39 -34.89
CA GLY F 403 14.86 -28.49 -36.03
C GLY F 403 16.31 -28.23 -36.36
N LEU F 404 17.16 -28.06 -35.33
CA LEU F 404 18.57 -27.82 -35.60
C LEU F 404 19.19 -29.00 -36.34
N GLN F 405 18.91 -30.22 -35.88
CA GLN F 405 19.47 -31.40 -36.54
C GLN F 405 18.92 -31.57 -37.94
N LEU F 406 17.62 -31.30 -38.14
CA LEU F 406 17.05 -31.41 -39.47
C LEU F 406 17.67 -30.39 -40.42
N MET F 407 17.89 -29.16 -39.93
CA MET F 407 18.54 -28.14 -40.75
C MET F 407 19.96 -28.55 -41.10
N GLN F 408 20.68 -29.11 -40.13
CA GLN F 408 22.04 -29.58 -40.42
C GLN F 408 22.03 -30.67 -41.48
N ARG F 409 21.11 -31.62 -41.37
CA ARG F 409 21.01 -32.68 -42.37
C ARG F 409 20.72 -32.09 -43.75
N GLY F 410 19.76 -31.17 -43.83
CA GLY F 410 19.44 -30.56 -45.11
C GLY F 410 20.62 -29.82 -45.71
N LEU F 411 21.34 -29.05 -44.88
CA LEU F 411 22.47 -28.29 -45.37
C LEU F 411 23.59 -29.20 -45.86
N LYS F 412 23.89 -30.26 -45.12
CA LYS F 412 24.97 -31.16 -45.50
C LYS F 412 24.60 -32.05 -46.68
N SER F 413 23.31 -32.35 -46.87
CA SER F 413 22.89 -33.19 -47.98
C SER F 413 22.61 -32.39 -49.24
N GLY F 414 22.67 -31.06 -49.18
CA GLY F 414 22.43 -30.23 -50.34
C GLY F 414 21.01 -30.30 -50.86
N ALA F 415 20.02 -30.25 -49.95
CA ALA F 415 18.61 -30.25 -50.32
C ALA F 415 17.92 -29.08 -49.65
N GLN F 416 17.22 -28.27 -50.44
CA GLN F 416 16.53 -27.12 -49.88
C GLN F 416 15.23 -27.52 -49.19
N ASP F 417 14.57 -28.58 -49.67
CA ASP F 417 13.27 -28.95 -49.13
C ASP F 417 13.35 -29.31 -47.65
N ILE F 418 14.36 -30.09 -47.26
CA ILE F 418 14.48 -30.49 -45.87
C ILE F 418 14.84 -29.29 -44.99
N THR F 419 15.74 -28.44 -45.48
CA THR F 419 16.10 -27.25 -44.72
C THR F 419 14.90 -26.34 -44.52
N GLY F 420 13.98 -26.29 -45.49
CA GLY F 420 12.80 -25.47 -45.31
C GLY F 420 11.91 -25.95 -44.18
N VAL F 421 11.64 -27.26 -44.12
CA VAL F 421 10.84 -27.79 -43.03
C VAL F 421 11.55 -27.66 -41.70
N GLY F 422 12.87 -27.79 -41.67
CA GLY F 422 13.60 -27.54 -40.43
C GLY F 422 13.47 -26.10 -39.97
N ILE F 423 13.59 -25.15 -40.90
CA ILE F 423 13.46 -23.74 -40.56
C ILE F 423 12.06 -23.44 -40.06
N GLU F 424 11.05 -24.09 -40.63
CA GLU F 424 9.69 -23.90 -40.13
C GLU F 424 9.59 -24.20 -38.64
N MET F 425 10.08 -25.36 -38.21
CA MET F 425 10.08 -25.68 -36.78
C MET F 425 10.92 -24.67 -36.00
N MET F 426 12.10 -24.35 -36.51
CA MET F 426 13.02 -23.50 -35.76
C MET F 426 12.39 -22.15 -35.47
N GLN F 427 11.73 -21.56 -36.46
CA GLN F 427 11.11 -20.25 -36.29
C GLN F 427 9.70 -20.32 -35.73
N GLN F 428 9.10 -21.52 -35.66
CA GLN F 428 7.85 -21.68 -34.91
C GLN F 428 8.12 -21.73 -33.41
N ASP F 429 9.24 -22.32 -33.00
CA ASP F 429 9.58 -22.38 -31.59
C ASP F 429 9.87 -20.99 -31.03
N ALA F 430 10.47 -20.12 -31.85
CA ALA F 430 10.98 -18.84 -31.36
C ALA F 430 9.88 -17.92 -30.84
N GLN F 431 8.62 -18.20 -31.15
CA GLN F 431 7.54 -17.29 -30.75
C GLN F 431 7.36 -17.20 -29.24
N SER F 432 7.94 -18.13 -28.47
CA SER F 432 7.77 -18.09 -27.02
C SER F 432 8.45 -16.88 -26.41
N LEU F 433 9.43 -16.28 -27.11
CA LEU F 433 10.20 -15.17 -26.54
C LEU F 433 9.42 -13.86 -26.51
N SER F 434 8.27 -13.78 -27.17
CA SER F 434 7.55 -12.51 -27.26
C SER F 434 6.79 -12.17 -25.98
N GLY F 435 6.52 -13.15 -25.12
CA GLY F 435 5.67 -12.92 -23.96
C GLY F 435 6.43 -12.61 -22.68
N ILE F 436 7.74 -12.79 -22.68
CA ILE F 436 8.53 -12.62 -21.47
C ILE F 436 8.53 -11.16 -21.06
N ASP F 437 8.35 -10.91 -19.76
CA ASP F 437 8.44 -9.56 -19.19
C ASP F 437 9.88 -9.33 -18.75
N TRP F 438 10.66 -8.69 -19.61
CA TRP F 438 12.09 -8.54 -19.38
C TRP F 438 12.37 -7.66 -18.17
N ARG F 439 11.52 -6.66 -17.92
CA ARG F 439 11.82 -5.66 -16.90
C ARG F 439 11.60 -6.17 -15.48
N ASN F 440 10.79 -7.21 -15.29
CA ASN F 440 10.44 -7.68 -13.95
C ASN F 440 11.03 -9.05 -13.64
N LEU F 441 12.13 -9.42 -14.29
CA LEU F 441 12.80 -10.67 -13.96
C LEU F 441 13.40 -10.59 -12.56
N LYS F 442 13.39 -11.72 -11.85
CA LYS F 442 13.99 -11.77 -10.53
C LYS F 442 15.48 -11.45 -10.62
N THR F 443 15.98 -10.79 -9.58
CA THR F 443 17.34 -10.25 -9.59
C THR F 443 18.20 -10.97 -8.55
N ASP F 444 19.46 -11.18 -8.90
CA ASP F 444 20.43 -11.79 -8.00
C ASP F 444 20.90 -10.77 -6.97
N ALA F 445 21.54 -11.26 -5.91
CA ALA F 445 22.03 -10.39 -4.86
C ALA F 445 23.02 -9.35 -5.37
N ASP F 446 23.65 -9.60 -6.52
CA ASP F 446 24.61 -8.67 -7.11
C ASP F 446 24.02 -7.90 -8.29
N GLY F 447 22.70 -7.95 -8.45
CA GLY F 447 22.04 -7.23 -9.52
C GLY F 447 21.91 -7.97 -10.83
N LYS F 448 22.49 -9.15 -10.95
CA LYS F 448 22.40 -9.91 -12.18
C LYS F 448 21.01 -10.54 -12.30
N PRO F 449 20.30 -10.34 -13.42
CA PRO F 449 19.00 -10.99 -13.57
C PRO F 449 19.12 -12.51 -13.53
N LEU F 450 17.97 -13.18 -13.49
CA LEU F 450 17.89 -14.64 -13.42
C LEU F 450 16.97 -15.12 -14.53
N TYR F 451 17.55 -15.40 -15.70
CA TYR F 451 16.76 -15.83 -16.84
C TYR F 451 16.33 -17.28 -16.67
N PRO F 452 15.15 -17.66 -17.15
CA PRO F 452 14.75 -19.07 -17.13
C PRO F 452 15.60 -19.88 -18.10
N ALA F 453 15.75 -21.18 -17.80
CA ALA F 453 16.58 -22.05 -18.62
C ALA F 453 15.96 -22.36 -19.96
N ALA F 454 14.69 -22.00 -20.18
CA ALA F 454 14.01 -22.33 -21.43
C ALA F 454 14.44 -21.44 -22.58
N VAL F 455 14.90 -20.22 -22.30
CA VAL F 455 15.20 -19.25 -23.37
C VAL F 455 16.69 -19.28 -23.71
N VAL F 456 17.52 -19.64 -22.73
CA VAL F 456 18.96 -19.72 -22.99
C VAL F 456 19.25 -20.76 -24.05
N GLY F 457 18.65 -21.94 -23.92
CA GLY F 457 18.83 -23.01 -24.88
C GLY F 457 18.14 -22.81 -26.20
N SER F 458 17.27 -21.81 -26.28
CA SER F 458 16.66 -21.40 -27.54
C SER F 458 17.53 -20.39 -28.27
N LEU F 459 18.05 -19.39 -27.56
CA LEU F 459 18.96 -18.43 -28.18
C LEU F 459 20.25 -19.11 -28.62
N GLY F 460 20.79 -19.99 -27.78
CA GLY F 460 22.01 -20.69 -28.14
C GLY F 460 21.86 -21.63 -29.32
N ASN F 461 20.64 -22.09 -29.59
CA ASN F 461 20.38 -22.91 -30.77
C ASN F 461 20.08 -22.05 -31.99
N LEU F 462 19.42 -20.90 -31.81
CA LEU F 462 19.20 -19.99 -32.93
C LEU F 462 20.53 -19.48 -33.48
N GLN F 463 21.44 -19.09 -32.59
CA GLN F 463 22.74 -18.61 -33.06
C GLN F 463 23.50 -19.73 -33.78
N ALA F 464 23.45 -20.95 -33.24
CA ALA F 464 24.14 -22.06 -33.88
C ALA F 464 23.57 -22.34 -35.26
N ALA F 465 22.24 -22.30 -35.39
CA ALA F 465 21.62 -22.53 -36.69
C ALA F 465 22.00 -21.45 -37.68
N TYR F 466 21.99 -20.19 -37.25
CA TYR F 466 22.35 -19.10 -38.15
C TYR F 466 23.80 -19.23 -38.61
N GLN F 467 24.71 -19.53 -37.68
CA GLN F 467 26.11 -19.68 -38.05
C GLN F 467 26.34 -20.88 -38.96
N SER F 468 25.63 -21.98 -38.72
CA SER F 468 25.75 -23.15 -39.60
C SER F 468 25.25 -22.80 -41.00
N ALA F 469 24.14 -22.07 -41.10
CA ALA F 469 23.65 -21.66 -42.41
C ALA F 469 24.66 -20.78 -43.12
N LEU F 470 25.28 -19.84 -42.40
CA LEU F 470 26.26 -18.96 -43.04
C LEU F 470 27.54 -19.70 -43.40
N ALA F 471 27.88 -20.76 -42.66
CA ALA F 471 29.15 -21.43 -42.89
C ALA F 471 29.20 -22.11 -44.25
N ALA F 472 28.06 -22.58 -44.76
CA ALA F 472 28.04 -23.29 -46.02
C ALA F 472 28.02 -22.37 -47.23
N GLY F 473 27.98 -21.05 -47.02
CA GLY F 473 27.91 -20.13 -48.13
C GLY F 473 26.53 -19.94 -48.70
N ASN F 474 25.48 -20.22 -47.93
CA ASN F 474 24.10 -20.13 -48.38
C ASN F 474 23.45 -18.98 -47.60
N GLN F 475 23.51 -17.78 -48.20
CA GLN F 475 22.93 -16.61 -47.55
C GLN F 475 21.44 -16.50 -47.78
N VAL F 476 20.92 -17.10 -48.86
CA VAL F 476 19.49 -17.00 -49.13
C VAL F 476 18.68 -17.62 -48.00
N GLN F 477 19.01 -18.86 -47.61
CA GLN F 477 18.30 -19.53 -46.53
C GLN F 477 18.72 -19.05 -45.15
N ALA F 478 19.83 -18.33 -45.04
CA ALA F 478 20.17 -17.68 -43.78
C ALA F 478 19.31 -16.44 -43.56
N ASN F 479 19.07 -15.67 -44.62
CA ASN F 479 18.15 -14.54 -44.51
C ASN F 479 16.71 -15.00 -44.38
N GLN F 480 16.35 -16.10 -45.05
CA GLN F 480 15.00 -16.64 -44.92
C GLN F 480 14.68 -17.01 -43.48
N LEU F 481 15.70 -17.40 -42.70
CA LEU F 481 15.47 -17.77 -41.31
C LEU F 481 15.11 -16.56 -40.46
N LEU F 482 15.73 -15.41 -40.73
CA LEU F 482 15.51 -14.22 -39.93
C LEU F 482 14.19 -13.51 -40.24
N SER F 483 13.37 -14.07 -41.12
CA SER F 483 12.12 -13.44 -41.53
C SER F 483 10.94 -13.83 -40.65
N GLY F 484 11.17 -14.63 -39.60
CA GLY F 484 10.09 -15.05 -38.72
C GLY F 484 10.37 -14.80 -37.26
N LEU F 485 11.59 -14.39 -36.93
CA LEU F 485 11.95 -14.16 -35.54
C LEU F 485 11.51 -12.77 -35.09
N PRO F 486 11.30 -12.56 -33.79
CA PRO F 486 10.94 -11.23 -33.30
C PRO F 486 12.09 -10.24 -33.47
N ASP F 487 11.72 -8.96 -33.54
CA ASP F 487 12.70 -7.91 -33.86
C ASP F 487 13.91 -7.90 -32.94
N PRO F 488 13.78 -7.90 -31.60
CA PRO F 488 14.99 -7.88 -30.76
C PRO F 488 15.90 -9.06 -30.97
N VAL F 489 15.36 -10.25 -31.20
CA VAL F 489 16.21 -11.41 -31.46
C VAL F 489 16.97 -11.24 -32.77
N VAL F 490 16.30 -10.75 -33.81
CA VAL F 490 16.99 -10.51 -35.07
C VAL F 490 18.10 -9.48 -34.88
N TYR F 491 17.83 -8.43 -34.11
CA TYR F 491 18.85 -7.41 -33.86
C TYR F 491 20.04 -8.00 -33.12
N GLY F 492 19.79 -8.86 -32.12
CA GLY F 492 20.89 -9.39 -31.34
C GLY F 492 21.80 -10.31 -32.13
N ILE F 493 21.22 -11.18 -32.96
CA ILE F 493 22.02 -12.20 -33.64
C ILE F 493 23.01 -11.55 -34.61
N ARG F 494 22.54 -10.59 -35.42
CA ARG F 494 23.40 -9.98 -36.42
C ARG F 494 24.54 -9.16 -35.81
N GLN F 495 24.44 -8.77 -34.55
CA GLN F 495 25.50 -8.05 -33.85
C GLN F 495 26.38 -9.09 -33.17
N ASN F 496 27.44 -9.50 -33.86
CA ASN F 496 28.32 -10.55 -33.35
C ASN F 496 28.75 -10.25 -31.92
N VAL F 497 28.37 -11.14 -31.00
CA VAL F 497 28.67 -10.97 -29.59
C VAL F 497 28.81 -12.35 -28.96
N ASP F 498 29.61 -12.43 -27.91
CA ASP F 498 29.80 -13.70 -27.21
C ASP F 498 28.46 -14.24 -26.75
N ALA F 499 28.30 -15.56 -26.86
CA ALA F 499 27.02 -16.18 -26.52
C ALA F 499 26.59 -15.90 -25.09
N ARG F 500 27.54 -15.62 -24.20
CA ARG F 500 27.20 -15.39 -22.80
C ARG F 500 26.46 -14.07 -22.59
N ASP F 501 26.45 -13.18 -23.59
CA ASP F 501 25.83 -11.86 -23.46
C ASP F 501 24.64 -11.68 -24.39
N LEU F 502 24.27 -12.69 -25.17
CA LEU F 502 23.16 -12.55 -26.10
C LEU F 502 21.85 -12.29 -25.37
N ALA F 503 21.60 -13.00 -24.27
CA ALA F 503 20.37 -12.79 -23.52
C ALA F 503 20.30 -11.37 -22.96
N ASP F 504 21.40 -10.87 -22.41
CA ASP F 504 21.41 -9.50 -21.89
C ASP F 504 21.19 -8.49 -23.01
N VAL F 505 21.83 -8.69 -24.16
CA VAL F 505 21.64 -7.76 -25.28
C VAL F 505 20.18 -7.75 -25.72
N VAL F 506 19.57 -8.94 -25.84
CA VAL F 506 18.17 -9.01 -26.26
C VAL F 506 17.27 -8.34 -25.24
N GLY F 507 17.52 -8.58 -23.95
CA GLY F 507 16.70 -7.97 -22.92
C GLY F 507 16.79 -6.46 -22.93
N LYS F 508 17.99 -5.93 -23.07
CA LYS F 508 18.15 -4.48 -23.15
C LYS F 508 17.47 -3.91 -24.39
N ARG F 509 17.63 -4.57 -25.54
CA ARG F 509 17.03 -4.05 -26.77
C ARG F 509 15.51 -4.06 -26.70
N ALA F 510 14.92 -5.09 -26.10
CA ALA F 510 13.47 -5.17 -26.03
C ALA F 510 12.87 -3.97 -25.30
N GLN F 511 13.40 -3.65 -24.12
CA GLN F 511 12.89 -2.54 -23.33
C GLN F 511 13.41 -1.20 -23.82
N ASP F 512 14.43 -1.17 -24.68
CA ASP F 512 14.75 0.06 -25.39
C ASP F 512 13.71 0.35 -26.48
N ILE F 513 13.30 -0.70 -27.20
CA ILE F 513 12.23 -0.53 -28.19
C ILE F 513 10.93 -0.14 -27.51
N ALA F 514 10.62 -0.78 -26.37
CA ALA F 514 9.37 -0.50 -25.69
C ALA F 514 9.28 0.96 -25.27
N SER F 515 10.41 1.63 -25.11
CA SER F 515 10.43 3.02 -24.65
C SER F 515 10.37 4.03 -25.78
N GLY F 516 10.23 3.58 -27.02
CA GLY F 516 10.14 4.51 -28.14
C GLY F 516 11.41 5.24 -28.47
N LYS F 517 12.57 4.59 -28.35
CA LYS F 517 13.85 5.21 -28.66
C LYS F 517 14.25 5.05 -30.12
N VAL F 518 13.40 4.44 -30.95
CA VAL F 518 13.70 4.17 -32.36
C VAL F 518 12.86 5.10 -33.22
N LEU F 519 13.50 5.73 -34.19
CA LEU F 519 12.81 6.65 -35.10
C LEU F 519 11.98 5.88 -36.12
N ALA F 520 10.84 6.45 -36.48
CA ALA F 520 9.97 5.82 -37.47
C ALA F 520 10.57 5.93 -38.86
N LEU F 521 10.29 4.92 -39.69
CA LEU F 521 10.81 4.90 -41.05
C LEU F 521 9.98 5.80 -41.96
N PRO F 522 10.56 6.28 -43.05
CA PRO F 522 9.81 7.15 -43.98
C PRO F 522 8.73 6.37 -44.72
N ALA F 523 7.91 7.11 -45.47
CA ALA F 523 6.88 6.49 -46.28
C ALA F 523 7.44 5.87 -47.56
N ASN F 524 8.64 6.28 -47.97
CA ASN F 524 9.31 5.72 -49.13
C ASN F 524 10.56 4.98 -48.68
N MET F 525 10.80 3.81 -49.27
CA MET F 525 11.90 2.97 -48.83
C MET F 525 13.22 3.71 -49.04
N PRO F 526 14.16 3.63 -48.09
CA PRO F 526 15.45 4.31 -48.28
C PRO F 526 16.19 3.75 -49.49
N ALA F 527 16.97 4.62 -50.12
CA ALA F 527 17.74 4.22 -51.29
C ALA F 527 18.76 3.14 -50.93
N ASP F 528 19.26 3.17 -49.69
CA ASP F 528 20.29 2.21 -49.28
C ASP F 528 19.76 0.79 -49.13
N VAL F 529 18.45 0.59 -49.20
CA VAL F 529 17.88 -0.76 -49.11
C VAL F 529 17.85 -1.47 -50.45
N SER F 530 17.99 -0.75 -51.56
CA SER F 530 17.94 -1.37 -52.87
C SER F 530 19.16 -2.27 -53.09
N ILE F 531 19.08 -3.08 -54.14
CA ILE F 531 20.12 -4.05 -54.48
C ILE F 531 20.81 -3.58 -55.75
N THR F 532 22.14 -3.66 -55.76
CA THR F 532 22.94 -3.23 -56.90
C THR F 532 24.01 -4.28 -57.18
N GLN F 533 24.80 -4.02 -58.22
CA GLN F 533 25.82 -4.98 -58.63
C GLN F 533 26.83 -5.23 -57.52
N ALA F 534 27.16 -4.21 -56.73
CA ALA F 534 28.10 -4.40 -55.64
C ALA F 534 27.59 -5.43 -54.65
N ASP F 535 26.29 -5.47 -54.40
CA ASP F 535 25.71 -6.49 -53.53
C ASP F 535 25.71 -7.87 -54.18
N VAL F 536 25.55 -7.95 -55.50
CA VAL F 536 25.66 -9.24 -56.18
C VAL F 536 27.07 -9.79 -56.04
N THR F 537 28.08 -8.93 -56.21
CA THR F 537 29.46 -9.37 -56.03
C THR F 537 29.72 -9.80 -54.59
N ALA F 538 28.99 -9.21 -53.64
CA ALA F 538 29.20 -9.50 -52.22
C ALA F 538 28.77 -10.91 -51.83
N GLY F 539 28.03 -11.62 -52.68
CA GLY F 539 27.62 -12.98 -52.41
C GLY F 539 26.15 -13.20 -52.22
N ILE F 540 25.32 -12.16 -52.33
CA ILE F 540 23.88 -12.37 -52.27
C ILE F 540 23.43 -13.14 -53.50
N PHE F 541 22.30 -13.84 -53.36
CA PHE F 541 21.74 -14.77 -54.35
C PHE F 541 22.48 -16.09 -54.38
N ASP F 542 23.46 -16.30 -53.50
CA ASP F 542 24.16 -17.57 -53.43
C ASP F 542 23.30 -18.57 -52.65
N LEU F 543 22.90 -19.65 -53.31
CA LEU F 543 22.01 -20.64 -52.72
C LEU F 543 22.74 -21.84 -52.15
N GLY F 544 24.08 -21.84 -52.19
CA GLY F 544 24.83 -22.93 -51.59
C GLY F 544 24.94 -24.14 -52.51
N LEU F 545 25.07 -25.31 -51.89
CA LEU F 545 25.24 -26.55 -52.63
C LEU F 545 23.95 -26.91 -53.36
N GLY F 546 24.10 -27.72 -54.40
CA GLY F 546 22.95 -28.14 -55.19
C GLY F 546 23.32 -29.13 -56.28
N LYS F 547 22.32 -29.71 -56.94
CA LYS F 547 22.58 -30.69 -57.99
C LYS F 547 22.87 -29.99 -59.31
N ASP F 548 21.92 -29.21 -59.83
CA ASP F 548 22.07 -28.57 -61.11
C ASP F 548 22.71 -27.19 -60.95
N ALA F 549 23.39 -26.75 -62.01
CA ALA F 549 23.94 -25.39 -62.02
C ALA F 549 22.84 -24.35 -61.94
N ARG F 550 21.71 -24.59 -62.60
CA ARG F 550 20.59 -23.67 -62.57
C ARG F 550 19.92 -23.59 -61.21
N ASN F 551 20.23 -24.52 -60.29
CA ASN F 551 19.51 -24.62 -59.03
C ASN F 551 20.40 -24.27 -57.84
N ARG F 552 21.45 -23.46 -58.06
CA ARG F 552 22.21 -22.89 -56.96
C ARG F 552 22.40 -21.38 -57.12
N ASN F 553 21.72 -20.76 -58.07
CA ASN F 553 21.60 -19.31 -58.16
C ASN F 553 20.12 -18.96 -58.21
N MET F 554 19.68 -18.06 -57.33
CA MET F 554 18.26 -17.78 -57.21
C MET F 554 17.70 -17.16 -58.48
N LEU F 555 18.55 -16.55 -59.32
CA LEU F 555 18.09 -15.98 -60.58
C LEU F 555 17.88 -17.02 -61.66
N GLY F 556 18.44 -18.22 -61.52
CA GLY F 556 18.20 -19.30 -62.45
C GLY F 556 19.08 -19.31 -63.68
N ILE F 557 20.16 -18.54 -63.70
CA ILE F 557 21.07 -18.53 -64.84
C ILE F 557 21.98 -19.75 -64.75
N GLN F 558 22.28 -20.35 -65.91
CA GLN F 558 23.04 -21.59 -65.97
C GLN F 558 24.54 -21.34 -66.11
N SER F 559 24.95 -20.63 -67.16
CA SER F 559 26.37 -20.44 -67.42
C SER F 559 27.05 -19.76 -66.23
N TRP F 560 28.11 -20.40 -65.72
CA TRP F 560 28.87 -19.89 -64.59
C TRP F 560 30.35 -19.74 -64.86
N VAL F 561 30.83 -20.09 -66.05
CA VAL F 561 32.23 -19.97 -66.41
C VAL F 561 32.41 -19.07 -67.64
N PHE F 562 31.66 -19.33 -68.70
CA PHE F 562 31.67 -18.49 -69.90
C PHE F 562 30.25 -18.02 -70.15
N THR F 563 30.05 -16.70 -70.18
CA THR F 563 28.72 -16.11 -70.27
C THR F 563 28.67 -15.13 -71.45
N SER F 564 27.56 -15.16 -72.18
CA SER F 564 27.34 -14.21 -73.27
C SER F 564 26.51 -13.03 -72.78
N ASP F 565 26.38 -12.03 -73.65
CA ASP F 565 25.59 -10.85 -73.31
C ASP F 565 24.12 -11.17 -73.08
N ALA F 566 23.61 -12.24 -73.69
CA ALA F 566 22.21 -12.62 -73.48
C ALA F 566 21.95 -12.93 -72.01
N ASP F 567 22.88 -13.62 -71.34
CA ASP F 567 22.75 -13.85 -69.91
C ASP F 567 22.84 -12.55 -69.12
N GLU F 568 23.69 -11.62 -69.56
CA GLU F 568 23.79 -10.34 -68.87
C GLU F 568 22.47 -9.57 -68.92
N LYS F 569 21.81 -9.56 -70.09
CA LYS F 569 20.52 -8.87 -70.19
C LYS F 569 19.49 -9.49 -69.26
N ALA F 570 19.42 -10.83 -69.22
CA ALA F 570 18.47 -11.50 -68.34
C ALA F 570 18.75 -11.18 -66.88
N ALA F 571 20.03 -11.20 -66.48
CA ALA F 571 20.38 -10.86 -65.10
C ALA F 571 19.97 -9.43 -64.78
N GLN F 572 20.22 -8.50 -65.72
CA GLN F 572 19.86 -7.12 -65.49
C GLN F 572 18.35 -6.95 -65.31
N ALA F 573 17.58 -7.64 -66.14
CA ALA F 573 16.12 -7.56 -66.01
C ALA F 573 15.65 -8.16 -64.69
N ARG F 574 16.24 -9.29 -64.29
CA ARG F 574 15.79 -9.98 -63.10
C ARG F 574 16.15 -9.22 -61.83
N VAL F 575 17.27 -8.50 -61.83
CA VAL F 575 17.60 -7.65 -60.68
C VAL F 575 16.52 -6.59 -60.48
N SER F 576 16.11 -5.94 -61.57
CA SER F 576 15.04 -4.94 -61.47
C SER F 576 13.72 -5.59 -61.05
N GLN F 577 13.45 -6.80 -61.52
CA GLN F 577 12.24 -7.50 -61.08
C GLN F 577 12.25 -7.71 -59.57
N VAL F 578 13.37 -8.17 -59.03
CA VAL F 578 13.47 -8.40 -57.59
C VAL F 578 13.34 -7.07 -56.84
N ASN F 579 13.95 -6.01 -57.37
CA ASN F 579 13.83 -4.70 -56.72
C ASN F 579 12.39 -4.24 -56.66
N SER F 580 11.65 -4.41 -57.75
CA SER F 580 10.24 -4.03 -57.77
C SER F 580 9.44 -4.85 -56.76
N ALA F 581 9.70 -6.15 -56.69
CA ALA F 581 9.00 -6.99 -55.72
C ALA F 581 9.28 -6.51 -54.29
N MET F 582 10.55 -6.21 -53.98
CA MET F 582 10.88 -5.72 -52.65
C MET F 582 10.22 -4.39 -52.35
N ASN F 583 10.16 -3.48 -53.34
CA ASN F 583 9.50 -2.20 -53.13
C ASN F 583 8.02 -2.40 -52.83
N ASN F 584 7.34 -3.26 -53.58
CA ASN F 584 5.93 -3.52 -53.32
C ASN F 584 5.74 -4.11 -51.92
N GLU F 585 6.59 -5.06 -51.53
CA GLU F 585 6.47 -5.65 -50.20
C GLU F 585 6.65 -4.60 -49.12
N TYR F 586 7.66 -3.73 -49.26
CA TYR F 586 7.90 -2.70 -48.26
C TYR F 586 6.72 -1.74 -48.17
N VAL F 587 6.17 -1.33 -49.31
CA VAL F 587 5.03 -0.41 -49.28
C VAL F 587 3.85 -1.07 -48.57
N TYR F 588 3.55 -2.32 -48.91
CA TYR F 588 2.41 -2.99 -48.28
C TYR F 588 2.61 -3.10 -46.78
N ASN F 589 3.82 -3.48 -46.35
CA ASN F 589 4.08 -3.58 -44.91
C ASN F 589 3.95 -2.23 -44.23
N GLN F 590 4.48 -1.17 -44.85
CA GLN F 590 4.44 0.15 -44.22
C GLN F 590 3.01 0.65 -44.07
N GLN F 591 2.18 0.44 -45.09
CA GLN F 591 0.81 0.95 -45.02
C GLN F 591 0.04 0.32 -43.86
N ARG F 592 0.21 -0.98 -43.63
CA ARG F 592 -0.48 -1.65 -42.53
C ARG F 592 0.11 -1.28 -41.17
N GLY F 593 1.23 -0.57 -41.13
CA GLY F 593 1.86 -0.25 -39.87
C GLY F 593 2.42 -1.45 -39.14
N SER F 594 3.12 -2.35 -39.85
CA SER F 594 3.67 -3.55 -39.26
C SER F 594 5.17 -3.71 -39.52
N LEU F 595 5.86 -2.63 -39.88
CA LEU F 595 7.28 -2.72 -40.15
C LEU F 595 8.05 -3.02 -38.86
N PRO F 596 9.15 -3.76 -38.96
CA PRO F 596 9.95 -4.06 -37.77
C PRO F 596 10.86 -2.88 -37.41
N ALA F 597 11.41 -2.95 -36.20
CA ALA F 597 12.32 -1.92 -35.69
C ALA F 597 13.75 -2.22 -36.13
N LEU F 598 14.00 -2.03 -37.42
CA LEU F 598 15.30 -2.27 -38.03
C LEU F 598 15.59 -1.16 -39.03
N VAL F 599 16.86 -1.05 -39.42
CA VAL F 599 17.32 -0.02 -40.34
C VAL F 599 18.49 -0.55 -41.16
N GLY F 600 18.57 -0.08 -42.40
CA GLY F 600 19.73 -0.39 -43.23
C GLY F 600 19.81 -1.86 -43.58
N ASP F 601 20.97 -2.45 -43.30
CA ASP F 601 21.25 -3.82 -43.73
C ASP F 601 20.29 -4.81 -43.12
N ASP F 602 19.91 -4.62 -41.85
CA ASP F 602 18.96 -5.55 -41.23
C ASP F 602 17.62 -5.52 -41.96
N LEU F 603 17.13 -4.32 -42.30
CA LEU F 603 15.88 -4.23 -43.04
C LEU F 603 16.01 -4.84 -44.43
N LYS F 604 17.15 -4.63 -45.08
CA LYS F 604 17.37 -5.24 -46.40
C LYS F 604 17.32 -6.75 -46.30
N SER F 605 17.97 -7.33 -45.29
CA SER F 605 17.95 -8.78 -45.11
C SER F 605 16.54 -9.27 -44.82
N TRP F 606 15.80 -8.54 -43.98
CA TRP F 606 14.43 -8.93 -43.69
C TRP F 606 13.58 -8.98 -44.95
N LEU F 607 13.66 -7.93 -45.78
CA LEU F 607 12.88 -7.89 -47.01
C LEU F 607 13.31 -8.98 -47.97
N MET F 608 14.63 -9.19 -48.11
CA MET F 608 15.11 -10.23 -49.02
C MET F 608 14.64 -11.61 -48.57
N GLY F 609 14.68 -11.89 -47.27
CA GLY F 609 14.14 -13.14 -46.77
C GLY F 609 12.65 -13.30 -46.97
N LYS F 610 11.89 -12.21 -46.82
CA LYS F 610 10.46 -12.27 -47.12
C LYS F 610 10.20 -12.61 -48.59
N VAL F 611 10.96 -11.97 -49.49
CA VAL F 611 10.74 -12.20 -50.92
C VAL F 611 11.27 -13.57 -51.33
N ALA F 612 12.35 -14.03 -50.71
CA ALA F 612 13.01 -15.25 -51.18
C ALA F 612 12.10 -16.47 -51.11
N SER F 613 11.13 -16.46 -50.19
CA SER F 613 10.32 -17.66 -49.99
C SER F 613 9.31 -17.88 -51.11
N ARG F 614 8.97 -16.83 -51.86
CA ARG F 614 7.92 -16.90 -52.87
C ARG F 614 8.46 -16.96 -54.29
N THR F 615 9.72 -17.36 -54.49
CA THR F 615 10.33 -17.39 -55.82
C THR F 615 10.32 -18.82 -56.36
N VAL F 616 9.92 -18.97 -57.62
CA VAL F 616 9.88 -20.25 -58.30
C VAL F 616 10.52 -20.09 -59.68
N ARG F 617 11.38 -21.04 -60.04
CA ARG F 617 12.12 -21.00 -61.30
C ARG F 617 11.52 -22.00 -62.29
N VAL F 618 10.55 -21.53 -63.07
CA VAL F 618 9.96 -22.37 -64.10
C VAL F 618 11.05 -22.79 -65.08
N LYS F 619 10.91 -23.98 -65.65
CA LYS F 619 12.01 -24.60 -66.39
C LYS F 619 11.93 -24.31 -67.89
N ASP F 620 10.85 -24.74 -68.54
CA ASP F 620 10.81 -24.87 -69.99
C ASP F 620 10.53 -23.52 -70.66
N GLY F 621 10.84 -23.49 -71.96
CA GLY F 621 10.52 -22.37 -72.83
C GLY F 621 11.72 -21.89 -73.62
N THR F 622 12.88 -21.83 -72.97
CA THR F 622 14.14 -21.42 -73.57
C THR F 622 15.25 -21.79 -72.60
N ASP F 623 16.47 -21.35 -72.90
CA ASP F 623 17.55 -21.46 -71.94
C ASP F 623 17.34 -20.47 -70.79
N ASN F 624 17.83 -20.87 -69.61
CA ASN F 624 17.66 -20.08 -68.39
C ASN F 624 16.22 -20.10 -67.90
N GLY F 625 15.33 -20.77 -68.63
CA GLY F 625 13.95 -20.88 -68.19
C GLY F 625 13.31 -19.52 -67.98
N ALA F 626 12.58 -19.40 -66.87
CA ALA F 626 11.90 -18.17 -66.50
C ALA F 626 11.82 -18.08 -64.99
N LEU F 627 11.60 -16.87 -64.50
CA LEU F 627 11.55 -16.58 -63.07
C LEU F 627 10.22 -15.93 -62.74
N LEU F 628 9.55 -16.44 -61.70
CA LEU F 628 8.26 -15.92 -61.26
C LEU F 628 8.25 -15.79 -59.75
N VAL F 629 7.42 -14.89 -59.26
CA VAL F 629 7.20 -14.70 -57.83
C VAL F 629 5.72 -14.91 -57.55
N LEU F 630 5.41 -15.96 -56.79
CA LEU F 630 4.02 -16.30 -56.52
C LEU F 630 3.39 -15.24 -55.60
N PRO F 631 2.10 -14.96 -55.76
CA PRO F 631 1.43 -14.01 -54.87
C PRO F 631 1.13 -14.63 -53.52
N GLU F 632 0.86 -13.76 -52.54
CA GLU F 632 0.47 -14.22 -51.23
C GLU F 632 -0.99 -14.66 -51.22
N VAL F 633 -1.26 -15.76 -50.53
CA VAL F 633 -2.60 -16.34 -50.46
C VAL F 633 -2.89 -16.71 -49.01
N GLY F 634 -4.18 -16.74 -48.68
CA GLY F 634 -4.60 -17.16 -47.36
C GLY F 634 -4.02 -18.51 -46.98
N ASP F 635 -4.41 -19.55 -47.69
CA ASP F 635 -3.84 -20.88 -47.52
C ASP F 635 -3.59 -21.49 -48.89
N LYS F 636 -2.40 -22.05 -49.07
CA LYS F 636 -1.98 -22.54 -50.38
C LYS F 636 -2.80 -23.75 -50.81
N GLN F 637 -3.27 -24.56 -49.87
CA GLN F 637 -3.94 -25.82 -50.21
C GLN F 637 -5.28 -25.61 -50.92
N LYS F 638 -5.87 -24.43 -50.80
CA LYS F 638 -7.14 -24.17 -51.48
C LYS F 638 -6.96 -23.71 -52.91
N VAL F 639 -5.90 -22.94 -53.19
CA VAL F 639 -5.70 -22.39 -54.52
C VAL F 639 -4.76 -23.28 -55.31
N PHE F 640 -3.53 -23.44 -54.83
CA PHE F 640 -2.53 -24.22 -55.56
C PHE F 640 -2.71 -25.72 -55.39
N GLY F 641 -3.34 -26.15 -54.30
CA GLY F 641 -3.56 -27.56 -54.05
C GLY F 641 -2.43 -28.28 -53.35
N SER F 642 -1.31 -27.60 -53.10
CA SER F 642 -0.19 -28.21 -52.41
C SER F 642 0.67 -27.12 -51.80
N THR F 643 1.40 -27.47 -50.74
CA THR F 643 2.25 -26.51 -50.05
C THR F 643 3.71 -26.58 -50.49
N ASP F 644 4.05 -27.45 -51.44
CA ASP F 644 5.43 -27.62 -51.88
C ASP F 644 5.60 -26.95 -53.24
N ASN F 645 6.69 -26.18 -53.37
CA ASN F 645 6.93 -25.43 -54.60
C ASN F 645 7.41 -26.33 -55.73
N GLY F 646 8.02 -27.47 -55.43
CA GLY F 646 8.55 -28.34 -56.46
C GLY F 646 7.51 -28.93 -57.39
N ILE F 647 6.24 -28.95 -56.96
CA ILE F 647 5.17 -29.42 -57.82
C ILE F 647 4.57 -28.28 -58.64
N ILE F 648 4.43 -27.10 -58.04
CA ILE F 648 3.92 -25.94 -58.77
C ILE F 648 4.89 -25.56 -59.88
N GLU F 649 6.19 -25.68 -59.62
CA GLU F 649 7.17 -25.37 -60.65
C GLU F 649 6.99 -26.24 -61.89
N SER F 650 6.72 -27.54 -61.70
CA SER F 650 6.49 -28.42 -62.83
C SER F 650 5.13 -28.16 -63.47
N ALA F 651 4.12 -27.82 -62.65
CA ALA F 651 2.77 -27.63 -63.18
C ALA F 651 2.64 -26.36 -64.00
N LEU F 652 3.40 -25.31 -63.69
CA LEU F 652 3.27 -24.04 -64.40
C LEU F 652 3.92 -24.06 -65.77
N THR F 653 4.59 -25.16 -66.14
CA THR F 653 5.39 -25.17 -67.36
C THR F 653 4.53 -24.95 -68.60
N GLU F 654 3.41 -25.66 -68.72
CA GLU F 654 2.60 -25.56 -69.91
C GLU F 654 2.03 -24.15 -70.07
N SER F 655 1.51 -23.58 -68.97
CA SER F 655 0.94 -22.24 -69.04
C SER F 655 2.00 -21.21 -69.42
N VAL F 656 3.19 -21.32 -68.81
CA VAL F 656 4.24 -20.36 -69.13
C VAL F 656 4.67 -20.49 -70.59
N THR F 657 4.83 -21.72 -71.07
CA THR F 657 5.24 -21.93 -72.46
C THR F 657 4.20 -21.37 -73.43
N ASN F 658 2.92 -21.62 -73.16
CA ASN F 658 1.87 -21.08 -74.03
C ASN F 658 1.89 -19.56 -74.02
N PHE F 659 2.01 -18.96 -72.83
CA PHE F 659 2.01 -17.50 -72.73
C PHE F 659 3.17 -16.90 -73.51
N LYS F 660 4.36 -17.49 -73.40
CA LYS F 660 5.50 -17.00 -74.15
C LYS F 660 5.35 -17.25 -75.65
N LYS F 661 4.69 -18.33 -76.04
CA LYS F 661 4.47 -18.60 -77.46
C LYS F 661 3.54 -17.56 -78.07
N GLN F 662 2.49 -17.17 -77.34
CA GLN F 662 1.53 -16.22 -77.89
C GLN F 662 2.15 -14.83 -78.05
N TYR F 663 3.04 -14.43 -77.15
CA TYR F 663 3.61 -13.09 -77.12
C TYR F 663 5.13 -13.17 -77.09
N PRO F 664 5.77 -13.39 -78.25
CA PRO F 664 7.24 -13.45 -78.27
C PRO F 664 7.91 -12.18 -77.78
N GLN F 665 7.29 -11.01 -78.00
CA GLN F 665 7.94 -9.75 -77.65
C GLN F 665 8.05 -9.56 -76.14
N ALA F 666 7.29 -10.30 -75.35
CA ALA F 666 7.31 -10.16 -73.90
C ALA F 666 8.62 -10.71 -73.35
N THR F 667 9.29 -9.94 -72.50
CA THR F 667 10.56 -10.37 -71.94
C THR F 667 10.38 -10.99 -70.55
N THR F 668 9.48 -10.44 -69.75
CA THR F 668 9.25 -10.91 -68.39
C THR F 668 7.76 -11.13 -68.16
N VAL F 669 7.45 -11.95 -67.17
CA VAL F 669 6.07 -12.33 -66.86
C VAL F 669 5.82 -12.07 -65.39
N GLN F 670 4.60 -11.62 -65.07
CA GLN F 670 4.15 -11.39 -63.71
C GLN F 670 2.88 -12.17 -63.46
N MET F 671 2.69 -12.62 -62.23
CA MET F 671 1.57 -13.45 -61.84
C MET F 671 0.80 -12.80 -60.71
N ASP F 672 -0.53 -12.90 -60.76
CA ASP F 672 -1.38 -12.30 -59.75
C ASP F 672 -2.63 -13.16 -59.57
N TYR F 673 -3.27 -12.99 -58.42
CA TYR F 673 -4.43 -13.79 -58.04
C TYR F 673 -5.62 -12.88 -57.79
N ASP F 674 -6.78 -13.24 -58.36
CA ASP F 674 -8.01 -12.49 -58.19
C ASP F 674 -8.98 -13.30 -57.34
N PRO F 675 -9.12 -13.02 -56.04
CA PRO F 675 -9.95 -13.88 -55.19
C PRO F 675 -11.43 -13.86 -55.56
N LEU F 676 -11.94 -12.74 -56.08
CA LEU F 676 -13.39 -12.61 -56.26
C LEU F 676 -13.93 -13.67 -57.21
N THR F 677 -13.25 -13.91 -58.33
CA THR F 677 -13.68 -14.90 -59.30
C THR F 677 -12.82 -16.17 -59.28
N GLN F 678 -11.94 -16.31 -58.29
CA GLN F 678 -11.07 -17.49 -58.19
C GLN F 678 -10.30 -17.67 -59.49
N GLU F 679 -9.47 -16.69 -59.82
CA GLU F 679 -8.80 -16.60 -61.11
C GLU F 679 -7.33 -16.29 -60.93
N LEU F 680 -6.50 -16.82 -61.82
CA LEU F 680 -5.08 -16.52 -61.88
C LEU F 680 -4.79 -15.75 -63.15
N ILE F 681 -4.00 -14.68 -63.03
CA ILE F 681 -3.78 -13.75 -64.12
C ILE F 681 -2.29 -13.61 -64.39
N PHE F 682 -1.94 -13.63 -65.68
CA PHE F 682 -0.58 -13.39 -66.14
C PHE F 682 -0.55 -12.10 -66.95
N GLN F 683 0.53 -11.34 -66.81
CA GLN F 683 0.68 -10.07 -67.51
C GLN F 683 2.15 -9.79 -67.75
N GLY F 684 2.45 -9.21 -68.91
CA GLY F 684 3.80 -8.77 -69.21
C GLY F 684 4.10 -7.45 -68.50
N VAL F 685 5.37 -7.27 -68.15
CA VAL F 685 5.81 -6.11 -67.38
C VAL F 685 6.97 -5.44 -68.08
N ASN F 686 7.09 -4.14 -67.86
CA ASN F 686 8.18 -3.31 -68.36
C ASN F 686 8.98 -2.77 -67.18
N ALA F 687 10.14 -2.18 -67.49
CA ALA F 687 10.98 -1.57 -66.47
C ALA F 687 10.28 -0.34 -65.90
N GLU F 688 10.79 0.18 -64.78
CA GLU F 688 10.21 1.33 -64.10
C GLU F 688 8.86 1.02 -63.49
N ASN F 689 8.57 -0.25 -63.22
CA ASN F 689 7.32 -0.69 -62.60
C ASN F 689 6.11 -0.42 -63.49
N GLN F 690 6.32 -0.23 -64.79
CA GLN F 690 5.21 -0.04 -65.71
C GLN F 690 4.75 -1.39 -66.27
N LEU F 691 3.49 -1.43 -66.68
CA LEU F 691 2.85 -2.66 -67.12
C LEU F 691 2.50 -2.57 -68.61
N GLY F 692 2.49 -3.74 -69.26
CA GLY F 692 2.18 -3.83 -70.67
C GLY F 692 0.70 -4.07 -70.92
N THR F 693 0.40 -4.42 -72.17
CA THR F 693 -0.97 -4.64 -72.61
C THR F 693 -1.36 -6.11 -72.69
N THR F 694 -0.38 -7.02 -72.73
CA THR F 694 -0.68 -8.44 -72.81
C THR F 694 -1.24 -8.95 -71.49
N ARG F 695 -2.19 -9.87 -71.57
CA ARG F 695 -2.79 -10.44 -70.38
C ARG F 695 -3.37 -11.82 -70.72
N ALA F 696 -3.51 -12.64 -69.69
CA ALA F 696 -4.07 -13.97 -69.82
C ALA F 696 -4.76 -14.36 -68.52
N SER F 697 -5.68 -15.32 -68.61
CA SER F 697 -6.48 -15.73 -67.47
C SER F 697 -6.61 -17.25 -67.45
N ILE F 698 -6.54 -17.83 -66.25
CA ILE F 698 -6.62 -19.27 -66.07
C ILE F 698 -7.42 -19.58 -64.80
N PRO F 699 -8.44 -20.42 -64.86
CA PRO F 699 -9.15 -20.79 -63.62
C PRO F 699 -8.27 -21.63 -62.71
N ALA F 700 -8.60 -21.61 -61.42
CA ALA F 700 -7.83 -22.37 -60.44
C ALA F 700 -8.17 -23.85 -60.44
N ALA F 701 -9.39 -24.21 -60.84
CA ALA F 701 -9.84 -25.60 -60.74
C ALA F 701 -8.97 -26.51 -61.61
N ASP F 702 -8.77 -26.15 -62.87
CA ASP F 702 -7.93 -26.95 -63.75
C ASP F 702 -6.48 -26.96 -63.33
N PHE F 703 -5.97 -25.87 -62.75
CA PHE F 703 -4.61 -25.87 -62.24
C PHE F 703 -4.46 -26.88 -61.10
N ARG F 704 -5.43 -26.90 -60.17
CA ARG F 704 -5.40 -27.88 -59.09
C ARG F 704 -5.52 -29.30 -59.64
N ASN F 705 -6.36 -29.50 -60.65
CA ASN F 705 -6.49 -30.81 -61.25
C ASN F 705 -5.17 -31.27 -61.87
N THR F 706 -4.47 -30.35 -62.57
CA THR F 706 -3.18 -30.70 -63.14
C THR F 706 -2.15 -31.01 -62.06
N VAL F 707 -2.15 -30.24 -60.97
CA VAL F 707 -1.22 -30.51 -59.88
C VAL F 707 -1.47 -31.90 -59.30
N ARG F 708 -2.74 -32.23 -59.07
CA ARG F 708 -3.07 -33.55 -58.53
C ARG F 708 -2.70 -34.65 -59.52
N GLY F 709 -2.90 -34.42 -60.82
CA GLY F 709 -2.49 -35.40 -61.80
C GLY F 709 -0.99 -35.65 -61.80
N VAL F 710 -0.20 -34.58 -61.67
CA VAL F 710 1.25 -34.74 -61.59
C VAL F 710 1.63 -35.50 -60.33
N GLN F 711 1.01 -35.16 -59.21
CA GLN F 711 1.32 -35.84 -57.95
C GLN F 711 0.98 -37.33 -58.04
N ASN F 712 -0.15 -37.67 -58.66
CA ASN F 712 -0.53 -39.07 -58.80
C ASN F 712 0.50 -39.83 -59.62
N THR F 713 0.98 -39.25 -60.72
CA THR F 713 2.02 -39.90 -61.51
C THR F 713 3.30 -40.06 -60.70
N LEU F 714 3.65 -39.06 -59.91
CA LEU F 714 4.85 -39.14 -59.09
C LEU F 714 4.76 -40.29 -58.08
N THR F 715 3.63 -40.36 -57.36
CA THR F 715 3.47 -41.36 -56.32
C THR F 715 2.91 -42.68 -56.83
N GLN F 716 2.55 -42.77 -58.11
CA GLN F 716 2.02 -44.00 -58.70
C GLN F 716 0.68 -44.37 -58.07
N ASN F 717 -0.22 -43.38 -58.05
CA ASN F 717 -1.58 -43.58 -57.54
C ASN F 717 -1.57 -43.97 -56.05
N GLY F 718 -0.48 -43.66 -55.36
CA GLY F 718 -0.39 -43.92 -53.94
C GLY F 718 -0.12 -45.36 -53.56
N SER F 719 0.12 -46.23 -54.53
CA SER F 719 0.40 -47.64 -54.23
C SER F 719 1.84 -47.88 -53.82
N GLY F 720 2.74 -46.93 -54.08
CA GLY F 720 4.14 -47.09 -53.71
C GLY F 720 4.94 -47.82 -54.77
N THR F 721 6.23 -47.96 -54.48
CA THR F 721 7.14 -48.65 -55.39
C THR F 721 6.89 -50.15 -55.34
N THR F 722 7.39 -50.84 -56.37
CA THR F 722 7.18 -52.28 -56.51
C THR F 722 8.46 -53.02 -56.88
N GLN F 723 9.63 -52.39 -56.76
CA GLN F 723 10.87 -53.07 -57.06
C GLN F 723 11.14 -54.17 -56.04
N GLY F 724 11.78 -55.23 -56.48
CA GLY F 724 12.04 -56.37 -55.63
C GLY F 724 13.28 -57.13 -56.04
N ASN F 725 13.45 -58.30 -55.44
CA ASN F 725 14.60 -59.16 -55.68
C ASN F 725 14.18 -60.61 -55.58
N LEU F 726 15.01 -61.49 -56.16
CA LEU F 726 14.79 -62.93 -56.12
C LEU F 726 16.07 -63.66 -55.77
N ASN F 727 15.91 -64.85 -55.21
CA ASN F 727 17.04 -65.74 -54.95
C ASN F 727 16.96 -66.91 -55.92
N VAL F 728 17.90 -66.96 -56.87
CA VAL F 728 17.96 -68.00 -57.87
C VAL F 728 19.15 -68.90 -57.55
N PRO F 729 18.96 -70.21 -57.39
CA PRO F 729 20.09 -71.07 -57.07
C PRO F 729 21.21 -70.92 -58.10
N GLY F 730 22.44 -70.83 -57.60
CA GLY F 730 23.60 -70.70 -58.45
C GLY F 730 23.81 -69.28 -58.97
N ALA F 731 22.78 -68.72 -59.61
CA ALA F 731 22.92 -67.40 -60.22
C ALA F 731 22.96 -66.27 -59.19
N GLY F 732 22.43 -66.50 -57.99
CA GLY F 732 22.44 -65.46 -56.98
C GLY F 732 21.24 -64.53 -57.10
N PHE F 733 21.42 -63.32 -56.58
CA PHE F 733 20.34 -62.34 -56.56
C PHE F 733 20.11 -61.74 -57.93
N VAL F 734 18.84 -61.48 -58.24
CA VAL F 734 18.43 -60.82 -59.48
C VAL F 734 17.27 -59.89 -59.18
N SER F 735 17.05 -58.94 -60.10
CA SER F 735 15.98 -57.97 -59.93
C SER F 735 14.63 -58.58 -60.31
N PHE F 736 13.57 -58.07 -59.70
CA PHE F 736 12.22 -58.58 -59.93
C PHE F 736 11.22 -57.47 -59.61
N ASN F 737 10.22 -57.33 -60.48
CA ASN F 737 9.18 -56.33 -60.33
C ASN F 737 7.88 -57.04 -60.01
N ALA F 738 7.23 -56.62 -58.92
CA ALA F 738 6.02 -57.27 -58.42
C ALA F 738 4.74 -56.57 -58.89
N GLY F 739 4.83 -55.62 -59.80
CA GLY F 739 3.64 -54.92 -60.25
C GLY F 739 2.66 -55.86 -60.91
N ASN F 740 1.37 -55.55 -60.77
CA ASN F 740 0.31 -56.36 -61.36
C ASN F 740 -0.90 -55.46 -61.62
N SER F 741 -1.82 -55.96 -62.43
CA SER F 741 -2.99 -55.20 -62.85
C SER F 741 -4.25 -55.56 -62.09
N PHE F 742 -4.14 -56.30 -60.98
CA PHE F 742 -5.30 -56.69 -60.19
C PHE F 742 -5.31 -56.09 -58.80
N GLY F 743 -4.26 -55.41 -58.39
CA GLY F 743 -4.24 -54.75 -57.10
C GLY F 743 -3.77 -55.59 -55.93
N ILE F 744 -3.04 -56.67 -56.19
CA ILE F 744 -2.56 -57.52 -55.09
C ILE F 744 -1.33 -56.87 -54.48
N GLN F 745 -1.34 -56.72 -53.16
CA GLN F 745 -0.27 -56.00 -52.47
C GLN F 745 1.04 -56.78 -52.58
N LYS F 746 2.15 -56.05 -52.46
CA LYS F 746 3.46 -56.59 -52.85
C LYS F 746 3.78 -57.87 -52.12
N ASN F 747 3.69 -57.86 -50.78
CA ASN F 747 4.09 -59.02 -50.00
C ASN F 747 3.17 -60.21 -50.22
N VAL F 748 1.99 -60.01 -50.78
CA VAL F 748 1.12 -61.13 -51.12
C VAL F 748 1.48 -61.72 -52.48
N VAL F 749 1.87 -60.87 -53.43
CA VAL F 749 2.35 -61.36 -54.72
C VAL F 749 3.64 -62.15 -54.53
N MET F 750 4.54 -61.64 -53.69
CA MET F 750 5.82 -62.33 -53.49
C MET F 750 5.67 -63.66 -52.77
N GLY F 751 4.50 -63.97 -52.21
CA GLY F 751 4.30 -65.21 -51.50
C GLY F 751 4.29 -66.44 -52.38
N ALA F 752 3.59 -66.37 -53.52
CA ALA F 752 3.45 -67.53 -54.38
C ALA F 752 4.71 -67.81 -55.18
N VAL F 753 5.44 -66.75 -55.57
CA VAL F 753 6.66 -66.96 -56.34
C VAL F 753 7.72 -67.65 -55.49
N ASN F 754 7.77 -67.36 -54.19
CA ASN F 754 8.73 -68.01 -53.32
C ASN F 754 8.43 -69.48 -53.09
N GLN F 755 7.23 -69.94 -53.44
CA GLN F 755 6.91 -71.36 -53.41
C GLN F 755 7.12 -72.00 -54.78
N LEU F 756 6.79 -71.27 -55.84
CA LEU F 756 7.06 -71.77 -57.19
C LEU F 756 8.55 -72.00 -57.39
N VAL F 757 9.38 -71.08 -56.92
CA VAL F 757 10.83 -71.22 -57.02
C VAL F 757 11.34 -72.36 -56.15
N SER F 758 10.76 -72.54 -54.96
CA SER F 758 11.18 -73.61 -54.06
C SER F 758 10.76 -74.98 -54.54
N TYR F 759 9.74 -75.08 -55.40
CA TYR F 759 9.32 -76.34 -55.98
C TYR F 759 10.02 -76.64 -57.30
N GLU F 760 9.99 -75.70 -58.25
CA GLU F 760 10.55 -75.98 -59.58
C GLU F 760 12.06 -75.97 -59.58
N GLY F 761 12.69 -75.03 -58.87
CA GLY F 761 14.13 -74.91 -58.95
C GLY F 761 14.56 -74.20 -60.23
N TYR F 762 15.86 -74.23 -60.48
CA TYR F 762 16.43 -73.56 -61.65
C TYR F 762 17.69 -74.30 -62.09
N THR F 763 17.80 -74.53 -63.39
CA THR F 763 18.98 -75.15 -63.98
C THR F 763 19.31 -74.43 -65.27
N PRO F 764 20.58 -74.37 -65.67
CA PRO F 764 20.92 -73.65 -66.92
C PRO F 764 20.23 -74.22 -68.15
N SER F 765 20.06 -75.53 -68.24
CA SER F 765 19.50 -76.15 -69.43
C SER F 765 17.97 -76.13 -69.45
N LYS F 766 17.33 -75.79 -68.34
CA LYS F 766 15.87 -75.77 -68.28
C LYS F 766 15.30 -74.47 -67.72
N GLY F 767 16.10 -73.62 -67.10
CA GLY F 767 15.56 -72.40 -66.52
C GLY F 767 14.52 -72.72 -65.47
N PHE F 768 13.39 -72.02 -65.54
CA PHE F 768 12.28 -72.25 -64.61
C PHE F 768 11.25 -73.24 -65.15
N SER F 769 11.54 -73.91 -66.26
CA SER F 769 10.68 -74.96 -66.79
C SER F 769 9.35 -74.40 -67.30
N VAL F 770 9.43 -73.27 -68.00
CA VAL F 770 8.24 -72.68 -68.59
C VAL F 770 7.91 -73.41 -69.89
N LEU F 771 6.68 -73.92 -69.99
CA LEU F 771 6.25 -74.67 -71.17
C LEU F 771 4.88 -74.18 -71.64
N GLU F 783 5.28 -70.04 -76.42
CA GLU F 783 5.79 -69.29 -77.56
C GLU F 783 7.29 -69.07 -77.43
N ASP F 784 7.87 -68.37 -78.42
CA ASP F 784 9.31 -68.14 -78.41
C ASP F 784 9.73 -67.19 -77.30
N LYS F 785 8.86 -66.24 -76.93
CA LYS F 785 9.23 -65.23 -75.94
C LYS F 785 8.93 -65.66 -74.52
N TYR F 786 8.32 -66.84 -74.32
CA TYR F 786 8.05 -67.36 -72.99
C TYR F 786 9.00 -68.49 -72.59
N VAL F 787 9.99 -68.81 -73.41
CA VAL F 787 10.89 -69.93 -73.14
C VAL F 787 12.32 -69.43 -73.14
N LYS F 788 13.18 -70.14 -72.40
CA LYS F 788 14.58 -69.76 -72.31
C LYS F 788 15.37 -70.33 -73.47
N GLN F 789 16.24 -69.51 -74.05
CA GLN F 789 17.16 -69.95 -75.09
C GLN F 789 18.53 -70.26 -74.48
N ALA F 790 19.38 -70.89 -75.28
CA ALA F 790 20.68 -71.32 -74.80
C ALA F 790 21.55 -70.15 -74.35
N THR F 791 21.41 -68.99 -74.98
CA THR F 791 22.30 -67.86 -74.71
C THR F 791 21.74 -66.88 -73.68
N ASP F 792 20.57 -67.15 -73.11
CA ASP F 792 19.97 -66.19 -72.18
C ASP F 792 20.71 -66.19 -70.86
N THR F 793 20.87 -65.00 -70.29
CA THR F 793 21.39 -64.86 -68.93
C THR F 793 20.25 -65.07 -67.93
N PRO F 794 20.57 -65.36 -66.67
CA PRO F 794 19.49 -65.61 -65.70
C PRO F 794 18.53 -64.45 -65.56
N GLN F 795 18.99 -63.20 -65.67
CA GLN F 795 18.07 -62.07 -65.58
C GLN F 795 17.05 -62.11 -66.71
N VAL F 796 17.49 -62.41 -67.93
CA VAL F 796 16.56 -62.48 -69.05
C VAL F 796 15.55 -63.60 -68.84
N ALA F 797 16.01 -64.75 -68.36
CA ALA F 797 15.10 -65.86 -68.10
C ALA F 797 14.07 -65.48 -67.04
N ALA F 798 14.51 -64.78 -65.99
CA ALA F 798 13.58 -64.34 -64.95
C ALA F 798 12.55 -63.37 -65.51
N ASP F 799 12.98 -62.46 -66.38
CA ASP F 799 12.03 -61.53 -66.99
C ASP F 799 10.97 -62.27 -67.79
N LYS F 800 11.39 -63.26 -68.58
CA LYS F 800 10.43 -64.06 -69.34
C LYS F 800 9.49 -64.83 -68.42
N PHE F 801 10.03 -65.37 -67.32
CA PHE F 801 9.19 -66.09 -66.37
C PHE F 801 8.13 -65.18 -65.77
N ASN F 802 8.51 -63.97 -65.37
CA ASN F 802 7.55 -63.02 -64.83
C ASN F 802 6.50 -62.63 -65.87
N MET F 803 6.93 -62.40 -67.11
CA MET F 803 5.97 -62.08 -68.16
C MET F 803 5.00 -63.22 -68.39
N TYR F 804 5.50 -64.46 -68.43
CA TYR F 804 4.61 -65.61 -68.62
C TYR F 804 3.61 -65.72 -67.48
N LEU F 805 4.08 -65.55 -66.24
CA LEU F 805 3.16 -65.55 -65.11
C LEU F 805 2.06 -64.51 -65.33
N ASN F 806 2.45 -63.25 -65.45
CA ASN F 806 1.46 -62.17 -65.53
C ASN F 806 0.53 -62.34 -66.73
N ASP F 807 0.97 -63.01 -67.78
CA ASP F 807 0.15 -63.11 -68.99
C ASP F 807 -0.71 -64.37 -69.04
N LYS F 808 -0.36 -65.42 -68.30
CA LYS F 808 -1.03 -66.70 -68.46
C LYS F 808 -1.42 -67.40 -67.16
N VAL F 809 -1.28 -66.76 -66.00
CA VAL F 809 -1.65 -67.42 -64.74
C VAL F 809 -2.73 -66.63 -64.02
N TYR F 810 -2.41 -65.38 -63.65
CA TYR F 810 -3.34 -64.58 -62.86
C TYR F 810 -4.71 -64.44 -63.50
N PRO F 811 -4.84 -64.22 -64.81
CA PRO F 811 -6.19 -64.07 -65.39
C PRO F 811 -7.08 -65.28 -65.19
N LEU F 812 -6.50 -66.48 -65.02
CA LEU F 812 -7.29 -67.68 -64.80
C LEU F 812 -7.51 -67.99 -63.33
N VAL F 813 -6.75 -67.38 -62.43
CA VAL F 813 -6.90 -67.65 -61.00
C VAL F 813 -7.76 -66.61 -60.32
N MET F 814 -7.64 -65.34 -60.72
CA MET F 814 -8.38 -64.26 -60.09
C MET F 814 -9.89 -64.46 -60.20
N PRO F 815 -10.41 -64.84 -61.37
CA PRO F 815 -11.87 -64.97 -61.51
C PRO F 815 -12.49 -65.96 -60.55
N LYS F 816 -11.75 -66.96 -60.07
CA LYS F 816 -12.30 -67.98 -59.19
C LYS F 816 -12.15 -67.63 -57.71
N MET F 817 -11.62 -66.45 -57.39
CA MET F 817 -11.51 -66.02 -56.00
C MET F 817 -12.78 -65.34 -55.48
N GLU F 818 -13.75 -65.07 -56.36
CA GLU F 818 -14.98 -64.41 -55.93
C GLU F 818 -15.87 -65.33 -55.10
N GLN F 819 -15.59 -66.63 -55.08
CA GLN F 819 -16.47 -67.60 -54.42
C GLN F 819 -16.10 -67.84 -52.97
N TYR F 820 -14.92 -67.41 -52.53
CA TYR F 820 -14.41 -67.74 -51.20
C TYR F 820 -14.34 -66.54 -50.27
N LYS F 821 -15.22 -65.57 -50.42
CA LYS F 821 -15.18 -64.39 -49.57
C LYS F 821 -15.89 -64.60 -48.22
N ASN F 822 -16.61 -65.71 -48.06
CA ASN F 822 -17.22 -65.99 -46.76
C ASN F 822 -16.19 -66.44 -45.73
N LEU F 823 -15.12 -67.09 -46.19
CA LEU F 823 -14.11 -67.62 -45.29
C LEU F 823 -13.21 -66.50 -44.76
N PRO F 824 -12.49 -66.76 -43.67
CA PRO F 824 -11.54 -65.77 -43.17
C PRO F 824 -10.49 -65.41 -44.22
N GLY F 825 -9.74 -64.35 -43.94
CA GLY F 825 -8.76 -63.88 -44.90
C GLY F 825 -7.61 -64.84 -45.12
N TYR F 826 -7.08 -65.43 -44.04
CA TYR F 826 -5.90 -66.27 -44.18
C TYR F 826 -6.22 -67.59 -44.86
N ILE F 827 -7.45 -68.08 -44.75
CA ILE F 827 -7.84 -69.25 -45.54
C ILE F 827 -7.80 -68.92 -47.02
N GLN F 828 -8.30 -67.74 -47.40
CA GLN F 828 -8.22 -67.32 -48.80
C GLN F 828 -6.77 -67.18 -49.25
N ASN F 829 -5.92 -66.62 -48.38
CA ASN F 829 -4.51 -66.51 -48.72
C ASN F 829 -3.88 -67.87 -48.95
N ASN F 830 -4.20 -68.85 -48.11
CA ASN F 830 -3.71 -70.20 -48.31
C ASN F 830 -4.21 -70.81 -49.61
N ILE F 831 -5.48 -70.58 -49.95
CA ILE F 831 -6.04 -71.12 -51.18
C ILE F 831 -5.36 -70.49 -52.39
N TYR F 832 -4.99 -69.22 -52.29
CA TYR F 832 -4.37 -68.53 -53.42
C TYR F 832 -3.09 -69.22 -53.86
N ASN F 833 -2.23 -69.55 -52.90
CA ASN F 833 -0.95 -70.19 -53.24
C ASN F 833 -1.17 -71.54 -53.93
N ALA F 834 -2.08 -72.35 -53.38
CA ALA F 834 -2.35 -73.65 -53.98
C ALA F 834 -2.91 -73.50 -55.39
N LEU F 835 -3.82 -72.57 -55.60
CA LEU F 835 -4.38 -72.37 -56.93
C LEU F 835 -3.30 -71.92 -57.92
N VAL F 836 -2.43 -71.00 -57.50
CA VAL F 836 -1.36 -70.54 -58.39
C VAL F 836 -0.43 -71.70 -58.73
N GLU F 837 -0.06 -72.49 -57.72
CA GLU F 837 0.84 -73.61 -57.95
C GLU F 837 0.23 -74.61 -58.93
N THR F 838 -1.05 -74.94 -58.75
CA THR F 838 -1.69 -75.90 -59.65
C THR F 838 -1.81 -75.34 -61.06
N THR F 839 -2.21 -74.07 -61.18
CA THR F 839 -2.38 -73.47 -62.51
C THR F 839 -1.05 -73.40 -63.26
N TYR F 840 0.05 -73.13 -62.55
CA TYR F 840 1.34 -73.05 -63.22
C TYR F 840 1.72 -74.39 -63.85
N HIS F 841 1.48 -75.49 -63.13
CA HIS F 841 1.88 -76.81 -63.60
C HIS F 841 0.85 -77.45 -64.54
N SER F 842 -0.38 -76.94 -64.58
CA SER F 842 -1.40 -77.55 -65.42
C SER F 842 -2.06 -76.59 -66.40
N GLY F 843 -1.83 -75.28 -66.30
CA GLY F 843 -2.47 -74.35 -67.21
C GLY F 843 -3.98 -74.34 -67.13
N ASN F 844 -4.55 -74.88 -66.06
CA ASN F 844 -6.00 -74.96 -65.92
C ASN F 844 -6.32 -74.99 -64.43
N SER F 845 -7.11 -74.02 -63.97
CA SER F 845 -7.41 -73.90 -62.55
C SER F 845 -8.61 -74.74 -62.12
N ASP F 846 -9.27 -75.44 -63.04
CA ASP F 846 -10.44 -76.23 -62.70
C ASP F 846 -10.09 -77.59 -62.09
N VAL F 847 -8.81 -77.99 -62.12
CA VAL F 847 -8.44 -79.32 -61.65
C VAL F 847 -8.59 -79.42 -60.14
N PHE F 848 -8.14 -78.38 -59.41
CA PHE F 848 -8.13 -78.41 -57.96
C PHE F 848 -9.33 -77.72 -57.33
N ASP F 849 -9.95 -76.77 -58.05
CA ASP F 849 -11.16 -76.15 -57.53
C ASP F 849 -12.27 -77.17 -57.35
N LYS F 850 -12.29 -78.20 -58.19
CA LYS F 850 -13.28 -79.25 -58.04
C LYS F 850 -13.17 -79.92 -56.67
N TYR F 851 -11.95 -80.29 -56.28
CA TYR F 851 -11.77 -80.94 -54.98
C TYR F 851 -11.95 -79.96 -53.83
N ILE F 852 -11.61 -78.69 -54.03
CA ILE F 852 -11.89 -77.69 -52.99
C ILE F 852 -13.39 -77.59 -52.75
N GLN F 853 -14.18 -77.52 -53.82
CA GLN F 853 -15.62 -77.47 -53.68
C GLN F 853 -16.16 -78.75 -53.05
N THR F 854 -15.60 -79.90 -53.43
CA THR F 854 -16.03 -81.16 -52.83
C THR F 854 -15.79 -81.15 -51.33
N ALA F 855 -14.61 -80.68 -50.90
CA ALA F 855 -14.30 -80.64 -49.48
C ALA F 855 -15.22 -79.66 -48.74
N LEU F 856 -15.48 -78.50 -49.33
CA LEU F 856 -16.27 -77.49 -48.63
C LEU F 856 -17.75 -77.85 -48.56
N TYR F 857 -18.31 -78.37 -49.65
CA TYR F 857 -19.74 -78.65 -49.72
C TYR F 857 -20.08 -80.06 -50.20
N GLY F 858 -19.19 -80.75 -50.91
CA GLY F 858 -19.49 -82.05 -51.47
C GLY F 858 -19.33 -83.17 -50.46
N ASN F 859 -19.33 -84.38 -50.99
CA ASN F 859 -19.19 -85.59 -50.15
C ASN F 859 -17.72 -85.82 -49.87
N VAL F 860 -17.34 -85.78 -48.59
CA VAL F 860 -15.95 -85.94 -48.20
C VAL F 860 -15.38 -87.31 -48.56
N GLN F 861 -16.25 -88.29 -48.80
CA GLN F 861 -15.77 -89.64 -49.10
C GLN F 861 -15.08 -89.73 -50.45
N GLU F 862 -15.26 -88.73 -51.32
CA GLU F 862 -14.66 -88.77 -52.64
C GLU F 862 -13.26 -88.16 -52.67
N ILE F 863 -12.81 -87.57 -51.57
CA ILE F 863 -11.50 -86.92 -51.50
C ILE F 863 -10.39 -87.91 -51.82
N PRO F 864 -10.35 -89.11 -51.21
CA PRO F 864 -9.19 -89.99 -51.43
C PRO F 864 -9.02 -90.45 -52.87
N THR F 865 -9.99 -90.21 -53.75
CA THR F 865 -9.85 -90.56 -55.15
C THR F 865 -8.90 -89.62 -55.90
N PHE F 866 -8.45 -88.53 -55.27
CA PHE F 866 -7.57 -87.60 -55.94
C PHE F 866 -6.23 -88.24 -56.31
N LYS F 867 -5.88 -89.35 -55.65
CA LYS F 867 -4.57 -89.97 -55.87
C LYS F 867 -4.44 -90.58 -57.26
N ASP F 868 -5.55 -90.72 -57.99
CA ASP F 868 -5.52 -91.30 -59.32
C ASP F 868 -5.39 -90.28 -60.43
N THR F 869 -5.36 -88.99 -60.10
CA THR F 869 -5.26 -87.97 -61.14
C THR F 869 -3.81 -87.83 -61.63
N PRO F 870 -3.61 -87.43 -62.88
CA PRO F 870 -2.24 -87.20 -63.36
C PRO F 870 -1.49 -86.15 -62.56
N LEU F 871 -2.20 -85.15 -62.03
CA LEU F 871 -1.54 -84.10 -61.27
C LEU F 871 -0.81 -84.65 -60.06
N PHE F 872 -1.40 -85.63 -59.38
CA PHE F 872 -0.75 -86.26 -58.24
C PHE F 872 0.41 -87.14 -58.69
N LYS F 873 0.21 -87.92 -59.77
CA LYS F 873 1.24 -88.84 -60.22
C LYS F 873 2.50 -88.09 -60.65
N ASP F 874 2.34 -86.97 -61.36
CA ASP F 874 3.49 -86.23 -61.85
C ASP F 874 4.36 -85.68 -60.74
N ALA F 875 3.80 -85.40 -59.57
CA ALA F 875 4.53 -84.77 -58.48
C ALA F 875 5.11 -85.76 -57.49
N GLY F 876 4.97 -87.07 -57.74
CA GLY F 876 5.51 -88.06 -56.84
C GLY F 876 4.48 -88.58 -55.85
N ALA F 877 4.63 -89.84 -55.42
CA ALA F 877 3.66 -90.45 -54.53
C ALA F 877 3.84 -90.06 -53.07
N GLY F 878 5.00 -89.53 -52.70
CA GLY F 878 5.25 -89.17 -51.31
C GLY F 878 6.05 -87.89 -51.14
N SER F 879 6.00 -87.02 -52.14
CA SER F 879 6.79 -85.80 -52.11
C SER F 879 6.13 -84.75 -51.21
N ARG F 880 6.92 -83.75 -50.82
CA ARG F 880 6.42 -82.67 -49.99
C ARG F 880 5.29 -81.92 -50.68
N ARG F 881 5.31 -81.86 -52.00
CA ARG F 881 4.30 -81.11 -52.74
C ARG F 881 2.91 -81.66 -52.47
N ASN F 882 2.77 -82.99 -52.42
CA ASN F 882 1.47 -83.61 -52.18
C ASN F 882 1.02 -83.49 -50.74
N VAL F 883 1.95 -83.56 -49.78
CA VAL F 883 1.58 -83.35 -48.38
C VAL F 883 1.06 -81.93 -48.19
N ASP F 884 1.73 -80.96 -48.80
CA ASP F 884 1.26 -79.57 -48.72
C ASP F 884 -0.14 -79.44 -49.30
N ARG F 885 -0.44 -80.17 -50.37
CA ARG F 885 -1.78 -80.12 -50.96
C ARG F 885 -2.81 -80.75 -50.03
N TYR F 886 -2.49 -81.91 -49.44
CA TYR F 886 -3.43 -82.58 -48.56
C TYR F 886 -3.69 -81.81 -47.27
N GLN F 887 -2.72 -81.03 -46.80
CA GLN F 887 -2.94 -80.27 -45.57
C GLN F 887 -4.09 -79.29 -45.72
N LEU F 888 -4.17 -78.60 -46.87
CA LEU F 888 -5.24 -77.64 -47.08
C LEU F 888 -6.61 -78.33 -47.04
N LEU F 889 -6.73 -79.48 -47.71
CA LEU F 889 -8.00 -80.20 -47.71
C LEU F 889 -8.33 -80.74 -46.32
N GLY F 890 -7.33 -81.14 -45.54
CA GLY F 890 -7.59 -81.59 -44.19
C GLY F 890 -8.04 -80.46 -43.28
N SER F 891 -7.55 -79.25 -43.52
CA SER F 891 -7.98 -78.10 -42.74
C SER F 891 -9.36 -77.59 -43.14
N LEU F 892 -9.69 -77.66 -44.43
CA LEU F 892 -11.01 -77.21 -44.86
C LEU F 892 -12.12 -78.07 -44.26
N VAL F 893 -11.90 -79.38 -44.17
CA VAL F 893 -12.89 -80.25 -43.55
C VAL F 893 -13.09 -79.89 -42.09
N THR F 894 -12.01 -79.62 -41.37
CA THR F 894 -12.15 -79.21 -39.97
C THR F 894 -12.91 -77.90 -39.85
N TYR F 895 -12.62 -76.94 -40.73
CA TYR F 895 -13.35 -75.67 -40.70
C TYR F 895 -14.84 -75.90 -40.94
N ARG F 896 -15.16 -76.75 -41.92
CA ARG F 896 -16.56 -77.07 -42.19
C ARG F 896 -17.21 -77.70 -40.96
N THR F 897 -16.51 -78.62 -40.30
CA THR F 897 -17.08 -79.27 -39.13
C THR F 897 -17.34 -78.27 -38.01
N ASN F 898 -16.42 -77.34 -37.79
CA ASN F 898 -16.55 -76.40 -36.68
C ASN F 898 -17.61 -75.33 -36.93
N ASN F 899 -18.14 -75.21 -38.14
CA ASN F 899 -19.17 -74.24 -38.47
C ASN F 899 -20.33 -74.95 -39.19
N PRO F 900 -21.23 -75.58 -38.44
CA PRO F 900 -22.32 -76.33 -39.08
C PRO F 900 -23.27 -75.48 -39.91
N ASN F 901 -23.30 -74.17 -39.69
CA ASN F 901 -24.20 -73.28 -40.41
C ASN F 901 -23.60 -72.75 -41.71
N LEU F 902 -22.41 -73.21 -42.09
CA LEU F 902 -21.79 -72.74 -43.31
C LEU F 902 -22.71 -72.97 -44.50
N SER F 903 -22.85 -71.95 -45.35
CA SER F 903 -23.70 -72.04 -46.53
C SER F 903 -22.89 -72.37 -47.77
N ALA G 49 13.32 -70.87 81.61
CA ALA G 49 13.33 -70.56 80.19
C ALA G 49 13.11 -71.81 79.35
N SER G 50 13.54 -72.96 79.88
CA SER G 50 13.39 -74.22 79.17
C SER G 50 11.92 -74.59 79.01
N VAL G 51 11.09 -74.25 80.00
CA VAL G 51 9.69 -74.63 79.97
C VAL G 51 8.98 -74.03 78.77
N LYS G 52 9.29 -72.78 78.43
CA LYS G 52 8.63 -72.14 77.30
C LYS G 52 8.87 -72.92 76.01
N THR G 53 10.13 -73.23 75.72
CA THR G 53 10.46 -73.99 74.52
C THR G 53 9.85 -75.39 74.57
N ALA G 54 9.88 -76.02 75.75
CA ALA G 54 9.34 -77.38 75.86
C ALA G 54 7.85 -77.40 75.55
N GLN G 55 7.10 -76.40 76.04
CA GLN G 55 5.68 -76.36 75.76
C GLN G 55 5.41 -75.95 74.31
N ALA G 56 6.22 -75.05 73.76
CA ALA G 56 6.02 -74.64 72.37
C ALA G 56 6.24 -75.79 71.41
N ALA G 57 7.25 -76.63 71.68
CA ALA G 57 7.53 -77.76 70.81
C ALA G 57 6.35 -78.73 70.74
N GLN G 58 5.75 -79.05 71.89
CA GLN G 58 4.61 -79.95 71.89
C GLN G 58 3.45 -79.37 71.11
N GLN G 59 3.17 -78.08 71.27
CA GLN G 59 2.05 -77.46 70.56
C GLN G 59 2.29 -77.45 69.06
N THR G 60 3.49 -77.09 68.61
CA THR G 60 3.75 -77.08 67.18
C THR G 60 3.70 -78.50 66.61
N ALA G 61 4.19 -79.48 67.35
CA ALA G 61 4.09 -80.87 66.89
C ALA G 61 2.64 -81.31 66.77
N SER G 62 1.80 -80.94 67.74
CA SER G 62 0.39 -81.28 67.68
C SER G 62 -0.28 -80.62 66.48
N ALA G 63 0.07 -79.36 66.20
CA ALA G 63 -0.49 -78.68 65.04
C ALA G 63 -0.10 -79.39 63.75
N LYS G 64 1.18 -79.76 63.63
CA LYS G 64 1.62 -80.47 62.43
C LYS G 64 0.90 -81.81 62.29
N GLY G 65 0.74 -82.54 63.41
CA GLY G 65 0.01 -83.79 63.37
C GLY G 65 -1.44 -83.64 62.95
N TYR G 66 -2.12 -82.61 63.46
CA TYR G 66 -3.49 -82.35 63.03
C TYR G 66 -3.55 -82.04 61.54
N LEU G 67 -2.65 -81.18 61.07
CA LEU G 67 -2.65 -80.83 59.65
C LEU G 67 -2.41 -82.06 58.78
N GLU G 68 -1.50 -82.94 59.19
CA GLU G 68 -1.21 -84.13 58.41
C GLU G 68 -2.32 -85.18 58.49
N GLY G 69 -3.02 -85.26 59.62
CA GLY G 69 -4.05 -86.27 59.77
C GLY G 69 -5.40 -85.86 59.22
N GLN G 70 -5.62 -84.55 59.02
CA GLN G 70 -6.90 -84.10 58.51
C GLN G 70 -7.23 -84.71 57.15
N GLN G 71 -6.21 -85.00 56.34
CA GLN G 71 -6.45 -85.50 54.98
C GLN G 71 -6.76 -86.99 54.95
N ASP G 72 -6.86 -87.66 56.09
CA ASP G 72 -7.15 -89.09 56.11
C ASP G 72 -8.63 -89.38 56.31
N SER G 73 -9.38 -88.48 56.94
CA SER G 73 -10.78 -88.71 57.21
C SER G 73 -11.61 -88.59 55.93
N GLN G 74 -12.89 -88.93 56.04
CA GLN G 74 -13.79 -88.82 54.90
C GLN G 74 -13.91 -87.36 54.47
N GLN G 75 -14.19 -87.16 53.18
CA GLN G 75 -14.18 -85.84 52.54
C GLN G 75 -12.74 -85.40 52.31
N GLY G 76 -11.78 -86.21 52.75
CA GLY G 76 -10.38 -85.98 52.44
C GLY G 76 -9.87 -87.02 51.47
N ARG G 77 -10.36 -88.25 51.62
CA ARG G 77 -9.96 -89.32 50.69
C ARG G 77 -10.55 -89.10 49.32
N GLU G 78 -11.82 -88.68 49.24
CA GLU G 78 -12.45 -88.42 47.95
C GLU G 78 -11.73 -87.32 47.18
N LYS G 79 -11.09 -86.38 47.87
CA LYS G 79 -10.30 -85.38 47.19
C LYS G 79 -9.09 -85.99 46.48
N GLN G 80 -8.50 -87.03 47.10
CA GLN G 80 -7.37 -87.71 46.46
C GLN G 80 -7.79 -88.41 45.18
N VAL G 81 -8.99 -89.00 45.16
CA VAL G 81 -9.48 -89.66 43.96
C VAL G 81 -9.61 -88.66 42.82
N ARG G 82 -10.16 -87.48 43.11
CA ARG G 82 -10.30 -86.46 42.09
C ARG G 82 -8.93 -86.05 41.53
N ASN G 83 -7.94 -85.90 42.41
CA ASN G 83 -6.61 -85.53 41.96
C ASN G 83 -6.00 -86.59 41.06
N PHE G 84 -6.22 -87.88 41.38
CA PHE G 84 -5.61 -88.95 40.62
C PHE G 84 -6.08 -88.93 39.17
N PHE G 85 -7.38 -88.85 38.94
CA PHE G 85 -7.91 -88.85 37.58
C PHE G 85 -7.46 -87.61 36.82
N THR G 86 -7.45 -86.44 37.47
CA THR G 86 -7.02 -85.22 36.80
C THR G 86 -5.58 -85.35 36.30
N LYS G 87 -4.73 -86.06 37.05
CA LYS G 87 -3.36 -86.28 36.59
C LYS G 87 -3.33 -87.09 35.30
N GLU G 88 -4.20 -88.09 35.19
CA GLU G 88 -4.20 -88.94 34.00
C GLU G 88 -4.76 -88.21 32.79
N ALA G 89 -5.42 -87.06 33.00
CA ALA G 89 -6.09 -86.38 31.90
C ALA G 89 -5.09 -85.70 30.98
N TYR G 90 -4.34 -84.73 31.50
CA TYR G 90 -3.42 -83.95 30.68
C TYR G 90 -2.12 -84.67 30.37
N GLU G 91 -1.80 -85.73 31.12
CA GLU G 91 -0.55 -86.46 30.91
C GLU G 91 -0.53 -87.20 29.58
N GLN G 92 -1.68 -87.45 28.97
CA GLN G 92 -1.74 -88.04 27.64
C GLN G 92 -1.85 -86.99 26.54
N GLY G 93 -2.52 -85.87 26.82
CA GLY G 93 -2.51 -84.76 25.87
C GLY G 93 -1.11 -84.24 25.64
N TYR G 94 -0.30 -84.17 26.69
CA TYR G 94 1.09 -83.77 26.53
C TYR G 94 1.84 -84.71 25.59
N ASN G 95 1.66 -86.02 25.77
CA ASN G 95 2.32 -86.99 24.91
C ASN G 95 1.87 -86.84 23.46
N SER G 96 0.57 -86.68 23.26
CA SER G 96 0.05 -86.52 21.89
C SER G 96 0.64 -85.29 21.23
N ALA G 97 0.67 -84.17 21.95
CA ALA G 97 1.24 -82.94 21.39
C ALA G 97 2.72 -83.14 21.06
N SER G 98 3.46 -83.78 21.97
CA SER G 98 4.88 -83.99 21.74
C SER G 98 5.13 -84.83 20.49
N VAL G 99 4.33 -85.89 20.30
CA VAL G 99 4.51 -86.73 19.12
C VAL G 99 4.17 -85.96 17.84
N ASN G 100 3.03 -85.27 17.85
CA ASN G 100 2.58 -84.59 16.64
C ASN G 100 3.54 -83.48 16.24
N SER G 101 4.05 -82.72 17.21
CA SER G 101 4.96 -81.64 16.89
C SER G 101 6.24 -82.14 16.23
N ALA G 102 6.80 -83.25 16.70
CA ALA G 102 8.01 -83.80 16.09
C ALA G 102 7.72 -84.34 14.70
N LEU G 103 6.60 -85.07 14.53
CA LEU G 103 6.28 -85.61 13.22
C LEU G 103 6.10 -84.50 12.19
N ALA G 104 5.37 -83.44 12.56
CA ALA G 104 5.14 -82.35 11.63
C ALA G 104 6.45 -81.65 11.25
N SER G 105 7.34 -81.46 12.21
CA SER G 105 8.63 -80.84 11.91
C SER G 105 9.45 -81.70 10.96
N PHE G 106 9.50 -83.00 11.19
CA PHE G 106 10.27 -83.89 10.31
C PHE G 106 9.72 -83.87 8.89
N GLN G 107 8.38 -83.91 8.77
CA GLN G 107 7.77 -83.94 7.45
C GLN G 107 8.19 -82.73 6.60
N LEU G 108 8.17 -81.54 7.20
CA LEU G 108 8.58 -80.35 6.48
C LEU G 108 10.09 -80.29 6.29
N GLY G 109 10.86 -80.81 7.25
CA GLY G 109 12.30 -80.75 7.14
C GLY G 109 12.82 -81.52 5.94
N LEU G 110 12.30 -82.73 5.73
CA LEU G 110 12.76 -83.51 4.58
C LEU G 110 12.50 -82.76 3.26
N GLN G 111 11.29 -82.26 3.08
CA GLN G 111 10.95 -81.57 1.85
C GLN G 111 11.79 -80.32 1.66
N ASN G 112 12.04 -79.57 2.75
CA ASN G 112 12.86 -78.38 2.64
C ASN G 112 14.30 -78.71 2.31
N THR G 113 14.82 -79.82 2.83
CA THR G 113 16.20 -80.21 2.55
C THR G 113 16.37 -80.72 1.12
N ALA G 114 15.30 -81.27 0.54
CA ALA G 114 15.41 -81.79 -0.82
C ALA G 114 15.92 -80.73 -1.80
N GLN G 115 15.25 -79.57 -1.84
CA GLN G 115 15.66 -78.53 -2.78
C GLN G 115 17.02 -77.95 -2.43
N GLN G 116 17.34 -77.84 -1.14
CA GLN G 116 18.65 -77.35 -0.74
C GLN G 116 19.76 -78.25 -1.27
N TYR G 117 19.55 -79.57 -1.20
CA TYR G 117 20.54 -80.49 -1.76
C TYR G 117 20.56 -80.43 -3.28
N VAL G 118 19.40 -80.24 -3.93
CA VAL G 118 19.38 -80.17 -5.38
C VAL G 118 20.18 -78.97 -5.86
N ASN G 119 20.02 -77.81 -5.21
CA ASN G 119 20.69 -76.60 -5.66
C ASN G 119 22.21 -76.71 -5.58
N SER G 120 22.75 -77.57 -4.71
CA SER G 120 24.19 -77.70 -4.55
C SER G 120 24.79 -78.79 -5.43
N GLY G 121 23.97 -79.50 -6.20
CA GLY G 121 24.50 -80.54 -7.08
C GLY G 121 25.02 -81.76 -6.36
N LYS G 122 24.50 -82.07 -5.17
CA LYS G 122 24.90 -83.26 -4.45
C LYS G 122 24.42 -84.51 -5.17
N THR G 123 25.20 -85.58 -5.08
CA THR G 123 24.85 -86.82 -5.75
C THR G 123 23.73 -87.53 -4.99
N PRO G 124 23.02 -88.45 -5.65
CA PRO G 124 21.90 -89.13 -4.98
C PRO G 124 22.32 -89.89 -3.73
N GLU G 125 23.53 -90.44 -3.68
CA GLU G 125 23.95 -91.21 -2.52
C GLU G 125 23.98 -90.34 -1.26
N GLU G 126 24.48 -89.11 -1.38
CA GLU G 126 24.50 -88.20 -0.24
C GLU G 126 23.10 -87.84 0.23
N PHE G 127 22.12 -87.83 -0.66
CA PHE G 127 20.73 -87.60 -0.26
C PHE G 127 20.16 -88.83 0.43
N ASN G 128 20.43 -90.02 -0.10
CA ASN G 128 19.91 -91.23 0.50
C ASN G 128 20.47 -91.47 1.90
N VAL G 129 21.78 -91.27 2.08
CA VAL G 129 22.36 -91.44 3.41
C VAL G 129 21.75 -90.44 4.39
N HIS G 130 21.56 -89.19 3.95
CA HIS G 130 20.93 -88.20 4.81
C HIS G 130 19.52 -88.61 5.19
N VAL G 131 18.76 -89.13 4.22
CA VAL G 131 17.38 -89.54 4.50
C VAL G 131 17.36 -90.67 5.52
N GLN G 132 18.23 -91.67 5.34
CA GLN G 132 18.28 -92.78 6.29
C GLN G 132 18.69 -92.30 7.68
N GLN G 133 19.69 -91.43 7.75
CA GLN G 133 20.14 -90.94 9.05
C GLN G 133 19.03 -90.15 9.75
N GLN G 134 18.31 -89.31 9.00
CA GLN G 134 17.22 -88.55 9.60
C GLN G 134 16.08 -89.46 10.05
N THR G 135 15.75 -90.48 9.27
CA THR G 135 14.69 -91.40 9.66
C THR G 135 15.07 -92.18 10.92
N ASN G 136 16.35 -92.57 11.03
CA ASN G 136 16.77 -93.37 12.17
C ASN G 136 16.59 -92.60 13.48
N GLN G 137 16.91 -91.30 13.48
CA GLN G 137 16.76 -90.52 14.71
C GLN G 137 15.31 -90.46 15.15
N LEU G 138 14.39 -90.20 14.22
CA LEU G 138 12.97 -90.14 14.57
C LEU G 138 12.48 -91.49 15.06
N LEU G 139 12.89 -92.57 14.38
CA LEU G 139 12.46 -93.90 14.80
C LEU G 139 12.96 -94.23 16.20
N GLN G 140 14.21 -93.88 16.52
CA GLN G 140 14.73 -94.13 17.85
C GLN G 140 14.00 -93.27 18.89
N GLU G 141 13.74 -92.00 18.57
CA GLU G 141 13.05 -91.14 19.52
C GLU G 141 11.64 -91.64 19.80
N ALA G 142 10.98 -92.21 18.80
CA ALA G 142 9.64 -92.73 18.99
C ALA G 142 9.59 -93.87 19.98
N GLY G 143 10.74 -94.50 20.29
CA GLY G 143 10.76 -95.62 21.21
C GLY G 143 10.46 -95.26 22.65
N ALA G 144 10.72 -94.00 23.04
CA ALA G 144 10.42 -93.53 24.39
C ALA G 144 9.09 -92.80 24.46
N GLN G 145 8.71 -92.08 23.41
CA GLN G 145 7.43 -91.38 23.37
C GLN G 145 6.32 -92.36 23.03
N GLY G 146 6.14 -93.38 23.86
CA GLY G 146 5.16 -94.42 23.63
C GLY G 146 5.80 -95.76 23.39
N LEU G 147 4.99 -96.81 23.56
CA LEU G 147 5.48 -98.18 23.42
C LEU G 147 5.71 -98.58 21.97
N ASN G 148 5.20 -97.81 21.01
CA ASN G 148 5.22 -98.19 19.60
C ASN G 148 4.53 -99.54 19.37
N LEU G 149 3.71 -99.98 20.32
CA LEU G 149 2.96 -101.21 20.16
C LEU G 149 2.12 -101.12 18.89
N ASN G 150 2.16 -102.17 18.07
CA ASN G 150 1.56 -102.14 16.74
C ASN G 150 0.03 -102.20 16.87
N ASP G 151 -0.54 -101.05 17.23
CA ASP G 151 -1.98 -100.84 17.20
C ASP G 151 -2.32 -99.82 16.12
N LYS G 152 -3.61 -99.46 16.04
CA LYS G 152 -4.10 -98.69 14.91
C LYS G 152 -3.41 -97.34 14.78
N ASP G 153 -3.26 -96.61 15.89
CA ASP G 153 -2.70 -95.26 15.81
C ASP G 153 -1.24 -95.28 15.36
N TRP G 154 -0.43 -96.17 15.92
CA TRP G 154 0.97 -96.24 15.51
C TRP G 154 1.11 -96.78 14.10
N GLN G 155 0.23 -97.67 13.68
CA GLN G 155 0.21 -98.12 12.28
C GLN G 155 -0.06 -96.95 11.35
N ALA G 156 -1.03 -96.11 11.69
CA ALA G 156 -1.28 -94.92 10.87
C ALA G 156 -0.08 -93.98 10.89
N TRP G 157 0.57 -93.83 12.04
CA TRP G 157 1.77 -93.00 12.13
C TRP G 157 2.84 -93.49 11.17
N LEU G 158 3.10 -94.80 11.16
CA LEU G 158 4.08 -95.36 10.23
C LEU G 158 3.66 -95.16 8.78
N GLY G 159 2.37 -95.33 8.49
CA GLY G 159 1.90 -95.10 7.13
C GLY G 159 2.18 -93.69 6.64
N SER G 160 1.94 -92.69 7.49
CA SER G 160 2.28 -91.31 7.14
C SER G 160 3.78 -91.13 6.96
N VAL G 161 4.57 -91.75 7.85
CA VAL G 161 6.02 -91.61 7.75
C VAL G 161 6.53 -92.13 6.42
N GLU G 162 5.94 -93.22 5.92
CA GLU G 162 6.42 -93.79 4.66
C GLU G 162 6.23 -92.81 3.50
N HIS G 163 5.03 -92.23 3.37
CA HIS G 163 4.78 -91.30 2.28
C HIS G 163 5.57 -90.01 2.45
N SER G 164 5.83 -89.61 3.70
CA SER G 164 6.65 -88.43 3.93
C SER G 164 8.04 -88.56 3.30
N ARG G 165 8.55 -89.79 3.17
CA ARG G 165 9.81 -90.05 2.49
C ARG G 165 9.63 -90.23 1.00
N ASN G 166 8.57 -90.94 0.61
CA ASN G 166 8.35 -91.20 -0.82
C ASN G 166 8.20 -89.90 -1.60
N THR G 167 7.48 -88.93 -1.04
CA THR G 167 7.24 -87.69 -1.78
C THR G 167 8.54 -86.95 -2.09
N ALA G 168 9.41 -86.79 -1.08
CA ALA G 168 10.68 -86.12 -1.31
C ALA G 168 11.55 -86.91 -2.27
N ASN G 169 11.58 -88.24 -2.13
CA ASN G 169 12.36 -89.04 -3.06
C ASN G 169 11.89 -88.85 -4.49
N ALA G 170 10.58 -88.67 -4.68
CA ALA G 170 10.05 -88.41 -6.02
C ALA G 170 10.45 -87.04 -6.53
N SER G 171 10.32 -86.01 -5.69
CA SER G 171 10.56 -84.64 -6.15
C SER G 171 12.03 -84.40 -6.48
N TYR G 172 12.93 -85.08 -5.77
CA TYR G 172 14.36 -84.84 -5.99
C TYR G 172 14.77 -85.11 -7.44
N GLN G 173 14.19 -86.12 -8.08
CA GLN G 173 14.56 -86.45 -9.44
C GLN G 173 14.06 -85.39 -10.42
N ASP G 174 12.81 -84.95 -10.26
CA ASP G 174 12.23 -84.00 -11.20
C ASP G 174 12.93 -82.65 -11.14
N LEU G 175 13.35 -82.23 -9.94
CA LEU G 175 14.06 -80.95 -9.87
C LEU G 175 15.33 -80.98 -10.72
N ASN G 176 16.13 -82.04 -10.58
CA ASN G 176 17.34 -82.16 -11.41
C ASN G 176 16.98 -82.29 -12.88
N LEU G 177 15.87 -82.96 -13.19
CA LEU G 177 15.46 -83.09 -14.58
C LEU G 177 15.20 -81.73 -15.22
N LYS G 178 14.54 -80.83 -14.49
CA LYS G 178 14.34 -79.47 -14.99
C LYS G 178 15.67 -78.73 -15.13
N ARG G 179 16.51 -78.82 -14.09
CA ARG G 179 17.76 -78.06 -14.08
C ARG G 179 18.65 -78.46 -15.26
N ALA G 180 18.73 -79.75 -15.57
CA ALA G 180 19.59 -80.20 -16.65
C ALA G 180 19.15 -79.60 -17.98
N ALA G 181 17.85 -79.58 -18.26
CA ALA G 181 17.36 -79.01 -19.51
C ALA G 181 17.65 -77.51 -19.57
N VAL G 182 17.44 -76.80 -18.46
CA VAL G 182 17.73 -75.37 -18.45
C VAL G 182 19.20 -75.12 -18.79
N LEU G 183 20.10 -75.86 -18.13
CA LEU G 183 21.53 -75.68 -18.38
C LEU G 183 21.89 -76.03 -19.81
N GLN G 184 21.29 -77.10 -20.36
CA GLN G 184 21.57 -77.48 -21.74
C GLN G 184 21.18 -76.37 -22.71
N GLU G 185 20.00 -75.78 -22.50
CA GLU G 185 19.57 -74.69 -23.38
C GLU G 185 20.53 -73.51 -23.29
N GLN G 186 20.92 -73.13 -22.07
CA GLN G 186 21.85 -72.01 -21.93
C GLN G 186 23.19 -72.29 -22.61
N SER G 187 23.71 -73.51 -22.43
CA SER G 187 24.98 -73.88 -23.05
C SER G 187 24.88 -73.86 -24.57
N TRP G 188 23.75 -74.31 -25.12
CA TRP G 188 23.57 -74.28 -26.57
C TRP G 188 23.49 -72.85 -27.10
N GLY G 189 22.89 -71.92 -26.36
CA GLY G 189 22.91 -70.53 -26.78
C GLY G 189 24.32 -69.95 -26.75
N ALA G 190 25.05 -70.26 -25.68
CA ALA G 190 26.44 -69.79 -25.57
C ALA G 190 27.29 -70.33 -26.71
N ARG G 191 27.08 -71.59 -27.09
CA ARG G 191 27.80 -72.16 -28.22
C ARG G 191 27.47 -71.46 -29.54
N GLY G 192 26.25 -70.94 -29.68
CA GLY G 192 25.85 -70.29 -30.91
C GLY G 192 26.37 -68.86 -31.01
N ASN G 193 26.58 -68.21 -29.88
CA ASN G 193 27.12 -66.86 -29.91
C ASN G 193 28.53 -66.83 -30.53
N ALA G 194 29.38 -67.80 -30.16
CA ALA G 194 30.75 -67.79 -30.63
C ALA G 194 30.84 -68.01 -32.14
N ALA G 195 29.91 -68.77 -32.71
CA ALA G 195 29.92 -68.97 -34.15
C ALA G 195 29.72 -67.65 -34.89
N ILE G 196 28.78 -66.83 -34.44
CA ILE G 196 28.57 -65.53 -35.07
C ILE G 196 29.78 -64.62 -34.82
N ALA G 197 30.35 -64.68 -33.61
CA ALA G 197 31.55 -63.89 -33.35
C ALA G 197 32.65 -64.22 -34.35
N ASP G 198 32.94 -65.50 -34.55
CA ASP G 198 33.97 -65.92 -35.48
C ASP G 198 33.61 -65.56 -36.92
N PHE G 199 32.33 -65.70 -37.29
CA PHE G 199 31.91 -65.34 -38.64
C PHE G 199 32.17 -63.87 -38.92
N VAL G 200 31.85 -63.01 -37.94
CA VAL G 200 32.10 -61.58 -38.12
C VAL G 200 33.59 -61.29 -38.18
N THR G 201 34.38 -61.95 -37.33
CA THR G 201 35.82 -61.70 -37.32
C THR G 201 36.48 -62.13 -38.61
N ALA G 202 36.05 -63.25 -39.19
CA ALA G 202 36.76 -63.81 -40.34
C ALA G 202 36.75 -62.86 -41.53
N GLN G 203 35.60 -62.26 -41.84
CA GLN G 203 35.51 -61.41 -43.02
C GLN G 203 36.16 -60.05 -42.81
N GLN G 204 36.42 -59.66 -41.56
CA GLN G 204 37.11 -58.41 -41.32
C GLN G 204 38.50 -58.42 -41.93
N SER G 205 39.07 -59.61 -42.12
CA SER G 205 40.37 -59.77 -42.75
C SER G 205 40.28 -60.00 -44.26
N GLY G 206 39.06 -60.01 -44.82
CA GLY G 206 38.91 -60.18 -46.25
C GLY G 206 38.95 -61.61 -46.74
N ASP G 207 38.56 -62.58 -45.90
CA ASP G 207 38.55 -63.99 -46.25
C ASP G 207 37.14 -64.53 -46.04
N THR G 208 36.38 -64.65 -47.13
CA THR G 208 35.01 -65.15 -47.03
C THR G 208 34.97 -66.66 -46.87
N GLU G 209 35.93 -67.37 -47.46
CA GLU G 209 35.91 -68.83 -47.41
C GLU G 209 35.97 -69.32 -45.97
N GLN G 210 36.81 -68.69 -45.14
CA GLN G 210 36.86 -69.08 -43.73
C GLN G 210 35.52 -68.83 -43.04
N ALA G 211 34.83 -67.74 -43.40
CA ALA G 211 33.52 -67.49 -42.83
C ALA G 211 32.53 -68.58 -43.22
N LEU G 212 32.54 -69.00 -44.49
CA LEU G 212 31.66 -70.09 -44.91
C LEU G 212 31.99 -71.37 -44.18
N GLN G 213 33.27 -71.67 -44.01
CA GLN G 213 33.66 -72.87 -43.27
C GLN G 213 33.19 -72.80 -41.82
N ASN G 214 33.30 -71.61 -41.20
CA ASN G 214 32.83 -71.45 -39.83
C ASN G 214 31.33 -71.67 -39.72
N VAL G 215 30.55 -71.15 -40.68
CA VAL G 215 29.11 -71.36 -40.66
C VAL G 215 28.78 -72.84 -40.81
N ASN G 216 29.43 -73.50 -41.77
CA ASN G 216 29.19 -74.92 -41.99
C ASN G 216 29.55 -75.75 -40.77
N SER G 217 30.62 -75.37 -40.06
CA SER G 217 31.04 -76.12 -38.88
C SER G 217 29.94 -76.13 -37.82
N PHE G 218 29.29 -74.99 -37.59
CA PHE G 218 28.22 -74.94 -36.60
C PHE G 218 26.97 -75.65 -37.11
N ILE G 219 26.64 -75.50 -38.39
CA ILE G 219 25.44 -76.14 -38.92
C ILE G 219 25.57 -77.66 -38.81
N SER G 220 26.72 -78.20 -39.22
CA SER G 220 26.95 -79.64 -39.13
C SER G 220 27.08 -80.13 -37.69
N SER G 221 27.62 -79.30 -36.78
CA SER G 221 27.66 -79.68 -35.38
C SER G 221 26.26 -79.77 -34.78
N VAL G 222 25.37 -78.86 -35.16
CA VAL G 222 23.99 -78.92 -34.68
C VAL G 222 23.25 -80.11 -35.29
N THR G 223 23.51 -80.39 -36.57
CA THR G 223 22.72 -81.41 -37.28
C THR G 223 22.91 -82.79 -36.65
N HIS G 224 24.14 -83.16 -36.33
CA HIS G 224 24.46 -84.54 -35.96
C HIS G 224 24.26 -84.84 -34.49
N ASP G 225 23.95 -83.85 -33.66
CA ASP G 225 23.70 -84.11 -32.26
C ASP G 225 22.46 -84.99 -32.09
N ASP G 226 22.51 -85.89 -31.11
CA ASP G 226 21.44 -86.84 -30.88
C ASP G 226 20.68 -86.60 -29.57
N SER G 227 21.04 -85.57 -28.81
CA SER G 227 20.41 -85.29 -27.53
C SER G 227 19.28 -84.27 -27.63
N ILE G 228 18.89 -83.86 -28.83
CA ILE G 228 17.83 -82.88 -29.01
C ILE G 228 16.83 -83.41 -30.03
N THR G 229 15.61 -82.89 -29.97
CA THR G 229 14.53 -83.33 -30.83
C THR G 229 14.59 -82.62 -32.18
N ALA G 230 13.78 -83.12 -33.12
CA ALA G 230 13.81 -82.59 -34.49
C ALA G 230 13.39 -81.12 -34.53
N GLU G 231 12.33 -80.77 -33.79
CA GLU G 231 11.86 -79.38 -33.84
C GLU G 231 12.91 -78.42 -33.32
N ASN G 232 13.65 -78.79 -32.27
CA ASN G 232 14.75 -77.95 -31.81
C ASN G 232 15.86 -77.84 -32.86
N LYS G 233 16.15 -78.93 -33.57
CA LYS G 233 17.13 -78.87 -34.65
C LYS G 233 16.69 -77.89 -35.73
N ILE G 234 15.41 -77.91 -36.10
CA ILE G 234 14.91 -76.96 -37.09
C ILE G 234 14.99 -75.53 -36.56
N LYS G 235 14.59 -75.34 -35.29
CA LYS G 235 14.57 -74.00 -34.71
C LYS G 235 15.97 -73.38 -34.69
N TYR G 236 16.94 -74.12 -34.17
CA TYR G 236 18.30 -73.58 -34.08
C TYR G 236 18.86 -73.27 -35.46
N THR G 237 18.68 -74.17 -36.41
CA THR G 237 19.20 -73.96 -37.75
C THR G 237 18.56 -72.73 -38.40
N SER G 238 17.23 -72.61 -38.30
CA SER G 238 16.55 -71.46 -38.90
C SER G 238 17.02 -70.16 -38.26
N GLN G 239 17.12 -70.14 -36.93
CA GLN G 239 17.55 -68.91 -36.25
C GLN G 239 18.96 -68.52 -36.66
N PHE G 240 19.88 -69.49 -36.70
CA PHE G 240 21.25 -69.18 -37.06
C PHE G 240 21.34 -68.71 -38.51
N VAL G 241 20.62 -69.37 -39.42
CA VAL G 241 20.67 -68.99 -40.83
C VAL G 241 20.14 -67.58 -41.02
N VAL G 242 19.02 -67.26 -40.36
CA VAL G 242 18.46 -65.93 -40.48
C VAL G 242 19.40 -64.89 -39.90
N ASN G 243 19.99 -65.18 -38.74
CA ASN G 243 20.90 -64.22 -38.12
C ASN G 243 22.16 -64.00 -38.95
N ALA G 244 22.58 -65.01 -39.72
CA ALA G 244 23.80 -64.88 -40.51
C ALA G 244 23.69 -63.76 -41.54
N PHE G 245 22.53 -63.61 -42.17
CA PHE G 245 22.38 -62.59 -43.21
C PHE G 245 22.53 -61.19 -42.64
N ALA G 246 22.08 -60.98 -41.40
CA ALA G 246 22.06 -59.64 -40.82
C ALA G 246 23.46 -59.08 -40.56
N ASN G 247 24.50 -59.90 -40.64
CA ASN G 247 25.85 -59.47 -40.31
C ASN G 247 26.74 -59.28 -41.53
N ALA G 248 26.26 -59.61 -42.74
CA ALA G 248 27.05 -59.40 -43.94
C ALA G 248 27.27 -57.91 -44.17
N ASN G 249 28.50 -57.56 -44.53
CA ASN G 249 28.90 -56.16 -44.71
C ASN G 249 29.13 -55.77 -46.16
N SER G 250 28.78 -56.63 -47.12
CA SER G 250 28.99 -56.32 -48.53
C SER G 250 28.01 -57.12 -49.37
N THR G 251 27.80 -56.65 -50.59
CA THR G 251 26.88 -57.33 -51.51
C THR G 251 27.46 -58.62 -52.10
N GLY G 252 28.77 -58.84 -51.98
CA GLY G 252 29.37 -60.08 -52.44
C GLY G 252 29.19 -61.19 -51.42
N ASP G 253 29.34 -60.84 -50.14
CA ASP G 253 29.11 -61.81 -49.08
C ASP G 253 27.66 -62.28 -49.07
N MET G 254 26.71 -61.38 -49.32
CA MET G 254 25.31 -61.77 -49.39
C MET G 254 25.09 -62.82 -50.49
N GLN G 255 25.64 -62.57 -51.68
CA GLN G 255 25.48 -63.53 -52.77
C GLN G 255 26.16 -64.85 -52.47
N ALA G 256 27.36 -64.81 -51.89
CA ALA G 256 28.07 -66.05 -51.57
C ALA G 256 27.27 -66.88 -50.57
N LEU G 257 26.78 -66.23 -49.50
CA LEU G 257 26.00 -66.95 -48.49
C LEU G 257 24.69 -67.47 -49.06
N THR G 258 24.04 -66.70 -49.94
CA THR G 258 22.82 -67.18 -50.58
C THR G 258 23.10 -68.42 -51.42
N GLY G 259 24.19 -68.39 -52.19
CA GLY G 259 24.55 -69.56 -52.97
C GLY G 259 24.85 -70.77 -52.12
N TYR G 260 25.56 -70.58 -51.00
CA TYR G 260 25.88 -71.70 -50.12
C TYR G 260 24.62 -72.28 -49.49
N VAL G 261 23.72 -71.41 -49.03
CA VAL G 261 22.57 -71.88 -48.25
C VAL G 261 21.61 -72.67 -49.13
N GLN G 262 21.29 -72.15 -50.31
CA GLN G 262 20.29 -72.78 -51.16
C GLN G 262 20.75 -74.09 -51.78
N SER G 263 22.04 -74.42 -51.67
CA SER G 263 22.55 -75.69 -52.17
C SER G 263 22.74 -76.73 -51.06
N LEU G 264 22.77 -76.30 -49.81
CA LEU G 264 22.95 -77.24 -48.70
C LEU G 264 21.79 -78.22 -48.67
N SER G 265 22.12 -79.51 -48.57
CA SER G 265 21.08 -80.54 -48.58
C SER G 265 20.15 -80.43 -47.38
N GLU G 266 20.71 -80.15 -46.20
CA GLU G 266 19.90 -80.09 -44.99
C GLU G 266 18.86 -78.97 -45.04
N PHE G 267 19.07 -77.96 -45.88
CA PHE G 267 18.10 -76.88 -46.04
C PHE G 267 17.02 -77.21 -47.06
N LYS G 268 17.27 -78.19 -47.93
CA LYS G 268 16.30 -78.54 -48.96
C LYS G 268 15.10 -79.29 -48.41
N ASN G 269 15.26 -79.94 -47.25
CA ASN G 269 14.21 -80.80 -46.70
C ASN G 269 13.36 -80.12 -45.64
N MET G 270 13.59 -78.83 -45.38
CA MET G 270 12.82 -78.13 -44.37
C MET G 270 11.38 -77.91 -44.85
N PRO G 271 10.46 -77.66 -43.93
CA PRO G 271 9.08 -77.37 -44.34
C PRO G 271 9.01 -76.13 -45.21
N THR G 272 8.01 -76.10 -46.09
CA THR G 272 7.90 -75.01 -47.06
C THR G 272 7.72 -73.66 -46.37
N ASP G 273 6.94 -73.61 -45.29
CA ASP G 273 6.66 -72.35 -44.61
C ASP G 273 7.90 -71.73 -43.98
N VAL G 274 8.94 -72.52 -43.74
CA VAL G 274 10.20 -71.97 -43.20
C VAL G 274 11.12 -71.51 -44.32
N GLN G 275 11.19 -72.28 -45.40
CA GLN G 275 11.97 -71.87 -46.55
C GLN G 275 11.46 -70.56 -47.11
N THR G 276 10.12 -70.43 -47.24
CA THR G 276 9.55 -69.19 -47.74
C THR G 276 9.86 -68.02 -46.81
N GLN G 277 9.78 -68.23 -45.50
CA GLN G 277 10.08 -67.16 -44.56
C GLN G 277 11.54 -66.71 -44.67
N ILE G 278 12.47 -67.67 -44.75
CA ILE G 278 13.88 -67.30 -44.86
C ILE G 278 14.15 -66.57 -46.18
N MET G 279 13.56 -67.06 -47.27
CA MET G 279 13.75 -66.41 -48.55
C MET G 279 13.21 -64.98 -48.53
N GLY G 280 12.04 -64.78 -47.93
CA GLY G 280 11.49 -63.44 -47.81
C GLY G 280 12.34 -62.54 -46.93
N SER G 281 12.92 -63.09 -45.87
CA SER G 281 13.73 -62.31 -44.95
C SER G 281 15.05 -61.87 -45.56
N ALA G 282 15.69 -62.72 -46.36
CA ALA G 282 16.98 -62.34 -46.96
C ALA G 282 16.83 -61.14 -47.89
N GLN G 283 15.75 -61.12 -48.68
CA GLN G 283 15.55 -60.07 -49.67
C GLN G 283 15.36 -58.70 -49.02
N GLN G 284 15.08 -58.64 -47.73
CA GLN G 284 14.95 -57.36 -47.03
C GLN G 284 16.30 -56.79 -46.61
N TYR G 285 17.21 -57.62 -46.09
CA TYR G 285 18.57 -57.16 -45.86
C TYR G 285 19.24 -56.82 -47.19
N TYR G 286 18.82 -57.50 -48.26
CA TYR G 286 19.15 -57.02 -49.58
C TYR G 286 18.32 -55.78 -49.92
N GLN G 287 18.88 -54.96 -50.81
CA GLN G 287 18.43 -53.61 -51.14
C GLN G 287 18.74 -52.64 -50.00
N GLN G 288 18.97 -53.16 -48.79
CA GLN G 288 19.42 -52.31 -47.69
C GLN G 288 20.93 -52.23 -47.69
N ARG G 289 21.60 -53.38 -47.82
CA ARG G 289 23.03 -53.37 -48.06
C ARG G 289 23.38 -52.71 -49.39
N ALA G 290 22.40 -52.52 -50.27
CA ALA G 290 22.62 -51.76 -51.50
C ALA G 290 22.45 -50.26 -51.27
N SER G 291 21.41 -49.86 -50.53
CA SER G 291 21.21 -48.44 -50.25
C SER G 291 22.37 -47.87 -49.43
N ASP G 292 22.91 -48.66 -48.50
CA ASP G 292 24.03 -48.17 -47.70
C ASP G 292 25.25 -47.86 -48.56
N GLU G 293 25.55 -48.73 -49.53
CA GLU G 293 26.71 -48.51 -50.38
C GLU G 293 26.57 -47.26 -51.23
N SER G 294 25.35 -46.80 -51.51
CA SER G 294 25.14 -45.57 -52.23
C SER G 294 25.16 -44.35 -51.32
N VAL G 295 24.65 -44.48 -50.10
CA VAL G 295 24.71 -43.38 -49.15
C VAL G 295 26.14 -43.12 -48.71
N GLN G 296 27.01 -44.13 -48.84
CA GLN G 296 28.42 -43.94 -48.48
C GLN G 296 29.05 -42.80 -49.29
N LEU G 297 28.73 -42.69 -50.58
CA LEU G 297 29.31 -41.63 -51.39
C LEU G 297 28.83 -40.26 -50.95
N TYR G 298 27.55 -40.13 -50.57
CA TYR G 298 27.08 -38.86 -50.05
C TYR G 298 27.77 -38.50 -48.75
N GLU G 299 28.00 -39.48 -47.87
CA GLU G 299 28.76 -39.21 -46.66
C GLU G 299 30.18 -38.74 -46.99
N TYR G 300 30.82 -39.38 -47.96
CA TYR G 300 32.17 -38.98 -48.35
C TYR G 300 32.18 -37.57 -48.90
N ASN G 301 31.19 -37.23 -49.73
CA ASN G 301 31.10 -35.88 -50.27
C ASN G 301 30.90 -34.85 -49.16
N SER G 302 30.07 -35.17 -48.17
CA SER G 302 29.90 -34.26 -47.04
C SER G 302 31.22 -34.06 -46.31
N ARG G 303 31.95 -35.15 -46.06
CA ARG G 303 33.25 -35.03 -45.40
C ARG G 303 34.19 -34.15 -46.21
N VAL G 304 34.20 -34.30 -47.54
CA VAL G 304 35.05 -33.47 -48.38
C VAL G 304 34.64 -32.01 -48.26
N ASN G 305 33.33 -31.73 -48.30
CA ASN G 305 32.84 -30.36 -48.24
C ASN G 305 32.99 -29.73 -46.86
N SER G 306 33.30 -30.52 -45.83
CA SER G 306 33.40 -30.01 -44.47
C SER G 306 34.63 -29.13 -44.24
N VAL G 307 35.54 -29.04 -45.20
CA VAL G 307 36.75 -28.23 -45.07
C VAL G 307 36.46 -26.82 -45.58
N THR G 308 37.11 -25.82 -44.99
CA THR G 308 36.80 -24.42 -45.25
C THR G 308 38.00 -23.60 -45.71
N ASP G 309 39.20 -24.17 -45.74
CA ASP G 309 40.40 -23.44 -46.14
C ASP G 309 41.03 -24.11 -47.35
N TYR G 310 41.67 -23.30 -48.19
CA TYR G 310 42.13 -23.79 -49.49
C TYR G 310 43.33 -24.73 -49.38
N LYS G 311 44.33 -24.36 -48.58
CA LYS G 311 45.58 -25.12 -48.58
C LYS G 311 45.36 -26.55 -48.11
N THR G 312 44.69 -26.73 -46.97
CA THR G 312 44.47 -28.07 -46.45
C THR G 312 43.58 -28.89 -47.37
N LEU G 313 42.69 -28.24 -48.10
CA LEU G 313 41.83 -28.97 -49.04
C LEU G 313 42.67 -29.68 -50.09
N ASN G 314 43.60 -28.95 -50.73
CA ASN G 314 44.49 -29.57 -51.70
C ASN G 314 45.50 -30.50 -51.05
N GLU G 315 45.86 -30.25 -49.79
CA GLU G 315 46.79 -31.13 -49.10
C GLU G 315 46.15 -32.48 -48.77
N ALA G 316 44.83 -32.50 -48.59
CA ALA G 316 44.14 -33.72 -48.16
C ALA G 316 43.32 -34.36 -49.28
N TYR G 317 42.69 -33.57 -50.14
CA TYR G 317 41.78 -34.08 -51.17
C TYR G 317 42.17 -33.53 -52.53
N PRO G 318 43.19 -34.12 -53.17
CA PRO G 318 43.54 -33.69 -54.53
C PRO G 318 42.38 -33.89 -55.50
N MET G 319 42.28 -32.98 -56.48
CA MET G 319 41.17 -33.03 -57.42
C MET G 319 41.21 -34.31 -58.26
N ALA G 320 42.41 -34.71 -58.70
CA ALA G 320 42.53 -35.87 -59.57
C ALA G 320 42.08 -37.16 -58.90
N GLN G 321 42.09 -37.21 -57.57
CA GLN G 321 41.60 -38.38 -56.85
C GLN G 321 40.09 -38.30 -56.62
N TYR G 322 39.57 -37.11 -56.33
CA TYR G 322 38.13 -36.94 -56.17
C TYR G 322 37.40 -37.29 -57.47
N ILE G 323 37.92 -36.81 -58.60
CA ILE G 323 37.28 -37.09 -59.88
C ILE G 323 37.27 -38.58 -60.15
N GLY G 324 38.40 -39.25 -59.91
CA GLY G 324 38.46 -40.68 -60.14
C GLY G 324 37.51 -41.45 -59.22
N THR G 325 37.44 -41.05 -57.95
CA THR G 325 36.55 -41.73 -57.01
C THR G 325 35.10 -41.60 -57.45
N VAL G 326 34.70 -40.40 -57.90
CA VAL G 326 33.31 -40.20 -58.31
C VAL G 326 33.03 -40.98 -59.60
N MET G 327 33.96 -40.92 -60.56
CA MET G 327 33.70 -41.55 -61.85
C MET G 327 33.71 -43.06 -61.77
N GLN G 328 34.54 -43.64 -60.89
CA GLN G 328 34.52 -45.10 -60.71
C GLN G 328 33.16 -45.56 -60.18
N ALA G 329 32.61 -44.85 -59.20
CA ALA G 329 31.28 -45.19 -58.70
C ALA G 329 30.23 -45.00 -59.77
N VAL G 330 30.32 -43.93 -60.57
CA VAL G 330 29.37 -43.73 -61.66
C VAL G 330 29.44 -44.88 -62.64
N GLN G 331 30.65 -45.39 -62.90
CA GLN G 331 30.82 -46.48 -63.85
C GLN G 331 30.16 -47.76 -63.37
N GLN G 332 30.25 -48.04 -62.07
CA GLN G 332 29.71 -49.28 -61.51
C GLN G 332 28.20 -49.20 -61.25
N LYS G 333 27.55 -48.13 -61.69
CA LYS G 333 26.10 -47.98 -61.56
C LYS G 333 25.66 -47.92 -60.10
N LYS G 334 26.50 -47.36 -59.23
CA LYS G 334 26.08 -47.03 -57.87
C LYS G 334 25.46 -45.64 -57.79
N LEU G 335 25.82 -44.74 -58.70
CA LEU G 335 25.22 -43.43 -58.80
C LEU G 335 24.86 -43.17 -60.26
N SER G 336 23.76 -42.44 -60.45
CA SER G 336 23.38 -42.08 -61.81
C SER G 336 24.32 -41.01 -62.35
N PRO G 337 24.48 -40.92 -63.67
CA PRO G 337 25.39 -39.90 -64.23
C PRO G 337 25.04 -38.48 -63.80
N GLY G 338 23.75 -38.17 -63.71
CA GLY G 338 23.33 -36.81 -63.40
C GLY G 338 23.65 -36.37 -62.00
N THR G 339 23.77 -37.32 -61.06
CA THR G 339 24.13 -37.00 -59.69
C THR G 339 25.62 -37.15 -59.42
N GLY G 340 26.41 -37.51 -60.44
CA GLY G 340 27.86 -37.52 -60.31
C GLY G 340 28.49 -36.34 -61.01
N TYR G 341 27.99 -36.03 -62.21
CA TYR G 341 28.51 -34.87 -62.94
C TYR G 341 28.22 -33.58 -62.19
N GLY G 342 27.02 -33.45 -61.63
CA GLY G 342 26.71 -32.27 -60.84
C GLY G 342 27.59 -32.15 -59.62
N MET G 343 27.85 -33.28 -58.94
CA MET G 343 28.75 -33.28 -57.80
C MET G 343 30.14 -32.83 -58.17
N VAL G 344 30.67 -33.30 -59.30
CA VAL G 344 31.99 -32.86 -59.74
C VAL G 344 31.99 -31.37 -60.06
N ASP G 345 30.96 -30.90 -60.77
CA ASP G 345 30.91 -29.50 -61.18
C ASP G 345 30.82 -28.58 -59.97
N ALA G 346 30.04 -28.97 -58.96
CA ALA G 346 29.89 -28.14 -57.77
C ALA G 346 31.24 -27.92 -57.09
N GLU G 347 32.01 -29.00 -56.91
CA GLU G 347 33.32 -28.86 -56.29
C GLU G 347 34.24 -28.03 -57.17
N SER G 348 34.20 -28.24 -58.49
CA SER G 348 35.04 -27.45 -59.39
C SER G 348 34.76 -25.96 -59.27
N GLN G 349 33.49 -25.57 -59.13
CA GLN G 349 33.16 -24.16 -58.99
C GLN G 349 33.53 -23.64 -57.60
N ARG G 350 33.29 -24.45 -56.57
CA ARG G 350 33.58 -24.01 -55.20
C ARG G 350 35.06 -23.76 -54.99
N ARG G 351 35.91 -24.60 -55.58
CA ARG G 351 37.35 -24.39 -55.41
C ARG G 351 37.80 -23.07 -56.04
N LEU G 352 37.30 -22.74 -57.24
CA LEU G 352 37.60 -21.46 -57.84
C LEU G 352 37.08 -20.30 -57.00
N LYS G 353 35.87 -20.44 -56.45
CA LYS G 353 35.32 -19.38 -55.61
C LYS G 353 36.22 -19.12 -54.39
N MET G 354 36.65 -20.19 -53.73
CA MET G 354 37.52 -20.03 -52.57
C MET G 354 38.87 -19.43 -52.97
N GLN G 355 39.41 -19.87 -54.11
CA GLN G 355 40.66 -19.30 -54.59
C GLN G 355 40.54 -17.81 -54.85
N LYS G 356 39.42 -17.37 -55.43
CA LYS G 356 39.20 -15.93 -55.62
C LYS G 356 39.08 -15.21 -54.29
N ALA G 357 38.34 -15.79 -53.34
CA ALA G 357 38.13 -15.12 -52.05
C ALA G 357 39.43 -14.95 -51.29
N GLU G 358 40.34 -15.93 -51.42
CA GLU G 358 41.62 -15.84 -50.70
C GLU G 358 42.43 -14.64 -51.15
N GLN G 359 42.34 -14.27 -52.43
CA GLN G 359 43.03 -13.08 -52.91
C GLN G 359 42.37 -11.79 -52.44
N GLY G 360 41.05 -11.78 -52.32
CA GLY G 360 40.34 -10.60 -51.85
C GLY G 360 40.57 -10.33 -50.38
N GLN G 361 40.81 -11.41 -49.62
CA GLN G 361 41.10 -11.22 -48.19
C GLN G 361 42.34 -10.36 -47.97
N LEU G 362 43.35 -10.50 -48.83
CA LEU G 362 44.58 -9.75 -48.64
C LEU G 362 44.37 -8.25 -48.78
N ALA G 363 43.47 -7.82 -49.66
CA ALA G 363 43.22 -6.39 -49.81
C ALA G 363 42.69 -5.78 -48.51
N TYR G 364 41.75 -6.48 -47.85
CA TYR G 364 41.29 -6.03 -46.55
C TYR G 364 42.39 -6.10 -45.51
N THR G 365 43.18 -7.16 -45.52
CA THR G 365 44.20 -7.32 -44.48
C THR G 365 45.28 -6.25 -44.55
N ASN G 366 45.71 -5.88 -45.75
CA ASN G 366 46.85 -4.99 -45.92
C ASN G 366 46.49 -3.61 -46.48
N GLY G 367 45.26 -3.42 -46.96
CA GLY G 367 44.90 -2.12 -47.51
C GLY G 367 45.06 -1.01 -46.48
N VAL G 368 45.59 0.12 -46.94
CA VAL G 368 45.84 1.26 -46.07
C VAL G 368 44.68 2.26 -46.03
N THR G 369 43.90 2.35 -47.10
CA THR G 369 42.76 3.27 -47.14
C THR G 369 41.58 2.56 -47.79
N ILE G 370 40.43 3.23 -47.77
CA ILE G 370 39.24 2.66 -48.41
C ILE G 370 39.39 2.62 -49.92
N SER G 371 40.03 3.65 -50.50
CA SER G 371 40.11 3.73 -51.96
C SER G 371 40.84 2.54 -52.54
N ASP G 372 42.03 2.23 -52.03
CA ASP G 372 42.81 1.12 -52.57
C ASP G 372 42.29 -0.24 -52.13
N ILE G 373 41.50 -0.30 -51.06
CA ILE G 373 40.81 -1.54 -50.73
C ILE G 373 39.71 -1.82 -51.75
N ALA G 374 38.96 -0.78 -52.13
CA ALA G 374 37.94 -0.95 -53.15
C ALA G 374 38.54 -1.25 -54.51
N ALA G 375 39.67 -0.59 -54.84
CA ALA G 375 40.30 -0.79 -56.14
C ALA G 375 40.82 -2.20 -56.31
N GLY G 376 41.02 -2.95 -55.22
CA GLY G 376 41.52 -4.30 -55.31
C GLY G 376 40.42 -5.34 -55.47
N THR G 377 39.44 -5.32 -54.56
CA THR G 377 38.34 -6.27 -54.63
C THR G 377 37.31 -5.90 -55.69
N GLY G 378 37.23 -4.63 -56.07
CA GLY G 378 36.29 -4.20 -57.07
C GLY G 378 34.93 -3.78 -56.54
N GLU G 379 34.71 -3.89 -55.23
CA GLU G 379 33.42 -3.52 -54.67
C GLU G 379 33.31 -2.00 -54.52
N SER G 380 32.08 -1.53 -54.39
CA SER G 380 31.85 -0.12 -54.15
C SER G 380 32.28 0.27 -52.74
N LEU G 381 32.52 1.57 -52.54
CA LEU G 381 33.00 2.03 -51.25
C LEU G 381 32.00 1.74 -50.14
N ASP G 382 30.70 1.94 -50.40
CA ASP G 382 29.69 1.66 -49.40
C ASP G 382 29.68 0.19 -48.98
N LYS G 383 30.04 -0.72 -49.89
CA LYS G 383 30.05 -2.14 -49.55
C LYS G 383 31.27 -2.52 -48.74
N VAL G 384 32.45 -2.01 -49.13
CA VAL G 384 33.66 -2.31 -48.36
C VAL G 384 33.56 -1.72 -46.97
N LYS G 385 32.90 -0.56 -46.83
CA LYS G 385 32.68 -0.01 -45.50
C LYS G 385 31.91 -0.97 -44.62
N GLY G 386 30.81 -1.53 -45.13
CA GLY G 386 30.04 -2.47 -44.34
C GLY G 386 30.79 -3.75 -44.05
N GLU G 387 31.55 -4.24 -45.03
CA GLU G 387 32.33 -5.45 -44.81
C GLU G 387 33.40 -5.24 -43.74
N LEU G 388 34.07 -4.09 -43.76
CA LEU G 388 35.03 -3.77 -42.70
C LEU G 388 34.34 -3.65 -41.34
N THR G 389 33.16 -3.01 -41.31
CA THR G 389 32.40 -2.94 -40.07
C THR G 389 32.14 -4.33 -39.51
N LYS G 390 31.65 -5.24 -40.36
CA LYS G 390 31.34 -6.60 -39.90
C LYS G 390 32.61 -7.31 -39.44
N MET G 391 33.70 -7.18 -40.19
CA MET G 391 34.94 -7.86 -39.84
C MET G 391 35.44 -7.42 -38.47
N TYR G 392 35.54 -6.10 -38.26
CA TYR G 392 36.08 -5.60 -37.01
C TYR G 392 35.09 -5.73 -35.86
N ALA G 393 33.79 -5.90 -36.14
CA ALA G 393 32.86 -6.24 -35.09
C ALA G 393 33.02 -7.70 -34.67
N THR G 394 33.29 -8.58 -35.63
CA THR G 394 33.56 -9.98 -35.31
C THR G 394 34.86 -10.14 -34.54
N ILE G 395 35.89 -9.36 -34.89
CA ILE G 395 37.18 -9.49 -34.20
C ILE G 395 37.07 -9.01 -32.77
N GLY G 396 36.32 -7.93 -32.53
CA GLY G 396 36.24 -7.34 -31.21
C GLY G 396 35.10 -7.82 -30.33
N GLN G 397 34.22 -8.68 -30.85
CA GLN G 397 33.09 -9.16 -30.08
C GLN G 397 32.22 -7.99 -29.61
N GLY G 398 31.65 -7.25 -30.55
CA GLY G 398 30.80 -6.11 -30.23
C GLY G 398 31.24 -4.86 -30.95
N TYR G 399 30.38 -3.85 -30.87
CA TYR G 399 30.66 -2.58 -31.55
C TYR G 399 31.69 -1.75 -30.81
N SER G 400 31.68 -1.73 -29.47
CA SER G 400 32.63 -0.90 -28.74
C SER G 400 34.06 -1.40 -28.93
N GLY G 401 34.30 -2.68 -28.70
CA GLY G 401 35.64 -3.21 -28.82
C GLY G 401 36.19 -3.14 -30.23
N GLY G 402 35.38 -3.50 -31.22
CA GLY G 402 35.80 -3.40 -32.60
C GLY G 402 36.03 -1.98 -33.03
N GLY G 403 35.15 -1.07 -32.59
CA GLY G 403 35.29 0.32 -32.95
C GLY G 403 36.55 0.94 -32.38
N LEU G 404 36.89 0.60 -31.14
CA LEU G 404 38.10 1.15 -30.55
C LEU G 404 39.34 0.73 -31.35
N GLN G 405 39.43 -0.55 -31.70
CA GLN G 405 40.57 -1.04 -32.46
C GLN G 405 40.60 -0.43 -33.86
N LEU G 406 39.44 -0.28 -34.50
CA LEU G 406 39.40 0.32 -35.82
C LEU G 406 39.85 1.78 -35.76
N MET G 407 39.41 2.51 -34.74
CA MET G 407 39.83 3.89 -34.56
C MET G 407 41.34 3.97 -34.34
N GLN G 408 41.88 3.07 -33.52
CA GLN G 408 43.33 3.06 -33.30
C GLN G 408 44.08 2.80 -34.60
N ARG G 409 43.60 1.84 -35.39
CA ARG G 409 44.24 1.57 -36.68
C ARG G 409 44.20 2.80 -37.58
N GLY G 410 43.05 3.44 -37.67
CA GLY G 410 42.94 4.63 -38.51
C GLY G 410 43.86 5.74 -38.04
N LEU G 411 43.92 5.97 -36.73
CA LEU G 411 44.76 7.03 -36.20
C LEU G 411 46.24 6.76 -36.45
N LYS G 412 46.67 5.51 -36.24
CA LYS G 412 48.08 5.17 -36.42
C LYS G 412 48.48 5.08 -37.89
N SER G 413 47.54 4.77 -38.79
CA SER G 413 47.85 4.70 -40.20
C SER G 413 47.69 6.03 -40.91
N GLY G 414 47.21 7.06 -40.22
CA GLY G 414 47.05 8.37 -40.83
C GLY G 414 46.01 8.41 -41.94
N ALA G 415 44.86 7.79 -41.70
CA ALA G 415 43.75 7.79 -42.66
C ALA G 415 42.49 8.24 -41.94
N GLN G 416 41.81 9.25 -42.50
CA GLN G 416 40.59 9.75 -41.88
C GLN G 416 39.40 8.83 -42.16
N ASP G 417 39.39 8.18 -43.33
CA ASP G 417 38.24 7.38 -43.72
C ASP G 417 37.98 6.24 -42.74
N ILE G 418 39.03 5.54 -42.33
CA ILE G 418 38.85 4.42 -41.41
C ILE G 418 38.43 4.91 -40.04
N THR G 419 39.03 6.01 -39.58
CA THR G 419 38.64 6.58 -38.29
C THR G 419 37.18 7.00 -38.29
N GLY G 420 36.68 7.49 -39.44
CA GLY G 420 35.28 7.87 -39.50
C GLY G 420 34.35 6.70 -39.28
N VAL G 421 34.60 5.58 -39.97
CA VAL G 421 33.75 4.40 -39.80
C VAL G 421 33.91 3.83 -38.39
N GLY G 422 35.09 3.90 -37.79
CA GLY G 422 35.23 3.49 -36.41
C GLY G 422 34.41 4.35 -35.46
N ILE G 423 34.44 5.67 -35.67
CA ILE G 423 33.69 6.58 -34.82
C ILE G 423 32.19 6.33 -34.97
N GLU G 424 31.75 5.99 -36.19
CA GLU G 424 30.34 5.67 -36.38
C GLU G 424 29.89 4.54 -35.45
N MET G 425 30.64 3.43 -35.43
CA MET G 425 30.30 2.34 -34.51
C MET G 425 30.40 2.81 -33.06
N MET G 426 31.46 3.53 -32.73
CA MET G 426 31.69 3.91 -31.34
C MET G 426 30.53 4.73 -30.80
N GLN G 427 30.03 5.68 -31.59
CA GLN G 427 28.94 6.54 -31.15
C GLN G 427 27.57 5.95 -31.44
N GLN G 428 27.49 4.87 -32.22
CA GLN G 428 26.24 4.13 -32.33
C GLN G 428 26.01 3.25 -31.11
N ASP G 429 27.09 2.70 -30.54
CA ASP G 429 26.95 1.87 -29.34
C ASP G 429 26.50 2.71 -28.14
N ALA G 430 26.94 3.97 -28.08
CA ALA G 430 26.73 4.77 -26.88
C ALA G 430 25.25 5.04 -26.59
N GLN G 431 24.36 4.83 -27.56
CA GLN G 431 22.96 5.16 -27.35
C GLN G 431 22.29 4.34 -26.26
N SER G 432 22.90 3.23 -25.84
CA SER G 432 22.28 2.39 -24.82
C SER G 432 22.21 3.10 -23.47
N LEU G 433 23.04 4.12 -23.26
CA LEU G 433 23.11 4.78 -21.96
C LEU G 433 21.93 5.71 -21.71
N SER G 434 21.10 5.99 -22.71
CA SER G 434 20.02 6.95 -22.54
C SER G 434 18.83 6.37 -21.78
N GLY G 435 18.69 5.05 -21.73
CA GLY G 435 17.50 4.44 -21.16
C GLY G 435 17.62 4.04 -19.70
N ILE G 436 18.85 4.09 -19.15
CA ILE G 436 19.06 3.63 -17.79
C ILE G 436 18.37 4.57 -16.80
N ASP G 437 17.71 3.98 -15.81
CA ASP G 437 17.08 4.74 -14.72
C ASP G 437 18.10 4.86 -13.60
N TRP G 438 18.80 6.00 -13.58
CA TRP G 438 19.91 6.18 -12.65
C TRP G 438 19.43 6.23 -11.20
N ARG G 439 18.23 6.75 -10.95
CA ARG G 439 17.78 7.00 -9.59
C ARG G 439 17.34 5.73 -8.87
N ASN G 440 16.98 4.67 -9.60
CA ASN G 440 16.43 3.46 -8.99
C ASN G 440 17.37 2.27 -9.09
N LEU G 441 18.67 2.51 -9.22
CA LEU G 441 19.63 1.41 -9.23
C LEU G 441 19.68 0.76 -7.86
N LYS G 442 19.88 -0.56 -7.86
CA LYS G 442 20.01 -1.29 -6.61
C LYS G 442 21.20 -0.77 -5.82
N THR G 443 21.05 -0.77 -4.49
CA THR G 443 22.02 -0.15 -3.59
C THR G 443 22.71 -1.20 -2.74
N ASP G 444 24.00 -0.98 -2.50
CA ASP G 444 24.79 -1.86 -1.65
C ASP G 444 24.47 -1.58 -0.17
N ALA G 445 24.89 -2.50 0.70
CA ALA G 445 24.64 -2.34 2.12
C ALA G 445 25.26 -1.08 2.69
N ASP G 446 26.27 -0.51 2.01
CA ASP G 446 26.93 0.71 2.46
C ASP G 446 26.49 1.93 1.65
N GLY G 447 25.42 1.80 0.87
CA GLY G 447 24.91 2.90 0.09
C GLY G 447 25.50 3.06 -1.29
N LYS G 448 26.50 2.26 -1.64
CA LYS G 448 27.10 2.37 -2.96
C LYS G 448 26.17 1.73 -4.00
N PRO G 449 25.83 2.44 -5.08
CA PRO G 449 25.01 1.82 -6.12
C PRO G 449 25.69 0.61 -6.73
N LEU G 450 24.93 -0.12 -7.56
CA LEU G 450 25.41 -1.34 -8.22
C LEU G 450 25.14 -1.21 -9.71
N TYR G 451 26.13 -0.68 -10.43
CA TYR G 451 25.97 -0.46 -11.86
C TYR G 451 26.11 -1.78 -12.62
N PRO G 452 25.39 -1.97 -13.72
CA PRO G 452 25.58 -3.17 -14.53
C PRO G 452 26.94 -3.13 -15.22
N ALA G 453 27.46 -4.33 -15.52
CA ALA G 453 28.78 -4.43 -16.13
C ALA G 453 28.79 -3.98 -17.59
N ALA G 454 27.61 -3.74 -18.19
CA ALA G 454 27.55 -3.37 -19.60
C ALA G 454 27.94 -1.92 -19.84
N VAL G 455 27.79 -1.04 -18.86
CA VAL G 455 28.01 0.38 -19.06
C VAL G 455 29.42 0.78 -18.62
N VAL G 456 29.97 0.04 -17.66
CA VAL G 456 31.33 0.33 -17.20
C VAL G 456 32.32 0.16 -18.34
N GLY G 457 32.22 -0.95 -19.07
CA GLY G 457 33.10 -1.22 -20.19
C GLY G 457 32.82 -0.39 -21.41
N SER G 458 31.70 0.33 -21.43
CA SER G 458 31.42 1.32 -22.47
C SER G 458 32.02 2.67 -22.15
N LEU G 459 31.86 3.13 -20.91
CA LEU G 459 32.47 4.39 -20.49
C LEU G 459 33.99 4.29 -20.52
N GLY G 460 34.54 3.16 -20.04
CA GLY G 460 35.98 2.99 -20.04
C GLY G 460 36.59 2.91 -21.42
N ASN G 461 35.79 2.52 -22.42
CA ASN G 461 36.25 2.53 -23.80
C ASN G 461 36.05 3.88 -24.47
N LEU G 462 34.97 4.59 -24.13
CA LEU G 462 34.79 5.94 -24.65
C LEU G 462 35.92 6.86 -24.19
N GLN G 463 36.27 6.79 -22.91
CA GLN G 463 37.37 7.62 -22.41
C GLN G 463 38.68 7.26 -23.10
N ALA G 464 38.95 5.96 -23.28
CA ALA G 464 40.17 5.55 -23.94
C ALA G 464 40.22 6.06 -25.38
N ALA G 465 39.10 5.96 -26.09
CA ALA G 465 39.06 6.45 -27.47
C ALA G 465 39.29 7.95 -27.53
N TYR G 466 38.65 8.71 -26.64
CA TYR G 466 38.83 10.15 -26.64
C TYR G 466 40.28 10.52 -26.36
N GLN G 467 40.89 9.86 -25.36
CA GLN G 467 42.28 10.16 -25.03
C GLN G 467 43.22 9.76 -26.15
N SER G 468 42.97 8.63 -26.82
CA SER G 468 43.79 8.25 -27.96
C SER G 468 43.67 9.26 -29.08
N ALA G 469 42.46 9.75 -29.34
CA ALA G 469 42.29 10.77 -30.37
C ALA G 469 43.05 12.04 -30.02
N LEU G 470 43.00 12.45 -28.75
CA LEU G 470 43.71 13.67 -28.35
C LEU G 470 45.22 13.48 -28.36
N ALA G 471 45.69 12.25 -28.12
CA ALA G 471 47.13 12.02 -27.99
C ALA G 471 47.86 12.28 -29.30
N ALA G 472 47.22 12.04 -30.44
CA ALA G 472 47.87 12.20 -31.74
C ALA G 472 47.88 13.64 -32.22
N GLY G 473 47.27 14.56 -31.48
CA GLY G 473 47.21 15.95 -31.91
C GLY G 473 46.12 16.23 -32.91
N ASN G 474 45.07 15.40 -32.97
CA ASN G 474 43.98 15.54 -33.92
C ASN G 474 42.74 15.92 -33.12
N GLN G 475 42.51 17.22 -32.99
CA GLN G 475 41.35 17.71 -32.24
C GLN G 475 40.08 17.71 -33.07
N VAL G 476 40.21 17.79 -34.40
CA VAL G 476 39.02 17.82 -35.25
C VAL G 476 38.21 16.55 -35.08
N GLN G 477 38.84 15.39 -35.20
CA GLN G 477 38.14 14.12 -35.04
C GLN G 477 37.89 13.76 -33.59
N ALA G 478 38.54 14.43 -32.64
CA ALA G 478 38.17 14.25 -31.24
C ALA G 478 36.88 15.00 -30.91
N ASN G 479 36.71 16.20 -31.47
CA ASN G 479 35.45 16.92 -31.30
C ASN G 479 34.34 16.24 -32.10
N GLN G 480 34.66 15.72 -33.28
CA GLN G 480 33.66 15.02 -34.08
C GLN G 480 33.07 13.83 -33.32
N LEU G 481 33.85 13.21 -32.43
CA LEU G 481 33.35 12.07 -31.67
C LEU G 481 32.31 12.50 -30.65
N LEU G 482 32.49 13.67 -30.04
CA LEU G 482 31.58 14.12 -28.98
C LEU G 482 30.28 14.67 -29.53
N SER G 483 30.05 14.63 -30.84
CA SER G 483 28.85 15.19 -31.45
C SER G 483 27.71 14.19 -31.53
N GLY G 484 27.87 12.97 -31.01
CA GLY G 484 26.83 11.98 -31.07
C GLY G 484 26.50 11.36 -29.72
N LEU G 485 27.31 11.67 -28.70
CA LEU G 485 27.09 11.09 -27.39
C LEU G 485 26.03 11.89 -26.62
N PRO G 486 25.36 11.26 -25.65
CA PRO G 486 24.37 11.99 -24.85
C PRO G 486 25.04 13.04 -23.97
N ASP G 487 24.25 14.05 -23.60
CA ASP G 487 24.79 15.21 -22.89
C ASP G 487 25.55 14.86 -21.62
N PRO G 488 25.01 14.07 -20.68
CA PRO G 488 25.77 13.76 -19.46
C PRO G 488 27.10 13.07 -19.73
N VAL G 489 27.16 12.18 -20.72
CA VAL G 489 28.43 11.51 -21.02
C VAL G 489 29.44 12.52 -21.56
N VAL G 490 29.00 13.42 -22.44
CA VAL G 490 29.89 14.46 -22.94
C VAL G 490 30.40 15.33 -21.80
N TYR G 491 29.52 15.68 -20.87
CA TYR G 491 29.92 16.49 -19.73
C TYR G 491 30.95 15.77 -18.87
N GLY G 492 30.75 14.46 -18.64
CA GLY G 492 31.66 13.73 -17.77
C GLY G 492 33.06 13.59 -18.35
N ILE G 493 33.15 13.30 -19.64
CA ILE G 493 34.45 13.00 -20.25
C ILE G 493 35.36 14.22 -20.20
N ARG G 494 34.84 15.39 -20.58
CA ARG G 494 35.68 16.58 -20.63
C ARG G 494 36.16 17.05 -19.26
N GLN G 495 35.50 16.60 -18.19
CA GLN G 495 35.93 16.93 -16.84
C GLN G 495 36.88 15.83 -16.37
N ASN G 496 38.18 16.04 -16.57
CA ASN G 496 39.18 15.04 -16.25
C ASN G 496 38.98 14.52 -14.84
N VAL G 497 38.71 13.21 -14.74
CA VAL G 497 38.45 12.57 -13.46
C VAL G 497 38.90 11.11 -13.57
N ASP G 498 39.30 10.55 -12.42
CA ASP G 498 39.73 9.16 -12.40
C ASP G 498 38.63 8.26 -12.94
N ALA G 499 39.03 7.24 -13.71
CA ALA G 499 38.07 6.36 -14.36
C ALA G 499 37.14 5.70 -13.36
N ARG G 500 37.56 5.54 -12.11
CA ARG G 500 36.73 4.86 -11.12
C ARG G 500 35.52 5.68 -10.72
N ASP G 501 35.48 6.98 -11.05
CA ASP G 501 34.40 7.86 -10.65
C ASP G 501 33.59 8.40 -11.83
N LEU G 502 33.91 7.98 -13.05
CA LEU G 502 33.18 8.48 -14.22
C LEU G 502 31.71 8.07 -14.18
N ALA G 503 31.42 6.82 -13.80
CA ALA G 503 30.03 6.38 -13.73
C ALA G 503 29.25 7.18 -12.70
N ASP G 504 29.84 7.42 -11.52
CA ASP G 504 29.16 8.21 -10.51
C ASP G 504 28.93 9.64 -10.98
N VAL G 505 29.93 10.25 -11.64
CA VAL G 505 29.76 11.60 -12.13
C VAL G 505 28.63 11.67 -13.15
N VAL G 506 28.60 10.71 -14.07
CA VAL G 506 27.55 10.69 -15.10
C VAL G 506 26.18 10.50 -14.45
N GLY G 507 26.08 9.59 -13.49
CA GLY G 507 24.82 9.36 -12.83
C GLY G 507 24.31 10.59 -12.10
N LYS G 508 25.20 11.27 -11.38
CA LYS G 508 24.80 12.50 -10.70
C LYS G 508 24.38 13.58 -11.69
N ARG G 509 25.14 13.75 -12.78
CA ARG G 509 24.81 14.80 -13.75
C ARG G 509 23.48 14.53 -14.42
N ALA G 510 23.18 13.26 -14.73
CA ALA G 510 21.92 12.96 -15.41
C ALA G 510 20.71 13.40 -14.60
N GLN G 511 20.67 13.05 -13.31
CA GLN G 511 19.55 13.40 -12.46
C GLN G 511 19.63 14.84 -11.95
N ASP G 512 20.78 15.51 -12.10
CA ASP G 512 20.80 16.95 -11.91
C ASP G 512 20.15 17.66 -13.09
N ILE G 513 20.41 17.19 -14.31
CA ILE G 513 19.74 17.75 -15.48
C ILE G 513 18.25 17.47 -15.41
N ALA G 514 17.86 16.26 -15.01
CA ALA G 514 16.46 15.90 -14.96
C ALA G 514 15.68 16.82 -14.02
N SER G 515 16.35 17.42 -13.05
CA SER G 515 15.69 18.27 -12.05
C SER G 515 15.61 19.73 -12.47
N GLY G 516 16.05 20.07 -13.68
CA GLY G 516 15.97 21.45 -14.14
C GLY G 516 16.89 22.41 -13.42
N LYS G 517 18.11 21.98 -13.09
CA LYS G 517 19.08 22.84 -12.42
C LYS G 517 19.95 23.62 -13.40
N VAL G 518 19.71 23.51 -14.71
CA VAL G 518 20.52 24.15 -15.73
C VAL G 518 19.71 25.27 -16.36
N LEU G 519 20.33 26.44 -16.49
CA LEU G 519 19.66 27.59 -17.07
C LEU G 519 19.57 27.46 -18.59
N ALA G 520 18.47 27.96 -19.15
CA ALA G 520 18.27 27.91 -20.59
C ALA G 520 19.20 28.90 -21.29
N LEU G 521 19.60 28.54 -22.51
CA LEU G 521 20.49 29.39 -23.28
C LEU G 521 19.71 30.52 -23.95
N PRO G 522 20.38 31.63 -24.26
CA PRO G 522 19.68 32.75 -24.92
C PRO G 522 19.29 32.41 -26.35
N ALA G 523 18.53 33.32 -26.95
CA ALA G 523 18.12 33.15 -28.34
C ALA G 523 19.26 33.48 -29.31
N ASN G 524 20.27 34.22 -28.87
CA ASN G 524 21.44 34.55 -29.68
C ASN G 524 22.66 33.86 -29.08
N MET G 525 23.50 33.31 -29.94
CA MET G 525 24.64 32.54 -29.47
C MET G 525 25.57 33.44 -28.65
N PRO G 526 26.11 32.96 -27.53
CA PRO G 526 27.03 33.78 -26.75
C PRO G 526 28.27 34.16 -27.55
N ALA G 527 28.81 35.34 -27.24
CA ALA G 527 30.01 35.80 -27.94
C ALA G 527 31.18 34.88 -27.68
N ASP G 528 31.23 34.25 -26.51
CA ASP G 528 32.35 33.39 -26.14
C ASP G 528 32.39 32.10 -26.94
N VAL G 529 31.35 31.78 -27.71
CA VAL G 529 31.35 30.57 -28.52
C VAL G 529 32.02 30.78 -29.88
N SER G 530 32.22 32.02 -30.31
CA SER G 530 32.84 32.28 -31.60
C SER G 530 34.31 31.87 -31.59
N ILE G 531 34.89 31.82 -32.79
CA ILE G 531 36.26 31.39 -32.99
C ILE G 531 37.09 32.60 -33.40
N THR G 532 38.28 32.74 -32.80
CA THR G 532 39.16 33.86 -33.07
C THR G 532 40.58 33.34 -33.25
N GLN G 533 41.50 34.26 -33.54
CA GLN G 533 42.88 33.88 -33.80
C GLN G 533 43.51 33.17 -32.60
N ALA G 534 43.15 33.58 -31.38
CA ALA G 534 43.69 32.92 -30.20
C ALA G 534 43.33 31.44 -30.17
N ASP G 535 42.13 31.09 -30.64
CA ASP G 535 41.75 29.69 -30.74
C ASP G 535 42.49 28.96 -31.85
N VAL G 536 42.80 29.64 -32.95
CA VAL G 536 43.60 29.02 -34.00
C VAL G 536 45.00 28.71 -33.47
N THR G 537 45.59 29.63 -32.73
CA THR G 537 46.90 29.38 -32.13
C THR G 537 46.83 28.23 -31.13
N ALA G 538 45.67 28.04 -30.49
CA ALA G 538 45.53 27.01 -29.47
C ALA G 538 45.57 25.59 -30.03
N GLY G 539 45.48 25.42 -31.34
CA GLY G 539 45.56 24.11 -31.95
C GLY G 539 44.30 23.61 -32.63
N ILE G 540 43.22 24.40 -32.63
CA ILE G 540 42.03 23.98 -33.36
C ILE G 540 42.34 24.01 -34.86
N PHE G 541 41.58 23.22 -35.62
CA PHE G 541 41.76 22.98 -37.04
C PHE G 541 42.93 22.05 -37.32
N ASP G 542 43.58 21.50 -36.29
CA ASP G 542 44.65 20.54 -36.49
C ASP G 542 44.04 19.17 -36.78
N LEU G 543 44.33 18.62 -37.96
CA LEU G 543 43.75 17.37 -38.40
C LEU G 543 44.67 16.18 -38.17
N GLY G 544 45.83 16.39 -37.57
CA GLY G 544 46.73 15.28 -37.27
C GLY G 544 47.56 14.86 -38.45
N LEU G 545 47.95 13.59 -38.45
CA LEU G 545 48.80 13.05 -39.51
C LEU G 545 48.06 13.00 -40.83
N GLY G 546 48.82 12.99 -41.92
CA GLY G 546 48.24 12.94 -43.25
C GLY G 546 49.29 12.84 -44.34
N LYS G 547 48.84 12.62 -45.58
CA LYS G 547 49.78 12.49 -46.69
C LYS G 547 50.19 13.86 -47.23
N ASP G 548 49.23 14.63 -47.71
CA ASP G 548 49.52 15.93 -48.30
C ASP G 548 49.49 17.03 -47.24
N ALA G 549 50.24 18.10 -47.50
CA ALA G 549 50.20 19.26 -46.62
C ALA G 549 48.82 19.89 -46.61
N ARG G 550 48.14 19.92 -47.76
CA ARG G 550 46.80 20.49 -47.85
C ARG G 550 45.76 19.65 -47.11
N ASN G 551 46.10 18.43 -46.70
CA ASN G 551 45.11 17.50 -46.15
C ASN G 551 45.38 17.23 -44.67
N ARG G 552 46.05 18.14 -43.97
CA ARG G 552 46.13 18.07 -42.51
C ARG G 552 45.76 19.39 -41.85
N ASN G 553 45.24 20.35 -42.60
CA ASN G 553 44.60 21.54 -42.06
C ASN G 553 43.20 21.64 -42.65
N MET G 554 42.20 21.79 -41.78
CA MET G 554 40.82 21.74 -42.24
C MET G 554 40.49 22.89 -43.18
N LEU G 555 41.27 23.98 -43.12
CA LEU G 555 41.03 25.12 -44.01
C LEU G 555 41.61 24.89 -45.40
N GLY G 556 42.51 23.92 -45.57
CA GLY G 556 43.01 23.57 -46.88
C GLY G 556 44.16 24.41 -47.39
N ILE G 557 44.81 25.19 -46.53
CA ILE G 557 45.96 25.98 -46.94
C ILE G 557 47.19 25.10 -47.01
N GLN G 558 48.04 25.34 -48.01
CA GLN G 558 49.21 24.48 -48.25
C GLN G 558 50.45 24.97 -47.52
N SER G 559 50.87 26.21 -47.79
CA SER G 559 52.11 26.73 -47.21
C SER G 559 52.06 26.67 -45.69
N TRP G 560 53.06 26.01 -45.10
CA TRP G 560 53.16 25.87 -43.65
C TRP G 560 54.47 26.36 -43.07
N VAL G 561 55.39 26.84 -43.90
CA VAL G 561 56.68 27.35 -43.44
C VAL G 561 56.88 28.81 -43.85
N PHE G 562 56.68 29.12 -45.13
CA PHE G 562 56.73 30.48 -45.64
C PHE G 562 55.39 30.80 -46.30
N THR G 563 54.73 31.85 -45.81
CA THR G 563 53.38 32.19 -46.24
C THR G 563 53.33 33.64 -46.69
N SER G 564 52.62 33.89 -47.78
CA SER G 564 52.40 35.25 -48.26
C SER G 564 51.06 35.79 -47.75
N ASP G 565 50.84 37.08 -48.01
CA ASP G 565 49.59 37.72 -47.58
C ASP G 565 48.38 37.11 -48.26
N ALA G 566 48.54 36.54 -49.46
CA ALA G 566 47.42 35.92 -50.14
C ALA G 566 46.83 34.78 -49.31
N ASP G 567 47.69 33.97 -48.68
CA ASP G 567 47.22 32.93 -47.78
C ASP G 567 46.54 33.52 -46.55
N GLU G 568 47.05 34.64 -46.04
CA GLU G 568 46.43 35.29 -44.89
C GLU G 568 45.01 35.73 -45.21
N LYS G 569 44.80 36.32 -46.39
CA LYS G 569 43.46 36.76 -46.77
C LYS G 569 42.51 35.57 -46.86
N ALA G 570 42.96 34.47 -47.47
CA ALA G 570 42.11 33.28 -47.57
C ALA G 570 41.76 32.72 -46.20
N ALA G 571 42.74 32.66 -45.30
CA ALA G 571 42.48 32.18 -43.95
C ALA G 571 41.48 33.07 -43.24
N GLN G 572 41.64 34.39 -43.39
CA GLN G 572 40.71 35.33 -42.76
C GLN G 572 39.30 35.14 -43.27
N ALA G 573 39.14 34.97 -44.58
CA ALA G 573 37.81 34.73 -45.15
C ALA G 573 37.22 33.42 -44.65
N ARG G 574 38.05 32.37 -44.60
CA ARG G 574 37.54 31.05 -44.23
C ARG G 574 37.14 30.97 -42.77
N VAL G 575 37.84 31.71 -41.90
CA VAL G 575 37.43 31.76 -40.50
C VAL G 575 36.02 32.35 -40.37
N SER G 576 35.76 33.44 -41.09
CA SER G 576 34.42 34.03 -41.07
C SER G 576 33.40 33.07 -41.66
N GLN G 577 33.78 32.34 -42.71
CA GLN G 577 32.86 31.35 -43.28
C GLN G 577 32.47 30.31 -42.25
N VAL G 578 33.46 29.78 -41.52
CA VAL G 578 33.16 28.78 -40.49
C VAL G 578 32.31 29.37 -39.39
N ASN G 579 32.59 30.63 -39.00
CA ASN G 579 31.79 31.28 -37.97
C ASN G 579 30.33 31.41 -38.41
N SER G 580 30.10 31.80 -39.67
CA SER G 580 28.74 31.92 -40.18
C SER G 580 28.04 30.56 -40.17
N ALA G 581 28.76 29.50 -40.60
CA ALA G 581 28.17 28.17 -40.58
C ALA G 581 27.76 27.76 -39.17
N MET G 582 28.65 28.01 -38.20
CA MET G 582 28.33 27.67 -36.81
C MET G 582 27.14 28.46 -36.30
N ASN G 583 27.06 29.75 -36.64
CA ASN G 583 25.93 30.56 -36.21
C ASN G 583 24.61 30.02 -36.78
N ASN G 584 24.61 29.67 -38.07
CA ASN G 584 23.40 29.11 -38.66
C ASN G 584 23.01 27.80 -37.98
N GLU G 585 23.99 26.93 -37.72
CA GLU G 585 23.70 25.67 -37.06
C GLU G 585 23.11 25.90 -35.67
N TYR G 586 23.69 26.82 -34.91
CA TYR G 586 23.19 27.11 -33.57
C TYR G 586 21.77 27.65 -33.62
N VAL G 587 21.49 28.56 -34.55
CA VAL G 587 20.14 29.11 -34.65
C VAL G 587 19.15 28.02 -34.99
N TYR G 588 19.48 27.16 -35.95
CA TYR G 588 18.55 26.10 -36.34
C TYR G 588 18.29 25.16 -35.17
N ASN G 589 19.35 24.77 -34.45
CA ASN G 589 19.16 23.90 -33.30
C ASN G 589 18.31 24.56 -32.22
N GLN G 590 18.55 25.85 -31.95
CA GLN G 590 17.81 26.53 -30.89
C GLN G 590 16.33 26.63 -31.23
N GLN G 591 16.01 26.94 -32.49
CA GLN G 591 14.60 27.11 -32.85
C GLN G 591 13.81 25.83 -32.65
N ARG G 592 14.39 24.67 -33.00
CA ARG G 592 13.70 23.40 -32.81
C ARG G 592 13.64 22.98 -31.33
N GLY G 593 14.33 23.68 -30.44
CA GLY G 593 14.36 23.30 -29.04
C GLY G 593 15.07 21.99 -28.79
N SER G 594 16.24 21.79 -29.40
CA SER G 594 17.00 20.56 -29.25
C SER G 594 18.43 20.80 -28.80
N LEU G 595 18.73 21.97 -28.23
CA LEU G 595 20.09 22.27 -27.80
C LEU G 595 20.47 21.39 -26.61
N PRO G 596 21.75 21.00 -26.51
CA PRO G 596 22.17 20.20 -25.36
C PRO G 596 22.37 21.04 -24.12
N ALA G 597 22.50 20.36 -22.98
CA ALA G 597 22.73 21.02 -21.69
C ALA G 597 24.22 21.25 -21.47
N LEU G 598 24.78 22.19 -22.24
CA LEU G 598 26.19 22.54 -22.17
C LEU G 598 26.33 24.05 -22.27
N VAL G 599 27.52 24.53 -21.90
CA VAL G 599 27.81 25.96 -21.91
C VAL G 599 29.28 26.19 -22.19
N GLY G 600 29.57 27.30 -22.87
CA GLY G 600 30.95 27.70 -23.08
C GLY G 600 31.70 26.74 -23.98
N ASP G 601 32.84 26.27 -23.48
CA ASP G 601 33.75 25.48 -24.30
C ASP G 601 33.10 24.18 -24.77
N ASP G 602 32.30 23.53 -23.91
CA ASP G 602 31.64 22.30 -24.32
C ASP G 602 30.70 22.55 -25.49
N LEU G 603 29.92 23.64 -25.43
CA LEU G 603 29.03 23.97 -26.55
C LEU G 603 29.83 24.31 -27.80
N LYS G 604 30.94 25.03 -27.64
CA LYS G 604 31.78 25.34 -28.81
C LYS G 604 32.29 24.06 -29.46
N SER G 605 32.75 23.11 -28.66
CA SER G 605 33.24 21.84 -29.20
C SER G 605 32.12 21.07 -29.88
N TRP G 606 30.93 21.06 -29.27
CA TRP G 606 29.79 20.38 -29.89
C TRP G 606 29.48 20.96 -31.26
N LEU G 607 29.40 22.29 -31.35
CA LEU G 607 29.10 22.93 -32.62
C LEU G 607 30.21 22.68 -33.65
N MET G 608 31.47 22.78 -33.22
CA MET G 608 32.58 22.54 -34.15
C MET G 608 32.57 21.12 -34.67
N GLY G 609 32.28 20.13 -33.81
CA GLY G 609 32.15 18.77 -34.26
C GLY G 609 30.98 18.55 -35.20
N LYS G 610 29.85 19.22 -34.96
CA LYS G 610 28.73 19.15 -35.89
C LYS G 610 29.11 19.69 -37.25
N VAL G 611 29.80 20.84 -37.29
CA VAL G 611 30.16 21.46 -38.56
C VAL G 611 31.27 20.68 -39.25
N ALA G 612 32.20 20.10 -38.48
CA ALA G 612 33.38 19.50 -39.07
C ALA G 612 33.05 18.35 -40.01
N SER G 613 31.90 17.68 -39.79
CA SER G 613 31.60 16.49 -40.58
C SER G 613 31.18 16.83 -42.00
N ARG G 614 30.71 18.05 -42.24
CA ARG G 614 30.15 18.44 -43.53
C ARG G 614 31.09 19.30 -44.37
N THR G 615 32.40 19.27 -44.10
CA THR G 615 33.36 20.10 -44.82
C THR G 615 34.07 19.27 -45.88
N VAL G 616 34.18 19.84 -47.08
CA VAL G 616 34.86 19.21 -48.20
C VAL G 616 35.79 20.23 -48.84
N ARG G 617 37.01 19.80 -49.15
CA ARG G 617 38.03 20.67 -49.72
C ARG G 617 38.21 20.35 -51.20
N VAL G 618 37.43 21.05 -52.03
CA VAL G 618 37.58 20.91 -53.48
C VAL G 618 39.01 21.29 -53.87
N LYS G 619 39.51 20.65 -54.92
CA LYS G 619 40.94 20.74 -55.24
C LYS G 619 41.24 21.84 -56.27
N ASP G 620 40.67 21.72 -57.46
CA ASP G 620 41.14 22.46 -58.62
C ASP G 620 40.60 23.89 -58.64
N GLY G 621 41.26 24.72 -59.45
CA GLY G 621 40.83 26.07 -59.73
C GLY G 621 41.93 27.09 -59.53
N THR G 622 42.71 26.92 -58.46
CA THR G 622 43.84 27.79 -58.12
C THR G 622 44.64 27.07 -57.03
N ASP G 623 45.62 27.78 -56.48
CA ASP G 623 46.30 27.28 -55.28
C ASP G 623 45.37 27.37 -54.09
N ASN G 624 45.56 26.44 -53.14
CA ASN G 624 44.73 26.33 -51.94
C ASN G 624 43.33 25.82 -52.27
N GLY G 625 43.06 25.59 -53.55
CA GLY G 625 41.76 25.05 -53.94
C GLY G 625 40.61 25.92 -53.47
N ALA G 626 39.58 25.27 -52.93
CA ALA G 626 38.41 25.94 -52.41
C ALA G 626 37.82 25.12 -51.27
N LEU G 627 37.01 25.77 -50.45
CA LEU G 627 36.40 25.15 -49.28
C LEU G 627 34.89 25.30 -49.37
N LEU G 628 34.17 24.19 -49.14
CA LEU G 628 32.73 24.16 -49.20
C LEU G 628 32.18 23.38 -48.02
N VAL G 629 30.95 23.69 -47.63
CA VAL G 629 30.24 22.98 -46.57
C VAL G 629 28.95 22.44 -47.17
N LEU G 630 28.84 21.11 -47.23
CA LEU G 630 27.69 20.49 -47.85
C LEU G 630 26.45 20.70 -46.98
N PRO G 631 25.27 20.84 -47.59
CA PRO G 631 24.05 20.98 -46.80
C PRO G 631 23.58 19.66 -46.23
N GLU G 632 22.71 19.74 -45.23
CA GLU G 632 22.13 18.55 -44.64
C GLU G 632 21.03 17.99 -45.54
N VAL G 633 21.01 16.66 -45.65
CA VAL G 633 20.05 15.97 -46.51
C VAL G 633 19.47 14.79 -45.73
N GLY G 634 18.28 14.38 -46.12
CA GLY G 634 17.65 13.22 -45.53
C GLY G 634 18.55 12.01 -45.58
N ASP G 635 18.85 11.54 -46.79
CA ASP G 635 19.80 10.45 -46.99
C ASP G 635 20.68 10.79 -48.18
N LYS G 636 22.00 10.62 -48.00
CA LYS G 636 22.95 11.06 -49.01
C LYS G 636 22.84 10.22 -50.29
N GLN G 637 22.44 8.96 -50.17
CA GLN G 637 22.46 8.06 -51.31
C GLN G 637 21.46 8.45 -52.39
N LYS G 638 20.44 9.24 -52.05
CA LYS G 638 19.46 9.65 -53.05
C LYS G 638 19.89 10.89 -53.82
N VAL G 639 20.60 11.81 -53.17
CA VAL G 639 20.99 13.07 -53.81
C VAL G 639 22.40 12.96 -54.36
N PHE G 640 23.37 12.71 -53.49
CA PHE G 640 24.76 12.66 -53.92
C PHE G 640 25.14 11.32 -54.55
N GLY G 641 24.42 10.26 -54.25
CA GLY G 641 24.68 8.95 -54.81
C GLY G 641 25.72 8.13 -54.08
N SER G 642 26.35 8.69 -53.05
CA SER G 642 27.33 7.95 -52.27
C SER G 642 27.47 8.61 -50.91
N THR G 643 27.89 7.80 -49.93
CA THR G 643 28.05 8.29 -48.56
C THR G 643 29.47 8.69 -48.22
N ASP G 644 30.41 8.62 -49.17
CA ASP G 644 31.81 8.93 -48.92
C ASP G 644 32.13 10.28 -49.53
N ASN G 645 32.81 11.13 -48.77
CA ASN G 645 33.12 12.48 -49.23
C ASN G 645 34.24 12.50 -50.26
N GLY G 646 35.11 11.48 -50.26
CA GLY G 646 36.24 11.47 -51.18
C GLY G 646 35.85 11.39 -52.64
N ILE G 647 34.63 10.94 -52.94
CA ILE G 647 34.16 10.91 -54.32
C ILE G 647 33.46 12.22 -54.68
N ILE G 648 32.70 12.79 -53.76
CA ILE G 648 32.04 14.06 -54.02
C ILE G 648 33.08 15.16 -54.21
N GLU G 649 34.18 15.09 -53.46
CA GLU G 649 35.24 16.09 -53.61
C GLU G 649 35.79 16.09 -55.03
N SER G 650 36.01 14.90 -55.61
CA SER G 650 36.50 14.82 -56.97
C SER G 650 35.42 15.21 -57.98
N ALA G 651 34.16 14.87 -57.69
CA ALA G 651 33.10 15.13 -58.64
C ALA G 651 32.75 16.62 -58.74
N LEU G 652 32.90 17.37 -57.66
CA LEU G 652 32.52 18.78 -57.67
C LEU G 652 33.53 19.66 -58.41
N THR G 653 34.65 19.09 -58.85
CA THR G 653 35.73 19.91 -59.39
C THR G 653 35.30 20.69 -60.62
N GLU G 654 34.65 20.02 -61.57
CA GLU G 654 34.27 20.69 -62.82
C GLU G 654 33.29 21.83 -62.56
N SER G 655 32.28 21.57 -61.73
CA SER G 655 31.28 22.60 -61.43
C SER G 655 31.93 23.79 -60.73
N VAL G 656 32.79 23.53 -59.76
CA VAL G 656 33.44 24.63 -59.05
C VAL G 656 34.33 25.43 -60.00
N THR G 657 35.10 24.75 -60.85
CA THR G 657 35.97 25.45 -61.78
C THR G 657 35.16 26.31 -62.74
N ASN G 658 34.06 25.78 -63.27
CA ASN G 658 33.23 26.57 -64.17
C ASN G 658 32.64 27.78 -63.46
N PHE G 659 32.14 27.59 -62.24
CA PHE G 659 31.55 28.69 -61.50
C PHE G 659 32.57 29.80 -61.25
N LYS G 660 33.79 29.41 -60.86
CA LYS G 660 34.83 30.42 -60.66
C LYS G 660 35.27 31.06 -61.96
N LYS G 661 35.24 30.33 -63.07
CA LYS G 661 35.61 30.92 -64.36
C LYS G 661 34.59 31.97 -64.78
N GLN G 662 33.30 31.70 -64.56
CA GLN G 662 32.28 32.65 -64.98
C GLN G 662 32.33 33.95 -64.18
N TYR G 663 32.66 33.87 -62.89
CA TYR G 663 32.63 35.02 -61.99
C TYR G 663 33.97 35.15 -61.27
N PRO G 664 34.97 35.73 -61.93
CA PRO G 664 36.28 35.91 -61.27
C PRO G 664 36.22 36.74 -60.01
N GLN G 665 35.30 37.71 -59.92
CA GLN G 665 35.26 38.60 -58.77
C GLN G 665 34.80 37.90 -57.50
N ALA G 666 34.17 36.73 -57.62
CA ALA G 666 33.67 36.00 -56.45
C ALA G 666 34.86 35.42 -55.68
N THR G 667 34.87 35.65 -54.35
CA THR G 667 35.96 35.14 -53.53
C THR G 667 35.60 33.81 -52.87
N THR G 668 34.35 33.66 -52.44
CA THR G 668 33.90 32.46 -51.74
C THR G 668 32.63 31.95 -52.40
N VAL G 669 32.35 30.66 -52.19
CA VAL G 669 31.22 29.97 -52.78
C VAL G 669 30.42 29.30 -51.68
N GLN G 670 29.10 29.30 -51.82
CA GLN G 670 28.19 28.63 -50.90
C GLN G 670 27.31 27.68 -51.70
N MET G 671 26.93 26.56 -51.06
CA MET G 671 26.15 25.52 -51.70
C MET G 671 24.88 25.27 -50.91
N ASP G 672 23.78 25.03 -51.63
CA ASP G 672 22.49 24.80 -51.01
C ASP G 672 21.68 23.83 -51.87
N TYR G 673 20.70 23.19 -51.24
CA TYR G 673 19.88 22.17 -51.89
C TYR G 673 18.42 22.59 -51.84
N ASP G 674 17.73 22.46 -52.99
CA ASP G 674 16.32 22.79 -53.10
C ASP G 674 15.53 21.50 -53.31
N PRO G 675 14.88 20.96 -52.27
CA PRO G 675 14.23 19.65 -52.44
C PRO G 675 13.06 19.68 -53.40
N LEU G 676 12.34 20.79 -53.53
CA LEU G 676 11.11 20.79 -54.29
C LEU G 676 11.34 20.43 -55.75
N THR G 677 12.38 21.00 -56.37
CA THR G 677 12.70 20.71 -57.77
C THR G 677 13.92 19.80 -57.91
N GLN G 678 14.43 19.22 -56.82
CA GLN G 678 15.60 18.35 -56.88
C GLN G 678 16.76 19.07 -57.56
N GLU G 679 17.19 20.18 -56.96
CA GLU G 679 18.15 21.08 -57.56
C GLU G 679 19.25 21.44 -56.58
N LEU G 680 20.45 21.65 -57.10
CA LEU G 680 21.59 22.12 -56.32
C LEU G 680 21.94 23.54 -56.78
N ILE G 681 22.19 24.43 -55.82
CA ILE G 681 22.35 25.84 -56.10
C ILE G 681 23.68 26.32 -55.53
N PHE G 682 24.40 27.11 -56.34
CA PHE G 682 25.63 27.76 -55.92
C PHE G 682 25.41 29.27 -55.92
N GLN G 683 26.02 29.95 -54.95
CA GLN G 683 25.88 31.40 -54.81
C GLN G 683 27.12 31.97 -54.16
N GLY G 684 27.52 33.16 -54.62
CA GLY G 684 28.61 33.87 -53.98
C GLY G 684 28.14 34.56 -52.71
N VAL G 685 29.06 34.69 -51.76
CA VAL G 685 28.74 35.22 -50.43
C VAL G 685 29.72 36.34 -50.10
N ASN G 686 29.25 37.27 -49.27
CA ASN G 686 30.04 38.37 -48.75
C ASN G 686 30.15 38.23 -47.23
N ALA G 687 31.02 39.06 -46.64
CA ALA G 687 31.19 39.06 -45.20
C ALA G 687 29.93 39.60 -44.53
N GLU G 688 29.82 39.44 -43.21
CA GLU G 688 28.66 39.89 -42.45
C GLU G 688 27.40 39.10 -42.78
N ASN G 689 27.56 37.88 -43.31
CA ASN G 689 26.46 36.99 -43.64
C ASN G 689 25.58 37.54 -44.77
N GLN G 690 26.10 38.49 -45.55
CA GLN G 690 25.36 39.02 -46.68
C GLN G 690 25.66 38.21 -47.93
N LEU G 691 24.71 38.23 -48.87
CA LEU G 691 24.76 37.41 -50.07
C LEU G 691 24.91 38.29 -51.31
N GLY G 692 25.56 37.74 -52.34
CA GLY G 692 25.77 38.44 -53.58
C GLY G 692 24.66 38.20 -54.59
N THR G 693 24.93 38.60 -55.84
CA THR G 693 23.97 38.48 -56.91
C THR G 693 24.23 37.30 -57.83
N THR G 694 25.44 36.74 -57.81
CA THR G 694 25.74 35.60 -58.68
C THR G 694 25.04 34.35 -58.18
N ARG G 695 24.60 33.52 -59.14
CA ARG G 695 23.92 32.28 -58.79
C ARG G 695 24.05 31.30 -59.95
N ALA G 696 23.93 30.01 -59.62
CA ALA G 696 23.99 28.94 -60.62
C ALA G 696 23.13 27.79 -60.14
N SER G 697 22.74 26.93 -61.09
CA SER G 697 21.84 25.83 -60.81
C SER G 697 22.31 24.59 -61.56
N ILE G 698 22.21 23.43 -60.89
CA ILE G 698 22.64 22.16 -61.47
C ILE G 698 21.68 21.06 -61.03
N PRO G 699 21.13 20.26 -61.95
CA PRO G 699 20.27 19.16 -61.54
C PRO G 699 21.06 18.08 -60.82
N ALA G 700 20.35 17.29 -60.00
CA ALA G 700 21.01 16.22 -59.24
C ALA G 700 21.28 15.00 -60.10
N ALA G 701 20.49 14.77 -61.14
CA ALA G 701 20.61 13.54 -61.92
C ALA G 701 21.99 13.44 -62.57
N ASP G 702 22.42 14.49 -63.25
CA ASP G 702 23.73 14.47 -63.89
C ASP G 702 24.86 14.43 -62.88
N PHE G 703 24.69 15.04 -61.70
CA PHE G 703 25.72 14.93 -60.66
C PHE G 703 25.87 13.48 -60.21
N ARG G 704 24.74 12.79 -59.99
CA ARG G 704 24.81 11.38 -59.61
C ARG G 704 25.43 10.55 -60.73
N ASN G 705 25.10 10.87 -61.98
CA ASN G 705 25.68 10.14 -63.10
C ASN G 705 27.20 10.33 -63.14
N THR G 706 27.67 11.56 -62.90
CA THR G 706 29.11 11.80 -62.87
C THR G 706 29.77 11.07 -61.73
N VAL G 707 29.13 11.05 -60.55
CA VAL G 707 29.69 10.34 -59.41
C VAL G 707 29.83 8.86 -59.74
N ARG G 708 28.78 8.27 -60.32
CA ARG G 708 28.84 6.86 -60.69
C ARG G 708 29.90 6.60 -61.75
N GLY G 709 30.05 7.51 -62.71
CA GLY G 709 31.09 7.35 -63.71
C GLY G 709 32.48 7.38 -63.10
N VAL G 710 32.72 8.26 -62.14
CA VAL G 710 34.01 8.30 -61.46
C VAL G 710 34.24 7.01 -60.67
N GLN G 711 33.20 6.53 -59.98
CA GLN G 711 33.34 5.31 -59.22
C GLN G 711 33.65 4.11 -60.12
N ASN G 712 33.00 4.05 -61.28
CA ASN G 712 33.26 2.96 -62.22
C ASN G 712 34.71 2.97 -62.69
N THR G 713 35.24 4.15 -63.01
CA THR G 713 36.64 4.24 -63.40
C THR G 713 37.55 3.81 -62.26
N LEU G 714 37.22 4.21 -61.03
CA LEU G 714 38.04 3.84 -59.89
C LEU G 714 38.08 2.32 -59.70
N THR G 715 36.91 1.68 -59.73
CA THR G 715 36.81 0.25 -59.50
C THR G 715 37.01 -0.59 -60.75
N GLN G 716 37.13 0.03 -61.92
CA GLN G 716 37.33 -0.68 -63.18
C GLN G 716 36.12 -1.53 -63.53
N ASN G 717 34.95 -0.89 -63.49
CA ASN G 717 33.68 -1.54 -63.85
C ASN G 717 33.37 -2.71 -62.91
N GLY G 718 33.98 -2.72 -61.73
CA GLY G 718 33.70 -3.73 -60.74
C GLY G 718 34.38 -5.06 -60.99
N SER G 719 35.24 -5.17 -62.00
CA SER G 719 35.92 -6.43 -62.29
C SER G 719 37.13 -6.65 -61.40
N GLY G 720 37.63 -5.62 -60.73
CA GLY G 720 38.78 -5.76 -59.87
C GLY G 720 40.09 -5.62 -60.60
N THR G 721 41.18 -5.71 -59.84
CA THR G 721 42.51 -5.59 -60.39
C THR G 721 42.86 -6.86 -61.18
N THR G 722 43.89 -6.74 -62.03
CA THR G 722 44.31 -7.84 -62.89
C THR G 722 45.82 -8.03 -62.90
N GLN G 723 46.55 -7.44 -61.96
CA GLN G 723 47.99 -7.63 -61.89
C GLN G 723 48.32 -9.06 -61.50
N GLY G 724 49.42 -9.56 -62.03
CA GLY G 724 49.81 -10.93 -61.78
C GLY G 724 51.31 -11.13 -61.84
N ASN G 725 51.72 -12.39 -61.85
CA ASN G 725 53.13 -12.76 -61.88
C ASN G 725 53.30 -14.05 -62.68
N LEU G 726 54.53 -14.29 -63.11
CA LEU G 726 54.88 -15.49 -63.85
C LEU G 726 56.16 -16.10 -63.31
N ASN G 727 56.31 -17.41 -63.51
CA ASN G 727 57.54 -18.11 -63.20
C ASN G 727 58.24 -18.49 -64.50
N VAL G 728 59.37 -17.85 -64.78
CA VAL G 728 60.14 -18.08 -65.98
C VAL G 728 61.41 -18.82 -65.58
N PRO G 729 61.71 -19.99 -66.16
CA PRO G 729 62.93 -20.70 -65.77
C PRO G 729 64.16 -19.83 -65.93
N GLY G 730 65.03 -19.87 -64.93
CA GLY G 730 66.26 -19.09 -64.96
C GLY G 730 66.04 -17.63 -64.59
N ALA G 731 65.14 -16.95 -65.30
CA ALA G 731 64.95 -15.53 -65.08
C ALA G 731 64.22 -15.22 -63.79
N GLY G 732 63.48 -16.18 -63.23
CA GLY G 732 62.75 -15.93 -62.00
C GLY G 732 61.41 -15.28 -62.24
N PHE G 733 60.92 -14.59 -61.21
CA PHE G 733 59.60 -13.99 -61.25
C PHE G 733 59.61 -12.73 -62.12
N VAL G 734 58.50 -12.52 -62.83
CA VAL G 734 58.29 -11.33 -63.65
C VAL G 734 56.83 -10.93 -63.56
N SER G 735 56.57 -9.67 -63.90
CA SER G 735 55.21 -9.14 -63.86
C SER G 735 54.41 -9.61 -65.07
N PHE G 736 53.08 -9.70 -64.87
CA PHE G 736 52.20 -10.16 -65.92
C PHE G 736 50.80 -9.62 -65.67
N ASN G 737 50.15 -9.13 -66.72
CA ASN G 737 48.80 -8.57 -66.65
C ASN G 737 47.85 -9.52 -67.36
N ALA G 738 46.78 -9.91 -66.66
CA ALA G 738 45.83 -10.88 -67.18
C ALA G 738 44.60 -10.24 -67.80
N GLY G 739 44.61 -8.93 -68.01
CA GLY G 739 43.44 -8.28 -68.59
C GLY G 739 43.17 -8.78 -69.99
N ASN G 740 41.88 -8.80 -70.36
CA ASN G 740 41.46 -9.25 -71.68
C ASN G 740 40.16 -8.56 -72.03
N SER G 741 39.81 -8.62 -73.32
CA SER G 741 38.64 -7.93 -73.84
C SER G 741 37.44 -8.84 -74.03
N PHE G 742 37.47 -10.06 -73.50
CA PHE G 742 36.36 -11.01 -73.64
C PHE G 742 35.67 -11.34 -72.33
N GLY G 743 36.19 -10.89 -71.20
CA GLY G 743 35.55 -11.11 -69.92
C GLY G 743 35.92 -12.39 -69.22
N ILE G 744 37.04 -13.01 -69.55
CA ILE G 744 37.44 -14.25 -68.90
C ILE G 744 38.07 -13.91 -67.55
N GLN G 745 37.57 -14.56 -66.50
CA GLN G 745 38.00 -14.24 -65.14
C GLN G 745 39.47 -14.61 -64.95
N LYS G 746 40.12 -13.93 -64.00
CA LYS G 746 41.59 -13.94 -63.91
C LYS G 746 42.13 -15.37 -63.79
N ASN G 747 41.62 -16.14 -62.84
CA ASN G 747 42.16 -17.47 -62.60
C ASN G 747 41.91 -18.43 -63.75
N VAL G 748 40.98 -18.10 -64.65
CA VAL G 748 40.76 -18.93 -65.83
C VAL G 748 41.74 -18.55 -66.95
N VAL G 749 42.04 -17.26 -67.07
CA VAL G 749 43.05 -16.83 -68.03
C VAL G 749 44.42 -17.40 -67.64
N MET G 750 44.75 -17.36 -66.35
CA MET G 750 46.05 -17.84 -65.90
C MET G 750 46.21 -19.35 -66.05
N GLY G 751 45.13 -20.07 -66.32
CA GLY G 751 45.21 -21.52 -66.46
C GLY G 751 45.95 -21.99 -67.70
N ALA G 752 45.68 -21.37 -68.85
CA ALA G 752 46.28 -21.82 -70.10
C ALA G 752 47.74 -21.38 -70.23
N VAL G 753 48.09 -20.22 -69.67
CA VAL G 753 49.46 -19.75 -69.76
C VAL G 753 50.38 -20.65 -68.94
N ASN G 754 49.90 -21.17 -67.81
CA ASN G 754 50.71 -22.06 -66.98
C ASN G 754 50.94 -23.41 -67.65
N GLN G 755 50.19 -23.75 -68.69
CA GLN G 755 50.44 -24.94 -69.48
C GLN G 755 51.33 -24.63 -70.69
N LEU G 756 51.09 -23.47 -71.31
CA LEU G 756 51.94 -23.05 -72.42
C LEU G 756 53.38 -22.91 -71.97
N VAL G 757 53.60 -22.32 -70.78
CA VAL G 757 54.94 -22.17 -70.25
C VAL G 757 55.54 -23.52 -69.87
N SER G 758 54.73 -24.44 -69.34
CA SER G 758 55.23 -25.75 -68.96
C SER G 758 55.54 -26.64 -70.15
N TYR G 759 54.97 -26.35 -71.32
CA TYR G 759 55.28 -27.09 -72.54
C TYR G 759 56.42 -26.46 -73.33
N GLU G 760 56.34 -25.17 -73.63
CA GLU G 760 57.33 -24.53 -74.47
C GLU G 760 58.66 -24.30 -73.75
N GLY G 761 58.61 -23.87 -72.48
CA GLY G 761 59.84 -23.52 -71.80
C GLY G 761 60.34 -22.15 -72.22
N TYR G 762 61.56 -21.84 -71.80
CA TYR G 762 62.17 -20.55 -72.09
C TYR G 762 63.68 -20.69 -72.16
N THR G 763 64.27 -20.10 -73.19
CA THR G 763 65.72 -20.09 -73.35
C THR G 763 66.13 -18.71 -73.83
N PRO G 764 67.34 -18.24 -73.48
CA PRO G 764 67.76 -16.91 -73.93
C PRO G 764 67.77 -16.73 -75.44
N SER G 765 68.15 -17.76 -76.19
CA SER G 765 68.28 -17.64 -77.64
C SER G 765 66.97 -17.83 -78.38
N LYS G 766 65.92 -18.29 -77.70
CA LYS G 766 64.63 -18.52 -78.34
C LYS G 766 63.45 -17.89 -77.60
N GLY G 767 63.62 -17.46 -76.36
CA GLY G 767 62.50 -16.90 -75.62
C GLY G 767 61.39 -17.92 -75.49
N PHE G 768 60.17 -17.49 -75.76
CA PHE G 768 59.00 -18.35 -75.70
C PHE G 768 58.66 -18.98 -77.04
N SER G 769 59.52 -18.84 -78.04
CA SER G 769 59.34 -19.49 -79.34
C SER G 769 58.15 -18.93 -80.09
N VAL G 770 57.99 -17.60 -80.07
CA VAL G 770 56.92 -16.96 -80.81
C VAL G 770 57.33 -16.83 -82.27
N LEU G 771 56.50 -17.36 -83.17
CA LEU G 771 56.78 -17.32 -84.60
C LEU G 771 55.55 -16.86 -85.38
N GLU G 783 55.83 -10.71 -86.87
CA GLU G 783 56.34 -9.37 -87.13
C GLU G 783 57.51 -9.05 -86.20
N ASP G 784 58.06 -7.84 -86.35
CA ASP G 784 59.21 -7.45 -85.55
C ASP G 784 58.85 -7.28 -84.08
N LYS G 785 57.63 -6.85 -83.78
CA LYS G 785 57.24 -6.58 -82.41
C LYS G 785 56.69 -7.80 -81.68
N TYR G 786 56.56 -8.94 -82.36
CA TYR G 786 56.10 -10.17 -81.74
C TYR G 786 57.23 -11.17 -81.50
N VAL G 787 58.47 -10.81 -81.79
CA VAL G 787 59.60 -11.73 -81.68
C VAL G 787 60.65 -11.12 -80.76
N LYS G 788 61.43 -12.00 -80.12
CA LYS G 788 62.47 -11.55 -79.20
C LYS G 788 63.75 -11.22 -79.95
N GLN G 789 64.36 -10.09 -79.60
CA GLN G 789 65.66 -9.72 -80.13
C GLN G 789 66.77 -10.12 -79.17
N ALA G 790 68.01 -10.04 -79.65
CA ALA G 790 69.14 -10.48 -78.87
C ALA G 790 69.31 -9.69 -77.58
N THR G 791 68.94 -8.41 -77.57
CA THR G 791 69.18 -7.53 -76.44
C THR G 791 68.01 -7.43 -75.48
N ASP G 792 66.90 -8.14 -75.74
CA ASP G 792 65.72 -8.01 -74.89
C ASP G 792 65.94 -8.66 -73.54
N THR G 793 65.44 -8.02 -72.49
CA THR G 793 65.41 -8.63 -71.17
C THR G 793 64.18 -9.54 -71.06
N PRO G 794 64.18 -10.47 -70.10
CA PRO G 794 63.04 -11.39 -70.00
C PRO G 794 61.69 -10.68 -69.82
N GLN G 795 61.66 -9.55 -69.12
CA GLN G 795 60.40 -8.83 -68.97
C GLN G 795 59.88 -8.34 -70.31
N VAL G 796 60.76 -7.81 -71.16
CA VAL G 796 60.35 -7.34 -72.48
C VAL G 796 59.84 -8.52 -73.31
N ALA G 797 60.53 -9.65 -73.27
CA ALA G 797 60.07 -10.81 -74.02
C ALA G 797 58.70 -11.28 -73.54
N ALA G 798 58.49 -11.27 -72.22
CA ALA G 798 57.18 -11.65 -71.69
C ALA G 798 56.09 -10.70 -72.14
N ASP G 799 56.39 -9.39 -72.18
CA ASP G 799 55.40 -8.44 -72.66
C ASP G 799 55.02 -8.72 -74.11
N LYS G 800 56.02 -8.99 -74.96
CA LYS G 800 55.73 -9.32 -76.35
C LYS G 800 54.93 -10.60 -76.46
N PHE G 801 55.25 -11.59 -75.63
CA PHE G 801 54.51 -12.85 -75.65
C PHE G 801 53.04 -12.62 -75.30
N ASN G 802 52.79 -11.83 -74.26
CA ASN G 802 51.41 -11.53 -73.88
C ASN G 802 50.68 -10.77 -74.98
N MET G 803 51.35 -9.79 -75.59
CA MET G 803 50.74 -9.06 -76.69
C MET G 803 50.40 -9.97 -77.85
N TYR G 804 51.32 -10.87 -78.22
CA TYR G 804 51.07 -11.81 -79.31
C TYR G 804 49.88 -12.70 -78.97
N LEU G 805 49.82 -13.23 -77.76
CA LEU G 805 48.67 -14.01 -77.35
C LEU G 805 47.38 -13.22 -77.56
N ASN G 806 47.27 -12.07 -76.89
CA ASN G 806 46.03 -11.30 -76.92
C ASN G 806 45.66 -10.88 -78.34
N ASP G 807 46.64 -10.73 -79.23
CA ASP G 807 46.36 -10.23 -80.57
C ASP G 807 46.10 -11.33 -81.59
N LYS G 808 46.58 -12.55 -81.35
CA LYS G 808 46.53 -13.58 -82.39
C LYS G 808 46.06 -14.95 -81.93
N VAL G 809 45.57 -15.10 -80.69
CA VAL G 809 45.10 -16.41 -80.23
C VAL G 809 43.63 -16.35 -79.84
N TYR G 810 43.32 -15.51 -78.85
CA TYR G 810 41.95 -15.48 -78.32
C TYR G 810 40.92 -15.19 -79.40
N PRO G 811 41.12 -14.27 -80.34
CA PRO G 811 40.09 -14.00 -81.35
C PRO G 811 39.72 -15.23 -82.17
N LEU G 812 40.63 -16.19 -82.33
CA LEU G 812 40.34 -17.39 -83.10
C LEU G 812 39.80 -18.53 -82.25
N VAL G 813 39.94 -18.45 -80.93
CA VAL G 813 39.47 -19.53 -80.05
C VAL G 813 38.10 -19.22 -79.47
N MET G 814 37.85 -17.96 -79.14
CA MET G 814 36.58 -17.57 -78.52
C MET G 814 35.39 -17.87 -79.42
N PRO G 815 35.45 -17.56 -80.72
CA PRO G 815 34.28 -17.80 -81.57
C PRO G 815 33.82 -19.24 -81.62
N LYS G 816 34.70 -20.21 -81.36
CA LYS G 816 34.34 -21.62 -81.43
C LYS G 816 33.87 -22.18 -80.10
N MET G 817 33.76 -21.35 -79.06
CA MET G 817 33.25 -21.80 -77.77
C MET G 817 31.73 -21.74 -77.68
N GLU G 818 31.06 -21.15 -78.67
CA GLU G 818 29.61 -21.05 -78.64
C GLU G 818 28.92 -22.39 -78.87
N GLN G 819 29.67 -23.41 -79.32
CA GLN G 819 29.06 -24.69 -79.69
C GLN G 819 29.01 -25.68 -78.53
N TYR G 820 29.74 -25.42 -77.44
CA TYR G 820 29.89 -26.39 -76.35
C TYR G 820 29.19 -25.97 -75.07
N LYS G 821 28.10 -25.21 -75.17
CA LYS G 821 27.40 -24.77 -73.96
C LYS G 821 26.45 -25.82 -73.39
N ASN G 822 26.20 -26.92 -74.12
CA ASN G 822 25.36 -27.97 -73.58
C ASN G 822 26.11 -28.79 -72.53
N LEU G 823 27.43 -28.89 -72.65
CA LEU G 823 28.23 -29.69 -71.74
C LEU G 823 28.40 -28.98 -70.40
N PRO G 824 28.79 -29.72 -69.36
CA PRO G 824 29.06 -29.08 -68.06
C PRO G 824 30.16 -28.04 -68.19
N GLY G 825 30.32 -27.24 -67.13
CA GLY G 825 31.29 -26.16 -67.16
C GLY G 825 32.73 -26.64 -67.22
N TYR G 826 33.07 -27.66 -66.44
CA TYR G 826 34.46 -28.09 -66.35
C TYR G 826 34.92 -28.79 -67.63
N ILE G 827 34.00 -29.43 -68.36
CA ILE G 827 34.36 -29.96 -69.68
C ILE G 827 34.74 -28.82 -70.62
N GLN G 828 33.98 -27.73 -70.60
CA GLN G 828 34.32 -26.57 -71.41
C GLN G 828 35.66 -25.99 -70.99
N ASN G 829 35.91 -25.93 -69.68
CA ASN G 829 37.20 -25.43 -69.19
C ASN G 829 38.34 -26.29 -69.70
N ASN G 830 38.17 -27.62 -69.67
CA ASN G 830 39.20 -28.52 -70.21
C ASN G 830 39.40 -28.31 -71.70
N ILE G 831 38.31 -28.12 -72.45
CA ILE G 831 38.42 -27.90 -73.89
C ILE G 831 39.16 -26.61 -74.19
N TYR G 832 38.96 -25.59 -73.34
CA TYR G 832 39.59 -24.29 -73.58
C TYR G 832 41.10 -24.40 -73.61
N ASN G 833 41.68 -25.11 -72.63
CA ASN G 833 43.13 -25.23 -72.57
C ASN G 833 43.67 -25.94 -73.80
N ALA G 834 43.03 -27.04 -74.22
CA ALA G 834 43.49 -27.76 -75.39
C ALA G 834 43.41 -26.91 -76.64
N LEU G 835 42.31 -26.17 -76.80
CA LEU G 835 42.18 -25.31 -77.98
C LEU G 835 43.24 -24.22 -77.99
N VAL G 836 43.52 -23.60 -76.84
CA VAL G 836 44.55 -22.56 -76.79
C VAL G 836 45.90 -23.16 -77.12
N GLU G 837 46.22 -24.33 -76.56
CA GLU G 837 47.50 -24.97 -76.82
C GLU G 837 47.68 -25.28 -78.30
N THR G 838 46.63 -25.83 -78.93
CA THR G 838 46.72 -26.17 -80.34
C THR G 838 46.85 -24.91 -81.20
N THR G 839 46.06 -23.88 -80.90
CA THR G 839 46.10 -22.66 -81.69
C THR G 839 47.45 -21.98 -81.59
N TYR G 840 48.08 -22.01 -80.41
CA TYR G 840 49.38 -21.37 -80.26
C TYR G 840 50.42 -22.03 -81.16
N HIS G 841 50.43 -23.36 -81.24
CA HIS G 841 51.42 -24.08 -82.02
C HIS G 841 51.08 -24.20 -83.49
N SER G 842 49.82 -23.93 -83.88
CA SER G 842 49.45 -24.08 -85.28
C SER G 842 48.82 -22.84 -85.89
N GLY G 843 48.48 -21.81 -85.10
CA GLY G 843 47.86 -20.63 -85.66
C GLY G 843 46.52 -20.89 -86.32
N ASN G 844 45.89 -22.02 -86.04
CA ASN G 844 44.61 -22.38 -86.66
C ASN G 844 43.88 -23.31 -85.72
N SER G 845 42.68 -22.92 -85.30
CA SER G 845 41.92 -23.70 -84.33
C SER G 845 41.07 -24.79 -84.96
N ASP G 846 41.06 -24.90 -86.30
CA ASP G 846 40.24 -25.91 -86.96
C ASP G 846 40.88 -27.29 -86.97
N VAL G 847 42.15 -27.41 -86.56
CA VAL G 847 42.83 -28.70 -86.64
C VAL G 847 42.26 -29.67 -85.62
N PHE G 848 42.03 -29.22 -84.39
CA PHE G 848 41.58 -30.09 -83.31
C PHE G 848 40.08 -30.07 -83.11
N ASP G 849 39.40 -28.99 -83.50
CA ASP G 849 37.95 -28.95 -83.41
C ASP G 849 37.32 -30.03 -84.27
N LYS G 850 37.97 -30.37 -85.39
CA LYS G 850 37.46 -31.45 -86.23
C LYS G 850 37.39 -32.76 -85.46
N TYR G 851 38.47 -33.12 -84.75
CA TYR G 851 38.47 -34.36 -84.00
C TYR G 851 37.56 -34.27 -82.77
N ILE G 852 37.43 -33.09 -82.18
CA ILE G 852 36.48 -32.94 -81.07
C ILE G 852 35.06 -33.21 -81.55
N GLN G 853 34.68 -32.64 -82.70
CA GLN G 853 33.37 -32.89 -83.28
C GLN G 853 33.20 -34.37 -83.64
N THR G 854 34.25 -34.98 -84.19
CA THR G 854 34.17 -36.40 -84.52
C THR G 854 33.91 -37.25 -83.28
N ALA G 855 34.61 -36.94 -82.19
CA ALA G 855 34.41 -37.68 -80.95
C ALA G 855 33.00 -37.47 -80.39
N LEU G 856 32.51 -36.23 -80.43
CA LEU G 856 31.22 -35.95 -79.80
C LEU G 856 30.05 -36.48 -80.63
N TYR G 857 30.12 -36.35 -81.96
CA TYR G 857 29.00 -36.74 -82.82
C TYR G 857 29.40 -37.63 -83.99
N GLY G 858 30.66 -37.64 -84.41
CA GLY G 858 31.09 -38.39 -85.57
C GLY G 858 31.34 -39.86 -85.25
N ASN G 859 31.98 -40.53 -86.21
CA ASN G 859 32.29 -41.95 -86.08
C ASN G 859 33.58 -42.09 -85.26
N VAL G 860 33.48 -42.75 -84.11
CA VAL G 860 34.62 -42.91 -83.23
C VAL G 860 35.75 -43.71 -83.86
N GLN G 861 35.47 -44.49 -84.90
CA GLN G 861 36.49 -45.32 -85.50
C GLN G 861 37.54 -44.51 -86.24
N GLU G 862 37.29 -43.23 -86.51
CA GLU G 862 38.24 -42.39 -87.23
C GLU G 862 39.22 -41.69 -86.30
N ILE G 863 39.03 -41.80 -84.99
CA ILE G 863 39.90 -41.13 -84.02
C ILE G 863 41.35 -41.58 -84.18
N PRO G 864 41.65 -42.88 -84.25
CA PRO G 864 43.06 -43.30 -84.27
C PRO G 864 43.84 -42.80 -85.48
N THR G 865 43.18 -42.23 -86.48
CA THR G 865 43.89 -41.68 -87.63
C THR G 865 44.59 -40.36 -87.30
N PHE G 866 44.36 -39.80 -86.11
CA PHE G 866 44.98 -38.52 -85.76
C PHE G 866 46.50 -38.63 -85.69
N LYS G 867 47.02 -39.86 -85.54
CA LYS G 867 48.46 -40.03 -85.37
C LYS G 867 49.24 -39.70 -86.63
N ASP G 868 48.57 -39.53 -87.76
CA ASP G 868 49.25 -39.23 -89.02
C ASP G 868 49.33 -37.74 -89.31
N THR G 869 48.74 -36.89 -88.46
CA THR G 869 48.77 -35.46 -88.72
C THR G 869 50.12 -34.86 -88.33
N PRO G 870 50.53 -33.77 -88.98
CA PRO G 870 51.79 -33.12 -88.58
C PRO G 870 51.78 -32.64 -87.14
N LEU G 871 50.61 -32.24 -86.62
CA LEU G 871 50.54 -31.75 -85.26
C LEU G 871 51.00 -32.81 -84.25
N PHE G 872 50.64 -34.07 -84.48
CA PHE G 872 51.10 -35.14 -83.61
C PHE G 872 52.59 -35.42 -83.80
N LYS G 873 53.05 -35.43 -85.05
CA LYS G 873 54.45 -35.76 -85.33
C LYS G 873 55.38 -34.74 -84.69
N ASP G 874 55.04 -33.45 -84.79
CA ASP G 874 55.90 -32.40 -84.27
C ASP G 874 56.09 -32.48 -82.77
N ALA G 875 55.12 -33.02 -82.03
CA ALA G 875 55.16 -33.05 -80.58
C ALA G 875 55.75 -34.34 -80.01
N GLY G 876 56.20 -35.26 -80.86
CA GLY G 876 56.77 -36.51 -80.39
C GLY G 876 55.76 -37.64 -80.39
N ALA G 877 56.24 -38.87 -80.57
CA ALA G 877 55.35 -40.02 -80.65
C ALA G 877 54.89 -40.53 -79.29
N GLY G 878 55.58 -40.16 -78.21
CA GLY G 878 55.22 -40.65 -76.90
C GLY G 878 55.36 -39.61 -75.80
N SER G 879 55.30 -38.33 -76.18
CA SER G 879 55.50 -37.27 -75.20
C SER G 879 54.24 -37.05 -74.37
N ARG G 880 54.43 -36.36 -73.23
CA ARG G 880 53.31 -36.06 -72.35
C ARG G 880 52.25 -35.22 -73.07
N ARG G 881 52.67 -34.40 -74.02
CA ARG G 881 51.75 -33.50 -74.71
C ARG G 881 50.66 -34.30 -75.43
N ASN G 882 51.04 -35.41 -76.06
CA ASN G 882 50.08 -36.23 -76.80
C ASN G 882 49.18 -37.04 -75.88
N VAL G 883 49.71 -37.53 -74.75
CA VAL G 883 48.86 -38.23 -73.78
C VAL G 883 47.81 -37.29 -73.22
N ASP G 884 48.21 -36.05 -72.92
CA ASP G 884 47.24 -35.07 -72.45
C ASP G 884 46.16 -34.81 -73.49
N ARG G 885 46.52 -34.82 -74.78
CA ARG G 885 45.53 -34.63 -75.83
C ARG G 885 44.58 -35.82 -75.92
N TYR G 886 45.12 -37.04 -75.86
CA TYR G 886 44.28 -38.23 -75.96
C TYR G 886 43.36 -38.40 -74.76
N GLN G 887 43.75 -37.91 -73.58
CA GLN G 887 42.88 -38.05 -72.42
C GLN G 887 41.54 -37.34 -72.64
N LEU G 888 41.58 -36.14 -73.21
CA LEU G 888 40.34 -35.40 -73.45
C LEU G 888 39.41 -36.16 -74.38
N LEU G 889 39.96 -36.71 -75.48
CA LEU G 889 39.14 -37.47 -76.41
C LEU G 889 38.62 -38.75 -75.78
N GLY G 890 39.40 -39.40 -74.91
CA GLY G 890 38.91 -40.58 -74.22
C GLY G 890 37.81 -40.28 -73.23
N SER G 891 37.83 -39.09 -72.63
CA SER G 891 36.76 -38.68 -71.71
C SER G 891 35.50 -38.25 -72.44
N LEU G 892 35.65 -37.59 -73.60
CA LEU G 892 34.47 -37.16 -74.35
C LEU G 892 33.65 -38.36 -74.83
N VAL G 893 34.32 -39.43 -75.24
CA VAL G 893 33.60 -40.64 -75.66
C VAL G 893 32.82 -41.23 -74.51
N THR G 894 33.43 -41.28 -73.32
CA THR G 894 32.71 -41.79 -72.14
C THR G 894 31.50 -40.91 -71.83
N TYR G 895 31.66 -39.59 -71.90
CA TYR G 895 30.54 -38.70 -71.64
C TYR G 895 29.41 -38.96 -72.65
N ARG G 896 29.77 -39.11 -73.92
CA ARG G 896 28.76 -39.41 -74.94
C ARG G 896 28.05 -40.72 -74.62
N THR G 897 28.81 -41.73 -74.22
CA THR G 897 28.19 -43.03 -73.91
C THR G 897 27.22 -42.92 -72.74
N ASN G 898 27.59 -42.17 -71.71
CA ASN G 898 26.77 -42.08 -70.51
C ASN G 898 25.51 -41.24 -70.71
N ASN G 899 25.39 -40.51 -71.81
CA ASN G 899 24.23 -39.68 -72.10
C ASN G 899 23.73 -40.00 -73.52
N PRO G 900 22.95 -41.07 -73.69
CA PRO G 900 22.51 -41.45 -75.03
C PRO G 900 21.62 -40.42 -75.70
N ASN G 901 21.00 -39.51 -74.95
CA ASN G 901 20.12 -38.51 -75.52
C ASN G 901 20.84 -37.24 -75.95
N LEU G 902 22.17 -37.22 -75.89
CA LEU G 902 22.92 -36.04 -76.29
C LEU G 902 22.59 -35.66 -77.73
N SER G 903 22.35 -34.37 -77.95
CA SER G 903 22.00 -33.88 -79.29
C SER G 903 23.23 -33.30 -79.98
N ALA H 49 13.02 -102.36 34.83
CA ALA H 49 13.35 -101.27 33.92
C ALA H 49 13.92 -101.82 32.61
N SER H 50 14.55 -102.99 32.68
CA SER H 50 15.14 -103.59 31.49
C SER H 50 14.06 -104.01 30.51
N VAL H 51 12.90 -104.43 31.01
CA VAL H 51 11.83 -104.92 30.14
C VAL H 51 11.36 -103.84 29.18
N LYS H 52 11.27 -102.59 29.65
CA LYS H 52 10.80 -101.52 28.79
C LYS H 52 11.72 -101.36 27.57
N THR H 53 13.03 -101.27 27.82
CA THR H 53 13.98 -101.12 26.73
C THR H 53 13.98 -102.36 25.83
N ALA H 54 13.88 -103.55 26.43
CA ALA H 54 13.90 -104.77 25.64
C ALA H 54 12.71 -104.82 24.68
N GLN H 55 11.53 -104.42 25.15
CA GLN H 55 10.36 -104.42 24.28
C GLN H 55 10.43 -103.29 23.25
N ALA H 56 10.96 -102.13 23.65
CA ALA H 56 11.07 -101.02 22.70
C ALA H 56 12.01 -101.36 21.55
N ALA H 57 13.12 -102.04 21.85
CA ALA H 57 14.08 -102.38 20.81
C ALA H 57 13.44 -103.29 19.76
N GLN H 58 12.69 -104.30 20.18
CA GLN H 58 12.05 -105.19 19.22
C GLN H 58 11.07 -104.44 18.34
N GLN H 59 10.27 -103.54 18.93
CA GLN H 59 9.30 -102.79 18.15
C GLN H 59 9.97 -101.87 17.14
N THR H 60 11.02 -101.15 17.54
CA THR H 60 11.69 -100.27 16.59
C THR H 60 12.37 -101.08 15.49
N ALA H 61 12.94 -102.23 15.83
CA ALA H 61 13.54 -103.09 14.81
C ALA H 61 12.49 -103.58 13.83
N SER H 62 11.31 -103.96 14.33
CA SER H 62 10.24 -104.40 13.43
C SER H 62 9.79 -103.27 12.53
N ALA H 63 9.70 -102.06 13.07
CA ALA H 63 9.31 -100.91 12.24
C ALA H 63 10.33 -100.67 11.14
N LYS H 64 11.62 -100.71 11.48
CA LYS H 64 12.66 -100.52 10.48
C LYS H 64 12.59 -101.61 9.41
N GLY H 65 12.38 -102.87 9.83
CA GLY H 65 12.24 -103.95 8.88
C GLY H 65 11.06 -103.79 7.95
N TYR H 66 9.91 -103.37 8.47
CA TYR H 66 8.77 -103.11 7.61
C TYR H 66 9.07 -102.00 6.61
N LEU H 67 9.67 -100.90 7.09
CA LEU H 67 9.98 -99.80 6.19
C LEU H 67 10.93 -100.24 5.08
N GLU H 68 11.93 -101.04 5.42
CA GLU H 68 12.89 -101.51 4.42
C GLU H 68 12.30 -102.55 3.48
N GLY H 69 11.37 -103.37 3.95
CA GLY H 69 10.82 -104.42 3.10
C GLY H 69 9.67 -103.95 2.23
N GLN H 70 9.05 -102.83 2.58
CA GLN H 70 7.92 -102.35 1.80
C GLN H 70 8.30 -102.09 0.35
N GLN H 71 9.55 -101.71 0.09
CA GLN H 71 9.97 -101.36 -1.26
C GLN H 71 10.28 -102.57 -2.13
N ASP H 72 10.10 -103.79 -1.63
CA ASP H 72 10.39 -104.98 -2.41
C ASP H 72 9.15 -105.54 -3.11
N SER H 73 7.95 -105.30 -2.58
CA SER H 73 6.74 -105.83 -3.15
C SER H 73 6.39 -105.11 -4.45
N GLN H 74 5.38 -105.63 -5.14
CA GLN H 74 4.91 -105.01 -6.37
C GLN H 74 4.38 -103.62 -6.07
N GLN H 75 4.46 -102.74 -7.09
CA GLN H 75 4.17 -101.32 -6.95
C GLN H 75 5.31 -100.61 -6.24
N GLY H 76 6.32 -101.37 -5.81
CA GLY H 76 7.55 -100.81 -5.28
C GLY H 76 8.70 -101.01 -6.24
N ARG H 77 8.71 -102.14 -6.92
CA ARG H 77 9.75 -102.41 -7.91
C ARG H 77 9.59 -101.51 -9.13
N GLU H 78 8.36 -101.31 -9.60
CA GLU H 78 8.13 -100.45 -10.75
C GLU H 78 8.57 -99.02 -10.47
N LYS H 79 8.54 -98.58 -9.22
CA LYS H 79 9.06 -97.25 -8.89
C LYS H 79 10.56 -97.18 -9.12
N GLN H 80 11.27 -98.27 -8.85
CA GLN H 80 12.72 -98.28 -9.10
C GLN H 80 13.03 -98.15 -10.59
N VAL H 81 12.22 -98.79 -11.44
CA VAL H 81 12.44 -98.68 -12.88
C VAL H 81 12.29 -97.25 -13.35
N ARG H 82 11.28 -96.55 -12.84
CA ARG H 82 11.09 -95.14 -13.20
C ARG H 82 12.28 -94.30 -12.77
N ASN H 83 12.81 -94.55 -11.58
CA ASN H 83 13.97 -93.80 -11.10
C ASN H 83 15.18 -94.04 -11.98
N PHE H 84 15.38 -95.29 -12.43
CA PHE H 84 16.57 -95.62 -13.21
C PHE H 84 16.63 -94.82 -14.50
N PHE H 85 15.53 -94.81 -15.26
CA PHE H 85 15.51 -94.09 -16.52
C PHE H 85 15.66 -92.58 -16.31
N THR H 86 15.01 -92.04 -15.28
CA THR H 86 15.14 -90.61 -15.02
C THR H 86 16.59 -90.21 -14.77
N LYS H 87 17.35 -91.09 -14.13
CA LYS H 87 18.77 -90.81 -13.90
C LYS H 87 19.52 -90.70 -15.23
N GLU H 88 19.19 -91.56 -16.19
CA GLU H 88 19.89 -91.54 -17.47
C GLU H 88 19.49 -90.34 -18.31
N ALA H 89 18.42 -89.63 -17.94
CA ALA H 89 17.93 -88.54 -18.77
C ALA H 89 18.82 -87.32 -18.67
N TYR H 90 18.94 -86.75 -17.47
CA TYR H 90 19.69 -85.50 -17.29
C TYR H 90 21.19 -85.72 -17.23
N GLU H 91 21.65 -86.96 -17.00
CA GLU H 91 23.07 -87.23 -16.89
C GLU H 91 23.80 -87.05 -18.22
N GLN H 92 23.09 -87.06 -19.35
CA GLN H 92 23.69 -86.77 -20.63
C GLN H 92 23.53 -85.30 -21.03
N GLY H 93 22.44 -84.66 -20.63
CA GLY H 93 22.31 -83.23 -20.83
C GLY H 93 23.40 -82.47 -20.09
N TYR H 94 23.74 -82.92 -18.87
CA TYR H 94 24.84 -82.30 -18.16
C TYR H 94 26.15 -82.39 -18.93
N ASN H 95 26.45 -83.58 -19.49
CA ASN H 95 27.67 -83.75 -20.26
C ASN H 95 27.68 -82.85 -21.49
N SER H 96 26.55 -82.79 -22.19
CA SER H 96 26.48 -81.95 -23.39
C SER H 96 26.72 -80.49 -23.04
N ALA H 97 26.08 -80.00 -21.96
CA ALA H 97 26.28 -78.62 -21.54
C ALA H 97 27.74 -78.37 -21.18
N SER H 98 28.34 -79.31 -20.44
CA SER H 98 29.74 -79.14 -20.03
C SER H 98 30.68 -79.05 -21.23
N VAL H 99 30.45 -79.89 -22.24
CA VAL H 99 31.30 -79.86 -23.43
C VAL H 99 31.11 -78.55 -24.18
N ASN H 100 29.85 -78.16 -24.41
CA ASN H 100 29.58 -76.98 -25.22
C ASN H 100 30.12 -75.72 -24.56
N SER H 101 29.95 -75.60 -23.23
CA SER H 101 30.43 -74.42 -22.53
C SER H 101 31.94 -74.25 -22.65
N ALA H 102 32.70 -75.34 -22.53
CA ALA H 102 34.16 -75.25 -22.67
C ALA H 102 34.56 -74.91 -24.10
N LEU H 103 33.92 -75.55 -25.09
CA LEU H 103 34.27 -75.26 -26.48
C LEU H 103 34.01 -73.80 -26.82
N ALA H 104 32.85 -73.29 -26.41
CA ALA H 104 32.53 -71.89 -26.71
C ALA H 104 33.51 -70.93 -26.05
N SER H 105 33.91 -71.21 -24.81
CA SER H 105 34.88 -70.35 -24.14
C SER H 105 36.22 -70.36 -24.85
N PHE H 106 36.69 -71.54 -25.26
CA PHE H 106 37.98 -71.62 -25.95
C PHE H 106 37.94 -70.87 -27.27
N GLN H 107 36.85 -71.01 -28.02
CA GLN H 107 36.74 -70.35 -29.31
C GLN H 107 36.91 -68.84 -29.18
N LEU H 108 36.24 -68.23 -28.21
CA LEU H 108 36.37 -66.79 -28.00
C LEU H 108 37.72 -66.43 -27.40
N GLY H 109 38.27 -67.30 -26.54
CA GLY H 109 39.54 -66.98 -25.91
C GLY H 109 40.67 -66.82 -26.91
N LEU H 110 40.75 -67.73 -27.88
CA LEU H 110 41.81 -67.62 -28.87
C LEU H 110 41.73 -66.30 -29.63
N GLN H 111 40.53 -65.96 -30.12
CA GLN H 111 40.36 -64.74 -30.89
C GLN H 111 40.66 -63.51 -30.05
N ASN H 112 40.25 -63.51 -28.78
CA ASN H 112 40.53 -62.37 -27.91
C ASN H 112 42.01 -62.25 -27.62
N THR H 113 42.73 -63.36 -27.51
CA THR H 113 44.16 -63.30 -27.23
C THR H 113 44.96 -62.86 -28.45
N ALA H 114 44.43 -63.11 -29.65
CA ALA H 114 45.15 -62.73 -30.86
C ALA H 114 45.49 -61.23 -30.86
N GLN H 115 44.49 -60.38 -30.67
CA GLN H 115 44.73 -58.94 -30.69
C GLN H 115 45.59 -58.49 -29.51
N GLN H 116 45.40 -59.11 -28.34
CA GLN H 116 46.22 -58.75 -27.20
C GLN H 116 47.70 -59.02 -27.49
N TYR H 117 48.00 -60.13 -28.14
CA TYR H 117 49.39 -60.41 -28.51
C TYR H 117 49.87 -59.47 -29.61
N VAL H 118 49.00 -59.10 -30.55
CA VAL H 118 49.41 -58.20 -31.62
C VAL H 118 49.80 -56.85 -31.04
N ASN H 119 49.01 -56.33 -30.10
CA ASN H 119 49.26 -55.00 -29.56
C ASN H 119 50.60 -54.91 -28.83
N SER H 120 51.11 -56.03 -28.32
CA SER H 120 52.37 -56.02 -27.57
C SER H 120 53.59 -56.29 -28.44
N GLY H 121 53.40 -56.54 -29.73
CA GLY H 121 54.52 -56.78 -30.61
C GLY H 121 55.22 -58.10 -30.40
N LYS H 122 54.51 -59.11 -29.89
CA LYS H 122 55.10 -60.42 -29.71
C LYS H 122 55.39 -61.08 -31.05
N THR H 123 56.45 -61.87 -31.10
CA THR H 123 56.84 -62.52 -32.34
C THR H 123 55.90 -63.70 -32.63
N PRO H 124 55.85 -64.15 -33.89
CA PRO H 124 54.93 -65.24 -34.24
C PRO H 124 55.18 -66.52 -33.46
N GLU H 125 56.43 -66.81 -33.09
CA GLU H 125 56.73 -68.04 -32.37
C GLU H 125 56.02 -68.08 -31.01
N GLU H 126 56.01 -66.95 -30.31
CA GLU H 126 55.32 -66.89 -29.02
C GLU H 126 53.82 -67.08 -29.17
N PHE H 127 53.25 -66.68 -30.31
CA PHE H 127 51.82 -66.94 -30.56
C PHE H 127 51.59 -68.40 -30.88
N ASN H 128 52.46 -69.00 -31.69
CA ASN H 128 52.29 -70.41 -32.06
C ASN H 128 52.41 -71.33 -30.85
N VAL H 129 53.41 -71.08 -30.00
CA VAL H 129 53.55 -71.92 -28.80
C VAL H 129 52.33 -71.78 -27.90
N HIS H 130 51.82 -70.55 -27.75
CA HIS H 130 50.62 -70.35 -26.95
C HIS H 130 49.44 -71.10 -27.54
N VAL H 131 49.28 -71.06 -28.85
CA VAL H 131 48.17 -71.75 -29.50
C VAL H 131 48.27 -73.24 -29.26
N GLN H 132 49.46 -73.82 -29.45
CA GLN H 132 49.62 -75.25 -29.22
C GLN H 132 49.35 -75.62 -27.77
N GLN H 133 49.87 -74.82 -26.83
CA GLN H 133 49.65 -75.12 -25.42
C GLN H 133 48.17 -75.05 -25.07
N GLN H 134 47.45 -74.06 -25.58
CA GLN H 134 46.03 -73.95 -25.31
C GLN H 134 45.25 -75.10 -25.93
N THR H 135 45.61 -75.50 -27.14
CA THR H 135 44.92 -76.62 -27.78
C THR H 135 45.15 -77.92 -27.02
N ASN H 136 46.37 -78.12 -26.51
CA ASN H 136 46.68 -79.36 -25.80
C ASN H 136 45.81 -79.54 -24.57
N GLN H 137 45.59 -78.47 -23.81
CA GLN H 137 44.78 -78.58 -22.61
C GLN H 137 43.35 -78.99 -22.94
N LEU H 138 42.75 -78.37 -23.96
CA LEU H 138 41.39 -78.73 -24.34
C LEU H 138 41.33 -80.17 -24.84
N LEU H 139 42.31 -80.57 -25.64
CA LEU H 139 42.32 -81.94 -26.15
C LEU H 139 42.44 -82.95 -25.01
N GLN H 140 43.28 -82.67 -24.02
CA GLN H 140 43.40 -83.58 -22.88
C GLN H 140 42.12 -83.60 -22.06
N GLU H 141 41.51 -82.44 -21.84
CA GLU H 141 40.27 -82.39 -21.07
C GLU H 141 39.16 -83.16 -21.76
N ALA H 142 39.12 -83.12 -23.10
CA ALA H 142 38.10 -83.84 -23.83
C ALA H 142 38.19 -85.35 -23.64
N GLY H 143 39.32 -85.87 -23.15
CA GLY H 143 39.47 -87.30 -22.96
C GLY H 143 38.62 -87.88 -21.86
N ALA H 144 38.25 -87.08 -20.86
CA ALA H 144 37.39 -87.52 -19.78
C ALA H 144 35.91 -87.18 -20.03
N GLN H 145 35.65 -86.04 -20.66
CA GLN H 145 34.28 -85.65 -20.98
C GLN H 145 33.80 -86.38 -22.22
N GLY H 146 33.77 -87.71 -22.15
CA GLY H 146 33.39 -88.55 -23.27
C GLY H 146 34.55 -89.38 -23.76
N LEU H 147 34.20 -90.43 -24.51
CA LEU H 147 35.19 -91.38 -25.01
C LEU H 147 36.00 -90.83 -26.16
N ASN H 148 35.57 -89.73 -26.78
CA ASN H 148 36.19 -89.21 -27.99
C ASN H 148 36.18 -90.24 -29.12
N LEU H 149 35.33 -91.27 -29.00
CA LEU H 149 35.21 -92.27 -30.05
C LEU H 149 34.85 -91.58 -31.35
N ASN H 150 35.55 -91.93 -32.43
CA ASN H 150 35.43 -91.22 -33.70
C ASN H 150 34.10 -91.56 -34.36
N ASP H 151 33.05 -90.93 -33.83
CA ASP H 151 31.73 -90.95 -34.44
C ASP H 151 31.38 -89.55 -34.96
N LYS H 152 30.15 -89.41 -35.46
CA LYS H 152 29.78 -88.20 -36.19
C LYS H 152 29.90 -86.95 -35.34
N ASP H 153 29.40 -86.99 -34.10
CA ASP H 153 29.39 -85.79 -33.27
C ASP H 153 30.80 -85.33 -32.92
N TRP H 154 31.68 -86.25 -32.53
CA TRP H 154 33.04 -85.86 -32.19
C TRP H 154 33.82 -85.45 -33.43
N GLN H 155 33.53 -86.06 -34.58
CA GLN H 155 34.13 -85.59 -35.83
C GLN H 155 33.75 -84.15 -36.12
N ALA H 156 32.47 -83.81 -35.95
CA ALA H 156 32.05 -82.42 -36.12
C ALA H 156 32.72 -81.51 -35.11
N TRP H 157 32.87 -81.97 -33.87
CA TRP H 157 33.56 -81.18 -32.85
C TRP H 157 34.98 -80.86 -33.28
N LEU H 158 35.71 -81.87 -33.77
CA LEU H 158 37.07 -81.65 -34.25
C LEU H 158 37.09 -80.70 -35.45
N GLY H 159 36.13 -80.84 -36.36
CA GLY H 159 36.06 -79.94 -37.50
C GLY H 159 35.91 -78.49 -37.08
N SER H 160 35.06 -78.22 -36.09
CA SER H 160 34.92 -76.86 -35.57
C SER H 160 36.21 -76.39 -34.90
N VAL H 161 36.85 -77.29 -34.14
CA VAL H 161 38.09 -76.92 -33.44
C VAL H 161 39.16 -76.48 -34.45
N GLU H 162 39.24 -77.14 -35.59
CA GLU H 162 40.25 -76.80 -36.58
C GLU H 162 40.08 -75.36 -37.08
N HIS H 163 38.87 -75.01 -37.49
CA HIS H 163 38.62 -73.66 -38.00
C HIS H 163 38.77 -72.61 -36.89
N SER H 164 38.44 -72.98 -35.65
CA SER H 164 38.63 -72.06 -34.54
C SER H 164 40.07 -71.60 -34.42
N ARG H 165 41.03 -72.43 -34.83
CA ARG H 165 42.44 -72.06 -34.85
C ARG H 165 42.83 -71.36 -36.14
N ASN H 166 42.30 -71.85 -37.27
CA ASN H 166 42.66 -71.26 -38.56
C ASN H 166 42.28 -69.79 -38.62
N THR H 167 41.11 -69.43 -38.09
CA THR H 167 40.65 -68.05 -38.20
C THR H 167 41.59 -67.10 -37.46
N ALA H 168 41.97 -67.43 -36.22
CA ALA H 168 42.88 -66.59 -35.47
C ALA H 168 44.24 -66.52 -36.14
N ASN H 169 44.74 -67.66 -36.64
CA ASN H 169 46.02 -67.66 -37.32
C ASN H 169 45.99 -66.73 -38.52
N ALA H 170 44.84 -66.67 -39.22
CA ALA H 170 44.72 -65.77 -40.35
C ALA H 170 44.69 -64.30 -39.91
N SER H 171 43.91 -63.99 -38.87
CA SER H 171 43.75 -62.59 -38.47
C SER H 171 45.03 -61.99 -37.91
N TYR H 172 45.85 -62.82 -37.26
CA TYR H 172 47.06 -62.29 -36.63
C TYR H 172 47.97 -61.61 -37.64
N GLN H 173 48.06 -62.13 -38.86
CA GLN H 173 48.94 -61.55 -39.86
C GLN H 173 48.41 -60.19 -40.33
N ASP H 174 47.11 -60.12 -40.62
CA ASP H 174 46.55 -58.90 -41.16
C ASP H 174 46.60 -57.75 -40.15
N LEU H 175 46.43 -58.05 -38.86
CA LEU H 175 46.52 -56.97 -37.88
C LEU H 175 47.91 -56.31 -37.93
N ASN H 176 48.97 -57.12 -37.92
CA ASN H 176 50.32 -56.57 -38.02
C ASN H 176 50.53 -55.86 -39.35
N LEU H 177 49.92 -56.38 -40.43
CA LEU H 177 50.06 -55.73 -41.72
C LEU H 177 49.52 -54.31 -41.69
N LYS H 178 48.36 -54.11 -41.05
CA LYS H 178 47.83 -52.75 -40.90
C LYS H 178 48.73 -51.90 -40.02
N ARG H 179 49.17 -52.45 -38.89
CA ARG H 179 49.96 -51.67 -37.94
C ARG H 179 51.26 -51.17 -38.57
N ALA H 180 51.92 -52.01 -39.36
CA ALA H 180 53.18 -51.62 -39.97
C ALA H 180 52.99 -50.42 -40.90
N ALA H 181 51.94 -50.45 -41.72
CA ALA H 181 51.69 -49.33 -42.62
C ALA H 181 51.39 -48.05 -41.84
N VAL H 182 50.58 -48.16 -40.78
CA VAL H 182 50.28 -46.97 -39.98
C VAL H 182 51.56 -46.37 -39.42
N LEU H 183 52.41 -47.21 -38.84
CA LEU H 183 53.66 -46.73 -38.26
C LEU H 183 54.56 -46.12 -39.31
N GLN H 184 54.63 -46.74 -40.51
CA GLN H 184 55.46 -46.20 -41.57
C GLN H 184 55.00 -44.80 -41.97
N GLU H 185 53.69 -44.61 -42.11
CA GLU H 185 53.17 -43.29 -42.47
C GLU H 185 53.52 -42.27 -41.41
N GLN H 186 53.32 -42.62 -40.13
CA GLN H 186 53.64 -41.66 -39.06
C GLN H 186 55.13 -41.32 -39.07
N SER H 187 56.00 -42.32 -39.25
CA SER H 187 57.43 -42.06 -39.27
C SER H 187 57.82 -41.18 -40.45
N TRP H 188 57.20 -41.39 -41.61
CA TRP H 188 57.48 -40.54 -42.76
C TRP H 188 57.04 -39.09 -42.54
N GLY H 189 55.92 -38.87 -41.84
CA GLY H 189 55.54 -37.51 -41.50
C GLY H 189 56.53 -36.86 -40.55
N ALA H 190 56.94 -37.63 -39.54
CA ALA H 190 57.92 -37.12 -38.58
C ALA H 190 59.23 -36.76 -39.27
N ARG H 191 59.66 -37.58 -40.24
CA ARG H 191 60.86 -37.27 -40.99
C ARG H 191 60.72 -35.99 -41.81
N GLY H 192 59.51 -35.68 -42.27
CA GLY H 192 59.30 -34.49 -43.08
C GLY H 192 59.23 -33.22 -42.26
N ASN H 193 58.80 -33.34 -41.00
CA ASN H 193 58.76 -32.15 -40.15
C ASN H 193 60.16 -31.57 -39.93
N ALA H 194 61.15 -32.43 -39.68
CA ALA H 194 62.49 -31.95 -39.38
C ALA H 194 63.13 -31.23 -40.57
N ALA H 195 62.80 -31.65 -41.79
CA ALA H 195 63.33 -30.97 -42.95
C ALA H 195 62.90 -29.50 -42.99
N ILE H 196 61.62 -29.25 -42.73
CA ILE H 196 61.14 -27.86 -42.69
C ILE H 196 61.75 -27.11 -41.52
N ALA H 197 61.89 -27.78 -40.38
CA ALA H 197 62.53 -27.13 -39.24
C ALA H 197 63.94 -26.65 -39.60
N ASP H 198 64.74 -27.53 -40.21
CA ASP H 198 66.10 -27.16 -40.61
C ASP H 198 66.10 -26.10 -41.70
N PHE H 199 65.16 -26.17 -42.64
CA PHE H 199 65.09 -25.15 -43.69
C PHE H 199 64.83 -23.78 -43.09
N VAL H 200 63.92 -23.71 -42.12
CA VAL H 200 63.64 -22.43 -41.48
C VAL H 200 64.84 -21.95 -40.68
N THR H 201 65.50 -22.87 -39.97
CA THR H 201 66.65 -22.46 -39.16
C THR H 201 67.81 -21.95 -40.00
N ALA H 202 68.04 -22.57 -41.17
CA ALA H 202 69.24 -22.25 -41.94
C ALA H 202 69.24 -20.80 -42.39
N GLN H 203 68.12 -20.30 -42.90
CA GLN H 203 68.08 -18.95 -43.44
C GLN H 203 68.04 -17.88 -42.35
N GLN H 204 67.72 -18.26 -41.11
CA GLN H 204 67.77 -17.31 -40.01
C GLN H 204 69.18 -16.76 -39.81
N SER H 205 70.18 -17.53 -40.23
CA SER H 205 71.57 -17.09 -40.16
C SER H 205 72.06 -16.42 -41.44
N GLY H 206 71.19 -16.27 -42.44
CA GLY H 206 71.58 -15.60 -43.66
C GLY H 206 72.31 -16.45 -44.66
N ASP H 207 72.09 -17.76 -44.66
CA ASP H 207 72.74 -18.69 -45.59
C ASP H 207 71.65 -19.45 -46.36
N THR H 208 71.38 -19.01 -47.59
CA THR H 208 70.35 -19.67 -48.40
C THR H 208 70.87 -20.98 -48.99
N GLU H 209 72.15 -21.07 -49.30
CA GLU H 209 72.68 -22.26 -49.94
C GLU H 209 72.47 -23.49 -49.06
N GLN H 210 72.68 -23.35 -47.75
CA GLN H 210 72.42 -24.46 -46.85
C GLN H 210 70.95 -24.86 -46.85
N ALA H 211 70.04 -23.88 -46.96
CA ALA H 211 68.63 -24.20 -47.05
C ALA H 211 68.32 -25.00 -48.31
N LEU H 212 68.89 -24.59 -49.44
CA LEU H 212 68.69 -25.33 -50.68
C LEU H 212 69.23 -26.75 -50.57
N GLN H 213 70.41 -26.89 -49.97
CA GLN H 213 70.98 -28.23 -49.77
C GLN H 213 70.08 -29.08 -48.89
N ASN H 214 69.52 -28.49 -47.83
CA ASN H 214 68.61 -29.22 -46.95
C ASN H 214 67.37 -29.68 -47.69
N VAL H 215 66.80 -28.82 -48.53
CA VAL H 215 65.61 -29.19 -49.30
C VAL H 215 65.96 -30.33 -50.25
N ASN H 216 67.08 -30.22 -50.97
CA ASN H 216 67.48 -31.26 -51.90
C ASN H 216 67.74 -32.57 -51.20
N SER H 217 68.29 -32.54 -49.98
CA SER H 217 68.56 -33.76 -49.24
C SER H 217 67.29 -34.55 -48.98
N PHE H 218 66.21 -33.87 -48.60
CA PHE H 218 64.95 -34.55 -48.35
C PHE H 218 64.31 -35.00 -49.66
N ILE H 219 64.37 -34.17 -50.70
CA ILE H 219 63.74 -34.55 -51.96
C ILE H 219 64.40 -35.81 -52.52
N SER H 220 65.73 -35.85 -52.52
CA SER H 220 66.46 -37.02 -53.00
C SER H 220 66.31 -38.23 -52.09
N SER H 221 66.17 -38.02 -50.78
CA SER H 221 65.91 -39.13 -49.88
C SER H 221 64.54 -39.76 -50.15
N VAL H 222 63.53 -38.94 -50.44
CA VAL H 222 62.21 -39.46 -50.77
C VAL H 222 62.22 -40.16 -52.12
N THR H 223 62.96 -39.60 -53.09
CA THR H 223 62.89 -40.12 -54.45
C THR H 223 63.39 -41.56 -54.54
N HIS H 224 64.50 -41.87 -53.87
CA HIS H 224 65.19 -43.13 -54.08
C HIS H 224 64.67 -44.27 -53.21
N ASP H 225 63.75 -44.00 -52.28
CA ASP H 225 63.19 -45.07 -51.48
C ASP H 225 62.41 -46.04 -52.35
N ASP H 226 62.48 -47.33 -52.00
CA ASP H 226 61.85 -48.38 -52.78
C ASP H 226 60.68 -49.04 -52.05
N SER H 227 60.36 -48.61 -50.84
CA SER H 227 59.30 -49.23 -50.05
C SER H 227 57.95 -48.53 -50.20
N ILE H 228 57.84 -47.55 -51.09
CA ILE H 228 56.61 -46.81 -51.29
C ILE H 228 56.27 -46.78 -52.77
N THR H 229 54.98 -46.58 -53.07
CA THR H 229 54.50 -46.58 -54.44
C THR H 229 54.70 -45.22 -55.09
N ALA H 230 54.49 -45.18 -56.41
CA ALA H 230 54.74 -43.96 -57.18
C ALA H 230 53.82 -42.82 -56.73
N GLU H 231 52.54 -43.12 -56.52
CA GLU H 231 51.61 -42.05 -56.14
C GLU H 231 51.98 -41.43 -54.81
N ASN H 232 52.44 -42.24 -53.85
CA ASN H 232 52.93 -41.68 -52.58
C ASN H 232 54.17 -40.82 -52.80
N LYS H 233 55.06 -41.24 -53.69
CA LYS H 233 56.24 -40.42 -54.00
C LYS H 233 55.82 -39.06 -54.56
N ILE H 234 54.83 -39.05 -55.46
CA ILE H 234 54.35 -37.79 -56.00
C ILE H 234 53.69 -36.95 -54.91
N LYS H 235 52.88 -37.57 -54.07
CA LYS H 235 52.16 -36.85 -53.03
C LYS H 235 53.12 -36.17 -52.06
N TYR H 236 54.09 -36.93 -51.54
CA TYR H 236 55.03 -36.35 -50.58
C TYR H 236 55.82 -35.22 -51.19
N THR H 237 56.32 -35.41 -52.42
CA THR H 237 57.11 -34.38 -53.07
C THR H 237 56.30 -33.12 -53.30
N SER H 238 55.06 -33.26 -53.80
CA SER H 238 54.22 -32.10 -54.04
C SER H 238 53.92 -31.37 -52.75
N GLN H 239 53.57 -32.11 -51.68
CA GLN H 239 53.27 -31.46 -50.41
C GLN H 239 54.47 -30.70 -49.87
N PHE H 240 55.65 -31.33 -49.90
CA PHE H 240 56.84 -30.67 -49.37
C PHE H 240 57.19 -29.43 -50.19
N VAL H 241 57.12 -29.54 -51.52
CA VAL H 241 57.46 -28.40 -52.38
C VAL H 241 56.50 -27.25 -52.12
N VAL H 242 55.20 -27.53 -52.03
CA VAL H 242 54.24 -26.47 -51.77
C VAL H 242 54.48 -25.84 -50.41
N ASN H 243 54.74 -26.68 -49.39
CA ASN H 243 54.95 -26.15 -48.05
C ASN H 243 56.22 -25.30 -47.97
N ALA H 244 57.21 -25.60 -48.81
CA ALA H 244 58.46 -24.86 -48.75
C ALA H 244 58.27 -23.38 -49.06
N PHE H 245 57.41 -23.06 -50.02
CA PHE H 245 57.22 -21.66 -50.40
C PHE H 245 56.62 -20.84 -49.26
N ALA H 246 55.75 -21.47 -48.45
CA ALA H 246 55.04 -20.74 -47.40
C ALA H 246 55.95 -20.24 -46.29
N ASN H 247 57.20 -20.71 -46.23
CA ASN H 247 58.10 -20.36 -45.14
C ASN H 247 59.18 -19.37 -45.54
N ALA H 248 59.27 -19.00 -46.82
CA ALA H 248 60.26 -18.02 -47.23
C ALA H 248 59.95 -16.65 -46.63
N ASN H 249 61.00 -15.98 -46.15
CA ASN H 249 60.86 -14.71 -45.45
C ASN H 249 61.37 -13.52 -46.24
N SER H 250 61.71 -13.70 -47.52
CA SER H 250 62.21 -12.60 -48.33
C SER H 250 61.93 -12.88 -49.80
N THR H 251 61.97 -11.83 -50.61
CA THR H 251 61.72 -11.97 -52.04
C THR H 251 62.90 -12.57 -52.78
N GLY H 252 64.08 -12.63 -52.18
CA GLY H 252 65.22 -13.27 -52.81
C GLY H 252 65.17 -14.77 -52.64
N ASP H 253 64.77 -15.22 -51.45
CA ASP H 253 64.61 -16.65 -51.22
C ASP H 253 63.54 -17.24 -52.13
N MET H 254 62.44 -16.51 -52.34
CA MET H 254 61.40 -16.98 -53.25
C MET H 254 61.96 -17.21 -54.65
N GLN H 255 62.72 -16.24 -55.17
CA GLN H 255 63.29 -16.39 -56.50
C GLN H 255 64.30 -17.52 -56.55
N ALA H 256 65.15 -17.66 -55.53
CA ALA H 256 66.13 -18.74 -55.53
C ALA H 256 65.44 -20.10 -55.53
N LEU H 257 64.43 -20.28 -54.68
CA LEU H 257 63.72 -21.54 -54.63
C LEU H 257 62.96 -21.81 -55.92
N THR H 258 62.38 -20.78 -56.53
CA THR H 258 61.71 -20.96 -57.81
C THR H 258 62.70 -21.42 -58.88
N GLY H 259 63.87 -20.80 -58.91
CA GLY H 259 64.88 -21.22 -59.87
C GLY H 259 65.33 -22.65 -59.64
N TYR H 260 65.52 -23.04 -58.38
CA TYR H 260 65.95 -24.41 -58.08
C TYR H 260 64.88 -25.42 -58.49
N VAL H 261 63.62 -25.13 -58.17
CA VAL H 261 62.56 -26.12 -58.36
C VAL H 261 62.32 -26.38 -59.83
N GLN H 262 62.20 -25.32 -60.64
CA GLN H 262 61.86 -25.46 -62.04
C GLN H 262 62.96 -26.09 -62.88
N SER H 263 64.17 -26.24 -62.33
CA SER H 263 65.26 -26.89 -63.04
C SER H 263 65.47 -28.33 -62.60
N LEU H 264 64.94 -28.72 -61.46
CA LEU H 264 65.10 -30.08 -60.97
C LEU H 264 64.47 -31.06 -61.96
N SER H 265 65.22 -32.10 -62.32
CA SER H 265 64.73 -33.06 -63.30
C SER H 265 63.49 -33.81 -62.79
N GLU H 266 63.49 -34.19 -61.51
CA GLU H 266 62.38 -34.96 -60.97
C GLU H 266 61.07 -34.19 -60.99
N PHE H 267 61.12 -32.86 -61.05
CA PHE H 267 59.92 -32.04 -61.13
C PHE H 267 59.43 -31.88 -62.57
N LYS H 268 60.30 -32.11 -63.55
CA LYS H 268 59.92 -31.92 -64.95
C LYS H 268 59.01 -33.03 -65.46
N ASN H 269 59.02 -34.20 -64.82
CA ASN H 269 58.27 -35.35 -65.30
C ASN H 269 56.94 -35.54 -64.60
N MET H 270 56.55 -34.63 -63.70
CA MET H 270 55.29 -34.78 -62.99
C MET H 270 54.12 -34.52 -63.93
N PRO H 271 52.93 -34.99 -63.57
CA PRO H 271 51.75 -34.72 -64.40
C PRO H 271 51.48 -33.23 -64.52
N THR H 272 50.88 -32.83 -65.65
CA THR H 272 50.67 -31.42 -65.92
C THR H 272 49.79 -30.76 -64.87
N ASP H 273 48.75 -31.46 -64.42
CA ASP H 273 47.81 -30.89 -63.46
C ASP H 273 48.44 -30.59 -62.11
N VAL H 274 49.57 -31.21 -61.79
CA VAL H 274 50.27 -30.91 -60.54
C VAL H 274 51.25 -29.76 -60.72
N GLN H 275 51.96 -29.73 -61.85
CA GLN H 275 52.84 -28.61 -62.15
C GLN H 275 52.06 -27.31 -62.21
N THR H 276 50.90 -27.33 -62.89
CA THR H 276 50.07 -26.13 -62.96
C THR H 276 49.61 -25.68 -61.58
N GLN H 277 49.20 -26.63 -60.73
CA GLN H 277 48.75 -26.28 -59.39
C GLN H 277 49.87 -25.65 -58.58
N ILE H 278 51.08 -26.23 -58.63
CA ILE H 278 52.19 -25.68 -57.87
C ILE H 278 52.56 -24.29 -58.39
N MET H 279 52.58 -24.13 -59.71
CA MET H 279 52.91 -22.83 -60.29
C MET H 279 51.88 -21.77 -59.86
N GLY H 280 50.60 -22.14 -59.89
CA GLY H 280 49.57 -21.21 -59.44
C GLY H 280 49.67 -20.88 -57.97
N SER H 281 50.06 -21.86 -57.15
CA SER H 281 50.16 -21.66 -55.71
C SER H 281 51.33 -20.76 -55.32
N ALA H 282 52.47 -20.88 -56.02
CA ALA H 282 53.63 -20.04 -55.68
C ALA H 282 53.33 -18.56 -55.90
N GLN H 283 52.64 -18.24 -56.99
CA GLN H 283 52.37 -16.85 -57.34
C GLN H 283 51.48 -16.15 -56.31
N GLN H 284 50.79 -16.91 -55.45
CA GLN H 284 49.98 -16.30 -54.41
C GLN H 284 50.78 -15.91 -53.18
N TYR H 285 51.73 -16.74 -52.74
CA TYR H 285 52.66 -16.31 -51.71
C TYR H 285 53.53 -15.17 -52.22
N TYR H 286 53.77 -15.15 -53.54
CA TYR H 286 54.29 -13.95 -54.15
C TYR H 286 53.20 -12.88 -54.23
N GLN H 287 53.65 -11.62 -54.24
CA GLN H 287 52.84 -10.42 -54.09
C GLN H 287 52.38 -10.26 -52.65
N GLN H 288 52.40 -11.34 -51.88
CA GLN H 288 52.11 -11.25 -50.44
C GLN H 288 53.39 -10.97 -49.68
N ARG H 289 54.45 -11.72 -49.98
CA ARG H 289 55.76 -11.36 -49.47
C ARG H 289 56.23 -10.01 -49.99
N ALA H 290 55.59 -9.48 -51.04
CA ALA H 290 55.88 -8.13 -51.50
C ALA H 290 55.07 -7.09 -50.73
N SER H 291 53.79 -7.34 -50.48
CA SER H 291 52.97 -6.40 -49.71
C SER H 291 53.51 -6.26 -48.29
N ASP H 292 53.98 -7.35 -47.70
CA ASP H 292 54.50 -7.27 -46.33
C ASP H 292 55.71 -6.35 -46.26
N GLU H 293 56.62 -6.43 -47.23
CA GLU H 293 57.81 -5.59 -47.23
C GLU H 293 57.48 -4.11 -47.34
N SER H 294 56.33 -3.77 -47.92
CA SER H 294 55.90 -2.37 -48.00
C SER H 294 55.16 -1.94 -46.75
N VAL H 295 54.38 -2.83 -46.15
CA VAL H 295 53.70 -2.49 -44.89
C VAL H 295 54.71 -2.34 -43.76
N GLN H 296 55.90 -2.94 -43.90
CA GLN H 296 56.92 -2.79 -42.88
C GLN H 296 57.29 -1.34 -42.65
N LEU H 297 57.38 -0.54 -43.73
CA LEU H 297 57.72 0.87 -43.56
C LEU H 297 56.63 1.63 -42.83
N TYR H 298 55.36 1.34 -43.11
CA TYR H 298 54.30 1.99 -42.35
C TYR H 298 54.36 1.62 -40.88
N GLU H 299 54.65 0.34 -40.57
CA GLU H 299 54.82 -0.04 -39.18
C GLU H 299 55.96 0.73 -38.53
N TYR H 300 57.08 0.87 -39.24
CA TYR H 300 58.22 1.62 -38.71
C TYR H 300 57.86 3.07 -38.46
N ASN H 301 57.14 3.69 -39.40
CA ASN H 301 56.71 5.07 -39.23
C ASN H 301 55.78 5.22 -38.03
N SER H 302 54.87 4.27 -37.82
CA SER H 302 54.01 4.31 -36.64
C SER H 302 54.85 4.23 -35.36
N ARG H 303 55.82 3.32 -35.33
CA ARG H 303 56.69 3.22 -34.17
C ARG H 303 57.43 4.53 -33.91
N VAL H 304 57.91 5.17 -34.98
CA VAL H 304 58.59 6.46 -34.81
C VAL H 304 57.64 7.51 -34.25
N ASN H 305 56.41 7.56 -34.77
CA ASN H 305 55.44 8.55 -34.34
C ASN H 305 54.88 8.26 -32.95
N SER H 306 55.13 7.08 -32.39
CA SER H 306 54.60 6.71 -31.08
C SER H 306 55.25 7.46 -29.92
N VAL H 307 56.32 8.22 -30.16
CA VAL H 307 57.00 8.96 -29.11
C VAL H 307 56.36 10.34 -28.99
N THR H 308 56.36 10.89 -27.78
CA THR H 308 55.64 12.12 -27.48
C THR H 308 56.50 13.22 -26.86
N ASP H 309 57.77 12.95 -26.56
CA ASP H 309 58.65 13.94 -25.96
C ASP H 309 59.84 14.19 -26.88
N TYR H 310 60.35 15.42 -26.83
CA TYR H 310 61.34 15.85 -27.81
C TYR H 310 62.71 15.22 -27.58
N LYS H 311 63.19 15.18 -26.34
CA LYS H 311 64.56 14.77 -26.09
C LYS H 311 64.78 13.31 -26.49
N THR H 312 63.89 12.41 -26.05
CA THR H 312 64.07 11.00 -26.38
C THR H 312 63.90 10.75 -27.87
N LEU H 313 63.11 11.57 -28.55
CA LEU H 313 62.95 11.41 -30.00
C LEU H 313 64.28 11.58 -30.71
N ASN H 314 65.00 12.66 -30.40
CA ASN H 314 66.32 12.86 -30.98
C ASN H 314 67.35 11.88 -30.44
N GLU H 315 67.17 11.40 -29.21
CA GLU H 315 68.09 10.42 -28.66
C GLU H 315 67.96 9.06 -29.34
N ALA H 316 66.76 8.75 -29.85
CA ALA H 316 66.50 7.43 -30.41
C ALA H 316 66.39 7.45 -31.94
N TYR H 317 65.82 8.49 -32.52
CA TYR H 317 65.55 8.55 -33.97
C TYR H 317 66.11 9.85 -34.54
N PRO H 318 67.42 9.90 -34.81
CA PRO H 318 67.99 11.08 -35.45
C PRO H 318 67.37 11.32 -36.82
N MET H 319 67.25 12.60 -37.19
CA MET H 319 66.60 12.95 -38.44
C MET H 319 67.40 12.43 -39.64
N ALA H 320 68.72 12.54 -39.58
CA ALA H 320 69.56 12.14 -40.71
C ALA H 320 69.45 10.65 -41.02
N GLN H 321 69.06 9.83 -40.04
CA GLN H 321 68.85 8.41 -40.28
C GLN H 321 67.44 8.12 -40.79
N TYR H 322 66.44 8.83 -40.28
CA TYR H 322 65.08 8.66 -40.77
C TYR H 322 64.99 9.04 -42.25
N ILE H 323 65.61 10.16 -42.62
CA ILE H 323 65.57 10.59 -44.02
C ILE H 323 66.22 9.55 -44.90
N GLY H 324 67.38 9.04 -44.50
CA GLY H 324 68.06 8.03 -45.30
C GLY H 324 67.24 6.76 -45.41
N THR H 325 66.63 6.32 -44.32
CA THR H 325 65.81 5.11 -44.35
C THR H 325 64.65 5.25 -45.31
N VAL H 326 63.98 6.42 -45.29
CA VAL H 326 62.84 6.63 -46.18
C VAL H 326 63.29 6.71 -47.62
N MET H 327 64.38 7.45 -47.88
CA MET H 327 64.81 7.67 -49.26
C MET H 327 65.38 6.40 -49.88
N GLN H 328 66.04 5.54 -49.09
CA GLN H 328 66.52 4.28 -49.64
C GLN H 328 65.37 3.41 -50.10
N ALA H 329 64.31 3.32 -49.31
CA ALA H 329 63.12 2.58 -49.73
C ALA H 329 62.47 3.20 -50.96
N VAL H 330 62.40 4.53 -51.01
CA VAL H 330 61.84 5.18 -52.19
C VAL H 330 62.66 4.85 -53.42
N GLN H 331 63.99 4.76 -53.26
CA GLN H 331 64.86 4.48 -54.40
C GLN H 331 64.61 3.07 -54.94
N GLN H 332 64.40 2.10 -54.06
CA GLN H 332 64.22 0.71 -54.47
C GLN H 332 62.81 0.40 -54.95
N LYS H 333 61.97 1.42 -55.10
CA LYS H 333 60.61 1.26 -55.62
C LYS H 333 59.76 0.39 -54.72
N LYS H 334 59.99 0.45 -53.41
CA LYS H 334 59.07 -0.13 -52.44
C LYS H 334 57.97 0.84 -52.04
N LEU H 335 58.22 2.14 -52.13
CA LEU H 335 57.23 3.17 -51.89
C LEU H 335 57.27 4.17 -53.03
N SER H 336 56.10 4.70 -53.38
CA SER H 336 56.06 5.73 -54.40
C SER H 336 56.64 7.04 -53.87
N PRO H 337 57.16 7.90 -54.74
CA PRO H 337 57.73 9.18 -54.25
C PRO H 337 56.74 10.01 -53.44
N GLY H 338 55.48 10.03 -53.85
CA GLY H 338 54.49 10.87 -53.20
C GLY H 338 54.16 10.45 -51.79
N THR H 339 54.32 9.17 -51.47
CA THR H 339 54.08 8.67 -50.12
C THR H 339 55.34 8.60 -49.28
N GLY H 340 56.50 9.02 -49.82
CA GLY H 340 57.71 9.15 -49.04
C GLY H 340 58.02 10.59 -48.72
N TYR H 341 57.85 11.47 -49.71
CA TYR H 341 58.09 12.89 -49.48
C TYR H 341 57.11 13.45 -48.46
N GLY H 342 55.83 13.05 -48.55
CA GLY H 342 54.86 13.50 -47.57
C GLY H 342 55.19 13.00 -46.18
N MET H 343 55.63 11.74 -46.08
CA MET H 343 56.04 11.20 -44.79
C MET H 343 57.21 11.98 -44.19
N VAL H 344 58.19 12.34 -45.00
CA VAL H 344 59.31 13.13 -44.50
C VAL H 344 58.83 14.51 -44.04
N ASP H 345 57.99 15.15 -44.86
CA ASP H 345 57.53 16.51 -44.54
C ASP H 345 56.72 16.52 -43.26
N ALA H 346 55.88 15.51 -43.06
CA ALA H 346 55.05 15.47 -41.85
C ALA H 346 55.91 15.43 -40.59
N GLU H 347 56.94 14.57 -40.59
CA GLU H 347 57.83 14.51 -39.45
C GLU H 347 58.59 15.82 -39.27
N SER H 348 59.05 16.41 -40.37
CA SER H 348 59.75 17.68 -40.28
C SER H 348 58.90 18.77 -39.65
N GLN H 349 57.61 18.82 -39.97
CA GLN H 349 56.72 19.81 -39.37
C GLN H 349 56.41 19.48 -37.92
N ARG H 350 56.18 18.20 -37.63
CA ARG H 350 55.83 17.79 -36.28
C ARG H 350 56.95 18.09 -35.29
N ARG H 351 58.21 17.88 -35.71
CA ARG H 351 59.31 18.15 -34.80
C ARG H 351 59.40 19.63 -34.45
N LEU H 352 59.21 20.52 -35.43
CA LEU H 352 59.18 21.95 -35.15
C LEU H 352 58.01 22.31 -34.24
N LYS H 353 56.84 21.69 -34.46
CA LYS H 353 55.69 21.98 -33.61
C LYS H 353 55.97 21.61 -32.17
N MET H 354 56.56 20.42 -31.95
CA MET H 354 56.88 20.01 -30.58
C MET H 354 57.95 20.91 -29.97
N GLN H 355 58.94 21.31 -30.76
CA GLN H 355 59.97 22.21 -30.26
C GLN H 355 59.37 23.54 -29.83
N LYS H 356 58.40 24.06 -30.59
CA LYS H 356 57.72 25.30 -30.18
C LYS H 356 56.91 25.08 -28.90
N ALA H 357 56.20 23.96 -28.82
CA ALA H 357 55.35 23.72 -27.65
C ALA H 357 56.18 23.59 -26.37
N GLU H 358 57.38 23.02 -26.48
CA GLU H 358 58.21 22.85 -25.31
C GLU H 358 58.61 24.19 -24.69
N GLN H 359 58.78 25.23 -25.52
CA GLN H 359 59.09 26.55 -25.01
C GLN H 359 57.86 27.20 -24.37
N GLY H 360 56.67 26.96 -24.92
CA GLY H 360 55.46 27.53 -24.36
C GLY H 360 55.09 26.91 -23.04
N GLN H 361 55.47 25.65 -22.83
CA GLN H 361 55.20 25.01 -21.54
C GLN H 361 55.87 25.73 -20.39
N LEU H 362 57.06 26.29 -20.62
CA LEU H 362 57.80 26.95 -19.55
C LEU H 362 57.07 28.19 -19.05
N ALA H 363 56.41 28.93 -19.95
CA ALA H 363 55.69 30.12 -19.52
C ALA H 363 54.58 29.76 -18.53
N TYR H 364 53.83 28.70 -18.80
CA TYR H 364 52.83 28.23 -17.84
C TYR H 364 53.48 27.73 -16.57
N THR H 365 54.59 26.99 -16.68
CA THR H 365 55.20 26.40 -15.49
C THR H 365 55.75 27.46 -14.54
N ASN H 366 56.37 28.52 -15.06
CA ASN H 366 57.06 29.50 -14.23
C ASN H 366 56.39 30.87 -14.19
N GLY H 367 55.40 31.12 -15.04
CA GLY H 367 54.76 32.42 -15.03
C GLY H 367 54.16 32.74 -13.68
N VAL H 368 54.31 33.99 -13.25
CA VAL H 368 53.82 34.42 -11.94
C VAL H 368 52.42 35.03 -12.01
N THR H 369 52.03 35.63 -13.14
CA THR H 369 50.72 36.22 -13.30
C THR H 369 50.17 35.86 -14.67
N ILE H 370 48.91 36.22 -14.91
CA ILE H 370 48.30 35.97 -16.20
C ILE H 370 48.93 36.84 -17.28
N SER H 371 49.26 38.09 -16.95
CA SER H 371 49.76 39.02 -17.96
C SER H 371 51.05 38.52 -18.59
N ASP H 372 52.03 38.13 -17.79
CA ASP H 372 53.30 37.69 -18.33
C ASP H 372 53.25 36.26 -18.87
N ILE H 373 52.24 35.47 -18.47
CA ILE H 373 52.02 34.18 -19.13
C ILE H 373 51.49 34.40 -20.55
N ALA H 374 50.57 35.34 -20.71
CA ALA H 374 50.06 35.66 -22.05
C ALA H 374 51.14 36.30 -22.91
N ALA H 375 51.95 37.18 -22.31
CA ALA H 375 53.00 37.86 -23.07
C ALA H 375 54.05 36.91 -23.60
N GLY H 376 54.17 35.71 -23.04
CA GLY H 376 55.15 34.74 -23.49
C GLY H 376 54.65 33.85 -24.61
N THR H 377 53.51 33.20 -24.39
CA THR H 377 52.94 32.32 -25.41
C THR H 377 52.23 33.08 -26.52
N GLY H 378 51.80 34.32 -26.26
CA GLY H 378 51.13 35.12 -27.26
C GLY H 378 49.63 34.94 -27.33
N GLU H 379 49.06 34.06 -26.51
CA GLU H 379 47.62 33.84 -26.52
C GLU H 379 46.90 34.96 -25.77
N SER H 380 45.60 35.08 -26.04
CA SER H 380 44.78 36.05 -25.32
C SER H 380 44.57 35.59 -23.89
N LEU H 381 44.21 36.54 -23.02
CA LEU H 381 44.03 36.23 -21.60
C LEU H 381 42.92 35.20 -21.39
N ASP H 382 41.81 35.33 -22.12
CA ASP H 382 40.72 34.37 -21.98
C ASP H 382 41.15 32.96 -22.35
N LYS H 383 42.10 32.82 -23.27
CA LYS H 383 42.55 31.48 -23.67
C LYS H 383 43.50 30.89 -22.65
N VAL H 384 44.45 31.68 -22.15
CA VAL H 384 45.37 31.17 -21.14
C VAL H 384 44.61 30.82 -19.87
N LYS H 385 43.55 31.58 -19.54
CA LYS H 385 42.73 31.21 -18.39
C LYS H 385 42.15 29.81 -18.56
N GLY H 386 41.58 29.51 -19.72
CA GLY H 386 41.01 28.18 -19.93
C GLY H 386 42.07 27.09 -19.94
N GLU H 387 43.23 27.38 -20.54
CA GLU H 387 44.31 26.40 -20.55
C GLU H 387 44.80 26.09 -19.15
N LEU H 388 44.95 27.11 -18.31
CA LEU H 388 45.33 26.89 -16.92
C LEU H 388 44.25 26.11 -16.17
N THR H 389 42.98 26.43 -16.42
CA THR H 389 41.89 25.66 -15.83
C THR H 389 42.04 24.18 -16.17
N LYS H 390 42.22 23.87 -17.46
CA LYS H 390 42.34 22.48 -17.88
C LYS H 390 43.56 21.81 -17.26
N MET H 391 44.70 22.52 -17.24
CA MET H 391 45.92 21.94 -16.70
C MET H 391 45.74 21.58 -15.23
N TYR H 392 45.26 22.52 -14.43
CA TYR H 392 45.13 22.26 -13.00
C TYR H 392 43.97 21.34 -12.67
N ALA H 393 42.99 21.20 -13.58
CA ALA H 393 41.98 20.16 -13.39
C ALA H 393 42.54 18.79 -13.68
N THR H 394 43.43 18.67 -14.67
CA THR H 394 44.10 17.41 -14.94
C THR H 394 45.05 17.02 -13.82
N ILE H 395 45.76 18.00 -13.24
CA ILE H 395 46.70 17.68 -12.17
C ILE H 395 45.97 17.20 -10.92
N GLY H 396 44.83 17.82 -10.60
CA GLY H 396 44.11 17.51 -9.38
C GLY H 396 43.04 16.45 -9.49
N GLN H 397 42.77 15.95 -10.69
CA GLN H 397 41.72 14.95 -10.89
C GLN H 397 40.37 15.48 -10.41
N GLY H 398 39.89 16.55 -11.04
CA GLY H 398 38.61 17.15 -10.69
C GLY H 398 38.74 18.63 -10.44
N TYR H 399 37.57 19.27 -10.32
CA TYR H 399 37.54 20.72 -10.11
C TYR H 399 37.88 21.10 -8.68
N SER H 400 37.44 20.33 -7.69
CA SER H 400 37.72 20.71 -6.30
C SER H 400 39.21 20.63 -5.98
N GLY H 401 39.84 19.49 -6.29
CA GLY H 401 41.25 19.34 -5.98
C GLY H 401 42.14 20.30 -6.74
N GLY H 402 41.89 20.47 -8.03
CA GLY H 402 42.65 21.41 -8.82
C GLY H 402 42.43 22.84 -8.38
N GLY H 403 41.18 23.17 -8.05
CA GLY H 403 40.88 24.53 -7.61
C GLY H 403 41.55 24.86 -6.30
N LEU H 404 41.59 23.92 -5.36
CA LEU H 404 42.24 24.18 -4.09
C LEU H 404 43.72 24.49 -4.29
N GLN H 405 44.40 23.67 -5.10
CA GLN H 405 45.83 23.90 -5.35
C GLN H 405 46.06 25.21 -6.09
N LEU H 406 45.20 25.53 -7.07
CA LEU H 406 45.36 26.78 -7.79
C LEU H 406 45.16 27.98 -6.86
N MET H 407 44.17 27.89 -5.97
CA MET H 407 43.95 28.96 -5.00
C MET H 407 45.15 29.11 -4.07
N GLN H 408 45.72 27.99 -3.63
CA GLN H 408 46.90 28.05 -2.77
C GLN H 408 48.06 28.71 -3.50
N ARG H 409 48.27 28.35 -4.77
CA ARG H 409 49.34 28.97 -5.55
C ARG H 409 49.12 30.47 -5.67
N GLY H 410 47.90 30.87 -6.00
CA GLY H 410 47.61 32.30 -6.13
C GLY H 410 47.83 33.05 -4.83
N LEU H 411 47.38 32.47 -3.71
CA LEU H 411 47.54 33.14 -2.42
C LEU H 411 49.00 33.27 -2.04
N LYS H 412 49.79 32.21 -2.24
CA LYS H 412 51.20 32.25 -1.86
C LYS H 412 52.04 33.10 -2.81
N SER H 413 51.62 33.24 -4.08
CA SER H 413 52.38 34.04 -5.02
C SER H 413 51.96 35.51 -5.01
N GLY H 414 50.92 35.86 -4.25
CA GLY H 414 50.46 37.23 -4.18
C GLY H 414 49.90 37.76 -5.49
N ALA H 415 49.06 36.96 -6.15
CA ALA H 415 48.41 37.37 -7.39
C ALA H 415 46.91 37.13 -7.25
N GLN H 416 46.12 38.16 -7.53
CA GLN H 416 44.67 38.03 -7.42
C GLN H 416 44.08 37.29 -8.62
N ASP H 417 44.70 37.43 -9.80
CA ASP H 417 44.13 36.86 -11.01
C ASP H 417 44.03 35.35 -10.93
N ILE H 418 45.09 34.69 -10.44
CA ILE H 418 45.07 33.24 -10.35
C ILE H 418 44.08 32.77 -9.30
N THR H 419 44.03 33.47 -8.16
CA THR H 419 43.07 33.11 -7.13
C THR H 419 41.64 33.25 -7.63
N GLY H 420 41.38 34.23 -8.51
CA GLY H 420 40.04 34.37 -9.04
C GLY H 420 39.61 33.18 -9.88
N VAL H 421 40.48 32.73 -10.78
CA VAL H 421 40.14 31.56 -11.58
C VAL H 421 40.04 30.30 -10.74
N GLY H 422 40.86 30.18 -9.69
CA GLY H 422 40.70 29.06 -8.77
C GLY H 422 39.37 29.07 -8.06
N ILE H 423 38.95 30.26 -7.59
CA ILE H 423 37.67 30.39 -6.91
C ILE H 423 36.53 30.06 -7.85
N GLU H 424 36.66 30.44 -9.13
CA GLU H 424 35.62 30.09 -10.09
C GLU H 424 35.37 28.58 -10.13
N MET H 425 36.43 27.78 -10.26
CA MET H 425 36.28 26.33 -10.24
C MET H 425 35.72 25.87 -8.89
N MET H 426 36.25 26.40 -7.80
CA MET H 426 35.87 25.93 -6.48
C MET H 426 34.37 26.11 -6.25
N GLN H 427 33.83 27.26 -6.64
CA GLN H 427 32.41 27.54 -6.44
C GLN H 427 31.54 27.04 -7.60
N GLN H 428 32.14 26.62 -8.71
CA GLN H 428 31.37 25.90 -9.73
C GLN H 428 31.13 24.46 -9.32
N ASP H 429 32.09 23.84 -8.64
CA ASP H 429 31.91 22.47 -8.19
C ASP H 429 30.82 22.37 -7.13
N ALA H 430 30.69 23.40 -6.28
CA ALA H 430 29.82 23.32 -5.12
C ALA H 430 28.34 23.16 -5.48
N GLN H 431 27.97 23.42 -6.73
CA GLN H 431 26.55 23.36 -7.10
C GLN H 431 25.95 21.98 -6.99
N SER H 432 26.77 20.93 -6.89
CA SER H 432 26.24 19.57 -6.81
C SER H 432 25.48 19.35 -5.51
N LEU H 433 25.74 20.16 -4.47
CA LEU H 433 25.12 19.94 -3.17
C LEU H 433 23.65 20.36 -3.11
N SER H 434 23.15 21.06 -4.13
CA SER H 434 21.78 21.57 -4.08
C SER H 434 20.74 20.49 -4.35
N GLY H 435 21.12 19.38 -4.98
CA GLY H 435 20.14 18.39 -5.41
C GLY H 435 19.94 17.25 -4.43
N ILE H 436 20.80 17.14 -3.43
CA ILE H 436 20.75 16.00 -2.51
C ILE H 436 19.47 16.08 -1.68
N ASP H 437 18.81 14.94 -1.52
CA ASP H 437 17.63 14.82 -0.65
C ASP H 437 18.10 14.41 0.74
N TRP H 438 18.27 15.41 1.61
CA TRP H 438 18.86 15.17 2.92
C TRP H 438 17.97 14.30 3.79
N ARG H 439 16.65 14.40 3.64
CA ARG H 439 15.73 13.74 4.56
C ARG H 439 15.61 12.24 4.31
N ASN H 440 15.94 11.77 3.10
CA ASN H 440 15.73 10.37 2.75
C ASN H 440 17.04 9.61 2.56
N LEU H 441 18.12 10.06 3.20
CA LEU H 441 19.38 9.33 3.15
C LEU H 441 19.24 8.01 3.89
N LYS H 442 19.92 6.98 3.38
CA LYS H 442 19.92 5.69 4.04
C LYS H 442 20.49 5.81 5.45
N THR H 443 19.95 5.02 6.36
CA THR H 443 20.27 5.13 7.79
C THR H 443 21.00 3.89 8.27
N ASP H 444 21.96 4.10 9.16
CA ASP H 444 22.70 3.02 9.78
C ASP H 444 21.86 2.35 10.86
N ALA H 445 22.30 1.16 11.29
CA ALA H 445 21.57 0.42 12.31
C ALA H 445 21.44 1.19 13.61
N ASP H 446 22.30 2.18 13.85
CA ASP H 446 22.27 2.99 15.06
C ASP H 446 21.68 4.37 14.80
N GLY H 447 21.04 4.56 13.64
CA GLY H 447 20.42 5.83 13.33
C GLY H 447 21.31 6.85 12.65
N LYS H 448 22.59 6.56 12.49
CA LYS H 448 23.50 7.50 11.84
C LYS H 448 23.27 7.47 10.33
N PRO H 449 23.04 8.61 9.69
CA PRO H 449 22.90 8.61 8.23
C PRO H 449 24.15 8.08 7.54
N LEU H 450 24.04 7.89 6.23
CA LEU H 450 25.13 7.35 5.39
C LEU H 450 25.32 8.30 4.22
N TYR H 451 26.19 9.29 4.39
CA TYR H 451 26.43 10.27 3.35
C TYR H 451 27.29 9.67 2.24
N PRO H 452 27.08 10.05 0.99
CA PRO H 452 27.98 9.60 -0.09
C PRO H 452 29.36 10.23 0.06
N ALA H 453 30.37 9.53 -0.46
CA ALA H 453 31.75 9.99 -0.33
C ALA H 453 32.04 11.20 -1.21
N ALA H 454 31.12 11.57 -2.11
CA ALA H 454 31.38 12.67 -3.03
C ALA H 454 31.23 14.03 -2.36
N VAL H 455 30.44 14.14 -1.29
CA VAL H 455 30.15 15.44 -0.68
C VAL H 455 31.07 15.69 0.50
N VAL H 456 31.54 14.62 1.15
CA VAL H 456 32.45 14.78 2.27
C VAL H 456 33.74 15.45 1.82
N GLY H 457 34.31 14.97 0.72
CA GLY H 457 35.53 15.53 0.17
C GLY H 457 35.36 16.87 -0.49
N SER H 458 34.12 17.31 -0.70
CA SER H 458 33.83 18.65 -1.18
C SER H 458 33.71 19.63 -0.02
N LEU H 459 33.01 19.25 1.05
CA LEU H 459 32.92 20.10 2.23
C LEU H 459 34.29 20.25 2.89
N GLY H 460 35.04 19.16 3.00
CA GLY H 460 36.36 19.22 3.60
C GLY H 460 37.35 20.05 2.81
N ASN H 461 37.13 20.21 1.51
CA ASN H 461 37.97 21.08 0.70
C ASN H 461 37.48 22.53 0.73
N LEU H 462 36.16 22.75 0.80
CA LEU H 462 35.65 24.10 0.94
C LEU H 462 36.13 24.73 2.25
N GLN H 463 36.06 23.98 3.34
CA GLN H 463 36.53 24.51 4.62
C GLN H 463 38.02 24.81 4.57
N ALA H 464 38.81 23.92 3.96
CA ALA H 464 40.24 24.15 3.86
C ALA H 464 40.54 25.39 3.04
N ALA H 465 39.83 25.58 1.93
CA ALA H 465 40.05 26.76 1.11
C ALA H 465 39.68 28.03 1.86
N TYR H 466 38.56 28.03 2.57
CA TYR H 466 38.16 29.21 3.32
C TYR H 466 39.18 29.54 4.41
N GLN H 467 39.65 28.53 5.14
CA GLN H 467 40.63 28.77 6.18
C GLN H 467 41.96 29.24 5.62
N SER H 468 42.38 28.69 4.47
CA SER H 468 43.61 29.16 3.84
C SER H 468 43.47 30.62 3.41
N ALA H 469 42.32 30.98 2.85
CA ALA H 469 42.10 32.38 2.47
C ALA H 469 42.16 33.29 3.68
N LEU H 470 41.55 32.88 4.79
CA LEU H 470 41.57 33.71 5.99
C LEU H 470 42.95 33.78 6.62
N ALA H 471 43.77 32.73 6.46
CA ALA H 471 45.05 32.68 7.13
C ALA H 471 46.01 33.75 6.63
N ALA H 472 45.90 34.13 5.36
CA ALA H 472 46.81 35.11 4.78
C ALA H 472 46.43 36.55 5.08
N GLY H 473 45.30 36.77 5.77
CA GLY H 473 44.86 38.11 6.05
C GLY H 473 44.11 38.77 4.91
N ASN H 474 43.55 37.99 3.99
CA ASN H 474 42.85 38.50 2.82
C ASN H 474 41.37 38.16 2.99
N GLN H 475 40.63 39.09 3.59
CA GLN H 475 39.20 38.87 3.82
C GLN H 475 38.37 39.19 2.59
N VAL H 476 38.87 40.04 1.69
CA VAL H 476 38.09 40.39 0.50
C VAL H 476 37.81 39.15 -0.35
N GLN H 477 38.86 38.39 -0.67
CA GLN H 477 38.69 37.18 -1.46
C GLN H 477 38.15 36.00 -0.67
N ALA H 478 38.15 36.08 0.66
CA ALA H 478 37.46 35.07 1.46
C ALA H 478 35.96 35.30 1.42
N ASN H 479 35.52 36.56 1.48
CA ASN H 479 34.10 36.86 1.32
C ASN H 479 33.64 36.63 -0.11
N GLN H 480 34.50 36.94 -1.08
CA GLN H 480 34.16 36.69 -2.48
C GLN H 480 33.86 35.23 -2.74
N LEU H 481 34.50 34.32 -1.98
CA LEU H 481 34.27 32.90 -2.18
C LEU H 481 32.87 32.49 -1.72
N LEU H 482 32.39 33.09 -0.64
CA LEU H 482 31.10 32.71 -0.08
C LEU H 482 29.91 33.29 -0.86
N SER H 483 30.16 33.99 -1.96
CA SER H 483 29.10 34.62 -2.73
C SER H 483 28.51 33.70 -3.81
N GLY H 484 28.97 32.45 -3.89
CA GLY H 484 28.46 31.52 -4.89
C GLY H 484 27.99 30.21 -4.33
N LEU H 485 28.23 29.98 -3.04
CA LEU H 485 27.86 28.72 -2.42
C LEU H 485 26.39 28.75 -1.99
N PRO H 486 25.74 27.60 -1.88
CA PRO H 486 24.35 27.57 -1.41
C PRO H 486 24.25 27.99 0.06
N ASP H 487 23.05 28.48 0.41
CA ASP H 487 22.85 29.07 1.74
C ASP H 487 23.24 28.15 2.89
N PRO H 488 22.78 26.89 2.97
CA PRO H 488 23.18 26.05 4.11
C PRO H 488 24.67 25.84 4.22
N VAL H 489 25.39 25.70 3.10
CA VAL H 489 26.83 25.54 3.17
C VAL H 489 27.49 26.81 3.72
N VAL H 490 27.04 27.98 3.27
CA VAL H 490 27.58 29.22 3.80
C VAL H 490 27.32 29.32 5.29
N TYR H 491 26.12 28.93 5.73
CA TYR H 491 25.80 28.97 7.16
C TYR H 491 26.71 28.04 7.95
N GLY H 492 26.96 26.84 7.43
CA GLY H 492 27.75 25.88 8.17
C GLY H 492 29.20 26.30 8.34
N ILE H 493 29.81 26.83 7.28
CA ILE H 493 31.24 27.13 7.32
C ILE H 493 31.54 28.21 8.35
N ARG H 494 30.77 29.30 8.36
CA ARG H 494 31.04 30.40 9.26
C ARG H 494 30.84 30.05 10.73
N GLN H 495 30.11 28.97 11.02
CA GLN H 495 29.93 28.50 12.39
C GLN H 495 31.03 27.48 12.68
N ASN H 496 32.12 27.96 13.25
CA ASN H 496 33.29 27.11 13.51
C ASN H 496 32.87 25.84 14.23
N VAL H 497 33.11 24.70 13.57
CA VAL H 497 32.73 23.40 14.11
C VAL H 497 33.71 22.37 13.58
N ASP H 498 33.91 21.31 14.36
CA ASP H 498 34.82 20.24 13.95
C ASP H 498 34.38 19.69 12.61
N ALA H 499 35.36 19.37 11.75
CA ALA H 499 35.06 18.91 10.40
C ALA H 499 34.19 17.66 10.40
N ARG H 500 34.24 16.87 11.47
CA ARG H 500 33.47 15.63 11.50
C ARG H 500 31.96 15.88 11.59
N ASP H 501 31.55 17.11 11.92
CA ASP H 501 30.13 17.43 12.11
C ASP H 501 29.60 18.42 11.08
N LEU H 502 30.43 18.85 10.13
CA LEU H 502 29.97 19.82 9.15
C LEU H 502 28.85 19.26 8.28
N ALA H 503 28.96 18.00 7.86
CA ALA H 503 27.91 17.41 7.04
C ALA H 503 26.59 17.33 7.80
N ASP H 504 26.64 16.92 9.07
CA ASP H 504 25.42 16.87 9.87
C ASP H 504 24.82 18.25 10.06
N VAL H 505 25.65 19.26 10.33
CA VAL H 505 25.14 20.62 10.51
C VAL H 505 24.46 21.09 9.23
N VAL H 506 25.10 20.86 8.08
CA VAL H 506 24.52 21.29 6.81
C VAL H 506 23.20 20.58 6.55
N GLY H 507 23.16 19.27 6.81
CA GLY H 507 21.94 18.52 6.59
C GLY H 507 20.80 19.00 7.46
N LYS H 508 21.08 19.25 8.73
CA LYS H 508 20.04 19.78 9.61
C LYS H 508 19.57 21.17 9.17
N ARG H 509 20.51 22.04 8.79
CA ARG H 509 20.14 23.40 8.40
C ARG H 509 19.29 23.39 7.13
N ALA H 510 19.61 22.52 6.18
CA ALA H 510 18.87 22.48 4.93
C ALA H 510 17.39 22.19 5.16
N GLN H 511 17.08 21.15 5.93
CA GLN H 511 15.70 20.79 6.21
C GLN H 511 15.07 21.65 7.28
N ASP H 512 15.85 22.43 8.03
CA ASP H 512 15.26 23.48 8.84
C ASP H 512 14.78 24.64 7.98
N ILE H 513 15.58 25.02 6.98
CA ILE H 513 15.16 26.05 6.03
C ILE H 513 13.94 25.58 5.24
N ALA H 514 13.95 24.32 4.80
CA ALA H 514 12.85 23.81 4.00
C ALA H 514 11.53 23.87 4.75
N SER H 515 11.57 23.89 6.08
CA SER H 515 10.36 23.89 6.89
C SER H 515 9.85 25.29 7.22
N GLY H 516 10.49 26.33 6.69
CA GLY H 516 10.03 27.68 6.94
C GLY H 516 10.23 28.17 8.35
N LYS H 517 11.34 27.80 8.99
CA LYS H 517 11.64 28.24 10.35
C LYS H 517 12.41 29.56 10.39
N VAL H 518 12.66 30.19 9.24
CA VAL H 518 13.44 31.43 9.16
C VAL H 518 12.50 32.57 8.83
N LEU H 519 12.63 33.67 9.56
CA LEU H 519 11.78 34.85 9.34
C LEU H 519 12.24 35.60 8.10
N ALA H 520 11.27 36.17 7.39
CA ALA H 520 11.57 36.95 6.19
C ALA H 520 12.21 38.28 6.55
N LEU H 521 13.09 38.75 5.67
CA LEU H 521 13.78 40.01 5.91
C LEU H 521 12.88 41.20 5.56
N PRO H 522 13.13 42.36 6.15
CA PRO H 522 12.30 43.54 5.84
C PRO H 522 12.55 44.04 4.42
N ALA H 523 11.73 45.02 4.03
CA ALA H 523 11.89 45.63 2.72
C ALA H 523 13.05 46.62 2.68
N ASN H 524 13.50 47.10 3.85
CA ASN H 524 14.64 48.00 3.96
C ASN H 524 15.77 47.28 4.67
N MET H 525 16.99 47.47 4.17
CA MET H 525 18.12 46.74 4.71
C MET H 525 18.33 47.12 6.18
N PRO H 526 18.63 46.15 7.06
CA PRO H 526 18.84 46.49 8.47
C PRO H 526 20.03 47.43 8.63
N ALA H 527 19.95 48.27 9.66
CA ALA H 527 21.03 49.21 9.93
C ALA H 527 22.32 48.49 10.26
N ASP H 528 22.23 47.31 10.87
CA ASP H 528 23.42 46.58 11.29
C ASP H 528 24.21 46.02 10.11
N VAL H 529 23.67 46.06 8.90
CA VAL H 529 24.40 45.57 7.72
C VAL H 529 25.33 46.62 7.13
N SER H 530 25.16 47.89 7.48
CA SER H 530 26.00 48.94 6.93
C SER H 530 27.43 48.82 7.44
N ILE H 531 28.33 49.56 6.80
CA ILE H 531 29.76 49.54 7.11
C ILE H 531 30.13 50.86 7.76
N THR H 532 30.91 50.79 8.83
CA THR H 532 31.34 51.97 9.57
C THR H 532 32.82 51.85 9.88
N GLN H 533 33.35 52.89 10.53
CA GLN H 533 34.78 52.93 10.82
C GLN H 533 35.21 51.76 11.69
N ALA H 534 34.35 51.32 12.61
CA ALA H 534 34.70 50.19 13.45
C ALA H 534 34.96 48.94 12.62
N ASP H 535 34.21 48.76 11.54
CA ASP H 535 34.45 47.63 10.64
C ASP H 535 35.72 47.81 9.82
N VAL H 536 36.08 49.04 9.47
CA VAL H 536 37.34 49.28 8.77
C VAL H 536 38.51 48.91 9.69
N THR H 537 38.43 49.30 10.96
CA THR H 537 39.48 48.94 11.92
C THR H 537 39.54 47.42 12.11
N ALA H 538 38.41 46.74 11.95
CA ALA H 538 38.35 45.29 12.16
C ALA H 538 39.12 44.50 11.11
N GLY H 539 39.51 45.11 10.00
CA GLY H 539 40.28 44.44 8.98
C GLY H 539 39.61 44.25 7.65
N ILE H 540 38.36 44.71 7.49
CA ILE H 540 37.73 44.65 6.18
C ILE H 540 38.45 45.59 5.22
N PHE H 541 38.34 45.29 3.94
CA PHE H 541 39.05 45.95 2.84
C PHE H 541 40.50 45.53 2.76
N ASP H 542 40.95 44.59 3.59
CA ASP H 542 42.32 44.09 3.52
C ASP H 542 42.40 43.07 2.38
N LEU H 543 43.23 43.37 1.38
CA LEU H 543 43.36 42.54 0.19
C LEU H 543 44.54 41.59 0.26
N GLY H 544 45.28 41.57 1.36
CA GLY H 544 46.38 40.63 1.51
C GLY H 544 47.66 41.11 0.83
N LEU H 545 48.47 40.15 0.41
CA LEU H 545 49.75 40.45 -0.21
C LEU H 545 49.54 41.08 -1.58
N GLY H 546 50.56 41.82 -2.03
CA GLY H 546 50.50 42.47 -3.32
C GLY H 546 51.79 43.18 -3.68
N LYS H 547 51.88 43.65 -4.92
CA LYS H 547 53.10 44.34 -5.36
C LYS H 547 53.09 45.80 -4.93
N ASP H 548 52.11 46.57 -5.40
CA ASP H 548 52.06 47.98 -5.11
C ASP H 548 51.27 48.24 -3.83
N ALA H 549 51.59 49.35 -3.17
CA ALA H 549 50.82 49.77 -2.00
C ALA H 549 49.37 50.07 -2.36
N ARG H 550 49.15 50.67 -3.52
CA ARG H 550 47.79 50.98 -3.97
C ARG H 550 46.99 49.73 -4.30
N ASN H 551 47.62 48.56 -4.40
CA ASN H 551 46.95 47.36 -4.88
C ASN H 551 46.81 46.31 -3.78
N ARG H 552 46.81 46.73 -2.51
CA ARG H 552 46.46 45.84 -1.41
C ARG H 552 45.42 46.46 -0.49
N ASN H 553 44.83 47.58 -0.87
CA ASN H 553 43.65 48.13 -0.21
C ASN H 553 42.58 48.35 -1.27
N MET H 554 41.38 47.82 -1.04
CA MET H 554 40.36 47.85 -2.07
C MET H 554 39.92 49.28 -2.39
N LEU H 555 40.14 50.23 -1.48
CA LEU H 555 39.80 51.62 -1.74
C LEU H 555 40.83 52.33 -2.61
N GLY H 556 42.03 51.79 -2.75
CA GLY H 556 43.02 52.35 -3.65
C GLY H 556 43.86 53.47 -3.10
N ILE H 557 43.85 53.69 -1.78
CA ILE H 557 44.66 54.73 -1.17
C ILE H 557 46.10 54.24 -1.04
N GLN H 558 47.06 55.13 -1.27
CA GLN H 558 48.47 54.76 -1.30
C GLN H 558 49.13 54.90 0.08
N SER H 559 49.09 56.10 0.64
CA SER H 559 49.79 56.36 1.90
C SER H 559 49.29 55.41 2.98
N TRP H 560 50.22 54.69 3.61
CA TRP H 560 49.90 53.74 4.67
C TRP H 560 50.67 53.99 5.97
N VAL H 561 51.54 54.99 6.01
CA VAL H 561 52.31 55.31 7.20
C VAL H 561 52.05 56.74 7.66
N PHE H 562 52.16 57.71 6.74
CA PHE H 562 51.85 59.10 7.02
C PHE H 562 50.78 59.55 6.04
N THR H 563 49.64 60.01 6.56
CA THR H 563 48.47 60.33 5.75
C THR H 563 48.01 61.75 6.06
N SER H 564 47.64 62.49 5.02
CA SER H 564 47.08 63.83 5.18
C SER H 564 45.56 63.78 5.17
N ASP H 565 44.95 64.92 5.47
CA ASP H 565 43.49 65.01 5.48
C ASP H 565 42.88 64.75 4.12
N ALA H 566 43.62 65.01 3.04
CA ALA H 566 43.09 64.74 1.69
C ALA H 566 42.78 63.27 1.52
N ASP H 567 43.63 62.38 2.02
CA ASP H 567 43.34 60.95 1.99
C ASP H 567 42.14 60.62 2.86
N GLU H 568 41.98 61.28 4.01
CA GLU H 568 40.83 61.04 4.86
C GLU H 568 39.53 61.38 4.16
N LYS H 569 39.49 62.51 3.44
CA LYS H 569 38.28 62.88 2.71
C LYS H 569 37.94 61.85 1.65
N ALA H 570 38.95 61.38 0.89
CA ALA H 570 38.71 60.38 -0.14
C ALA H 570 38.19 59.08 0.47
N ALA H 571 38.78 58.64 1.59
CA ALA H 571 38.31 57.43 2.25
C ALA H 571 36.87 57.59 2.71
N GLN H 572 36.54 58.77 3.28
CA GLN H 572 35.19 59.00 3.74
C GLN H 572 34.19 58.95 2.59
N ALA H 573 34.54 59.56 1.46
CA ALA H 573 33.65 59.52 0.30
C ALA H 573 33.49 58.09 -0.23
N ARG H 574 34.59 57.33 -0.27
CA ARG H 574 34.55 56.00 -0.85
C ARG H 574 33.78 55.02 0.03
N VAL H 575 33.82 55.21 1.35
CA VAL H 575 33.00 54.37 2.24
C VAL H 575 31.52 54.56 1.92
N SER H 576 31.09 55.82 1.76
CA SER H 576 29.70 56.08 1.41
C SER H 576 29.37 55.53 0.02
N GLN H 577 30.31 55.61 -0.91
CA GLN H 577 30.08 55.02 -2.23
C GLN H 577 29.82 53.52 -2.12
N VAL H 578 30.64 52.82 -1.35
CA VAL H 578 30.46 51.38 -1.18
C VAL H 578 29.13 51.09 -0.49
N ASN H 579 28.77 51.90 0.51
CA ASN H 579 27.50 51.71 1.18
C ASN H 579 26.32 51.85 0.22
N SER H 580 26.37 52.87 -0.64
CA SER H 580 25.30 53.06 -1.62
C SER H 580 25.23 51.87 -2.58
N ALA H 581 26.38 51.39 -3.04
CA ALA H 581 26.38 50.23 -3.93
C ALA H 581 25.74 49.02 -3.24
N MET H 582 26.11 48.77 -1.98
CA MET H 582 25.53 47.65 -1.25
C MET H 582 24.02 47.82 -1.07
N ASN H 583 23.56 49.04 -0.78
CA ASN H 583 22.13 49.27 -0.62
C ASN H 583 21.39 48.98 -1.93
N ASN H 584 21.93 49.45 -3.05
CA ASN H 584 21.28 49.18 -4.34
C ASN H 584 21.24 47.67 -4.61
N GLU H 585 22.35 46.97 -4.35
CA GLU H 585 22.37 45.53 -4.57
C GLU H 585 21.32 44.82 -3.71
N TYR H 586 21.23 45.20 -2.43
CA TYR H 586 20.26 44.57 -1.55
C TYR H 586 18.84 44.83 -2.02
N VAL H 587 18.54 46.07 -2.42
CA VAL H 587 17.19 46.38 -2.89
C VAL H 587 16.86 45.54 -4.12
N TYR H 588 17.78 45.48 -5.08
CA TYR H 588 17.51 44.72 -6.30
C TYR H 588 17.28 43.25 -5.99
N ASN H 589 18.10 42.68 -5.11
CA ASN H 589 17.92 41.27 -4.75
C ASN H 589 16.58 41.05 -4.04
N GLN H 590 16.21 41.95 -3.14
CA GLN H 590 14.97 41.78 -2.38
C GLN H 590 13.76 41.85 -3.29
N GLN H 591 13.75 42.79 -4.25
CA GLN H 591 12.59 42.93 -5.11
C GLN H 591 12.34 41.67 -5.93
N ARG H 592 13.39 41.03 -6.44
CA ARG H 592 13.23 39.81 -7.22
C ARG H 592 12.87 38.61 -6.34
N GLY H 593 12.91 38.75 -5.02
CA GLY H 593 12.64 37.63 -4.14
C GLY H 593 13.68 36.53 -4.21
N SER H 594 14.97 36.90 -4.19
CA SER H 594 16.05 35.94 -4.28
C SER H 594 17.06 36.07 -3.15
N LEU H 595 16.69 36.72 -2.05
CA LEU H 595 17.61 36.89 -0.94
C LEU H 595 17.91 35.56 -0.28
N PRO H 596 19.12 35.37 0.24
CA PRO H 596 19.44 34.11 0.92
C PRO H 596 18.90 34.10 2.35
N ALA H 597 18.91 32.91 2.95
CA ALA H 597 18.45 32.72 4.32
C ALA H 597 19.59 32.98 5.30
N LEU H 598 19.94 34.26 5.43
CA LEU H 598 21.01 34.70 6.31
C LEU H 598 20.59 35.99 7.00
N VAL H 599 21.30 36.34 8.07
CA VAL H 599 21.00 37.52 8.87
C VAL H 599 22.29 38.08 9.45
N GLY H 600 22.32 39.40 9.59
CA GLY H 600 23.43 40.04 10.29
C GLY H 600 24.73 39.91 9.53
N ASP H 601 25.75 39.40 10.24
CA ASP H 601 27.11 39.37 9.68
C ASP H 601 27.19 38.51 8.44
N ASP H 602 26.47 37.39 8.40
CA ASP H 602 26.51 36.55 7.20
C ASP H 602 25.96 37.30 5.99
N LEU H 603 24.86 38.03 6.16
CA LEU H 603 24.31 38.81 5.07
C LEU H 603 25.27 39.93 4.65
N LYS H 604 25.90 40.56 5.64
CA LYS H 604 26.88 41.61 5.31
C LYS H 604 28.02 41.04 4.48
N SER H 605 28.53 39.87 4.87
CA SER H 605 29.62 39.25 4.11
C SER H 605 29.16 38.87 2.71
N TRP H 606 27.93 38.34 2.59
CA TRP H 606 27.41 37.99 1.28
C TRP H 606 27.35 39.21 0.37
N LEU H 607 26.80 40.32 0.87
CA LEU H 607 26.70 41.53 0.07
C LEU H 607 28.07 42.08 -0.28
N MET H 608 28.99 42.09 0.69
CA MET H 608 30.34 42.60 0.42
C MET H 608 31.04 41.76 -0.64
N GLY H 609 30.91 40.44 -0.57
CA GLY H 609 31.46 39.59 -1.62
C GLY H 609 30.83 39.79 -2.97
N LYS H 610 29.51 40.03 -3.02
CA LYS H 610 28.87 40.35 -4.29
C LYS H 610 29.42 41.65 -4.89
N VAL H 611 29.58 42.67 -4.04
CA VAL H 611 30.06 43.96 -4.55
C VAL H 611 31.54 43.90 -4.89
N ALA H 612 32.32 43.12 -4.14
CA ALA H 612 33.77 43.15 -4.29
C ALA H 612 34.22 42.74 -5.68
N SER H 613 33.42 41.91 -6.36
CA SER H 613 33.86 41.38 -7.65
C SER H 613 33.81 42.41 -8.77
N ARG H 614 33.02 43.47 -8.60
CA ARG H 614 32.79 44.45 -9.66
C ARG H 614 33.54 45.76 -9.44
N THR H 615 34.60 45.76 -8.63
CA THR H 615 35.33 46.98 -8.32
C THR H 615 36.61 47.04 -9.15
N VAL H 616 36.87 48.21 -9.74
CA VAL H 616 38.06 48.45 -10.55
C VAL H 616 38.68 49.78 -10.12
N ARG H 617 39.99 49.79 -9.95
CA ARG H 617 40.72 50.96 -9.48
C ARG H 617 41.47 51.61 -10.65
N VAL H 618 40.79 52.53 -11.33
CA VAL H 618 41.43 53.28 -12.41
C VAL H 618 42.64 54.02 -11.85
N LYS H 619 43.66 54.19 -12.68
CA LYS H 619 44.96 54.65 -12.19
C LYS H 619 45.13 56.17 -12.32
N ASP H 620 45.06 56.69 -13.54
CA ASP H 620 45.55 58.03 -13.84
C ASP H 620 44.53 59.10 -13.45
N GLY H 621 45.05 60.34 -13.36
CA GLY H 621 44.23 61.52 -13.16
C GLY H 621 44.74 62.37 -12.01
N THR H 622 45.13 61.73 -10.92
CA THR H 622 45.67 62.38 -9.73
C THR H 622 46.29 61.30 -8.85
N ASP H 623 46.69 61.67 -7.64
CA ASP H 623 47.09 60.68 -6.66
C ASP H 623 45.87 59.91 -6.17
N ASN H 624 46.11 58.65 -5.79
CA ASN H 624 45.04 57.75 -5.34
C ASN H 624 44.13 57.34 -6.49
N GLY H 625 44.39 57.85 -7.70
CA GLY H 625 43.60 57.45 -8.85
C GLY H 625 42.12 57.71 -8.64
N ALA H 626 41.31 56.73 -9.03
CA ALA H 626 39.86 56.80 -8.90
C ALA H 626 39.32 55.40 -8.71
N LEU H 627 38.10 55.32 -8.18
CA LEU H 627 37.43 54.06 -7.88
C LEU H 627 36.10 54.01 -8.60
N LEU H 628 35.84 52.89 -9.29
CA LEU H 628 34.61 52.70 -10.03
C LEU H 628 34.07 51.30 -9.76
N VAL H 629 32.75 51.15 -9.91
CA VAL H 629 32.08 49.86 -9.79
C VAL H 629 31.36 49.59 -11.11
N LEU H 630 31.80 48.56 -11.82
CA LEU H 630 31.24 48.25 -13.12
C LEU H 630 29.80 47.73 -12.96
N PRO H 631 28.93 48.03 -13.92
CA PRO H 631 27.55 47.52 -13.85
C PRO H 631 27.49 46.05 -14.25
N GLU H 632 26.38 45.41 -13.88
CA GLU H 632 26.15 44.04 -14.26
C GLU H 632 25.70 43.96 -15.72
N VAL H 633 26.22 42.96 -16.43
CA VAL H 633 25.94 42.76 -17.85
C VAL H 633 25.65 41.28 -18.08
N GLY H 634 24.88 41.01 -19.13
CA GLY H 634 24.60 39.65 -19.53
C GLY H 634 25.87 38.84 -19.69
N ASP H 635 26.69 39.20 -20.67
CA ASP H 635 27.99 38.60 -20.87
C ASP H 635 29.01 39.69 -21.18
N LYS H 636 30.15 39.63 -20.49
CA LYS H 636 31.14 40.70 -20.60
C LYS H 636 31.77 40.77 -21.98
N GLN H 637 31.88 39.64 -22.66
CA GLN H 637 32.60 39.58 -23.93
C GLN H 637 31.92 40.38 -25.04
N LYS H 638 30.63 40.67 -24.90
CA LYS H 638 29.93 41.44 -25.93
C LYS H 638 30.08 42.94 -25.73
N VAL H 639 30.12 43.40 -24.48
CA VAL H 639 30.18 44.83 -24.20
C VAL H 639 31.62 45.26 -23.99
N PHE H 640 32.28 44.70 -22.98
CA PHE H 640 33.64 45.10 -22.66
C PHE H 640 34.69 44.47 -23.57
N GLY H 641 34.37 43.33 -24.18
CA GLY H 641 35.29 42.66 -25.07
C GLY H 641 36.26 41.72 -24.41
N SER H 642 36.27 41.65 -23.08
CA SER H 642 37.16 40.76 -22.37
C SER H 642 36.60 40.50 -20.98
N THR H 643 36.97 39.34 -20.41
CA THR H 643 36.47 38.97 -19.09
C THR H 643 37.45 39.29 -17.96
N ASP H 644 38.59 39.91 -18.27
CA ASP H 644 39.60 40.21 -17.27
C ASP H 644 39.55 41.71 -16.96
N ASN H 645 39.58 42.03 -15.66
CA ASN H 645 39.47 43.42 -15.23
C ASN H 645 40.76 44.20 -15.46
N GLY H 646 41.91 43.52 -15.51
CA GLY H 646 43.18 44.21 -15.67
C GLY H 646 43.34 44.94 -16.98
N ILE H 647 42.55 44.58 -17.99
CA ILE H 647 42.59 45.29 -19.27
C ILE H 647 41.60 46.45 -19.28
N ILE H 648 40.42 46.25 -18.69
CA ILE H 648 39.44 47.33 -18.62
C ILE H 648 39.97 48.47 -17.75
N GLU H 649 40.71 48.13 -16.69
CA GLU H 649 41.29 49.17 -15.85
C GLU H 649 42.23 50.08 -16.63
N SER H 650 43.06 49.49 -17.51
CA SER H 650 43.95 50.29 -18.34
C SER H 650 43.19 51.04 -19.42
N ALA H 651 42.14 50.42 -19.97
CA ALA H 651 41.40 51.03 -21.08
C ALA H 651 40.56 52.22 -20.63
N LEU H 652 40.06 52.21 -19.39
CA LEU H 652 39.19 53.31 -18.94
C LEU H 652 39.96 54.58 -18.60
N THR H 653 41.29 54.54 -18.66
CA THR H 653 42.09 55.66 -18.17
C THR H 653 41.81 56.94 -18.94
N GLU H 654 41.79 56.87 -20.28
CA GLU H 654 41.61 58.08 -21.07
C GLU H 654 40.23 58.69 -20.83
N SER H 655 39.19 57.86 -20.80
CA SER H 655 37.84 58.37 -20.59
C SER H 655 37.71 59.01 -19.21
N VAL H 656 38.27 58.35 -18.19
CA VAL H 656 38.17 58.92 -16.84
C VAL H 656 38.93 60.23 -16.76
N THR H 657 40.13 60.29 -17.34
CA THR H 657 40.91 61.53 -17.30
C THR H 657 40.18 62.66 -18.01
N ASN H 658 39.60 62.39 -19.17
CA ASN H 658 38.86 63.42 -19.89
C ASN H 658 37.67 63.89 -19.07
N PHE H 659 36.92 62.95 -18.49
CA PHE H 659 35.74 63.32 -17.71
C PHE H 659 36.13 64.20 -16.54
N LYS H 660 37.20 63.86 -15.83
CA LYS H 660 37.65 64.68 -14.72
C LYS H 660 38.20 66.02 -15.18
N LYS H 661 38.80 66.08 -16.37
CA LYS H 661 39.30 67.35 -16.88
C LYS H 661 38.15 68.29 -17.21
N GLN H 662 37.07 67.77 -17.78
CA GLN H 662 35.94 68.63 -18.15
C GLN H 662 35.24 69.19 -16.93
N TYR H 663 35.15 68.43 -15.84
CA TYR H 663 34.39 68.81 -14.65
C TYR H 663 35.27 68.70 -13.42
N PRO H 664 36.12 69.70 -13.16
CA PRO H 664 36.98 69.64 -11.96
C PRO H 664 36.20 69.55 -10.66
N GLN H 665 35.01 70.15 -10.59
CA GLN H 665 34.26 70.19 -9.34
C GLN H 665 33.74 68.81 -8.93
N ALA H 666 33.68 67.86 -9.86
CA ALA H 666 33.17 66.53 -9.55
C ALA H 666 34.16 65.78 -8.68
N THR H 667 33.68 65.19 -7.59
CA THR H 667 34.54 64.47 -6.67
C THR H 667 34.53 62.96 -6.96
N THR H 668 33.38 62.41 -7.31
CA THR H 668 33.24 60.99 -7.56
C THR H 668 32.53 60.77 -8.89
N VAL H 669 32.73 59.58 -9.45
CA VAL H 669 32.19 59.22 -10.76
C VAL H 669 31.42 57.92 -10.63
N GLN H 670 30.32 57.81 -11.37
CA GLN H 670 29.50 56.61 -11.43
C GLN H 670 29.35 56.18 -12.88
N MET H 671 29.25 54.87 -13.09
CA MET H 671 29.19 54.30 -14.42
C MET H 671 27.93 53.46 -14.57
N ASP H 672 27.30 53.53 -15.73
CA ASP H 672 26.06 52.79 -15.99
C ASP H 672 26.02 52.41 -17.46
N TYR H 673 25.21 51.40 -17.76
CA TYR H 673 25.10 50.83 -19.09
C TYR H 673 23.66 50.93 -19.58
N ASP H 674 23.48 51.40 -20.82
CA ASP H 674 22.17 51.53 -21.43
C ASP H 674 22.04 50.51 -22.55
N PRO H 675 21.36 49.37 -22.34
CA PRO H 675 21.35 48.33 -23.37
C PRO H 675 20.63 48.75 -24.65
N LEU H 676 19.62 49.61 -24.56
CA LEU H 676 18.78 49.89 -25.73
C LEU H 676 19.60 50.47 -26.88
N THR H 677 20.48 51.43 -26.59
CA THR H 677 21.31 52.06 -27.61
C THR H 677 22.76 51.60 -27.56
N GLN H 678 23.08 50.58 -26.77
CA GLN H 678 24.44 50.08 -26.63
C GLN H 678 25.39 51.22 -26.26
N GLU H 679 25.15 51.81 -25.10
CA GLU H 679 25.82 53.03 -24.67
C GLU H 679 26.32 52.89 -23.24
N LEU H 680 27.45 53.54 -22.96
CA LEU H 680 28.01 53.64 -21.62
C LEU H 680 27.91 55.07 -21.15
N ILE H 681 27.47 55.26 -19.91
CA ILE H 681 27.16 56.59 -19.38
C ILE H 681 27.94 56.82 -18.10
N PHE H 682 28.52 58.02 -17.99
CA PHE H 682 29.19 58.48 -16.79
C PHE H 682 28.43 59.65 -16.20
N GLN H 683 28.38 59.72 -14.87
CA GLN H 683 27.66 60.77 -14.17
C GLN H 683 28.31 61.03 -12.83
N GLY H 684 28.34 62.30 -12.43
CA GLY H 684 28.82 62.67 -11.11
C GLY H 684 27.74 62.41 -10.07
N VAL H 685 28.19 62.08 -8.85
CA VAL H 685 27.29 61.69 -7.77
C VAL H 685 27.59 62.52 -6.54
N ASN H 686 26.57 62.72 -5.72
CA ASN H 686 26.65 63.41 -4.45
C ASN H 686 26.33 62.43 -3.32
N ALA H 687 26.58 62.87 -2.08
CA ALA H 687 26.26 62.05 -0.92
C ALA H 687 24.75 61.93 -0.77
N GLU H 688 24.30 61.01 0.08
CA GLU H 688 22.88 60.76 0.31
C GLU H 688 22.21 60.14 -0.91
N ASN H 689 22.98 59.49 -1.78
CA ASN H 689 22.47 58.82 -2.98
C ASN H 689 21.85 59.79 -3.97
N GLN H 690 22.19 61.07 -3.87
CA GLN H 690 21.70 62.05 -4.84
C GLN H 690 22.67 62.18 -6.01
N LEU H 691 22.13 62.61 -7.15
CA LEU H 691 22.88 62.66 -8.39
C LEU H 691 23.05 64.11 -8.85
N GLY H 692 24.15 64.35 -9.56
CA GLY H 692 24.46 65.68 -10.07
C GLY H 692 23.92 65.91 -11.47
N THR H 693 24.39 66.99 -12.08
CA THR H 693 23.94 67.39 -13.40
C THR H 693 24.91 67.02 -14.51
N THR H 694 26.17 66.73 -14.18
CA THR H 694 27.15 66.37 -15.20
C THR H 694 26.87 64.98 -15.75
N ARG H 695 27.11 64.81 -17.04
CA ARG H 695 26.89 63.52 -17.68
C ARG H 695 27.75 63.43 -18.94
N ALA H 696 28.03 62.19 -19.34
CA ALA H 696 28.82 61.92 -20.55
C ALA H 696 28.37 60.60 -21.14
N SER H 697 28.66 60.41 -22.42
CA SER H 697 28.22 59.24 -23.16
C SER H 697 29.34 58.75 -24.06
N ILE H 698 29.49 57.43 -24.15
CA ILE H 698 30.53 56.80 -24.95
C ILE H 698 29.97 55.53 -25.60
N PRO H 699 30.10 55.36 -26.91
CA PRO H 699 29.65 54.10 -27.52
C PRO H 699 30.53 52.93 -27.10
N ALA H 700 29.97 51.73 -27.19
CA ALA H 700 30.70 50.53 -26.80
C ALA H 700 31.69 50.08 -27.87
N ALA H 701 31.42 50.39 -29.14
CA ALA H 701 32.24 49.88 -30.23
C ALA H 701 33.68 50.38 -30.11
N ASP H 702 33.87 51.68 -29.92
CA ASP H 702 35.21 52.23 -29.77
C ASP H 702 35.89 51.76 -28.50
N PHE H 703 35.13 51.54 -27.42
CA PHE H 703 35.73 51.00 -26.20
C PHE H 703 36.28 49.59 -26.45
N ARG H 704 35.50 48.75 -27.15
CA ARG H 704 35.98 47.42 -27.49
C ARG H 704 37.20 47.49 -28.41
N ASN H 705 37.18 48.42 -29.36
CA ASN H 705 38.32 48.58 -30.25
C ASN H 705 39.58 48.97 -29.47
N THR H 706 39.43 49.89 -28.50
CA THR H 706 40.57 50.27 -27.68
C THR H 706 41.07 49.10 -26.83
N VAL H 707 40.15 48.31 -26.27
CA VAL H 707 40.56 47.16 -25.48
C VAL H 707 41.35 46.18 -26.34
N ARG H 708 40.86 45.91 -27.54
CA ARG H 708 41.56 45.00 -28.44
C ARG H 708 42.91 45.56 -28.85
N GLY H 709 43.00 46.88 -29.08
CA GLY H 709 44.28 47.48 -29.39
C GLY H 709 45.29 47.35 -28.27
N VAL H 710 44.83 47.52 -27.03
CA VAL H 710 45.73 47.34 -25.88
C VAL H 710 46.17 45.89 -25.78
N GLN H 711 45.24 44.96 -25.97
CA GLN H 711 45.59 43.54 -25.90
C GLN H 711 46.61 43.16 -26.98
N ASN H 712 46.44 43.69 -28.19
CA ASN H 712 47.38 43.40 -29.26
C ASN H 712 48.77 43.89 -28.92
N THR H 713 48.88 45.10 -28.37
CA THR H 713 50.19 45.60 -27.94
C THR H 713 50.78 44.73 -26.84
N LEU H 714 49.96 44.28 -25.91
CA LEU H 714 50.45 43.43 -24.83
C LEU H 714 51.00 42.12 -25.38
N THR H 715 50.25 41.46 -26.26
CA THR H 715 50.64 40.16 -26.77
C THR H 715 51.53 40.25 -28.01
N GLN H 716 51.77 41.44 -28.54
CA GLN H 716 52.62 41.64 -29.71
C GLN H 716 52.00 40.99 -30.95
N ASN H 717 50.73 41.32 -31.18
CA ASN H 717 50.00 40.82 -32.35
C ASN H 717 49.88 39.29 -32.34
N GLY H 718 50.04 38.68 -31.16
CA GLY H 718 49.88 37.26 -31.03
C GLY H 718 51.05 36.43 -31.51
N SER H 719 52.16 37.06 -31.90
CA SER H 719 53.33 36.32 -32.37
C SER H 719 54.18 35.79 -31.23
N GLY H 720 54.00 36.31 -30.02
CA GLY H 720 54.77 35.85 -28.88
C GLY H 720 56.10 36.58 -28.74
N THR H 721 56.82 36.22 -27.69
CA THR H 721 58.11 36.82 -27.41
C THR H 721 59.16 36.32 -28.41
N THR H 722 60.27 37.06 -28.50
CA THR H 722 61.33 36.74 -29.45
C THR H 722 62.72 36.80 -28.82
N GLN H 723 62.82 36.84 -27.49
CA GLN H 723 64.12 36.86 -26.85
C GLN H 723 64.84 35.53 -27.06
N GLY H 724 66.15 35.59 -27.15
CA GLY H 724 66.95 34.41 -27.41
C GLY H 724 68.33 34.50 -26.83
N ASN H 725 69.18 33.56 -27.22
CA ASN H 725 70.55 33.47 -26.74
C ASN H 725 71.44 32.94 -27.85
N LEU H 726 72.75 33.17 -27.70
CA LEU H 726 73.75 32.69 -28.64
C LEU H 726 74.92 32.07 -27.90
N ASN H 727 75.62 31.17 -28.58
CA ASN H 727 76.86 30.60 -28.08
C ASN H 727 78.02 31.14 -28.89
N VAL H 728 78.84 31.99 -28.26
CA VAL H 728 79.98 32.61 -28.90
C VAL H 728 81.24 31.97 -28.33
N PRO H 729 82.13 31.41 -29.16
CA PRO H 729 83.34 30.80 -28.62
C PRO H 729 84.12 31.77 -27.75
N GLY H 730 84.57 31.27 -26.60
CA GLY H 730 85.34 32.08 -25.67
C GLY H 730 84.48 33.01 -24.83
N ALA H 731 83.67 33.83 -25.48
CA ALA H 731 82.88 34.83 -24.75
C ALA H 731 81.72 34.21 -23.99
N GLY H 732 81.27 33.02 -24.38
CA GLY H 732 80.16 32.39 -23.68
C GLY H 732 78.81 32.84 -24.21
N PHE H 733 77.80 32.73 -23.35
CA PHE H 733 76.43 33.06 -23.74
C PHE H 733 76.23 34.56 -23.81
N VAL H 734 75.42 34.99 -24.78
CA VAL H 734 75.04 36.39 -24.94
C VAL H 734 73.58 36.45 -25.38
N SER H 735 72.98 37.62 -25.20
CA SER H 735 71.59 37.82 -25.56
C SER H 735 71.45 38.04 -27.06
N PHE H 736 70.29 37.66 -27.60
CA PHE H 736 70.02 37.78 -29.02
C PHE H 736 68.51 37.86 -29.24
N ASN H 737 68.10 38.77 -30.12
CA ASN H 737 66.70 38.99 -30.45
C ASN H 737 66.46 38.52 -31.87
N ALA H 738 65.47 37.64 -32.03
CA ALA H 738 65.18 37.02 -33.32
C ALA H 738 64.07 37.73 -34.10
N GLY H 739 63.63 38.90 -33.64
CA GLY H 739 62.55 39.59 -34.34
C GLY H 739 62.96 39.96 -35.75
N ASN H 740 61.97 39.98 -36.64
CA ASN H 740 62.20 40.33 -38.04
C ASN H 740 60.91 40.90 -38.61
N SER H 741 61.04 41.55 -39.76
CA SER H 741 59.92 42.24 -40.40
C SER H 741 59.29 41.45 -41.54
N PHE H 742 59.62 40.16 -41.68
CA PHE H 742 59.07 39.34 -42.75
C PHE H 742 58.19 38.21 -42.25
N GLY H 743 58.11 37.99 -40.95
CA GLY H 743 57.23 36.98 -40.41
C GLY H 743 57.82 35.59 -40.29
N ILE H 744 59.14 35.45 -40.30
CA ILE H 744 59.76 34.13 -40.18
C ILE H 744 59.74 33.71 -38.72
N GLN H 745 59.23 32.51 -38.46
CA GLN H 745 59.05 32.04 -37.10
C GLN H 745 60.41 31.84 -36.42
N LYS H 746 60.40 31.91 -35.09
CA LYS H 746 61.65 32.06 -34.33
C LYS H 746 62.63 30.94 -34.63
N ASN H 747 62.18 29.68 -34.52
CA ASN H 747 63.09 28.56 -34.69
C ASN H 747 63.60 28.43 -36.12
N VAL H 748 62.96 29.07 -37.08
CA VAL H 748 63.47 29.08 -38.45
C VAL H 748 64.52 30.16 -38.64
N VAL H 749 64.33 31.32 -38.00
CA VAL H 749 65.35 32.36 -38.04
C VAL H 749 66.62 31.88 -37.35
N MET H 750 66.47 31.21 -36.21
CA MET H 750 67.64 30.75 -35.47
C MET H 750 68.41 29.65 -36.20
N GLY H 751 67.85 29.07 -37.26
CA GLY H 751 68.52 28.01 -37.99
C GLY H 751 69.74 28.46 -38.77
N ALA H 752 69.63 29.59 -39.48
CA ALA H 752 70.72 30.04 -40.33
C ALA H 752 71.85 30.67 -39.53
N VAL H 753 71.52 31.34 -38.41
CA VAL H 753 72.57 31.95 -37.61
C VAL H 753 73.45 30.88 -36.96
N ASN H 754 72.88 29.75 -36.58
CA ASN H 754 73.66 28.67 -36.00
C ASN H 754 74.59 28.00 -37.00
N GLN H 755 74.40 28.24 -38.30
CA GLN H 755 75.34 27.78 -39.31
C GLN H 755 76.35 28.86 -39.65
N LEU H 756 75.90 30.11 -39.70
CA LEU H 756 76.82 31.22 -39.93
C LEU H 756 77.88 31.28 -38.83
N VAL H 757 77.47 31.09 -37.58
CA VAL H 757 78.40 31.08 -36.46
C VAL H 757 79.32 29.87 -36.51
N SER H 758 78.81 28.72 -36.92
CA SER H 758 79.62 27.50 -37.00
C SER H 758 80.62 27.54 -38.16
N TYR H 759 80.38 28.37 -39.17
CA TYR H 759 81.31 28.54 -40.28
C TYR H 759 82.32 29.66 -40.04
N GLU H 760 81.83 30.87 -39.70
CA GLU H 760 82.73 32.01 -39.56
C GLU H 760 83.55 31.96 -38.28
N GLY H 761 82.94 31.56 -37.16
CA GLY H 761 83.66 31.61 -35.90
C GLY H 761 83.70 33.02 -35.35
N TYR H 762 84.50 33.20 -34.31
CA TYR H 762 84.62 34.49 -33.64
C TYR H 762 86.01 34.63 -33.04
N THR H 763 86.63 35.79 -33.25
CA THR H 763 87.92 36.10 -32.66
C THR H 763 87.91 37.55 -32.20
N PRO H 764 88.66 37.88 -31.15
CA PRO H 764 88.64 39.28 -30.66
C PRO H 764 89.06 40.29 -31.71
N SER H 765 90.03 39.97 -32.56
CA SER H 765 90.56 40.92 -33.52
C SER H 765 89.72 41.02 -34.79
N LYS H 766 88.78 40.10 -35.01
CA LYS H 766 87.94 40.10 -36.20
C LYS H 766 86.46 40.01 -35.93
N GLY H 767 86.05 39.66 -34.71
CA GLY H 767 84.62 39.52 -34.44
C GLY H 767 84.01 38.46 -35.33
N PHE H 768 82.86 38.80 -35.93
CA PHE H 768 82.17 37.89 -36.84
C PHE H 768 82.55 38.12 -38.30
N SER H 769 83.55 38.96 -38.57
CA SER H 769 84.07 39.16 -39.92
C SER H 769 83.04 39.88 -40.81
N VAL H 770 82.40 40.90 -40.25
CA VAL H 770 81.45 41.69 -41.02
C VAL H 770 82.22 42.71 -41.86
N LEU H 771 81.98 42.69 -43.16
CA LEU H 771 82.68 43.59 -44.09
C LEU H 771 81.68 44.24 -45.04
N GLU H 783 80.01 50.07 -43.20
CA GLU H 783 80.02 51.36 -42.53
C GLU H 783 80.63 51.25 -41.14
N ASP H 784 80.68 52.38 -40.42
CA ASP H 784 81.27 52.39 -39.09
C ASP H 784 80.43 51.62 -38.09
N LYS H 785 79.10 51.61 -38.26
CA LYS H 785 78.23 50.97 -37.28
C LYS H 785 77.99 49.50 -37.56
N TYR H 786 78.54 48.97 -38.66
CA TYR H 786 78.42 47.55 -38.98
C TYR H 786 79.70 46.77 -38.72
N VAL H 787 80.74 47.41 -38.18
CA VAL H 787 82.03 46.77 -37.98
C VAL H 787 82.42 46.86 -36.51
N LYS H 788 83.23 45.91 -36.07
CA LYS H 788 83.66 45.88 -34.67
C LYS H 788 84.88 46.77 -34.47
N GLN H 789 84.87 47.54 -33.40
CA GLN H 789 86.02 48.35 -33.01
C GLN H 789 86.83 47.62 -31.94
N ALA H 790 88.02 48.14 -31.67
CA ALA H 790 88.93 47.49 -30.73
C ALA H 790 88.36 47.41 -29.33
N THR H 791 87.55 48.37 -28.92
CA THR H 791 87.06 48.43 -27.54
C THR H 791 85.69 47.80 -27.35
N ASP H 792 85.10 47.22 -28.39
CA ASP H 792 83.75 46.66 -28.26
C ASP H 792 83.77 45.38 -27.45
N THR H 793 82.76 45.21 -26.61
CA THR H 793 82.54 43.95 -25.92
C THR H 793 81.80 42.98 -26.84
N PRO H 794 81.84 41.68 -26.55
CA PRO H 794 81.18 40.73 -27.45
C PRO H 794 79.69 41.00 -27.63
N GLN H 795 79.00 41.48 -26.59
CA GLN H 795 77.58 41.79 -26.75
C GLN H 795 77.37 42.89 -27.79
N VAL H 796 78.20 43.94 -27.74
CA VAL H 796 78.07 45.01 -28.72
C VAL H 796 78.35 44.50 -30.13
N ALA H 797 79.37 43.65 -30.29
CA ALA H 797 79.67 43.10 -31.60
C ALA H 797 78.51 42.25 -32.11
N ALA H 798 77.89 41.47 -31.23
CA ALA H 798 76.74 40.65 -31.63
C ALA H 798 75.57 41.54 -32.06
N ASP H 799 75.34 42.63 -31.34
CA ASP H 799 74.27 43.55 -31.73
C ASP H 799 74.51 44.11 -33.12
N LYS H 800 75.74 44.54 -33.41
CA LYS H 800 76.06 45.04 -34.73
C LYS H 800 75.90 43.96 -35.79
N PHE H 801 76.30 42.72 -35.47
CA PHE H 801 76.14 41.64 -36.43
C PHE H 801 74.67 41.39 -36.76
N ASN H 802 73.81 41.38 -35.74
CA ASN H 802 72.38 41.21 -35.97
C ASN H 802 71.81 42.35 -36.80
N MET H 803 72.21 43.59 -36.48
CA MET H 803 71.74 44.73 -37.26
C MET H 803 72.17 44.62 -38.71
N TYR H 804 73.44 44.25 -38.95
CA TYR H 804 73.91 44.10 -40.33
C TYR H 804 73.13 43.03 -41.06
N LEU H 805 72.90 41.89 -40.41
CA LEU H 805 72.07 40.86 -41.02
C LEU H 805 70.72 41.44 -41.43
N ASN H 806 69.97 41.94 -40.45
CA ASN H 806 68.61 42.40 -40.72
C ASN H 806 68.57 43.51 -41.76
N ASP H 807 69.65 44.28 -41.89
CA ASP H 807 69.62 45.43 -42.80
C ASP H 807 70.16 45.11 -44.19
N LYS H 808 70.97 44.06 -44.34
CA LYS H 808 71.65 43.84 -45.61
C LYS H 808 71.62 42.40 -46.12
N VAL H 809 70.86 41.49 -45.51
CA VAL H 809 70.82 40.11 -45.99
C VAL H 809 69.40 39.72 -46.37
N TYR H 810 68.49 39.76 -45.40
CA TYR H 810 67.12 39.30 -45.64
C TYR H 810 66.45 40.00 -46.81
N PRO H 811 66.58 41.32 -46.98
CA PRO H 811 65.90 41.97 -48.11
C PRO H 811 66.31 41.42 -49.47
N LEU H 812 67.52 40.87 -49.60
CA LEU H 812 67.98 40.31 -50.86
C LEU H 812 67.68 38.83 -51.00
N VAL H 813 67.35 38.14 -49.92
CA VAL H 813 67.08 36.71 -49.98
C VAL H 813 65.59 36.43 -50.06
N MET H 814 64.77 37.20 -49.34
CA MET H 814 63.34 36.98 -49.31
C MET H 814 62.71 37.08 -50.70
N PRO H 815 63.06 38.09 -51.49
CA PRO H 815 62.40 38.24 -52.81
C PRO H 815 62.57 37.04 -53.72
N LYS H 816 63.63 36.24 -53.56
CA LYS H 816 63.89 35.11 -54.43
C LYS H 816 63.26 33.81 -53.92
N MET H 817 62.53 33.86 -52.80
CA MET H 817 61.85 32.67 -52.29
C MET H 817 60.48 32.46 -52.93
N GLU H 818 59.99 33.41 -53.72
CA GLU H 818 58.67 33.25 -54.34
C GLU H 818 58.67 32.21 -55.46
N GLN H 819 59.85 31.77 -55.90
CA GLN H 819 59.95 30.88 -57.06
C GLN H 819 59.92 29.41 -56.67
N TYR H 820 60.09 29.09 -55.39
CA TYR H 820 60.25 27.70 -54.96
C TYR H 820 59.08 27.19 -54.14
N LYS H 821 57.87 27.68 -54.38
CA LYS H 821 56.72 27.23 -53.61
C LYS H 821 56.12 25.93 -54.13
N ASN H 822 56.55 25.45 -55.29
CA ASN H 822 56.07 24.16 -55.77
C ASN H 822 56.69 23.00 -55.00
N LEU H 823 57.91 23.18 -54.51
CA LEU H 823 58.63 22.13 -53.82
C LEU H 823 58.09 21.93 -52.41
N PRO H 824 58.37 20.80 -51.78
CA PRO H 824 57.95 20.59 -50.39
C PRO H 824 58.55 21.66 -49.47
N GLY H 825 58.04 21.70 -48.24
CA GLY H 825 58.47 22.72 -47.31
C GLY H 825 59.93 22.58 -46.88
N TYR H 826 60.36 21.35 -46.59
CA TYR H 826 61.71 21.16 -46.07
C TYR H 826 62.78 21.41 -47.13
N ILE H 827 62.46 21.19 -48.40
CA ILE H 827 63.39 21.59 -49.46
C ILE H 827 63.58 23.10 -49.46
N GLN H 828 62.49 23.84 -49.31
CA GLN H 828 62.60 25.29 -49.21
C GLN H 828 63.41 25.71 -47.99
N ASN H 829 63.18 25.03 -46.86
CA ASN H 829 63.96 25.33 -45.66
C ASN H 829 65.44 25.10 -45.89
N ASN H 830 65.80 24.00 -46.56
CA ASN H 830 67.19 23.74 -46.88
C ASN H 830 67.76 24.80 -47.81
N ILE H 831 66.98 25.24 -48.80
CA ILE H 831 67.46 26.27 -49.72
C ILE H 831 67.69 27.58 -48.99
N TYR H 832 66.85 27.88 -47.99
CA TYR H 832 66.97 29.14 -47.27
C TYR H 832 68.34 29.29 -46.62
N ASN H 833 68.80 28.24 -45.94
CA ASN H 833 70.09 28.30 -45.26
C ASN H 833 71.22 28.53 -46.25
N ALA H 834 71.22 27.80 -47.36
CA ALA H 834 72.27 27.97 -48.35
C ALA H 834 72.26 29.38 -48.94
N LEU H 835 71.08 29.90 -49.25
CA LEU H 835 71.00 31.26 -49.79
C LEU H 835 71.51 32.29 -48.79
N VAL H 836 71.14 32.15 -47.52
CA VAL H 836 71.62 33.09 -46.51
C VAL H 836 73.14 33.01 -46.39
N GLU H 837 73.68 31.79 -46.35
CA GLU H 837 75.12 31.62 -46.21
C GLU H 837 75.85 32.25 -47.40
N THR H 838 75.36 32.03 -48.62
CA THR H 838 76.03 32.61 -49.78
C THR H 838 75.93 34.13 -49.78
N THR H 839 74.74 34.65 -49.46
CA THR H 839 74.56 36.11 -49.48
C THR H 839 75.44 36.79 -48.43
N TYR H 840 75.62 36.16 -47.27
CA TYR H 840 76.45 36.77 -46.24
C TYR H 840 77.90 36.92 -46.72
N HIS H 841 78.42 35.90 -47.39
CA HIS H 841 79.82 35.92 -47.82
C HIS H 841 80.03 36.64 -49.15
N SER H 842 78.97 36.90 -49.92
CA SER H 842 79.14 37.54 -51.21
C SER H 842 78.31 38.80 -51.40
N GLY H 843 77.38 39.11 -50.50
CA GLY H 843 76.55 40.29 -50.68
C GLY H 843 75.70 40.28 -51.92
N ASN H 844 75.50 39.13 -52.53
CA ASN H 844 74.74 39.02 -53.77
C ASN H 844 74.16 37.61 -53.85
N SER H 845 72.83 37.52 -53.94
CA SER H 845 72.17 36.22 -53.93
C SER H 845 72.06 35.59 -55.31
N ASP H 846 72.52 36.27 -56.36
CA ASP H 846 72.41 35.75 -57.71
C ASP H 846 73.49 34.72 -58.05
N VAL H 847 74.51 34.58 -57.20
CA VAL H 847 75.63 33.69 -57.53
C VAL H 847 75.19 32.24 -57.48
N PHE H 848 74.41 31.86 -56.47
CA PHE H 848 74.02 30.47 -56.26
C PHE H 848 72.65 30.14 -56.82
N ASP H 849 71.76 31.15 -56.94
CA ASP H 849 70.46 30.91 -57.55
C ASP H 849 70.61 30.46 -59.00
N LYS H 850 71.66 30.93 -59.68
CA LYS H 850 71.90 30.49 -61.04
C LYS H 850 72.10 28.98 -61.10
N TYR H 851 72.94 28.44 -60.23
CA TYR H 851 73.18 27.00 -60.23
C TYR H 851 71.98 26.23 -59.71
N ILE H 852 71.22 26.81 -58.78
CA ILE H 852 69.99 26.14 -58.34
C ILE H 852 69.01 26.01 -59.51
N GLN H 853 68.84 27.09 -60.29
CA GLN H 853 67.98 27.02 -61.46
C GLN H 853 68.52 26.04 -62.49
N THR H 854 69.84 26.01 -62.68
CA THR H 854 70.41 25.06 -63.62
C THR H 854 70.12 23.63 -63.20
N ALA H 855 70.26 23.33 -61.91
CA ALA H 855 69.99 21.99 -61.42
C ALA H 855 68.51 21.63 -61.58
N LEU H 856 67.62 22.57 -61.27
CA LEU H 856 66.19 22.25 -61.30
C LEU H 856 65.65 22.13 -62.72
N TYR H 857 66.07 23.02 -63.62
CA TYR H 857 65.54 23.06 -64.98
C TYR H 857 66.60 23.09 -66.07
N GLY H 858 67.82 23.50 -65.78
CA GLY H 858 68.85 23.64 -66.79
C GLY H 858 69.53 22.32 -67.11
N ASN H 859 70.64 22.44 -67.83
CA ASN H 859 71.43 21.26 -68.23
C ASN H 859 72.33 20.86 -67.08
N VAL H 860 72.14 19.64 -66.56
CA VAL H 860 72.91 19.17 -65.43
C VAL H 860 74.39 19.05 -65.72
N GLN H 861 74.77 19.00 -67.00
CA GLN H 861 76.18 18.84 -67.35
C GLN H 861 77.01 20.06 -67.01
N GLU H 862 76.37 21.21 -66.76
CA GLU H 862 77.11 22.43 -66.46
C GLU H 862 77.40 22.59 -64.97
N ILE H 863 76.87 21.72 -64.13
CA ILE H 863 77.05 21.80 -62.68
C ILE H 863 78.53 21.74 -62.31
N PRO H 864 79.32 20.78 -62.82
CA PRO H 864 80.71 20.67 -62.35
C PRO H 864 81.57 21.88 -62.65
N THR H 865 81.10 22.82 -63.47
CA THR H 865 81.86 24.04 -63.72
C THR H 865 81.85 25.01 -62.53
N PHE H 866 81.06 24.73 -61.49
CA PHE H 866 80.99 25.64 -60.36
C PHE H 866 82.33 25.72 -59.63
N LYS H 867 83.21 24.74 -59.82
CA LYS H 867 84.47 24.69 -59.09
C LYS H 867 85.42 25.82 -59.50
N ASP H 868 85.14 26.51 -60.60
CA ASP H 868 86.00 27.58 -61.07
C ASP H 868 85.58 28.95 -60.57
N THR H 869 84.49 29.05 -59.83
CA THR H 869 84.03 30.35 -59.34
C THR H 869 84.85 30.80 -58.13
N PRO H 870 85.00 32.10 -57.92
CA PRO H 870 85.70 32.58 -56.72
C PRO H 870 85.06 32.11 -55.42
N LEU H 871 83.73 31.96 -55.42
CA LEU H 871 83.04 31.54 -54.20
C LEU H 871 83.52 30.19 -53.72
N PHE H 872 83.78 29.26 -54.64
CA PHE H 872 84.31 27.95 -54.26
C PHE H 872 85.76 28.06 -53.82
N LYS H 873 86.58 28.84 -54.54
CA LYS H 873 87.99 28.93 -54.23
C LYS H 873 88.21 29.52 -52.84
N ASP H 874 87.44 30.56 -52.48
CA ASP H 874 87.63 31.21 -51.20
C ASP H 874 87.35 30.30 -50.02
N ALA H 875 86.48 29.31 -50.18
CA ALA H 875 86.07 28.44 -49.08
C ALA H 875 86.89 27.16 -48.99
N GLY H 876 87.91 26.99 -49.83
CA GLY H 876 88.73 25.80 -49.77
C GLY H 876 88.29 24.75 -50.77
N ALA H 877 89.25 23.93 -51.25
CA ALA H 877 88.94 22.94 -52.26
C ALA H 877 88.31 21.67 -51.70
N GLY H 878 88.42 21.43 -50.39
CA GLY H 878 87.88 20.22 -49.80
C GLY H 878 87.25 20.43 -48.43
N SER H 879 86.83 21.66 -48.15
CA SER H 879 86.28 21.98 -46.84
C SER H 879 84.85 21.50 -46.72
N ARG H 880 84.38 21.40 -45.47
CA ARG H 880 83.01 20.98 -45.21
C ARG H 880 82.00 21.91 -45.86
N ARG H 881 82.35 23.19 -45.99
CA ARG H 881 81.42 24.16 -46.54
C ARG H 881 81.02 23.79 -47.96
N ASN H 882 81.97 23.33 -48.77
CA ASN H 882 81.69 22.96 -50.15
C ASN H 882 80.93 21.65 -50.27
N VAL H 883 81.22 20.68 -49.40
CA VAL H 883 80.45 19.43 -49.39
C VAL H 883 79.00 19.72 -49.05
N ASP H 884 78.77 20.58 -48.06
CA ASP H 884 77.40 20.97 -47.72
C ASP H 884 76.69 21.62 -48.91
N ARG H 885 77.42 22.41 -49.69
CA ARG H 885 76.81 23.03 -50.87
C ARG H 885 76.49 22.00 -51.94
N TYR H 886 77.41 21.06 -52.19
CA TYR H 886 77.17 20.05 -53.22
C TYR H 886 76.06 19.09 -52.84
N GLN H 887 75.83 18.85 -51.55
CA GLN H 887 74.76 17.93 -51.16
C GLN H 887 73.40 18.43 -51.63
N LEU H 888 73.15 19.74 -51.50
CA LEU H 888 71.87 20.29 -51.92
C LEU H 888 71.65 20.09 -53.42
N LEU H 889 72.68 20.36 -54.22
CA LEU H 889 72.56 20.19 -55.67
C LEU H 889 72.42 18.72 -56.04
N GLY H 890 73.05 17.81 -55.30
CA GLY H 890 72.88 16.39 -55.57
C GLY H 890 71.48 15.90 -55.22
N SER H 891 70.86 16.50 -54.21
CA SER H 891 69.49 16.14 -53.85
C SER H 891 68.46 16.73 -54.79
N LEU H 892 68.70 17.95 -55.29
CA LEU H 892 67.76 18.56 -56.22
C LEU H 892 67.65 17.76 -57.52
N VAL H 893 68.78 17.25 -58.01
CA VAL H 893 68.76 16.43 -59.21
C VAL H 893 67.94 15.17 -58.99
N THR H 894 68.11 14.52 -57.84
CA THR H 894 67.31 13.33 -57.54
C THR H 894 65.83 13.67 -57.48
N TYR H 895 65.48 14.79 -56.84
CA TYR H 895 64.08 15.20 -56.78
C TYR H 895 63.52 15.41 -58.19
N ARG H 896 64.29 16.09 -59.04
CA ARG H 896 63.86 16.30 -60.42
C ARG H 896 63.65 14.96 -61.12
N THR H 897 64.57 14.02 -60.94
CA THR H 897 64.43 12.72 -61.59
C THR H 897 63.18 11.99 -61.13
N ASN H 898 62.88 12.03 -59.83
CA ASN H 898 61.76 11.29 -59.29
C ASN H 898 60.40 11.90 -59.65
N ASN H 899 60.37 13.11 -60.21
CA ASN H 899 59.14 13.78 -60.60
C ASN H 899 59.28 14.28 -62.04
N PRO H 900 59.07 13.40 -63.03
CA PRO H 900 59.25 13.82 -64.43
C PRO H 900 58.30 14.91 -64.89
N ASN H 901 57.18 15.12 -64.19
CA ASN H 901 56.20 16.12 -64.57
C ASN H 901 56.48 17.48 -63.97
N LEU H 902 57.60 17.66 -63.28
CA LEU H 902 57.92 18.94 -62.68
C LEU H 902 57.94 20.04 -63.74
N SER H 903 57.31 21.17 -63.43
CA SER H 903 57.25 22.29 -64.36
C SER H 903 58.30 23.33 -64.02
N ALA I 49 39.75 -100.31 -14.82
CA ALA I 49 39.91 -98.86 -14.84
C ALA I 49 41.02 -98.45 -15.80
N SER I 50 42.01 -99.34 -15.98
CA SER I 50 43.12 -99.05 -16.86
C SER I 50 42.66 -98.96 -18.31
N VAL I 51 41.65 -99.76 -18.69
CA VAL I 51 41.20 -99.79 -20.07
C VAL I 51 40.69 -98.43 -20.52
N LYS I 52 39.97 -97.73 -19.64
CA LYS I 52 39.43 -96.43 -20.02
C LYS I 52 40.54 -95.46 -20.41
N THR I 53 41.56 -95.34 -19.56
CA THR I 53 42.68 -94.46 -19.85
C THR I 53 43.44 -94.92 -21.09
N ALA I 54 43.61 -96.24 -21.23
CA ALA I 54 44.35 -96.75 -22.39
C ALA I 54 43.65 -96.41 -23.69
N GLN I 55 42.32 -96.52 -23.72
CA GLN I 55 41.59 -96.19 -24.93
C GLN I 55 41.53 -94.67 -25.14
N ALA I 56 41.43 -93.90 -24.07
CA ALA I 56 41.39 -92.44 -24.21
C ALA I 56 42.69 -91.90 -24.76
N ALA I 57 43.83 -92.47 -24.32
CA ALA I 57 45.12 -92.01 -24.81
C ALA I 57 45.26 -92.20 -26.32
N GLN I 58 44.86 -93.37 -26.83
CA GLN I 58 44.95 -93.61 -28.26
C GLN I 58 44.08 -92.63 -29.04
N GLN I 59 42.87 -92.37 -28.57
CA GLN I 59 41.97 -91.46 -29.27
C GLN I 59 42.53 -90.03 -29.29
N THR I 60 43.03 -89.55 -28.14
CA THR I 60 43.57 -88.20 -28.12
C THR I 60 44.82 -88.10 -29.00
N ALA I 61 45.66 -89.14 -29.00
CA ALA I 61 46.82 -89.14 -29.88
C ALA I 61 46.41 -89.11 -31.34
N SER I 62 45.39 -89.87 -31.71
CA SER I 62 44.91 -89.86 -33.09
C SER I 62 44.37 -88.49 -33.47
N ALA I 63 43.65 -87.84 -32.55
CA ALA I 63 43.14 -86.51 -32.82
C ALA I 63 44.28 -85.52 -33.05
N LYS I 64 45.30 -85.58 -32.19
CA LYS I 64 46.45 -84.69 -32.36
C LYS I 64 47.15 -84.95 -33.69
N GLY I 65 47.32 -86.23 -34.05
CA GLY I 65 47.92 -86.56 -35.33
C GLY I 65 47.13 -86.05 -36.52
N TYR I 66 45.81 -86.18 -36.48
CA TYR I 66 44.97 -85.64 -37.55
C TYR I 66 45.12 -84.13 -37.65
N LEU I 67 45.07 -83.44 -36.50
CA LEU I 67 45.20 -81.99 -36.52
C LEU I 67 46.55 -81.56 -37.09
N GLU I 68 47.62 -82.26 -36.73
CA GLU I 68 48.95 -81.92 -37.23
C GLU I 68 49.14 -82.28 -38.69
N GLY I 69 48.50 -83.36 -39.17
CA GLY I 69 48.69 -83.76 -40.55
C GLY I 69 47.80 -83.05 -41.53
N GLN I 70 46.70 -82.45 -41.05
CA GLN I 70 45.79 -81.77 -41.96
C GLN I 70 46.49 -80.65 -42.75
N GLN I 71 47.50 -80.02 -42.17
CA GLN I 71 48.15 -78.89 -42.81
C GLN I 71 49.17 -79.31 -43.87
N ASP I 72 49.32 -80.60 -44.14
CA ASP I 72 50.29 -81.06 -45.14
C ASP I 72 49.65 -81.28 -46.51
N SER I 73 48.35 -81.57 -46.57
CA SER I 73 47.69 -81.83 -47.83
C SER I 73 47.52 -80.55 -48.64
N GLN I 74 47.05 -80.71 -49.88
CA GLN I 74 46.80 -79.56 -50.73
C GLN I 74 45.71 -78.68 -50.12
N GLN I 75 45.77 -77.39 -50.43
CA GLN I 75 44.92 -76.37 -49.82
C GLN I 75 45.42 -76.06 -48.41
N GLY I 76 46.45 -76.77 -47.97
CA GLY I 76 47.12 -76.47 -46.72
C GLY I 76 48.50 -75.89 -46.98
N ARG I 77 49.16 -76.41 -48.01
CA ARG I 77 50.48 -75.88 -48.37
C ARG I 77 50.39 -74.48 -48.94
N GLU I 78 49.38 -74.23 -49.80
CA GLU I 78 49.21 -72.90 -50.36
C GLU I 78 48.95 -71.84 -49.29
N LYS I 79 48.36 -72.23 -48.17
CA LYS I 79 48.20 -71.30 -47.06
C LYS I 79 49.54 -70.88 -46.48
N GLN I 80 50.51 -71.81 -46.44
CA GLN I 80 51.84 -71.47 -45.95
C GLN I 80 52.53 -70.46 -46.85
N VAL I 81 52.35 -70.58 -48.16
CA VAL I 81 52.95 -69.63 -49.09
C VAL I 81 52.41 -68.23 -48.84
N ARG I 82 51.10 -68.11 -48.63
CA ARG I 82 50.51 -66.81 -48.35
C ARG I 82 51.09 -66.21 -47.07
N ASN I 83 51.27 -67.04 -46.03
CA ASN I 83 51.82 -66.54 -44.78
C ASN I 83 53.25 -66.05 -44.96
N PHE I 84 54.05 -66.76 -45.78
CA PHE I 84 55.45 -66.39 -45.94
C PHE I 84 55.59 -64.99 -46.52
N PHE I 85 54.89 -64.70 -47.61
CA PHE I 85 54.99 -63.38 -48.23
C PHE I 85 54.48 -62.29 -47.31
N THR I 86 53.38 -62.54 -46.60
CA THR I 86 52.84 -61.54 -45.69
C THR I 86 53.86 -61.16 -44.62
N LYS I 87 54.67 -62.13 -44.17
CA LYS I 87 55.72 -61.82 -43.21
C LYS I 87 56.75 -60.86 -43.79
N GLU I 88 57.10 -61.04 -45.06
CA GLU I 88 58.11 -60.17 -45.67
C GLU I 88 57.56 -58.78 -45.93
N ALA I 89 56.25 -58.59 -45.85
CA ALA I 89 55.66 -57.30 -46.21
C ALA I 89 55.93 -56.25 -45.14
N TYR I 90 55.43 -56.47 -43.92
CA TYR I 90 55.55 -55.48 -42.86
C TYR I 90 56.92 -55.47 -42.19
N GLU I 91 57.71 -56.53 -42.38
CA GLU I 91 59.02 -56.61 -41.74
C GLU I 91 60.00 -55.59 -42.30
N GLN I 92 59.74 -55.04 -43.48
CA GLN I 92 60.56 -53.96 -44.03
C GLN I 92 59.98 -52.59 -43.72
N GLY I 93 58.66 -52.47 -43.65
CA GLY I 93 58.06 -51.22 -43.19
C GLY I 93 58.47 -50.89 -41.78
N TYR I 94 58.56 -51.90 -40.91
CA TYR I 94 59.05 -51.68 -39.56
C TYR I 94 60.47 -51.11 -39.56
N ASN I 95 61.35 -51.70 -40.37
CA ASN I 95 62.73 -51.21 -40.45
C ASN I 95 62.78 -49.77 -40.96
N SER I 96 62.00 -49.47 -41.99
CA SER I 96 61.98 -48.11 -42.53
C SER I 96 61.52 -47.11 -41.48
N ALA I 97 60.44 -47.44 -40.77
CA ALA I 97 59.95 -46.55 -39.72
C ALA I 97 61.00 -46.36 -38.63
N SER I 98 61.65 -47.45 -38.22
CA SER I 98 62.66 -47.36 -37.17
C SER I 98 63.81 -46.45 -37.58
N VAL I 99 64.27 -46.58 -38.83
CA VAL I 99 65.37 -45.73 -39.30
C VAL I 99 64.94 -44.27 -39.35
N ASN I 100 63.77 -44.00 -39.94
CA ASN I 100 63.34 -42.62 -40.13
C ASN I 100 63.10 -41.93 -38.79
N SER I 101 62.50 -42.64 -37.83
CA SER I 101 62.24 -42.03 -36.54
C SER I 101 63.52 -41.60 -35.83
N ALA I 102 64.56 -42.44 -35.88
CA ALA I 102 65.83 -42.08 -35.24
C ALA I 102 66.50 -40.92 -35.96
N LEU I 103 66.51 -40.94 -37.31
CA LEU I 103 67.14 -39.86 -38.04
C LEU I 103 66.46 -38.53 -37.75
N ALA I 104 65.12 -38.51 -37.75
CA ALA I 104 64.40 -37.27 -37.50
C ALA I 104 64.67 -36.74 -36.09
N SER I 105 64.73 -37.63 -35.10
CA SER I 105 65.03 -37.20 -33.74
C SER I 105 66.42 -36.61 -33.64
N PHE I 106 67.41 -37.25 -34.26
CA PHE I 106 68.79 -36.72 -34.20
C PHE I 106 68.88 -35.34 -34.85
N GLN I 107 68.21 -35.19 -36.00
CA GLN I 107 68.28 -33.91 -36.72
C GLN I 107 67.80 -32.76 -35.85
N LEU I 108 66.68 -32.94 -35.15
CA LEU I 108 66.17 -31.90 -34.28
C LEU I 108 67.01 -31.76 -33.01
N GLY I 109 67.55 -32.88 -32.50
CA GLY I 109 68.33 -32.81 -31.28
C GLY I 109 69.56 -31.94 -31.42
N LEU I 110 70.29 -32.09 -32.53
CA LEU I 110 71.49 -31.27 -32.71
C LEU I 110 71.13 -29.78 -32.72
N GLN I 111 70.12 -29.39 -33.49
CA GLN I 111 69.75 -27.99 -33.59
C GLN I 111 69.27 -27.46 -32.25
N ASN I 112 68.52 -28.26 -31.50
CA ASN I 112 68.05 -27.81 -30.20
C ASN I 112 69.19 -27.66 -29.20
N THR I 113 70.20 -28.52 -29.29
CA THR I 113 71.33 -28.44 -28.37
C THR I 113 72.24 -27.26 -28.70
N ALA I 114 72.25 -26.83 -29.96
CA ALA I 114 73.12 -25.72 -30.34
C ALA I 114 72.84 -24.47 -29.49
N GLN I 115 71.57 -24.04 -29.44
CA GLN I 115 71.25 -22.84 -28.68
C GLN I 115 71.43 -23.04 -27.19
N GLN I 116 71.14 -24.25 -26.68
CA GLN I 116 71.35 -24.52 -25.27
C GLN I 116 72.82 -24.36 -24.89
N TYR I 117 73.73 -24.82 -25.75
CA TYR I 117 75.15 -24.62 -25.49
C TYR I 117 75.55 -23.17 -25.65
N VAL I 118 74.95 -22.45 -26.61
CA VAL I 118 75.30 -21.05 -26.79
C VAL I 118 74.94 -20.24 -25.55
N ASN I 119 73.75 -20.49 -24.99
CA ASN I 119 73.28 -19.71 -23.85
C ASN I 119 74.18 -19.87 -22.62
N SER I 120 74.89 -20.99 -22.51
CA SER I 120 75.74 -21.25 -21.35
C SER I 120 77.18 -20.78 -21.54
N GLY I 121 77.51 -20.25 -22.71
CA GLY I 121 78.87 -19.76 -22.93
C GLY I 121 79.91 -20.85 -23.05
N LYS I 122 79.53 -22.05 -23.47
CA LYS I 122 80.48 -23.13 -23.66
C LYS I 122 81.41 -22.83 -24.83
N THR I 123 82.66 -23.27 -24.73
CA THR I 123 83.63 -23.02 -25.77
C THR I 123 83.37 -23.92 -26.97
N PRO I 124 83.89 -23.56 -28.15
CA PRO I 124 83.63 -24.36 -29.35
C PRO I 124 84.09 -25.81 -29.23
N GLU I 125 85.17 -26.07 -28.49
CA GLU I 125 85.68 -27.43 -28.38
C GLU I 125 84.65 -28.35 -27.73
N GLU I 126 83.98 -27.87 -26.68
CA GLU I 126 82.95 -28.66 -26.02
C GLU I 126 81.77 -28.94 -26.94
N PHE I 127 81.49 -28.04 -27.88
CA PHE I 127 80.43 -28.30 -28.86
C PHE I 127 80.89 -29.33 -29.90
N ASN I 128 82.13 -29.21 -30.37
CA ASN I 128 82.63 -30.14 -31.36
C ASN I 128 82.72 -31.56 -30.82
N VAL I 129 83.22 -31.72 -29.59
CA VAL I 129 83.30 -33.06 -29.02
C VAL I 129 81.90 -33.65 -28.86
N HIS I 130 80.93 -32.83 -28.43
CA HIS I 130 79.56 -33.31 -28.30
C HIS I 130 79.01 -33.73 -29.66
N VAL I 131 79.28 -32.96 -30.70
CA VAL I 131 78.78 -33.29 -32.03
C VAL I 131 79.36 -34.61 -32.50
N GLN I 132 80.68 -34.79 -32.32
CA GLN I 132 81.30 -36.04 -32.73
C GLN I 132 80.75 -37.23 -31.95
N GLN I 133 80.59 -37.06 -30.64
CA GLN I 133 80.07 -38.16 -29.82
C GLN I 133 78.65 -38.53 -30.23
N GLN I 134 77.81 -37.52 -30.50
CA GLN I 134 76.45 -37.81 -30.94
C GLN I 134 76.42 -38.47 -32.30
N THR I 135 77.27 -38.04 -33.23
CA THR I 135 77.30 -38.66 -34.55
C THR I 135 77.76 -40.11 -34.47
N ASN I 136 78.73 -40.40 -33.58
CA ASN I 136 79.26 -41.75 -33.48
C ASN I 136 78.19 -42.73 -33.06
N GLN I 137 77.34 -42.34 -32.10
CA GLN I 137 76.29 -43.25 -31.65
C GLN I 137 75.32 -43.60 -32.77
N LEU I 138 74.88 -42.59 -33.52
CA LEU I 138 73.97 -42.84 -34.64
C LEU I 138 74.62 -43.71 -35.69
N LEU I 139 75.89 -43.43 -36.01
CA LEU I 139 76.58 -44.23 -37.02
C LEU I 139 76.71 -45.69 -36.57
N GLN I 140 77.02 -45.93 -35.30
CA GLN I 140 77.11 -47.29 -34.81
C GLN I 140 75.75 -47.97 -34.82
N GLU I 141 74.70 -47.26 -34.41
CA GLU I 141 73.37 -47.86 -34.40
C GLU I 141 72.92 -48.22 -35.81
N ALA I 142 73.30 -47.42 -36.80
CA ALA I 142 72.93 -47.71 -38.17
C ALA I 142 73.52 -49.02 -38.68
N GLY I 143 74.55 -49.55 -38.01
CA GLY I 143 75.18 -50.78 -38.45
C GLY I 143 74.31 -52.02 -38.31
N ALA I 144 73.36 -52.00 -37.37
CA ALA I 144 72.43 -53.11 -37.19
C ALA I 144 71.11 -52.91 -37.91
N GLN I 145 70.64 -51.66 -38.00
CA GLN I 145 69.41 -51.35 -38.71
C GLN I 145 69.67 -51.29 -40.20
N GLY I 146 70.13 -52.40 -40.77
CA GLY I 146 70.48 -52.48 -42.17
C GLY I 146 71.97 -52.69 -42.38
N LEU I 147 72.30 -53.14 -43.58
CA LEU I 147 73.69 -53.47 -43.92
C LEU I 147 74.55 -52.22 -44.14
N ASN I 148 73.94 -51.05 -44.29
CA ASN I 148 74.66 -49.84 -44.67
C ASN I 148 75.41 -50.02 -46.00
N LEU I 149 75.03 -51.03 -46.78
CA LEU I 149 75.65 -51.23 -48.08
C LEU I 149 75.48 -49.97 -48.92
N ASN I 150 76.56 -49.53 -49.55
CA ASN I 150 76.59 -48.23 -50.23
C ASN I 150 75.77 -48.30 -51.52
N ASP I 151 74.45 -48.26 -51.34
CA ASP I 151 73.51 -48.11 -52.44
C ASP I 151 72.83 -46.74 -52.34
N LYS I 152 71.87 -46.51 -53.24
CA LYS I 152 71.32 -45.17 -53.40
C LYS I 152 70.66 -44.65 -52.13
N ASP I 153 69.85 -45.47 -51.47
CA ASP I 153 69.12 -44.99 -50.30
C ASP I 153 70.06 -44.63 -49.15
N TRP I 154 71.04 -45.48 -48.86
CA TRP I 154 71.98 -45.17 -47.78
C TRP I 154 72.89 -44.01 -48.14
N GLN I 155 73.23 -43.86 -49.42
CA GLN I 155 73.97 -42.68 -49.85
C GLN I 155 73.17 -41.41 -49.60
N ALA I 156 71.88 -41.43 -49.92
CA ALA I 156 71.04 -40.27 -49.62
C ALA I 156 70.94 -40.03 -48.11
N TRP I 157 70.85 -41.10 -47.32
CA TRP I 157 70.82 -40.97 -45.87
C TRP I 157 72.07 -40.26 -45.37
N LEU I 158 73.24 -40.68 -45.84
CA LEU I 158 74.49 -40.02 -45.45
C LEU I 158 74.51 -38.57 -45.89
N GLY I 159 74.03 -38.28 -47.11
CA GLY I 159 73.99 -36.91 -47.57
C GLY I 159 73.16 -36.01 -46.66
N SER I 160 72.00 -36.49 -46.21
CA SER I 160 71.20 -35.73 -45.26
C SER I 160 71.93 -35.57 -43.93
N VAL I 161 72.59 -36.63 -43.46
CA VAL I 161 73.29 -36.56 -42.18
C VAL I 161 74.36 -35.49 -42.22
N GLU I 162 75.04 -35.33 -43.36
CA GLU I 162 76.12 -34.33 -43.44
C GLU I 162 75.58 -32.92 -43.24
N HIS I 163 74.50 -32.56 -43.96
CA HIS I 163 73.94 -31.22 -43.83
C HIS I 163 73.31 -31.02 -42.46
N SER I 164 72.78 -32.08 -41.86
CA SER I 164 72.23 -31.96 -40.51
C SER I 164 73.26 -31.46 -39.51
N ARG I 165 74.55 -31.74 -39.75
CA ARG I 165 75.63 -31.24 -38.92
C ARG I 165 76.11 -29.87 -39.38
N ASN I 166 76.20 -29.68 -40.70
CA ASN I 166 76.69 -28.41 -41.22
C ASN I 166 75.81 -27.25 -40.77
N THR I 167 74.49 -27.44 -40.78
CA THR I 167 73.60 -26.34 -40.43
C THR I 167 73.81 -25.87 -39.00
N ALA I 168 73.87 -26.81 -38.04
CA ALA I 168 74.09 -26.43 -36.65
C ALA I 168 75.47 -25.80 -36.47
N ASN I 169 76.50 -26.36 -37.13
CA ASN I 169 77.82 -25.76 -37.03
C ASN I 169 77.82 -24.33 -37.52
N ALA I 170 77.02 -24.03 -38.55
CA ALA I 170 76.92 -22.67 -39.05
C ALA I 170 76.20 -21.76 -38.06
N SER I 171 75.07 -22.23 -37.51
CA SER I 171 74.25 -21.36 -36.65
C SER I 171 74.96 -21.04 -35.34
N TYR I 172 75.78 -21.96 -34.84
CA TYR I 172 76.43 -21.74 -33.55
C TYR I 172 77.28 -20.47 -33.54
N GLN I 173 77.95 -20.16 -34.66
CA GLN I 173 78.80 -18.98 -34.71
C GLN I 173 77.97 -17.70 -34.71
N ASP I 174 76.90 -17.66 -35.51
CA ASP I 174 76.11 -16.45 -35.62
C ASP I 174 75.40 -16.12 -34.31
N LEU I 175 74.96 -17.13 -33.57
CA LEU I 175 74.31 -16.82 -32.28
C LEU I 175 75.27 -16.07 -31.36
N ASN I 176 76.50 -16.57 -31.23
CA ASN I 176 77.49 -15.88 -30.40
C ASN I 176 77.82 -14.51 -30.97
N LEU I 177 77.83 -14.38 -32.30
CA LEU I 177 78.11 -13.09 -32.90
C LEU I 177 77.08 -12.04 -32.49
N LYS I 178 75.80 -12.43 -32.47
CA LYS I 178 74.77 -11.51 -31.99
C LYS I 178 74.94 -11.20 -30.50
N ARG I 179 75.18 -12.24 -29.70
CA ARG I 179 75.26 -12.06 -28.26
C ARG I 179 76.39 -11.11 -27.88
N ALA I 180 77.54 -11.23 -28.54
CA ALA I 180 78.67 -10.38 -28.20
C ALA I 180 78.35 -8.90 -28.45
N ALA I 181 77.70 -8.59 -29.57
CA ALA I 181 77.34 -7.21 -29.85
C ALA I 181 76.34 -6.69 -28.82
N VAL I 182 75.35 -7.50 -28.47
CA VAL I 182 74.37 -7.07 -27.47
C VAL I 182 75.07 -6.73 -26.16
N LEU I 183 75.95 -7.63 -25.70
CA LEU I 183 76.66 -7.39 -24.44
C LEU I 183 77.55 -6.16 -24.53
N GLN I 184 78.21 -5.95 -25.67
CA GLN I 184 79.06 -4.78 -25.82
C GLN I 184 78.25 -3.49 -25.70
N GLU I 185 77.09 -3.45 -26.35
CA GLU I 185 76.25 -2.26 -26.26
C GLU I 185 75.81 -2.01 -24.82
N GLN I 186 75.37 -3.06 -24.11
CA GLN I 186 74.96 -2.88 -22.73
C GLN I 186 76.10 -2.38 -21.86
N SER I 187 77.30 -2.96 -22.03
CA SER I 187 78.46 -2.53 -21.25
C SER I 187 78.82 -1.08 -21.54
N TRP I 188 78.72 -0.66 -22.80
CA TRP I 188 79.01 0.73 -23.14
C TRP I 188 78.00 1.69 -22.52
N GLY I 189 76.73 1.31 -22.44
CA GLY I 189 75.76 2.14 -21.74
C GLY I 189 76.06 2.24 -20.25
N ALA I 190 76.39 1.10 -19.65
CA ALA I 190 76.74 1.09 -18.23
C ALA I 190 77.96 1.96 -17.95
N ARG I 191 78.95 1.93 -18.85
CA ARG I 191 80.12 2.79 -18.70
C ARG I 191 79.76 4.27 -18.79
N GLY I 192 78.73 4.62 -19.56
CA GLY I 192 78.36 6.01 -19.73
C GLY I 192 77.55 6.54 -18.55
N ASN I 193 76.81 5.66 -17.88
CA ASN I 193 76.05 6.09 -16.71
C ASN I 193 76.97 6.63 -15.61
N ALA I 194 78.09 5.94 -15.35
CA ALA I 194 78.97 6.34 -14.26
C ALA I 194 79.62 7.69 -14.52
N ALA I 195 79.88 8.03 -15.78
CA ALA I 195 80.45 9.33 -16.07
C ALA I 195 79.52 10.46 -15.65
N ILE I 196 78.23 10.33 -15.95
CA ILE I 196 77.27 11.34 -15.52
C ILE I 196 77.14 11.35 -13.99
N ALA I 197 77.15 10.16 -13.38
CA ALA I 197 77.11 10.11 -11.92
C ALA I 197 78.25 10.92 -11.31
N ASP I 198 79.48 10.68 -11.77
CA ASP I 198 80.64 11.40 -11.26
C ASP I 198 80.56 12.89 -11.57
N PHE I 199 80.09 13.24 -12.76
CA PHE I 199 79.96 14.66 -13.12
C PHE I 199 79.02 15.37 -12.16
N VAL I 200 77.89 14.73 -11.84
CA VAL I 200 76.95 15.34 -10.91
C VAL I 200 77.55 15.42 -9.51
N THR I 201 78.26 14.38 -9.08
CA THR I 201 78.83 14.39 -7.74
C THR I 201 79.91 15.46 -7.59
N ALA I 202 80.72 15.67 -8.63
CA ALA I 202 81.88 16.55 -8.49
C ALA I 202 81.47 17.98 -8.15
N GLN I 203 80.46 18.51 -8.85
CA GLN I 203 80.08 19.90 -8.64
C GLN I 203 79.29 20.11 -7.35
N GLN I 204 78.77 19.03 -6.75
CA GLN I 204 78.09 19.17 -5.48
C GLN I 204 79.03 19.69 -4.41
N SER I 205 80.33 19.47 -4.58
CA SER I 205 81.35 19.97 -3.67
C SER I 205 81.91 21.32 -4.07
N GLY I 206 81.42 21.90 -5.18
CA GLY I 206 81.88 23.21 -5.59
C GLY I 206 83.17 23.22 -6.38
N ASP I 207 83.48 22.14 -7.10
CA ASP I 207 84.69 22.02 -7.90
C ASP I 207 84.29 21.71 -9.34
N THR I 208 84.28 22.74 -10.19
CA THR I 208 83.90 22.54 -11.59
C THR I 208 85.03 21.91 -12.40
N GLU I 209 86.28 22.21 -12.05
CA GLU I 209 87.40 21.70 -12.83
C GLU I 209 87.41 20.17 -12.84
N GLN I 210 87.13 19.55 -11.69
CA GLN I 210 87.06 18.10 -11.65
C GLN I 210 85.94 17.58 -12.55
N ALA I 211 84.81 18.29 -12.60
CA ALA I 211 83.73 17.88 -13.49
C ALA I 211 84.17 17.94 -14.95
N LEU I 212 84.87 19.01 -15.34
CA LEU I 212 85.36 19.11 -16.71
C LEU I 212 86.35 17.99 -17.01
N GLN I 213 87.23 17.68 -16.07
CA GLN I 213 88.18 16.59 -16.27
C GLN I 213 87.45 15.26 -16.42
N ASN I 214 86.40 15.04 -15.62
CA ASN I 214 85.62 13.81 -15.74
C ASN I 214 84.95 13.70 -17.10
N VAL I 215 84.39 14.80 -17.61
CA VAL I 215 83.76 14.78 -18.92
C VAL I 215 84.80 14.47 -20.00
N ASN I 216 85.94 15.15 -19.93
CA ASN I 216 86.99 14.91 -20.92
C ASN I 216 87.50 13.48 -20.88
N SER I 217 87.57 12.88 -19.68
CA SER I 217 88.05 11.51 -19.57
C SER I 217 87.17 10.54 -20.34
N PHE I 218 85.84 10.71 -20.26
CA PHE I 218 84.94 9.84 -20.99
C PHE I 218 84.97 10.15 -22.49
N ILE I 219 85.03 11.43 -22.85
CA ILE I 219 85.04 11.77 -24.28
C ILE I 219 86.27 11.18 -24.95
N SER I 220 87.45 11.35 -24.33
CA SER I 220 88.67 10.80 -24.89
C SER I 220 88.73 9.28 -24.84
N SER I 221 88.10 8.66 -23.82
CA SER I 221 88.03 7.21 -23.79
C SER I 221 87.16 6.67 -24.93
N VAL I 222 86.07 7.35 -25.25
CA VAL I 222 85.23 6.93 -26.37
C VAL I 222 85.94 7.17 -27.70
N THR I 223 86.66 8.28 -27.81
CA THR I 223 87.24 8.66 -29.11
C THR I 223 88.25 7.62 -29.59
N HIS I 224 89.13 7.15 -28.70
CA HIS I 224 90.28 6.35 -29.11
C HIS I 224 89.99 4.86 -29.24
N ASP I 225 88.80 4.41 -28.85
CA ASP I 225 88.47 3.00 -29.01
C ASP I 225 88.44 2.62 -30.48
N ASP I 226 88.90 1.41 -30.78
CA ASP I 226 88.99 0.93 -32.15
C ASP I 226 88.01 -0.20 -32.48
N SER I 227 87.18 -0.61 -31.52
CA SER I 227 86.25 -1.71 -31.72
C SER I 227 84.86 -1.25 -32.15
N ILE I 228 84.67 0.03 -32.43
CA ILE I 228 83.37 0.56 -32.82
C ILE I 228 83.54 1.40 -34.08
N THR I 229 82.45 1.55 -34.82
CA THR I 229 82.46 2.28 -36.08
C THR I 229 82.32 3.78 -35.85
N ALA I 230 82.54 4.55 -36.92
CA ALA I 230 82.52 6.01 -36.81
C ALA I 230 81.15 6.53 -36.39
N GLU I 231 80.09 5.98 -36.99
CA GLU I 231 78.74 6.48 -36.66
C GLU I 231 78.41 6.25 -35.20
N ASN I 232 78.81 5.11 -34.63
CA ASN I 232 78.62 4.90 -33.20
C ASN I 232 79.43 5.88 -32.36
N LYS I 233 80.64 6.20 -32.79
CA LYS I 233 81.44 7.20 -32.08
C LYS I 233 80.74 8.55 -32.09
N ILE I 234 80.16 8.95 -33.22
CA ILE I 234 79.44 10.21 -33.28
C ILE I 234 78.19 10.15 -32.38
N LYS I 235 77.46 9.03 -32.44
CA LYS I 235 76.23 8.90 -31.67
C LYS I 235 76.50 9.03 -30.17
N TYR I 236 77.46 8.25 -29.67
CA TYR I 236 77.75 8.29 -28.23
C TYR I 236 78.20 9.67 -27.79
N THR I 237 79.09 10.29 -28.56
CA THR I 237 79.58 11.61 -28.19
C THR I 237 78.46 12.64 -28.17
N SER I 238 77.61 12.63 -29.21
CA SER I 238 76.51 13.59 -29.25
C SER I 238 75.55 13.38 -28.09
N GLN I 239 75.20 12.12 -27.80
CA GLN I 239 74.28 11.85 -26.71
C GLN I 239 74.86 12.31 -25.37
N PHE I 240 76.13 11.99 -25.12
CA PHE I 240 76.74 12.38 -23.85
C PHE I 240 76.83 13.90 -23.73
N VAL I 241 77.23 14.59 -24.82
CA VAL I 241 77.36 16.03 -24.77
C VAL I 241 76.00 16.68 -24.50
N VAL I 242 74.96 16.21 -25.17
CA VAL I 242 73.63 16.77 -24.96
C VAL I 242 73.16 16.50 -23.54
N ASN I 243 73.38 15.29 -23.03
CA ASN I 243 72.93 14.96 -21.68
C ASN I 243 73.69 15.77 -20.63
N ALA I 244 74.93 16.16 -20.92
CA ALA I 244 75.72 16.90 -19.93
C ALA I 244 75.07 18.23 -19.58
N PHE I 245 74.50 18.93 -20.56
CA PHE I 245 73.92 20.24 -20.29
C PHE I 245 72.72 20.14 -19.35
N ALA I 246 71.97 19.05 -19.44
CA ALA I 246 70.73 18.92 -18.67
C ALA I 246 70.98 18.80 -17.17
N ASN I 247 72.21 18.57 -16.74
CA ASN I 247 72.52 18.35 -15.34
C ASN I 247 73.20 19.52 -14.66
N ALA I 248 73.54 20.58 -15.40
CA ALA I 248 74.15 21.74 -14.79
C ALA I 248 73.16 22.44 -13.86
N ASN I 249 73.66 22.84 -12.70
CA ASN I 249 72.82 23.43 -11.65
C ASN I 249 73.06 24.92 -11.45
N SER I 250 73.82 25.57 -12.33
CA SER I 250 74.09 27.00 -12.19
C SER I 250 74.43 27.58 -13.55
N THR I 251 74.30 28.90 -13.65
CA THR I 251 74.60 29.59 -14.90
C THR I 251 76.09 29.72 -15.18
N GLY I 252 76.95 29.47 -14.18
CA GLY I 252 78.38 29.50 -14.40
C GLY I 252 78.87 28.20 -15.00
N ASP I 253 78.31 27.08 -14.50
CA ASP I 253 78.65 25.78 -15.06
C ASP I 253 78.23 25.68 -16.52
N MET I 254 77.07 26.24 -16.88
CA MET I 254 76.64 26.24 -18.27
C MET I 254 77.66 26.96 -19.16
N GLN I 255 78.11 28.14 -18.73
CA GLN I 255 79.09 28.89 -19.52
C GLN I 255 80.41 28.15 -19.61
N ALA I 256 80.87 27.56 -18.50
CA ALA I 256 82.14 26.84 -18.52
C ALA I 256 82.07 25.66 -19.48
N LEU I 257 80.99 24.87 -19.41
CA LEU I 257 80.84 23.72 -20.29
C LEU I 257 80.70 24.15 -21.75
N THR I 258 79.99 25.26 -22.01
CA THR I 258 79.89 25.76 -23.37
C THR I 258 81.26 26.16 -23.91
N GLY I 259 82.05 26.85 -23.09
CA GLY I 259 83.39 27.21 -23.51
C GLY I 259 84.26 26.00 -23.78
N TYR I 260 84.18 24.98 -22.93
CA TYR I 260 84.98 23.77 -23.12
C TYR I 260 84.58 23.05 -24.41
N VAL I 261 83.27 22.92 -24.64
CA VAL I 261 82.79 22.08 -25.73
C VAL I 261 83.15 22.70 -27.08
N GLN I 262 82.89 24.00 -27.24
CA GLN I 262 83.09 24.65 -28.53
C GLN I 262 84.56 24.80 -28.92
N SER I 263 85.49 24.54 -28.00
CA SER I 263 86.91 24.59 -28.31
C SER I 263 87.51 23.20 -28.54
N LEU I 264 86.84 22.15 -28.12
CA LEU I 264 87.35 20.80 -28.31
C LEU I 264 87.49 20.50 -29.80
N SER I 265 88.66 19.99 -30.18
CA SER I 265 88.91 19.71 -31.60
C SER I 265 87.97 18.65 -32.15
N GLU I 266 87.71 17.60 -31.37
CA GLU I 266 86.87 16.50 -31.85
C GLU I 266 85.44 16.94 -32.14
N PHE I 267 85.00 18.06 -31.55
CA PHE I 267 83.67 18.58 -31.81
C PHE I 267 83.63 19.48 -33.03
N LYS I 268 84.79 19.99 -33.46
CA LYS I 268 84.83 20.90 -34.61
C LYS I 268 84.62 20.19 -35.93
N ASN I 269 84.88 18.88 -35.98
CA ASN I 269 84.83 18.13 -37.23
C ASN I 269 83.53 17.38 -37.44
N MET I 270 82.56 17.53 -36.53
CA MET I 270 81.30 16.82 -36.67
C MET I 270 80.49 17.41 -37.82
N PRO I 271 79.52 16.65 -38.34
CA PRO I 271 78.66 17.18 -39.39
C PRO I 271 77.89 18.41 -38.92
N THR I 272 77.58 19.29 -39.87
CA THR I 272 76.94 20.56 -39.52
C THR I 272 75.58 20.34 -38.86
N ASP I 273 74.81 19.36 -39.34
CA ASP I 273 73.47 19.13 -38.81
C ASP I 273 73.47 18.68 -37.36
N VAL I 274 74.58 18.16 -36.85
CA VAL I 274 74.68 17.77 -35.45
C VAL I 274 75.14 18.94 -34.59
N GLN I 275 76.10 19.71 -35.09
CA GLN I 275 76.53 20.91 -34.37
C GLN I 275 75.37 21.88 -34.20
N THR I 276 74.59 22.09 -35.26
CA THR I 276 73.44 22.98 -35.16
C THR I 276 72.42 22.46 -34.15
N GLN I 277 72.17 21.15 -34.15
CA GLN I 277 71.22 20.59 -33.20
C GLN I 277 71.68 20.77 -31.76
N ILE I 278 72.97 20.50 -31.49
CA ILE I 278 73.48 20.67 -30.13
C ILE I 278 73.43 22.13 -29.70
N MET I 279 73.81 23.04 -30.61
CA MET I 279 73.76 24.46 -30.29
C MET I 279 72.34 24.91 -29.98
N GLY I 280 71.37 24.45 -30.77
CA GLY I 280 69.98 24.78 -30.51
C GLY I 280 69.48 24.20 -29.20
N SER I 281 69.93 22.99 -28.86
CA SER I 281 69.49 22.34 -27.64
C SER I 281 70.03 23.00 -26.38
N ALA I 282 71.28 23.47 -26.40
CA ALA I 282 71.85 24.10 -25.21
C ALA I 282 71.09 25.36 -24.84
N GLN I 283 70.72 26.17 -25.84
CA GLN I 283 70.06 27.44 -25.58
C GLN I 283 68.70 27.27 -24.94
N GLN I 284 68.12 26.07 -24.96
CA GLN I 284 66.85 25.83 -24.29
C GLN I 284 67.00 25.54 -22.80
N TYR I 285 68.01 24.76 -22.41
CA TYR I 285 68.32 24.63 -20.99
C TYR I 285 68.80 25.97 -20.43
N TYR I 286 69.41 26.79 -21.30
CA TYR I 286 69.59 28.18 -20.95
C TYR I 286 68.27 28.92 -21.04
N GLN I 287 68.18 30.00 -20.26
CA GLN I 287 66.96 30.76 -19.97
C GLN I 287 66.04 29.98 -19.05
N GLN I 288 66.22 28.66 -18.96
CA GLN I 288 65.49 27.87 -17.98
C GLN I 288 66.24 27.82 -16.67
N ARG I 289 67.55 27.56 -16.73
CA ARG I 289 68.39 27.73 -15.56
C ARG I 289 68.44 29.18 -15.11
N ALA I 290 68.01 30.12 -15.95
CA ALA I 290 67.88 31.51 -15.53
C ALA I 290 66.54 31.78 -14.86
N SER I 291 65.45 31.25 -15.41
CA SER I 291 64.14 31.44 -14.79
C SER I 291 64.09 30.80 -13.41
N ASP I 292 64.74 29.64 -13.24
CA ASP I 292 64.73 28.99 -11.93
C ASP I 292 65.40 29.86 -10.87
N GLU I 293 66.52 30.49 -11.21
CA GLU I 293 67.22 31.32 -10.24
C GLU I 293 66.41 32.53 -9.81
N SER I 294 65.46 32.98 -10.64
CA SER I 294 64.58 34.07 -10.26
C SER I 294 63.37 33.59 -9.47
N VAL I 295 62.85 32.41 -9.80
CA VAL I 295 61.73 31.86 -9.04
C VAL I 295 62.19 31.46 -7.64
N GLN I 296 63.49 31.23 -7.46
CA GLN I 296 64.00 30.90 -6.13
C GLN I 296 63.69 31.99 -5.11
N LEU I 297 63.79 33.26 -5.50
CA LEU I 297 63.51 34.34 -4.57
C LEU I 297 62.03 34.38 -4.19
N TYR I 298 61.13 34.11 -5.14
CA TYR I 298 59.72 34.04 -4.79
C TYR I 298 59.44 32.89 -3.84
N GLU I 299 60.09 31.74 -4.05
CA GLU I 299 59.94 30.65 -3.10
C GLU I 299 60.44 31.05 -1.70
N TYR I 300 61.57 31.74 -1.64
CA TYR I 300 62.10 32.18 -0.36
C TYR I 300 61.15 33.15 0.32
N ASN I 301 60.58 34.08 -0.45
CA ASN I 301 59.62 35.02 0.12
C ASN I 301 58.39 34.31 0.64
N SER I 302 57.90 33.30 -0.08
CA SER I 302 56.76 32.53 0.42
C SER I 302 57.12 31.84 1.73
N ARG I 303 58.30 31.23 1.80
CA ARG I 303 58.73 30.59 3.05
C ARG I 303 58.77 31.60 4.18
N VAL I 304 59.28 32.81 3.93
CA VAL I 304 59.32 33.84 4.96
C VAL I 304 57.92 34.21 5.40
N ASN I 305 57.00 34.38 4.45
CA ASN I 305 55.64 34.78 4.77
C ASN I 305 54.82 33.66 5.41
N SER I 306 55.32 32.42 5.41
CA SER I 306 54.58 31.29 5.95
C SER I 306 54.49 31.30 7.48
N VAL I 307 55.20 32.20 8.15
CA VAL I 307 55.17 32.28 9.61
C VAL I 307 54.05 33.23 10.04
N THR I 308 53.44 32.96 11.19
CA THR I 308 52.25 33.66 11.64
C THR I 308 52.38 34.31 13.02
N ASP I 309 53.50 34.10 13.72
CA ASP I 309 53.69 34.66 15.05
C ASP I 309 54.91 35.57 15.05
N TYR I 310 54.86 36.60 15.90
CA TYR I 310 55.87 37.66 15.84
C TYR I 310 57.22 37.21 16.37
N LYS I 311 57.25 36.53 17.51
CA LYS I 311 58.53 36.23 18.16
C LYS I 311 59.40 35.34 17.29
N THR I 312 58.85 34.24 16.79
CA THR I 312 59.64 33.32 15.98
C THR I 312 60.07 33.97 14.67
N LEU I 313 59.28 34.91 14.16
CA LEU I 313 59.66 35.61 12.93
C LEU I 313 60.98 36.34 13.11
N ASN I 314 61.09 37.14 14.18
CA ASN I 314 62.34 37.83 14.46
C ASN I 314 63.43 36.88 14.91
N GLU I 315 63.07 35.75 15.52
CA GLU I 315 64.08 34.78 15.93
C GLU I 315 64.70 34.06 14.73
N ALA I 316 63.95 33.94 13.64
CA ALA I 316 64.41 33.18 12.48
C ALA I 316 64.79 34.06 11.29
N TYR I 317 64.07 35.16 11.06
CA TYR I 317 64.27 36.01 9.88
C TYR I 317 64.44 37.46 10.32
N PRO I 318 65.64 37.84 10.77
CA PRO I 318 65.88 39.25 11.10
C PRO I 318 65.69 40.15 9.89
N MET I 319 65.20 41.37 10.15
CA MET I 319 64.91 42.29 9.06
C MET I 319 66.17 42.68 8.31
N ALA I 320 67.27 42.93 9.03
CA ALA I 320 68.50 43.38 8.40
C ALA I 320 69.08 42.35 7.43
N GLN I 321 68.74 41.07 7.61
CA GLN I 321 69.19 40.04 6.68
C GLN I 321 68.24 39.91 5.49
N TYR I 322 66.95 40.04 5.72
CA TYR I 322 65.98 40.00 4.62
C TYR I 322 66.23 41.15 3.65
N ILE I 323 66.45 42.35 4.18
CA ILE I 323 66.70 43.50 3.32
C ILE I 323 67.94 43.28 2.48
N GLY I 324 69.02 42.80 3.11
CA GLY I 324 70.24 42.56 2.37
C GLY I 324 70.06 41.49 1.30
N THR I 325 69.35 40.41 1.63
CA THR I 325 69.13 39.35 0.66
C THR I 325 68.36 39.86 -0.55
N VAL I 326 67.33 40.68 -0.31
CA VAL I 326 66.55 41.20 -1.43
C VAL I 326 67.37 42.18 -2.26
N MET I 327 68.11 43.07 -1.58
CA MET I 327 68.83 44.10 -2.31
C MET I 327 70.00 43.54 -3.09
N GLN I 328 70.65 42.50 -2.58
CA GLN I 328 71.74 41.87 -3.34
C GLN I 328 71.22 41.27 -4.64
N ALA I 329 70.08 40.60 -4.59
CA ALA I 329 69.48 40.07 -5.82
C ALA I 329 69.07 41.20 -6.75
N VAL I 330 68.50 42.28 -6.22
CA VAL I 330 68.13 43.41 -7.06
C VAL I 330 69.37 43.97 -7.75
N GLN I 331 70.50 44.00 -7.04
CA GLN I 331 71.72 44.56 -7.60
C GLN I 331 72.23 43.72 -8.77
N GLN I 332 72.13 42.40 -8.66
CA GLN I 332 72.66 41.50 -9.69
C GLN I 332 71.70 41.34 -10.87
N LYS I 333 70.62 42.12 -10.92
CA LYS I 333 69.68 42.10 -12.03
C LYS I 333 68.98 40.76 -12.17
N LYS I 334 68.74 40.07 -11.05
CA LYS I 334 67.87 38.91 -11.03
C LYS I 334 66.40 39.30 -10.81
N LEU I 335 66.16 40.43 -10.16
CA LEU I 335 64.82 40.97 -9.98
C LEU I 335 64.83 42.44 -10.35
N SER I 336 63.72 42.90 -10.92
CA SER I 336 63.62 44.32 -11.24
C SER I 336 63.44 45.13 -9.96
N PRO I 337 63.83 46.41 -9.97
CA PRO I 337 63.69 47.22 -8.75
C PRO I 337 62.25 47.27 -8.22
N GLY I 338 61.28 47.34 -9.13
CA GLY I 338 59.90 47.50 -8.72
C GLY I 338 59.32 46.29 -8.03
N THR I 339 59.86 45.10 -8.30
CA THR I 339 59.41 43.88 -7.63
C THR I 339 60.26 43.53 -6.42
N GLY I 340 61.27 44.34 -6.10
CA GLY I 340 62.03 44.16 -4.87
C GLY I 340 61.64 45.17 -3.81
N TYR I 341 61.47 46.42 -4.23
CA TYR I 341 61.05 47.46 -3.29
C TYR I 341 59.66 47.17 -2.74
N GLY I 342 58.74 46.73 -3.61
CA GLY I 342 57.41 46.37 -3.13
C GLY I 342 57.45 45.21 -2.16
N MET I 343 58.29 44.20 -2.45
CA MET I 343 58.45 43.08 -1.53
C MET I 343 58.96 43.51 -0.18
N VAL I 344 59.95 44.42 -0.15
CA VAL I 344 60.44 44.92 1.13
C VAL I 344 59.35 45.69 1.87
N ASP I 345 58.63 46.56 1.16
CA ASP I 345 57.62 47.39 1.80
C ASP I 345 56.49 46.54 2.37
N ALA I 346 56.09 45.49 1.66
CA ALA I 346 55.01 44.63 2.14
C ALA I 346 55.37 44.00 3.48
N GLU I 347 56.59 43.46 3.57
CA GLU I 347 57.02 42.86 4.83
C GLU I 347 57.12 43.92 5.93
N SER I 348 57.64 45.10 5.59
CA SER I 348 57.73 46.17 6.58
C SER I 348 56.37 46.54 7.16
N GLN I 349 55.34 46.58 6.32
CA GLN I 349 54.00 46.91 6.80
C GLN I 349 53.40 45.75 7.58
N ARG I 350 53.61 44.52 7.10
CA ARG I 350 53.02 43.35 7.76
C ARG I 350 53.57 43.18 9.17
N ARG I 351 54.86 43.43 9.36
CA ARG I 351 55.44 43.28 10.70
C ARG I 351 54.82 44.27 11.68
N LEU I 352 54.63 45.53 11.26
CA LEU I 352 53.96 46.50 12.11
C LEU I 352 52.52 46.09 12.40
N LYS I 353 51.82 45.57 11.39
CA LYS I 353 50.44 45.13 11.61
C LYS I 353 50.37 44.02 12.66
N MET I 354 51.26 43.04 12.56
CA MET I 354 51.27 41.95 13.53
C MET I 354 51.65 42.47 14.92
N GLN I 355 52.62 43.39 14.98
CA GLN I 355 52.99 43.97 16.27
C GLN I 355 51.82 44.70 16.92
N LYS I 356 51.03 45.43 16.13
CA LYS I 356 49.84 46.07 16.68
C LYS I 356 48.81 45.04 17.14
N ALA I 357 48.60 43.99 16.35
CA ALA I 357 47.59 42.99 16.71
C ALA I 357 47.94 42.26 17.99
N GLU I 358 49.24 42.04 18.23
CA GLU I 358 49.66 41.34 19.44
C GLU I 358 49.29 42.12 20.69
N GLN I 359 49.31 43.45 20.63
CA GLN I 359 48.89 44.25 21.77
C GLN I 359 47.38 44.24 21.97
N GLY I 360 46.62 44.18 20.87
CA GLY I 360 45.17 44.14 20.97
C GLY I 360 44.66 42.82 21.51
N GLN I 361 45.42 41.75 21.25
CA GLN I 361 45.03 40.45 21.79
C GLN I 361 44.95 40.45 23.31
N LEU I 362 45.86 41.18 23.97
CA LEU I 362 45.89 41.20 25.42
C LEU I 362 44.63 41.80 26.01
N ALA I 363 44.05 42.81 25.37
CA ALA I 363 42.83 43.42 25.89
C ALA I 363 41.69 42.40 25.94
N TYR I 364 41.54 41.60 24.89
CA TYR I 364 40.56 40.52 24.92
C TYR I 364 40.91 39.47 25.95
N THR I 365 42.19 39.11 26.05
CA THR I 365 42.57 38.03 26.96
C THR I 365 42.33 38.39 28.43
N ASN I 366 42.62 39.63 28.82
CA ASN I 366 42.58 40.03 30.22
C ASN I 366 41.46 41.00 30.57
N GLY I 367 40.78 41.57 29.57
CA GLY I 367 39.72 42.52 29.87
C GLY I 367 38.64 41.89 30.74
N VAL I 368 38.16 42.66 31.71
CA VAL I 368 37.15 42.18 32.64
C VAL I 368 35.72 42.51 32.20
N THR I 369 35.52 43.58 31.45
CA THR I 369 34.20 43.96 30.97
C THR I 369 34.30 44.41 29.52
N ILE I 370 33.14 44.64 28.91
CA ILE I 370 33.12 45.11 27.52
C ILE I 370 33.67 46.53 27.42
N SER I 371 33.37 47.38 28.42
CA SER I 371 33.77 48.78 28.32
C SER I 371 35.27 48.93 28.22
N ASP I 372 36.02 48.29 29.13
CA ASP I 372 37.47 48.43 29.12
C ASP I 372 38.14 47.60 28.03
N ILE I 373 37.45 46.60 27.49
CA ILE I 373 37.96 45.93 26.30
C ILE I 373 37.87 46.84 25.09
N ALA I 374 36.76 47.56 24.96
CA ALA I 374 36.62 48.51 23.86
C ALA I 374 37.58 49.69 24.03
N ALA I 375 37.76 50.16 25.27
CA ALA I 375 38.64 51.31 25.51
C ALA I 375 40.09 51.00 25.18
N GLY I 376 40.47 49.72 25.10
CA GLY I 376 41.84 49.36 24.80
C GLY I 376 42.10 49.23 23.31
N THR I 377 41.30 48.41 22.62
CA THR I 377 41.46 48.22 21.19
C THR I 377 40.91 49.39 20.37
N GLY I 378 39.98 50.16 20.92
CA GLY I 378 39.41 51.28 20.22
C GLY I 378 38.19 50.96 19.37
N GLU I 379 37.78 49.70 19.32
CA GLU I 379 36.63 49.33 18.51
C GLU I 379 35.33 49.68 19.24
N SER I 380 34.25 49.75 18.48
CA SER I 380 32.94 49.98 19.06
C SER I 380 32.47 48.75 19.83
N LEU I 381 31.51 48.96 20.74
CA LEU I 381 31.04 47.86 21.56
C LEU I 381 30.41 46.76 20.73
N ASP I 382 29.62 47.13 19.71
CA ASP I 382 29.00 46.13 18.86
C ASP I 382 30.04 45.27 18.13
N LYS I 383 31.21 45.83 17.82
CA LYS I 383 32.23 45.05 17.13
C LYS I 383 32.97 44.12 18.07
N VAL I 384 33.32 44.60 19.27
CA VAL I 384 34.00 43.73 20.23
C VAL I 384 33.07 42.60 20.66
N LYS I 385 31.76 42.86 20.73
CA LYS I 385 30.83 41.79 21.03
C LYS I 385 30.92 40.67 19.99
N GLY I 386 30.90 41.03 18.70
CA GLY I 386 31.00 40.01 17.67
C GLY I 386 32.33 39.30 17.67
N GLU I 387 33.42 40.05 17.91
CA GLU I 387 34.73 39.43 17.96
C GLU I 387 34.83 38.42 19.11
N LEU I 388 34.30 38.78 20.28
CA LEU I 388 34.27 37.85 21.40
C LEU I 388 33.41 36.63 21.08
N THR I 389 32.26 36.85 20.43
CA THR I 389 31.43 35.72 20.00
C THR I 389 32.24 34.77 19.13
N LYS I 390 32.92 35.30 18.12
CA LYS I 390 33.69 34.45 17.21
C LYS I 390 34.81 33.73 17.97
N MET I 391 35.52 34.44 18.84
CA MET I 391 36.63 33.84 19.57
C MET I 391 36.16 32.67 20.41
N TYR I 392 35.11 32.88 21.22
CA TYR I 392 34.65 31.83 22.11
C TYR I 392 33.89 30.73 21.37
N ALA I 393 33.40 31.01 20.16
CA ALA I 393 32.86 29.93 19.34
C ALA I 393 33.97 29.07 18.77
N THR I 394 35.09 29.69 18.39
CA THR I 394 36.25 28.94 17.93
C THR I 394 36.86 28.11 19.04
N ILE I 395 36.91 28.64 20.27
CA ILE I 395 37.51 27.89 21.37
C ILE I 395 36.67 26.69 21.73
N GLY I 396 35.34 26.83 21.71
CA GLY I 396 34.45 25.77 22.14
C GLY I 396 33.96 24.83 21.05
N GLN I 397 34.31 25.09 19.79
CA GLN I 397 33.84 24.25 18.70
C GLN I 397 32.32 24.21 18.65
N GLY I 398 31.69 25.37 18.43
CA GLY I 398 30.25 25.46 18.36
C GLY I 398 29.70 26.52 19.29
N TYR I 399 28.41 26.79 19.12
CA TYR I 399 27.76 27.83 19.92
C TYR I 399 27.45 27.35 21.33
N SER I 400 27.05 26.09 21.51
CA SER I 400 26.70 25.62 22.86
C SER I 400 27.92 25.58 23.76
N GLY I 401 29.00 24.95 23.32
CA GLY I 401 30.19 24.84 24.15
C GLY I 401 30.83 26.17 24.45
N GLY I 402 30.95 27.03 23.45
CA GLY I 402 31.51 28.36 23.65
C GLY I 402 30.63 29.20 24.54
N GLY I 403 29.31 29.11 24.34
CA GLY I 403 28.39 29.88 25.14
C GLY I 403 28.42 29.49 26.60
N LEU I 404 28.52 28.19 26.88
CA LEU I 404 28.58 27.75 28.27
C LEU I 404 29.81 28.33 28.97
N GLN I 405 30.97 28.25 28.32
CA GLN I 405 32.19 28.77 28.92
C GLN I 405 32.13 30.29 29.07
N LEU I 406 31.57 30.99 28.08
CA LEU I 406 31.45 32.44 28.19
C LEU I 406 30.53 32.83 29.34
N MET I 407 29.42 32.10 29.50
CA MET I 407 28.51 32.36 30.61
C MET I 407 29.19 32.10 31.95
N GLN I 408 29.97 31.03 32.03
CA GLN I 408 30.71 30.75 33.27
C GLN I 408 31.69 31.87 33.58
N ARG I 409 32.41 32.34 32.56
CA ARG I 409 33.35 33.45 32.78
C ARG I 409 32.61 34.69 33.27
N GLY I 410 31.50 35.03 32.63
CA GLY I 410 30.75 36.21 33.05
C GLY I 410 30.24 36.08 34.47
N LEU I 411 29.72 34.90 34.82
CA LEU I 411 29.18 34.70 36.16
C LEU I 411 30.28 34.79 37.22
N LYS I 412 31.44 34.18 36.95
CA LYS I 412 32.52 34.19 37.93
C LYS I 412 33.22 35.53 38.01
N SER I 413 33.21 36.32 36.94
CA SER I 413 33.86 37.63 36.95
C SER I 413 32.92 38.73 37.44
N GLY I 414 31.65 38.43 37.66
CA GLY I 414 30.70 39.42 38.14
C GLY I 414 30.42 40.52 37.13
N ALA I 415 30.22 40.15 35.88
CA ALA I 415 29.89 41.10 34.82
C ALA I 415 28.64 40.62 34.10
N GLN I 416 27.64 41.49 33.98
CA GLN I 416 26.40 41.11 33.31
C GLN I 416 26.55 41.14 31.79
N ASP I 417 27.41 42.04 31.27
CA ASP I 417 27.51 42.20 29.83
C ASP I 417 28.00 40.93 29.15
N ILE I 418 29.00 40.27 29.72
CA ILE I 418 29.52 39.05 29.10
C ILE I 418 28.51 37.92 29.21
N THR I 419 27.84 37.82 30.35
CA THR I 419 26.81 36.78 30.51
C THR I 419 25.68 36.98 29.50
N GLY I 420 25.36 38.24 29.18
CA GLY I 420 24.31 38.48 28.20
C GLY I 420 24.66 37.94 26.83
N VAL I 421 25.88 38.23 26.35
CA VAL I 421 26.29 37.72 25.05
C VAL I 421 26.43 36.21 25.07
N GLY I 422 26.85 35.61 26.19
CA GLY I 422 26.85 34.17 26.28
C GLY I 422 25.46 33.58 26.18
N ILE I 423 24.49 34.19 26.87
CA ILE I 423 23.12 33.70 26.83
C ILE I 423 22.55 33.83 25.43
N GLU I 424 22.92 34.90 24.71
CA GLU I 424 22.46 35.03 23.33
C GLU I 424 22.84 33.81 22.49
N MET I 425 24.12 33.41 22.54
CA MET I 425 24.53 32.21 21.81
C MET I 425 23.80 30.97 22.34
N MET I 426 23.71 30.85 23.66
CA MET I 426 23.14 29.64 24.24
C MET I 426 21.71 29.44 23.77
N GLN I 427 20.92 30.50 23.75
CA GLN I 427 19.51 30.40 23.35
C GLN I 427 19.31 30.55 21.85
N GLN I 428 20.35 30.95 21.10
CA GLN I 428 20.29 30.87 19.65
C GLN I 428 20.51 29.45 19.17
N ASP I 429 21.36 28.69 19.86
CA ASP I 429 21.59 27.30 19.47
C ASP I 429 20.35 26.44 19.70
N ALA I 430 19.57 26.76 20.75
CA ALA I 430 18.48 25.89 21.16
C ALA I 430 17.38 25.76 20.11
N GLN I 431 17.35 26.65 19.11
CA GLN I 431 16.26 26.62 18.14
C GLN I 431 16.23 25.35 17.30
N SER I 432 17.32 24.58 17.28
CA SER I 432 17.35 23.37 16.47
C SER I 432 16.36 22.32 16.97
N LEU I 433 15.95 22.41 18.24
CA LEU I 433 15.09 21.38 18.82
C LEU I 433 13.65 21.47 18.36
N SER I 434 13.26 22.56 17.67
CA SER I 434 11.86 22.73 17.29
C SER I 434 11.46 21.89 16.09
N GLY I 435 12.41 21.42 15.29
CA GLY I 435 12.08 20.74 14.06
C GLY I 435 12.05 19.22 14.15
N ILE I 436 12.52 18.67 15.27
CA ILE I 436 12.61 17.22 15.40
C ILE I 436 11.21 16.61 15.46
N ASP I 437 11.03 15.52 14.73
CA ASP I 437 9.78 14.75 14.76
C ASP I 437 9.90 13.67 15.84
N TRP I 438 9.39 13.99 17.02
CA TRP I 438 9.58 13.12 18.18
C TRP I 438 8.87 11.79 18.00
N ARG I 439 7.73 11.77 17.31
CA ARG I 439 6.90 10.58 17.25
C ARG I 439 7.46 9.51 16.32
N ASN I 440 8.30 9.87 15.36
CA ASN I 440 8.78 8.94 14.34
C ASN I 440 10.26 8.62 14.48
N LEU I 441 10.82 8.77 15.68
CA LEU I 441 12.21 8.39 15.91
C LEU I 441 12.36 6.88 15.80
N LYS I 442 13.51 6.45 15.27
CA LYS I 442 13.80 5.04 15.17
C LYS I 442 13.80 4.40 16.55
N THR I 443 13.35 3.15 16.61
CA THR I 443 13.13 2.46 17.88
C THR I 443 14.09 1.28 18.02
N ASP I 444 14.55 1.08 19.25
CA ASP I 444 15.43 -0.04 19.56
C ASP I 444 14.61 -1.34 19.65
N ALA I 445 15.31 -2.47 19.64
CA ALA I 445 14.64 -3.76 19.71
C ALA I 445 13.82 -3.92 20.98
N ASP I 446 14.11 -3.15 22.03
CA ASP I 446 13.39 -3.21 23.29
C ASP I 446 12.42 -2.04 23.45
N GLY I 447 12.16 -1.30 22.37
CA GLY I 447 11.24 -0.19 22.42
C GLY I 447 11.83 1.14 22.80
N LYS I 448 13.10 1.18 23.17
CA LYS I 448 13.73 2.45 23.55
C LYS I 448 14.02 3.27 22.29
N PRO I 449 13.59 4.53 22.22
CA PRO I 449 13.93 5.35 21.06
C PRO I 449 15.43 5.52 20.91
N LEU I 450 15.83 6.11 19.77
CA LEU I 450 17.24 6.32 19.43
C LEU I 450 17.41 7.79 19.08
N TYR I 451 17.74 8.60 20.08
CA TYR I 451 17.89 10.03 19.87
C TYR I 451 19.23 10.33 19.18
N PRO I 452 19.29 11.33 18.32
CA PRO I 452 20.59 11.72 17.74
C PRO I 452 21.50 12.34 18.80
N ALA I 453 22.80 12.22 18.56
CA ALA I 453 23.77 12.71 19.53
C ALA I 453 23.84 14.24 19.57
N ALA I 454 23.19 14.92 18.63
CA ALA I 454 23.27 16.38 18.57
C ALA I 454 22.41 17.06 19.63
N VAL I 455 21.35 16.41 20.10
CA VAL I 455 20.40 17.03 21.01
C VAL I 455 20.73 16.68 22.46
N VAL I 456 21.33 15.52 22.67
CA VAL I 456 21.71 15.12 24.03
C VAL I 456 22.71 16.11 24.61
N GLY I 457 23.75 16.45 23.84
CA GLY I 457 24.76 17.39 24.27
C GLY I 457 24.30 18.82 24.31
N SER I 458 23.13 19.12 23.75
CA SER I 458 22.50 20.44 23.88
C SER I 458 21.66 20.53 25.15
N LEU I 459 20.86 19.50 25.43
CA LEU I 459 20.08 19.48 26.67
C LEU I 459 20.99 19.41 27.88
N GLY I 460 22.04 18.58 27.81
CA GLY I 460 22.97 18.46 28.93
C GLY I 460 23.75 19.72 29.20
N ASN I 461 23.91 20.58 28.19
CA ASN I 461 24.55 21.87 28.39
C ASN I 461 23.57 22.94 28.84
N LEU I 462 22.32 22.89 28.35
CA LEU I 462 21.31 23.82 28.84
C LEU I 462 21.07 23.62 30.34
N GLN I 463 20.95 22.37 30.77
CA GLN I 463 20.75 22.12 32.20
C GLN I 463 21.94 22.60 33.02
N ALA I 464 23.16 22.35 32.53
CA ALA I 464 24.34 22.79 33.24
C ALA I 464 24.38 24.32 33.35
N ALA I 465 24.05 25.01 32.26
CA ALA I 465 24.04 26.48 32.30
C ALA I 465 23.00 27.00 33.27
N TYR I 466 21.80 26.42 33.26
CA TYR I 466 20.76 26.87 34.18
C TYR I 466 21.17 26.65 35.63
N GLN I 467 21.73 25.47 35.93
CA GLN I 467 22.16 25.20 37.29
C GLN I 467 23.31 26.10 37.72
N SER I 468 24.25 26.39 36.81
CA SER I 468 25.33 27.31 37.15
C SER I 468 24.79 28.70 37.42
N ALA I 469 23.83 29.15 36.63
CA ALA I 469 23.22 30.46 36.88
C ALA I 469 22.53 30.50 38.24
N LEU I 470 21.81 29.43 38.58
CA LEU I 470 21.12 29.40 39.88
C LEU I 470 22.10 29.29 41.04
N ALA I 471 23.26 28.65 40.82
CA ALA I 471 24.19 28.40 41.92
C ALA I 471 24.75 29.69 42.49
N ALA I 472 24.92 30.72 41.67
CA ALA I 472 25.52 31.98 42.12
C ALA I 472 24.53 32.89 42.82
N GLY I 473 23.26 32.50 42.90
CA GLY I 473 22.26 33.36 43.51
C GLY I 473 21.72 34.44 42.61
N ASN I 474 21.83 34.27 41.29
CA ASN I 474 21.40 35.26 40.31
C ASN I 474 20.19 34.67 39.58
N GLN I 475 19.01 34.97 40.10
CA GLN I 475 17.77 34.46 39.49
C GLN I 475 17.32 35.30 38.31
N VAL I 476 17.71 36.59 38.27
CA VAL I 476 17.28 37.45 37.17
C VAL I 476 17.79 36.91 35.85
N GLN I 477 19.08 36.64 35.75
CA GLN I 477 19.66 36.11 34.51
C GLN I 477 19.39 34.63 34.31
N ALA I 478 18.94 33.92 35.35
CA ALA I 478 18.48 32.55 35.14
C ALA I 478 17.10 32.53 34.49
N ASN I 479 16.22 33.44 34.91
CA ASN I 479 14.92 33.57 34.25
C ASN I 479 15.07 34.15 32.86
N GLN I 480 16.00 35.09 32.68
CA GLN I 480 16.24 35.67 31.36
C GLN I 480 16.64 34.60 30.35
N LEU I 481 17.29 33.53 30.81
CA LEU I 481 17.70 32.47 29.89
C LEU I 481 16.51 31.68 29.39
N LEU I 482 15.51 31.46 30.24
CA LEU I 482 14.36 30.64 29.87
C LEU I 482 13.37 31.39 28.98
N SER I 483 13.65 32.62 28.59
CA SER I 483 12.73 33.43 27.80
C SER I 483 12.92 33.23 26.30
N GLY I 484 13.82 32.35 25.87
CA GLY I 484 14.06 32.13 24.46
C GLY I 484 13.98 30.67 24.05
N LEU I 485 13.88 29.77 25.03
CA LEU I 485 13.84 28.35 24.72
C LEU I 485 12.41 27.92 24.36
N PRO I 486 12.27 26.83 23.60
CA PRO I 486 10.92 26.34 23.27
C PRO I 486 10.21 25.82 24.51
N ASP I 487 8.88 25.82 24.44
CA ASP I 487 8.05 25.49 25.60
C ASP I 487 8.38 24.15 26.22
N PRO I 488 8.44 23.03 25.49
CA PRO I 488 8.74 21.74 26.14
C PRO I 488 10.09 21.72 26.85
N VAL I 489 11.11 22.37 26.29
CA VAL I 489 12.41 22.40 26.96
C VAL I 489 12.32 23.19 28.26
N VAL I 490 11.62 24.32 28.25
CA VAL I 490 11.44 25.09 29.47
C VAL I 490 10.70 24.27 30.52
N TYR I 491 9.67 23.53 30.09
CA TYR I 491 8.93 22.68 31.01
C TYR I 491 9.82 21.60 31.62
N GLY I 492 10.67 20.98 30.80
CA GLY I 492 11.49 19.88 31.29
C GLY I 492 12.53 20.33 32.30
N ILE I 493 13.18 21.46 32.05
CA ILE I 493 14.30 21.89 32.90
C ILE I 493 13.81 22.19 34.31
N ARG I 494 12.72 22.95 34.44
CA ARG I 494 12.25 23.34 35.76
C ARG I 494 11.75 22.16 36.60
N GLN I 495 11.44 21.03 35.97
CA GLN I 495 11.02 19.83 36.69
C GLN I 495 12.28 19.01 36.97
N ASN I 496 12.87 19.22 38.14
CA ASN I 496 14.11 18.55 38.50
C ASN I 496 14.02 17.06 38.25
N VAL I 497 14.86 16.56 37.35
CA VAL I 497 14.87 15.16 36.97
C VAL I 497 16.29 14.78 36.57
N ASP I 498 16.63 13.50 36.76
CA ASP I 498 17.95 13.02 36.40
C ASP I 498 18.22 13.30 34.93
N ALA I 499 19.45 13.68 34.61
CA ALA I 499 19.80 14.06 33.26
C ALA I 499 19.54 12.95 32.26
N ARG I 500 19.54 11.69 32.70
CA ARG I 500 19.34 10.57 31.79
C ARG I 500 17.91 10.50 31.26
N ASP I 501 16.97 11.23 31.87
CA ASP I 501 15.57 11.17 31.49
C ASP I 501 15.04 12.49 30.93
N LEU I 502 15.90 13.50 30.80
CA LEU I 502 15.44 14.80 30.29
C LEU I 502 14.95 14.69 28.85
N ALA I 503 15.67 13.95 28.00
CA ALA I 503 15.24 13.80 26.62
C ALA I 503 13.89 13.11 26.53
N ASP I 504 13.69 12.05 27.31
CA ASP I 504 12.40 11.36 27.30
C ASP I 504 11.29 12.27 27.79
N VAL I 505 11.54 13.04 28.86
CA VAL I 505 10.52 13.95 29.37
C VAL I 505 10.15 14.98 28.31
N VAL I 506 11.15 15.55 27.65
CA VAL I 506 10.89 16.56 26.61
C VAL I 506 10.11 15.95 25.46
N GLY I 507 10.50 14.75 25.03
CA GLY I 507 9.80 14.10 23.94
C GLY I 507 8.34 13.82 24.27
N LYS I 508 8.09 13.32 25.47
CA LYS I 508 6.70 13.08 25.88
C LYS I 508 5.91 14.38 25.96
N ARG I 509 6.50 15.43 26.53
CA ARG I 509 5.77 16.69 26.68
C ARG I 509 5.45 17.30 25.32
N ALA I 510 6.37 17.20 24.36
CA ALA I 510 6.13 17.81 23.05
C ALA I 510 4.88 17.22 22.38
N GLN I 511 4.77 15.89 22.34
CA GLN I 511 3.64 15.25 21.71
C GLN I 511 2.41 15.21 22.61
N ASP I 512 2.55 15.52 23.90
CA ASP I 512 1.37 15.79 24.71
C ASP I 512 0.79 17.16 24.37
N ILE I 513 1.65 18.16 24.17
CA ILE I 513 1.18 19.48 23.74
C ILE I 513 0.57 19.38 22.36
N ALA I 514 1.20 18.64 21.45
CA ALA I 514 0.71 18.54 20.09
C ALA I 514 -0.71 17.97 20.05
N SER I 515 -1.10 17.21 21.07
CA SER I 515 -2.41 16.57 21.09
C SER I 515 -3.49 17.42 21.75
N GLY I 516 -3.17 18.65 22.13
CA GLY I 516 -4.17 19.53 22.72
C GLY I 516 -4.63 19.11 24.10
N LYS I 517 -3.73 18.62 24.94
CA LYS I 517 -4.07 18.21 26.30
C LYS I 517 -3.93 19.35 27.30
N VAL I 518 -3.60 20.56 26.86
CA VAL I 518 -3.37 21.71 27.74
C VAL I 518 -4.52 22.69 27.56
N LEU I 519 -5.06 23.16 28.67
CA LEU I 519 -6.17 24.10 28.64
C LEU I 519 -5.69 25.49 28.29
N ALA I 520 -6.51 26.23 27.55
CA ALA I 520 -6.17 27.59 27.15
C ALA I 520 -6.24 28.53 28.35
N LEU I 521 -5.39 29.55 28.33
CA LEU I 521 -5.36 30.52 29.42
C LEU I 521 -6.48 31.54 29.27
N PRO I 522 -6.90 32.17 30.37
CA PRO I 522 -7.98 33.17 30.28
C PRO I 522 -7.51 34.43 29.57
N ALA I 523 -8.47 35.33 29.33
CA ALA I 523 -8.15 36.60 28.71
C ALA I 523 -7.52 37.58 29.70
N ASN I 524 -7.68 37.35 31.00
CA ASN I 524 -7.07 38.17 32.04
C ASN I 524 -6.04 37.34 32.79
N MET I 525 -4.89 37.95 33.08
CA MET I 525 -3.81 37.21 33.70
C MET I 525 -4.25 36.69 35.06
N PRO I 526 -3.89 35.45 35.42
CA PRO I 526 -4.26 34.93 36.73
C PRO I 526 -3.66 35.76 37.86
N ALA I 527 -4.38 35.82 38.97
CA ALA I 527 -3.90 36.58 40.13
C ALA I 527 -2.61 35.98 40.66
N ASP I 528 -2.42 34.67 40.53
CA ASP I 528 -1.24 34.00 41.07
C ASP I 528 0.03 34.35 40.31
N VAL I 529 -0.06 35.03 39.17
CA VAL I 529 1.13 35.42 38.41
C VAL I 529 1.72 36.74 38.90
N SER I 530 0.97 37.53 39.66
CA SER I 530 1.46 38.82 40.13
C SER I 530 2.58 38.61 41.15
N ILE I 531 3.29 39.71 41.44
CA ILE I 531 4.43 39.71 42.34
C ILE I 531 4.04 40.44 43.61
N THR I 532 4.41 39.87 44.76
CA THR I 532 4.08 40.45 46.06
C THR I 532 5.31 40.39 46.94
N GLN I 533 5.17 40.92 48.16
CA GLN I 533 6.30 40.99 49.08
C GLN I 533 6.86 39.60 49.40
N ALA I 534 5.99 38.59 49.48
CA ALA I 534 6.46 37.24 49.76
C ALA I 534 7.43 36.76 48.68
N ASP I 535 7.19 37.14 47.42
CA ASP I 535 8.11 36.81 46.35
C ASP I 535 9.41 37.60 46.43
N VAL I 536 9.36 38.85 46.90
CA VAL I 536 10.58 39.61 47.10
C VAL I 536 11.44 38.97 48.17
N THR I 537 10.82 38.52 49.26
CA THR I 537 11.56 37.82 50.31
C THR I 537 12.14 36.51 49.79
N ALA I 538 11.48 35.89 48.81
CA ALA I 538 11.91 34.61 48.28
C ALA I 538 13.22 34.69 47.49
N GLY I 539 13.68 35.88 47.14
CA GLY I 539 14.93 36.04 46.44
C GLY I 539 14.83 36.57 45.02
N ILE I 540 13.63 36.87 44.53
CA ILE I 540 13.52 37.48 43.21
C ILE I 540 14.09 38.90 43.28
N PHE I 541 14.51 39.39 42.11
CA PHE I 541 15.22 40.66 41.94
C PHE I 541 16.66 40.58 42.39
N ASP I 542 17.15 39.41 42.79
CA ASP I 542 18.55 39.25 43.15
C ASP I 542 19.38 39.12 41.88
N LEU I 543 20.31 40.05 41.66
CA LEU I 543 21.11 40.10 40.46
C LEU I 543 22.49 39.46 40.64
N GLY I 544 22.78 38.91 41.81
CA GLY I 544 24.05 38.23 42.01
C GLY I 544 25.18 39.20 42.32
N LEU I 545 26.39 38.78 41.97
CA LEU I 545 27.58 39.57 42.26
C LEU I 545 27.60 40.84 41.42
N GLY I 546 28.33 41.84 41.91
CA GLY I 546 28.44 43.11 41.21
C GLY I 546 29.40 44.06 41.89
N LYS I 547 29.69 45.19 41.22
CA LYS I 547 30.61 46.16 41.78
C LYS I 547 29.91 47.09 42.77
N ASP I 548 28.92 47.83 42.31
CA ASP I 548 28.22 48.78 43.15
C ASP I 548 27.03 48.14 43.85
N ALA I 549 26.68 48.69 45.01
CA ALA I 549 25.49 48.22 45.71
C ALA I 549 24.24 48.46 44.89
N ARG I 550 24.17 49.59 44.18
CA ARG I 550 23.02 49.91 43.34
C ARG I 550 22.90 48.99 42.13
N ASN I 551 23.93 48.20 41.83
CA ASN I 551 23.97 47.43 40.59
C ASN I 551 23.90 45.92 40.87
N ARG I 552 23.35 45.52 42.02
CA ARG I 552 23.03 44.12 42.25
C ARG I 552 21.59 43.92 42.73
N ASN I 553 20.78 44.95 42.69
CA ASN I 553 19.33 44.85 42.86
C ASN I 553 18.66 45.49 41.66
N MET I 554 17.76 44.75 41.02
CA MET I 554 17.17 45.24 39.77
C MET I 554 16.35 46.50 39.97
N LEU I 555 15.90 46.76 41.21
CA LEU I 555 15.13 47.97 41.49
C LEU I 555 16.03 49.20 41.65
N GLY I 556 17.33 49.01 41.88
CA GLY I 556 18.25 50.13 41.93
C GLY I 556 18.36 50.83 43.27
N ILE I 557 17.85 50.23 44.34
CA ILE I 557 17.97 50.83 45.66
C ILE I 557 19.36 50.56 46.22
N GLN I 558 19.92 51.55 46.92
CA GLN I 558 21.30 51.46 47.41
C GLN I 558 21.37 50.87 48.81
N SER I 559 20.70 51.50 49.78
CA SER I 559 20.80 51.07 51.17
C SER I 559 20.39 49.61 51.31
N TRP I 560 21.29 48.80 51.88
CA TRP I 560 21.03 47.38 52.09
C TRP I 560 21.19 46.93 53.54
N VAL I 561 21.55 47.83 54.44
CA VAL I 561 21.72 47.50 55.86
C VAL I 561 20.80 48.34 56.73
N PHE I 562 20.81 49.66 56.55
CA PHE I 562 19.91 50.58 57.24
C PHE I 562 19.12 51.35 56.20
N THR I 563 17.79 51.25 56.26
CA THR I 563 16.91 51.82 55.25
C THR I 563 15.87 52.70 55.91
N SER I 564 15.60 53.85 55.29
CA SER I 564 14.55 54.74 55.76
C SER I 564 13.25 54.48 55.00
N ASP I 565 12.18 55.15 55.45
CA ASP I 565 10.88 54.99 54.81
C ASP I 565 10.89 55.50 53.37
N ALA I 566 11.77 56.45 53.04
CA ALA I 566 11.84 56.94 51.67
C ALA I 566 12.18 55.82 50.70
N ASP I 567 13.11 54.93 51.08
CA ASP I 567 13.42 53.76 50.26
C ASP I 567 12.22 52.81 50.18
N GLU I 568 11.48 52.66 51.27
CA GLU I 568 10.30 51.80 51.25
C GLU I 568 9.27 52.31 50.25
N LYS I 569 9.03 53.62 50.22
CA LYS I 569 8.06 54.17 49.27
C LYS I 569 8.51 53.92 47.83
N ALA I 570 9.80 54.13 47.55
CA ALA I 570 10.30 53.89 46.20
C ALA I 570 10.16 52.42 45.80
N ALA I 571 10.49 51.51 46.72
CA ALA I 571 10.34 50.09 46.43
C ALA I 571 8.88 49.74 46.16
N GLN I 572 7.97 50.29 46.97
CA GLN I 572 6.55 50.03 46.78
C GLN I 572 6.07 50.51 45.42
N ALA I 573 6.50 51.71 45.01
CA ALA I 573 6.12 52.22 43.70
C ALA I 573 6.70 51.36 42.58
N ARG I 574 7.96 50.95 42.72
CA ARG I 574 8.62 50.20 41.65
C ARG I 574 8.03 48.80 41.49
N VAL I 575 7.59 48.19 42.58
CA VAL I 575 6.93 46.89 42.46
C VAL I 575 5.66 47.01 41.61
N SER I 576 4.86 48.05 41.87
CA SER I 576 3.67 48.28 41.06
C SER I 576 4.03 48.58 39.61
N GLN I 577 5.12 49.32 39.40
CA GLN I 577 5.57 49.59 38.03
C GLN I 577 5.87 48.30 37.29
N VAL I 578 6.62 47.39 37.94
CA VAL I 578 6.96 46.12 37.31
C VAL I 578 5.71 45.30 37.07
N ASN I 579 4.76 45.32 38.02
CA ASN I 579 3.51 44.58 37.83
C ASN I 579 2.75 45.10 36.61
N SER I 580 2.67 46.42 36.46
CA SER I 580 1.98 46.99 35.31
C SER I 580 2.67 46.59 34.00
N ALA I 581 4.01 46.63 33.99
CA ALA I 581 4.74 46.22 32.79
C ALA I 581 4.44 44.76 32.44
N MET I 582 4.45 43.89 33.44
CA MET I 582 4.14 42.48 33.19
C MET I 582 2.72 42.30 32.69
N ASN I 583 1.76 43.03 33.25
CA ASN I 583 0.38 42.92 32.79
C ASN I 583 0.26 43.35 31.32
N ASN I 584 0.90 44.46 30.95
CA ASN I 584 0.86 44.89 29.56
C ASN I 584 1.48 43.85 28.64
N GLU I 585 2.63 43.29 29.04
CA GLU I 585 3.27 42.27 28.22
C GLU I 585 2.37 41.05 28.04
N TYR I 586 1.74 40.59 29.12
CA TYR I 586 0.86 39.44 29.04
C TYR I 586 -0.32 39.72 28.13
N VAL I 587 -0.92 40.90 28.24
CA VAL I 587 -2.07 41.22 27.39
C VAL I 587 -1.65 41.23 25.94
N TYR I 588 -0.52 41.87 25.63
CA TYR I 588 -0.07 41.94 24.23
C TYR I 588 0.19 40.55 23.69
N ASN I 589 0.86 39.69 24.47
CA ASN I 589 1.12 38.33 24.01
C ASN I 589 -0.17 37.55 23.79
N GLN I 590 -1.13 37.70 24.71
CA GLN I 590 -2.38 36.93 24.60
C GLN I 590 -3.17 37.35 23.36
N GLN I 591 -3.23 38.66 23.09
CA GLN I 591 -4.02 39.11 21.94
C GLN I 591 -3.49 38.54 20.64
N ARG I 592 -2.17 38.49 20.46
CA ARG I 592 -1.60 37.93 19.24
C ARG I 592 -1.72 36.41 19.17
N GLY I 593 -2.15 35.75 20.25
CA GLY I 593 -2.24 34.31 20.27
C GLY I 593 -0.89 33.63 20.20
N SER I 594 0.07 34.09 21.00
CA SER I 594 1.42 33.53 21.01
C SER I 594 1.88 33.12 22.40
N LEU I 595 0.95 32.94 23.34
CA LEU I 595 1.34 32.56 24.69
C LEU I 595 1.90 31.15 24.71
N PRO I 596 2.87 30.87 25.59
CA PRO I 596 3.40 29.52 25.68
C PRO I 596 2.49 28.60 26.48
N ALA I 597 2.77 27.29 26.38
CA ALA I 597 2.01 26.28 27.11
C ALA I 597 2.58 26.08 28.51
N LEU I 598 2.35 27.08 29.36
CA LEU I 598 2.83 27.06 30.74
C LEU I 598 1.74 27.63 31.64
N VAL I 599 1.90 27.39 32.94
CA VAL I 599 0.94 27.83 33.94
C VAL I 599 1.64 28.12 35.25
N GLY I 600 1.12 29.09 35.98
CA GLY I 600 1.61 29.37 37.32
C GLY I 600 3.03 29.88 37.32
N ASP I 601 3.88 29.22 38.10
CA ASP I 601 5.24 29.71 38.32
C ASP I 601 6.04 29.76 37.03
N ASP I 602 5.87 28.78 36.14
CA ASP I 602 6.60 28.81 34.88
C ASP I 602 6.23 30.04 34.06
N LEU I 603 4.94 30.36 33.99
CA LEU I 603 4.50 31.55 33.26
C LEU I 603 5.03 32.81 33.94
N LYS I 604 5.02 32.85 35.27
CA LYS I 604 5.57 34.01 35.97
C LYS I 604 7.04 34.21 35.63
N SER I 605 7.81 33.13 35.63
CA SER I 605 9.23 33.22 35.30
C SER I 605 9.42 33.66 33.86
N TRP I 606 8.61 33.13 32.94
CA TRP I 606 8.70 33.55 31.54
C TRP I 606 8.47 35.05 31.39
N LEU I 607 7.40 35.56 32.02
CA LEU I 607 7.10 36.98 31.92
C LEU I 607 8.20 37.82 32.58
N MET I 608 8.68 37.40 33.74
CA MET I 608 9.74 38.16 34.42
C MET I 608 11.00 38.21 33.59
N GLY I 609 11.38 37.09 32.95
CA GLY I 609 12.51 37.09 32.06
C GLY I 609 12.32 37.96 30.83
N LYS I 610 11.10 37.99 30.27
CA LYS I 610 10.82 38.89 29.17
C LYS I 610 10.99 40.34 29.58
N VAL I 611 10.47 40.71 30.75
CA VAL I 611 10.54 42.10 31.20
C VAL I 611 11.95 42.46 31.63
N ALA I 612 12.70 41.51 32.21
CA ALA I 612 13.98 41.83 32.80
C ALA I 612 14.98 42.36 31.78
N SER I 613 14.82 42.00 30.50
CA SER I 613 15.82 42.38 29.50
C SER I 613 15.73 43.85 29.14
N ARG I 614 14.58 44.49 29.36
CA ARG I 614 14.34 45.85 28.91
C ARG I 614 14.41 46.89 30.04
N THR I 615 15.06 46.56 31.15
CA THR I 615 15.15 47.47 32.30
C THR I 615 16.49 48.18 32.31
N VAL I 616 16.44 49.50 32.53
CA VAL I 616 17.63 50.33 32.61
C VAL I 616 17.53 51.23 33.83
N ARG I 617 18.61 51.33 34.59
CA ARG I 617 18.64 52.10 35.83
C ARG I 617 19.41 53.39 35.61
N VAL I 618 18.68 54.44 35.20
CA VAL I 618 19.29 55.76 35.05
C VAL I 618 19.87 56.19 36.39
N LYS I 619 20.96 56.97 36.33
CA LYS I 619 21.75 57.23 37.53
C LYS I 619 21.34 58.55 38.21
N ASP I 620 21.47 59.66 37.50
CA ASP I 620 21.47 60.98 38.14
C ASP I 620 20.06 61.47 38.43
N GLY I 621 20.00 62.47 39.31
CA GLY I 621 18.78 63.18 39.62
C GLY I 621 18.51 63.27 41.11
N THR I 622 18.77 62.17 41.82
CA THR I 622 18.60 62.08 43.27
C THR I 622 19.28 60.79 43.72
N ASP I 623 19.10 60.44 44.99
CA ASP I 623 19.52 59.13 45.46
C ASP I 623 18.60 58.06 44.90
N ASN I 624 19.17 56.86 44.70
CA ASN I 624 18.46 55.72 44.12
C ASN I 624 18.20 55.93 42.63
N GLY I 625 18.60 57.08 42.10
CA GLY I 625 18.42 57.33 40.67
C GLY I 625 16.98 57.21 40.23
N ALA I 626 16.78 56.53 39.10
CA ALA I 626 15.46 56.31 38.55
C ALA I 626 15.46 54.99 37.78
N LEU I 627 14.27 54.45 37.56
CA LEU I 627 14.09 53.17 36.89
C LEU I 627 13.19 53.37 35.68
N LEU I 628 13.60 52.83 34.53
CA LEU I 628 12.85 52.93 33.30
C LEU I 628 12.84 51.58 32.59
N VAL I 629 11.81 51.36 31.78
CA VAL I 629 11.68 50.17 30.95
C VAL I 629 11.58 50.62 29.50
N LEU I 630 12.58 50.26 28.70
CA LEU I 630 12.62 50.70 27.32
C LEU I 630 11.53 49.99 26.52
N PRO I 631 10.96 50.66 25.52
CA PRO I 631 9.95 50.01 24.68
C PRO I 631 10.58 49.06 23.67
N GLU I 632 9.75 48.18 23.13
CA GLU I 632 10.20 47.27 22.09
C GLU I 632 10.31 47.99 20.75
N VAL I 633 11.38 47.68 20.02
CA VAL I 633 11.64 48.31 18.73
C VAL I 633 12.04 47.22 17.73
N GLY I 634 11.82 47.51 16.46
CA GLY I 634 12.22 46.60 15.40
C GLY I 634 13.69 46.24 15.51
N ASP I 635 14.57 47.22 15.34
CA ASP I 635 16.00 47.03 15.54
C ASP I 635 16.55 48.23 16.29
N LYS I 636 17.35 47.95 17.33
CA LYS I 636 17.82 49.01 18.22
C LYS I 636 18.78 49.96 17.51
N GLN I 637 19.52 49.46 16.53
CA GLN I 637 20.57 50.26 15.90
C GLN I 637 20.03 51.44 15.12
N LYS I 638 18.75 51.42 14.73
CA LYS I 638 18.18 52.53 13.98
C LYS I 638 17.66 53.63 14.89
N VAL I 639 17.13 53.29 16.06
CA VAL I 639 16.53 54.28 16.96
C VAL I 639 17.55 54.71 18.01
N PHE I 640 18.02 53.76 18.81
CA PHE I 640 18.95 54.09 19.90
C PHE I 640 20.38 54.25 19.42
N GLY I 641 20.74 53.66 18.29
CA GLY I 641 22.08 53.77 17.75
C GLY I 641 23.08 52.78 18.29
N SER I 642 22.69 51.95 19.26
CA SER I 642 23.58 50.93 19.80
C SER I 642 22.75 49.85 20.45
N THR I 643 23.33 48.64 20.52
CA THR I 643 22.64 47.49 21.09
C THR I 643 23.00 47.25 22.55
N ASP I 644 23.84 48.08 23.16
CA ASP I 644 24.28 47.89 24.53
C ASP I 644 23.57 48.88 25.42
N ASN I 645 23.05 48.40 26.55
CA ASN I 645 22.29 49.25 27.46
C ASN I 645 23.18 50.18 28.27
N GLY I 646 24.45 49.83 28.46
CA GLY I 646 25.35 50.65 29.27
C GLY I 646 25.61 52.03 28.70
N ILE I 647 25.39 52.22 27.40
CA ILE I 647 25.55 53.54 26.79
C ILE I 647 24.25 54.32 26.85
N ILE I 648 23.11 53.65 26.63
CA ILE I 648 21.82 54.33 26.72
C ILE I 648 21.58 54.82 28.14
N GLU I 649 22.01 54.03 29.14
CA GLU I 649 21.85 54.45 30.52
C GLU I 649 22.56 55.78 30.79
N SER I 650 23.78 55.94 30.26
CA SER I 650 24.50 57.19 30.45
C SER I 650 23.90 58.31 29.60
N ALA I 651 23.40 57.99 28.41
CA ALA I 651 22.88 59.01 27.52
C ALA I 651 21.55 59.59 28.00
N LEU I 652 20.72 58.79 28.68
CA LEU I 652 19.41 59.26 29.10
C LEU I 652 19.48 60.20 30.31
N THR I 653 20.67 60.40 30.89
CA THR I 653 20.76 61.12 32.15
C THR I 653 20.27 62.55 32.03
N GLU I 654 20.71 63.27 30.99
CA GLU I 654 20.33 64.68 30.86
C GLU I 654 18.83 64.83 30.67
N SER I 655 18.24 64.00 29.80
CA SER I 655 16.80 64.08 29.55
C SER I 655 16.02 63.77 30.82
N VAL I 656 16.42 62.73 31.54
CA VAL I 656 15.70 62.39 32.77
C VAL I 656 15.82 63.50 33.80
N THR I 657 17.02 64.07 33.96
CA THR I 657 17.20 65.13 34.94
C THR I 657 16.36 66.35 34.57
N ASN I 658 16.34 66.73 33.30
CA ASN I 658 15.52 67.86 32.89
C ASN I 658 14.04 67.60 33.14
N PHE I 659 13.57 66.39 32.79
CA PHE I 659 12.17 66.07 32.98
C PHE I 659 11.78 66.14 34.45
N LYS I 660 12.63 65.60 35.32
CA LYS I 660 12.34 65.68 36.76
C LYS I 660 12.45 67.11 37.28
N LYS I 661 13.34 67.93 36.72
CA LYS I 661 13.44 69.32 37.15
C LYS I 661 12.18 70.09 36.80
N GLN I 662 11.62 69.85 35.61
CA GLN I 662 10.43 70.59 35.19
C GLN I 662 9.21 70.24 36.03
N TYR I 663 9.08 68.98 36.44
CA TYR I 663 7.90 68.49 37.15
C TYR I 663 8.33 67.79 38.45
N PRO I 664 8.60 68.57 39.50
CA PRO I 664 8.98 67.94 40.78
C PRO I 664 7.92 67.00 41.34
N GLN I 665 6.64 67.27 41.10
CA GLN I 665 5.59 66.47 41.70
C GLN I 665 5.53 65.05 41.11
N ALA I 666 6.14 64.82 39.96
CA ALA I 666 6.11 63.51 39.32
C ALA I 666 6.99 62.54 40.12
N THR I 667 6.44 61.37 40.42
CA THR I 667 7.20 60.38 41.19
C THR I 667 7.85 59.33 40.28
N THR I 668 7.17 58.94 39.21
CA THR I 668 7.68 57.92 38.30
C THR I 668 7.58 58.43 36.87
N VAL I 669 8.38 57.84 35.99
CA VAL I 669 8.48 58.22 34.60
C VAL I 669 8.26 57.00 33.72
N GLN I 670 7.58 57.19 32.60
CA GLN I 670 7.36 56.15 31.61
C GLN I 670 7.85 56.63 30.26
N MET I 671 8.34 55.69 29.45
CA MET I 671 8.92 56.00 28.15
C MET I 671 8.20 55.22 27.06
N ASP I 672 8.00 55.88 25.91
CA ASP I 672 7.30 55.27 24.80
C ASP I 672 7.87 55.81 23.50
N TYR I 673 7.66 55.05 22.42
CA TYR I 673 8.21 55.37 21.11
C TYR I 673 7.07 55.53 20.10
N ASP I 674 7.13 56.60 19.30
CA ASP I 674 6.13 56.87 18.28
C ASP I 674 6.77 56.69 16.90
N PRO I 675 6.55 55.56 16.22
CA PRO I 675 7.28 55.33 14.96
C PRO I 675 6.89 56.30 13.86
N LEU I 676 5.66 56.80 13.83
CA LEU I 676 5.21 57.58 12.69
C LEU I 676 6.04 58.84 12.49
N THR I 677 6.34 59.56 13.57
CA THR I 677 7.14 60.78 13.49
C THR I 677 8.56 60.59 14.01
N GLN I 678 8.98 59.34 14.29
CA GLN I 678 10.31 59.07 14.81
C GLN I 678 10.58 59.90 16.06
N GLU I 679 9.76 59.66 17.10
CA GLU I 679 9.75 60.48 18.28
C GLU I 679 9.78 59.61 19.53
N LEU I 680 10.42 60.13 20.58
CA LEU I 680 10.44 59.49 21.89
C LEU I 680 9.65 60.36 22.87
N ILE I 681 8.81 59.72 23.68
CA ILE I 681 7.86 60.43 24.52
C ILE I 681 8.05 59.98 25.97
N PHE I 682 8.04 60.97 26.87
CA PHE I 682 8.08 60.72 28.31
C PHE I 682 6.77 61.21 28.92
N GLN I 683 6.29 60.48 29.93
CA GLN I 683 5.03 60.82 30.59
C GLN I 683 5.07 60.33 32.02
N GLY I 684 4.48 61.13 32.92
CA GLY I 684 4.33 60.70 34.30
C GLY I 684 3.17 59.73 34.45
N VAL I 685 3.29 58.83 35.42
CA VAL I 685 2.32 57.76 35.62
C VAL I 685 1.87 57.76 37.08
N ASN I 686 0.65 57.28 37.28
CA ASN I 686 0.05 57.11 38.60
C ASN I 686 -0.21 55.62 38.83
N ALA I 687 -0.55 55.29 40.08
CA ALA I 687 -0.88 53.91 40.42
C ALA I 687 -2.18 53.50 39.75
N GLU I 688 -2.49 52.20 39.75
CA GLU I 688 -3.69 51.67 39.12
C GLU I 688 -3.66 51.79 37.61
N ASN I 689 -2.46 51.89 37.03
CA ASN I 689 -2.26 51.98 35.58
C ASN I 689 -2.86 53.25 34.99
N GLN I 690 -3.10 54.27 35.81
CA GLN I 690 -3.59 55.55 35.31
C GLN I 690 -2.43 56.46 34.95
N LEU I 691 -2.70 57.39 34.05
CA LEU I 691 -1.68 58.27 33.49
C LEU I 691 -1.94 59.72 33.90
N GLY I 692 -0.86 60.49 34.01
CA GLY I 692 -0.94 61.88 34.38
C GLY I 692 -1.06 62.81 33.18
N THR I 693 -0.87 64.11 33.45
CA THR I 693 -1.00 65.13 32.43
C THR I 693 0.35 65.61 31.90
N THR I 694 1.44 65.37 32.62
CA THR I 694 2.75 65.82 32.15
C THR I 694 3.21 64.98 30.97
N ARG I 695 3.90 65.64 30.03
CA ARG I 695 4.41 64.95 28.85
C ARG I 695 5.59 65.73 28.29
N ALA I 696 6.44 65.02 27.56
CA ALA I 696 7.60 65.61 26.90
C ALA I 696 7.90 64.84 25.64
N SER I 697 8.64 65.49 24.73
CA SER I 697 8.94 64.91 23.43
C SER I 697 10.39 65.20 23.07
N ILE I 698 11.06 64.21 22.47
CA ILE I 698 12.46 64.34 22.07
C ILE I 698 12.68 63.62 20.75
N PRO I 699 13.27 64.26 19.74
CA PRO I 699 13.56 63.55 18.49
C PRO I 699 14.63 62.50 18.69
N ALA I 700 14.64 61.50 17.79
CA ALA I 700 15.62 60.42 17.89
C ALA I 700 16.98 60.83 17.35
N ALA I 701 17.02 61.78 16.41
CA ALA I 701 18.28 62.12 15.76
C ALA I 701 19.30 62.65 16.77
N ASP I 702 18.90 63.62 17.59
CA ASP I 702 19.81 64.16 18.59
C ASP I 702 20.17 63.14 19.66
N PHE I 703 19.26 62.23 20.01
CA PHE I 703 19.61 61.16 20.95
C PHE I 703 20.69 60.26 20.38
N ARG I 704 20.57 59.89 19.10
CA ARG I 704 21.61 59.08 18.46
C ARG I 704 22.92 59.85 18.39
N ASN I 705 22.85 61.15 18.10
CA ASN I 705 24.06 61.96 18.06
C ASN I 705 24.75 61.99 19.42
N THR I 706 23.97 62.13 20.50
CA THR I 706 24.55 62.13 21.84
C THR I 706 25.15 60.78 22.17
N VAL I 707 24.50 59.69 21.78
CA VAL I 707 25.03 58.36 22.04
C VAL I 707 26.37 58.20 21.32
N ARG I 708 26.43 58.61 20.05
CA ARG I 708 27.68 58.51 19.31
C ARG I 708 28.77 59.39 19.91
N GLY I 709 28.40 60.58 20.38
CA GLY I 709 29.38 61.43 21.03
C GLY I 709 29.94 60.81 22.30
N VAL I 710 29.10 60.17 23.10
CA VAL I 710 29.57 59.49 24.29
C VAL I 710 30.49 58.32 23.91
N GLN I 711 30.10 57.56 22.89
CA GLN I 711 30.93 56.44 22.47
C GLN I 711 32.29 56.90 21.97
N ASN I 712 32.32 58.01 21.23
CA ASN I 712 33.60 58.54 20.74
C ASN I 712 34.50 58.94 21.89
N THR I 713 33.96 59.59 22.91
CA THR I 713 34.76 59.93 24.08
C THR I 713 35.27 58.67 24.78
N LEU I 714 34.42 57.65 24.89
CA LEU I 714 34.83 56.42 25.54
C LEU I 714 36.00 55.76 24.79
N THR I 715 35.88 55.63 23.47
CA THR I 715 36.89 54.96 22.67
C THR I 715 38.01 55.87 22.22
N GLN I 716 37.92 57.17 22.48
CA GLN I 716 38.96 58.14 22.10
C GLN I 716 39.06 58.25 20.58
N ASN I 717 37.92 58.47 19.95
CA ASN I 717 37.84 58.65 18.50
C ASN I 717 38.33 57.40 17.75
N GLY I 718 38.31 56.25 18.42
CA GLY I 718 38.69 55.01 17.79
C GLY I 718 40.18 54.80 17.62
N SER I 719 41.02 55.69 18.14
CA SER I 719 42.47 55.54 18.01
C SER I 719 43.04 54.57 19.02
N GLY I 720 42.31 54.24 20.09
CA GLY I 720 42.79 53.33 21.10
C GLY I 720 43.61 54.02 22.17
N THR I 721 44.05 53.22 23.14
CA THR I 721 44.85 53.73 24.23
C THR I 721 46.27 54.06 23.75
N THR I 722 46.97 54.86 24.56
CA THR I 722 48.32 55.31 24.21
C THR I 722 49.29 55.20 25.38
N GLN I 723 48.95 54.47 26.43
CA GLN I 723 49.87 54.28 27.55
C GLN I 723 51.06 53.45 27.12
N GLY I 724 52.21 53.75 27.71
CA GLY I 724 53.43 53.06 27.35
C GLY I 724 54.42 53.00 28.49
N ASN I 725 55.64 52.59 28.16
CA ASN I 725 56.71 52.44 29.15
C ASN I 725 58.04 52.78 28.50
N LEU I 726 59.02 53.07 29.34
CA LEU I 726 60.38 53.37 28.90
C LEU I 726 61.40 52.62 29.73
N ASN I 727 62.57 52.38 29.14
CA ASN I 727 63.70 51.81 29.84
C ASN I 727 64.75 52.90 30.05
N VAL I 728 64.94 53.32 31.29
CA VAL I 728 65.89 54.36 31.65
C VAL I 728 67.05 53.69 32.37
N PRO I 729 68.29 53.85 31.93
CA PRO I 729 69.41 53.21 32.63
C PRO I 729 69.44 53.59 34.10
N GLY I 730 69.66 52.59 34.95
CA GLY I 730 69.72 52.82 36.38
C GLY I 730 68.34 52.94 37.03
N ALA I 731 67.53 53.86 36.53
CA ALA I 731 66.24 54.11 37.15
C ALA I 731 65.22 53.01 36.88
N GLY I 732 65.42 52.22 35.83
CA GLY I 732 64.48 51.15 35.52
C GLY I 732 63.30 51.64 34.70
N PHE I 733 62.20 50.90 34.81
CA PHE I 733 61.02 51.19 34.01
C PHE I 733 60.27 52.41 34.56
N VAL I 734 59.71 53.20 33.64
CA VAL I 734 58.90 54.35 33.99
C VAL I 734 57.75 54.46 32.98
N SER I 735 56.72 55.19 33.37
CA SER I 735 55.55 55.37 32.52
C SER I 735 55.83 56.40 31.44
N PHE I 736 55.13 56.25 30.30
CA PHE I 736 55.31 57.13 29.17
C PHE I 736 54.04 57.12 28.33
N ASN I 737 53.61 58.30 27.89
CA ASN I 737 52.41 58.46 27.07
C ASN I 737 52.84 58.87 25.67
N ALA I 738 52.37 58.13 24.66
CA ALA I 738 52.77 58.35 23.29
C ALA I 738 51.78 59.20 22.51
N GLY I 739 50.81 59.81 23.17
CA GLY I 739 49.82 60.61 22.46
C GLY I 739 50.47 61.80 21.76
N ASN I 740 49.89 62.19 20.63
CA ASN I 740 50.40 63.31 19.85
C ASN I 740 49.24 63.92 19.07
N SER I 741 49.47 65.13 18.57
CA SER I 741 48.44 65.90 17.88
C SER I 741 48.57 65.84 16.37
N PHE I 742 49.39 64.94 15.83
CA PHE I 742 49.57 64.83 14.38
C PHE I 742 49.08 63.50 13.81
N GLY I 743 48.68 62.56 14.64
CA GLY I 743 48.14 61.30 14.16
C GLY I 743 49.15 60.22 13.90
N ILE I 744 50.35 60.29 14.46
CA ILE I 744 51.35 59.26 14.23
C ILE I 744 51.04 58.06 15.13
N GLN I 745 50.98 56.88 14.51
CA GLN I 745 50.57 55.68 15.24
C GLN I 745 51.61 55.32 16.30
N LYS I 746 51.16 54.61 17.34
CA LYS I 746 51.94 54.46 18.57
C LYS I 746 53.33 53.88 18.29
N ASN I 747 53.38 52.75 17.59
CA ASN I 747 54.65 52.08 17.38
C ASN I 747 55.60 52.87 16.49
N VAL I 748 55.10 53.87 15.76
CA VAL I 748 55.97 54.74 14.98
C VAL I 748 56.52 55.87 15.84
N VAL I 749 55.71 56.39 16.76
CA VAL I 749 56.20 57.39 17.70
C VAL I 749 57.27 56.79 18.60
N MET I 750 57.05 55.57 19.07
CA MET I 750 58.01 54.93 19.97
C MET I 750 59.33 54.59 19.29
N GLY I 751 59.39 54.67 17.96
CA GLY I 751 60.61 54.33 17.25
C GLY I 751 61.74 55.33 17.46
N ALA I 752 61.43 56.62 17.39
CA ALA I 752 62.47 57.64 17.48
C ALA I 752 62.96 57.84 18.92
N VAL I 753 62.07 57.67 19.90
CA VAL I 753 62.48 57.84 21.29
C VAL I 753 63.45 56.75 21.70
N ASN I 754 63.27 55.53 21.18
CA ASN I 754 64.19 54.43 21.50
C ASN I 754 65.57 54.62 20.89
N GLN I 755 65.72 55.54 19.93
CA GLN I 755 67.03 55.90 19.41
C GLN I 755 67.60 57.10 20.15
N LEU I 756 66.74 58.07 20.47
CA LEU I 756 67.19 59.22 21.25
C LEU I 756 67.73 58.78 22.60
N VAL I 757 67.05 57.84 23.26
CA VAL I 757 67.51 57.32 24.54
C VAL I 757 68.79 56.51 24.38
N SER I 758 68.92 55.75 23.29
CA SER I 758 70.12 54.95 23.07
C SER I 758 71.33 55.79 22.69
N TYR I 759 71.13 57.01 22.20
CA TYR I 759 72.23 57.92 21.90
C TYR I 759 72.58 58.82 23.08
N GLU I 760 71.60 59.52 23.65
CA GLU I 760 71.88 60.48 24.71
C GLU I 760 72.21 59.81 26.04
N GLY I 761 71.49 58.75 26.40
CA GLY I 761 71.68 58.16 27.71
C GLY I 761 70.99 58.98 28.79
N TYR I 762 71.30 58.63 30.04
CA TYR I 762 70.69 59.28 31.19
C TYR I 762 71.65 59.24 32.37
N THR I 763 71.80 60.38 33.03
CA THR I 763 72.62 60.47 34.23
C THR I 763 71.90 61.35 35.24
N PRO I 764 72.09 61.12 36.55
CA PRO I 764 71.39 61.95 37.54
C PRO I 764 71.69 63.43 37.42
N SER I 765 72.92 63.81 37.10
CA SER I 765 73.31 65.21 37.07
C SER I 765 72.96 65.91 35.77
N LYS I 766 72.56 65.16 34.74
CA LYS I 766 72.22 65.74 33.45
C LYS I 766 70.87 65.30 32.89
N GLY I 767 70.27 64.25 33.44
CA GLY I 767 69.00 63.77 32.90
C GLY I 767 69.17 63.36 31.45
N PHE I 768 68.24 63.81 30.61
CA PHE I 768 68.27 63.52 29.19
C PHE I 768 68.97 64.62 28.38
N SER I 769 69.61 65.57 29.04
CA SER I 769 70.39 66.60 28.37
C SER I 769 69.52 67.54 27.55
N VAL I 770 68.38 67.95 28.13
CA VAL I 770 67.50 68.90 27.47
C VAL I 770 68.04 70.31 27.67
N LEU I 771 68.27 71.02 26.57
CA LEU I 771 68.80 72.38 26.63
C LEU I 771 67.99 73.31 25.74
N GLU I 783 63.72 76.66 29.00
CA GLU I 783 63.01 77.31 30.10
C GLU I 783 63.14 76.49 31.38
N ASP I 784 62.51 76.98 32.46
CA ASP I 784 62.61 76.30 33.74
C ASP I 784 61.85 74.97 33.73
N LYS I 785 60.77 74.88 32.97
CA LYS I 785 59.94 73.68 32.99
C LYS I 785 60.41 72.62 31.98
N TYR I 786 61.43 72.92 31.18
CA TYR I 786 61.97 71.96 30.23
C TYR I 786 63.31 71.36 30.68
N VAL I 787 63.78 71.71 31.87
CA VAL I 787 65.08 71.26 32.35
C VAL I 787 64.91 70.54 33.68
N LYS I 788 65.84 69.63 33.96
CA LYS I 788 65.79 68.86 35.19
C LYS I 788 66.44 69.62 36.34
N GLN I 789 65.79 69.62 37.49
CA GLN I 789 66.36 70.19 38.70
C GLN I 789 67.00 69.11 39.55
N ALA I 790 67.75 69.53 40.57
CA ALA I 790 68.49 68.60 41.39
C ALA I 790 67.58 67.62 42.14
N THR I 791 66.37 68.04 42.51
CA THR I 791 65.49 67.23 43.33
C THR I 791 64.49 66.41 42.53
N ASP I 792 64.52 66.47 41.19
CA ASP I 792 63.53 65.76 40.39
C ASP I 792 63.79 64.26 40.42
N THR I 793 62.70 63.49 40.49
CA THR I 793 62.79 62.04 40.32
C THR I 793 62.81 61.71 38.83
N PRO I 794 63.26 60.50 38.47
CA PRO I 794 63.34 60.16 37.04
C PRO I 794 62.00 60.27 36.31
N GLN I 795 60.89 59.96 36.98
CA GLN I 795 59.59 60.10 36.32
C GLN I 795 59.31 61.55 35.95
N VAL I 796 59.61 62.48 36.86
CA VAL I 796 59.40 63.90 36.58
C VAL I 796 60.28 64.34 35.41
N ALA I 797 61.54 63.91 35.40
CA ALA I 797 62.42 64.27 34.30
C ALA I 797 61.91 63.73 32.97
N ALA I 798 61.41 62.49 32.98
CA ALA I 798 60.84 61.92 31.76
C ALA I 798 59.63 62.70 31.29
N ASP I 799 58.77 63.13 32.22
CA ASP I 799 57.62 63.93 31.83
C ASP I 799 58.05 65.23 31.15
N LYS I 800 59.05 65.91 31.73
CA LYS I 800 59.55 67.13 31.12
C LYS I 800 60.16 66.86 29.76
N PHE I 801 60.88 65.75 29.62
CA PHE I 801 61.47 65.40 28.33
C PHE I 801 60.39 65.20 27.27
N ASN I 802 59.33 64.47 27.62
CA ASN I 802 58.23 64.27 26.68
C ASN I 802 57.56 65.58 26.31
N MET I 803 57.33 66.44 27.31
CA MET I 803 56.73 67.74 27.03
C MET I 803 57.60 68.57 26.10
N TYR I 804 58.91 68.59 26.35
CA TYR I 804 59.83 69.34 25.49
C TYR I 804 59.80 68.80 24.06
N LEU I 805 59.82 67.47 23.91
CA LEU I 805 59.70 66.89 22.59
C LEU I 805 58.43 67.39 21.90
N ASN I 806 57.27 67.12 22.51
CA ASN I 806 56.00 67.45 21.86
C ASN I 806 55.87 68.94 21.58
N ASP I 807 56.55 69.79 22.36
CA ASP I 807 56.38 71.23 22.20
C ASP I 807 57.40 71.86 21.26
N LYS I 808 58.55 71.23 21.05
CA LYS I 808 59.64 71.89 20.33
C LYS I 808 60.33 71.04 19.27
N VAL I 809 59.83 69.84 18.95
CA VAL I 809 60.47 69.01 17.93
C VAL I 809 59.51 68.71 16.79
N TYR I 810 58.40 68.05 17.10
CA TYR I 810 57.48 67.62 16.05
C TYR I 810 57.00 68.77 15.18
N PRO I 811 56.65 69.95 15.72
CA PRO I 811 56.17 71.04 14.84
C PRO I 811 57.17 71.44 13.78
N LEU I 812 58.47 71.25 14.00
CA LEU I 812 59.48 71.61 13.02
C LEU I 812 59.84 70.46 12.09
N VAL I 813 59.47 69.23 12.43
CA VAL I 813 59.82 68.08 11.59
C VAL I 813 58.66 67.68 10.69
N MET I 814 57.43 67.78 11.19
CA MET I 814 56.26 67.37 10.42
C MET I 814 56.11 68.18 9.14
N PRO I 815 56.27 69.50 9.17
CA PRO I 815 56.07 70.28 7.95
C PRO I 815 56.96 69.88 6.79
N LYS I 816 58.13 69.30 7.05
CA LYS I 816 59.07 68.94 6.00
C LYS I 816 58.88 67.52 5.49
N MET I 817 57.86 66.80 5.99
CA MET I 817 57.57 65.45 5.50
C MET I 817 56.67 65.45 4.28
N GLU I 818 56.12 66.61 3.88
CA GLU I 818 55.25 66.66 2.72
C GLU I 818 56.00 66.48 1.41
N GLN I 819 57.33 66.56 1.43
CA GLN I 819 58.12 66.53 0.20
C GLN I 819 58.54 65.12 -0.20
N TYR I 820 58.42 64.14 0.70
CA TYR I 820 58.96 62.81 0.46
C TYR I 820 57.88 61.74 0.28
N LYS I 821 56.71 62.12 -0.25
CA LYS I 821 55.64 61.14 -0.43
C LYS I 821 55.79 60.31 -1.71
N ASN I 822 56.72 60.66 -2.60
CA ASN I 822 56.95 59.86 -3.78
C ASN I 822 57.69 58.57 -3.44
N LEU I 823 58.53 58.60 -2.40
CA LEU I 823 59.34 57.45 -2.02
C LEU I 823 58.49 56.40 -1.32
N PRO I 824 58.98 55.16 -1.24
CA PRO I 824 58.25 54.13 -0.49
C PRO I 824 58.06 54.53 0.96
N GLY I 825 57.21 53.77 1.66
CA GLY I 825 56.90 54.10 3.04
C GLY I 825 58.08 53.95 3.99
N TYR I 826 58.84 52.87 3.85
CA TYR I 826 59.92 52.59 4.79
C TYR I 826 61.08 53.57 4.63
N ILE I 827 61.30 54.10 3.42
CA ILE I 827 62.29 55.16 3.26
C ILE I 827 61.87 56.39 4.05
N GLN I 828 60.58 56.75 3.98
CA GLN I 828 60.09 57.87 4.77
C GLN I 828 60.24 57.60 6.26
N ASN I 829 59.96 56.37 6.69
CA ASN I 829 60.12 56.01 8.09
C ASN I 829 61.58 56.18 8.52
N ASN I 830 62.51 55.74 7.69
CA ASN I 830 63.94 55.92 8.00
C ASN I 830 64.31 57.39 8.07
N ILE I 831 63.78 58.21 7.15
CA ILE I 831 64.09 59.64 7.16
C ILE I 831 63.55 60.30 8.42
N TYR I 832 62.40 59.83 8.91
CA TYR I 832 61.78 60.44 10.08
C TYR I 832 62.70 60.37 11.29
N ASN I 833 63.30 59.20 11.54
CA ASN I 833 64.16 59.04 12.69
C ASN I 833 65.37 59.96 12.61
N ALA I 834 66.00 60.03 11.44
CA ALA I 834 67.16 60.89 11.27
C ALA I 834 66.81 62.35 11.47
N LEU I 835 65.67 62.78 10.92
CA LEU I 835 65.25 64.18 11.11
C LEU I 835 64.98 64.49 12.57
N VAL I 836 64.30 63.58 13.29
CA VAL I 836 64.04 63.82 14.70
C VAL I 836 65.34 63.89 15.48
N GLU I 837 66.27 62.98 15.21
CA GLU I 837 67.55 62.97 15.91
C GLU I 837 68.31 64.26 15.68
N THR I 838 68.36 64.73 14.43
CA THR I 838 69.08 65.96 14.13
C THR I 838 68.41 67.17 14.78
N THR I 839 67.08 67.23 14.70
CA THR I 839 66.36 68.37 15.27
C THR I 839 66.54 68.44 16.77
N TYR I 840 66.56 67.28 17.44
CA TYR I 840 66.73 67.29 18.90
C TYR I 840 68.07 67.89 19.30
N HIS I 841 69.14 67.55 18.59
CA HIS I 841 70.47 68.01 18.94
C HIS I 841 70.80 69.38 18.38
N SER I 842 70.02 69.89 17.41
CA SER I 842 70.33 71.19 16.83
C SER I 842 69.19 72.19 16.86
N GLY I 843 67.97 71.78 17.23
CA GLY I 843 66.86 72.70 17.25
C GLY I 843 66.52 73.31 15.91
N ASN I 844 66.99 72.71 14.82
CA ASN I 844 66.75 73.23 13.47
C ASN I 844 66.83 72.08 12.50
N SER I 845 65.74 71.85 11.76
CA SER I 845 65.66 70.72 10.85
C SER I 845 66.24 71.01 9.47
N ASP I 846 66.71 72.23 9.22
CA ASP I 846 67.25 72.58 7.91
C ASP I 846 68.69 72.12 7.71
N VAL I 847 69.36 71.65 8.77
CA VAL I 847 70.77 71.29 8.65
C VAL I 847 70.93 70.04 7.80
N PHE I 848 70.10 69.03 8.02
CA PHE I 848 70.23 67.74 7.34
C PHE I 848 69.33 67.62 6.11
N ASP I 849 68.23 68.36 6.06
CA ASP I 849 67.38 68.34 4.88
C ASP I 849 68.14 68.85 3.67
N LYS I 850 69.08 69.78 3.87
CA LYS I 850 69.90 70.25 2.76
C LYS I 850 70.67 69.11 2.12
N TYR I 851 71.33 68.28 2.93
CA TYR I 851 72.10 67.18 2.38
C TYR I 851 71.18 66.08 1.83
N ILE I 852 70.01 65.89 2.43
CA ILE I 852 69.06 64.93 1.87
C ILE I 852 68.64 65.35 0.47
N GLN I 853 68.31 66.64 0.30
CA GLN I 853 67.96 67.16 -1.02
C GLN I 853 69.13 67.05 -1.99
N THR I 854 70.35 67.33 -1.51
CA THR I 854 71.52 67.20 -2.37
C THR I 854 71.69 65.76 -2.87
N ALA I 855 71.51 64.80 -1.96
CA ALA I 855 71.64 63.40 -2.35
C ALA I 855 70.54 62.99 -3.34
N LEU I 856 69.31 63.44 -3.10
CA LEU I 856 68.21 62.99 -3.95
C LEU I 856 68.23 63.66 -5.32
N TYR I 857 68.54 64.95 -5.38
CA TYR I 857 68.49 65.69 -6.64
C TYR I 857 69.74 66.50 -6.94
N GLY I 858 70.56 66.84 -5.95
CA GLY I 858 71.71 67.69 -6.15
C GLY I 858 72.92 66.92 -6.67
N ASN I 859 74.07 67.59 -6.62
CA ASN I 859 75.32 67.00 -7.09
C ASN I 859 75.89 66.13 -5.97
N VAL I 860 76.03 64.83 -6.25
CA VAL I 860 76.52 63.90 -5.25
C VAL I 860 77.95 64.18 -4.81
N GLN I 861 78.71 64.94 -5.60
CA GLN I 861 80.10 65.21 -5.27
C GLN I 861 80.24 66.13 -4.06
N GLU I 862 79.17 66.80 -3.64
CA GLU I 862 79.23 67.71 -2.50
C GLU I 862 78.95 67.01 -1.18
N ILE I 863 78.55 65.74 -1.21
CA ILE I 863 78.23 64.99 0.00
C ILE I 863 79.41 64.94 0.96
N PRO I 864 80.63 64.59 0.52
CA PRO I 864 81.73 64.41 1.47
C PRO I 864 82.10 65.69 2.22
N THR I 865 81.59 66.84 1.83
CA THR I 865 81.86 68.08 2.56
C THR I 865 81.11 68.15 3.89
N PHE I 866 80.20 67.21 4.16
CA PHE I 866 79.43 67.26 5.40
C PHE I 866 80.32 67.10 6.62
N LYS I 867 81.53 66.55 6.43
CA LYS I 867 82.40 66.27 7.57
C LYS I 867 82.93 67.54 8.23
N ASP I 868 82.76 68.69 7.59
CA ASP I 868 83.25 69.95 8.14
C ASP I 868 82.20 70.70 8.96
N THR I 869 80.97 70.18 9.03
CA THR I 869 79.92 70.87 9.78
C THR I 869 80.08 70.64 11.27
N PRO I 870 79.63 71.59 12.11
CA PRO I 870 79.68 71.36 13.56
C PRO I 870 78.89 70.15 14.00
N LEU I 871 77.79 69.83 13.31
CA LEU I 871 76.97 68.69 13.69
C LEU I 871 77.76 67.39 13.67
N PHE I 872 78.63 67.22 12.67
CA PHE I 872 79.48 66.04 12.61
C PHE I 872 80.56 66.07 13.68
N LYS I 873 81.18 67.23 13.89
CA LYS I 873 82.28 67.33 14.84
C LYS I 873 81.80 67.02 16.25
N ASP I 874 80.63 67.53 16.64
CA ASP I 874 80.12 67.33 17.98
C ASP I 874 79.86 65.87 18.31
N ALA I 875 79.54 65.05 17.32
CA ALA I 875 79.17 63.66 17.53
C ALA I 875 80.35 62.70 17.42
N GLY I 876 81.56 63.20 17.21
CA GLY I 876 82.72 62.33 17.09
C GLY I 876 83.06 62.01 15.64
N ALA I 877 84.34 61.77 15.38
CA ALA I 877 84.79 61.52 14.01
C ALA I 877 84.56 60.09 13.55
N GLY I 878 84.32 59.15 14.47
CA GLY I 878 84.14 57.76 14.09
C GLY I 878 83.08 57.05 14.92
N SER I 879 82.15 57.81 15.49
CA SER I 879 81.14 57.23 16.35
C SER I 879 80.04 56.55 15.52
N ARG I 880 79.28 55.69 16.21
CA ARG I 880 78.17 54.99 15.55
C ARG I 880 77.14 55.97 15.01
N ARG I 881 77.00 57.13 15.66
CA ARG I 881 75.99 58.09 15.26
C ARG I 881 76.23 58.57 13.83
N ASN I 882 77.49 58.80 13.47
CA ASN I 882 77.82 59.27 12.13
C ASN I 882 77.72 58.19 11.08
N VAL I 883 78.06 56.94 11.42
CA VAL I 883 77.88 55.84 10.48
C VAL I 883 76.40 55.65 10.17
N ASP I 884 75.55 55.74 11.20
CA ASP I 884 74.12 55.65 10.97
C ASP I 884 73.63 56.76 10.06
N ARG I 885 74.20 57.96 10.18
CA ARG I 885 73.81 59.05 9.30
C ARG I 885 74.26 58.80 7.86
N TYR I 886 75.50 58.34 7.68
CA TYR I 886 76.01 58.09 6.34
C TYR I 886 75.30 56.94 5.65
N GLN I 887 74.79 55.96 6.39
CA GLN I 887 74.09 54.85 5.75
C GLN I 887 72.86 55.34 4.97
N LEU I 888 72.10 56.26 5.55
CA LEU I 888 70.91 56.77 4.87
C LEU I 888 71.28 57.45 3.57
N LEU I 889 72.31 58.28 3.58
CA LEU I 889 72.74 58.97 2.36
C LEU I 889 73.29 57.99 1.34
N GLY I 890 73.97 56.93 1.77
CA GLY I 890 74.44 55.92 0.84
C GLY I 890 73.32 55.13 0.21
N SER I 891 72.22 54.93 0.94
CA SER I 891 71.06 54.23 0.39
C SER I 891 70.24 55.11 -0.54
N LEU I 892 70.13 56.41 -0.23
CA LEU I 892 69.37 57.30 -1.10
C LEU I 892 70.00 57.41 -2.48
N VAL I 893 71.33 57.44 -2.55
CA VAL I 893 72.01 57.49 -3.84
C VAL I 893 71.72 56.24 -4.65
N THR I 894 71.76 55.07 -4.00
CA THR I 894 71.42 53.83 -4.71
C THR I 894 69.99 53.85 -5.21
N TYR I 895 69.06 54.33 -4.39
CA TYR I 895 67.66 54.42 -4.83
C TYR I 895 67.54 55.33 -6.05
N ARG I 896 68.22 56.48 -6.01
CA ARG I 896 68.20 57.39 -7.15
C ARG I 896 68.76 56.70 -8.40
N THR I 897 69.85 55.97 -8.24
CA THR I 897 70.45 55.29 -9.39
C THR I 897 69.50 54.26 -9.98
N ASN I 898 68.81 53.49 -9.14
CA ASN I 898 67.96 52.42 -9.62
C ASN I 898 66.66 52.93 -10.25
N ASN I 899 66.34 54.21 -10.13
CA ASN I 899 65.14 54.80 -10.70
C ASN I 899 65.52 56.06 -11.48
N PRO I 900 66.00 55.91 -12.72
CA PRO I 900 66.44 57.09 -13.49
C PRO I 900 65.34 58.08 -13.78
N ASN I 901 64.07 57.69 -13.71
CA ASN I 901 62.96 58.58 -14.00
C ASN I 901 62.48 59.36 -12.79
N LEU I 902 63.16 59.25 -11.65
CA LEU I 902 62.75 59.97 -10.46
C LEU I 902 62.69 61.47 -10.74
N SER I 903 61.61 62.10 -10.30
CA SER I 903 61.41 63.53 -10.51
C SER I 903 61.82 64.32 -9.27
N ALA J 49 77.82 -65.91 -38.21
CA ALA J 49 77.40 -64.72 -37.49
C ALA J 49 78.52 -63.68 -37.48
N SER J 50 79.77 -64.15 -37.55
CA SER J 50 80.90 -63.23 -37.55
C SER J 50 80.93 -62.38 -38.81
N VAL J 51 80.48 -62.94 -39.94
CA VAL J 51 80.54 -62.23 -41.21
C VAL J 51 79.71 -60.96 -41.17
N LYS J 52 78.54 -61.00 -40.53
CA LYS J 52 77.69 -59.82 -40.47
C LYS J 52 78.40 -58.66 -39.79
N THR J 53 78.97 -58.92 -38.60
CA THR J 53 79.69 -57.87 -37.88
C THR J 53 80.93 -57.42 -38.66
N ALA J 54 81.63 -58.36 -39.29
CA ALA J 54 82.84 -58.00 -40.03
C ALA J 54 82.50 -57.06 -41.18
N GLN J 55 81.41 -57.33 -41.90
CA GLN J 55 81.02 -56.46 -43.00
C GLN J 55 80.47 -55.13 -42.49
N ALA J 56 79.73 -55.15 -41.37
CA ALA J 56 79.17 -53.91 -40.83
C ALA J 56 80.29 -52.97 -40.38
N ALA J 57 81.34 -53.51 -39.77
CA ALA J 57 82.43 -52.68 -39.29
C ALA J 57 83.11 -51.93 -40.45
N GLN J 58 83.37 -52.63 -41.56
CA GLN J 58 84.00 -51.97 -42.69
C GLN J 58 83.12 -50.86 -43.24
N GLN J 59 81.81 -51.10 -43.35
CA GLN J 59 80.91 -50.08 -43.88
C GLN J 59 80.85 -48.86 -42.98
N THR J 60 80.73 -49.06 -41.66
CA THR J 60 80.68 -47.92 -40.77
C THR J 60 82.00 -47.15 -40.78
N ALA J 61 83.12 -47.87 -40.86
CA ALA J 61 84.42 -47.19 -40.95
C ALA J 61 84.51 -46.37 -42.23
N SER J 62 84.03 -46.91 -43.35
CA SER J 62 84.05 -46.16 -44.61
C SER J 62 83.17 -44.93 -44.51
N ALA J 63 82.01 -45.05 -43.87
CA ALA J 63 81.13 -43.89 -43.71
C ALA J 63 81.82 -42.81 -42.88
N LYS J 64 82.45 -43.20 -41.77
CA LYS J 64 83.16 -42.23 -40.95
C LYS J 64 84.28 -41.57 -41.73
N GLY J 65 85.04 -42.35 -42.50
CA GLY J 65 86.09 -41.78 -43.33
C GLY J 65 85.58 -40.81 -44.36
N TYR J 66 84.48 -41.12 -45.03
CA TYR J 66 83.90 -40.18 -45.97
C TYR J 66 83.47 -38.89 -45.27
N LEU J 67 82.80 -39.02 -44.12
CA LEU J 67 82.35 -37.83 -43.40
C LEU J 67 83.54 -36.96 -43.00
N GLU J 68 84.62 -37.57 -42.53
CA GLU J 68 85.79 -36.82 -42.11
C GLU J 68 86.56 -36.23 -43.29
N GLY J 69 86.57 -36.90 -44.44
CA GLY J 69 87.34 -36.41 -45.57
C GLY J 69 86.60 -35.38 -46.41
N GLN J 70 85.27 -35.34 -46.29
CA GLN J 70 84.50 -34.39 -47.09
C GLN J 70 84.92 -32.95 -46.84
N GLN J 71 85.38 -32.64 -45.63
CA GLN J 71 85.71 -31.26 -45.28
C GLN J 71 87.09 -30.83 -45.78
N ASP J 72 87.81 -31.68 -46.50
CA ASP J 72 89.13 -31.34 -47.00
C ASP J 72 89.10 -30.80 -48.43
N SER J 73 88.11 -31.18 -49.22
CA SER J 73 88.03 -30.75 -50.61
C SER J 73 87.63 -29.28 -50.70
N GLN J 74 87.69 -28.75 -51.92
CA GLN J 74 87.31 -27.37 -52.16
C GLN J 74 85.84 -27.18 -51.83
N GLN J 75 85.48 -25.95 -51.44
CA GLN J 75 84.16 -25.62 -50.91
C GLN J 75 84.02 -26.12 -49.48
N GLY J 76 85.04 -26.80 -48.98
CA GLY J 76 85.12 -27.18 -47.58
C GLY J 76 86.17 -26.39 -46.85
N ARG J 77 87.28 -26.09 -47.54
CA ARG J 77 88.33 -25.28 -46.94
C ARG J 77 87.88 -23.84 -46.77
N GLU J 78 87.19 -23.28 -47.77
CA GLU J 78 86.71 -21.91 -47.67
C GLU J 78 85.74 -21.73 -46.50
N LYS J 79 85.02 -22.78 -46.13
CA LYS J 79 84.16 -22.70 -44.94
C LYS J 79 84.99 -22.52 -43.68
N GLN J 80 86.16 -23.14 -43.62
CA GLN J 80 87.03 -22.97 -42.45
C GLN J 80 87.52 -21.53 -42.33
N VAL J 81 87.84 -20.90 -43.46
CA VAL J 81 88.29 -19.50 -43.42
C VAL J 81 87.20 -18.60 -42.85
N ARG J 82 85.95 -18.82 -43.26
CA ARG J 82 84.84 -18.03 -42.73
C ARG J 82 84.70 -18.22 -41.22
N ASN J 83 84.85 -19.45 -40.75
CA ASN J 83 84.76 -19.71 -39.32
C ASN J 83 85.85 -19.00 -38.55
N PHE J 84 87.07 -18.98 -39.10
CA PHE J 84 88.20 -18.40 -38.39
C PHE J 84 87.97 -16.92 -38.10
N PHE J 85 87.59 -16.15 -39.12
CA PHE J 85 87.37 -14.73 -38.93
C PHE J 85 86.21 -14.45 -37.99
N THR J 86 85.12 -15.23 -38.09
CA THR J 86 83.99 -15.04 -37.20
C THR J 86 84.40 -15.20 -35.74
N LYS J 87 85.33 -16.12 -35.48
CA LYS J 87 85.81 -16.31 -34.11
C LYS J 87 86.51 -15.04 -33.61
N GLU J 88 87.29 -14.39 -34.47
CA GLU J 88 88.02 -13.19 -34.05
C GLU J 88 87.09 -12.00 -33.86
N ALA J 89 85.85 -12.09 -34.34
CA ALA J 89 84.96 -10.94 -34.29
C ALA J 89 84.45 -10.68 -32.89
N TYR J 90 83.72 -11.65 -32.32
CA TYR J 90 83.10 -11.45 -31.01
C TYR J 90 84.07 -11.64 -29.86
N GLU J 91 85.23 -12.27 -30.10
CA GLU J 91 86.18 -12.52 -29.04
C GLU J 91 86.81 -11.23 -28.51
N GLN J 92 86.76 -10.14 -29.27
CA GLN J 92 87.23 -8.85 -28.79
C GLN J 92 86.09 -8.01 -28.20
N GLY J 93 84.88 -8.13 -28.73
CA GLY J 93 83.75 -7.50 -28.10
C GLY J 93 83.52 -7.99 -26.69
N TYR J 94 83.71 -9.30 -26.47
CA TYR J 94 83.62 -9.83 -25.12
C TYR J 94 84.63 -9.18 -24.18
N ASN J 95 85.88 -9.04 -24.64
CA ASN J 95 86.91 -8.41 -23.81
C ASN J 95 86.56 -6.96 -23.50
N SER J 96 86.09 -6.23 -24.51
CA SER J 96 85.73 -4.83 -24.29
C SER J 96 84.61 -4.71 -23.28
N ALA J 97 83.58 -5.54 -23.41
CA ALA J 97 82.48 -5.51 -22.45
C ALA J 97 82.97 -5.85 -21.04
N SER J 98 83.82 -6.86 -20.93
CA SER J 98 84.33 -7.26 -19.61
C SER J 98 85.11 -6.13 -18.95
N VAL J 99 85.94 -5.43 -19.72
CA VAL J 99 86.72 -4.33 -19.16
C VAL J 99 85.80 -3.19 -18.74
N ASN J 100 84.87 -2.80 -19.62
CA ASN J 100 84.03 -1.65 -19.34
C ASN J 100 83.13 -1.90 -18.13
N SER J 101 82.58 -3.11 -18.02
CA SER J 101 81.70 -3.43 -16.90
C SER J 101 82.42 -3.32 -15.56
N ALA J 102 83.67 -3.80 -15.48
CA ALA J 102 84.42 -3.70 -14.23
C ALA J 102 84.78 -2.25 -13.92
N LEU J 103 85.22 -1.50 -14.92
CA LEU J 103 85.59 -0.11 -14.67
C LEU J 103 84.39 0.69 -14.16
N ALA J 104 83.24 0.51 -14.81
CA ALA J 104 82.04 1.25 -14.39
C ALA J 104 81.63 0.89 -12.97
N SER J 105 81.72 -0.40 -12.61
CA SER J 105 81.37 -0.80 -11.25
C SER J 105 82.32 -0.18 -10.23
N PHE J 106 83.62 -0.19 -10.51
CA PHE J 106 84.58 0.39 -9.57
C PHE J 106 84.35 1.89 -9.39
N GLN J 107 84.07 2.60 -10.49
CA GLN J 107 83.87 4.03 -10.41
C GLN J 107 82.73 4.38 -9.45
N LEU J 108 81.60 3.67 -9.56
CA LEU J 108 80.49 3.93 -8.66
C LEU J 108 80.76 3.41 -7.26
N GLY J 109 81.50 2.30 -7.13
CA GLY J 109 81.76 1.76 -5.81
C GLY J 109 82.53 2.71 -4.92
N LEU J 110 83.58 3.34 -5.47
CA LEU J 110 84.35 4.27 -4.66
C LEU J 110 83.48 5.41 -4.14
N GLN J 111 82.70 6.03 -5.03
CA GLN J 111 81.86 7.16 -4.64
C GLN J 111 80.82 6.73 -3.62
N ASN J 112 80.23 5.55 -3.79
CA ASN J 112 79.24 5.08 -2.83
C ASN J 112 79.86 4.78 -1.48
N THR J 113 81.10 4.29 -1.46
CA THR J 113 81.75 3.98 -0.18
C THR J 113 82.19 5.25 0.55
N ALA J 114 82.44 6.33 -0.20
CA ALA J 114 82.88 7.56 0.45
C ALA J 114 81.88 8.02 1.52
N GLN J 115 80.61 8.15 1.16
CA GLN J 115 79.61 8.62 2.12
C GLN J 115 79.38 7.61 3.23
N GLN J 116 79.44 6.31 2.92
CA GLN J 116 79.27 5.31 3.96
C GLN J 116 80.37 5.43 5.00
N TYR J 117 81.60 5.69 4.58
CA TYR J 117 82.68 5.90 5.55
C TYR J 117 82.51 7.22 6.29
N VAL J 118 82.02 8.26 5.62
CA VAL J 118 81.84 9.54 6.29
C VAL J 118 80.82 9.41 7.41
N ASN J 119 79.71 8.71 7.15
CA ASN J 119 78.64 8.60 8.15
C ASN J 119 79.10 7.89 9.41
N SER J 120 80.11 7.03 9.33
CA SER J 120 80.57 6.27 10.48
C SER J 120 81.70 6.96 11.25
N GLY J 121 82.16 8.11 10.78
CA GLY J 121 83.21 8.82 11.47
C GLY J 121 84.58 8.18 11.39
N LYS J 122 84.84 7.41 10.33
CA LYS J 122 86.14 6.79 10.16
C LYS J 122 87.20 7.85 9.87
N THR J 123 88.42 7.60 10.33
CA THR J 123 89.50 8.55 10.14
C THR J 123 90.00 8.50 8.69
N PRO J 124 90.68 9.55 8.23
CA PRO J 124 91.15 9.57 6.84
C PRO J 124 92.07 8.41 6.49
N GLU J 125 92.87 7.93 7.44
CA GLU J 125 93.79 6.84 7.13
C GLU J 125 93.06 5.57 6.71
N GLU J 126 91.95 5.26 7.40
CA GLU J 126 91.17 4.09 7.03
C GLU J 126 90.54 4.23 5.65
N PHE J 127 90.24 5.46 5.22
CA PHE J 127 89.74 5.67 3.86
C PHE J 127 90.86 5.53 2.84
N ASN J 128 92.04 6.08 3.14
CA ASN J 128 93.16 5.98 2.20
C ASN J 128 93.60 4.54 2.00
N VAL J 129 93.71 3.77 3.08
CA VAL J 129 94.11 2.37 2.92
C VAL J 129 93.07 1.61 2.10
N HIS J 130 91.79 1.87 2.34
CA HIS J 130 90.74 1.23 1.56
C HIS J 130 90.86 1.59 0.09
N VAL J 131 91.12 2.86 -0.21
CA VAL J 131 91.24 3.30 -1.60
C VAL J 131 92.41 2.60 -2.27
N GLN J 132 93.56 2.54 -1.60
CA GLN J 132 94.71 1.87 -2.18
C GLN J 132 94.44 0.39 -2.40
N GLN J 133 93.82 -0.27 -1.42
CA GLN J 133 93.54 -1.70 -1.56
C GLN J 133 92.58 -1.95 -2.72
N GLN J 134 91.55 -1.11 -2.86
CA GLN J 134 90.61 -1.28 -3.96
C GLN J 134 91.27 -1.02 -5.31
N THR J 135 92.14 -0.02 -5.39
CA THR J 135 92.83 0.27 -6.65
C THR J 135 93.76 -0.88 -7.03
N ASN J 136 94.43 -1.48 -6.04
CA ASN J 136 95.38 -2.54 -6.34
C ASN J 136 94.69 -3.74 -6.99
N GLN J 137 93.51 -4.11 -6.50
CA GLN J 137 92.80 -5.26 -7.08
C GLN J 137 92.45 -5.02 -8.53
N LEU J 138 91.92 -3.82 -8.85
CA LEU J 138 91.58 -3.52 -10.23
C LEU J 138 92.82 -3.50 -11.11
N LEU J 139 93.90 -2.91 -10.61
CA LEU J 139 95.14 -2.86 -11.40
C LEU J 139 95.67 -4.26 -11.68
N GLN J 140 95.63 -5.15 -10.69
CA GLN J 140 96.08 -6.52 -10.91
C GLN J 140 95.17 -7.25 -11.88
N GLU J 141 93.86 -7.07 -11.75
CA GLU J 141 92.92 -7.74 -12.65
C GLU J 141 93.12 -7.28 -14.09
N ALA J 142 93.45 -6.00 -14.28
CA ALA J 142 93.68 -5.49 -15.62
C ALA J 142 94.85 -6.15 -16.32
N GLY J 143 95.74 -6.82 -15.57
CA GLY J 143 96.90 -7.46 -16.17
C GLY J 143 96.58 -8.65 -17.04
N ALA J 144 95.46 -9.33 -16.78
CA ALA J 144 95.02 -10.46 -17.59
C ALA J 144 94.02 -10.05 -18.68
N GLN J 145 93.17 -9.08 -18.39
CA GLN J 145 92.20 -8.60 -19.37
C GLN J 145 92.88 -7.64 -20.33
N GLY J 146 93.89 -8.13 -21.06
CA GLY J 146 94.66 -7.31 -21.97
C GLY J 146 96.09 -7.16 -21.51
N LEU J 147 96.94 -6.76 -22.46
CA LEU J 147 98.37 -6.63 -22.20
C LEU J 147 98.72 -5.39 -21.39
N ASN J 148 97.78 -4.45 -21.25
CA ASN J 148 98.06 -3.16 -20.63
C ASN J 148 99.19 -2.42 -21.34
N LEU J 149 99.51 -2.82 -22.58
CA LEU J 149 100.53 -2.14 -23.35
C LEU J 149 100.17 -0.67 -23.48
N ASN J 150 101.13 0.21 -23.22
CA ASN J 150 100.87 1.65 -23.12
C ASN J 150 100.60 2.22 -24.51
N ASP J 151 99.38 1.96 -24.99
CA ASP J 151 98.86 2.59 -26.19
C ASP J 151 97.71 3.54 -25.81
N LYS J 152 97.08 4.10 -26.84
CA LYS J 152 96.13 5.20 -26.61
C LYS J 152 94.96 4.78 -25.74
N ASP J 153 94.36 3.61 -26.01
CA ASP J 153 93.18 3.20 -25.26
C ASP J 153 93.48 2.96 -23.79
N TRP J 154 94.58 2.26 -23.48
CA TRP J 154 94.92 2.01 -22.09
C TRP J 154 95.37 3.28 -21.39
N GLN J 155 96.01 4.19 -22.12
CA GLN J 155 96.33 5.49 -21.54
C GLN J 155 95.08 6.24 -21.15
N ALA J 156 94.06 6.24 -22.01
CA ALA J 156 92.79 6.86 -21.66
C ALA J 156 92.14 6.16 -20.47
N TRP J 157 92.23 4.84 -20.42
CA TRP J 157 91.69 4.09 -19.29
C TRP J 157 92.34 4.54 -17.98
N LEU J 158 93.67 4.65 -17.97
CA LEU J 158 94.37 5.13 -16.78
C LEU J 158 93.97 6.56 -16.43
N GLY J 159 93.82 7.42 -17.44
CA GLY J 159 93.40 8.78 -17.18
C GLY J 159 92.06 8.86 -16.48
N SER J 160 91.10 8.04 -16.91
CA SER J 160 89.81 7.97 -16.23
C SER J 160 89.95 7.44 -14.82
N VAL J 161 90.79 6.41 -14.65
CA VAL J 161 90.96 5.82 -13.31
C VAL J 161 91.49 6.86 -12.33
N GLU J 162 92.38 7.74 -12.78
CA GLU J 162 92.95 8.74 -11.87
C GLU J 162 91.87 9.67 -11.34
N HIS J 163 91.04 10.22 -12.23
CA HIS J 163 89.99 11.14 -11.79
C HIS J 163 88.93 10.43 -10.97
N SER J 164 88.68 9.14 -11.26
CA SER J 164 87.74 8.37 -10.46
C SER J 164 88.13 8.34 -8.99
N ARG J 165 89.42 8.43 -8.68
CA ARG J 165 89.90 8.51 -7.31
C ARG J 165 89.93 9.94 -6.79
N ASN J 166 90.35 10.87 -7.65
CA ASN J 166 90.45 12.26 -7.22
C ASN J 166 89.11 12.81 -6.77
N THR J 167 88.03 12.47 -7.49
CA THR J 167 86.73 13.02 -7.16
C THR J 167 86.27 12.59 -5.76
N ALA J 168 86.39 11.29 -5.46
CA ALA J 168 86.00 10.81 -4.14
C ALA J 168 86.89 11.41 -3.06
N ASN J 169 88.20 11.49 -3.31
CA ASN J 169 89.09 12.09 -2.33
C ASN J 169 88.69 13.53 -2.04
N ALA J 170 88.21 14.25 -3.06
CA ALA J 170 87.76 15.62 -2.85
C ALA J 170 86.46 15.66 -2.04
N SER J 171 85.49 14.81 -2.38
CA SER J 171 84.19 14.88 -1.73
C SER J 171 84.25 14.48 -0.26
N TYR J 172 85.16 13.58 0.09
CA TYR J 172 85.23 13.09 1.47
C TYR J 172 85.47 14.22 2.45
N GLN J 173 86.28 15.21 2.08
CA GLN J 173 86.59 16.31 2.99
C GLN J 173 85.37 17.21 3.19
N ASP J 174 84.69 17.56 2.10
CA ASP J 174 83.56 18.48 2.19
C ASP J 174 82.40 17.88 2.99
N LEU J 175 82.17 16.57 2.86
CA LEU J 175 81.09 15.98 3.65
C LEU J 175 81.34 16.18 5.15
N ASN J 176 82.55 15.88 5.62
CA ASN J 176 82.89 16.09 7.02
C ASN J 176 82.82 17.56 7.38
N LEU J 177 83.21 18.45 6.45
CA LEU J 177 83.14 19.87 6.72
C LEU J 177 81.72 20.31 7.03
N LYS J 178 80.75 19.81 6.25
CA LYS J 178 79.34 20.12 6.54
C LYS J 178 78.91 19.53 7.87
N ARG J 179 79.26 18.26 8.10
CA ARG J 179 78.80 17.58 9.31
C ARG J 179 79.29 18.28 10.58
N ALA J 180 80.55 18.73 10.58
CA ALA J 180 81.09 19.38 11.76
C ALA J 180 80.31 20.64 12.10
N ALA J 181 80.00 21.46 11.09
CA ALA J 181 79.24 22.68 11.35
C ALA J 181 77.84 22.36 11.87
N VAL J 182 77.18 21.35 11.29
CA VAL J 182 75.86 20.98 11.77
C VAL J 182 75.92 20.59 13.25
N LEU J 183 76.88 19.73 13.60
CA LEU J 183 77.01 19.29 14.98
C LEU J 183 77.33 20.45 15.91
N GLN J 184 78.18 21.37 15.47
CA GLN J 184 78.52 22.52 16.30
C GLN J 184 77.28 23.36 16.60
N GLU J 185 76.46 23.61 15.58
CA GLU J 185 75.24 24.39 15.79
C GLU J 185 74.31 23.69 16.77
N GLN J 186 74.12 22.38 16.60
CA GLN J 186 73.24 21.65 17.52
C GLN J 186 73.77 21.71 18.95
N SER J 187 75.09 21.52 19.13
CA SER J 187 75.68 21.56 20.46
C SER J 187 75.52 22.95 21.08
N TRP J 188 75.68 24.00 20.30
CA TRP J 188 75.49 25.34 20.82
C TRP J 188 74.05 25.62 21.24
N GLY J 189 73.07 25.08 20.52
CA GLY J 189 71.69 25.21 20.96
C GLY J 189 71.44 24.46 22.27
N ALA J 190 71.99 23.24 22.35
CA ALA J 190 71.84 22.46 23.57
C ALA J 190 72.47 23.17 24.76
N ARG J 191 73.62 23.81 24.55
CA ARG J 191 74.25 24.58 25.62
C ARG J 191 73.40 25.76 26.06
N GLY J 192 72.62 26.34 25.15
CA GLY J 192 71.81 27.49 25.49
C GLY J 192 70.53 27.12 26.22
N ASN J 193 70.03 25.91 25.96
CA ASN J 193 68.83 25.48 26.68
C ASN J 193 69.07 25.40 28.19
N ALA J 194 70.22 24.85 28.60
CA ALA J 194 70.48 24.66 30.02
C ALA J 194 70.60 25.98 30.77
N ALA J 195 71.10 27.03 30.10
CA ALA J 195 71.19 28.32 30.74
C ALA J 195 69.80 28.84 31.15
N ILE J 196 68.83 28.72 30.24
CA ILE J 196 67.47 29.15 30.57
C ILE J 196 66.88 28.25 31.65
N ALA J 197 67.16 26.95 31.57
CA ALA J 197 66.66 26.05 32.61
C ALA J 197 67.15 26.49 34.00
N ASP J 198 68.46 26.75 34.12
CA ASP J 198 69.02 27.19 35.40
C ASP J 198 68.49 28.56 35.80
N PHE J 199 68.31 29.47 34.85
CA PHE J 199 67.77 30.79 35.17
C PHE J 199 66.37 30.66 35.77
N VAL J 200 65.54 29.81 35.18
CA VAL J 200 64.20 29.62 35.71
C VAL J 200 64.25 28.96 37.07
N THR J 201 65.12 27.97 37.25
CA THR J 201 65.20 27.28 38.54
C THR J 201 65.67 28.20 39.66
N ALA J 202 66.62 29.09 39.36
CA ALA J 202 67.24 29.88 40.43
C ALA J 202 66.22 30.77 41.14
N GLN J 203 65.37 31.45 40.38
CA GLN J 203 64.43 32.39 40.99
C GLN J 203 63.25 31.69 41.68
N GLN J 204 63.03 30.41 41.38
CA GLN J 204 61.99 29.67 42.08
C GLN J 204 62.26 29.60 43.57
N SER J 205 63.54 29.71 43.95
CA SER J 205 63.93 29.72 45.35
C SER J 205 64.02 31.12 45.94
N GLY J 206 63.72 32.16 45.15
CA GLY J 206 63.76 33.52 45.66
C GLY J 206 65.12 34.17 45.69
N ASP J 207 66.03 33.76 44.80
CA ASP J 207 67.38 34.32 44.73
C ASP J 207 67.61 34.85 43.31
N THR J 208 67.47 36.17 43.14
CA THR J 208 67.66 36.77 41.83
C THR J 208 69.14 36.90 41.48
N GLU J 209 69.99 37.11 42.47
CA GLU J 209 71.41 37.31 42.19
C GLU J 209 72.01 36.10 41.49
N GLN J 210 71.64 34.89 41.92
CA GLN J 210 72.12 33.70 41.25
C GLN J 210 71.64 33.64 39.80
N ALA J 211 70.40 34.08 39.54
CA ALA J 211 69.91 34.13 38.18
C ALA J 211 70.73 35.09 37.32
N LEU J 212 71.04 36.26 37.87
CA LEU J 212 71.87 37.21 37.12
C LEU J 212 73.25 36.64 36.85
N GLN J 213 73.84 35.97 37.84
CA GLN J 213 75.14 35.34 37.64
C GLN J 213 75.07 34.27 36.57
N ASN J 214 74.00 33.47 36.56
CA ASN J 214 73.83 32.45 35.53
C ASN J 214 73.73 33.06 34.14
N VAL J 215 72.98 34.15 34.00
CA VAL J 215 72.85 34.81 32.70
C VAL J 215 74.21 35.34 32.25
N ASN J 216 74.93 36.01 33.15
CA ASN J 216 76.24 36.54 32.82
C ASN J 216 77.21 35.45 32.43
N SER J 217 77.14 34.29 33.09
CA SER J 217 78.03 33.19 32.77
C SER J 217 77.89 32.74 31.33
N PHE J 218 76.65 32.63 30.83
CA PHE J 218 76.44 32.24 29.45
C PHE J 218 76.82 33.35 28.49
N ILE J 219 76.50 34.61 28.84
CA ILE J 219 76.82 35.71 27.93
C ILE J 219 78.33 35.81 27.75
N SER J 220 79.09 35.75 28.85
CA SER J 220 80.54 35.81 28.76
C SER J 220 81.15 34.56 28.13
N SER J 221 80.53 33.39 28.31
CA SER J 221 81.01 32.20 27.62
C SER J 221 80.84 32.31 26.11
N VAL J 222 79.72 32.89 25.66
CA VAL J 222 79.52 33.09 24.23
C VAL J 222 80.46 34.15 23.68
N THR J 223 80.70 35.22 24.46
CA THR J 223 81.46 36.35 23.93
C THR J 223 82.89 35.95 23.58
N HIS J 224 83.55 35.18 24.45
CA HIS J 224 84.98 34.95 24.33
C HIS J 224 85.34 33.78 23.41
N ASP J 225 84.37 33.03 22.91
CA ASP J 225 84.68 31.95 22.00
C ASP J 225 85.26 32.50 20.71
N ASP J 226 86.22 31.76 20.14
CA ASP J 226 86.93 32.19 18.94
C ASP J 226 86.62 31.35 17.71
N SER J 227 85.75 30.34 17.84
CA SER J 227 85.43 29.44 16.73
C SER J 227 84.19 29.86 15.96
N ILE J 228 83.61 31.02 16.26
CA ILE J 228 82.41 31.49 15.58
C ILE J 228 82.63 32.92 15.11
N THR J 229 81.85 33.32 14.11
CA THR J 229 81.99 34.63 13.50
C THR J 229 81.21 35.68 14.29
N ALA J 230 81.44 36.94 13.95
CA ALA J 230 80.84 38.05 14.70
C ALA J 230 79.32 38.03 14.59
N GLU J 231 78.78 37.78 13.39
CA GLU J 231 77.33 37.80 13.23
C GLU J 231 76.66 36.71 14.05
N ASN J 232 77.27 35.53 14.14
CA ASN J 232 76.74 34.49 15.02
C ASN J 232 76.79 34.91 16.49
N LYS J 233 77.86 35.59 16.89
CA LYS J 233 77.94 36.09 18.27
C LYS J 233 76.81 37.08 18.55
N ILE J 234 76.52 37.97 17.61
CA ILE J 234 75.42 38.90 17.79
C ILE J 234 74.09 38.17 17.84
N LYS J 235 73.90 37.20 16.95
CA LYS J 235 72.63 36.47 16.87
C LYS J 235 72.34 35.73 18.17
N TYR J 236 73.32 34.96 18.65
CA TYR J 236 73.10 34.19 19.87
C TYR J 236 72.82 35.10 21.06
N THR J 237 73.59 36.18 21.20
CA THR J 237 73.39 37.09 22.31
C THR J 237 72.02 37.74 22.26
N SER J 238 71.61 38.22 21.08
CA SER J 238 70.30 38.84 20.96
C SER J 238 69.19 37.86 21.27
N GLN J 239 69.28 36.64 20.75
CA GLN J 239 68.23 35.65 21.00
C GLN J 239 68.14 35.32 22.49
N PHE J 240 69.29 35.11 23.14
CA PHE J 240 69.26 34.76 24.56
C PHE J 240 68.71 35.92 25.39
N VAL J 241 69.14 37.15 25.09
CA VAL J 241 68.67 38.31 25.85
C VAL J 241 67.17 38.48 25.70
N VAL J 242 66.66 38.34 24.47
CA VAL J 242 65.22 38.47 24.26
C VAL J 242 64.47 37.37 24.98
N ASN J 243 64.97 36.13 24.90
CA ASN J 243 64.29 35.02 25.54
C ASN J 243 64.29 35.16 27.06
N ALA J 244 65.30 35.82 27.63
CA ALA J 244 65.39 35.94 29.07
C ALA J 244 64.21 36.72 29.65
N PHE J 245 63.75 37.76 28.96
CA PHE J 245 62.66 38.58 29.49
C PHE J 245 61.36 37.77 29.57
N ALA J 246 61.15 36.85 28.63
CA ALA J 246 59.89 36.12 28.57
C ALA J 246 59.67 35.18 29.75
N ASN J 247 60.70 34.92 30.55
CA ASN J 247 60.60 33.96 31.65
C ASN J 247 60.53 34.62 33.03
N ALA J 248 60.65 35.94 33.11
CA ALA J 248 60.53 36.60 34.40
C ALA J 248 59.11 36.47 34.94
N ASN J 249 59.02 36.18 36.25
CA ASN J 249 57.74 35.93 36.89
C ASN J 249 57.30 37.04 37.84
N SER J 250 57.99 38.18 37.85
CA SER J 250 57.63 39.28 38.74
C SER J 250 58.13 40.59 38.15
N THR J 251 57.55 41.68 38.62
CA THR J 251 57.93 43.01 38.15
C THR J 251 59.26 43.48 38.71
N GLY J 252 59.78 42.84 39.75
CA GLY J 252 61.09 43.18 40.28
C GLY J 252 62.20 42.55 39.47
N ASP J 253 61.99 41.30 39.07
CA ASP J 253 62.96 40.63 38.21
C ASP J 253 63.10 41.35 36.87
N MET J 254 61.99 41.83 36.31
CA MET J 254 62.06 42.58 35.06
C MET J 254 62.94 43.82 35.22
N GLN J 255 62.74 44.58 36.29
CA GLN J 255 63.55 45.77 36.51
C GLN J 255 65.01 45.43 36.74
N ALA J 256 65.29 44.38 37.52
CA ALA J 256 66.66 43.99 37.78
C ALA J 256 67.37 43.60 36.48
N LEU J 257 66.71 42.77 35.66
CA LEU J 257 67.31 42.35 34.41
C LEU J 257 67.48 43.52 33.45
N THR J 258 66.52 44.45 33.42
CA THR J 258 66.67 45.64 32.58
C THR J 258 67.88 46.46 33.02
N GLY J 259 68.03 46.64 34.33
CA GLY J 259 69.19 47.37 34.82
C GLY J 259 70.50 46.69 34.47
N TYR J 260 70.55 45.36 34.60
CA TYR J 260 71.78 44.63 34.28
C TYR J 260 72.11 44.73 32.79
N VAL J 261 71.10 44.58 31.94
CA VAL J 261 71.35 44.49 30.50
C VAL J 261 71.86 45.82 29.95
N GLN J 262 71.19 46.92 30.30
CA GLN J 262 71.52 48.22 29.74
C GLN J 262 72.85 48.77 30.22
N SER J 263 73.47 48.15 31.23
CA SER J 263 74.77 48.58 31.70
C SER J 263 75.91 47.70 31.18
N LEU J 264 75.59 46.51 30.69
CA LEU J 264 76.62 45.61 30.17
C LEU J 264 77.32 46.27 28.99
N SER J 265 78.66 46.24 29.02
CA SER J 265 79.43 46.89 27.96
C SER J 265 79.20 46.22 26.61
N GLU J 266 79.14 44.89 26.58
CA GLU J 266 78.99 44.18 25.32
C GLU J 266 77.67 44.49 24.62
N PHE J 267 76.67 44.97 25.36
CA PHE J 267 75.39 45.35 24.77
C PHE J 267 75.40 46.78 24.25
N LYS J 268 76.34 47.60 24.72
CA LYS J 268 76.39 49.01 24.31
C LYS J 268 76.91 49.18 22.89
N ASN J 269 77.65 48.20 22.37
CA ASN J 269 78.30 48.32 21.07
C ASN J 269 77.52 47.66 19.95
N MET J 270 76.34 47.11 20.22
CA MET J 270 75.56 46.45 19.20
C MET J 270 74.99 47.46 18.22
N PRO J 271 74.61 47.02 17.02
CA PRO J 271 74.00 47.94 16.06
C PRO J 271 72.71 48.54 16.61
N THR J 272 72.39 49.76 16.15
CA THR J 272 71.24 50.47 16.68
C THR J 272 69.94 49.72 16.43
N ASP J 273 69.80 49.11 15.26
CA ASP J 273 68.56 48.42 14.90
C ASP J 273 68.28 47.21 15.78
N VAL J 274 69.29 46.66 16.45
CA VAL J 274 69.08 45.54 17.37
C VAL J 274 68.75 46.04 18.77
N GLN J 275 69.44 47.09 19.22
CA GLN J 275 69.12 47.69 20.51
C GLN J 275 67.69 48.20 20.53
N THR J 276 67.27 48.88 19.46
CA THR J 276 65.89 49.36 19.38
C THR J 276 64.89 48.21 19.43
N GLN J 277 65.17 47.13 18.70
CA GLN J 277 64.27 45.99 18.70
C GLN J 277 64.15 45.36 20.08
N ILE J 278 65.28 45.18 20.78
CA ILE J 278 65.23 44.59 22.11
C ILE J 278 64.49 45.50 23.07
N MET J 279 64.75 46.81 23.01
CA MET J 279 64.06 47.75 23.87
C MET J 279 62.55 47.73 23.63
N GLY J 280 62.15 47.69 22.36
CA GLY J 280 60.73 47.60 22.06
C GLY J 280 60.11 46.30 22.51
N SER J 281 60.85 45.20 22.44
CA SER J 281 60.33 43.90 22.83
C SER J 281 60.15 43.77 24.34
N ALA J 282 61.07 44.34 25.13
CA ALA J 282 60.94 44.24 26.59
C ALA J 282 59.68 44.92 27.09
N GLN J 283 59.36 46.09 26.53
CA GLN J 283 58.21 46.86 26.99
C GLN J 283 56.88 46.16 26.75
N GLN J 284 56.86 45.13 25.90
CA GLN J 284 55.64 44.37 25.68
C GLN J 284 55.41 43.29 26.74
N TYR J 285 56.46 42.58 27.16
CA TYR J 285 56.33 41.69 28.30
C TYR J 285 56.06 42.51 29.56
N TYR J 286 56.54 43.75 29.59
CA TYR J 286 56.05 44.69 30.57
C TYR J 286 54.64 45.15 30.22
N GLN J 287 53.90 45.54 31.25
CA GLN J 287 52.47 45.81 31.23
C GLN J 287 51.68 44.51 31.12
N GLN J 288 52.32 43.44 30.68
CA GLN J 288 51.68 42.12 30.69
C GLN J 288 51.93 41.43 32.01
N ARG J 289 53.19 41.44 32.46
CA ARG J 289 53.47 41.01 33.83
C ARG J 289 52.81 41.91 34.86
N ALA J 290 52.35 43.10 34.45
CA ALA J 290 51.57 43.95 35.35
C ALA J 290 50.09 43.58 35.33
N SER J 291 49.52 43.32 34.15
CA SER J 291 48.12 42.92 34.07
C SER J 291 47.89 41.60 34.79
N ASP J 292 48.84 40.67 34.70
CA ASP J 292 48.67 39.38 35.37
C ASP J 292 48.58 39.55 36.88
N GLU J 293 49.41 40.41 37.46
CA GLU J 293 49.40 40.62 38.90
C GLU J 293 48.09 41.22 39.39
N SER J 294 47.35 41.92 38.52
CA SER J 294 46.04 42.45 38.89
C SER J 294 44.94 41.44 38.68
N VAL J 295 45.05 40.61 37.63
CA VAL J 295 44.05 39.56 37.42
C VAL J 295 44.16 38.50 38.50
N GLN J 296 45.32 38.39 39.16
CA GLN J 296 45.46 37.43 40.24
C GLN J 296 44.45 37.65 41.34
N LEU J 297 44.18 38.92 41.69
CA LEU J 297 43.21 39.20 42.74
C LEU J 297 41.80 38.79 42.34
N TYR J 298 41.42 39.02 41.08
CA TYR J 298 40.11 38.54 40.63
C TYR J 298 40.02 37.03 40.69
N GLU J 299 41.09 36.32 40.31
CA GLU J 299 41.08 34.87 40.45
C GLU J 299 40.91 34.46 41.90
N TYR J 300 41.61 35.13 42.82
CA TYR J 300 41.49 34.81 44.23
C TYR J 300 40.08 35.05 44.74
N ASN J 301 39.47 36.17 44.32
CA ASN J 301 38.10 36.46 44.71
C ASN J 301 37.12 35.40 44.19
N SER J 302 37.33 34.95 42.95
CA SER J 302 36.49 33.88 42.42
C SER J 302 36.64 32.61 43.26
N ARG J 303 37.88 32.25 43.59
CA ARG J 303 38.10 31.08 44.44
C ARG J 303 37.39 31.22 45.77
N VAL J 304 37.45 32.41 46.38
CA VAL J 304 36.76 32.64 47.64
C VAL J 304 35.26 32.48 47.48
N ASN J 305 34.70 33.04 46.40
CA ASN J 305 33.26 32.97 46.18
C ASN J 305 32.78 31.59 45.74
N SER J 306 33.69 30.68 45.42
CA SER J 306 33.33 29.35 44.96
C SER J 306 32.76 28.45 46.05
N VAL J 307 32.80 28.88 47.32
CA VAL J 307 32.29 28.09 48.43
C VAL J 307 30.82 28.44 48.64
N THR J 308 30.04 27.46 49.09
CA THR J 308 28.59 27.59 49.18
C THR J 308 28.02 27.32 50.57
N ASP J 309 28.84 26.90 51.53
CA ASP J 309 28.36 26.61 52.88
C ASP J 309 29.07 27.51 53.88
N TYR J 310 28.36 27.84 54.97
CA TYR J 310 28.84 28.86 55.88
C TYR J 310 30.02 28.39 56.73
N LYS J 311 29.95 27.18 57.28
CA LYS J 311 30.96 26.76 58.25
C LYS J 311 32.34 26.66 57.60
N THR J 312 32.44 25.99 56.45
CA THR J 312 33.74 25.85 55.81
C THR J 312 34.28 27.19 55.33
N LEU J 313 33.39 28.13 55.00
CA LEU J 313 33.85 29.46 54.58
C LEU J 313 34.64 30.13 55.69
N ASN J 314 34.10 30.15 56.90
CA ASN J 314 34.82 30.72 58.03
C ASN J 314 36.00 29.85 58.45
N GLU J 315 35.93 28.54 58.22
CA GLU J 315 37.05 27.67 58.56
C GLU J 315 38.23 27.89 57.63
N ALA J 316 37.98 28.32 56.39
CA ALA J 316 39.04 28.45 55.40
C ALA J 316 39.40 29.91 55.10
N TYR J 317 38.43 30.81 55.09
CA TYR J 317 38.65 32.21 54.70
C TYR J 317 38.10 33.15 55.77
N PRO J 318 38.85 33.36 56.86
CA PRO J 318 38.41 34.32 57.87
C PRO J 318 38.28 35.72 57.29
N MET J 319 37.31 36.48 57.80
CA MET J 319 37.04 37.80 57.27
C MET J 319 38.22 38.74 57.50
N ALA J 320 38.85 38.67 58.68
CA ALA J 320 39.94 39.58 59.01
C ALA J 320 41.14 39.40 58.08
N GLN J 321 41.30 38.23 57.46
CA GLN J 321 42.37 38.02 56.51
C GLN J 321 41.98 38.47 55.10
N TYR J 322 40.73 38.24 54.70
CA TYR J 322 40.27 38.72 53.41
C TYR J 322 40.34 40.23 53.33
N ILE J 323 39.90 40.92 54.39
CA ILE J 323 39.93 42.38 54.39
C ILE J 323 41.37 42.87 54.26
N GLY J 324 42.28 42.27 55.02
CA GLY J 324 43.68 42.68 54.94
C GLY J 324 44.27 42.43 53.57
N THR J 325 43.97 41.27 52.98
CA THR J 325 44.49 40.95 51.65
C THR J 325 44.01 41.96 50.63
N VAL J 326 42.73 42.33 50.68
CA VAL J 326 42.19 43.28 49.71
C VAL J 326 42.80 44.66 49.92
N MET J 327 42.88 45.10 51.19
CA MET J 327 43.33 46.45 51.48
C MET J 327 44.82 46.62 51.20
N GLN J 328 45.63 45.58 51.41
CA GLN J 328 47.04 45.68 51.07
C GLN J 328 47.24 45.89 49.58
N ALA J 329 46.50 45.15 48.76
CA ALA J 329 46.56 45.36 47.31
C ALA J 329 46.07 46.75 46.92
N VAL J 330 45.00 47.22 47.55
CA VAL J 330 44.52 48.57 47.27
C VAL J 330 45.58 49.60 47.61
N GLN J 331 46.33 49.36 48.69
CA GLN J 331 47.35 50.31 49.12
C GLN J 331 48.48 50.40 48.09
N GLN J 332 48.88 49.26 47.52
CA GLN J 332 49.99 49.22 46.59
C GLN J 332 49.61 49.64 45.18
N LYS J 333 48.39 50.13 44.98
CA LYS J 333 47.92 50.64 43.69
C LYS J 333 47.89 49.54 42.64
N LYS J 334 47.59 48.30 43.05
CA LYS J 334 47.27 47.24 42.10
C LYS J 334 45.79 47.21 41.76
N LEU J 335 44.93 47.70 42.64
CA LEU J 335 43.51 47.84 42.38
C LEU J 335 43.07 49.24 42.79
N SER J 336 42.11 49.78 42.04
CA SER J 336 41.57 51.08 42.41
C SER J 336 40.70 50.96 43.65
N PRO J 337 40.55 52.03 44.42
CA PRO J 337 39.72 51.95 45.64
C PRO J 337 38.30 51.49 45.36
N GLY J 338 37.71 51.93 44.26
CA GLY J 338 36.32 51.63 43.97
C GLY J 338 36.07 50.17 43.66
N THR J 339 37.07 49.45 43.17
CA THR J 339 36.96 48.03 42.89
C THR J 339 37.45 47.16 44.03
N GLY J 340 37.90 47.76 45.14
CA GLY J 340 38.24 47.01 46.34
C GLY J 340 37.19 47.15 47.40
N TYR J 341 36.68 48.37 47.59
CA TYR J 341 35.62 48.59 48.57
C TYR J 341 34.35 47.84 48.18
N GLY J 342 34.00 47.86 46.89
CA GLY J 342 32.84 47.11 46.45
C GLY J 342 33.01 45.62 46.65
N MET J 343 34.21 45.11 46.37
CA MET J 343 34.49 43.70 46.62
C MET J 343 34.34 43.32 48.09
N VAL J 344 34.83 44.17 48.99
CA VAL J 344 34.67 43.90 50.41
C VAL J 344 33.19 43.92 50.80
N ASP J 345 32.45 44.93 50.32
CA ASP J 345 31.05 45.08 50.70
C ASP J 345 30.23 43.90 50.20
N ALA J 346 30.51 43.42 48.99
CA ALA J 346 29.75 42.30 48.44
C ALA J 346 29.89 41.06 49.32
N GLU J 347 31.12 40.74 49.73
CA GLU J 347 31.33 39.61 50.61
C GLU J 347 30.66 39.82 51.95
N SER J 348 30.75 41.03 52.50
CA SER J 348 30.11 41.32 53.77
C SER J 348 28.61 41.10 53.72
N GLN J 349 27.97 41.48 52.62
CA GLN J 349 26.52 41.25 52.49
C GLN J 349 26.20 39.79 52.25
N ARG J 350 27.00 39.11 51.43
CA ARG J 350 26.74 37.72 51.10
C ARG J 350 26.83 36.83 52.34
N ARG J 351 27.80 37.11 53.22
CA ARG J 351 27.93 36.29 54.42
C ARG J 351 26.71 36.42 55.32
N LEU J 352 26.19 37.64 55.49
CA LEU J 352 24.96 37.83 56.26
C LEU J 352 23.78 37.13 55.59
N LYS J 353 23.69 37.19 54.26
CA LYS J 353 22.60 36.53 53.56
C LYS J 353 22.63 35.03 53.81
N MET J 354 23.82 34.42 53.71
CA MET J 354 23.93 32.98 53.95
C MET J 354 23.63 32.64 55.40
N GLN J 355 24.08 33.48 56.33
CA GLN J 355 23.79 33.25 57.75
C GLN J 355 22.29 33.28 58.00
N LYS J 356 21.57 34.21 57.36
CA LYS J 356 20.11 34.24 57.50
C LYS J 356 19.47 32.99 56.89
N ALA J 357 19.95 32.58 55.71
CA ALA J 357 19.33 31.44 55.04
C ALA J 357 19.52 30.15 55.84
N GLU J 358 20.66 30.02 56.53
CA GLU J 358 20.90 28.82 57.30
C GLU J 358 19.88 28.65 58.43
N GLN J 359 19.40 29.76 59.00
CA GLN J 359 18.38 29.68 60.03
C GLN J 359 17.02 29.33 59.43
N GLY J 360 16.71 29.82 58.23
CA GLY J 360 15.45 29.52 57.59
C GLY J 360 15.35 28.08 57.15
N GLN J 361 16.50 27.47 56.83
CA GLN J 361 16.49 26.06 56.44
C GLN J 361 15.95 25.18 57.54
N LEU J 362 16.23 25.52 58.80
CA LEU J 362 15.80 24.68 59.92
C LEU J 362 14.28 24.63 60.03
N ALA J 363 13.60 25.74 59.74
CA ALA J 363 12.15 25.74 59.82
C ALA J 363 11.53 24.74 58.85
N TYR J 364 12.05 24.69 57.62
CA TYR J 364 11.59 23.67 56.67
C TYR J 364 11.98 22.28 57.13
N THR J 365 13.20 22.11 57.66
CA THR J 365 13.66 20.77 58.02
C THR J 365 12.84 20.18 59.17
N ASN J 366 12.50 20.98 60.17
CA ASN J 366 11.86 20.47 61.39
C ASN J 366 10.41 20.90 61.55
N GLY J 367 9.91 21.83 60.74
CA GLY J 367 8.54 22.26 60.89
C GLY J 367 7.57 21.10 60.74
N VAL J 368 6.54 21.08 61.59
CA VAL J 368 5.56 20.00 61.59
C VAL J 368 4.33 20.31 60.73
N THR J 369 3.98 21.59 60.56
CA THR J 369 2.84 21.98 59.75
C THR J 369 3.22 23.19 58.91
N ILE J 370 2.32 23.58 58.01
CA ILE J 370 2.56 24.75 57.18
C ILE J 370 2.52 26.02 58.02
N SER J 371 1.63 26.09 59.00
CA SER J 371 1.45 27.32 59.77
C SER J 371 2.73 27.71 60.49
N ASP J 372 3.33 26.79 61.23
CA ASP J 372 4.54 27.11 61.98
C ASP J 372 5.79 27.17 61.11
N ILE J 373 5.75 26.58 59.91
CA ILE J 373 6.83 26.81 58.95
C ILE J 373 6.77 28.24 58.43
N ALA J 374 5.58 28.74 58.13
CA ALA J 374 5.44 30.12 57.68
C ALA J 374 5.76 31.10 58.81
N ALA J 375 5.35 30.78 60.03
CA ALA J 375 5.59 31.67 61.16
C ALA J 375 7.07 31.83 61.47
N GLY J 376 7.92 30.91 61.01
CA GLY J 376 9.34 30.99 61.26
C GLY J 376 10.09 31.79 60.21
N THR J 377 9.92 31.42 58.94
CA THR J 377 10.59 32.12 57.86
C THR J 377 9.93 33.45 57.52
N GLY J 378 8.65 33.62 57.84
CA GLY J 378 7.94 34.85 57.56
C GLY J 378 7.28 34.92 56.20
N GLU J 379 7.43 33.89 55.37
CA GLU J 379 6.82 33.89 54.05
C GLU J 379 5.34 33.56 54.14
N SER J 380 4.61 33.91 53.07
CA SER J 380 3.19 33.56 53.00
C SER J 380 3.03 32.07 52.78
N LEU J 381 1.83 31.56 53.10
CA LEU J 381 1.58 30.13 52.99
C LEU J 381 1.73 29.64 51.55
N ASP J 382 1.22 30.42 50.58
CA ASP J 382 1.35 30.03 49.19
C ASP J 382 2.80 29.92 48.74
N LYS J 383 3.70 30.70 49.34
CA LYS J 383 5.11 30.64 48.95
C LYS J 383 5.81 29.45 49.58
N VAL J 384 5.55 29.19 50.86
CA VAL J 384 6.16 28.03 51.51
C VAL J 384 5.66 26.75 50.87
N LYS J 385 4.40 26.72 50.42
CA LYS J 385 3.91 25.55 49.70
C LYS J 385 4.75 25.29 48.45
N GLY J 386 5.01 26.32 47.65
CA GLY J 386 5.81 26.13 46.44
C GLY J 386 7.24 25.74 46.76
N GLU J 387 7.81 26.35 47.81
CA GLU J 387 9.18 26.01 48.18
C GLU J 387 9.29 24.56 48.62
N LEU J 388 8.32 24.08 49.41
CA LEU J 388 8.30 22.68 49.81
C LEU J 388 8.12 21.77 48.59
N THR J 389 7.25 22.16 47.66
CA THR J 389 7.10 21.40 46.43
C THR J 389 8.44 21.25 45.72
N LYS J 390 9.15 22.36 45.53
CA LYS J 390 10.43 22.32 44.84
C LYS J 390 11.45 21.47 45.60
N MET J 391 11.51 21.63 46.93
CA MET J 391 12.47 20.88 47.73
C MET J 391 12.24 19.38 47.59
N TYR J 392 11.00 18.94 47.79
CA TYR J 392 10.73 17.51 47.75
C TYR J 392 10.72 16.95 46.33
N ALA J 393 10.57 17.81 45.32
CA ALA J 393 10.78 17.34 43.95
C ALA J 393 12.25 17.16 43.65
N THR J 394 13.11 18.03 44.20
CA THR J 394 14.54 17.86 44.06
C THR J 394 15.05 16.63 44.80
N ILE J 395 14.50 16.36 45.99
CA ILE J 395 14.95 15.21 46.76
C ILE J 395 14.57 13.90 46.07
N GLY J 396 13.38 13.84 45.49
CA GLY J 396 12.88 12.62 44.89
C GLY J 396 13.15 12.43 43.42
N GLN J 397 13.76 13.42 42.76
CA GLN J 397 14.03 13.34 41.33
C GLN J 397 12.74 13.10 40.55
N GLY J 398 11.82 14.06 40.61
CA GLY J 398 10.55 13.97 39.91
C GLY J 398 9.38 14.20 40.83
N TYR J 399 8.20 14.34 40.21
CA TYR J 399 6.99 14.59 40.98
C TYR J 399 6.46 13.34 41.66
N SER J 400 6.54 12.18 41.03
CA SER J 400 6.00 10.97 41.65
C SER J 400 6.78 10.59 42.90
N GLY J 401 8.11 10.49 42.79
CA GLY J 401 8.91 10.09 43.93
C GLY J 401 8.86 11.07 45.07
N GLY J 402 8.95 12.37 44.78
CA GLY J 402 8.85 13.38 45.81
C GLY J 402 7.47 13.42 46.44
N GLY J 403 6.44 13.27 45.61
CA GLY J 403 5.08 13.30 46.13
C GLY J 403 4.81 12.13 47.06
N LEU J 404 5.30 10.94 46.72
CA LEU J 404 5.09 9.79 47.58
C LEU J 404 5.71 10.02 48.96
N GLN J 405 6.95 10.50 48.98
CA GLN J 405 7.62 10.75 50.26
C GLN J 405 6.93 11.86 51.04
N LEU J 406 6.49 12.92 50.36
CA LEU J 406 5.79 14.00 51.05
C LEU J 406 4.48 13.50 51.65
N MET J 407 3.75 12.67 50.90
CA MET J 407 2.51 12.09 51.41
C MET J 407 2.77 11.21 52.63
N GLN J 408 3.84 10.41 52.56
CA GLN J 408 4.19 9.58 53.71
C GLN J 408 4.51 10.43 54.93
N ARG J 409 5.28 11.51 54.74
CA ARG J 409 5.59 12.39 55.85
C ARG J 409 4.32 13.00 56.44
N GLY J 410 3.43 13.49 55.58
CA GLY J 410 2.19 14.07 56.08
C GLY J 410 1.35 13.07 56.84
N LEU J 411 1.24 11.84 56.32
CA LEU J 411 0.43 10.83 56.98
C LEU J 411 1.01 10.45 58.33
N LYS J 412 2.33 10.27 58.40
CA LYS J 412 2.96 9.86 59.66
C LYS J 412 3.02 10.99 60.67
N SER J 413 3.04 12.26 60.23
CA SER J 413 3.09 13.38 61.15
C SER J 413 1.70 13.85 61.57
N GLY J 414 0.64 13.28 60.99
CA GLY J 414 -0.71 13.67 61.34
C GLY J 414 -1.05 15.10 60.97
N ALA J 415 -0.70 15.50 59.75
CA ALA J 415 -1.01 16.83 59.24
C ALA J 415 -1.67 16.69 57.88
N GLN J 416 -2.84 17.31 57.72
CA GLN J 416 -3.55 17.23 56.46
C GLN J 416 -2.95 18.16 55.41
N ASP J 417 -2.39 19.29 55.83
CA ASP J 417 -1.90 20.29 54.89
C ASP J 417 -0.79 19.73 54.01
N ILE J 418 0.16 19.02 54.62
CA ILE J 418 1.28 18.47 53.85
C ILE J 418 0.80 17.37 52.91
N THR J 419 -0.10 16.51 53.40
CA THR J 419 -0.64 15.46 52.56
C THR J 419 -1.38 16.04 51.37
N GLY J 420 -2.04 17.19 51.54
CA GLY J 420 -2.73 17.80 50.41
C GLY J 420 -1.79 18.23 49.31
N VAL J 421 -0.69 18.91 49.68
CA VAL J 421 0.28 19.31 48.67
C VAL J 421 0.96 18.11 48.04
N GLY J 422 1.21 17.05 48.81
CA GLY J 422 1.75 15.84 48.21
C GLY J 422 0.80 15.22 47.20
N ILE J 423 -0.50 15.17 47.54
CA ILE J 423 -1.49 14.61 46.63
C ILE J 423 -1.59 15.44 45.37
N GLU J 424 -1.45 16.77 45.50
CA GLU J 424 -1.45 17.62 44.31
C GLU J 424 -0.40 17.18 43.30
N MET J 425 0.85 17.02 43.75
CA MET J 425 1.90 16.54 42.86
C MET J 425 1.59 15.15 42.33
N MET J 426 1.14 14.26 43.21
CA MET J 426 0.92 12.87 42.83
C MET J 426 -0.10 12.77 41.70
N GLN J 427 -1.19 13.52 41.80
CA GLN J 427 -2.23 13.49 40.79
C GLN J 427 -1.99 14.45 39.64
N GLN J 428 -1.01 15.35 39.76
CA GLN J 428 -0.58 16.12 38.59
C GLN J 428 0.32 15.30 37.69
N ASP J 429 1.13 14.41 38.26
CA ASP J 429 1.99 13.56 37.45
C ASP J 429 1.17 12.57 36.63
N ALA J 430 0.05 12.10 37.18
CA ALA J 430 -0.69 11.00 36.58
C ALA J 430 -1.27 11.36 35.20
N GLN J 431 -1.32 12.64 34.85
CA GLN J 431 -1.94 13.03 33.58
C GLN J 431 -1.21 12.50 32.36
N SER J 432 0.04 12.05 32.51
CA SER J 432 0.79 11.56 31.36
C SER J 432 0.18 10.29 30.78
N LEU J 433 -0.61 9.56 31.57
CA LEU J 433 -1.15 8.28 31.13
C LEU J 433 -2.29 8.42 30.13
N SER J 434 -2.82 9.63 29.93
CA SER J 434 -3.99 9.79 29.06
C SER J 434 -3.63 9.76 27.58
N GLY J 435 -2.37 9.99 27.22
CA GLY J 435 -1.99 10.11 25.82
C GLY J 435 -1.48 8.84 25.19
N ILE J 436 -1.21 7.82 25.99
CA ILE J 436 -0.61 6.59 25.48
C ILE J 436 -1.61 5.88 24.57
N ASP J 437 -1.11 5.39 23.43
CA ASP J 437 -1.91 4.58 22.50
C ASP J 437 -1.73 3.11 22.87
N TRP J 438 -2.67 2.60 23.66
CA TRP J 438 -2.54 1.26 24.22
C TRP J 438 -2.58 0.20 23.13
N ARG J 439 -3.34 0.42 22.06
CA ARG J 439 -3.58 -0.62 21.07
C ARG J 439 -2.39 -0.85 20.14
N ASN J 440 -1.49 0.12 20.00
CA ASN J 440 -0.40 0.04 19.04
C ASN J 440 0.96 -0.09 19.71
N LEU J 441 1.01 -0.59 20.94
CA LEU J 441 2.28 -0.83 21.60
C LEU J 441 3.04 -1.94 20.89
N LYS J 442 4.37 -1.82 20.85
CA LYS J 442 5.19 -2.85 20.26
C LYS J 442 5.00 -4.17 21.00
N THR J 443 5.07 -5.26 20.25
CA THR J 443 4.75 -6.59 20.78
C THR J 443 5.99 -7.47 20.81
N ASP J 444 6.08 -8.29 21.84
CA ASP J 444 7.17 -9.24 21.98
C ASP J 444 6.93 -10.45 21.07
N ALA J 445 7.98 -11.25 20.87
CA ALA J 445 7.88 -12.42 20.01
C ALA J 445 6.83 -13.40 20.50
N ASP J 446 6.45 -13.35 21.78
CA ASP J 446 5.44 -14.24 22.34
C ASP J 446 4.10 -13.54 22.54
N GLY J 447 3.94 -12.35 21.95
CA GLY J 447 2.69 -11.63 22.05
C GLY J 447 2.57 -10.69 23.24
N LYS J 448 3.54 -10.69 24.14
CA LYS J 448 3.48 -9.82 25.30
C LYS J 448 3.81 -8.38 24.88
N PRO J 449 2.98 -7.40 25.20
CA PRO J 449 3.31 -6.01 24.88
C PRO J 449 4.60 -5.58 25.55
N LEU J 450 5.08 -4.39 25.17
CA LEU J 450 6.32 -3.82 25.69
C LEU J 450 6.02 -2.41 26.18
N TYR J 451 5.67 -2.30 27.47
CA TYR J 451 5.33 -1.01 28.03
C TYR J 451 6.58 -0.19 28.29
N PRO J 452 6.52 1.13 28.14
CA PRO J 452 7.67 1.97 28.50
C PRO J 452 7.89 1.97 30.00
N ALA J 453 9.14 2.20 30.41
CA ALA J 453 9.49 2.17 31.83
C ALA J 453 8.95 3.38 32.59
N ALA J 454 8.42 4.38 31.89
CA ALA J 454 7.95 5.59 32.55
C ALA J 454 6.60 5.39 33.24
N VAL J 455 5.79 4.45 32.79
CA VAL J 455 4.42 4.29 33.31
C VAL J 455 4.39 3.21 34.39
N VAL J 456 5.30 2.24 34.30
CA VAL J 456 5.35 1.19 35.31
C VAL J 456 5.66 1.77 36.68
N GLY J 457 6.65 2.65 36.75
CA GLY J 457 7.04 3.29 37.99
C GLY J 457 6.07 4.34 38.46
N SER J 458 5.12 4.74 37.63
CA SER J 458 4.03 5.62 38.03
C SER J 458 2.87 4.84 38.61
N LEU J 459 2.48 3.74 37.96
CA LEU J 459 1.42 2.89 38.50
C LEU J 459 1.85 2.26 39.82
N GLY J 460 3.10 1.78 39.89
CA GLY J 460 3.59 1.18 41.11
C GLY J 460 3.70 2.14 42.27
N ASN J 461 3.83 3.44 41.98
CA ASN J 461 3.83 4.44 43.04
C ASN J 461 2.42 4.90 43.40
N LEU J 462 1.51 4.95 42.41
CA LEU J 462 0.12 5.27 42.72
C LEU J 462 -0.49 4.21 43.63
N GLN J 463 -0.25 2.94 43.33
CA GLN J 463 -0.78 1.87 44.18
C GLN J 463 -0.19 1.95 45.59
N ALA J 464 1.12 2.22 45.68
CA ALA J 464 1.75 2.32 47.00
C ALA J 464 1.16 3.48 47.79
N ALA J 465 0.95 4.64 47.14
CA ALA J 465 0.37 5.77 47.83
C ALA J 465 -1.05 5.47 48.30
N TYR J 466 -1.86 4.84 47.45
CA TYR J 466 -3.22 4.52 47.85
C TYR J 466 -3.24 3.56 49.03
N GLN J 467 -2.40 2.53 48.99
CA GLN J 467 -2.35 1.57 50.09
C GLN J 467 -1.83 2.21 51.37
N SER J 468 -0.85 3.10 51.27
CA SER J 468 -0.37 3.80 52.46
C SER J 468 -1.47 4.67 53.06
N ALA J 469 -2.23 5.37 52.20
CA ALA J 469 -3.33 6.17 52.70
C ALA J 469 -4.37 5.31 53.41
N LEU J 470 -4.69 4.15 52.83
CA LEU J 470 -5.69 3.28 53.45
C LEU J 470 -5.17 2.64 54.74
N ALA J 471 -3.85 2.43 54.84
CA ALA J 471 -3.30 1.72 55.99
C ALA J 471 -3.48 2.51 57.29
N ALA J 472 -3.48 3.84 57.21
CA ALA J 472 -3.59 4.65 58.42
C ALA J 472 -5.01 4.83 58.88
N GLY J 473 -6.00 4.30 58.16
CA GLY J 473 -7.38 4.48 58.54
C GLY J 473 -7.98 5.79 58.10
N ASN J 474 -7.40 6.44 57.09
CA ASN J 474 -7.85 7.75 56.61
C ASN J 474 -8.44 7.54 55.21
N GLN J 475 -9.75 7.30 55.17
CA GLN J 475 -10.42 7.07 53.89
C GLN J 475 -10.77 8.36 53.18
N VAL J 476 -10.91 9.47 53.93
CA VAL J 476 -11.27 10.73 53.30
C VAL J 476 -10.20 11.15 52.29
N GLN J 477 -8.94 11.18 52.71
CA GLN J 477 -7.85 11.56 51.83
C GLN J 477 -7.45 10.45 50.87
N ALA J 478 -7.89 9.22 51.09
CA ALA J 478 -7.70 8.17 50.10
C ALA J 478 -8.68 8.34 48.95
N ASN J 479 -9.93 8.70 49.25
CA ASN J 479 -10.89 9.00 48.19
C ASN J 479 -10.55 10.31 47.50
N GLN J 480 -10.05 11.29 48.24
CA GLN J 480 -9.64 12.55 47.63
C GLN J 480 -8.57 12.35 46.57
N LEU J 481 -7.73 11.32 46.73
CA LEU J 481 -6.68 11.06 45.76
C LEU J 481 -7.24 10.56 44.44
N LEU J 482 -8.29 9.74 44.50
CA LEU J 482 -8.85 9.14 43.30
C LEU J 482 -9.73 10.11 42.50
N SER J 483 -9.83 11.37 42.93
CA SER J 483 -10.68 12.34 42.26
C SER J 483 -9.97 13.09 41.14
N GLY J 484 -8.72 12.76 40.85
CA GLY J 484 -7.98 13.44 39.79
C GLY J 484 -7.36 12.50 38.79
N LEU J 485 -7.41 11.20 39.05
CA LEU J 485 -6.80 10.23 38.15
C LEU J 485 -7.75 9.89 37.00
N PRO J 486 -7.22 9.45 35.86
CA PRO J 486 -8.09 9.05 34.75
C PRO J 486 -8.90 7.80 35.09
N ASP J 487 -10.03 7.66 34.40
CA ASP J 487 -10.98 6.61 34.73
C ASP J 487 -10.38 5.21 34.73
N PRO J 488 -9.66 4.76 33.69
CA PRO J 488 -9.11 3.39 33.73
C PRO J 488 -8.17 3.16 34.90
N VAL J 489 -7.34 4.14 35.26
CA VAL J 489 -6.44 3.97 36.40
C VAL J 489 -7.25 3.83 37.70
N VAL J 490 -8.29 4.64 37.87
CA VAL J 490 -9.12 4.51 39.06
C VAL J 490 -9.77 3.14 39.10
N TYR J 491 -10.24 2.64 37.95
CA TYR J 491 -10.86 1.32 37.90
C TYR J 491 -9.86 0.24 38.28
N GLY J 492 -8.62 0.34 37.79
CA GLY J 492 -7.65 -0.70 38.05
C GLY J 492 -7.25 -0.78 39.51
N ILE J 493 -7.03 0.36 40.15
CA ILE J 493 -6.49 0.36 41.51
C ILE J 493 -7.48 -0.29 42.48
N ARG J 494 -8.76 0.08 42.40
CA ARG J 494 -9.74 -0.44 43.34
C ARG J 494 -9.99 -1.93 43.19
N GLN J 495 -9.62 -2.52 42.06
CA GLN J 495 -9.74 -3.96 41.84
C GLN J 495 -8.42 -4.60 42.27
N ASN J 496 -8.37 -5.03 43.52
CA ASN J 496 -7.14 -5.59 44.08
C ASN J 496 -6.57 -6.66 43.16
N VAL J 497 -5.36 -6.42 42.67
CA VAL J 497 -4.69 -7.31 41.74
C VAL J 497 -3.19 -7.18 41.94
N ASP J 498 -2.47 -8.26 41.66
CA ASP J 498 -1.02 -8.25 41.80
C ASP J 498 -0.42 -7.13 40.95
N ALA J 499 0.59 -6.46 41.50
CA ALA J 499 1.18 -5.32 40.81
C ALA J 499 1.69 -5.67 39.43
N ARG J 500 2.04 -6.94 39.19
CA ARG J 500 2.59 -7.33 37.89
C ARG J 500 1.55 -7.28 36.78
N ASP J 501 0.26 -7.18 37.12
CA ASP J 501 -0.81 -7.21 36.14
C ASP J 501 -1.59 -5.90 36.07
N LEU J 502 -1.21 -4.89 36.86
CA LEU J 502 -1.94 -3.63 36.85
C LEU J 502 -1.87 -2.94 35.50
N ALA J 503 -0.69 -2.94 34.86
CA ALA J 503 -0.56 -2.31 33.55
C ALA J 503 -1.44 -3.00 32.52
N ASP J 504 -1.45 -4.34 32.52
CA ASP J 504 -2.30 -5.07 31.58
C ASP J 504 -3.78 -4.78 31.83
N VAL J 505 -4.19 -4.76 33.10
CA VAL J 505 -5.59 -4.47 33.42
C VAL J 505 -5.97 -3.08 32.92
N VAL J 506 -5.11 -2.09 33.17
CA VAL J 506 -5.40 -0.72 32.73
C VAL J 506 -5.48 -0.65 31.21
N GLY J 507 -4.54 -1.31 30.53
CA GLY J 507 -4.54 -1.28 29.07
C GLY J 507 -5.80 -1.90 28.49
N LYS J 508 -6.22 -3.05 29.04
CA LYS J 508 -7.45 -3.68 28.57
C LYS J 508 -8.67 -2.80 28.85
N ARG J 509 -8.74 -2.20 30.05
CA ARG J 509 -9.90 -1.38 30.39
C ARG J 509 -9.99 -0.15 29.50
N ALA J 510 -8.85 0.46 29.17
CA ALA J 510 -8.88 1.67 28.36
C ALA J 510 -9.52 1.41 27.00
N GLN J 511 -9.09 0.37 26.30
CA GLN J 511 -9.63 0.05 24.99
C GLN J 511 -10.96 -0.68 25.06
N ASP J 512 -11.37 -1.17 26.23
CA ASP J 512 -12.75 -1.58 26.41
C ASP J 512 -13.68 -0.37 26.50
N ILE J 513 -13.25 0.66 27.23
CA ILE J 513 -14.02 1.90 27.28
C ILE J 513 -14.08 2.55 25.91
N ALA J 514 -12.96 2.57 25.19
CA ALA J 514 -12.93 3.21 23.88
C ALA J 514 -13.92 2.57 22.92
N SER J 515 -14.28 1.32 23.14
CA SER J 515 -15.18 0.60 22.24
C SER J 515 -16.65 0.75 22.60
N GLY J 516 -16.97 1.56 23.61
CA GLY J 516 -18.36 1.76 23.98
C GLY J 516 -19.04 0.58 24.60
N LYS J 517 -18.33 -0.19 25.43
CA LYS J 517 -18.90 -1.35 26.10
C LYS J 517 -19.54 -1.01 27.44
N VAL J 518 -19.57 0.27 27.83
CA VAL J 518 -20.10 0.70 29.12
C VAL J 518 -21.41 1.42 28.89
N LEU J 519 -22.43 1.06 29.68
CA LEU J 519 -23.75 1.69 29.56
C LEU J 519 -23.73 3.08 30.16
N ALA J 520 -24.51 3.98 29.55
CA ALA J 520 -24.61 5.34 30.05
C ALA J 520 -25.42 5.39 31.34
N LEU J 521 -25.06 6.34 32.20
CA LEU J 521 -25.75 6.48 33.48
C LEU J 521 -27.07 7.23 33.30
N PRO J 522 -28.02 7.03 34.20
CA PRO J 522 -29.32 7.72 34.09
C PRO J 522 -29.17 9.22 34.36
N ALA J 523 -30.27 9.94 34.14
CA ALA J 523 -30.30 11.36 34.41
C ALA J 523 -30.44 11.65 35.90
N ASN J 524 -30.90 10.69 36.69
CA ASN J 524 -31.02 10.83 38.13
C ASN J 524 -30.04 9.88 38.81
N MET J 525 -29.38 10.36 39.86
CA MET J 525 -28.34 9.57 40.50
C MET J 525 -28.95 8.28 41.06
N PRO J 526 -28.28 7.14 40.94
CA PRO J 526 -28.83 5.90 41.49
C PRO J 526 -28.97 5.99 43.00
N ALA J 527 -29.98 5.28 43.53
CA ALA J 527 -30.22 5.29 44.96
C ALA J 527 -29.04 4.69 45.72
N ASP J 528 -28.33 3.74 45.10
CA ASP J 528 -27.22 3.07 45.77
C ASP J 528 -26.01 3.97 45.97
N VAL J 529 -25.99 5.16 45.38
CA VAL J 529 -24.87 6.08 45.56
C VAL J 529 -25.03 6.94 46.81
N SER J 530 -26.22 7.02 47.39
CA SER J 530 -26.43 7.84 48.56
C SER J 530 -25.70 7.25 49.77
N ILE J 531 -25.61 8.06 50.83
CA ILE J 531 -24.91 7.70 52.06
C ILE J 531 -25.93 7.48 53.16
N THR J 532 -25.76 6.42 53.92
CA THR J 532 -26.67 6.07 55.01
C THR J 532 -25.86 5.69 56.24
N GLN J 533 -26.58 5.38 57.32
CA GLN J 533 -25.92 5.06 58.58
C GLN J 533 -25.01 3.85 58.44
N ALA J 534 -25.40 2.87 57.62
CA ALA J 534 -24.55 1.70 57.43
C ALA J 534 -23.19 2.08 56.88
N ASP J 535 -23.14 3.07 56.00
CA ASP J 535 -21.87 3.57 55.48
C ASP J 535 -21.08 4.34 56.52
N VAL J 536 -21.76 5.05 57.42
CA VAL J 536 -21.05 5.73 58.51
C VAL J 536 -20.39 4.70 59.42
N THR J 537 -21.11 3.62 59.74
CA THR J 537 -20.53 2.56 60.56
C THR J 537 -19.35 1.90 59.84
N ALA J 538 -19.38 1.88 58.51
CA ALA J 538 -18.34 1.22 57.73
C ALA J 538 -16.99 1.93 57.80
N GLY J 539 -16.94 3.17 58.30
CA GLY J 539 -15.70 3.89 58.45
C GLY J 539 -15.54 5.11 57.60
N ILE J 540 -16.54 5.46 56.78
CA ILE J 540 -16.45 6.71 56.02
C ILE J 540 -16.53 7.89 56.99
N PHE J 541 -15.98 9.02 56.56
CA PHE J 541 -15.80 10.24 57.35
C PHE J 541 -14.66 10.12 58.34
N ASP J 542 -13.91 9.02 58.34
CA ASP J 542 -12.75 8.87 59.20
C ASP J 542 -11.58 9.63 58.59
N LEU J 543 -11.08 10.64 59.30
CA LEU J 543 -10.01 11.49 58.80
C LEU J 543 -8.64 11.08 59.30
N GLY J 544 -8.53 10.00 60.06
CA GLY J 544 -7.24 9.52 60.50
C GLY J 544 -6.73 10.26 61.74
N LEU J 545 -5.41 10.31 61.86
CA LEU J 545 -4.77 10.95 63.00
C LEU J 545 -4.99 12.45 62.97
N GLY J 546 -4.89 13.07 64.15
CA GLY J 546 -5.07 14.51 64.25
C GLY J 546 -4.82 15.02 65.66
N LYS J 547 -4.78 16.34 65.81
CA LYS J 547 -4.53 16.93 67.14
C LYS J 547 -5.81 16.98 67.96
N ASP J 548 -6.82 17.70 67.48
CA ASP J 548 -8.06 17.88 68.22
C ASP J 548 -9.05 16.78 67.87
N ALA J 549 -9.94 16.50 68.82
CA ALA J 549 -11.02 15.55 68.56
C ALA J 549 -11.94 16.04 67.46
N ARG J 550 -12.21 17.35 67.42
CA ARG J 550 -13.06 17.92 66.38
C ARG J 550 -12.42 17.88 65.01
N ASN J 551 -11.12 17.58 64.91
CA ASN J 551 -10.41 17.68 63.64
C ASN J 551 -9.97 16.31 63.13
N ARG J 552 -10.66 15.24 63.53
CA ARG J 552 -10.47 13.93 62.91
C ARG J 552 -11.78 13.30 62.50
N ASN J 553 -12.88 14.03 62.54
CA ASN J 553 -14.15 13.63 61.94
C ASN J 553 -14.60 14.75 61.01
N MET J 554 -14.90 14.41 59.75
CA MET J 554 -15.19 15.44 58.77
C MET J 554 -16.45 16.21 59.11
N LEU J 555 -17.34 15.64 59.93
CA LEU J 555 -18.55 16.34 60.34
C LEU J 555 -18.30 17.35 61.45
N GLY J 556 -17.18 17.26 62.16
CA GLY J 556 -16.83 18.25 63.15
C GLY J 556 -17.42 18.04 64.53
N ILE J 557 -17.97 16.87 64.81
CA ILE J 557 -18.53 16.59 66.13
C ILE J 557 -17.39 16.25 67.08
N GLN J 558 -17.51 16.71 68.33
CA GLN J 558 -16.44 16.55 69.32
C GLN J 558 -16.59 15.28 70.14
N SER J 559 -17.72 15.12 70.82
CA SER J 559 -17.90 13.97 71.71
C SER J 559 -17.74 12.66 70.95
N TRP J 560 -16.84 11.81 71.43
CA TRP J 560 -16.57 10.52 70.82
C TRP J 560 -16.72 9.34 71.77
N VAL J 561 -17.04 9.58 73.04
CA VAL J 561 -17.22 8.53 74.02
C VAL J 561 -18.62 8.55 74.62
N PHE J 562 -19.07 9.71 75.09
CA PHE J 562 -20.41 9.91 75.60
C PHE J 562 -21.07 11.02 74.80
N THR J 563 -22.19 10.72 74.16
CA THR J 563 -22.86 11.64 73.25
C THR J 563 -24.32 11.81 73.66
N SER J 564 -24.80 13.05 73.58
CA SER J 564 -26.20 13.34 73.84
C SER J 564 -26.99 13.40 72.53
N ASP J 565 -28.31 13.50 72.67
CA ASP J 565 -29.18 13.57 71.50
C ASP J 565 -28.91 14.82 70.66
N ALA J 566 -28.40 15.89 71.27
CA ALA J 566 -28.09 17.10 70.50
C ALA J 566 -27.05 16.81 69.43
N ASP J 567 -26.03 16.02 69.75
CA ASP J 567 -25.06 15.61 68.74
C ASP J 567 -25.69 14.72 67.67
N GLU J 568 -26.63 13.86 68.07
CA GLU J 568 -27.31 13.01 67.09
C GLU J 568 -28.09 13.85 66.08
N LYS J 569 -28.79 14.89 66.54
CA LYS J 569 -29.53 15.74 65.62
C LYS J 569 -28.60 16.44 64.64
N ALA J 570 -27.48 16.96 65.14
CA ALA J 570 -26.52 17.63 64.27
C ALA J 570 -25.95 16.67 63.23
N ALA J 571 -25.60 15.45 63.65
CA ALA J 571 -25.09 14.46 62.71
C ALA J 571 -26.13 14.13 61.66
N GLN J 572 -27.40 13.98 62.08
CA GLN J 572 -28.46 13.67 61.13
C GLN J 572 -28.63 14.79 60.11
N ALA J 573 -28.59 16.03 60.56
CA ALA J 573 -28.71 17.16 59.63
C ALA J 573 -27.52 17.21 58.67
N ARG J 574 -26.31 16.97 59.19
CA ARG J 574 -25.12 17.10 58.37
C ARG J 574 -25.03 15.98 57.33
N VAL J 575 -25.53 14.79 57.65
CA VAL J 575 -25.56 13.72 56.65
C VAL J 575 -26.43 14.14 55.46
N SER J 576 -27.61 14.71 55.74
CA SER J 576 -28.47 15.18 54.66
C SER J 576 -27.82 16.34 53.90
N GLN J 577 -27.10 17.21 54.60
CA GLN J 577 -26.38 18.28 53.92
C GLN J 577 -25.37 17.71 52.92
N VAL J 578 -24.59 16.73 53.34
CA VAL J 578 -23.60 16.12 52.46
C VAL J 578 -24.30 15.43 51.29
N ASN J 579 -25.42 14.75 51.56
CA ASN J 579 -26.16 14.10 50.47
C ASN J 579 -26.63 15.10 49.44
N SER J 580 -27.16 16.24 49.89
CA SER J 580 -27.61 17.27 48.96
C SER J 580 -26.44 17.81 48.14
N ALA J 581 -25.30 18.05 48.78
CA ALA J 581 -24.13 18.52 48.05
C ALA J 581 -23.72 17.52 46.97
N MET J 582 -23.69 16.23 47.33
CA MET J 582 -23.33 15.21 46.35
C MET J 582 -24.33 15.15 45.20
N ASN J 583 -25.63 15.28 45.50
CA ASN J 583 -26.64 15.26 44.45
C ASN J 583 -26.44 16.44 43.49
N ASN J 584 -26.19 17.63 44.02
CA ASN J 584 -25.96 18.79 43.17
C ASN J 584 -24.72 18.58 42.30
N GLU J 585 -23.64 18.06 42.89
CA GLU J 585 -22.42 17.81 42.11
C GLU J 585 -22.68 16.82 40.99
N TYR J 586 -23.39 15.73 41.29
CA TYR J 586 -23.68 14.73 40.27
C TYR J 586 -24.52 15.31 39.15
N VAL J 587 -25.55 16.10 39.49
CA VAL J 587 -26.39 16.69 38.46
C VAL J 587 -25.56 17.62 37.57
N TYR J 588 -24.73 18.47 38.18
CA TYR J 588 -23.93 19.39 37.38
C TYR J 588 -22.99 18.65 36.46
N ASN J 589 -22.34 17.60 36.97
CA ASN J 589 -21.44 16.81 36.12
C ASN J 589 -22.19 16.13 34.98
N GLN J 590 -23.36 15.58 35.28
CA GLN J 590 -24.11 14.85 34.25
C GLN J 590 -24.57 15.79 33.14
N GLN J 591 -25.04 16.98 33.50
CA GLN J 591 -25.54 17.91 32.48
C GLN J 591 -24.45 18.29 31.49
N ARG J 592 -23.23 18.53 31.96
CA ARG J 592 -22.13 18.87 31.06
C ARG J 592 -21.63 17.69 30.26
N GLY J 593 -22.10 16.48 30.55
CA GLY J 593 -21.61 15.31 29.86
C GLY J 593 -20.16 14.98 30.15
N SER J 594 -19.75 15.03 31.42
CA SER J 594 -18.38 14.76 31.80
C SER J 594 -18.26 13.69 32.88
N LEU J 595 -19.29 12.87 33.07
CA LEU J 595 -19.24 11.84 34.09
C LEU J 595 -18.21 10.77 33.71
N PRO J 596 -17.56 10.17 34.71
CA PRO J 596 -16.59 9.11 34.41
C PRO J 596 -17.28 7.78 34.15
N ALA J 597 -16.51 6.84 33.61
CA ALA J 597 -17.00 5.49 33.32
C ALA J 597 -16.87 4.60 34.55
N LEU J 598 -17.72 4.87 35.54
CA LEU J 598 -17.74 4.13 36.79
C LEU J 598 -19.19 3.90 37.21
N VAL J 599 -19.38 2.97 38.14
CA VAL J 599 -20.70 2.61 38.63
C VAL J 599 -20.61 2.17 40.08
N GLY J 600 -21.68 2.45 40.83
CA GLY J 600 -21.78 1.95 42.19
C GLY J 600 -20.75 2.57 43.11
N ASP J 601 -19.99 1.70 43.79
CA ASP J 601 -19.08 2.16 44.84
C ASP J 601 -17.99 3.07 44.28
N ASP J 602 -17.49 2.77 43.08
CA ASP J 602 -16.46 3.64 42.49
C ASP J 602 -17.00 5.05 42.27
N LEU J 603 -18.22 5.16 41.74
CA LEU J 603 -18.83 6.47 41.55
C LEU J 603 -19.07 7.18 42.88
N LYS J 604 -19.51 6.42 43.89
CA LYS J 604 -19.71 7.01 45.21
C LYS J 604 -18.40 7.58 45.75
N SER J 605 -17.31 6.83 45.62
CA SER J 605 -16.02 7.30 46.10
C SER J 605 -15.56 8.53 45.31
N TRP J 606 -15.78 8.53 43.99
CA TRP J 606 -15.41 9.68 43.19
C TRP J 606 -16.14 10.93 43.65
N LEU J 607 -17.46 10.82 43.84
CA LEU J 607 -18.24 11.97 44.28
C LEU J 607 -17.83 12.42 45.68
N MET J 608 -17.62 11.47 46.59
CA MET J 608 -17.21 11.83 47.95
C MET J 608 -15.86 12.54 47.95
N GLY J 609 -14.91 12.06 47.15
CA GLY J 609 -13.64 12.76 47.02
C GLY J 609 -13.75 14.14 46.41
N LYS J 610 -14.64 14.31 45.42
CA LYS J 610 -14.88 15.64 44.88
C LYS J 610 -15.44 16.59 45.94
N VAL J 611 -16.39 16.12 46.73
CA VAL J 611 -17.01 16.98 47.74
C VAL J 611 -16.06 17.22 48.90
N ALA J 612 -15.24 16.23 49.25
CA ALA J 612 -14.42 16.32 50.46
C ALA J 612 -13.45 17.49 50.41
N SER J 613 -13.04 17.92 49.22
CA SER J 613 -12.01 18.94 49.13
C SER J 613 -12.54 20.33 49.48
N ARG J 614 -13.84 20.54 49.40
CA ARG J 614 -14.44 21.86 49.57
C ARG J 614 -15.13 22.04 50.92
N THR J 615 -14.79 21.23 51.92
CA THR J 615 -15.44 21.29 53.22
C THR J 615 -14.55 22.05 54.21
N VAL J 616 -15.17 22.96 54.97
CA VAL J 616 -14.48 23.76 55.97
C VAL J 616 -15.31 23.75 57.26
N ARG J 617 -14.65 23.53 58.38
CA ARG J 617 -15.32 23.43 59.68
C ARG J 617 -15.08 24.72 60.48
N VAL J 618 -15.98 25.67 60.30
CA VAL J 618 -15.92 26.90 61.09
C VAL J 618 -16.00 26.55 62.57
N LYS J 619 -15.34 27.37 63.40
CA LYS J 619 -15.14 26.99 64.80
C LYS J 619 -16.22 27.58 65.72
N ASP J 620 -16.31 28.91 65.77
CA ASP J 620 -17.01 29.60 66.84
C ASP J 620 -18.52 29.61 66.61
N GLY J 621 -19.24 29.89 67.71
CA GLY J 621 -20.68 30.11 67.68
C GLY J 621 -21.41 29.27 68.71
N THR J 622 -21.00 28.02 68.85
CA THR J 622 -21.55 27.07 69.81
C THR J 622 -20.62 25.88 69.89
N ASP J 623 -21.04 24.82 70.59
CA ASP J 623 -20.32 23.57 70.54
C ASP J 623 -20.52 22.90 69.18
N ASN J 624 -19.50 22.15 68.76
CA ASN J 624 -19.50 21.48 67.46
C ASN J 624 -19.34 22.48 66.32
N GLY J 625 -19.27 23.76 66.64
CA GLY J 625 -19.05 24.77 65.60
C GLY J 625 -20.12 24.71 64.53
N ALA J 626 -19.67 24.81 63.27
CA ALA J 626 -20.55 24.76 62.12
C ALA J 626 -19.80 24.16 60.95
N LEU J 627 -20.56 23.68 59.97
CA LEU J 627 -20.01 23.03 58.78
C LEU J 627 -20.48 23.75 57.54
N LEU J 628 -19.55 24.06 56.64
CA LEU J 628 -19.85 24.75 55.39
C LEU J 628 -19.12 24.08 54.24
N VAL J 629 -19.67 24.23 53.04
CA VAL J 629 -19.06 23.73 51.82
C VAL J 629 -18.86 24.93 50.89
N LEU J 630 -17.60 25.25 50.61
CA LEU J 630 -17.29 26.41 49.79
C LEU J 630 -17.71 26.16 48.34
N PRO J 631 -18.15 27.20 47.63
CA PRO J 631 -18.51 27.03 46.22
C PRO J 631 -17.27 26.94 45.33
N GLU J 632 -17.48 26.43 44.12
CA GLU J 632 -16.41 26.38 43.15
C GLU J 632 -16.17 27.75 42.53
N VAL J 633 -14.90 28.08 42.34
CA VAL J 633 -14.50 29.37 41.80
C VAL J 633 -13.42 29.14 40.74
N GLY J 634 -13.32 30.09 39.80
CA GLY J 634 -12.28 30.04 38.80
C GLY J 634 -10.91 29.88 39.41
N ASP J 635 -10.47 30.90 40.15
CA ASP J 635 -9.22 30.84 40.90
C ASP J 635 -9.45 31.43 42.28
N LYS J 636 -8.97 30.72 43.30
CA LYS J 636 -9.26 31.11 44.69
C LYS J 636 -8.56 32.42 45.05
N GLN J 637 -7.42 32.71 44.45
CA GLN J 637 -6.62 33.86 44.86
C GLN J 637 -7.31 35.19 44.55
N LYS J 638 -8.27 35.21 43.64
CA LYS J 638 -8.96 36.45 43.32
C LYS J 638 -10.12 36.73 44.26
N VAL J 639 -10.82 35.69 44.71
CA VAL J 639 -12.00 35.88 45.56
C VAL J 639 -11.61 35.76 47.02
N PHE J 640 -11.10 34.60 47.42
CA PHE J 640 -10.77 34.36 48.82
C PHE J 640 -9.44 34.98 49.23
N GLY J 641 -8.54 35.21 48.27
CA GLY J 641 -7.26 35.81 48.57
C GLY J 641 -6.18 34.84 48.99
N SER J 642 -6.50 33.56 49.14
CA SER J 642 -5.51 32.56 49.52
C SER J 642 -6.01 31.19 49.10
N THR J 643 -5.07 30.26 48.88
CA THR J 643 -5.41 28.92 48.45
C THR J 643 -5.46 27.91 49.59
N ASP J 644 -5.24 28.36 50.84
CA ASP J 644 -5.22 27.46 51.98
C ASP J 644 -6.51 27.64 52.78
N ASN J 645 -7.13 26.51 53.15
CA ASN J 645 -8.40 26.55 53.85
C ASN J 645 -8.24 26.96 55.31
N GLY J 646 -7.07 26.75 55.91
CA GLY J 646 -6.87 27.06 57.31
C GLY J 646 -6.99 28.53 57.65
N ILE J 647 -6.84 29.41 56.66
CA ILE J 647 -7.02 30.84 56.89
C ILE J 647 -8.47 31.26 56.67
N ILE J 648 -9.13 30.69 55.65
CA ILE J 648 -10.54 30.99 55.41
C ILE J 648 -11.39 30.51 56.58
N GLU J 649 -11.02 29.37 57.17
CA GLU J 649 -11.77 28.87 58.33
C GLU J 649 -11.75 29.87 59.48
N SER J 650 -10.58 30.48 59.74
CA SER J 650 -10.49 31.48 60.79
C SER J 650 -11.19 32.78 60.40
N ALA J 651 -11.11 33.15 59.11
CA ALA J 651 -11.68 34.42 58.67
C ALA J 651 -13.20 34.41 58.65
N LEU J 652 -13.82 33.25 58.40
CA LEU J 652 -15.28 33.20 58.31
C LEU J 652 -15.96 33.25 59.67
N THR J 653 -15.20 33.23 60.77
CA THR J 653 -15.79 33.10 62.09
C THR J 653 -16.73 34.25 62.42
N GLU J 654 -16.30 35.49 62.19
CA GLU J 654 -17.12 36.63 62.55
C GLU J 654 -18.43 36.65 61.76
N SER J 655 -18.34 36.41 60.45
CA SER J 655 -19.54 36.42 59.62
C SER J 655 -20.51 35.32 60.04
N VAL J 656 -19.99 34.11 60.30
CA VAL J 656 -20.86 33.03 60.71
C VAL J 656 -21.51 33.33 62.05
N THR J 657 -20.74 33.86 63.01
CA THR J 657 -21.30 34.17 64.32
C THR J 657 -22.39 35.23 64.20
N ASN J 658 -22.15 36.28 63.41
CA ASN J 658 -23.17 37.31 63.23
C ASN J 658 -24.42 36.74 62.60
N PHE J 659 -24.25 35.91 61.55
CA PHE J 659 -25.41 35.35 60.87
C PHE J 659 -26.24 34.49 61.82
N LYS J 660 -25.58 33.67 62.64
CA LYS J 660 -26.31 32.86 63.61
C LYS J 660 -26.93 33.70 64.71
N LYS J 661 -26.30 34.82 65.08
CA LYS J 661 -26.89 35.69 66.10
C LYS J 661 -28.17 36.34 65.58
N GLN J 662 -28.18 36.76 64.32
CA GLN J 662 -29.37 37.43 63.78
C GLN J 662 -30.54 36.48 63.66
N TYR J 663 -30.31 35.21 63.34
CA TYR J 663 -31.36 34.23 63.06
C TYR J 663 -31.14 32.99 63.92
N PRO J 664 -31.53 33.03 65.19
CA PRO J 664 -31.37 31.84 66.05
C PRO J 664 -32.09 30.62 65.52
N GLN J 665 -33.24 30.79 64.85
CA GLN J 665 -34.03 29.64 64.43
C GLN J 665 -33.34 28.84 63.32
N ALA J 666 -32.36 29.42 62.64
CA ALA J 666 -31.68 28.73 61.55
C ALA J 666 -30.80 27.62 62.11
N THR J 667 -30.91 26.42 61.55
CA THR J 667 -30.13 25.29 62.02
C THR J 667 -28.87 25.09 61.17
N THR J 668 -28.96 25.30 59.87
CA THR J 668 -27.85 25.09 58.97
C THR J 668 -27.67 26.31 58.07
N VAL J 669 -26.47 26.45 57.53
CA VAL J 669 -26.10 27.60 56.71
C VAL J 669 -25.53 27.10 55.39
N GLN J 670 -25.84 27.81 54.31
CA GLN J 670 -25.32 27.52 52.98
C GLN J 670 -24.64 28.77 52.43
N MET J 671 -23.61 28.56 51.62
CA MET J 671 -22.80 29.64 51.08
C MET J 671 -22.79 29.56 49.56
N ASP J 672 -22.85 30.72 48.91
CA ASP J 672 -22.87 30.77 47.45
C ASP J 672 -22.17 32.06 47.01
N TYR J 673 -21.73 32.05 45.75
CA TYR J 673 -20.96 33.14 45.18
C TYR J 673 -21.68 33.69 43.96
N ASP J 674 -21.79 35.02 43.88
CA ASP J 674 -22.43 35.70 42.76
C ASP J 674 -21.38 36.44 41.96
N PRO J 675 -20.91 35.91 40.82
CA PRO J 675 -19.80 36.56 40.12
C PRO J 675 -20.15 37.93 39.56
N LEU J 676 -21.41 38.16 39.18
CA LEU J 676 -21.74 39.39 38.46
C LEU J 676 -21.44 40.63 39.29
N THR J 677 -21.79 40.63 40.57
CA THR J 677 -21.55 41.75 41.46
C THR J 677 -20.41 41.50 42.44
N GLN J 678 -19.66 40.41 42.28
CA GLN J 678 -18.56 40.08 43.17
C GLN J 678 -19.05 40.05 44.62
N GLU J 679 -19.99 39.13 44.90
CA GLU J 679 -20.69 39.10 46.16
C GLU J 679 -20.73 37.68 46.71
N LEU J 680 -20.71 37.57 48.03
CA LEU J 680 -20.86 36.31 48.74
C LEU J 680 -22.18 36.31 49.48
N ILE J 681 -22.93 35.22 49.39
CA ILE J 681 -24.29 35.14 49.89
C ILE J 681 -24.42 33.98 50.86
N PHE J 682 -25.08 34.23 51.99
CA PHE J 682 -25.41 33.22 52.96
C PHE J 682 -26.92 33.05 53.02
N GLN J 683 -27.39 31.82 53.20
CA GLN J 683 -28.81 31.52 53.26
C GLN J 683 -29.05 30.30 54.12
N GLY J 684 -30.14 30.32 54.87
CA GLY J 684 -30.56 29.16 55.65
C GLY J 684 -31.23 28.14 54.75
N VAL J 685 -31.08 26.86 55.12
CA VAL J 685 -31.57 25.75 54.32
C VAL J 685 -32.41 24.83 55.19
N ASN J 686 -33.36 24.16 54.54
CA ASN J 686 -34.22 23.17 55.16
C ASN J 686 -33.96 21.80 54.53
N ALA J 687 -34.52 20.76 55.14
CA ALA J 687 -34.38 19.41 54.61
C ALA J 687 -35.15 19.30 53.30
N GLU J 688 -34.92 18.22 52.55
CA GLU J 688 -35.55 17.98 51.26
C GLU J 688 -35.08 18.97 50.20
N ASN J 689 -33.90 19.56 50.38
CA ASN J 689 -33.31 20.50 49.43
C ASN J 689 -34.12 21.78 49.29
N GLN J 690 -34.98 22.07 50.26
CA GLN J 690 -35.74 23.32 50.23
C GLN J 690 -34.97 24.43 50.95
N LEU J 691 -35.28 25.66 50.58
CA LEU J 691 -34.56 26.83 51.05
C LEU J 691 -35.48 27.71 51.89
N GLY J 692 -34.87 28.42 52.84
CA GLY J 692 -35.60 29.31 53.73
C GLY J 692 -35.67 30.73 53.20
N THR J 693 -36.10 31.63 54.09
CA THR J 693 -36.27 33.04 53.74
C THR J 693 -35.13 33.93 54.19
N THR J 694 -34.32 33.46 55.15
CA THR J 694 -33.21 34.28 55.64
C THR J 694 -32.11 34.37 54.59
N ARG J 695 -31.47 35.53 54.52
CA ARG J 695 -30.39 35.74 53.56
C ARG J 695 -29.49 36.87 54.06
N ALA J 696 -28.25 36.85 53.59
CA ALA J 696 -27.27 37.87 53.94
C ALA J 696 -26.30 38.04 52.78
N SER J 697 -25.62 39.18 52.75
CA SER J 697 -24.73 39.53 51.66
C SER J 697 -23.47 40.18 52.21
N ILE J 698 -22.32 39.83 51.62
CA ILE J 698 -21.03 40.36 52.06
C ILE J 698 -20.15 40.59 50.83
N PRO J 699 -19.57 41.78 50.66
CA PRO J 699 -18.64 41.97 49.54
C PRO J 699 -17.37 41.17 49.72
N ALA J 700 -16.69 40.90 48.60
CA ALA J 700 -15.46 40.12 48.64
C ALA J 700 -14.26 40.95 49.07
N ALA J 701 -14.29 42.27 48.83
CA ALA J 701 -13.13 43.10 49.11
C ALA J 701 -12.77 43.08 50.59
N ASP J 702 -13.75 43.32 51.46
CA ASP J 702 -13.49 43.29 52.89
C ASP J 702 -13.12 41.91 53.39
N PHE J 703 -13.67 40.84 52.79
CA PHE J 703 -13.26 39.49 53.17
C PHE J 703 -11.79 39.27 52.86
N ARG J 704 -11.35 39.69 51.67
CA ARG J 704 -9.93 39.57 51.32
C ARG J 704 -9.07 40.42 52.25
N ASN J 705 -9.54 41.62 52.60
CA ASN J 705 -8.79 42.46 53.51
C ASN J 705 -8.64 41.79 54.88
N THR J 706 -9.72 41.17 55.38
CA THR J 706 -9.63 40.47 56.65
C THR J 706 -8.69 39.27 56.57
N VAL J 707 -8.72 38.53 55.46
CA VAL J 707 -7.82 37.40 55.30
C VAL J 707 -6.37 37.88 55.33
N ARG J 708 -6.08 38.95 54.60
CA ARG J 708 -4.72 39.48 54.59
C ARG J 708 -4.31 40.00 55.96
N GLY J 709 -5.24 40.62 56.69
CA GLY J 709 -4.93 41.06 58.04
C GLY J 709 -4.59 39.91 58.97
N VAL J 710 -5.34 38.80 58.86
CA VAL J 710 -5.04 37.63 59.67
C VAL J 710 -3.68 37.06 59.30
N GLN J 711 -3.39 36.98 58.00
CA GLN J 711 -2.11 36.44 57.55
C GLN J 711 -0.95 37.31 58.05
N ASN J 712 -1.11 38.63 58.02
CA ASN J 712 -0.06 39.51 58.51
C ASN J 712 0.21 39.29 59.98
N THR J 713 -0.84 39.14 60.79
CA THR J 713 -0.64 38.85 62.21
C THR J 713 0.05 37.51 62.40
N LEU J 714 -0.31 36.51 61.60
CA LEU J 714 0.31 35.20 61.71
C LEU J 714 1.81 35.28 61.41
N THR J 715 2.17 35.94 60.31
CA THR J 715 3.56 36.00 59.88
C THR J 715 4.32 37.16 60.50
N GLN J 716 3.66 38.03 61.26
CA GLN J 716 4.31 39.17 61.91
C GLN J 716 4.84 40.16 60.87
N ASN J 717 3.96 40.54 59.95
CA ASN J 717 4.28 41.52 58.91
C ASN J 717 5.43 41.03 58.01
N GLY J 718 5.65 39.72 57.98
CA GLY J 718 6.65 39.15 57.11
C GLY J 718 8.08 39.29 57.59
N SER J 719 8.29 39.82 58.80
CA SER J 719 9.65 39.97 59.32
C SER J 719 10.20 38.69 59.92
N GLY J 720 9.35 37.72 60.21
CA GLY J 720 9.81 36.46 60.78
C GLY J 720 9.91 36.51 62.29
N THR J 721 10.29 35.37 62.85
CA THR J 721 10.44 35.24 64.29
C THR J 721 11.69 35.99 64.76
N THR J 722 11.74 36.26 66.07
CA THR J 722 12.84 37.01 66.66
C THR J 722 13.36 36.38 67.94
N GLN J 723 13.01 35.13 68.23
CA GLN J 723 13.52 34.48 69.42
C GLN J 723 15.02 34.22 69.29
N GLY J 724 15.71 34.28 70.41
CA GLY J 724 17.15 34.12 70.42
C GLY J 724 17.66 33.54 71.72
N ASN J 725 18.98 33.58 71.87
CA ASN J 725 19.65 33.03 73.04
C ASN J 725 20.88 33.88 73.35
N LEU J 726 21.36 33.76 74.59
CA LEU J 726 22.56 34.46 75.05
C LEU J 726 23.47 33.51 75.80
N ASN J 727 24.75 33.85 75.82
CA ASN J 727 25.74 33.13 76.63
C ASN J 727 26.17 34.04 77.78
N VAL J 728 25.77 33.67 79.00
CA VAL J 728 26.08 34.43 80.19
C VAL J 728 27.11 33.63 80.99
N PRO J 729 28.27 34.21 81.32
CA PRO J 729 29.26 33.45 82.08
C PRO J 729 28.67 32.90 83.38
N GLY J 730 28.97 31.63 83.65
CA GLY J 730 28.49 30.98 84.85
C GLY J 730 27.05 30.51 84.74
N ALA J 731 26.14 31.42 84.40
CA ALA J 731 24.72 31.08 84.36
C ALA J 731 24.36 30.20 83.17
N GLY J 732 25.16 30.22 82.11
CA GLY J 732 24.86 29.40 80.95
C GLY J 732 23.92 30.10 79.99
N PHE J 733 23.21 29.30 79.20
CA PHE J 733 22.32 29.82 78.17
C PHE J 733 21.04 30.37 78.78
N VAL J 734 20.54 31.45 78.19
CA VAL J 734 19.28 32.07 78.59
C VAL J 734 18.57 32.56 77.34
N SER J 735 17.26 32.79 77.48
CA SER J 735 16.45 33.25 76.37
C SER J 735 16.63 34.75 76.16
N PHE J 736 16.45 35.18 74.91
CA PHE J 736 16.62 36.58 74.55
C PHE J 736 15.79 36.87 73.30
N ASN J 737 15.11 38.02 73.31
CA ASN J 737 14.27 38.45 72.21
C ASN J 737 14.92 39.66 71.56
N ALA J 738 15.12 39.58 70.24
CA ALA J 738 15.82 40.62 69.49
C ALA J 738 14.87 41.62 68.83
N GLY J 739 13.59 41.58 69.14
CA GLY J 739 12.66 42.50 68.51
C GLY J 739 12.99 43.94 68.84
N ASN J 740 12.69 44.83 67.90
CA ASN J 740 12.94 46.25 68.08
C ASN J 740 11.95 47.03 67.22
N SER J 741 11.84 48.32 67.51
CA SER J 741 10.87 49.19 66.85
C SER J 741 11.47 50.05 65.75
N PHE J 742 12.71 49.76 65.32
CA PHE J 742 13.37 50.54 64.28
C PHE J 742 13.64 49.74 63.02
N GLY J 743 13.39 48.44 63.02
CA GLY J 743 13.56 47.65 61.82
C GLY J 743 14.94 47.07 61.60
N ILE J 744 15.76 46.97 62.63
CA ILE J 744 17.11 46.43 62.47
C ILE J 744 17.02 44.91 62.43
N GLN J 745 17.62 44.31 61.41
CA GLN J 745 17.50 42.87 61.20
C GLN J 745 18.20 42.11 62.33
N LYS J 746 17.76 40.87 62.55
CA LYS J 746 18.10 40.15 63.77
C LYS J 746 19.60 40.04 63.97
N ASN J 747 20.32 39.55 62.95
CA ASN J 747 21.75 39.32 63.09
C ASN J 747 22.53 40.61 63.25
N VAL J 748 21.96 41.75 62.92
CA VAL J 748 22.62 43.03 63.15
C VAL J 748 22.39 43.52 64.58
N VAL J 749 21.20 43.28 65.11
CA VAL J 749 20.93 43.61 66.52
C VAL J 749 21.81 42.75 67.43
N MET J 750 21.93 41.46 67.11
CA MET J 750 22.72 40.57 67.95
C MET J 750 24.21 40.88 67.91
N GLY J 751 24.67 41.73 66.99
CA GLY J 751 26.08 42.05 66.89
C GLY J 751 26.61 42.88 68.04
N ALA J 752 25.86 43.92 68.44
CA ALA J 752 26.34 44.82 69.47
C ALA J 752 26.23 44.22 70.86
N VAL J 753 25.21 43.39 71.10
CA VAL J 753 25.06 42.78 72.42
C VAL J 753 26.20 41.79 72.68
N ASN J 754 26.68 41.09 71.65
CA ASN J 754 27.79 40.17 71.83
C ASN J 754 29.11 40.87 72.11
N GLN J 755 29.19 42.18 71.90
CA GLN J 755 30.35 42.95 72.29
C GLN J 755 30.14 43.58 73.67
N LEU J 756 28.93 44.04 73.94
CA LEU J 756 28.62 44.57 75.27
C LEU J 756 28.84 43.50 76.34
N VAL J 757 28.40 42.27 76.06
CA VAL J 757 28.60 41.17 77.00
C VAL J 757 30.06 40.80 77.13
N SER J 758 30.82 40.85 76.03
CA SER J 758 32.24 40.51 76.06
C SER J 758 33.08 41.56 76.75
N TYR J 759 32.59 42.81 76.85
CA TYR J 759 33.28 43.87 77.57
C TYR J 759 32.87 43.94 79.03
N GLU J 760 31.56 44.03 79.31
CA GLU J 760 31.10 44.22 80.68
C GLU J 760 31.22 42.96 81.52
N GLY J 761 30.89 41.80 80.96
CA GLY J 761 30.88 40.59 81.76
C GLY J 761 29.63 40.51 82.62
N TYR J 762 29.62 39.55 83.54
CA TYR J 762 28.48 39.33 84.41
C TYR J 762 28.96 38.74 85.73
N THR J 763 28.44 39.28 86.83
CA THR J 763 28.73 38.77 88.16
C THR J 763 27.45 38.79 88.97
N PRO J 764 27.29 37.87 89.93
CA PRO J 764 26.04 37.85 90.72
C PRO J 764 25.77 39.15 91.46
N SER J 765 26.80 39.81 91.98
CA SER J 765 26.61 41.00 92.79
C SER J 765 26.44 42.27 91.96
N LYS J 766 26.72 42.22 90.66
CA LYS J 766 26.60 43.39 89.80
C LYS J 766 25.78 43.15 88.54
N GLY J 767 25.49 41.91 88.18
CA GLY J 767 24.75 41.67 86.95
C GLY J 767 25.51 42.21 85.75
N PHE J 768 24.78 42.93 84.89
CA PHE J 768 25.39 43.53 83.70
C PHE J 768 25.83 44.98 83.94
N SER J 769 25.79 45.45 85.18
CA SER J 769 26.30 46.77 85.53
C SER J 769 25.42 47.88 84.93
N VAL J 770 24.11 47.70 85.00
CA VAL J 770 23.19 48.72 84.53
C VAL J 770 23.05 49.81 85.58
N LEU J 771 23.31 51.05 85.19
CA LEU J 771 23.24 52.17 86.12
C LEU J 771 22.46 53.33 85.49
N GLU J 783 16.43 53.50 87.42
CA GLU J 783 15.22 53.27 88.21
C GLU J 783 15.24 51.89 88.85
N ASP J 784 14.17 51.57 89.59
CA ASP J 784 14.11 50.29 90.28
C ASP J 784 13.97 49.13 89.31
N LYS J 785 13.30 49.34 88.17
CA LYS J 785 13.05 48.25 87.23
C LYS J 785 14.16 48.06 86.22
N TYR J 786 15.20 48.91 86.24
CA TYR J 786 16.34 48.77 85.35
C TYR J 786 17.58 48.23 86.05
N VAL J 787 17.49 47.87 87.33
CA VAL J 787 18.64 47.42 88.11
C VAL J 787 18.35 46.04 88.69
N LYS J 788 19.41 45.28 88.92
CA LYS J 788 19.28 43.94 89.47
C LYS J 788 19.18 43.98 90.98
N GLN J 789 18.25 43.20 91.53
CA GLN J 789 18.13 43.05 92.98
C GLN J 789 18.85 41.77 93.42
N ALA J 790 19.00 41.63 94.73
CA ALA J 790 19.74 40.50 95.28
C ALA J 790 19.09 39.16 94.95
N THR J 791 17.77 39.11 94.84
CA THR J 791 17.06 37.85 94.65
C THR J 791 16.76 37.52 93.20
N ASP J 792 17.20 38.35 92.25
CA ASP J 792 16.87 38.11 90.85
C ASP J 792 17.66 36.94 90.30
N THR J 793 17.00 36.13 89.48
CA THR J 793 17.68 35.08 88.73
C THR J 793 18.30 35.68 87.47
N PRO J 794 19.27 34.99 86.86
CA PRO J 794 19.92 35.57 85.67
C PRO J 794 18.95 35.88 84.55
N GLN J 795 17.89 35.09 84.37
CA GLN J 795 16.92 35.39 83.32
C GLN J 795 16.24 36.73 83.58
N VAL J 796 15.85 36.98 84.83
CA VAL J 796 15.21 38.26 85.15
C VAL J 796 16.17 39.42 84.92
N ALA J 797 17.44 39.26 85.31
CA ALA J 797 18.41 40.32 85.08
C ALA J 797 18.60 40.58 83.59
N ALA J 798 18.63 39.52 82.78
CA ALA J 798 18.76 39.69 81.34
C ALA J 798 17.55 40.42 80.76
N ASP J 799 16.35 40.09 81.25
CA ASP J 799 15.16 40.79 80.78
C ASP J 799 15.25 42.28 81.07
N LYS J 800 15.66 42.64 82.29
CA LYS J 800 15.82 44.05 82.65
C LYS J 800 16.89 44.71 81.79
N PHE J 801 17.99 44.00 81.52
CA PHE J 801 19.04 44.57 80.68
C PHE J 801 18.52 44.87 79.28
N ASN J 802 17.77 43.93 78.69
CA ASN J 802 17.20 44.16 77.37
C ASN J 802 16.22 45.33 77.37
N MET J 803 15.37 45.40 78.41
CA MET J 803 14.44 46.52 78.50
C MET J 803 15.17 47.84 78.61
N TYR J 804 16.22 47.90 79.44
CA TYR J 804 16.99 49.14 79.57
C TYR J 804 17.62 49.53 78.24
N LEU J 805 18.21 48.55 77.54
CA LEU J 805 18.75 48.84 76.22
C LEU J 805 17.67 49.47 75.33
N ASN J 806 16.59 48.73 75.10
CA ASN J 806 15.56 49.19 74.17
C ASN J 806 14.97 50.53 74.58
N ASP J 807 14.98 50.85 75.87
CA ASP J 807 14.32 52.07 76.33
C ASP J 807 15.26 53.27 76.41
N LYS J 808 16.58 53.05 76.51
CA LYS J 808 17.49 54.15 76.80
C LYS J 808 18.75 54.19 75.94
N VAL J 809 18.88 53.35 74.91
CA VAL J 809 20.08 53.37 74.09
C VAL J 809 19.73 53.66 72.63
N TYR J 810 18.92 52.78 72.02
CA TYR J 810 18.61 52.93 70.60
C TYR J 810 18.03 54.29 70.25
N PRO J 811 17.11 54.87 71.02
CA PRO J 811 16.55 56.17 70.64
C PRO J 811 17.59 57.27 70.50
N LEU J 812 18.72 57.16 71.21
CA LEU J 812 19.77 58.16 71.13
C LEU J 812 20.82 57.85 70.07
N VAL J 813 20.88 56.62 69.59
CA VAL J 813 21.88 56.23 68.59
C VAL J 813 21.31 56.28 67.19
N MET J 814 20.05 55.88 67.01
CA MET J 814 19.44 55.83 65.69
C MET J 814 19.41 57.21 65.03
N PRO J 815 19.03 58.27 65.74
CA PRO J 815 18.93 59.59 65.09
C PRO J 815 20.23 60.06 64.47
N LYS J 816 21.39 59.61 64.96
CA LYS J 816 22.67 60.07 64.45
C LYS J 816 23.21 59.21 63.31
N MET J 817 22.45 58.19 62.88
CA MET J 817 22.88 57.36 61.76
C MET J 817 22.48 57.95 60.41
N GLU J 818 21.69 59.02 60.39
CA GLU J 818 21.27 59.62 59.12
C GLU J 818 22.41 60.34 58.41
N GLN J 819 23.53 60.58 59.11
CA GLN J 819 24.61 61.38 58.56
C GLN J 819 25.65 60.56 57.81
N TYR J 820 25.64 59.24 57.96
CA TYR J 820 26.69 58.38 57.42
C TYR J 820 26.22 57.49 56.29
N LYS J 821 25.25 57.93 55.50
CA LYS J 821 24.75 57.09 54.40
C LYS J 821 25.60 57.20 53.15
N ASN J 822 26.55 58.14 53.09
CA ASN J 822 27.44 58.20 51.94
C ASN J 822 28.47 57.08 51.96
N LEU J 823 28.85 56.62 53.14
CA LEU J 823 29.87 55.60 53.28
C LEU J 823 29.32 54.22 52.92
N PRO J 824 30.20 53.26 52.65
CA PRO J 824 29.73 51.89 52.39
C PRO J 824 28.95 51.34 53.57
N GLY J 825 28.29 50.21 53.34
CA GLY J 825 27.46 49.62 54.38
C GLY J 825 28.24 49.11 55.58
N TYR J 826 29.36 48.44 55.34
CA TYR J 826 30.10 47.82 56.44
C TYR J 826 30.78 48.87 57.32
N ILE J 827 31.15 50.02 56.76
CA ILE J 827 31.65 51.11 57.60
C ILE J 827 30.55 51.57 58.55
N GLN J 828 29.32 51.71 58.06
CA GLN J 828 28.22 52.08 58.92
C GLN J 828 27.98 51.02 59.99
N ASN J 829 28.07 49.75 59.61
CA ASN J 829 27.91 48.67 60.58
C ASN J 829 28.97 48.75 61.67
N ASN J 830 30.22 49.02 61.29
CA ASN J 830 31.27 49.19 62.28
C ASN J 830 31.01 50.38 63.19
N ILE J 831 30.52 51.49 62.63
CA ILE J 831 30.24 52.67 63.44
C ILE J 831 29.12 52.38 64.43
N TYR J 832 28.14 51.56 64.02
CA TYR J 832 27.01 51.28 64.89
C TYR J 832 27.45 50.65 66.21
N ASN J 833 28.33 49.65 66.13
CA ASN J 833 28.78 48.97 67.34
C ASN J 833 29.50 49.94 68.28
N ALA J 834 30.40 50.76 67.73
CA ALA J 834 31.12 51.71 68.56
C ALA J 834 30.17 52.72 69.21
N LEU J 835 29.21 53.23 68.46
CA LEU J 835 28.25 54.17 69.03
C LEU J 835 27.43 53.52 70.14
N VAL J 836 26.97 52.29 69.94
CA VAL J 836 26.20 51.61 70.98
C VAL J 836 27.05 51.41 72.22
N GLU J 837 28.30 50.96 72.04
CA GLU J 837 29.18 50.72 73.17
C GLU J 837 29.42 52.01 73.95
N THR J 838 29.68 53.12 73.27
CA THR J 838 29.92 54.38 73.96
C THR J 838 28.67 54.87 74.67
N THR J 839 27.51 54.77 74.00
CA THR J 839 26.27 55.26 74.61
C THR J 839 25.92 54.45 75.86
N TYR J 840 26.17 53.14 75.84
CA TYR J 840 25.86 52.32 77.00
C TYR J 840 26.66 52.76 78.23
N HIS J 841 27.94 53.06 78.04
CA HIS J 841 28.81 53.41 79.15
C HIS J 841 28.73 54.89 79.53
N SER J 842 28.18 55.74 78.67
CA SER J 842 28.13 57.17 78.97
C SER J 842 26.74 57.77 78.91
N GLY J 843 25.73 57.06 78.41
CA GLY J 843 24.40 57.63 78.32
C GLY J 843 24.30 58.85 77.43
N ASN J 844 25.28 59.07 76.57
CA ASN J 844 25.30 60.24 75.70
C ASN J 844 26.13 59.90 74.46
N SER J 845 25.50 60.00 73.29
CA SER J 845 26.16 59.61 72.05
C SER J 845 26.99 60.73 71.43
N ASP J 846 27.01 61.92 72.03
CA ASP J 846 27.75 63.04 71.47
C ASP J 846 29.24 62.99 71.79
N VAL J 847 29.66 62.09 72.69
CA VAL J 847 31.06 62.08 73.11
C VAL J 847 31.96 61.59 71.98
N PHE J 848 31.55 60.54 71.27
CA PHE J 848 32.37 59.93 70.24
C PHE J 848 32.04 60.41 68.84
N ASP J 849 30.80 60.88 68.61
CA ASP J 849 30.46 61.43 67.31
C ASP J 849 31.31 62.65 67.00
N LYS J 850 31.70 63.41 68.02
CA LYS J 850 32.57 64.55 67.81
C LYS J 850 33.89 64.12 67.17
N TYR J 851 34.52 63.09 67.71
CA TYR J 851 35.79 62.62 67.15
C TYR J 851 35.59 61.94 65.81
N ILE J 852 34.45 61.27 65.61
CA ILE J 852 34.18 60.69 64.29
C ILE J 852 34.09 61.80 63.24
N GLN J 853 33.38 62.89 63.56
CA GLN J 853 33.29 64.01 62.63
C GLN J 853 34.65 64.66 62.42
N THR J 854 35.45 64.77 63.49
CA THR J 854 36.78 65.34 63.34
C THR J 854 37.62 64.50 62.39
N ALA J 855 37.57 63.17 62.53
CA ALA J 855 38.35 62.30 61.67
C ALA J 855 37.87 62.40 60.22
N LEU J 856 36.55 62.44 60.01
CA LEU J 856 36.03 62.42 58.64
C LEU J 856 36.24 63.76 57.93
N TYR J 857 36.02 64.87 58.62
CA TYR J 857 36.09 66.19 58.01
C TYR J 857 36.96 67.19 58.76
N GLY J 858 37.22 67.00 60.04
CA GLY J 858 37.96 67.96 60.84
C GLY J 858 39.45 67.81 60.66
N ASN J 859 40.19 68.50 61.55
CA ASN J 859 41.65 68.47 61.54
C ASN J 859 42.12 67.21 62.25
N VAL J 860 42.84 66.34 61.51
CA VAL J 860 43.31 65.09 62.07
C VAL J 860 44.29 65.27 63.21
N GLN J 861 44.90 66.45 63.32
CA GLN J 861 45.90 66.67 64.37
C GLN J 861 45.28 66.70 65.75
N GLU J 862 43.96 66.85 65.86
CA GLU J 862 43.32 66.92 67.16
C GLU J 862 42.91 65.55 67.71
N ILE J 863 43.07 64.50 66.91
CA ILE J 863 42.69 63.14 67.31
C ILE J 863 43.44 62.72 68.57
N PRO J 864 44.76 62.86 68.66
CA PRO J 864 45.48 62.32 69.82
C PRO J 864 45.08 62.96 71.14
N THR J 865 44.31 64.04 71.14
CA THR J 865 43.84 64.64 72.38
C THR J 865 42.73 63.82 73.04
N PHE J 866 42.22 62.78 72.38
CA PHE J 866 41.15 61.99 72.96
C PHE J 866 41.60 61.27 74.23
N LYS J 867 42.91 61.11 74.42
CA LYS J 867 43.42 60.35 75.55
C LYS J 867 43.17 61.05 76.89
N ASP J 868 42.79 62.33 76.86
CA ASP J 868 42.54 63.08 78.08
C ASP J 868 41.09 63.06 78.53
N THR J 869 40.20 62.42 77.77
CA THR J 869 38.79 62.40 78.14
C THR J 869 38.54 61.36 79.23
N PRO J 870 37.53 61.57 80.07
CA PRO J 870 37.20 60.55 81.08
C PRO J 870 36.84 59.20 80.48
N LEU J 871 36.24 59.20 79.28
CA LEU J 871 35.83 57.94 78.66
C LEU J 871 37.03 57.04 78.41
N PHE J 872 38.17 57.60 78.01
CA PHE J 872 39.38 56.82 77.82
C PHE J 872 39.96 56.37 79.15
N LYS J 873 39.99 57.26 80.14
CA LYS J 873 40.60 56.94 81.43
C LYS J 873 39.86 55.80 82.11
N ASP J 874 38.52 55.82 82.06
CA ASP J 874 37.73 54.81 82.75
C ASP J 874 37.97 53.41 82.19
N ALA J 875 38.33 53.28 80.92
CA ALA J 875 38.47 51.99 80.27
C ALA J 875 39.89 51.46 80.30
N GLY J 876 40.82 52.15 80.95
CA GLY J 876 42.19 51.70 81.01
C GLY J 876 43.07 52.33 79.95
N ALA J 877 44.37 52.48 80.25
CA ALA J 877 45.28 53.14 79.33
C ALA J 877 45.78 52.23 78.22
N GLY J 878 45.65 50.92 78.37
CA GLY J 878 46.14 49.99 77.35
C GLY J 878 45.24 48.79 77.13
N SER J 879 43.96 48.93 77.46
CA SER J 879 43.04 47.81 77.36
C SER J 879 42.60 47.60 75.92
N ARG J 880 42.06 46.41 75.65
CA ARG J 880 41.57 46.07 74.32
C ARG J 880 40.48 47.03 73.87
N ARG J 881 39.70 47.55 74.82
CA ARG J 881 38.59 48.42 74.47
C ARG J 881 39.06 49.66 73.75
N ASN J 882 40.18 50.24 74.18
CA ASN J 882 40.70 51.44 73.56
C ASN J 882 41.37 51.17 72.22
N VAL J 883 42.04 50.03 72.07
CA VAL J 883 42.61 49.66 70.77
C VAL J 883 41.49 49.49 69.75
N ASP J 884 40.40 48.83 70.15
CA ASP J 884 39.25 48.69 69.26
C ASP J 884 38.70 50.05 68.84
N ARG J 885 38.69 51.01 69.76
CA ARG J 885 38.20 52.34 69.41
C ARG J 885 39.15 53.05 68.45
N TYR J 886 40.46 52.95 68.69
CA TYR J 886 41.42 53.62 67.82
C TYR J 886 41.47 53.00 66.42
N GLN J 887 41.17 51.71 66.29
CA GLN J 887 41.20 51.10 64.96
C GLN J 887 40.20 51.76 64.02
N LEU J 888 38.99 52.06 64.51
CA LEU J 888 37.98 52.68 63.67
C LEU J 888 38.45 54.05 63.18
N LEU J 889 39.03 54.85 64.08
CA LEU J 889 39.52 56.17 63.68
C LEU J 889 40.70 56.06 62.73
N GLY J 890 41.55 55.06 62.89
CA GLY J 890 42.65 54.87 61.96
C GLY J 890 42.18 54.44 60.58
N SER J 891 41.07 53.69 60.51
CA SER J 891 40.52 53.30 59.22
C SER J 891 39.76 54.42 58.54
N LEU J 892 39.07 55.26 59.31
CA LEU J 892 38.34 56.38 58.72
C LEU J 892 39.29 57.36 58.03
N VAL J 893 40.45 57.61 58.64
CA VAL J 893 41.43 58.50 58.01
C VAL J 893 41.91 57.92 56.70
N THR J 894 42.18 56.62 56.66
CA THR J 894 42.60 56.00 55.40
C THR J 894 41.51 56.10 54.34
N TYR J 895 40.25 55.87 54.73
CA TYR J 895 39.15 56.00 53.78
C TYR J 895 39.08 57.42 53.23
N ARG J 896 39.21 58.41 54.11
CA ARG J 896 39.21 59.81 53.67
C ARG J 896 40.35 60.06 52.69
N THR J 897 41.53 59.53 52.99
CA THR J 897 42.68 59.75 52.10
C THR J 897 42.44 59.14 50.74
N ASN J 898 41.87 57.93 50.69
CA ASN J 898 41.69 57.23 49.42
C ASN J 898 40.57 57.82 48.56
N ASN J 899 39.77 58.74 49.10
CA ASN J 899 38.68 59.37 48.36
C ASN J 899 38.77 60.88 48.54
N PRO J 900 39.63 61.55 47.76
CA PRO J 900 39.81 63.00 47.94
C PRO J 900 38.56 63.82 47.65
N ASN J 901 37.59 63.27 46.93
CA ASN J 901 36.37 64.00 46.58
C ASN J 901 35.27 63.85 47.61
N LEU J 902 35.55 63.20 48.74
CA LEU J 902 34.54 63.02 49.78
C LEU J 902 33.99 64.37 50.22
N SER J 903 32.67 64.47 50.33
CA SER J 903 32.02 65.70 50.74
C SER J 903 31.67 65.67 52.22
N ALA K 49 104.97 -19.30 -21.67
CA ALA K 49 103.92 -18.83 -20.77
C ALA K 49 104.48 -17.84 -19.75
N SER K 50 105.77 -17.99 -19.42
CA SER K 50 106.41 -17.10 -18.46
C SER K 50 106.50 -15.69 -19.00
N VAL K 51 106.68 -15.54 -20.32
CA VAL K 51 106.86 -14.22 -20.91
C VAL K 51 105.64 -13.35 -20.69
N LYS K 52 104.44 -13.92 -20.79
CA LYS K 52 103.23 -13.13 -20.61
C LYS K 52 103.18 -12.51 -19.23
N THR K 53 103.40 -13.31 -18.19
CA THR K 53 103.39 -12.81 -16.83
C THR K 53 104.53 -11.81 -16.61
N ALA K 54 105.71 -12.10 -17.18
CA ALA K 54 106.84 -11.19 -16.99
C ALA K 54 106.56 -9.82 -17.58
N GLN K 55 105.93 -9.78 -18.76
CA GLN K 55 105.62 -8.49 -19.36
C GLN K 55 104.46 -7.81 -18.64
N ALA K 56 103.48 -8.58 -18.16
CA ALA K 56 102.36 -7.98 -17.45
C ALA K 56 102.80 -7.33 -16.16
N ALA K 57 103.74 -7.98 -15.43
CA ALA K 57 104.21 -7.43 -14.18
C ALA K 57 104.88 -6.07 -14.38
N GLN K 58 105.72 -5.93 -15.40
CA GLN K 58 106.37 -4.66 -15.65
C GLN K 58 105.36 -3.57 -15.97
N GLN K 59 104.35 -3.89 -16.78
CA GLN K 59 103.35 -2.90 -17.14
C GLN K 59 102.53 -2.45 -15.93
N THR K 60 102.09 -3.40 -15.10
CA THR K 60 101.32 -3.02 -13.92
C THR K 60 102.17 -2.21 -12.96
N ALA K 61 103.44 -2.57 -12.80
CA ALA K 61 104.33 -1.79 -11.95
C ALA K 61 104.50 -0.37 -12.48
N SER K 62 104.66 -0.22 -13.79
CA SER K 62 104.78 1.10 -14.38
C SER K 62 103.51 1.92 -14.17
N ALA K 63 102.35 1.29 -14.30
CA ALA K 63 101.09 1.99 -14.06
C ALA K 63 101.00 2.47 -12.62
N LYS K 64 101.35 1.59 -11.67
CA LYS K 64 101.33 1.99 -10.26
C LYS K 64 102.29 3.13 -10.00
N GLY K 65 103.50 3.06 -10.58
CA GLY K 65 104.45 4.15 -10.43
C GLY K 65 103.97 5.47 -10.99
N TYR K 66 103.34 5.45 -12.16
CA TYR K 66 102.77 6.67 -12.72
C TYR K 66 101.68 7.23 -11.82
N LEU K 67 100.78 6.36 -11.33
CA LEU K 67 99.71 6.84 -10.47
C LEU K 67 100.28 7.46 -9.19
N GLU K 68 101.31 6.85 -8.61
CA GLU K 68 101.90 7.37 -7.39
C GLU K 68 102.71 8.64 -7.62
N GLY K 69 103.35 8.78 -8.79
CA GLY K 69 104.17 9.95 -9.03
C GLY K 69 103.40 11.15 -9.55
N GLN K 70 102.19 10.92 -10.08
CA GLN K 70 101.42 12.04 -10.61
C GLN K 70 101.15 13.11 -9.55
N GLN K 71 101.03 12.71 -8.29
CA GLN K 71 100.68 13.66 -7.23
C GLN K 71 101.86 14.49 -6.75
N ASP K 72 103.05 14.33 -7.35
CA ASP K 72 104.22 15.09 -6.92
C ASP K 72 104.44 16.35 -7.76
N SER K 73 103.97 16.36 -9.01
CA SER K 73 104.19 17.50 -9.88
C SER K 73 103.31 18.68 -9.46
N GLN K 74 103.54 19.82 -10.10
CA GLN K 74 102.74 21.01 -9.82
C GLN K 74 101.29 20.76 -10.20
N GLN K 75 100.38 21.46 -9.50
CA GLN K 75 98.94 21.24 -9.59
C GLN K 75 98.56 19.97 -8.82
N GLY K 76 99.56 19.29 -8.26
CA GLY K 76 99.33 18.17 -7.37
C GLY K 76 99.70 18.54 -5.94
N ARG K 77 100.76 19.33 -5.80
CA ARG K 77 101.17 19.79 -4.47
C ARG K 77 100.18 20.77 -3.90
N GLU K 78 99.68 21.70 -4.72
CA GLU K 78 98.69 22.67 -4.23
C GLU K 78 97.42 22.00 -3.75
N LYS K 79 97.08 20.83 -4.30
CA LYS K 79 95.94 20.08 -3.79
C LYS K 79 96.17 19.61 -2.36
N GLN K 80 97.42 19.24 -2.04
CA GLN K 80 97.73 18.82 -0.67
C GLN K 80 97.57 19.97 0.32
N VAL K 81 97.94 21.19 -0.09
CA VAL K 81 97.79 22.34 0.79
C VAL K 81 96.32 22.57 1.12
N ARG K 82 95.45 22.46 0.11
CA ARG K 82 94.02 22.63 0.34
C ARG K 82 93.50 21.58 1.32
N ASN K 83 93.95 20.33 1.18
CA ASN K 83 93.50 19.28 2.08
C ASN K 83 93.95 19.55 3.51
N PHE K 84 95.17 20.07 3.69
CA PHE K 84 95.69 20.27 5.03
C PHE K 84 94.83 21.27 5.81
N PHE K 85 94.53 22.41 5.22
CA PHE K 85 93.73 23.42 5.91
C PHE K 85 92.32 22.92 6.19
N THR K 86 91.72 22.20 5.24
CA THR K 86 90.37 21.68 5.45
C THR K 86 90.32 20.75 6.65
N LYS K 87 91.40 19.98 6.88
CA LYS K 87 91.45 19.12 8.05
C LYS K 87 91.42 19.93 9.34
N GLU K 88 92.11 21.07 9.36
CA GLU K 88 92.15 21.88 10.58
C GLU K 88 90.83 22.59 10.83
N ALA K 89 89.94 22.63 9.83
CA ALA K 89 88.71 23.40 9.97
C ALA K 89 87.72 22.70 10.90
N TYR K 90 87.28 21.50 10.53
CA TYR K 90 86.26 20.80 11.30
C TYR K 90 86.80 20.11 12.55
N GLU K 91 88.12 19.93 12.63
CA GLU K 91 88.71 19.24 13.77
C GLU K 91 88.60 20.05 15.05
N GLN K 92 88.37 21.36 14.96
CA GLN K 92 88.12 22.19 16.14
C GLN K 92 86.64 22.35 16.42
N GLY K 93 85.80 22.38 15.38
CA GLY K 93 84.37 22.37 15.61
C GLY K 93 83.92 21.11 16.33
N TYR K 94 84.51 19.97 15.98
CA TYR K 94 84.21 18.74 16.70
C TYR K 94 84.54 18.86 18.19
N ASN K 95 85.72 19.41 18.51
CA ASN K 95 86.11 19.58 19.90
C ASN K 95 85.14 20.51 20.64
N SER K 96 84.78 21.61 20.00
CA SER K 96 83.85 22.56 20.62
C SER K 96 82.51 21.89 20.91
N ALA K 97 81.97 21.15 19.94
CA ALA K 97 80.71 20.47 20.14
C ALA K 97 80.82 19.45 21.27
N SER K 98 81.92 18.70 21.31
CA SER K 98 82.09 17.69 22.34
C SER K 98 82.12 18.31 23.73
N VAL K 99 82.83 19.44 23.87
CA VAL K 99 82.89 20.10 25.17
C VAL K 99 81.52 20.64 25.58
N ASN K 100 80.84 21.33 24.66
CA ASN K 100 79.57 21.96 24.99
C ASN K 100 78.52 20.92 25.34
N SER K 101 78.47 19.81 24.60
CA SER K 101 77.48 18.79 24.89
C SER K 101 77.63 18.20 26.28
N ALA K 102 78.87 17.94 26.71
CA ALA K 102 79.10 17.40 28.05
C ALA K 102 78.75 18.42 29.12
N LEU K 103 79.16 19.69 28.93
CA LEU K 103 78.86 20.70 29.93
C LEU K 103 77.36 20.87 30.10
N ALA K 104 76.62 20.94 28.99
CA ALA K 104 75.18 21.12 29.07
C ALA K 104 74.51 19.94 29.78
N SER K 105 74.95 18.72 29.49
CA SER K 105 74.39 17.55 30.16
C SER K 105 74.65 17.59 31.66
N PHE K 106 75.87 17.93 32.06
CA PHE K 106 76.18 17.98 33.50
C PHE K 106 75.34 19.03 34.21
N GLN K 107 75.18 20.20 33.58
CA GLN K 107 74.42 21.28 34.21
C GLN K 107 73.00 20.84 34.54
N LEU K 108 72.33 20.17 33.59
CA LEU K 108 70.98 19.69 33.84
C LEU K 108 70.96 18.50 34.79
N GLY K 109 71.99 17.64 34.73
CA GLY K 109 72.01 16.47 35.59
C GLY K 109 72.04 16.83 37.06
N LEU K 110 72.87 17.80 37.44
CA LEU K 110 72.93 18.19 38.85
C LEU K 110 71.56 18.68 39.34
N GLN K 111 70.93 19.58 38.58
CA GLN K 111 69.65 20.13 39.01
C GLN K 111 68.58 19.04 39.07
N ASN K 112 68.59 18.11 38.12
CA ASN K 112 67.61 17.04 38.14
C ASN K 112 67.83 16.10 39.31
N THR K 113 69.08 15.86 39.70
CA THR K 113 69.37 14.97 40.81
C THR K 113 69.02 15.62 42.15
N ALA K 114 69.06 16.95 42.21
CA ALA K 114 68.76 17.63 43.47
C ALA K 114 67.38 17.23 44.01
N GLN K 115 66.34 17.36 43.19
CA GLN K 115 64.99 17.04 43.65
C GLN K 115 64.83 15.55 43.91
N GLN K 116 65.47 14.71 43.10
CA GLN K 116 65.40 13.27 43.34
C GLN K 116 65.95 12.91 44.71
N TYR K 117 67.07 13.54 45.10
CA TYR K 117 67.61 13.29 46.43
C TYR K 117 66.72 13.89 47.51
N VAL K 118 66.11 15.05 47.25
CA VAL K 118 65.25 15.65 48.26
C VAL K 118 64.05 14.74 48.56
N ASN K 119 63.44 14.19 47.51
CA ASN K 119 62.25 13.37 47.69
C ASN K 119 62.51 12.12 48.52
N SER K 120 63.75 11.63 48.55
CA SER K 120 64.08 10.41 49.28
C SER K 120 64.55 10.68 50.71
N GLY K 121 64.65 11.94 51.11
CA GLY K 121 65.07 12.26 52.46
C GLY K 121 66.53 11.98 52.75
N LYS K 122 67.38 12.02 51.74
CA LYS K 122 68.81 11.82 51.94
C LYS K 122 69.41 12.98 52.72
N THR K 123 70.41 12.69 53.54
CA THR K 123 71.04 13.71 54.34
C THR K 123 71.95 14.58 53.48
N PRO K 124 72.29 15.79 53.95
CA PRO K 124 73.12 16.69 53.14
C PRO K 124 74.48 16.10 52.78
N GLU K 125 75.06 15.27 53.65
CA GLU K 125 76.38 14.72 53.37
C GLU K 125 76.36 13.85 52.11
N GLU K 126 75.31 13.03 51.95
CA GLU K 126 75.19 12.20 50.76
C GLU K 126 75.04 13.03 49.50
N PHE K 127 74.44 14.22 49.60
CA PHE K 127 74.35 15.11 48.44
C PHE K 127 75.71 15.75 48.15
N ASN K 128 76.42 16.18 49.18
CA ASN K 128 77.71 16.81 48.97
C ASN K 128 78.73 15.84 48.37
N VAL K 129 78.77 14.60 48.88
CA VAL K 129 79.70 13.63 48.32
C VAL K 129 79.36 13.35 46.85
N HIS K 130 78.07 13.24 46.54
CA HIS K 130 77.66 13.03 45.15
C HIS K 130 78.09 14.20 44.28
N VAL K 131 77.92 15.42 44.77
CA VAL K 131 78.29 16.60 43.99
C VAL K 131 79.79 16.61 43.71
N GLN K 132 80.60 16.33 44.75
CA GLN K 132 82.05 16.30 44.55
C GLN K 132 82.45 15.20 43.57
N GLN K 133 81.85 14.02 43.71
CA GLN K 133 82.20 12.92 42.81
C GLN K 133 81.84 13.25 41.37
N GLN K 134 80.67 13.86 41.16
CA GLN K 134 80.27 14.24 39.81
C GLN K 134 81.17 15.32 39.24
N THR K 135 81.56 16.30 40.05
CA THR K 135 82.44 17.35 39.57
C THR K 135 83.82 16.80 39.20
N ASN K 136 84.31 15.83 39.99
CA ASN K 136 85.64 15.29 39.73
C ASN K 136 85.71 14.62 38.37
N GLN K 137 84.67 13.87 37.99
CA GLN K 137 84.68 13.19 36.70
C GLN K 137 84.75 14.19 35.55
N LEU K 138 83.94 15.24 35.61
CA LEU K 138 83.95 16.25 34.55
C LEU K 138 85.30 16.95 34.49
N LEU K 139 85.86 17.28 35.66
CA LEU K 139 87.16 17.96 35.68
C LEU K 139 88.25 17.07 35.08
N GLN K 140 88.24 15.78 35.40
CA GLN K 140 89.23 14.87 34.82
C GLN K 140 89.02 14.73 33.32
N GLU K 141 87.78 14.61 32.87
CA GLU K 141 87.52 14.47 31.44
C GLU K 141 87.96 15.71 30.68
N ALA K 142 87.82 16.88 31.28
CA ALA K 142 88.25 18.11 30.62
C ALA K 142 89.74 18.15 30.35
N GLY K 143 90.53 17.30 31.03
CA GLY K 143 91.97 17.31 30.85
C GLY K 143 92.43 16.82 29.49
N ALA K 144 91.63 15.97 28.83
CA ALA K 144 91.94 15.47 27.49
C ALA K 144 91.27 16.28 26.39
N GLN K 145 90.06 16.78 26.64
CA GLN K 145 89.34 17.59 25.67
C GLN K 145 89.87 19.03 25.71
N GLY K 146 91.16 19.20 25.44
CA GLY K 146 91.82 20.49 25.50
C GLY K 146 92.85 20.55 26.60
N LEU K 147 93.74 21.54 26.47
CA LEU K 147 94.84 21.70 27.41
C LEU K 147 94.39 22.27 28.76
N ASN K 148 93.18 22.81 28.85
CA ASN K 148 92.73 23.52 30.04
C ASN K 148 93.65 24.69 30.39
N LEU K 149 94.47 25.13 29.43
CA LEU K 149 95.34 26.27 29.66
C LEU K 149 94.49 27.47 30.06
N ASN K 150 94.91 28.16 31.12
CA ASN K 150 94.10 29.21 31.73
C ASN K 150 94.08 30.45 30.83
N ASP K 151 93.28 30.34 29.77
CA ASP K 151 92.96 31.47 28.90
C ASP K 151 91.49 31.84 29.07
N LYS K 152 91.04 32.80 28.27
CA LYS K 152 89.73 33.42 28.48
C LYS K 152 88.60 32.40 28.38
N ASP K 153 88.61 31.54 27.36
CA ASP K 153 87.50 30.61 27.17
C ASP K 153 87.40 29.60 28.30
N TRP K 154 88.52 29.02 28.72
CA TRP K 154 88.48 28.05 29.82
C TRP K 154 88.16 28.73 31.15
N GLN K 155 88.59 29.97 31.33
CA GLN K 155 88.19 30.73 32.51
C GLN K 155 86.68 30.92 32.55
N ALA K 156 86.08 31.27 31.41
CA ALA K 156 84.62 31.38 31.36
C ALA K 156 83.95 30.03 31.62
N TRP K 157 84.52 28.95 31.09
CA TRP K 157 83.99 27.62 31.33
C TRP K 157 83.96 27.31 32.82
N LEU K 158 85.07 27.58 33.52
CA LEU K 158 85.11 27.38 34.97
C LEU K 158 84.11 28.25 35.69
N GLY K 159 83.97 29.51 35.27
CA GLY K 159 82.99 30.39 35.89
C GLY K 159 81.58 29.84 35.80
N SER K 160 81.19 29.31 34.64
CA SER K 160 79.88 28.68 34.50
C SER K 160 79.77 27.44 35.38
N VAL K 161 80.84 26.64 35.43
CA VAL K 161 80.80 25.42 36.25
C VAL K 161 80.54 25.75 37.70
N GLU K 162 81.12 26.85 38.20
CA GLU K 162 80.94 27.19 39.61
C GLU K 162 79.47 27.47 39.93
N HIS K 163 78.81 28.32 39.12
CA HIS K 163 77.42 28.65 39.37
C HIS K 163 76.51 27.43 39.15
N SER K 164 76.89 26.55 38.22
CA SER K 164 76.11 25.33 38.01
C SER K 164 76.00 24.50 39.28
N ARG K 165 76.99 24.58 40.18
CA ARG K 165 76.94 23.91 41.47
C ARG K 165 76.25 24.76 42.52
N ASN K 166 76.53 26.07 42.52
CA ASN K 166 75.94 26.94 43.53
C ASN K 166 74.42 26.92 43.47
N THR K 167 73.86 26.92 42.25
CA THR K 167 72.40 26.98 42.14
C THR K 167 71.73 25.76 42.76
N ALA K 168 72.24 24.56 42.45
CA ALA K 168 71.66 23.35 43.03
C ALA K 168 71.86 23.32 44.54
N ASN K 169 73.05 23.73 45.02
CA ASN K 169 73.27 23.76 46.45
C ASN K 169 72.28 24.68 47.14
N ALA K 170 71.90 25.78 46.48
CA ALA K 170 70.91 26.69 47.05
C ALA K 170 69.53 26.07 47.06
N SER K 171 69.13 25.44 45.95
CA SER K 171 67.75 24.94 45.84
C SER K 171 67.50 23.77 46.78
N TYR K 172 68.53 22.97 47.07
CA TYR K 172 68.35 21.79 47.90
C TYR K 172 67.80 22.15 49.28
N GLN K 173 68.24 23.28 49.85
CA GLN K 173 67.79 23.67 51.18
C GLN K 173 66.33 24.10 51.16
N ASP K 174 65.94 24.92 50.17
CA ASP K 174 64.59 25.44 50.13
C ASP K 174 63.57 24.33 49.89
N LEU K 175 63.91 23.33 49.10
CA LEU K 175 62.95 22.24 48.90
C LEU K 175 62.61 21.56 50.22
N ASN K 176 63.64 21.22 51.01
CA ASN K 176 63.40 20.62 52.31
C ASN K 176 62.66 21.58 53.24
N LEU K 177 62.94 22.88 53.13
CA LEU K 177 62.25 23.85 53.96
C LEU K 177 60.75 23.82 53.71
N LYS K 178 60.35 23.74 52.43
CA LYS K 178 58.93 23.62 52.12
C LYS K 178 58.35 22.30 52.64
N ARG K 179 59.07 21.20 52.39
CA ARG K 179 58.56 19.88 52.76
C ARG K 179 58.31 19.78 54.27
N ALA K 180 59.22 20.32 55.07
CA ALA K 180 59.07 20.22 56.52
C ALA K 180 57.80 20.94 56.99
N ALA K 181 57.53 22.13 56.46
CA ALA K 181 56.32 22.84 56.84
C ALA K 181 55.06 22.08 56.43
N VAL K 182 55.07 21.52 55.21
CA VAL K 182 53.91 20.75 54.76
C VAL K 182 53.65 19.59 55.72
N LEU K 183 54.70 18.84 56.04
CA LEU K 183 54.54 17.68 56.93
C LEU K 183 54.08 18.12 58.31
N GLN K 184 54.60 19.24 58.82
CA GLN K 184 54.18 19.72 60.13
C GLN K 184 52.69 20.05 60.15
N GLU K 185 52.22 20.72 59.10
CA GLU K 185 50.79 21.05 59.04
C GLU K 185 49.94 19.78 59.01
N GLN K 186 50.34 18.80 58.18
CA GLN K 186 49.57 17.56 58.13
C GLN K 186 49.55 16.84 59.47
N SER K 187 50.70 16.78 60.14
CA SER K 187 50.78 16.13 61.45
C SER K 187 49.91 16.84 62.47
N TRP K 188 49.89 18.18 62.43
CA TRP K 188 49.05 18.92 63.37
C TRP K 188 47.56 18.68 63.11
N GLY K 189 47.14 18.53 61.86
CA GLY K 189 45.76 18.17 61.58
C GLY K 189 45.42 16.78 62.09
N ALA K 190 46.33 15.84 61.86
CA ALA K 190 46.12 14.47 62.34
C ALA K 190 46.02 14.44 63.86
N ARG K 191 46.83 15.24 64.55
CA ARG K 191 46.75 15.33 66.00
C ARG K 191 45.41 15.89 66.47
N GLY K 192 44.80 16.77 65.68
CA GLY K 192 43.54 17.38 66.08
C GLY K 192 42.35 16.48 65.85
N ASN K 193 42.45 15.59 64.86
CA ASN K 193 41.36 14.65 64.61
C ASN K 193 41.12 13.73 65.82
N ALA K 194 42.20 13.23 66.43
CA ALA K 194 42.05 12.29 67.53
C ALA K 194 41.41 12.93 68.75
N ALA K 195 41.65 14.22 68.97
CA ALA K 195 41.02 14.89 70.10
C ALA K 195 39.50 14.88 69.97
N ILE K 196 38.99 15.17 68.78
CA ILE K 196 37.54 15.13 68.57
C ILE K 196 37.03 13.69 68.67
N ALA K 197 37.80 12.73 68.15
CA ALA K 197 37.39 11.33 68.28
C ALA K 197 37.21 10.96 69.75
N ASP K 198 38.19 11.28 70.59
CA ASP K 198 38.11 10.97 72.02
C ASP K 198 36.99 11.74 72.70
N PHE K 199 36.79 13.00 72.32
CA PHE K 199 35.70 13.79 72.91
C PHE K 199 34.35 13.15 72.63
N VAL K 200 34.15 12.69 71.39
CA VAL K 200 32.89 12.04 71.05
C VAL K 200 32.76 10.71 71.80
N THR K 201 33.84 9.94 71.90
CA THR K 201 33.76 8.65 72.58
C THR K 201 33.46 8.81 74.06
N ALA K 202 34.03 9.82 74.71
CA ALA K 202 33.93 9.93 76.16
C ALA K 202 32.48 10.08 76.62
N GLN K 203 31.72 10.94 75.96
CA GLN K 203 30.35 11.21 76.40
C GLN K 203 29.39 10.07 76.03
N GLN K 204 29.78 9.19 75.11
CA GLN K 204 28.94 8.05 74.79
C GLN K 204 28.73 7.16 76.00
N SER K 205 29.66 7.20 76.95
CA SER K 205 29.57 6.46 78.19
C SER K 205 28.92 7.25 79.32
N GLY K 206 28.51 8.50 79.06
CA GLY K 206 27.85 9.28 80.08
C GLY K 206 28.77 9.98 81.05
N ASP K 207 30.00 10.31 80.64
CA ASP K 207 30.98 10.98 81.49
C ASP K 207 31.42 12.26 80.78
N THR K 208 30.85 13.39 81.20
CA THR K 208 31.19 14.68 80.58
C THR K 208 32.54 15.19 81.08
N GLU K 209 32.88 14.91 82.33
CA GLU K 209 34.12 15.44 82.90
C GLU K 209 35.33 14.97 82.10
N GLN K 210 35.34 13.69 81.70
CA GLN K 210 36.44 13.20 80.88
C GLN K 210 36.49 13.93 79.54
N ALA K 211 35.33 14.25 78.96
CA ALA K 211 35.32 15.01 77.71
C ALA K 211 35.93 16.40 77.91
N LEU K 212 35.58 17.07 79.00
CA LEU K 212 36.17 18.38 79.28
C LEU K 212 37.67 18.27 79.48
N GLN K 213 38.12 17.25 80.19
CA GLN K 213 39.56 17.05 80.37
C GLN K 213 40.25 16.81 79.04
N ASN K 214 39.63 16.02 78.15
CA ASN K 214 40.20 15.78 76.84
C ASN K 214 40.32 17.06 76.03
N VAL K 215 39.29 17.91 76.07
CA VAL K 215 39.34 19.17 75.35
C VAL K 215 40.46 20.06 75.90
N ASN K 216 40.53 20.16 77.23
CA ASN K 216 41.57 20.98 77.84
C ASN K 216 42.96 20.47 77.52
N SER K 217 43.13 19.14 77.44
CA SER K 217 44.44 18.58 77.13
C SER K 217 44.94 19.04 75.77
N PHE K 218 44.06 19.07 74.76
CA PHE K 218 44.47 19.53 73.44
C PHE K 218 44.67 21.04 73.42
N ILE K 219 43.80 21.79 74.09
CA ILE K 219 43.94 23.25 74.09
C ILE K 219 45.28 23.65 74.71
N SER K 220 45.60 23.07 75.87
CA SER K 220 46.86 23.37 76.53
C SER K 220 48.07 22.84 75.78
N SER K 221 47.94 21.71 75.07
CA SER K 221 49.02 21.21 74.25
C SER K 221 49.31 22.16 73.08
N VAL K 222 48.27 22.73 72.48
CA VAL K 222 48.46 23.69 71.39
C VAL K 222 49.04 25.00 71.93
N THR K 223 48.59 25.42 73.11
CA THR K 223 48.98 26.75 73.61
C THR K 223 50.49 26.83 73.84
N HIS K 224 51.08 25.81 74.45
CA HIS K 224 52.45 25.90 74.94
C HIS K 224 53.50 25.56 73.90
N ASP K 225 53.11 25.10 72.71
CA ASP K 225 54.08 24.82 71.67
C ASP K 225 54.78 26.10 71.24
N ASP K 226 56.08 25.97 70.94
CA ASP K 226 56.90 27.12 70.58
C ASP K 226 57.35 27.10 69.11
N SER K 227 56.95 26.11 68.33
CA SER K 227 57.37 25.99 66.95
C SER K 227 56.38 26.60 65.97
N ILE K 228 55.33 27.28 66.44
CA ILE K 228 54.32 27.87 65.59
C ILE K 228 54.11 29.32 65.99
N THR K 229 53.61 30.11 65.05
CA THR K 229 53.41 31.54 65.26
C THR K 229 52.08 31.80 65.97
N ALA K 230 51.90 33.04 66.41
CA ALA K 230 50.71 33.40 67.18
C ALA K 230 49.43 33.23 66.37
N GLU K 231 49.46 33.66 65.10
CA GLU K 231 48.23 33.57 64.29
C GLU K 231 47.82 32.12 64.09
N ASN K 232 48.77 31.21 63.90
CA ASN K 232 48.42 29.79 63.83
C ASN K 232 47.85 29.27 65.14
N LYS K 233 48.39 29.73 66.27
CA LYS K 233 47.83 29.35 67.57
C LYS K 233 46.38 29.81 67.69
N ILE K 234 46.08 31.03 67.26
CA ILE K 234 44.71 31.51 67.30
C ILE K 234 43.82 30.70 66.36
N LYS K 235 44.32 30.43 65.15
CA LYS K 235 43.53 29.70 64.15
C LYS K 235 43.15 28.31 64.65
N TYR K 236 44.14 27.56 65.12
CA TYR K 236 43.86 26.19 65.58
C TYR K 236 42.89 26.20 66.75
N THR K 237 43.10 27.08 67.72
CA THR K 237 42.22 27.13 68.88
C THR K 237 40.80 27.49 68.48
N SER K 238 40.63 28.50 67.62
CA SER K 238 39.29 28.89 67.20
C SER K 238 38.60 27.75 66.45
N GLN K 239 39.33 27.10 65.53
CA GLN K 239 38.72 26.02 64.77
C GLN K 239 38.30 24.88 65.68
N PHE K 240 39.16 24.48 66.62
CA PHE K 240 38.82 23.38 67.51
C PHE K 240 37.64 23.74 68.40
N VAL K 241 37.63 24.97 68.94
CA VAL K 241 36.54 25.37 69.82
C VAL K 241 35.22 25.38 69.07
N VAL K 242 35.21 25.91 67.85
CA VAL K 242 33.99 25.94 67.06
C VAL K 242 33.54 24.53 66.72
N ASN K 243 34.46 23.66 66.34
CA ASN K 243 34.10 22.29 65.98
C ASN K 243 33.57 21.52 67.19
N ALA K 244 34.02 21.87 68.40
CA ALA K 244 33.58 21.13 69.58
C ALA K 244 32.08 21.24 69.79
N PHE K 245 31.50 22.42 69.55
CA PHE K 245 30.07 22.61 69.79
C PHE K 245 29.23 21.73 68.87
N ALA K 246 29.70 21.50 67.64
CA ALA K 246 28.91 20.78 66.65
C ALA K 246 28.71 19.31 67.00
N ASN K 247 29.44 18.78 67.97
CA ASN K 247 29.39 17.36 68.31
C ASN K 247 28.63 17.07 69.59
N ALA K 248 28.20 18.09 70.33
CA ALA K 248 27.43 17.86 71.54
C ALA K 248 26.08 17.23 71.21
N ASN K 249 25.70 16.23 72.00
CA ASN K 249 24.48 15.47 71.76
C ASN K 249 23.38 15.74 72.77
N SER K 250 23.53 16.74 73.63
CA SER K 250 22.51 17.05 74.63
C SER K 250 22.63 18.52 75.03
N THR K 251 21.56 19.04 75.60
CA THR K 251 21.52 20.43 76.04
C THR K 251 22.32 20.67 77.32
N GLY K 252 22.69 19.61 78.05
CA GLY K 252 23.51 19.77 79.23
C GLY K 252 24.97 19.90 78.87
N ASP K 253 25.41 19.10 77.88
CA ASP K 253 26.78 19.21 77.40
C ASP K 253 27.04 20.58 76.80
N MET K 254 26.08 21.14 76.07
CA MET K 254 26.24 22.47 75.51
C MET K 254 26.49 23.50 76.62
N GLN K 255 25.67 23.45 77.68
CA GLN K 255 25.84 24.40 78.79
C GLN K 255 27.17 24.19 79.50
N ALA K 256 27.56 22.94 79.72
CA ALA K 256 28.83 22.67 80.40
C ALA K 256 30.00 23.21 79.59
N LEU K 257 30.01 22.94 78.28
CA LEU K 257 31.09 23.43 77.43
C LEU K 257 31.09 24.94 77.33
N THR K 258 29.91 25.57 77.29
CA THR K 258 29.85 27.02 77.27
C THR K 258 30.44 27.60 78.56
N GLY K 259 30.09 27.01 79.70
CA GLY K 259 30.65 27.47 80.95
C GLY K 259 32.16 27.30 81.01
N TYR K 260 32.67 26.18 80.51
CA TYR K 260 34.12 25.95 80.53
C TYR K 260 34.84 26.95 79.63
N VAL K 261 34.29 27.18 78.43
CA VAL K 261 35.01 27.98 77.43
C VAL K 261 35.10 29.44 77.87
N GLN K 262 33.99 30.02 78.32
CA GLN K 262 33.95 31.43 78.65
C GLN K 262 34.74 31.79 79.90
N SER K 263 35.19 30.80 80.68
CA SER K 263 36.01 31.05 81.85
C SER K 263 37.50 30.80 81.59
N LEU K 264 37.83 30.09 80.53
CA LEU K 264 39.23 29.82 80.22
C LEU K 264 39.97 31.14 79.97
N SER K 265 41.13 31.29 80.62
CA SER K 265 41.88 32.54 80.49
C SER K 265 42.37 32.76 79.06
N GLU K 266 42.84 31.71 78.40
CA GLU K 266 43.38 31.85 77.05
C GLU K 266 42.34 32.32 76.05
N PHE K 267 41.05 32.13 76.35
CA PHE K 267 39.98 32.59 75.47
C PHE K 267 39.61 34.04 75.74
N LYS K 268 39.96 34.56 76.93
CA LYS K 268 39.58 35.93 77.28
C LYS K 268 40.41 36.97 76.55
N ASN K 269 41.60 36.59 76.07
CA ASN K 269 42.53 37.54 75.46
C ASN K 269 42.47 37.56 73.94
N MET K 270 41.56 36.78 73.33
CA MET K 270 41.48 36.74 71.89
C MET K 270 40.90 38.05 71.35
N PRO K 271 41.12 38.34 70.07
CA PRO K 271 40.54 39.54 69.48
C PRO K 271 39.02 39.52 69.55
N THR K 272 38.42 40.71 69.62
CA THR K 272 36.97 40.81 69.80
C THR K 272 36.22 40.17 68.64
N ASP K 273 36.70 40.34 67.41
CA ASP K 273 36.01 39.82 66.23
C ASP K 273 35.95 38.30 66.20
N VAL K 274 36.82 37.62 66.93
CA VAL K 274 36.78 36.16 67.01
C VAL K 274 35.87 35.70 68.12
N GLN K 275 35.92 36.38 69.27
CA GLN K 275 35.00 36.05 70.36
C GLN K 275 33.56 36.24 69.93
N THR K 276 33.27 37.35 69.23
CA THR K 276 31.91 37.59 68.75
C THR K 276 31.48 36.50 67.77
N GLN K 277 32.37 36.10 66.87
CA GLN K 277 32.03 35.06 65.90
C GLN K 277 31.72 33.73 66.59
N ILE K 278 32.56 33.34 67.57
CA ILE K 278 32.32 32.09 68.27
C ILE K 278 31.01 32.14 69.06
N MET K 279 30.76 33.27 69.73
CA MET K 279 29.53 33.42 70.48
C MET K 279 28.31 33.33 69.57
N GLY K 280 28.37 33.97 68.41
CA GLY K 280 27.28 33.88 67.46
C GLY K 280 27.09 32.48 66.91
N SER K 281 28.19 31.76 66.70
CA SER K 281 28.11 30.41 66.15
C SER K 281 27.53 29.41 67.14
N ALA K 282 27.84 29.52 68.43
CA ALA K 282 27.32 28.57 69.40
C ALA K 282 25.80 28.65 69.49
N GLN K 283 25.25 29.86 69.46
CA GLN K 283 23.81 30.06 69.61
C GLN K 283 23.02 29.44 68.47
N GLN K 284 23.65 29.11 67.35
CA GLN K 284 22.96 28.45 66.25
C GLN K 284 22.85 26.94 66.43
N TYR K 285 23.90 26.28 66.92
CA TYR K 285 23.76 24.89 67.31
C TYR K 285 22.81 24.76 68.50
N TYR K 286 22.74 25.81 69.32
CA TYR K 286 21.65 25.92 70.26
C TYR K 286 20.36 26.29 69.52
N GLN K 287 19.24 25.90 70.13
CA GLN K 287 17.90 25.92 69.55
C GLN K 287 17.75 24.83 68.49
N GLN K 288 18.86 24.32 67.97
CA GLN K 288 18.81 23.17 67.06
C GLN K 288 18.87 21.88 67.86
N ARG K 289 19.82 21.81 68.81
CA ARG K 289 19.80 20.71 69.76
C ARG K 289 18.55 20.74 70.63
N ALA K 290 17.82 21.86 70.65
CA ALA K 290 16.53 21.91 71.34
C ALA K 290 15.40 21.41 70.45
N SER K 291 15.39 21.81 69.18
CA SER K 291 14.35 21.33 68.27
C SER K 291 14.42 19.81 68.08
N ASP K 292 15.64 19.27 68.04
CA ASP K 292 15.78 17.82 67.87
C ASP K 292 15.15 17.06 69.03
N GLU K 293 15.36 17.54 70.26
CA GLU K 293 14.81 16.86 71.42
C GLU K 293 13.29 16.86 71.44
N SER K 294 12.66 17.83 70.77
CA SER K 294 11.21 17.85 70.67
C SER K 294 10.70 17.00 69.50
N VAL K 295 11.45 16.97 68.39
CA VAL K 295 11.06 16.11 67.27
C VAL K 295 11.22 14.64 67.64
N GLN K 296 12.06 14.35 68.64
CA GLN K 296 12.22 12.96 69.08
C GLN K 296 10.89 12.35 69.53
N LEU K 297 10.06 13.13 70.23
CA LEU K 297 8.78 12.59 70.69
C LEU K 297 7.84 12.30 69.53
N TYR K 298 7.83 13.16 68.50
CA TYR K 298 7.02 12.86 67.33
C TYR K 298 7.50 11.61 66.63
N GLU K 299 8.82 11.41 66.54
CA GLU K 299 9.33 10.17 65.96
C GLU K 299 8.89 8.96 66.79
N TYR K 300 8.94 9.07 68.11
CA TYR K 300 8.51 7.97 68.96
C TYR K 300 7.03 7.67 68.78
N ASN K 301 6.22 8.72 68.68
CA ASN K 301 4.78 8.51 68.45
C ASN K 301 4.53 7.85 67.12
N SER K 302 5.26 8.23 66.08
CA SER K 302 5.11 7.56 64.78
C SER K 302 5.47 6.09 64.90
N ARG K 303 6.57 5.78 65.58
CA ARG K 303 6.95 4.38 65.78
C ARG K 303 5.86 3.62 66.51
N VAL K 304 5.26 4.22 67.53
CA VAL K 304 4.17 3.57 68.25
C VAL K 304 2.99 3.32 67.33
N ASN K 305 2.62 4.32 66.52
CA ASN K 305 1.48 4.19 65.64
C ASN K 305 1.73 3.27 64.45
N SER K 306 2.98 2.86 64.22
CA SER K 306 3.32 2.02 63.08
C SER K 306 2.82 0.58 63.22
N VAL K 307 2.30 0.19 64.38
CA VAL K 307 1.80 -1.17 64.60
C VAL K 307 0.33 -1.22 64.22
N THR K 308 -0.12 -2.38 63.73
CA THR K 308 -1.45 -2.53 63.17
C THR K 308 -2.28 -3.64 63.81
N ASP K 309 -1.71 -4.41 64.73
CA ASP K 309 -2.44 -5.50 65.37
C ASP K 309 -2.49 -5.27 66.88
N TYR K 310 -3.58 -5.75 67.50
CA TYR K 310 -3.84 -5.40 68.89
C TYR K 310 -2.90 -6.09 69.86
N LYS K 311 -2.68 -7.39 69.69
CA LYS K 311 -1.93 -8.15 70.70
C LYS K 311 -0.51 -7.64 70.84
N THR K 312 0.21 -7.50 69.72
CA THR K 312 1.59 -7.05 69.79
C THR K 312 1.68 -5.62 70.31
N LEU K 313 0.66 -4.81 70.07
CA LEU K 313 0.68 -3.44 70.58
C LEU K 313 0.76 -3.43 72.11
N ASN K 314 -0.12 -4.20 72.76
CA ASN K 314 -0.06 -4.30 74.21
C ASN K 314 1.16 -5.07 74.69
N GLU K 315 1.68 -5.99 73.88
CA GLU K 315 2.87 -6.73 74.27
C GLU K 315 4.11 -5.85 74.24
N ALA K 316 4.12 -4.82 73.40
CA ALA K 316 5.30 -3.98 73.22
C ALA K 316 5.15 -2.58 73.84
N TYR K 317 3.96 -1.99 73.78
CA TYR K 317 3.74 -0.62 74.23
C TYR K 317 2.56 -0.58 75.20
N PRO K 318 2.79 -0.93 76.47
CA PRO K 318 1.71 -0.81 77.46
C PRO K 318 1.25 0.63 77.60
N MET K 319 -0.05 0.79 77.88
CA MET K 319 -0.63 2.12 77.96
C MET K 319 -0.03 2.91 79.13
N ALA K 320 0.16 2.26 80.27
CA ALA K 320 0.65 2.95 81.46
C ALA K 320 2.05 3.51 81.26
N GLN K 321 2.84 2.96 80.33
CA GLN K 321 4.15 3.50 80.03
C GLN K 321 4.08 4.62 79.01
N TYR K 322 3.21 4.50 78.02
CA TYR K 322 3.03 5.56 77.03
C TYR K 322 2.54 6.85 77.71
N ILE K 323 1.56 6.71 78.61
CA ILE K 323 1.03 7.88 79.30
C ILE K 323 2.12 8.55 80.11
N GLY K 324 2.91 7.76 80.85
CA GLY K 324 3.98 8.33 81.64
C GLY K 324 5.02 9.01 80.78
N THR K 325 5.39 8.39 79.66
CA THR K 325 6.40 8.98 78.78
C THR K 325 5.91 10.32 78.24
N VAL K 326 4.65 10.40 77.84
CA VAL K 326 4.13 11.66 77.30
C VAL K 326 4.04 12.72 78.39
N MET K 327 3.54 12.33 79.57
CA MET K 327 3.33 13.32 80.62
C MET K 327 4.63 13.83 81.20
N GLN K 328 5.67 12.99 81.26
CA GLN K 328 6.97 13.46 81.74
C GLN K 328 7.53 14.54 80.80
N ALA K 329 7.43 14.32 79.50
CA ALA K 329 7.87 15.33 78.54
C ALA K 329 7.03 16.60 78.66
N VAL K 330 5.71 16.46 78.83
CA VAL K 330 4.86 17.63 79.01
C VAL K 330 5.29 18.41 80.24
N GLN K 331 5.67 17.70 81.31
CA GLN K 331 6.06 18.35 82.55
C GLN K 331 7.33 19.18 82.37
N GLN K 332 8.29 18.66 81.60
CA GLN K 332 9.58 19.33 81.42
C GLN K 332 9.52 20.44 80.37
N LYS K 333 8.33 20.77 79.87
CA LYS K 333 8.16 21.86 78.92
C LYS K 333 8.88 21.59 77.60
N LYS K 334 8.97 20.32 77.20
CA LYS K 334 9.40 19.97 75.86
C LYS K 334 8.24 19.95 74.87
N LEU K 335 7.02 19.70 75.35
CA LEU K 335 5.82 19.76 74.53
C LEU K 335 4.77 20.58 75.27
N SER K 336 3.97 21.31 74.50
CA SER K 336 2.89 22.06 75.12
C SER K 336 1.78 21.11 75.58
N PRO K 337 0.99 21.50 76.58
CA PRO K 337 -0.08 20.61 77.06
C PRO K 337 -1.04 20.20 75.95
N GLY K 338 -1.38 21.11 75.05
CA GLY K 338 -2.37 20.83 74.03
C GLY K 338 -1.93 19.82 73.00
N THR K 339 -0.62 19.67 72.79
CA THR K 339 -0.10 18.67 71.87
C THR K 339 0.30 17.38 72.56
N GLY K 340 0.12 17.29 73.88
CA GLY K 340 0.32 16.04 74.59
C GLY K 340 -0.99 15.37 74.95
N TYR K 341 -1.95 16.17 75.41
CA TYR K 341 -3.27 15.63 75.73
C TYR K 341 -3.95 15.07 74.49
N GLY K 342 -3.85 15.79 73.37
CA GLY K 342 -4.43 15.28 72.13
C GLY K 342 -3.77 13.99 71.69
N MET K 343 -2.44 13.91 71.82
CA MET K 343 -1.73 12.68 71.49
C MET K 343 -2.18 11.52 72.34
N VAL K 344 -2.37 11.73 73.65
CA VAL K 344 -2.86 10.66 74.50
C VAL K 344 -4.27 10.24 74.10
N ASP K 345 -5.15 11.22 73.85
CA ASP K 345 -6.54 10.92 73.53
C ASP K 345 -6.65 10.15 72.22
N ALA K 346 -5.83 10.51 71.23
CA ALA K 346 -5.89 9.83 69.94
C ALA K 346 -5.57 8.35 70.10
N GLU K 347 -4.50 8.03 70.85
CA GLU K 347 -4.16 6.63 71.07
C GLU K 347 -5.26 5.92 71.86
N SER K 348 -5.81 6.59 72.87
CA SER K 348 -6.88 5.99 73.65
C SER K 348 -8.08 5.62 72.79
N GLN K 349 -8.44 6.47 71.83
CA GLN K 349 -9.56 6.17 70.95
C GLN K 349 -9.20 5.09 69.94
N ARG K 350 -7.97 5.15 69.40
CA ARG K 350 -7.56 4.18 68.38
C ARG K 350 -7.53 2.77 68.95
N ARG K 351 -7.08 2.62 70.19
CA ARG K 351 -7.03 1.27 70.78
C ARG K 351 -8.44 0.68 70.92
N LEU K 352 -9.41 1.48 71.37
CA LEU K 352 -10.78 1.01 71.44
C LEU K 352 -11.33 0.67 70.05
N LYS K 353 -11.01 1.49 69.05
CA LYS K 353 -11.47 1.20 67.69
C LYS K 353 -10.94 -0.15 67.20
N MET K 354 -9.65 -0.39 67.41
CA MET K 354 -9.07 -1.66 66.98
C MET K 354 -9.67 -2.83 67.77
N GLN K 355 -9.88 -2.64 69.08
CA GLN K 355 -10.51 -3.69 69.87
C GLN K 355 -11.90 -4.03 69.37
N LYS K 356 -12.68 -3.01 68.98
CA LYS K 356 -14.00 -3.28 68.39
C LYS K 356 -13.87 -4.00 67.06
N ALA K 357 -12.94 -3.58 66.21
CA ALA K 357 -12.80 -4.19 64.89
C ALA K 357 -12.40 -5.66 64.98
N GLU K 358 -11.59 -6.00 65.99
CA GLU K 358 -11.16 -7.38 66.13
C GLU K 358 -12.33 -8.31 66.41
N GLN K 359 -13.35 -7.84 67.12
CA GLN K 359 -14.54 -8.64 67.35
C GLN K 359 -15.40 -8.77 66.11
N GLY K 360 -15.46 -7.73 65.28
CA GLY K 360 -16.25 -7.77 64.06
C GLY K 360 -15.63 -8.68 63.01
N GLN K 361 -14.30 -8.81 63.05
CA GLN K 361 -13.64 -9.71 62.11
C GLN K 361 -14.12 -11.15 62.27
N LEU K 362 -14.40 -11.57 63.50
CA LEU K 362 -14.81 -12.95 63.73
C LEU K 362 -16.15 -13.27 63.08
N ALA K 363 -17.06 -12.31 63.04
CA ALA K 363 -18.36 -12.57 62.41
C ALA K 363 -18.19 -12.89 60.93
N TYR K 364 -17.33 -12.14 60.23
CA TYR K 364 -17.02 -12.46 58.84
C TYR K 364 -16.30 -13.79 58.73
N THR K 365 -15.35 -14.05 59.62
CA THR K 365 -14.56 -15.27 59.50
C THR K 365 -15.39 -16.54 59.70
N ASN K 366 -16.32 -16.53 60.65
CA ASN K 366 -17.06 -17.73 61.02
C ASN K 366 -18.53 -17.70 60.64
N GLY K 367 -19.07 -16.55 60.23
CA GLY K 367 -20.48 -16.50 59.88
C GLY K 367 -20.82 -17.47 58.77
N VAL K 368 -21.96 -18.13 58.91
CA VAL K 368 -22.41 -19.12 57.94
C VAL K 368 -23.32 -18.55 56.86
N THR K 369 -24.05 -17.49 57.15
CA THR K 369 -24.93 -16.86 56.17
C THR K 369 -24.82 -15.34 56.29
N ILE K 370 -25.46 -14.64 55.36
CA ILE K 370 -25.44 -13.18 55.40
C ILE K 370 -26.23 -12.66 56.59
N SER K 371 -27.34 -13.31 56.92
CA SER K 371 -28.21 -12.80 57.98
C SER K 371 -27.48 -12.72 59.31
N ASP K 372 -26.83 -13.82 59.73
CA ASP K 372 -26.15 -13.83 61.01
C ASP K 372 -24.82 -13.08 60.99
N ILE K 373 -24.25 -12.85 59.81
CA ILE K 373 -23.10 -11.96 59.71
C ILE K 373 -23.52 -10.52 59.95
N ALA K 374 -24.66 -10.12 59.38
CA ALA K 374 -25.17 -8.78 59.61
C ALA K 374 -25.63 -8.60 61.05
N ALA K 375 -26.25 -9.63 61.63
CA ALA K 375 -26.75 -9.54 63.00
C ALA K 375 -25.62 -9.38 64.01
N GLY K 376 -24.38 -9.73 63.64
CA GLY K 376 -23.27 -9.61 64.56
C GLY K 376 -22.60 -8.25 64.50
N THR K 377 -22.19 -7.83 63.30
CA THR K 377 -21.54 -6.53 63.14
C THR K 377 -22.52 -5.36 63.18
N GLY K 378 -23.79 -5.60 62.88
CA GLY K 378 -24.79 -4.57 62.90
C GLY K 378 -24.96 -3.81 61.59
N GLU K 379 -24.17 -4.14 60.57
CA GLU K 379 -24.28 -3.45 59.30
C GLU K 379 -25.47 -3.97 58.50
N SER K 380 -25.89 -3.19 57.52
CA SER K 380 -26.96 -3.61 56.63
C SER K 380 -26.46 -4.71 55.69
N LEU K 381 -27.41 -5.46 55.13
CA LEU K 381 -27.03 -6.57 54.27
C LEU K 381 -26.27 -6.11 53.04
N ASP K 382 -26.70 -4.99 52.43
CA ASP K 382 -25.99 -4.47 51.27
C ASP K 382 -24.55 -4.10 51.58
N LYS K 383 -24.27 -3.68 52.82
CA LYS K 383 -22.90 -3.31 53.17
C LYS K 383 -22.03 -4.53 53.42
N VAL K 384 -22.56 -5.53 54.14
CA VAL K 384 -21.78 -6.74 54.38
C VAL K 384 -21.52 -7.47 53.07
N LYS K 385 -22.46 -7.40 52.12
CA LYS K 385 -22.20 -7.98 50.81
C LYS K 385 -20.98 -7.35 50.15
N GLY K 386 -20.90 -6.02 50.15
CA GLY K 386 -19.75 -5.37 49.55
C GLY K 386 -18.47 -5.65 50.29
N GLU K 387 -18.53 -5.68 51.63
CA GLU K 387 -17.34 -5.98 52.41
C GLU K 387 -16.82 -7.40 52.13
N LEU K 388 -17.73 -8.37 52.03
CA LEU K 388 -17.33 -9.71 51.67
C LEU K 388 -16.75 -9.76 50.26
N THR K 389 -17.36 -9.04 49.32
CA THR K 389 -16.80 -8.95 47.98
C THR K 389 -15.36 -8.45 48.03
N LYS K 390 -15.12 -7.36 48.74
CA LYS K 390 -13.77 -6.80 48.81
C LYS K 390 -12.81 -7.79 49.47
N MET K 391 -13.23 -8.42 50.56
CA MET K 391 -12.37 -9.35 51.28
C MET K 391 -11.94 -10.50 50.39
N TYR K 392 -12.91 -11.16 49.73
CA TYR K 392 -12.58 -12.31 48.91
C TYR K 392 -11.92 -11.93 47.60
N ALA K 393 -12.06 -10.67 47.16
CA ALA K 393 -11.27 -10.22 46.03
C ALA K 393 -9.82 -9.99 46.42
N THR K 394 -9.59 -9.48 47.64
CA THR K 394 -8.24 -9.33 48.14
C THR K 394 -7.57 -10.67 48.38
N ILE K 395 -8.31 -11.67 48.86
CA ILE K 395 -7.71 -12.97 49.14
C ILE K 395 -7.33 -13.66 47.84
N GLY K 396 -8.15 -13.53 46.80
CA GLY K 396 -7.93 -14.25 45.56
C GLY K 396 -7.14 -13.49 44.50
N GLN K 397 -6.79 -12.23 44.75
CA GLN K 397 -6.07 -11.44 43.77
C GLN K 397 -6.86 -11.34 42.46
N GLY K 398 -8.04 -10.75 42.51
CA GLY K 398 -8.88 -10.58 41.34
C GLY K 398 -10.28 -11.12 41.57
N TYR K 399 -11.15 -10.81 40.61
CA TYR K 399 -12.55 -11.22 40.72
C TYR K 399 -12.74 -12.70 40.41
N SER K 400 -12.02 -13.25 39.43
CA SER K 400 -12.22 -14.66 39.08
C SER K 400 -11.79 -15.58 40.21
N GLY K 401 -10.58 -15.40 40.72
CA GLY K 401 -10.09 -16.27 41.77
C GLY K 401 -10.87 -16.16 43.06
N GLY K 402 -11.20 -14.94 43.47
CA GLY K 402 -12.00 -14.74 44.67
C GLY K 402 -13.40 -15.28 44.50
N GLY K 403 -13.99 -15.06 43.32
CA GLY K 403 -15.33 -15.54 43.07
C GLY K 403 -15.42 -17.05 43.09
N LEU K 404 -14.42 -17.73 42.53
CA LEU K 404 -14.44 -19.19 42.54
C LEU K 404 -14.43 -19.72 43.97
N GLN K 405 -13.54 -19.17 44.81
CA GLN K 405 -13.46 -19.63 46.19
C GLN K 405 -14.74 -19.29 46.96
N LEU K 406 -15.31 -18.11 46.72
CA LEU K 406 -16.55 -17.75 47.40
C LEU K 406 -17.69 -18.68 47.00
N MET K 407 -17.76 -19.02 45.70
CA MET K 407 -18.78 -19.95 45.23
C MET K 407 -18.59 -21.32 45.86
N GLN K 408 -17.34 -21.78 45.96
CA GLN K 408 -17.08 -23.07 46.60
C GLN K 408 -17.52 -23.05 48.06
N ARG K 409 -17.20 -21.96 48.77
CA ARG K 409 -17.63 -21.86 50.17
C ARG K 409 -19.15 -21.90 50.28
N GLY K 410 -19.84 -21.14 49.43
CA GLY K 410 -21.30 -21.14 49.48
C GLY K 410 -21.87 -22.50 49.19
N LEU K 411 -21.33 -23.19 48.18
CA LEU K 411 -21.85 -24.50 47.81
C LEU K 411 -21.62 -25.51 48.92
N LYS K 412 -20.44 -25.51 49.54
CA LYS K 412 -20.14 -26.48 50.59
C LYS K 412 -20.84 -26.15 51.90
N SER K 413 -21.16 -24.89 52.15
CA SER K 413 -21.85 -24.51 53.39
C SER K 413 -23.36 -24.58 53.24
N GLY K 414 -23.88 -24.84 52.05
CA GLY K 414 -25.31 -24.94 51.84
C GLY K 414 -26.04 -23.63 52.05
N ALA K 415 -25.50 -22.55 51.51
CA ALA K 415 -26.13 -21.23 51.59
C ALA K 415 -26.22 -20.65 50.19
N GLN K 416 -27.42 -20.22 49.79
CA GLN K 416 -27.60 -19.65 48.46
C GLN K 416 -27.11 -18.21 48.39
N ASP K 417 -27.20 -17.47 49.51
CA ASP K 417 -26.86 -16.06 49.49
C ASP K 417 -25.40 -15.83 49.12
N ILE K 418 -24.49 -16.62 49.69
CA ILE K 418 -23.08 -16.45 49.40
C ILE K 418 -22.76 -16.86 47.98
N THR K 419 -23.37 -17.95 47.51
CA THR K 419 -23.16 -18.38 46.13
C THR K 419 -23.65 -17.33 45.15
N GLY K 420 -24.72 -16.60 45.49
CA GLY K 420 -25.20 -15.55 44.61
C GLY K 420 -24.19 -14.44 44.43
N VAL K 421 -23.62 -13.95 45.54
CA VAL K 421 -22.62 -12.89 45.43
C VAL K 421 -21.36 -13.40 44.75
N GLY K 422 -20.99 -14.66 44.94
CA GLY K 422 -19.87 -15.20 44.20
C GLY K 422 -20.13 -15.24 42.70
N ILE K 423 -21.34 -15.66 42.31
CA ILE K 423 -21.69 -15.73 40.90
C ILE K 423 -21.70 -14.33 40.29
N GLU K 424 -22.13 -13.33 41.07
CA GLU K 424 -22.09 -11.96 40.56
C GLU K 424 -20.68 -11.56 40.12
N MET K 425 -19.69 -11.78 40.98
CA MET K 425 -18.30 -11.49 40.60
C MET K 425 -17.88 -12.35 39.40
N MET K 426 -18.21 -13.64 39.44
CA MET K 426 -17.73 -14.55 38.41
C MET K 426 -18.22 -14.11 37.04
N GLN K 427 -19.48 -13.72 36.93
CA GLN K 427 -20.05 -13.32 35.65
C GLN K 427 -19.85 -11.84 35.35
N GLN K 428 -19.38 -11.05 36.33
CA GLN K 428 -18.94 -9.70 36.03
C GLN K 428 -17.56 -9.70 35.40
N ASP K 429 -16.70 -10.62 35.81
CA ASP K 429 -15.36 -10.71 35.22
C ASP K 429 -15.43 -11.14 33.75
N ALA K 430 -16.40 -12.00 33.42
CA ALA K 430 -16.42 -12.62 32.10
C ALA K 430 -16.62 -11.63 30.96
N GLN K 431 -17.06 -10.40 31.26
CA GLN K 431 -17.34 -9.44 30.20
C GLN K 431 -16.12 -9.05 29.39
N SER K 432 -14.91 -9.32 29.89
CA SER K 432 -13.71 -8.93 29.17
C SER K 432 -13.56 -9.70 27.86
N LEU K 433 -14.22 -10.85 27.74
CA LEU K 433 -14.04 -11.69 26.56
C LEU K 433 -14.77 -11.17 25.32
N SER K 434 -15.64 -10.16 25.48
CA SER K 434 -16.43 -9.69 24.35
C SER K 434 -15.63 -8.80 23.40
N GLY K 435 -14.52 -8.23 23.84
CA GLY K 435 -13.81 -7.26 23.03
C GLY K 435 -12.66 -7.83 22.21
N ILE K 436 -12.29 -9.09 22.47
CA ILE K 436 -11.14 -9.67 21.80
C ILE K 436 -11.43 -9.86 20.32
N ASP K 437 -10.46 -9.51 19.48
CA ASP K 437 -10.54 -9.72 18.04
C ASP K 437 -9.93 -11.09 17.72
N TRP K 438 -10.80 -12.10 17.63
CA TRP K 438 -10.34 -13.47 17.49
C TRP K 438 -9.63 -13.70 16.17
N ARG K 439 -10.04 -13.00 15.11
CA ARG K 439 -9.53 -13.29 13.77
C ARG K 439 -8.12 -12.77 13.54
N ASN K 440 -7.67 -11.77 14.31
CA ASN K 440 -6.38 -11.13 14.08
C ASN K 440 -5.37 -11.43 15.17
N LEU K 441 -5.52 -12.53 15.89
CA LEU K 441 -4.53 -12.92 16.88
C LEU K 441 -3.23 -13.30 16.20
N LYS K 442 -2.11 -12.98 16.86
CA LYS K 442 -0.81 -13.35 16.34
C LYS K 442 -0.70 -14.86 16.20
N THR K 443 0.02 -15.29 15.17
CA THR K 443 0.08 -16.70 14.80
C THR K 443 1.49 -17.25 15.00
N ASP K 444 1.55 -18.50 15.45
CA ASP K 444 2.82 -19.18 15.64
C ASP K 444 3.37 -19.65 14.28
N ALA K 445 4.65 -20.02 14.27
CA ALA K 445 5.28 -20.47 13.04
C ALA K 445 4.60 -21.69 12.45
N ASP K 446 3.85 -22.45 13.25
CA ASP K 446 3.14 -23.63 12.78
C ASP K 446 1.65 -23.38 12.61
N GLY K 447 1.23 -22.11 12.64
CA GLY K 447 -0.16 -21.77 12.45
C GLY K 447 -1.00 -21.74 13.70
N LYS K 448 -0.44 -22.13 14.84
CA LYS K 448 -1.21 -22.11 16.09
C LYS K 448 -1.34 -20.66 16.59
N PRO K 449 -2.55 -20.19 16.88
CA PRO K 449 -2.68 -18.84 17.44
C PRO K 449 -1.95 -18.71 18.76
N LEU K 450 -1.87 -17.46 19.25
CA LEU K 450 -1.18 -17.13 20.49
C LEU K 450 -2.14 -16.33 21.37
N TYR K 451 -2.89 -17.04 22.21
CA TYR K 451 -3.87 -16.39 23.06
C TYR K 451 -3.18 -15.70 24.24
N PRO K 452 -3.69 -14.57 24.70
CA PRO K 452 -3.13 -13.95 25.91
C PRO K 452 -3.42 -14.79 27.15
N ALA K 453 -2.55 -14.66 28.15
CA ALA K 453 -2.69 -15.46 29.35
C ALA K 453 -3.86 -15.02 30.22
N ALA K 454 -4.49 -13.89 29.90
CA ALA K 454 -5.58 -13.38 30.73
C ALA K 454 -6.89 -14.13 30.52
N VAL K 455 -7.08 -14.74 29.35
CA VAL K 455 -8.36 -15.37 29.02
C VAL K 455 -8.32 -16.86 29.31
N VAL K 456 -7.13 -17.45 29.23
CA VAL K 456 -7.00 -18.88 29.53
C VAL K 456 -7.40 -19.16 30.97
N GLY K 457 -6.89 -18.37 31.91
CA GLY K 457 -7.20 -18.52 33.31
C GLY K 457 -8.59 -18.08 33.69
N SER K 458 -9.30 -17.41 32.79
CA SER K 458 -10.72 -17.10 32.97
C SER K 458 -11.61 -18.23 32.49
N LEU K 459 -11.32 -18.79 31.31
CA LEU K 459 -12.08 -19.94 30.82
C LEU K 459 -11.87 -21.15 31.72
N GLY K 460 -10.63 -21.39 32.16
CA GLY K 460 -10.35 -22.52 33.03
C GLY K 460 -11.00 -22.41 34.39
N ASN K 461 -11.30 -21.19 34.84
CA ASN K 461 -12.03 -21.00 36.08
C ASN K 461 -13.53 -21.05 35.88
N LEU K 462 -14.04 -20.56 34.74
CA LEU K 462 -15.45 -20.68 34.45
C LEU K 462 -15.86 -22.15 34.35
N GLN K 463 -15.06 -22.95 33.65
CA GLN K 463 -15.39 -24.38 33.56
C GLN K 463 -15.35 -25.04 34.92
N ALA K 464 -14.35 -24.71 35.74
CA ALA K 464 -14.26 -25.30 37.07
C ALA K 464 -15.47 -24.91 37.92
N ALA K 465 -15.89 -23.65 37.86
CA ALA K 465 -17.06 -23.22 38.62
C ALA K 465 -18.31 -23.94 38.16
N TYR K 466 -18.51 -24.07 36.85
CA TYR K 466 -19.69 -24.75 36.34
C TYR K 466 -19.71 -26.21 36.77
N GLN K 467 -18.56 -26.89 36.67
CA GLN K 467 -18.51 -28.29 37.08
C GLN K 467 -18.71 -28.45 38.57
N SER K 468 -18.16 -27.54 39.39
CA SER K 468 -18.40 -27.61 40.83
C SER K 468 -19.87 -27.41 41.14
N ALA K 469 -20.52 -26.47 40.46
CA ALA K 469 -21.96 -26.27 40.68
C ALA K 469 -22.75 -27.52 40.31
N LEU K 470 -22.40 -28.16 39.19
CA LEU K 470 -23.12 -29.37 38.78
C LEU K 470 -22.83 -30.54 39.70
N ALA K 471 -21.64 -30.58 40.31
CA ALA K 471 -21.25 -31.75 41.10
C ALA K 471 -22.13 -31.90 42.34
N ALA K 472 -22.61 -30.80 42.91
CA ALA K 472 -23.40 -30.85 44.14
C ALA K 472 -24.86 -31.19 43.88
N GLY K 473 -25.27 -31.33 42.62
CA GLY K 473 -26.67 -31.61 42.32
C GLY K 473 -27.55 -30.39 42.32
N ASN K 474 -26.98 -29.19 42.13
CA ASN K 474 -27.72 -27.94 42.16
C ASN K 474 -27.70 -27.38 40.74
N GLN K 475 -28.73 -27.73 39.97
CA GLN K 475 -28.82 -27.26 38.58
C GLN K 475 -29.40 -25.86 38.49
N VAL K 476 -30.19 -25.43 39.49
CA VAL K 476 -30.78 -24.10 39.43
C VAL K 476 -29.70 -23.03 39.39
N GLN K 477 -28.76 -23.08 40.31
CA GLN K 477 -27.67 -22.10 40.34
C GLN K 477 -26.60 -22.37 39.31
N ALA K 478 -26.57 -23.55 38.70
CA ALA K 478 -25.69 -23.78 37.57
C ALA K 478 -26.24 -23.11 36.31
N ASN K 479 -27.55 -23.17 36.11
CA ASN K 479 -28.17 -22.46 34.99
C ASN K 479 -28.15 -20.96 35.24
N GLN K 480 -28.34 -20.53 36.49
CA GLN K 480 -28.28 -19.11 36.80
C GLN K 480 -26.93 -18.51 36.43
N LEU K 481 -25.86 -19.30 36.48
CA LEU K 481 -24.54 -18.79 36.14
C LEU K 481 -24.42 -18.51 34.65
N LEU K 482 -25.04 -19.35 33.81
CA LEU K 482 -24.91 -19.21 32.36
C LEU K 482 -25.79 -18.09 31.80
N SER K 483 -26.49 -17.34 32.64
CA SER K 483 -27.40 -16.30 32.19
C SER K 483 -26.71 -14.95 32.03
N GLY K 484 -25.40 -14.85 32.26
CA GLY K 484 -24.70 -13.60 32.15
C GLY K 484 -23.47 -13.67 31.25
N LEU K 485 -23.09 -14.87 30.83
CA LEU K 485 -21.92 -15.04 30.00
C LEU K 485 -22.24 -14.77 28.53
N PRO K 486 -21.25 -14.39 27.73
CA PRO K 486 -21.50 -14.18 26.30
C PRO K 486 -21.83 -15.49 25.60
N ASP K 487 -22.54 -15.36 24.47
CA ASP K 487 -23.06 -16.53 23.77
C ASP K 487 -22.00 -17.56 23.42
N PRO K 488 -20.87 -17.22 22.78
CA PRO K 488 -19.88 -18.26 22.45
C PRO K 488 -19.33 -18.99 23.67
N VAL K 489 -19.13 -18.30 24.79
CA VAL K 489 -18.64 -18.98 25.98
C VAL K 489 -19.68 -19.96 26.50
N VAL K 490 -20.95 -19.56 26.51
CA VAL K 490 -22.01 -20.47 26.93
C VAL K 490 -22.06 -21.69 26.03
N TYR K 491 -21.91 -21.47 24.72
CA TYR K 491 -21.92 -22.59 23.78
C TYR K 491 -20.76 -23.54 24.04
N GLY K 492 -19.56 -22.99 24.31
CA GLY K 492 -18.40 -23.84 24.49
C GLY K 492 -18.47 -24.70 25.73
N ILE K 493 -18.94 -24.13 26.85
CA ILE K 493 -18.91 -24.85 28.12
C ILE K 493 -19.82 -26.07 28.07
N ARG K 494 -21.04 -25.91 27.58
CA ARG K 494 -21.99 -27.02 27.57
C ARG K 494 -21.58 -28.16 26.65
N GLN K 495 -20.68 -27.91 25.71
CA GLN K 495 -20.16 -28.96 24.82
C GLN K 495 -18.91 -29.53 25.48
N ASN K 496 -19.08 -30.60 26.25
CA ASN K 496 -17.99 -31.20 26.99
C ASN K 496 -16.79 -31.44 26.09
N VAL K 497 -15.67 -30.77 26.41
CA VAL K 497 -14.46 -30.86 25.62
C VAL K 497 -13.27 -30.65 26.56
N ASP K 498 -12.14 -31.26 26.19
CA ASP K 498 -10.93 -31.12 26.99
C ASP K 498 -10.59 -29.64 27.17
N ALA K 499 -10.13 -29.28 28.36
CA ALA K 499 -9.84 -27.89 28.66
C ALA K 499 -8.82 -27.28 27.71
N ARG K 500 -7.96 -28.10 27.11
CA ARG K 500 -6.93 -27.58 26.22
C ARG K 500 -7.50 -27.05 24.92
N ASP K 501 -8.76 -27.35 24.60
CA ASP K 501 -9.36 -26.95 23.34
C ASP K 501 -10.53 -25.98 23.51
N LEU K 502 -10.83 -25.57 24.75
CA LEU K 502 -11.95 -24.67 24.98
C LEU K 502 -11.72 -23.32 24.31
N ALA K 503 -10.50 -22.77 24.40
CA ALA K 503 -10.22 -21.49 23.77
C ALA K 503 -10.38 -21.57 22.26
N ASP K 504 -9.88 -22.64 21.64
CA ASP K 504 -10.04 -22.79 20.20
C ASP K 504 -11.50 -22.93 19.81
N VAL K 505 -12.28 -23.70 20.58
CA VAL K 505 -13.69 -23.86 20.27
C VAL K 505 -14.40 -22.51 20.36
N VAL K 506 -14.12 -21.74 21.41
CA VAL K 506 -14.76 -20.43 21.58
C VAL K 506 -14.37 -19.50 20.44
N GLY K 507 -13.10 -19.49 20.07
CA GLY K 507 -12.65 -18.63 18.99
C GLY K 507 -13.31 -18.96 17.67
N LYS K 508 -13.41 -20.26 17.36
CA LYS K 508 -14.08 -20.66 16.13
C LYS K 508 -15.56 -20.29 16.15
N ARG K 509 -16.24 -20.53 17.29
CA ARG K 509 -17.67 -20.24 17.37
C ARG K 509 -17.94 -18.75 17.23
N ALA K 510 -17.08 -17.91 17.82
CA ALA K 510 -17.32 -16.47 17.75
C ALA K 510 -17.34 -15.97 16.30
N GLN K 511 -16.34 -16.35 15.50
CA GLN K 511 -16.27 -15.90 14.12
C GLN K 511 -17.16 -16.72 13.20
N ASP K 512 -17.70 -17.84 13.66
CA ASP K 512 -18.79 -18.48 12.93
C ASP K 512 -20.09 -17.71 13.12
N ILE K 513 -20.35 -17.24 14.34
CA ILE K 513 -21.52 -16.39 14.58
C ILE K 513 -21.38 -15.08 13.82
N ALA K 514 -20.19 -14.48 13.83
CA ALA K 514 -19.99 -13.21 13.18
C ALA K 514 -20.30 -13.29 11.68
N SER K 515 -20.21 -14.48 11.10
CA SER K 515 -20.42 -14.66 9.67
C SER K 515 -21.87 -14.96 9.30
N GLY K 516 -22.77 -14.94 10.27
CA GLY K 516 -24.18 -15.19 9.98
C GLY K 516 -24.50 -16.61 9.56
N LYS K 517 -23.86 -17.60 10.18
CA LYS K 517 -24.12 -19.00 9.87
C LYS K 517 -25.22 -19.60 10.73
N VAL K 518 -25.87 -18.81 11.58
CA VAL K 518 -26.90 -19.29 12.50
C VAL K 518 -28.25 -18.76 12.03
N LEU K 519 -29.23 -19.65 11.98
CA LEU K 519 -30.57 -19.28 11.54
C LEU K 519 -31.30 -18.52 12.63
N ALA K 520 -32.13 -17.55 12.23
CA ALA K 520 -32.90 -16.76 13.18
C ALA K 520 -34.02 -17.60 13.78
N LEU K 521 -34.36 -17.29 15.03
CA LEU K 521 -35.41 -18.02 15.72
C LEU K 521 -36.79 -17.50 15.29
N PRO K 522 -37.82 -18.33 15.42
CA PRO K 522 -39.17 -17.88 15.04
C PRO K 522 -39.71 -16.84 16.00
N ALA K 523 -40.87 -16.28 15.64
CA ALA K 523 -41.53 -15.30 16.48
C ALA K 523 -42.24 -15.96 17.67
N ASN K 524 -42.52 -17.26 17.60
CA ASN K 524 -43.13 -18.01 18.68
C ASN K 524 -42.13 -19.02 19.21
N MET K 525 -42.07 -19.15 20.54
CA MET K 525 -41.07 -20.02 21.14
C MET K 525 -41.29 -21.46 20.69
N PRO K 526 -40.22 -22.20 20.38
CA PRO K 526 -40.39 -23.59 19.98
C PRO K 526 -41.03 -24.42 21.08
N ALA K 527 -41.80 -25.43 20.66
CA ALA K 527 -42.47 -26.30 21.63
C ALA K 527 -41.45 -27.06 22.48
N ASP K 528 -40.28 -27.35 21.92
CA ASP K 528 -39.26 -28.12 22.63
C ASP K 528 -38.63 -27.35 23.78
N VAL K 529 -38.89 -26.04 23.90
CA VAL K 529 -38.32 -25.25 24.99
C VAL K 529 -39.19 -25.32 26.25
N SER K 530 -40.43 -25.76 26.15
CA SER K 530 -41.31 -25.82 27.31
C SER K 530 -40.84 -26.89 28.28
N ILE K 531 -41.40 -26.86 29.49
CA ILE K 531 -41.04 -27.76 30.57
C ILE K 531 -42.19 -28.71 30.81
N THR K 532 -41.87 -30.00 30.97
CA THR K 532 -42.87 -31.03 31.19
C THR K 532 -42.41 -31.94 32.32
N GLN K 533 -43.26 -32.92 32.64
CA GLN K 533 -42.96 -33.82 33.75
C GLN K 533 -41.66 -34.58 33.54
N ALA K 534 -41.36 -34.94 32.29
CA ALA K 534 -40.11 -35.65 32.01
C ALA K 534 -38.90 -34.82 32.42
N ASP K 535 -38.97 -33.50 32.24
CA ASP K 535 -37.90 -32.63 32.69
C ASP K 535 -37.84 -32.50 34.21
N VAL K 536 -38.99 -32.55 34.89
CA VAL K 536 -38.98 -32.54 36.34
C VAL K 536 -38.30 -33.80 36.87
N THR K 537 -38.61 -34.95 36.27
CA THR K 537 -37.96 -36.20 36.67
C THR K 537 -36.45 -36.14 36.38
N ALA K 538 -36.05 -35.38 35.37
CA ALA K 538 -34.65 -35.31 34.98
C ALA K 538 -33.77 -34.58 36.00
N GLY K 539 -34.36 -33.90 36.97
CA GLY K 539 -33.61 -33.23 38.01
C GLY K 539 -33.67 -31.71 38.01
N ILE K 540 -34.42 -31.10 37.09
CA ILE K 540 -34.59 -29.66 37.13
C ILE K 540 -35.41 -29.29 38.37
N PHE K 541 -35.24 -28.05 38.82
CA PHE K 541 -35.81 -27.52 40.06
C PHE K 541 -35.09 -28.02 41.29
N ASP K 542 -34.01 -28.80 41.14
CA ASP K 542 -33.22 -29.25 42.28
C ASP K 542 -32.31 -28.12 42.73
N LEU K 543 -32.48 -27.67 43.96
CA LEU K 543 -31.73 -26.53 44.49
C LEU K 543 -30.53 -26.96 45.34
N GLY K 544 -30.28 -28.25 45.45
CA GLY K 544 -29.11 -28.72 46.19
C GLY K 544 -29.34 -28.75 47.69
N LEU K 545 -28.25 -28.60 48.43
CA LEU K 545 -28.31 -28.67 49.89
C LEU K 545 -29.06 -27.48 50.46
N GLY K 546 -29.59 -27.65 51.66
CA GLY K 546 -30.33 -26.59 52.33
C GLY K 546 -30.76 -26.97 53.73
N LYS K 547 -31.30 -25.99 54.47
CA LYS K 547 -31.72 -26.26 55.84
C LYS K 547 -33.12 -26.88 55.88
N ASP K 548 -34.11 -26.17 55.37
CA ASP K 548 -35.48 -26.63 55.41
C ASP K 548 -35.82 -27.45 54.17
N ALA K 549 -36.78 -28.36 54.33
CA ALA K 549 -37.26 -29.13 53.18
C ALA K 549 -37.89 -28.21 52.14
N ARG K 550 -38.62 -27.18 52.58
CA ARG K 550 -39.26 -26.24 51.67
C ARG K 550 -38.25 -25.38 50.92
N ASN K 551 -36.98 -25.38 51.32
CA ASN K 551 -35.99 -24.46 50.77
C ASN K 551 -34.92 -25.20 49.96
N ARG K 552 -35.23 -26.39 49.45
CA ARG K 552 -34.37 -27.04 48.47
C ARG K 552 -35.13 -27.50 47.23
N ASN K 553 -36.38 -27.10 47.09
CA ASN K 553 -37.13 -27.24 45.84
C ASN K 553 -37.66 -25.87 45.45
N MET K 554 -37.39 -25.46 44.22
CA MET K 554 -37.73 -24.10 43.80
C MET K 554 -39.24 -23.86 43.82
N LEU K 555 -40.04 -24.92 43.74
CA LEU K 555 -41.49 -24.77 43.78
C LEU K 555 -42.01 -24.58 45.20
N GLY K 556 -41.23 -24.90 46.22
CA GLY K 556 -41.62 -24.64 47.59
C GLY K 556 -42.49 -25.69 48.24
N ILE K 557 -42.61 -26.87 47.65
CA ILE K 557 -43.39 -27.95 48.25
C ILE K 557 -42.58 -28.61 49.34
N GLN K 558 -43.26 -28.98 50.44
CA GLN K 558 -42.58 -29.53 51.61
C GLN K 558 -42.48 -31.05 51.56
N SER K 559 -43.62 -31.74 51.47
CA SER K 559 -43.62 -33.20 51.52
C SER K 559 -42.73 -33.78 50.42
N TRP K 560 -41.77 -34.62 50.83
CA TRP K 560 -40.85 -35.25 49.89
C TRP K 560 -40.82 -36.77 49.99
N VAL K 561 -41.59 -37.36 50.90
CA VAL K 561 -41.64 -38.81 51.06
C VAL K 561 -43.06 -39.34 50.85
N PHE K 562 -44.04 -38.74 51.53
CA PHE K 562 -45.46 -39.08 51.36
C PHE K 562 -46.20 -37.81 50.96
N THR K 563 -46.85 -37.84 49.80
CA THR K 563 -47.50 -36.67 49.22
C THR K 563 -48.95 -36.98 48.91
N SER K 564 -49.82 -36.02 49.20
CA SER K 564 -51.23 -36.14 48.85
C SER K 564 -51.52 -35.44 47.52
N ASP K 565 -52.75 -35.62 47.04
CA ASP K 565 -53.16 -35.00 45.78
C ASP K 565 -53.14 -33.48 45.85
N ALA K 566 -53.31 -32.90 47.04
CA ALA K 566 -53.27 -31.46 47.17
C ALA K 566 -51.92 -30.91 46.73
N ASP K 567 -50.82 -31.58 47.10
CA ASP K 567 -49.50 -31.19 46.62
C ASP K 567 -49.38 -31.36 45.11
N GLU K 568 -49.98 -32.41 44.56
CA GLU K 568 -49.94 -32.62 43.12
C GLU K 568 -50.61 -31.46 42.38
N LYS K 569 -51.76 -31.01 42.86
CA LYS K 569 -52.45 -29.90 42.21
C LYS K 569 -51.60 -28.63 42.25
N ALA K 570 -50.97 -28.35 43.40
CA ALA K 570 -50.13 -27.17 43.51
C ALA K 570 -48.94 -27.25 42.56
N ALA K 571 -48.30 -28.42 42.48
CA ALA K 571 -47.18 -28.59 41.57
C ALA K 571 -47.62 -28.39 40.12
N GLN K 572 -48.78 -28.94 39.77
CA GLN K 572 -49.29 -28.78 38.41
C GLN K 572 -49.54 -27.32 38.08
N ALA K 573 -50.14 -26.58 39.01
CA ALA K 573 -50.37 -25.15 38.78
C ALA K 573 -49.06 -24.39 38.65
N ARG K 574 -48.09 -24.71 39.51
CA ARG K 574 -46.84 -23.96 39.52
C ARG K 574 -46.00 -24.22 38.27
N VAL K 575 -46.08 -25.43 37.72
CA VAL K 575 -45.38 -25.71 36.47
C VAL K 575 -45.92 -24.80 35.35
N SER K 576 -47.25 -24.69 35.27
CA SER K 576 -47.84 -23.80 34.27
C SER K 576 -47.47 -22.35 34.53
N GLN K 577 -47.40 -21.95 35.81
CA GLN K 577 -46.98 -20.59 36.13
C GLN K 577 -45.58 -20.31 35.61
N VAL K 578 -44.65 -21.24 35.85
CA VAL K 578 -43.28 -21.07 35.37
C VAL K 578 -43.24 -21.05 33.85
N ASN K 579 -44.05 -21.90 33.20
CA ASN K 579 -44.08 -21.90 31.74
C ASN K 579 -44.56 -20.56 31.21
N SER K 580 -45.60 -19.98 31.81
CA SER K 580 -46.10 -18.68 31.38
C SER K 580 -45.03 -17.61 31.56
N ALA K 581 -44.33 -17.63 32.71
CA ALA K 581 -43.27 -16.66 32.93
C ALA K 581 -42.19 -16.78 31.86
N MET K 582 -41.77 -18.00 31.55
CA MET K 582 -40.76 -18.19 30.51
C MET K 582 -41.24 -17.72 29.16
N ASN K 583 -42.50 -17.98 28.82
CA ASN K 583 -43.03 -17.52 27.54
C ASN K 583 -43.02 -15.99 27.46
N ASN K 584 -43.44 -15.31 28.53
CA ASN K 584 -43.40 -13.86 28.53
C ASN K 584 -41.98 -13.34 28.37
N GLU K 585 -41.03 -13.94 29.09
CA GLU K 585 -39.64 -13.52 28.98
C GLU K 585 -39.12 -13.69 27.55
N TYR K 586 -39.41 -14.84 26.94
CA TYR K 586 -38.95 -15.08 25.58
C TYR K 586 -39.55 -14.09 24.61
N VAL K 587 -40.85 -13.79 24.74
CA VAL K 587 -41.48 -12.84 23.84
C VAL K 587 -40.84 -11.47 23.99
N TYR K 588 -40.64 -11.03 25.23
CA TYR K 588 -40.06 -9.71 25.45
C TYR K 588 -38.65 -9.63 24.85
N ASN K 589 -37.84 -10.67 25.08
CA ASN K 589 -36.50 -10.68 24.51
C ASN K 589 -36.52 -10.67 22.99
N GLN K 590 -37.43 -11.46 22.39
CA GLN K 590 -37.47 -11.54 20.92
C GLN K 590 -37.87 -10.20 20.31
N GLN K 591 -38.85 -9.53 20.91
CA GLN K 591 -39.32 -8.27 20.33
C GLN K 591 -38.21 -7.23 20.28
N ARG K 592 -37.39 -7.13 21.34
CA ARG K 592 -36.30 -6.18 21.36
C ARG K 592 -35.14 -6.59 20.45
N GLY K 593 -35.17 -7.80 19.88
CA GLY K 593 -34.07 -8.26 19.05
C GLY K 593 -32.79 -8.48 19.81
N SER K 594 -32.86 -9.12 20.97
CA SER K 594 -31.69 -9.37 21.81
C SER K 594 -31.51 -10.83 22.17
N LEU K 595 -32.15 -11.74 21.43
CA LEU K 595 -32.03 -13.16 21.74
C LEU K 595 -30.61 -13.65 21.47
N PRO K 596 -30.12 -14.61 22.26
CA PRO K 596 -28.79 -15.15 22.01
C PRO K 596 -28.78 -16.16 20.87
N ALA K 597 -27.58 -16.49 20.40
CA ALA K 597 -27.40 -17.46 19.33
C ALA K 597 -27.33 -18.88 19.90
N LEU K 598 -28.49 -19.36 20.35
CA LEU K 598 -28.61 -20.69 20.94
C LEU K 598 -29.91 -21.32 20.46
N VAL K 599 -30.00 -22.64 20.64
CA VAL K 599 -31.17 -23.40 20.21
C VAL K 599 -31.38 -24.58 21.13
N GLY K 600 -32.65 -24.95 21.31
CA GLY K 600 -32.97 -26.15 22.05
C GLY K 600 -32.62 -26.05 23.52
N ASP K 601 -31.85 -27.03 23.98
CA ASP K 601 -31.56 -27.14 25.42
C ASP K 601 -30.80 -25.94 25.94
N ASP K 602 -29.86 -25.39 25.15
CA ASP K 602 -29.12 -24.22 25.60
C ASP K 602 -30.06 -23.04 25.82
N LEU K 603 -31.00 -22.82 24.89
CA LEU K 603 -31.96 -21.73 25.06
C LEU K 603 -32.87 -22.00 26.26
N LYS K 604 -33.28 -23.24 26.46
CA LYS K 604 -34.10 -23.57 27.63
C LYS K 604 -33.36 -23.24 28.92
N SER K 605 -32.09 -23.62 29.00
CA SER K 605 -31.29 -23.33 30.19
C SER K 605 -31.12 -21.83 30.38
N TRP K 606 -30.88 -21.09 29.30
CA TRP K 606 -30.76 -19.64 29.40
C TRP K 606 -32.03 -19.02 29.97
N LEU K 607 -33.19 -19.41 29.43
CA LEU K 607 -34.45 -18.85 29.91
C LEU K 607 -34.71 -19.26 31.37
N MET K 608 -34.44 -20.51 31.71
CA MET K 608 -34.65 -20.96 33.09
C MET K 608 -33.77 -20.20 34.06
N GLY K 609 -32.50 -19.97 33.70
CA GLY K 609 -31.63 -19.17 34.53
C GLY K 609 -32.07 -17.72 34.65
N LYS K 610 -32.59 -17.14 33.57
CA LYS K 610 -33.14 -15.79 33.65
C LYS K 610 -34.31 -15.73 34.62
N VAL K 611 -35.22 -16.70 34.54
CA VAL K 611 -36.41 -16.69 35.40
C VAL K 611 -36.04 -17.04 36.83
N ALA K 612 -35.05 -17.92 37.03
CA ALA K 612 -34.78 -18.44 38.36
C ALA K 612 -34.37 -17.34 39.34
N SER K 613 -33.80 -16.23 38.83
CA SER K 613 -33.27 -15.21 39.73
C SER K 613 -34.37 -14.39 40.38
N ARG K 614 -35.56 -14.36 39.79
CA ARG K 614 -36.64 -13.49 40.24
C ARG K 614 -37.73 -14.23 41.00
N THR K 615 -37.45 -15.42 41.53
CA THR K 615 -38.44 -16.21 42.24
C THR K 615 -38.28 -16.06 43.74
N VAL K 616 -39.41 -15.86 44.43
CA VAL K 616 -39.44 -15.71 45.88
C VAL K 616 -40.56 -16.58 46.43
N ARG K 617 -40.27 -17.32 47.50
CA ARG K 617 -41.21 -18.25 48.11
C ARG K 617 -41.75 -17.66 49.41
N VAL K 618 -42.85 -16.91 49.29
CA VAL K 618 -43.52 -16.38 50.47
C VAL K 618 -43.92 -17.53 51.37
N LYS K 619 -43.93 -17.28 52.68
CA LYS K 619 -44.06 -18.37 53.66
C LYS K 619 -45.50 -18.57 54.10
N ASP K 620 -46.12 -17.56 54.70
CA ASP K 620 -47.33 -17.74 55.48
C ASP K 620 -48.58 -17.81 54.60
N GLY K 621 -49.65 -18.32 55.20
CA GLY K 621 -50.96 -18.34 54.59
C GLY K 621 -51.60 -19.72 54.63
N THR K 622 -50.80 -20.75 54.36
CA THR K 622 -51.24 -22.15 54.37
C THR K 622 -49.97 -23.01 54.33
N ASP K 623 -50.17 -24.31 54.17
CA ASP K 623 -49.03 -25.19 53.90
C ASP K 623 -48.53 -24.96 52.48
N ASN K 624 -47.22 -25.18 52.30
CA ASN K 624 -46.54 -24.95 51.02
C ASN K 624 -46.42 -23.46 50.70
N GLY K 625 -46.96 -22.61 51.57
CA GLY K 625 -46.84 -21.18 51.36
C GLY K 625 -47.40 -20.74 50.02
N ALA K 626 -46.66 -19.87 49.35
CA ALA K 626 -47.04 -19.37 48.04
C ALA K 626 -45.78 -19.05 47.24
N LEU K 627 -45.94 -18.96 45.92
CA LEU K 627 -44.83 -18.73 45.01
C LEU K 627 -45.13 -17.48 44.18
N LEU K 628 -44.16 -16.58 44.09
CA LEU K 628 -44.29 -15.35 43.34
C LEU K 628 -43.03 -15.10 42.52
N VAL K 629 -43.19 -14.36 41.42
CA VAL K 629 -42.08 -13.96 40.56
C VAL K 629 -42.07 -12.43 40.52
N LEU K 630 -41.02 -11.83 41.06
CA LEU K 630 -40.94 -10.38 41.13
C LEU K 630 -40.75 -9.80 39.73
N PRO K 631 -41.30 -8.62 39.47
CA PRO K 631 -41.10 -7.99 38.16
C PRO K 631 -39.72 -7.36 38.05
N GLU K 632 -39.32 -7.08 36.82
CA GLU K 632 -38.05 -6.41 36.56
C GLU K 632 -38.18 -4.92 36.85
N VAL K 633 -37.14 -4.36 37.48
CA VAL K 633 -37.13 -2.95 37.85
C VAL K 633 -35.77 -2.37 37.47
N GLY K 634 -35.75 -1.06 37.26
CA GLY K 634 -34.51 -0.36 36.97
C GLY K 634 -33.46 -0.64 38.03
N ASP K 635 -33.71 -0.20 39.26
CA ASP K 635 -32.83 -0.51 40.38
C ASP K 635 -33.70 -0.87 41.58
N LYS K 636 -33.33 -1.97 42.25
CA LYS K 636 -34.17 -2.50 43.32
C LYS K 636 -34.20 -1.57 44.53
N GLN K 637 -33.12 -0.82 44.76
CA GLN K 637 -33.00 -0.02 45.97
C GLN K 637 -34.00 1.12 46.03
N LYS K 638 -34.57 1.53 44.89
CA LYS K 638 -35.54 2.61 44.89
C LYS K 638 -36.95 2.12 45.17
N VAL K 639 -37.30 0.92 44.70
CA VAL K 639 -38.67 0.41 44.85
C VAL K 639 -38.75 -0.49 46.08
N PHE K 640 -37.98 -1.57 46.09
CA PHE K 640 -38.05 -2.53 47.19
C PHE K 640 -37.26 -2.08 48.41
N GLY K 641 -36.27 -1.22 48.24
CA GLY K 641 -35.48 -0.73 49.35
C GLY K 641 -34.30 -1.59 49.73
N SER K 642 -34.14 -2.76 49.10
CA SER K 642 -33.01 -3.62 49.39
C SER K 642 -32.79 -4.55 48.21
N THR K 643 -31.54 -5.02 48.07
CA THR K 643 -31.18 -5.90 46.97
C THR K 643 -31.21 -7.37 47.34
N ASP K 644 -31.58 -7.72 48.57
CA ASP K 644 -31.58 -9.10 49.03
C ASP K 644 -33.01 -9.61 49.09
N ASN K 645 -33.23 -10.81 48.55
CA ASN K 645 -34.57 -11.37 48.48
C ASN K 645 -35.07 -11.88 49.84
N GLY K 646 -34.15 -12.22 50.75
CA GLY K 646 -34.54 -12.76 52.04
C GLY K 646 -35.32 -11.80 52.92
N ILE K 647 -35.22 -10.50 52.64
CA ILE K 647 -36.00 -9.51 53.39
C ILE K 647 -37.34 -9.26 52.72
N ILE K 648 -37.37 -9.22 51.39
CA ILE K 648 -38.63 -9.04 50.68
C ILE K 648 -39.55 -10.23 50.93
N GLU K 649 -38.99 -11.43 51.01
CA GLU K 649 -39.80 -12.61 51.29
C GLU K 649 -40.53 -12.47 52.62
N SER K 650 -39.85 -11.97 53.65
CA SER K 650 -40.49 -11.78 54.94
C SER K 650 -41.46 -10.60 54.92
N ALA K 651 -41.14 -9.55 54.17
CA ALA K 651 -41.97 -8.37 54.14
C ALA K 651 -43.29 -8.58 53.40
N LEU K 652 -43.31 -9.44 52.38
CA LEU K 652 -44.51 -9.64 51.59
C LEU K 652 -45.56 -10.49 52.31
N THR K 653 -45.24 -11.02 53.49
CA THR K 653 -46.11 -12.00 54.13
C THR K 653 -47.48 -11.40 54.45
N GLU K 654 -47.51 -10.22 55.06
CA GLU K 654 -48.78 -9.62 55.46
C GLU K 654 -49.67 -9.34 54.26
N SER K 655 -49.09 -8.75 53.21
CA SER K 655 -49.86 -8.43 52.01
C SER K 655 -50.41 -9.70 51.37
N VAL K 656 -49.58 -10.73 51.25
CA VAL K 656 -50.05 -11.97 50.64
C VAL K 656 -51.15 -12.60 51.46
N THR K 657 -50.99 -12.63 52.80
CA THR K 657 -52.01 -13.22 53.65
C THR K 657 -53.33 -12.46 53.54
N ASN K 658 -53.27 -11.13 53.54
CA ASN K 658 -54.50 -10.35 53.39
C ASN K 658 -55.16 -10.61 52.05
N PHE K 659 -54.37 -10.64 50.97
CA PHE K 659 -54.93 -10.87 49.65
C PHE K 659 -55.62 -12.22 49.57
N LYS K 660 -54.98 -13.26 50.12
CA LYS K 660 -55.62 -14.58 50.12
C LYS K 660 -56.83 -14.63 51.04
N LYS K 661 -56.83 -13.87 52.13
CA LYS K 661 -58.00 -13.85 53.01
C LYS K 661 -59.19 -13.21 52.32
N GLN K 662 -58.97 -12.14 51.56
CA GLN K 662 -60.08 -11.46 50.89
C GLN K 662 -60.71 -12.31 49.80
N TYR K 663 -59.90 -13.10 49.09
CA TYR K 663 -60.35 -13.88 47.93
C TYR K 663 -59.95 -15.35 48.11
N PRO K 664 -60.71 -16.11 48.88
CA PRO K 664 -60.38 -17.54 49.06
C PRO K 664 -60.37 -18.32 47.75
N GLN K 665 -61.21 -17.95 46.79
CA GLN K 665 -61.32 -18.73 45.57
C GLN K 665 -60.08 -18.62 44.69
N ALA K 666 -59.23 -17.63 44.92
CA ALA K 666 -58.03 -17.44 44.11
C ALA K 666 -57.02 -18.54 44.45
N THR K 667 -56.47 -19.17 43.41
CA THR K 667 -55.50 -20.24 43.62
C THR K 667 -54.06 -19.74 43.50
N THR K 668 -53.81 -18.82 42.58
CA THR K 668 -52.47 -18.30 42.34
C THR K 668 -52.52 -16.78 42.32
N VAL K 669 -51.36 -16.17 42.56
CA VAL K 669 -51.22 -14.73 42.64
C VAL K 669 -50.12 -14.28 41.70
N GLN K 670 -50.32 -13.12 41.07
CA GLN K 670 -49.33 -12.50 40.19
C GLN K 670 -49.06 -11.09 40.67
N MET K 671 -47.82 -10.64 40.48
CA MET K 671 -47.37 -9.34 40.95
C MET K 671 -46.84 -8.52 39.78
N ASP K 672 -47.14 -7.22 39.80
CA ASP K 672 -46.72 -6.33 38.73
C ASP K 672 -46.46 -4.94 39.31
N TYR K 673 -45.67 -4.15 38.59
CA TYR K 673 -45.25 -2.83 39.03
C TYR K 673 -45.70 -1.79 38.02
N ASP K 674 -46.29 -0.69 38.52
CA ASP K 674 -46.75 0.40 37.68
C ASP K 674 -45.87 1.63 37.93
N PRO K 675 -44.90 1.92 37.06
CA PRO K 675 -43.96 3.02 37.37
C PRO K 675 -44.61 4.39 37.41
N LEU K 676 -45.67 4.62 36.63
CA LEU K 676 -46.21 5.97 36.50
C LEU K 676 -46.69 6.52 37.84
N THR K 677 -47.41 5.72 38.62
CA THR K 677 -47.91 6.14 39.92
C THR K 677 -47.13 5.53 41.09
N GLN K 678 -46.01 4.86 40.82
CA GLN K 678 -45.21 4.22 41.87
C GLN K 678 -46.08 3.28 42.70
N GLU K 679 -46.63 2.26 42.04
CA GLU K 679 -47.63 1.40 42.62
C GLU K 679 -47.29 -0.06 42.37
N LEU K 680 -47.65 -0.92 43.32
CA LEU K 680 -47.51 -2.37 43.19
C LEU K 680 -48.90 -2.98 43.12
N ILE K 681 -49.09 -3.92 42.18
CA ILE K 681 -50.40 -4.46 41.88
C ILE K 681 -50.36 -5.98 42.01
N PHE K 682 -51.40 -6.52 42.65
CA PHE K 682 -51.61 -7.96 42.75
C PHE K 682 -52.87 -8.33 42.00
N GLN K 683 -52.85 -9.50 41.35
CA GLN K 683 -53.98 -9.96 40.57
C GLN K 683 -53.99 -11.48 40.54
N GLY K 684 -55.20 -12.05 40.59
CA GLY K 684 -55.34 -13.49 40.44
C GLY K 684 -55.25 -13.89 38.97
N VAL K 685 -54.76 -15.10 38.74
CA VAL K 685 -54.49 -15.59 37.38
C VAL K 685 -55.15 -16.95 37.21
N ASN K 686 -55.50 -17.25 35.96
CA ASN K 686 -56.07 -18.53 35.56
C ASN K 686 -55.10 -19.21 34.58
N ALA K 687 -55.39 -20.48 34.29
CA ALA K 687 -54.58 -21.23 33.34
C ALA K 687 -54.77 -20.67 31.94
N GLU K 688 -53.92 -21.07 31.00
CA GLU K 688 -53.97 -20.59 29.62
C GLU K 688 -53.61 -19.12 29.50
N ASN K 689 -52.87 -18.58 30.48
CA ASN K 689 -52.42 -17.20 30.49
C ASN K 689 -53.58 -16.20 30.58
N GLN K 690 -54.74 -16.65 31.03
CA GLN K 690 -55.88 -15.76 31.21
C GLN K 690 -55.86 -15.18 32.63
N LEU K 691 -56.48 -14.01 32.77
CA LEU K 691 -56.46 -13.25 34.01
C LEU K 691 -57.86 -13.17 34.61
N GLY K 692 -57.92 -13.07 35.94
CA GLY K 692 -59.16 -12.98 36.65
C GLY K 692 -59.61 -11.55 36.88
N THR K 693 -60.61 -11.40 37.75
CA THR K 693 -61.19 -10.09 38.05
C THR K 693 -60.69 -9.50 39.35
N THR K 694 -60.11 -10.30 40.24
CA THR K 694 -59.62 -9.77 41.51
C THR K 694 -58.37 -8.94 41.29
N ARG K 695 -58.24 -7.87 42.08
CA ARG K 695 -57.09 -6.99 41.98
C ARG K 695 -56.90 -6.26 43.30
N ALA K 696 -55.66 -5.82 43.54
CA ALA K 696 -55.32 -5.06 44.73
C ALA K 696 -54.18 -4.12 44.40
N SER K 697 -54.03 -3.08 45.24
CA SER K 697 -53.04 -2.05 45.00
C SER K 697 -52.37 -1.67 46.32
N ILE K 698 -51.06 -1.44 46.27
CA ILE K 698 -50.28 -1.09 47.46
C ILE K 698 -49.21 -0.07 47.08
N PRO K 699 -49.11 1.06 47.77
CA PRO K 699 -48.03 2.02 47.46
C PRO K 699 -46.68 1.45 47.83
N ALA K 700 -45.63 1.98 47.19
CA ALA K 700 -44.27 1.51 47.45
C ALA K 700 -43.70 2.10 48.74
N ALA K 701 -44.16 3.28 49.14
CA ALA K 701 -43.56 3.96 50.29
C ALA K 701 -43.71 3.13 51.56
N ASP K 702 -44.92 2.67 51.85
CA ASP K 702 -45.14 1.85 53.04
C ASP K 702 -44.45 0.50 52.95
N PHE K 703 -44.32 -0.07 51.76
CA PHE K 703 -43.56 -1.32 51.61
C PHE K 703 -42.10 -1.11 51.97
N ARG K 704 -41.51 -0.01 51.49
CA ARG K 704 -40.13 0.30 51.85
C ARG K 704 -40.00 0.56 53.34
N ASN K 705 -40.98 1.24 53.93
CA ASN K 705 -40.95 1.49 55.37
C ASN K 705 -40.98 0.18 56.15
N THR K 706 -41.83 -0.76 55.72
CA THR K 706 -41.89 -2.06 56.39
C THR K 706 -40.60 -2.82 56.23
N VAL K 707 -39.99 -2.77 55.05
CA VAL K 707 -38.72 -3.46 54.83
C VAL K 707 -37.65 -2.88 55.77
N ARG K 708 -37.58 -1.56 55.86
CA ARG K 708 -36.61 -0.93 56.76
C ARG K 708 -36.89 -1.27 58.21
N GLY K 709 -38.16 -1.32 58.60
CA GLY K 709 -38.49 -1.71 59.96
C GLY K 709 -38.06 -3.13 60.28
N VAL K 710 -38.24 -4.06 59.34
CA VAL K 710 -37.78 -5.43 59.55
C VAL K 710 -36.25 -5.47 59.65
N GLN K 711 -35.57 -4.73 58.78
CA GLN K 711 -34.11 -4.71 58.82
C GLN K 711 -33.60 -4.15 60.14
N ASN K 712 -34.24 -3.09 60.65
CA ASN K 712 -33.83 -2.52 61.93
C ASN K 712 -33.98 -3.53 63.06
N THR K 713 -35.08 -4.27 63.09
CA THR K 713 -35.25 -5.30 64.11
C THR K 713 -34.18 -6.38 63.96
N LEU K 714 -33.87 -6.77 62.73
CA LEU K 714 -32.86 -7.79 62.52
C LEU K 714 -31.49 -7.34 63.04
N THR K 715 -31.08 -6.13 62.69
CA THR K 715 -29.77 -5.62 63.07
C THR K 715 -29.75 -4.95 64.43
N GLN K 716 -30.90 -4.78 65.07
CA GLN K 716 -30.99 -4.16 66.40
C GLN K 716 -30.58 -2.69 66.33
N ASN K 717 -31.20 -1.97 65.40
CA ASN K 717 -30.96 -0.54 65.22
C ASN K 717 -29.50 -0.24 64.87
N GLY K 718 -28.79 -1.24 64.35
CA GLY K 718 -27.43 -1.05 63.92
C GLY K 718 -26.40 -1.01 65.03
N SER K 719 -26.80 -1.27 66.28
CA SER K 719 -25.85 -1.24 67.39
C SER K 719 -25.07 -2.54 67.51
N GLY K 720 -25.52 -3.61 66.87
CA GLY K 720 -24.82 -4.89 66.93
C GLY K 720 -25.23 -5.71 68.13
N THR K 721 -24.63 -6.91 68.22
CA THR K 721 -24.92 -7.82 69.31
C THR K 721 -24.27 -7.31 70.61
N THR K 722 -24.75 -7.85 71.73
CA THR K 722 -24.27 -7.44 73.04
C THR K 722 -23.98 -8.62 73.97
N GLN K 723 -23.90 -9.83 73.44
CA GLN K 723 -23.57 -10.99 74.27
C GLN K 723 -22.14 -10.90 74.77
N GLY K 724 -21.92 -11.40 75.97
CA GLY K 724 -20.61 -11.33 76.58
C GLY K 724 -20.35 -12.47 77.54
N ASN K 725 -19.27 -12.34 78.30
CA ASN K 725 -18.85 -13.37 79.25
C ASN K 725 -18.21 -12.70 80.46
N LEU K 726 -18.14 -13.45 81.55
CA LEU K 726 -17.52 -12.99 82.79
C LEU K 726 -16.61 -14.05 83.36
N ASN K 727 -15.62 -13.62 84.13
CA ASN K 727 -14.75 -14.51 84.88
C ASN K 727 -15.10 -14.40 86.36
N VAL K 728 -15.68 -15.46 86.92
CA VAL K 728 -16.09 -15.51 88.31
C VAL K 728 -15.14 -16.45 89.03
N PRO K 729 -14.46 -16.03 90.10
CA PRO K 729 -13.55 -16.95 90.80
C PRO K 729 -14.25 -18.22 91.23
N GLY K 730 -13.59 -19.35 91.00
CA GLY K 730 -14.15 -20.64 91.37
C GLY K 730 -15.17 -21.15 90.37
N ALA K 731 -16.20 -20.36 90.10
CA ALA K 731 -17.28 -20.81 89.24
C ALA K 731 -16.89 -20.86 87.77
N GLY K 732 -15.85 -20.13 87.37
CA GLY K 732 -15.44 -20.14 85.98
C GLY K 732 -16.23 -19.16 85.13
N PHE K 733 -16.28 -19.44 83.84
CA PHE K 733 -16.92 -18.56 82.89
C PHE K 733 -18.44 -18.65 82.98
N VAL K 734 -19.11 -17.51 82.80
CA VAL K 734 -20.57 -17.43 82.77
C VAL K 734 -20.98 -16.41 81.73
N SER K 735 -22.23 -16.50 81.30
CA SER K 735 -22.76 -15.59 80.30
C SER K 735 -23.12 -14.25 80.92
N PHE K 736 -23.04 -13.20 80.10
CA PHE K 736 -23.32 -11.85 80.56
C PHE K 736 -23.76 -11.00 79.37
N ASN K 737 -24.80 -10.20 79.57
CA ASN K 737 -25.34 -9.32 78.54
C ASN K 737 -25.03 -7.88 78.92
N ALA K 738 -24.41 -7.14 77.99
CA ALA K 738 -23.98 -5.78 78.25
C ALA K 738 -24.96 -4.73 77.76
N GLY K 739 -26.16 -5.13 77.36
CA GLY K 739 -27.12 -4.16 76.86
C GLY K 739 -27.51 -3.16 77.93
N ASN K 740 -27.80 -1.93 77.49
CA ASN K 740 -28.20 -0.86 78.41
C ASN K 740 -29.09 0.12 77.64
N SER K 741 -29.77 0.97 78.40
CA SER K 741 -30.74 1.91 77.85
C SER K 741 -30.19 3.32 77.71
N PHE K 742 -28.87 3.52 77.85
CA PHE K 742 -28.27 4.84 77.74
C PHE K 742 -27.33 4.98 76.55
N GLY K 743 -27.04 3.91 75.84
CA GLY K 743 -26.20 3.99 74.65
C GLY K 743 -24.73 3.86 74.89
N ILE K 744 -24.29 3.29 76.02
CA ILE K 744 -22.87 3.15 76.28
C ILE K 744 -22.35 1.93 75.51
N GLN K 745 -21.28 2.13 74.75
CA GLN K 745 -20.76 1.09 73.88
C GLN K 745 -20.21 -0.07 74.71
N LYS K 746 -20.20 -1.26 74.10
CA LYS K 746 -20.01 -2.50 74.85
C LYS K 746 -18.72 -2.48 75.66
N ASN K 747 -17.60 -2.18 75.02
CA ASN K 747 -16.31 -2.24 75.70
C ASN K 747 -16.17 -1.19 76.79
N VAL K 748 -17.01 -0.16 76.79
CA VAL K 748 -17.01 0.82 77.87
C VAL K 748 -17.85 0.34 79.04
N VAL K 749 -18.96 -0.33 78.77
CA VAL K 749 -19.75 -0.93 79.83
C VAL K 749 -18.95 -2.02 80.55
N MET K 750 -18.25 -2.85 79.78
CA MET K 750 -17.48 -3.94 80.37
C MET K 750 -16.30 -3.45 81.20
N GLY K 751 -15.94 -2.18 81.12
CA GLY K 751 -14.81 -1.65 81.86
C GLY K 751 -15.04 -1.58 83.36
N ALA K 752 -16.21 -1.10 83.78
CA ALA K 752 -16.47 -0.90 85.20
C ALA K 752 -16.78 -2.22 85.91
N VAL K 753 -17.41 -3.17 85.22
CA VAL K 753 -17.72 -4.44 85.84
C VAL K 753 -16.45 -5.22 86.14
N ASN K 754 -15.43 -5.11 85.27
CA ASN K 754 -14.16 -5.80 85.50
C ASN K 754 -13.39 -5.21 86.68
N GLN K 755 -13.76 -4.02 87.16
CA GLN K 755 -13.17 -3.47 88.37
C GLN K 755 -14.02 -3.81 89.58
N LEU K 756 -15.35 -3.78 89.42
CA LEU K 756 -16.23 -4.17 90.51
C LEU K 756 -15.98 -5.61 90.92
N VAL K 757 -15.79 -6.50 89.94
CA VAL K 757 -15.50 -7.89 90.23
C VAL K 757 -14.12 -8.06 90.85
N SER K 758 -13.14 -7.27 90.42
CA SER K 758 -11.79 -7.36 90.97
C SER K 758 -11.69 -6.79 92.38
N TYR K 759 -12.62 -5.93 92.78
CA TYR K 759 -12.65 -5.40 94.14
C TYR K 759 -13.51 -6.25 95.07
N GLU K 760 -14.76 -6.53 94.70
CA GLU K 760 -15.67 -7.24 95.58
C GLU K 760 -15.34 -8.73 95.70
N GLY K 761 -15.00 -9.38 94.58
CA GLY K 761 -14.81 -10.81 94.62
C GLY K 761 -16.13 -11.55 94.62
N TYR K 762 -16.05 -12.86 94.87
CA TYR K 762 -17.23 -13.71 94.86
C TYR K 762 -17.01 -14.88 95.81
N THR K 763 -18.02 -15.16 96.63
CA THR K 763 -17.99 -16.30 97.53
C THR K 763 -19.37 -16.95 97.54
N PRO K 764 -19.45 -18.27 97.75
CA PRO K 764 -20.77 -18.92 97.74
C PRO K 764 -21.75 -18.35 98.76
N SER K 765 -21.27 -17.97 99.95
CA SER K 765 -22.16 -17.52 101.01
C SER K 765 -22.53 -16.05 100.90
N LYS K 766 -21.86 -15.29 100.03
CA LYS K 766 -22.14 -13.87 99.87
C LYS K 766 -22.36 -13.43 98.43
N GLY K 767 -22.02 -14.26 97.44
CA GLY K 767 -22.18 -13.84 96.06
C GLY K 767 -21.35 -12.61 95.78
N PHE K 768 -21.97 -11.63 95.12
CA PHE K 768 -21.32 -10.38 94.79
C PHE K 768 -21.57 -9.29 95.84
N SER K 769 -22.16 -9.64 96.98
CA SER K 769 -22.35 -8.71 98.08
C SER K 769 -23.34 -7.61 97.73
N VAL K 770 -24.44 -7.98 97.07
CA VAL K 770 -25.48 -7.01 96.74
C VAL K 770 -26.35 -6.78 97.96
N LEU K 771 -26.48 -5.53 98.38
CA LEU K 771 -27.27 -5.17 99.55
C LEU K 771 -28.20 -4.00 99.24
N GLU K 783 -34.10 -5.86 97.88
CA GLU K 783 -35.31 -6.66 97.78
C GLU K 783 -34.96 -8.14 97.64
N ASP K 784 -36.00 -8.98 97.52
CA ASP K 784 -35.78 -10.42 97.43
C ASP K 784 -35.14 -10.80 96.09
N LYS K 785 -35.43 -10.07 95.02
CA LYS K 785 -34.94 -10.42 93.70
C LYS K 785 -33.58 -9.83 93.40
N TYR K 786 -33.02 -9.02 94.29
CA TYR K 786 -31.70 -8.44 94.11
C TYR K 786 -30.63 -9.11 94.98
N VAL K 787 -30.98 -10.15 95.72
CA VAL K 787 -30.06 -10.79 96.65
C VAL K 787 -29.96 -12.28 96.31
N LYS K 788 -28.82 -12.86 96.65
CA LYS K 788 -28.59 -14.28 96.37
C LYS K 788 -29.17 -15.15 97.48
N GLN K 789 -29.85 -16.22 97.09
CA GLN K 789 -30.34 -17.21 98.03
C GLN K 789 -29.38 -18.38 98.12
N ALA K 790 -29.60 -19.24 99.12
CA ALA K 790 -28.70 -20.35 99.35
C ALA K 790 -28.63 -21.32 98.19
N THR K 791 -29.73 -21.49 97.44
CA THR K 791 -29.81 -22.49 96.39
C THR K 791 -29.47 -21.95 95.01
N ASP K 792 -29.11 -20.67 94.88
CA ASP K 792 -28.86 -20.09 93.57
C ASP K 792 -27.55 -20.60 93.00
N THR K 793 -27.55 -20.87 91.69
CA THR K 793 -26.32 -21.17 90.97
C THR K 793 -25.61 -19.86 90.61
N PRO K 794 -24.31 -19.92 90.30
CA PRO K 794 -23.60 -18.68 89.98
C PRO K 794 -24.21 -17.91 88.82
N GLN K 795 -24.76 -18.58 87.82
CA GLN K 795 -25.38 -17.86 86.71
C GLN K 795 -26.57 -17.05 87.19
N VAL K 796 -27.40 -17.62 88.06
CA VAL K 796 -28.55 -16.89 88.59
C VAL K 796 -28.10 -15.69 89.40
N ALA K 797 -27.06 -15.86 90.22
CA ALA K 797 -26.55 -14.74 91.00
C ALA K 797 -26.02 -13.64 90.10
N ALA K 798 -25.32 -14.01 89.03
CA ALA K 798 -24.82 -13.02 88.08
C ALA K 798 -25.96 -12.27 87.41
N ASP K 799 -27.04 -12.98 87.05
CA ASP K 799 -28.18 -12.31 86.45
C ASP K 799 -28.78 -11.28 87.40
N LYS K 800 -28.94 -11.65 88.68
CA LYS K 800 -29.46 -10.71 89.66
C LYS K 800 -28.52 -9.53 89.84
N PHE K 801 -27.22 -9.78 89.83
CA PHE K 801 -26.25 -8.69 89.97
C PHE K 801 -26.38 -7.70 88.81
N ASN K 802 -26.48 -8.22 87.59
CA ASN K 802 -26.64 -7.35 86.42
C ASN K 802 -27.94 -6.56 86.50
N MET K 803 -29.03 -7.23 86.90
CA MET K 803 -30.30 -6.52 87.05
C MET K 803 -30.21 -5.42 88.08
N TYR K 804 -29.59 -5.70 89.23
CA TYR K 804 -29.44 -4.68 90.27
C TYR K 804 -28.62 -3.50 89.76
N LEU K 805 -27.51 -3.78 89.06
CA LEU K 805 -26.74 -2.71 88.46
C LEU K 805 -27.63 -1.84 87.57
N ASN K 806 -28.22 -2.46 86.54
CA ASN K 806 -28.98 -1.69 85.56
C ASN K 806 -30.15 -0.94 86.20
N ASP K 807 -30.67 -1.44 87.32
CA ASP K 807 -31.85 -0.82 87.92
C ASP K 807 -31.53 0.22 88.97
N LYS K 808 -30.34 0.18 89.58
CA LYS K 808 -30.07 1.02 90.73
C LYS K 808 -28.72 1.73 90.71
N VAL K 809 -27.95 1.67 89.62
CA VAL K 809 -26.65 2.35 89.58
C VAL K 809 -26.62 3.37 88.46
N TYR K 810 -26.79 2.91 87.22
CA TYR K 810 -26.65 3.82 86.08
C TYR K 810 -27.57 5.02 86.16
N PRO K 811 -28.84 4.90 86.56
CA PRO K 811 -29.71 6.09 86.61
C PRO K 811 -29.18 7.19 87.51
N LEU K 812 -28.39 6.86 88.53
CA LEU K 812 -27.84 7.86 89.43
C LEU K 812 -26.47 8.37 89.00
N VAL K 813 -25.79 7.68 88.09
CA VAL K 813 -24.46 8.09 87.66
C VAL K 813 -24.52 8.87 86.35
N MET K 814 -25.41 8.47 85.44
CA MET K 814 -25.50 9.12 84.14
C MET K 814 -25.85 10.60 84.25
N PRO K 815 -26.81 10.98 85.09
CA PRO K 815 -27.20 12.40 85.16
C PRO K 815 -26.06 13.33 85.54
N LYS K 816 -25.04 12.85 86.26
CA LYS K 816 -23.95 13.69 86.70
C LYS K 816 -22.78 13.73 85.72
N MET K 817 -22.91 13.08 84.56
CA MET K 817 -21.87 13.13 83.54
C MET K 817 -22.01 14.32 82.61
N GLU K 818 -23.10 15.08 82.70
CA GLU K 818 -23.29 16.24 81.84
C GLU K 818 -22.37 17.39 82.19
N GLN K 819 -21.71 17.34 83.35
CA GLN K 819 -20.90 18.46 83.82
C GLN K 819 -19.45 18.39 83.38
N TYR K 820 -18.99 17.23 82.88
CA TYR K 820 -17.58 17.01 82.60
C TYR K 820 -17.28 16.89 81.11
N LYS K 821 -18.05 17.57 80.25
CA LYS K 821 -17.82 17.46 78.81
C LYS K 821 -16.72 18.41 78.32
N ASN K 822 -16.23 19.32 79.17
CA ASN K 822 -15.14 20.17 78.77
C ASN K 822 -13.81 19.42 78.76
N LEU K 823 -13.68 18.40 79.62
CA LEU K 823 -12.44 17.65 79.74
C LEU K 823 -12.27 16.69 78.58
N PRO K 824 -11.05 16.20 78.35
CA PRO K 824 -10.85 15.20 77.29
C PRO K 824 -11.69 13.95 77.55
N GLY K 825 -11.75 13.08 76.54
CA GLY K 825 -12.58 11.89 76.65
C GLY K 825 -12.08 10.90 77.68
N TYR K 826 -10.77 10.67 77.73
CA TYR K 826 -10.25 9.63 78.62
C TYR K 826 -10.33 10.05 80.09
N ILE K 827 -10.29 11.35 80.38
CA ILE K 827 -10.54 11.80 81.75
C ILE K 827 -11.97 11.46 82.15
N GLN K 828 -12.93 11.69 81.26
CA GLN K 828 -14.31 11.32 81.55
C GLN K 828 -14.44 9.81 81.74
N ASN K 829 -13.75 9.03 80.91
CA ASN K 829 -13.78 7.58 81.06
C ASN K 829 -13.24 7.16 82.42
N ASN K 830 -12.14 7.78 82.86
CA ASN K 830 -11.61 7.48 84.19
C ASN K 830 -12.59 7.87 85.29
N ILE K 831 -13.25 9.02 85.15
CA ILE K 831 -14.21 9.45 86.17
C ILE K 831 -15.39 8.48 86.24
N TYR K 832 -15.78 7.92 85.09
CA TYR K 832 -16.94 7.02 85.06
C TYR K 832 -16.73 5.82 85.96
N ASN K 833 -15.55 5.19 85.88
CA ASN K 833 -15.28 4.01 86.68
C ASN K 833 -15.33 4.33 88.17
N ALA K 834 -14.70 5.44 88.57
CA ALA K 834 -14.71 5.82 89.98
C ALA K 834 -16.11 6.10 90.47
N LEU K 835 -16.91 6.81 89.67
CA LEU K 835 -18.28 7.10 90.09
C LEU K 835 -19.10 5.82 90.22
N VAL K 836 -18.96 4.88 89.28
CA VAL K 836 -19.70 3.62 89.38
C VAL K 836 -19.27 2.85 90.62
N GLU K 837 -17.96 2.78 90.88
CA GLU K 837 -17.46 2.06 92.04
C GLU K 837 -18.00 2.66 93.33
N THR K 838 -17.99 3.99 93.45
CA THR K 838 -18.48 4.64 94.66
C THR K 838 -19.98 4.43 94.82
N THR K 839 -20.74 4.58 93.73
CA THR K 839 -22.18 4.43 93.81
C THR K 839 -22.58 3.01 94.20
N TYR K 840 -21.84 2.01 93.71
CA TYR K 840 -22.17 0.63 94.05
C TYR K 840 -22.04 0.39 95.55
N HIS K 841 -20.98 0.91 96.16
CA HIS K 841 -20.72 0.67 97.57
C HIS K 841 -21.47 1.63 98.49
N SER K 842 -22.01 2.73 97.97
CA SER K 842 -22.70 3.68 98.84
C SER K 842 -24.12 4.01 98.41
N GLY K 843 -24.56 3.58 97.22
CA GLY K 843 -25.90 3.90 96.78
C GLY K 843 -26.17 5.37 96.64
N ASN K 844 -25.14 6.20 96.56
CA ASN K 844 -25.30 7.64 96.45
C ASN K 844 -24.06 8.20 95.76
N SER K 845 -24.26 8.88 94.63
CA SER K 845 -23.15 9.39 93.84
C SER K 845 -22.67 10.76 94.29
N ASP K 846 -23.31 11.37 95.29
CA ASP K 846 -22.91 12.70 95.74
C ASP K 846 -21.71 12.68 96.68
N VAL K 847 -21.28 11.50 97.14
CA VAL K 847 -20.20 11.44 98.11
C VAL K 847 -18.87 11.84 97.47
N PHE K 848 -18.60 11.36 96.26
CA PHE K 848 -17.31 11.59 95.61
C PHE K 848 -17.35 12.74 94.62
N ASP K 849 -18.53 13.07 94.08
CA ASP K 849 -18.63 14.22 93.19
C ASP K 849 -18.27 15.50 93.93
N LYS K 850 -18.55 15.56 95.23
CA LYS K 850 -18.16 16.73 96.01
C LYS K 850 -16.66 16.95 95.97
N TYR K 851 -15.87 15.89 96.20
CA TYR K 851 -14.43 16.03 96.18
C TYR K 851 -13.90 16.24 94.76
N ILE K 852 -14.57 15.66 93.76
CA ILE K 852 -14.17 15.93 92.38
C ILE K 852 -14.33 17.41 92.06
N GLN K 853 -15.47 17.99 92.44
CA GLN K 853 -15.69 19.42 92.24
C GLN K 853 -14.70 20.25 93.02
N THR K 854 -14.38 19.84 94.25
CA THR K 854 -13.40 20.57 95.04
C THR K 854 -12.04 20.57 94.36
N ALA K 855 -11.63 19.42 93.83
CA ALA K 855 -10.34 19.34 93.14
C ALA K 855 -10.34 20.19 91.88
N LEU K 856 -11.43 20.15 91.11
CA LEU K 856 -11.43 20.86 89.83
C LEU K 856 -11.55 22.38 90.01
N TYR K 857 -12.38 22.83 90.95
CA TYR K 857 -12.64 24.26 91.12
C TYR K 857 -12.51 24.75 92.55
N GLY K 858 -12.62 23.88 93.55
CA GLY K 858 -12.60 24.29 94.94
C GLY K 858 -11.19 24.49 95.47
N ASN K 859 -11.10 24.61 96.79
CA ASN K 859 -9.82 24.82 97.47
C ASN K 859 -9.14 23.46 97.64
N VAL K 860 -7.96 23.30 97.04
CA VAL K 860 -7.25 22.04 97.10
C VAL K 860 -6.83 21.66 98.50
N GLN K 861 -6.78 22.63 99.43
CA GLN K 861 -6.34 22.33 100.79
C GLN K 861 -7.33 21.46 101.55
N GLU K 862 -8.56 21.33 101.07
CA GLU K 862 -9.57 20.53 101.76
C GLU K 862 -9.55 19.07 101.34
N ILE K 863 -8.75 18.71 100.33
CA ILE K 863 -8.69 17.34 99.84
C ILE K 863 -8.28 16.37 100.93
N PRO K 864 -7.21 16.63 101.70
CA PRO K 864 -6.75 15.62 102.67
C PRO K 864 -7.77 15.30 103.76
N THR K 865 -8.85 16.06 103.88
CA THR K 865 -9.88 15.75 104.86
C THR K 865 -10.73 14.54 104.46
N PHE K 866 -10.56 14.03 103.24
CA PHE K 866 -11.37 12.90 102.79
C PHE K 866 -11.11 11.65 103.63
N LYS K 867 -9.96 11.60 104.33
CA LYS K 867 -9.59 10.41 105.06
C LYS K 867 -10.50 10.16 106.27
N ASP K 868 -11.32 11.13 106.64
CA ASP K 868 -12.21 10.98 107.79
C ASP K 868 -13.60 10.49 107.42
N THR K 869 -13.88 10.31 106.13
CA THR K 869 -15.21 9.87 105.73
C THR K 869 -15.37 8.37 105.94
N PRO K 870 -16.60 7.90 106.18
CA PRO K 870 -16.81 6.45 106.31
C PRO K 870 -16.41 5.68 105.06
N LEU K 871 -16.56 6.28 103.88
CA LEU K 871 -16.22 5.59 102.65
C LEU K 871 -14.76 5.17 102.62
N PHE K 872 -13.86 6.03 103.12
CA PHE K 872 -12.45 5.67 103.20
C PHE K 872 -12.19 4.63 104.27
N LYS K 873 -12.83 4.77 105.43
CA LYS K 873 -12.59 3.85 106.54
C LYS K 873 -13.00 2.44 106.17
N ASP K 874 -14.15 2.29 105.51
CA ASP K 874 -14.67 0.96 105.17
C ASP K 874 -13.75 0.20 104.22
N ALA K 875 -12.98 0.90 103.39
CA ALA K 875 -12.15 0.27 102.37
C ALA K 875 -10.72 0.02 102.84
N GLY K 876 -10.39 0.33 104.08
CA GLY K 876 -9.04 0.12 104.59
C GLY K 876 -8.19 1.38 104.49
N ALA K 877 -7.23 1.50 105.40
CA ALA K 877 -6.39 2.70 105.46
C ALA K 877 -5.26 2.70 104.44
N GLY K 878 -4.91 1.53 103.88
CA GLY K 878 -3.81 1.46 102.94
C GLY K 878 -4.06 0.50 101.80
N SER K 879 -5.33 0.24 101.50
CA SER K 879 -5.66 -0.73 100.47
C SER K 879 -5.49 -0.11 99.07
N ARG K 880 -5.42 -1.00 98.08
CA ARG K 880 -5.29 -0.56 96.69
C ARG K 880 -6.47 0.31 96.27
N ARG K 881 -7.64 0.07 96.84
CA ARG K 881 -8.84 0.80 96.45
C ARG K 881 -8.67 2.29 96.71
N ASN K 882 -8.06 2.65 97.84
CA ASN K 882 -7.88 4.06 98.17
C ASN K 882 -6.78 4.72 97.37
N VAL K 883 -5.71 3.98 97.05
CA VAL K 883 -4.66 4.54 96.18
C VAL K 883 -5.23 4.83 94.80
N ASP K 884 -6.06 3.91 94.28
CA ASP K 884 -6.70 4.16 93.00
C ASP K 884 -7.58 5.40 93.04
N ARG K 885 -8.25 5.64 94.17
CA ARG K 885 -9.07 6.83 94.30
C ARG K 885 -8.22 8.10 94.34
N TYR K 886 -7.13 8.07 95.11
CA TYR K 886 -6.27 9.25 95.22
C TYR K 886 -5.55 9.57 93.92
N GLN K 887 -5.27 8.57 93.08
CA GLN K 887 -4.59 8.86 91.82
C GLN K 887 -5.42 9.80 90.94
N LEU K 888 -6.73 9.57 90.87
CA LEU K 888 -7.58 10.43 90.05
C LEU K 888 -7.54 11.87 90.53
N LEU K 889 -7.65 12.07 91.84
CA LEU K 889 -7.60 13.43 92.39
C LEU K 889 -6.23 14.06 92.19
N GLY K 890 -5.16 13.28 92.27
CA GLY K 890 -3.84 13.84 91.99
C GLY K 890 -3.64 14.23 90.55
N SER K 891 -4.29 13.52 89.63
CA SER K 891 -4.21 13.88 88.21
C SER K 891 -5.09 15.06 87.86
N LEU K 892 -6.26 15.18 88.49
CA LEU K 892 -7.13 16.32 88.20
C LEU K 892 -6.47 17.64 88.59
N VAL K 893 -5.75 17.66 89.72
CA VAL K 893 -5.05 18.87 90.13
C VAL K 893 -3.99 19.25 89.12
N THR K 894 -3.24 18.27 88.62
CA THR K 894 -2.24 18.56 87.59
C THR K 894 -2.89 19.11 86.33
N TYR K 895 -4.01 18.51 85.91
CA TYR K 895 -4.71 19.01 84.73
C TYR K 895 -5.15 20.46 84.94
N ARG K 896 -5.70 20.76 86.12
CA ARG K 896 -6.10 22.13 86.42
C ARG K 896 -4.90 23.07 86.35
N THR K 897 -3.77 22.64 86.91
CA THR K 897 -2.58 23.50 86.89
C THR K 897 -2.11 23.77 85.47
N ASN K 898 -2.12 22.75 84.60
CA ASN K 898 -1.61 22.90 83.26
C ASN K 898 -2.53 23.72 82.35
N ASN K 899 -3.75 24.02 82.77
CA ASN K 899 -4.71 24.80 82.00
C ASN K 899 -5.27 25.93 82.88
N PRO K 900 -4.54 27.03 83.02
CA PRO K 900 -5.00 28.11 83.90
C PRO K 900 -6.31 28.75 83.47
N ASN K 901 -6.70 28.61 82.20
CA ASN K 901 -7.93 29.21 81.70
C ASN K 901 -9.15 28.33 81.88
N LEU K 902 -9.02 27.19 82.55
CA LEU K 902 -10.16 26.30 82.76
C LEU K 902 -11.28 27.05 83.46
N SER K 903 -12.50 26.87 82.95
CA SER K 903 -13.68 27.53 83.50
C SER K 903 -14.43 26.59 84.44
N ALA L 49 105.27 12.18 25.12
CA ALA L 49 103.89 11.89 25.49
C ALA L 49 103.67 12.17 26.98
N SER L 50 104.75 12.04 27.77
CA SER L 50 104.64 12.28 29.21
C SER L 50 104.34 13.74 29.50
N VAL L 51 104.86 14.65 28.67
CA VAL L 51 104.70 16.08 28.91
C VAL L 51 103.24 16.48 28.90
N LYS L 52 102.45 15.90 27.98
CA LYS L 52 101.04 16.26 27.90
C LYS L 52 100.32 15.95 29.20
N THR L 53 100.49 14.72 29.71
CA THR L 53 99.85 14.34 30.97
C THR L 53 100.39 15.16 32.13
N ALA L 54 101.70 15.44 32.14
CA ALA L 54 102.28 16.20 33.24
C ALA L 54 101.68 17.61 33.29
N GLN L 55 101.51 18.25 32.13
CA GLN L 55 100.92 19.58 32.11
C GLN L 55 99.43 19.54 32.42
N ALA L 56 98.73 18.50 31.95
CA ALA L 56 97.29 18.41 32.21
C ALA L 56 97.02 18.23 33.71
N ALA L 57 97.85 17.43 34.39
CA ALA L 57 97.65 17.21 35.82
C ALA L 57 97.76 18.51 36.61
N GLN L 58 98.77 19.33 36.31
CA GLN L 58 98.92 20.59 37.01
C GLN L 58 97.72 21.50 36.79
N GLN L 59 97.23 21.58 35.55
CA GLN L 59 96.09 22.44 35.26
C GLN L 59 94.83 21.97 35.98
N THR L 60 94.56 20.67 35.96
CA THR L 60 93.36 20.18 36.65
C THR L 60 93.48 20.38 38.16
N ALA L 61 94.68 20.18 38.70
CA ALA L 61 94.88 20.44 40.14
C ALA L 61 94.65 21.90 40.47
N SER L 62 95.13 22.81 39.62
CA SER L 62 94.92 24.24 39.86
C SER L 62 93.44 24.58 39.78
N ALA L 63 92.72 23.98 38.84
CA ALA L 63 91.28 24.23 38.74
C ALA L 63 90.56 23.75 39.99
N LYS L 64 90.90 22.55 40.47
CA LYS L 64 90.28 22.05 41.70
C LYS L 64 90.59 22.95 42.88
N GLY L 65 91.85 23.40 42.99
CA GLY L 65 92.21 24.32 44.06
C GLY L 65 91.46 25.63 44.01
N TYR L 66 91.29 26.21 42.82
CA TYR L 66 90.51 27.43 42.69
C TYR L 66 89.06 27.20 43.11
N LEU L 67 88.46 26.09 42.65
CA LEU L 67 87.08 25.80 43.01
C LEU L 67 86.91 25.65 44.51
N GLU L 68 87.86 24.96 45.16
CA GLU L 68 87.78 24.76 46.60
C GLU L 68 88.07 26.03 47.39
N GLY L 69 88.94 26.90 46.88
CA GLY L 69 89.29 28.10 47.63
C GLY L 69 88.32 29.25 47.43
N GLN L 70 87.53 29.21 46.36
CA GLN L 70 86.59 30.30 46.10
C GLN L 70 85.61 30.50 47.26
N GLN L 71 85.27 29.43 47.96
CA GLN L 71 84.26 29.52 49.02
C GLN L 71 84.81 30.07 50.33
N ASP L 72 86.08 30.45 50.38
CA ASP L 72 86.68 30.99 51.60
C ASP L 72 86.65 32.51 51.66
N SER L 73 86.64 33.18 50.51
CA SER L 73 86.65 34.64 50.48
C SER L 73 85.30 35.21 50.91
N GLN L 74 85.27 36.53 51.07
CA GLN L 74 84.03 37.20 51.45
C GLN L 74 82.99 37.01 50.36
N GLN L 75 81.71 37.05 50.76
CA GLN L 75 80.58 36.70 49.91
C GLN L 75 80.49 35.20 49.73
N GLY L 76 81.44 34.46 50.29
CA GLY L 76 81.38 33.01 50.35
C GLY L 76 81.12 32.53 51.75
N ARG L 77 81.68 33.24 52.74
CA ARG L 77 81.45 32.87 54.13
C ARG L 77 80.02 33.19 54.54
N GLU L 78 79.48 34.34 54.12
CA GLU L 78 78.12 34.70 54.45
C GLU L 78 77.11 33.69 53.90
N LYS L 79 77.45 33.03 52.79
CA LYS L 79 76.57 31.97 52.28
C LYS L 79 76.52 30.80 53.25
N GLN L 80 77.63 30.49 53.91
CA GLN L 80 77.63 29.40 54.88
C GLN L 80 76.73 29.72 56.08
N VAL L 81 76.72 30.98 56.52
CA VAL L 81 75.85 31.37 57.64
C VAL L 81 74.39 31.16 57.28
N ARG L 82 74.01 31.53 56.06
CA ARG L 82 72.62 31.33 55.62
C ARG L 82 72.27 29.84 55.62
N ASN L 83 73.18 28.99 55.16
CA ASN L 83 72.92 27.56 55.14
C ASN L 83 72.74 27.01 56.54
N PHE L 84 73.54 27.48 57.50
CA PHE L 84 73.50 26.95 58.85
C PHE L 84 72.13 27.16 59.48
N PHE L 85 71.60 28.38 59.41
CA PHE L 85 70.31 28.66 60.01
C PHE L 85 69.19 27.90 59.32
N THR L 86 69.24 27.80 57.98
CA THR L 86 68.22 27.06 57.26
C THR L 86 68.15 25.61 57.72
N LYS L 87 69.31 25.03 58.05
CA LYS L 87 69.32 23.66 58.55
C LYS L 87 68.56 23.55 59.87
N GLU L 88 68.72 24.54 60.74
CA GLU L 88 68.05 24.50 62.05
C GLU L 88 66.55 24.73 61.93
N ALA L 89 66.08 25.21 60.77
CA ALA L 89 64.68 25.56 60.64
C ALA L 89 63.80 24.33 60.54
N TYR L 90 64.00 23.52 59.50
CA TYR L 90 63.13 22.36 59.27
C TYR L 90 63.47 21.17 60.14
N GLU L 91 64.67 21.16 60.75
CA GLU L 91 65.08 20.03 61.57
C GLU L 91 64.26 19.92 62.85
N GLN L 92 63.59 20.98 63.27
CA GLN L 92 62.69 20.92 64.41
C GLN L 92 61.24 20.67 63.99
N GLY L 93 60.83 21.18 62.83
CA GLY L 93 59.53 20.83 62.30
C GLY L 93 59.39 19.35 62.05
N TYR L 94 60.47 18.72 61.56
CA TYR L 94 60.44 17.27 61.38
C TYR L 94 60.22 16.56 62.70
N ASN L 95 60.92 16.97 63.76
CA ASN L 95 60.74 16.35 65.07
C ASN L 95 59.32 16.53 65.58
N SER L 96 58.78 17.73 65.44
CA SER L 96 57.42 17.98 65.90
C SER L 96 56.42 17.11 65.17
N ALA L 97 56.55 17.01 63.84
CA ALA L 97 55.65 16.16 63.08
C ALA L 97 55.79 14.70 63.50
N SER L 98 57.02 14.23 63.70
CA SER L 98 57.23 12.84 64.10
C SER L 98 56.57 12.53 65.44
N VAL L 99 56.70 13.46 66.40
CA VAL L 99 56.09 13.24 67.71
C VAL L 99 54.57 13.23 67.60
N ASN L 100 54.01 14.23 66.91
CA ASN L 100 52.56 14.36 66.85
C ASN L 100 51.93 13.17 66.13
N SER L 101 52.55 12.71 65.04
CA SER L 101 52.00 11.58 64.30
C SER L 101 51.92 10.32 65.14
N ALA L 102 52.95 10.04 65.95
CA ALA L 102 52.93 8.86 66.81
C ALA L 102 51.90 9.00 67.92
N LEU L 103 51.82 10.18 68.54
CA LEU L 103 50.85 10.37 69.62
C LEU L 103 49.43 10.18 69.10
N ALA L 104 49.13 10.79 67.95
CA ALA L 104 47.77 10.67 67.40
C ALA L 104 47.43 9.23 67.07
N SER L 105 48.39 8.48 66.51
CA SER L 105 48.12 7.07 66.20
C SER L 105 47.86 6.26 67.46
N PHE L 106 48.66 6.48 68.51
CA PHE L 106 48.46 5.73 69.75
C PHE L 106 47.09 6.04 70.37
N GLN L 107 46.70 7.31 70.36
CA GLN L 107 45.43 7.70 70.96
C GLN L 107 44.26 6.95 70.32
N LEU L 108 44.24 6.88 68.99
CA LEU L 108 43.18 6.15 68.31
C LEU L 108 43.32 4.65 68.46
N GLY L 109 44.57 4.15 68.52
CA GLY L 109 44.76 2.72 68.63
C GLY L 109 44.18 2.14 69.91
N LEU L 110 44.40 2.82 71.04
CA LEU L 110 43.86 2.31 72.29
C LEU L 110 42.34 2.21 72.23
N GLN L 111 41.68 3.29 71.78
CA GLN L 111 40.23 3.31 71.73
C GLN L 111 39.70 2.24 70.77
N ASN L 112 40.36 2.06 69.63
CA ASN L 112 39.92 1.05 68.69
C ASN L 112 40.11 -0.36 69.24
N THR L 113 41.16 -0.59 70.02
CA THR L 113 41.39 -1.92 70.58
C THR L 113 40.42 -2.23 71.72
N ALA L 114 39.92 -1.19 72.39
CA ALA L 114 39.00 -1.43 73.50
C ALA L 114 37.79 -2.26 73.06
N GLN L 115 37.10 -1.82 72.01
CA GLN L 115 35.91 -2.54 71.56
C GLN L 115 36.26 -3.91 70.99
N GLN L 116 37.41 -4.02 70.31
CA GLN L 116 37.81 -5.32 69.79
C GLN L 116 38.00 -6.32 70.92
N TYR L 117 38.60 -5.89 72.02
CA TYR L 117 38.74 -6.78 73.18
C TYR L 117 37.40 -7.06 73.84
N VAL L 118 36.50 -6.08 73.88
CA VAL L 118 35.19 -6.31 74.50
C VAL L 118 34.42 -7.37 73.73
N ASN L 119 34.45 -7.29 72.39
CA ASN L 119 33.67 -8.22 71.58
C ASN L 119 34.11 -9.67 71.76
N SER L 120 35.37 -9.90 72.14
CA SER L 120 35.89 -11.26 72.29
C SER L 120 35.74 -11.81 73.71
N GLY L 121 35.21 -11.02 74.64
CA GLY L 121 35.03 -11.49 75.99
C GLY L 121 36.30 -11.67 76.78
N LYS L 122 37.36 -10.93 76.45
CA LYS L 122 38.60 -11.01 77.19
C LYS L 122 38.43 -10.44 78.60
N THR L 123 39.14 -11.02 79.55
CA THR L 123 39.04 -10.57 80.93
C THR L 123 39.77 -9.24 81.12
N PRO L 124 39.44 -8.51 82.18
CA PRO L 124 40.08 -7.19 82.39
C PRO L 124 41.60 -7.26 82.50
N GLU L 125 42.15 -8.35 83.05
CA GLU L 125 43.59 -8.44 83.21
C GLU L 125 44.31 -8.41 81.86
N GLU L 126 43.76 -9.12 80.87
CA GLU L 126 44.36 -9.11 79.54
C GLU L 126 44.31 -7.72 78.90
N PHE L 127 43.30 -6.92 79.23
CA PHE L 127 43.24 -5.55 78.74
C PHE L 127 44.26 -4.67 79.46
N ASN L 128 44.38 -4.83 80.78
CA ASN L 128 45.34 -4.02 81.53
C ASN L 128 46.77 -4.30 81.11
N VAL L 129 47.13 -5.57 80.95
CA VAL L 129 48.49 -5.88 80.53
C VAL L 129 48.76 -5.31 79.14
N HIS L 130 47.79 -5.39 78.23
CA HIS L 130 47.96 -4.81 76.91
C HIS L 130 48.15 -3.30 76.99
N VAL L 131 47.38 -2.63 77.85
CA VAL L 131 47.49 -1.18 77.98
C VAL L 131 48.88 -0.82 78.49
N GLN L 132 49.36 -1.52 79.52
CA GLN L 132 50.68 -1.22 80.05
C GLN L 132 51.77 -1.47 79.01
N GLN L 133 51.66 -2.59 78.28
CA GLN L 133 52.68 -2.89 77.27
C GLN L 133 52.68 -1.83 76.18
N GLN L 134 51.51 -1.39 75.73
CA GLN L 134 51.44 -0.36 74.71
C GLN L 134 51.99 0.97 75.21
N THR L 135 51.68 1.33 76.46
CA THR L 135 52.20 2.59 77.00
C THR L 135 53.72 2.54 77.13
N ASN L 136 54.27 1.39 77.51
CA ASN L 136 55.72 1.29 77.70
C ASN L 136 56.47 1.56 76.41
N GLN L 137 55.98 1.03 75.28
CA GLN L 137 56.66 1.24 74.01
C GLN L 137 56.70 2.71 73.64
N LEU L 138 55.56 3.42 73.78
CA LEU L 138 55.54 4.83 73.46
C LEU L 138 56.45 5.62 74.39
N LEU L 139 56.42 5.29 75.68
CA LEU L 139 57.29 6.00 76.63
C LEU L 139 58.76 5.80 76.29
N GLN L 140 59.15 4.59 75.93
CA GLN L 140 60.54 4.34 75.55
C GLN L 140 60.90 5.07 74.27
N GLU L 141 60.01 5.05 73.29
CA GLU L 141 60.28 5.73 72.02
C GLU L 141 60.44 7.23 72.23
N ALA L 142 59.66 7.81 73.16
CA ALA L 142 59.77 9.23 73.43
C ALA L 142 61.13 9.63 73.97
N GLY L 143 61.93 8.68 74.46
CA GLY L 143 63.24 9.00 75.01
C GLY L 143 64.25 9.45 73.99
N ALA L 144 64.10 9.05 72.73
CA ALA L 144 64.99 9.47 71.66
C ALA L 144 64.44 10.67 70.88
N GLN L 145 63.12 10.74 70.72
CA GLN L 145 62.49 11.86 70.02
C GLN L 145 62.38 13.05 70.97
N GLY L 146 63.53 13.54 71.45
CA GLY L 146 63.57 14.63 72.41
C GLY L 146 64.09 14.18 73.75
N LEU L 147 64.52 15.18 74.54
CA LEU L 147 65.12 14.91 75.84
C LEU L 147 64.09 14.52 76.90
N ASN L 148 62.80 14.73 76.63
CA ASN L 148 61.76 14.54 77.63
C ASN L 148 61.99 15.40 78.87
N LEU L 149 62.83 16.43 78.75
CA LEU L 149 63.07 17.34 79.86
C LEU L 149 61.76 17.94 80.31
N ASN L 150 61.51 17.94 81.62
CA ASN L 150 60.21 18.30 82.17
C ASN L 150 60.00 19.81 82.05
N ASP L 151 59.69 20.23 80.83
CA ASP L 151 59.25 21.59 80.55
C ASP L 151 57.77 21.58 80.14
N LYS L 152 57.28 22.76 79.77
CA LYS L 152 55.83 22.93 79.59
C LYS L 152 55.27 22.02 78.50
N ASP L 153 55.95 21.92 77.35
CA ASP L 153 55.41 21.14 76.25
C ASP L 153 55.34 19.65 76.59
N TRP L 154 56.41 19.10 77.17
CA TRP L 154 56.39 17.68 77.51
C TRP L 154 55.43 17.41 78.66
N GLN L 155 55.27 18.36 79.58
CA GLN L 155 54.25 18.21 80.62
C GLN L 155 52.86 18.12 80.02
N ALA L 156 52.57 18.98 79.04
CA ALA L 156 51.28 18.90 78.35
C ALA L 156 51.14 17.58 77.61
N TRP L 157 52.22 17.11 76.99
CA TRP L 157 52.19 15.82 76.30
C TRP L 157 51.81 14.69 77.27
N LEU L 158 52.44 14.67 78.44
CA LEU L 158 52.11 13.66 79.45
C LEU L 158 50.66 13.80 79.91
N GLY L 159 50.19 15.03 80.10
CA GLY L 159 48.82 15.23 80.51
C GLY L 159 47.83 14.65 79.52
N SER L 160 48.07 14.84 78.22
CA SER L 160 47.23 14.23 77.20
C SER L 160 47.32 12.71 77.23
N VAL L 161 48.54 12.19 77.42
CA VAL L 161 48.71 10.73 77.44
C VAL L 161 47.90 10.11 78.56
N GLU L 162 47.82 10.77 79.71
CA GLU L 162 47.08 10.21 80.84
C GLU L 162 45.60 10.04 80.51
N HIS L 163 44.98 11.09 79.98
CA HIS L 163 43.55 11.01 79.64
C HIS L 163 43.30 10.05 78.50
N SER L 164 44.27 9.93 77.57
CA SER L 164 44.14 8.96 76.48
C SER L 164 43.95 7.54 77.00
N ARG L 165 44.49 7.23 78.17
CA ARG L 165 44.30 5.93 78.81
C ARG L 165 43.04 5.90 79.66
N ASN L 166 42.78 6.99 80.38
CA ASN L 166 41.61 7.01 81.26
C ASN L 166 40.32 6.82 80.48
N THR L 167 40.21 7.44 79.30
CA THR L 167 38.97 7.35 78.55
C THR L 167 38.67 5.91 78.13
N ALA L 168 39.66 5.20 77.59
CA ALA L 168 39.46 3.82 77.20
C ALA L 168 39.15 2.94 78.41
N ASN L 169 39.87 3.16 79.51
CA ASN L 169 39.60 2.38 80.71
C ASN L 169 38.17 2.58 81.18
N ALA L 170 37.63 3.79 81.01
CA ALA L 170 36.25 4.04 81.39
C ALA L 170 35.27 3.34 80.43
N SER L 171 35.52 3.44 79.13
CA SER L 171 34.56 2.89 78.16
C SER L 171 34.49 1.37 78.21
N TYR L 172 35.60 0.72 78.54
CA TYR L 172 35.63 -0.75 78.53
C TYR L 172 34.58 -1.33 79.47
N GLN L 173 34.35 -0.69 80.62
CA GLN L 173 33.39 -1.23 81.59
C GLN L 173 31.96 -1.08 81.06
N ASP L 174 31.62 0.09 80.53
CA ASP L 174 30.26 0.34 80.09
C ASP L 174 29.88 -0.55 78.91
N LEU L 175 30.82 -0.84 78.01
CA LEU L 175 30.47 -1.73 76.90
C LEU L 175 30.02 -3.10 77.42
N ASN L 176 30.78 -3.69 78.34
CA ASN L 176 30.40 -4.96 78.93
C ASN L 176 29.09 -4.84 79.70
N LEU L 177 28.88 -3.69 80.36
CA LEU L 177 27.64 -3.50 81.10
C LEU L 177 26.43 -3.59 80.18
N LYS L 178 26.52 -2.97 78.99
CA LYS L 178 25.42 -3.09 78.02
C LYS L 178 25.28 -4.52 77.52
N ARG L 179 26.40 -5.16 77.19
CA ARG L 179 26.35 -6.50 76.61
C ARG L 179 25.70 -7.49 77.57
N ALA L 180 26.02 -7.41 78.86
CA ALA L 180 25.46 -8.35 79.83
C ALA L 180 23.95 -8.23 79.88
N ALA L 181 23.42 -7.00 79.91
CA ALA L 181 21.97 -6.83 79.95
C ALA L 181 21.32 -7.37 78.69
N VAL L 182 21.92 -7.11 77.52
CA VAL L 182 21.35 -7.63 76.28
C VAL L 182 21.27 -9.16 76.33
N LEU L 183 22.37 -9.80 76.73
CA LEU L 183 22.40 -11.25 76.80
C LEU L 183 21.39 -11.78 77.81
N GLN L 184 21.25 -11.11 78.96
CA GLN L 184 20.29 -11.55 79.96
C GLN L 184 18.87 -11.52 79.40
N GLU L 185 18.52 -10.43 78.70
CA GLU L 185 17.18 -10.34 78.12
C GLU L 185 16.94 -11.46 77.11
N GLN L 186 17.92 -11.70 76.24
CA GLN L 186 17.75 -12.76 75.24
C GLN L 186 17.59 -14.12 75.92
N SER L 187 18.40 -14.40 76.95
CA SER L 187 18.31 -15.68 77.65
C SER L 187 16.95 -15.82 78.34
N TRP L 188 16.43 -14.75 78.92
CA TRP L 188 15.12 -14.81 79.54
C TRP L 188 14.00 -15.06 78.54
N GLY L 189 14.10 -14.51 77.33
CA GLY L 189 13.12 -14.84 76.30
C GLY L 189 13.20 -16.30 75.88
N ALA L 190 14.43 -16.79 75.71
CA ALA L 190 14.62 -18.18 75.35
C ALA L 190 14.06 -19.11 76.42
N ARG L 191 14.24 -18.76 77.69
CA ARG L 191 13.68 -19.55 78.77
C ARG L 191 12.15 -19.56 78.74
N GLY L 192 11.53 -18.48 78.27
CA GLY L 192 10.08 -18.41 78.24
C GLY L 192 9.47 -19.16 77.08
N ASN L 193 10.23 -19.29 75.99
CA ASN L 193 9.71 -20.05 74.85
C ASN L 193 9.47 -21.52 75.22
N ALA L 194 10.41 -22.13 75.95
CA ALA L 194 10.30 -23.54 76.26
C ALA L 194 9.10 -23.84 77.16
N ALA L 195 8.74 -22.89 78.04
CA ALA L 195 7.59 -23.10 78.89
C ALA L 195 6.31 -23.26 78.06
N ILE L 196 6.13 -22.40 77.06
CA ILE L 196 4.96 -22.52 76.19
C ILE L 196 5.04 -23.80 75.37
N ALA L 197 6.24 -24.16 74.90
CA ALA L 197 6.38 -25.41 74.16
C ALA L 197 5.90 -26.60 75.00
N ASP L 198 6.37 -26.69 76.25
CA ASP L 198 5.97 -27.78 77.13
C ASP L 198 4.48 -27.71 77.46
N PHE L 199 3.94 -26.51 77.66
CA PHE L 199 2.51 -26.38 77.95
C PHE L 199 1.68 -26.92 76.79
N VAL L 200 2.07 -26.60 75.56
CA VAL L 200 1.34 -27.11 74.41
C VAL L 200 1.49 -28.62 74.29
N THR L 201 2.70 -29.13 74.53
CA THR L 201 2.91 -30.57 74.41
C THR L 201 2.12 -31.36 75.44
N ALA L 202 2.02 -30.84 76.67
CA ALA L 202 1.43 -31.62 77.76
C ALA L 202 -0.02 -31.97 77.47
N GLN L 203 -0.81 -31.01 77.01
CA GLN L 203 -2.24 -31.25 76.81
C GLN L 203 -2.52 -32.07 75.55
N GLN L 204 -1.55 -32.18 74.64
CA GLN L 204 -1.73 -33.04 73.48
C GLN L 204 -1.96 -34.49 73.88
N SER L 205 -1.46 -34.87 75.06
CA SER L 205 -1.66 -36.21 75.59
C SER L 205 -2.88 -36.32 76.49
N GLY L 206 -3.63 -35.23 76.67
CA GLY L 206 -4.83 -35.29 77.49
C GLY L 206 -4.61 -35.17 78.97
N ASP L 207 -3.54 -34.49 79.40
CA ASP L 207 -3.22 -34.31 80.82
C ASP L 207 -3.11 -32.80 81.09
N THR L 208 -4.18 -32.22 81.64
CA THR L 208 -4.17 -30.79 81.94
C THR L 208 -3.36 -30.47 83.20
N GLU L 209 -3.36 -31.39 84.16
CA GLU L 209 -2.66 -31.12 85.42
C GLU L 209 -1.18 -30.86 85.19
N GLN L 210 -0.55 -31.64 84.30
CA GLN L 210 0.84 -31.39 83.98
C GLN L 210 1.04 -30.02 83.34
N ALA L 211 0.09 -29.59 82.50
CA ALA L 211 0.18 -28.26 81.92
C ALA L 211 0.12 -27.18 83.00
N LEU L 212 -0.80 -27.33 83.95
CA LEU L 212 -0.88 -26.36 85.05
C LEU L 212 0.40 -26.34 85.86
N GLN L 213 0.96 -27.52 86.14
CA GLN L 213 2.23 -27.58 86.87
C GLN L 213 3.34 -26.90 86.10
N ASN L 214 3.39 -27.10 84.77
CA ASN L 214 4.40 -26.44 83.95
C ASN L 214 4.26 -24.93 83.99
N VAL L 215 3.03 -24.42 83.92
CA VAL L 215 2.81 -22.97 83.98
C VAL L 215 3.27 -22.44 85.33
N ASN L 216 2.87 -23.11 86.42
CA ASN L 216 3.26 -22.68 87.75
C ASN L 216 4.76 -22.70 87.94
N SER L 217 5.44 -23.69 87.35
CA SER L 217 6.89 -23.76 87.48
C SER L 217 7.58 -22.53 86.92
N PHE L 218 7.13 -22.05 85.76
CA PHE L 218 7.72 -20.85 85.18
C PHE L 218 7.32 -19.61 85.95
N ILE L 219 6.06 -19.52 86.39
CA ILE L 219 5.63 -18.33 87.12
C ILE L 219 6.43 -18.19 88.41
N SER L 220 6.57 -19.28 89.17
CA SER L 220 7.34 -19.24 90.40
C SER L 220 8.83 -19.06 90.16
N SER L 221 9.37 -19.57 89.06
CA SER L 221 10.77 -19.32 88.73
C SER L 221 11.02 -17.84 88.43
N VAL L 222 10.09 -17.19 87.74
CA VAL L 222 10.23 -15.76 87.48
C VAL L 222 10.06 -14.94 88.75
N THR L 223 9.13 -15.35 89.62
CA THR L 223 8.80 -14.53 90.78
C THR L 223 9.99 -14.38 91.72
N HIS L 224 10.71 -15.47 91.99
CA HIS L 224 11.70 -15.49 93.05
C HIS L 224 13.08 -15.00 92.61
N ASP L 225 13.29 -14.73 91.32
CA ASP L 225 14.57 -14.22 90.88
C ASP L 225 14.82 -12.84 91.49
N ASP L 226 16.09 -12.58 91.82
CA ASP L 226 16.48 -11.33 92.47
C ASP L 226 17.33 -10.43 91.60
N SER L 227 17.61 -10.83 90.36
CA SER L 227 18.47 -10.05 89.46
C SER L 227 17.69 -9.14 88.53
N ILE L 228 16.37 -9.03 88.70
CA ILE L 228 15.54 -8.19 87.85
C ILE L 228 14.66 -7.30 88.72
N THR L 229 14.22 -6.18 88.14
CA THR L 229 13.43 -5.20 88.86
C THR L 229 11.95 -5.59 88.87
N ALA L 230 11.18 -4.88 89.69
CA ALA L 230 9.76 -5.21 89.86
C ALA L 230 8.98 -5.05 88.57
N GLU L 231 9.23 -3.98 87.82
CA GLU L 231 8.48 -3.76 86.59
C GLU L 231 8.73 -4.85 85.57
N ASN L 232 9.97 -5.34 85.48
CA ASN L 232 10.25 -6.48 84.60
C ASN L 232 9.52 -7.74 85.07
N LYS L 233 9.46 -7.95 86.38
CA LYS L 233 8.71 -9.09 86.91
C LYS L 233 7.24 -9.01 86.52
N ILE L 234 6.64 -7.82 86.61
CA ILE L 234 5.25 -7.65 86.21
C ILE L 234 5.10 -7.88 84.71
N LYS L 235 6.01 -7.33 83.92
CA LYS L 235 5.92 -7.44 82.46
C LYS L 235 5.98 -8.89 82.01
N TYR L 236 6.98 -9.63 82.48
CA TYR L 236 7.12 -11.02 82.07
C TYR L 236 5.90 -11.84 82.48
N THR L 237 5.43 -11.67 83.72
CA THR L 237 4.29 -12.43 84.19
C THR L 237 3.04 -12.12 83.37
N SER L 238 2.78 -10.83 83.11
CA SER L 238 1.61 -10.46 82.33
C SER L 238 1.68 -11.03 80.93
N GLN L 239 2.85 -10.92 80.28
CA GLN L 239 2.99 -11.43 78.92
C GLN L 239 2.77 -12.94 78.88
N PHE L 240 3.38 -13.67 79.81
CA PHE L 240 3.23 -15.12 79.81
C PHE L 240 1.78 -15.52 80.08
N VAL L 241 1.13 -14.86 81.04
CA VAL L 241 -0.26 -15.20 81.37
C VAL L 241 -1.16 -14.94 80.18
N VAL L 242 -0.98 -13.80 79.50
CA VAL L 242 -1.80 -13.50 78.34
C VAL L 242 -1.56 -14.50 77.23
N ASN L 243 -0.28 -14.84 76.98
CA ASN L 243 0.04 -15.77 75.91
C ASN L 243 -0.51 -17.17 76.20
N ALA L 244 -0.63 -17.54 77.48
CA ALA L 244 -1.10 -18.87 77.82
C ALA L 244 -2.52 -19.12 77.32
N PHE L 245 -3.40 -18.12 77.39
CA PHE L 245 -4.78 -18.32 76.97
C PHE L 245 -4.88 -18.60 75.48
N ALA L 246 -3.99 -17.99 74.68
CA ALA L 246 -4.08 -18.11 73.23
C ALA L 246 -3.80 -19.52 72.72
N ASN L 247 -3.27 -20.40 73.55
CA ASN L 247 -2.88 -21.74 73.12
C ASN L 247 -3.84 -22.84 73.60
N ALA L 248 -4.83 -22.51 74.41
CA ALA L 248 -5.79 -23.51 74.84
C ALA L 248 -6.61 -24.01 73.65
N ASN L 249 -6.81 -25.33 73.61
CA ASN L 249 -7.49 -25.97 72.50
C ASN L 249 -8.88 -26.50 72.85
N SER L 250 -9.40 -26.17 74.03
CA SER L 250 -10.72 -26.66 74.43
C SER L 250 -11.31 -25.71 75.45
N THR L 251 -12.63 -25.78 75.60
CA THR L 251 -13.33 -24.93 76.56
C THR L 251 -13.14 -25.37 78.00
N GLY L 252 -12.65 -26.58 78.25
CA GLY L 252 -12.36 -27.03 79.60
C GLY L 252 -11.03 -26.50 80.08
N ASP L 253 -10.04 -26.51 79.19
CA ASP L 253 -8.74 -25.95 79.53
C ASP L 253 -8.84 -24.46 79.84
N MET L 254 -9.67 -23.73 79.08
CA MET L 254 -9.86 -22.31 79.37
C MET L 254 -10.40 -22.11 80.78
N GLN L 255 -11.42 -22.87 81.16
CA GLN L 255 -11.98 -22.73 82.50
C GLN L 255 -10.98 -23.13 83.57
N ALA L 256 -10.23 -24.20 83.36
CA ALA L 256 -9.25 -24.63 84.35
C ALA L 256 -8.18 -23.55 84.55
N LEU L 257 -7.66 -23.01 83.45
CA LEU L 257 -6.64 -21.98 83.55
C LEU L 257 -7.19 -20.70 84.18
N THR L 258 -8.44 -20.35 83.86
CA THR L 258 -9.05 -19.18 84.50
C THR L 258 -9.17 -19.39 86.00
N GLY L 259 -9.61 -20.57 86.41
CA GLY L 259 -9.69 -20.86 87.84
C GLY L 259 -8.34 -20.80 88.53
N TYR L 260 -7.31 -21.34 87.89
CA TYR L 260 -5.97 -21.32 88.48
C TYR L 260 -5.44 -19.89 88.61
N VAL L 261 -5.63 -19.09 87.56
CA VAL L 261 -5.00 -17.76 87.52
C VAL L 261 -5.62 -16.84 88.57
N GLN L 262 -6.95 -16.80 88.64
CA GLN L 262 -7.64 -15.87 89.52
C GLN L 262 -7.48 -16.20 90.99
N SER L 263 -6.95 -17.38 91.33
CA SER L 263 -6.71 -17.75 92.71
C SER L 263 -5.25 -17.58 93.12
N LEU L 264 -4.34 -17.48 92.16
CA LEU L 264 -2.93 -17.31 92.48
C LEU L 264 -2.72 -16.01 93.25
N SER L 265 -1.98 -16.10 94.36
CA SER L 265 -1.77 -14.93 95.20
C SER L 265 -0.98 -13.85 94.47
N GLU L 266 0.04 -14.24 93.71
CA GLU L 266 0.88 -13.26 93.03
C GLU L 266 0.12 -12.45 91.99
N PHE L 267 -1.01 -12.96 91.51
CA PHE L 267 -1.85 -12.23 90.56
C PHE L 267 -2.82 -11.28 91.25
N LYS L 268 -3.09 -11.51 92.54
CA LYS L 268 -4.05 -10.67 93.26
C LYS L 268 -3.50 -9.30 93.59
N ASN L 269 -2.17 -9.14 93.63
CA ASN L 269 -1.55 -7.90 94.04
C ASN L 269 -1.12 -7.01 92.89
N MET L 270 -1.41 -7.40 91.65
CA MET L 270 -1.02 -6.61 90.50
C MET L 270 -1.85 -5.33 90.42
N PRO L 271 -1.36 -4.32 89.70
CA PRO L 271 -2.15 -3.09 89.54
C PRO L 271 -3.48 -3.37 88.85
N THR L 272 -4.48 -2.54 89.17
CA THR L 272 -5.83 -2.78 88.66
C THR L 272 -5.86 -2.72 87.13
N ASP L 273 -5.13 -1.80 86.53
CA ASP L 273 -5.15 -1.62 85.08
C ASP L 273 -4.60 -2.83 84.33
N VAL L 274 -3.81 -3.67 84.97
CA VAL L 274 -3.31 -4.89 84.34
C VAL L 274 -4.28 -6.05 84.52
N GLN L 275 -4.86 -6.17 85.71
CA GLN L 275 -5.88 -7.19 85.94
C GLN L 275 -7.06 -6.99 85.02
N THR L 276 -7.52 -5.74 84.87
CA THR L 276 -8.63 -5.47 83.96
C THR L 276 -8.28 -5.83 82.52
N GLN L 277 -7.06 -5.50 82.09
CA GLN L 277 -6.66 -5.82 80.72
C GLN L 277 -6.63 -7.32 80.49
N ILE L 278 -6.06 -8.08 81.44
CA ILE L 278 -6.01 -9.53 81.28
C ILE L 278 -7.42 -10.13 81.27
N MET L 279 -8.28 -9.66 82.17
CA MET L 279 -9.65 -10.15 82.21
C MET L 279 -10.38 -9.87 80.90
N GLY L 280 -10.20 -8.66 80.36
CA GLY L 280 -10.81 -8.34 79.08
C GLY L 280 -10.26 -9.16 77.94
N SER L 281 -8.97 -9.47 77.97
CA SER L 281 -8.34 -10.24 76.90
C SER L 281 -8.76 -11.69 76.89
N ALA L 282 -8.94 -12.30 78.07
CA ALA L 282 -9.35 -13.71 78.12
C ALA L 282 -10.72 -13.92 77.49
N GLN L 283 -11.65 -13.01 77.76
CA GLN L 283 -13.02 -13.15 77.27
C GLN L 283 -13.12 -13.09 75.75
N GLN L 284 -12.08 -12.61 75.07
CA GLN L 284 -12.08 -12.59 73.62
C GLN L 284 -11.65 -13.92 73.01
N TYR L 285 -10.64 -14.59 73.57
CA TYR L 285 -10.34 -15.95 73.15
C TYR L 285 -11.49 -16.87 73.53
N TYR L 286 -12.22 -16.53 74.59
CA TYR L 286 -13.51 -17.14 74.82
C TYR L 286 -14.53 -16.61 73.82
N GLN L 287 -15.54 -17.43 73.56
CA GLN L 287 -16.53 -17.26 72.49
C GLN L 287 -15.90 -17.54 71.13
N GLN L 288 -14.58 -17.49 71.04
CA GLN L 288 -13.89 -17.89 69.81
C GLN L 288 -13.59 -19.37 69.85
N ARG L 289 -13.05 -19.85 70.96
CA ARG L 289 -12.94 -21.28 71.17
C ARG L 289 -14.31 -21.95 71.23
N ALA L 290 -15.38 -21.17 71.42
CA ALA L 290 -16.73 -21.72 71.34
C ALA L 290 -17.24 -21.75 69.90
N SER L 291 -17.00 -20.70 69.12
CA SER L 291 -17.43 -20.69 67.72
C SER L 291 -16.72 -21.79 66.93
N ASP L 292 -15.45 -22.03 67.23
CA ASP L 292 -14.71 -23.06 66.50
C ASP L 292 -15.33 -24.44 66.72
N GLU L 293 -15.72 -24.75 67.96
CA GLU L 293 -16.31 -26.05 68.26
C GLU L 293 -17.63 -26.27 67.54
N SER L 294 -18.33 -25.20 67.17
CA SER L 294 -19.57 -25.33 66.41
C SER L 294 -19.31 -25.40 64.92
N VAL L 295 -18.30 -24.67 64.43
CA VAL L 295 -17.95 -24.76 63.01
C VAL L 295 -17.37 -26.12 62.69
N GLN L 296 -16.84 -26.83 63.69
CA GLN L 296 -16.31 -28.16 63.46
C GLN L 296 -17.36 -29.10 62.88
N LEU L 297 -18.61 -29.02 63.38
CA LEU L 297 -19.66 -29.89 62.85
C LEU L 297 -19.98 -29.58 61.41
N TYR L 298 -20.01 -28.29 61.03
CA TYR L 298 -20.22 -27.97 59.62
C TYR L 298 -19.09 -28.50 58.76
N GLU L 299 -17.84 -28.41 59.23
CA GLU L 299 -16.74 -28.99 58.47
C GLU L 299 -16.92 -30.49 58.31
N TYR L 300 -17.33 -31.18 59.39
CA TYR L 300 -17.56 -32.62 59.32
C TYR L 300 -18.66 -32.96 58.33
N ASN L 301 -19.75 -32.19 58.35
CA ASN L 301 -20.84 -32.41 57.40
C ASN L 301 -20.39 -32.21 55.96
N SER L 302 -19.57 -31.19 55.72
CA SER L 302 -19.02 -30.99 54.38
C SER L 302 -18.17 -32.19 53.95
N ARG L 303 -17.31 -32.67 54.84
CA ARG L 303 -16.52 -33.85 54.53
C ARG L 303 -17.40 -35.04 54.20
N VAL L 304 -18.48 -35.24 54.96
CA VAL L 304 -19.39 -36.34 54.68
C VAL L 304 -20.03 -36.18 53.31
N ASN L 305 -20.47 -34.96 52.99
CA ASN L 305 -21.14 -34.71 51.71
C ASN L 305 -20.19 -34.71 50.53
N SER L 306 -18.88 -34.73 50.76
CA SER L 306 -17.89 -34.70 49.69
C SER L 306 -17.82 -35.99 48.89
N VAL L 307 -18.49 -37.06 49.34
CA VAL L 307 -18.47 -38.34 48.64
C VAL L 307 -19.60 -38.37 47.63
N THR L 308 -19.38 -39.08 46.51
CA THR L 308 -20.30 -39.06 45.38
C THR L 308 -20.80 -40.44 44.96
N ASP L 309 -20.30 -41.52 45.56
CA ASP L 309 -20.71 -42.87 45.19
C ASP L 309 -21.32 -43.56 46.40
N TYR L 310 -22.27 -44.45 46.13
CA TYR L 310 -23.08 -45.02 47.20
C TYR L 310 -22.31 -46.02 48.06
N LYS L 311 -21.55 -46.92 47.44
CA LYS L 311 -20.95 -48.01 48.20
C LYS L 311 -19.94 -47.49 49.21
N THR L 312 -19.03 -46.61 48.79
CA THR L 312 -18.02 -46.11 49.71
C THR L 312 -18.65 -45.25 50.80
N LEU L 313 -19.78 -44.60 50.51
CA LEU L 313 -20.46 -43.81 51.53
C LEU L 313 -20.87 -44.67 52.70
N ASN L 314 -21.54 -45.80 52.43
CA ASN L 314 -21.91 -46.72 53.49
C ASN L 314 -20.71 -47.44 54.08
N GLU L 315 -19.65 -47.63 53.30
CA GLU L 315 -18.45 -48.27 53.82
C GLU L 315 -17.71 -47.37 54.80
N ALA L 316 -17.84 -46.05 54.65
CA ALA L 316 -17.07 -45.11 55.46
C ALA L 316 -17.94 -44.39 56.50
N TYR L 317 -19.18 -44.05 56.16
CA TYR L 317 -20.05 -43.24 57.03
C TYR L 317 -21.39 -43.94 57.21
N PRO L 318 -21.46 -44.93 58.10
CA PRO L 318 -22.75 -45.57 58.38
C PRO L 318 -23.76 -44.57 58.92
N MET L 319 -25.03 -44.78 58.58
CA MET L 319 -26.07 -43.85 58.98
C MET L 319 -26.23 -43.81 60.50
N ALA L 320 -26.17 -44.98 61.15
CA ALA L 320 -26.39 -45.05 62.59
C ALA L 320 -25.33 -44.28 63.37
N GLN L 321 -24.15 -44.07 62.80
CA GLN L 321 -23.12 -43.27 63.45
C GLN L 321 -23.29 -41.78 63.17
N TYR L 322 -23.68 -41.42 61.95
CA TYR L 322 -23.93 -40.03 61.63
C TYR L 322 -25.06 -39.48 62.47
N ILE L 323 -26.15 -40.25 62.62
CA ILE L 323 -27.28 -39.78 63.42
C ILE L 323 -26.84 -39.57 64.86
N GLY L 324 -26.10 -40.52 65.42
CA GLY L 324 -25.64 -40.37 66.79
C GLY L 324 -24.72 -39.17 66.96
N THR L 325 -23.81 -38.96 66.02
CA THR L 325 -22.90 -37.84 66.10
C THR L 325 -23.65 -36.52 66.09
N VAL L 326 -24.66 -36.40 65.22
CA VAL L 326 -25.42 -35.15 65.13
C VAL L 326 -26.25 -34.96 66.40
N MET L 327 -26.90 -36.01 66.87
CA MET L 327 -27.81 -35.88 68.01
C MET L 327 -27.05 -35.62 69.30
N GLN L 328 -25.85 -36.18 69.46
CA GLN L 328 -25.06 -35.89 70.65
C GLN L 328 -24.69 -34.42 70.72
N ALA L 329 -24.28 -33.84 69.59
CA ALA L 329 -24.00 -32.41 69.56
C ALA L 329 -25.25 -31.58 69.82
N VAL L 330 -26.38 -31.98 69.26
CA VAL L 330 -27.62 -31.27 69.52
C VAL L 330 -27.96 -31.31 71.01
N GLN L 331 -27.67 -32.44 71.66
CA GLN L 331 -27.99 -32.59 73.08
C GLN L 331 -27.15 -31.63 73.93
N GLN L 332 -25.87 -31.47 73.58
CA GLN L 332 -24.96 -30.64 74.36
C GLN L 332 -25.10 -29.15 74.06
N LYS L 333 -26.10 -28.77 73.28
CA LYS L 333 -26.38 -27.36 72.97
C LYS L 333 -25.23 -26.71 72.21
N LYS L 334 -24.54 -27.48 71.38
CA LYS L 334 -23.60 -26.91 70.41
C LYS L 334 -24.28 -26.52 69.11
N LEU L 335 -25.39 -27.17 68.77
CA LEU L 335 -26.20 -26.83 67.61
C LEU L 335 -27.66 -26.75 68.04
N SER L 336 -28.39 -25.83 67.42
CA SER L 336 -29.81 -25.74 67.71
C SER L 336 -30.55 -26.93 67.09
N PRO L 337 -31.71 -27.32 67.63
CA PRO L 337 -32.44 -28.46 67.07
C PRO L 337 -32.77 -28.29 65.59
N GLY L 338 -33.12 -27.07 65.17
CA GLY L 338 -33.55 -26.84 63.81
C GLY L 338 -32.45 -27.00 62.79
N THR L 339 -31.20 -26.80 63.18
CA THR L 339 -30.06 -26.98 62.29
C THR L 339 -29.43 -28.36 62.41
N GLY L 340 -29.98 -29.24 63.26
CA GLY L 340 -29.54 -30.62 63.32
C GLY L 340 -30.53 -31.54 62.65
N TYR L 341 -31.83 -31.31 62.90
CA TYR L 341 -32.86 -32.13 62.26
C TYR L 341 -32.84 -31.94 60.75
N GLY L 342 -32.68 -30.70 60.29
CA GLY L 342 -32.60 -30.47 58.86
C GLY L 342 -31.39 -31.15 58.24
N MET L 343 -30.25 -31.09 58.94
CA MET L 343 -29.06 -31.78 58.47
C MET L 343 -29.26 -33.28 58.35
N VAL L 344 -29.92 -33.89 59.33
CA VAL L 344 -30.20 -35.32 59.25
C VAL L 344 -31.14 -35.62 58.08
N ASP L 345 -32.19 -34.82 57.92
CA ASP L 345 -33.19 -35.07 56.88
C ASP L 345 -32.56 -34.94 55.50
N ALA L 346 -31.68 -33.96 55.32
CA ALA L 346 -31.06 -33.76 54.01
C ALA L 346 -30.25 -34.99 53.60
N GLU L 347 -29.45 -35.53 54.52
CA GLU L 347 -28.69 -36.72 54.21
C GLU L 347 -29.61 -37.91 53.95
N SER L 348 -30.67 -38.04 54.75
CA SER L 348 -31.61 -39.13 54.54
C SER L 348 -32.24 -39.10 53.16
N GLN L 349 -32.57 -37.91 52.66
CA GLN L 349 -33.15 -37.80 51.32
C GLN L 349 -32.10 -38.02 50.24
N ARG L 350 -30.89 -37.48 50.44
CA ARG L 350 -29.84 -37.60 49.44
C ARG L 350 -29.45 -39.06 49.23
N ARG L 351 -29.39 -39.85 50.31
CA ARG L 351 -29.02 -41.24 50.15
C ARG L 351 -30.05 -42.01 49.32
N LEU L 352 -31.34 -41.77 49.55
CA LEU L 352 -32.37 -42.38 48.73
C LEU L 352 -32.27 -41.92 47.28
N LYS L 353 -31.99 -40.64 47.06
CA LYS L 353 -31.86 -40.14 45.69
C LYS L 353 -30.73 -40.85 44.96
N MET L 354 -29.57 -41.00 45.62
CA MET L 354 -28.45 -41.68 44.99
C MET L 354 -28.76 -43.16 44.76
N GLN L 355 -29.44 -43.79 45.71
CA GLN L 355 -29.83 -45.19 45.54
C GLN L 355 -30.75 -45.36 44.34
N LYS L 356 -31.68 -44.44 44.13
CA LYS L 356 -32.54 -44.50 42.94
C LYS L 356 -31.72 -44.28 41.67
N ALA L 357 -30.81 -43.32 41.69
CA ALA L 357 -30.05 -43.02 40.47
C ALA L 357 -29.16 -44.19 40.07
N GLU L 358 -28.64 -44.93 41.04
CA GLU L 358 -27.77 -46.06 40.72
C GLU L 358 -28.52 -47.13 39.94
N GLN L 359 -29.82 -47.31 40.20
CA GLN L 359 -30.61 -48.26 39.44
C GLN L 359 -30.91 -47.75 38.03
N GLY L 360 -31.11 -46.45 37.87
CA GLY L 360 -31.38 -45.89 36.57
C GLY L 360 -30.17 -45.91 35.66
N GLN L 361 -28.97 -45.85 36.26
CA GLN L 361 -27.76 -45.93 35.45
C GLN L 361 -27.67 -47.23 34.68
N LEU L 362 -28.15 -48.33 35.28
CA LEU L 362 -28.04 -49.64 34.63
C LEU L 362 -28.86 -49.69 33.35
N ALA L 363 -30.02 -49.04 33.32
CA ALA L 363 -30.84 -49.06 32.11
C ALA L 363 -30.10 -48.43 30.94
N TYR L 364 -29.43 -47.30 31.17
CA TYR L 364 -28.60 -46.70 30.12
C TYR L 364 -27.42 -47.59 29.77
N THR L 365 -26.78 -48.20 30.78
CA THR L 365 -25.58 -48.99 30.51
C THR L 365 -25.88 -50.23 29.67
N ASN L 366 -26.99 -50.91 29.94
CA ASN L 366 -27.29 -52.20 29.32
C ASN L 366 -28.46 -52.16 28.34
N GLY L 367 -29.23 -51.07 28.31
CA GLY L 367 -30.36 -51.03 27.40
C GLY L 367 -29.93 -51.21 25.96
N VAL L 368 -30.71 -51.98 25.20
CA VAL L 368 -30.40 -52.28 23.81
C VAL L 368 -31.06 -51.31 22.83
N THR L 369 -32.22 -50.74 23.18
CA THR L 369 -32.91 -49.80 22.32
C THR L 369 -33.42 -48.63 23.16
N ILE L 370 -33.96 -47.62 22.48
CA ILE L 370 -34.52 -46.48 23.19
C ILE L 370 -35.78 -46.86 23.95
N SER L 371 -36.60 -47.74 23.37
CA SER L 371 -37.89 -48.07 23.97
C SER L 371 -37.70 -48.69 25.35
N ASP L 372 -36.86 -49.70 25.48
CA ASP L 372 -36.67 -50.36 26.76
C ASP L 372 -35.79 -49.57 27.72
N ILE L 373 -35.01 -48.61 27.21
CA ILE L 373 -34.32 -47.67 28.10
C ILE L 373 -35.33 -46.73 28.73
N ALA L 374 -36.28 -46.23 27.95
CA ALA L 374 -37.33 -45.37 28.50
C ALA L 374 -38.24 -46.14 29.45
N ALA L 375 -38.57 -47.38 29.10
CA ALA L 375 -39.46 -48.18 29.93
C ALA L 375 -38.87 -48.49 31.30
N GLY L 376 -37.55 -48.38 31.46
CA GLY L 376 -36.91 -48.65 32.73
C GLY L 376 -36.84 -47.43 33.63
N THR L 377 -36.27 -46.34 33.12
CA THR L 377 -36.16 -45.12 33.90
C THR L 377 -37.46 -44.34 34.00
N GLY L 378 -38.39 -44.55 33.06
CA GLY L 378 -39.66 -43.86 33.07
C GLY L 378 -39.68 -42.53 32.37
N GLU L 379 -38.55 -42.07 31.83
CA GLU L 379 -38.50 -40.80 31.14
C GLU L 379 -39.07 -40.92 29.74
N SER L 380 -39.44 -39.77 29.16
CA SER L 380 -39.92 -39.75 27.78
C SER L 380 -38.76 -40.01 26.83
N LEU L 381 -39.11 -40.43 25.60
CA LEU L 381 -38.08 -40.76 24.62
C LEU L 381 -37.22 -39.56 24.29
N ASP L 382 -37.82 -38.37 24.14
CA ASP L 382 -37.04 -37.18 23.84
C ASP L 382 -36.04 -36.86 24.94
N LYS L 383 -36.34 -37.21 26.19
CA LYS L 383 -35.42 -36.92 27.28
C LYS L 383 -34.28 -37.92 27.33
N VAL L 384 -34.57 -39.21 27.15
CA VAL L 384 -33.52 -40.20 27.15
C VAL L 384 -32.60 -39.98 25.96
N LYS L 385 -33.13 -39.52 24.82
CA LYS L 385 -32.27 -39.19 23.70
C LYS L 385 -31.24 -38.12 24.08
N GLY L 386 -31.69 -37.04 24.73
CA GLY L 386 -30.75 -35.99 25.14
C GLY L 386 -29.76 -36.48 26.18
N GLU L 387 -30.23 -37.30 27.13
CA GLU L 387 -29.33 -37.82 28.15
C GLU L 387 -28.25 -38.70 27.53
N LEU L 388 -28.63 -39.56 26.57
CA LEU L 388 -27.65 -40.38 25.87
C LEU L 388 -26.67 -39.50 25.08
N THR L 389 -27.19 -38.47 24.42
CA THR L 389 -26.32 -37.53 23.72
C THR L 389 -25.27 -36.96 24.67
N LYS L 390 -25.71 -36.46 25.82
CA LYS L 390 -24.78 -35.87 26.78
C LYS L 390 -23.77 -36.90 27.29
N MET L 391 -24.25 -38.11 27.61
CA MET L 391 -23.36 -39.14 28.13
C MET L 391 -22.27 -39.48 27.13
N TYR L 392 -22.65 -39.76 25.89
CA TYR L 392 -21.66 -40.16 24.90
C TYR L 392 -20.82 -38.99 24.40
N ALA L 393 -21.28 -37.75 24.59
CA ALA L 393 -20.41 -36.61 24.32
C ALA L 393 -19.38 -36.45 25.42
N THR L 394 -19.75 -36.73 26.67
CA THR L 394 -18.80 -36.71 27.76
C THR L 394 -17.77 -37.82 27.64
N ILE L 395 -18.20 -39.01 27.20
CA ILE L 395 -17.26 -40.12 27.09
C ILE L 395 -16.24 -39.87 25.98
N GLY L 396 -16.68 -39.28 24.87
CA GLY L 396 -15.81 -39.09 23.72
C GLY L 396 -15.09 -37.76 23.65
N GLN L 397 -15.35 -36.85 24.58
CA GLN L 397 -14.73 -35.53 24.56
C GLN L 397 -15.02 -34.81 23.25
N GLY L 398 -16.30 -34.53 23.00
CA GLY L 398 -16.72 -33.84 21.79
C GLY L 398 -17.80 -34.59 21.05
N TYR L 399 -18.37 -33.91 20.05
CA TYR L 399 -19.45 -34.51 19.28
C TYR L 399 -18.95 -35.53 18.27
N SER L 400 -17.80 -35.30 17.64
CA SER L 400 -17.32 -36.25 16.63
C SER L 400 -16.96 -37.59 17.26
N GLY L 401 -16.12 -37.57 18.30
CA GLY L 401 -15.70 -38.81 18.92
C GLY L 401 -16.84 -39.59 19.56
N GLY L 402 -17.72 -38.90 20.28
CA GLY L 402 -18.87 -39.55 20.87
C GLY L 402 -19.83 -40.08 19.83
N GLY L 403 -20.04 -39.29 18.77
CA GLY L 403 -20.94 -39.73 17.72
C GLY L 403 -20.44 -40.96 17.00
N LEU L 404 -19.13 -41.04 16.74
CA LEU L 404 -18.59 -42.21 16.07
C LEU L 404 -18.83 -43.47 16.91
N GLN L 405 -18.54 -43.39 18.21
CA GLN L 405 -18.74 -44.55 19.08
C GLN L 405 -20.21 -44.91 19.20
N LEU L 406 -21.09 -43.91 19.29
CA LEU L 406 -22.52 -44.20 19.37
C LEU L 406 -23.02 -44.87 18.09
N MET L 407 -22.54 -44.39 16.93
CA MET L 407 -22.91 -45.01 15.66
C MET L 407 -22.42 -46.45 15.59
N GLN L 408 -21.19 -46.68 16.05
CA GLN L 408 -20.67 -48.05 16.07
C GLN L 408 -21.51 -48.95 16.95
N ARG L 409 -21.89 -48.46 18.14
CA ARG L 409 -22.74 -49.25 19.03
C ARG L 409 -24.08 -49.56 18.36
N GLY L 410 -24.70 -48.56 17.76
CA GLY L 410 -25.98 -48.79 17.09
C GLY L 410 -25.86 -49.80 15.96
N LEU L 411 -24.81 -49.69 15.15
CA LEU L 411 -24.64 -50.59 14.03
C LEU L 411 -24.41 -52.02 14.51
N LYS L 412 -23.57 -52.20 15.53
CA LYS L 412 -23.27 -53.54 16.02
C LYS L 412 -24.42 -54.16 16.80
N SER L 413 -25.27 -53.33 17.43
CA SER L 413 -26.39 -53.85 18.19
C SER L 413 -27.64 -54.05 17.33
N GLY L 414 -27.61 -53.63 16.07
CA GLY L 414 -28.74 -53.79 15.19
C GLY L 414 -29.95 -52.97 15.60
N ALA L 415 -29.73 -51.70 15.94
CA ALA L 415 -30.80 -50.78 16.31
C ALA L 415 -30.66 -49.51 15.49
N GLN L 416 -31.74 -49.12 14.81
CA GLN L 416 -31.70 -47.92 14.00
C GLN L 416 -31.80 -46.65 14.84
N ASP L 417 -32.53 -46.72 15.97
CA ASP L 417 -32.76 -45.53 16.77
C ASP L 417 -31.47 -44.92 17.29
N ILE L 418 -30.56 -45.76 17.80
CA ILE L 418 -29.31 -45.26 18.34
C ILE L 418 -28.43 -44.69 17.23
N THR L 419 -28.38 -45.39 16.09
CA THR L 419 -27.60 -44.90 14.96
C THR L 419 -28.12 -43.56 14.49
N GLY L 420 -29.44 -43.33 14.56
CA GLY L 420 -29.97 -42.04 14.14
C GLY L 420 -29.48 -40.90 15.01
N VAL L 421 -29.52 -41.07 16.33
CA VAL L 421 -29.03 -40.03 17.22
C VAL L 421 -27.53 -39.85 17.07
N GLY L 422 -26.78 -40.92 16.82
CA GLY L 422 -25.36 -40.76 16.55
C GLY L 422 -25.09 -39.95 15.29
N ILE L 423 -25.85 -40.24 14.22
CA ILE L 423 -25.70 -39.51 12.97
C ILE L 423 -26.05 -38.05 13.15
N GLU L 424 -27.05 -37.77 13.99
CA GLU L 424 -27.38 -36.37 14.26
C GLU L 424 -26.17 -35.59 14.78
N MET L 425 -25.50 -36.12 15.81
CA MET L 425 -24.29 -35.47 16.30
C MET L 425 -23.22 -35.40 15.23
N MET L 426 -23.01 -36.50 14.51
CA MET L 426 -21.92 -36.56 13.55
C MET L 426 -22.08 -35.48 12.48
N GLN L 427 -23.29 -35.29 11.98
CA GLN L 427 -23.54 -34.30 10.94
C GLN L 427 -23.84 -32.92 11.49
N GLN L 428 -24.05 -32.79 12.81
CA GLN L 428 -24.09 -31.46 13.41
C GLN L 428 -22.69 -30.90 13.60
N ASP L 429 -21.71 -31.75 13.90
CA ASP L 429 -20.34 -31.29 14.05
C ASP L 429 -19.78 -30.79 12.73
N ALA L 430 -20.17 -31.42 11.62
CA ALA L 430 -19.54 -31.16 10.33
C ALA L 430 -19.74 -29.72 9.84
N GLN L 431 -20.67 -28.98 10.43
CA GLN L 431 -20.96 -27.63 9.93
C GLN L 431 -19.79 -26.67 10.10
N SER L 432 -18.80 -27.01 10.93
CA SER L 432 -17.68 -26.10 11.14
C SER L 432 -16.84 -25.93 9.88
N LEU L 433 -16.92 -26.88 8.94
CA LEU L 433 -16.07 -26.84 7.75
C LEU L 433 -16.52 -25.80 6.73
N SER L 434 -17.71 -25.21 6.90
CA SER L 434 -18.22 -24.29 5.88
C SER L 434 -17.57 -22.91 5.96
N GLY L 435 -16.97 -22.55 7.09
CA GLY L 435 -16.46 -21.19 7.27
C GLY L 435 -14.99 -21.02 6.94
N ILE L 436 -14.27 -22.11 6.74
CA ILE L 436 -12.83 -22.04 6.52
C ILE L 436 -12.55 -21.36 5.19
N ASP L 437 -11.57 -20.45 5.19
CA ASP L 437 -11.10 -19.80 3.96
C ASP L 437 -9.95 -20.63 3.39
N TRP L 438 -10.28 -21.49 2.44
CA TRP L 438 -9.31 -22.45 1.92
C TRP L 438 -8.19 -21.76 1.17
N ARG L 439 -8.48 -20.64 0.51
CA ARG L 439 -7.50 -20.02 -0.39
C ARG L 439 -6.40 -19.26 0.36
N ASN L 440 -6.64 -18.86 1.61
CA ASN L 440 -5.70 -18.01 2.35
C ASN L 440 -5.06 -18.75 3.51
N LEU L 441 -4.99 -20.08 3.46
CA LEU L 441 -4.30 -20.82 4.50
C LEU L 441 -2.80 -20.54 4.44
N LYS L 442 -2.17 -20.51 5.61
CA LYS L 442 -0.73 -20.31 5.68
C LYS L 442 -0.01 -21.42 4.93
N THR L 443 1.11 -21.07 4.31
CA THR L 443 1.82 -21.97 3.41
C THR L 443 3.18 -22.33 3.99
N ASP L 444 3.59 -23.57 3.78
CA ASP L 444 4.89 -24.05 4.21
C ASP L 444 5.97 -23.56 3.24
N ALA L 445 7.23 -23.67 3.67
CA ALA L 445 8.34 -23.22 2.85
C ALA L 445 8.41 -23.95 1.52
N ASP L 446 7.80 -25.12 1.40
CA ASP L 446 7.79 -25.90 0.17
C ASP L 446 6.45 -25.81 -0.55
N GLY L 447 5.59 -24.87 -0.15
CA GLY L 447 4.31 -24.68 -0.80
C GLY L 447 3.17 -25.51 -0.24
N LYS L 448 3.44 -26.41 0.70
CA LYS L 448 2.38 -27.23 1.27
C LYS L 448 1.55 -26.39 2.25
N PRO L 449 0.23 -26.34 2.11
CA PRO L 449 -0.59 -25.62 3.08
C PRO L 449 -0.42 -26.17 4.49
N LEU L 450 -0.99 -25.46 5.45
CA LEU L 450 -0.91 -25.81 6.88
C LEU L 450 -2.33 -25.83 7.43
N TYR L 451 -2.97 -26.99 7.37
CA TYR L 451 -4.34 -27.11 7.85
C TYR L 451 -4.38 -27.14 9.37
N PRO L 452 -5.41 -26.58 10.00
CA PRO L 452 -5.54 -26.70 11.45
C PRO L 452 -5.86 -28.14 11.84
N ALA L 453 -5.48 -28.50 13.07
CA ALA L 453 -5.68 -29.87 13.55
C ALA L 453 -7.13 -30.18 13.84
N ALA L 454 -8.02 -29.18 13.82
CA ALA L 454 -9.42 -29.41 14.16
C ALA L 454 -10.19 -30.07 13.02
N VAL L 455 -9.76 -29.91 11.78
CA VAL L 455 -10.52 -30.40 10.62
C VAL L 455 -10.00 -31.76 10.17
N VAL L 456 -8.71 -32.02 10.42
CA VAL L 456 -8.15 -33.31 10.04
C VAL L 456 -8.83 -34.43 10.80
N GLY L 457 -9.00 -34.26 12.11
CA GLY L 457 -9.65 -35.26 12.94
C GLY L 457 -11.15 -35.34 12.75
N SER L 458 -11.74 -34.37 12.05
CA SER L 458 -13.14 -34.43 11.65
C SER L 458 -13.32 -35.18 10.35
N LEU L 459 -12.48 -34.90 9.35
CA LEU L 459 -12.54 -35.64 8.09
C LEU L 459 -12.18 -37.11 8.31
N GLY L 460 -11.15 -37.37 9.11
CA GLY L 460 -10.76 -38.74 9.37
C GLY L 460 -11.79 -39.54 10.14
N ASN L 461 -12.66 -38.86 10.88
CA ASN L 461 -13.75 -39.55 11.56
C ASN L 461 -14.98 -39.68 10.67
N LEU L 462 -15.24 -38.70 9.80
CA LEU L 462 -16.33 -38.83 8.84
C LEU L 462 -16.09 -40.00 7.91
N GLN L 463 -14.87 -40.13 7.40
CA GLN L 463 -14.57 -41.25 6.51
C GLN L 463 -14.71 -42.59 7.24
N ALA L 464 -14.24 -42.65 8.49
CA ALA L 464 -14.35 -43.88 9.26
C ALA L 464 -15.81 -44.24 9.49
N ALA L 465 -16.65 -43.25 9.83
CA ALA L 465 -18.06 -43.52 10.04
C ALA L 465 -18.73 -44.01 8.76
N TYR L 466 -18.43 -43.37 7.63
CA TYR L 466 -19.03 -43.79 6.37
C TYR L 466 -18.62 -45.21 6.01
N GLN L 467 -17.34 -45.53 6.17
CA GLN L 467 -16.87 -46.88 5.86
C GLN L 467 -17.47 -47.91 6.81
N SER L 468 -17.60 -47.58 8.09
CA SER L 468 -18.23 -48.51 9.03
C SER L 468 -19.69 -48.75 8.65
N ALA L 469 -20.40 -47.69 8.26
CA ALA L 469 -21.78 -47.87 7.83
C ALA L 469 -21.87 -48.76 6.60
N LEU L 470 -20.97 -48.57 5.64
CA LEU L 470 -21.00 -49.40 4.43
C LEU L 470 -20.58 -50.83 4.71
N ALA L 471 -19.73 -51.05 5.72
CA ALA L 471 -19.20 -52.39 5.97
C ALA L 471 -20.29 -53.36 6.41
N ALA L 472 -21.31 -52.87 7.10
CA ALA L 472 -22.36 -53.75 7.61
C ALA L 472 -23.42 -54.08 6.57
N GLY L 473 -23.32 -53.52 5.36
CA GLY L 473 -24.33 -53.76 4.36
C GLY L 473 -25.56 -52.91 4.49
N ASN L 474 -25.47 -51.77 5.17
CA ASN L 474 -26.61 -50.88 5.42
C ASN L 474 -26.36 -49.60 4.61
N GLN L 475 -26.87 -49.58 3.38
CA GLN L 475 -26.69 -48.41 2.53
C GLN L 475 -27.70 -47.32 2.82
N VAL L 476 -28.86 -47.67 3.38
CA VAL L 476 -29.87 -46.66 3.66
C VAL L 476 -29.33 -45.62 4.64
N GLN L 477 -28.79 -46.06 5.77
CA GLN L 477 -28.24 -45.15 6.76
C GLN L 477 -26.87 -44.60 6.38
N ALA L 478 -26.21 -45.19 5.39
CA ALA L 478 -24.99 -44.58 4.86
C ALA L 478 -25.33 -43.40 3.96
N ASN L 479 -26.38 -43.52 3.15
CA ASN L 479 -26.83 -42.39 2.36
C ASN L 479 -27.48 -41.33 3.23
N GLN L 480 -28.20 -41.74 4.28
CA GLN L 480 -28.80 -40.78 5.20
C GLN L 480 -27.75 -39.89 5.84
N LEU L 481 -26.53 -40.40 6.02
CA LEU L 481 -25.47 -39.60 6.63
C LEU L 481 -25.00 -38.49 5.71
N LEU L 482 -24.95 -38.76 4.41
CA LEU L 482 -24.44 -37.79 3.45
C LEU L 482 -25.45 -36.69 3.12
N SER L 483 -26.61 -36.68 3.75
CA SER L 483 -27.66 -35.71 3.46
C SER L 483 -27.54 -34.44 4.30
N GLY L 484 -26.51 -34.32 5.13
CA GLY L 484 -26.34 -33.14 5.96
C GLY L 484 -24.98 -32.51 5.85
N LEU L 485 -24.05 -33.16 5.16
CA LEU L 485 -22.70 -32.65 5.03
C LEU L 485 -22.62 -31.62 3.90
N PRO L 486 -21.66 -30.70 3.94
CA PRO L 486 -21.50 -29.74 2.85
C PRO L 486 -21.05 -30.43 1.56
N ASP L 487 -21.36 -29.77 0.45
CA ASP L 487 -21.14 -30.37 -0.87
C ASP L 487 -19.71 -30.84 -1.10
N PRO L 488 -18.66 -30.03 -0.88
CA PRO L 488 -17.30 -30.53 -1.13
C PRO L 488 -16.94 -31.74 -0.30
N VAL L 489 -17.37 -31.81 0.96
CA VAL L 489 -17.07 -32.98 1.78
C VAL L 489 -17.76 -34.22 1.21
N VAL L 490 -19.02 -34.08 0.79
CA VAL L 490 -19.71 -35.22 0.19
C VAL L 490 -18.99 -35.66 -1.07
N TYR L 491 -18.54 -34.72 -1.89
CA TYR L 491 -17.82 -35.06 -3.11
C TYR L 491 -16.52 -35.81 -2.79
N GLY L 492 -15.79 -35.35 -1.77
CA GLY L 492 -14.51 -35.97 -1.47
C GLY L 492 -14.65 -37.40 -0.97
N ILE L 493 -15.61 -37.65 -0.09
CA ILE L 493 -15.71 -38.96 0.55
C ILE L 493 -16.02 -40.05 -0.49
N ARG L 494 -16.98 -39.81 -1.37
CA ARG L 494 -17.38 -40.82 -2.33
C ARG L 494 -16.28 -41.13 -3.36
N GLN L 495 -15.30 -40.26 -3.52
CA GLN L 495 -14.17 -40.51 -4.40
C GLN L 495 -13.07 -41.17 -3.58
N ASN L 496 -13.06 -42.50 -3.59
CA ASN L 496 -12.11 -43.26 -2.78
C ASN L 496 -10.69 -42.75 -2.99
N VAL L 497 -10.08 -42.24 -1.92
CA VAL L 497 -8.75 -41.68 -1.96
C VAL L 497 -8.09 -41.89 -0.60
N ASP L 498 -6.77 -42.00 -0.61
CA ASP L 498 -6.03 -42.18 0.64
C ASP L 498 -6.34 -41.05 1.61
N ALA L 499 -6.47 -41.40 2.89
CA ALA L 499 -6.86 -40.41 3.89
C ALA L 499 -5.91 -39.23 3.94
N ARG L 500 -4.65 -39.42 3.53
CA ARG L 500 -3.68 -38.34 3.60
C ARG L 500 -3.96 -37.23 2.60
N ASP L 501 -4.84 -37.47 1.62
CA ASP L 501 -5.12 -36.50 0.56
C ASP L 501 -6.56 -35.99 0.60
N LEU L 502 -7.37 -36.43 1.56
CA LEU L 502 -8.75 -36.00 1.61
C LEU L 502 -8.87 -34.50 1.84
N ALA L 503 -8.05 -33.94 2.74
CA ALA L 503 -8.10 -32.51 3.00
C ALA L 503 -7.73 -31.71 1.76
N ASP L 504 -6.69 -32.13 1.04
CA ASP L 504 -6.31 -31.44 -0.19
C ASP L 504 -7.41 -31.53 -1.24
N VAL L 505 -8.02 -32.70 -1.40
CA VAL L 505 -9.09 -32.86 -2.37
C VAL L 505 -10.25 -31.93 -2.03
N VAL L 506 -10.64 -31.89 -0.75
CA VAL L 506 -11.75 -31.03 -0.34
C VAL L 506 -11.41 -29.57 -0.58
N GLY L 507 -10.19 -29.16 -0.23
CA GLY L 507 -9.80 -27.77 -0.42
C GLY L 507 -9.82 -27.37 -1.88
N LYS L 508 -9.30 -28.23 -2.76
CA LYS L 508 -9.34 -27.94 -4.19
C LYS L 508 -10.78 -27.87 -4.71
N ARG L 509 -11.63 -28.82 -4.29
CA ARG L 509 -13.01 -28.83 -4.78
C ARG L 509 -13.77 -27.60 -4.33
N ALA L 510 -13.54 -27.14 -3.10
CA ALA L 510 -14.27 -25.99 -2.60
C ALA L 510 -14.03 -24.75 -3.46
N GLN L 511 -12.77 -24.44 -3.75
CA GLN L 511 -12.44 -23.28 -4.55
C GLN L 511 -12.61 -23.52 -6.05
N ASP L 512 -12.79 -24.77 -6.48
CA ASP L 512 -13.26 -25.00 -7.83
C ASP L 512 -14.74 -24.67 -7.96
N ILE L 513 -15.53 -25.05 -6.95
CA ILE L 513 -16.95 -24.68 -6.94
C ILE L 513 -17.10 -23.17 -6.84
N ALA L 514 -16.29 -22.53 -5.99
CA ALA L 514 -16.41 -21.09 -5.80
C ALA L 514 -16.17 -20.34 -7.10
N SER L 515 -15.45 -20.94 -8.04
CA SER L 515 -15.10 -20.27 -9.30
C SER L 515 -16.13 -20.50 -10.40
N GLY L 516 -17.23 -21.19 -10.10
CA GLY L 516 -18.25 -21.41 -11.11
C GLY L 516 -17.86 -22.35 -12.22
N LYS L 517 -17.11 -23.41 -11.91
CA LYS L 517 -16.70 -24.39 -12.91
C LYS L 517 -17.70 -25.53 -13.08
N VAL L 518 -18.83 -25.49 -12.37
CA VAL L 518 -19.84 -26.55 -12.40
C VAL L 518 -21.05 -26.05 -13.16
N LEU L 519 -21.54 -26.87 -14.09
CA LEU L 519 -22.71 -26.51 -14.88
C LEU L 519 -23.99 -26.64 -14.05
N ALA L 520 -24.94 -25.75 -14.31
CA ALA L 520 -26.22 -25.78 -13.61
C ALA L 520 -27.06 -26.96 -14.08
N LEU L 521 -27.87 -27.49 -13.16
CA LEU L 521 -28.72 -28.62 -13.48
C LEU L 521 -29.98 -28.17 -14.22
N PRO L 522 -30.59 -29.05 -15.00
CA PRO L 522 -31.81 -28.66 -15.73
C PRO L 522 -32.99 -28.46 -14.78
N ALA L 523 -34.09 -27.97 -15.36
CA ALA L 523 -35.31 -27.78 -14.59
C ALA L 523 -36.04 -29.09 -14.35
N ASN L 524 -35.76 -30.13 -15.13
CA ASN L 524 -36.35 -31.45 -14.96
C ASN L 524 -35.26 -32.43 -14.54
N MET L 525 -35.57 -33.30 -13.59
CA MET L 525 -34.57 -34.20 -13.05
C MET L 525 -34.05 -35.11 -14.16
N PRO L 526 -32.75 -35.38 -14.22
CA PRO L 526 -32.23 -36.28 -15.26
C PRO L 526 -32.82 -37.68 -15.11
N ALA L 527 -32.96 -38.36 -16.26
CA ALA L 527 -33.50 -39.70 -16.25
C ALA L 527 -32.60 -40.66 -15.47
N ASP L 528 -31.29 -40.40 -15.47
CA ASP L 528 -30.34 -41.29 -14.80
C ASP L 528 -30.46 -41.24 -13.28
N VAL L 529 -31.22 -40.31 -12.72
CA VAL L 529 -31.39 -40.24 -11.26
C VAL L 529 -32.51 -41.14 -10.77
N SER L 530 -33.38 -41.62 -11.65
CA SER L 530 -34.49 -42.47 -11.23
C SER L 530 -33.98 -43.83 -10.76
N ILE L 531 -34.86 -44.58 -10.11
CA ILE L 531 -34.54 -45.88 -9.54
C ILE L 531 -35.25 -46.96 -10.36
N THR L 532 -34.53 -48.03 -10.67
CA THR L 532 -35.07 -49.13 -11.46
C THR L 532 -34.68 -50.44 -10.82
N GLN L 533 -35.13 -51.54 -11.43
CA GLN L 533 -34.88 -52.86 -10.87
C GLN L 533 -33.39 -53.15 -10.77
N ALA L 534 -32.59 -52.67 -11.72
CA ALA L 534 -31.16 -52.89 -11.66
C ALA L 534 -30.55 -52.29 -10.39
N ASP L 535 -31.07 -51.16 -9.95
CA ASP L 535 -30.61 -50.56 -8.69
C ASP L 535 -31.10 -51.34 -7.48
N VAL L 536 -32.28 -51.94 -7.55
CA VAL L 536 -32.74 -52.78 -6.44
C VAL L 536 -31.83 -54.00 -6.31
N THR L 537 -31.46 -54.61 -7.43
CA THR L 537 -30.54 -55.74 -7.39
C THR L 537 -29.18 -55.32 -6.86
N ALA L 538 -28.80 -54.06 -7.08
CA ALA L 538 -27.49 -53.57 -6.66
C ALA L 538 -27.34 -53.48 -5.15
N GLY L 539 -28.42 -53.56 -4.39
CA GLY L 539 -28.36 -53.53 -2.95
C GLY L 539 -28.99 -52.34 -2.28
N ILE L 540 -29.58 -51.41 -3.04
CA ILE L 540 -30.30 -50.30 -2.42
C ILE L 540 -31.55 -50.85 -1.73
N PHE L 541 -32.02 -50.10 -0.73
CA PHE L 541 -33.11 -50.47 0.17
C PHE L 541 -32.68 -51.50 1.20
N ASP L 542 -31.40 -51.87 1.25
CA ASP L 542 -30.90 -52.78 2.26
C ASP L 542 -30.69 -52.01 3.56
N LEU L 543 -31.41 -52.39 4.61
CA LEU L 543 -31.36 -51.69 5.89
C LEU L 543 -30.43 -52.34 6.89
N GLY L 544 -29.74 -53.42 6.51
CA GLY L 544 -28.79 -54.04 7.41
C GLY L 544 -29.45 -54.99 8.40
N LEU L 545 -28.80 -55.15 9.55
CA LEU L 545 -29.29 -56.06 10.58
C LEU L 545 -30.58 -55.54 11.19
N GLY L 546 -31.34 -56.46 11.76
CA GLY L 546 -32.61 -56.11 12.38
C GLY L 546 -33.28 -57.29 13.06
N LYS L 547 -34.36 -57.02 13.81
CA LYS L 547 -35.06 -58.10 14.51
C LYS L 547 -36.03 -58.80 13.58
N ASP L 548 -37.01 -58.08 13.05
CA ASP L 548 -38.03 -58.67 12.21
C ASP L 548 -37.61 -58.65 10.75
N ALA L 549 -38.14 -59.60 9.99
CA ALA L 549 -37.91 -59.61 8.54
C ALA L 549 -38.48 -58.37 7.88
N ARG L 550 -39.64 -57.92 8.34
CA ARG L 550 -40.26 -56.72 7.79
C ARG L 550 -39.49 -55.45 8.10
N ASN L 551 -38.51 -55.51 9.02
CA ASN L 551 -37.84 -54.31 9.49
C ASN L 551 -36.38 -54.27 9.07
N ARG L 552 -36.02 -54.95 7.98
CA ARG L 552 -34.71 -54.80 7.37
C ARG L 552 -34.81 -54.55 5.87
N ASN L 553 -36.00 -54.31 5.34
CA ASN L 553 -36.20 -53.82 3.98
C ASN L 553 -37.06 -52.56 4.07
N MET L 554 -36.59 -51.47 3.45
CA MET L 554 -37.28 -50.20 3.63
C MET L 554 -38.68 -50.22 3.02
N LEU L 555 -38.94 -51.14 2.09
CA LEU L 555 -40.27 -51.27 1.50
C LEU L 555 -41.25 -52.00 2.40
N GLY L 556 -40.77 -52.75 3.39
CA GLY L 556 -41.64 -53.40 4.35
C GLY L 556 -42.20 -54.74 3.93
N ILE L 557 -41.65 -55.35 2.89
CA ILE L 557 -42.11 -56.67 2.46
C ILE L 557 -41.50 -57.73 3.37
N GLN L 558 -42.28 -58.76 3.69
CA GLN L 558 -41.86 -59.78 4.63
C GLN L 558 -41.17 -60.97 3.96
N SER L 559 -41.86 -61.62 3.02
CA SER L 559 -41.31 -62.81 2.39
C SER L 559 -39.97 -62.51 1.73
N TRP L 560 -38.95 -63.28 2.10
CA TRP L 560 -37.61 -63.12 1.56
C TRP L 560 -37.03 -64.38 0.94
N VAL L 561 -37.76 -65.50 0.98
CA VAL L 561 -37.30 -66.75 0.41
C VAL L 561 -38.27 -67.26 -0.67
N PHE L 562 -39.55 -67.32 -0.36
CA PHE L 562 -40.59 -67.69 -1.31
C PHE L 562 -41.59 -66.55 -1.39
N THR L 563 -41.78 -65.99 -2.58
CA THR L 563 -42.61 -64.80 -2.78
C THR L 563 -43.65 -65.08 -3.86
N SER L 564 -44.87 -64.59 -3.62
CA SER L 564 -45.94 -64.70 -4.60
C SER L 564 -46.04 -63.41 -5.41
N ASP L 565 -46.87 -63.45 -6.45
CA ASP L 565 -47.07 -62.28 -7.30
C ASP L 565 -47.66 -61.10 -6.54
N ALA L 566 -48.41 -61.36 -5.46
CA ALA L 566 -48.97 -60.26 -4.67
C ALA L 566 -47.88 -59.38 -4.10
N ASP L 567 -46.78 -59.97 -3.62
CA ASP L 567 -45.65 -59.19 -3.16
C ASP L 567 -44.99 -58.43 -4.31
N GLU L 568 -44.93 -59.04 -5.50
CA GLU L 568 -44.35 -58.36 -6.65
C GLU L 568 -45.14 -57.10 -7.00
N LYS L 569 -46.48 -57.18 -6.98
CA LYS L 569 -47.29 -56.01 -7.28
C LYS L 569 -47.05 -54.90 -6.27
N ALA L 570 -46.99 -55.25 -4.98
CA ALA L 570 -46.75 -54.25 -3.95
C ALA L 570 -45.38 -53.60 -4.12
N ALA L 571 -44.35 -54.40 -4.41
CA ALA L 571 -43.03 -53.84 -4.64
C ALA L 571 -43.03 -52.90 -5.83
N GLN L 572 -43.72 -53.30 -6.92
CA GLN L 572 -43.78 -52.45 -8.10
C GLN L 572 -44.46 -51.12 -7.80
N ALA L 573 -45.56 -51.16 -7.04
CA ALA L 573 -46.24 -49.92 -6.68
C ALA L 573 -45.36 -49.04 -5.79
N ARG L 574 -44.66 -49.66 -4.83
CA ARG L 574 -43.88 -48.88 -3.88
C ARG L 574 -42.65 -48.26 -4.54
N VAL L 575 -42.07 -48.91 -5.54
CA VAL L 575 -40.96 -48.30 -6.27
C VAL L 575 -41.42 -47.01 -6.94
N SER L 576 -42.59 -47.05 -7.59
CA SER L 576 -43.13 -45.84 -8.22
C SER L 576 -43.46 -44.78 -7.17
N GLN L 577 -43.96 -45.20 -6.01
CA GLN L 577 -44.22 -44.24 -4.94
C GLN L 577 -42.94 -43.51 -4.53
N VAL L 578 -41.86 -44.26 -4.34
CA VAL L 578 -40.58 -43.65 -3.95
C VAL L 578 -40.08 -42.74 -5.06
N ASN L 579 -40.24 -43.16 -6.32
CA ASN L 579 -39.82 -42.31 -7.43
C ASN L 579 -40.57 -40.99 -7.44
N SER L 580 -41.88 -41.04 -7.22
CA SER L 580 -42.67 -39.81 -7.19
C SER L 580 -42.23 -38.91 -6.04
N ALA L 581 -41.98 -39.49 -4.87
CA ALA L 581 -41.51 -38.70 -3.74
C ALA L 581 -40.18 -38.01 -4.07
N MET L 582 -39.25 -38.75 -4.68
CA MET L 582 -37.97 -38.16 -5.05
C MET L 582 -38.14 -37.06 -6.08
N ASN L 583 -39.03 -37.24 -7.06
CA ASN L 583 -39.27 -36.21 -8.06
C ASN L 583 -39.81 -34.94 -7.41
N ASN L 584 -40.78 -35.08 -6.50
CA ASN L 584 -41.31 -33.91 -5.82
C ASN L 584 -40.22 -33.21 -5.01
N GLU L 585 -39.39 -33.97 -4.29
CA GLU L 585 -38.32 -33.36 -3.51
C GLU L 585 -37.35 -32.60 -4.41
N TYR L 586 -36.96 -33.20 -5.54
CA TYR L 586 -36.04 -32.54 -6.45
C TYR L 586 -36.64 -31.26 -7.01
N VAL L 587 -37.92 -31.29 -7.40
CA VAL L 587 -38.55 -30.09 -7.94
C VAL L 587 -38.57 -28.99 -6.88
N TYR L 588 -38.96 -29.33 -5.65
CA TYR L 588 -39.03 -28.31 -4.61
C TYR L 588 -37.65 -27.71 -4.34
N ASN L 589 -36.63 -28.56 -4.28
CA ASN L 589 -35.27 -28.04 -4.06
C ASN L 589 -34.82 -27.15 -5.20
N GLN L 590 -35.10 -27.55 -6.44
CA GLN L 590 -34.65 -26.78 -7.59
C GLN L 590 -35.32 -25.41 -7.64
N GLN L 591 -36.62 -25.36 -7.34
CA GLN L 591 -37.33 -24.08 -7.42
C GLN L 591 -36.75 -23.06 -6.44
N ARG L 592 -36.42 -23.49 -5.22
CA ARG L 592 -35.83 -22.57 -4.25
C ARG L 592 -34.39 -22.20 -4.57
N GLY L 593 -33.78 -22.84 -5.56
CA GLY L 593 -32.39 -22.58 -5.87
C GLY L 593 -31.42 -23.01 -4.78
N SER L 594 -31.60 -24.21 -4.24
CA SER L 594 -30.75 -24.72 -3.17
C SER L 594 -30.15 -26.09 -3.49
N LEU L 595 -30.12 -26.48 -4.76
CA LEU L 595 -29.57 -27.78 -5.12
C LEU L 595 -28.06 -27.80 -4.87
N PRO L 596 -27.52 -28.96 -4.50
CA PRO L 596 -26.07 -29.06 -4.29
C PRO L 596 -25.32 -29.20 -5.61
N ALA L 597 -24.01 -29.02 -5.53
CA ALA L 597 -23.13 -29.14 -6.70
C ALA L 597 -22.71 -30.60 -6.89
N LEU L 598 -23.67 -31.42 -7.32
CA LEU L 598 -23.45 -32.84 -7.56
C LEU L 598 -24.18 -33.24 -8.82
N VAL L 599 -23.82 -34.42 -9.34
CA VAL L 599 -24.39 -34.94 -10.58
C VAL L 599 -24.41 -36.46 -10.53
N GLY L 600 -25.43 -37.03 -11.17
CA GLY L 600 -25.48 -38.48 -11.33
C GLY L 600 -25.67 -39.20 -10.01
N ASP L 601 -24.77 -40.15 -9.74
CA ASP L 601 -24.93 -41.03 -8.58
C ASP L 601 -24.90 -40.26 -7.28
N ASP L 602 -24.05 -39.24 -7.17
CA ASP L 602 -24.01 -38.45 -5.94
C ASP L 602 -25.35 -37.77 -5.67
N LEU L 603 -25.94 -37.19 -6.72
CA LEU L 603 -27.25 -36.56 -6.56
C LEU L 603 -28.33 -37.59 -6.20
N LYS L 604 -28.26 -38.77 -6.83
CA LYS L 604 -29.22 -39.83 -6.50
C LYS L 604 -29.10 -40.21 -5.03
N SER L 605 -27.88 -40.37 -4.53
CA SER L 605 -27.68 -40.73 -3.13
C SER L 605 -28.18 -39.61 -2.21
N TRP L 606 -27.91 -38.35 -2.58
CA TRP L 606 -28.39 -37.24 -1.78
C TRP L 606 -29.91 -37.26 -1.67
N LEU L 607 -30.60 -37.42 -2.80
CA LEU L 607 -32.06 -37.44 -2.78
C LEU L 607 -32.59 -38.63 -2.01
N MET L 608 -31.98 -39.81 -2.20
CA MET L 608 -32.44 -41.00 -1.48
C MET L 608 -32.26 -40.84 0.02
N GLY L 609 -31.14 -40.26 0.46
CA GLY L 609 -30.96 -39.97 1.87
C GLY L 609 -31.93 -38.95 2.42
N LYS L 610 -32.27 -37.93 1.62
CA LYS L 610 -33.29 -36.98 2.04
C LYS L 610 -34.64 -37.65 2.22
N VAL L 611 -35.02 -38.53 1.29
CA VAL L 611 -36.32 -39.18 1.37
C VAL L 611 -36.33 -40.25 2.46
N ALA L 612 -35.20 -40.92 2.67
CA ALA L 612 -35.18 -42.07 3.57
C ALA L 612 -35.57 -41.71 5.00
N SER L 613 -35.33 -40.45 5.40
CA SER L 613 -35.56 -40.09 6.79
C SER L 613 -37.04 -39.96 7.13
N ARG L 614 -37.89 -39.76 6.14
CA ARG L 614 -39.30 -39.47 6.36
C ARG L 614 -40.20 -40.67 6.06
N THR L 615 -39.67 -41.90 6.06
CA THR L 615 -40.44 -43.08 5.73
C THR L 615 -40.84 -43.82 7.01
N VAL L 616 -42.11 -44.21 7.08
CA VAL L 616 -42.65 -44.95 8.22
C VAL L 616 -43.47 -46.13 7.69
N ARG L 617 -43.26 -47.30 8.29
CA ARG L 617 -43.92 -48.53 7.86
C ARG L 617 -45.03 -48.89 8.85
N VAL L 618 -46.23 -48.39 8.57
CA VAL L 618 -47.38 -48.74 9.38
C VAL L 618 -47.58 -50.25 9.33
N LYS L 619 -48.10 -50.81 10.43
CA LYS L 619 -48.10 -52.26 10.60
C LYS L 619 -49.41 -52.90 10.14
N ASP L 620 -50.52 -52.53 10.76
CA ASP L 620 -51.75 -53.30 10.69
C ASP L 620 -52.52 -53.01 9.40
N GLY L 621 -53.45 -53.93 9.10
CA GLY L 621 -54.39 -53.78 8.01
C GLY L 621 -54.42 -54.99 7.09
N THR L 622 -53.25 -55.54 6.80
CA THR L 622 -53.08 -56.72 5.97
C THR L 622 -51.65 -57.21 6.13
N ASP L 623 -51.26 -58.19 5.32
CA ASP L 623 -49.86 -58.57 5.26
C ASP L 623 -49.05 -57.49 4.54
N ASN L 624 -47.78 -57.37 4.94
CA ASN L 624 -46.88 -56.34 4.41
C ASN L 624 -47.25 -54.96 4.91
N GLY L 625 -48.32 -54.85 5.70
CA GLY L 625 -48.70 -53.57 6.27
C GLY L 625 -48.93 -52.52 5.19
N ALA L 626 -48.40 -51.32 5.44
CA ALA L 626 -48.51 -50.20 4.52
C ALA L 626 -47.29 -49.32 4.66
N LEU L 627 -47.05 -48.51 3.64
CA LEU L 627 -45.89 -47.61 3.59
C LEU L 627 -46.37 -46.19 3.40
N LEU L 628 -45.84 -45.27 4.22
CA LEU L 628 -46.19 -43.86 4.16
C LEU L 628 -44.93 -43.01 4.25
N VAL L 629 -45.01 -41.80 3.70
CA VAL L 629 -43.94 -40.83 3.79
C VAL L 629 -44.50 -39.58 4.45
N LEU L 630 -44.00 -39.26 5.64
CA LEU L 630 -44.51 -38.13 6.40
C LEU L 630 -44.12 -36.82 5.71
N PRO L 631 -44.97 -35.80 5.79
CA PRO L 631 -44.63 -34.50 5.20
C PRO L 631 -43.64 -33.74 6.07
N GLU L 632 -43.00 -32.74 5.46
CA GLU L 632 -42.09 -31.88 6.19
C GLU L 632 -42.87 -30.87 7.02
N VAL L 633 -42.39 -30.64 8.24
CA VAL L 633 -43.03 -29.73 9.18
C VAL L 633 -41.96 -28.85 9.82
N GLY L 634 -42.38 -27.67 10.26
CA GLY L 634 -41.49 -26.77 10.97
C GLY L 634 -40.79 -27.46 12.13
N ASP L 635 -41.57 -27.86 13.13
CA ASP L 635 -41.06 -28.64 14.25
C ASP L 635 -42.04 -29.75 14.57
N LYS L 636 -41.52 -30.96 14.73
CA LYS L 636 -42.38 -32.14 14.90
C LYS L 636 -43.14 -32.10 16.22
N GLN L 637 -42.57 -31.49 17.25
CA GLN L 637 -43.16 -31.53 18.58
C GLN L 637 -44.49 -30.80 18.66
N LYS L 638 -44.77 -29.89 17.74
CA LYS L 638 -46.03 -29.16 17.77
C LYS L 638 -47.16 -29.92 17.08
N VAL L 639 -46.84 -30.65 16.00
CA VAL L 639 -47.88 -31.34 15.23
C VAL L 639 -47.99 -32.78 15.70
N PHE L 640 -46.91 -33.55 15.57
CA PHE L 640 -46.95 -34.96 15.92
C PHE L 640 -46.84 -35.21 17.42
N GLY L 641 -46.25 -34.27 18.16
CA GLY L 641 -46.11 -34.41 19.59
C GLY L 641 -44.87 -35.16 20.04
N SER L 642 -44.08 -35.70 19.12
CA SER L 642 -42.87 -36.41 19.48
C SER L 642 -41.93 -36.43 18.27
N THR L 643 -40.63 -36.55 18.54
CA THR L 643 -39.63 -36.56 17.49
C THR L 643 -39.20 -37.96 17.07
N ASP L 644 -39.78 -39.00 17.67
CA ASP L 644 -39.39 -40.37 17.37
C ASP L 644 -40.46 -41.01 16.50
N ASN L 645 -40.01 -41.70 15.44
CA ASN L 645 -40.94 -42.30 14.49
C ASN L 645 -41.60 -43.56 15.04
N GLY L 646 -40.96 -44.24 16.00
CA GLY L 646 -41.51 -45.48 16.52
C GLY L 646 -42.82 -45.34 17.25
N ILE L 647 -43.15 -44.12 17.69
CA ILE L 647 -44.44 -43.88 18.33
C ILE L 647 -45.50 -43.48 17.30
N ILE L 648 -45.12 -42.67 16.31
CA ILE L 648 -46.05 -42.29 15.25
C ILE L 648 -46.47 -43.52 14.46
N GLU L 649 -45.54 -44.45 14.24
CA GLU L 649 -45.89 -45.67 13.51
C GLU L 649 -46.99 -46.45 14.22
N SER L 650 -46.92 -46.55 15.55
CA SER L 650 -47.96 -47.24 16.31
C SER L 650 -49.24 -46.42 16.35
N ALA L 651 -49.12 -45.09 16.43
CA ALA L 651 -50.31 -44.24 16.57
C ALA L 651 -51.12 -44.17 15.28
N LEU L 652 -50.49 -44.28 14.11
CA LEU L 652 -51.21 -44.14 12.85
C LEU L 652 -52.00 -45.39 12.49
N THR L 653 -51.89 -46.46 13.28
CA THR L 653 -52.49 -47.74 12.90
C THR L 653 -54.00 -47.65 12.77
N GLU L 654 -54.68 -47.05 13.75
CA GLU L 654 -56.13 -47.00 13.71
C GLU L 654 -56.63 -46.19 12.52
N SER L 655 -56.01 -45.03 12.28
CA SER L 655 -56.44 -44.19 11.16
C SER L 655 -56.22 -44.90 9.83
N VAL L 656 -55.06 -45.55 9.67
CA VAL L 656 -54.79 -46.25 8.42
C VAL L 656 -55.77 -47.39 8.22
N THR L 657 -56.04 -48.16 9.27
CA THR L 657 -56.97 -49.28 9.16
C THR L 657 -58.37 -48.80 8.79
N ASN L 658 -58.83 -47.72 9.43
CA ASN L 658 -60.15 -47.19 9.09
C ASN L 658 -60.20 -46.71 7.65
N PHE L 659 -59.16 -45.99 7.22
CA PHE L 659 -59.14 -45.48 5.85
C PHE L 659 -59.19 -46.62 4.84
N LYS L 660 -58.42 -47.68 5.07
CA LYS L 660 -58.46 -48.82 4.17
C LYS L 660 -59.77 -49.57 4.25
N LYS L 661 -60.42 -49.59 5.42
CA LYS L 661 -61.72 -50.26 5.52
C LYS L 661 -62.78 -49.52 4.72
N GLN L 662 -62.75 -48.18 4.76
CA GLN L 662 -63.77 -47.42 4.04
C GLN L 662 -63.63 -47.55 2.54
N TYR L 663 -62.40 -47.66 2.02
CA TYR L 663 -62.13 -47.66 0.58
C TYR L 663 -61.27 -48.87 0.24
N PRO L 664 -61.89 -50.05 0.10
CA PRO L 664 -61.11 -51.24 -0.26
C PRO L 664 -60.38 -51.11 -1.59
N GLN L 665 -60.95 -50.37 -2.56
CA GLN L 665 -60.36 -50.30 -3.88
C GLN L 665 -59.03 -49.53 -3.88
N ALA L 666 -58.76 -48.74 -2.85
CA ALA L 666 -57.54 -47.96 -2.79
C ALA L 666 -56.34 -48.87 -2.57
N THR L 667 -55.29 -48.70 -3.37
CA THR L 667 -54.11 -49.55 -3.24
C THR L 667 -53.02 -48.86 -2.41
N THR L 668 -52.86 -47.55 -2.57
CA THR L 668 -51.83 -46.82 -1.87
C THR L 668 -52.44 -45.59 -1.20
N VAL L 669 -51.75 -45.08 -0.19
CA VAL L 669 -52.22 -43.95 0.61
C VAL L 669 -51.14 -42.89 0.63
N GLN L 670 -51.55 -41.62 0.60
CA GLN L 670 -50.66 -40.48 0.70
C GLN L 670 -51.12 -39.58 1.84
N MET L 671 -50.16 -38.93 2.49
CA MET L 671 -50.42 -38.11 3.66
C MET L 671 -49.91 -36.69 3.42
N ASP L 672 -50.67 -35.71 3.89
CA ASP L 672 -50.32 -34.31 3.70
C ASP L 672 -50.81 -33.51 4.90
N TYR L 673 -50.21 -32.34 5.09
CA TYR L 673 -50.48 -31.48 6.23
C TYR L 673 -50.96 -30.12 5.74
N ASP L 674 -52.05 -29.62 6.34
CA ASP L 674 -52.61 -28.32 6.00
C ASP L 674 -52.39 -27.37 7.17
N PRO L 675 -51.39 -26.48 7.12
CA PRO L 675 -51.10 -25.65 8.30
C PRO L 675 -52.21 -24.67 8.65
N LEU L 676 -52.97 -24.19 7.66
CA LEU L 676 -53.92 -23.10 7.93
C LEU L 676 -54.97 -23.51 8.95
N THR L 677 -55.52 -24.71 8.83
CA THR L 677 -56.53 -25.21 9.76
C THR L 677 -55.99 -26.26 10.72
N GLN L 678 -54.68 -26.48 10.74
CA GLN L 678 -54.07 -27.49 11.62
C GLN L 678 -54.74 -28.85 11.39
N GLU L 679 -54.60 -29.36 10.16
CA GLU L 679 -55.32 -30.54 9.73
C GLU L 679 -54.38 -31.51 9.03
N LEU L 680 -54.66 -32.80 9.17
CA LEU L 680 -53.94 -33.85 8.47
C LEU L 680 -54.89 -34.51 7.48
N ILE L 681 -54.40 -34.73 6.26
CA ILE L 681 -55.22 -35.18 5.15
C ILE L 681 -54.65 -36.46 4.56
N PHE L 682 -55.54 -37.42 4.30
CA PHE L 682 -55.20 -38.65 3.62
C PHE L 682 -55.91 -38.70 2.28
N GLN L 683 -55.24 -39.24 1.26
CA GLN L 683 -55.79 -39.33 -0.08
C GLN L 683 -55.21 -40.53 -0.81
N GLY L 684 -56.04 -41.18 -1.60
CA GLY L 684 -55.57 -42.27 -2.45
C GLY L 684 -54.88 -41.72 -3.68
N VAL L 685 -53.89 -42.48 -4.18
CA VAL L 685 -53.06 -42.05 -5.29
C VAL L 685 -53.04 -43.12 -6.36
N ASN L 686 -52.84 -42.69 -7.60
CA ASN L 686 -52.70 -43.55 -8.76
C ASN L 686 -51.30 -43.40 -9.34
N ALA L 687 -50.96 -44.28 -10.27
CA ALA L 687 -49.67 -44.21 -10.95
C ALA L 687 -49.62 -42.97 -11.83
N GLU L 688 -48.42 -42.62 -12.31
CA GLU L 688 -48.22 -41.44 -13.15
C GLU L 688 -48.43 -40.15 -12.38
N ASN L 689 -48.31 -40.19 -11.05
CA ASN L 689 -48.45 -39.01 -10.19
C ASN L 689 -49.86 -38.44 -10.22
N GLN L 690 -50.84 -39.23 -10.65
CA GLN L 690 -52.23 -38.77 -10.64
C GLN L 690 -52.89 -39.14 -9.31
N LEU L 691 -53.92 -38.38 -8.97
CA LEU L 691 -54.59 -38.49 -7.68
C LEU L 691 -56.03 -38.97 -7.86
N GLY L 692 -56.53 -39.67 -6.85
CA GLY L 692 -57.88 -40.20 -6.86
C GLY L 692 -58.89 -39.25 -6.26
N THR L 693 -60.09 -39.78 -6.01
CA THR L 693 -61.19 -39.00 -5.46
C THR L 693 -61.40 -39.20 -3.98
N THR L 694 -60.86 -40.28 -3.40
CA THR L 694 -61.05 -40.53 -1.98
C THR L 694 -60.22 -39.55 -1.15
N ARG L 695 -60.77 -39.15 -0.02
CA ARG L 695 -60.07 -38.22 0.87
C ARG L 695 -60.61 -38.37 2.29
N ALA L 696 -59.79 -37.99 3.25
CA ALA L 696 -60.16 -38.03 4.66
C ALA L 696 -59.42 -36.92 5.40
N SER L 697 -59.96 -36.55 6.56
CA SER L 697 -59.43 -35.45 7.34
C SER L 697 -59.41 -35.82 8.82
N ILE L 698 -58.35 -35.42 9.51
CA ILE L 698 -58.19 -35.72 10.93
C ILE L 698 -57.54 -34.52 11.63
N PRO L 699 -58.11 -34.01 12.72
CA PRO L 699 -57.44 -32.92 13.43
C PRO L 699 -56.16 -33.39 14.11
N ALA L 700 -55.26 -32.44 14.37
CA ALA L 700 -53.99 -32.78 15.00
C ALA L 700 -54.12 -32.98 16.50
N ALA L 701 -55.10 -32.33 17.14
CA ALA L 701 -55.21 -32.38 18.59
C ALA L 701 -55.42 -33.80 19.09
N ASP L 702 -56.39 -34.52 18.50
CA ASP L 702 -56.64 -35.89 18.91
C ASP L 702 -55.49 -36.82 18.57
N PHE L 703 -54.77 -36.56 17.46
CA PHE L 703 -53.60 -37.37 17.15
C PHE L 703 -52.53 -37.20 18.22
N ARG L 704 -52.28 -35.95 18.64
CA ARG L 704 -51.32 -35.72 19.72
C ARG L 704 -51.78 -36.37 21.02
N ASN L 705 -53.08 -36.30 21.30
CA ASN L 705 -53.60 -36.93 22.51
C ASN L 705 -53.38 -38.44 22.47
N THR L 706 -53.61 -39.06 21.31
CA THR L 706 -53.39 -40.50 21.19
C THR L 706 -51.91 -40.84 21.34
N VAL L 707 -51.02 -40.02 20.76
CA VAL L 707 -49.59 -40.27 20.90
C VAL L 707 -49.19 -40.20 22.37
N ARG L 708 -49.67 -39.19 23.08
CA ARG L 708 -49.35 -39.06 24.50
C ARG L 708 -49.93 -40.22 25.30
N GLY L 709 -51.13 -40.67 24.96
CA GLY L 709 -51.69 -41.83 25.63
C GLY L 709 -50.87 -43.09 25.44
N VAL L 710 -50.37 -43.30 24.22
CA VAL L 710 -49.51 -44.45 23.96
C VAL L 710 -48.21 -44.34 24.75
N GLN L 711 -47.63 -43.14 24.76
CA GLN L 711 -46.38 -42.94 25.50
C GLN L 711 -46.57 -43.19 26.99
N ASN L 712 -47.70 -42.73 27.55
CA ASN L 712 -47.96 -42.96 28.96
C ASN L 712 -48.06 -44.44 29.28
N THR L 713 -48.75 -45.20 28.44
CA THR L 713 -48.82 -46.65 28.64
C THR L 713 -47.43 -47.28 28.54
N LEU L 714 -46.61 -46.83 27.59
CA LEU L 714 -45.28 -47.37 27.45
C LEU L 714 -44.44 -47.13 28.71
N THR L 715 -44.44 -45.88 29.20
CA THR L 715 -43.61 -45.51 30.34
C THR L 715 -44.29 -45.77 31.68
N GLN L 716 -45.55 -46.18 31.69
CA GLN L 716 -46.29 -46.47 32.92
C GLN L 716 -46.48 -45.20 33.74
N ASN L 717 -46.99 -44.16 33.07
CA ASN L 717 -47.29 -42.88 33.72
C ASN L 717 -46.03 -42.23 34.29
N GLY L 718 -44.87 -42.63 33.78
CA GLY L 718 -43.62 -42.03 34.20
C GLY L 718 -43.09 -42.49 35.54
N SER L 719 -43.74 -43.48 36.17
CA SER L 719 -43.27 -43.98 37.46
C SER L 719 -42.14 -44.98 37.33
N GLY L 720 -41.91 -45.52 36.14
CA GLY L 720 -40.83 -46.48 35.94
C GLY L 720 -41.25 -47.90 36.26
N THR L 721 -40.31 -48.81 36.06
CA THR L 721 -40.54 -50.22 36.32
C THR L 721 -40.58 -50.48 37.82
N THR L 722 -41.14 -51.63 38.19
CA THR L 722 -41.31 -52.01 39.59
C THR L 722 -40.90 -53.44 39.88
N GLN L 723 -40.18 -54.09 38.96
CA GLN L 723 -39.73 -55.45 39.21
C GLN L 723 -38.68 -55.47 40.32
N GLY L 724 -38.66 -56.54 41.08
CA GLY L 724 -37.76 -56.66 42.21
C GLY L 724 -37.39 -58.09 42.51
N ASN L 725 -36.75 -58.28 43.66
CA ASN L 725 -36.29 -59.59 44.10
C ASN L 725 -36.38 -59.66 45.61
N LEU L 726 -36.38 -60.90 46.13
CA LEU L 726 -36.41 -61.16 47.56
C LEU L 726 -35.38 -62.21 47.93
N ASN L 727 -34.95 -62.17 49.19
CA ASN L 727 -34.09 -63.20 49.75
C ASN L 727 -34.89 -64.02 50.75
N VAL L 728 -35.17 -65.28 50.39
CA VAL L 728 -35.94 -66.19 51.22
C VAL L 728 -34.99 -67.24 51.77
N PRO L 729 -34.90 -67.42 53.09
CA PRO L 729 -33.99 -68.42 53.63
C PRO L 729 -34.24 -69.80 53.03
N GLY L 730 -33.16 -70.47 52.65
CA GLY L 730 -33.25 -71.80 52.07
C GLY L 730 -33.63 -71.78 50.60
N ALA L 731 -34.74 -71.13 50.28
CA ALA L 731 -35.24 -71.14 48.90
C ALA L 731 -34.40 -70.28 47.96
N GLY L 732 -33.67 -69.30 48.50
CA GLY L 732 -32.86 -68.45 47.65
C GLY L 732 -33.65 -67.27 47.10
N PHE L 733 -33.17 -66.75 45.97
CA PHE L 733 -33.78 -65.58 45.36
C PHE L 733 -35.08 -65.93 44.66
N VAL L 734 -36.04 -65.01 44.73
CA VAL L 734 -37.33 -65.14 44.05
C VAL L 734 -37.75 -63.77 43.54
N SER L 735 -38.67 -63.78 42.58
CA SER L 735 -39.16 -62.54 41.99
C SER L 735 -40.18 -61.87 42.90
N PHE L 736 -40.26 -60.55 42.81
CA PHE L 736 -41.17 -59.77 43.64
C PHE L 736 -41.49 -58.46 42.93
N ASN L 737 -42.77 -58.09 42.96
CA ASN L 737 -43.26 -56.87 42.33
C ASN L 737 -43.66 -55.90 43.42
N ALA L 738 -43.12 -54.68 43.36
CA ALA L 738 -43.34 -53.67 44.39
C ALA L 738 -44.45 -52.68 44.03
N GLY L 739 -45.21 -52.94 42.98
CA GLY L 739 -46.26 -52.01 42.59
C GLY L 739 -47.31 -51.89 43.68
N ASN L 740 -47.91 -50.70 43.77
CA ASN L 740 -48.95 -50.43 44.75
C ASN L 740 -49.85 -49.33 44.21
N SER L 741 -51.01 -49.19 44.84
CA SER L 741 -52.03 -48.25 44.39
C SER L 741 -52.07 -46.96 45.20
N PHE L 742 -51.05 -46.70 46.03
CA PHE L 742 -51.00 -45.49 46.84
C PHE L 742 -49.87 -44.56 46.47
N GLY L 743 -48.97 -44.96 45.58
CA GLY L 743 -47.91 -44.08 45.13
C GLY L 743 -46.65 -44.11 45.95
N ILE L 744 -46.42 -45.16 46.73
CA ILE L 744 -45.20 -45.23 47.55
C ILE L 744 -44.05 -45.67 46.67
N GLN L 745 -42.96 -44.92 46.71
CA GLN L 745 -41.83 -45.16 45.82
C GLN L 745 -41.17 -46.51 46.17
N LYS L 746 -40.50 -47.09 45.18
CA LYS L 746 -40.09 -48.49 45.26
C LYS L 746 -39.25 -48.77 46.49
N ASN L 747 -38.18 -47.99 46.68
CA ASN L 747 -37.26 -48.25 47.78
C ASN L 747 -37.90 -48.03 49.14
N VAL L 748 -39.01 -47.33 49.21
CA VAL L 748 -39.73 -47.18 50.48
C VAL L 748 -40.64 -48.36 50.74
N VAL L 749 -41.27 -48.91 49.69
CA VAL L 749 -42.06 -50.12 49.84
C VAL L 749 -41.17 -51.29 50.25
N MET L 750 -40.00 -51.39 49.62
CA MET L 750 -39.11 -52.50 49.93
C MET L 750 -38.53 -52.43 51.34
N GLY L 751 -38.68 -51.31 52.04
CA GLY L 751 -38.14 -51.17 53.38
C GLY L 751 -38.84 -52.02 54.42
N ALA L 752 -40.18 -52.04 54.40
CA ALA L 752 -40.93 -52.75 55.42
C ALA L 752 -40.91 -54.26 55.21
N VAL L 753 -40.87 -54.70 53.94
CA VAL L 753 -40.85 -56.14 53.68
C VAL L 753 -39.53 -56.74 54.15
N ASN L 754 -38.42 -56.01 54.04
CA ASN L 754 -37.15 -56.51 54.51
C ASN L 754 -37.06 -56.62 56.02
N GLN L 755 -37.99 -56.00 56.75
CA GLN L 755 -38.08 -56.18 58.19
C GLN L 755 -39.08 -57.28 58.54
N LEU L 756 -40.18 -57.34 57.80
CA LEU L 756 -41.15 -58.42 58.01
C LEU L 756 -40.49 -59.78 57.78
N VAL L 757 -39.68 -59.89 56.72
CA VAL L 757 -38.98 -61.13 56.44
C VAL L 757 -37.92 -61.43 57.49
N SER L 758 -37.24 -60.41 57.99
CA SER L 758 -36.20 -60.61 59.01
C SER L 758 -36.78 -60.96 60.36
N TYR L 759 -38.05 -60.64 60.63
CA TYR L 759 -38.72 -61.01 61.86
C TYR L 759 -39.42 -62.36 61.76
N GLU L 760 -40.28 -62.53 60.75
CA GLU L 760 -41.07 -63.76 60.66
C GLU L 760 -40.26 -64.96 60.22
N GLY L 761 -39.36 -64.78 59.25
CA GLY L 761 -38.64 -65.92 58.71
C GLY L 761 -39.51 -66.71 57.74
N TYR L 762 -39.02 -67.88 57.36
CA TYR L 762 -39.71 -68.73 56.40
C TYR L 762 -39.36 -70.19 56.68
N THR L 763 -40.38 -71.04 56.68
CA THR L 763 -40.21 -72.48 56.84
C THR L 763 -41.15 -73.18 55.89
N PRO L 764 -40.79 -74.38 55.41
CA PRO L 764 -41.68 -75.08 54.46
C PRO L 764 -43.06 -75.36 55.02
N SER L 765 -43.17 -75.69 56.30
CA SER L 765 -44.45 -76.07 56.89
C SER L 765 -45.31 -74.88 57.30
N LYS L 766 -44.74 -73.67 57.32
CA LYS L 766 -45.49 -72.48 57.72
C LYS L 766 -45.38 -71.33 56.73
N GLY L 767 -44.46 -71.37 55.79
CA GLY L 767 -44.32 -70.25 54.87
C GLY L 767 -43.98 -68.98 55.62
N PHE L 768 -44.69 -67.90 55.27
CA PHE L 768 -44.50 -66.61 55.93
C PHE L 768 -45.47 -66.39 57.09
N SER L 769 -46.22 -67.41 57.49
CA SER L 769 -47.09 -67.35 58.66
C SER L 769 -48.26 -66.40 58.42
N VAL L 770 -48.86 -66.47 57.24
CA VAL L 770 -50.03 -65.65 56.94
C VAL L 770 -51.26 -66.31 57.54
N LEU L 771 -51.99 -65.56 58.37
CA LEU L 771 -53.18 -66.08 59.02
C LEU L 771 -54.34 -65.09 58.90
N GLU L 783 -58.30 -66.62 54.20
CA GLU L 783 -59.01 -67.38 53.17
C GLU L 783 -58.09 -68.43 52.55
N ASP L 784 -58.63 -69.19 51.59
CA ASP L 784 -57.85 -70.24 50.96
C ASP L 784 -56.73 -69.69 50.10
N LYS L 785 -56.94 -68.51 49.49
CA LYS L 785 -55.95 -67.96 48.57
C LYS L 785 -54.90 -67.11 49.26
N TYR L 786 -55.02 -66.90 50.58
CA TYR L 786 -54.03 -66.14 51.34
C TYR L 786 -53.13 -67.03 52.19
N VAL L 787 -53.26 -68.35 52.10
CA VAL L 787 -52.51 -69.28 52.94
C VAL L 787 -51.74 -70.25 52.05
N LYS L 788 -50.63 -70.76 52.57
CA LYS L 788 -49.80 -71.69 51.83
C LYS L 788 -50.32 -73.11 51.98
N GLN L 789 -50.37 -73.84 50.87
CA GLN L 789 -50.73 -75.25 50.89
C GLN L 789 -49.46 -76.11 50.88
N ALA L 790 -49.64 -77.40 51.12
CA ALA L 790 -48.51 -78.31 51.22
C ALA L 790 -47.71 -78.39 49.92
N THR L 791 -48.36 -78.25 48.77
CA THR L 791 -47.69 -78.44 47.49
C THR L 791 -47.18 -77.16 46.86
N ASP L 792 -47.32 -76.01 47.53
CA ASP L 792 -46.91 -74.75 46.93
C ASP L 792 -45.40 -74.64 46.90
N THR L 793 -44.88 -74.09 45.79
CA THR L 793 -43.47 -73.73 45.72
C THR L 793 -43.25 -72.37 46.38
N PRO L 794 -42.00 -72.05 46.74
CA PRO L 794 -41.77 -70.77 47.42
C PRO L 794 -42.22 -69.57 46.62
N GLN L 795 -42.11 -69.60 45.29
CA GLN L 795 -42.58 -68.47 44.49
C GLN L 795 -44.08 -68.27 44.66
N VAL L 796 -44.85 -69.36 44.64
CA VAL L 796 -46.30 -69.23 44.82
C VAL L 796 -46.63 -68.69 46.20
N ALA L 797 -45.92 -69.15 47.24
CA ALA L 797 -46.16 -68.65 48.58
C ALA L 797 -45.84 -67.16 48.67
N ALA L 798 -44.75 -66.73 48.02
CA ALA L 798 -44.40 -65.31 48.02
C ALA L 798 -45.47 -64.49 47.31
N ASP L 799 -46.01 -65.00 46.20
CA ASP L 799 -47.07 -64.28 45.50
C ASP L 799 -48.28 -64.10 46.41
N LYS L 800 -48.69 -65.15 47.11
CA LYS L 800 -49.81 -65.05 48.04
C LYS L 800 -49.51 -64.07 49.16
N PHE L 801 -48.28 -64.09 49.67
CA PHE L 801 -47.91 -63.15 50.73
C PHE L 801 -48.03 -61.71 50.26
N ASN L 802 -47.53 -61.42 49.05
CA ASN L 802 -47.64 -60.07 48.51
C ASN L 802 -49.10 -59.67 48.31
N MET L 803 -49.91 -60.59 47.78
CA MET L 803 -51.33 -60.29 47.60
C MET L 803 -52.00 -60.00 48.93
N TYR L 804 -51.72 -60.81 49.96
CA TYR L 804 -52.31 -60.57 51.27
C TYR L 804 -51.89 -59.22 51.82
N LEU L 805 -50.60 -58.88 51.71
CA LEU L 805 -50.16 -57.56 52.12
C LEU L 805 -50.99 -56.48 51.43
N ASN L 806 -50.93 -56.45 50.10
CA ASN L 806 -51.57 -55.38 49.35
C ASN L 806 -53.08 -55.32 49.61
N ASP L 807 -53.69 -56.44 49.98
CA ASP L 807 -55.15 -56.46 50.13
C ASP L 807 -55.61 -56.20 51.56
N LYS L 808 -54.75 -56.42 52.56
CA LYS L 808 -55.20 -56.38 53.95
C LYS L 808 -54.29 -55.61 54.90
N VAL L 809 -53.27 -54.90 54.42
CA VAL L 809 -52.39 -54.16 55.33
C VAL L 809 -52.40 -52.68 54.98
N TYR L 810 -51.97 -52.35 53.76
CA TYR L 810 -51.85 -50.94 53.38
C TYR L 810 -53.14 -50.15 53.56
N PRO L 811 -54.31 -50.67 53.20
CA PRO L 811 -55.54 -49.87 53.36
C PRO L 811 -55.80 -49.44 54.79
N LEU L 812 -55.30 -50.19 55.79
CA LEU L 812 -55.49 -49.83 57.18
C LEU L 812 -54.37 -48.98 57.75
N VAL L 813 -53.23 -48.91 57.08
CA VAL L 813 -52.10 -48.13 57.58
C VAL L 813 -52.04 -46.76 56.93
N MET L 814 -52.36 -46.66 55.63
CA MET L 814 -52.28 -45.40 54.91
C MET L 814 -53.19 -44.34 55.52
N PRO L 815 -54.44 -44.66 55.86
CA PRO L 815 -55.34 -43.62 56.38
C PRO L 815 -54.84 -42.94 57.64
N LYS L 816 -53.99 -43.59 58.44
CA LYS L 816 -53.51 -43.02 59.69
C LYS L 816 -52.21 -42.24 59.52
N MET L 817 -51.69 -42.12 58.29
CA MET L 817 -50.49 -41.34 58.05
C MET L 817 -50.78 -39.85 57.84
N GLU L 818 -52.05 -39.46 57.74
CA GLU L 818 -52.38 -38.05 57.53
C GLU L 818 -52.13 -37.20 58.77
N GLN L 819 -51.91 -37.83 59.93
CA GLN L 819 -51.79 -37.09 61.18
C GLN L 819 -50.37 -36.69 61.51
N TYR L 820 -49.38 -37.26 60.82
CA TYR L 820 -47.97 -37.06 61.18
C TYR L 820 -47.20 -36.25 60.16
N LYS L 821 -47.85 -35.32 59.46
CA LYS L 821 -47.16 -34.53 58.45
C LYS L 821 -46.41 -33.33 59.05
N ASN L 822 -46.62 -33.03 60.33
CA ASN L 822 -45.85 -31.95 60.95
C ASN L 822 -44.41 -32.36 61.23
N LEU L 823 -44.19 -33.65 61.47
CA LEU L 823 -42.87 -34.14 61.81
C LEU L 823 -41.97 -34.22 60.56
N PRO L 824 -40.66 -34.30 60.75
CA PRO L 824 -39.76 -34.46 59.61
C PRO L 824 -40.09 -35.73 58.83
N GLY L 825 -39.49 -35.84 57.64
CA GLY L 825 -39.78 -36.97 56.78
C GLY L 825 -39.30 -38.30 57.33
N TYR L 826 -38.08 -38.33 57.89
CA TYR L 826 -37.51 -39.60 58.33
C TYR L 826 -38.21 -40.13 59.58
N ILE L 827 -38.76 -39.25 60.41
CA ILE L 827 -39.59 -39.73 61.52
C ILE L 827 -40.83 -40.44 60.99
N GLN L 828 -41.46 -39.88 59.96
CA GLN L 828 -42.61 -40.54 59.35
C GLN L 828 -42.20 -41.88 58.74
N ASN L 829 -41.04 -41.91 58.09
CA ASN L 829 -40.55 -43.17 57.52
C ASN L 829 -40.36 -44.22 58.60
N ASN L 830 -39.78 -43.83 59.74
CA ASN L 830 -39.63 -44.76 60.85
C ASN L 830 -40.97 -45.23 61.39
N ILE L 831 -41.95 -44.34 61.49
CA ILE L 831 -43.26 -44.72 61.99
C ILE L 831 -43.93 -45.69 61.03
N TYR L 832 -43.70 -45.53 59.73
CA TYR L 832 -44.34 -46.39 58.74
C TYR L 832 -43.98 -47.86 58.97
N ASN L 833 -42.70 -48.14 59.17
CA ASN L 833 -42.26 -49.52 59.36
C ASN L 833 -42.90 -50.14 60.60
N ALA L 834 -42.90 -49.39 61.71
CA ALA L 834 -43.50 -49.91 62.93
C ALA L 834 -44.99 -50.17 62.76
N LEU L 835 -45.70 -49.25 62.11
CA LEU L 835 -47.13 -49.46 61.89
C LEU L 835 -47.39 -50.68 61.02
N VAL L 836 -46.61 -50.86 59.95
CA VAL L 836 -46.79 -52.03 59.10
C VAL L 836 -46.52 -53.31 59.88
N GLU L 837 -45.44 -53.32 60.66
CA GLU L 837 -45.10 -54.51 61.43
C GLU L 837 -46.21 -54.85 62.42
N THR L 838 -46.74 -53.85 63.12
CA THR L 838 -47.80 -54.13 64.08
C THR L 838 -49.07 -54.60 63.39
N THR L 839 -49.43 -53.95 62.28
CA THR L 839 -50.67 -54.32 61.58
C THR L 839 -50.58 -55.74 61.03
N TYR L 840 -49.40 -56.15 60.56
CA TYR L 840 -49.26 -57.50 60.02
C TYR L 840 -49.52 -58.55 61.10
N HIS L 841 -49.00 -58.33 62.30
CA HIS L 841 -49.13 -59.31 63.37
C HIS L 841 -50.45 -59.20 64.14
N SER L 842 -51.17 -58.09 64.01
CA SER L 842 -52.41 -57.92 64.76
C SER L 842 -53.63 -57.62 63.91
N GLY L 843 -53.47 -57.33 62.62
CA GLY L 843 -54.62 -57.01 61.79
C GLY L 843 -55.38 -55.78 62.22
N ASN L 844 -54.77 -54.93 63.04
CA ASN L 844 -55.43 -53.73 63.55
C ASN L 844 -54.36 -52.71 63.89
N SER L 845 -54.44 -51.53 63.25
CA SER L 845 -53.42 -50.51 63.43
C SER L 845 -53.67 -49.61 64.63
N ASP L 846 -54.78 -49.79 65.35
CA ASP L 846 -55.10 -48.94 66.49
C ASP L 846 -54.34 -49.33 67.76
N VAL L 847 -53.66 -50.47 67.77
CA VAL L 847 -53.01 -50.94 68.99
C VAL L 847 -51.81 -50.06 69.32
N PHE L 848 -51.01 -49.70 68.33
CA PHE L 848 -49.78 -48.95 68.55
C PHE L 848 -49.94 -47.45 68.33
N ASP L 849 -50.91 -47.04 67.51
CA ASP L 849 -51.16 -45.62 67.33
C ASP L 849 -51.58 -44.97 68.64
N LYS L 850 -52.25 -45.72 69.51
CA LYS L 850 -52.62 -45.20 70.81
C LYS L 850 -51.38 -44.77 71.60
N TYR L 851 -50.38 -45.64 71.66
CA TYR L 851 -49.16 -45.31 72.40
C TYR L 851 -48.34 -44.25 71.69
N ILE L 852 -48.38 -44.22 70.36
CA ILE L 852 -47.69 -43.14 69.64
C ILE L 852 -48.31 -41.80 70.00
N GLN L 853 -49.65 -41.72 70.02
CA GLN L 853 -50.31 -40.49 70.41
C GLN L 853 -50.03 -40.14 71.86
N THR L 854 -49.99 -41.14 72.74
CA THR L 854 -49.67 -40.88 74.14
C THR L 854 -48.28 -40.28 74.27
N ALA L 855 -47.30 -40.83 73.54
CA ALA L 855 -45.94 -40.32 73.61
C ALA L 855 -45.86 -38.90 73.06
N LEU L 856 -46.55 -38.64 71.95
CA LEU L 856 -46.43 -37.32 71.31
C LEU L 856 -47.16 -36.23 72.09
N TYR L 857 -48.36 -36.52 72.59
CA TYR L 857 -49.18 -35.53 73.26
C TYR L 857 -49.72 -35.96 74.62
N GLY L 858 -49.79 -37.25 74.92
CA GLY L 858 -50.38 -37.73 76.16
C GLY L 858 -49.40 -37.67 77.31
N ASN L 859 -49.79 -38.33 78.40
CA ASN L 859 -48.97 -38.38 79.62
C ASN L 859 -47.93 -39.47 79.45
N VAL L 860 -46.64 -39.08 79.48
CA VAL L 860 -45.55 -40.02 79.29
C VAL L 860 -45.49 -41.09 80.37
N GLN L 861 -46.12 -40.85 81.52
CA GLN L 861 -46.05 -41.81 82.62
C GLN L 861 -46.81 -43.09 82.32
N GLU L 862 -47.68 -43.09 81.30
CA GLU L 862 -48.46 -44.27 80.98
C GLU L 862 -47.74 -45.20 79.99
N ILE L 863 -46.60 -44.79 79.46
CA ILE L 863 -45.86 -45.58 78.49
C ILE L 863 -45.48 -46.94 79.06
N PRO L 864 -44.89 -47.03 80.26
CA PRO L 864 -44.41 -48.34 80.74
C PRO L 864 -45.51 -49.37 80.93
N THR L 865 -46.78 -48.99 80.85
CA THR L 865 -47.87 -49.96 80.95
C THR L 865 -48.01 -50.80 79.68
N PHE L 866 -47.28 -50.48 78.61
CA PHE L 866 -47.41 -51.24 77.38
C PHE L 866 -46.96 -52.69 77.55
N LYS L 867 -46.17 -52.97 78.59
CA LYS L 867 -45.62 -54.31 78.78
C LYS L 867 -46.69 -55.34 79.12
N ASP L 868 -47.90 -54.90 79.47
CA ASP L 868 -48.98 -55.80 79.83
C ASP L 868 -49.87 -56.18 78.66
N THR L 869 -49.64 -55.62 77.48
CA THR L 869 -50.50 -55.92 76.34
C THR L 869 -50.12 -57.27 75.73
N PRO L 870 -51.08 -57.96 75.11
CA PRO L 870 -50.74 -59.22 74.43
C PRO L 870 -49.71 -59.07 73.34
N LEU L 871 -49.69 -57.91 72.67
CA LEU L 871 -48.73 -57.70 71.58
C LEU L 871 -47.30 -57.80 72.07
N PHE L 872 -47.01 -57.29 73.27
CA PHE L 872 -45.68 -57.40 73.84
C PHE L 872 -45.39 -58.83 74.28
N LYS L 873 -46.37 -59.49 74.91
CA LYS L 873 -46.15 -60.83 75.43
C LYS L 873 -45.85 -61.82 74.30
N ASP L 874 -46.58 -61.70 73.19
CA ASP L 874 -46.40 -62.64 72.09
C ASP L 874 -45.02 -62.57 71.47
N ALA L 875 -44.36 -61.42 71.53
CA ALA L 875 -43.07 -61.22 70.87
C ALA L 875 -41.89 -61.47 71.79
N GLY L 876 -42.12 -61.91 73.02
CA GLY L 876 -41.03 -62.17 73.95
C GLY L 876 -40.74 -61.00 74.87
N ALA L 877 -40.25 -61.29 76.08
CA ALA L 877 -40.00 -60.24 77.06
C ALA L 877 -38.70 -59.49 76.84
N GLY L 878 -37.77 -60.05 76.06
CA GLY L 878 -36.49 -59.40 75.84
C GLY L 878 -35.97 -59.53 74.42
N SER L 879 -36.87 -59.75 73.47
CA SER L 879 -36.46 -59.97 72.09
C SER L 879 -36.12 -58.65 71.42
N ARG L 880 -35.39 -58.75 70.30
CA ARG L 880 -35.02 -57.57 69.52
C ARG L 880 -36.24 -56.80 69.05
N ARG L 881 -37.34 -57.50 68.80
CA ARG L 881 -38.53 -56.86 68.28
C ARG L 881 -39.04 -55.79 69.23
N ASN L 882 -39.02 -56.07 70.54
CA ASN L 882 -39.50 -55.12 71.52
C ASN L 882 -38.55 -53.97 71.75
N VAL L 883 -37.24 -54.21 71.68
CA VAL L 883 -36.27 -53.12 71.79
C VAL L 883 -36.44 -52.16 70.61
N ASP L 884 -36.63 -52.71 69.42
CA ASP L 884 -36.88 -51.85 68.25
C ASP L 884 -38.14 -51.01 68.44
N ARG L 885 -39.17 -51.57 69.08
CA ARG L 885 -40.39 -50.81 69.32
C ARG L 885 -40.15 -49.70 70.35
N TYR L 886 -39.43 -50.02 71.44
CA TYR L 886 -39.18 -49.02 72.47
C TYR L 886 -38.27 -47.90 71.99
N GLN L 887 -37.38 -48.16 71.04
CA GLN L 887 -36.50 -47.10 70.55
C GLN L 887 -37.30 -45.96 69.93
N LEU L 888 -38.33 -46.28 69.15
CA LEU L 888 -39.13 -45.25 68.51
C LEU L 888 -39.81 -44.37 69.56
N LEU L 889 -40.39 -44.98 70.59
CA LEU L 889 -41.05 -44.21 71.64
C LEU L 889 -40.05 -43.40 72.44
N GLY L 890 -38.84 -43.90 72.65
CA GLY L 890 -37.82 -43.12 73.34
C GLY L 890 -37.34 -41.93 72.52
N SER L 891 -37.34 -42.06 71.19
CA SER L 891 -36.96 -40.94 70.34
C SER L 891 -38.06 -39.91 70.20
N LEU L 892 -39.32 -40.35 70.18
CA LEU L 892 -40.43 -39.40 70.07
C LEU L 892 -40.49 -38.47 71.28
N VAL L 893 -40.23 -39.01 72.47
CA VAL L 893 -40.22 -38.18 73.68
C VAL L 893 -39.13 -37.14 73.59
N THR L 894 -37.94 -37.52 73.13
CA THR L 894 -36.86 -36.55 72.97
C THR L 894 -37.23 -35.47 71.96
N TYR L 895 -37.84 -35.86 70.85
CA TYR L 895 -38.27 -34.87 69.86
C TYR L 895 -39.27 -33.89 70.47
N ARG L 896 -40.24 -34.42 71.23
CA ARG L 896 -41.21 -33.56 71.90
C ARG L 896 -40.52 -32.60 72.85
N THR L 897 -39.54 -33.10 73.61
CA THR L 897 -38.83 -32.24 74.56
C THR L 897 -38.08 -31.12 73.84
N ASN L 898 -37.43 -31.44 72.73
CA ASN L 898 -36.61 -30.45 72.03
C ASN L 898 -37.44 -29.40 71.29
N ASN L 899 -38.76 -29.59 71.16
CA ASN L 899 -39.63 -28.65 70.48
C ASN L 899 -40.83 -28.34 71.38
N PRO L 900 -40.67 -27.43 72.35
CA PRO L 900 -41.77 -27.15 73.29
C PRO L 900 -43.01 -26.57 72.63
N ASN L 901 -42.90 -26.01 71.43
CA ASN L 901 -44.02 -25.40 70.74
C ASN L 901 -44.81 -26.39 69.89
N LEU L 902 -44.46 -27.67 69.93
CA LEU L 902 -45.17 -28.67 69.14
C LEU L 902 -46.66 -28.64 69.45
N SER L 903 -47.49 -28.65 68.41
CA SER L 903 -48.94 -28.63 68.57
C SER L 903 -49.52 -30.03 68.47
N MET M 1 32.76 -10.30 -48.87
CA MET M 1 32.72 -11.67 -49.46
C MET M 1 32.35 -12.68 -48.38
N ILE M 2 31.36 -13.52 -48.68
CA ILE M 2 30.84 -14.46 -47.70
C ILE M 2 31.90 -15.49 -47.33
N TRP M 3 32.73 -15.89 -48.28
CA TRP M 3 33.64 -17.02 -48.06
C TRP M 3 34.83 -16.66 -47.19
N MET M 4 35.03 -15.39 -46.84
CA MET M 4 36.13 -15.04 -45.94
C MET M 4 35.84 -15.41 -44.50
N PHE M 5 34.56 -15.46 -44.12
CA PHE M 5 34.17 -15.65 -42.73
C PHE M 5 33.81 -17.10 -42.40
N ALA M 6 34.15 -18.04 -43.29
CA ALA M 6 33.77 -19.43 -43.05
C ALA M 6 34.42 -19.97 -41.78
N ALA M 7 35.72 -19.74 -41.61
CA ALA M 7 36.42 -20.25 -40.43
C ALA M 7 35.87 -19.62 -39.15
N ALA M 8 35.64 -18.30 -39.18
CA ALA M 8 35.10 -17.63 -38.01
C ALA M 8 33.72 -18.20 -37.65
N ALA M 9 32.87 -18.41 -38.64
CA ALA M 9 31.56 -18.99 -38.36
C ALA M 9 31.69 -20.39 -37.79
N ALA M 10 32.58 -21.20 -38.36
CA ALA M 10 32.75 -22.57 -37.86
C ALA M 10 33.20 -22.57 -36.41
N GLN M 11 34.12 -21.66 -36.06
CA GLN M 11 34.55 -21.57 -34.67
C GLN M 11 33.44 -21.05 -33.76
N MET M 12 32.59 -20.15 -34.27
CA MET M 12 31.53 -19.59 -33.44
C MET M 12 30.38 -20.57 -33.22
N ILE M 13 30.21 -21.56 -34.10
CA ILE M 13 29.15 -22.55 -33.89
C ILE M 13 29.32 -23.24 -32.54
N GLN M 14 30.55 -23.59 -32.17
CA GLN M 14 30.77 -24.39 -30.98
C GLN M 14 30.37 -23.64 -29.72
N GLY M 15 30.51 -22.31 -29.72
CA GLY M 15 30.16 -21.55 -28.52
C GLY M 15 28.69 -21.63 -28.19
N GLY M 16 27.83 -21.54 -29.22
CA GLY M 16 26.40 -21.54 -28.96
C GLY M 16 25.90 -22.85 -28.38
N LEU M 17 26.41 -23.98 -28.89
CA LEU M 17 25.89 -25.27 -28.45
C LEU M 17 26.13 -25.50 -26.96
N GLN M 18 27.37 -25.33 -26.50
CA GLN M 18 27.65 -25.60 -25.10
C GLN M 18 27.08 -24.54 -24.18
N TYR M 19 26.76 -23.36 -24.69
CA TYR M 19 26.06 -22.37 -23.88
C TYR M 19 24.67 -22.85 -23.52
N ALA M 20 23.97 -23.48 -24.47
CA ALA M 20 22.65 -24.04 -24.20
C ALA M 20 22.73 -25.34 -23.43
N GLN M 21 23.78 -26.14 -23.66
CA GLN M 21 23.88 -27.44 -23.03
C GLN M 21 24.24 -27.33 -21.55
N ASP M 22 25.05 -26.32 -21.20
CA ASP M 22 25.38 -26.11 -19.79
C ASP M 22 24.14 -25.72 -18.99
N ALA M 23 23.27 -24.89 -19.57
CA ALA M 23 22.05 -24.50 -18.87
C ALA M 23 21.17 -25.70 -18.58
N LYS M 24 21.05 -26.62 -19.54
CA LYS M 24 20.21 -27.79 -19.35
C LYS M 24 20.68 -28.63 -18.17
N ASN M 25 21.99 -28.71 -17.95
CA ASN M 25 22.50 -29.53 -16.86
C ASN M 25 21.99 -29.05 -15.51
N GLN M 26 21.98 -27.73 -15.29
CA GLN M 26 21.59 -27.20 -13.99
C GLN M 26 20.12 -27.50 -13.68
N ARG M 27 19.25 -27.39 -14.68
CA ARG M 27 17.83 -27.65 -14.46
C ARG M 27 17.59 -29.08 -14.01
N ARG M 28 18.49 -30.01 -14.34
CA ARG M 28 18.33 -31.42 -14.02
C ARG M 28 18.93 -31.80 -12.67
N GLN M 29 19.14 -30.82 -11.79
CA GLN M 29 19.66 -31.10 -10.46
C GLN M 29 19.45 -29.92 -9.53
N LYS M 31 22.32 -31.23 -4.79
CA LYS M 31 23.11 -30.03 -5.06
C LYS M 31 24.03 -29.71 -3.87
N ALA M 32 23.57 -30.07 -2.68
CA ALA M 32 24.37 -29.79 -1.48
C ALA M 32 25.69 -30.55 -1.50
N ASP M 33 25.66 -31.81 -1.95
CA ASP M 33 26.88 -32.60 -1.99
C ASP M 33 27.97 -31.93 -2.81
N GLN M 34 27.58 -31.23 -3.89
CA GLN M 34 28.58 -30.57 -4.73
C GLN M 34 29.32 -29.49 -3.95
N LYS M 35 28.59 -28.73 -3.12
CA LYS M 35 29.23 -27.65 -2.36
C LYS M 35 30.32 -28.17 -1.45
N TYR M 36 30.10 -29.33 -0.83
CA TYR M 36 31.09 -29.86 0.11
C TYR M 36 32.42 -30.11 -0.57
N ASN M 37 32.39 -30.64 -1.79
CA ASN M 37 33.64 -30.96 -2.48
C ASN M 37 34.50 -29.71 -2.68
N GLU M 38 33.86 -28.59 -3.03
CA GLU M 38 34.62 -27.37 -3.25
C GLU M 38 35.35 -26.94 -1.98
N ALA M 39 34.68 -27.06 -0.82
CA ALA M 39 35.33 -26.71 0.43
C ALA M 39 36.56 -27.59 0.68
N VAL M 40 36.44 -28.89 0.40
CA VAL M 40 37.59 -29.78 0.54
C VAL M 40 38.72 -29.35 -0.38
N ARG M 41 38.39 -28.70 -1.50
CA ARG M 41 39.42 -28.26 -2.43
C ARG M 41 40.38 -27.29 -1.76
N SER M 42 39.97 -26.64 -0.67
CA SER M 42 40.87 -25.76 0.06
C SER M 42 42.10 -26.51 0.56
N ALA M 43 41.98 -27.83 0.75
CA ALA M 43 43.14 -28.62 1.15
C ALA M 43 44.24 -28.55 0.09
N SER M 44 43.85 -28.60 -1.19
CA SER M 44 44.83 -28.46 -2.26
C SER M 44 45.53 -27.11 -2.18
N ALA M 45 44.77 -26.04 -1.91
CA ALA M 45 45.40 -24.74 -1.72
C ALA M 45 46.36 -24.77 -0.54
N ARG M 46 45.96 -25.44 0.55
CA ARG M 46 46.88 -25.62 1.67
C ARG M 46 48.09 -26.44 1.26
N GLN M 47 47.88 -27.51 0.49
CA GLN M 47 49.01 -28.31 0.02
C GLN M 47 49.91 -27.48 -0.89
N ILE M 48 49.32 -26.72 -1.82
CA ILE M 48 50.09 -25.78 -2.61
C ILE M 48 50.62 -24.65 -1.75
N THR M 49 50.03 -24.42 -0.58
CA THR M 49 50.51 -23.40 0.33
C THR M 49 51.79 -23.80 1.04
N GLU M 50 52.11 -25.09 1.06
CA GLU M 50 53.37 -25.53 1.67
C GLU M 50 54.56 -24.98 0.92
N ILE M 51 54.59 -25.16 -0.40
CA ILE M 51 55.64 -24.54 -1.22
C ILE M 51 55.49 -23.03 -1.20
N ASN M 52 54.26 -22.52 -1.27
CA ASN M 52 54.04 -21.08 -1.23
C ASN M 52 54.47 -20.49 0.11
N THR M 53 54.14 -21.17 1.22
CA THR M 53 54.56 -20.68 2.53
C THR M 53 56.08 -20.68 2.64
N GLN M 54 56.73 -21.72 2.11
CA GLN M 54 58.19 -21.76 2.14
C GLN M 54 58.79 -20.56 1.41
N ARG M 55 58.09 -20.05 0.40
CA ARG M 55 58.56 -18.89 -0.35
C ARG M 55 58.22 -17.60 0.39
N SER M 93 81.49 -13.53 -17.11
CA SER M 93 81.46 -12.79 -15.85
C SER M 93 81.11 -11.34 -16.09
N VAL M 94 80.01 -11.10 -16.81
CA VAL M 94 79.57 -9.74 -17.10
C VAL M 94 78.23 -9.45 -16.41
N GLU M 95 77.37 -10.46 -16.32
CA GLU M 95 76.05 -10.24 -15.75
C GLU M 95 76.13 -9.83 -14.28
N GLN M 96 77.02 -10.47 -13.52
CA GLN M 96 77.21 -10.09 -12.12
C GLN M 96 77.61 -8.63 -12.00
N ASN M 97 78.56 -8.20 -12.83
CA ASN M 97 78.99 -6.81 -12.80
C ASN M 97 77.84 -5.88 -13.15
N LEU M 98 76.99 -6.28 -14.11
CA LEU M 98 75.87 -5.43 -14.49
C LEU M 98 74.87 -5.27 -13.34
N GLN M 99 74.56 -6.37 -12.65
CA GLN M 99 73.66 -6.26 -11.49
C GLN M 99 74.26 -5.38 -10.41
N GLU M 100 75.55 -5.55 -10.13
CA GLU M 100 76.19 -4.72 -9.12
C GLU M 100 76.15 -3.25 -9.53
N VAL M 101 76.39 -2.97 -10.82
CA VAL M 101 76.34 -1.60 -11.30
C VAL M 101 74.96 -1.00 -11.09
N GLY M 102 73.91 -1.76 -11.41
CA GLY M 102 72.57 -1.27 -11.19
C GLY M 102 72.31 -0.93 -9.73
N VAL M 103 72.70 -1.83 -8.83
CA VAL M 103 72.46 -1.60 -7.41
C VAL M 103 73.18 -0.35 -6.93
N GLN M 104 74.47 -0.23 -7.24
CA GLN M 104 75.22 0.94 -6.78
C GLN M 104 74.70 2.22 -7.43
N LEU M 105 74.24 2.17 -8.67
CA LEU M 105 73.68 3.36 -9.30
C LEU M 105 72.44 3.82 -8.56
N ALA M 106 71.55 2.88 -8.20
CA ALA M 106 70.37 3.25 -7.43
C ALA M 106 70.78 3.87 -6.09
N ALA M 107 71.76 3.27 -5.42
CA ALA M 107 72.20 3.80 -4.13
C ALA M 107 72.74 5.23 -4.27
N ALA M 108 73.54 5.47 -5.31
CA ALA M 108 74.11 6.80 -5.51
C ALA M 108 73.03 7.82 -5.80
N GLU M 109 72.04 7.45 -6.62
CA GLU M 109 70.93 8.35 -6.88
C GLU M 109 70.23 8.71 -5.57
N GLY M 110 69.96 7.70 -4.74
CA GLY M 110 69.33 7.99 -3.45
C GLY M 110 70.15 8.93 -2.59
N ASN M 111 71.47 8.69 -2.53
CA ASN M 111 72.33 9.54 -1.70
C ASN M 111 72.30 10.98 -2.17
N LEU M 112 72.42 11.19 -3.48
CA LEU M 112 72.41 12.55 -4.01
C LEU M 112 71.08 13.24 -3.75
N MET M 113 69.97 12.50 -3.94
CA MET M 113 68.66 13.07 -3.69
C MET M 113 68.52 13.48 -2.24
N GLN M 114 69.02 12.66 -1.32
CA GLN M 114 68.92 12.99 0.10
C GLN M 114 69.81 14.18 0.46
N ASN M 115 70.97 14.31 -0.20
CA ASN M 115 71.87 15.41 0.09
C ASN M 115 71.40 16.75 -0.46
N ALA M 116 70.66 16.75 -1.57
CA ALA M 116 70.29 18.02 -2.20
C ALA M 116 69.39 18.88 -1.30
N GLU M 117 68.81 18.29 -0.26
CA GLU M 117 67.82 19.00 0.54
C GLU M 117 68.40 20.23 1.25
N LEU M 118 69.64 20.15 1.73
CA LEU M 118 70.26 21.28 2.40
C LEU M 118 70.70 22.37 1.43
N THR M 119 71.27 21.99 0.29
CA THR M 119 71.56 22.98 -0.74
C THR M 119 70.30 23.69 -1.20
N GLU M 120 69.14 23.03 -1.11
CA GLU M 120 67.90 23.70 -1.49
C GLU M 120 67.62 24.89 -0.57
N LEU M 121 67.85 24.73 0.73
CA LEU M 121 67.61 25.78 1.72
C LEU M 121 68.83 26.67 1.96
N SER M 122 69.94 26.40 1.28
CA SER M 122 71.14 27.21 1.45
C SER M 122 70.86 28.71 1.48
N LEU M 123 69.83 29.19 0.79
CA LEU M 123 69.59 30.63 0.70
C LEU M 123 69.15 31.25 2.02
N ASP M 124 68.69 30.46 2.98
CA ASP M 124 68.32 30.98 4.28
C ASP M 124 68.87 30.19 5.46
N SER M 125 69.49 29.03 5.24
CA SER M 125 70.11 28.28 6.33
C SER M 125 71.34 29.02 6.83
N SER M 126 71.54 29.04 8.14
CA SER M 126 72.70 29.72 8.70
C SER M 126 73.99 28.93 8.51
N VAL M 127 73.91 27.61 8.43
CA VAL M 127 75.11 26.79 8.33
C VAL M 127 75.83 27.06 7.01
N MET M 128 75.08 27.33 5.96
CA MET M 128 75.66 27.58 4.64
C MET M 128 76.31 28.95 4.55
N ASN M 129 76.28 29.75 5.61
CA ASN M 129 77.09 30.95 5.68
C ASN M 129 78.47 30.68 6.28
N THR M 130 78.58 29.75 7.22
CA THR M 130 79.89 29.27 7.67
C THR M 130 80.57 28.46 6.57
N VAL M 131 79.82 27.52 5.97
CA VAL M 131 80.25 26.94 4.72
C VAL M 131 80.11 28.00 3.64
N ASP M 132 80.91 27.88 2.58
CA ASP M 132 80.99 28.88 1.51
C ASP M 132 81.71 30.13 2.00
N GLN M 133 81.99 30.21 3.30
CA GLN M 133 82.97 31.15 3.82
C GLN M 133 84.28 30.42 4.09
N ALA M 134 84.19 29.23 4.68
CA ALA M 134 85.38 28.40 4.85
C ALA M 134 85.99 28.06 3.50
N ARG M 135 85.15 27.73 2.51
CA ARG M 135 85.66 27.40 1.18
C ARG M 135 86.44 28.58 0.60
N ASN M 136 85.89 29.79 0.67
CA ASN M 136 86.58 30.95 0.13
C ASN M 136 87.86 31.25 0.90
N SER M 137 87.84 31.11 2.22
CA SER M 137 89.04 31.34 3.00
C SER M 137 90.11 30.29 2.70
N ILE M 138 89.73 29.12 2.23
CA ILE M 138 90.67 28.05 1.93
C ILE M 138 90.96 27.99 0.41
N ARG M 139 90.72 29.09 -0.30
CA ARG M 139 90.95 29.15 -1.74
C ARG M 139 91.59 30.48 -2.11
N GLU M 140 92.61 30.89 -1.35
CA GLU M 140 93.32 32.14 -1.62
C GLU M 140 93.79 32.20 -3.06
N GLY M 146 87.19 38.32 -10.36
CA GLY M 146 86.64 38.35 -11.70
C GLY M 146 87.08 37.17 -12.55
N THR M 147 86.66 35.97 -12.13
CA THR M 147 87.03 34.75 -12.84
C THR M 147 86.10 34.57 -14.04
N ASP M 148 86.68 34.46 -15.23
CA ASP M 148 85.91 34.21 -16.44
C ASP M 148 85.80 32.72 -16.65
N TRP M 149 84.60 32.16 -16.43
CA TRP M 149 84.42 30.72 -16.58
C TRP M 149 84.65 30.29 -18.02
N ALA M 150 84.20 31.08 -18.99
CA ALA M 150 84.39 30.71 -20.39
C ALA M 150 85.86 30.52 -20.71
N ALA M 151 86.72 31.39 -20.17
CA ALA M 151 88.15 31.25 -20.42
C ALA M 151 88.69 29.95 -19.84
N THR M 152 88.20 29.54 -18.67
CA THR M 152 88.69 28.32 -18.05
C THR M 152 88.39 27.09 -18.91
N GLY M 153 87.18 27.02 -19.46
CA GLY M 153 86.81 25.85 -20.24
C GLY M 153 87.66 25.67 -21.48
N SER M 154 87.99 26.77 -22.16
CA SER M 154 88.73 26.69 -23.40
C SER M 154 90.11 26.09 -23.18
N ALA M 155 90.73 26.39 -22.03
CA ALA M 155 92.06 25.86 -21.75
C ALA M 155 92.05 24.34 -21.71
N VAL M 156 91.06 23.75 -21.04
CA VAL M 156 90.96 22.30 -20.99
C VAL M 156 90.56 21.75 -22.36
N GLY M 157 89.67 22.45 -23.06
CA GLY M 157 89.24 21.97 -24.36
C GLY M 157 90.37 21.87 -25.35
N GLN M 158 91.25 22.88 -25.38
CA GLN M 158 92.33 22.88 -26.35
C GLN M 158 93.24 21.67 -26.15
N ILE M 159 93.58 21.35 -24.90
CA ILE M 159 94.35 20.13 -24.63
C ILE M 159 93.55 18.91 -25.08
N GLY M 160 92.26 18.89 -24.76
CA GLY M 160 91.39 17.86 -25.31
C GLY M 160 91.80 16.46 -24.89
N THR M 161 91.89 15.57 -25.87
CA THR M 161 92.04 14.14 -25.62
C THR M 161 93.49 13.67 -25.57
N SER M 162 94.46 14.58 -25.66
CA SER M 162 95.87 14.22 -25.58
C SER M 162 96.44 14.46 -24.19
N MET M 163 95.59 14.53 -23.17
CA MET M 163 96.04 14.85 -21.82
C MET M 163 97.10 13.85 -21.35
N VAL M 164 96.74 12.57 -21.29
CA VAL M 164 97.68 11.57 -20.79
C VAL M 164 98.90 11.48 -21.68
N ALA M 165 98.73 11.64 -23.00
CA ALA M 165 99.86 11.55 -23.91
C ALA M 165 100.89 12.64 -23.63
N ASN M 166 100.43 13.87 -23.34
CA ASN M 166 101.33 14.99 -23.12
C ASN M 166 101.96 14.99 -21.73
N LYS M 167 101.68 13.99 -20.89
CA LYS M 167 102.28 13.92 -19.57
C LYS M 167 102.78 12.51 -19.26
N LEU M 168 103.26 11.80 -20.27
CA LEU M 168 103.77 10.44 -20.07
C LEU M 168 104.76 10.08 -21.16
N MET N 1 48.35 25.45 -25.64
CA MET N 1 48.88 24.55 -26.70
C MET N 1 48.24 23.17 -26.60
N ILE N 2 48.23 22.45 -27.71
CA ILE N 2 47.66 21.10 -27.73
C ILE N 2 48.72 20.03 -27.55
N TRP N 3 49.98 20.35 -27.85
CA TRP N 3 51.03 19.34 -27.86
C TRP N 3 51.75 19.19 -26.53
N MET N 4 51.40 19.98 -25.52
CA MET N 4 52.01 19.82 -24.20
C MET N 4 51.20 18.93 -23.27
N PHE N 5 50.06 18.43 -23.72
CA PHE N 5 49.27 17.47 -22.96
C PHE N 5 49.41 16.05 -23.50
N ALA N 6 50.31 15.83 -24.44
CA ALA N 6 50.43 14.51 -25.07
C ALA N 6 50.85 13.46 -24.07
N ALA N 7 51.83 13.76 -23.21
CA ALA N 7 52.28 12.79 -22.23
C ALA N 7 51.17 12.44 -21.25
N ALA N 8 50.43 13.45 -20.77
CA ALA N 8 49.34 13.19 -19.85
C ALA N 8 48.26 12.34 -20.51
N ALA N 9 47.92 12.64 -21.76
CA ALA N 9 46.92 11.85 -22.45
C ALA N 9 47.38 10.41 -22.62
N ALA N 10 48.64 10.22 -23.01
CA ALA N 10 49.15 8.87 -23.21
C ALA N 10 49.14 8.07 -21.91
N GLN N 11 49.48 8.72 -20.80
CA GLN N 11 49.45 8.03 -19.52
C GLN N 11 48.02 7.74 -19.07
N MET N 12 47.07 8.61 -19.42
CA MET N 12 45.69 8.43 -19.01
C MET N 12 44.94 7.40 -19.87
N ILE N 13 45.45 7.09 -21.06
CA ILE N 13 44.80 6.05 -21.87
C ILE N 13 44.74 4.73 -21.10
N GLN N 14 45.82 4.39 -20.40
CA GLN N 14 45.89 3.08 -19.75
C GLN N 14 44.89 2.93 -18.62
N GLY N 15 44.43 4.03 -18.02
CA GLY N 15 43.46 3.92 -16.95
C GLY N 15 42.12 3.40 -17.43
N GLY N 16 41.65 3.88 -18.58
CA GLY N 16 40.34 3.46 -19.05
C GLY N 16 40.29 1.99 -19.40
N LEU N 17 41.34 1.47 -20.04
CA LEU N 17 41.33 0.08 -20.48
C LEU N 17 41.23 -0.88 -19.29
N GLN N 18 41.99 -0.61 -18.22
CA GLN N 18 41.92 -1.47 -17.05
C GLN N 18 40.53 -1.45 -16.43
N TYR N 19 39.90 -0.27 -16.37
CA TYR N 19 38.59 -0.16 -15.77
C TYR N 19 37.57 -1.05 -16.47
N ALA N 20 37.73 -1.26 -17.78
CA ALA N 20 36.81 -2.12 -18.52
C ALA N 20 37.11 -3.59 -18.26
N GLN N 21 38.38 -3.95 -18.10
CA GLN N 21 38.73 -5.36 -17.92
C GLN N 21 38.18 -5.93 -16.62
N ASP N 22 38.16 -5.13 -15.55
CA ASP N 22 37.65 -5.63 -14.27
C ASP N 22 36.19 -6.00 -14.37
N ALA N 23 35.40 -5.21 -15.10
CA ALA N 23 33.99 -5.53 -15.26
C ALA N 23 33.81 -6.91 -15.89
N LYS N 24 34.53 -7.18 -16.97
CA LYS N 24 34.45 -8.49 -17.61
C LYS N 24 34.93 -9.59 -16.68
N ASN N 25 36.03 -9.35 -15.97
CA ASN N 25 36.56 -10.37 -15.08
C ASN N 25 35.56 -10.75 -14.00
N GLN N 26 34.88 -9.77 -13.42
CA GLN N 26 33.86 -10.06 -12.42
C GLN N 26 32.60 -10.66 -13.02
N ARG N 27 32.24 -10.26 -14.24
CA ARG N 27 31.02 -10.79 -14.86
C ARG N 27 31.18 -12.24 -15.30
N ARG N 28 32.37 -12.66 -15.71
CA ARG N 28 32.58 -14.05 -16.12
C ARG N 28 32.42 -15.04 -14.98
N GLN N 29 32.40 -14.60 -13.73
CA GLN N 29 32.18 -15.51 -12.61
C GLN N 29 30.77 -16.10 -12.67
N ALA N 32 29.58 -19.96 -9.60
CA ALA N 32 29.72 -19.45 -8.24
C ALA N 32 31.10 -19.78 -7.68
N ASP N 33 32.14 -19.43 -8.44
CA ASP N 33 33.52 -19.65 -8.00
C ASP N 33 33.92 -18.71 -6.87
N GLN N 34 33.12 -17.69 -6.56
CA GLN N 34 33.45 -16.79 -5.48
C GLN N 34 33.58 -17.53 -4.16
N LYS N 35 32.81 -18.61 -3.97
CA LYS N 35 32.91 -19.38 -2.73
C LYS N 35 34.31 -19.94 -2.57
N TYR N 36 34.86 -20.56 -3.63
CA TYR N 36 36.22 -21.06 -3.58
C TYR N 36 37.22 -19.92 -3.45
N ASN N 37 36.98 -18.81 -4.14
CA ASN N 37 37.93 -17.70 -4.13
C ASN N 37 38.08 -17.12 -2.73
N GLU N 38 36.97 -16.96 -2.01
CA GLU N 38 37.01 -16.32 -0.70
C GLU N 38 37.86 -17.11 0.28
N ALA N 39 37.76 -18.45 0.26
CA ALA N 39 38.46 -19.25 1.25
C ALA N 39 39.97 -19.07 1.15
N VAL N 40 40.50 -18.86 -0.05
CA VAL N 40 41.93 -18.69 -0.22
C VAL N 40 42.41 -17.49 0.59
N ARG N 41 41.76 -16.34 0.44
CA ARG N 41 42.13 -15.17 1.22
C ARG N 41 41.85 -15.38 2.71
N SER N 42 40.72 -16.00 3.03
CA SER N 42 40.37 -16.21 4.44
C SER N 42 41.44 -17.03 5.15
N ALA N 43 42.07 -17.96 4.44
CA ALA N 43 43.13 -18.78 5.04
C ALA N 43 44.47 -18.06 5.01
N SER N 44 44.78 -17.38 3.89
CA SER N 44 46.07 -16.72 3.77
C SER N 44 46.22 -15.58 4.77
N ALA N 45 45.11 -14.93 5.15
CA ALA N 45 45.20 -13.82 6.10
C ALA N 45 45.75 -14.29 7.43
N ARG N 46 45.27 -15.44 7.92
CA ARG N 46 45.74 -15.93 9.21
C ARG N 46 47.23 -16.27 9.17
N GLN N 47 47.67 -16.92 8.09
CA GLN N 47 49.09 -17.27 7.98
C GLN N 47 49.96 -16.02 7.89
N ILE N 48 49.51 -15.01 7.13
CA ILE N 48 50.26 -13.77 7.02
C ILE N 48 50.36 -13.09 8.37
N THR N 49 49.24 -13.05 9.12
CA THR N 49 49.25 -12.44 10.43
C THR N 49 50.20 -13.18 11.38
N GLU N 50 50.19 -14.51 11.32
CA GLU N 50 51.10 -15.29 12.16
C GLU N 50 52.56 -15.00 11.80
N ILE N 51 52.87 -14.92 10.51
CA ILE N 51 54.23 -14.63 10.09
C ILE N 51 54.66 -13.26 10.58
N ASN N 52 53.77 -12.27 10.45
CA ASN N 52 54.08 -10.92 10.92
C ASN N 52 54.30 -10.91 12.43
N THR N 53 53.47 -11.63 13.17
CA THR N 53 53.63 -11.70 14.62
C THR N 53 54.97 -12.33 14.98
N GLN N 54 55.35 -13.39 14.27
CA GLN N 54 56.65 -14.01 14.52
C GLN N 54 57.79 -13.03 14.23
N ARG N 55 57.69 -12.30 13.12
CA ARG N 55 58.72 -11.32 12.79
C ARG N 55 58.74 -10.17 13.80
N SER N 56 57.63 -9.94 14.50
CA SER N 56 57.55 -8.87 15.48
C SER N 56 58.52 -9.13 16.64
N SER N 93 80.88 10.31 22.57
CA SER N 93 80.88 11.29 21.50
C SER N 93 79.78 12.33 21.73
N VAL N 94 79.12 12.77 20.65
CA VAL N 94 78.14 13.84 20.77
C VAL N 94 76.72 13.29 20.65
N GLU N 95 76.54 12.26 19.83
CA GLU N 95 75.22 11.73 19.52
C GLU N 95 74.55 11.08 20.71
N GLN N 96 75.29 10.82 21.79
CA GLN N 96 74.73 10.31 23.03
C GLN N 96 74.48 11.40 24.05
N ASN N 97 75.41 12.34 24.18
CA ASN N 97 75.20 13.47 25.07
C ASN N 97 73.97 14.27 24.65
N LEU N 98 73.71 14.35 23.35
CA LEU N 98 72.54 15.11 22.92
C LEU N 98 71.24 14.45 23.39
N GLN N 99 71.15 13.12 23.29
CA GLN N 99 69.96 12.43 23.77
C GLN N 99 69.82 12.57 25.28
N GLU N 100 70.94 12.45 26.00
CA GLU N 100 70.87 12.63 27.45
C GLU N 100 70.38 14.04 27.80
N VAL N 101 70.87 15.05 27.08
CA VAL N 101 70.45 16.41 27.31
C VAL N 101 68.95 16.56 27.07
N GLY N 102 68.46 15.99 25.97
CA GLY N 102 67.02 16.08 25.70
C GLY N 102 66.18 15.46 26.80
N VAL N 103 66.55 14.26 27.24
CA VAL N 103 65.78 13.58 28.27
C VAL N 103 65.80 14.39 29.56
N GLN N 104 66.99 14.85 29.97
CA GLN N 104 67.08 15.61 31.21
C GLN N 104 66.34 16.93 31.12
N LEU N 105 66.33 17.58 29.95
CA LEU N 105 65.57 18.81 29.79
C LEU N 105 64.08 18.57 29.96
N ALA N 106 63.57 17.48 29.36
CA ALA N 106 62.16 17.17 29.55
C ALA N 106 61.85 16.93 31.03
N ALA N 107 62.73 16.19 31.71
CA ALA N 107 62.52 15.93 33.13
C ALA N 107 62.52 17.23 33.93
N ALA N 108 63.43 18.16 33.61
CA ALA N 108 63.50 19.41 34.35
C ALA N 108 62.25 20.24 34.13
N GLU N 109 61.74 20.30 32.90
CA GLU N 109 60.50 21.02 32.65
C GLU N 109 59.36 20.42 33.46
N GLY N 110 59.27 19.09 33.47
CA GLY N 110 58.24 18.44 34.28
C GLY N 110 58.38 18.78 35.75
N ASN N 111 59.62 18.84 36.25
CA ASN N 111 59.85 19.15 37.66
C ASN N 111 59.41 20.57 38.00
N LEU N 112 59.75 21.53 37.14
CA LEU N 112 59.32 22.91 37.38
C LEU N 112 57.80 23.03 37.38
N MET N 113 57.15 22.31 36.47
CA MET N 113 55.73 22.06 36.62
C MET N 113 55.51 21.17 37.84
N GLN N 114 54.32 21.28 38.43
CA GLN N 114 53.97 20.58 39.66
C GLN N 114 54.68 21.21 40.86
N ASN N 115 55.61 22.14 40.58
CA ASN N 115 56.17 22.96 41.66
C ASN N 115 55.62 24.37 41.58
N ALA N 116 55.44 24.88 40.36
CA ALA N 116 54.82 26.20 40.22
C ALA N 116 53.41 26.25 40.82
N GLU N 117 52.72 25.10 40.83
CA GLU N 117 51.33 25.08 41.25
C GLU N 117 51.17 25.51 42.70
N LEU N 118 52.03 25.02 43.59
CA LEU N 118 51.94 25.41 44.99
C LEU N 118 52.14 26.90 45.16
N THR N 119 53.12 27.46 44.44
CA THR N 119 53.34 28.91 44.51
C THR N 119 52.12 29.67 44.02
N GLU N 120 51.37 29.11 43.07
CA GLU N 120 50.19 29.82 42.56
C GLU N 120 49.20 30.14 43.68
N LEU N 121 49.19 29.35 44.76
CA LEU N 121 48.22 29.49 45.83
C LEU N 121 48.73 30.35 46.99
N SER N 122 49.81 31.11 46.78
CA SER N 122 50.45 31.81 47.89
C SER N 122 49.47 32.68 48.67
N LEU N 123 48.54 33.34 47.98
CA LEU N 123 47.63 34.26 48.65
C LEU N 123 46.67 33.55 49.59
N ASP N 124 46.52 32.23 49.48
CA ASP N 124 45.52 31.49 50.24
C ASP N 124 46.12 30.45 51.18
N SER N 125 47.23 29.83 50.81
CA SER N 125 47.68 28.64 51.53
C SER N 125 48.03 28.94 52.97
N SER N 126 48.73 30.05 53.22
CA SER N 126 49.42 30.41 54.45
C SER N 126 50.73 29.63 54.57
N VAL N 127 50.96 28.63 53.73
CA VAL N 127 52.29 28.10 53.46
C VAL N 127 52.78 28.81 52.21
N MET N 128 54.04 29.23 52.22
CA MET N 128 54.60 30.31 51.42
C MET N 128 54.33 31.64 52.10
N ASN N 129 53.57 31.66 53.20
CA ASN N 129 53.57 32.77 54.15
C ASN N 129 54.40 32.44 55.38
N THR N 130 54.13 31.29 56.00
CA THR N 130 55.02 30.80 57.04
C THR N 130 56.43 30.56 56.52
N VAL N 131 56.59 30.28 55.23
CA VAL N 131 57.91 30.12 54.64
C VAL N 131 58.54 31.46 54.35
N ASP N 132 57.75 32.42 53.84
CA ASP N 132 58.29 33.75 53.58
C ASP N 132 58.75 34.43 54.87
N GLN N 133 58.04 34.18 55.98
CA GLN N 133 58.49 34.72 57.26
C GLN N 133 59.89 34.25 57.58
N ALA N 134 60.15 32.94 57.46
CA ALA N 134 61.47 32.41 57.75
C ALA N 134 62.50 32.95 56.77
N ARG N 135 62.15 33.04 55.49
CA ARG N 135 63.08 33.58 54.49
C ARG N 135 63.51 34.99 54.87
N ASN N 136 62.54 35.86 55.17
CA ASN N 136 62.88 37.22 55.55
C ASN N 136 63.69 37.26 56.83
N SER N 137 63.33 36.44 57.82
CA SER N 137 64.05 36.45 59.09
C SER N 137 65.50 36.04 58.90
N ILE N 138 65.77 35.07 58.03
CA ILE N 138 67.13 34.60 57.82
C ILE N 138 67.92 35.50 56.88
N ARG N 139 67.25 36.21 55.97
CA ARG N 139 67.98 37.02 54.98
C ARG N 139 68.44 38.37 55.54
N GLU N 140 67.94 38.79 56.70
CA GLU N 140 68.31 40.09 57.25
C GLU N 140 69.71 40.10 57.85
N LEU N 141 70.35 38.95 57.98
CA LEU N 141 71.70 38.90 58.53
C LEU N 141 72.71 39.55 57.58
N THR N 147 64.83 46.99 48.57
CA THR N 147 66.03 47.56 47.97
C THR N 147 65.74 48.10 46.58
N ASP N 148 66.71 48.81 46.00
CA ASP N 148 66.59 49.32 44.65
C ASP N 148 67.13 48.27 43.69
N TRP N 149 66.23 47.57 42.99
CA TRP N 149 66.65 46.48 42.13
C TRP N 149 67.51 47.00 40.97
N ALA N 150 67.13 48.14 40.39
CA ALA N 150 67.87 48.66 39.24
C ALA N 150 69.34 48.86 39.58
N ALA N 151 69.65 49.22 40.83
CA ALA N 151 71.02 49.46 41.22
C ALA N 151 71.84 48.17 41.15
N THR N 152 71.27 47.06 41.59
CA THR N 152 72.01 45.79 41.57
C THR N 152 72.36 45.38 40.15
N GLY N 153 71.41 45.50 39.22
CA GLY N 153 71.68 45.09 37.85
C GLY N 153 72.83 45.85 37.24
N SER N 154 72.87 47.17 37.45
CA SER N 154 73.98 47.97 36.92
C SER N 154 75.30 47.54 37.55
N ALA N 155 75.29 47.28 38.86
CA ALA N 155 76.52 46.89 39.53
C ALA N 155 77.07 45.59 38.96
N VAL N 156 76.20 44.62 38.70
CA VAL N 156 76.68 43.37 38.12
C VAL N 156 77.13 43.58 36.68
N GLY N 157 76.34 44.32 35.90
CA GLY N 157 76.67 44.50 34.50
C GLY N 157 77.99 45.21 34.29
N GLN N 158 78.34 46.14 35.17
CA GLN N 158 79.56 46.92 34.98
C GLN N 158 80.81 46.06 34.95
N ILE N 159 80.75 44.84 35.49
CA ILE N 159 81.92 43.96 35.51
C ILE N 159 81.54 42.56 35.04
N GLY N 160 80.37 42.42 34.43
CA GLY N 160 79.91 41.14 33.93
C GLY N 160 80.94 40.23 33.27
N THR N 161 81.56 40.68 32.18
CA THR N 161 82.39 39.81 31.35
C THR N 161 83.85 39.82 31.76
N SER N 162 84.15 40.11 33.02
CA SER N 162 85.54 40.05 33.50
C SER N 162 85.64 39.50 34.92
N MET N 163 84.61 38.81 35.41
CA MET N 163 84.62 38.37 36.81
C MET N 163 85.76 37.39 37.06
N VAL N 164 85.88 36.35 36.24
CA VAL N 164 86.92 35.36 36.46
C VAL N 164 88.29 35.96 36.25
N ALA N 165 88.44 36.86 35.27
CA ALA N 165 89.73 37.50 35.05
C ALA N 165 90.14 38.32 36.25
N ASN N 166 89.21 39.06 36.85
CA ASN N 166 89.54 39.86 38.03
C ASN N 166 89.81 38.98 39.25
N LYS N 167 89.08 37.88 39.39
CA LYS N 167 89.24 37.03 40.58
C LYS N 167 90.65 36.45 40.66
N LEU N 168 91.17 35.96 39.55
CA LEU N 168 92.49 35.34 39.53
C LEU N 168 93.59 36.41 39.60
N MET O 1 39.95 41.72 15.19
CA MET O 1 41.18 41.84 14.36
C MET O 1 41.47 40.52 13.66
N ILE O 2 41.67 40.58 12.35
CA ILE O 2 41.86 39.37 11.55
C ILE O 2 43.13 38.65 11.95
N TRP O 3 44.18 39.40 12.30
CA TRP O 3 45.49 38.79 12.50
C TRP O 3 45.62 38.03 13.81
N MET O 4 44.62 38.09 14.69
CA MET O 4 44.69 37.31 15.92
C MET O 4 44.40 35.84 15.69
N PHE O 5 43.64 35.51 14.65
CA PHE O 5 43.18 34.15 14.41
C PHE O 5 44.03 33.39 13.39
N ALA O 6 45.21 33.92 13.06
CA ALA O 6 46.03 33.28 12.04
C ALA O 6 46.45 31.87 12.47
N ALA O 7 46.92 31.73 13.71
CA ALA O 7 47.37 30.43 14.19
C ALA O 7 46.21 29.44 14.25
N ALA O 8 45.05 29.88 14.74
CA ALA O 8 43.89 29.01 14.80
C ALA O 8 43.49 28.54 13.40
N ALA O 9 43.48 29.45 12.43
CA ALA O 9 43.13 29.06 11.07
C ALA O 9 44.15 28.07 10.52
N ALA O 10 45.44 28.32 10.76
CA ALA O 10 46.46 27.41 10.25
C ALA O 10 46.29 26.02 10.83
N GLN O 11 45.98 25.93 12.13
CA GLN O 11 45.74 24.63 12.74
C GLN O 11 44.47 23.97 12.20
N MET O 12 43.45 24.77 11.90
CA MET O 12 42.19 24.21 11.42
C MET O 12 42.28 23.74 9.97
N ILE O 13 43.22 24.26 9.18
CA ILE O 13 43.35 23.80 7.80
C ILE O 13 43.61 22.29 7.77
N GLN O 14 44.45 21.79 8.66
CA GLN O 14 44.85 20.39 8.60
C GLN O 14 43.68 19.45 8.83
N GLY O 15 42.71 19.86 9.65
CA GLY O 15 41.58 18.98 9.93
C GLY O 15 40.74 18.71 8.70
N GLY O 16 40.51 19.74 7.88
CA GLY O 16 39.65 19.56 6.72
C GLY O 16 40.24 18.61 5.69
N LEU O 17 41.55 18.71 5.45
CA LEU O 17 42.17 17.91 4.39
C LEU O 17 42.05 16.42 4.68
N GLN O 18 42.46 15.99 5.87
CA GLN O 18 42.43 14.56 6.17
C GLN O 18 41.01 14.05 6.37
N TYR O 19 40.05 14.92 6.66
CA TYR O 19 38.66 14.49 6.70
C TYR O 19 38.18 14.05 5.33
N ALA O 20 38.57 14.79 4.28
CA ALA O 20 38.22 14.40 2.93
C ALA O 20 39.07 13.26 2.41
N GLN O 21 40.33 13.19 2.84
CA GLN O 21 41.23 12.17 2.32
C GLN O 21 40.92 10.79 2.89
N ASP O 22 40.46 10.74 4.15
CA ASP O 22 40.07 9.46 4.73
C ASP O 22 38.86 8.88 4.01
N ALA O 23 37.90 9.73 3.63
CA ALA O 23 36.73 9.23 2.92
C ALA O 23 37.11 8.62 1.59
N LYS O 24 38.05 9.24 0.87
CA LYS O 24 38.46 8.73 -0.43
C LYS O 24 39.04 7.32 -0.31
N ASN O 25 39.75 7.03 0.78
CA ASN O 25 40.36 5.72 0.93
C ASN O 25 39.32 4.62 0.94
N GLN O 26 38.21 4.82 1.66
CA GLN O 26 37.21 3.78 1.79
C GLN O 26 36.55 3.44 0.45
N ARG O 27 36.28 4.46 -0.36
CA ARG O 27 35.65 4.23 -1.66
C ARG O 27 36.52 3.36 -2.55
N ARG O 28 37.83 3.34 -2.33
CA ARG O 28 38.77 2.61 -3.17
C ARG O 28 39.00 1.18 -2.68
N GLN O 29 38.09 0.64 -1.86
CA GLN O 29 38.22 -0.73 -1.39
C GLN O 29 36.90 -1.22 -0.81
N LYS O 31 38.14 -6.25 1.57
CA LYS O 31 37.71 -5.65 2.82
C LYS O 31 37.61 -6.71 3.92
N ALA O 32 37.30 -7.94 3.52
CA ALA O 32 37.17 -9.02 4.50
C ALA O 32 38.50 -9.29 5.21
N ASP O 33 39.60 -9.26 4.46
CA ASP O 33 40.90 -9.52 5.05
C ASP O 33 41.20 -8.58 6.21
N GLN O 34 40.75 -7.32 6.10
CA GLN O 34 41.01 -6.36 7.17
C GLN O 34 40.34 -6.78 8.47
N LYS O 35 39.11 -7.30 8.37
CA LYS O 35 38.38 -7.70 9.58
C LYS O 35 39.12 -8.78 10.35
N TYR O 36 39.74 -9.72 9.64
CA TYR O 36 40.43 -10.82 10.32
C TYR O 36 41.55 -10.31 11.21
N ASN O 37 42.31 -9.31 10.73
CA ASN O 37 43.43 -8.81 11.51
C ASN O 37 42.97 -8.27 12.87
N GLU O 38 41.84 -7.56 12.88
CA GLU O 38 41.35 -7.00 14.13
C GLU O 38 41.04 -8.09 15.14
N ALA O 39 40.45 -9.20 14.68
CA ALA O 39 40.16 -10.31 15.58
C ALA O 39 41.45 -10.87 16.18
N VAL O 40 42.50 -11.00 15.36
CA VAL O 40 43.78 -11.47 15.87
C VAL O 40 44.32 -10.51 16.91
N ARG O 41 43.95 -9.23 16.82
CA ARG O 41 44.42 -8.25 17.79
C ARG O 41 43.99 -8.62 19.21
N SER O 42 42.95 -9.43 19.35
CA SER O 42 42.53 -9.88 20.67
C SER O 42 43.64 -10.64 21.38
N ALA O 43 44.56 -11.24 20.61
CA ALA O 43 45.71 -11.91 21.22
C ALA O 43 46.55 -10.92 22.03
N SER O 44 46.75 -9.72 21.50
CA SER O 44 47.48 -8.70 22.24
C SER O 44 46.78 -8.37 23.55
N ALA O 45 45.44 -8.26 23.52
CA ALA O 45 44.70 -8.06 24.76
C ALA O 45 44.91 -9.22 25.71
N ARG O 46 44.91 -10.45 25.18
CA ARG O 46 45.22 -11.60 26.01
C ARG O 46 46.65 -11.53 26.53
N GLN O 47 47.60 -11.13 25.69
CA GLN O 47 48.98 -10.98 26.14
C GLN O 47 49.08 -9.89 27.21
N ILE O 48 48.43 -8.74 26.98
CA ILE O 48 48.33 -7.73 28.02
C ILE O 48 47.48 -8.21 29.18
N THR O 49 46.64 -9.22 28.96
CA THR O 49 45.83 -9.78 30.03
C THR O 49 46.65 -10.64 31.00
N GLU O 50 47.83 -11.08 30.59
CA GLU O 50 48.69 -11.84 31.49
C GLU O 50 49.12 -11.00 32.68
N ILE O 51 49.66 -9.81 32.42
CA ILE O 51 49.97 -8.89 33.51
C ILE O 51 48.70 -8.42 34.19
N ASN O 52 47.65 -8.14 33.42
CA ASN O 52 46.38 -7.71 34.00
C ASN O 52 45.77 -8.81 34.86
N THR O 53 45.80 -10.07 34.38
CA THR O 53 45.27 -11.17 35.17
C THR O 53 46.06 -11.34 36.46
N GLN O 54 47.38 -11.19 36.38
CA GLN O 54 48.20 -11.29 37.59
C GLN O 54 47.79 -10.25 38.62
N ARG O 55 47.30 -9.10 38.16
CA ARG O 55 46.86 -8.04 39.06
C ARG O 55 45.44 -8.32 39.56
N SER O 93 59.91 8.60 58.77
CA SER O 93 58.95 7.64 59.31
C SER O 93 57.68 8.34 59.74
N VAL O 94 57.10 9.14 58.84
CA VAL O 94 55.87 9.87 59.15
C VAL O 94 54.72 9.36 58.28
N GLU O 95 55.02 8.98 57.04
CA GLU O 95 53.96 8.57 56.13
C GLU O 95 53.26 7.31 56.63
N GLN O 96 54.03 6.35 57.14
CA GLN O 96 53.44 5.13 57.69
C GLN O 96 52.47 5.46 58.81
N ASN O 97 52.88 6.35 59.72
CA ASN O 97 52.01 6.75 60.82
C ASN O 97 50.76 7.42 60.29
N LEU O 98 50.88 8.23 59.24
CA LEU O 98 49.71 8.91 58.69
C LEU O 98 48.72 7.91 58.10
N GLN O 99 49.22 6.92 57.36
CA GLN O 99 48.30 5.90 56.82
C GLN O 99 47.62 5.12 57.94
N GLU O 100 48.39 4.75 58.97
CA GLU O 100 47.79 4.03 60.09
C GLU O 100 46.73 4.89 60.77
N VAL O 101 47.00 6.18 60.94
CA VAL O 101 46.03 7.08 61.56
C VAL O 101 44.76 7.12 60.74
N GLY O 102 44.88 7.23 59.42
CA GLY O 102 43.70 7.23 58.59
C GLY O 102 42.86 5.96 58.76
N VAL O 103 43.53 4.81 58.73
CA VAL O 103 42.80 3.55 58.84
C VAL O 103 42.07 3.46 60.18
N GLN O 104 42.78 3.74 61.28
CA GLN O 104 42.12 3.65 62.58
C GLN O 104 41.01 4.68 62.74
N LEU O 105 41.17 5.86 62.15
CA LEU O 105 40.10 6.85 62.22
C LEU O 105 38.85 6.35 61.52
N ALA O 106 39.01 5.75 60.33
CA ALA O 106 37.85 5.18 59.65
C ALA O 106 37.20 4.10 60.50
N ALA O 107 38.02 3.23 61.10
CA ALA O 107 37.47 2.16 61.93
C ALA O 107 36.68 2.72 63.11
N ALA O 108 37.22 3.75 63.77
CA ALA O 108 36.54 4.33 64.92
C ALA O 108 35.22 4.98 64.51
N GLU O 109 35.22 5.68 63.38
CA GLU O 109 33.98 6.25 62.88
C GLU O 109 32.94 5.16 62.67
N GLY O 110 33.35 4.06 62.03
CA GLY O 110 32.41 2.96 61.83
C GLY O 110 31.87 2.40 63.13
N ASN O 111 32.75 2.21 64.13
CA ASN O 111 32.32 1.66 65.41
C ASN O 111 31.30 2.57 66.08
N LEU O 112 31.58 3.87 66.11
CA LEU O 112 30.65 4.80 66.74
C LEU O 112 29.31 4.83 66.02
N MET O 113 29.35 4.82 64.68
CA MET O 113 28.10 4.81 63.92
C MET O 113 27.29 3.57 64.22
N GLN O 114 27.95 2.42 64.34
CA GLN O 114 27.23 1.18 64.63
C GLN O 114 26.67 1.19 66.05
N ASN O 115 27.38 1.81 67.00
CA ASN O 115 26.93 1.84 68.37
C ASN O 115 25.77 2.81 68.61
N ALA O 116 25.68 3.89 67.83
CA ALA O 116 24.67 4.90 68.10
C ALA O 116 23.24 4.36 67.93
N GLU O 117 23.09 3.21 67.27
CA GLU O 117 21.76 2.71 66.94
C GLU O 117 20.91 2.41 68.16
N LEU O 118 21.50 1.87 69.23
CA LEU O 118 20.75 1.57 70.44
C LEU O 118 20.41 2.82 71.24
N THR O 119 21.35 3.76 71.37
CA THR O 119 21.02 5.03 71.98
C THR O 119 19.91 5.75 71.24
N GLU O 120 19.78 5.50 69.93
CA GLU O 120 18.68 6.12 69.20
C GLU O 120 17.32 5.64 69.72
N LEU O 121 17.20 4.34 70.01
CA LEU O 121 15.96 3.75 70.49
C LEU O 121 15.85 3.75 72.02
N SER O 122 16.86 4.27 72.71
CA SER O 122 16.83 4.32 74.18
C SER O 122 15.49 4.77 74.73
N LEU O 123 14.74 5.62 74.03
CA LEU O 123 13.51 6.18 74.57
C LEU O 123 12.40 5.14 74.71
N ASP O 124 12.50 3.99 74.05
CA ASP O 124 11.51 2.94 74.20
C ASP O 124 12.10 1.55 74.40
N SER O 125 13.42 1.37 74.28
CA SER O 125 14.03 0.07 74.55
C SER O 125 13.97 -0.22 76.05
N SER O 126 13.69 -1.47 76.41
CA SER O 126 13.62 -1.83 77.82
C SER O 126 15.00 -1.95 78.45
N VAL O 127 16.02 -2.29 77.68
CA VAL O 127 17.36 -2.50 78.24
C VAL O 127 17.91 -1.19 78.80
N MET O 128 17.59 -0.08 78.16
CA MET O 128 18.08 1.21 78.60
C MET O 128 17.38 1.72 79.85
N ASN O 129 16.44 0.96 80.40
CA ASN O 129 15.91 1.24 81.72
C ASN O 129 16.70 0.53 82.82
N THR O 130 17.22 -0.66 82.55
CA THR O 130 18.19 -1.29 83.46
C THR O 130 19.51 -0.53 83.45
N VAL O 131 20.01 -0.23 82.25
CA VAL O 131 21.07 0.76 82.12
C VAL O 131 20.46 2.12 82.41
N ASP O 132 21.29 3.05 82.87
CA ASP O 132 20.86 4.38 83.31
C ASP O 132 20.12 4.28 84.65
N GLN O 133 19.84 3.06 85.10
CA GLN O 133 19.49 2.83 86.49
C GLN O 133 20.70 2.28 87.25
N ALA O 134 21.41 1.35 86.62
CA ALA O 134 22.67 0.89 87.21
C ALA O 134 23.65 2.03 87.35
N ARG O 135 23.75 2.90 86.33
CA ARG O 135 24.65 4.03 86.41
C ARG O 135 24.32 4.93 87.60
N ASN O 136 23.05 5.27 87.79
CA ASN O 136 22.66 6.12 88.89
C ASN O 136 22.91 5.43 90.24
N SER O 137 22.62 4.13 90.33
CA SER O 137 22.87 3.42 91.56
C SER O 137 24.36 3.32 91.87
N ILE O 138 25.22 3.42 90.86
CA ILE O 138 26.66 3.33 91.05
C ILE O 138 27.29 4.73 91.05
N ARG O 139 26.50 5.76 91.32
CA ARG O 139 26.99 7.14 91.36
C ARG O 139 26.41 7.88 92.54
N GLU O 140 26.42 7.26 93.71
CA GLU O 140 25.89 7.87 94.93
C GLU O 140 26.51 9.24 95.15
N GLY O 146 20.19 18.36 91.83
CA GLY O 146 20.25 19.66 91.20
C GLY O 146 21.66 20.07 90.83
N THR O 147 22.26 19.32 89.90
CA THR O 147 23.63 19.59 89.47
C THR O 147 23.61 20.71 88.43
N ASP O 148 24.35 21.78 88.69
CA ASP O 148 24.47 22.88 87.74
C ASP O 148 25.65 22.61 86.83
N TRP O 149 25.38 22.28 85.57
CA TRP O 149 26.46 21.97 84.64
C TRP O 149 27.34 23.19 84.40
N ALA O 150 26.74 24.37 84.31
CA ALA O 150 27.54 25.58 84.07
C ALA O 150 28.58 25.76 85.16
N ALA O 151 28.21 25.49 86.41
CA ALA O 151 29.17 25.62 87.50
C ALA O 151 30.33 24.64 87.35
N THR O 152 30.04 23.42 86.88
CA THR O 152 31.09 22.43 86.74
C THR O 152 32.14 22.86 85.72
N GLY O 153 31.70 23.42 84.59
CA GLY O 153 32.65 23.80 83.56
C GLY O 153 33.61 24.89 84.00
N SER O 154 33.11 25.86 84.76
CA SER O 154 33.93 26.98 85.17
C SER O 154 35.10 26.53 86.04
N ALA O 155 34.86 25.51 86.88
CA ALA O 155 35.93 25.02 87.75
C ALA O 155 37.11 24.50 86.94
N VAL O 156 36.84 23.72 85.90
CA VAL O 156 37.92 23.22 85.05
C VAL O 156 38.53 24.36 84.24
N GLY O 157 37.69 25.28 83.76
CA GLY O 157 38.21 26.37 82.97
C GLY O 157 39.19 27.24 83.73
N GLN O 158 38.88 27.55 84.99
CA GLN O 158 39.75 28.42 85.76
C GLN O 158 41.14 27.82 85.92
N ILE O 159 41.22 26.52 86.20
CA ILE O 159 42.52 25.85 86.24
C ILE O 159 43.17 25.92 84.87
N GLY O 160 42.40 25.66 83.82
CA GLY O 160 42.89 25.89 82.47
C GLY O 160 44.10 25.03 82.13
N THR O 161 45.13 25.68 81.61
CA THR O 161 46.27 24.98 81.01
C THR O 161 47.42 24.73 81.98
N SER O 162 47.25 25.06 83.26
CA SER O 162 48.28 24.82 84.27
C SER O 162 48.00 23.54 85.06
N MET O 163 47.19 22.64 84.53
CA MET O 163 46.80 21.44 85.27
C MET O 163 48.03 20.64 85.70
N VAL O 164 48.82 20.18 84.73
CA VAL O 164 49.98 19.36 85.06
C VAL O 164 50.97 20.13 85.91
N ALA O 165 51.13 21.43 85.67
CA ALA O 165 52.07 22.22 86.44
C ALA O 165 51.69 22.26 87.92
N ASN O 166 50.39 22.39 88.21
CA ASN O 166 49.94 22.50 89.59
C ASN O 166 49.88 21.16 90.32
N LYS O 167 50.28 20.06 89.68
CA LYS O 167 50.28 18.76 90.32
C LYS O 167 51.57 18.00 90.04
N LEU O 168 52.69 18.71 89.92
CA LEU O 168 53.97 18.08 89.67
C LEU O 168 55.12 18.95 90.15
N MET P 1 13.58 30.37 50.36
CA MET P 1 14.88 31.07 50.18
C MET P 1 15.60 30.55 48.93
N ILE P 2 16.48 31.39 48.39
CA ILE P 2 17.24 31.00 47.20
C ILE P 2 18.61 30.45 47.55
N TRP P 3 19.13 30.78 48.72
CA TRP P 3 20.50 30.43 49.07
C TRP P 3 20.63 29.09 49.78
N MET P 4 19.53 28.39 50.05
CA MET P 4 19.61 27.07 50.66
C MET P 4 19.60 25.94 49.64
N PHE P 5 19.50 26.26 48.35
CA PHE P 5 19.61 25.27 47.29
C PHE P 5 20.96 25.32 46.59
N ALA P 6 21.90 26.11 47.09
CA ALA P 6 23.18 26.28 46.41
C ALA P 6 23.95 24.98 46.35
N ALA P 7 24.00 24.23 47.45
CA ALA P 7 24.73 22.97 47.45
C ALA P 7 24.12 21.98 46.47
N ALA P 8 22.79 21.87 46.46
CA ALA P 8 22.13 20.97 45.53
C ALA P 8 22.41 21.36 44.08
N ALA P 9 22.34 22.66 43.79
CA ALA P 9 22.62 23.10 42.43
C ALA P 9 24.05 22.78 42.04
N ALA P 10 25.00 23.04 42.94
CA ALA P 10 26.40 22.79 42.62
C ALA P 10 26.65 21.31 42.37
N GLN P 11 26.01 20.44 43.16
CA GLN P 11 26.17 19.01 42.95
C GLN P 11 25.49 18.55 41.66
N MET P 12 24.38 19.20 41.27
CA MET P 12 23.66 18.81 40.08
C MET P 12 24.31 19.33 38.79
N ILE P 13 25.17 20.34 38.88
CA ILE P 13 25.87 20.80 37.68
C ILE P 13 26.66 19.66 37.04
N GLN P 14 27.31 18.84 37.86
CA GLN P 14 28.20 17.81 37.32
C GLN P 14 27.45 16.73 36.56
N GLY P 15 26.15 16.54 36.84
CA GLY P 15 25.41 15.53 36.12
C GLY P 15 25.23 15.86 34.65
N GLY P 16 24.92 17.13 34.35
CA GLY P 16 24.68 17.50 32.97
C GLY P 16 25.91 17.37 32.10
N LEU P 17 27.08 17.77 32.62
CA LEU P 17 28.29 17.74 31.82
C LEU P 17 28.65 16.32 31.39
N GLN P 18 28.55 15.36 32.32
CA GLN P 18 28.85 13.97 31.97
C GLN P 18 27.90 13.46 30.90
N TYR P 19 26.62 13.80 31.01
CA TYR P 19 25.64 13.32 30.05
C TYR P 19 25.99 13.74 28.63
N ALA P 20 26.62 14.91 28.48
CA ALA P 20 27.01 15.37 27.15
C ALA P 20 28.25 14.65 26.65
N GLN P 21 29.18 14.33 27.55
CA GLN P 21 30.43 13.70 27.13
C GLN P 21 30.21 12.32 26.55
N ASP P 22 29.27 11.55 27.10
CA ASP P 22 29.02 10.21 26.59
C ASP P 22 28.53 10.24 25.16
N ALA P 23 27.69 11.22 24.81
CA ALA P 23 27.23 11.33 23.43
C ALA P 23 28.40 11.49 22.47
N LYS P 24 29.31 12.40 22.78
CA LYS P 24 30.49 12.59 21.93
C LYS P 24 31.35 11.34 21.89
N ASN P 25 31.55 10.70 23.03
CA ASN P 25 32.39 9.52 23.07
C ASN P 25 31.84 8.41 22.17
N GLN P 26 30.53 8.20 22.20
CA GLN P 26 29.92 7.20 21.33
C GLN P 26 29.87 7.63 19.88
N ARG P 27 29.71 8.93 19.62
CA ARG P 27 29.65 9.40 18.23
C ARG P 27 31.00 9.35 17.53
N ARG P 28 32.10 9.56 18.25
CA ARG P 28 33.42 9.50 17.64
C ARG P 28 33.80 8.11 17.14
N GLN P 29 33.08 7.07 17.53
CA GLN P 29 33.35 5.73 17.03
C GLN P 29 33.07 5.66 15.53
N ALA P 32 34.58 1.58 12.92
CA ALA P 32 33.87 0.44 13.50
C ALA P 32 34.72 -0.25 14.56
N ASP P 33 35.23 0.54 15.50
CA ASP P 33 36.02 -0.01 16.61
C ASP P 33 35.18 -0.79 17.60
N GLN P 34 33.85 -0.73 17.50
CA GLN P 34 33.01 -1.49 18.41
C GLN P 34 33.29 -2.98 18.32
N LYS P 35 33.66 -3.47 17.13
CA LYS P 35 33.97 -4.89 16.98
C LYS P 35 35.13 -5.28 17.88
N TYR P 36 36.21 -4.49 17.86
CA TYR P 36 37.34 -4.75 18.75
C TYR P 36 36.94 -4.56 20.21
N ASN P 37 36.14 -3.54 20.49
CA ASN P 37 35.77 -3.24 21.87
C ASN P 37 35.00 -4.39 22.50
N GLU P 38 34.06 -4.98 21.75
CA GLU P 38 33.21 -6.01 22.31
C GLU P 38 34.01 -7.23 22.74
N ALA P 39 35.01 -7.63 21.95
CA ALA P 39 35.75 -8.85 22.25
C ALA P 39 36.45 -8.76 23.60
N VAL P 40 36.92 -7.57 23.99
CA VAL P 40 37.61 -7.42 25.25
C VAL P 40 36.70 -7.83 26.40
N ARG P 41 35.48 -7.30 26.44
CA ARG P 41 34.54 -7.68 27.48
C ARG P 41 34.13 -9.15 27.34
N SER P 42 33.90 -9.60 26.10
CA SER P 42 33.48 -10.99 25.90
C SER P 42 34.50 -11.96 26.46
N ALA P 43 35.78 -11.61 26.41
CA ALA P 43 36.83 -12.48 26.94
C ALA P 43 37.00 -12.28 28.44
N SER P 44 36.95 -11.02 28.90
CA SER P 44 37.17 -10.75 30.32
C SER P 44 36.06 -11.34 31.18
N ALA P 45 34.85 -11.44 30.65
CA ALA P 45 33.75 -12.00 31.44
C ALA P 45 34.03 -13.44 31.84
N ARG P 46 34.53 -14.25 30.90
CA ARG P 46 34.81 -15.64 31.22
C ARG P 46 35.90 -15.77 32.28
N GLN P 47 36.96 -14.97 32.16
CA GLN P 47 38.04 -15.04 33.15
C GLN P 47 37.55 -14.59 34.52
N ILE P 48 36.73 -13.53 34.57
CA ILE P 48 36.19 -13.07 35.84
C ILE P 48 35.31 -14.15 36.47
N THR P 49 34.47 -14.78 35.65
CA THR P 49 33.61 -15.85 36.18
C THR P 49 34.44 -17.01 36.71
N GLU P 50 35.51 -17.37 35.99
CA GLU P 50 36.37 -18.45 36.46
C GLU P 50 37.04 -18.08 37.78
N ILE P 51 37.52 -16.85 37.91
CA ILE P 51 38.15 -16.41 39.14
C ILE P 51 37.16 -16.46 40.29
N ASN P 52 35.94 -15.98 40.05
CA ASN P 52 34.91 -16.02 41.09
C ASN P 52 34.59 -17.46 41.48
N THR P 53 34.49 -18.36 40.51
CA THR P 53 34.21 -19.76 40.82
C THR P 53 35.34 -20.35 41.66
N GLN P 54 36.58 -20.03 41.32
CA GLN P 54 37.71 -20.51 42.12
C GLN P 54 37.64 -19.98 43.54
N ARG P 55 37.33 -18.69 43.69
CA ARG P 55 37.20 -18.11 45.02
C ARG P 55 36.02 -18.70 45.79
N SER P 56 35.03 -19.25 45.08
CA SER P 56 33.87 -19.84 45.71
C SER P 56 34.27 -21.05 46.55
N SER P 93 29.40 -21.45 76.37
CA SER P 93 28.94 -20.12 76.74
C SER P 93 27.46 -19.96 76.39
N VAL P 94 27.06 -18.78 75.93
CA VAL P 94 25.64 -18.51 75.69
C VAL P 94 25.34 -18.51 74.19
N GLU P 95 26.29 -18.05 73.38
CA GLU P 95 26.08 -17.88 71.95
C GLU P 95 25.89 -19.19 71.21
N GLN P 96 26.19 -20.32 71.84
CA GLN P 96 25.93 -21.63 71.28
C GLN P 96 24.64 -22.24 71.79
N ASN P 97 24.37 -22.11 73.09
CA ASN P 97 23.10 -22.59 73.63
C ASN P 97 21.93 -21.88 72.96
N LEU P 98 22.09 -20.61 72.60
CA LEU P 98 20.98 -19.91 71.96
C LEU P 98 20.66 -20.51 70.59
N GLN P 99 21.69 -20.84 69.80
CA GLN P 99 21.45 -21.47 68.51
C GLN P 99 20.83 -22.85 68.68
N GLU P 100 21.32 -23.62 69.65
CA GLU P 100 20.73 -24.93 69.89
C GLU P 100 19.26 -24.79 70.27
N VAL P 101 18.94 -23.80 71.11
CA VAL P 101 17.56 -23.58 71.51
C VAL P 101 16.70 -23.24 70.30
N GLY P 102 17.20 -22.37 69.43
CA GLY P 102 16.42 -22.02 68.24
C GLY P 102 16.13 -23.23 67.36
N VAL P 103 17.16 -24.04 67.10
CA VAL P 103 16.98 -25.20 66.24
C VAL P 103 15.98 -26.16 66.87
N GLN P 104 16.14 -26.46 68.16
CA GLN P 104 15.24 -27.39 68.81
C GLN P 104 13.82 -26.86 68.87
N LEU P 105 13.64 -25.55 69.04
CA LEU P 105 12.31 -24.97 69.04
C LEU P 105 11.64 -25.15 67.68
N ALA P 106 12.39 -24.90 66.60
CA ALA P 106 11.81 -25.13 65.28
C ALA P 106 11.42 -26.59 65.10
N ALA P 107 12.28 -27.51 65.54
CA ALA P 107 11.96 -28.93 65.43
C ALA P 107 10.70 -29.27 66.22
N ALA P 108 10.56 -28.72 67.43
CA ALA P 108 9.40 -29.02 68.25
C ALA P 108 8.12 -28.50 67.62
N GLU P 109 8.15 -27.29 67.05
CA GLU P 109 6.98 -26.78 66.35
C GLU P 109 6.61 -27.69 65.19
N GLY P 110 7.60 -28.12 64.42
CA GLY P 110 7.32 -29.04 63.33
C GLY P 110 6.70 -30.34 63.83
N ASN P 111 7.20 -30.84 64.97
CA ASN P 111 6.67 -32.09 65.51
C ASN P 111 5.21 -31.95 65.95
N LEU P 112 4.88 -30.84 66.62
CA LEU P 112 3.49 -30.62 67.02
C LEU P 112 2.57 -30.51 65.81
N MET P 113 3.05 -29.85 64.75
CA MET P 113 2.43 -30.02 63.45
C MET P 113 2.66 -31.44 62.97
N GLN P 114 1.76 -31.92 62.12
CA GLN P 114 1.77 -33.30 61.62
C GLN P 114 1.31 -34.26 62.72
N ASN P 115 1.16 -33.74 63.95
CA ASN P 115 0.52 -34.53 65.00
C ASN P 115 -0.87 -33.98 65.28
N ALA P 116 -1.03 -32.65 65.22
CA ALA P 116 -2.36 -32.08 65.38
C ALA P 116 -3.34 -32.58 64.30
N GLU P 117 -2.81 -32.92 63.13
CA GLU P 117 -3.68 -33.27 62.01
C GLU P 117 -4.51 -34.51 62.31
N LEU P 118 -3.91 -35.53 62.89
CA LEU P 118 -4.67 -36.74 63.22
C LEU P 118 -5.79 -36.43 64.20
N THR P 119 -5.49 -35.62 65.21
CA THR P 119 -6.53 -35.23 66.17
C THR P 119 -7.66 -34.49 65.47
N GLU P 120 -7.35 -33.72 64.43
CA GLU P 120 -8.40 -32.97 63.74
C GLU P 120 -9.51 -33.89 63.23
N LEU P 121 -9.21 -35.16 62.96
CA LEU P 121 -10.16 -36.09 62.37
C LEU P 121 -10.88 -36.93 63.41
N SER P 122 -10.84 -36.54 64.68
CA SER P 122 -11.36 -37.40 65.74
C SER P 122 -12.80 -37.82 65.49
N LEU P 123 -13.63 -36.92 64.97
CA LEU P 123 -15.05 -37.23 64.79
C LEU P 123 -15.28 -38.31 63.73
N ASP P 124 -14.29 -38.61 62.90
CA ASP P 124 -14.46 -39.52 61.78
C ASP P 124 -13.59 -40.77 61.86
N SER P 125 -12.39 -40.66 62.41
CA SER P 125 -11.41 -41.74 62.26
C SER P 125 -11.87 -43.02 62.92
N SER P 126 -12.44 -42.93 64.12
CA SER P 126 -12.70 -44.02 65.06
C SER P 126 -11.41 -44.43 65.77
N VAL P 127 -10.25 -43.96 65.31
CA VAL P 127 -9.03 -43.93 66.11
C VAL P 127 -8.97 -42.54 66.72
N MET P 128 -8.61 -42.46 68.00
CA MET P 128 -8.93 -41.39 68.93
C MET P 128 -10.33 -41.60 69.50
N ASN P 129 -11.07 -42.60 69.03
CA ASN P 129 -12.22 -43.15 69.74
C ASN P 129 -11.86 -44.46 70.44
N THR P 130 -11.27 -45.40 69.69
CA THR P 130 -10.70 -46.58 70.32
C THR P 130 -9.59 -46.22 71.30
N VAL P 131 -8.92 -45.09 71.11
CA VAL P 131 -7.90 -44.64 72.05
C VAL P 131 -8.54 -43.97 73.25
N ASP P 132 -9.57 -43.15 73.02
CA ASP P 132 -10.26 -42.50 74.13
C ASP P 132 -10.91 -43.53 75.06
N GLN P 133 -11.42 -44.63 74.49
CA GLN P 133 -11.97 -45.69 75.33
C GLN P 133 -10.92 -46.20 76.30
N ALA P 134 -9.72 -46.51 75.81
CA ALA P 134 -8.66 -47.01 76.68
C ALA P 134 -8.25 -45.95 77.69
N ARG P 135 -8.14 -44.69 77.26
CA ARG P 135 -7.78 -43.62 78.18
C ARG P 135 -8.76 -43.55 79.35
N ASN P 136 -10.06 -43.52 79.04
CA ASN P 136 -11.06 -43.46 80.09
C ASN P 136 -11.02 -44.70 80.97
N SER P 137 -10.85 -45.87 80.37
CA SER P 137 -10.83 -47.11 81.15
C SER P 137 -9.67 -47.11 82.13
N ILE P 138 -8.50 -46.61 81.72
CA ILE P 138 -7.34 -46.61 82.59
C ILE P 138 -7.33 -45.47 83.59
N ARG P 139 -8.01 -44.36 83.28
CA ARG P 139 -7.97 -43.19 84.17
C ARG P 139 -8.94 -43.31 85.35
N GLU P 140 -9.87 -44.26 85.32
CA GLU P 140 -10.85 -44.38 86.39
C GLU P 140 -10.27 -45.01 87.65
N LEU P 141 -9.06 -45.52 87.60
CA LEU P 141 -8.44 -46.11 88.78
C LEU P 141 -8.13 -45.05 89.84
N THR P 147 -15.71 -33.83 85.90
CA THR P 147 -15.33 -33.14 87.12
C THR P 147 -15.52 -31.64 86.97
N ASP P 148 -15.38 -30.90 88.07
CA ASP P 148 -15.46 -29.45 88.05
C ASP P 148 -14.06 -28.90 87.82
N TRP P 149 -13.80 -28.42 86.60
CA TRP P 149 -12.46 -27.96 86.26
C TRP P 149 -12.07 -26.74 87.09
N ALA P 150 -13.01 -25.81 87.29
CA ALA P 150 -12.69 -24.59 88.03
C ALA P 150 -12.15 -24.91 89.41
N ALA P 151 -12.63 -25.99 90.03
CA ALA P 151 -12.17 -26.34 91.37
C ALA P 151 -10.69 -26.71 91.37
N THR P 152 -10.24 -27.45 90.36
CA THR P 152 -8.84 -27.87 90.31
C THR P 152 -7.92 -26.66 90.19
N GLY P 153 -8.27 -25.72 89.33
CA GLY P 153 -7.41 -24.56 89.14
C GLY P 153 -7.21 -23.78 90.42
N SER P 154 -8.28 -23.56 91.18
CA SER P 154 -8.16 -22.86 92.45
C SER P 154 -7.28 -23.64 93.42
N ALA P 155 -7.46 -24.96 93.47
CA ALA P 155 -6.67 -25.78 94.39
C ALA P 155 -5.19 -25.67 94.08
N VAL P 156 -4.82 -25.70 92.80
CA VAL P 156 -3.40 -25.56 92.46
C VAL P 156 -2.91 -24.15 92.74
N GLY P 157 -3.71 -23.14 92.37
CA GLY P 157 -3.27 -21.77 92.55
C GLY P 157 -3.04 -21.40 93.99
N GLN P 158 -3.85 -21.96 94.90
CA GLN P 158 -3.74 -21.58 96.31
C GLN P 158 -2.37 -21.88 96.90
N ILE P 159 -1.60 -22.77 96.28
CA ILE P 159 -0.27 -23.11 96.79
C ILE P 159 0.76 -23.10 95.68
N GLY P 160 0.41 -22.51 94.53
CA GLY P 160 1.31 -22.43 93.40
C GLY P 160 2.77 -22.13 93.70
N THR P 161 3.07 -20.98 94.30
CA THR P 161 4.45 -20.50 94.42
C THR P 161 5.12 -20.95 95.71
N SER P 162 4.69 -22.07 96.29
CA SER P 162 5.35 -22.59 97.49
C SER P 162 5.44 -24.12 97.48
N MET P 163 5.28 -24.76 96.33
CA MET P 163 5.24 -26.22 96.29
C MET P 163 6.55 -26.82 96.77
N VAL P 164 7.68 -26.37 96.20
CA VAL P 164 8.96 -26.94 96.59
C VAL P 164 9.29 -26.61 98.03
N ALA P 165 8.94 -25.40 98.48
CA ALA P 165 9.20 -25.04 99.87
C ALA P 165 8.44 -25.94 100.82
N ASN P 166 7.17 -26.23 100.51
CA ASN P 166 6.38 -27.11 101.37
C ASN P 166 6.87 -28.55 101.31
N LYS P 167 7.31 -29.01 100.14
CA LYS P 167 7.72 -30.41 99.99
C LYS P 167 8.93 -30.72 100.87
N LEU P 168 9.92 -29.85 100.90
CA LEU P 168 11.12 -30.08 101.68
C LEU P 168 10.86 -29.86 103.17
N MET Q 1 -15.52 -2.84 57.61
CA MET Q 1 -14.71 -2.07 58.59
C MET Q 1 -13.30 -1.84 58.03
N ILE Q 2 -12.87 -0.58 58.05
CA ILE Q 2 -11.59 -0.22 57.46
C ILE Q 2 -10.44 -0.87 58.20
N TRP Q 3 -10.55 -1.01 59.52
CA TRP Q 3 -9.42 -1.44 60.33
C TRP Q 3 -9.13 -2.93 60.22
N MET Q 4 -9.97 -3.71 59.54
CA MET Q 4 -9.67 -5.13 59.35
C MET Q 4 -8.60 -5.36 58.30
N PHE Q 5 -8.46 -4.44 57.35
CA PHE Q 5 -7.56 -4.63 56.21
C PHE Q 5 -6.22 -3.94 56.38
N ALA Q 6 -5.90 -3.50 57.61
CA ALA Q 6 -4.65 -2.78 57.81
C ALA Q 6 -3.44 -3.65 57.48
N ALA Q 7 -3.42 -4.88 57.98
CA ALA Q 7 -2.29 -5.77 57.73
C ALA Q 7 -2.16 -6.09 56.24
N ALA Q 8 -3.28 -6.36 55.57
CA ALA Q 8 -3.23 -6.65 54.15
C ALA Q 8 -2.70 -5.46 53.37
N ALA Q 9 -3.14 -4.25 53.71
CA ALA Q 9 -2.62 -3.07 53.02
C ALA Q 9 -1.13 -2.91 53.28
N ALA Q 10 -0.69 -3.10 54.52
CA ALA Q 10 0.73 -2.96 54.83
C ALA Q 10 1.57 -3.94 54.03
N GLN Q 11 1.09 -5.18 53.90
CA GLN Q 11 1.82 -6.16 53.10
C GLN Q 11 1.79 -5.81 51.62
N MET Q 12 0.69 -5.22 51.14
CA MET Q 12 0.60 -4.89 49.72
C MET Q 12 1.43 -3.68 49.34
N ILE Q 13 1.75 -2.80 50.30
CA ILE Q 13 2.59 -1.64 49.97
C ILE Q 13 3.92 -2.10 49.39
N GLN Q 14 4.52 -3.14 49.96
CA GLN Q 14 5.86 -3.54 49.54
C GLN Q 14 5.90 -4.01 48.09
N GLY Q 15 4.81 -4.61 47.62
CA GLY Q 15 4.81 -5.11 46.24
C GLY Q 15 4.92 -4.00 45.23
N GLY Q 16 4.22 -2.89 45.46
CA GLY Q 16 4.23 -1.81 44.49
C GLY Q 16 5.59 -1.16 44.34
N LEU Q 17 6.29 -0.95 45.46
CA LEU Q 17 7.56 -0.23 45.40
C LEU Q 17 8.59 -0.97 44.55
N GLN Q 18 8.81 -2.25 44.83
CA GLN Q 18 9.84 -2.98 44.10
C GLN Q 18 9.41 -3.28 42.67
N TYR Q 19 8.12 -3.23 42.37
CA TYR Q 19 7.69 -3.36 40.98
C TYR Q 19 8.17 -2.17 40.15
N ALA Q 20 8.09 -0.96 40.72
CA ALA Q 20 8.60 0.22 40.03
C ALA Q 20 10.11 0.30 40.07
N GLN Q 21 10.73 -0.17 41.15
CA GLN Q 21 12.17 -0.04 41.30
C GLN Q 21 12.92 -1.01 40.39
N ASP Q 22 12.35 -2.19 40.16
CA ASP Q 22 12.98 -3.14 39.23
C ASP Q 22 12.99 -2.59 37.81
N ALA Q 23 11.91 -1.92 37.40
CA ALA Q 23 11.87 -1.36 36.06
C ALA Q 23 12.94 -0.30 35.87
N LYS Q 24 13.16 0.54 36.88
CA LYS Q 24 14.17 1.59 36.77
C LYS Q 24 15.56 1.01 36.53
N ASN Q 25 15.85 -0.15 37.13
CA ASN Q 25 17.18 -0.73 36.97
C ASN Q 25 17.48 -1.04 35.51
N GLN Q 26 16.51 -1.61 34.80
CA GLN Q 26 16.76 -2.02 33.42
C GLN Q 26 17.04 -0.84 32.51
N ARG Q 27 16.32 0.27 32.71
CA ARG Q 27 16.54 1.45 31.87
C ARG Q 27 17.95 1.98 32.02
N ARG Q 28 18.62 1.72 33.14
CA ARG Q 28 19.95 2.24 33.42
C ARG Q 28 21.06 1.31 32.93
N GLN Q 29 20.75 0.40 32.00
CA GLN Q 29 21.77 -0.47 31.45
C GLN Q 29 21.27 -1.13 30.17
N LYS Q 31 25.23 -5.02 28.89
CA LYS Q 31 24.16 -6.01 29.02
C LYS Q 31 24.63 -7.38 28.53
N ALA Q 32 25.55 -7.38 27.56
CA ALA Q 32 26.05 -8.64 27.02
C ALA Q 32 26.78 -9.45 28.09
N ASP Q 33 27.57 -8.77 28.93
CA ASP Q 33 28.31 -9.48 29.96
C ASP Q 33 27.40 -10.28 30.87
N GLN Q 34 26.20 -9.76 31.14
CA GLN Q 34 25.27 -10.48 32.02
C GLN Q 34 24.87 -11.82 31.41
N LYS Q 35 24.64 -11.85 30.09
CA LYS Q 35 24.21 -13.09 29.44
C LYS Q 35 25.24 -14.19 29.60
N TYR Q 36 26.53 -13.84 29.52
CA TYR Q 36 27.57 -14.86 29.62
C TYR Q 36 27.53 -15.58 30.94
N ASN Q 37 27.29 -14.86 32.03
CA ASN Q 37 27.28 -15.48 33.35
C ASN Q 37 26.21 -16.57 33.45
N GLU Q 38 25.03 -16.31 32.88
CA GLU Q 38 23.96 -17.30 32.94
C GLU Q 38 24.37 -18.59 32.24
N ALA Q 39 25.05 -18.48 31.10
CA ALA Q 39 25.51 -19.67 30.40
C ALA Q 39 26.49 -20.47 31.26
N VAL Q 40 27.39 -19.78 31.96
CA VAL Q 40 28.32 -20.46 32.85
C VAL Q 40 27.55 -21.17 33.96
N ARG Q 41 26.37 -20.66 34.32
CA ARG Q 41 25.57 -21.29 35.36
C ARG Q 41 25.23 -22.73 35.00
N SER Q 42 25.26 -23.09 33.72
CA SER Q 42 25.01 -24.46 33.32
C SER Q 42 26.01 -25.41 33.95
N ALA Q 43 27.20 -24.92 34.30
CA ALA Q 43 28.18 -25.75 34.99
C ALA Q 43 27.63 -26.24 36.33
N SER Q 44 26.94 -25.36 37.06
CA SER Q 44 26.31 -25.77 38.31
C SER Q 44 25.30 -26.89 38.08
N ALA Q 45 24.50 -26.76 37.02
CA ALA Q 45 23.58 -27.84 36.67
C ALA Q 45 24.34 -29.13 36.36
N ARG Q 46 25.46 -29.01 35.64
CA ARG Q 46 26.30 -30.17 35.41
C ARG Q 46 26.87 -30.71 36.72
N GLN Q 47 27.32 -29.82 37.61
CA GLN Q 47 27.81 -30.25 38.91
C GLN Q 47 26.71 -30.93 39.71
N ILE Q 48 25.51 -30.33 39.74
CA ILE Q 48 24.37 -30.98 40.34
C ILE Q 48 23.94 -32.20 39.54
N THR Q 49 24.35 -32.28 38.27
CA THR Q 49 24.04 -33.44 37.45
C THR Q 49 24.88 -34.65 37.81
N GLU Q 50 25.99 -34.45 38.52
CA GLU Q 50 26.80 -35.59 38.95
C GLU Q 50 26.03 -36.47 39.93
N ILE Q 51 25.46 -35.87 40.97
CA ILE Q 51 24.59 -36.62 41.87
C ILE Q 51 23.33 -37.07 41.15
N ASN Q 52 22.77 -36.20 40.31
CA ASN Q 52 21.57 -36.56 39.55
C ASN Q 52 21.86 -37.70 38.58
N THR Q 53 23.00 -37.64 37.88
CA THR Q 53 23.35 -38.72 36.96
C THR Q 53 23.56 -40.03 37.71
N GLN Q 54 24.18 -39.96 38.89
CA GLN Q 54 24.36 -41.17 39.69
C GLN Q 54 23.02 -41.80 40.04
N ARG Q 55 21.98 -40.99 40.17
CA ARG Q 55 20.64 -41.49 40.49
C ARG Q 55 19.95 -41.99 39.22
N SER Q 93 8.97 -55.44 62.95
CA SER Q 93 9.05 -56.22 61.72
C SER Q 93 7.68 -56.35 61.09
N VAL Q 94 6.99 -55.22 60.90
CA VAL Q 94 5.66 -55.24 60.29
C VAL Q 94 5.68 -54.52 58.94
N GLU Q 95 6.50 -53.48 58.81
CA GLU Q 95 6.51 -52.70 57.58
C GLU Q 95 6.99 -53.54 56.40
N GLN Q 96 8.02 -54.36 56.61
CA GLN Q 96 8.49 -55.24 55.55
C GLN Q 96 7.39 -56.16 55.07
N ASN Q 97 6.65 -56.77 56.01
CA ASN Q 97 5.55 -57.64 55.64
C ASN Q 97 4.49 -56.88 54.87
N LEU Q 98 4.21 -55.63 55.26
CA LEU Q 98 3.19 -54.86 54.56
C LEU Q 98 3.61 -54.56 53.12
N GLN Q 99 4.88 -54.19 52.91
CA GLN Q 99 5.34 -53.97 51.53
C GLN Q 99 5.26 -55.26 50.71
N GLU Q 100 5.68 -56.37 51.29
CA GLU Q 100 5.59 -57.64 50.57
C GLU Q 100 4.15 -57.97 50.23
N VAL Q 101 3.23 -57.73 51.17
CA VAL Q 101 1.82 -57.99 50.91
C VAL Q 101 1.32 -57.16 49.75
N GLY Q 102 1.68 -55.87 49.72
CA GLY Q 102 1.27 -55.03 48.61
C GLY Q 102 1.78 -55.56 47.28
N VAL Q 103 3.06 -55.93 47.22
CA VAL Q 103 3.63 -56.41 45.96
C VAL Q 103 2.92 -57.67 45.49
N GLN Q 104 2.76 -58.65 46.38
CA GLN Q 104 2.11 -59.89 45.97
C GLN Q 104 0.65 -59.67 45.60
N LEU Q 105 -0.04 -58.74 46.28
CA LEU Q 105 -1.42 -58.45 45.92
C LEU Q 105 -1.50 -57.90 44.51
N ALA Q 106 -0.60 -56.97 44.15
CA ALA Q 106 -0.59 -56.45 42.79
C ALA Q 106 -0.33 -57.57 41.79
N ALA Q 107 0.62 -58.45 42.10
CA ALA Q 107 0.94 -59.55 41.19
C ALA Q 107 -0.28 -60.46 40.99
N ALA Q 108 -0.99 -60.78 42.08
CA ALA Q 108 -2.14 -61.66 41.98
C ALA Q 108 -3.26 -61.01 41.16
N GLU Q 109 -3.48 -59.72 41.37
CA GLU Q 109 -4.47 -59.02 40.56
C GLU Q 109 -4.11 -59.12 39.08
N GLY Q 110 -2.84 -58.88 38.76
CA GLY Q 110 -2.42 -59.00 37.36
C GLY Q 110 -2.66 -60.39 36.80
N ASN Q 111 -2.31 -61.42 37.58
CA ASN Q 111 -2.47 -62.79 37.10
C ASN Q 111 -3.94 -63.10 36.82
N LEU Q 112 -4.82 -62.73 37.74
CA LEU Q 112 -6.24 -63.00 37.54
C LEU Q 112 -6.78 -62.25 36.33
N MET Q 113 -6.37 -60.98 36.17
CA MET Q 113 -6.82 -60.21 35.02
C MET Q 113 -6.38 -60.86 33.73
N GLN Q 114 -5.14 -61.36 33.69
CA GLN Q 114 -4.64 -61.99 32.47
C GLN Q 114 -5.35 -63.32 32.21
N ASN Q 115 -5.73 -64.05 33.26
CA ASN Q 115 -6.40 -65.33 33.09
C ASN Q 115 -7.86 -65.19 32.66
N ALA Q 116 -8.53 -64.12 33.05
CA ALA Q 116 -9.96 -64.01 32.77
C ALA Q 116 -10.26 -63.96 31.27
N GLU Q 117 -9.25 -63.69 30.44
CA GLU Q 117 -9.49 -63.48 29.02
C GLU Q 117 -10.06 -64.70 28.32
N LEU Q 118 -9.62 -65.90 28.68
CA LEU Q 118 -10.14 -67.12 28.07
C LEU Q 118 -11.53 -67.47 28.55
N THR Q 119 -11.80 -67.33 29.85
CA THR Q 119 -13.16 -67.50 30.33
C THR Q 119 -14.12 -66.52 29.68
N GLU Q 120 -13.62 -65.35 29.24
CA GLU Q 120 -14.50 -64.42 28.55
C GLU Q 120 -15.01 -65.00 27.23
N LEU Q 121 -14.13 -65.68 26.49
CA LEU Q 121 -14.48 -66.28 25.20
C LEU Q 121 -14.98 -67.73 25.33
N SER Q 122 -15.04 -68.26 26.54
CA SER Q 122 -15.51 -69.63 26.74
C SER Q 122 -16.76 -69.96 25.94
N LEU Q 123 -17.63 -68.99 25.66
CA LEU Q 123 -18.89 -69.27 25.00
C LEU Q 123 -18.72 -69.69 23.54
N ASP Q 124 -17.57 -69.43 22.93
CA ASP Q 124 -17.32 -69.87 21.57
C ASP Q 124 -15.96 -70.52 21.35
N SER Q 125 -15.07 -70.52 22.34
CA SER Q 125 -13.79 -71.21 22.21
C SER Q 125 -14.02 -72.72 22.22
N SER Q 126 -13.29 -73.44 21.38
CA SER Q 126 -13.45 -74.89 21.32
C SER Q 126 -12.79 -75.59 22.51
N VAL Q 127 -11.74 -75.01 23.07
CA VAL Q 127 -11.01 -75.66 24.16
C VAL Q 127 -11.90 -75.80 25.39
N MET Q 128 -12.77 -74.83 25.62
CA MET Q 128 -13.65 -74.86 26.77
C MET Q 128 -14.78 -75.85 26.63
N ASN Q 129 -14.86 -76.57 25.52
CA ASN Q 129 -15.75 -77.72 25.41
C ASN Q 129 -15.07 -79.01 25.84
N THR Q 130 -13.77 -79.16 25.62
CA THR Q 130 -13.01 -80.25 26.23
C THR Q 130 -12.88 -80.06 27.73
N VAL Q 131 -12.50 -78.84 28.14
CA VAL Q 131 -12.67 -78.46 29.53
C VAL Q 131 -14.16 -78.28 29.78
N ASP Q 132 -14.57 -78.45 31.03
CA ASP Q 132 -15.98 -78.44 31.43
C ASP Q 132 -16.69 -79.70 30.94
N GLN Q 133 -16.01 -80.51 30.13
CA GLN Q 133 -16.42 -81.88 29.91
C GLN Q 133 -15.55 -82.82 30.74
N ALA Q 134 -14.24 -82.55 30.76
CA ALA Q 134 -13.36 -83.31 31.66
C ALA Q 134 -13.77 -83.11 33.10
N ARG Q 135 -14.11 -81.88 33.49
CA ARG Q 135 -14.53 -81.63 34.86
C ARG Q 135 -15.76 -82.46 35.22
N ASN Q 136 -16.77 -82.48 34.36
CA ASN Q 136 -17.97 -83.25 34.64
C ASN Q 136 -17.68 -84.75 34.67
N SER Q 137 -16.84 -85.23 33.76
CA SER Q 137 -16.50 -86.64 33.76
C SER Q 137 -15.70 -87.03 35.01
N ILE Q 138 -15.02 -86.07 35.64
CA ILE Q 138 -14.22 -86.34 36.82
C ILE Q 138 -14.98 -85.92 38.09
N ARG Q 139 -16.30 -85.82 38.01
CA ARG Q 139 -17.13 -85.44 39.15
C ARG Q 139 -18.37 -86.30 39.22
N GLU Q 140 -18.21 -87.61 39.06
CA GLU Q 140 -19.33 -88.54 39.11
C GLU Q 140 -20.14 -88.36 40.39
N GLY Q 146 -29.81 -82.06 39.43
CA GLY Q 146 -30.63 -81.05 40.09
C GLY Q 146 -30.07 -80.63 41.43
N THR Q 147 -28.89 -80.01 41.41
CA THR Q 147 -28.24 -79.57 42.63
C THR Q 147 -28.83 -78.23 43.06
N ASP Q 148 -29.35 -78.17 44.28
CA ASP Q 148 -29.88 -76.93 44.84
C ASP Q 148 -28.76 -76.20 45.56
N TRP Q 149 -28.29 -75.10 44.97
CA TRP Q 149 -27.19 -74.35 45.59
C TRP Q 149 -27.60 -73.78 46.94
N ALA Q 150 -28.83 -73.30 47.05
CA ALA Q 150 -29.28 -72.72 48.31
C ALA Q 150 -29.17 -73.74 49.44
N ALA Q 151 -29.52 -74.99 49.16
CA ALA Q 151 -29.41 -76.03 50.18
C ALA Q 151 -27.96 -76.23 50.62
N THR Q 152 -27.03 -76.17 49.67
CA THR Q 152 -25.63 -76.39 50.00
C THR Q 152 -25.11 -75.33 50.97
N GLY Q 153 -25.47 -74.07 50.74
CA GLY Q 153 -24.94 -73.00 51.58
C GLY Q 153 -25.41 -73.12 53.03
N SER Q 154 -26.67 -73.52 53.23
CA SER Q 154 -27.23 -73.58 54.58
C SER Q 154 -26.48 -74.60 55.43
N ALA Q 155 -26.05 -75.70 54.81
CA ALA Q 155 -25.33 -76.73 55.56
C ALA Q 155 -24.05 -76.18 56.17
N VAL Q 156 -23.28 -75.42 55.39
CA VAL Q 156 -22.06 -74.83 55.91
C VAL Q 156 -22.39 -73.72 56.91
N GLY Q 157 -23.44 -72.94 56.62
CA GLY Q 157 -23.79 -71.86 57.52
C GLY Q 157 -24.16 -72.35 58.91
N GLN Q 158 -24.93 -73.43 58.99
CA GLN Q 158 -25.37 -73.93 60.29
C GLN Q 158 -24.18 -74.32 61.15
N ILE Q 159 -23.19 -75.00 60.58
CA ILE Q 159 -21.97 -75.31 61.31
C ILE Q 159 -21.27 -74.01 61.71
N GLY Q 160 -21.19 -73.07 60.78
CA GLY Q 160 -20.72 -71.74 61.12
C GLY Q 160 -19.28 -71.74 61.63
N THR Q 161 -19.08 -71.08 62.77
CA THR Q 161 -17.75 -70.78 63.27
C THR Q 161 -17.20 -71.82 64.24
N SER Q 162 -17.92 -72.93 64.45
CA SER Q 162 -17.46 -74.00 65.32
C SER Q 162 -16.84 -75.15 64.53
N MET Q 163 -16.40 -74.89 63.30
CA MET Q 163 -15.89 -75.95 62.44
C MET Q 163 -14.71 -76.67 63.11
N VAL Q 164 -13.64 -75.93 63.40
CA VAL Q 164 -12.45 -76.54 63.98
C VAL Q 164 -12.76 -77.15 65.34
N ALA Q 165 -13.64 -76.52 66.12
CA ALA Q 165 -13.97 -77.04 67.43
C ALA Q 165 -14.63 -78.41 67.35
N ASN Q 166 -15.52 -78.59 66.37
CA ASN Q 166 -16.25 -79.85 66.24
C ASN Q 166 -15.43 -80.96 65.58
N LYS Q 167 -14.17 -80.71 65.24
CA LYS Q 167 -13.32 -81.74 64.65
C LYS Q 167 -11.94 -81.76 65.29
N LEU Q 168 -11.86 -81.47 66.58
CA LEU Q 168 -10.59 -81.48 67.30
C LEU Q 168 -10.80 -81.71 68.78
N MET R 1 -30.99 -38.69 34.43
CA MET R 1 -30.79 -38.35 35.87
C MET R 1 -29.63 -37.36 36.02
N ILE R 2 -29.65 -36.61 37.13
CA ILE R 2 -28.60 -35.64 37.39
C ILE R 2 -27.52 -36.20 38.30
N TRP R 3 -27.83 -37.23 39.08
CA TRP R 3 -26.91 -37.73 40.09
C TRP R 3 -25.99 -38.83 39.58
N MET R 4 -26.11 -39.26 38.33
CA MET R 4 -25.20 -40.26 37.79
C MET R 4 -24.02 -39.65 37.04
N PHE R 5 -23.95 -38.33 36.95
CA PHE R 5 -22.81 -37.64 36.37
C PHE R 5 -21.92 -37.01 37.43
N ALA R 6 -22.17 -37.28 38.70
CA ALA R 6 -21.42 -36.63 39.77
C ALA R 6 -19.95 -37.01 39.73
N ALA R 7 -19.65 -38.29 39.52
CA ALA R 7 -18.26 -38.73 39.47
C ALA R 7 -17.53 -38.09 38.30
N ALA R 8 -18.17 -38.05 37.12
CA ALA R 8 -17.54 -37.43 35.97
C ALA R 8 -17.29 -35.95 36.20
N ALA R 9 -18.26 -35.25 36.79
CA ALA R 9 -18.07 -33.84 37.07
C ALA R 9 -16.93 -33.63 38.05
N ALA R 10 -16.87 -34.43 39.11
CA ALA R 10 -15.82 -34.28 40.10
C ALA R 10 -14.45 -34.52 39.49
N GLN R 11 -14.34 -35.51 38.61
CA GLN R 11 -13.07 -35.77 37.96
C GLN R 11 -12.70 -34.66 36.97
N MET R 12 -13.71 -34.04 36.33
CA MET R 12 -13.45 -33.01 35.35
C MET R 12 -13.13 -31.65 35.99
N ILE R 13 -13.49 -31.45 37.26
CA ILE R 13 -13.13 -30.20 37.92
C ILE R 13 -11.62 -29.99 37.89
N GLN R 14 -10.85 -31.05 38.12
CA GLN R 14 -9.40 -30.90 38.24
C GLN R 14 -8.74 -30.49 36.93
N GLY R 15 -9.37 -30.76 35.79
CA GLY R 15 -8.77 -30.37 34.53
C GLY R 15 -8.71 -28.86 34.35
N GLY R 16 -9.79 -28.17 34.72
CA GLY R 16 -9.82 -26.72 34.52
C GLY R 16 -8.80 -25.99 35.36
N LEU R 17 -8.63 -26.41 36.62
CA LEU R 17 -7.72 -25.70 37.51
C LEU R 17 -6.28 -25.77 37.00
N GLN R 18 -5.84 -26.95 36.54
CA GLN R 18 -4.48 -27.06 36.01
C GLN R 18 -4.29 -26.18 34.80
N TYR R 19 -5.29 -26.12 33.92
CA TYR R 19 -5.17 -25.32 32.71
C TYR R 19 -4.90 -23.85 33.03
N ALA R 20 -5.44 -23.37 34.15
CA ALA R 20 -5.21 -21.98 34.53
C ALA R 20 -3.82 -21.79 35.13
N GLN R 21 -3.32 -22.78 35.86
CA GLN R 21 -2.02 -22.63 36.52
C GLN R 21 -0.88 -22.51 35.53
N ASP R 22 -0.95 -23.23 34.40
CA ASP R 22 0.12 -23.17 33.41
C ASP R 22 0.24 -21.78 32.83
N ALA R 23 -0.89 -21.10 32.59
CA ALA R 23 -0.83 -19.74 32.07
C ALA R 23 -0.05 -18.83 32.99
N LYS R 24 -0.36 -18.87 34.29
CA LYS R 24 0.37 -18.05 35.26
C LYS R 24 1.84 -18.44 35.31
N ASN R 25 2.13 -19.74 35.30
CA ASN R 25 3.51 -20.18 35.39
C ASN R 25 4.34 -19.66 34.22
N GLN R 26 3.78 -19.70 33.01
CA GLN R 26 4.48 -19.18 31.85
C GLN R 26 4.54 -17.65 31.83
N ARG R 27 3.50 -16.99 32.35
CA ARG R 27 3.49 -15.52 32.35
C ARG R 27 4.47 -14.93 33.36
N ARG R 28 4.69 -15.59 34.49
CA ARG R 28 5.64 -15.09 35.48
C ARG R 28 7.08 -15.07 34.99
N GLN R 29 7.39 -15.74 33.90
CA GLN R 29 8.75 -15.69 33.35
C GLN R 29 9.08 -14.28 32.87
N ALA R 32 13.87 -13.17 31.62
CA ALA R 32 14.22 -14.04 30.50
C ALA R 32 14.91 -15.31 31.00
N ASP R 33 14.30 -15.97 31.97
CA ASP R 33 14.85 -17.22 32.51
C ASP R 33 14.72 -18.38 31.53
N GLN R 34 13.98 -18.21 30.43
CA GLN R 34 13.85 -19.27 29.45
C GLN R 34 15.21 -19.67 28.88
N LYS R 35 16.14 -18.71 28.78
CA LYS R 35 17.47 -19.03 28.27
C LYS R 35 18.15 -20.06 29.16
N TYR R 36 18.13 -19.83 30.47
CA TYR R 36 18.69 -20.80 31.41
C TYR R 36 17.90 -22.11 31.38
N ASN R 37 16.58 -22.02 31.28
CA ASN R 37 15.75 -23.21 31.33
C ASN R 37 16.05 -24.15 30.16
N GLU R 38 16.22 -23.59 28.96
CA GLU R 38 16.41 -24.41 27.78
C GLU R 38 17.69 -25.24 27.87
N ALA R 39 18.78 -24.66 28.39
CA ALA R 39 20.05 -25.35 28.40
C ALA R 39 19.97 -26.63 29.23
N VAL R 40 19.19 -26.63 30.30
CA VAL R 40 19.08 -27.82 31.14
C VAL R 40 18.58 -29.00 30.32
N ARG R 41 17.49 -28.81 29.57
CA ARG R 41 16.97 -29.89 28.73
C ARG R 41 17.94 -30.21 27.59
N SER R 42 18.54 -29.17 26.99
CA SER R 42 19.45 -29.40 25.88
C SER R 42 20.62 -30.28 26.30
N ALA R 43 21.06 -30.17 27.55
CA ALA R 43 22.16 -30.99 28.04
C ALA R 43 21.66 -32.35 28.50
N SER R 44 20.51 -32.39 29.19
CA SER R 44 20.01 -33.66 29.72
C SER R 44 19.63 -34.62 28.60
N ALA R 45 19.20 -34.10 27.44
CA ALA R 45 18.81 -34.98 26.34
C ALA R 45 19.99 -35.82 25.88
N ARG R 46 21.17 -35.21 25.74
CA ARG R 46 22.33 -35.96 25.29
C ARG R 46 22.71 -37.06 26.28
N GLN R 47 22.70 -36.73 27.57
CA GLN R 47 23.05 -37.73 28.58
C GLN R 47 22.04 -38.87 28.60
N ILE R 48 20.75 -38.54 28.47
CA ILE R 48 19.73 -39.59 28.45
C ILE R 48 19.91 -40.49 27.23
N THR R 49 20.19 -39.88 26.07
CA THR R 49 20.41 -40.68 24.86
C THR R 49 21.64 -41.58 25.02
N GLU R 50 22.70 -41.06 25.63
CA GLU R 50 23.89 -41.88 25.85
C GLU R 50 23.59 -43.04 26.79
N ILE R 51 22.83 -42.79 27.85
CA ILE R 51 22.48 -43.85 28.79
C ILE R 51 21.65 -44.92 28.09
N ASN R 52 20.68 -44.48 27.28
CA ASN R 52 19.85 -45.44 26.54
C ASN R 52 20.69 -46.26 25.57
N THR R 53 21.63 -45.61 24.88
CA THR R 53 22.50 -46.34 23.96
C THR R 53 23.34 -47.37 24.71
N GLN R 54 23.86 -47.00 25.87
CA GLN R 54 24.62 -47.95 26.67
C GLN R 54 23.75 -49.13 27.09
N ARG R 55 22.52 -48.85 27.53
CA ARG R 55 21.62 -49.93 27.92
C ARG R 55 21.22 -50.79 26.72
N SER R 56 21.32 -50.25 25.51
CA SER R 56 20.97 -50.99 24.31
C SER R 56 21.90 -52.18 24.12
N SER R 93 11.02 -80.37 24.00
CA SER R 93 9.61 -80.29 24.36
C SER R 93 8.79 -79.84 23.15
N VAL R 94 7.77 -79.01 23.38
CA VAL R 94 6.86 -78.64 22.30
C VAL R 94 7.12 -77.21 21.84
N GLU R 95 7.51 -76.33 22.76
CA GLU R 95 7.66 -74.92 22.48
C GLU R 95 8.80 -74.62 21.53
N GLN R 96 9.68 -75.59 21.27
CA GLN R 96 10.73 -75.46 20.28
C GLN R 96 10.37 -76.08 18.95
N ASN R 97 9.74 -77.26 18.97
CA ASN R 97 9.28 -77.87 17.74
C ASN R 97 8.28 -76.97 17.03
N LEU R 98 7.46 -76.24 17.79
CA LEU R 98 6.50 -75.36 17.14
C LEU R 98 7.19 -74.24 16.36
N GLN R 99 8.22 -73.64 16.94
CA GLN R 99 8.97 -72.60 16.23
C GLN R 99 9.67 -73.17 15.00
N GLU R 100 10.27 -74.35 15.15
CA GLU R 100 10.90 -74.98 13.99
C GLU R 100 9.89 -75.23 12.88
N VAL R 101 8.69 -75.70 13.25
CA VAL R 101 7.66 -75.95 12.27
C VAL R 101 7.27 -74.66 11.56
N GLY R 102 7.09 -73.58 12.32
CA GLY R 102 6.74 -72.31 11.69
C GLY R 102 7.79 -71.85 10.68
N VAL R 103 9.06 -71.90 11.08
CA VAL R 103 10.12 -71.45 10.19
C VAL R 103 10.16 -72.31 8.94
N GLN R 104 10.11 -73.63 9.10
CA GLN R 104 10.17 -74.51 7.94
C GLN R 104 8.96 -74.34 7.04
N LEU R 105 7.78 -74.07 7.60
CA LEU R 105 6.60 -73.83 6.79
C LEU R 105 6.76 -72.58 5.95
N ALA R 106 7.29 -71.51 6.55
CA ALA R 106 7.53 -70.30 5.77
C ALA R 106 8.52 -70.58 4.64
N ALA R 107 9.59 -71.32 4.94
CA ALA R 107 10.56 -71.65 3.91
C ALA R 107 9.92 -72.46 2.78
N ALA R 108 9.07 -73.42 3.12
CA ALA R 108 8.44 -74.25 2.11
C ALA R 108 7.52 -73.43 1.22
N GLU R 109 6.74 -72.51 1.81
CA GLU R 109 5.90 -71.64 1.00
C GLU R 109 6.75 -70.82 0.04
N GLY R 110 7.84 -70.26 0.54
CA GLY R 110 8.74 -69.51 -0.34
C GLY R 110 9.28 -70.36 -1.46
N ASN R 111 9.61 -71.62 -1.16
CA ASN R 111 10.16 -72.51 -2.18
C ASN R 111 9.13 -72.82 -3.27
N LEU R 112 7.88 -73.09 -2.87
CA LEU R 112 6.83 -73.35 -3.86
C LEU R 112 6.60 -72.12 -4.74
N MET R 113 6.64 -70.94 -4.14
CA MET R 113 6.80 -69.74 -4.93
C MET R 113 8.20 -69.73 -5.55
N GLN R 114 8.32 -69.04 -6.68
CA GLN R 114 9.56 -69.01 -7.47
C GLN R 114 9.75 -70.34 -8.20
N ASN R 115 8.91 -71.33 -7.89
CA ASN R 115 8.88 -72.55 -8.69
C ASN R 115 7.60 -72.59 -9.53
N ALA R 116 6.50 -72.10 -8.97
CA ALA R 116 5.27 -72.01 -9.77
C ALA R 116 5.44 -71.11 -10.99
N GLU R 117 6.34 -70.13 -10.90
CA GLU R 117 6.46 -69.14 -11.96
C GLU R 117 6.90 -69.78 -13.28
N LEU R 118 7.86 -70.69 -13.23
CA LEU R 118 8.31 -71.35 -14.46
C LEU R 118 7.18 -72.13 -15.10
N THR R 119 6.40 -72.85 -14.27
CA THR R 119 5.26 -73.58 -14.81
C THR R 119 4.26 -72.65 -15.46
N GLU R 120 4.13 -71.43 -14.94
CA GLU R 120 3.16 -70.49 -15.52
C GLU R 120 3.42 -70.26 -17.01
N LEU R 121 4.67 -70.41 -17.46
CA LEU R 121 5.05 -70.11 -18.83
C LEU R 121 5.03 -71.33 -19.74
N SER R 122 4.38 -72.42 -19.32
CA SER R 122 4.47 -73.67 -20.06
C SER R 122 4.09 -73.51 -21.53
N LEU R 123 3.08 -72.69 -21.82
CA LEU R 123 2.60 -72.56 -23.19
C LEU R 123 3.63 -71.89 -24.10
N ASP R 124 4.64 -71.24 -23.55
CA ASP R 124 5.60 -70.46 -24.33
C ASP R 124 7.03 -70.97 -24.25
N SER R 125 7.43 -71.50 -23.11
CA SER R 125 8.86 -71.74 -22.88
C SER R 125 9.43 -72.75 -23.85
N SER R 126 8.71 -73.84 -24.11
CA SER R 126 9.15 -75.06 -24.77
C SER R 126 9.99 -75.91 -23.80
N VAL R 127 10.37 -75.38 -22.65
CA VAL R 127 10.78 -76.18 -21.50
C VAL R 127 9.54 -76.32 -20.63
N MET R 128 9.32 -77.52 -20.11
CA MET R 128 8.03 -78.05 -19.68
C MET R 128 7.27 -78.60 -20.89
N ASN R 129 7.78 -78.45 -22.10
CA ASN R 129 7.40 -79.24 -23.25
C ASN R 129 8.42 -80.33 -23.54
N THR R 130 9.69 -79.95 -23.65
CA THR R 130 10.75 -80.94 -23.71
C THR R 130 10.79 -81.80 -22.45
N VAL R 131 10.32 -81.29 -21.32
CA VAL R 131 10.25 -82.08 -20.10
C VAL R 131 9.03 -82.98 -20.11
N ASP R 132 7.89 -82.46 -20.58
CA ASP R 132 6.69 -83.28 -20.66
C ASP R 132 6.88 -84.46 -21.62
N GLN R 133 7.63 -84.24 -22.70
CA GLN R 133 7.93 -85.35 -23.60
C GLN R 133 8.62 -86.48 -22.86
N ALA R 134 9.67 -86.16 -22.08
CA ALA R 134 10.38 -87.18 -21.34
C ALA R 134 9.48 -87.83 -20.29
N ARG R 135 8.67 -87.03 -19.60
CA ARG R 135 7.76 -87.57 -18.60
C ARG R 135 6.83 -88.61 -19.23
N ASN R 136 6.19 -88.26 -20.34
CA ASN R 136 5.29 -89.20 -21.00
C ASN R 136 6.05 -90.42 -21.49
N SER R 137 7.24 -90.23 -22.06
CA SER R 137 8.00 -91.37 -22.58
C SER R 137 8.35 -92.35 -21.47
N ILE R 138 8.71 -91.84 -20.29
CA ILE R 138 9.10 -92.72 -19.19
C ILE R 138 7.91 -93.30 -18.45
N ARG R 139 6.74 -92.64 -18.47
CA ARG R 139 5.60 -93.11 -17.70
C ARG R 139 4.83 -94.22 -18.41
N GLU R 140 5.08 -94.45 -19.70
CA GLU R 140 4.33 -95.47 -20.43
C GLU R 140 4.78 -96.89 -20.10
N LEU R 141 5.86 -97.05 -19.36
CA LEU R 141 6.33 -98.39 -18.99
C LEU R 141 5.35 -99.06 -18.03
N THR R 147 -6.49 -91.47 -19.00
CA THR R 147 -7.18 -92.42 -18.15
C THR R 147 -8.42 -91.80 -17.54
N ASP R 148 -9.24 -92.62 -16.88
CA ASP R 148 -10.42 -92.14 -16.18
C ASP R 148 -10.03 -91.80 -14.76
N TRP R 149 -9.92 -90.50 -14.46
CA TRP R 149 -9.45 -90.09 -13.14
C TRP R 149 -10.44 -90.50 -12.05
N ALA R 150 -11.75 -90.36 -12.32
CA ALA R 150 -12.74 -90.69 -11.30
C ALA R 150 -12.60 -92.12 -10.83
N ALA R 151 -12.18 -93.03 -11.71
CA ALA R 151 -12.04 -94.43 -11.33
C ALA R 151 -10.94 -94.60 -10.28
N THR R 152 -9.83 -93.90 -10.44
CA THR R 152 -8.72 -94.04 -9.49
C THR R 152 -9.13 -93.59 -8.09
N GLY R 153 -9.82 -92.46 -8.01
CA GLY R 153 -10.21 -91.95 -6.71
C GLY R 153 -11.09 -92.92 -5.95
N SER R 154 -12.06 -93.53 -6.63
CA SER R 154 -12.91 -94.52 -5.97
C SER R 154 -12.09 -95.72 -5.52
N ALA R 155 -11.16 -96.18 -6.36
CA ALA R 155 -10.36 -97.34 -6.00
C ALA R 155 -9.55 -97.07 -4.74
N VAL R 156 -8.96 -95.89 -4.62
CA VAL R 156 -8.20 -95.58 -3.41
C VAL R 156 -9.13 -95.42 -2.22
N GLY R 157 -10.25 -94.71 -2.40
CA GLY R 157 -11.14 -94.47 -1.29
C GLY R 157 -11.72 -95.73 -0.70
N GLN R 158 -11.98 -96.73 -1.54
CA GLN R 158 -12.62 -97.95 -1.06
C GLN R 158 -11.81 -98.66 0.01
N ILE R 159 -10.51 -98.39 0.11
CA ILE R 159 -9.67 -99.04 1.11
C ILE R 159 -8.79 -98.02 1.83
N GLY R 160 -9.13 -96.74 1.68
CA GLY R 160 -8.37 -95.67 2.32
C GLY R 160 -7.90 -95.92 3.74
N THR R 161 -8.81 -96.14 4.68
CA THR R 161 -8.48 -96.16 6.11
C THR R 161 -8.13 -97.55 6.62
N SER R 162 -7.64 -98.43 5.75
CA SER R 162 -7.21 -99.76 6.19
C SER R 162 -5.96 -100.24 5.46
N MET R 163 -5.21 -99.35 4.83
CA MET R 163 -4.07 -99.78 4.01
C MET R 163 -3.02 -100.47 4.86
N VAL R 164 -2.60 -99.84 5.97
CA VAL R 164 -1.56 -100.43 6.80
C VAL R 164 -2.06 -101.70 7.45
N ALA R 165 -3.33 -101.74 7.86
CA ALA R 165 -3.88 -102.95 8.46
C ALA R 165 -3.85 -104.11 7.48
N ASN R 166 -4.21 -103.85 6.22
CA ASN R 166 -4.20 -104.91 5.21
C ASN R 166 -2.78 -105.33 4.86
N LYS R 167 -1.85 -104.38 4.82
CA LYS R 167 -0.49 -104.71 4.40
C LYS R 167 0.17 -105.68 5.37
N LEU R 168 0.02 -105.47 6.66
CA LEU R 168 0.63 -106.34 7.66
C LEU R 168 -0.11 -107.67 7.77
N MET S 1 -22.71 -54.86 -6.46
CA MET S 1 -23.16 -55.58 -5.23
C MET S 1 -22.42 -55.04 -4.01
N ILE S 2 -23.18 -54.68 -2.98
CA ILE S 2 -22.60 -54.05 -1.80
C ILE S 2 -21.68 -55.01 -1.08
N TRP S 3 -22.00 -56.30 -1.06
CA TRP S 3 -21.28 -57.25 -0.23
C TRP S 3 -19.91 -57.63 -0.79
N MET S 4 -19.57 -57.19 -1.99
CA MET S 4 -18.23 -57.48 -2.52
C MET S 4 -17.16 -56.60 -1.89
N PHE S 5 -17.54 -55.41 -1.42
CA PHE S 5 -16.58 -54.43 -0.93
C PHE S 5 -16.44 -54.43 0.59
N ALA S 6 -16.96 -55.46 1.26
CA ALA S 6 -16.91 -55.48 2.72
C ALA S 6 -15.47 -55.50 3.23
N ALA S 7 -14.62 -56.36 2.65
CA ALA S 7 -13.24 -56.44 3.11
C ALA S 7 -12.49 -55.14 2.84
N ALA S 8 -12.69 -54.55 1.66
CA ALA S 8 -12.04 -53.29 1.35
C ALA S 8 -12.45 -52.20 2.32
N ALA S 9 -13.74 -52.12 2.63
CA ALA S 9 -14.20 -51.12 3.59
C ALA S 9 -13.59 -51.37 4.96
N ALA S 10 -13.55 -52.62 5.40
CA ALA S 10 -12.99 -52.93 6.71
C ALA S 10 -11.53 -52.52 6.79
N GLN S 11 -10.77 -52.77 5.71
CA GLN S 11 -9.37 -52.35 5.70
C GLN S 11 -9.24 -50.83 5.65
N MET S 12 -10.16 -50.15 4.97
CA MET S 12 -10.07 -48.69 4.87
C MET S 12 -10.47 -47.99 6.15
N ILE S 13 -11.26 -48.63 7.02
CA ILE S 13 -11.62 -47.99 8.29
C ILE S 13 -10.36 -47.63 9.07
N GLN S 14 -9.38 -48.52 9.11
CA GLN S 14 -8.22 -48.32 9.97
C GLN S 14 -7.41 -47.09 9.55
N GLY S 15 -7.39 -46.79 8.25
CA GLY S 15 -6.61 -45.64 7.79
C GLY S 15 -7.13 -44.33 8.33
N GLY S 16 -8.46 -44.17 8.36
CA GLY S 16 -9.02 -42.91 8.80
C GLY S 16 -8.76 -42.62 10.27
N LEU S 17 -8.86 -43.64 11.12
CA LEU S 17 -8.72 -43.41 12.56
C LEU S 17 -7.33 -42.89 12.91
N GLN S 18 -6.28 -43.57 12.46
CA GLN S 18 -4.94 -43.14 12.83
C GLN S 18 -4.53 -41.86 12.12
N TYR S 19 -5.17 -41.51 11.02
CA TYR S 19 -4.92 -40.21 10.40
C TYR S 19 -5.35 -39.08 11.31
N ALA S 20 -6.51 -39.23 11.96
CA ALA S 20 -6.97 -38.23 12.91
C ALA S 20 -6.22 -38.30 14.23
N GLN S 21 -5.82 -39.50 14.65
CA GLN S 21 -5.18 -39.65 15.95
C GLN S 21 -3.75 -39.13 15.94
N ASP S 22 -3.06 -39.26 14.81
CA ASP S 22 -1.71 -38.71 14.71
C ASP S 22 -1.73 -37.19 14.81
N ALA S 23 -2.72 -36.54 14.19
CA ALA S 23 -2.81 -35.09 14.27
C ALA S 23 -3.00 -34.62 15.70
N LYS S 24 -3.83 -35.33 16.47
CA LYS S 24 -4.08 -34.93 17.85
C LYS S 24 -2.80 -34.95 18.67
N ASN S 25 -1.90 -35.89 18.40
CA ASN S 25 -0.67 -35.97 19.18
C ASN S 25 0.15 -34.70 19.07
N GLN S 26 0.28 -34.17 17.85
CA GLN S 26 1.14 -33.01 17.65
C GLN S 26 0.61 -31.78 18.38
N ARG S 27 -0.71 -31.58 18.39
CA ARG S 27 -1.28 -30.43 19.08
C ARG S 27 -0.98 -30.46 20.56
N ARG S 28 -0.73 -31.64 21.14
CA ARG S 28 -0.49 -31.78 22.57
C ARG S 28 0.98 -31.66 22.94
N GLN S 29 1.80 -31.06 22.07
CA GLN S 29 3.20 -30.85 22.39
C GLN S 29 3.82 -29.82 21.45
N LYS S 31 9.41 -30.00 22.53
CA LYS S 31 9.57 -30.39 21.13
C LYS S 31 11.04 -30.39 20.73
N ALA S 32 11.81 -29.51 21.37
CA ALA S 32 13.24 -29.41 21.05
C ALA S 32 13.97 -30.71 21.38
N ASP S 33 13.63 -31.32 22.52
CA ASP S 33 14.29 -32.55 22.92
C ASP S 33 14.17 -33.64 21.85
N GLN S 34 13.03 -33.67 21.16
CA GLN S 34 12.84 -34.70 20.12
C GLN S 34 13.86 -34.52 18.99
N LYS S 35 14.12 -33.28 18.60
CA LYS S 35 15.06 -33.04 17.50
C LYS S 35 16.44 -33.58 17.80
N TYR S 36 16.88 -33.45 19.06
CA TYR S 36 18.23 -33.90 19.41
C TYR S 36 18.40 -35.38 19.18
N ASN S 37 17.38 -36.18 19.51
CA ASN S 37 17.49 -37.63 19.36
C ASN S 37 17.74 -38.02 17.90
N GLU S 38 17.06 -37.35 16.97
CA GLU S 38 17.24 -37.67 15.56
C GLU S 38 18.68 -37.44 15.12
N ALA S 39 19.29 -36.35 15.59
CA ALA S 39 20.68 -36.08 15.25
C ALA S 39 21.59 -37.19 15.77
N VAL S 40 21.34 -37.67 16.99
CA VAL S 40 22.13 -38.77 17.53
C VAL S 40 21.95 -40.02 16.67
N ARG S 41 20.80 -40.14 15.99
CA ARG S 41 20.57 -41.30 15.14
C ARG S 41 21.62 -41.40 14.04
N SER S 42 22.28 -40.29 13.70
CA SER S 42 23.34 -40.34 12.71
C SER S 42 24.46 -41.28 13.14
N ALA S 43 24.61 -41.51 14.45
CA ALA S 43 25.61 -42.46 14.92
C ALA S 43 25.31 -43.87 14.39
N SER S 44 24.03 -44.25 14.38
CA SER S 44 23.66 -45.54 13.81
C SER S 44 24.05 -45.63 12.34
N ALA S 45 23.82 -44.55 11.58
CA ALA S 45 24.27 -44.53 10.20
C ALA S 45 25.79 -44.67 10.12
N ARG S 46 26.51 -44.00 11.02
CA ARG S 46 27.95 -44.18 11.08
C ARG S 46 28.31 -45.62 11.45
N GLN S 47 27.59 -46.20 12.42
CA GLN S 47 27.84 -47.59 12.79
C GLN S 47 27.53 -48.51 11.62
N ILE S 48 26.40 -48.30 10.94
CA ILE S 48 26.13 -49.03 9.72
C ILE S 48 27.08 -48.64 8.61
N THR S 49 27.73 -47.48 8.73
CA THR S 49 28.71 -47.05 7.74
C THR S 49 30.03 -47.82 7.86
N GLU S 50 30.27 -48.47 8.99
CA GLU S 50 31.48 -49.27 9.14
C GLU S 50 31.48 -50.44 8.16
N ILE S 51 30.39 -51.22 8.15
CA ILE S 51 30.25 -52.28 7.15
C ILE S 51 30.13 -51.68 5.75
N ASN S 52 29.38 -50.58 5.62
CA ASN S 52 29.23 -49.93 4.31
C ASN S 52 30.57 -49.38 3.82
N THR S 53 31.34 -48.75 4.72
CA THR S 53 32.65 -48.23 4.31
C THR S 53 33.57 -49.37 3.90
N GLN S 54 33.52 -50.49 4.62
CA GLN S 54 34.34 -51.64 4.24
C GLN S 54 34.01 -52.12 2.84
N ARG S 55 32.76 -51.94 2.41
CA ARG S 55 32.34 -52.34 1.07
C ARG S 55 32.72 -51.27 0.05
N SER S 93 30.55 -77.56 -12.92
CA SER S 93 31.56 -76.64 -13.44
C SER S 93 31.11 -76.03 -14.75
N VAL S 94 29.90 -75.47 -14.76
CA VAL S 94 29.36 -74.84 -15.96
C VAL S 94 29.20 -73.34 -15.76
N GLU S 95 28.85 -72.93 -14.54
CA GLU S 95 28.60 -71.51 -14.30
C GLU S 95 29.86 -70.67 -14.50
N GLN S 96 31.01 -71.17 -14.04
CA GLN S 96 32.26 -70.47 -14.26
C GLN S 96 32.52 -70.26 -15.74
N ASN S 97 32.33 -71.31 -16.54
CA ASN S 97 32.52 -71.19 -17.98
C ASN S 97 31.57 -70.18 -18.57
N LEU S 98 30.32 -70.14 -18.09
CA LEU S 98 29.36 -69.19 -18.64
C LEU S 98 29.77 -67.75 -18.33
N GLN S 99 30.23 -67.48 -17.10
CA GLN S 99 30.70 -66.13 -16.79
C GLN S 99 31.90 -65.75 -17.65
N GLU S 100 32.84 -66.67 -17.80
CA GLU S 100 34.00 -66.39 -18.65
C GLU S 100 33.57 -66.11 -20.07
N VAL S 101 32.62 -66.88 -20.59
CA VAL S 101 32.13 -66.67 -21.95
C VAL S 101 31.53 -65.28 -22.08
N GLY S 102 30.72 -64.86 -21.11
CA GLY S 102 30.15 -63.53 -21.16
C GLY S 102 31.23 -62.45 -21.21
N VAL S 103 32.23 -62.57 -20.34
CA VAL S 103 33.28 -61.55 -20.29
C VAL S 103 34.02 -61.47 -21.61
N GLN S 104 34.46 -62.62 -22.14
CA GLN S 104 35.20 -62.59 -23.40
C GLN S 104 34.33 -62.12 -24.55
N LEU S 105 33.04 -62.44 -24.54
CA LEU S 105 32.16 -61.94 -25.60
C LEU S 105 32.08 -60.43 -25.58
N ALA S 106 31.94 -59.84 -24.38
CA ALA S 106 31.93 -58.38 -24.29
C ALA S 106 33.24 -57.80 -24.80
N ALA S 107 34.36 -58.41 -24.43
CA ALA S 107 35.66 -57.91 -24.87
C ALA S 107 35.78 -57.96 -26.40
N ALA S 108 35.34 -59.07 -27.00
CA ALA S 108 35.43 -59.20 -28.45
C ALA S 108 34.54 -58.17 -29.16
N GLU S 109 33.34 -57.95 -28.64
CA GLU S 109 32.48 -56.92 -29.20
C GLU S 109 33.18 -55.57 -29.16
N GLY S 110 33.78 -55.24 -28.02
CA GLY S 110 34.50 -53.97 -27.93
C GLY S 110 35.63 -53.86 -28.94
N ASN S 111 36.41 -54.94 -29.08
CA ASN S 111 37.54 -54.92 -30.00
C ASN S 111 37.07 -54.69 -31.44
N LEU S 112 36.02 -55.41 -31.85
CA LEU S 112 35.52 -55.25 -33.21
C LEU S 112 34.99 -53.84 -33.44
N MET S 113 34.26 -53.31 -32.45
CA MET S 113 33.73 -51.95 -32.58
C MET S 113 34.85 -50.95 -32.73
N GLN S 114 35.93 -51.12 -31.96
CA GLN S 114 37.05 -50.19 -32.05
C GLN S 114 37.79 -50.33 -33.38
N ASN S 115 37.86 -51.54 -33.94
CA ASN S 115 38.55 -51.76 -35.19
C ASN S 115 37.78 -51.25 -36.41
N ALA S 116 36.44 -51.25 -36.35
CA ALA S 116 35.66 -50.89 -37.53
C ALA S 116 35.89 -49.44 -37.96
N GLU S 117 36.47 -48.61 -37.09
CA GLU S 117 36.58 -47.19 -37.37
C GLU S 117 37.43 -46.89 -38.60
N LEU S 118 38.52 -47.63 -38.81
CA LEU S 118 39.37 -47.41 -39.97
C LEU S 118 38.75 -47.92 -41.26
N THR S 119 38.12 -49.10 -41.23
CA THR S 119 37.37 -49.55 -42.39
C THR S 119 36.27 -48.58 -42.77
N GLU S 120 35.74 -47.82 -41.80
CA GLU S 120 34.73 -46.84 -42.13
C GLU S 120 35.29 -45.75 -43.05
N LEU S 121 36.52 -45.30 -42.78
CA LEU S 121 37.17 -44.25 -43.57
C LEU S 121 38.00 -44.81 -44.73
N SER S 122 38.04 -46.13 -44.89
CA SER S 122 38.81 -46.73 -45.98
C SER S 122 38.61 -46.02 -47.31
N LEU S 123 37.46 -45.42 -47.57
CA LEU S 123 37.19 -44.82 -48.88
C LEU S 123 38.03 -43.58 -49.15
N ASP S 124 38.62 -42.97 -48.14
CA ASP S 124 39.49 -41.82 -48.35
C ASP S 124 40.81 -41.88 -47.59
N SER S 125 41.01 -42.86 -46.70
CA SER S 125 42.29 -43.01 -46.01
C SER S 125 43.35 -43.48 -47.00
N SER S 126 44.56 -42.94 -46.89
CA SER S 126 45.63 -43.34 -47.79
C SER S 126 46.20 -44.71 -47.44
N VAL S 127 46.15 -45.11 -46.17
CA VAL S 127 46.75 -46.37 -45.75
C VAL S 127 46.02 -47.54 -46.41
N MET S 128 44.72 -47.42 -46.59
CA MET S 128 43.92 -48.49 -47.17
C MET S 128 44.14 -48.62 -48.67
N ASN S 129 44.98 -47.79 -49.28
CA ASN S 129 45.43 -48.01 -50.63
C ASN S 129 46.70 -48.86 -50.69
N THR S 130 47.59 -48.75 -49.71
CA THR S 130 48.69 -49.70 -49.56
C THR S 130 48.18 -51.07 -49.14
N VAL S 131 47.31 -51.09 -48.12
CA VAL S 131 46.52 -52.28 -47.87
C VAL S 131 45.49 -52.39 -48.99
N ASP S 132 45.04 -53.62 -49.25
CA ASP S 132 44.15 -53.93 -50.37
C ASP S 132 44.89 -53.86 -51.70
N GLN S 133 46.14 -53.36 -51.67
CA GLN S 133 47.06 -53.57 -52.77
C GLN S 133 48.04 -54.69 -52.41
N ALA S 134 48.53 -54.68 -51.17
CA ALA S 134 49.36 -55.79 -50.71
C ALA S 134 48.56 -57.09 -50.75
N ARG S 135 47.29 -57.06 -50.33
CA ARG S 135 46.47 -58.26 -50.36
C ARG S 135 46.36 -58.82 -51.78
N ASN S 136 46.07 -57.96 -52.75
CA ASN S 136 45.94 -58.42 -54.13
C ASN S 136 47.27 -58.93 -54.67
N SER S 137 48.37 -58.26 -54.35
CA SER S 137 49.67 -58.72 -54.80
C SER S 137 50.05 -60.06 -54.16
N ILE S 138 49.50 -60.37 -53.00
CA ILE S 138 49.80 -61.61 -52.31
C ILE S 138 48.69 -62.66 -52.54
N ARG S 139 47.91 -62.50 -53.61
CA ARG S 139 46.83 -63.42 -53.94
C ARG S 139 46.82 -63.71 -55.43
N GLU S 140 47.98 -63.98 -56.01
CA GLU S 140 48.10 -64.28 -57.43
C GLU S 140 47.14 -65.39 -57.84
N GLY S 146 37.19 -62.10 -62.76
CA GLY S 146 35.77 -62.37 -62.81
C GLY S 146 35.34 -63.54 -61.94
N THR S 147 35.51 -63.36 -60.63
CA THR S 147 35.17 -64.41 -59.67
C THR S 147 33.67 -64.37 -59.41
N ASP S 148 32.99 -65.49 -59.63
CA ASP S 148 31.56 -65.60 -59.35
C ASP S 148 31.38 -66.10 -57.93
N TRP S 149 30.94 -65.21 -57.03
CA TRP S 149 30.77 -65.60 -55.63
C TRP S 149 29.72 -66.68 -55.49
N ALA S 150 28.63 -66.59 -56.25
CA ALA S 150 27.57 -67.59 -56.14
C ALA S 150 28.10 -68.98 -56.43
N ALA S 151 28.99 -69.10 -57.42
CA ALA S 151 29.57 -70.40 -57.74
C ALA S 151 30.40 -70.93 -56.57
N THR S 152 31.13 -70.05 -55.89
CA THR S 152 31.97 -70.50 -54.78
C THR S 152 31.13 -71.10 -53.65
N GLY S 153 30.01 -70.47 -53.32
CA GLY S 153 29.21 -70.96 -52.21
C GLY S 153 28.64 -72.34 -52.45
N SER S 154 28.21 -72.60 -53.69
CA SER S 154 27.57 -73.88 -54.00
C SER S 154 28.53 -75.04 -53.79
N ALA S 155 29.82 -74.82 -54.10
CA ALA S 155 30.80 -75.89 -53.93
C ALA S 155 30.89 -76.34 -52.48
N VAL S 156 30.94 -75.39 -51.55
CA VAL S 156 30.98 -75.75 -50.14
C VAL S 156 29.64 -76.33 -49.69
N GLY S 157 28.54 -75.77 -50.20
CA GLY S 157 27.24 -76.27 -49.80
C GLY S 157 27.03 -77.72 -50.17
N GLN S 158 27.44 -78.11 -51.38
CA GLN S 158 27.22 -79.48 -51.83
C GLN S 158 27.93 -80.47 -50.92
N ILE S 159 29.17 -80.17 -50.53
CA ILE S 159 29.86 -81.03 -49.56
C ILE S 159 29.11 -81.02 -48.24
N GLY S 160 28.67 -79.84 -47.80
CA GLY S 160 27.78 -79.76 -46.66
C GLY S 160 28.41 -80.31 -45.38
N THR S 161 27.68 -81.18 -44.71
CA THR S 161 28.03 -81.63 -43.36
C THR S 161 28.87 -82.89 -43.32
N SER S 162 29.29 -83.41 -44.47
CA SER S 162 30.14 -84.60 -44.53
C SER S 162 31.61 -84.24 -44.73
N MET S 163 31.99 -83.00 -44.40
CA MET S 163 33.36 -82.55 -44.65
C MET S 163 34.37 -83.46 -43.95
N VAL S 164 34.28 -83.54 -42.62
CA VAL S 164 35.25 -84.33 -41.86
C VAL S 164 35.17 -85.80 -42.26
N ALA S 165 33.97 -86.30 -42.55
CA ALA S 165 33.82 -87.71 -42.91
C ALA S 165 34.57 -88.03 -44.20
N ASN S 166 34.51 -87.12 -45.19
CA ASN S 166 35.14 -87.36 -46.48
C ASN S 166 36.65 -87.12 -46.47
N LYS S 167 37.24 -86.78 -45.33
CA LYS S 167 38.68 -86.58 -45.24
C LYS S 167 39.26 -87.25 -44.01
N LEU S 168 38.71 -88.39 -43.61
CA LEU S 168 39.21 -89.11 -42.45
C LEU S 168 38.85 -90.59 -42.53
N MET T 1 3.78 -43.60 -41.56
CA MET T 1 3.21 -44.86 -41.01
C MET T 1 3.01 -44.75 -39.50
N ILE T 2 2.10 -45.55 -38.97
CA ILE T 2 1.83 -45.54 -37.54
C ILE T 2 2.60 -46.62 -36.80
N TRP T 3 3.02 -47.67 -37.50
CA TRP T 3 3.62 -48.82 -36.85
C TRP T 3 5.14 -48.73 -36.73
N MET T 4 5.76 -47.68 -37.23
CA MET T 4 7.20 -47.51 -37.07
C MET T 4 7.58 -46.66 -35.87
N PHE T 5 6.60 -46.16 -35.12
CA PHE T 5 6.85 -45.44 -33.89
C PHE T 5 6.53 -46.28 -32.66
N ALA T 6 6.24 -47.56 -32.83
CA ALA T 6 5.83 -48.40 -31.71
C ALA T 6 6.94 -48.54 -30.69
N ALA T 7 8.18 -48.76 -31.14
CA ALA T 7 9.29 -48.91 -30.21
C ALA T 7 9.52 -47.62 -29.42
N ALA T 8 9.48 -46.47 -30.11
CA ALA T 8 9.67 -45.21 -29.42
C ALA T 8 8.56 -44.97 -28.39
N ALA T 9 7.32 -45.27 -28.76
CA ALA T 9 6.23 -45.09 -27.81
C ALA T 9 6.40 -46.00 -26.61
N ALA T 10 6.77 -47.26 -26.84
CA ALA T 10 6.93 -48.20 -25.73
C ALA T 10 8.04 -47.75 -24.79
N GLN T 11 9.14 -47.23 -25.35
CA GLN T 11 10.22 -46.75 -24.51
C GLN T 11 9.83 -45.48 -23.76
N MET T 12 8.98 -44.64 -24.37
CA MET T 12 8.58 -43.39 -23.74
C MET T 12 7.50 -43.58 -22.67
N ILE T 13 6.79 -44.70 -22.69
CA ILE T 13 5.80 -44.95 -21.63
C ILE T 13 6.47 -44.91 -20.26
N GLN T 14 7.65 -45.50 -20.14
CA GLN T 14 8.29 -45.63 -18.83
C GLN T 14 8.70 -44.29 -18.24
N GLY T 15 8.90 -43.26 -19.08
CA GLY T 15 9.28 -41.97 -18.54
C GLY T 15 8.17 -41.33 -17.73
N GLY T 16 6.93 -41.41 -18.21
CA GLY T 16 5.84 -40.76 -17.50
C GLY T 16 5.58 -41.37 -16.14
N LEU T 17 5.64 -42.70 -16.04
CA LEU T 17 5.32 -43.37 -14.78
C LEU T 17 6.30 -42.96 -13.68
N GLN T 18 7.60 -42.92 -14.00
CA GLN T 18 8.58 -42.51 -13.00
C GLN T 18 8.34 -41.08 -12.54
N TYR T 19 8.00 -40.19 -13.47
CA TYR T 19 7.78 -38.79 -13.12
C TYR T 19 6.68 -38.65 -12.07
N ALA T 20 5.68 -39.53 -12.11
CA ALA T 20 4.60 -39.46 -11.13
C ALA T 20 5.04 -40.02 -9.78
N GLN T 21 5.87 -41.06 -9.79
CA GLN T 21 6.28 -41.69 -8.53
C GLN T 21 7.09 -40.75 -7.65
N ASP T 22 7.94 -39.92 -8.24
CA ASP T 22 8.76 -39.00 -7.45
C ASP T 22 7.89 -38.01 -6.70
N ALA T 23 6.82 -37.53 -7.32
CA ALA T 23 5.93 -36.59 -6.63
C ALA T 23 5.36 -37.22 -5.36
N LYS T 24 4.86 -38.45 -5.47
CA LYS T 24 4.33 -39.14 -4.29
C LYS T 24 5.42 -39.38 -3.25
N ASN T 25 6.60 -39.79 -3.69
CA ASN T 25 7.68 -40.07 -2.76
C ASN T 25 8.06 -38.82 -1.95
N GLN T 26 8.13 -37.67 -2.61
CA GLN T 26 8.43 -36.44 -1.91
C GLN T 26 7.27 -35.94 -1.06
N ARG T 27 6.03 -36.18 -1.51
CA ARG T 27 4.86 -35.71 -0.74
C ARG T 27 4.65 -36.52 0.53
N ARG T 28 4.96 -37.82 0.53
CA ARG T 28 4.79 -38.63 1.72
C ARG T 28 5.70 -38.22 2.87
N GLN T 29 6.72 -37.41 2.63
CA GLN T 29 7.58 -36.93 3.71
C GLN T 29 6.78 -36.04 4.67
N ALA T 32 8.87 -34.70 9.10
CA ALA T 32 10.07 -33.93 8.77
C ALA T 32 11.30 -34.83 8.76
N ASP T 33 11.21 -35.94 8.03
CA ASP T 33 12.34 -36.86 7.90
C ASP T 33 13.46 -36.29 7.05
N GLN T 34 13.24 -35.17 6.36
CA GLN T 34 14.30 -34.57 5.56
C GLN T 34 15.51 -34.22 6.41
N LYS T 35 15.29 -33.85 7.68
CA LYS T 35 16.41 -33.52 8.55
C LYS T 35 17.33 -34.72 8.71
N TYR T 36 16.77 -35.90 8.99
CA TYR T 36 17.57 -37.11 9.08
C TYR T 36 18.18 -37.47 7.73
N ASN T 37 17.42 -37.29 6.65
CA ASN T 37 17.90 -37.68 5.34
C ASN T 37 19.13 -36.88 4.93
N GLU T 38 19.13 -35.57 5.20
CA GLU T 38 20.22 -34.72 4.76
C GLU T 38 21.54 -35.12 5.41
N ALA T 39 21.52 -35.47 6.70
CA ALA T 39 22.76 -35.76 7.40
C ALA T 39 23.49 -36.94 6.78
N VAL T 40 22.76 -37.92 6.27
CA VAL T 40 23.40 -39.09 5.66
C VAL T 40 24.29 -38.67 4.51
N ARG T 41 23.76 -37.86 3.59
CA ARG T 41 24.57 -37.38 2.47
C ARG T 41 25.67 -36.44 2.96
N SER T 42 25.35 -35.57 3.92
CA SER T 42 26.35 -34.62 4.41
C SER T 42 27.55 -35.35 4.98
N ALA T 43 27.35 -36.52 5.59
CA ALA T 43 28.46 -37.29 6.14
C ALA T 43 29.13 -38.13 5.07
N SER T 44 28.34 -38.75 4.18
CA SER T 44 28.91 -39.63 3.16
C SER T 44 29.78 -38.85 2.19
N ALA T 45 29.47 -37.58 1.94
CA ALA T 45 30.27 -36.80 1.00
C ALA T 45 31.71 -36.68 1.47
N ARG T 46 31.90 -36.40 2.76
CA ARG T 46 33.26 -36.25 3.28
C ARG T 46 34.05 -37.56 3.16
N GLN T 47 33.41 -38.68 3.50
CA GLN T 47 34.10 -39.96 3.41
C GLN T 47 34.45 -40.30 1.97
N ILE T 48 33.53 -40.02 1.04
CA ILE T 48 33.80 -40.29 -0.37
C ILE T 48 34.95 -39.43 -0.86
N THR T 49 34.96 -38.15 -0.47
CA THR T 49 36.05 -37.27 -0.87
C THR T 49 37.39 -37.75 -0.30
N GLU T 50 37.39 -38.20 0.95
CA GLU T 50 38.62 -38.72 1.55
C GLU T 50 39.10 -39.97 0.81
N ILE T 51 38.18 -40.86 0.46
CA ILE T 51 38.56 -42.07 -0.26
C ILE T 51 39.15 -41.71 -1.62
N ASN T 52 38.51 -40.77 -2.32
CA ASN T 52 39.02 -40.34 -3.62
C ASN T 52 40.40 -39.71 -3.48
N THR T 53 40.61 -38.89 -2.46
CA THR T 53 41.91 -38.28 -2.24
C THR T 53 42.97 -39.35 -1.97
N GLN T 54 42.63 -40.35 -1.18
CA GLN T 54 43.56 -41.45 -0.93
C GLN T 54 43.90 -42.19 -2.22
N ARG T 55 42.88 -42.46 -3.04
CA ARG T 55 43.13 -43.13 -4.32
C ARG T 55 43.94 -42.26 -5.27
N SER T 56 43.91 -40.94 -5.07
CA SER T 56 44.65 -40.02 -5.92
C SER T 56 46.15 -40.26 -5.80
N SER T 93 62.50 -48.61 -29.80
CA SER T 93 61.56 -48.87 -30.89
C SER T 93 61.11 -47.55 -31.51
N VAL T 94 59.83 -47.47 -31.89
CA VAL T 94 59.35 -46.29 -32.62
C VAL T 94 58.50 -45.41 -31.70
N GLU T 95 57.76 -46.02 -30.78
CA GLU T 95 56.80 -45.31 -29.95
C GLU T 95 57.46 -44.36 -28.96
N GLN T 96 58.78 -44.46 -28.79
CA GLN T 96 59.53 -43.53 -27.97
C GLN T 96 60.21 -42.44 -28.79
N ASN T 97 60.79 -42.81 -29.93
CA ASN T 97 61.37 -41.81 -30.82
C ASN T 97 60.32 -40.82 -31.28
N LEU T 98 59.08 -41.27 -31.47
CA LEU T 98 58.05 -40.34 -31.91
C LEU T 98 57.77 -39.28 -30.85
N GLN T 99 57.69 -39.67 -29.58
CA GLN T 99 57.48 -38.70 -28.51
C GLN T 99 58.66 -37.75 -28.39
N GLU T 100 59.88 -38.29 -28.50
CA GLU T 100 61.05 -37.42 -28.45
C GLU T 100 61.01 -36.40 -29.59
N VAL T 101 60.63 -36.85 -30.79
CA VAL T 101 60.54 -35.96 -31.93
C VAL T 101 59.52 -34.86 -31.68
N GLY T 102 58.36 -35.23 -31.15
CA GLY T 102 57.34 -34.22 -30.86
C GLY T 102 57.84 -33.17 -29.88
N VAL T 103 58.45 -33.61 -28.78
CA VAL T 103 58.93 -32.67 -27.77
C VAL T 103 59.99 -31.75 -28.37
N GLN T 104 60.96 -32.32 -29.09
CA GLN T 104 62.01 -31.50 -29.67
C GLN T 104 61.48 -30.55 -30.71
N LEU T 105 60.47 -30.95 -31.49
CA LEU T 105 59.87 -30.05 -32.46
C LEU T 105 59.21 -28.86 -31.78
N ALA T 106 58.47 -29.12 -30.69
CA ALA T 106 57.88 -28.00 -29.96
C ALA T 106 58.96 -27.06 -29.44
N ALA T 107 60.04 -27.63 -28.89
CA ALA T 107 61.13 -26.79 -28.39
C ALA T 107 61.74 -25.95 -29.51
N ALA T 108 61.94 -26.55 -30.68
CA ALA T 108 62.54 -25.82 -31.80
C ALA T 108 61.64 -24.69 -32.26
N GLU T 109 60.33 -24.92 -32.34
CA GLU T 109 59.42 -23.84 -32.70
C GLU T 109 59.50 -22.71 -31.69
N GLY T 110 59.52 -23.05 -30.41
CA GLY T 110 59.66 -22.02 -29.39
C GLY T 110 60.95 -21.24 -29.54
N ASN T 111 62.04 -21.94 -29.88
CA ASN T 111 63.34 -21.28 -30.04
C ASN T 111 63.33 -20.30 -31.21
N LEU T 112 62.75 -20.71 -32.34
CA LEU T 112 62.66 -19.82 -33.50
C LEU T 112 61.83 -18.58 -33.17
N MET T 113 60.74 -18.78 -32.43
CA MET T 113 60.11 -17.66 -31.76
C MET T 113 61.04 -17.12 -30.68
N GLN T 114 60.88 -15.84 -30.37
CA GLN T 114 61.76 -15.14 -29.43
C GLN T 114 63.12 -14.86 -30.08
N ASN T 115 63.36 -15.44 -31.26
CA ASN T 115 64.53 -15.06 -32.04
C ASN T 115 64.11 -14.23 -33.24
N ALA T 116 62.96 -14.56 -33.83
CA ALA T 116 62.46 -13.73 -34.93
C ALA T 116 62.19 -12.29 -34.48
N GLU T 117 61.87 -12.10 -33.20
CA GLU T 117 61.47 -10.79 -32.72
C GLU T 117 62.58 -9.76 -32.88
N LEU T 118 63.81 -10.13 -32.54
CA LEU T 118 64.93 -9.20 -32.69
C LEU T 118 65.11 -8.79 -34.13
N THR T 119 65.02 -9.77 -35.05
CA THR T 119 65.13 -9.45 -36.47
C THR T 119 64.03 -8.50 -36.90
N GLU T 120 62.85 -8.59 -36.30
CA GLU T 120 61.75 -7.71 -36.70
C GLU T 120 62.14 -6.23 -36.56
N LEU T 121 63.07 -5.91 -35.66
CA LEU T 121 63.43 -4.53 -35.37
C LEU T 121 64.65 -4.04 -36.16
N SER T 122 65.03 -4.77 -37.22
CA SER T 122 66.28 -4.47 -37.92
C SER T 122 66.36 -3.01 -38.35
N LEU T 123 65.25 -2.44 -38.81
CA LEU T 123 65.28 -1.07 -39.33
C LEU T 123 65.58 -0.04 -38.24
N ASP T 124 65.46 -0.40 -36.97
CA ASP T 124 65.58 0.56 -35.87
C ASP T 124 66.74 0.26 -34.93
N SER T 125 67.05 -1.01 -34.71
CA SER T 125 67.95 -1.37 -33.61
C SER T 125 69.34 -0.79 -33.80
N SER T 126 69.88 -0.85 -35.01
CA SER T 126 71.27 -0.64 -35.38
C SER T 126 72.12 -1.85 -34.99
N VAL T 127 71.58 -2.80 -34.23
CA VAL T 127 72.10 -4.16 -34.15
C VAL T 127 71.29 -4.97 -35.14
N MET T 128 71.96 -5.83 -35.89
CA MET T 128 71.56 -6.36 -37.19
C MET T 128 71.92 -5.36 -38.28
N ASN T 129 72.43 -4.17 -37.93
CA ASN T 129 73.18 -3.32 -38.85
C ASN T 129 74.68 -3.43 -38.60
N THR T 130 75.10 -3.26 -37.35
CA THR T 130 76.47 -3.56 -36.99
C THR T 130 76.81 -5.03 -37.24
N VAL T 131 75.83 -5.92 -37.20
CA VAL T 131 76.06 -7.32 -37.51
C VAL T 131 76.11 -7.55 -39.01
N ASP T 132 75.21 -6.89 -39.76
CA ASP T 132 75.23 -7.03 -41.21
C ASP T 132 76.54 -6.50 -41.80
N GLN T 133 77.09 -5.44 -41.21
CA GLN T 133 78.39 -4.94 -41.67
C GLN T 133 79.44 -6.03 -41.58
N ALA T 134 79.53 -6.71 -40.43
CA ALA T 134 80.51 -7.77 -40.27
C ALA T 134 80.23 -8.93 -41.21
N ARG T 135 78.96 -9.30 -41.37
CA ARG T 135 78.61 -10.38 -42.28
C ARG T 135 79.11 -10.08 -43.70
N ASN T 136 78.80 -8.88 -44.20
CA ASN T 136 79.24 -8.52 -45.55
C ASN T 136 80.76 -8.47 -45.63
N SER T 137 81.41 -7.92 -44.61
CA SER T 137 82.87 -7.82 -44.64
C SER T 137 83.52 -9.19 -44.71
N ILE T 138 82.98 -10.17 -43.98
CA ILE T 138 83.57 -11.50 -43.96
C ILE T 138 83.16 -12.35 -45.16
N ARG T 139 82.01 -12.07 -45.79
CA ARG T 139 81.54 -12.90 -46.89
C ARG T 139 82.20 -12.54 -48.22
N GLU T 140 82.89 -11.41 -48.31
CA GLU T 140 83.50 -11.00 -49.58
C GLU T 140 84.76 -11.78 -49.90
N LEU T 141 85.27 -12.58 -48.98
CA LEU T 141 86.47 -13.38 -49.24
C LEU T 141 86.19 -14.46 -50.28
N THR T 147 74.04 -10.65 -56.34
CA THR T 147 74.18 -11.73 -57.30
C THR T 147 72.84 -12.06 -57.93
N ASP T 148 72.85 -12.91 -58.95
CA ASP T 148 71.62 -13.37 -59.59
C ASP T 148 71.16 -14.63 -58.89
N TRP T 149 70.12 -14.51 -58.06
CA TRP T 149 69.66 -15.65 -57.27
C TRP T 149 69.14 -16.76 -58.17
N ALA T 150 68.40 -16.42 -59.22
CA ALA T 150 67.82 -17.44 -60.09
C ALA T 150 68.89 -18.35 -60.65
N ALA T 151 70.09 -17.82 -60.91
CA ALA T 151 71.16 -18.63 -61.48
C ALA T 151 71.60 -19.72 -60.50
N THR T 152 71.70 -19.39 -59.22
CA THR T 152 72.14 -20.38 -58.23
C THR T 152 71.16 -21.54 -58.15
N GLY T 153 69.86 -21.24 -58.11
CA GLY T 153 68.87 -22.30 -57.99
C GLY T 153 68.95 -23.29 -59.13
N SER T 154 69.10 -22.80 -60.36
CA SER T 154 69.22 -23.70 -61.51
C SER T 154 70.49 -24.54 -61.39
N ALA T 155 71.59 -23.93 -60.97
CA ALA T 155 72.84 -24.67 -60.85
C ALA T 155 72.71 -25.81 -59.86
N VAL T 156 72.07 -25.57 -58.73
CA VAL T 156 71.89 -26.65 -57.76
C VAL T 156 70.91 -27.69 -58.28
N GLY T 157 69.80 -27.25 -58.88
CA GLY T 157 68.80 -28.19 -59.34
C GLY T 157 69.32 -29.12 -60.41
N GLN T 158 70.21 -28.64 -61.27
CA GLN T 158 70.68 -29.45 -62.39
C GLN T 158 71.37 -30.73 -61.93
N ILE T 159 71.84 -30.78 -60.69
CA ILE T 159 72.52 -31.97 -60.18
C ILE T 159 71.99 -32.36 -58.81
N GLY T 160 70.84 -31.81 -58.44
CA GLY T 160 70.23 -32.11 -57.15
C GLY T 160 70.27 -33.56 -56.68
N THR T 161 69.68 -34.48 -57.44
CA THR T 161 69.47 -35.85 -56.97
C THR T 161 70.61 -36.78 -57.33
N SER T 162 71.82 -36.26 -57.52
CA SER T 162 72.97 -37.12 -57.79
C SER T 162 74.24 -36.63 -57.10
N MET T 163 74.12 -35.78 -56.09
CA MET T 163 75.32 -35.19 -55.47
C MET T 163 76.19 -36.25 -54.84
N VAL T 164 75.60 -37.12 -54.00
CA VAL T 164 76.40 -38.14 -53.33
C VAL T 164 76.95 -39.13 -54.33
N ALA T 165 76.17 -39.48 -55.35
CA ALA T 165 76.65 -40.41 -56.36
C ALA T 165 77.86 -39.85 -57.09
N ASN T 166 77.82 -38.56 -57.43
CA ASN T 166 78.95 -37.94 -58.13
C ASN T 166 80.16 -37.80 -57.21
N LYS T 167 79.93 -37.50 -55.93
CA LYS T 167 81.04 -37.26 -55.01
C LYS T 167 81.90 -38.51 -54.84
N LEU T 168 81.27 -39.67 -54.68
CA LEU T 168 82.00 -40.91 -54.49
C LEU T 168 82.62 -41.40 -55.80
#